data_6U5K
#
_entry.id   6U5K
#
loop_
_entity.id
_entity.type
_entity.pdbx_description
1 polymer 'Sheath PA0622'
2 polymer 'Glue PA0627'
3 polymer 'Tri1a PA0618'
4 polymer 'Tri2 PA0619'
5 polymer 'Sheath Initiator PA0617'
#
loop_
_entity_poly.entity_id
_entity_poly.type
_entity_poly.pdbx_seq_one_letter_code
_entity_poly.pdbx_strand_id
1 'polypeptide(L)'
;MSFFHGVTVTNVDIGARTIALPASSVIGLCDVFTPGAQASAKPNVPVLLTSKKDAAAAFGIGSSIYLACEAIYNRAQAVI
VAVGVETAETPEAQASAVIGGISAAGERTGLQALLDGKSRFNAQPRLLVAPGHSAQQAVATAMDGLAEKLRAIAILDGPN
STDEAAVAYAKNFGSKRLFMVDPGVQVWDSATNAARNAPASAYAAGLFAWTDAEYGFWSSPSNKEIKGVTGTSRPVEFLD
GDETCRANLLNNANIATIIRDDGYRLWGNRTLSSDSKWAFVTRVRTMDLVMDAILAGHKWAVDRGITKTYVKDVTEGLRA
FMRDLKNQGAVINFEVYADPDLNSASQLAQGKVYWNIRFTDVPPAENPNFRVEVTDQWLTEVLDVA
;
a,b,f,e,d,c,g,h,l,k,j,i,m,n,s,r,q,p,o,t,x,w,v,u
2 'polypeptide(L)' MATTCRTADGDMLDSLCYHVYGHLLGCVEATLDANPGLADEQQPFRAGLLISFPDMPVVNVEQVRLWD G,H,L,K,J,I
3 'polypeptide(L)'
;MIIDLSQLPEPEVIENLDFETIYQELLGDFREAMAGEWTAEVESDPVLKLLQLAAYRELLLRARINDAARAVMLAYASGA
DLDQIGAGFNVQRLLIRPAQPEAVPPVEAQYESDKSLRNRIQLAFEQLSVAGPRNAYIAHALGADGRVADASATSPAPCE
VLISVLGVEGNGQAPEAVLQAVRLALNAEDVRPVADRVTVRSAGIVPYQVKAQLYLFPGPEAELIRAAAEASLRDYISAQ
RRLGRDIRRSALFATLHVEGVQRVELQEPAADVVLDETQAAYCTGYAITLGGVDE
;
M,N,R,Q,P,O,S,T,X,W,V,U
4 'polypeptide(L)'
;MSSRLLPPNRSSLERSLGDVLPAELPVPLRELHDPARCEAALLPYLAWTRSVDRWDPDWSDEAKRNAVATSFVLHQRKGT
LTALRQVVEPIGALSEVTEWWQRSPTGVPGTFEITVDVSDRGIDEGTVLELERLLDDVRPVSRHLTRLDLRITPVIRSRH
GLAVTDGDTLEIFPWKQ
;
0,1,5,4,3,2
5 'polypeptide(L)'
;MIGMDRRSGLPLSGLAHLKQSVEDILTTPLGSRRMRPEYGSKLRRMVDMPVSEGWKSAVQAEVARSLGRWEPRIGLSAVR
VVAVVDGRVDLLLSGVFEGENINMEVSA
;
B,A,F,E,D,C
#
# COMPACT_ATOMS: atom_id res chain seq x y z
N SER A 2 -55.79 -50.51 -7.92
CA SER A 2 -54.53 -51.08 -7.45
C SER A 2 -53.92 -51.98 -8.50
N PHE A 3 -52.68 -51.67 -8.89
CA PHE A 3 -51.98 -52.51 -9.87
C PHE A 3 -51.62 -53.86 -9.28
N PHE A 4 -50.79 -53.85 -8.25
CA PHE A 4 -50.50 -55.07 -7.48
C PHE A 4 -50.41 -54.71 -6.01
N HIS A 5 -50.99 -55.56 -5.18
CA HIS A 5 -51.05 -55.36 -3.74
C HIS A 5 -50.24 -56.48 -3.08
N GLY A 6 -49.02 -56.15 -2.64
CA GLY A 6 -48.14 -57.13 -2.06
C GLY A 6 -46.71 -56.59 -2.05
N VAL A 7 -45.75 -57.51 -2.13
CA VAL A 7 -44.33 -57.17 -2.19
C VAL A 7 -43.82 -57.59 -3.56
N THR A 8 -43.22 -56.64 -4.28
CA THR A 8 -42.64 -56.90 -5.58
C THR A 8 -41.12 -56.87 -5.48
N VAL A 9 -40.48 -57.93 -5.92
CA VAL A 9 -39.02 -58.01 -5.98
C VAL A 9 -38.64 -58.19 -7.44
N THR A 10 -38.13 -57.14 -8.06
CA THR A 10 -37.79 -57.15 -9.47
C THR A 10 -36.29 -57.39 -9.65
N ASN A 11 -35.92 -57.81 -10.85
CA ASN A 11 -34.52 -57.94 -11.25
C ASN A 11 -34.32 -57.06 -12.48
N VAL A 12 -33.55 -55.99 -12.34
CA VAL A 12 -33.42 -55.05 -13.44
C VAL A 12 -32.47 -55.56 -14.52
N ASP A 13 -31.41 -56.29 -14.12
CA ASP A 13 -30.50 -57.01 -15.01
C ASP A 13 -29.82 -56.07 -16.01
N ILE A 14 -29.01 -55.16 -15.48
CA ILE A 14 -28.33 -54.16 -16.31
C ILE A 14 -26.82 -54.26 -16.10
N GLY A 15 -26.31 -55.47 -15.87
CA GLY A 15 -24.89 -55.67 -15.74
C GLY A 15 -24.19 -55.89 -17.07
N ALA A 16 -22.94 -55.45 -17.15
CA ALA A 16 -22.14 -55.68 -18.34
C ALA A 16 -21.62 -57.11 -18.35
N ARG A 17 -21.88 -57.83 -19.44
CA ARG A 17 -21.51 -59.24 -19.52
C ARG A 17 -20.02 -59.37 -19.85
N THR A 18 -19.55 -60.60 -19.88
CA THR A 18 -18.16 -60.91 -20.17
C THR A 18 -18.05 -61.58 -21.54
N ILE A 19 -16.87 -61.44 -22.15
CA ILE A 19 -16.61 -61.95 -23.49
C ILE A 19 -15.44 -62.92 -23.42
N ALA A 20 -15.65 -64.14 -23.89
CA ALA A 20 -14.61 -65.14 -23.95
C ALA A 20 -14.18 -65.38 -25.38
N LEU A 21 -12.95 -65.84 -25.55
CA LEU A 21 -12.35 -66.14 -26.85
C LEU A 21 -12.58 -67.61 -27.20
N PRO A 22 -12.81 -67.94 -28.49
CA PRO A 22 -13.13 -69.33 -28.89
C PRO A 22 -11.92 -70.23 -29.10
N ALA A 23 -10.94 -70.14 -28.20
CA ALA A 23 -9.85 -71.08 -27.96
C ALA A 23 -8.78 -71.13 -29.05
N SER A 24 -9.04 -70.52 -30.21
CA SER A 24 -8.05 -70.07 -31.18
C SER A 24 -7.13 -71.13 -31.80
N SER A 25 -7.32 -72.42 -31.48
CA SER A 25 -6.32 -73.39 -31.88
C SER A 25 -6.90 -74.69 -32.42
N VAL A 26 -8.16 -74.70 -32.83
CA VAL A 26 -8.77 -75.91 -33.37
C VAL A 26 -8.29 -76.08 -34.80
N ILE A 27 -7.79 -77.28 -35.11
CA ILE A 27 -7.13 -77.55 -36.38
C ILE A 27 -8.04 -78.42 -37.23
N GLY A 28 -8.36 -77.93 -38.42
CA GLY A 28 -9.16 -78.70 -39.36
C GLY A 28 -8.28 -79.53 -40.28
N LEU A 29 -8.38 -80.84 -40.18
CA LEU A 29 -7.52 -81.75 -40.92
C LEU A 29 -8.35 -82.56 -41.91
N CYS A 30 -7.77 -82.85 -43.07
CA CYS A 30 -8.42 -83.68 -44.07
C CYS A 30 -7.34 -84.34 -44.91
N ASP A 31 -7.15 -85.65 -44.73
CA ASP A 31 -6.16 -86.40 -45.47
C ASP A 31 -6.66 -87.82 -45.68
N VAL A 32 -5.91 -88.59 -46.45
CA VAL A 32 -6.31 -89.94 -46.82
C VAL A 32 -6.16 -90.87 -45.62
N PHE A 33 -7.09 -91.82 -45.50
CA PHE A 33 -6.95 -92.92 -44.56
C PHE A 33 -7.65 -94.13 -45.14
N THR A 34 -7.18 -95.31 -44.77
CA THR A 34 -7.73 -96.55 -45.28
C THR A 34 -8.74 -97.10 -44.30
N PRO A 35 -10.03 -97.16 -44.66
CA PRO A 35 -11.03 -97.68 -43.73
C PRO A 35 -11.00 -99.19 -43.65
N GLY A 36 -11.32 -99.70 -42.46
CA GLY A 36 -11.32 -101.13 -42.25
C GLY A 36 -11.72 -101.53 -40.86
N ALA A 37 -11.06 -102.56 -40.31
CA ALA A 37 -11.39 -103.03 -38.97
C ALA A 37 -10.69 -102.21 -37.90
N GLN A 38 -9.47 -101.74 -38.17
CA GLN A 38 -8.74 -100.94 -37.20
C GLN A 38 -9.09 -99.46 -37.24
N ALA A 39 -9.75 -99.01 -38.31
CA ALA A 39 -10.13 -97.62 -38.46
C ALA A 39 -11.58 -97.47 -37.99
N SER A 40 -11.78 -96.75 -36.90
CA SER A 40 -13.10 -96.59 -36.30
C SER A 40 -13.83 -95.35 -36.81
N ALA A 41 -13.55 -94.92 -38.03
CA ALA A 41 -14.16 -93.71 -38.58
C ALA A 41 -14.69 -93.99 -39.98
N LYS A 42 -15.89 -93.49 -40.24
CA LYS A 42 -16.47 -93.57 -41.58
C LYS A 42 -15.72 -92.61 -42.52
N PRO A 43 -15.59 -92.96 -43.80
CA PRO A 43 -14.67 -92.24 -44.68
C PRO A 43 -15.12 -90.84 -45.11
N ASN A 44 -16.17 -90.26 -44.54
CA ASN A 44 -16.50 -88.87 -44.85
C ASN A 44 -16.94 -88.03 -43.66
N VAL A 45 -17.17 -88.61 -42.49
CA VAL A 45 -17.69 -87.85 -41.36
C VAL A 45 -16.53 -87.24 -40.58
N PRO A 46 -16.73 -86.09 -39.93
CA PRO A 46 -15.66 -85.56 -39.07
C PRO A 46 -15.54 -86.34 -37.78
N VAL A 47 -14.32 -86.39 -37.27
CA VAL A 47 -14.00 -87.06 -36.01
C VAL A 47 -13.21 -86.09 -35.15
N LEU A 48 -13.70 -85.82 -33.95
CA LEU A 48 -12.98 -84.95 -33.03
C LEU A 48 -11.82 -85.71 -32.41
N LEU A 49 -10.64 -85.10 -32.43
CA LEU A 49 -9.43 -85.72 -31.90
C LEU A 49 -8.80 -84.79 -30.88
N THR A 50 -8.38 -85.33 -29.75
CA THR A 50 -7.74 -84.56 -28.72
C THR A 50 -6.47 -85.21 -28.17
N SER A 51 -6.09 -86.37 -28.68
CA SER A 51 -4.87 -87.03 -28.23
C SER A 51 -4.33 -87.88 -29.38
N LYS A 52 -3.07 -88.28 -29.24
CA LYS A 52 -2.44 -89.11 -30.25
C LYS A 52 -3.00 -90.54 -30.22
N LYS A 53 -3.38 -91.01 -29.03
CA LYS A 53 -4.01 -92.32 -28.91
C LYS A 53 -5.38 -92.34 -29.56
N ASP A 54 -6.11 -91.22 -29.49
CA ASP A 54 -7.42 -91.14 -30.14
C ASP A 54 -7.29 -91.08 -31.65
N ALA A 55 -6.19 -90.54 -32.16
CA ALA A 55 -6.01 -90.45 -33.61
C ALA A 55 -5.67 -91.80 -34.21
N ALA A 56 -4.95 -92.64 -33.48
CA ALA A 56 -4.65 -93.98 -33.95
C ALA A 56 -5.81 -94.95 -33.71
N ALA A 57 -6.66 -94.67 -32.73
CA ALA A 57 -7.82 -95.51 -32.50
C ALA A 57 -8.98 -95.18 -33.42
N ALA A 58 -8.93 -94.06 -34.12
CA ALA A 58 -9.99 -93.65 -35.03
C ALA A 58 -9.64 -93.82 -36.50
N PHE A 59 -8.38 -93.67 -36.87
CA PHE A 59 -7.97 -93.80 -38.25
C PHE A 59 -6.92 -94.86 -38.50
N GLY A 60 -6.37 -95.47 -37.45
CA GLY A 60 -5.41 -96.54 -37.64
C GLY A 60 -3.99 -96.05 -37.85
N ILE A 61 -3.03 -96.81 -37.34
CA ILE A 61 -1.62 -96.48 -37.54
C ILE A 61 -1.24 -96.78 -38.97
N GLY A 62 -0.48 -95.88 -39.59
CA GLY A 62 -0.03 -96.04 -40.95
C GLY A 62 -0.85 -95.27 -41.97
N SER A 63 -1.97 -94.69 -41.56
CA SER A 63 -2.75 -93.86 -42.46
C SER A 63 -2.03 -92.55 -42.73
N SER A 64 -2.40 -91.91 -43.84
CA SER A 64 -1.81 -90.61 -44.16
C SER A 64 -2.35 -89.50 -43.28
N ILE A 65 -3.49 -89.72 -42.61
CA ILE A 65 -4.00 -88.71 -41.69
C ILE A 65 -3.52 -88.95 -40.26
N TYR A 66 -3.09 -90.18 -39.93
CA TYR A 66 -2.47 -90.39 -38.63
C TYR A 66 -1.05 -89.82 -38.62
N LEU A 67 -0.37 -89.87 -39.75
CA LEU A 67 0.94 -89.24 -39.87
C LEU A 67 0.85 -87.72 -39.82
N ALA A 68 -0.31 -87.16 -40.15
CA ALA A 68 -0.53 -85.73 -39.96
C ALA A 68 -0.88 -85.40 -38.51
N CYS A 69 -1.62 -86.28 -37.85
CA CYS A 69 -1.91 -86.10 -36.44
C CYS A 69 -0.67 -86.33 -35.58
N GLU A 70 0.25 -87.18 -36.04
CA GLU A 70 1.50 -87.39 -35.33
C GLU A 70 2.37 -86.14 -35.39
N ALA A 71 2.33 -85.41 -36.50
CA ALA A 71 3.13 -84.20 -36.63
C ALA A 71 2.61 -83.08 -35.76
N ILE A 72 1.32 -83.09 -35.45
CA ILE A 72 0.74 -82.04 -34.63
C ILE A 72 0.93 -82.35 -33.15
N TYR A 73 0.68 -83.59 -32.75
CA TYR A 73 0.73 -83.94 -31.34
C TYR A 73 2.14 -84.13 -30.81
N ASN A 74 3.14 -84.27 -31.69
CA ASN A 74 4.52 -84.32 -31.22
C ASN A 74 5.02 -82.94 -30.82
N ARG A 75 4.46 -81.89 -31.40
CA ARG A 75 4.89 -80.52 -31.12
C ARG A 75 3.93 -79.80 -30.18
N ALA A 76 2.64 -79.90 -30.43
CA ALA A 76 1.63 -79.17 -29.67
C ALA A 76 0.68 -80.13 -28.98
N GLN A 77 -0.36 -79.57 -28.39
CA GLN A 77 -1.41 -80.35 -27.72
C GLN A 77 -2.69 -79.56 -27.90
N ALA A 78 -3.47 -79.92 -28.92
CA ALA A 78 -4.64 -79.14 -29.30
C ALA A 78 -5.73 -80.09 -29.78
N VAL A 79 -6.81 -79.50 -30.30
CA VAL A 79 -7.99 -80.22 -30.73
C VAL A 79 -8.01 -80.25 -32.24
N ILE A 80 -8.09 -81.45 -32.82
CA ILE A 80 -8.07 -81.63 -34.26
C ILE A 80 -9.46 -82.10 -34.71
N VAL A 81 -10.03 -81.39 -35.67
CA VAL A 81 -11.24 -81.85 -36.35
C VAL A 81 -10.78 -82.52 -37.63
N ALA A 82 -10.61 -83.83 -37.58
CA ALA A 82 -10.15 -84.58 -38.73
C ALA A 82 -11.34 -85.14 -39.50
N VAL A 83 -11.24 -85.11 -40.82
CA VAL A 83 -12.32 -85.61 -41.66
C VAL A 83 -11.95 -87.02 -42.13
N GLY A 84 -10.86 -87.13 -42.88
CA GLY A 84 -10.45 -88.43 -43.38
C GLY A 84 -11.21 -88.81 -44.63
N VAL A 85 -10.48 -89.07 -45.71
CA VAL A 85 -11.07 -89.49 -46.97
C VAL A 85 -10.44 -90.81 -47.38
N GLU A 86 -11.07 -91.48 -48.35
CA GLU A 86 -10.61 -92.78 -48.78
C GLU A 86 -9.73 -92.64 -50.03
N THR A 87 -8.90 -93.66 -50.25
CA THR A 87 -7.90 -93.62 -51.30
C THR A 87 -8.56 -93.88 -52.66
N ALA A 88 -8.33 -92.97 -53.61
CA ALA A 88 -8.82 -93.15 -54.97
C ALA A 88 -7.75 -93.80 -55.83
N GLU A 89 -8.12 -94.14 -57.07
CA GLU A 89 -7.18 -94.83 -57.95
C GLU A 89 -6.18 -93.85 -58.57
N THR A 90 -6.68 -92.88 -59.33
CA THR A 90 -5.80 -91.86 -59.87
C THR A 90 -5.50 -90.81 -58.79
N PRO A 91 -4.32 -90.17 -58.86
CA PRO A 91 -4.06 -89.04 -57.96
C PRO A 91 -4.89 -87.81 -58.27
N GLU A 92 -5.45 -87.71 -59.49
CA GLU A 92 -6.38 -86.64 -59.80
C GLU A 92 -7.68 -86.82 -59.05
N ALA A 93 -8.19 -88.06 -58.99
CA ALA A 93 -9.43 -88.33 -58.27
C ALA A 93 -9.25 -88.26 -56.76
N GLN A 94 -8.01 -88.33 -56.27
CA GLN A 94 -7.76 -88.07 -54.86
C GLN A 94 -7.99 -86.60 -54.52
N ALA A 95 -7.66 -85.70 -55.45
CA ALA A 95 -7.92 -84.28 -55.23
C ALA A 95 -9.41 -83.97 -55.30
N SER A 96 -10.19 -84.79 -56.01
CA SER A 96 -11.63 -84.61 -56.02
C SER A 96 -12.27 -85.03 -54.70
N ALA A 97 -11.62 -85.91 -53.95
CA ALA A 97 -12.15 -86.39 -52.68
C ALA A 97 -11.77 -85.50 -51.51
N VAL A 98 -10.63 -84.84 -51.57
CA VAL A 98 -10.26 -83.90 -50.51
C VAL A 98 -11.12 -82.65 -50.59
N ILE A 99 -11.34 -82.13 -51.80
CA ILE A 99 -12.28 -81.04 -52.01
C ILE A 99 -13.70 -81.49 -51.64
N GLY A 100 -14.08 -82.66 -52.11
CA GLY A 100 -15.36 -83.23 -51.75
C GLY A 100 -16.51 -82.53 -52.43
N GLY A 101 -17.25 -81.73 -51.67
CA GLY A 101 -18.45 -81.12 -52.18
C GLY A 101 -19.64 -81.52 -51.34
N ILE A 102 -20.54 -82.31 -51.92
CA ILE A 102 -21.73 -82.78 -51.22
C ILE A 102 -22.04 -84.20 -51.72
N SER A 103 -22.80 -84.93 -50.92
CA SER A 103 -23.15 -86.31 -51.22
C SER A 103 -24.60 -86.40 -51.67
N ALA A 104 -24.96 -87.58 -52.16
CA ALA A 104 -26.32 -87.82 -52.63
C ALA A 104 -27.33 -87.88 -51.49
N ALA A 105 -26.88 -88.08 -50.26
CA ALA A 105 -27.74 -88.02 -49.09
C ALA A 105 -27.88 -86.62 -48.52
N GLY A 106 -27.30 -85.62 -49.18
CA GLY A 106 -27.39 -84.27 -48.69
C GLY A 106 -26.41 -83.93 -47.58
N GLU A 107 -25.24 -84.55 -47.59
CA GLU A 107 -24.24 -84.34 -46.55
C GLU A 107 -22.92 -83.96 -47.21
N ARG A 108 -22.11 -83.19 -46.49
CA ARG A 108 -20.82 -82.74 -47.02
C ARG A 108 -19.80 -83.86 -46.93
N THR A 109 -18.85 -83.86 -47.87
CA THR A 109 -18.00 -85.02 -48.10
C THR A 109 -16.53 -84.79 -47.74
N GLY A 110 -15.86 -83.82 -48.36
CA GLY A 110 -14.43 -83.72 -48.20
C GLY A 110 -13.99 -82.68 -47.20
N LEU A 111 -13.37 -81.60 -47.71
CA LEU A 111 -13.05 -80.46 -46.85
C LEU A 111 -14.29 -79.74 -46.36
N GLN A 112 -15.41 -79.87 -47.07
CA GLN A 112 -16.66 -79.22 -46.69
C GLN A 112 -17.21 -79.72 -45.37
N ALA A 113 -16.83 -80.92 -44.94
CA ALA A 113 -17.25 -81.44 -43.65
C ALA A 113 -16.66 -80.69 -42.47
N LEU A 114 -15.63 -79.87 -42.70
CA LEU A 114 -15.10 -79.02 -41.65
C LEU A 114 -16.05 -77.89 -41.27
N LEU A 115 -17.02 -77.58 -42.13
CA LEU A 115 -18.07 -76.64 -41.77
C LEU A 115 -19.03 -77.22 -40.74
N ASP A 116 -19.07 -78.54 -40.61
CA ASP A 116 -19.85 -79.21 -39.57
C ASP A 116 -19.09 -79.33 -38.26
N GLY A 117 -17.91 -78.72 -38.15
CA GLY A 117 -17.13 -78.84 -36.94
C GLY A 117 -17.64 -78.04 -35.77
N LYS A 118 -18.44 -77.00 -36.03
CA LYS A 118 -18.99 -76.19 -34.96
C LYS A 118 -20.38 -76.67 -34.52
N SER A 119 -21.18 -77.17 -35.46
CA SER A 119 -22.52 -77.64 -35.13
C SER A 119 -22.53 -79.05 -34.54
N ARG A 120 -21.41 -79.75 -34.56
CA ARG A 120 -21.33 -81.10 -34.03
C ARG A 120 -20.41 -81.23 -32.82
N PHE A 121 -19.37 -80.41 -32.71
CA PHE A 121 -18.42 -80.53 -31.62
C PHE A 121 -18.21 -79.24 -30.83
N ASN A 122 -18.88 -78.14 -31.22
CA ASN A 122 -18.70 -76.80 -30.65
C ASN A 122 -17.25 -76.36 -30.68
N ALA A 123 -16.58 -76.61 -31.81
CA ALA A 123 -15.18 -76.24 -31.98
C ALA A 123 -14.97 -75.92 -33.45
N GLN A 124 -15.03 -74.64 -33.78
CA GLN A 124 -14.79 -74.22 -35.16
C GLN A 124 -13.30 -74.29 -35.47
N PRO A 125 -12.91 -74.97 -36.55
CA PRO A 125 -11.48 -75.10 -36.86
C PRO A 125 -10.87 -73.80 -37.34
N ARG A 126 -9.76 -73.41 -36.71
CA ARG A 126 -9.05 -72.19 -37.05
C ARG A 126 -7.84 -72.42 -37.93
N LEU A 127 -7.37 -73.65 -38.06
CA LEU A 127 -6.24 -73.98 -38.92
C LEU A 127 -6.68 -75.06 -39.90
N LEU A 128 -6.77 -74.70 -41.17
CA LEU A 128 -7.21 -75.62 -42.20
C LEU A 128 -5.97 -76.25 -42.84
N VAL A 129 -5.79 -77.55 -42.63
CA VAL A 129 -4.60 -78.25 -43.08
C VAL A 129 -5.02 -79.46 -43.89
N ALA A 130 -4.59 -79.50 -45.15
CA ALA A 130 -4.70 -80.70 -46.00
C ALA A 130 -3.28 -81.01 -46.46
N PRO A 131 -2.55 -81.84 -45.72
CA PRO A 131 -1.12 -82.04 -46.03
C PRO A 131 -0.93 -82.93 -47.24
N GLY A 132 -0.07 -82.50 -48.15
CA GLY A 132 0.25 -83.23 -49.36
C GLY A 132 -0.63 -82.85 -50.53
N HIS A 133 -1.90 -82.58 -50.28
CA HIS A 133 -2.84 -82.25 -51.34
C HIS A 133 -2.91 -80.76 -51.63
N SER A 134 -2.39 -79.92 -50.73
CA SER A 134 -2.44 -78.48 -50.97
C SER A 134 -1.47 -78.01 -52.04
N ALA A 135 -0.52 -78.86 -52.46
CA ALA A 135 0.34 -78.52 -53.57
C ALA A 135 -0.42 -78.48 -54.90
N GLN A 136 -1.51 -79.25 -54.99
CA GLN A 136 -2.40 -79.15 -56.14
C GLN A 136 -3.25 -77.89 -56.02
N GLN A 137 -3.37 -77.16 -57.12
CA GLN A 137 -4.05 -75.88 -57.09
C GLN A 137 -5.56 -76.01 -56.95
N ALA A 138 -6.12 -77.18 -57.27
CA ALA A 138 -7.56 -77.37 -57.10
C ALA A 138 -7.93 -77.46 -55.63
N VAL A 139 -7.12 -78.16 -54.84
CA VAL A 139 -7.40 -78.32 -53.42
C VAL A 139 -7.10 -77.03 -52.66
N ALA A 140 -6.03 -76.34 -53.06
CA ALA A 140 -5.61 -75.14 -52.34
C ALA A 140 -6.55 -73.97 -52.59
N THR A 141 -7.21 -73.93 -53.75
CA THR A 141 -8.17 -72.87 -54.03
C THR A 141 -9.57 -73.21 -53.51
N ALA A 142 -9.83 -74.47 -53.17
CA ALA A 142 -11.06 -74.84 -52.48
C ALA A 142 -10.91 -74.77 -50.97
N MET A 143 -9.68 -74.85 -50.47
CA MET A 143 -9.39 -74.56 -49.07
C MET A 143 -9.28 -73.07 -48.82
N ASP A 144 -9.04 -72.28 -49.86
CA ASP A 144 -8.98 -70.83 -49.71
C ASP A 144 -10.37 -70.24 -49.54
N GLY A 145 -11.33 -70.70 -50.34
CA GLY A 145 -12.71 -70.28 -50.15
C GLY A 145 -13.35 -70.86 -48.90
N LEU A 146 -12.80 -71.96 -48.38
CA LEU A 146 -13.30 -72.54 -47.14
C LEU A 146 -12.76 -71.81 -45.92
N ALA A 147 -11.57 -71.23 -46.03
CA ALA A 147 -10.98 -70.52 -44.89
C ALA A 147 -11.68 -69.21 -44.61
N GLU A 148 -12.41 -68.66 -45.57
CA GLU A 148 -13.22 -67.47 -45.33
C GLU A 148 -14.59 -67.80 -44.75
N LYS A 149 -15.09 -69.01 -44.97
CA LYS A 149 -16.33 -69.45 -44.34
C LYS A 149 -16.14 -69.72 -42.86
N LEU A 150 -14.92 -70.05 -42.43
CA LEU A 150 -14.64 -70.38 -41.04
C LEU A 150 -13.83 -69.31 -40.34
N ARG A 151 -13.43 -68.25 -41.04
CA ARG A 151 -12.44 -67.26 -40.59
C ARG A 151 -11.16 -67.92 -40.08
N ALA A 152 -10.69 -68.90 -40.86
CA ALA A 152 -9.53 -69.70 -40.49
C ALA A 152 -8.34 -69.34 -41.36
N ILE A 153 -7.18 -69.84 -40.97
CA ILE A 153 -5.92 -69.59 -41.68
C ILE A 153 -5.50 -70.91 -42.30
N ALA A 154 -5.80 -71.09 -43.59
CA ALA A 154 -5.49 -72.34 -44.26
C ALA A 154 -4.01 -72.40 -44.57
N ILE A 155 -3.33 -73.41 -44.02
CA ILE A 155 -1.88 -73.54 -44.14
C ILE A 155 -1.60 -74.41 -45.36
N LEU A 156 -1.27 -73.77 -46.48
CA LEU A 156 -0.90 -74.47 -47.69
C LEU A 156 0.52 -74.99 -47.58
N ASP A 157 0.91 -75.82 -48.54
CA ASP A 157 2.30 -76.18 -48.73
C ASP A 157 2.55 -76.33 -50.22
N GLY A 158 3.55 -75.62 -50.72
CA GLY A 158 3.85 -75.63 -52.13
C GLY A 158 4.50 -76.92 -52.56
N PRO A 159 4.73 -77.07 -53.86
CA PRO A 159 5.36 -78.29 -54.37
C PRO A 159 6.83 -78.34 -53.98
N ASN A 160 7.38 -79.55 -53.97
CA ASN A 160 8.76 -79.79 -53.60
C ASN A 160 9.72 -79.61 -54.77
N SER A 161 9.32 -78.87 -55.79
CA SER A 161 10.20 -78.49 -56.88
C SER A 161 11.07 -77.30 -56.47
N THR A 162 11.76 -76.71 -57.45
CA THR A 162 12.70 -75.64 -57.15
C THR A 162 11.96 -74.35 -56.77
N ASP A 163 12.74 -73.34 -56.39
CA ASP A 163 12.17 -72.09 -55.90
C ASP A 163 11.49 -71.28 -57.00
N GLU A 164 11.82 -71.54 -58.26
CA GLU A 164 11.10 -70.89 -59.35
C GLU A 164 9.68 -71.44 -59.45
N ALA A 165 9.52 -72.73 -59.19
CA ALA A 165 8.18 -73.34 -59.23
C ALA A 165 7.41 -73.12 -57.94
N ALA A 166 8.05 -72.68 -56.86
CA ALA A 166 7.36 -72.36 -55.62
C ALA A 166 6.86 -70.93 -55.61
N VAL A 167 7.62 -70.01 -56.23
CA VAL A 167 7.17 -68.63 -56.36
C VAL A 167 6.03 -68.55 -57.37
N ALA A 168 6.17 -69.27 -58.49
CA ALA A 168 5.11 -69.29 -59.50
C ALA A 168 3.86 -70.01 -59.03
N TYR A 169 3.97 -70.86 -58.01
CA TYR A 169 2.80 -71.45 -57.39
C TYR A 169 2.12 -70.48 -56.43
N ALA A 170 2.90 -69.66 -55.73
CA ALA A 170 2.35 -68.70 -54.79
C ALA A 170 1.77 -67.46 -55.46
N LYS A 171 1.95 -67.31 -56.76
CA LYS A 171 1.41 -66.18 -57.50
C LYS A 171 -0.02 -66.40 -57.95
N ASN A 172 -0.70 -67.43 -57.43
CA ASN A 172 -2.06 -67.74 -57.83
C ASN A 172 -3.10 -67.39 -56.79
N PHE A 173 -2.69 -67.10 -55.55
CA PHE A 173 -3.63 -67.07 -54.44
C PHE A 173 -4.04 -65.67 -53.98
N GLY A 174 -3.09 -64.88 -53.52
CA GLY A 174 -3.35 -63.49 -53.15
C GLY A 174 -4.35 -63.18 -52.05
N SER A 175 -4.84 -64.19 -51.32
CA SER A 175 -5.85 -64.00 -50.30
C SER A 175 -5.26 -64.11 -48.91
N LYS A 176 -5.71 -63.23 -48.01
CA LYS A 176 -5.06 -62.97 -46.74
C LYS A 176 -5.16 -64.13 -45.74
N ARG A 177 -5.92 -65.17 -46.03
CA ARG A 177 -6.05 -66.30 -45.12
C ARG A 177 -5.33 -67.54 -45.61
N LEU A 178 -4.19 -67.36 -46.29
CA LEU A 178 -3.41 -68.47 -46.81
C LEU A 178 -1.97 -68.31 -46.37
N PHE A 179 -1.40 -69.38 -45.83
CA PHE A 179 -0.06 -69.38 -45.28
C PHE A 179 0.71 -70.53 -45.91
N MET A 180 1.68 -70.20 -46.76
CA MET A 180 2.35 -71.20 -47.57
C MET A 180 3.71 -71.54 -46.99
N VAL A 181 3.92 -72.82 -46.70
CA VAL A 181 5.16 -73.34 -46.15
C VAL A 181 5.75 -74.28 -47.20
N ASP A 182 6.74 -73.81 -47.95
CA ASP A 182 7.19 -74.54 -49.14
C ASP A 182 8.12 -75.73 -48.92
N PRO A 183 9.28 -75.61 -48.25
CA PRO A 183 10.25 -76.73 -48.31
C PRO A 183 9.79 -77.92 -47.49
N GLY A 184 9.87 -79.10 -48.09
CA GLY A 184 9.30 -80.28 -47.48
C GLY A 184 10.15 -80.80 -46.33
N VAL A 185 9.48 -81.14 -45.24
CA VAL A 185 10.13 -81.71 -44.07
C VAL A 185 10.54 -83.15 -44.38
N GLN A 186 11.79 -83.49 -44.07
CA GLN A 186 12.29 -84.85 -44.22
C GLN A 186 12.39 -85.44 -42.81
N VAL A 187 11.42 -86.29 -42.47
CA VAL A 187 11.30 -86.81 -41.12
C VAL A 187 11.69 -88.28 -41.09
N TRP A 188 12.07 -88.77 -39.92
CA TRP A 188 12.50 -90.14 -39.75
C TRP A 188 11.30 -91.05 -39.55
N ASP A 189 11.22 -92.11 -40.34
CA ASP A 189 10.11 -93.05 -40.26
C ASP A 189 10.47 -94.18 -39.32
N SER A 190 9.60 -94.43 -38.33
CA SER A 190 9.85 -95.49 -37.36
C SER A 190 9.64 -96.88 -37.93
N ALA A 191 8.85 -97.01 -39.00
CA ALA A 191 8.58 -98.32 -39.59
C ALA A 191 9.74 -98.80 -40.45
N THR A 192 10.09 -98.01 -41.47
CA THR A 192 11.13 -98.40 -42.41
C THR A 192 12.54 -98.13 -41.90
N ASN A 193 12.67 -97.42 -40.77
CA ASN A 193 13.95 -97.00 -40.18
C ASN A 193 14.80 -96.21 -41.17
N ALA A 194 14.15 -95.28 -41.88
CA ALA A 194 14.82 -94.39 -42.82
C ALA A 194 14.06 -93.07 -42.84
N ALA A 195 14.62 -92.11 -43.57
CA ALA A 195 14.05 -90.76 -43.62
C ALA A 195 13.02 -90.68 -44.75
N ARG A 196 11.80 -90.29 -44.40
CA ARG A 196 10.74 -90.08 -45.37
C ARG A 196 10.42 -88.60 -45.49
N ASN A 197 9.78 -88.23 -46.60
CA ASN A 197 9.46 -86.84 -46.87
C ASN A 197 8.02 -86.56 -46.46
N ALA A 198 7.85 -85.56 -45.62
CA ALA A 198 6.61 -85.02 -45.09
C ALA A 198 6.26 -83.71 -45.78
N PRO A 199 4.97 -83.39 -45.93
CA PRO A 199 4.59 -82.19 -46.69
C PRO A 199 4.85 -80.86 -46.00
N ALA A 200 5.28 -80.88 -44.73
CA ALA A 200 5.63 -79.68 -43.94
C ALA A 200 4.45 -78.72 -43.78
N SER A 201 3.24 -79.25 -43.77
CA SER A 201 2.05 -78.44 -43.51
C SER A 201 1.39 -78.78 -42.19
N ALA A 202 1.43 -80.04 -41.77
CA ALA A 202 0.97 -80.39 -40.44
C ALA A 202 1.95 -79.96 -39.36
N TYR A 203 3.23 -79.86 -39.70
CA TYR A 203 4.21 -79.38 -38.73
C TYR A 203 4.06 -77.90 -38.47
N ALA A 204 3.60 -77.14 -39.47
CA ALA A 204 3.27 -75.74 -39.24
C ALA A 204 2.02 -75.60 -38.38
N ALA A 205 1.07 -76.54 -38.50
CA ALA A 205 -0.10 -76.53 -37.64
C ALA A 205 0.25 -76.87 -36.20
N GLY A 206 1.32 -77.62 -35.99
CA GLY A 206 1.81 -77.86 -34.65
C GLY A 206 2.48 -76.66 -34.02
N LEU A 207 2.77 -75.62 -34.82
CA LEU A 207 3.35 -74.39 -34.30
C LEU A 207 2.29 -73.32 -34.05
N PHE A 208 1.26 -73.25 -34.89
CA PHE A 208 0.16 -72.34 -34.64
C PHE A 208 -0.67 -72.77 -33.45
N ALA A 209 -0.65 -74.05 -33.10
CA ALA A 209 -1.38 -74.54 -31.95
C ALA A 209 -0.55 -74.56 -30.67
N TRP A 210 0.78 -74.52 -30.79
CA TRP A 210 1.66 -74.47 -29.64
C TRP A 210 1.91 -73.05 -29.18
N THR A 211 2.07 -72.11 -30.13
CA THR A 211 2.35 -70.73 -29.77
C THR A 211 1.12 -70.02 -29.23
N ASP A 212 -0.08 -70.52 -29.50
CA ASP A 212 -1.26 -69.93 -28.88
C ASP A 212 -1.44 -70.40 -27.44
N ALA A 213 -0.95 -71.59 -27.12
CA ALA A 213 -1.03 -72.11 -25.77
C ALA A 213 0.20 -71.79 -24.94
N GLU A 214 1.22 -71.18 -25.52
CA GLU A 214 2.43 -70.84 -24.80
C GLU A 214 2.81 -69.38 -24.89
N TYR A 215 2.48 -68.72 -26.01
CA TYR A 215 2.83 -67.32 -26.21
C TYR A 215 1.65 -66.44 -26.57
N GLY A 216 0.50 -67.02 -26.90
CA GLY A 216 -0.67 -66.26 -27.30
C GLY A 216 -0.88 -66.29 -28.81
N PHE A 217 -2.12 -66.02 -29.22
CA PHE A 217 -2.45 -66.00 -30.64
C PHE A 217 -1.89 -64.78 -31.35
N TRP A 218 -1.52 -63.74 -30.61
CA TRP A 218 -0.91 -62.55 -31.16
C TRP A 218 0.58 -62.72 -31.42
N SER A 219 1.16 -63.85 -31.06
CA SER A 219 2.57 -64.11 -31.28
C SER A 219 2.72 -65.02 -32.50
N SER A 220 3.52 -64.58 -33.45
CA SER A 220 3.71 -65.35 -34.67
C SER A 220 4.54 -66.59 -34.39
N PRO A 221 4.33 -67.69 -35.11
CA PRO A 221 5.14 -68.89 -34.88
C PRO A 221 6.41 -68.91 -35.71
N SER A 222 6.79 -67.75 -36.24
CA SER A 222 7.81 -67.64 -37.28
C SER A 222 9.23 -67.67 -36.77
N ASN A 223 9.49 -68.09 -35.53
CA ASN A 223 10.85 -68.36 -35.10
C ASN A 223 10.92 -69.58 -34.19
N LYS A 224 9.88 -70.40 -34.17
CA LYS A 224 9.76 -71.45 -33.17
C LYS A 224 10.22 -72.79 -33.73
N GLU A 225 10.67 -73.65 -32.83
CA GLU A 225 11.29 -74.91 -33.23
C GLU A 225 10.25 -75.94 -33.63
N ILE A 226 10.60 -76.75 -34.62
CA ILE A 226 9.84 -77.95 -34.96
C ILE A 226 10.66 -79.12 -34.47
N LYS A 227 10.15 -79.81 -33.44
CA LYS A 227 10.96 -80.79 -32.73
C LYS A 227 11.09 -82.11 -33.48
N GLY A 228 10.10 -82.47 -34.28
CA GLY A 228 10.07 -83.81 -34.87
C GLY A 228 10.96 -83.99 -36.08
N VAL A 229 11.32 -82.91 -36.76
CA VAL A 229 11.95 -83.02 -38.08
C VAL A 229 13.42 -83.41 -37.93
N THR A 230 13.96 -83.98 -39.01
CA THR A 230 15.38 -84.32 -39.08
C THR A 230 15.94 -84.09 -40.48
N GLY A 231 15.34 -83.18 -41.23
CA GLY A 231 15.80 -82.92 -42.58
C GLY A 231 14.89 -81.95 -43.28
N THR A 232 15.32 -81.54 -44.46
CA THR A 232 14.52 -80.67 -45.31
C THR A 232 14.93 -80.91 -46.76
N SER A 233 13.98 -81.40 -47.56
CA SER A 233 14.24 -81.60 -48.98
C SER A 233 14.37 -80.24 -49.66
N ARG A 234 15.39 -80.12 -50.53
CA ARG A 234 15.82 -78.88 -51.19
C ARG A 234 16.09 -77.81 -50.14
N PRO A 235 17.19 -77.91 -49.39
CA PRO A 235 17.39 -77.03 -48.23
C PRO A 235 17.68 -75.60 -48.63
N VAL A 236 17.11 -74.67 -47.87
CA VAL A 236 17.17 -73.24 -48.20
C VAL A 236 18.42 -72.65 -47.58
N GLU A 237 18.80 -71.47 -48.08
CA GLU A 237 19.99 -70.76 -47.63
C GLU A 237 19.58 -69.45 -46.97
N PHE A 238 20.00 -69.28 -45.72
CA PHE A 238 19.93 -67.99 -45.03
C PHE A 238 21.13 -67.98 -44.10
N LEU A 239 22.18 -67.24 -44.47
CA LEU A 239 23.42 -67.42 -43.73
C LEU A 239 23.43 -66.60 -42.45
N ASP A 240 23.64 -65.29 -42.54
CA ASP A 240 23.67 -64.48 -41.33
C ASP A 240 22.73 -63.29 -41.35
N GLY A 241 22.95 -62.38 -42.30
CA GLY A 241 22.24 -61.13 -42.33
C GLY A 241 22.03 -60.60 -43.74
N ASP A 242 22.36 -61.41 -44.74
CA ASP A 242 22.30 -60.98 -46.12
C ASP A 242 20.85 -60.89 -46.57
N GLU A 243 20.49 -59.73 -47.14
CA GLU A 243 19.14 -59.51 -47.65
C GLU A 243 18.89 -60.24 -48.96
N THR A 244 19.88 -60.93 -49.52
CA THR A 244 19.80 -61.59 -50.81
C THR A 244 19.99 -63.10 -50.67
N CYS A 245 19.59 -63.67 -49.54
CA CYS A 245 19.69 -65.11 -49.33
C CYS A 245 18.62 -65.84 -50.12
N ARG A 246 18.75 -67.16 -50.18
CA ARG A 246 17.77 -67.96 -50.91
C ARG A 246 16.47 -68.06 -50.13
N ALA A 247 16.55 -68.17 -48.81
CA ALA A 247 15.33 -68.20 -48.00
C ALA A 247 14.68 -66.83 -47.92
N ASN A 248 15.46 -65.76 -47.98
CA ASN A 248 14.90 -64.42 -47.92
C ASN A 248 14.22 -64.01 -49.21
N LEU A 249 14.59 -64.61 -50.34
CA LEU A 249 13.87 -64.37 -51.58
C LEU A 249 12.53 -65.12 -51.61
N LEU A 250 12.34 -66.09 -50.71
CA LEU A 250 11.06 -66.75 -50.58
C LEU A 250 10.15 -66.04 -49.59
N ASN A 251 10.71 -65.54 -48.48
CA ASN A 251 9.92 -64.72 -47.56
C ASN A 251 9.53 -63.40 -48.18
N ASN A 252 10.31 -62.91 -49.14
CA ASN A 252 9.92 -61.73 -49.91
C ASN A 252 8.69 -62.00 -50.76
N ALA A 253 8.52 -63.23 -51.25
CA ALA A 253 7.39 -63.61 -52.09
C ALA A 253 6.26 -64.24 -51.28
N ASN A 254 6.15 -63.89 -49.99
CA ASN A 254 5.07 -64.32 -49.09
C ASN A 254 5.02 -65.83 -48.94
N ILE A 255 6.18 -66.45 -48.76
CA ILE A 255 6.30 -67.89 -48.59
C ILE A 255 7.12 -68.16 -47.34
N ALA A 256 6.56 -68.94 -46.42
CA ALA A 256 7.28 -69.31 -45.21
C ALA A 256 8.23 -70.46 -45.49
N THR A 257 9.37 -70.45 -44.81
CA THR A 257 10.42 -71.45 -45.02
C THR A 257 10.80 -72.08 -43.69
N ILE A 258 11.72 -73.04 -43.77
CA ILE A 258 12.36 -73.63 -42.60
C ILE A 258 13.87 -73.46 -42.80
N ILE A 259 14.46 -72.52 -42.05
CA ILE A 259 15.75 -71.98 -42.46
C ILE A 259 16.91 -72.88 -42.06
N ARG A 260 17.00 -73.23 -40.78
CA ARG A 260 18.26 -73.68 -40.22
C ARG A 260 18.59 -75.12 -40.62
N ASP A 261 19.67 -75.64 -40.02
CA ASP A 261 20.15 -76.98 -40.30
C ASP A 261 19.09 -78.02 -39.99
N ASP A 262 18.59 -78.65 -41.06
CA ASP A 262 17.42 -79.53 -41.15
C ASP A 262 16.11 -78.83 -40.83
N GLY A 263 16.09 -77.50 -40.79
CA GLY A 263 14.88 -76.76 -40.57
C GLY A 263 14.29 -76.96 -39.20
N TYR A 264 15.05 -76.70 -38.15
CA TYR A 264 14.49 -76.68 -36.82
C TYR A 264 14.02 -75.29 -36.40
N ARG A 265 13.80 -74.41 -37.37
CA ARG A 265 13.17 -73.10 -37.12
C ARG A 265 12.25 -72.81 -38.29
N LEU A 266 10.96 -72.65 -38.03
CA LEU A 266 10.07 -72.06 -39.03
C LEU A 266 10.45 -70.60 -39.24
N TRP A 267 10.32 -70.14 -40.48
CA TRP A 267 10.77 -68.80 -40.84
C TRP A 267 9.76 -68.20 -41.80
N GLY A 268 9.04 -67.19 -41.34
CA GLY A 268 8.11 -66.47 -42.18
C GLY A 268 6.81 -66.16 -41.48
N ASN A 269 6.44 -64.90 -41.46
CA ASN A 269 5.17 -64.47 -40.88
C ASN A 269 4.36 -63.63 -41.84
N ARG A 270 4.65 -63.71 -43.14
CA ARG A 270 3.91 -62.98 -44.14
C ARG A 270 2.93 -63.94 -44.82
N THR A 271 1.65 -63.69 -44.64
CA THR A 271 0.66 -64.49 -45.34
C THR A 271 0.58 -64.06 -46.80
N LEU A 272 -0.09 -64.88 -47.62
CA LEU A 272 -0.17 -64.64 -49.05
C LEU A 272 -1.23 -63.59 -49.36
N SER A 273 -0.95 -62.35 -48.95
CA SER A 273 -1.91 -61.26 -49.07
C SER A 273 -1.35 -60.18 -49.97
N SER A 274 -2.20 -59.68 -50.88
CA SER A 274 -1.79 -58.59 -51.75
C SER A 274 -1.79 -57.25 -51.04
N ASP A 275 -2.71 -57.05 -50.10
CA ASP A 275 -2.73 -55.83 -49.30
C ASP A 275 -1.67 -55.93 -48.20
N SER A 276 -0.84 -54.90 -48.09
CA SER A 276 0.18 -54.88 -47.06
C SER A 276 -0.35 -54.60 -45.67
N LYS A 277 -1.63 -54.26 -45.54
CA LYS A 277 -2.25 -54.17 -44.22
C LYS A 277 -2.39 -55.55 -43.60
N TRP A 278 -2.95 -56.50 -44.35
CA TRP A 278 -3.17 -57.86 -43.87
C TRP A 278 -2.01 -58.78 -44.18
N ALA A 279 -0.78 -58.24 -44.25
CA ALA A 279 0.36 -59.05 -44.67
C ALA A 279 0.78 -60.04 -43.59
N PHE A 280 0.70 -59.65 -42.33
CA PHE A 280 1.18 -60.50 -41.25
C PHE A 280 0.10 -61.47 -40.80
N VAL A 281 0.53 -62.67 -40.41
CA VAL A 281 -0.39 -63.67 -39.88
C VAL A 281 -0.85 -63.29 -38.48
N THR A 282 -0.08 -62.46 -37.77
CA THR A 282 -0.51 -61.96 -36.47
C THR A 282 -1.75 -61.09 -36.59
N ARG A 283 -1.76 -60.16 -37.55
CA ARG A 283 -2.88 -59.24 -37.70
C ARG A 283 -4.12 -59.94 -38.24
N VAL A 284 -3.94 -60.99 -39.05
CA VAL A 284 -5.09 -61.73 -39.56
C VAL A 284 -5.69 -62.59 -38.45
N ARG A 285 -4.85 -63.19 -37.61
CA ARG A 285 -5.32 -64.11 -36.60
C ARG A 285 -6.01 -63.39 -35.44
N THR A 286 -5.47 -62.26 -35.02
CA THR A 286 -6.11 -61.51 -33.94
C THR A 286 -7.38 -60.83 -34.40
N MET A 287 -7.48 -60.50 -35.68
CA MET A 287 -8.69 -59.88 -36.18
C MET A 287 -9.83 -60.88 -36.23
N ASP A 288 -9.57 -62.08 -36.75
CA ASP A 288 -10.59 -63.11 -36.80
C ASP A 288 -10.93 -63.70 -35.44
N LEU A 289 -10.11 -63.43 -34.42
CA LEU A 289 -10.40 -63.88 -33.07
C LEU A 289 -11.21 -62.86 -32.28
N VAL A 290 -11.00 -61.56 -32.52
CA VAL A 290 -11.82 -60.54 -31.87
C VAL A 290 -13.09 -60.25 -32.63
N MET A 291 -13.21 -60.71 -33.87
CA MET A 291 -14.46 -60.58 -34.61
C MET A 291 -15.39 -61.76 -34.39
N ASP A 292 -14.90 -62.84 -33.78
CA ASP A 292 -15.76 -63.95 -33.42
C ASP A 292 -16.07 -64.00 -31.93
N ALA A 293 -15.21 -63.40 -31.10
CA ALA A 293 -15.54 -63.26 -29.69
C ALA A 293 -16.66 -62.26 -29.48
N ILE A 294 -16.70 -61.21 -30.30
CA ILE A 294 -17.78 -60.23 -30.22
C ILE A 294 -19.05 -60.81 -30.82
N LEU A 295 -18.93 -61.57 -31.91
CA LEU A 295 -20.08 -62.13 -32.59
C LEU A 295 -20.78 -63.21 -31.77
N ALA A 296 -20.01 -64.13 -31.22
CA ALA A 296 -20.57 -65.20 -30.40
C ALA A 296 -20.78 -64.80 -28.95
N GLY A 297 -20.34 -63.60 -28.57
CA GLY A 297 -20.46 -63.14 -27.21
C GLY A 297 -21.49 -62.07 -26.97
N HIS A 298 -22.16 -61.58 -28.01
CA HIS A 298 -23.15 -60.52 -27.87
C HIS A 298 -24.53 -60.97 -28.35
N LYS A 299 -24.82 -62.26 -28.24
CA LYS A 299 -26.14 -62.77 -28.59
C LYS A 299 -27.14 -62.60 -27.45
N TRP A 300 -26.75 -61.96 -26.35
CA TRP A 300 -27.67 -61.61 -25.29
C TRP A 300 -28.32 -60.25 -25.48
N ALA A 301 -27.84 -59.48 -26.44
CA ALA A 301 -28.28 -58.09 -26.63
C ALA A 301 -28.96 -57.89 -27.98
N VAL A 302 -29.80 -58.85 -28.39
CA VAL A 302 -30.42 -58.77 -29.70
C VAL A 302 -31.86 -58.28 -29.64
N ASP A 303 -32.49 -58.27 -28.47
CA ASP A 303 -33.78 -57.58 -28.34
C ASP A 303 -33.90 -56.92 -26.98
N ARG A 304 -32.81 -56.33 -26.49
CA ARG A 304 -32.83 -55.79 -25.13
C ARG A 304 -33.56 -54.46 -25.05
N GLY A 305 -33.57 -53.68 -26.12
CA GLY A 305 -34.18 -52.37 -26.05
C GLY A 305 -33.14 -51.30 -25.76
N ILE A 306 -33.05 -50.31 -26.64
CA ILE A 306 -31.99 -49.32 -26.56
C ILE A 306 -32.33 -48.29 -25.49
N THR A 307 -31.89 -48.54 -24.26
CA THR A 307 -31.94 -47.56 -23.19
C THR A 307 -30.55 -47.02 -22.95
N LYS A 308 -30.47 -45.98 -22.11
CA LYS A 308 -29.18 -45.34 -21.83
C LYS A 308 -28.25 -46.27 -21.05
N THR A 309 -28.81 -47.16 -20.25
CA THR A 309 -28.02 -48.17 -19.56
C THR A 309 -27.82 -49.42 -20.40
N TYR A 310 -28.30 -49.44 -21.64
CA TYR A 310 -28.01 -50.56 -22.53
C TYR A 310 -26.77 -50.29 -23.36
N VAL A 311 -26.69 -49.11 -23.96
CA VAL A 311 -25.52 -48.74 -24.76
C VAL A 311 -24.29 -48.60 -23.87
N LYS A 312 -24.47 -48.11 -22.66
CA LYS A 312 -23.33 -47.95 -21.76
C LYS A 312 -22.83 -49.27 -21.21
N ASP A 313 -23.71 -50.25 -21.03
CA ASP A 313 -23.31 -51.55 -20.49
C ASP A 313 -22.96 -52.56 -21.57
N VAL A 314 -23.07 -52.18 -22.84
CA VAL A 314 -22.42 -52.94 -23.90
C VAL A 314 -21.01 -52.40 -24.14
N THR A 315 -20.86 -51.08 -24.10
CA THR A 315 -19.55 -50.45 -24.28
C THR A 315 -18.61 -50.78 -23.13
N GLU A 316 -19.09 -50.66 -21.89
CA GLU A 316 -18.26 -51.01 -20.74
C GLU A 316 -18.00 -52.50 -20.65
N GLY A 317 -18.86 -53.34 -21.22
CA GLY A 317 -18.54 -54.73 -21.38
C GLY A 317 -17.66 -55.04 -22.57
N LEU A 318 -17.46 -54.05 -23.44
CA LEU A 318 -16.58 -54.17 -24.60
C LEU A 318 -15.20 -53.60 -24.35
N ARG A 319 -15.11 -52.54 -23.55
CA ARG A 319 -13.80 -52.06 -23.10
C ARG A 319 -13.14 -53.06 -22.18
N ALA A 320 -13.93 -53.72 -21.32
CA ALA A 320 -13.40 -54.71 -20.41
C ALA A 320 -12.89 -55.96 -21.12
N PHE A 321 -13.37 -56.23 -22.33
CA PHE A 321 -12.81 -57.30 -23.13
C PHE A 321 -11.50 -56.87 -23.78
N MET A 322 -11.44 -55.62 -24.26
CA MET A 322 -10.22 -55.13 -24.88
C MET A 322 -9.17 -54.74 -23.85
N ARG A 323 -9.58 -54.42 -22.62
CA ARG A 323 -8.60 -54.16 -21.57
C ARG A 323 -8.05 -55.44 -20.98
N ASP A 324 -8.77 -56.56 -21.10
CA ASP A 324 -8.21 -57.87 -20.79
C ASP A 324 -7.33 -58.40 -21.90
N LEU A 325 -7.34 -57.75 -23.07
CA LEU A 325 -6.40 -58.05 -24.14
C LEU A 325 -5.20 -57.12 -24.16
N LYS A 326 -5.31 -55.95 -23.57
CA LYS A 326 -4.21 -54.99 -23.58
C LYS A 326 -3.12 -55.39 -22.61
N ASN A 327 -3.48 -55.70 -21.36
CA ASN A 327 -2.49 -56.13 -20.38
C ASN A 327 -2.04 -57.56 -20.63
N GLN A 328 -2.80 -58.34 -21.40
CA GLN A 328 -2.36 -59.66 -21.81
C GLN A 328 -1.28 -59.59 -22.87
N GLY A 329 -1.17 -58.47 -23.57
CA GLY A 329 -0.17 -58.30 -24.62
C GLY A 329 -0.71 -58.46 -26.02
N ALA A 330 -2.02 -58.63 -26.18
CA ALA A 330 -2.57 -58.90 -27.51
C ALA A 330 -2.64 -57.63 -28.34
N VAL A 331 -3.02 -56.50 -27.73
CA VAL A 331 -3.10 -55.22 -28.41
C VAL A 331 -2.18 -54.24 -27.70
N ILE A 332 -1.89 -53.14 -28.37
CA ILE A 332 -1.10 -52.07 -27.77
C ILE A 332 -2.03 -51.15 -27.01
N ASN A 333 -2.99 -50.56 -27.73
CA ASN A 333 -4.00 -49.73 -27.11
C ASN A 333 -5.25 -49.81 -27.97
N PHE A 334 -6.39 -49.50 -27.36
CA PHE A 334 -7.69 -49.65 -28.00
C PHE A 334 -8.50 -48.37 -27.82
N GLU A 335 -9.65 -48.34 -28.50
CA GLU A 335 -10.60 -47.24 -28.33
C GLU A 335 -11.98 -47.78 -28.70
N VAL A 336 -12.80 -48.06 -27.68
CA VAL A 336 -14.15 -48.56 -27.87
C VAL A 336 -15.11 -47.46 -27.48
N TYR A 337 -15.99 -47.09 -28.42
CA TYR A 337 -16.95 -46.03 -28.16
C TYR A 337 -18.18 -46.26 -29.02
N ALA A 338 -19.31 -45.73 -28.56
CA ALA A 338 -20.51 -45.72 -29.37
C ALA A 338 -20.37 -44.66 -30.45
N ASP A 339 -20.76 -45.02 -31.66
CA ASP A 339 -20.54 -44.16 -32.83
C ASP A 339 -21.46 -42.94 -32.77
N PRO A 340 -20.93 -41.72 -32.76
CA PRO A 340 -21.81 -40.54 -32.67
C PRO A 340 -22.54 -40.25 -33.96
N ASP A 341 -21.98 -40.62 -35.10
CA ASP A 341 -22.61 -40.33 -36.38
C ASP A 341 -23.57 -41.42 -36.83
N LEU A 342 -23.17 -42.69 -36.72
CA LEU A 342 -23.99 -43.78 -37.21
C LEU A 342 -25.14 -44.13 -36.28
N ASN A 343 -25.16 -43.62 -35.05
CA ASN A 343 -26.31 -43.77 -34.17
C ASN A 343 -27.18 -42.54 -34.32
N SER A 344 -27.88 -42.47 -35.45
CA SER A 344 -28.79 -41.39 -35.71
C SER A 344 -30.16 -41.73 -35.14
N ALA A 345 -31.11 -40.80 -35.27
CA ALA A 345 -32.46 -41.06 -34.78
C ALA A 345 -33.20 -42.02 -35.69
N SER A 346 -32.84 -42.05 -36.99
CA SER A 346 -33.48 -42.95 -37.93
C SER A 346 -32.84 -44.33 -37.97
N GLN A 347 -31.57 -44.44 -37.58
CA GLN A 347 -30.96 -45.77 -37.48
C GLN A 347 -31.42 -46.48 -36.22
N LEU A 348 -31.61 -45.74 -35.13
CA LEU A 348 -32.03 -46.37 -33.89
C LEU A 348 -33.50 -46.76 -33.93
N ALA A 349 -34.30 -46.09 -34.75
CA ALA A 349 -35.71 -46.42 -34.88
C ALA A 349 -35.94 -47.70 -35.67
N GLN A 350 -34.92 -48.21 -36.35
CA GLN A 350 -34.99 -49.50 -37.02
C GLN A 350 -34.39 -50.62 -36.19
N GLY A 351 -33.85 -50.31 -35.03
CA GLY A 351 -33.19 -51.29 -34.20
C GLY A 351 -31.71 -51.43 -34.43
N LYS A 352 -31.10 -50.54 -35.20
CA LYS A 352 -29.67 -50.59 -35.46
C LYS A 352 -28.95 -49.64 -34.52
N VAL A 353 -27.91 -50.15 -33.85
CA VAL A 353 -27.09 -49.33 -32.96
C VAL A 353 -25.64 -49.74 -33.17
N TYR A 354 -24.76 -48.77 -33.34
CA TYR A 354 -23.41 -49.00 -33.84
C TYR A 354 -22.38 -48.75 -32.76
N TRP A 355 -21.38 -49.62 -32.70
CA TRP A 355 -20.22 -49.46 -31.83
C TRP A 355 -18.95 -49.57 -32.65
N ASN A 356 -17.97 -48.74 -32.33
CA ASN A 356 -16.68 -48.74 -33.02
C ASN A 356 -15.60 -49.27 -32.09
N ILE A 357 -14.89 -50.29 -32.53
CA ILE A 357 -13.80 -50.89 -31.77
C ILE A 357 -12.53 -50.68 -32.57
N ARG A 358 -11.79 -49.63 -32.25
CA ARG A 358 -10.51 -49.34 -32.89
C ARG A 358 -9.39 -49.75 -31.97
N PHE A 359 -8.45 -50.56 -32.48
CA PHE A 359 -7.34 -51.03 -31.67
C PHE A 359 -6.10 -51.11 -32.54
N THR A 360 -4.99 -51.49 -31.93
CA THR A 360 -3.71 -51.66 -32.61
C THR A 360 -3.13 -53.01 -32.24
N ASP A 361 -2.96 -53.88 -33.23
CA ASP A 361 -2.29 -55.15 -33.01
C ASP A 361 -0.81 -54.92 -32.73
N VAL A 362 -0.22 -55.85 -31.97
CA VAL A 362 1.20 -55.81 -31.68
C VAL A 362 1.93 -56.49 -32.84
N PRO A 363 2.70 -55.76 -33.63
CA PRO A 363 3.30 -56.34 -34.84
C PRO A 363 4.47 -57.24 -34.48
N PRO A 364 4.80 -58.21 -35.32
CA PRO A 364 5.96 -59.05 -35.05
C PRO A 364 7.23 -58.38 -35.52
N ALA A 365 8.26 -58.42 -34.65
CA ALA A 365 9.55 -57.83 -34.97
C ALA A 365 10.27 -58.73 -35.97
N GLU A 366 9.91 -58.59 -37.24
CA GLU A 366 10.56 -59.40 -38.25
C GLU A 366 11.91 -58.86 -38.66
N ASN A 367 12.24 -57.62 -38.29
CA ASN A 367 13.54 -57.03 -38.62
C ASN A 367 13.93 -56.00 -37.59
N PRO A 368 14.54 -56.41 -36.48
CA PRO A 368 15.15 -55.43 -35.58
C PRO A 368 16.41 -54.82 -36.18
N ASN A 369 16.32 -53.56 -36.59
CA ASN A 369 17.43 -52.87 -37.23
C ASN A 369 18.28 -52.17 -36.18
N PHE A 370 19.59 -52.36 -36.25
CA PHE A 370 20.52 -51.71 -35.34
C PHE A 370 21.39 -50.73 -36.10
N ARG A 371 21.71 -49.61 -35.47
CA ARG A 371 22.48 -48.52 -36.07
C ARG A 371 23.63 -48.18 -35.14
N VAL A 372 24.76 -48.88 -35.31
CA VAL A 372 25.92 -48.71 -34.45
C VAL A 372 26.84 -47.64 -35.05
N GLU A 373 27.46 -46.85 -34.19
CA GLU A 373 28.34 -45.77 -34.64
C GLU A 373 29.38 -45.45 -33.58
N VAL A 374 30.55 -45.05 -34.05
CA VAL A 374 31.62 -44.52 -33.20
C VAL A 374 31.53 -43.00 -33.22
N THR A 375 31.90 -42.39 -32.10
CA THR A 375 31.78 -40.94 -31.94
C THR A 375 33.09 -40.40 -31.37
N ASP A 376 33.14 -39.08 -31.19
CA ASP A 376 34.25 -38.43 -30.49
C ASP A 376 33.73 -37.53 -29.37
N GLN A 377 32.47 -37.70 -28.97
CA GLN A 377 31.88 -36.84 -27.94
C GLN A 377 32.44 -37.18 -26.57
N TRP A 378 32.59 -38.47 -26.27
CA TRP A 378 33.18 -38.93 -25.02
C TRP A 378 34.68 -39.17 -25.13
N LEU A 379 35.31 -38.70 -26.22
CA LEU A 379 36.75 -38.79 -26.32
C LEU A 379 37.45 -37.77 -25.43
N THR A 380 36.77 -36.67 -25.09
CA THR A 380 37.30 -35.68 -24.16
C THR A 380 37.01 -36.01 -22.71
N GLU A 381 36.46 -37.20 -22.42
CA GLU A 381 36.15 -37.59 -21.05
C GLU A 381 37.39 -37.92 -20.24
N VAL A 382 38.46 -38.36 -20.90
CA VAL A 382 39.69 -38.75 -20.19
C VAL A 382 40.55 -37.48 -20.07
N LEU A 383 40.23 -36.68 -19.06
CA LEU A 383 41.05 -35.53 -18.73
C LEU A 383 41.17 -35.23 -17.24
N ASP A 384 40.42 -35.92 -16.38
CA ASP A 384 40.37 -35.61 -14.96
C ASP A 384 39.75 -36.77 -14.18
N THR B 3 21.74 -94.05 -22.28
CA THR B 3 20.90 -92.93 -22.65
C THR B 3 21.12 -92.52 -24.11
N THR B 4 20.80 -93.43 -25.03
CA THR B 4 21.09 -93.21 -26.44
C THR B 4 20.05 -92.28 -27.05
N CYS B 5 20.52 -91.26 -27.75
CA CYS B 5 19.68 -90.30 -28.45
C CYS B 5 20.01 -90.33 -29.94
N ARG B 6 19.05 -89.94 -30.76
CA ARG B 6 19.21 -89.91 -32.21
C ARG B 6 19.35 -88.47 -32.68
N THR B 7 20.33 -88.24 -33.55
CA THR B 7 20.65 -86.91 -34.06
C THR B 7 19.70 -86.55 -35.19
N ALA B 8 19.87 -85.34 -35.72
CA ALA B 8 19.35 -84.99 -37.03
C ALA B 8 20.51 -84.75 -38.00
N ASP B 9 20.17 -84.36 -39.23
CA ASP B 9 21.14 -84.29 -40.32
C ASP B 9 22.00 -83.01 -40.29
N GLY B 10 21.77 -82.11 -39.34
CA GLY B 10 22.58 -80.92 -39.23
C GLY B 10 23.06 -80.65 -37.82
N ASP B 11 22.69 -81.55 -36.90
CA ASP B 11 23.08 -81.41 -35.51
C ASP B 11 24.57 -81.65 -35.33
N MET B 12 25.13 -80.98 -34.33
CA MET B 12 26.54 -81.05 -34.05
C MET B 12 26.75 -81.42 -32.59
N LEU B 13 27.95 -81.93 -32.30
CA LEU B 13 28.17 -82.69 -31.08
C LEU B 13 28.19 -81.80 -29.85
N ASP B 14 28.92 -80.68 -29.91
CA ASP B 14 29.03 -79.79 -28.77
C ASP B 14 27.74 -79.03 -28.48
N SER B 15 26.88 -78.86 -29.49
CA SER B 15 25.57 -78.26 -29.23
C SER B 15 24.63 -79.22 -28.53
N LEU B 16 24.66 -80.50 -28.92
CA LEU B 16 23.77 -81.51 -28.35
C LEU B 16 24.05 -81.76 -26.87
N CYS B 17 25.30 -82.07 -26.53
CA CYS B 17 25.67 -82.38 -25.15
C CYS B 17 25.84 -81.15 -24.27
N TYR B 18 25.59 -79.94 -24.77
CA TYR B 18 25.39 -78.82 -23.87
C TYR B 18 23.96 -78.74 -23.36
N HIS B 19 22.98 -79.10 -24.20
CA HIS B 19 21.60 -79.16 -23.73
C HIS B 19 21.38 -80.32 -22.77
N VAL B 20 22.12 -81.42 -22.96
CA VAL B 20 21.92 -82.60 -22.13
C VAL B 20 22.65 -82.44 -20.80
N TYR B 21 23.93 -82.05 -20.83
CA TYR B 21 24.73 -82.03 -19.62
C TYR B 21 24.68 -80.71 -18.88
N GLY B 22 24.78 -79.59 -19.61
CA GLY B 22 24.81 -78.28 -19.01
C GLY B 22 26.17 -77.61 -19.04
N HIS B 23 27.23 -78.34 -19.36
CA HIS B 23 28.56 -77.77 -19.51
C HIS B 23 29.34 -78.63 -20.49
N LEU B 24 30.47 -78.10 -20.96
CA LEU B 24 31.24 -78.76 -22.00
C LEU B 24 32.67 -79.07 -21.58
N LEU B 25 33.01 -78.91 -20.30
CA LEU B 25 34.36 -79.21 -19.83
C LEU B 25 34.47 -80.72 -19.59
N GLY B 26 35.24 -81.39 -20.45
CA GLY B 26 35.40 -82.83 -20.35
C GLY B 26 34.18 -83.64 -20.74
N CYS B 27 33.28 -83.07 -21.54
CA CYS B 27 32.02 -83.70 -21.85
C CYS B 27 31.84 -84.04 -23.33
N VAL B 28 32.69 -83.52 -24.21
CA VAL B 28 32.63 -83.79 -25.63
C VAL B 28 33.56 -84.91 -26.04
N GLU B 29 34.82 -84.88 -25.58
CA GLU B 29 35.74 -85.96 -25.91
C GLU B 29 35.44 -87.24 -25.16
N ALA B 30 34.73 -87.14 -24.03
CA ALA B 30 34.21 -88.35 -23.38
C ALA B 30 33.07 -88.96 -24.17
N THR B 31 32.32 -88.12 -24.90
CA THR B 31 31.28 -88.63 -25.79
C THR B 31 31.89 -89.31 -27.00
N LEU B 32 32.96 -88.72 -27.56
CA LEU B 32 33.68 -89.38 -28.65
C LEU B 32 34.44 -90.61 -28.19
N ASP B 33 34.79 -90.69 -26.90
CA ASP B 33 35.48 -91.87 -26.39
C ASP B 33 34.53 -93.06 -26.30
N ALA B 34 33.37 -92.87 -25.67
CA ALA B 34 32.40 -93.96 -25.46
C ALA B 34 31.37 -93.99 -26.58
N ASN B 35 31.84 -93.99 -27.82
CA ASN B 35 31.05 -94.12 -29.04
C ASN B 35 31.91 -94.73 -30.13
N PRO B 36 31.62 -95.96 -30.56
CA PRO B 36 32.44 -96.59 -31.60
C PRO B 36 32.19 -95.97 -32.97
N GLY B 37 33.27 -95.48 -33.59
CA GLY B 37 33.20 -94.93 -34.93
C GLY B 37 32.47 -93.61 -35.07
N LEU B 38 32.31 -92.85 -33.99
CA LEU B 38 31.62 -91.57 -34.10
C LEU B 38 32.51 -90.51 -34.74
N ALA B 39 33.79 -90.47 -34.34
CA ALA B 39 34.74 -89.53 -34.92
C ALA B 39 34.99 -89.78 -36.39
N ASP B 40 34.93 -91.06 -36.82
CA ASP B 40 35.11 -91.41 -38.23
C ASP B 40 34.02 -90.77 -39.07
N GLU B 41 32.80 -90.73 -38.53
CA GLU B 41 31.69 -90.04 -39.18
C GLU B 41 31.97 -88.54 -39.23
N GLN B 42 31.53 -87.90 -40.30
CA GLN B 42 31.74 -86.47 -40.50
C GLN B 42 31.07 -85.65 -39.40
N GLN B 43 31.71 -84.51 -39.08
CA GLN B 43 31.23 -83.66 -37.99
C GLN B 43 29.79 -83.15 -38.19
N PRO B 44 29.33 -82.75 -39.41
CA PRO B 44 27.87 -82.56 -39.55
C PRO B 44 27.25 -83.94 -39.68
N PHE B 45 26.57 -84.37 -38.62
CA PHE B 45 26.06 -85.73 -38.47
C PHE B 45 24.96 -86.04 -39.47
N ARG B 46 24.83 -87.33 -39.82
CA ARG B 46 23.75 -87.75 -40.70
C ARG B 46 22.42 -87.75 -39.95
N ALA B 47 21.34 -87.91 -40.72
CA ALA B 47 19.97 -87.82 -40.22
C ALA B 47 19.67 -88.85 -39.12
N GLY B 48 20.22 -90.06 -39.22
CA GLY B 48 19.87 -91.07 -38.24
C GLY B 48 20.95 -91.84 -37.51
N LEU B 49 22.03 -91.16 -37.13
CA LEU B 49 23.10 -91.80 -36.36
C LEU B 49 22.66 -91.86 -34.89
N LEU B 50 23.18 -92.82 -34.13
CA LEU B 50 22.84 -92.96 -32.73
C LEU B 50 24.05 -92.65 -31.85
N ILE B 51 23.93 -91.65 -31.00
CA ILE B 51 24.95 -91.31 -30.00
C ILE B 51 24.46 -91.74 -28.64
N SER B 52 25.23 -92.59 -27.96
CA SER B 52 24.93 -92.99 -26.59
C SER B 52 25.68 -92.08 -25.63
N PHE B 53 24.97 -91.15 -25.01
CA PHE B 53 25.57 -90.22 -24.07
C PHE B 53 25.82 -90.92 -22.74
N PRO B 54 27.05 -90.98 -22.25
CA PRO B 54 27.30 -91.66 -20.98
C PRO B 54 26.85 -90.82 -19.78
N ASP B 55 26.72 -91.50 -18.65
CA ASP B 55 26.38 -90.88 -17.38
C ASP B 55 27.64 -90.50 -16.59
N MET B 56 27.46 -89.55 -15.65
CA MET B 56 28.47 -88.91 -14.81
C MET B 56 29.62 -88.32 -15.65
N PRO B 57 29.42 -87.17 -16.29
CA PRO B 57 30.48 -86.55 -17.10
C PRO B 57 31.65 -86.03 -16.25
N ILE C 2 62.81 -117.36 -35.41
CA ILE C 2 62.44 -116.31 -34.46
C ILE C 2 63.40 -115.14 -34.59
N ILE C 3 62.99 -114.13 -35.37
CA ILE C 3 63.82 -112.97 -35.67
C ILE C 3 63.05 -111.73 -35.26
N ASP C 4 63.68 -110.87 -34.45
CA ASP C 4 63.06 -109.64 -34.00
C ASP C 4 62.87 -108.69 -35.19
N LEU C 5 61.63 -108.26 -35.39
CA LEU C 5 61.32 -107.33 -36.46
C LEU C 5 61.43 -105.87 -36.01
N SER C 6 61.60 -105.63 -34.71
CA SER C 6 61.64 -104.28 -34.15
C SER C 6 63.05 -103.70 -34.13
N GLN C 7 63.92 -104.13 -35.06
CA GLN C 7 65.27 -103.59 -35.19
C GLN C 7 65.53 -103.06 -36.59
N LEU C 8 64.48 -102.72 -37.33
CA LEU C 8 64.55 -102.27 -38.70
C LEU C 8 64.35 -100.76 -38.77
N PRO C 9 64.59 -100.14 -39.94
CA PRO C 9 64.11 -98.77 -40.13
C PRO C 9 62.60 -98.68 -40.06
N GLU C 10 62.11 -97.51 -39.69
CA GLU C 10 60.71 -97.34 -39.38
C GLU C 10 59.85 -97.35 -40.64
N PRO C 11 58.71 -98.05 -40.63
CA PRO C 11 57.75 -97.92 -41.73
C PRO C 11 56.87 -96.70 -41.55
N GLU C 12 56.56 -96.04 -42.67
CA GLU C 12 55.68 -94.88 -42.69
C GLU C 12 54.35 -95.30 -43.30
N VAL C 13 53.29 -95.28 -42.48
CA VAL C 13 51.96 -95.63 -42.99
C VAL C 13 51.33 -94.43 -43.68
N ILE C 14 51.48 -93.24 -43.10
CA ILE C 14 51.25 -91.99 -43.81
C ILE C 14 52.61 -91.40 -44.15
N GLU C 15 52.68 -90.67 -45.26
CA GLU C 15 53.91 -89.99 -45.64
C GLU C 15 54.20 -88.86 -44.67
N ASN C 16 55.48 -88.60 -44.45
CA ASN C 16 55.92 -87.64 -43.44
C ASN C 16 56.63 -86.49 -44.15
N LEU C 17 55.84 -85.52 -44.60
CA LEU C 17 56.38 -84.36 -45.30
C LEU C 17 57.02 -83.39 -44.32
N ASP C 18 57.97 -82.61 -44.82
CA ASP C 18 58.61 -81.59 -43.99
C ASP C 18 57.74 -80.33 -43.95
N PHE C 19 58.20 -79.34 -43.18
CA PHE C 19 57.38 -78.18 -42.82
C PHE C 19 57.11 -77.28 -44.02
N GLU C 20 58.00 -77.28 -45.03
CA GLU C 20 57.88 -76.31 -46.11
C GLU C 20 56.88 -76.75 -47.18
N THR C 21 56.88 -78.02 -47.58
CA THR C 21 55.94 -78.45 -48.61
C THR C 21 54.53 -78.67 -48.07
N ILE C 22 54.36 -78.73 -46.75
CA ILE C 22 53.03 -78.68 -46.16
C ILE C 22 52.46 -77.26 -46.25
N TYR C 23 53.34 -76.27 -46.08
CA TYR C 23 52.90 -74.87 -46.07
C TYR C 23 52.44 -74.41 -47.45
N GLN C 24 53.22 -74.70 -48.49
CA GLN C 24 52.82 -74.32 -49.84
C GLN C 24 51.66 -75.16 -50.36
N GLU C 25 51.45 -76.36 -49.83
CA GLU C 25 50.26 -77.14 -50.19
C GLU C 25 49.00 -76.51 -49.60
N LEU C 26 49.10 -75.88 -48.43
CA LEU C 26 47.96 -75.20 -47.85
C LEU C 26 47.68 -73.88 -48.55
N LEU C 27 48.74 -73.19 -48.97
CA LEU C 27 48.57 -71.91 -49.67
C LEU C 27 47.88 -72.09 -51.01
N GLY C 28 48.20 -73.16 -51.73
CA GLY C 28 47.54 -73.43 -53.00
C GLY C 28 46.04 -73.66 -52.87
N ASP C 29 45.64 -74.42 -51.85
CA ASP C 29 44.23 -74.62 -51.56
C ASP C 29 43.58 -73.31 -51.14
N PHE C 30 44.31 -72.49 -50.37
CA PHE C 30 43.82 -71.19 -49.92
C PHE C 30 43.55 -70.24 -51.08
N ARG C 31 44.44 -70.22 -52.08
CA ARG C 31 44.26 -69.36 -53.25
C ARG C 31 43.03 -69.76 -54.05
N GLU C 32 42.77 -71.06 -54.19
CA GLU C 32 41.58 -71.53 -54.90
C GLU C 32 40.31 -71.12 -54.17
N ALA C 33 40.32 -71.20 -52.83
CA ALA C 33 39.17 -70.79 -52.05
C ALA C 33 38.92 -69.28 -52.16
N MET C 34 39.99 -68.49 -52.13
CA MET C 34 39.92 -67.04 -52.20
C MET C 34 39.98 -66.50 -53.62
N ALA C 35 39.83 -67.36 -54.63
CA ALA C 35 39.95 -66.95 -56.03
C ALA C 35 39.00 -65.81 -56.37
N GLY C 36 39.56 -64.74 -56.94
CA GLY C 36 38.80 -63.54 -57.19
C GLY C 36 38.84 -62.53 -56.07
N GLU C 37 39.36 -62.91 -54.90
CA GLU C 37 39.44 -62.04 -53.75
C GLU C 37 40.83 -61.84 -53.20
N TRP C 38 41.83 -62.56 -53.73
CA TRP C 38 43.18 -62.43 -53.22
C TRP C 38 43.78 -61.06 -53.53
N THR C 39 44.41 -60.47 -52.54
CA THR C 39 45.08 -59.19 -52.65
C THR C 39 46.38 -59.29 -51.87
N ALA C 40 47.32 -58.38 -52.18
CA ALA C 40 48.58 -58.33 -51.44
C ALA C 40 48.34 -58.00 -49.98
N GLU C 41 47.35 -57.14 -49.71
CA GLU C 41 46.97 -56.80 -48.35
C GLU C 41 46.40 -57.99 -47.59
N VAL C 42 45.74 -58.93 -48.30
CA VAL C 42 45.14 -60.10 -47.67
C VAL C 42 46.20 -60.98 -47.00
N GLU C 43 47.36 -61.14 -47.65
CA GLU C 43 48.44 -61.93 -47.06
C GLU C 43 49.24 -61.06 -46.08
N SER C 44 48.57 -60.71 -44.99
CA SER C 44 49.16 -59.88 -43.95
C SER C 44 49.96 -60.74 -42.98
N ASP C 45 50.69 -60.06 -42.10
CA ASP C 45 51.48 -60.77 -41.09
C ASP C 45 50.65 -61.61 -40.10
N PRO C 46 49.50 -61.17 -39.55
CA PRO C 46 48.72 -62.08 -38.69
C PRO C 46 48.18 -63.31 -39.42
N VAL C 47 47.77 -63.15 -40.68
CA VAL C 47 47.22 -64.26 -41.44
C VAL C 47 48.31 -65.28 -41.76
N LEU C 48 49.51 -64.81 -42.12
CA LEU C 48 50.61 -65.72 -42.44
C LEU C 48 51.06 -66.52 -41.21
N LYS C 49 51.15 -65.87 -40.04
CA LYS C 49 51.51 -66.58 -38.83
C LYS C 49 50.46 -67.59 -38.39
N LEU C 50 49.21 -67.41 -38.81
CA LEU C 50 48.22 -68.47 -38.65
C LEU C 50 48.51 -69.64 -39.56
N LEU C 51 48.91 -69.37 -40.81
CA LEU C 51 49.23 -70.43 -41.75
C LEU C 51 50.55 -71.13 -41.42
N GLN C 52 51.47 -70.45 -40.72
CA GLN C 52 52.66 -71.13 -40.26
C GLN C 52 52.39 -72.03 -39.06
N LEU C 53 51.35 -71.73 -38.28
CA LEU C 53 50.90 -72.67 -37.27
C LEU C 53 50.27 -73.90 -37.92
N ALA C 54 49.37 -73.68 -38.90
CA ALA C 54 48.64 -74.77 -39.52
C ALA C 54 49.54 -75.71 -40.30
N ALA C 55 50.63 -75.18 -40.88
CA ALA C 55 51.64 -76.06 -41.48
C ALA C 55 52.39 -76.88 -40.45
N TYR C 56 52.42 -76.43 -39.19
CA TYR C 56 53.07 -77.16 -38.11
C TYR C 56 52.13 -78.13 -37.39
N ARG C 57 50.81 -77.93 -37.47
CA ARG C 57 49.92 -78.79 -36.68
C ARG C 57 49.75 -80.17 -37.32
N GLU C 58 49.64 -80.24 -38.65
CA GLU C 58 49.66 -81.54 -39.30
C GLU C 58 51.07 -82.04 -39.56
N LEU C 59 52.10 -81.23 -39.26
CA LEU C 59 53.42 -81.78 -39.05
C LEU C 59 53.46 -82.62 -37.78
N LEU C 60 52.65 -82.25 -36.78
CA LEU C 60 52.46 -83.05 -35.58
C LEU C 60 51.31 -84.03 -35.68
N LEU C 61 50.61 -84.08 -36.81
CA LEU C 61 49.60 -85.11 -37.04
C LEU C 61 50.07 -86.21 -37.97
N ARG C 62 50.94 -85.88 -38.94
CA ARG C 62 51.62 -86.93 -39.68
C ARG C 62 52.61 -87.66 -38.79
N ALA C 63 53.13 -86.97 -37.78
CA ALA C 63 53.92 -87.60 -36.73
C ALA C 63 53.05 -88.33 -35.71
N ARG C 64 51.78 -87.97 -35.60
CA ARG C 64 50.87 -88.64 -34.67
C ARG C 64 50.38 -89.97 -35.23
N ILE C 65 50.03 -90.01 -36.52
CA ILE C 65 49.57 -91.23 -37.15
C ILE C 65 50.70 -92.26 -37.24
N ASN C 66 51.93 -91.79 -37.49
CA ASN C 66 53.07 -92.69 -37.54
C ASN C 66 53.44 -93.24 -36.16
N ASP C 67 53.41 -92.39 -35.12
CA ASP C 67 53.75 -92.86 -33.79
C ASP C 67 52.66 -93.74 -33.18
N ALA C 68 51.42 -93.61 -33.66
CA ALA C 68 50.36 -94.52 -33.24
C ALA C 68 50.46 -95.87 -33.94
N ALA C 69 50.84 -95.86 -35.22
CA ALA C 69 50.90 -97.09 -36.00
C ALA C 69 52.13 -97.93 -35.66
N ARG C 70 53.14 -97.35 -35.01
CA ARG C 70 54.23 -98.15 -34.48
C ARG C 70 53.75 -99.05 -33.34
N ALA C 71 53.08 -98.47 -32.35
CA ALA C 71 52.69 -99.18 -31.14
C ALA C 71 51.45 -100.07 -31.32
N VAL C 72 50.95 -100.23 -32.55
CA VAL C 72 49.92 -101.21 -32.84
C VAL C 72 50.52 -102.49 -33.42
N MET C 73 51.45 -102.34 -34.37
CA MET C 73 52.19 -103.47 -34.89
C MET C 73 53.21 -103.95 -33.86
N LEU C 74 53.49 -105.26 -33.89
CA LEU C 74 54.50 -105.85 -33.00
C LEU C 74 55.90 -105.31 -33.30
N ALA C 75 56.15 -104.90 -34.54
CA ALA C 75 57.33 -104.12 -34.88
C ALA C 75 57.24 -102.75 -34.20
N TYR C 76 58.14 -102.53 -33.23
CA TYR C 76 58.25 -101.30 -32.44
C TYR C 76 56.99 -101.03 -31.62
N ALA C 77 56.63 -102.01 -30.80
CA ALA C 77 55.66 -101.81 -29.72
C ALA C 77 56.38 -101.84 -28.38
N SER C 78 55.98 -100.95 -27.48
CA SER C 78 56.66 -100.75 -26.21
C SER C 78 55.84 -101.35 -25.07
N GLY C 79 56.36 -101.20 -23.86
CA GLY C 79 55.76 -101.84 -22.69
C GLY C 79 54.41 -101.25 -22.34
N ALA C 80 53.65 -102.03 -21.55
CA ALA C 80 52.26 -101.78 -21.15
C ALA C 80 51.31 -101.64 -22.35
N ASP C 81 51.69 -102.19 -23.51
CA ASP C 81 50.87 -102.15 -24.71
C ASP C 81 50.79 -103.50 -25.42
N LEU C 82 51.73 -104.41 -25.18
CA LEU C 82 51.62 -105.79 -25.65
C LEU C 82 50.54 -106.58 -24.90
N ASP C 83 50.10 -106.11 -23.73
CA ASP C 83 48.97 -106.77 -23.05
C ASP C 83 47.68 -106.67 -23.84
N GLN C 84 47.53 -105.61 -24.64
CA GLN C 84 46.38 -105.54 -25.54
C GLN C 84 46.60 -106.34 -26.81
N ILE C 85 47.85 -106.52 -27.23
CA ILE C 85 48.14 -107.31 -28.42
C ILE C 85 48.23 -108.80 -28.07
N GLY C 86 48.88 -109.13 -26.95
CA GLY C 86 48.98 -110.52 -26.52
C GLY C 86 47.66 -111.13 -26.07
N ALA C 87 46.69 -110.30 -25.69
CA ALA C 87 45.35 -110.82 -25.42
C ALA C 87 44.68 -111.30 -26.71
N GLY C 88 45.04 -110.71 -27.85
CA GLY C 88 44.63 -111.22 -29.14
C GLY C 88 45.40 -112.42 -29.62
N PHE C 89 46.44 -112.83 -28.90
CA PHE C 89 47.25 -114.00 -29.25
C PHE C 89 47.41 -114.97 -28.08
N ASN C 90 46.51 -114.87 -27.07
CA ASN C 90 46.48 -115.75 -25.89
C ASN C 90 47.80 -115.69 -25.10
N VAL C 91 48.38 -114.49 -25.03
CA VAL C 91 49.64 -114.27 -24.34
C VAL C 91 49.39 -113.40 -23.11
N GLN C 92 49.55 -113.99 -21.93
CA GLN C 92 49.48 -113.30 -20.65
C GLN C 92 50.85 -113.32 -20.01
N ARG C 93 51.28 -112.18 -19.48
CA ARG C 93 52.55 -112.13 -18.77
C ARG C 93 52.44 -112.87 -17.44
N LEU C 94 53.50 -113.61 -17.10
CA LEU C 94 53.54 -114.42 -15.88
C LEU C 94 54.55 -113.81 -14.91
N LEU C 95 54.70 -114.46 -13.76
CA LEU C 95 55.54 -113.95 -12.68
C LEU C 95 56.86 -114.71 -12.64
N ILE C 96 57.95 -113.98 -12.77
CA ILE C 96 59.30 -114.50 -12.60
C ILE C 96 59.86 -113.80 -11.37
N ARG C 97 59.87 -114.52 -10.22
CA ARG C 97 60.16 -114.09 -8.85
C ARG C 97 59.47 -112.76 -8.53
N PRO C 98 58.14 -112.77 -8.29
CA PRO C 98 57.40 -111.52 -8.12
C PRO C 98 57.64 -110.82 -6.79
N ALA C 99 56.84 -109.80 -6.51
CA ALA C 99 57.03 -108.92 -5.35
C ALA C 99 56.65 -109.63 -4.06
N GLN C 100 57.60 -110.43 -3.56
CA GLN C 100 57.53 -110.89 -2.18
C GLN C 100 58.39 -109.97 -1.33
N PRO C 101 57.80 -109.17 -0.43
CA PRO C 101 58.60 -108.31 0.45
C PRO C 101 59.27 -109.09 1.58
N GLU C 102 60.47 -109.61 1.30
CA GLU C 102 61.35 -110.13 2.35
C GLU C 102 61.62 -109.08 3.42
N ALA C 103 61.98 -107.87 3.01
CA ALA C 103 61.92 -106.69 3.85
C ALA C 103 61.01 -105.66 3.18
N VAL C 104 60.23 -104.95 4.00
CA VAL C 104 59.09 -104.18 3.50
C VAL C 104 59.50 -102.89 2.79
N PRO C 105 60.46 -102.06 3.24
CA PRO C 105 60.85 -100.90 2.39
C PRO C 105 61.58 -101.26 1.10
N PRO C 106 62.51 -102.29 1.03
CA PRO C 106 63.05 -102.61 -0.31
C PRO C 106 62.09 -103.46 -1.14
N VAL C 107 61.16 -102.81 -1.84
CA VAL C 107 60.22 -103.54 -2.69
C VAL C 107 60.98 -104.05 -3.92
N GLU C 108 60.74 -105.31 -4.28
CA GLU C 108 61.40 -105.94 -5.43
C GLU C 108 60.34 -106.53 -6.35
N ALA C 109 59.79 -105.69 -7.23
CA ALA C 109 58.79 -106.11 -8.20
C ALA C 109 59.45 -106.28 -9.56
N GLN C 110 59.08 -107.34 -10.27
CA GLN C 110 59.71 -107.65 -11.54
C GLN C 110 58.78 -108.50 -12.38
N TYR C 111 58.66 -108.15 -13.66
CA TYR C 111 57.86 -108.86 -14.65
C TYR C 111 58.79 -109.39 -15.74
N GLU C 112 58.19 -109.95 -16.78
CA GLU C 112 58.93 -110.27 -17.98
C GLU C 112 59.26 -109.01 -18.78
N SER C 113 60.50 -108.93 -19.25
CA SER C 113 60.96 -107.79 -20.03
C SER C 113 60.45 -107.88 -21.48
N ASP C 114 60.82 -106.89 -22.28
CA ASP C 114 60.51 -106.92 -23.71
C ASP C 114 61.46 -107.85 -24.46
N LYS C 115 61.23 -107.94 -25.79
CA LYS C 115 61.99 -108.64 -26.83
C LYS C 115 62.13 -110.15 -26.61
N SER C 116 61.51 -110.69 -25.56
CA SER C 116 61.27 -112.11 -25.42
C SER C 116 59.80 -112.45 -25.23
N LEU C 117 58.99 -111.54 -24.70
CA LEU C 117 57.55 -111.76 -24.64
C LEU C 117 56.93 -111.58 -26.02
N ARG C 118 57.52 -110.72 -26.85
CA ARG C 118 57.09 -110.59 -28.25
C ARG C 118 57.37 -111.87 -29.02
N ASN C 119 58.49 -112.53 -28.71
CA ASN C 119 58.85 -113.80 -29.34
C ASN C 119 57.81 -114.88 -29.06
N ARG C 120 57.28 -114.90 -27.84
CA ARG C 120 56.20 -115.84 -27.50
C ARG C 120 54.94 -115.53 -28.31
N ILE C 121 54.66 -114.23 -28.53
CA ILE C 121 53.54 -113.82 -29.37
C ILE C 121 53.76 -114.28 -30.80
N GLN C 122 55.02 -114.24 -31.26
CA GLN C 122 55.37 -114.76 -32.58
C GLN C 122 55.10 -116.26 -32.67
N LEU C 123 55.35 -116.99 -31.58
CA LEU C 123 55.12 -118.41 -31.52
C LEU C 123 53.71 -118.79 -31.07
N ALA C 124 52.82 -117.81 -30.93
CA ALA C 124 51.44 -118.07 -30.49
C ALA C 124 50.69 -118.96 -31.47
N PHE C 125 50.85 -118.71 -32.77
CA PHE C 125 50.19 -119.53 -33.77
C PHE C 125 50.87 -120.88 -33.97
N GLU C 126 52.10 -121.03 -33.49
CA GLU C 126 52.80 -122.30 -33.51
C GLU C 126 52.47 -123.16 -32.29
N GLN C 127 51.55 -122.72 -31.45
CA GLN C 127 51.07 -123.49 -30.31
C GLN C 127 49.63 -123.98 -30.50
N LEU C 128 48.99 -123.64 -31.61
CA LEU C 128 47.64 -124.12 -31.88
C LEU C 128 47.64 -125.60 -32.23
N SER C 129 48.52 -126.00 -33.15
CA SER C 129 48.52 -127.38 -33.65
C SER C 129 49.11 -128.31 -32.61
N VAL C 130 48.29 -129.27 -32.14
CA VAL C 130 48.72 -130.25 -31.16
C VAL C 130 49.13 -131.57 -31.83
N ALA C 131 49.06 -131.64 -33.15
CA ALA C 131 49.57 -132.76 -33.95
C ALA C 131 51.07 -132.70 -34.17
N GLY C 132 51.78 -131.80 -33.49
CA GLY C 132 53.22 -131.72 -33.53
C GLY C 132 53.88 -131.39 -34.87
N PRO C 133 53.74 -130.13 -35.36
CA PRO C 133 54.63 -129.68 -36.44
C PRO C 133 56.05 -129.39 -35.95
N ARG C 134 56.87 -128.81 -36.83
CA ARG C 134 58.28 -128.59 -36.51
C ARG C 134 58.47 -127.58 -35.38
N ASN C 135 57.55 -126.61 -35.25
CA ASN C 135 57.71 -125.53 -34.29
C ASN C 135 56.93 -125.73 -33.00
N ALA C 136 55.97 -126.66 -32.96
CA ALA C 136 55.21 -126.86 -31.72
C ALA C 136 56.05 -127.54 -30.64
N TYR C 137 57.02 -128.37 -31.03
CA TYR C 137 58.00 -128.85 -30.07
C TYR C 137 58.91 -127.72 -29.60
N ILE C 138 59.19 -126.76 -30.47
CA ILE C 138 59.97 -125.58 -30.09
C ILE C 138 59.15 -124.66 -29.19
N ALA C 139 57.99 -124.22 -29.69
CA ALA C 139 57.20 -123.17 -29.04
C ALA C 139 56.58 -123.58 -27.70
N HIS C 140 56.57 -124.87 -27.37
CA HIS C 140 56.17 -125.28 -26.03
C HIS C 140 57.35 -125.45 -25.08
N ALA C 141 58.55 -125.67 -25.63
CA ALA C 141 59.75 -125.81 -24.79
C ALA C 141 60.27 -124.47 -24.29
N LEU C 142 59.80 -123.34 -24.82
CA LEU C 142 60.16 -122.03 -24.31
C LEU C 142 59.29 -121.58 -23.13
N GLY C 143 58.59 -122.50 -22.47
CA GLY C 143 57.86 -122.14 -21.27
C GLY C 143 58.73 -122.00 -20.04
N ALA C 144 59.89 -122.64 -20.04
CA ALA C 144 60.84 -122.56 -18.94
C ALA C 144 61.72 -121.31 -19.09
N ASP C 145 62.44 -121.01 -18.01
CA ASP C 145 63.25 -119.80 -17.93
C ASP C 145 64.75 -120.06 -17.97
N GLY C 146 65.20 -121.17 -17.37
CA GLY C 146 66.62 -121.46 -17.31
C GLY C 146 67.17 -122.20 -18.52
N ARG C 147 66.73 -121.85 -19.73
CA ARG C 147 67.18 -122.51 -20.94
C ARG C 147 67.29 -121.48 -22.06
N VAL C 148 67.50 -121.98 -23.27
CA VAL C 148 67.38 -121.23 -24.52
C VAL C 148 66.52 -122.09 -25.46
N ALA C 149 66.28 -121.59 -26.67
CA ALA C 149 65.31 -122.18 -27.59
C ALA C 149 65.81 -123.54 -28.12
N ASP C 150 64.95 -124.20 -28.89
CA ASP C 150 65.12 -125.59 -29.25
C ASP C 150 65.17 -125.72 -30.76
N ALA C 151 65.75 -126.82 -31.24
CA ALA C 151 65.71 -127.17 -32.65
C ALA C 151 65.37 -128.65 -32.80
N SER C 152 64.65 -128.96 -33.88
CA SER C 152 64.16 -130.31 -34.14
C SER C 152 64.79 -130.86 -35.41
N ALA C 153 65.09 -132.16 -35.40
CA ALA C 153 65.64 -132.84 -36.55
C ALA C 153 65.30 -134.32 -36.43
N THR C 154 65.53 -135.07 -37.52
CA THR C 154 65.32 -136.52 -37.50
C THR C 154 66.25 -137.14 -38.55
N SER C 155 67.33 -137.75 -38.07
CA SER C 155 68.12 -138.71 -38.86
C SER C 155 67.56 -140.14 -38.87
N PRO C 156 67.21 -140.79 -37.70
CA PRO C 156 66.84 -142.22 -37.77
C PRO C 156 65.47 -142.50 -38.36
N ALA C 157 65.04 -143.76 -38.22
CA ALA C 157 63.74 -144.35 -38.52
C ALA C 157 62.57 -143.49 -38.02
N PRO C 158 61.42 -143.50 -38.69
CA PRO C 158 60.37 -142.51 -38.38
C PRO C 158 59.71 -142.74 -37.02
N CYS C 159 59.00 -141.68 -36.58
CA CYS C 159 58.51 -141.51 -35.21
C CYS C 159 59.62 -141.66 -34.19
N GLU C 160 60.79 -141.11 -34.50
CA GLU C 160 61.89 -140.96 -33.56
C GLU C 160 62.40 -139.52 -33.71
N VAL C 161 62.00 -138.65 -32.78
CA VAL C 161 62.28 -137.23 -32.88
C VAL C 161 63.59 -136.94 -32.15
N LEU C 162 64.50 -136.24 -32.82
CA LEU C 162 65.76 -135.78 -32.23
C LEU C 162 65.65 -134.28 -31.99
N ILE C 163 65.33 -133.91 -30.75
CA ILE C 163 65.29 -132.52 -30.34
C ILE C 163 66.52 -132.22 -29.50
N SER C 164 67.14 -131.07 -29.76
CA SER C 164 68.40 -130.67 -29.13
C SER C 164 68.09 -129.58 -28.10
N VAL C 165 67.96 -129.98 -26.85
CA VAL C 165 67.60 -129.03 -25.78
C VAL C 165 68.88 -128.31 -25.38
N LEU C 166 69.08 -127.12 -25.94
CA LEU C 166 70.20 -126.27 -25.55
C LEU C 166 69.76 -125.34 -24.42
N GLY C 167 70.74 -124.89 -23.64
CA GLY C 167 70.45 -124.02 -22.51
C GLY C 167 71.55 -123.01 -22.26
N VAL C 168 71.18 -121.73 -22.19
CA VAL C 168 72.12 -120.67 -21.85
C VAL C 168 71.93 -120.36 -20.37
N GLU C 169 72.88 -120.83 -19.56
CA GLU C 169 73.05 -120.34 -18.20
C GLU C 169 74.51 -120.11 -17.82
N GLY C 170 75.46 -120.60 -18.60
CA GLY C 170 76.86 -120.47 -18.27
C GLY C 170 77.76 -121.30 -19.16
N ASN C 171 78.70 -122.05 -18.55
CA ASN C 171 79.66 -122.86 -19.28
C ASN C 171 78.99 -124.14 -19.77
N GLY C 172 78.36 -124.07 -20.93
CA GLY C 172 77.98 -125.26 -21.67
C GLY C 172 76.87 -126.14 -21.11
N GLN C 173 77.27 -127.27 -20.51
CA GLN C 173 76.40 -128.39 -20.16
C GLN C 173 75.24 -127.99 -19.26
N ALA C 174 74.02 -128.24 -19.74
CA ALA C 174 72.81 -128.03 -18.96
C ALA C 174 72.60 -129.18 -17.98
N PRO C 175 72.00 -128.90 -16.81
CA PRO C 175 71.77 -129.97 -15.84
C PRO C 175 70.67 -130.93 -16.29
N GLU C 176 70.80 -132.18 -15.85
CA GLU C 176 69.83 -133.21 -16.22
C GLU C 176 68.51 -133.06 -15.47
N ALA C 177 68.52 -132.41 -14.29
CA ALA C 177 67.26 -132.12 -13.62
C ALA C 177 66.48 -131.03 -14.34
N VAL C 178 67.18 -130.10 -14.99
CA VAL C 178 66.52 -129.11 -15.83
C VAL C 178 66.05 -129.76 -17.13
N LEU C 179 66.74 -130.82 -17.56
CA LEU C 179 66.38 -131.55 -18.77
C LEU C 179 65.04 -132.28 -18.62
N GLN C 180 64.68 -132.66 -17.40
CA GLN C 180 63.43 -133.40 -17.18
C GLN C 180 62.20 -132.51 -17.27
N ALA C 181 62.38 -131.19 -17.28
CA ALA C 181 61.23 -130.28 -17.30
C ALA C 181 60.54 -130.24 -18.66
N VAL C 182 61.21 -130.67 -19.73
CA VAL C 182 60.58 -130.63 -21.05
C VAL C 182 59.53 -131.73 -21.17
N ARG C 183 59.69 -132.84 -20.45
CA ARG C 183 58.66 -133.86 -20.42
C ARG C 183 57.48 -133.43 -19.55
N LEU C 184 57.71 -132.53 -18.59
CA LEU C 184 56.60 -131.87 -17.90
C LEU C 184 55.96 -130.77 -18.73
N ALA C 185 56.68 -130.24 -19.73
CA ALA C 185 56.09 -129.29 -20.66
C ALA C 185 55.57 -129.95 -21.93
N LEU C 186 55.90 -131.22 -22.17
CA LEU C 186 55.42 -131.97 -23.33
C LEU C 186 54.87 -133.30 -22.84
N ASN C 187 53.63 -133.30 -22.39
CA ASN C 187 52.94 -134.53 -22.00
C ASN C 187 51.64 -134.71 -22.77
N ALA C 188 50.79 -133.68 -22.81
CA ALA C 188 49.55 -133.69 -23.57
C ALA C 188 49.60 -132.69 -24.72
N GLU C 189 50.80 -132.31 -25.16
CA GLU C 189 50.99 -131.46 -26.33
C GLU C 189 51.55 -132.20 -27.54
N ASP C 190 52.22 -133.34 -27.34
CA ASP C 190 52.79 -134.08 -28.44
C ASP C 190 51.71 -134.97 -29.09
N VAL C 191 52.12 -135.83 -30.00
CA VAL C 191 51.28 -136.94 -30.44
C VAL C 191 51.62 -138.14 -29.58
N ARG C 192 50.64 -139.01 -29.34
CA ARG C 192 50.89 -140.16 -28.49
C ARG C 192 51.70 -141.31 -29.14
N PRO C 193 51.47 -141.70 -30.42
CA PRO C 193 52.39 -142.72 -30.99
C PRO C 193 53.82 -142.24 -31.20
N VAL C 194 54.04 -140.95 -31.44
CA VAL C 194 55.40 -140.48 -31.71
C VAL C 194 56.20 -140.47 -30.40
N ALA C 195 57.50 -140.70 -30.52
CA ALA C 195 58.37 -140.84 -29.35
C ALA C 195 59.69 -140.13 -29.62
N ASP C 196 60.04 -139.19 -28.75
CA ASP C 196 61.24 -138.38 -28.91
C ASP C 196 62.35 -138.91 -28.01
N ARG C 197 63.59 -138.67 -28.44
CA ARG C 197 64.75 -138.76 -27.56
C ARG C 197 65.27 -137.36 -27.26
N VAL C 198 65.73 -137.17 -26.04
CA VAL C 198 66.09 -135.85 -25.53
C VAL C 198 67.60 -135.82 -25.33
N THR C 199 68.31 -135.19 -26.26
CA THR C 199 69.75 -135.01 -26.18
C THR C 199 70.04 -133.53 -25.92
N VAL C 200 70.78 -133.25 -24.85
CA VAL C 200 71.12 -131.87 -24.53
C VAL C 200 72.21 -131.33 -25.46
N ARG C 201 73.28 -132.10 -25.66
CA ARG C 201 74.35 -131.76 -26.60
C ARG C 201 74.44 -132.90 -27.60
N SER C 202 73.93 -132.66 -28.81
CA SER C 202 73.77 -133.71 -29.81
C SER C 202 74.89 -133.77 -30.83
N ALA C 203 75.83 -132.81 -30.83
CA ALA C 203 76.93 -132.88 -31.79
C ALA C 203 78.29 -132.72 -31.13
N GLY C 204 78.36 -131.96 -30.03
CA GLY C 204 79.63 -131.73 -29.39
C GLY C 204 79.97 -130.26 -29.21
N ILE C 205 80.90 -129.95 -28.30
CA ILE C 205 81.27 -128.58 -27.99
C ILE C 205 82.75 -128.41 -28.27
N VAL C 206 83.09 -127.46 -29.13
CA VAL C 206 84.48 -127.08 -29.39
C VAL C 206 84.74 -125.69 -28.83
N PRO C 207 85.90 -125.44 -28.22
CA PRO C 207 86.15 -124.11 -27.63
C PRO C 207 86.57 -123.10 -28.68
N TYR C 208 85.92 -121.94 -28.68
CA TYR C 208 86.21 -120.86 -29.60
C TYR C 208 86.66 -119.61 -28.85
N GLN C 209 87.38 -118.74 -29.56
CA GLN C 209 87.79 -117.44 -29.06
C GLN C 209 87.68 -116.42 -30.19
N VAL C 210 88.09 -115.19 -29.90
CA VAL C 210 88.35 -114.18 -30.92
C VAL C 210 89.46 -113.26 -30.42
N LYS C 211 90.32 -112.81 -31.34
CA LYS C 211 91.39 -111.87 -31.04
C LYS C 211 91.37 -110.77 -32.09
N ALA C 212 91.00 -109.56 -31.68
CA ALA C 212 90.83 -108.43 -32.57
C ALA C 212 91.76 -107.29 -32.16
N GLN C 213 92.44 -106.71 -33.12
CA GLN C 213 93.31 -105.55 -32.90
C GLN C 213 92.66 -104.33 -33.55
N LEU C 214 91.77 -103.68 -32.80
CA LEU C 214 91.04 -102.56 -33.36
C LEU C 214 91.90 -101.31 -33.36
N TYR C 215 91.51 -100.33 -34.19
CA TYR C 215 92.08 -98.99 -34.18
C TYR C 215 91.00 -97.98 -33.82
N LEU C 216 91.36 -97.01 -32.98
CA LEU C 216 90.52 -95.84 -32.76
C LEU C 216 91.22 -94.59 -33.28
N PHE C 217 90.43 -93.52 -33.45
CA PHE C 217 90.95 -92.25 -33.94
C PHE C 217 91.73 -91.52 -32.85
N PRO C 218 92.68 -90.65 -33.23
CA PRO C 218 93.25 -89.71 -32.26
C PRO C 218 92.23 -88.65 -31.87
N GLY C 219 91.70 -88.73 -30.64
CA GLY C 219 90.49 -88.02 -30.30
C GLY C 219 89.92 -88.45 -28.97
N PRO C 220 88.64 -88.87 -28.96
CA PRO C 220 87.94 -89.18 -27.70
C PRO C 220 88.49 -90.38 -26.94
N GLU C 221 87.95 -90.64 -25.76
CA GLU C 221 88.58 -91.55 -24.81
C GLU C 221 88.42 -93.00 -25.24
N ALA C 222 89.48 -93.77 -25.08
CA ALA C 222 89.56 -95.14 -25.57
C ALA C 222 89.02 -96.15 -24.58
N GLU C 223 88.46 -95.70 -23.45
CA GLU C 223 87.94 -96.58 -22.42
C GLU C 223 86.49 -96.94 -22.68
N LEU C 224 85.66 -95.96 -23.02
CA LEU C 224 84.24 -96.18 -23.25
C LEU C 224 83.93 -96.61 -24.68
N ILE C 225 84.85 -96.41 -25.62
CA ILE C 225 84.63 -96.80 -27.01
C ILE C 225 85.06 -98.25 -27.23
N ARG C 226 86.15 -98.67 -26.56
CA ARG C 226 86.53 -100.08 -26.55
C ARG C 226 85.48 -100.95 -25.86
N ALA C 227 84.97 -100.48 -24.72
CA ALA C 227 83.95 -101.23 -23.99
C ALA C 227 82.58 -101.23 -24.67
N ALA C 228 82.33 -100.28 -25.57
CA ALA C 228 81.07 -100.28 -26.30
C ALA C 228 81.01 -101.37 -27.37
N ALA C 229 82.14 -101.95 -27.74
CA ALA C 229 82.14 -103.04 -28.71
C ALA C 229 81.53 -104.31 -28.12
N GLU C 230 81.83 -104.59 -26.85
CA GLU C 230 81.25 -105.75 -26.18
C GLU C 230 79.81 -105.54 -25.73
N ALA C 231 79.30 -104.31 -25.78
CA ALA C 231 77.90 -104.08 -25.46
C ALA C 231 76.97 -104.64 -26.55
N SER C 232 77.45 -104.69 -27.79
CA SER C 232 76.73 -105.32 -28.89
C SER C 232 77.24 -106.72 -29.21
N LEU C 233 78.23 -107.21 -28.47
CA LEU C 233 78.82 -108.52 -28.72
C LEU C 233 78.49 -109.56 -27.66
N ARG C 234 78.54 -109.21 -26.37
CA ARG C 234 78.31 -110.19 -25.32
C ARG C 234 76.85 -110.63 -25.23
N ASP C 235 75.92 -109.85 -25.77
CA ASP C 235 74.55 -110.29 -25.97
C ASP C 235 74.32 -110.92 -27.34
N TYR C 236 75.28 -110.78 -28.25
CA TYR C 236 75.19 -111.35 -29.59
C TYR C 236 75.59 -112.83 -29.60
N ILE C 237 76.58 -113.20 -28.78
CA ILE C 237 77.02 -114.60 -28.72
C ILE C 237 75.96 -115.48 -28.08
N SER C 238 75.22 -114.96 -27.10
CA SER C 238 74.11 -115.70 -26.49
C SER C 238 72.90 -115.81 -27.40
N ALA C 239 72.85 -115.07 -28.51
CA ALA C 239 71.74 -115.13 -29.45
C ALA C 239 72.05 -115.95 -30.68
N GLN C 240 73.20 -116.63 -30.71
CA GLN C 240 73.58 -117.44 -31.87
C GLN C 240 72.90 -118.82 -31.83
N ARG C 241 72.99 -119.50 -30.70
CA ARG C 241 72.30 -120.77 -30.50
C ARG C 241 70.83 -120.60 -30.14
N ARG C 242 70.36 -119.35 -29.98
CA ARG C 242 68.93 -119.09 -29.87
C ARG C 242 68.18 -119.45 -31.15
N LEU C 243 68.83 -119.36 -32.30
CA LEU C 243 68.30 -119.89 -33.54
C LEU C 243 69.02 -121.13 -34.02
N GLY C 244 70.09 -121.55 -33.33
CA GLY C 244 70.78 -122.77 -33.73
C GLY C 244 71.60 -122.64 -34.99
N ARG C 245 71.92 -121.43 -35.42
CA ARG C 245 72.51 -121.20 -36.73
C ARG C 245 73.95 -120.74 -36.58
N ASP C 246 74.56 -120.38 -37.71
CA ASP C 246 76.01 -120.32 -37.84
C ASP C 246 76.54 -118.97 -37.34
N ILE C 247 77.82 -118.97 -36.98
CA ILE C 247 78.56 -117.73 -36.81
C ILE C 247 79.46 -117.59 -38.03
N ARG C 248 79.84 -116.35 -38.34
CA ARG C 248 80.66 -116.10 -39.50
C ARG C 248 81.89 -115.30 -39.10
N ARG C 249 82.82 -115.17 -40.04
CA ARG C 249 83.89 -114.18 -39.91
C ARG C 249 83.33 -112.77 -39.84
N SER C 250 82.34 -112.46 -40.69
CA SER C 250 81.71 -111.15 -40.72
C SER C 250 80.93 -110.81 -39.45
N ALA C 251 80.52 -111.82 -38.67
CA ALA C 251 79.95 -111.55 -37.36
C ALA C 251 81.00 -111.05 -36.39
N LEU C 252 82.26 -111.45 -36.58
CA LEU C 252 83.37 -110.99 -35.76
C LEU C 252 83.93 -109.65 -36.22
N PHE C 253 83.48 -109.14 -37.38
CA PHE C 253 83.82 -107.78 -37.79
C PHE C 253 82.74 -106.78 -37.38
N ALA C 254 81.51 -107.00 -37.84
CA ALA C 254 80.44 -105.99 -37.75
C ALA C 254 79.98 -105.73 -36.32
N THR C 255 80.14 -106.71 -35.42
CA THR C 255 79.80 -106.50 -34.02
C THR C 255 80.88 -105.76 -33.24
N LEU C 256 81.97 -105.35 -33.89
CA LEU C 256 83.02 -104.57 -33.26
C LEU C 256 83.16 -103.18 -33.86
N HIS C 257 82.36 -102.83 -34.86
CA HIS C 257 82.37 -101.49 -35.43
C HIS C 257 81.49 -100.58 -34.58
N VAL C 258 82.11 -99.65 -33.87
CA VAL C 258 81.43 -98.65 -33.06
C VAL C 258 81.82 -97.26 -33.57
N GLU C 259 81.33 -96.22 -32.89
CA GLU C 259 81.67 -94.85 -33.25
C GLU C 259 83.13 -94.56 -32.95
N GLY C 260 83.93 -94.38 -33.99
CA GLY C 260 85.35 -94.10 -33.85
C GLY C 260 86.24 -95.18 -34.41
N VAL C 261 85.77 -95.89 -35.43
CA VAL C 261 86.48 -97.02 -36.01
C VAL C 261 86.75 -96.72 -37.48
N GLN C 262 88.01 -96.88 -37.90
CA GLN C 262 88.35 -96.74 -39.31
C GLN C 262 88.77 -98.04 -39.99
N ARG C 263 89.31 -99.01 -39.24
CA ARG C 263 89.54 -100.35 -39.78
C ARG C 263 89.61 -101.34 -38.64
N VAL C 264 89.31 -102.60 -38.96
CA VAL C 264 89.36 -103.70 -38.02
C VAL C 264 90.19 -104.84 -38.64
N GLU C 265 90.38 -105.91 -37.88
CA GLU C 265 91.25 -107.00 -38.30
C GLU C 265 90.88 -108.25 -37.50
N LEU C 266 91.11 -109.42 -38.12
CA LEU C 266 90.77 -110.71 -37.52
C LEU C 266 91.86 -111.71 -37.80
N GLN C 267 92.21 -112.51 -36.78
CA GLN C 267 93.22 -113.56 -36.91
C GLN C 267 92.78 -114.93 -36.42
N GLU C 268 91.71 -115.04 -35.62
CA GLU C 268 91.46 -116.27 -34.88
C GLU C 268 90.97 -117.44 -35.76
N PRO C 269 90.11 -117.26 -36.78
CA PRO C 269 89.99 -118.33 -37.76
C PRO C 269 90.90 -118.16 -38.97
N ALA C 270 91.50 -119.28 -39.40
CA ALA C 270 92.14 -119.30 -40.71
C ALA C 270 91.11 -119.42 -41.83
N ALA C 271 90.09 -120.24 -41.61
CA ALA C 271 88.92 -120.29 -42.49
C ALA C 271 87.68 -120.45 -41.62
N ASP C 272 86.54 -120.06 -42.18
CA ASP C 272 85.30 -120.09 -41.44
C ASP C 272 84.82 -121.52 -41.20
N VAL C 273 84.11 -121.71 -40.09
CA VAL C 273 83.59 -123.01 -39.72
C VAL C 273 82.10 -123.05 -40.10
N VAL C 274 81.52 -124.24 -40.09
CA VAL C 274 80.11 -124.43 -40.40
C VAL C 274 79.41 -124.94 -39.15
N LEU C 275 78.25 -124.35 -38.84
CA LEU C 275 77.39 -124.80 -37.75
C LEU C 275 75.97 -124.96 -38.28
N ASP C 276 75.53 -126.21 -38.44
CA ASP C 276 74.22 -126.49 -39.01
C ASP C 276 73.15 -126.37 -37.92
N GLU C 277 71.93 -126.82 -38.22
CA GLU C 277 70.86 -126.86 -37.22
C GLU C 277 71.13 -127.90 -36.13
N THR C 278 71.92 -128.93 -36.42
CA THR C 278 72.35 -129.88 -35.40
C THR C 278 73.62 -129.43 -34.71
N GLN C 279 74.63 -129.03 -35.48
CA GLN C 279 75.95 -128.71 -34.92
C GLN C 279 75.91 -127.35 -34.23
N ALA C 280 76.46 -127.30 -33.01
CA ALA C 280 76.57 -126.08 -32.25
C ALA C 280 77.91 -126.06 -31.53
N ALA C 281 78.25 -124.90 -30.97
CA ALA C 281 79.53 -124.72 -30.30
C ALA C 281 79.35 -123.71 -29.19
N TYR C 282 80.43 -123.47 -28.43
CA TYR C 282 80.40 -122.57 -27.30
C TYR C 282 81.67 -121.73 -27.31
N CYS C 283 81.55 -120.49 -26.83
CA CYS C 283 82.66 -119.56 -26.80
C CYS C 283 83.10 -119.34 -25.35
N THR C 284 84.37 -119.64 -25.07
CA THR C 284 84.84 -119.66 -23.68
C THR C 284 85.21 -118.25 -23.21
N GLY C 285 86.23 -117.65 -23.83
CA GLY C 285 86.71 -116.37 -23.36
C GLY C 285 87.38 -115.51 -24.41
N TYR C 286 87.04 -114.23 -24.45
CA TYR C 286 87.47 -113.31 -25.48
C TYR C 286 88.50 -112.33 -24.92
N ALA C 287 89.23 -111.68 -25.82
CA ALA C 287 90.16 -110.63 -25.46
C ALA C 287 90.26 -109.66 -26.63
N ILE C 288 89.50 -108.58 -26.57
CA ILE C 288 89.49 -107.54 -27.60
C ILE C 288 90.15 -106.30 -27.00
N THR C 289 91.33 -105.96 -27.50
CA THR C 289 92.07 -104.77 -27.09
C THR C 289 92.32 -103.88 -28.31
N LEU C 290 93.11 -102.83 -28.13
CA LEU C 290 93.49 -101.93 -29.21
C LEU C 290 94.93 -102.17 -29.63
N GLY C 291 95.22 -101.88 -30.89
CA GLY C 291 96.57 -101.95 -31.41
C GLY C 291 97.38 -100.70 -31.19
N GLY C 292 96.70 -99.57 -31.05
CA GLY C 292 97.37 -98.29 -30.81
C GLY C 292 97.95 -98.15 -29.42
N SER D 2 34.98 -76.92 -41.52
CA SER D 2 34.72 -76.30 -42.82
C SER D 2 34.09 -74.92 -42.64
N SER D 3 33.51 -74.41 -43.74
CA SER D 3 32.83 -73.11 -43.70
C SER D 3 31.59 -73.15 -42.81
N ARG D 4 30.84 -74.26 -42.87
CA ARG D 4 29.63 -74.42 -42.06
C ARG D 4 29.94 -74.44 -40.56
N LEU D 5 31.09 -74.99 -40.18
CA LEU D 5 31.50 -75.09 -38.79
C LEU D 5 31.66 -73.71 -38.14
N LEU D 6 32.09 -72.72 -38.91
CA LEU D 6 32.24 -71.36 -38.40
C LEU D 6 30.86 -70.73 -38.12
N PRO D 7 30.80 -69.67 -37.31
CA PRO D 7 29.50 -69.02 -37.05
C PRO D 7 28.95 -68.35 -38.30
N PRO D 8 27.62 -68.10 -38.35
CA PRO D 8 27.04 -67.49 -39.56
C PRO D 8 27.61 -66.15 -39.95
N ASN D 9 27.86 -65.26 -38.98
CA ASN D 9 28.50 -64.00 -39.31
C ASN D 9 29.99 -64.26 -39.46
N ARG D 10 30.46 -64.27 -40.70
CA ARG D 10 31.86 -64.55 -41.00
C ARG D 10 32.22 -63.90 -42.32
N SER D 11 33.47 -63.49 -42.45
CA SER D 11 33.93 -62.95 -43.71
C SER D 11 34.18 -64.07 -44.71
N SER D 12 34.46 -63.67 -45.95
CA SER D 12 34.97 -64.63 -46.94
C SER D 12 36.42 -65.04 -46.68
N LEU D 13 37.16 -64.27 -45.88
CA LEU D 13 38.51 -64.68 -45.51
C LEU D 13 38.47 -65.80 -44.49
N GLU D 14 37.61 -65.68 -43.48
CA GLU D 14 37.48 -66.74 -42.48
C GLU D 14 36.82 -67.99 -43.07
N ARG D 15 35.89 -67.79 -44.01
CA ARG D 15 35.23 -68.90 -44.69
C ARG D 15 36.22 -69.73 -45.50
N SER D 16 37.27 -69.10 -46.02
CA SER D 16 38.31 -69.83 -46.73
C SER D 16 39.26 -70.52 -45.77
N LEU D 17 39.62 -69.86 -44.67
CA LEU D 17 40.51 -70.42 -43.67
C LEU D 17 39.90 -71.59 -42.92
N GLY D 18 38.57 -71.68 -42.84
CA GLY D 18 37.96 -72.85 -42.23
C GLY D 18 38.08 -74.12 -43.06
N ASP D 19 38.35 -73.99 -44.35
CA ASP D 19 38.64 -75.14 -45.21
C ASP D 19 40.12 -75.47 -45.27
N VAL D 20 40.98 -74.64 -44.69
CA VAL D 20 42.43 -74.76 -44.84
C VAL D 20 43.10 -75.02 -43.50
N LEU D 21 42.79 -74.22 -42.48
CA LEU D 21 43.43 -74.38 -41.18
C LEU D 21 43.16 -75.72 -40.47
N PRO D 22 41.99 -76.42 -40.60
CA PRO D 22 41.94 -77.79 -40.10
C PRO D 22 42.88 -78.77 -40.79
N ALA D 23 42.76 -78.87 -42.11
CA ALA D 23 43.62 -79.67 -43.00
C ALA D 23 43.62 -81.14 -42.57
N GLU D 24 42.45 -81.76 -42.72
CA GLU D 24 42.23 -83.14 -42.32
C GLU D 24 43.10 -84.11 -43.14
N LEU D 25 43.35 -85.27 -42.55
CA LEU D 25 44.23 -86.29 -43.10
C LEU D 25 43.55 -87.65 -43.02
N PRO D 26 43.88 -88.57 -43.92
CA PRO D 26 43.39 -89.95 -43.75
C PRO D 26 44.10 -90.67 -42.62
N VAL D 27 43.37 -91.57 -41.97
CA VAL D 27 43.93 -92.44 -40.93
C VAL D 27 43.83 -93.88 -41.43
N PRO D 28 44.86 -94.38 -42.12
CA PRO D 28 44.82 -95.76 -42.67
C PRO D 28 45.27 -96.80 -41.65
N LEU D 29 44.60 -96.84 -40.50
CA LEU D 29 45.01 -97.68 -39.39
C LEU D 29 44.24 -98.99 -39.30
N ARG D 30 42.93 -98.98 -39.64
CA ARG D 30 42.18 -100.22 -39.68
C ARG D 30 42.59 -101.12 -40.84
N GLU D 31 43.17 -100.56 -41.89
CA GLU D 31 43.61 -101.33 -43.04
C GLU D 31 44.91 -102.10 -42.79
N LEU D 32 45.59 -101.86 -41.67
CA LEU D 32 46.86 -102.52 -41.38
C LEU D 32 46.70 -103.97 -40.96
N HIS D 33 45.53 -104.37 -40.45
CA HIS D 33 45.31 -105.73 -39.98
C HIS D 33 44.35 -106.52 -40.85
N ASP D 34 43.69 -105.91 -41.81
CA ASP D 34 42.93 -106.64 -42.82
C ASP D 34 43.91 -106.98 -43.94
N PRO D 35 44.21 -108.25 -44.19
CA PRO D 35 45.16 -108.58 -45.26
C PRO D 35 44.62 -108.31 -46.65
N ALA D 36 43.30 -108.35 -46.85
CA ALA D 36 42.71 -108.01 -48.14
C ALA D 36 42.62 -106.51 -48.39
N ARG D 37 43.04 -105.67 -47.43
CA ARG D 37 43.03 -104.23 -47.62
C ARG D 37 44.36 -103.56 -47.31
N CYS D 38 45.40 -104.32 -46.97
CA CYS D 38 46.74 -103.76 -46.82
C CYS D 38 47.30 -103.29 -48.17
N GLU D 39 48.11 -102.25 -48.12
CA GLU D 39 48.91 -101.85 -49.28
C GLU D 39 50.04 -102.85 -49.51
N ALA D 40 50.52 -102.88 -50.76
CA ALA D 40 51.54 -103.85 -51.15
C ALA D 40 52.92 -103.52 -50.59
N ALA D 41 53.16 -102.27 -50.19
CA ALA D 41 54.47 -101.89 -49.67
C ALA D 41 54.69 -102.30 -48.22
N LEU D 42 53.63 -102.51 -47.45
CA LEU D 42 53.73 -102.86 -46.04
C LEU D 42 53.12 -104.22 -45.73
N LEU D 43 52.79 -105.00 -46.75
CA LEU D 43 52.26 -106.35 -46.55
C LEU D 43 53.18 -107.33 -45.83
N PRO D 44 54.50 -107.41 -46.05
CA PRO D 44 55.31 -108.37 -45.25
C PRO D 44 55.48 -108.02 -43.77
N TYR D 45 55.05 -106.84 -43.32
CA TYR D 45 54.93 -106.62 -41.88
C TYR D 45 53.82 -107.47 -41.27
N LEU D 46 52.68 -107.56 -41.94
CA LEU D 46 51.56 -108.37 -41.45
C LEU D 46 51.84 -109.87 -41.58
N ALA D 47 52.62 -110.25 -42.59
CA ALA D 47 53.00 -111.66 -42.76
C ALA D 47 53.89 -112.18 -41.64
N TRP D 48 54.63 -111.31 -40.95
CA TRP D 48 55.43 -111.75 -39.82
C TRP D 48 54.57 -112.12 -38.62
N THR D 49 53.63 -111.23 -38.25
CA THR D 49 52.84 -111.46 -37.04
C THR D 49 51.78 -112.55 -37.19
N ARG D 50 51.41 -112.91 -38.42
CA ARG D 50 50.58 -114.09 -38.64
C ARG D 50 51.40 -115.37 -38.80
N SER D 51 52.73 -115.29 -38.62
CA SER D 51 53.66 -116.42 -38.65
C SER D 51 53.58 -117.19 -39.97
N VAL D 52 53.46 -116.45 -41.08
CA VAL D 52 53.48 -117.02 -42.41
C VAL D 52 54.88 -117.58 -42.67
N ASP D 53 54.99 -118.91 -42.73
CA ASP D 53 56.30 -119.56 -42.67
C ASP D 53 57.08 -119.38 -43.97
N ARG D 54 56.39 -119.50 -45.12
CA ARG D 54 57.03 -119.39 -46.42
C ARG D 54 56.37 -118.29 -47.24
N TRP D 55 57.18 -117.53 -47.96
CA TRP D 55 56.71 -116.34 -48.65
C TRP D 55 57.61 -116.10 -49.86
N ASP D 56 57.01 -115.60 -50.94
CA ASP D 56 57.74 -115.27 -52.16
C ASP D 56 57.39 -113.87 -52.63
N PRO D 57 58.38 -113.02 -52.96
CA PRO D 57 58.12 -111.72 -53.59
C PRO D 57 57.99 -111.78 -55.11
N ASP D 58 57.23 -112.76 -55.60
CA ASP D 58 57.02 -112.95 -57.03
C ASP D 58 55.56 -113.16 -57.41
N TRP D 59 54.68 -113.35 -56.43
CA TRP D 59 53.29 -113.67 -56.68
C TRP D 59 52.51 -112.43 -57.10
N SER D 60 51.32 -112.66 -57.68
CA SER D 60 50.37 -111.59 -57.87
C SER D 60 49.77 -111.17 -56.53
N ASP D 61 49.17 -109.97 -56.52
CA ASP D 61 48.58 -109.46 -55.27
C ASP D 61 47.35 -110.25 -54.84
N GLU D 62 46.63 -110.84 -55.80
CA GLU D 62 45.55 -111.77 -55.43
C GLU D 62 46.11 -113.06 -54.83
N ALA D 63 47.33 -113.45 -55.21
CA ALA D 63 48.00 -114.61 -54.65
C ALA D 63 48.80 -114.31 -53.40
N LYS D 64 48.98 -113.04 -53.04
CA LYS D 64 49.67 -112.70 -51.80
C LYS D 64 48.74 -112.51 -50.62
N ARG D 65 47.51 -112.02 -50.85
CA ARG D 65 46.64 -111.68 -49.74
C ARG D 65 45.91 -112.88 -49.19
N ASN D 66 45.61 -113.88 -50.03
CA ASN D 66 44.99 -115.11 -49.54
C ASN D 66 45.98 -116.01 -48.79
N ALA D 67 47.28 -115.86 -49.04
CA ALA D 67 48.29 -116.56 -48.26
C ALA D 67 48.43 -116.01 -46.84
N VAL D 68 48.00 -114.78 -46.60
CA VAL D 68 48.04 -114.19 -45.26
C VAL D 68 46.71 -114.37 -44.53
N ALA D 69 45.60 -114.27 -45.26
CA ALA D 69 44.27 -114.38 -44.66
C ALA D 69 43.99 -115.80 -44.16
N THR D 70 44.42 -116.82 -44.91
CA THR D 70 44.22 -118.20 -44.50
C THR D 70 45.44 -118.79 -43.80
N SER D 71 46.30 -117.94 -43.22
CA SER D 71 47.42 -118.45 -42.43
C SER D 71 46.98 -119.00 -41.08
N PHE D 72 45.81 -118.57 -40.58
CA PHE D 72 45.28 -119.12 -39.34
C PHE D 72 44.80 -120.56 -39.52
N VAL D 73 44.03 -120.81 -40.58
CA VAL D 73 43.41 -122.11 -40.81
C VAL D 73 44.45 -123.16 -41.14
N LEU D 74 45.55 -122.76 -41.80
CA LEU D 74 46.61 -123.69 -42.16
C LEU D 74 47.34 -124.22 -40.93
N HIS D 75 47.68 -123.34 -39.98
CA HIS D 75 48.36 -123.75 -38.77
C HIS D 75 47.44 -124.29 -37.68
N GLN D 76 46.12 -124.12 -37.82
CA GLN D 76 45.20 -124.64 -36.80
C GLN D 76 45.13 -126.17 -36.82
N ARG D 77 45.11 -126.77 -38.02
CA ARG D 77 45.01 -128.23 -38.17
C ARG D 77 46.10 -128.69 -39.14
N LYS D 78 47.35 -128.76 -38.64
CA LYS D 78 48.48 -129.14 -39.48
C LYS D 78 48.38 -130.58 -40.00
N GLY D 79 47.98 -131.52 -39.13
CA GLY D 79 47.91 -132.91 -39.51
C GLY D 79 46.87 -133.23 -40.58
N THR D 80 45.72 -132.56 -40.52
CA THR D 80 44.60 -132.82 -41.42
C THR D 80 44.93 -132.51 -42.87
N LEU D 81 44.30 -133.28 -43.76
CA LEU D 81 44.47 -133.14 -45.21
C LEU D 81 43.99 -131.79 -45.71
N THR D 82 42.94 -131.24 -45.10
CA THR D 82 42.34 -129.96 -45.53
C THR D 82 43.34 -128.81 -45.57
N ALA D 83 44.25 -128.74 -44.59
CA ALA D 83 45.30 -127.73 -44.62
C ALA D 83 46.29 -127.99 -45.75
N LEU D 84 46.59 -129.26 -46.02
CA LEU D 84 47.51 -129.61 -47.10
C LEU D 84 46.97 -129.16 -48.45
N ARG D 85 45.64 -129.29 -48.65
CA ARG D 85 45.00 -128.80 -49.87
C ARG D 85 45.23 -127.31 -50.08
N GLN D 86 45.14 -126.52 -49.00
CA GLN D 86 45.24 -125.06 -49.09
C GLN D 86 46.65 -124.52 -48.93
N VAL D 87 47.64 -125.32 -48.52
CA VAL D 87 49.01 -124.80 -48.51
C VAL D 87 49.56 -124.67 -49.92
N VAL D 88 49.05 -125.47 -50.87
CA VAL D 88 49.37 -125.24 -52.27
C VAL D 88 48.25 -124.35 -52.80
N GLU D 89 48.30 -123.06 -52.44
CA GLU D 89 47.38 -122.04 -52.95
C GLU D 89 47.79 -121.36 -54.27
N PRO D 90 49.02 -120.84 -54.45
CA PRO D 90 49.28 -120.16 -55.74
C PRO D 90 49.40 -121.11 -56.92
N ILE D 91 50.05 -122.26 -56.72
CA ILE D 91 49.97 -123.37 -57.65
C ILE D 91 48.61 -124.04 -57.55
N GLY D 92 47.71 -123.74 -58.49
CA GLY D 92 46.39 -124.33 -58.48
C GLY D 92 46.45 -125.80 -58.81
N ALA D 93 46.26 -126.65 -57.80
CA ALA D 93 46.57 -128.07 -57.93
C ALA D 93 45.85 -128.85 -56.83
N LEU D 94 44.91 -129.70 -57.23
CA LEU D 94 44.28 -130.65 -56.32
C LEU D 94 43.82 -131.83 -57.15
N SER D 95 44.63 -132.90 -57.18
CA SER D 95 44.38 -134.06 -58.01
C SER D 95 44.13 -135.33 -57.20
N GLU D 96 45.05 -135.73 -56.33
CA GLU D 96 45.01 -137.07 -55.76
C GLU D 96 45.87 -137.08 -54.50
N VAL D 97 45.43 -137.87 -53.52
CA VAL D 97 46.14 -138.05 -52.26
C VAL D 97 46.20 -139.55 -51.94
N THR D 98 47.34 -139.99 -51.42
CA THR D 98 47.59 -141.40 -51.17
C THR D 98 47.09 -141.83 -49.79
N GLU D 99 46.94 -143.13 -49.61
CA GLU D 99 46.46 -143.72 -48.37
C GLU D 99 47.06 -145.12 -48.29
N TRP D 100 46.90 -145.77 -47.12
CA TRP D 100 47.57 -147.02 -46.80
C TRP D 100 47.18 -148.15 -47.75
N TRP D 101 45.89 -148.45 -47.87
CA TRP D 101 45.46 -149.71 -48.49
C TRP D 101 45.62 -149.75 -50.01
N GLN D 102 46.05 -148.66 -50.65
CA GLN D 102 46.39 -148.75 -52.07
C GLN D 102 47.64 -149.58 -52.31
N ARG D 103 48.58 -149.57 -51.37
CA ARG D 103 49.70 -150.51 -51.40
C ARG D 103 49.34 -151.75 -50.57
N SER D 104 49.47 -152.92 -51.18
CA SER D 104 49.11 -154.17 -50.51
C SER D 104 50.17 -154.65 -49.50
N PRO D 105 51.51 -154.70 -49.81
CA PRO D 105 52.39 -155.26 -48.76
C PRO D 105 52.73 -154.30 -47.61
N THR D 106 51.74 -154.11 -46.73
CA THR D 106 51.79 -153.42 -45.41
C THR D 106 52.56 -152.09 -45.40
N GLY D 107 52.56 -151.38 -46.53
CA GLY D 107 53.22 -150.10 -46.62
C GLY D 107 54.71 -150.22 -46.95
N VAL D 108 55.31 -149.07 -47.22
CA VAL D 108 56.73 -148.99 -47.58
C VAL D 108 57.55 -149.09 -46.29
N PRO D 109 58.83 -149.49 -46.35
CA PRO D 109 59.69 -149.36 -45.16
C PRO D 109 59.97 -147.91 -44.83
N GLY D 110 59.36 -147.43 -43.74
CA GLY D 110 59.34 -146.02 -43.44
C GLY D 110 57.95 -145.61 -42.96
N THR D 111 57.07 -146.61 -42.83
CA THR D 111 55.71 -146.50 -42.31
C THR D 111 54.88 -145.48 -43.08
N PHE D 112 54.94 -145.59 -44.41
CA PHE D 112 54.12 -144.85 -45.38
C PHE D 112 54.30 -143.33 -45.22
N GLU D 113 55.49 -142.88 -45.59
CA GLU D 113 55.64 -141.47 -45.95
C GLU D 113 54.93 -141.19 -47.27
N ILE D 114 54.39 -139.97 -47.37
CA ILE D 114 53.47 -139.63 -48.46
C ILE D 114 54.25 -139.20 -49.69
N THR D 115 53.65 -139.50 -50.85
CA THR D 115 54.14 -139.04 -52.16
C THR D 115 52.96 -138.34 -52.84
N VAL D 116 52.79 -137.06 -52.57
CA VAL D 116 51.61 -136.32 -53.02
C VAL D 116 51.72 -135.98 -54.49
N ASP D 117 50.61 -135.56 -55.10
CA ASP D 117 50.54 -135.22 -56.51
C ASP D 117 50.23 -133.73 -56.66
N VAL D 118 51.06 -133.02 -57.42
CA VAL D 118 50.87 -131.60 -57.73
C VAL D 118 50.91 -131.46 -59.24
N SER D 119 49.92 -130.76 -59.80
CA SER D 119 49.84 -130.52 -61.24
C SER D 119 49.84 -129.02 -61.49
N ASP D 120 50.80 -128.54 -62.28
CA ASP D 120 50.91 -127.13 -62.60
C ASP D 120 50.99 -126.98 -64.11
N ARG D 121 50.06 -126.22 -64.68
CA ARG D 121 50.06 -125.91 -66.10
C ARG D 121 50.37 -124.45 -66.40
N GLY D 122 50.15 -123.56 -65.44
CA GLY D 122 50.40 -122.14 -65.66
C GLY D 122 51.87 -121.81 -65.86
N ILE D 123 52.74 -122.40 -65.04
CA ILE D 123 54.17 -122.15 -65.11
C ILE D 123 54.87 -123.49 -65.28
N ASP D 124 55.78 -123.56 -66.26
CA ASP D 124 56.53 -124.77 -66.55
C ASP D 124 58.02 -124.66 -66.26
N GLU D 125 58.58 -123.45 -66.29
CA GLU D 125 59.99 -123.25 -65.98
C GLU D 125 60.21 -123.27 -64.47
N GLY D 126 61.18 -124.07 -64.03
CA GLY D 126 61.52 -124.22 -62.63
C GLY D 126 60.52 -125.00 -61.81
N THR D 127 60.01 -124.37 -60.74
CA THR D 127 58.91 -124.76 -59.85
C THR D 127 59.05 -126.15 -59.22
N VAL D 128 60.21 -126.80 -59.34
CA VAL D 128 60.43 -128.12 -58.75
C VAL D 128 61.23 -128.02 -57.46
N LEU D 129 62.29 -127.22 -57.44
CA LEU D 129 63.22 -127.15 -56.31
C LEU D 129 62.64 -126.49 -55.07
N GLU D 130 61.45 -125.89 -55.18
CA GLU D 130 60.77 -125.31 -54.02
C GLU D 130 59.89 -126.31 -53.29
N LEU D 131 59.32 -127.28 -54.00
CA LEU D 131 58.25 -128.12 -53.45
C LEU D 131 58.74 -129.12 -52.42
N GLU D 132 60.04 -129.44 -52.39
CA GLU D 132 60.54 -130.32 -51.34
C GLU D 132 60.73 -129.59 -50.02
N ARG D 133 60.87 -128.26 -50.04
CA ARG D 133 60.99 -127.47 -48.83
C ARG D 133 59.78 -126.61 -48.53
N LEU D 134 58.93 -126.35 -49.52
CA LEU D 134 57.66 -125.66 -49.24
C LEU D 134 56.72 -126.52 -48.41
N LEU D 135 56.73 -127.83 -48.62
CA LEU D 135 55.91 -128.75 -47.86
C LEU D 135 56.59 -129.22 -46.58
N ASP D 136 57.75 -128.66 -46.25
CA ASP D 136 58.51 -129.12 -45.08
C ASP D 136 57.87 -128.65 -43.77
N ASP D 137 57.27 -127.45 -43.78
CA ASP D 137 56.66 -126.93 -42.56
C ASP D 137 55.35 -127.65 -42.23
N VAL D 138 54.60 -128.07 -43.24
CA VAL D 138 53.40 -128.86 -43.01
C VAL D 138 53.77 -130.26 -42.54
N ARG D 139 54.88 -130.78 -43.01
CA ARG D 139 55.35 -132.11 -42.63
C ARG D 139 55.80 -132.13 -41.17
N PRO D 140 55.39 -133.12 -40.39
CA PRO D 140 55.95 -133.29 -39.03
C PRO D 140 57.43 -133.68 -39.08
N VAL D 141 58.05 -133.66 -37.90
CA VAL D 141 59.50 -133.85 -37.82
C VAL D 141 59.88 -135.31 -38.09
N SER D 142 59.08 -136.28 -37.61
CA SER D 142 59.46 -137.67 -37.77
C SER D 142 58.29 -138.56 -38.15
N ARG D 143 57.11 -138.00 -38.44
CA ARG D 143 56.00 -138.81 -38.91
C ARG D 143 56.12 -139.13 -40.40
N HIS D 144 56.91 -138.34 -41.14
CA HIS D 144 57.10 -138.55 -42.56
C HIS D 144 58.59 -138.52 -42.88
N LEU D 145 58.95 -139.17 -43.98
CA LEU D 145 60.32 -139.30 -44.44
C LEU D 145 60.50 -138.46 -45.70
N THR D 146 61.76 -138.31 -46.13
CA THR D 146 62.13 -137.40 -47.21
C THR D 146 61.83 -137.95 -48.61
N ARG D 147 61.03 -139.01 -48.74
CA ARG D 147 60.62 -139.48 -50.05
C ARG D 147 59.53 -138.57 -50.61
N LEU D 148 59.64 -138.23 -51.89
CA LEU D 148 58.72 -137.28 -52.49
C LEU D 148 58.53 -137.63 -53.97
N ASP D 149 57.35 -137.28 -54.48
CA ASP D 149 57.01 -137.45 -55.89
C ASP D 149 56.48 -136.12 -56.42
N LEU D 150 56.66 -135.91 -57.72
CA LEU D 150 56.29 -134.65 -58.34
C LEU D 150 55.63 -134.93 -59.67
N ARG D 151 55.11 -133.86 -60.29
CA ARG D 151 54.51 -133.94 -61.62
C ARG D 151 54.49 -132.54 -62.21
N ILE D 152 54.80 -132.44 -63.50
CA ILE D 152 54.80 -131.15 -64.18
C ILE D 152 53.61 -131.06 -65.13
N MET E 1 -19.23 -71.65 -2.51
CA MET E 1 -20.30 -72.61 -2.23
C MET E 1 -21.11 -72.92 -3.47
N ILE E 2 -21.42 -74.20 -3.67
CA ILE E 2 -22.11 -74.69 -4.85
C ILE E 2 -23.51 -75.13 -4.43
N GLY E 3 -24.53 -74.51 -5.04
CA GLY E 3 -25.90 -74.91 -4.82
C GLY E 3 -26.60 -75.19 -6.15
N MET E 4 -27.86 -75.62 -6.04
CA MET E 4 -28.68 -75.88 -7.21
C MET E 4 -29.59 -74.70 -7.49
N ASP E 5 -29.93 -74.52 -8.77
CA ASP E 5 -30.87 -73.48 -9.14
C ASP E 5 -32.28 -73.88 -8.70
N ARG E 6 -33.11 -72.87 -8.45
CA ARG E 6 -34.46 -73.13 -7.96
C ARG E 6 -35.33 -73.76 -9.05
N ARG E 7 -35.53 -73.05 -10.15
CA ARG E 7 -36.05 -73.70 -11.34
C ARG E 7 -34.92 -74.39 -12.08
N SER E 8 -35.26 -75.42 -12.85
CA SER E 8 -34.43 -76.19 -13.78
C SER E 8 -33.32 -77.01 -13.13
N GLY E 9 -33.12 -76.91 -11.81
CA GLY E 9 -32.21 -77.81 -11.12
C GLY E 9 -30.74 -77.68 -11.43
N LEU E 10 -30.30 -76.61 -12.10
CA LEU E 10 -28.92 -76.57 -12.56
C LEU E 10 -27.97 -76.16 -11.44
N PRO E 11 -26.78 -76.76 -11.38
CA PRO E 11 -25.79 -76.37 -10.35
C PRO E 11 -25.08 -75.08 -10.71
N LEU E 12 -25.46 -74.00 -10.03
CA LEU E 12 -24.81 -72.70 -10.15
C LEU E 12 -24.33 -72.24 -8.78
N SER E 13 -23.15 -71.62 -8.74
CA SER E 13 -22.47 -71.32 -7.49
C SER E 13 -22.43 -69.85 -7.15
N GLY E 14 -21.94 -69.01 -8.05
CA GLY E 14 -21.70 -67.63 -7.70
C GLY E 14 -22.83 -66.66 -7.95
N LEU E 15 -23.26 -66.55 -9.21
CA LEU E 15 -24.07 -65.42 -9.64
C LEU E 15 -25.54 -65.56 -9.24
N ALA E 16 -26.21 -66.61 -9.73
CA ALA E 16 -27.63 -66.74 -9.48
C ALA E 16 -27.95 -67.37 -8.12
N HIS E 17 -26.98 -68.06 -7.50
CA HIS E 17 -27.21 -68.58 -6.16
C HIS E 17 -27.27 -67.46 -5.13
N LEU E 18 -26.46 -66.41 -5.33
CA LEU E 18 -26.55 -65.22 -4.51
C LEU E 18 -27.80 -64.40 -4.78
N LYS E 19 -28.39 -64.55 -5.97
CA LYS E 19 -29.60 -63.83 -6.34
C LYS E 19 -30.86 -64.59 -5.97
N GLN E 20 -30.87 -65.92 -6.12
CA GLN E 20 -32.02 -66.70 -5.72
C GLN E 20 -32.17 -66.82 -4.22
N SER E 21 -31.17 -66.38 -3.45
CA SER E 21 -31.27 -66.38 -1.99
C SER E 21 -31.75 -65.03 -1.46
N VAL E 22 -31.33 -63.94 -2.10
CA VAL E 22 -31.73 -62.61 -1.64
C VAL E 22 -33.14 -62.28 -2.12
N GLU E 23 -33.43 -62.52 -3.40
CA GLU E 23 -34.75 -62.23 -3.95
C GLU E 23 -35.82 -63.14 -3.38
N ASP E 24 -35.45 -64.32 -2.88
CA ASP E 24 -36.41 -65.14 -2.17
C ASP E 24 -36.69 -64.61 -0.77
N ILE E 25 -35.67 -64.07 -0.11
CA ILE E 25 -35.77 -63.65 1.29
C ILE E 25 -36.72 -62.46 1.42
N LEU E 26 -36.73 -61.56 0.44
CA LEU E 26 -37.56 -60.36 0.52
C LEU E 26 -39.04 -60.67 0.37
N THR E 27 -39.41 -61.81 -0.20
CA THR E 27 -40.82 -62.14 -0.38
C THR E 27 -41.24 -63.40 0.36
N THR E 28 -40.33 -64.10 1.02
CA THR E 28 -40.70 -65.22 1.88
C THR E 28 -41.07 -64.69 3.26
N PRO E 29 -42.25 -64.99 3.77
CA PRO E 29 -42.62 -64.51 5.11
C PRO E 29 -42.03 -65.38 6.20
N LEU E 30 -42.21 -64.93 7.44
CA LEU E 30 -41.79 -65.69 8.61
C LEU E 30 -42.79 -66.80 8.90
N GLY E 31 -42.29 -67.95 9.29
CA GLY E 31 -43.14 -69.07 9.64
C GLY E 31 -43.59 -69.92 8.48
N SER E 32 -43.26 -69.54 7.24
CA SER E 32 -43.63 -70.37 6.10
C SER E 32 -42.77 -71.62 6.00
N ARG E 33 -41.53 -71.55 6.48
CA ARG E 33 -40.66 -72.71 6.50
C ARG E 33 -41.09 -73.66 7.60
N ARG E 34 -40.82 -74.95 7.38
CA ARG E 34 -41.23 -75.98 8.33
C ARG E 34 -40.16 -76.10 9.41
N MET E 35 -40.60 -75.96 10.66
CA MET E 35 -39.76 -76.01 11.88
C MET E 35 -38.71 -74.91 11.91
N ARG E 36 -38.88 -73.85 11.11
CA ARG E 36 -37.97 -72.71 11.10
C ARG E 36 -38.78 -71.42 11.06
N PRO E 37 -39.37 -71.02 12.20
CA PRO E 37 -40.29 -69.87 12.18
C PRO E 37 -39.59 -68.53 12.14
N GLU E 38 -38.26 -68.49 12.18
CA GLU E 38 -37.50 -67.26 12.18
C GLU E 38 -36.85 -66.96 10.84
N TYR E 39 -37.01 -67.84 9.85
CA TYR E 39 -36.53 -67.58 8.50
C TYR E 39 -37.61 -66.83 7.73
N GLY E 40 -37.17 -65.90 6.90
CA GLY E 40 -38.08 -65.07 6.15
C GLY E 40 -37.88 -63.59 6.47
N SER E 41 -38.86 -62.76 6.12
CA SER E 41 -38.76 -61.34 6.35
C SER E 41 -40.09 -60.79 6.84
N LYS E 42 -40.02 -59.63 7.50
CA LYS E 42 -41.21 -58.88 7.88
C LYS E 42 -41.72 -58.00 6.75
N LEU E 43 -41.15 -58.10 5.55
CA LEU E 43 -41.54 -57.23 4.45
C LEU E 43 -42.95 -57.55 3.96
N ARG E 44 -43.40 -58.79 4.13
CA ARG E 44 -44.79 -59.11 3.83
C ARG E 44 -45.74 -58.50 4.85
N ARG E 45 -45.25 -58.19 6.05
CA ARG E 45 -46.03 -57.48 7.06
C ARG E 45 -45.89 -55.98 6.95
N MET E 46 -44.95 -55.48 6.15
CA MET E 46 -44.82 -54.06 5.90
C MET E 46 -45.80 -53.54 4.86
N VAL E 47 -46.60 -54.43 4.26
CA VAL E 47 -47.64 -54.02 3.33
C VAL E 47 -48.73 -53.28 4.09
N ASP E 48 -49.21 -52.18 3.50
CA ASP E 48 -50.29 -51.33 4.04
C ASP E 48 -49.91 -50.67 5.37
N MET E 49 -48.66 -50.59 5.66
CA MET E 49 -48.26 -49.69 6.71
C MET E 49 -48.02 -48.31 6.13
N PRO E 50 -48.29 -47.24 6.88
CA PRO E 50 -48.15 -45.89 6.32
C PRO E 50 -46.70 -45.53 6.05
N VAL E 51 -46.45 -44.95 4.87
CA VAL E 51 -45.10 -44.68 4.41
C VAL E 51 -44.58 -43.42 5.10
N SER E 52 -43.94 -43.59 6.24
CA SER E 52 -43.39 -42.50 7.01
C SER E 52 -41.86 -42.59 7.03
N GLU E 53 -41.23 -41.60 7.64
CA GLU E 53 -39.78 -41.66 7.80
C GLU E 53 -39.36 -42.68 8.85
N GLY E 54 -40.26 -43.06 9.75
CA GLY E 54 -40.01 -44.18 10.63
C GLY E 54 -40.29 -45.53 9.99
N TRP E 55 -41.02 -45.55 8.88
CA TRP E 55 -41.24 -46.79 8.16
C TRP E 55 -40.01 -47.19 7.36
N LYS E 56 -39.28 -46.22 6.81
CA LYS E 56 -38.07 -46.54 6.08
C LYS E 56 -36.96 -46.97 7.03
N SER E 57 -36.99 -46.49 8.26
CA SER E 57 -36.07 -46.97 9.28
C SER E 57 -36.32 -48.42 9.64
N ALA E 58 -37.54 -48.93 9.42
CA ALA E 58 -37.83 -50.33 9.68
C ALA E 58 -37.48 -51.21 8.49
N VAL E 59 -37.72 -50.73 7.26
CA VAL E 59 -37.45 -51.56 6.09
C VAL E 59 -35.95 -51.67 5.84
N GLN E 60 -35.21 -50.57 6.03
CA GLN E 60 -33.75 -50.64 5.97
C GLN E 60 -33.15 -51.45 7.12
N ALA E 61 -33.90 -51.62 8.21
CA ALA E 61 -33.48 -52.54 9.26
C ALA E 61 -33.80 -53.97 8.89
N GLU E 62 -35.04 -54.22 8.43
CA GLU E 62 -35.47 -55.58 8.10
C GLU E 62 -34.77 -56.14 6.87
N VAL E 63 -34.31 -55.29 5.96
CA VAL E 63 -33.42 -55.76 4.90
C VAL E 63 -32.06 -56.11 5.50
N ALA E 64 -31.55 -55.26 6.40
CA ALA E 64 -30.29 -55.55 7.05
C ALA E 64 -30.41 -56.67 8.08
N ARG E 65 -31.61 -56.93 8.60
CA ARG E 65 -31.78 -58.03 9.55
C ARG E 65 -31.91 -59.36 8.82
N SER E 66 -32.94 -59.49 7.97
CA SER E 66 -33.29 -60.78 7.38
C SER E 66 -32.24 -61.26 6.40
N LEU E 67 -31.46 -60.35 5.81
CA LEU E 67 -30.30 -60.77 5.04
C LEU E 67 -29.05 -60.89 5.91
N GLY E 68 -29.00 -60.13 7.02
CA GLY E 68 -27.87 -60.26 7.93
C GLY E 68 -27.92 -61.54 8.74
N ARG E 69 -29.12 -62.09 8.97
CA ARG E 69 -29.22 -63.38 9.63
C ARG E 69 -28.80 -64.52 8.72
N TRP E 70 -29.47 -64.66 7.58
CA TRP E 70 -29.39 -65.90 6.82
C TRP E 70 -28.70 -65.75 5.48
N GLU E 71 -27.99 -64.65 5.24
CA GLU E 71 -27.20 -64.47 4.02
C GLU E 71 -25.96 -63.65 4.30
N PRO E 72 -24.93 -64.26 4.90
CA PRO E 72 -23.72 -63.50 5.26
C PRO E 72 -22.82 -63.17 4.07
N ARG E 73 -23.00 -63.82 2.93
CA ARG E 73 -22.20 -63.60 1.74
C ARG E 73 -22.71 -62.45 0.86
N ILE E 74 -23.53 -61.56 1.41
CA ILE E 74 -24.03 -60.40 0.69
C ILE E 74 -23.82 -59.17 1.57
N GLY E 75 -23.10 -58.19 1.04
CA GLY E 75 -22.96 -56.91 1.71
C GLY E 75 -23.91 -55.85 1.19
N LEU E 76 -24.86 -55.45 2.04
CA LEU E 76 -25.88 -54.50 1.62
C LEU E 76 -25.30 -53.10 1.53
N SER E 77 -25.61 -52.40 0.43
CA SER E 77 -25.09 -51.06 0.20
C SER E 77 -26.09 -49.98 0.61
N ALA E 78 -27.26 -49.94 -0.02
CA ALA E 78 -28.20 -48.86 0.22
C ALA E 78 -29.60 -49.31 -0.14
N VAL E 79 -30.55 -49.02 0.73
CA VAL E 79 -31.98 -49.24 0.48
C VAL E 79 -32.62 -47.87 0.47
N ARG E 80 -32.68 -47.25 -0.71
CA ARG E 80 -33.20 -45.91 -0.87
C ARG E 80 -34.59 -45.97 -1.48
N VAL E 81 -35.56 -45.35 -0.82
CA VAL E 81 -36.88 -45.16 -1.40
C VAL E 81 -36.77 -44.05 -2.43
N VAL E 82 -37.00 -44.40 -3.70
CA VAL E 82 -36.74 -43.47 -4.78
C VAL E 82 -38.00 -42.92 -5.45
N ALA E 83 -39.15 -43.55 -5.24
CA ALA E 83 -40.38 -43.10 -5.87
C ALA E 83 -41.58 -43.62 -5.11
N VAL E 84 -42.58 -42.77 -4.94
CA VAL E 84 -43.92 -43.14 -4.46
C VAL E 84 -44.89 -42.75 -5.55
N VAL E 85 -45.42 -43.74 -6.26
CA VAL E 85 -46.11 -43.48 -7.52
C VAL E 85 -47.62 -43.43 -7.31
N ASP E 86 -48.20 -44.54 -6.89
CA ASP E 86 -49.64 -44.66 -6.70
C ASP E 86 -49.91 -45.50 -5.46
N GLY E 87 -49.19 -45.19 -4.39
CA GLY E 87 -49.07 -46.08 -3.26
C GLY E 87 -47.94 -47.08 -3.39
N ARG E 88 -47.53 -47.40 -4.61
CA ARG E 88 -46.37 -48.25 -4.84
C ARG E 88 -45.11 -47.54 -4.41
N VAL E 89 -44.29 -48.20 -3.59
CA VAL E 89 -43.07 -47.64 -3.05
C VAL E 89 -41.89 -48.32 -3.73
N ASP E 90 -41.13 -47.55 -4.49
CA ASP E 90 -39.97 -48.07 -5.23
C ASP E 90 -38.76 -47.98 -4.30
N LEU E 91 -38.29 -49.13 -3.84
CA LEU E 91 -37.09 -49.21 -3.00
C LEU E 91 -35.96 -49.81 -3.83
N LEU E 92 -34.90 -49.04 -4.05
CA LEU E 92 -33.76 -49.52 -4.80
C LEU E 92 -32.82 -50.29 -3.88
N LEU E 93 -32.47 -51.51 -4.29
CA LEU E 93 -31.62 -52.39 -3.49
C LEU E 93 -30.44 -52.83 -4.35
N SER E 94 -29.36 -52.07 -4.29
CA SER E 94 -28.13 -52.40 -5.02
C SER E 94 -27.23 -53.21 -4.09
N GLY E 95 -26.95 -54.45 -4.47
CA GLY E 95 -26.14 -55.34 -3.66
C GLY E 95 -24.80 -55.63 -4.31
N VAL E 96 -23.78 -55.84 -3.49
CA VAL E 96 -22.47 -56.18 -4.01
C VAL E 96 -22.45 -57.64 -4.41
N PHE E 97 -21.45 -58.02 -5.21
CA PHE E 97 -21.29 -59.39 -5.66
C PHE E 97 -20.03 -59.98 -5.04
N GLU E 98 -20.14 -61.19 -4.51
CA GLU E 98 -19.01 -61.87 -3.90
C GLU E 98 -18.77 -63.20 -4.61
N GLY E 99 -17.54 -63.70 -4.49
CA GLY E 99 -17.18 -64.97 -5.08
C GLY E 99 -16.98 -64.91 -6.58
N SER F 2 -47.29 -81.43 0.98
CA SER F 2 -47.80 -81.11 -0.34
C SER F 2 -47.28 -79.75 -0.83
N SER F 3 -47.92 -79.22 -1.86
CA SER F 3 -47.54 -77.91 -2.39
C SER F 3 -47.81 -76.80 -1.39
N ARG F 4 -48.94 -76.89 -0.67
CA ARG F 4 -49.30 -75.88 0.33
C ARG F 4 -48.29 -75.84 1.48
N LEU F 5 -47.73 -76.99 1.84
CA LEU F 5 -46.76 -77.08 2.94
C LEU F 5 -45.52 -76.25 2.67
N LEU F 6 -45.10 -76.14 1.42
CA LEU F 6 -43.93 -75.35 1.06
C LEU F 6 -44.23 -73.86 1.24
N PRO F 7 -43.20 -73.00 1.32
CA PRO F 7 -43.44 -71.55 1.45
C PRO F 7 -44.06 -70.98 0.20
N PRO F 8 -44.73 -69.81 0.30
CA PRO F 8 -45.40 -69.23 -0.88
C PRO F 8 -44.48 -68.94 -2.05
N ASN F 9 -43.29 -68.42 -1.81
CA ASN F 9 -42.35 -68.23 -2.91
C ASN F 9 -41.70 -69.57 -3.21
N ARG F 10 -42.11 -70.19 -4.31
CA ARG F 10 -41.60 -71.50 -4.69
C ARG F 10 -41.75 -71.65 -6.20
N SER F 11 -40.84 -72.40 -6.79
CA SER F 11 -40.95 -72.68 -8.21
C SER F 11 -42.02 -73.74 -8.46
N SER F 12 -42.31 -73.98 -9.74
CA SER F 12 -43.10 -75.14 -10.13
C SER F 12 -42.34 -76.45 -10.00
N LEU F 13 -41.01 -76.40 -9.94
CA LEU F 13 -40.24 -77.63 -9.70
C LEU F 13 -40.36 -78.08 -8.25
N GLU F 14 -40.24 -77.14 -7.31
CA GLU F 14 -40.39 -77.45 -5.90
C GLU F 14 -41.83 -77.82 -5.55
N ARG F 15 -42.79 -77.16 -6.23
CA ARG F 15 -44.21 -77.45 -6.02
C ARG F 15 -44.55 -78.87 -6.44
N SER F 16 -43.85 -79.41 -7.42
CA SER F 16 -44.05 -80.80 -7.84
C SER F 16 -43.38 -81.76 -6.87
N LEU F 17 -42.15 -81.42 -6.43
CA LEU F 17 -41.40 -82.26 -5.51
C LEU F 17 -42.04 -82.33 -4.12
N GLY F 18 -42.84 -81.34 -3.72
CA GLY F 18 -43.54 -81.45 -2.46
C GLY F 18 -44.67 -82.46 -2.46
N ASP F 19 -45.15 -82.85 -3.64
CA ASP F 19 -46.12 -83.92 -3.76
C ASP F 19 -45.48 -85.29 -3.94
N VAL F 20 -44.15 -85.35 -4.12
CA VAL F 20 -43.45 -86.57 -4.50
C VAL F 20 -42.46 -87.00 -3.41
N LEU F 21 -41.62 -86.07 -2.95
CA LEU F 21 -40.61 -86.40 -1.95
C LEU F 21 -41.15 -86.85 -0.58
N PRO F 22 -42.34 -86.39 -0.07
CA PRO F 22 -42.90 -87.07 1.12
C PRO F 22 -43.28 -88.53 0.89
N ALA F 23 -44.15 -88.75 -0.10
CA ALA F 23 -44.60 -90.07 -0.56
C ALA F 23 -45.23 -90.87 0.59
N GLU F 24 -46.37 -90.36 1.05
CA GLU F 24 -47.08 -90.94 2.19
C GLU F 24 -47.59 -92.35 1.86
N LEU F 25 -47.79 -93.13 2.92
CA LEU F 25 -48.18 -94.52 2.84
C LEU F 25 -49.33 -94.79 3.80
N PRO F 26 -50.17 -95.78 3.50
CA PRO F 26 -51.17 -96.20 4.50
C PRO F 26 -50.54 -96.95 5.65
N VAL F 27 -51.14 -96.80 6.83
CA VAL F 27 -50.76 -97.54 8.02
C VAL F 27 -51.92 -98.42 8.43
N PRO F 28 -52.00 -99.66 7.93
CA PRO F 28 -53.13 -100.55 8.24
C PRO F 28 -52.90 -101.34 9.53
N LEU F 29 -52.68 -100.61 10.64
CA LEU F 29 -52.32 -101.21 11.91
C LEU F 29 -53.51 -101.37 12.86
N ARG F 30 -54.45 -100.43 12.86
CA ARG F 30 -55.65 -100.59 13.68
C ARG F 30 -56.57 -101.67 13.14
N GLU F 31 -56.48 -102.00 11.86
CA GLU F 31 -57.31 -103.03 11.25
C GLU F 31 -56.86 -104.45 11.60
N LEU F 32 -55.69 -104.61 12.24
CA LEU F 32 -55.17 -105.94 12.54
C LEU F 32 -55.87 -106.59 13.72
N HIS F 33 -56.51 -105.82 14.60
CA HIS F 33 -57.18 -106.37 15.77
C HIS F 33 -58.69 -106.28 15.71
N ASP F 34 -59.26 -105.59 14.73
CA ASP F 34 -60.69 -105.64 14.48
C ASP F 34 -60.93 -106.82 13.55
N PRO F 35 -61.63 -107.87 13.99
CA PRO F 35 -61.87 -109.02 13.09
C PRO F 35 -62.80 -108.71 11.93
N ALA F 36 -63.70 -107.75 12.08
CA ALA F 36 -64.57 -107.34 10.99
C ALA F 36 -63.88 -106.43 9.97
N ARG F 37 -62.62 -106.06 10.20
CA ARG F 37 -61.89 -105.22 9.27
C ARG F 37 -60.53 -105.79 8.87
N CYS F 38 -60.16 -106.99 9.34
CA CYS F 38 -58.97 -107.67 8.85
C CYS F 38 -59.12 -108.08 7.39
N GLU F 39 -57.99 -108.08 6.68
CA GLU F 39 -57.93 -108.69 5.36
C GLU F 39 -57.97 -110.21 5.47
N ALA F 40 -58.40 -110.85 4.37
CA ALA F 40 -58.57 -112.30 4.38
C ALA F 40 -57.25 -113.06 4.34
N ALA F 41 -56.16 -112.42 3.94
CA ALA F 41 -54.86 -113.11 3.86
C ALA F 41 -54.17 -113.24 5.22
N LEU F 42 -54.50 -112.38 6.18
CA LEU F 42 -53.86 -112.39 7.49
C LEU F 42 -54.84 -112.68 8.62
N LEU F 43 -56.07 -113.08 8.29
CA LEU F 43 -57.06 -113.44 9.30
C LEU F 43 -56.70 -114.61 10.24
N PRO F 44 -56.07 -115.72 9.80
CA PRO F 44 -55.73 -116.76 10.81
C PRO F 44 -54.60 -116.40 11.77
N TYR F 45 -53.92 -115.27 11.59
CA TYR F 45 -53.05 -114.75 12.65
C TYR F 45 -53.87 -114.29 13.86
N LEU F 46 -54.97 -113.58 13.60
CA LEU F 46 -55.84 -113.10 14.69
C LEU F 46 -56.62 -114.24 15.34
N ALA F 47 -56.95 -115.27 14.57
CA ALA F 47 -57.64 -116.44 15.11
C ALA F 47 -56.80 -117.23 16.12
N TRP F 48 -55.46 -117.14 16.03
CA TRP F 48 -54.62 -117.80 17.02
C TRP F 48 -54.68 -117.11 18.38
N THR F 49 -54.53 -115.78 18.40
CA THR F 49 -54.45 -115.06 19.67
C THR F 49 -55.80 -114.93 20.37
N ARG F 50 -56.91 -115.09 19.66
CA ARG F 50 -58.21 -115.21 20.31
C ARG F 50 -58.57 -116.63 20.70
N SER F 51 -57.63 -117.58 20.51
CA SER F 51 -57.76 -118.99 20.90
C SER F 51 -58.98 -119.66 20.27
N VAL F 52 -59.22 -119.33 19.00
CA VAL F 52 -60.30 -119.96 18.23
C VAL F 52 -59.94 -121.42 18.03
N ASP F 53 -60.68 -122.32 18.69
CA ASP F 53 -60.25 -123.71 18.80
C ASP F 53 -60.42 -124.47 17.49
N ARG F 54 -61.51 -124.24 16.78
CA ARG F 54 -61.79 -124.92 15.53
C ARG F 54 -62.00 -123.92 14.40
N TRP F 55 -61.47 -124.24 13.22
CA TRP F 55 -61.43 -123.30 12.11
C TRP F 55 -61.44 -124.08 10.81
N ASP F 56 -62.10 -123.53 9.79
CA ASP F 56 -62.15 -124.15 8.47
C ASP F 56 -61.79 -123.13 7.40
N PRO F 57 -60.89 -123.46 6.46
CA PRO F 57 -60.63 -122.61 5.30
C PRO F 57 -61.58 -122.84 4.12
N ASP F 58 -62.88 -122.94 4.43
CA ASP F 58 -63.91 -123.17 3.43
C ASP F 58 -65.10 -122.24 3.55
N TRP F 59 -65.20 -121.46 4.62
CA TRP F 59 -66.35 -120.63 4.90
C TRP F 59 -66.31 -119.36 4.04
N SER F 60 -67.47 -118.70 3.97
CA SER F 60 -67.52 -117.35 3.42
C SER F 60 -66.88 -116.37 4.40
N ASP F 61 -66.53 -115.18 3.89
CA ASP F 61 -65.89 -114.19 4.73
C ASP F 61 -66.85 -113.61 5.78
N GLU F 62 -68.15 -113.59 5.49
CA GLU F 62 -69.12 -113.25 6.53
C GLU F 62 -69.21 -114.33 7.60
N ALA F 63 -68.93 -115.59 7.24
CA ALA F 63 -68.92 -116.69 8.18
C ALA F 63 -67.56 -116.89 8.87
N LYS F 64 -66.51 -116.20 8.43
CA LYS F 64 -65.22 -116.28 9.09
C LYS F 64 -65.01 -115.20 10.14
N ARG F 65 -65.57 -114.01 9.94
CA ARG F 65 -65.27 -112.90 10.85
C ARG F 65 -66.11 -112.94 12.12
N ASN F 66 -67.34 -113.47 12.04
CA ASN F 66 -68.16 -113.64 13.24
C ASN F 66 -67.67 -114.79 14.12
N ALA F 67 -66.95 -115.76 13.56
CA ALA F 67 -66.33 -116.81 14.37
C ALA F 67 -65.15 -116.30 15.18
N VAL F 68 -64.55 -115.18 14.79
CA VAL F 68 -63.44 -114.60 15.55
C VAL F 68 -63.93 -113.53 16.52
N ALA F 69 -64.93 -112.76 16.11
CA ALA F 69 -65.45 -111.68 16.94
C ALA F 69 -66.18 -112.20 18.18
N THR F 70 -66.93 -113.29 18.04
CA THR F 70 -67.63 -113.88 19.18
C THR F 70 -66.86 -115.04 19.80
N SER F 71 -65.54 -115.09 19.62
CA SER F 71 -64.74 -116.11 20.29
C SER F 71 -64.57 -115.82 21.78
N PHE F 72 -64.74 -114.57 22.20
CA PHE F 72 -64.68 -114.23 23.62
C PHE F 72 -65.90 -114.77 24.37
N VAL F 73 -67.10 -114.52 23.81
CA VAL F 73 -68.36 -114.86 24.48
C VAL F 73 -68.54 -116.37 24.55
N LEU F 74 -68.01 -117.10 23.57
CA LEU F 74 -68.12 -118.56 23.56
C LEU F 74 -67.32 -119.21 24.68
N HIS F 75 -66.10 -118.75 24.90
CA HIS F 75 -65.24 -119.29 25.96
C HIS F 75 -65.51 -118.68 27.33
N GLN F 76 -66.27 -117.59 27.42
CA GLN F 76 -66.55 -116.98 28.72
C GLN F 76 -67.50 -117.83 29.55
N ARG F 77 -68.53 -118.42 28.91
CA ARG F 77 -69.53 -119.24 29.61
C ARG F 77 -69.67 -120.56 28.85
N LYS F 78 -68.72 -121.47 29.02
CA LYS F 78 -68.74 -122.74 28.30
C LYS F 78 -69.91 -123.63 28.70
N GLY F 79 -70.22 -123.71 29.99
CA GLY F 79 -71.30 -124.56 30.47
C GLY F 79 -72.69 -124.16 30.00
N THR F 80 -72.94 -122.85 29.93
CA THR F 80 -74.25 -122.31 29.59
C THR F 80 -74.68 -122.67 28.17
N LEU F 81 -75.99 -122.83 28.01
CA LEU F 81 -76.62 -123.16 26.73
C LEU F 81 -76.38 -122.08 25.67
N THR F 82 -76.36 -120.80 26.10
CA THR F 82 -76.19 -119.66 25.19
C THR F 82 -74.95 -119.78 24.31
N ALA F 83 -73.83 -120.23 24.87
CA ALA F 83 -72.63 -120.45 24.07
C ALA F 83 -72.81 -121.59 23.08
N LEU F 84 -73.54 -122.64 23.50
CA LEU F 84 -73.80 -123.79 22.61
C LEU F 84 -74.61 -123.36 21.39
N ARG F 85 -75.57 -122.45 21.59
CA ARG F 85 -76.35 -121.90 20.46
C ARG F 85 -75.45 -121.22 19.43
N GLN F 86 -74.45 -120.48 19.88
CA GLN F 86 -73.58 -119.70 19.01
C GLN F 86 -72.33 -120.43 18.52
N VAL F 87 -72.00 -121.60 19.08
CA VAL F 87 -70.88 -122.35 18.53
C VAL F 87 -71.26 -122.98 17.19
N VAL F 88 -72.54 -123.25 16.97
CA VAL F 88 -73.01 -123.64 15.65
C VAL F 88 -73.43 -122.34 14.96
N GLU F 89 -72.46 -121.54 14.53
CA GLU F 89 -72.69 -120.32 13.77
C GLU F 89 -72.77 -120.48 12.25
N PRO F 90 -71.85 -121.16 11.54
CA PRO F 90 -72.00 -121.21 10.07
C PRO F 90 -73.13 -122.12 9.61
N ILE F 91 -73.32 -123.26 10.27
CA ILE F 91 -74.53 -124.05 10.13
C ILE F 91 -75.67 -123.37 10.87
N GLY F 92 -76.55 -122.69 10.14
CA GLY F 92 -77.67 -122.01 10.75
C GLY F 92 -78.69 -123.00 11.28
N ALA F 93 -78.73 -123.16 12.61
CA ALA F 93 -79.45 -124.28 13.21
C ALA F 93 -79.73 -123.96 14.68
N LEU F 94 -81.00 -123.83 15.03
CA LEU F 94 -81.42 -123.72 16.43
C LEU F 94 -82.85 -124.25 16.49
N SER F 95 -83.00 -125.51 16.88
CA SER F 95 -84.30 -126.17 16.90
C SER F 95 -84.74 -126.58 18.30
N GLU F 96 -83.95 -127.37 19.01
CA GLU F 96 -84.43 -128.02 20.23
C GLU F 96 -83.24 -128.44 21.07
N VAL F 97 -83.41 -128.38 22.39
CA VAL F 97 -82.40 -128.79 23.35
C VAL F 97 -83.07 -129.68 24.41
N THR F 98 -82.36 -130.72 24.84
CA THR F 98 -82.91 -131.71 25.76
C THR F 98 -82.68 -131.30 27.21
N GLU F 99 -83.44 -131.93 28.10
CA GLU F 99 -83.39 -131.67 29.53
C GLU F 99 -83.79 -132.95 30.23
N TRP F 100 -83.63 -132.98 31.57
CA TRP F 100 -83.79 -134.18 32.38
C TRP F 100 -85.21 -134.76 32.30
N TRP F 101 -86.22 -133.95 32.65
CA TRP F 101 -87.55 -134.48 32.93
C TRP F 101 -88.31 -134.94 31.68
N GLN F 102 -87.78 -134.75 30.47
CA GLN F 102 -88.42 -135.34 29.31
C GLN F 102 -88.29 -136.87 29.29
N ARG F 103 -87.21 -137.41 29.84
CA ARG F 103 -87.12 -138.84 30.10
C ARG F 103 -87.59 -139.13 31.52
N SER F 104 -88.54 -140.06 31.65
CA SER F 104 -89.10 -140.39 32.95
C SER F 104 -88.21 -141.30 33.80
N PRO F 105 -87.61 -142.44 33.28
CA PRO F 105 -86.83 -143.24 34.25
C PRO F 105 -85.44 -142.71 34.58
N THR F 106 -85.43 -141.64 35.41
CA THR F 106 -84.26 -141.02 36.09
C THR F 106 -83.03 -140.81 35.20
N GLY F 107 -83.23 -140.61 33.90
CA GLY F 107 -82.14 -140.38 32.98
C GLY F 107 -81.51 -141.67 32.46
N VAL F 108 -80.63 -141.50 31.48
CA VAL F 108 -79.94 -142.62 30.85
C VAL F 108 -78.80 -143.07 31.77
N PRO F 109 -78.32 -144.31 31.66
CA PRO F 109 -77.07 -144.67 32.37
C PRO F 109 -75.86 -143.96 31.78
N GLY F 110 -75.34 -142.99 32.53
CA GLY F 110 -74.36 -142.05 32.01
C GLY F 110 -74.69 -140.64 32.46
N THR F 111 -75.72 -140.53 33.32
CA THR F 111 -76.17 -139.30 33.97
C THR F 111 -76.50 -138.20 32.96
N PHE F 112 -77.25 -138.58 31.93
CA PHE F 112 -77.84 -137.69 30.92
C PHE F 112 -76.77 -136.89 30.18
N GLU F 113 -76.00 -137.62 29.37
CA GLU F 113 -75.29 -136.96 28.29
C GLU F 113 -76.27 -136.50 27.22
N ILE F 114 -75.94 -135.37 26.58
CA ILE F 114 -76.88 -134.67 25.72
C ILE F 114 -76.86 -135.27 24.32
N THR F 115 -78.02 -135.22 23.66
CA THR F 115 -78.19 -135.57 22.25
C THR F 115 -78.86 -134.38 21.58
N VAL F 116 -78.05 -133.42 21.13
CA VAL F 116 -78.57 -132.15 20.62
C VAL F 116 -79.12 -132.33 19.21
N ASP F 117 -79.87 -131.34 18.73
CA ASP F 117 -80.48 -131.36 17.42
C ASP F 117 -79.89 -130.25 16.56
N VAL F 118 -79.41 -130.63 15.36
CA VAL F 118 -78.85 -129.69 14.39
C VAL F 118 -79.59 -129.93 13.08
N SER F 119 -80.08 -128.86 12.45
CA SER F 119 -80.78 -128.94 11.17
C SER F 119 -80.05 -128.09 10.14
N ASP F 120 -79.62 -128.72 9.04
CA ASP F 120 -78.91 -128.01 7.99
C ASP F 120 -79.62 -128.29 6.67
N ARG F 121 -80.03 -127.22 5.98
CA ARG F 121 -80.64 -127.32 4.67
C ARG F 121 -79.77 -126.74 3.56
N GLY F 122 -78.84 -125.86 3.90
CA GLY F 122 -77.99 -125.24 2.89
C GLY F 122 -77.03 -126.22 2.24
N ILE F 123 -76.41 -127.09 3.02
CA ILE F 123 -75.45 -128.06 2.53
C ILE F 123 -75.92 -129.45 2.97
N ASP F 124 -75.96 -130.39 2.02
CA ASP F 124 -76.38 -131.75 2.29
C ASP F 124 -75.28 -132.78 2.15
N GLU F 125 -74.26 -132.51 1.34
CA GLU F 125 -73.14 -133.42 1.18
C GLU F 125 -72.17 -133.30 2.36
N GLY F 126 -71.84 -134.44 2.94
CA GLY F 126 -70.94 -134.51 4.08
C GLY F 126 -71.53 -134.04 5.38
N THR F 127 -70.88 -133.06 6.03
CA THR F 127 -71.27 -132.26 7.20
C THR F 127 -71.64 -133.08 8.44
N VAL F 128 -71.41 -134.38 8.44
CA VAL F 128 -71.71 -135.23 9.59
C VAL F 128 -70.48 -135.55 10.42
N LEU F 129 -69.36 -135.88 9.76
CA LEU F 129 -68.16 -136.34 10.43
C LEU F 129 -67.43 -135.24 11.20
N GLU F 130 -67.84 -133.98 11.05
CA GLU F 130 -67.26 -132.88 11.80
C GLU F 130 -67.95 -132.65 13.14
N LEU F 131 -69.26 -132.92 13.21
CA LEU F 131 -70.08 -132.48 14.35
C LEU F 131 -69.81 -133.26 15.62
N GLU F 132 -69.21 -134.45 15.54
CA GLU F 132 -68.85 -135.16 16.76
C GLU F 132 -67.57 -134.62 17.40
N ARG F 133 -66.72 -133.94 16.62
CA ARG F 133 -65.52 -133.31 17.15
C ARG F 133 -65.57 -131.80 17.19
N LEU F 134 -66.46 -131.17 16.41
CA LEU F 134 -66.66 -129.72 16.54
C LEU F 134 -67.25 -129.34 17.89
N LEU F 135 -68.14 -130.17 18.42
CA LEU F 135 -68.73 -129.94 19.72
C LEU F 135 -67.89 -130.50 20.87
N ASP F 136 -66.69 -131.00 20.58
CA ASP F 136 -65.88 -131.62 21.61
C ASP F 136 -65.25 -130.59 22.54
N ASP F 137 -64.91 -129.41 22.01
CA ASP F 137 -64.30 -128.37 22.85
C ASP F 137 -65.30 -127.73 23.80
N VAL F 138 -66.56 -127.60 23.37
CA VAL F 138 -67.61 -127.09 24.24
C VAL F 138 -67.95 -128.12 25.31
N ARG F 139 -67.85 -129.40 24.97
CA ARG F 139 -68.14 -130.48 25.91
C ARG F 139 -67.07 -130.54 27.00
N PRO F 140 -67.46 -130.67 28.27
CA PRO F 140 -66.48 -130.94 29.34
C PRO F 140 -65.86 -132.33 29.19
N VAL F 141 -64.83 -132.56 30.01
CA VAL F 141 -64.05 -133.79 29.87
C VAL F 141 -64.82 -135.01 30.36
N SER F 142 -65.59 -134.87 31.44
CA SER F 142 -66.27 -136.04 31.99
C SER F 142 -67.70 -135.73 32.44
N ARG F 143 -68.22 -134.55 32.15
CA ARG F 143 -69.62 -134.25 32.44
C ARG F 143 -70.56 -134.84 31.39
N HIS F 144 -70.04 -135.13 30.19
CA HIS F 144 -70.83 -135.68 29.11
C HIS F 144 -70.11 -136.88 28.52
N LEU F 145 -70.89 -137.76 27.90
CA LEU F 145 -70.41 -139.00 27.32
C LEU F 145 -70.50 -138.89 25.80
N THR F 146 -69.91 -139.86 25.10
CA THR F 146 -69.77 -139.82 23.65
C THR F 146 -71.04 -140.19 22.87
N ARG F 147 -72.20 -140.23 23.52
CA ARG F 147 -73.45 -140.45 22.81
C ARG F 147 -73.86 -139.17 22.09
N LEU F 148 -74.30 -139.31 20.84
CA LEU F 148 -74.63 -138.15 20.04
C LEU F 148 -75.76 -138.49 19.07
N ASP F 149 -76.54 -137.48 18.72
CA ASP F 149 -77.62 -137.59 17.75
C ASP F 149 -77.45 -136.49 16.71
N LEU F 150 -77.95 -136.76 15.51
CA LEU F 150 -77.76 -135.85 14.38
C LEU F 150 -79.07 -135.76 13.61
N ARG F 151 -79.09 -134.84 12.64
CA ARG F 151 -80.22 -134.69 11.73
C ARG F 151 -79.74 -133.95 10.49
N ILE F 152 -80.21 -134.38 9.33
CA ILE F 152 -79.84 -133.76 8.07
C ILE F 152 -81.02 -132.96 7.51
N SER G 2 89.37 -2.81 -29.49
CA SER G 2 89.01 -1.89 -30.55
C SER G 2 87.54 -1.53 -30.49
N SER G 3 87.03 -0.96 -31.59
CA SER G 3 85.61 -0.61 -31.68
C SER G 3 84.72 -1.85 -31.65
N ARG G 4 85.13 -2.91 -32.34
CA ARG G 4 84.38 -4.16 -32.39
C ARG G 4 84.26 -4.81 -31.01
N LEU G 5 85.29 -4.68 -30.18
CA LEU G 5 85.30 -5.25 -28.84
C LEU G 5 84.18 -4.70 -27.96
N LEU G 6 83.83 -3.43 -28.14
CA LEU G 6 82.76 -2.81 -27.37
C LEU G 6 81.40 -3.39 -27.78
N PRO G 7 80.37 -3.24 -26.95
CA PRO G 7 79.03 -3.75 -27.33
C PRO G 7 78.46 -2.99 -28.52
N PRO G 8 77.49 -3.58 -29.23
CA PRO G 8 76.93 -2.91 -30.43
C PRO G 8 76.30 -1.55 -30.15
N ASN G 9 75.56 -1.41 -29.06
CA ASN G 9 75.02 -0.10 -28.72
C ASN G 9 76.14 0.71 -28.07
N ARG G 10 76.69 1.66 -28.82
CA ARG G 10 77.80 2.47 -28.33
C ARG G 10 77.81 3.79 -29.08
N SER G 11 78.26 4.84 -28.40
CA SER G 11 78.37 6.13 -29.07
C SER G 11 79.60 6.15 -29.96
N SER G 12 79.74 7.22 -30.73
CA SER G 12 80.99 7.49 -31.44
C SER G 12 82.10 7.94 -30.51
N LEU G 13 81.77 8.40 -29.29
CA LEU G 13 82.81 8.75 -28.33
C LEU G 13 83.45 7.50 -27.75
N GLU G 14 82.63 6.51 -27.38
CA GLU G 14 83.15 5.25 -26.86
C GLU G 14 83.86 4.46 -27.94
N ARG G 15 83.37 4.54 -29.18
CA ARG G 15 83.98 3.86 -30.32
C ARG G 15 85.38 4.39 -30.60
N SER G 16 85.62 5.66 -30.30
CA SER G 16 86.95 6.23 -30.45
C SER G 16 87.85 5.83 -29.29
N LEU G 17 87.31 5.85 -28.07
CA LEU G 17 88.07 5.49 -26.88
C LEU G 17 88.45 4.01 -26.84
N GLY G 18 87.72 3.14 -27.53
CA GLY G 18 88.13 1.75 -27.60
C GLY G 18 89.36 1.51 -28.46
N ASP G 19 89.71 2.45 -29.34
CA ASP G 19 90.94 2.41 -30.09
C ASP G 19 92.10 3.11 -29.39
N VAL G 20 91.84 3.79 -28.27
CA VAL G 20 92.82 4.66 -27.62
C VAL G 20 93.14 4.15 -26.21
N LEU G 21 92.11 3.89 -25.41
CA LEU G 21 92.34 3.46 -24.03
C LEU G 21 93.06 2.12 -23.87
N PRO G 22 92.94 1.09 -24.76
CA PRO G 22 93.86 -0.04 -24.66
C PRO G 22 95.32 0.30 -24.89
N ALA G 23 95.62 0.89 -26.05
CA ALA G 23 96.94 1.40 -26.45
C ALA G 23 97.99 0.29 -26.39
N GLU G 24 97.82 -0.68 -27.29
CA GLU G 24 98.67 -1.86 -27.35
C GLU G 24 100.11 -1.48 -27.73
N LEU G 25 101.04 -2.35 -27.35
CA LEU G 25 102.47 -2.15 -27.51
C LEU G 25 103.10 -3.41 -28.09
N PRO G 26 104.20 -3.27 -28.82
CA PRO G 26 104.95 -4.47 -29.22
C PRO G 26 105.69 -5.10 -28.06
N VAL G 27 105.81 -6.42 -28.12
CA VAL G 27 106.59 -7.19 -27.15
C VAL G 27 107.76 -7.82 -27.88
N PRO G 28 108.91 -7.16 -27.97
CA PRO G 28 110.07 -7.69 -28.72
C PRO G 28 110.94 -8.61 -27.85
N LEU G 29 110.31 -9.65 -27.30
CA LEU G 29 110.98 -10.54 -26.34
C LEU G 29 111.51 -11.82 -26.96
N ARG G 30 110.81 -12.39 -27.95
CA ARG G 30 111.33 -13.56 -28.65
C ARG G 30 112.52 -13.22 -29.54
N GLU G 31 112.66 -11.96 -29.96
CA GLU G 31 113.77 -11.53 -30.79
C GLU G 31 115.08 -11.38 -30.03
N LEU G 32 115.05 -11.45 -28.69
CA LEU G 32 116.26 -11.25 -27.89
C LEU G 32 117.20 -12.45 -27.93
N HIS G 33 116.70 -13.64 -28.23
CA HIS G 33 117.52 -14.85 -28.25
C HIS G 33 117.77 -15.41 -29.64
N ASP G 34 117.10 -14.89 -30.66
CA ASP G 34 117.44 -15.23 -32.04
C ASP G 34 118.52 -14.24 -32.48
N PRO G 35 119.74 -14.69 -32.76
CA PRO G 35 120.79 -13.75 -33.17
C PRO G 35 120.56 -13.14 -34.54
N ALA G 36 119.84 -13.83 -35.43
CA ALA G 36 119.51 -13.28 -36.74
C ALA G 36 118.35 -12.28 -36.69
N ARG G 37 117.74 -12.06 -35.52
CA ARG G 37 116.65 -11.10 -35.39
C ARG G 37 116.85 -10.09 -34.26
N CYS G 38 117.99 -10.13 -33.57
CA CYS G 38 118.32 -9.09 -32.60
C CYS G 38 118.57 -7.75 -33.30
N GLU G 39 118.24 -6.67 -32.59
CA GLU G 39 118.64 -5.33 -33.00
C GLU G 39 120.14 -5.14 -32.77
N ALA G 40 120.72 -4.19 -33.52
CA ALA G 40 122.16 -3.96 -33.47
C ALA G 40 122.59 -3.26 -32.18
N ALA G 41 121.68 -2.60 -31.47
CA ALA G 41 122.05 -1.88 -30.25
C ALA G 41 122.19 -2.80 -29.04
N LEU G 42 121.56 -3.96 -29.05
CA LEU G 42 121.59 -4.89 -27.92
C LEU G 42 122.22 -6.22 -28.28
N LEU G 43 122.84 -6.33 -29.44
CA LEU G 43 123.54 -7.55 -29.85
C LEU G 43 124.69 -8.00 -28.94
N PRO G 44 125.59 -7.15 -28.40
CA PRO G 44 126.63 -7.69 -27.50
C PRO G 44 126.15 -8.19 -26.15
N TYR G 45 124.89 -7.98 -25.78
CA TYR G 45 124.33 -8.71 -24.64
C TYR G 45 124.20 -10.20 -24.93
N LEU G 46 123.74 -10.56 -26.12
CA LEU G 46 123.60 -11.96 -26.50
C LEU G 46 124.95 -12.62 -26.75
N ALA G 47 125.94 -11.85 -27.22
CA ALA G 47 127.29 -12.37 -27.42
C ALA G 47 127.98 -12.77 -26.13
N TRP G 48 127.59 -12.20 -24.99
CA TRP G 48 128.17 -12.61 -23.72
C TRP G 48 127.68 -14.00 -23.30
N THR G 49 126.36 -14.23 -23.35
CA THR G 49 125.80 -15.48 -22.84
C THR G 49 126.06 -16.66 -23.77
N ARG G 50 126.39 -16.43 -25.04
CA ARG G 50 126.86 -17.50 -25.91
C ARG G 50 128.37 -17.69 -25.84
N SER G 51 129.06 -16.96 -24.95
CA SER G 51 130.50 -17.08 -24.68
C SER G 51 131.33 -16.86 -25.94
N VAL G 52 130.92 -15.89 -26.75
CA VAL G 52 131.66 -15.49 -27.94
C VAL G 52 132.98 -14.86 -27.49
N ASP G 53 134.09 -15.56 -27.73
CA ASP G 53 135.35 -15.21 -27.09
C ASP G 53 135.96 -13.94 -27.69
N ARG G 54 135.89 -13.79 -29.00
CA ARG G 54 136.46 -12.63 -29.68
C ARG G 54 135.39 -11.92 -30.50
N TRP G 55 135.45 -10.58 -30.48
CA TRP G 55 134.39 -9.77 -31.06
C TRP G 55 134.98 -8.44 -31.50
N ASP G 56 134.48 -7.90 -32.61
CA ASP G 56 134.92 -6.61 -33.12
C ASP G 56 133.72 -5.72 -33.41
N PRO G 57 133.73 -4.45 -32.96
CA PRO G 57 132.69 -3.49 -33.36
C PRO G 57 132.99 -2.77 -34.68
N ASP G 58 133.42 -3.52 -35.68
CA ASP G 58 133.74 -2.98 -36.99
C ASP G 58 133.12 -3.76 -38.14
N TRP G 59 132.52 -4.91 -37.88
CA TRP G 59 132.01 -5.79 -38.92
C TRP G 59 130.67 -5.27 -39.45
N SER G 60 130.28 -5.79 -40.61
CA SER G 60 128.91 -5.59 -41.08
C SER G 60 127.95 -6.42 -40.25
N ASP G 61 126.66 -6.07 -40.32
CA ASP G 61 125.65 -6.79 -39.56
C ASP G 61 125.44 -8.22 -40.05
N GLU G 62 125.67 -8.48 -41.33
CA GLU G 62 125.68 -9.87 -41.81
C GLU G 62 126.89 -10.64 -41.27
N ALA G 63 127.98 -9.94 -40.98
CA ALA G 63 129.17 -10.55 -40.40
C ALA G 63 129.14 -10.59 -38.87
N LYS G 64 128.19 -9.93 -38.23
CA LYS G 64 128.07 -10.00 -36.78
C LYS G 64 127.11 -11.08 -36.31
N ARG G 65 126.05 -11.36 -37.08
CA ARG G 65 125.03 -12.28 -36.59
C ARG G 65 125.41 -13.74 -36.79
N ASN G 66 126.18 -14.05 -37.84
CA ASN G 66 126.68 -15.41 -38.02
C ASN G 66 127.80 -15.77 -37.05
N ALA G 67 128.50 -14.78 -36.49
CA ALA G 67 129.48 -15.06 -35.44
C ALA G 67 128.83 -15.42 -34.12
N VAL G 68 127.57 -15.06 -33.91
CA VAL G 68 126.85 -15.42 -32.69
C VAL G 68 126.05 -16.70 -32.87
N ALA G 69 125.46 -16.89 -34.06
CA ALA G 69 124.64 -18.07 -34.33
C ALA G 69 125.46 -19.35 -34.37
N THR G 70 126.66 -19.30 -34.93
CA THR G 70 127.53 -20.47 -34.99
C THR G 70 128.56 -20.50 -33.85
N SER G 71 128.29 -19.80 -32.75
CA SER G 71 129.19 -19.88 -31.59
C SER G 71 129.05 -21.20 -30.85
N PHE G 72 127.93 -21.90 -31.01
CA PHE G 72 127.77 -23.22 -30.41
C PHE G 72 128.64 -24.26 -31.10
N VAL G 73 128.60 -24.28 -32.44
CA VAL G 73 129.29 -25.31 -33.23
C VAL G 73 130.80 -25.14 -33.13
N LEU G 74 131.28 -23.90 -32.97
CA LEU G 74 132.71 -23.62 -32.86
C LEU G 74 133.29 -24.19 -31.56
N HIS G 75 132.60 -23.99 -30.44
CA HIS G 75 133.07 -24.50 -29.15
C HIS G 75 132.71 -25.96 -28.90
N GLN G 76 131.82 -26.55 -29.70
CA GLN G 76 131.47 -27.96 -29.49
C GLN G 76 132.61 -28.90 -29.85
N ARG G 77 133.33 -28.62 -30.96
CA ARG G 77 134.43 -29.47 -31.42
C ARG G 77 135.65 -28.58 -31.69
N LYS G 78 136.33 -28.16 -30.61
CA LYS G 78 137.48 -27.27 -30.75
C LYS G 78 138.65 -27.90 -31.50
N GLY G 79 138.95 -29.17 -31.20
CA GLY G 79 140.07 -29.84 -31.84
C GLY G 79 139.93 -30.05 -33.33
N THR G 80 138.72 -30.36 -33.79
CA THR G 80 138.44 -30.68 -35.18
C THR G 80 138.71 -29.50 -36.12
N LEU G 81 139.15 -29.85 -37.34
CA LEU G 81 139.44 -28.87 -38.39
C LEU G 81 138.21 -28.07 -38.80
N THR G 82 137.02 -28.69 -38.78
CA THR G 82 135.78 -28.05 -39.20
C THR G 82 135.49 -26.74 -38.44
N ALA G 83 135.75 -26.71 -37.13
CA ALA G 83 135.60 -25.48 -36.38
C ALA G 83 136.62 -24.43 -36.79
N LEU G 84 137.85 -24.87 -37.10
CA LEU G 84 138.90 -23.95 -37.54
C LEU G 84 138.52 -23.26 -38.85
N ARG G 85 137.89 -24.00 -39.76
CA ARG G 85 137.38 -23.42 -41.00
C ARG G 85 136.40 -22.28 -40.75
N GLN G 86 135.51 -22.44 -39.77
CA GLN G 86 134.45 -21.47 -39.49
C GLN G 86 134.83 -20.40 -38.47
N VAL G 87 135.96 -20.53 -37.76
CA VAL G 87 136.36 -19.43 -36.89
C VAL G 87 136.89 -18.25 -37.70
N VAL G 88 137.42 -18.50 -38.90
CA VAL G 88 137.73 -17.42 -39.83
C VAL G 88 136.49 -17.25 -40.69
N GLU G 89 135.44 -16.64 -40.12
CA GLU G 89 134.21 -16.30 -40.85
C GLU G 89 134.20 -14.93 -41.54
N PRO G 90 134.56 -13.79 -40.91
CA PRO G 90 134.46 -12.53 -41.67
C PRO G 90 135.54 -12.38 -42.74
N ILE G 91 136.76 -12.80 -42.45
CA ILE G 91 137.78 -12.99 -43.48
C ILE G 91 137.47 -14.25 -44.27
N GLY G 92 136.91 -14.08 -45.47
CA GLY G 92 136.58 -15.21 -46.32
C GLY G 92 137.83 -15.89 -46.84
N ALA G 93 138.16 -17.05 -46.29
CA ALA G 93 139.48 -17.65 -46.51
C ALA G 93 139.41 -19.13 -46.18
N LEU G 94 139.61 -19.98 -47.19
CA LEU G 94 139.77 -21.42 -46.99
C LEU G 94 140.60 -21.93 -48.16
N SER G 95 141.91 -22.08 -47.93
CA SER G 95 142.84 -22.47 -48.99
C SER G 95 143.51 -23.82 -48.72
N GLU G 96 144.18 -23.98 -47.58
CA GLU G 96 145.07 -25.12 -47.40
C GLU G 96 145.32 -25.32 -45.91
N VAL G 97 145.46 -26.59 -45.52
CA VAL G 97 145.76 -26.98 -44.14
C VAL G 97 146.89 -28.00 -44.15
N THR G 98 147.79 -27.89 -43.18
CA THR G 98 148.97 -28.73 -43.13
C THR G 98 148.71 -30.03 -42.37
N GLU G 99 149.60 -30.99 -42.57
CA GLU G 99 149.51 -32.31 -41.96
C GLU G 99 150.94 -32.84 -41.82
N TRP G 100 151.08 -33.96 -41.10
CA TRP G 100 152.39 -34.49 -40.72
C TRP G 100 153.25 -34.87 -41.93
N TRP G 101 152.74 -35.75 -42.80
CA TRP G 101 153.58 -36.40 -43.79
C TRP G 101 154.04 -35.51 -44.93
N GLN G 102 153.59 -34.25 -45.00
CA GLN G 102 154.16 -33.33 -45.98
C GLN G 102 155.61 -32.96 -45.65
N ARG G 103 155.95 -32.92 -44.36
CA ARG G 103 157.35 -32.82 -43.95
C ARG G 103 157.92 -34.21 -43.73
N SER G 104 159.04 -34.51 -44.38
CA SER G 104 159.65 -35.84 -44.28
C SER G 104 160.43 -36.05 -42.98
N PRO G 105 161.33 -35.13 -42.51
CA PRO G 105 162.06 -35.52 -41.27
C PRO G 105 161.27 -35.37 -39.96
N THR G 106 160.34 -36.33 -39.76
CA THR G 106 159.56 -36.61 -38.53
C THR G 106 158.98 -35.36 -37.83
N GLY G 107 158.68 -34.32 -38.61
CA GLY G 107 158.09 -33.11 -38.05
C GLY G 107 159.13 -32.14 -37.53
N VAL G 108 158.66 -30.95 -37.18
CA VAL G 108 159.50 -29.88 -36.67
C VAL G 108 159.80 -30.16 -35.19
N PRO G 109 160.88 -29.62 -34.62
CA PRO G 109 161.04 -29.70 -33.16
C PRO G 109 160.00 -28.84 -32.44
N GLY G 110 159.05 -29.50 -31.80
CA GLY G 110 157.86 -28.84 -31.28
C GLY G 110 156.62 -29.66 -31.59
N THR G 111 156.85 -30.85 -32.17
CA THR G 111 155.84 -31.88 -32.47
C THR G 111 154.72 -31.32 -33.36
N PHE G 112 155.13 -30.62 -34.43
CA PHE G 112 154.28 -30.13 -35.52
C PHE G 112 153.17 -29.21 -34.99
N GLU G 113 153.61 -28.03 -34.54
CA GLU G 113 152.69 -26.91 -34.46
C GLU G 113 152.32 -26.43 -35.87
N ILE G 114 151.09 -25.97 -36.01
CA ILE G 114 150.51 -25.71 -37.32
C ILE G 114 150.89 -24.33 -37.82
N THR G 115 151.02 -24.20 -39.14
CA THR G 115 151.24 -22.94 -39.83
C THR G 115 150.15 -22.83 -40.90
N VAL G 116 148.98 -22.32 -40.52
CA VAL G 116 147.82 -22.32 -41.38
C VAL G 116 147.93 -21.24 -42.45
N ASP G 117 147.08 -21.32 -43.47
CA ASP G 117 147.07 -20.37 -44.58
C ASP G 117 145.77 -19.59 -44.58
N VAL G 118 145.87 -18.26 -44.60
CA VAL G 118 144.73 -17.36 -44.67
C VAL G 118 144.96 -16.41 -45.85
N SER G 119 143.95 -16.27 -46.70
CA SER G 119 144.02 -15.40 -47.87
C SER G 119 142.92 -14.35 -47.78
N ASP G 120 143.29 -13.08 -47.78
CA ASP G 120 142.32 -11.99 -47.70
C ASP G 120 142.58 -11.03 -48.85
N ARG G 121 141.55 -10.80 -49.67
CA ARG G 121 141.62 -9.84 -50.77
C ARG G 121 140.73 -8.62 -50.55
N GLY G 122 139.71 -8.74 -49.70
CA GLY G 122 138.80 -7.63 -49.47
C GLY G 122 139.45 -6.47 -48.75
N ILE G 123 140.26 -6.74 -47.73
CA ILE G 123 140.92 -5.73 -46.93
C ILE G 123 142.42 -6.02 -46.95
N ASP G 124 143.22 -5.00 -47.25
CA ASP G 124 144.67 -5.12 -47.32
C ASP G 124 145.40 -4.35 -46.23
N GLU G 125 144.81 -3.28 -45.71
CA GLU G 125 145.42 -2.51 -44.64
C GLU G 125 145.24 -3.21 -43.30
N GLY G 126 146.34 -3.37 -42.57
CA GLY G 126 146.35 -4.02 -41.27
C GLY G 126 146.19 -5.52 -41.32
N THR G 127 145.17 -6.03 -40.62
CA THR G 127 144.63 -7.40 -40.58
C THR G 127 145.66 -8.49 -40.26
N VAL G 128 146.88 -8.14 -39.85
CA VAL G 128 147.90 -9.11 -39.51
C VAL G 128 148.02 -9.30 -38.00
N LEU G 129 148.03 -8.19 -37.24
CA LEU G 129 148.29 -8.23 -35.81
C LEU G 129 147.16 -8.87 -35.00
N GLU G 130 146.01 -9.14 -35.62
CA GLU G 130 144.91 -9.82 -34.94
C GLU G 130 145.00 -11.34 -35.04
N LEU G 131 145.57 -11.86 -36.12
CA LEU G 131 145.47 -13.29 -36.44
C LEU G 131 146.32 -14.17 -35.53
N GLU G 132 147.33 -13.61 -34.85
CA GLU G 132 148.08 -14.42 -33.90
C GLU G 132 147.35 -14.60 -32.57
N ARG G 133 146.41 -13.71 -32.26
CA ARG G 133 145.61 -13.83 -31.05
C ARG G 133 144.15 -14.19 -31.31
N LEU G 134 143.64 -13.99 -32.53
CA LEU G 134 142.31 -14.46 -32.87
C LEU G 134 142.24 -15.99 -32.88
N LEU G 135 143.30 -16.65 -33.32
CA LEU G 135 143.38 -18.10 -33.33
C LEU G 135 143.87 -18.69 -32.01
N ASP G 136 144.05 -17.85 -30.99
CA ASP G 136 144.61 -18.32 -29.72
C ASP G 136 143.58 -19.12 -28.92
N ASP G 137 142.30 -18.76 -29.01
CA ASP G 137 141.27 -19.47 -28.27
C ASP G 137 140.98 -20.85 -28.87
N VAL G 138 141.08 -20.98 -30.18
CA VAL G 138 140.93 -22.30 -30.82
C VAL G 138 142.13 -23.17 -30.51
N ARG G 139 143.30 -22.56 -30.38
CA ARG G 139 144.52 -23.30 -30.08
C ARG G 139 144.49 -23.84 -28.65
N PRO G 140 144.85 -25.11 -28.44
CA PRO G 140 145.03 -25.62 -27.07
C PRO G 140 146.21 -24.97 -26.37
N VAL G 141 146.32 -25.24 -25.06
CA VAL G 141 147.31 -24.55 -24.24
C VAL G 141 148.72 -25.05 -24.54
N SER G 142 148.89 -26.34 -24.78
CA SER G 142 150.24 -26.87 -24.98
C SER G 142 150.32 -27.89 -26.11
N ARG G 143 149.25 -28.09 -26.88
CA ARG G 143 149.32 -28.96 -28.05
C ARG G 143 149.96 -28.26 -29.24
N HIS G 144 149.98 -26.93 -29.25
CA HIS G 144 150.56 -26.16 -30.33
C HIS G 144 151.48 -25.10 -29.76
N LEU G 145 152.43 -24.67 -30.58
CA LEU G 145 153.44 -23.70 -30.22
C LEU G 145 153.17 -22.40 -30.97
N THR G 146 153.89 -21.34 -30.59
CA THR G 146 153.64 -20.00 -31.09
C THR G 146 154.19 -19.73 -32.50
N ARG G 147 154.56 -20.75 -33.25
CA ARG G 147 154.97 -20.56 -34.64
C ARG G 147 153.73 -20.35 -35.50
N LEU G 148 153.81 -19.38 -36.40
CA LEU G 148 152.66 -19.02 -37.22
C LEU G 148 153.13 -18.53 -38.58
N ASP G 149 152.27 -18.74 -39.59
CA ASP G 149 152.50 -18.26 -40.94
C ASP G 149 151.28 -17.48 -41.39
N LEU G 150 151.49 -16.55 -42.32
CA LEU G 150 150.44 -15.66 -42.76
C LEU G 150 150.54 -15.50 -44.28
N ARG G 151 149.54 -14.83 -44.84
CA ARG G 151 149.53 -14.49 -46.26
C ARG G 151 148.56 -13.34 -46.48
N ILE G 152 148.94 -12.39 -47.33
CA ILE G 152 148.08 -11.25 -47.62
C ILE G 152 147.51 -11.38 -49.03
N SER H 2 61.50 66.80 25.01
CA SER H 2 60.81 67.72 24.14
C SER H 2 59.63 67.04 23.44
N SER H 3 59.14 67.68 22.38
CA SER H 3 58.04 67.11 21.60
C SER H 3 58.46 65.84 20.87
N ARG H 4 59.69 65.82 20.34
CA ARG H 4 60.21 64.65 19.64
C ARG H 4 60.35 63.44 20.56
N LEU H 5 60.68 63.66 21.83
CA LEU H 5 60.85 62.59 22.79
C LEU H 5 59.56 61.80 23.01
N LEU H 6 58.41 62.45 22.92
CA LEU H 6 57.13 61.77 23.07
C LEU H 6 56.87 60.85 21.87
N PRO H 7 55.95 59.88 21.99
CA PRO H 7 55.64 59.00 20.84
C PRO H 7 54.97 59.76 19.72
N PRO H 8 55.01 59.24 18.48
CA PRO H 8 54.41 59.97 17.34
C PRO H 8 52.93 60.25 17.49
N ASN H 9 52.13 59.31 18.00
CA ASN H 9 50.73 59.61 18.23
C ASN H 9 50.63 60.38 19.54
N ARG H 10 50.37 61.68 19.43
CA ARG H 10 50.31 62.55 20.59
C ARG H 10 49.44 63.75 20.25
N SER H 11 48.74 64.27 21.26
CA SER H 11 47.96 65.46 21.03
C SER H 11 48.87 66.69 21.00
N SER H 12 48.27 67.84 20.66
CA SER H 12 48.95 69.11 20.84
C SER H 12 49.06 69.53 22.30
N LEU H 13 48.25 68.95 23.19
CA LEU H 13 48.39 69.24 24.61
C LEU H 13 49.62 68.54 25.19
N GLU H 14 49.82 67.28 24.83
CA GLU H 14 50.99 66.54 25.29
C GLU H 14 52.27 67.07 24.65
N ARG H 15 52.17 67.51 23.39
CA ARG H 15 53.31 68.09 22.68
C ARG H 15 53.79 69.37 23.33
N SER H 16 52.88 70.11 23.96
CA SER H 16 53.26 71.32 24.69
C SER H 16 53.85 70.96 26.05
N LEU H 17 53.25 69.99 26.74
CA LEU H 17 53.72 69.57 28.05
C LEU H 17 55.09 68.89 28.00
N GLY H 18 55.49 68.31 26.86
CA GLY H 18 56.82 67.77 26.75
C GLY H 18 57.92 68.81 26.70
N ASP H 19 57.58 70.06 26.37
CA ASP H 19 58.52 71.17 26.43
C ASP H 19 58.50 71.88 27.78
N VAL H 20 57.58 71.53 28.66
CA VAL H 20 57.34 72.25 29.91
C VAL H 20 57.62 71.38 31.13
N LEU H 21 57.05 70.18 31.16
CA LEU H 21 57.21 69.29 32.31
C LEU H 21 58.65 68.82 32.59
N PRO H 22 59.57 68.63 31.59
CA PRO H 22 60.98 68.45 31.95
C PRO H 22 61.62 69.63 32.65
N ALA H 23 61.59 70.79 31.99
CA ALA H 23 62.06 72.09 32.50
C ALA H 23 63.54 72.01 32.90
N GLU H 24 64.38 71.81 31.89
CA GLU H 24 65.81 71.64 32.08
C GLU H 24 66.45 72.92 32.64
N LEU H 25 67.59 72.73 33.30
CA LEU H 25 68.31 73.78 33.99
C LEU H 25 69.79 73.71 33.63
N PRO H 26 70.50 74.84 33.67
CA PRO H 26 71.96 74.78 33.52
C PRO H 26 72.64 74.20 34.75
N VAL H 27 73.75 73.52 34.51
CA VAL H 27 74.59 72.98 35.57
C VAL H 27 75.95 73.69 35.50
N PRO H 28 76.12 74.81 36.20
CA PRO H 28 77.38 75.57 36.13
C PRO H 28 78.43 75.06 37.13
N LEU H 29 78.75 73.77 37.02
CA LEU H 29 79.62 73.10 37.99
C LEU H 29 81.07 72.98 37.53
N ARG H 30 81.30 72.78 36.23
CA ARG H 30 82.67 72.76 35.72
C ARG H 30 83.30 74.15 35.73
N GLU H 31 82.50 75.21 35.72
CA GLU H 31 83.00 76.58 35.74
C GLU H 31 83.49 77.01 37.11
N LEU H 32 83.25 76.23 38.16
CA LEU H 32 83.64 76.61 39.51
C LEU H 32 85.14 76.47 39.77
N HIS H 33 85.84 75.63 39.00
CA HIS H 33 87.25 75.40 39.22
C HIS H 33 88.14 75.97 38.11
N ASP H 34 87.56 76.44 37.02
CA ASP H 34 88.31 77.20 36.03
C ASP H 34 88.29 78.66 36.46
N PRO H 35 89.42 79.26 36.83
CA PRO H 35 89.40 80.66 37.26
C PRO H 35 89.08 81.64 36.14
N ALA H 36 89.38 81.29 34.89
CA ALA H 36 89.03 82.15 33.76
C ALA H 36 87.57 82.03 33.35
N ARG H 37 86.79 81.18 34.01
CA ARG H 37 85.37 81.03 33.70
C ARG H 37 84.46 81.14 34.92
N CYS H 38 85.01 81.41 36.10
CA CYS H 38 84.18 81.69 37.27
C CYS H 38 83.45 83.03 37.12
N GLU H 39 82.26 83.09 37.72
CA GLU H 39 81.55 84.35 37.87
C GLU H 39 82.24 85.22 38.93
N ALA H 40 82.00 86.52 38.83
CA ALA H 40 82.67 87.47 39.72
C ALA H 40 82.12 87.45 41.14
N ALA H 41 80.90 86.93 41.34
CA ALA H 41 80.30 86.90 42.67
C ALA H 41 80.84 85.77 43.55
N LEU H 42 81.37 84.71 42.96
CA LEU H 42 81.86 83.56 43.72
C LEU H 42 83.35 83.31 43.51
N LEU H 43 84.05 84.27 42.88
CA LEU H 43 85.50 84.16 42.70
C LEU H 43 86.35 84.07 43.98
N PRO H 44 86.08 84.81 45.08
CA PRO H 44 86.94 84.61 46.28
C PRO H 44 86.74 83.28 47.01
N TYR H 45 85.76 82.46 46.64
CA TYR H 45 85.75 81.08 47.11
C TYR H 45 86.90 80.27 46.52
N LEU H 46 87.15 80.44 45.22
CA LEU H 46 88.24 79.73 44.57
C LEU H 46 89.60 80.26 44.99
N ALA H 47 89.68 81.55 45.30
CA ALA H 47 90.94 82.14 45.78
C ALA H 47 91.39 81.60 47.13
N TRP H 48 90.46 81.10 47.95
CA TRP H 48 90.85 80.49 49.21
C TRP H 48 91.55 79.15 49.01
N THR H 49 90.95 78.26 48.20
CA THR H 49 91.49 76.91 48.04
C THR H 49 92.76 76.86 47.20
N ARG H 50 93.04 77.88 46.41
CA ARG H 50 94.34 78.00 45.75
C ARG H 50 95.37 78.73 46.60
N SER H 51 95.01 79.07 47.84
CA SER H 51 95.91 79.70 48.84
C SER H 51 96.50 81.01 48.32
N VAL H 52 95.68 81.80 47.63
CA VAL H 52 96.07 83.13 47.16
C VAL H 52 96.26 84.03 48.38
N ASP H 53 97.51 84.38 48.66
CA ASP H 53 97.85 84.98 49.94
C ASP H 53 97.35 86.42 50.06
N ARG H 54 97.47 87.19 48.98
CA ARG H 54 97.06 88.59 48.98
C ARG H 54 96.05 88.84 47.87
N TRP H 55 95.04 89.66 48.18
CA TRP H 55 93.91 89.85 47.28
C TRP H 55 93.32 91.23 47.52
N ASP H 56 92.84 91.87 46.45
CA ASP H 56 92.22 93.17 46.54
C ASP H 56 90.87 93.16 45.81
N PRO H 57 89.79 93.69 46.43
CA PRO H 57 88.51 93.86 45.73
C PRO H 57 88.42 95.19 44.98
N ASP H 58 89.47 95.54 44.24
CA ASP H 58 89.53 96.77 43.47
C ASP H 58 90.01 96.57 42.04
N TRP H 59 90.49 95.39 41.69
CA TRP H 59 91.09 95.13 40.39
C TRP H 59 90.01 94.95 39.33
N SER H 60 90.43 95.05 38.07
CA SER H 60 89.57 94.63 36.97
C SER H 60 89.47 93.10 36.95
N ASP H 61 88.45 92.60 36.24
CA ASP H 61 88.24 91.16 36.16
C ASP H 61 89.33 90.45 35.37
N GLU H 62 89.95 91.14 34.41
CA GLU H 62 91.13 90.58 33.75
C GLU H 62 92.33 90.52 34.70
N ALA H 63 92.38 91.43 35.68
CA ALA H 63 93.43 91.43 36.68
C ALA H 63 93.12 90.56 37.90
N LYS H 64 91.90 90.05 38.02
CA LYS H 64 91.57 89.14 39.11
C LYS H 64 91.73 87.67 38.75
N ARG H 65 91.50 87.30 37.49
CA ARG H 65 91.49 85.90 37.13
C ARG H 65 92.90 85.35 36.89
N ASN H 66 93.83 86.19 36.42
CA ASN H 66 95.21 85.77 36.26
C ASN H 66 95.95 85.68 37.60
N ALA H 67 95.48 86.38 38.63
CA ALA H 67 96.04 86.22 39.98
C ALA H 67 95.66 84.88 40.62
N VAL H 68 94.59 84.25 40.14
CA VAL H 68 94.18 82.95 40.67
C VAL H 68 94.74 81.81 39.83
N ALA H 69 94.80 82.01 38.51
CA ALA H 69 95.28 80.97 37.60
C ALA H 69 96.77 80.70 37.76
N THR H 70 97.56 81.74 37.98
CA THR H 70 99.00 81.58 38.20
C THR H 70 99.38 81.55 39.68
N SER H 71 98.44 81.20 40.55
CA SER H 71 98.79 81.05 41.97
C SER H 71 99.58 79.77 42.24
N PHE H 72 99.50 78.78 41.34
CA PHE H 72 100.29 77.57 41.47
C PHE H 72 101.77 77.84 41.20
N VAL H 73 102.05 78.54 40.09
CA VAL H 73 103.42 78.75 39.63
C VAL H 73 104.16 79.70 40.58
N LEU H 74 103.45 80.63 41.22
CA LEU H 74 104.06 81.55 42.15
C LEU H 74 104.57 80.86 43.41
N HIS H 75 103.76 79.96 43.97
CA HIS H 75 104.16 79.22 45.17
C HIS H 75 105.02 78.00 44.89
N GLN H 76 105.13 77.56 43.64
CA GLN H 76 105.96 76.40 43.33
C GLN H 76 107.45 76.71 43.48
N ARG H 77 107.89 77.89 43.04
CA ARG H 77 109.31 78.29 43.11
C ARG H 77 109.38 79.68 43.74
N LYS H 78 109.25 79.74 45.07
CA LYS H 78 109.26 81.03 45.78
C LYS H 78 110.60 81.74 45.69
N GLY H 79 111.71 80.99 45.85
CA GLY H 79 113.03 81.59 45.83
C GLY H 79 113.43 82.21 44.50
N THR H 80 113.03 81.56 43.39
CA THR H 80 113.43 81.98 42.05
C THR H 80 112.88 83.34 41.67
N LEU H 81 113.66 84.05 40.86
CA LEU H 81 113.31 85.39 40.36
C LEU H 81 112.04 85.37 39.52
N THR H 82 111.82 84.29 38.75
CA THR H 82 110.67 84.18 37.84
C THR H 82 109.33 84.38 38.55
N ALA H 83 109.18 83.83 39.76
CA ALA H 83 107.96 84.07 40.54
C ALA H 83 107.84 85.53 40.98
N LEU H 84 108.98 86.15 41.32
CA LEU H 84 108.98 87.56 41.73
C LEU H 84 108.50 88.46 40.61
N ARG H 85 108.90 88.15 39.36
CA ARG H 85 108.42 88.88 38.19
C ARG H 85 106.89 88.85 38.08
N GLN H 86 106.29 87.69 38.34
CA GLN H 86 104.84 87.50 38.18
C GLN H 86 104.01 87.81 39.42
N VAL H 87 104.63 88.00 40.59
CA VAL H 87 103.83 88.41 41.75
C VAL H 87 103.40 89.87 41.61
N VAL H 88 104.17 90.69 40.88
CA VAL H 88 103.71 92.03 40.52
C VAL H 88 103.03 91.87 39.17
N GLU H 89 101.81 91.31 39.17
CA GLU H 89 100.97 91.19 37.98
C GLU H 89 100.06 92.39 37.67
N PRO H 90 99.25 92.94 38.62
CA PRO H 90 98.38 94.05 38.20
C PRO H 90 99.12 95.35 37.95
N ILE H 91 100.12 95.66 38.78
CA ILE H 91 101.10 96.70 38.48
C ILE H 91 102.05 96.20 37.41
N GLY H 92 101.84 96.63 36.17
CA GLY H 92 102.71 96.23 35.07
C GLY H 92 104.09 96.84 35.21
N ALA H 93 105.08 96.04 35.60
CA ALA H 93 106.36 96.57 36.04
C ALA H 93 107.40 95.46 35.98
N LEU H 94 108.40 95.63 35.10
CA LEU H 94 109.57 94.75 35.07
C LEU H 94 110.71 95.57 34.49
N SER H 95 111.55 96.12 35.36
CA SER H 95 112.62 97.01 34.94
C SER H 95 114.01 96.46 35.26
N GLU H 96 114.30 96.12 36.52
CA GLU H 96 115.67 95.86 36.93
C GLU H 96 115.65 95.07 38.23
N VAL H 97 116.64 94.19 38.38
CA VAL H 97 116.81 93.37 39.58
C VAL H 97 118.28 93.42 40.00
N THR H 98 118.52 93.49 41.31
CA THR H 98 119.86 93.66 41.84
C THR H 98 120.55 92.31 42.05
N GLU H 99 121.88 92.36 42.19
CA GLU H 99 122.70 91.18 42.37
C GLU H 99 123.93 91.63 43.17
N TRP H 100 124.74 90.65 43.60
CA TRP H 100 125.85 90.88 44.53
C TRP H 100 126.90 91.82 43.96
N TRP H 101 127.46 91.48 42.79
CA TRP H 101 128.70 92.11 42.34
C TRP H 101 128.51 93.55 41.84
N GLN H 102 127.29 94.08 41.79
CA GLN H 102 127.12 95.50 41.49
C GLN H 102 127.61 96.38 42.63
N ARG H 103 127.51 95.91 43.87
CA ARG H 103 128.17 96.56 44.99
C ARG H 103 129.55 95.94 45.21
N SER H 104 130.58 96.77 45.25
CA SER H 104 131.94 96.28 45.40
C SER H 104 132.31 95.90 46.85
N PRO H 105 132.02 96.72 47.91
CA PRO H 105 132.49 96.24 49.24
C PRO H 105 131.63 95.15 49.88
N THR H 106 131.77 93.92 49.35
CA THR H 106 131.26 92.62 49.86
C THR H 106 129.81 92.64 50.33
N GLY H 107 128.98 93.50 49.76
CA GLY H 107 127.58 93.59 50.11
C GLY H 107 127.33 94.49 51.31
N VAL H 108 126.05 94.74 51.56
CA VAL H 108 125.61 95.59 52.67
C VAL H 108 125.68 94.78 53.96
N PRO H 109 125.78 95.43 55.14
CA PRO H 109 125.61 94.68 56.39
C PRO H 109 124.18 94.19 56.56
N GLY H 110 123.99 92.88 56.42
CA GLY H 110 122.67 92.30 56.31
C GLY H 110 122.64 91.25 55.21
N THR H 111 123.83 90.99 54.64
CA THR H 111 124.08 89.95 53.63
C THR H 111 123.18 90.12 52.40
N PHE H 112 123.10 91.37 51.91
CA PHE H 112 122.45 91.76 50.65
C PHE H 112 120.97 91.37 50.65
N GLU H 113 120.22 92.08 51.49
CA GLU H 113 118.79 92.16 51.26
C GLU H 113 118.51 93.00 50.02
N ILE H 114 117.44 92.65 49.31
CA ILE H 114 117.18 93.18 47.98
C ILE H 114 116.44 94.51 48.07
N THR H 115 116.71 95.37 47.10
CA THR H 115 116.00 96.64 46.91
C THR H 115 115.51 96.64 45.46
N VAL H 116 114.33 96.06 45.23
CA VAL H 116 113.82 95.85 43.87
C VAL H 116 113.28 97.15 43.29
N ASP H 117 113.06 97.16 41.98
CA ASP H 117 112.56 98.33 41.27
C ASP H 117 111.18 98.03 40.70
N VAL H 118 110.22 98.91 41.00
CA VAL H 118 108.85 98.81 40.50
C VAL H 118 108.51 100.15 39.86
N SER H 119 107.98 100.12 38.63
CA SER H 119 107.59 101.32 37.91
C SER H 119 106.11 101.24 37.57
N ASP H 120 105.34 102.23 38.02
CA ASP H 120 103.91 102.27 37.77
C ASP H 120 103.56 103.63 37.18
N ARG H 121 102.95 103.61 35.99
CA ARG H 121 102.49 104.83 35.34
C ARG H 121 100.97 104.91 35.26
N GLY H 122 100.27 103.78 35.35
CA GLY H 122 98.82 103.78 35.26
C GLY H 122 98.14 104.47 36.43
N ILE H 123 98.62 104.21 37.66
CA ILE H 123 98.05 104.78 38.87
C ILE H 123 99.17 105.49 39.61
N ASP H 124 98.91 106.73 40.02
CA ASP H 124 99.88 107.54 40.75
C ASP H 124 99.48 107.84 42.18
N GLU H 125 98.19 107.85 42.49
CA GLU H 125 97.72 108.07 43.85
C GLU H 125 97.87 106.82 44.69
N GLY H 126 98.49 106.97 45.86
CA GLY H 126 98.72 105.88 46.78
C GLY H 126 99.80 104.91 46.36
N THR H 127 99.45 103.63 46.26
CA THR H 127 100.18 102.47 45.72
C THR H 127 101.57 102.25 46.33
N VAL H 128 101.92 102.95 47.41
CA VAL H 128 103.21 102.78 48.06
C VAL H 128 103.11 101.92 49.31
N LEU H 129 102.10 102.16 50.14
CA LEU H 129 101.96 101.50 51.44
C LEU H 129 101.61 100.02 51.34
N GLU H 130 101.29 99.51 50.15
CA GLU H 130 101.01 98.10 49.96
C GLU H 130 102.26 97.30 49.63
N LEU H 131 103.24 97.91 48.96
CA LEU H 131 104.36 97.17 48.37
C LEU H 131 105.36 96.65 49.40
N GLU H 132 105.37 97.20 50.62
CA GLU H 132 106.25 96.64 51.64
C GLU H 132 105.66 95.38 52.28
N ARG H 133 104.34 95.18 52.18
CA ARG H 133 103.70 93.98 52.69
C ARG H 133 103.18 93.05 51.61
N LEU H 134 102.99 93.55 50.39
CA LEU H 134 102.63 92.66 49.27
C LEU H 134 103.78 91.72 48.92
N LEU H 135 105.02 92.19 49.03
CA LEU H 135 106.19 91.37 48.76
C LEU H 135 106.65 90.59 49.99
N ASP H 136 105.89 90.63 51.09
CA ASP H 136 106.31 89.98 52.33
C ASP H 136 106.15 88.46 52.25
N ASP H 137 105.14 87.99 51.53
CA ASP H 137 104.92 86.54 51.42
C ASP H 137 105.94 85.87 50.52
N VAL H 138 106.40 86.57 49.47
CA VAL H 138 107.46 86.06 48.61
C VAL H 138 108.79 86.07 49.35
N ARG H 139 108.97 87.05 50.23
CA ARG H 139 110.20 87.15 51.01
C ARG H 139 110.31 86.03 52.04
N PRO H 140 111.44 85.36 52.15
CA PRO H 140 111.65 84.42 53.26
C PRO H 140 111.70 85.11 54.61
N VAL H 141 111.70 84.29 55.66
CA VAL H 141 111.57 84.84 57.02
C VAL H 141 112.86 85.53 57.47
N SER H 142 114.02 84.99 57.11
CA SER H 142 115.26 85.57 57.58
C SER H 142 116.35 85.63 56.51
N ARG H 143 116.04 85.31 55.26
CA ARG H 143 117.01 85.46 54.19
C ARG H 143 117.10 86.91 53.71
N HIS H 144 116.08 87.72 53.98
CA HIS H 144 116.05 89.11 53.57
C HIS H 144 115.65 89.98 54.76
N LEU H 145 116.07 91.24 54.70
CA LEU H 145 115.83 92.21 55.76
C LEU H 145 114.83 93.24 55.25
N THR H 146 114.34 94.09 56.17
CA THR H 146 113.26 95.02 55.89
C THR H 146 113.68 96.27 55.11
N ARG H 147 114.86 96.28 54.50
CA ARG H 147 115.25 97.40 53.65
C ARG H 147 114.53 97.28 52.30
N LEU H 148 114.02 98.40 51.80
CA LEU H 148 113.23 98.38 50.59
C LEU H 148 113.43 99.70 49.83
N ASP H 149 113.30 99.62 48.51
CA ASP H 149 113.36 100.78 47.63
C ASP H 149 112.12 100.78 46.74
N LEU H 150 111.72 101.97 46.30
CA LEU H 150 110.51 102.12 45.52
C LEU H 150 110.76 103.11 44.40
N ARG H 151 109.78 103.23 43.51
CA ARG H 151 109.81 104.21 42.43
C ARG H 151 108.39 104.44 41.94
N ILE H 152 108.06 105.70 41.66
CA ILE H 152 106.73 106.05 41.17
C ILE H 152 106.79 106.41 39.69
N SER I 2 -20.76 62.30 67.52
CA SER I 2 -21.70 62.91 66.60
C SER I 2 -21.71 62.20 65.25
N SER I 3 -22.29 62.88 64.25
CA SER I 3 -22.33 62.32 62.90
C SER I 3 -20.93 62.21 62.30
N ARG I 4 -20.07 63.19 62.54
CA ARG I 4 -18.71 63.19 62.03
C ARG I 4 -17.89 62.04 62.60
N LEU I 5 -18.14 61.68 63.87
CA LEU I 5 -17.40 60.60 64.52
C LEU I 5 -17.59 59.26 63.83
N LEU I 6 -18.76 59.02 63.24
CA LEU I 6 -19.03 57.79 62.52
C LEU I 6 -18.22 57.74 61.22
N PRO I 7 -18.04 56.56 60.63
CA PRO I 7 -17.29 56.47 59.36
C PRO I 7 -18.04 57.15 58.22
N PRO I 8 -17.34 57.53 57.14
CA PRO I 8 -18.01 58.24 56.03
C PRO I 8 -19.15 57.47 55.38
N ASN I 9 -18.99 56.17 55.17
CA ASN I 9 -20.11 55.38 54.64
C ASN I 9 -21.05 55.08 55.80
N ARG I 10 -22.19 55.78 55.83
CA ARG I 10 -23.15 55.61 56.90
C ARG I 10 -24.53 56.01 56.38
N SER I 11 -25.56 55.37 56.92
CA SER I 11 -26.90 55.75 56.54
C SER I 11 -27.31 57.03 57.26
N SER I 12 -28.48 57.55 56.89
CA SER I 12 -29.10 58.62 57.66
C SER I 12 -29.67 58.13 58.98
N LEU I 13 -29.90 56.82 59.13
CA LEU I 13 -30.34 56.29 60.42
C LEU I 13 -29.19 56.28 61.43
N GLU I 14 -28.02 55.84 61.01
CA GLU I 14 -26.85 55.83 61.87
C GLU I 14 -26.37 57.24 62.17
N ARG I 15 -26.50 58.14 61.18
CA ARG I 15 -26.12 59.54 61.34
C ARG I 15 -26.98 60.24 62.40
N SER I 16 -28.22 59.81 62.54
CA SER I 16 -29.09 60.35 63.59
C SER I 16 -28.75 59.75 64.95
N LEU I 17 -28.51 58.43 64.98
CA LEU I 17 -28.17 57.74 66.22
C LEU I 17 -26.83 58.17 66.79
N GLY I 18 -25.91 58.67 65.98
CA GLY I 18 -24.67 59.18 66.53
C GLY I 18 -24.81 60.48 67.29
N ASP I 19 -25.91 61.21 67.08
CA ASP I 19 -26.23 62.38 67.88
C ASP I 19 -27.08 62.07 69.10
N VAL I 20 -27.55 60.83 69.24
CA VAL I 20 -28.52 60.45 70.26
C VAL I 20 -27.94 59.42 71.22
N LEU I 21 -27.35 58.35 70.69
CA LEU I 21 -26.81 57.29 71.54
C LEU I 21 -25.65 57.70 72.46
N PRO I 22 -24.75 58.68 72.12
CA PRO I 22 -23.84 59.18 73.17
C PRO I 22 -24.53 59.88 74.33
N ALA I 23 -25.31 60.92 74.00
CA ALA I 23 -26.14 61.70 74.94
C ALA I 23 -25.29 62.29 76.06
N GLU I 24 -24.42 63.23 75.66
CA GLU I 24 -23.49 63.86 76.57
C GLU I 24 -24.22 64.69 77.64
N LEU I 25 -23.53 64.89 78.77
CA LEU I 25 -24.07 65.55 79.94
C LEU I 25 -23.07 66.58 80.44
N PRO I 26 -23.54 67.64 81.10
CA PRO I 26 -22.59 68.55 81.77
C PRO I 26 -22.00 67.92 83.02
N VAL I 27 -20.75 68.30 83.31
CA VAL I 27 -20.07 67.89 84.53
C VAL I 27 -19.81 69.14 85.35
N PRO I 28 -20.72 69.53 86.24
CA PRO I 28 -20.54 70.77 87.03
C PRO I 28 -19.74 70.52 88.31
N LEU I 29 -18.53 70.00 88.15
CA LEU I 29 -17.71 69.58 89.29
C LEU I 29 -16.67 70.61 89.69
N ARG I 30 -16.08 71.33 88.73
CA ARG I 30 -15.15 72.41 89.07
C ARG I 30 -15.85 73.61 89.70
N GLU I 31 -17.16 73.77 89.46
CA GLU I 31 -17.91 74.87 90.03
C GLU I 31 -18.26 74.68 91.49
N LEU I 32 -18.03 73.48 92.05
CA LEU I 32 -18.38 73.21 93.44
C LEU I 32 -17.43 73.85 94.45
N HIS I 33 -16.20 74.18 94.04
CA HIS I 33 -15.23 74.75 94.95
C HIS I 33 -14.91 76.21 94.67
N ASP I 34 -15.39 76.76 93.55
CA ASP I 34 -15.31 78.19 93.31
C ASP I 34 -16.55 78.81 93.95
N PRO I 35 -16.43 79.63 94.99
CA PRO I 35 -17.63 80.23 95.60
C PRO I 35 -18.33 81.24 94.71
N ALA I 36 -17.62 81.90 93.80
CA ALA I 36 -18.24 82.82 92.86
C ALA I 36 -18.94 82.12 91.70
N ARG I 37 -18.86 80.79 91.62
CA ARG I 37 -19.53 80.05 90.56
C ARG I 37 -20.42 78.91 91.07
N CYS I 38 -20.55 78.73 92.39
CA CYS I 38 -21.52 77.79 92.93
C CYS I 38 -22.95 78.23 92.67
N GLU I 39 -23.84 77.25 92.51
CA GLU I 39 -25.26 77.51 92.49
C GLU I 39 -25.76 77.85 93.89
N ALA I 40 -26.89 78.55 93.94
CA ALA I 40 -27.42 79.02 95.22
C ALA I 40 -28.04 77.91 96.06
N ALA I 41 -28.39 76.77 95.45
CA ALA I 41 -29.02 75.69 96.18
C ALA I 41 -28.02 74.84 96.96
N LEU I 42 -26.75 74.83 96.57
CA LEU I 42 -25.73 74.02 97.23
C LEU I 42 -24.61 74.86 97.83
N LEU I 43 -24.80 76.18 97.90
CA LEU I 43 -23.82 77.06 98.54
C LEU I 43 -23.52 76.81 100.03
N PRO I 44 -24.49 76.49 100.92
CA PRO I 44 -24.08 76.22 102.32
C PRO I 44 -23.32 74.92 102.54
N TYR I 45 -23.20 74.04 101.54
CA TYR I 45 -22.24 72.95 101.65
C TYR I 45 -20.80 73.46 101.64
N LEU I 46 -20.50 74.43 100.75
CA LEU I 46 -19.15 74.99 100.69
C LEU I 46 -18.85 75.89 101.89
N ALA I 47 -19.87 76.54 102.45
CA ALA I 47 -19.69 77.36 103.64
C ALA I 47 -19.30 76.56 104.87
N TRP I 48 -19.63 75.27 104.92
CA TRP I 48 -19.20 74.44 106.05
C TRP I 48 -17.70 74.15 106.00
N THR I 49 -17.19 73.72 104.83
CA THR I 49 -15.79 73.31 104.75
C THR I 49 -14.81 74.48 104.76
N ARG I 50 -15.27 75.70 104.46
CA ARG I 50 -14.45 76.89 104.68
C ARG I 50 -14.58 77.45 106.08
N SER I 51 -15.34 76.78 106.97
CA SER I 51 -15.51 77.13 108.38
C SER I 51 -16.06 78.55 108.56
N VAL I 52 -17.02 78.92 107.70
CA VAL I 52 -17.72 80.19 107.79
C VAL I 52 -18.56 80.17 109.07
N ASP I 53 -18.16 80.98 110.05
CA ASP I 53 -18.69 80.83 111.41
C ASP I 53 -20.13 81.34 111.50
N ARG I 54 -20.44 82.45 110.85
CA ARG I 54 -21.76 83.06 110.89
C ARG I 54 -22.32 83.23 109.49
N TRP I 55 -23.61 82.95 109.34
CA TRP I 55 -24.24 82.89 108.02
C TRP I 55 -25.71 83.24 108.17
N ASP I 56 -26.26 83.93 107.16
CA ASP I 56 -27.66 84.29 107.15
C ASP I 56 -28.28 83.91 105.81
N PRO I 57 -29.47 83.24 105.82
CA PRO I 57 -30.22 82.98 104.58
C PRO I 57 -31.15 84.14 104.19
N ASP I 58 -30.63 85.36 104.24
CA ASP I 58 -31.39 86.56 103.90
C ASP I 58 -30.65 87.49 102.96
N TRP I 59 -29.36 87.27 102.71
CA TRP I 59 -28.53 88.18 101.94
C TRP I 59 -28.79 88.01 100.45
N SER I 60 -28.35 89.00 99.68
CA SER I 60 -28.29 88.85 98.23
C SER I 60 -27.17 87.89 97.86
N ASP I 61 -27.24 87.39 96.62
CA ASP I 61 -26.22 86.44 96.15
C ASP I 61 -24.85 87.08 95.98
N GLU I 62 -24.81 88.39 95.68
CA GLU I 62 -23.53 89.10 95.69
C GLU I 62 -22.99 89.25 97.10
N ALA I 63 -23.87 89.29 98.11
CA ALA I 63 -23.46 89.35 99.51
C ALA I 63 -23.24 87.99 100.14
N LYS I 64 -23.59 86.90 99.46
CA LYS I 64 -23.32 85.56 99.98
C LYS I 64 -22.01 84.98 99.48
N ARG I 65 -21.58 85.31 98.27
CA ARG I 65 -20.41 84.66 97.69
C ARG I 65 -19.10 85.29 98.17
N ASN I 66 -19.11 86.59 98.47
CA ASN I 66 -17.93 87.24 99.02
C ASN I 66 -17.70 86.88 100.49
N ALA I 67 -18.75 86.47 101.21
CA ALA I 67 -18.58 85.96 102.57
C ALA I 67 -17.91 84.59 102.61
N VAL I 68 -17.96 83.83 101.52
CA VAL I 68 -17.30 82.53 101.45
C VAL I 68 -15.90 82.64 100.86
N ALA I 69 -15.73 83.52 99.87
CA ALA I 69 -14.45 83.67 99.19
C ALA I 69 -13.39 84.29 100.10
N THR I 70 -13.78 85.26 100.93
CA THR I 70 -12.85 85.89 101.85
C THR I 70 -12.91 85.29 103.26
N SER I 71 -13.39 84.05 103.38
CA SER I 71 -13.37 83.38 104.68
C SER I 71 -11.97 82.93 105.09
N PHE I 72 -11.06 82.78 104.12
CA PHE I 72 -9.68 82.45 104.42
C PHE I 72 -8.95 83.63 105.07
N VAL I 73 -9.08 84.82 104.46
CA VAL I 73 -8.35 86.01 104.90
C VAL I 73 -8.83 86.48 106.27
N LEU I 74 -10.12 86.27 106.57
CA LEU I 74 -10.67 86.68 107.85
C LEU I 74 -10.10 85.87 109.00
N HIS I 75 -10.00 84.54 108.85
CA HIS I 75 -9.46 83.68 109.88
C HIS I 75 -7.94 83.61 109.89
N GLN I 76 -7.26 84.10 108.85
CA GLN I 76 -5.80 84.05 108.83
C GLN I 76 -5.19 85.03 109.83
N ARG I 77 -5.76 86.24 109.96
CA ARG I 77 -5.23 87.27 110.88
C ARG I 77 -6.41 87.80 111.71
N LYS I 78 -6.83 87.02 112.72
CA LYS I 78 -7.97 87.41 113.55
C LYS I 78 -7.70 88.68 114.36
N GLY I 79 -6.51 88.79 114.95
CA GLY I 79 -6.18 89.94 115.79
C GLY I 79 -6.13 91.27 115.05
N THR I 80 -5.62 91.26 113.82
CA THR I 80 -5.42 92.47 113.03
C THR I 80 -6.74 93.17 112.69
N LEU I 81 -6.65 94.50 112.61
CA LEU I 81 -7.79 95.36 112.28
C LEU I 81 -8.35 95.07 110.89
N THR I 82 -7.47 94.71 109.93
CA THR I 82 -7.87 94.46 108.54
C THR I 82 -8.98 93.41 108.42
N ALA I 83 -8.90 92.34 109.20
CA ALA I 83 -9.98 91.35 109.20
C ALA I 83 -11.26 91.91 109.77
N LEU I 84 -11.15 92.76 110.81
CA LEU I 84 -12.33 93.38 111.42
C LEU I 84 -13.08 94.25 110.43
N ARG I 85 -12.33 94.98 109.57
CA ARG I 85 -12.93 95.77 108.51
C ARG I 85 -13.78 94.92 107.56
N GLN I 86 -13.30 93.73 107.21
CA GLN I 86 -13.98 92.87 106.25
C GLN I 86 -14.97 91.88 106.86
N VAL I 87 -15.01 91.72 108.18
CA VAL I 87 -16.05 90.86 108.75
C VAL I 87 -17.41 91.56 108.69
N VAL I 88 -17.42 92.90 108.69
CA VAL I 88 -18.66 93.62 108.40
C VAL I 88 -18.66 93.87 106.91
N GLU I 89 -18.94 92.82 106.12
CA GLU I 89 -19.09 92.92 104.68
C GLU I 89 -20.50 93.26 104.16
N PRO I 90 -21.60 92.60 104.58
CA PRO I 90 -22.89 92.99 103.98
C PRO I 90 -23.42 94.34 104.45
N ILE I 91 -23.24 94.66 105.73
CA ILE I 91 -23.40 96.01 106.24
C ILE I 91 -22.21 96.85 105.80
N GLY I 92 -22.40 97.67 104.77
CA GLY I 92 -21.34 98.54 104.28
C GLY I 92 -21.04 99.63 105.28
N ALA I 93 -19.90 99.52 105.98
CA ALA I 93 -19.65 100.35 107.15
C ALA I 93 -18.16 100.33 107.45
N LEU I 94 -17.52 101.49 107.34
CA LEU I 94 -16.13 101.66 107.78
C LEU I 94 -15.96 103.15 108.09
N SER I 95 -16.08 103.49 109.38
CA SER I 95 -16.05 104.88 109.82
C SER I 95 -14.86 105.19 110.73
N GLU I 96 -14.70 104.46 111.83
CA GLU I 96 -13.77 104.88 112.87
C GLU I 96 -13.46 103.69 113.77
N VAL I 97 -12.22 103.66 114.26
CA VAL I 97 -11.74 102.61 115.16
C VAL I 97 -11.00 103.28 116.33
N THR I 98 -11.18 102.75 117.53
CA THR I 98 -10.64 103.34 118.73
C THR I 98 -9.22 102.81 119.01
N GLU I 99 -8.51 103.55 119.88
CA GLU I 99 -7.15 103.23 120.25
C GLU I 99 -6.93 103.78 121.66
N TRP I 100 -5.79 103.43 122.26
CA TRP I 100 -5.52 103.70 123.68
C TRP I 100 -5.49 105.20 123.98
N TRP I 101 -4.65 105.96 123.28
CA TRP I 101 -4.32 107.32 123.72
C TRP I 101 -5.43 108.34 123.50
N GLN I 102 -6.55 107.97 122.87
CA GLN I 102 -7.69 108.88 122.83
C GLN I 102 -8.33 109.08 124.20
N ARG I 103 -8.29 108.05 125.05
CA ARG I 103 -8.64 108.22 126.46
C ARG I 103 -7.39 108.53 127.27
N SER I 104 -7.43 109.61 128.04
CA SER I 104 -6.28 110.03 128.83
C SER I 104 -6.08 109.22 130.11
N PRO I 105 -7.12 108.97 130.97
CA PRO I 105 -6.75 108.23 132.21
C PRO I 105 -6.55 106.72 132.05
N THR I 106 -5.40 106.36 131.45
CA THR I 106 -4.80 105.01 131.32
C THR I 106 -5.79 103.90 130.91
N GLY I 107 -6.82 104.26 130.15
CA GLY I 107 -7.79 103.29 129.69
C GLY I 107 -8.90 103.02 130.69
N VAL I 108 -9.91 102.28 130.24
CA VAL I 108 -11.06 101.94 131.06
C VAL I 108 -10.68 100.79 131.98
N PRO I 109 -11.37 100.60 133.12
CA PRO I 109 -11.15 99.36 133.89
C PRO I 109 -11.66 98.13 133.15
N GLY I 110 -10.72 97.32 132.67
CA GLY I 110 -11.03 96.26 131.73
C GLY I 110 -10.01 96.21 130.62
N THR I 111 -8.98 97.06 130.76
CA THR I 111 -7.80 97.15 129.88
C THR I 111 -8.20 97.39 128.41
N PHE I 112 -9.10 98.36 128.22
CA PHE I 112 -9.52 98.90 126.92
C PHE I 112 -10.10 97.80 126.02
N GLU I 113 -11.28 97.33 126.42
CA GLU I 113 -12.14 96.67 125.46
C GLU I 113 -12.70 97.69 124.47
N ILE I 114 -12.89 97.22 123.23
CA ILE I 114 -13.17 98.12 122.12
C ILE I 114 -14.66 98.43 122.05
N THR I 115 -14.97 99.64 121.59
CA THR I 115 -16.34 100.09 121.29
C THR I 115 -16.32 100.60 119.85
N VAL I 116 -16.52 99.69 118.89
CA VAL I 116 -16.36 100.01 117.47
C VAL I 116 -17.56 100.79 116.96
N ASP I 117 -17.42 101.38 115.78
CA ASP I 117 -18.47 102.18 115.16
C ASP I 117 -18.93 101.50 113.88
N VAL I 118 -20.25 101.30 113.76
CA VAL I 118 -20.87 100.71 112.58
C VAL I 118 -21.98 101.66 112.14
N SER I 119 -22.00 102.01 110.84
CA SER I 119 -23.01 102.89 110.28
C SER I 119 -23.76 102.16 109.17
N ASP I 120 -25.09 102.05 109.32
CA ASP I 120 -25.90 101.38 108.32
C ASP I 120 -27.03 102.31 107.92
N ARG I 121 -27.13 102.60 106.62
CA ARG I 121 -28.21 103.41 106.08
C ARG I 121 -29.16 102.61 105.19
N GLY I 122 -28.71 101.47 104.65
CA GLY I 122 -29.56 100.67 103.77
C GLY I 122 -30.74 100.05 104.49
N ILE I 123 -30.53 99.51 105.68
CA ILE I 123 -31.55 98.85 106.47
C ILE I 123 -31.60 99.53 107.83
N ASP I 124 -32.81 99.90 108.27
CA ASP I 124 -33.03 100.56 109.55
C ASP I 124 -33.80 99.71 110.55
N GLU I 125 -34.63 98.79 110.08
CA GLU I 125 -35.38 97.92 110.96
C GLU I 125 -34.50 96.79 111.48
N GLY I 126 -34.50 96.60 112.80
CA GLY I 126 -33.72 95.57 113.46
C GLY I 126 -32.24 95.86 113.53
N THR I 127 -31.43 94.94 112.99
CA THR I 127 -29.98 94.97 112.73
C THR I 127 -29.11 95.31 113.95
N VAL I 128 -29.67 95.36 115.16
CA VAL I 128 -28.92 95.66 116.37
C VAL I 128 -28.58 94.39 117.14
N LEU I 129 -29.56 93.49 117.31
CA LEU I 129 -29.40 92.30 118.16
C LEU I 129 -28.44 91.26 117.59
N GLU I 130 -27.98 91.43 116.35
CA GLU I 130 -27.00 90.53 115.76
C GLU I 130 -25.57 90.96 116.03
N LEU I 131 -25.32 92.27 116.15
CA LEU I 131 -23.96 92.79 116.14
C LEU I 131 -23.18 92.50 117.42
N GLU I 132 -23.86 92.18 118.53
CA GLU I 132 -23.13 91.79 119.73
C GLU I 132 -22.64 90.35 119.66
N ARG I 133 -23.25 89.51 118.82
CA ARG I 133 -22.80 88.14 118.64
C ARG I 133 -22.16 87.87 117.29
N LEU I 134 -22.39 88.72 116.29
CA LEU I 134 -21.68 88.60 115.02
C LEU I 134 -20.19 88.89 115.18
N LEU I 135 -19.84 89.84 116.05
CA LEU I 135 -18.45 90.18 116.32
C LEU I 135 -17.84 89.31 117.41
N ASP I 136 -18.56 88.28 117.89
CA ASP I 136 -18.08 87.47 119.00
C ASP I 136 -16.97 86.52 118.54
N ASP I 137 -17.05 86.02 117.30
CA ASP I 137 -16.04 85.10 116.81
C ASP I 137 -14.71 85.79 116.52
N VAL I 138 -14.77 87.04 116.06
CA VAL I 138 -13.55 87.82 115.85
C VAL I 138 -12.93 88.20 117.18
N ARG I 139 -13.76 88.42 118.20
CA ARG I 139 -13.29 88.78 119.52
C ARG I 139 -12.58 87.60 120.19
N PRO I 140 -11.41 87.81 120.78
CA PRO I 140 -10.78 86.75 121.60
C PRO I 140 -11.59 86.46 122.86
N VAL I 141 -11.19 85.39 123.55
CA VAL I 141 -11.97 84.91 124.68
C VAL I 141 -11.84 85.83 125.89
N SER I 142 -10.65 86.38 126.14
CA SER I 142 -10.47 87.20 127.33
C SER I 142 -9.64 88.46 127.07
N ARG I 143 -9.32 88.77 125.83
CA ARG I 143 -8.62 90.01 125.53
C ARG I 143 -9.59 91.19 125.47
N HIS I 144 -10.88 90.93 125.28
CA HIS I 144 -11.89 91.98 125.22
C HIS I 144 -13.05 91.60 126.13
N LEU I 145 -13.78 92.63 126.56
CA LEU I 145 -14.89 92.51 127.48
C LEU I 145 -16.19 92.81 126.72
N THR I 146 -17.32 92.54 127.36
CA THR I 146 -18.64 92.60 126.72
C THR I 146 -19.18 94.02 126.57
N ARG I 147 -18.37 95.07 126.73
CA ARG I 147 -18.82 96.42 126.47
C ARG I 147 -18.85 96.66 124.97
N LEU I 148 -19.92 97.31 124.51
CA LEU I 148 -20.11 97.50 123.08
C LEU I 148 -20.85 98.81 122.84
N ASP I 149 -20.59 99.42 121.68
CA ASP I 149 -21.27 100.63 121.24
C ASP I 149 -21.80 100.39 119.83
N LEU I 150 -22.87 101.11 119.49
CA LEU I 150 -23.55 100.91 118.22
C LEU I 150 -23.92 102.28 117.64
N ARG I 151 -24.41 102.25 116.40
CA ARG I 151 -24.91 103.45 115.74
C ARG I 151 -25.83 103.02 114.61
N ILE I 152 -26.94 103.74 114.45
CA ILE I 152 -27.90 103.43 113.39
C ILE I 152 -27.82 104.49 112.29
N SER J 2 -74.90 -11.96 55.27
CA SER J 2 -75.73 -11.65 54.11
C SER J 2 -74.89 -11.34 52.89
N SER J 3 -75.52 -10.73 51.88
CA SER J 3 -74.81 -10.34 50.66
C SER J 3 -73.77 -9.25 50.93
N ARG J 4 -74.11 -8.30 51.80
CA ARG J 4 -73.21 -7.20 52.15
C ARG J 4 -71.95 -7.71 52.86
N LEU J 5 -72.09 -8.77 53.67
CA LEU J 5 -70.98 -9.33 54.42
C LEU J 5 -69.88 -9.86 53.49
N LEU J 6 -70.24 -10.37 52.32
CA LEU J 6 -69.27 -10.86 51.36
C LEU J 6 -68.48 -9.70 50.76
N PRO J 7 -67.30 -9.96 50.17
CA PRO J 7 -66.52 -8.87 49.54
C PRO J 7 -67.24 -8.30 48.33
N PRO J 8 -66.89 -7.06 47.92
CA PRO J 8 -67.60 -6.44 46.77
C PRO J 8 -67.51 -7.21 45.48
N ASN J 9 -66.35 -7.77 45.15
CA ASN J 9 -66.26 -8.61 43.95
C ASN J 9 -66.82 -9.98 44.30
N ARG J 10 -68.02 -10.26 43.82
CA ARG J 10 -68.70 -11.52 44.11
C ARG J 10 -69.69 -11.81 43.00
N SER J 11 -69.90 -13.09 42.73
CA SER J 11 -70.89 -13.46 41.74
C SER J 11 -72.29 -13.34 42.33
N SER J 12 -73.30 -13.52 41.47
CA SER J 12 -74.66 -13.68 41.95
C SER J 12 -74.91 -15.03 42.61
N LEU J 13 -74.04 -16.02 42.36
CA LEU J 13 -74.17 -17.30 43.05
C LEU J 13 -73.72 -17.18 44.50
N GLU J 14 -72.59 -16.51 44.74
CA GLU J 14 -72.11 -16.30 46.10
C GLU J 14 -73.00 -15.34 46.86
N ARG J 15 -73.56 -14.35 46.16
CA ARG J 15 -74.48 -13.38 46.77
C ARG J 15 -75.75 -14.06 47.27
N SER J 16 -76.17 -15.14 46.61
CA SER J 16 -77.32 -15.89 47.07
C SER J 16 -76.95 -16.80 48.24
N LEU J 17 -75.79 -17.44 48.16
CA LEU J 17 -75.33 -18.33 49.22
C LEU J 17 -75.01 -17.60 50.51
N GLY J 18 -74.69 -16.31 50.47
CA GLY J 18 -74.50 -15.57 51.70
C GLY J 18 -75.78 -15.31 52.48
N ASP J 19 -76.94 -15.42 51.83
CA ASP J 19 -78.22 -15.35 52.51
C ASP J 19 -78.73 -16.70 52.96
N VAL J 20 -78.06 -17.79 52.58
CA VAL J 20 -78.55 -19.15 52.79
C VAL J 20 -77.62 -19.93 53.70
N LEU J 21 -76.31 -19.94 53.41
CA LEU J 21 -75.36 -20.70 54.20
C LEU J 21 -75.22 -20.28 55.66
N PRO J 22 -75.38 -18.99 56.08
CA PRO J 22 -75.49 -18.72 57.52
C PRO J 22 -76.69 -19.34 58.20
N ALA J 23 -77.89 -19.01 57.69
CA ALA J 23 -79.18 -19.56 58.13
C ALA J 23 -79.41 -19.32 59.62
N GLU J 24 -79.55 -18.04 59.96
CA GLU J 24 -79.71 -17.61 61.34
C GLU J 24 -81.01 -18.14 61.94
N LEU J 25 -81.03 -18.23 63.27
CA LEU J 25 -82.13 -18.79 64.04
C LEU J 25 -82.46 -17.87 65.20
N PRO J 26 -83.71 -17.87 65.67
CA PRO J 26 -84.02 -17.15 66.90
C PRO J 26 -83.46 -17.85 68.13
N VAL J 27 -83.10 -17.05 69.13
CA VAL J 27 -82.66 -17.55 70.42
C VAL J 27 -83.67 -17.10 71.47
N PRO J 28 -84.70 -17.90 71.74
CA PRO J 28 -85.75 -17.50 72.71
C PRO J 28 -85.37 -17.88 74.15
N LEU J 29 -84.22 -17.38 74.61
CA LEU J 29 -83.67 -17.75 75.90
C LEU J 29 -83.96 -16.75 77.00
N ARG J 30 -83.98 -15.44 76.69
CA ARG J 30 -84.36 -14.45 77.68
C ARG J 30 -85.84 -14.50 78.02
N GLU J 31 -86.67 -15.04 77.13
CA GLU J 31 -88.11 -15.15 77.37
C GLU J 31 -88.48 -16.28 78.32
N LEU J 32 -87.52 -17.15 78.68
CA LEU J 32 -87.82 -18.28 79.55
C LEU J 32 -88.00 -17.90 81.01
N HIS J 33 -87.46 -16.75 81.44
CA HIS J 33 -87.55 -16.33 82.83
C HIS J 33 -88.45 -15.12 83.04
N ASP J 34 -88.90 -14.47 81.98
CA ASP J 34 -89.93 -13.45 82.10
C ASP J 34 -91.27 -14.17 82.02
N PRO J 35 -92.09 -14.17 83.09
CA PRO J 35 -93.38 -14.87 83.02
C PRO J 35 -94.38 -14.21 82.10
N ALA J 36 -94.29 -12.90 81.88
CA ALA J 36 -95.17 -12.20 80.95
C ALA J 36 -94.76 -12.40 79.50
N ARG J 37 -93.65 -13.10 79.22
CA ARG J 37 -93.22 -13.35 77.86
C ARG J 37 -92.95 -14.82 77.56
N CYS J 38 -93.19 -15.73 78.51
CA CYS J 38 -93.12 -17.16 78.24
C CYS J 38 -94.24 -17.60 77.29
N GLU J 39 -93.94 -18.62 76.49
CA GLU J 39 -94.97 -19.30 75.73
C GLU J 39 -95.84 -20.16 76.65
N ALA J 40 -97.06 -20.45 76.18
CA ALA J 40 -98.01 -21.18 77.01
C ALA J 40 -97.68 -22.67 77.13
N ALA J 41 -96.86 -23.21 76.22
CA ALA J 41 -96.53 -24.63 76.27
C ALA J 41 -95.46 -24.97 77.30
N LEU J 42 -94.63 -24.00 77.70
CA LEU J 42 -93.55 -24.23 78.64
C LEU J 42 -93.70 -23.41 79.91
N LEU J 43 -94.86 -22.78 80.11
CA LEU J 43 -95.12 -22.02 81.34
C LEU J 43 -95.08 -22.81 82.65
N PRO J 44 -95.59 -24.05 82.79
CA PRO J 44 -95.45 -24.73 84.08
C PRO J 44 -94.04 -25.19 84.44
N TYR J 45 -93.06 -25.08 83.55
CA TYR J 45 -91.66 -25.21 83.96
C TYR J 45 -91.23 -24.04 84.86
N LEU J 46 -91.62 -22.82 84.50
CA LEU J 46 -91.27 -21.65 85.30
C LEU J 46 -92.06 -21.60 86.60
N ALA J 47 -93.29 -22.13 86.61
CA ALA J 47 -94.10 -22.19 87.82
C ALA J 47 -93.51 -23.10 88.89
N TRP J 48 -92.70 -24.09 88.51
CA TRP J 48 -92.05 -24.94 89.51
C TRP J 48 -90.94 -24.19 90.24
N THR J 49 -90.06 -23.51 89.51
CA THR J 49 -88.90 -22.87 90.15
C THR J 49 -89.27 -21.60 90.92
N ARG J 50 -90.41 -20.99 90.66
CA ARG J 50 -90.92 -19.93 91.51
C ARG J 50 -91.76 -20.44 92.68
N SER J 51 -91.85 -21.76 92.83
CA SER J 51 -92.54 -22.44 93.95
C SER J 51 -94.01 -22.02 94.04
N VAL J 52 -94.66 -21.90 92.88
CA VAL J 52 -96.09 -21.61 92.81
C VAL J 52 -96.85 -22.82 93.35
N ASP J 53 -97.46 -22.65 94.53
CA ASP J 53 -97.96 -23.80 95.29
C ASP J 53 -99.21 -24.40 94.66
N ARG J 54 -100.12 -23.56 94.17
CA ARG J 54 -101.37 -24.01 93.58
C ARG J 54 -101.51 -23.48 92.16
N TRP J 55 -102.01 -24.32 91.26
CA TRP J 55 -102.04 -24.02 89.85
C TRP J 55 -103.20 -24.75 89.20
N ASP J 56 -103.83 -24.12 88.21
CA ASP J 56 -104.93 -24.74 87.47
C ASP J 56 -104.69 -24.61 85.98
N PRO J 57 -104.85 -25.70 85.20
CA PRO J 57 -104.82 -25.62 83.73
C PRO J 57 -106.16 -25.27 83.10
N ASP J 58 -106.83 -24.27 83.67
CA ASP J 58 -108.14 -23.83 83.18
C ASP J 58 -108.24 -22.32 83.02
N TRP J 59 -107.26 -21.56 83.50
CA TRP J 59 -107.32 -20.10 83.51
C TRP J 59 -107.02 -19.54 82.12
N SER J 60 -107.37 -18.27 81.94
CA SER J 60 -106.90 -17.54 80.77
C SER J 60 -105.41 -17.23 80.92
N ASP J 61 -104.78 -16.89 79.78
CA ASP J 61 -103.35 -16.60 79.80
C ASP J 61 -103.03 -15.31 80.56
N GLU J 62 -103.96 -14.35 80.57
CA GLU J 62 -103.78 -13.18 81.43
C GLU J 62 -103.90 -13.54 82.91
N ALA J 63 -104.66 -14.59 83.23
CA ALA J 63 -104.78 -15.08 84.59
C ALA J 63 -103.72 -16.09 84.98
N LYS J 64 -102.91 -16.57 84.03
CA LYS J 64 -101.82 -17.48 84.36
C LYS J 64 -100.50 -16.78 84.59
N ARG J 65 -100.25 -15.67 83.90
CA ARG J 65 -98.93 -15.05 83.98
C ARG J 65 -98.78 -14.17 85.21
N ASN J 66 -99.86 -13.55 85.68
CA ASN J 66 -99.81 -12.78 86.92
C ASN J 66 -99.72 -13.66 88.17
N ALA J 67 -100.16 -14.92 88.09
CA ALA J 67 -99.97 -15.86 89.18
C ALA J 67 -98.52 -16.30 89.34
N VAL J 68 -97.71 -16.17 88.29
CA VAL J 68 -96.28 -16.52 88.36
C VAL J 68 -95.43 -15.30 88.68
N ALA J 69 -95.80 -14.13 88.13
CA ALA J 69 -95.03 -12.91 88.33
C ALA J 69 -95.11 -12.42 89.77
N THR J 70 -96.28 -12.52 90.41
CA THR J 70 -96.44 -12.11 91.79
C THR J 70 -96.32 -13.27 92.78
N SER J 71 -95.65 -14.36 92.38
CA SER J 71 -95.39 -15.45 93.32
C SER J 71 -94.32 -15.10 94.34
N PHE J 72 -93.46 -14.13 94.05
CA PHE J 72 -92.47 -13.67 95.01
C PHE J 72 -93.12 -12.89 96.16
N VAL J 73 -93.99 -11.94 95.82
CA VAL J 73 -94.59 -11.04 96.79
C VAL J 73 -95.55 -11.80 97.72
N LEU J 74 -96.19 -12.85 97.20
CA LEU J 74 -97.12 -13.64 98.00
C LEU J 74 -96.41 -14.41 99.10
N HIS J 75 -95.28 -15.04 98.78
CA HIS J 75 -94.51 -15.80 99.76
C HIS J 75 -93.58 -14.95 100.61
N GLN J 76 -93.35 -13.69 100.24
CA GLN J 76 -92.46 -12.84 101.04
C GLN J 76 -93.09 -12.44 102.37
N ARG J 77 -94.40 -12.13 102.38
CA ARG J 77 -95.11 -11.73 103.60
C ARG J 77 -96.38 -12.56 103.71
N LYS J 78 -96.25 -13.82 104.15
CA LYS J 78 -97.40 -14.72 104.26
C LYS J 78 -98.41 -14.26 105.30
N GLY J 79 -97.94 -13.80 106.46
CA GLY J 79 -98.84 -13.39 107.53
C GLY J 79 -99.69 -12.17 107.21
N THR J 80 -99.11 -11.21 106.50
CA THR J 80 -99.78 -9.94 106.19
C THR J 80 -101.01 -10.12 105.32
N LEU J 81 -101.98 -9.23 105.54
CA LEU J 81 -103.24 -9.23 104.80
C LEU J 81 -103.03 -8.96 103.31
N THR J 82 -102.04 -8.14 102.97
CA THR J 82 -101.77 -7.75 101.57
C THR J 82 -101.55 -8.96 100.66
N ALA J 83 -100.83 -9.98 101.14
CA ALA J 83 -100.68 -11.20 100.35
C ALA J 83 -101.99 -11.96 100.20
N LEU J 84 -102.83 -11.95 101.25
CA LEU J 84 -104.13 -12.62 101.20
C LEU J 84 -105.03 -11.99 100.14
N ARG J 85 -104.97 -10.66 100.00
CA ARG J 85 -105.72 -9.96 98.95
C ARG J 85 -105.33 -10.46 97.56
N GLN J 86 -104.04 -10.68 97.32
CA GLN J 86 -103.54 -11.06 96.00
C GLN J 86 -103.47 -12.57 95.76
N VAL J 87 -103.66 -13.41 96.77
CA VAL J 87 -103.72 -14.84 96.49
C VAL J 87 -105.04 -15.21 95.81
N VAL J 88 -106.09 -14.43 96.05
CA VAL J 88 -107.32 -14.57 95.27
C VAL J 88 -107.18 -13.60 94.10
N GLU J 89 -106.35 -13.97 93.12
CA GLU J 89 -106.19 -13.21 91.88
C GLU J 89 -107.15 -13.55 90.74
N PRO J 90 -107.37 -14.82 90.35
CA PRO J 90 -108.29 -15.04 89.20
C PRO J 90 -109.75 -14.81 89.54
N ILE J 91 -110.18 -15.21 90.73
CA ILE J 91 -111.46 -14.79 91.31
C ILE J 91 -111.35 -13.35 91.77
N GLY J 92 -111.87 -12.41 90.99
CA GLY J 92 -111.82 -11.01 91.34
C GLY J 92 -112.72 -10.71 92.53
N ALA J 93 -112.13 -10.50 93.70
CA ALA J 93 -112.90 -10.50 94.94
C ALA J 93 -112.09 -9.80 96.03
N LEU J 94 -112.59 -8.66 96.50
CA LEU J 94 -112.03 -7.98 97.66
C LEU J 94 -113.16 -7.18 98.30
N SER J 95 -113.79 -7.75 99.32
CA SER J 95 -114.96 -7.15 99.96
C SER J 95 -114.70 -6.76 101.41
N GLU J 96 -114.30 -7.70 102.26
CA GLU J 96 -114.32 -7.47 103.71
C GLU J 96 -113.40 -8.47 104.38
N VAL J 97 -112.76 -8.03 105.46
CA VAL J 97 -111.87 -8.85 106.26
C VAL J 97 -112.22 -8.65 107.74
N THR J 98 -112.17 -9.75 108.51
CA THR J 98 -112.58 -9.73 109.90
C THR J 98 -111.42 -9.35 110.82
N GLU J 99 -111.78 -8.97 112.05
CA GLU J 99 -110.82 -8.55 113.06
C GLU J 99 -111.45 -8.87 114.41
N TRP J 100 -110.64 -8.73 115.48
CA TRP J 100 -111.01 -9.17 116.83
C TRP J 100 -112.24 -8.45 117.37
N TRP J 101 -112.19 -7.11 117.42
CA TRP J 101 -113.15 -6.35 118.21
C TRP J 101 -114.55 -6.29 117.60
N GLN J 102 -114.77 -6.83 116.39
CA GLN J 102 -116.14 -6.94 115.89
C GLN J 102 -116.96 -7.96 116.67
N ARG J 103 -116.33 -9.01 117.20
CA ARG J 103 -116.98 -9.89 118.16
C ARG J 103 -116.67 -9.41 119.58
N SER J 104 -117.72 -9.21 120.37
CA SER J 104 -117.55 -8.71 121.73
C SER J 104 -117.09 -9.77 122.74
N PRO J 105 -117.67 -11.02 122.79
CA PRO J 105 -117.15 -11.91 123.87
C PRO J 105 -115.82 -12.59 123.56
N THR J 106 -114.74 -11.79 123.67
CA THR J 106 -113.30 -12.17 123.65
C THR J 106 -112.91 -13.18 122.56
N GLY J 107 -113.63 -13.17 121.43
CA GLY J 107 -113.32 -14.07 120.33
C GLY J 107 -113.98 -15.43 120.47
N VAL J 108 -113.88 -16.21 119.40
CA VAL J 108 -114.46 -17.54 119.35
C VAL J 108 -113.54 -18.50 120.10
N PRO J 109 -114.03 -19.65 120.60
CA PRO J 109 -113.11 -20.67 121.11
C PRO J 109 -112.28 -21.30 119.99
N GLY J 110 -110.99 -20.95 119.98
CA GLY J 110 -110.13 -21.25 118.86
C GLY J 110 -109.25 -20.06 118.53
N THR J 111 -109.35 -19.04 119.38
CA THR J 111 -108.55 -17.80 119.33
C THR J 111 -108.64 -17.09 117.99
N PHE J 112 -109.89 -16.95 117.50
CA PHE J 112 -110.26 -16.17 116.32
C PHE J 112 -109.53 -16.67 115.06
N GLU J 113 -109.93 -17.86 114.63
CA GLU J 113 -109.71 -18.25 113.25
C GLU J 113 -110.60 -17.43 112.33
N ILE J 114 -110.08 -17.14 111.14
CA ILE J 114 -110.71 -16.17 110.25
C ILE J 114 -111.80 -16.83 109.42
N THR J 115 -112.82 -16.04 109.08
CA THR J 115 -113.90 -16.42 108.17
C THR J 115 -113.97 -15.32 107.11
N VAL J 116 -113.15 -15.45 106.05
CA VAL J 116 -113.00 -14.40 105.06
C VAL J 116 -114.20 -14.37 104.12
N ASP J 117 -114.31 -13.29 103.35
CA ASP J 117 -115.42 -13.10 102.41
C ASP J 117 -114.88 -13.07 100.99
N VAL J 118 -115.44 -13.91 100.12
CA VAL J 118 -115.09 -13.98 98.71
C VAL J 118 -116.38 -13.83 97.91
N SER J 119 -116.37 -12.94 96.92
CA SER J 119 -117.54 -12.70 96.06
C SER J 119 -117.15 -12.97 94.62
N ASP J 120 -117.86 -13.90 93.97
CA ASP J 120 -117.57 -14.24 92.58
C ASP J 120 -118.88 -14.13 91.79
N ARG J 121 -118.87 -13.31 90.75
CA ARG J 121 -120.01 -13.17 89.85
C ARG J 121 -119.74 -13.73 88.46
N GLY J 122 -118.47 -13.83 88.06
CA GLY J 122 -118.14 -14.34 86.73
C GLY J 122 -118.50 -15.79 86.53
N ILE J 123 -118.20 -16.64 87.52
CA ILE J 123 -118.46 -18.07 87.45
C ILE J 123 -119.31 -18.44 88.64
N ASP J 124 -120.40 -19.17 88.39
CA ASP J 124 -121.32 -19.62 89.42
C ASP J 124 -121.33 -21.12 89.65
N GLU J 125 -120.99 -21.90 88.63
CA GLU J 125 -120.93 -23.36 88.75
C GLU J 125 -119.64 -23.78 89.47
N GLY J 126 -119.80 -24.61 90.50
CA GLY J 126 -118.68 -25.12 91.27
C GLY J 126 -118.06 -24.10 92.21
N THR J 127 -116.75 -23.87 92.06
CA THR J 127 -115.89 -22.85 92.67
C THR J 127 -115.92 -22.81 94.21
N VAL J 128 -116.54 -23.78 94.87
CA VAL J 128 -116.61 -23.82 96.32
C VAL J 128 -115.60 -24.78 96.91
N LEU J 129 -115.48 -25.98 96.33
CA LEU J 129 -114.65 -27.05 96.88
C LEU J 129 -113.15 -26.79 96.77
N GLU J 130 -112.74 -25.74 96.04
CA GLU J 130 -111.34 -25.37 95.95
C GLU J 130 -110.90 -24.41 97.06
N LEU J 131 -111.82 -23.56 97.53
CA LEU J 131 -111.44 -22.44 98.39
C LEU J 131 -111.05 -22.86 99.80
N GLU J 132 -111.43 -24.05 100.25
CA GLU J 132 -110.97 -24.50 101.56
C GLU J 132 -109.53 -25.02 101.52
N ARG J 133 -109.05 -25.43 100.34
CA ARG J 133 -107.67 -25.88 100.20
C ARG J 133 -106.79 -24.91 99.42
N LEU J 134 -107.37 -24.00 98.63
CA LEU J 134 -106.58 -22.95 97.98
C LEU J 134 -105.99 -21.99 99.00
N LEU J 135 -106.72 -21.69 100.07
CA LEU J 135 -106.24 -20.82 101.13
C LEU J 135 -105.45 -21.57 102.20
N ASP J 136 -105.16 -22.86 101.99
CA ASP J 136 -104.48 -23.66 103.00
C ASP J 136 -103.00 -23.32 103.08
N ASP J 137 -102.38 -22.98 101.94
CA ASP J 137 -100.96 -22.66 101.94
C ASP J 137 -100.68 -21.29 102.57
N VAL J 138 -101.60 -20.34 102.40
CA VAL J 138 -101.46 -19.05 103.05
C VAL J 138 -101.69 -19.18 104.56
N ARG J 139 -102.56 -20.10 104.95
CA ARG J 139 -102.86 -20.34 106.35
C ARG J 139 -101.68 -20.97 107.06
N PRO J 140 -101.29 -20.48 108.25
CA PRO J 140 -100.29 -21.19 109.06
C PRO J 140 -100.80 -22.53 109.57
N VAL J 141 -99.88 -23.30 110.15
CA VAL J 141 -100.20 -24.67 110.54
C VAL J 141 -101.13 -24.70 111.75
N SER J 142 -100.92 -23.81 112.72
CA SER J 142 -101.71 -23.86 113.94
C SER J 142 -102.16 -22.49 114.43
N ARG J 143 -101.94 -21.43 113.66
CA ARG J 143 -102.46 -20.13 114.04
C ARG J 143 -103.93 -19.97 113.67
N HIS J 144 -104.43 -20.78 112.75
CA HIS J 144 -105.82 -20.73 112.33
C HIS J 144 -106.41 -22.13 112.34
N LEU J 145 -107.73 -22.19 112.47
CA LEU J 145 -108.48 -23.44 112.56
C LEU J 145 -109.29 -23.61 111.28
N THR J 146 -109.88 -24.79 111.11
CA THR J 146 -110.55 -25.18 109.88
C THR J 146 -111.96 -24.58 109.71
N ARG J 147 -112.33 -23.58 110.49
CA ARG J 147 -113.60 -22.90 110.28
C ARG J 147 -113.49 -21.95 109.09
N LEU J 148 -114.50 -21.95 108.24
CA LEU J 148 -114.46 -21.16 107.02
C LEU J 148 -115.86 -20.71 106.65
N ASP J 149 -115.92 -19.56 105.98
CA ASP J 149 -117.16 -19.00 105.47
C ASP J 149 -116.97 -18.70 103.99
N LEU J 150 -118.08 -18.71 103.25
CA LEU J 150 -118.04 -18.53 101.80
C LEU J 150 -119.19 -17.63 101.38
N ARG J 151 -119.19 -17.26 100.11
CA ARG J 151 -120.27 -16.49 99.50
C ARG J 151 -120.21 -16.67 98.00
N ILE J 152 -121.38 -16.80 97.38
CA ILE J 152 -121.46 -16.98 95.94
C ILE J 152 -122.01 -15.71 95.29
N SER K 2 -67.01 11.51 33.23
CA SER K 2 -66.34 10.28 33.66
C SER K 2 -67.08 9.06 33.17
N PHE K 3 -66.39 8.20 32.41
CA PHE K 3 -67.00 6.97 31.92
C PHE K 3 -67.25 6.00 33.07
N PHE K 4 -66.18 5.56 33.73
CA PHE K 4 -66.30 4.77 34.94
C PHE K 4 -65.22 5.19 35.91
N HIS K 5 -65.61 5.31 37.18
CA HIS K 5 -64.72 5.75 38.25
C HIS K 5 -64.53 4.59 39.21
N GLY K 6 -63.39 3.93 39.13
CA GLY K 6 -63.10 2.77 39.96
C GLY K 6 -61.95 1.98 39.35
N VAL K 7 -61.96 0.67 39.59
CA VAL K 7 -60.96 -0.24 39.05
C VAL K 7 -61.65 -1.15 38.06
N THR K 8 -61.14 -1.20 36.83
CA THR K 8 -61.67 -2.07 35.78
C THR K 8 -60.69 -3.19 35.53
N VAL K 9 -61.18 -4.42 35.61
CA VAL K 9 -60.39 -5.61 35.30
C VAL K 9 -61.08 -6.31 34.14
N THR K 10 -60.50 -6.19 32.95
CA THR K 10 -61.10 -6.75 31.73
C THR K 10 -60.44 -8.08 31.40
N ASN K 11 -61.13 -8.86 30.59
CA ASN K 11 -60.60 -10.10 30.03
C ASN K 11 -60.65 -9.98 28.51
N VAL K 12 -59.48 -9.92 27.88
CA VAL K 12 -59.47 -9.67 26.44
C VAL K 12 -59.80 -10.93 25.64
N ASP K 13 -59.39 -12.11 26.13
CA ASP K 13 -59.76 -13.43 25.61
C ASP K 13 -59.36 -13.59 24.14
N ILE K 14 -58.05 -13.56 23.90
CA ILE K 14 -57.53 -13.67 22.53
C ILE K 14 -56.58 -14.85 22.43
N GLY K 15 -56.85 -15.92 23.17
CA GLY K 15 -56.05 -17.11 23.09
C GLY K 15 -56.52 -18.05 21.99
N ALA K 16 -55.56 -18.78 21.41
CA ALA K 16 -55.87 -19.77 20.39
C ALA K 16 -56.41 -21.03 21.06
N ARG K 17 -57.59 -21.48 20.63
CA ARG K 17 -58.23 -22.63 21.24
C ARG K 17 -57.61 -23.92 20.73
N THR K 18 -58.07 -25.04 21.29
CA THR K 18 -57.59 -26.36 20.91
C THR K 18 -58.67 -27.11 20.16
N ILE K 19 -58.23 -28.07 19.34
CA ILE K 19 -59.12 -28.84 18.47
C ILE K 19 -58.95 -30.30 18.81
N ALA K 20 -60.05 -30.97 19.14
CA ALA K 20 -60.05 -32.40 19.43
C ALA K 20 -60.73 -33.15 18.29
N LEU K 21 -60.36 -34.42 18.15
CA LEU K 21 -60.91 -35.32 17.13
C LEU K 21 -62.09 -36.10 17.70
N PRO K 22 -63.15 -36.37 16.90
CA PRO K 22 -64.36 -37.03 17.39
C PRO K 22 -64.30 -38.55 17.45
N ALA K 23 -63.17 -39.08 17.92
CA ALA K 23 -62.92 -40.44 18.40
C ALA K 23 -62.93 -41.51 17.31
N SER K 24 -63.36 -41.18 16.09
CA SER K 24 -63.05 -41.88 14.85
C SER K 24 -63.47 -43.34 14.74
N SER K 25 -64.17 -43.90 15.74
CA SER K 25 -64.37 -45.35 15.74
C SER K 25 -65.77 -45.77 16.13
N VAL K 26 -66.74 -44.88 16.08
CA VAL K 26 -68.11 -45.23 16.43
C VAL K 26 -68.72 -46.00 15.28
N ILE K 27 -69.30 -47.16 15.56
CA ILE K 27 -69.76 -48.09 14.55
C ILE K 27 -71.29 -48.06 14.52
N GLY K 28 -71.86 -47.76 13.36
CA GLY K 28 -73.29 -47.80 13.20
C GLY K 28 -73.76 -49.15 12.72
N LEU K 29 -74.53 -49.85 13.54
CA LEU K 29 -74.97 -51.20 13.25
C LEU K 29 -76.49 -51.24 13.08
N CYS K 30 -76.95 -52.09 12.17
CA CYS K 30 -78.38 -52.27 11.96
C CYS K 30 -78.58 -53.68 11.40
N ASP K 31 -79.14 -54.57 12.22
CA ASP K 31 -79.39 -55.94 11.82
C ASP K 31 -80.64 -56.44 12.54
N VAL K 32 -81.08 -57.64 12.17
CA VAL K 32 -82.31 -58.21 12.70
C VAL K 32 -82.11 -58.65 14.15
N PHE K 33 -83.14 -58.46 14.96
CA PHE K 33 -83.18 -59.05 16.29
C PHE K 33 -84.63 -59.34 16.64
N THR K 34 -84.83 -60.33 17.49
CA THR K 34 -86.17 -60.76 17.87
C THR K 34 -86.56 -60.10 19.18
N PRO K 35 -87.54 -59.21 19.20
CA PRO K 35 -87.92 -58.55 20.45
C PRO K 35 -88.75 -59.47 21.34
N GLY K 36 -88.58 -59.30 22.64
CA GLY K 36 -89.30 -60.10 23.60
C GLY K 36 -89.01 -59.75 25.04
N ALA K 37 -88.93 -60.77 25.89
CA ALA K 37 -88.64 -60.53 27.31
C ALA K 37 -87.15 -60.38 27.57
N GLN K 38 -86.30 -61.10 26.83
CA GLN K 38 -84.87 -61.00 27.03
C GLN K 38 -84.24 -59.85 26.25
N ALA K 39 -84.94 -59.28 25.28
CA ALA K 39 -84.44 -58.17 24.49
C ALA K 39 -84.96 -56.87 25.09
N SER K 40 -84.05 -56.07 25.62
CA SER K 40 -84.40 -54.83 26.31
C SER K 40 -84.40 -53.62 25.38
N ALA K 41 -84.65 -53.82 24.10
CA ALA K 41 -84.61 -52.74 23.12
C ALA K 41 -85.86 -52.77 22.26
N LYS K 42 -86.42 -51.59 22.03
CA LYS K 42 -87.55 -51.45 21.11
C LYS K 42 -87.07 -51.65 19.67
N PRO K 43 -87.91 -52.21 18.80
CA PRO K 43 -87.42 -52.67 17.49
C PRO K 43 -87.11 -51.57 16.47
N ASN K 44 -87.07 -50.29 16.84
CA ASN K 44 -86.63 -49.28 15.90
C ASN K 44 -85.75 -48.19 16.49
N VAL K 45 -85.57 -48.12 17.82
CA VAL K 45 -84.81 -47.04 18.42
C VAL K 45 -83.34 -47.42 18.46
N PRO K 46 -82.41 -46.45 18.42
CA PRO K 46 -81.00 -46.78 18.58
C PRO K 46 -80.67 -47.09 20.02
N VAL K 47 -79.69 -47.98 20.21
CA VAL K 47 -79.21 -48.37 21.52
C VAL K 47 -77.69 -48.23 21.51
N LEU K 48 -77.15 -47.45 22.44
CA LEU K 48 -75.72 -47.31 22.56
C LEU K 48 -75.13 -48.54 23.24
N LEU K 49 -74.08 -49.11 22.62
CA LEU K 49 -73.43 -50.30 23.13
C LEU K 49 -71.95 -50.03 23.30
N THR K 50 -71.40 -50.46 24.44
CA THR K 50 -69.99 -50.28 24.70
C THR K 50 -69.31 -51.55 25.24
N SER K 51 -70.06 -52.64 25.38
CA SER K 51 -69.47 -53.89 25.83
C SER K 51 -70.28 -55.05 25.26
N LYS K 52 -69.69 -56.24 25.32
CA LYS K 52 -70.37 -57.43 24.81
C LYS K 52 -71.51 -57.85 25.74
N LYS K 53 -71.35 -57.60 27.05
CA LYS K 53 -72.43 -57.87 28.00
C LYS K 53 -73.62 -56.93 27.77
N ASP K 54 -73.36 -55.69 27.38
CA ASP K 54 -74.43 -54.76 27.09
C ASP K 54 -75.17 -55.11 25.80
N ALA K 55 -74.47 -55.75 24.86
CA ALA K 55 -75.11 -56.13 23.60
C ALA K 55 -76.04 -57.32 23.78
N ALA K 56 -75.70 -58.24 24.68
CA ALA K 56 -76.58 -59.37 24.97
C ALA K 56 -77.69 -58.99 25.94
N ALA K 57 -77.49 -57.97 26.76
CA ALA K 57 -78.54 -57.52 27.67
C ALA K 57 -79.54 -56.60 26.99
N ALA K 58 -79.24 -56.11 25.79
CA ALA K 58 -80.14 -55.23 25.05
C ALA K 58 -80.85 -55.89 23.90
N PHE K 59 -80.21 -56.86 23.23
CA PHE K 59 -80.81 -57.53 22.09
C PHE K 59 -80.94 -59.03 22.25
N GLY K 60 -80.39 -59.62 23.31
CA GLY K 60 -80.56 -61.04 23.55
C GLY K 60 -79.55 -61.88 22.81
N ILE K 61 -79.14 -62.98 23.43
CA ILE K 61 -78.23 -63.92 22.78
C ILE K 61 -78.97 -64.68 21.70
N GLY K 62 -78.33 -64.86 20.55
CA GLY K 62 -78.92 -65.57 19.44
C GLY K 62 -79.52 -64.68 18.36
N SER K 63 -79.62 -63.38 18.62
CA SER K 63 -80.09 -62.45 17.61
C SER K 63 -79.04 -62.29 16.51
N SER K 64 -79.49 -61.83 15.35
CA SER K 64 -78.57 -61.57 14.25
C SER K 64 -77.75 -60.31 14.48
N ILE K 65 -78.17 -59.44 15.38
CA ILE K 65 -77.38 -58.25 15.69
C ILE K 65 -76.45 -58.48 16.87
N TYR K 66 -76.73 -59.48 17.72
CA TYR K 66 -75.76 -59.84 18.75
C TYR K 66 -74.59 -60.59 18.15
N LEU K 67 -74.84 -61.38 17.10
CA LEU K 67 -73.77 -62.04 16.38
C LEU K 67 -72.90 -61.05 15.61
N ALA K 68 -73.44 -59.87 15.28
CA ALA K 68 -72.63 -58.81 14.70
C ALA K 68 -71.85 -58.06 15.76
N CYS K 69 -72.43 -57.88 16.95
CA CYS K 69 -71.71 -57.27 18.05
C CYS K 69 -70.64 -58.20 18.61
N GLU K 70 -70.85 -59.51 18.51
CA GLU K 70 -69.83 -60.47 18.92
C GLU K 70 -68.61 -60.41 18.01
N ALA K 71 -68.83 -60.17 16.71
CA ALA K 71 -67.72 -60.09 15.77
C ALA K 71 -66.89 -58.84 15.98
N ILE K 72 -67.49 -57.78 16.50
CA ILE K 72 -66.76 -56.54 16.72
C ILE K 72 -66.02 -56.58 18.05
N TYR K 73 -66.67 -57.04 19.11
CA TYR K 73 -66.06 -57.02 20.42
C TYR K 73 -65.04 -58.12 20.65
N ASN K 74 -65.02 -59.15 19.80
CA ASN K 74 -63.98 -60.16 19.91
C ASN K 74 -62.64 -59.65 19.38
N ARG K 75 -62.68 -58.71 18.44
CA ARG K 75 -61.47 -58.15 17.83
C ARG K 75 -61.10 -56.79 18.41
N ALA K 76 -62.06 -55.90 18.53
CA ALA K 76 -61.80 -54.53 18.96
C ALA K 76 -62.55 -54.23 20.26
N GLN K 77 -62.51 -52.97 20.66
CA GLN K 77 -63.22 -52.49 21.84
C GLN K 77 -63.62 -51.05 21.54
N ALA K 78 -64.86 -50.88 21.08
CA ALA K 78 -65.31 -49.58 20.61
C ALA K 78 -66.78 -49.38 20.97
N VAL K 79 -67.35 -48.30 20.46
CA VAL K 79 -68.72 -47.90 20.76
C VAL K 79 -69.58 -48.21 19.55
N ILE K 80 -70.64 -48.97 19.76
CA ILE K 80 -71.55 -49.38 18.69
C ILE K 80 -72.88 -48.68 18.89
N VAL K 81 -73.34 -47.99 17.85
CA VAL K 81 -74.70 -47.46 17.81
C VAL K 81 -75.52 -48.47 17.03
N ALA K 82 -76.17 -49.37 17.76
CA ALA K 82 -76.97 -50.42 17.14
C ALA K 82 -78.43 -49.97 17.07
N VAL K 83 -79.09 -50.29 15.97
CA VAL K 83 -80.49 -49.94 15.80
C VAL K 83 -81.36 -51.14 16.11
N GLY K 84 -81.18 -52.21 15.34
CA GLY K 84 -81.98 -53.41 15.55
C GLY K 84 -83.35 -53.30 14.91
N VAL K 85 -83.66 -54.23 14.01
CA VAL K 85 -84.96 -54.27 13.35
C VAL K 85 -85.58 -55.63 13.62
N GLU K 86 -86.88 -55.73 13.34
CA GLU K 86 -87.62 -56.96 13.59
C GLU K 86 -87.70 -57.81 12.32
N THR K 87 -87.93 -59.10 12.52
CA THR K 87 -87.89 -60.07 11.43
C THR K 87 -89.18 -59.98 10.62
N ALA K 88 -89.05 -59.80 9.31
CA ALA K 88 -90.19 -59.79 8.42
C ALA K 88 -90.42 -61.19 7.84
N GLU K 89 -91.51 -61.36 7.10
CA GLU K 89 -91.85 -62.67 6.56
C GLU K 89 -91.03 -62.98 5.31
N THR K 90 -91.17 -62.16 4.27
CA THR K 90 -90.36 -62.34 3.09
C THR K 90 -88.97 -61.74 3.32
N PRO K 91 -87.94 -62.28 2.67
CA PRO K 91 -86.62 -61.62 2.72
C PRO K 91 -86.56 -60.31 1.97
N GLU K 92 -87.51 -60.07 1.05
CA GLU K 92 -87.60 -58.76 0.41
C GLU K 92 -88.07 -57.70 1.40
N ALA K 93 -89.06 -58.04 2.24
CA ALA K 93 -89.55 -57.09 3.23
C ALA K 93 -88.57 -56.89 4.37
N GLN K 94 -87.60 -57.80 4.54
CA GLN K 94 -86.53 -57.56 5.48
C GLN K 94 -85.63 -56.44 5.01
N ALA K 95 -85.41 -56.34 3.69
CA ALA K 95 -84.62 -55.24 3.15
C ALA K 95 -85.35 -53.90 3.24
N SER K 96 -86.68 -53.93 3.28
CA SER K 96 -87.44 -52.71 3.49
C SER K 96 -87.33 -52.21 4.93
N ALA K 97 -87.05 -53.10 5.87
CA ALA K 97 -86.95 -52.72 7.28
C ALA K 97 -85.56 -52.24 7.65
N VAL K 98 -84.51 -52.75 6.98
CA VAL K 98 -83.17 -52.26 7.26
C VAL K 98 -82.98 -50.86 6.70
N ILE K 99 -83.48 -50.62 5.48
CA ILE K 99 -83.51 -49.27 4.92
C ILE K 99 -84.41 -48.38 5.76
N GLY K 100 -85.59 -48.88 6.12
CA GLY K 100 -86.48 -48.13 6.99
C GLY K 100 -87.13 -46.96 6.30
N GLY K 101 -86.67 -45.76 6.65
CA GLY K 101 -87.31 -44.57 6.16
C GLY K 101 -87.78 -43.72 7.31
N ILE K 102 -89.10 -43.61 7.45
CA ILE K 102 -89.70 -42.83 8.55
C ILE K 102 -90.98 -43.53 8.98
N SER K 103 -91.42 -43.23 10.20
CA SER K 103 -92.60 -43.84 10.77
C SER K 103 -93.76 -42.85 10.78
N ALA K 104 -94.94 -43.37 11.11
CA ALA K 104 -96.15 -42.55 11.16
C ALA K 104 -96.16 -41.58 12.33
N ALA K 105 -95.31 -41.81 13.33
CA ALA K 105 -95.15 -40.87 14.43
C ALA K 105 -94.09 -39.82 14.15
N GLY K 106 -93.52 -39.81 12.94
CA GLY K 106 -92.51 -38.82 12.62
C GLY K 106 -91.13 -39.16 13.12
N GLU K 107 -90.79 -40.44 13.20
CA GLU K 107 -89.50 -40.89 13.71
C GLU K 107 -88.87 -41.82 12.68
N ARG K 108 -87.54 -41.84 12.66
CA ARG K 108 -86.81 -42.67 11.73
C ARG K 108 -86.81 -44.12 12.19
N THR K 109 -86.76 -45.04 11.23
CA THR K 109 -87.07 -46.44 11.48
C THR K 109 -85.87 -47.37 11.34
N GLY K 110 -85.25 -47.44 10.17
CA GLY K 110 -84.25 -48.46 9.93
C GLY K 110 -82.83 -47.98 10.07
N LEU K 111 -82.11 -47.91 8.94
CA LEU K 111 -80.78 -47.31 8.94
C LEU K 111 -80.81 -45.82 9.21
N GLN K 112 -81.96 -45.17 8.94
CA GLN K 112 -82.10 -43.73 9.16
C GLN K 112 -82.00 -43.34 10.62
N ALA K 113 -82.23 -44.27 11.55
CA ALA K 113 -82.07 -44.00 12.97
C ALA K 113 -80.62 -43.78 13.39
N LEU K 114 -79.66 -44.13 12.53
CA LEU K 114 -78.26 -43.82 12.81
C LEU K 114 -77.96 -42.33 12.69
N LEU K 115 -78.84 -41.57 12.03
CA LEU K 115 -78.70 -40.12 12.03
C LEU K 115 -79.04 -39.51 13.39
N ASP K 116 -79.77 -40.25 14.24
CA ASP K 116 -80.05 -39.84 15.61
C ASP K 116 -78.94 -40.24 16.57
N GLY K 117 -77.82 -40.77 16.07
CA GLY K 117 -76.75 -41.22 16.95
C GLY K 117 -75.94 -40.09 17.56
N LYS K 118 -75.96 -38.91 16.95
CA LYS K 118 -75.22 -37.79 17.51
C LYS K 118 -76.07 -36.92 18.42
N SER K 119 -77.36 -36.77 18.11
CA SER K 119 -78.24 -35.95 18.92
C SER K 119 -78.74 -36.66 20.16
N ARG K 120 -78.50 -37.97 20.29
CA ARG K 120 -78.95 -38.72 21.45
C ARG K 120 -77.82 -39.27 22.30
N PHE K 121 -76.66 -39.56 21.71
CA PHE K 121 -75.57 -40.16 22.45
C PHE K 121 -74.25 -39.40 22.33
N ASN K 122 -74.23 -38.30 21.56
CA ASN K 122 -73.01 -37.53 21.26
C ASN K 122 -71.91 -38.39 20.67
N ALA K 123 -72.29 -39.28 19.76
CA ALA K 123 -71.33 -40.18 19.12
C ALA K 123 -71.84 -40.44 17.70
N GLN K 124 -71.30 -39.70 16.74
CA GLN K 124 -71.68 -39.90 15.36
C GLN K 124 -71.02 -41.17 14.82
N PRO K 125 -71.78 -42.09 14.23
CA PRO K 125 -71.18 -43.35 13.75
C PRO K 125 -70.32 -43.13 12.52
N ARG K 126 -69.09 -43.63 12.58
CA ARG K 126 -68.14 -43.52 11.48
C ARG K 126 -68.04 -44.77 10.63
N LEU K 127 -68.56 -45.91 11.10
CA LEU K 127 -68.56 -47.15 10.35
C LEU K 127 -70.00 -47.64 10.24
N LEU K 128 -70.54 -47.61 9.02
CA LEU K 128 -71.92 -48.03 8.79
C LEU K 128 -71.90 -49.49 8.35
N VAL K 129 -72.43 -50.36 9.20
CA VAL K 129 -72.39 -51.80 8.97
C VAL K 129 -73.80 -52.36 9.06
N ALA K 130 -74.27 -52.97 7.97
CA ALA K 130 -75.49 -53.76 7.96
C ALA K 130 -75.09 -55.15 7.46
N PRO K 131 -74.73 -56.07 8.35
CA PRO K 131 -74.18 -57.35 7.91
C PRO K 131 -75.26 -58.27 7.36
N GLY K 132 -75.00 -58.87 6.22
CA GLY K 132 -75.91 -59.78 5.57
C GLY K 132 -76.86 -59.11 4.59
N HIS K 133 -77.32 -57.91 4.93
CA HIS K 133 -78.26 -57.20 4.09
C HIS K 133 -77.58 -56.31 3.06
N SER K 134 -76.30 -56.03 3.20
CA SER K 134 -75.61 -55.18 2.25
C SER K 134 -75.36 -55.86 0.91
N ALA K 135 -75.53 -57.18 0.84
CA ALA K 135 -75.42 -57.87 -0.45
C ALA K 135 -76.59 -57.53 -1.36
N GLN K 136 -77.74 -57.16 -0.79
CA GLN K 136 -78.84 -56.64 -1.57
C GLN K 136 -78.55 -55.20 -1.98
N GLN K 137 -78.80 -54.89 -3.25
CA GLN K 137 -78.43 -53.59 -3.79
C GLN K 137 -79.32 -52.47 -3.27
N ALA K 138 -80.52 -52.79 -2.78
CA ALA K 138 -81.39 -51.76 -2.22
C ALA K 138 -80.84 -51.23 -0.90
N VAL K 139 -80.33 -52.13 -0.06
CA VAL K 139 -79.81 -51.71 1.24
C VAL K 139 -78.46 -51.03 1.08
N ALA K 140 -77.64 -51.53 0.14
CA ALA K 140 -76.30 -50.98 -0.02
C ALA K 140 -76.31 -49.61 -0.66
N THR K 141 -77.32 -49.30 -1.47
CA THR K 141 -77.42 -47.99 -2.06
C THR K 141 -78.16 -47.00 -1.16
N ALA K 142 -78.86 -47.48 -0.14
CA ALA K 142 -79.42 -46.62 0.88
C ALA K 142 -78.46 -46.39 2.03
N MET K 143 -77.49 -47.28 2.22
CA MET K 143 -76.38 -47.06 3.14
C MET K 143 -75.30 -46.21 2.50
N ASP K 144 -75.27 -46.14 1.17
CA ASP K 144 -74.31 -45.28 0.48
C ASP K 144 -74.70 -43.81 0.60
N GLY K 145 -75.98 -43.50 0.42
CA GLY K 145 -76.44 -42.14 0.64
C GLY K 145 -76.47 -41.74 2.09
N LEU K 146 -76.50 -42.71 2.99
CA LEU K 146 -76.45 -42.43 4.42
C LEU K 146 -75.03 -42.18 4.90
N ALA K 147 -74.04 -42.78 4.24
CA ALA K 147 -72.66 -42.59 4.64
C ALA K 147 -72.14 -41.20 4.31
N GLU K 148 -72.78 -40.49 3.38
CA GLU K 148 -72.43 -39.11 3.10
C GLU K 148 -73.11 -38.12 4.04
N LYS K 149 -74.24 -38.51 4.63
CA LYS K 149 -74.88 -37.68 5.64
C LYS K 149 -74.12 -37.70 6.96
N LEU K 150 -73.35 -38.75 7.22
CA LEU K 150 -72.61 -38.89 8.46
C LEU K 150 -71.10 -38.75 8.28
N ARG K 151 -70.63 -38.57 7.03
CA ARG K 151 -69.22 -38.64 6.65
C ARG K 151 -68.58 -39.93 7.15
N ALA K 152 -69.29 -41.04 6.96
CA ALA K 152 -68.87 -42.35 7.44
C ALA K 152 -68.44 -43.23 6.28
N ILE K 153 -67.83 -44.35 6.62
CA ILE K 153 -67.33 -45.32 5.65
C ILE K 153 -68.19 -46.56 5.78
N ALA K 154 -69.18 -46.69 4.90
CA ALA K 154 -70.11 -47.80 4.97
C ALA K 154 -69.45 -49.06 4.43
N ILE K 155 -69.32 -50.08 5.28
CA ILE K 155 -68.61 -51.30 4.95
C ILE K 155 -69.62 -52.29 4.37
N LEU K 156 -69.68 -52.37 3.05
CA LEU K 156 -70.54 -53.33 2.38
C LEU K 156 -69.93 -54.72 2.44
N ASP K 157 -70.73 -55.71 2.03
CA ASP K 157 -70.22 -57.04 1.78
C ASP K 157 -70.99 -57.61 0.60
N GLY K 158 -70.25 -58.07 -0.41
CA GLY K 158 -70.85 -58.60 -1.61
C GLY K 158 -71.47 -59.96 -1.39
N PRO K 159 -72.14 -60.48 -2.41
CA PRO K 159 -72.76 -61.80 -2.29
C PRO K 159 -71.70 -62.89 -2.26
N ASN K 160 -72.09 -64.04 -1.71
CA ASN K 160 -71.19 -65.18 -1.57
C ASN K 160 -71.17 -66.06 -2.82
N SER K 161 -71.54 -65.50 -3.97
CA SER K 161 -71.40 -66.17 -5.25
C SER K 161 -69.97 -66.06 -5.76
N THR K 162 -69.74 -66.43 -7.02
CA THR K 162 -68.40 -66.46 -7.58
C THR K 162 -67.89 -65.05 -7.81
N ASP K 163 -66.61 -64.97 -8.22
CA ASP K 163 -65.95 -63.67 -8.39
C ASP K 163 -66.48 -62.89 -9.57
N GLU K 164 -67.14 -63.54 -10.53
CA GLU K 164 -67.79 -62.82 -11.61
C GLU K 164 -69.01 -62.06 -11.08
N ALA K 165 -69.71 -62.65 -10.13
CA ALA K 165 -70.88 -62.00 -9.53
C ALA K 165 -70.50 -61.01 -8.45
N ALA K 166 -69.27 -61.03 -7.95
CA ALA K 166 -68.81 -60.06 -6.98
C ALA K 166 -68.25 -58.80 -7.65
N VAL K 167 -67.60 -58.97 -8.80
CA VAL K 167 -67.14 -57.83 -9.57
C VAL K 167 -68.33 -57.09 -10.19
N ALA K 168 -69.29 -57.84 -10.74
CA ALA K 168 -70.48 -57.23 -11.32
C ALA K 168 -71.38 -56.60 -10.27
N TYR K 169 -71.25 -57.00 -9.00
CA TYR K 169 -71.95 -56.31 -7.92
C TYR K 169 -71.25 -55.02 -7.54
N ALA K 170 -69.92 -54.99 -7.59
CA ALA K 170 -69.16 -53.80 -7.23
C ALA K 170 -69.15 -52.74 -8.32
N LYS K 171 -69.67 -53.06 -9.50
CA LYS K 171 -69.75 -52.10 -10.60
C LYS K 171 -70.98 -51.21 -10.54
N ASN K 172 -71.68 -51.20 -9.40
CA ASN K 172 -72.89 -50.41 -9.26
C ASN K 172 -72.72 -49.18 -8.38
N PHE K 173 -71.63 -49.08 -7.64
CA PHE K 173 -71.56 -48.12 -6.55
C PHE K 173 -70.73 -46.88 -6.87
N GLY K 174 -69.44 -47.04 -7.13
CA GLY K 174 -68.58 -45.94 -7.52
C GLY K 174 -68.39 -44.75 -6.59
N SER K 175 -68.87 -44.84 -5.35
CA SER K 175 -68.80 -43.73 -4.41
C SER K 175 -67.73 -43.98 -3.35
N LYS K 176 -66.98 -42.93 -3.01
CA LYS K 176 -65.75 -43.03 -2.26
C LYS K 176 -65.92 -43.45 -0.81
N ARG K 177 -67.15 -43.54 -0.30
CA ARG K 177 -67.38 -43.92 1.09
C ARG K 177 -67.95 -45.32 1.21
N LEU K 178 -67.55 -46.23 0.32
CA LEU K 178 -68.02 -47.60 0.34
C LEU K 178 -66.83 -48.55 0.30
N PHE K 179 -66.82 -49.52 1.21
CA PHE K 179 -65.72 -50.46 1.36
C PHE K 179 -66.30 -51.86 1.30
N MET K 180 -65.99 -52.59 0.23
CA MET K 180 -66.63 -53.87 -0.03
C MET K 180 -65.71 -55.01 0.35
N VAL K 181 -66.17 -55.89 1.24
CA VAL K 181 -65.43 -57.06 1.70
C VAL K 181 -66.21 -58.28 1.24
N ASP K 182 -65.76 -58.91 0.15
CA ASP K 182 -66.58 -59.93 -0.51
C ASP K 182 -66.61 -61.33 0.12
N PRO K 183 -65.49 -62.03 0.36
CA PRO K 183 -65.59 -63.46 0.70
C PRO K 183 -66.11 -63.66 2.13
N GLY K 184 -67.09 -64.54 2.27
CA GLY K 184 -67.78 -64.68 3.52
C GLY K 184 -66.94 -65.42 4.55
N VAL K 185 -66.94 -64.89 5.76
CA VAL K 185 -66.23 -65.50 6.89
C VAL K 185 -67.01 -66.74 7.33
N GLN K 186 -66.29 -67.86 7.50
CA GLN K 186 -66.87 -69.09 8.02
C GLN K 186 -66.39 -69.23 9.46
N VAL K 187 -67.26 -68.93 10.42
CA VAL K 187 -66.89 -68.87 11.82
C VAL K 187 -67.52 -70.06 12.55
N TRP K 188 -66.91 -70.41 13.69
CA TRP K 188 -67.37 -71.53 14.49
C TRP K 188 -68.51 -71.09 15.40
N ASP K 189 -69.61 -71.83 15.37
CA ASP K 189 -70.78 -71.51 16.17
C ASP K 189 -70.70 -72.29 17.48
N SER K 190 -70.82 -71.57 18.61
CA SER K 190 -70.75 -72.21 19.91
C SER K 190 -72.02 -72.99 20.25
N ALA K 191 -73.14 -72.65 19.64
CA ALA K 191 -74.39 -73.35 19.94
C ALA K 191 -74.46 -74.70 19.25
N THR K 192 -74.36 -74.71 17.92
CA THR K 192 -74.50 -75.94 17.15
C THR K 192 -73.22 -76.77 17.10
N ASN K 193 -72.10 -76.22 17.61
CA ASN K 193 -70.77 -76.85 17.58
C ASN K 193 -70.35 -77.22 16.15
N ALA K 194 -70.59 -76.31 15.22
CA ALA K 194 -70.19 -76.48 13.84
C ALA K 194 -69.87 -75.12 13.25
N ALA K 195 -69.39 -75.10 12.01
CA ALA K 195 -68.97 -73.87 11.36
C ALA K 195 -70.15 -73.25 10.63
N ARG K 196 -70.46 -71.99 10.96
CA ARG K 196 -71.51 -71.24 10.29
C ARG K 196 -70.88 -70.14 9.45
N ASN K 197 -71.65 -69.63 8.49
CA ASN K 197 -71.19 -68.60 7.57
C ASN K 197 -71.65 -67.24 8.07
N ALA K 198 -70.70 -66.34 8.23
CA ALA K 198 -70.82 -64.95 8.64
C ALA K 198 -70.65 -64.04 7.43
N PRO K 199 -71.31 -62.86 7.42
CA PRO K 199 -71.25 -62.00 6.22
C PRO K 199 -69.94 -61.28 5.99
N ALA K 200 -68.99 -61.37 6.94
CA ALA K 200 -67.65 -60.78 6.86
C ALA K 200 -67.69 -59.26 6.71
N SER K 201 -68.72 -58.62 7.26
CA SER K 201 -68.80 -57.16 7.29
C SER K 201 -68.65 -56.59 8.68
N ALA K 202 -69.14 -57.30 9.71
CA ALA K 202 -68.88 -56.88 11.08
C ALA K 202 -67.45 -57.17 11.51
N TYR K 203 -66.82 -58.18 10.90
CA TYR K 203 -65.43 -58.46 11.20
C TYR K 203 -64.51 -57.40 10.63
N ALA K 204 -64.88 -56.78 9.51
CA ALA K 204 -64.13 -55.64 9.00
C ALA K 204 -64.32 -54.42 9.89
N ALA K 205 -65.48 -54.27 10.51
CA ALA K 205 -65.71 -53.19 11.45
C ALA K 205 -64.90 -53.38 12.72
N GLY K 206 -64.59 -54.63 13.08
CA GLY K 206 -63.69 -54.87 14.18
C GLY K 206 -62.24 -54.55 13.89
N LEU K 207 -61.91 -54.31 12.62
CA LEU K 207 -60.56 -53.92 12.25
C LEU K 207 -60.42 -52.42 12.08
N PHE K 208 -61.46 -51.75 11.59
CA PHE K 208 -61.44 -50.29 11.53
C PHE K 208 -61.52 -49.66 12.91
N ALA K 209 -62.07 -50.38 13.90
CA ALA K 209 -62.14 -49.87 15.25
C ALA K 209 -60.96 -50.28 16.10
N TRP K 210 -60.22 -51.31 15.70
CA TRP K 210 -59.03 -51.74 16.42
C TRP K 210 -57.79 -51.00 15.96
N THR K 211 -57.68 -50.74 14.66
CA THR K 211 -56.50 -50.05 14.13
C THR K 211 -56.52 -48.57 14.43
N ASP K 212 -57.67 -47.99 14.74
CA ASP K 212 -57.68 -46.61 15.17
C ASP K 212 -57.27 -46.46 16.63
N ALA K 213 -57.50 -47.49 17.44
CA ALA K 213 -57.10 -47.46 18.84
C ALA K 213 -55.72 -48.07 19.08
N GLU K 214 -55.09 -48.60 18.05
CA GLU K 214 -53.76 -49.21 18.19
C GLU K 214 -52.74 -48.64 17.23
N TYR K 215 -53.17 -48.21 16.03
CA TYR K 215 -52.25 -47.69 15.02
C TYR K 215 -52.64 -46.31 14.51
N GLY K 216 -53.84 -45.84 14.80
CA GLY K 216 -54.32 -44.55 14.32
C GLY K 216 -55.29 -44.71 13.15
N PHE K 217 -56.09 -43.66 12.95
CA PHE K 217 -57.06 -43.69 11.86
C PHE K 217 -56.41 -43.53 10.49
N TRP K 218 -55.17 -43.04 10.46
CA TRP K 218 -54.41 -42.91 9.21
C TRP K 218 -53.78 -44.22 8.77
N SER K 219 -53.90 -45.28 9.56
CA SER K 219 -53.33 -46.58 9.22
C SER K 219 -54.45 -47.46 8.71
N SER K 220 -54.25 -48.02 7.52
CA SER K 220 -55.27 -48.87 6.92
C SER K 220 -55.34 -50.20 7.64
N PRO K 221 -56.51 -50.84 7.71
CA PRO K 221 -56.61 -52.13 8.38
C PRO K 221 -56.32 -53.30 7.44
N SER K 222 -55.71 -53.01 6.30
CA SER K 222 -55.62 -53.93 5.18
C SER K 222 -54.51 -54.96 5.30
N ASN K 223 -53.92 -55.16 6.48
CA ASN K 223 -53.03 -56.30 6.68
C ASN K 223 -53.20 -56.89 8.07
N LYS K 224 -54.28 -56.59 8.76
CA LYS K 224 -54.42 -56.91 10.17
C LYS K 224 -55.23 -58.18 10.35
N GLU K 225 -54.98 -58.87 11.45
CA GLU K 225 -55.56 -60.19 11.68
C GLU K 225 -57.00 -60.07 12.15
N ILE K 226 -57.83 -61.02 11.71
CA ILE K 226 -59.16 -61.21 12.26
C ILE K 226 -59.10 -62.46 13.13
N LYS K 227 -59.22 -62.27 14.44
CA LYS K 227 -58.92 -63.35 15.38
C LYS K 227 -60.04 -64.39 15.46
N GLY K 228 -61.29 -63.99 15.22
CA GLY K 228 -62.40 -64.89 15.49
C GLY K 228 -62.65 -65.93 14.41
N VAL K 229 -62.18 -65.69 13.19
CA VAL K 229 -62.60 -66.51 12.06
C VAL K 229 -61.88 -67.86 12.07
N THR K 230 -62.49 -68.83 11.40
CA THR K 230 -61.89 -70.15 11.23
C THR K 230 -62.19 -70.73 9.85
N GLY K 231 -62.44 -69.87 8.86
CA GLY K 231 -62.76 -70.34 7.54
C GLY K 231 -63.12 -69.18 6.63
N THR K 232 -63.28 -69.51 5.35
CA THR K 232 -63.71 -68.53 4.36
C THR K 232 -64.41 -69.28 3.24
N SER K 233 -65.70 -69.00 3.06
CA SER K 233 -66.45 -69.59 1.97
C SER K 233 -65.96 -69.03 0.65
N ARG K 234 -65.77 -69.92 -0.35
CA ARG K 234 -65.15 -69.64 -1.64
C ARG K 234 -63.78 -69.00 -1.44
N PRO K 235 -62.77 -69.77 -1.02
CA PRO K 235 -61.50 -69.17 -0.60
C PRO K 235 -60.71 -68.62 -1.77
N VAL K 236 -60.09 -67.46 -1.54
CA VAL K 236 -59.40 -66.72 -2.60
C VAL K 236 -57.96 -67.21 -2.70
N GLU K 237 -57.33 -66.91 -3.83
CA GLU K 237 -55.96 -67.32 -4.11
C GLU K 237 -55.08 -66.08 -4.20
N PHE K 238 -54.02 -66.06 -3.37
CA PHE K 238 -52.94 -65.09 -3.50
C PHE K 238 -51.69 -65.84 -3.01
N LEU K 239 -50.85 -66.28 -3.95
CA LEU K 239 -49.81 -67.20 -3.52
C LEU K 239 -48.62 -66.47 -2.93
N ASP K 240 -47.78 -65.86 -3.77
CA ASP K 240 -46.62 -65.17 -3.24
C ASP K 240 -46.49 -63.73 -3.71
N GLY K 241 -46.35 -63.54 -5.01
CA GLY K 241 -46.06 -62.24 -5.58
C GLY K 241 -46.64 -62.05 -6.96
N ASP K 242 -47.48 -63.00 -7.39
CA ASP K 242 -48.03 -62.96 -8.74
C ASP K 242 -49.08 -61.87 -8.84
N GLU K 243 -48.94 -61.00 -9.85
CA GLU K 243 -49.89 -59.93 -10.09
C GLU K 243 -51.19 -60.43 -10.70
N THR K 244 -51.31 -61.72 -10.99
CA THR K 244 -52.47 -62.31 -11.65
C THR K 244 -53.16 -63.33 -10.76
N CYS K 245 -53.10 -63.14 -9.45
CA CYS K 245 -53.76 -64.04 -8.51
C CYS K 245 -55.27 -63.80 -8.52
N ARG K 246 -55.99 -64.70 -7.87
CA ARG K 246 -57.45 -64.57 -7.81
C ARG K 246 -57.85 -63.46 -6.85
N ALA K 247 -57.13 -63.32 -5.74
CA ALA K 247 -57.42 -62.24 -4.81
C ALA K 247 -56.97 -60.89 -5.35
N ASN K 248 -55.91 -60.87 -6.15
CA ASN K 248 -55.42 -59.62 -6.71
C ASN K 248 -56.30 -59.11 -7.84
N LEU K 249 -57.06 -59.98 -8.50
CA LEU K 249 -58.03 -59.52 -9.48
C LEU K 249 -59.27 -58.94 -8.81
N LEU K 250 -59.45 -59.19 -7.52
CA LEU K 250 -60.54 -58.56 -6.76
C LEU K 250 -60.10 -57.23 -6.15
N ASN K 251 -58.86 -57.15 -5.66
CA ASN K 251 -58.35 -55.87 -5.18
C ASN K 251 -58.14 -54.89 -6.33
N ASN K 252 -57.93 -55.40 -7.55
CA ASN K 252 -57.90 -54.54 -8.72
C ASN K 252 -59.26 -53.92 -9.00
N ALA K 253 -60.34 -54.62 -8.69
CA ALA K 253 -61.70 -54.14 -8.91
C ALA K 253 -62.29 -53.48 -7.68
N ASN K 254 -61.44 -52.93 -6.80
CA ASN K 254 -61.82 -52.17 -5.61
C ASN K 254 -62.67 -53.00 -4.64
N ILE K 255 -62.24 -54.23 -4.41
CA ILE K 255 -62.92 -55.16 -3.51
C ILE K 255 -61.90 -55.71 -2.52
N ALA K 256 -62.17 -55.56 -1.23
CA ALA K 256 -61.30 -56.09 -0.19
C ALA K 256 -61.56 -57.58 -0.01
N THR K 257 -60.51 -58.33 0.29
CA THR K 257 -60.58 -59.78 0.44
C THR K 257 -59.99 -60.19 1.77
N ILE K 258 -60.04 -61.49 2.04
CA ILE K 258 -59.37 -62.11 3.18
C ILE K 258 -58.49 -63.21 2.60
N ILE K 259 -57.17 -62.97 2.56
CA ILE K 259 -56.32 -63.72 1.65
C ILE K 259 -55.94 -65.08 2.22
N ARG K 260 -55.39 -65.12 3.43
CA ARG K 260 -54.59 -66.25 3.86
C ARG K 260 -55.45 -67.43 4.25
N ASP K 261 -54.79 -68.47 4.79
CA ASP K 261 -55.43 -69.71 5.19
C ASP K 261 -56.51 -69.44 6.24
N ASP K 262 -57.77 -69.64 5.82
CA ASP K 262 -59.02 -69.28 6.49
C ASP K 262 -59.22 -67.78 6.64
N GLY K 263 -58.43 -66.97 5.95
CA GLY K 263 -58.59 -65.53 5.98
C GLY K 263 -58.30 -64.92 7.34
N TYR K 264 -57.11 -65.15 7.87
CA TYR K 264 -56.70 -64.44 9.07
C TYR K 264 -55.94 -63.17 8.74
N ARG K 265 -56.07 -62.65 7.52
CA ARG K 265 -55.56 -61.35 7.14
C ARG K 265 -56.57 -60.68 6.23
N LEU K 266 -57.10 -59.52 6.64
CA LEU K 266 -57.83 -58.69 5.70
C LEU K 266 -56.88 -58.15 4.65
N TRP K 267 -57.37 -58.02 3.43
CA TRP K 267 -56.52 -57.64 2.30
C TRP K 267 -57.29 -56.68 1.41
N GLY K 268 -56.87 -55.42 1.38
CA GLY K 268 -57.47 -54.45 0.51
C GLY K 268 -57.68 -53.12 1.19
N ASN K 269 -57.13 -52.06 0.59
CA ASN K 269 -57.31 -50.71 1.09
C ASN K 269 -57.83 -49.77 0.03
N ARG K 270 -58.42 -50.30 -1.03
CA ARG K 270 -59.00 -49.48 -2.09
C ARG K 270 -60.51 -49.43 -1.89
N THR K 271 -61.03 -48.25 -1.61
CA THR K 271 -62.47 -48.10 -1.53
C THR K 271 -63.07 -48.07 -2.93
N LEU K 272 -64.40 -48.20 -2.99
CA LEU K 272 -65.11 -48.28 -4.27
C LEU K 272 -65.28 -46.88 -4.86
N SER K 273 -64.17 -46.29 -5.27
CA SER K 273 -64.16 -44.91 -5.75
C SER K 273 -63.71 -44.88 -7.20
N SER K 274 -64.41 -44.10 -8.02
CA SER K 274 -64.02 -43.95 -9.42
C SER K 274 -62.85 -43.00 -9.57
N ASP K 275 -62.75 -41.98 -8.73
CA ASP K 275 -61.60 -41.08 -8.74
C ASP K 275 -60.43 -41.73 -8.03
N SER K 276 -59.27 -41.74 -8.67
CA SER K 276 -58.08 -42.32 -8.08
C SER K 276 -57.46 -41.46 -6.99
N LYS K 277 -57.95 -40.24 -6.79
CA LYS K 277 -57.53 -39.44 -5.65
C LYS K 277 -58.08 -40.03 -4.35
N TRP K 278 -59.38 -40.32 -4.33
CA TRP K 278 -60.04 -40.87 -3.14
C TRP K 278 -60.06 -42.38 -3.13
N ALA K 279 -59.07 -43.03 -3.75
CA ALA K 279 -59.09 -44.47 -3.89
C ALA K 279 -58.83 -45.18 -2.58
N PHE K 280 -57.94 -44.63 -1.75
CA PHE K 280 -57.57 -45.31 -0.51
C PHE K 280 -58.53 -44.96 0.61
N VAL K 281 -58.75 -45.93 1.50
CA VAL K 281 -59.58 -45.72 2.67
C VAL K 281 -58.86 -44.86 3.69
N THR K 282 -57.53 -44.80 3.64
CA THR K 282 -56.77 -43.92 4.51
C THR K 282 -57.07 -42.45 4.21
N ARG K 283 -57.05 -42.09 2.92
CA ARG K 283 -57.27 -40.70 2.53
C ARG K 283 -58.71 -40.26 2.76
N VAL K 284 -59.67 -41.18 2.63
CA VAL K 284 -61.06 -40.83 2.88
C VAL K 284 -61.31 -40.67 4.37
N ARG K 285 -60.69 -41.51 5.19
CA ARG K 285 -60.96 -41.49 6.62
C ARG K 285 -60.30 -40.31 7.31
N THR K 286 -59.08 -39.96 6.92
CA THR K 286 -58.42 -38.80 7.52
C THR K 286 -59.03 -37.50 7.05
N MET K 287 -59.60 -37.49 5.84
CA MET K 287 -60.24 -36.26 5.37
C MET K 287 -61.53 -35.99 6.12
N ASP K 288 -62.36 -37.02 6.30
CA ASP K 288 -63.61 -36.85 7.04
C ASP K 288 -63.39 -36.67 8.54
N LEU K 289 -62.19 -36.94 9.04
CA LEU K 289 -61.86 -36.71 10.44
C LEU K 289 -61.31 -35.32 10.70
N VAL K 290 -60.55 -34.76 9.74
CA VAL K 290 -60.09 -33.38 9.89
C VAL K 290 -61.10 -32.37 9.38
N MET K 291 -62.13 -32.79 8.66
CA MET K 291 -63.19 -31.89 8.27
C MET K 291 -64.32 -31.83 9.28
N ASP K 292 -64.32 -32.73 10.27
CA ASP K 292 -65.29 -32.67 11.35
C ASP K 292 -64.67 -32.17 12.65
N ALA K 293 -63.35 -32.30 12.80
CA ALA K 293 -62.68 -31.69 13.94
C ALA K 293 -62.65 -30.17 13.81
N ILE K 294 -62.51 -29.68 12.57
CA ILE K 294 -62.53 -28.24 12.34
C ILE K 294 -63.95 -27.71 12.44
N LEU K 295 -64.93 -28.49 11.95
CA LEU K 295 -66.32 -28.05 11.95
C LEU K 295 -66.90 -28.00 13.36
N ALA K 296 -66.69 -29.05 14.15
CA ALA K 296 -67.19 -29.08 15.51
C ALA K 296 -66.27 -28.39 16.51
N GLY K 297 -65.10 -27.94 16.07
CA GLY K 297 -64.15 -27.29 16.95
C GLY K 297 -64.00 -25.81 16.77
N HIS K 298 -64.69 -25.21 15.80
CA HIS K 298 -64.58 -23.77 15.55
C HIS K 298 -65.92 -23.07 15.70
N LYS K 299 -66.79 -23.59 16.56
CA LYS K 299 -68.06 -22.94 16.85
C LYS K 299 -67.93 -21.85 17.89
N TRP K 300 -66.72 -21.54 18.34
CA TRP K 300 -66.47 -20.41 19.22
C TRP K 300 -66.15 -19.13 18.45
N ALA K 301 -65.96 -19.22 17.14
CA ALA K 301 -65.51 -18.10 16.32
C ALA K 301 -66.55 -17.72 15.28
N VAL K 302 -67.82 -17.71 15.65
CA VAL K 302 -68.88 -17.44 14.68
C VAL K 302 -69.41 -16.03 14.77
N ASP K 303 -69.13 -15.29 15.84
CA ASP K 303 -69.42 -13.86 15.87
C ASP K 303 -68.34 -13.10 16.61
N ARG K 304 -67.09 -13.50 16.45
CA ARG K 304 -66.03 -12.89 17.26
C ARG K 304 -65.64 -11.51 16.75
N GLY K 305 -65.78 -11.25 15.47
CA GLY K 305 -65.33 -9.98 14.93
C GLY K 305 -63.94 -10.09 14.36
N ILE K 306 -63.78 -9.74 13.08
CA ILE K 306 -62.53 -9.95 12.38
C ILE K 306 -61.54 -8.86 12.76
N THR K 307 -60.75 -9.11 13.79
CA THR K 307 -59.62 -8.27 14.14
C THR K 307 -58.33 -8.98 13.74
N LYS K 308 -57.21 -8.26 13.83
CA LYS K 308 -55.92 -8.81 13.43
C LYS K 308 -55.49 -9.94 14.36
N THR K 309 -55.89 -9.88 15.62
CA THR K 309 -55.64 -10.96 16.56
C THR K 309 -56.71 -12.04 16.52
N TYR K 310 -57.70 -11.92 15.64
CA TYR K 310 -58.67 -12.98 15.47
C TYR K 310 -58.25 -13.96 14.38
N VAL K 311 -57.83 -13.43 13.23
CA VAL K 311 -57.36 -14.27 12.13
C VAL K 311 -56.07 -14.96 12.50
N LYS K 312 -55.21 -14.29 13.27
CA LYS K 312 -53.95 -14.90 13.64
C LYS K 312 -54.12 -15.98 14.71
N ASP K 313 -55.11 -15.84 15.59
CA ASP K 313 -55.34 -16.82 16.64
C ASP K 313 -56.32 -17.92 16.24
N VAL K 314 -56.87 -17.86 15.04
CA VAL K 314 -57.51 -19.02 14.44
C VAL K 314 -56.50 -19.84 13.67
N THR K 315 -55.61 -19.16 12.94
CA THR K 315 -54.56 -19.83 12.17
C THR K 315 -53.56 -20.53 13.08
N GLU K 316 -53.10 -19.84 14.12
CA GLU K 316 -52.17 -20.47 15.06
C GLU K 316 -52.83 -21.54 15.90
N GLY K 317 -54.15 -21.49 16.07
CA GLY K 317 -54.86 -22.61 16.64
C GLY K 317 -55.18 -23.71 15.66
N LEU K 318 -54.97 -23.44 14.37
CA LEU K 318 -55.16 -24.43 13.31
C LEU K 318 -53.87 -25.11 12.91
N ARG K 319 -52.75 -24.38 12.96
CA ARG K 319 -51.45 -25.02 12.77
C ARG K 319 -51.14 -25.96 13.92
N ALA K 320 -51.51 -25.58 15.14
CA ALA K 320 -51.28 -26.40 16.32
C ALA K 320 -52.09 -27.68 16.31
N PHE K 321 -53.22 -27.70 15.59
CA PHE K 321 -53.94 -28.94 15.40
C PHE K 321 -53.27 -29.82 14.36
N MET K 322 -52.78 -29.22 13.27
CA MET K 322 -52.11 -29.99 12.24
C MET K 322 -50.69 -30.37 12.63
N ARG K 323 -50.06 -29.62 13.54
CA ARG K 323 -48.75 -30.02 14.04
C ARG K 323 -48.85 -31.10 15.09
N ASP K 324 -50.00 -31.23 15.77
CA ASP K 324 -50.26 -32.38 16.62
C ASP K 324 -50.66 -33.61 15.82
N LEU K 325 -50.93 -33.45 14.52
CA LEU K 325 -51.16 -34.57 13.61
C LEU K 325 -49.91 -34.95 12.83
N LYS K 326 -48.95 -34.03 12.69
CA LYS K 326 -47.75 -34.32 11.92
C LYS K 326 -46.79 -35.22 12.69
N ASN K 327 -46.51 -34.87 13.95
CA ASN K 327 -45.64 -35.71 14.77
C ASN K 327 -46.33 -36.97 15.24
N GLN K 328 -47.66 -36.98 15.22
CA GLN K 328 -48.40 -38.21 15.52
C GLN K 328 -48.31 -39.22 14.38
N GLY K 329 -47.98 -38.77 13.18
CA GLY K 329 -47.87 -39.64 12.03
C GLY K 329 -49.05 -39.60 11.09
N ALA K 330 -50.03 -38.72 11.34
CA ALA K 330 -51.23 -38.72 10.52
C ALA K 330 -51.00 -38.06 9.17
N VAL K 331 -50.23 -36.97 9.14
CA VAL K 331 -49.90 -36.28 7.90
C VAL K 331 -48.38 -36.27 7.74
N ILE K 332 -47.94 -35.97 6.53
CA ILE K 332 -46.51 -35.82 6.27
C ILE K 332 -46.11 -34.39 6.57
N ASN K 333 -46.73 -33.45 5.88
CA ASN K 333 -46.50 -32.03 6.15
C ASN K 333 -47.76 -31.28 5.76
N PHE K 334 -47.92 -30.09 6.33
CA PHE K 334 -49.13 -29.31 6.17
C PHE K 334 -48.76 -27.88 5.79
N GLU K 335 -49.80 -27.09 5.47
CA GLU K 335 -49.63 -25.67 5.22
C GLU K 335 -50.96 -24.99 5.51
N VAL K 336 -51.05 -24.32 6.65
CA VAL K 336 -52.25 -23.62 7.07
C VAL K 336 -51.96 -22.13 6.98
N TYR K 337 -52.78 -21.41 6.22
CA TYR K 337 -52.58 -19.98 6.05
C TYR K 337 -53.93 -19.34 5.75
N ALA K 338 -54.03 -18.05 6.08
CA ALA K 338 -55.19 -17.27 5.67
C ALA K 338 -55.08 -16.95 4.19
N ASP K 339 -56.20 -17.11 3.48
CA ASP K 339 -56.21 -17.00 2.02
C ASP K 339 -56.00 -15.54 1.61
N PRO K 340 -54.97 -15.23 0.83
CA PRO K 340 -54.75 -13.82 0.45
C PRO K 340 -55.72 -13.33 -0.60
N ASP K 341 -56.25 -14.21 -1.44
CA ASP K 341 -57.15 -13.81 -2.50
C ASP K 341 -58.61 -13.80 -2.06
N LEU K 342 -59.05 -14.85 -1.37
CA LEU K 342 -60.45 -14.96 -0.98
C LEU K 342 -60.82 -14.09 0.21
N ASN K 343 -59.85 -13.53 0.92
CA ASN K 343 -60.13 -12.56 1.97
C ASN K 343 -60.02 -11.16 1.36
N SER K 344 -61.01 -10.81 0.56
CA SER K 344 -61.06 -9.50 -0.05
C SER K 344 -61.76 -8.53 0.89
N ALA K 345 -61.84 -7.27 0.48
CA ALA K 345 -62.53 -6.28 1.31
C ALA K 345 -64.04 -6.46 1.25
N SER K 346 -64.55 -7.01 0.16
CA SER K 346 -65.99 -7.24 0.02
C SER K 346 -66.43 -8.57 0.60
N GLN K 347 -65.53 -9.55 0.71
CA GLN K 347 -65.89 -10.79 1.38
C GLN K 347 -65.89 -10.62 2.89
N LEU K 348 -64.96 -9.81 3.41
CA LEU K 348 -64.88 -9.61 4.85
C LEU K 348 -66.01 -8.70 5.35
N ALA K 349 -66.55 -7.85 4.48
CA ALA K 349 -67.65 -6.98 4.86
C ALA K 349 -68.97 -7.73 4.98
N GLN K 350 -69.05 -8.96 4.49
CA GLN K 350 -70.21 -9.80 4.67
C GLN K 350 -70.06 -10.77 5.83
N GLY K 351 -68.90 -10.77 6.47
CA GLY K 351 -68.63 -11.71 7.54
C GLY K 351 -67.96 -12.99 7.11
N LYS K 352 -67.51 -13.08 5.87
CA LYS K 352 -66.83 -14.28 5.38
C LYS K 352 -65.33 -14.08 5.46
N VAL K 353 -64.64 -15.06 6.07
CA VAL K 353 -63.18 -15.04 6.16
C VAL K 353 -62.69 -16.45 5.90
N TYR K 354 -61.68 -16.58 5.04
CA TYR K 354 -61.30 -17.86 4.48
C TYR K 354 -59.94 -18.31 4.99
N TRP K 355 -59.83 -19.59 5.30
CA TRP K 355 -58.56 -20.21 5.67
C TRP K 355 -58.33 -21.43 4.79
N ASN K 356 -57.08 -21.64 4.39
CA ASN K 356 -56.71 -22.77 3.55
C ASN K 356 -55.86 -23.73 4.35
N ILE K 357 -56.28 -25.00 4.40
CA ILE K 357 -55.56 -26.05 5.11
C ILE K 357 -55.13 -27.07 4.08
N ARG K 358 -53.90 -26.95 3.60
CA ARG K 358 -53.34 -27.90 2.66
C ARG K 358 -52.40 -28.83 3.38
N PHE K 359 -52.60 -30.14 3.21
CA PHE K 359 -51.77 -31.13 3.88
C PHE K 359 -51.55 -32.31 2.96
N THR K 360 -50.78 -33.28 3.42
CA THR K 360 -50.51 -34.51 2.69
C THR K 360 -50.74 -35.70 3.60
N ASP K 361 -51.69 -36.54 3.24
CA ASP K 361 -51.92 -37.78 3.97
C ASP K 361 -50.76 -38.74 3.76
N VAL K 362 -50.54 -39.60 4.74
CA VAL K 362 -49.51 -40.63 4.66
C VAL K 362 -50.12 -41.83 3.94
N PRO K 363 -49.67 -42.14 2.72
CA PRO K 363 -50.32 -43.19 1.94
C PRO K 363 -49.96 -44.56 2.47
N PRO K 364 -50.80 -45.56 2.24
CA PRO K 364 -50.45 -46.92 2.68
C PRO K 364 -49.56 -47.60 1.66
N ALA K 365 -48.51 -48.25 2.15
CA ALA K 365 -47.56 -48.96 1.30
C ALA K 365 -48.22 -50.26 0.83
N GLU K 366 -49.05 -50.15 -0.20
CA GLU K 366 -49.70 -51.34 -0.71
C GLU K 366 -48.82 -52.13 -1.64
N ASN K 367 -47.69 -51.58 -2.08
CA ASN K 367 -46.76 -52.31 -2.95
C ASN K 367 -45.35 -51.78 -2.75
N PRO K 368 -44.62 -52.29 -1.76
CA PRO K 368 -43.18 -52.00 -1.71
C PRO K 368 -42.41 -52.74 -2.80
N ASN K 369 -41.96 -51.99 -3.81
CA ASN K 369 -41.24 -52.56 -4.94
C ASN K 369 -39.76 -52.60 -4.64
N PHE K 370 -39.13 -53.73 -4.89
CA PHE K 370 -37.69 -53.90 -4.70
C PHE K 370 -37.02 -54.13 -6.05
N ARG K 371 -35.82 -53.58 -6.22
CA ARG K 371 -35.06 -53.65 -7.46
C ARG K 371 -33.67 -54.17 -7.14
N VAL K 372 -33.50 -55.48 -7.15
CA VAL K 372 -32.24 -56.11 -6.80
C VAL K 372 -31.40 -56.31 -8.05
N GLU K 373 -30.09 -56.15 -7.93
CA GLU K 373 -29.20 -56.26 -9.07
C GLU K 373 -27.80 -56.68 -8.62
N VAL K 374 -27.13 -57.44 -9.47
CA VAL K 374 -25.72 -57.78 -9.30
C VAL K 374 -24.89 -56.81 -10.12
N THR K 375 -23.69 -56.51 -9.64
CA THR K 375 -22.83 -55.52 -10.28
C THR K 375 -21.43 -56.10 -10.39
N ASP K 376 -20.52 -55.32 -10.97
CA ASP K 376 -19.10 -55.64 -11.00
C ASP K 376 -18.26 -54.49 -10.47
N GLN K 377 -18.88 -53.52 -9.80
CA GLN K 377 -18.16 -52.36 -9.31
C GLN K 377 -17.27 -52.71 -8.13
N TRP K 378 -17.76 -53.54 -7.22
CA TRP K 378 -16.99 -54.02 -6.08
C TRP K 378 -16.31 -55.35 -6.36
N LEU K 379 -16.26 -55.77 -7.62
CA LEU K 379 -15.52 -56.98 -7.98
C LEU K 379 -14.01 -56.72 -7.96
N THR K 380 -13.58 -55.49 -8.14
CA THR K 380 -12.17 -55.11 -8.04
C THR K 380 -11.74 -54.80 -6.62
N GLU K 381 -12.60 -55.03 -5.62
CA GLU K 381 -12.26 -54.74 -4.24
C GLU K 381 -11.27 -55.75 -3.67
N VAL K 382 -11.25 -56.97 -4.19
CA VAL K 382 -10.35 -58.01 -3.67
C VAL K 382 -9.05 -57.90 -4.44
N LEU K 383 -8.20 -56.97 -4.00
CA LEU K 383 -6.85 -56.86 -4.55
C LEU K 383 -5.79 -56.48 -3.53
N ASP K 384 -6.16 -56.13 -2.30
CA ASP K 384 -5.23 -55.63 -1.30
C ASP K 384 -5.84 -55.70 0.09
N SER L 2 7.87 -58.55 -47.28
CA SER L 2 8.95 -58.42 -46.32
C SER L 2 10.25 -58.01 -47.01
N PHE L 3 10.83 -56.89 -46.58
CA PHE L 3 12.09 -56.44 -47.16
C PHE L 3 13.23 -57.37 -46.74
N PHE L 4 13.50 -57.45 -45.44
CA PHE L 4 14.44 -58.42 -44.92
C PHE L 4 13.91 -58.95 -43.60
N HIS L 5 14.04 -60.26 -43.41
CA HIS L 5 13.55 -60.97 -42.24
C HIS L 5 14.75 -61.51 -41.49
N GLY L 6 15.12 -60.85 -40.40
CA GLY L 6 16.29 -61.23 -39.62
C GLY L 6 16.71 -60.09 -38.72
N VAL L 7 18.02 -60.03 -38.44
CA VAL L 7 18.60 -58.96 -37.64
C VAL L 7 19.52 -58.16 -38.54
N THR L 8 19.30 -56.85 -38.60
CA THR L 8 20.12 -55.95 -39.40
C THR L 8 20.97 -55.09 -38.46
N VAL L 9 22.27 -55.11 -38.67
CA VAL L 9 23.20 -54.27 -37.92
C VAL L 9 23.89 -53.37 -38.94
N THR L 10 23.51 -52.10 -38.95
CA THR L 10 24.03 -51.13 -39.91
C THR L 10 25.13 -50.30 -39.27
N ASN L 11 25.94 -49.68 -40.11
CA ASN L 11 26.95 -48.72 -39.69
C ASN L 11 26.66 -47.41 -40.40
N VAL L 12 26.26 -46.39 -39.64
CA VAL L 12 25.83 -45.15 -40.28
C VAL L 12 27.02 -44.30 -40.72
N ASP L 13 28.13 -44.34 -39.96
CA ASP L 13 29.43 -43.75 -40.32
C ASP L 13 29.32 -42.24 -40.57
N ILE L 14 28.97 -41.51 -39.51
CA ILE L 14 28.79 -40.07 -39.60
C ILE L 14 29.71 -39.36 -38.62
N GLY L 15 30.89 -39.91 -38.40
CA GLY L 15 31.86 -39.26 -37.54
C GLY L 15 32.73 -38.27 -38.28
N ALA L 16 33.14 -37.23 -37.56
CA ALA L 16 34.06 -36.24 -38.12
C ALA L 16 35.47 -36.79 -38.13
N ARG L 17 36.11 -36.77 -39.30
CA ARG L 17 37.44 -37.35 -39.44
C ARG L 17 38.50 -36.38 -38.91
N THR L 18 39.74 -36.83 -38.91
CA THR L 18 40.87 -36.03 -38.44
C THR L 18 41.74 -35.62 -39.62
N ILE L 19 42.47 -34.52 -39.43
CA ILE L 19 43.31 -33.94 -40.48
C ILE L 19 44.73 -33.87 -39.96
N ALA L 20 45.66 -34.46 -40.71
CA ALA L 20 47.08 -34.43 -40.37
C ALA L 20 47.82 -33.53 -41.35
N LEU L 21 48.95 -32.99 -40.89
CA LEU L 21 49.81 -32.12 -41.67
C LEU L 21 50.89 -32.93 -42.37
N PRO L 22 51.29 -32.56 -43.61
CA PRO L 22 52.25 -33.35 -44.38
C PRO L 22 53.73 -33.08 -44.08
N ALA L 23 54.03 -32.94 -42.78
CA ALA L 23 55.36 -32.98 -42.16
C ALA L 23 56.27 -31.80 -42.47
N SER L 24 55.88 -30.95 -43.42
CA SER L 24 56.34 -29.57 -43.57
C SER L 24 57.84 -29.33 -43.78
N SER L 25 58.66 -30.39 -43.89
CA SER L 25 60.09 -30.17 -43.85
C SER L 25 60.87 -30.99 -44.87
N VAL L 26 60.21 -31.51 -45.89
CA VAL L 26 60.91 -32.29 -46.90
C VAL L 26 61.65 -31.33 -47.83
N ILE L 27 62.93 -31.58 -48.04
CA ILE L 27 63.81 -30.66 -48.76
C ILE L 27 64.11 -31.24 -50.13
N GLY L 28 63.81 -30.48 -51.18
CA GLY L 28 64.14 -30.90 -52.52
C GLY L 28 65.50 -30.38 -52.94
N LEU L 29 66.44 -31.28 -53.18
CA LEU L 29 67.81 -30.92 -53.48
C LEU L 29 68.16 -31.35 -54.90
N CYS L 30 68.98 -30.54 -55.57
CA CYS L 30 69.45 -30.87 -56.92
C CYS L 30 70.79 -30.17 -57.13
N ASP L 31 71.87 -30.95 -57.13
CA ASP L 31 73.20 -30.41 -57.34
C ASP L 31 74.04 -31.44 -58.06
N VAL L 32 75.26 -31.03 -58.42
CA VAL L 32 76.15 -31.88 -59.21
C VAL L 32 76.70 -33.00 -58.34
N PHE L 33 76.86 -34.18 -58.95
CA PHE L 33 77.60 -35.27 -58.33
C PHE L 33 78.24 -36.08 -59.43
N THR L 34 79.36 -36.72 -59.10
CA THR L 34 80.11 -37.50 -60.07
C THR L 34 79.73 -38.96 -59.95
N PRO L 35 79.08 -39.56 -60.95
CA PRO L 35 78.69 -40.96 -60.85
C PRO L 35 79.87 -41.89 -61.07
N GLY L 36 79.82 -43.04 -60.39
CA GLY L 36 80.89 -44.00 -60.52
C GLY L 36 80.66 -45.25 -59.69
N ALA L 37 81.74 -45.78 -59.10
CA ALA L 37 81.61 -46.98 -58.28
C ALA L 37 81.16 -46.66 -56.86
N GLN L 38 81.58 -45.52 -56.30
CA GLN L 38 81.19 -45.14 -54.95
C GLN L 38 79.84 -44.44 -54.90
N ALA L 39 79.33 -43.96 -56.03
CA ALA L 39 78.05 -43.28 -56.09
C ALA L 39 76.98 -44.30 -56.50
N SER L 40 76.07 -44.59 -55.56
CA SER L 40 75.03 -45.59 -55.78
C SER L 40 73.75 -45.00 -56.36
N ALA L 41 73.84 -43.90 -57.10
CA ALA L 41 72.66 -43.24 -57.65
C ALA L 41 72.85 -42.95 -59.13
N LYS L 42 71.82 -43.21 -59.90
CA LYS L 42 71.82 -42.87 -61.31
C LYS L 42 71.73 -41.34 -61.47
N PRO L 43 72.35 -40.78 -62.51
CA PRO L 43 72.52 -39.32 -62.56
C PRO L 43 71.26 -38.51 -62.89
N ASN L 44 70.06 -39.09 -62.89
CA ASN L 44 68.86 -38.28 -63.04
C ASN L 44 67.69 -38.69 -62.16
N VAL L 45 67.75 -39.81 -61.46
CA VAL L 45 66.62 -40.27 -60.68
C VAL L 45 66.66 -39.66 -59.28
N PRO L 46 65.52 -39.44 -58.64
CA PRO L 46 65.54 -38.98 -57.25
C PRO L 46 65.94 -40.08 -56.29
N VAL L 47 66.60 -39.67 -55.21
CA VAL L 47 67.04 -40.58 -54.16
C VAL L 47 66.57 -40.00 -52.84
N LEU L 48 65.81 -40.79 -52.08
CA LEU L 48 65.36 -40.35 -50.76
C LEU L 48 66.51 -40.46 -49.76
N LEU L 49 66.74 -39.39 -49.01
CA LEU L 49 67.82 -39.35 -48.03
C LEU L 49 67.26 -38.97 -46.68
N THR L 50 67.69 -39.68 -45.64
CA THR L 50 67.24 -39.40 -44.28
C THR L 50 68.37 -39.35 -43.27
N SER L 51 69.61 -39.55 -43.71
CA SER L 51 70.75 -39.46 -42.81
C SER L 51 71.98 -39.03 -43.59
N LYS L 52 73.01 -38.61 -42.87
CA LYS L 52 74.25 -38.19 -43.52
C LYS L 52 75.02 -39.38 -44.06
N LYS L 53 74.89 -40.54 -43.42
CA LYS L 53 75.52 -41.76 -43.92
C LYS L 53 74.86 -42.22 -45.22
N ASP L 54 73.55 -42.02 -45.34
CA ASP L 54 72.84 -42.38 -46.57
C ASP L 54 73.20 -41.44 -47.71
N ALA L 55 73.53 -40.18 -47.40
CA ALA L 55 73.88 -39.24 -48.46
C ALA L 55 75.26 -39.51 -49.03
N ALA L 56 76.19 -40.00 -48.21
CA ALA L 56 77.51 -40.38 -48.70
C ALA L 56 77.52 -41.75 -49.33
N ALA L 57 76.59 -42.62 -48.95
CA ALA L 57 76.50 -43.94 -49.57
C ALA L 57 75.76 -43.92 -50.90
N ALA L 58 75.07 -42.83 -51.21
CA ALA L 58 74.32 -42.71 -52.45
C ALA L 58 74.98 -41.81 -53.48
N PHE L 59 75.68 -40.76 -53.05
CA PHE L 59 76.31 -39.84 -53.97
C PHE L 59 77.82 -39.72 -53.79
N GLY L 60 78.39 -40.35 -52.76
CA GLY L 60 79.83 -40.33 -52.60
C GLY L 60 80.34 -39.08 -51.88
N ILE L 61 81.39 -39.26 -51.09
CA ILE L 61 82.01 -38.13 -50.42
C ILE L 61 82.79 -37.30 -51.43
N GLY L 62 82.67 -35.98 -51.31
CA GLY L 62 83.35 -35.07 -52.20
C GLY L 62 82.49 -34.53 -53.33
N SER L 63 81.28 -35.05 -53.51
CA SER L 63 80.36 -34.53 -54.49
C SER L 63 79.84 -33.17 -54.05
N SER L 64 79.36 -32.39 -55.02
CA SER L 64 78.77 -31.10 -54.71
C SER L 64 77.39 -31.24 -54.07
N ILE L 65 76.75 -32.39 -54.20
CA ILE L 65 75.47 -32.61 -53.54
C ILE L 65 75.63 -33.24 -52.17
N TYR L 66 76.76 -33.91 -51.90
CA TYR L 66 77.01 -34.37 -50.55
C TYR L 66 77.41 -33.22 -49.64
N LEU L 67 78.10 -32.22 -50.19
CA LEU L 67 78.41 -31.02 -49.44
C LEU L 67 77.17 -30.19 -49.15
N ALA L 68 76.11 -30.35 -49.94
CA ALA L 68 74.83 -29.72 -49.62
C ALA L 68 74.06 -30.53 -48.59
N CYS L 69 74.17 -31.86 -48.64
CA CYS L 69 73.54 -32.69 -47.61
C CYS L 69 74.28 -32.57 -46.28
N GLU L 70 75.58 -32.30 -46.32
CA GLU L 70 76.33 -32.07 -45.09
C GLU L 70 75.90 -30.78 -44.41
N ALA L 71 75.55 -29.76 -45.18
CA ALA L 71 75.11 -28.50 -44.61
C ALA L 71 73.74 -28.61 -43.97
N ILE L 72 72.91 -29.54 -44.44
CA ILE L 72 71.58 -29.70 -43.88
C ILE L 72 71.62 -30.58 -42.64
N TYR L 73 72.34 -31.69 -42.70
CA TYR L 73 72.35 -32.64 -41.60
C TYR L 73 73.22 -32.22 -40.43
N ASN L 74 74.11 -31.23 -40.62
CA ASN L 74 74.86 -30.71 -39.49
C ASN L 74 74.00 -29.82 -38.60
N ARG L 75 72.98 -29.19 -39.18
CA ARG L 75 72.10 -28.28 -38.45
C ARG L 75 70.78 -28.92 -38.07
N ALA L 76 70.13 -29.60 -39.01
CA ALA L 76 68.81 -30.17 -38.80
C ALA L 76 68.85 -31.68 -38.96
N GLN L 77 67.67 -32.28 -38.95
CA GLN L 77 67.51 -33.72 -39.14
C GLN L 77 66.17 -33.90 -39.85
N ALA L 78 66.21 -34.02 -41.18
CA ALA L 78 65.00 -34.04 -41.97
C ALA L 78 65.19 -34.98 -43.15
N VAL L 79 64.21 -34.96 -44.05
CA VAL L 79 64.16 -35.86 -45.20
C VAL L 79 64.50 -35.05 -46.43
N ILE L 80 65.49 -35.51 -47.18
CA ILE L 80 65.97 -34.82 -48.38
C ILE L 80 65.60 -35.66 -49.59
N VAL L 81 64.91 -35.05 -50.55
CA VAL L 81 64.69 -35.67 -51.86
C VAL L 81 65.77 -35.08 -52.77
N ALA L 82 66.87 -35.80 -52.91
CA ALA L 82 67.98 -35.35 -53.72
C ALA L 82 67.86 -35.95 -55.12
N VAL L 83 68.19 -35.15 -56.13
CA VAL L 83 68.13 -35.63 -57.51
C VAL L 83 69.52 -36.00 -57.96
N GLY L 84 70.42 -35.02 -57.99
CA GLY L 84 71.78 -35.28 -58.42
C GLY L 84 71.91 -35.27 -59.93
N VAL L 85 72.76 -34.40 -60.45
CA VAL L 85 73.01 -34.31 -61.89
C VAL L 85 74.50 -34.52 -62.13
N GLU L 86 74.85 -34.75 -63.38
CA GLU L 86 76.23 -35.02 -63.75
C GLU L 86 76.91 -33.74 -64.24
N THR L 87 78.24 -33.74 -64.16
CA THR L 87 79.03 -32.56 -64.46
C THR L 87 79.13 -32.35 -65.97
N ALA L 88 78.77 -31.15 -66.43
CA ALA L 88 78.90 -30.81 -67.82
C ALA L 88 80.23 -30.11 -68.06
N GLU L 89 80.55 -29.84 -69.33
CA GLU L 89 81.82 -29.22 -69.67
C GLU L 89 81.78 -27.71 -69.43
N THR L 90 80.89 -27.01 -70.11
CA THR L 90 80.74 -25.59 -69.86
C THR L 90 79.88 -25.37 -68.63
N PRO L 91 80.09 -24.26 -67.89
CA PRO L 91 79.17 -23.93 -66.80
C PRO L 91 77.79 -23.51 -67.27
N GLU L 92 77.66 -23.10 -68.54
CA GLU L 92 76.34 -22.84 -69.09
C GLU L 92 75.54 -24.12 -69.24
N ALA L 93 76.19 -25.19 -69.72
CA ALA L 93 75.51 -26.47 -69.88
C ALA L 93 75.24 -27.15 -68.55
N GLN L 94 75.93 -26.73 -67.48
CA GLN L 94 75.56 -27.21 -66.15
C GLN L 94 74.22 -26.65 -65.71
N ALA L 95 73.91 -25.42 -66.10
CA ALA L 95 72.61 -24.84 -65.79
C ALA L 95 71.49 -25.48 -66.61
N SER L 96 71.82 -26.04 -67.77
CA SER L 96 70.82 -26.77 -68.54
C SER L 96 70.50 -28.12 -67.91
N ALA L 97 71.42 -28.68 -67.11
CA ALA L 97 71.20 -29.96 -66.49
C ALA L 97 70.47 -29.86 -65.15
N VAL L 98 70.65 -28.75 -64.43
CA VAL L 98 69.91 -28.56 -63.18
C VAL L 98 68.44 -28.27 -63.48
N ILE L 99 68.18 -27.43 -64.47
CA ILE L 99 66.81 -27.21 -64.95
C ILE L 99 66.25 -28.51 -65.52
N GLY L 100 67.03 -29.18 -66.35
CA GLY L 100 66.63 -30.46 -66.88
C GLY L 100 65.55 -30.35 -67.93
N GLY L 101 64.33 -30.72 -67.56
CA GLY L 101 63.25 -30.78 -68.51
C GLY L 101 62.69 -32.18 -68.57
N ILE L 102 62.89 -32.86 -69.70
CA ILE L 102 62.40 -34.21 -69.88
C ILE L 102 63.41 -34.97 -70.73
N SER L 103 63.37 -36.29 -70.66
CA SER L 103 64.30 -37.16 -71.37
C SER L 103 63.61 -37.81 -72.55
N ALA L 104 64.41 -38.47 -73.38
CA ALA L 104 63.89 -39.15 -74.56
C ALA L 104 63.10 -40.40 -74.22
N ALA L 105 63.26 -40.92 -73.00
CA ALA L 105 62.45 -42.04 -72.53
C ALA L 105 61.16 -41.58 -71.86
N GLY L 106 60.87 -40.29 -71.88
CA GLY L 106 59.66 -39.80 -71.26
C GLY L 106 59.73 -39.63 -69.76
N GLU L 107 60.91 -39.31 -69.23
CA GLU L 107 61.12 -39.17 -67.80
C GLU L 107 61.76 -37.81 -67.53
N ARG L 108 61.47 -37.26 -66.35
CA ARG L 108 62.00 -35.96 -65.97
C ARG L 108 63.47 -36.08 -65.55
N THR L 109 64.22 -35.01 -65.79
CA THR L 109 65.68 -35.07 -65.74
C THR L 109 66.30 -34.28 -64.60
N GLY L 110 66.08 -32.98 -64.53
CA GLY L 110 66.81 -32.17 -63.59
C GLY L 110 66.04 -31.82 -62.33
N LEU L 111 65.68 -30.55 -62.18
CA LEU L 111 64.81 -30.14 -61.09
C LEU L 111 63.40 -30.70 -61.24
N GLN L 112 63.00 -31.05 -62.46
CA GLN L 112 61.67 -31.59 -62.71
C GLN L 112 61.44 -32.94 -62.05
N ALA L 113 62.51 -33.67 -61.73
CA ALA L 113 62.39 -34.94 -61.02
C ALA L 113 61.91 -34.78 -59.58
N LEU L 114 61.93 -33.57 -59.03
CA LEU L 114 61.35 -33.32 -57.72
C LEU L 114 59.83 -33.41 -57.72
N LEU L 115 59.20 -33.32 -58.90
CA LEU L 115 57.76 -33.57 -59.00
C LEU L 115 57.43 -35.04 -58.81
N ASP L 116 58.41 -35.94 -58.99
CA ASP L 116 58.25 -37.35 -58.72
C ASP L 116 58.50 -37.70 -57.25
N GLY L 117 58.70 -36.70 -56.39
CA GLY L 117 59.00 -36.98 -55.00
C GLY L 117 57.82 -37.43 -54.18
N LYS L 118 56.60 -37.14 -54.62
CA LYS L 118 55.41 -37.58 -53.90
C LYS L 118 54.88 -38.90 -54.41
N SER L 119 54.99 -39.17 -55.71
CA SER L 119 54.49 -40.41 -56.28
C SER L 119 55.44 -41.58 -56.09
N ARG L 120 56.66 -41.33 -55.62
CA ARG L 120 57.64 -42.38 -55.41
C ARG L 120 58.02 -42.59 -53.96
N PHE L 121 57.98 -41.55 -53.13
CA PHE L 121 58.40 -41.66 -51.75
C PHE L 121 57.36 -41.19 -50.74
N ASN L 122 56.20 -40.71 -51.20
CA ASN L 122 55.13 -40.13 -50.38
C ASN L 122 55.66 -38.99 -49.51
N ALA L 123 56.49 -38.14 -50.10
CA ALA L 123 57.07 -37.00 -49.40
C ALA L 123 57.27 -35.87 -50.41
N GLN L 124 56.31 -34.96 -50.45
CA GLN L 124 56.41 -33.82 -51.34
C GLN L 124 57.42 -32.82 -50.79
N PRO L 125 58.42 -32.41 -51.58
CA PRO L 125 59.43 -31.48 -51.07
C PRO L 125 58.88 -30.08 -50.86
N ARG L 126 59.11 -29.55 -49.66
CA ARG L 126 58.65 -28.21 -49.29
C ARG L 126 59.74 -27.16 -49.38
N LEU L 127 60.99 -27.55 -49.48
CA LEU L 127 62.11 -26.62 -49.61
C LEU L 127 62.88 -26.98 -50.87
N LEU L 128 62.82 -26.12 -51.87
CA LEU L 128 63.51 -26.37 -53.14
C LEU L 128 64.86 -25.67 -53.09
N VAL L 129 65.94 -26.45 -53.08
CA VAL L 129 67.29 -25.94 -52.91
C VAL L 129 68.15 -26.45 -54.05
N ALA L 130 68.71 -25.54 -54.85
CA ALA L 130 69.75 -25.85 -55.82
C ALA L 130 70.93 -24.96 -55.47
N PRO L 131 71.86 -25.43 -54.63
CA PRO L 131 72.93 -24.55 -54.13
C PRO L 131 73.99 -24.31 -55.20
N GLY L 132 74.36 -23.04 -55.35
CA GLY L 132 75.37 -22.63 -56.31
C GLY L 132 74.81 -22.27 -57.66
N HIS L 133 73.79 -23.00 -58.12
CA HIS L 133 73.21 -22.78 -59.42
C HIS L 133 72.07 -21.76 -59.40
N SER L 134 71.53 -21.45 -58.22
CA SER L 134 70.43 -20.49 -58.14
C SER L 134 70.88 -19.06 -58.39
N ALA L 135 72.18 -18.78 -58.37
CA ALA L 135 72.66 -17.45 -58.73
C ALA L 135 72.48 -17.16 -60.20
N GLN L 136 72.45 -18.20 -61.04
CA GLN L 136 72.09 -18.04 -62.44
C GLN L 136 70.59 -17.86 -62.57
N GLN L 137 70.19 -16.88 -63.39
CA GLN L 137 68.77 -16.52 -63.48
C GLN L 137 67.95 -17.56 -64.23
N ALA L 138 68.59 -18.41 -65.03
CA ALA L 138 67.85 -19.46 -65.72
C ALA L 138 67.39 -20.54 -64.76
N VAL L 139 68.25 -20.92 -63.80
CA VAL L 139 67.89 -21.95 -62.84
C VAL L 139 66.92 -21.41 -61.81
N ALA L 140 67.09 -20.16 -61.41
CA ALA L 140 66.25 -19.59 -60.35
C ALA L 140 64.84 -19.31 -60.85
N THR L 141 64.67 -19.04 -62.14
CA THR L 141 63.34 -18.82 -62.68
C THR L 141 62.67 -20.11 -63.11
N ALA L 142 63.42 -21.21 -63.22
CA ALA L 142 62.83 -22.53 -63.41
C ALA L 142 62.54 -23.22 -62.10
N MET L 143 63.22 -22.83 -61.03
CA MET L 143 62.87 -23.25 -59.68
C MET L 143 61.73 -22.43 -59.11
N ASP L 144 61.48 -21.25 -59.67
CA ASP L 144 60.36 -20.43 -59.23
C ASP L 144 59.03 -20.99 -59.75
N GLY L 145 59.00 -21.40 -61.02
CA GLY L 145 57.82 -22.06 -61.54
C GLY L 145 57.62 -23.45 -61.00
N LEU L 146 58.68 -24.08 -60.50
CA LEU L 146 58.56 -25.39 -59.89
C LEU L 146 58.06 -25.30 -58.46
N ALA L 147 58.34 -24.20 -57.76
CA ALA L 147 57.90 -24.05 -56.38
C ALA L 147 56.40 -23.84 -56.28
N GLU L 148 55.74 -23.40 -57.35
CA GLU L 148 54.29 -23.31 -57.37
C GLU L 148 53.61 -24.61 -57.72
N LYS L 149 54.30 -25.51 -58.41
CA LYS L 149 53.77 -26.84 -58.68
C LYS L 149 53.78 -27.71 -57.44
N LEU L 150 54.66 -27.43 -56.48
CA LEU L 150 54.78 -28.22 -55.26
C LEU L 150 54.29 -27.49 -54.03
N ARG L 151 53.85 -26.24 -54.17
CA ARG L 151 53.57 -25.32 -53.06
C ARG L 151 54.74 -25.24 -52.08
N ALA L 152 55.94 -25.12 -52.63
CA ALA L 152 57.17 -25.12 -51.85
C ALA L 152 57.79 -23.74 -51.83
N ILE L 153 58.78 -23.57 -50.97
CA ILE L 153 59.48 -22.30 -50.80
C ILE L 153 60.89 -22.50 -51.33
N ALA L 154 61.13 -22.07 -52.56
CA ALA L 154 62.42 -22.28 -53.20
C ALA L 154 63.42 -21.27 -52.63
N ILE L 155 64.48 -21.78 -52.01
CA ILE L 155 65.47 -20.94 -51.34
C ILE L 155 66.57 -20.63 -52.34
N LEU L 156 66.50 -19.45 -52.93
CA LEU L 156 67.53 -18.99 -53.85
C LEU L 156 68.76 -18.52 -53.07
N ASP L 157 69.84 -18.26 -53.81
CA ASP L 157 70.98 -17.56 -53.26
C ASP L 157 71.56 -16.69 -54.36
N GLY L 158 71.71 -15.40 -54.06
CA GLY L 158 72.21 -14.46 -55.04
C GLY L 158 73.69 -14.63 -55.29
N PRO L 159 74.21 -13.86 -56.24
CA PRO L 159 75.64 -13.95 -56.54
C PRO L 159 76.47 -13.33 -55.43
N ASN L 160 77.73 -13.74 -55.36
CA ASN L 160 78.65 -13.28 -54.33
C ASN L 160 79.34 -11.97 -54.71
N SER L 161 78.74 -11.20 -55.62
CA SER L 161 79.20 -9.86 -55.95
C SER L 161 78.71 -8.87 -54.91
N THR L 162 78.87 -7.57 -55.18
CA THR L 162 78.53 -6.54 -54.21
C THR L 162 77.01 -6.41 -54.07
N ASP L 163 76.60 -5.56 -53.12
CA ASP L 163 75.19 -5.41 -52.78
C ASP L 163 74.40 -4.72 -53.88
N GLU L 164 75.07 -3.99 -54.78
CA GLU L 164 74.36 -3.43 -55.93
C GLU L 164 73.97 -4.54 -56.91
N ALA L 165 74.82 -5.56 -57.05
CA ALA L 165 74.52 -6.67 -57.92
C ALA L 165 73.61 -7.71 -57.28
N ALA L 166 73.42 -7.65 -55.96
CA ALA L 166 72.49 -8.53 -55.28
C ALA L 166 71.08 -7.98 -55.26
N VAL L 167 70.95 -6.66 -55.15
CA VAL L 167 69.65 -6.02 -55.25
C VAL L 167 69.12 -6.08 -56.67
N ALA L 168 70.00 -5.83 -57.65
CA ALA L 168 69.61 -5.90 -59.05
C ALA L 168 69.32 -7.32 -59.50
N TYR L 169 69.83 -8.32 -58.78
CA TYR L 169 69.46 -9.70 -59.05
C TYR L 169 68.10 -10.05 -58.45
N ALA L 170 67.77 -9.48 -57.29
CA ALA L 170 66.49 -9.75 -56.65
C ALA L 170 65.34 -8.98 -57.26
N LYS L 171 65.61 -8.06 -58.19
CA LYS L 171 64.56 -7.31 -58.86
C LYS L 171 63.99 -8.03 -60.06
N ASN L 172 64.28 -9.32 -60.22
CA ASN L 172 63.80 -10.09 -61.36
C ASN L 172 62.68 -11.05 -61.01
N PHE L 173 62.44 -11.31 -59.73
CA PHE L 173 61.63 -12.47 -59.35
C PHE L 173 60.20 -12.11 -58.93
N GLY L 174 60.04 -11.34 -57.87
CA GLY L 174 58.73 -10.86 -57.44
C GLY L 174 57.66 -11.87 -57.04
N SER L 175 58.01 -13.14 -56.92
CA SER L 175 57.03 -14.19 -56.63
C SER L 175 57.17 -14.67 -55.19
N LYS L 176 56.02 -14.89 -54.54
CA LYS L 176 55.93 -15.06 -53.09
C LYS L 176 56.56 -16.35 -52.57
N ARG L 177 56.99 -17.27 -53.44
CA ARG L 177 57.58 -18.52 -53.00
C ARG L 177 59.08 -18.56 -53.24
N LEU L 178 59.76 -17.42 -53.12
CA LEU L 178 61.19 -17.34 -53.33
C LEU L 178 61.83 -16.65 -52.14
N PHE L 179 62.88 -17.26 -51.61
CA PHE L 179 63.56 -16.76 -50.42
C PHE L 179 65.04 -16.65 -50.74
N MET L 180 65.55 -15.43 -50.82
CA MET L 180 66.90 -15.18 -51.30
C MET L 180 67.84 -14.92 -50.14
N VAL L 181 68.90 -15.72 -50.06
CA VAL L 181 69.92 -15.60 -49.02
C VAL L 181 71.22 -15.25 -49.74
N ASP L 182 71.60 -13.97 -49.71
CA ASP L 182 72.69 -13.50 -50.56
C ASP L 182 74.12 -13.78 -50.10
N PRO L 183 74.58 -13.40 -48.89
CA PRO L 183 76.02 -13.47 -48.63
C PRO L 183 76.51 -14.89 -48.45
N GLY L 184 77.60 -15.23 -49.13
CA GLY L 184 78.04 -16.60 -49.20
C GLY L 184 78.71 -17.04 -47.90
N VAL L 185 78.34 -18.24 -47.46
CA VAL L 185 78.91 -18.83 -46.25
C VAL L 185 80.34 -19.29 -46.57
N GLN L 186 81.27 -18.93 -45.70
CA GLN L 186 82.66 -19.37 -45.80
C GLN L 186 82.87 -20.43 -44.73
N VAL L 187 82.88 -21.70 -45.16
CA VAL L 187 82.92 -22.82 -44.24
C VAL L 187 84.30 -23.48 -44.29
N TRP L 188 84.65 -24.19 -43.23
CA TRP L 188 85.94 -24.86 -43.12
C TRP L 188 85.88 -26.22 -43.81
N ASP L 189 86.83 -26.46 -44.70
CA ASP L 189 86.89 -27.72 -45.44
C ASP L 189 87.78 -28.70 -44.70
N SER L 190 87.25 -29.89 -44.44
CA SER L 190 88.01 -30.90 -43.72
C SER L 190 89.09 -31.56 -44.58
N ALA L 191 88.95 -31.52 -45.90
CA ALA L 191 89.92 -32.13 -46.78
C ALA L 191 91.17 -31.27 -46.94
N THR L 192 90.98 -30.03 -47.41
CA THR L 192 92.11 -29.14 -47.68
C THR L 192 92.62 -28.43 -46.43
N ASN L 193 91.91 -28.55 -45.30
CA ASN L 193 92.21 -27.88 -44.03
C ASN L 193 92.31 -26.36 -44.21
N ALA L 194 91.37 -25.80 -44.96
CA ALA L 194 91.27 -24.36 -45.17
C ALA L 194 89.80 -24.00 -45.35
N ALA L 195 89.54 -22.71 -45.44
CA ALA L 195 88.17 -22.21 -45.52
C ALA L 195 87.73 -22.13 -46.99
N ARG L 196 86.64 -22.82 -47.31
CA ARG L 196 86.06 -22.78 -48.64
C ARG L 196 84.74 -22.01 -48.61
N ASN L 197 84.31 -21.56 -49.78
CA ASN L 197 83.10 -20.76 -49.91
C ASN L 197 81.94 -21.66 -50.32
N ALA L 198 80.88 -21.63 -49.54
CA ALA L 198 79.61 -22.32 -49.69
C ALA L 198 78.54 -21.37 -50.19
N PRO L 199 77.55 -21.85 -50.95
CA PRO L 199 76.56 -20.94 -51.54
C PRO L 199 75.53 -20.37 -50.57
N ALA L 200 75.54 -20.81 -49.31
CA ALA L 200 74.65 -20.33 -48.24
C ALA L 200 73.17 -20.54 -48.57
N SER L 201 72.85 -21.56 -49.34
CA SER L 201 71.48 -21.92 -49.62
C SER L 201 71.05 -23.23 -48.98
N ALA L 202 71.98 -24.18 -48.87
CA ALA L 202 71.68 -25.41 -48.13
C ALA L 202 71.70 -25.16 -46.63
N TYR L 203 72.45 -24.16 -46.17
CA TYR L 203 72.46 -23.82 -44.75
C TYR L 203 71.15 -23.18 -44.34
N ALA L 204 70.50 -22.44 -45.25
CA ALA L 204 69.17 -21.93 -44.97
C ALA L 204 68.14 -23.05 -44.92
N ALA L 205 68.33 -24.09 -45.73
CA ALA L 205 67.44 -25.25 -45.68
C ALA L 205 67.61 -26.03 -44.39
N GLY L 206 68.79 -25.97 -43.78
CA GLY L 206 68.97 -26.56 -42.47
C GLY L 206 68.30 -25.79 -41.37
N LEU L 207 67.84 -24.57 -41.63
CA LEU L 207 67.12 -23.78 -40.65
C LEU L 207 65.61 -23.89 -40.82
N PHE L 208 65.12 -23.99 -42.06
CA PHE L 208 63.71 -24.23 -42.29
C PHE L 208 63.30 -25.62 -41.87
N ALA L 209 64.23 -26.57 -41.83
CA ALA L 209 63.93 -27.93 -41.39
C ALA L 209 64.16 -28.14 -39.90
N TRP L 210 64.94 -27.28 -39.26
CA TRP L 210 65.18 -27.37 -37.83
C TRP L 210 64.13 -26.62 -37.04
N THR L 211 63.70 -25.45 -37.53
CA THR L 211 62.71 -24.66 -36.81
C THR L 211 61.31 -25.25 -36.91
N ASP L 212 61.04 -26.10 -37.90
CA ASP L 212 59.76 -26.77 -37.93
C ASP L 212 59.71 -27.94 -36.97
N ALA L 213 60.86 -28.54 -36.67
CA ALA L 213 60.92 -29.64 -35.72
C ALA L 213 61.22 -29.20 -34.30
N GLU L 214 61.47 -27.91 -34.10
CA GLU L 214 61.78 -27.39 -32.76
C GLU L 214 60.88 -26.25 -32.35
N TYR L 215 60.42 -25.43 -33.29
CA TYR L 215 59.59 -24.27 -33.00
C TYR L 215 58.28 -24.25 -33.77
N GLY L 216 58.12 -25.08 -34.78
CA GLY L 216 56.92 -25.10 -35.60
C GLY L 216 57.14 -24.41 -36.93
N PHE L 217 56.29 -24.75 -37.91
CA PHE L 217 56.39 -24.15 -39.23
C PHE L 217 55.91 -22.71 -39.26
N TRP L 218 55.17 -22.28 -38.24
CA TRP L 218 54.72 -20.90 -38.11
C TRP L 218 55.80 -19.99 -37.54
N SER L 219 56.95 -20.53 -37.15
CA SER L 219 58.03 -19.74 -36.60
C SER L 219 59.08 -19.53 -37.67
N SER L 220 59.42 -18.27 -37.92
CA SER L 220 60.39 -17.96 -38.96
C SER L 220 61.79 -18.36 -38.51
N PRO L 221 62.66 -18.75 -39.44
CA PRO L 221 64.03 -19.12 -39.04
C PRO L 221 64.97 -17.94 -39.01
N SER L 222 64.41 -16.73 -39.00
CA SER L 222 65.15 -15.50 -39.25
C SER L 222 65.91 -14.96 -38.06
N ASN L 223 66.12 -15.74 -37.00
CA ASN L 223 67.05 -15.34 -35.96
C ASN L 223 67.84 -16.52 -35.42
N LYS L 224 67.86 -17.64 -36.13
CA LYS L 224 68.38 -18.89 -35.61
C LYS L 224 69.82 -19.11 -36.06
N GLU L 225 70.57 -19.85 -35.27
CA GLU L 225 72.00 -20.02 -35.49
C GLU L 225 72.26 -21.03 -36.60
N ILE L 226 73.31 -20.76 -37.38
CA ILE L 226 73.86 -21.74 -38.30
C ILE L 226 75.16 -22.24 -37.69
N LYS L 227 75.17 -23.51 -37.26
CA LYS L 227 76.26 -24.01 -36.44
C LYS L 227 77.52 -24.31 -37.25
N GLY L 228 77.39 -24.67 -38.51
CA GLY L 228 78.54 -25.15 -39.26
C GLY L 228 79.47 -24.08 -39.78
N VAL L 229 78.97 -22.85 -39.93
CA VAL L 229 79.72 -21.83 -40.65
C VAL L 229 80.87 -21.28 -39.81
N THR L 230 81.86 -20.72 -40.49
CA THR L 230 82.98 -20.05 -39.83
C THR L 230 83.43 -18.82 -40.61
N GLY L 231 82.54 -18.22 -41.38
CA GLY L 231 82.90 -17.06 -42.15
C GLY L 231 81.74 -16.62 -43.03
N THR L 232 81.94 -15.48 -43.67
CA THR L 232 80.97 -14.96 -44.63
C THR L 232 81.71 -14.09 -45.62
N SER L 233 81.70 -14.49 -46.89
CA SER L 233 82.31 -13.67 -47.93
C SER L 233 81.48 -12.42 -48.13
N ARG L 234 82.18 -11.27 -48.26
CA ARG L 234 81.62 -9.92 -48.30
C ARG L 234 80.72 -9.69 -47.09
N PRO L 235 81.30 -9.52 -45.90
CA PRO L 235 80.48 -9.52 -44.68
C PRO L 235 79.62 -8.26 -44.55
N VAL L 236 78.40 -8.46 -44.08
CA VAL L 236 77.40 -7.40 -44.02
C VAL L 236 77.54 -6.64 -42.71
N GLU L 237 76.96 -5.44 -42.67
CA GLU L 237 77.02 -4.56 -41.51
C GLU L 237 75.62 -4.39 -40.94
N PHE L 238 75.46 -4.72 -39.67
CA PHE L 238 74.28 -4.37 -38.88
C PHE L 238 74.78 -4.17 -37.46
N LEU L 239 74.91 -2.91 -37.05
CA LEU L 239 75.62 -2.70 -35.79
C LEU L 239 74.72 -2.91 -34.59
N ASP L 240 73.84 -1.95 -34.29
CA ASP L 240 72.98 -2.10 -33.13
C ASP L 240 71.49 -1.94 -33.43
N GLY L 241 71.12 -0.74 -33.89
CA GLY L 241 69.74 -0.39 -34.06
C GLY L 241 69.51 0.57 -35.21
N ASP L 242 70.55 0.82 -35.99
CA ASP L 242 70.47 1.81 -37.06
C ASP L 242 69.63 1.26 -38.22
N GLU L 243 68.64 2.05 -38.64
CA GLU L 243 67.79 1.67 -39.76
C GLU L 243 68.49 1.81 -41.11
N THR L 244 69.73 2.27 -41.13
CA THR L 244 70.47 2.53 -42.36
C THR L 244 71.73 1.68 -42.45
N CYS L 245 71.69 0.49 -41.87
CA CYS L 245 72.82 -0.42 -41.92
C CYS L 245 72.92 -1.06 -43.30
N ARG L 246 74.04 -1.74 -43.54
CA ARG L 246 74.23 -2.39 -44.83
C ARG L 246 73.38 -3.65 -44.95
N ALA L 247 73.22 -4.39 -43.85
CA ALA L 247 72.35 -5.56 -43.87
C ALA L 247 70.88 -5.17 -43.90
N ASN L 248 70.53 -4.04 -43.30
CA ASN L 248 69.14 -3.60 -43.30
C ASN L 248 68.70 -3.05 -44.64
N LEU L 249 69.63 -2.56 -45.46
CA LEU L 249 69.27 -2.17 -46.81
C LEU L 249 69.08 -3.38 -47.73
N LEU L 250 69.52 -4.55 -47.30
CA LEU L 250 69.24 -5.78 -48.03
C LEU L 250 67.94 -6.43 -47.60
N ASN L 251 67.64 -6.41 -46.29
CA ASN L 251 66.35 -6.89 -45.82
C ASN L 251 65.21 -5.99 -46.27
N ASN L 252 65.51 -4.71 -46.53
CA ASN L 252 64.53 -3.81 -47.13
C ASN L 252 64.19 -4.23 -48.55
N ALA L 253 65.15 -4.80 -49.28
CA ALA L 253 64.95 -5.22 -50.66
C ALA L 253 64.60 -6.70 -50.76
N ASN L 254 63.99 -7.26 -49.71
CA ASN L 254 63.49 -8.64 -49.65
C ASN L 254 64.60 -9.67 -49.87
N ILE L 255 65.73 -9.46 -49.20
CA ILE L 255 66.88 -10.34 -49.29
C ILE L 255 67.31 -10.71 -47.87
N ALA L 256 67.39 -12.00 -47.59
CA ALA L 256 67.84 -12.48 -46.29
C ALA L 256 69.36 -12.44 -46.22
N THR L 257 69.89 -12.14 -45.04
CA THR L 257 71.32 -12.01 -44.82
C THR L 257 71.75 -12.89 -43.66
N ILE L 258 73.05 -12.88 -43.41
CA ILE L 258 73.64 -13.50 -42.23
C ILE L 258 74.45 -12.41 -41.52
N ILE L 259 73.91 -11.92 -40.40
CA ILE L 259 74.34 -10.61 -39.91
C ILE L 259 75.64 -10.69 -39.13
N ARG L 260 75.69 -11.55 -38.12
CA ARG L 260 76.67 -11.38 -37.04
C ARG L 260 78.07 -11.83 -37.48
N ASP L 261 78.97 -11.85 -36.50
CA ASP L 261 80.37 -12.20 -36.72
C ASP L 261 80.48 -13.61 -37.27
N ASP L 262 80.90 -13.70 -38.54
CA ASP L 262 80.91 -14.86 -39.43
C ASP L 262 79.52 -15.38 -39.76
N GLY L 263 78.48 -14.62 -39.47
CA GLY L 263 77.13 -15.01 -39.81
C GLY L 263 76.64 -16.23 -39.08
N TYR L 264 76.67 -16.19 -37.75
CA TYR L 264 76.04 -17.26 -36.98
C TYR L 264 74.59 -16.92 -36.63
N ARG L 265 73.97 -15.99 -37.35
CA ARG L 265 72.55 -15.72 -37.25
C ARG L 265 72.02 -15.43 -38.64
N LEU L 266 71.07 -16.24 -39.11
CA LEU L 266 70.30 -15.86 -40.30
C LEU L 266 69.44 -14.66 -39.97
N TRP L 267 69.28 -13.78 -40.95
CA TRP L 267 68.58 -12.51 -40.73
C TRP L 267 67.72 -12.22 -41.94
N GLY L 268 66.40 -12.28 -41.76
CA GLY L 268 65.48 -11.94 -42.82
C GLY L 268 64.32 -12.90 -42.92
N ASN L 269 63.11 -12.37 -42.85
CA ASN L 269 61.91 -13.18 -42.99
C ASN L 269 60.98 -12.61 -44.06
N ARG L 270 61.49 -11.78 -44.95
CA ARG L 270 60.70 -11.23 -46.04
C ARG L 270 61.01 -12.01 -47.30
N THR L 271 60.01 -12.72 -47.83
CA THR L 271 60.20 -13.39 -49.11
C THR L 271 60.14 -12.38 -50.24
N LEU L 272 60.54 -12.81 -51.44
CA LEU L 272 60.63 -11.94 -52.60
C LEU L 272 59.24 -11.75 -53.22
N SER L 273 58.37 -11.08 -52.48
CA SER L 273 56.98 -10.92 -52.89
C SER L 273 56.66 -9.45 -53.11
N SER L 274 55.97 -9.15 -54.21
CA SER L 274 55.56 -7.78 -54.48
C SER L 274 54.35 -7.37 -53.64
N ASP L 275 53.45 -8.31 -53.34
CA ASP L 275 52.33 -8.02 -52.46
C ASP L 275 52.79 -8.07 -51.01
N SER L 276 52.45 -7.03 -50.26
CA SER L 276 52.83 -6.97 -48.85
C SER L 276 52.00 -7.88 -47.97
N LYS L 277 50.94 -8.50 -48.51
CA LYS L 277 50.22 -9.53 -47.76
C LYS L 277 51.08 -10.77 -47.61
N TRP L 278 51.65 -11.26 -48.70
CA TRP L 278 52.46 -12.46 -48.71
C TRP L 278 53.94 -12.17 -48.50
N ALA L 279 54.26 -11.10 -47.77
CA ALA L 279 55.66 -10.68 -47.65
C ALA L 279 56.44 -11.61 -46.74
N PHE L 280 55.82 -12.11 -45.68
CA PHE L 280 56.54 -12.93 -44.72
C PHE L 280 56.56 -14.40 -45.14
N VAL L 281 57.66 -15.07 -44.81
CA VAL L 281 57.78 -16.50 -45.10
C VAL L 281 56.91 -17.31 -44.15
N THR L 282 56.56 -16.74 -42.99
CA THR L 282 55.64 -17.41 -42.08
C THR L 282 54.26 -17.55 -42.69
N ARG L 283 53.74 -16.47 -43.28
CA ARG L 283 52.39 -16.50 -43.84
C ARG L 283 52.32 -17.36 -45.10
N VAL L 284 53.41 -17.43 -45.87
CA VAL L 284 53.41 -18.27 -47.06
C VAL L 284 53.48 -19.74 -46.66
N ARG L 285 54.27 -20.06 -45.64
CA ARG L 285 54.49 -21.45 -45.26
C ARG L 285 53.28 -22.05 -44.57
N THR L 286 52.62 -21.28 -43.70
CA THR L 286 51.43 -21.80 -43.03
C THR L 286 50.25 -21.90 -43.97
N MET L 287 50.21 -21.05 -44.99
CA MET L 287 49.12 -21.11 -45.95
C MET L 287 49.23 -22.35 -46.83
N ASP L 288 50.43 -22.64 -47.34
CA ASP L 288 50.63 -23.82 -48.15
C ASP L 288 50.60 -25.11 -47.35
N LEU L 289 50.66 -25.04 -46.02
CA LEU L 289 50.54 -26.21 -45.17
C LEU L 289 49.10 -26.50 -44.78
N VAL L 290 48.27 -25.48 -44.60
CA VAL L 290 46.85 -25.70 -44.32
C VAL L 290 46.03 -25.84 -45.59
N MET L 291 46.59 -25.52 -46.76
CA MET L 291 45.90 -25.77 -48.01
C MET L 291 46.22 -27.14 -48.59
N ASP L 292 47.20 -27.84 -48.04
CA ASP L 292 47.49 -29.20 -48.44
C ASP L 292 47.05 -30.23 -47.41
N ALA L 293 46.89 -29.81 -46.15
CA ALA L 293 46.29 -30.71 -45.16
C ALA L 293 44.80 -30.87 -45.42
N ILE L 294 44.14 -29.82 -45.89
CA ILE L 294 42.73 -29.91 -46.22
C ILE L 294 42.54 -30.67 -47.54
N LEU L 295 43.45 -30.46 -48.49
CA LEU L 295 43.34 -31.09 -49.80
C LEU L 295 43.59 -32.59 -49.73
N ALA L 296 44.65 -33.00 -49.04
CA ALA L 296 44.97 -34.41 -48.91
C ALA L 296 44.22 -35.08 -47.76
N GLY L 297 43.46 -34.32 -46.97
CA GLY L 297 42.75 -34.87 -45.85
C GLY L 297 41.25 -34.96 -46.00
N HIS L 298 40.70 -34.48 -47.12
CA HIS L 298 39.26 -34.52 -47.35
C HIS L 298 38.90 -35.31 -48.60
N LYS L 299 39.70 -36.32 -48.93
CA LYS L 299 39.39 -37.21 -50.04
C LYS L 299 38.43 -38.33 -49.63
N TRP L 300 37.92 -38.31 -48.41
CA TRP L 300 36.88 -39.22 -47.98
C TRP L 300 35.48 -38.68 -48.22
N ALA L 301 35.36 -37.41 -48.59
CA ALA L 301 34.08 -36.73 -48.71
C ALA L 301 33.81 -36.28 -50.14
N VAL L 302 34.14 -37.12 -51.12
CA VAL L 302 33.99 -36.72 -52.51
C VAL L 302 32.74 -37.31 -53.17
N ASP L 303 32.11 -38.30 -52.56
CA ASP L 303 30.79 -38.72 -53.03
C ASP L 303 29.91 -39.14 -51.86
N ARG L 304 29.99 -38.42 -50.75
CA ARG L 304 29.26 -38.85 -49.55
C ARG L 304 27.78 -38.53 -49.63
N GLY L 305 27.41 -37.48 -50.35
CA GLY L 305 26.01 -37.08 -50.36
C GLY L 305 25.74 -36.00 -49.35
N ILE L 306 25.21 -34.86 -49.81
CA ILE L 306 25.05 -33.69 -48.96
C ILE L 306 23.82 -33.87 -48.08
N THR L 307 24.00 -34.43 -46.89
CA THR L 307 22.99 -34.47 -45.85
C THR L 307 23.35 -33.46 -44.78
N LYS L 308 22.40 -33.24 -43.86
CA LYS L 308 22.60 -32.27 -42.79
C LYS L 308 23.71 -32.70 -41.83
N THR L 309 23.90 -34.00 -41.67
CA THR L 309 25.00 -34.52 -40.88
C THR L 309 26.28 -34.68 -41.69
N TYR L 310 26.27 -34.31 -42.96
CA TYR L 310 27.50 -34.32 -43.75
C TYR L 310 28.21 -32.98 -43.67
N VAL L 311 27.47 -31.89 -43.88
CA VAL L 311 28.04 -30.55 -43.81
C VAL L 311 28.47 -30.23 -42.39
N LYS L 312 27.73 -30.72 -41.39
CA LYS L 312 28.08 -30.43 -40.01
C LYS L 312 29.29 -31.25 -39.55
N ASP L 313 29.49 -32.44 -40.10
CA ASP L 313 30.62 -33.27 -39.70
C ASP L 313 31.84 -33.08 -40.57
N VAL L 314 31.76 -32.23 -41.59
CA VAL L 314 32.96 -31.71 -42.24
C VAL L 314 33.42 -30.45 -41.55
N THR L 315 32.48 -29.58 -41.16
CA THR L 315 32.80 -28.34 -40.46
C THR L 315 33.37 -28.63 -39.08
N GLU L 316 32.73 -29.51 -38.31
CA GLU L 316 33.24 -29.86 -36.99
C GLU L 316 34.54 -30.66 -37.07
N GLY L 317 34.80 -31.34 -38.17
CA GLY L 317 36.11 -31.90 -38.41
C GLY L 317 37.12 -30.92 -38.94
N LEU L 318 36.66 -29.73 -39.34
CA LEU L 318 37.52 -28.66 -39.81
C LEU L 318 37.84 -27.65 -38.74
N ARG L 319 36.90 -27.39 -37.82
CA ARG L 319 37.21 -26.59 -36.64
C ARG L 319 38.19 -27.31 -35.74
N ALA L 320 38.05 -28.63 -35.61
CA ALA L 320 38.93 -29.42 -34.77
C ALA L 320 40.35 -29.47 -35.31
N PHE L 321 40.54 -29.26 -36.61
CA PHE L 321 41.88 -29.12 -37.16
C PHE L 321 42.45 -27.75 -36.87
N MET L 322 41.62 -26.70 -36.99
CA MET L 322 42.09 -25.35 -36.71
C MET L 322 42.19 -25.07 -35.22
N ARG L 323 41.44 -25.79 -34.39
CA ARG L 323 41.59 -25.64 -32.95
C ARG L 323 42.79 -26.41 -32.42
N ASP L 324 43.26 -27.43 -33.14
CA ASP L 324 44.54 -28.06 -32.83
C ASP L 324 45.71 -27.24 -33.36
N LEU L 325 45.46 -26.22 -34.17
CA LEU L 325 46.47 -25.28 -34.59
C LEU L 325 46.47 -24.01 -33.75
N LYS L 326 45.36 -23.69 -33.09
CA LYS L 326 45.27 -22.47 -32.31
C LYS L 326 46.02 -22.59 -30.99
N ASN L 327 45.77 -23.68 -30.25
CA ASN L 327 46.49 -23.90 -29.00
C ASN L 327 47.93 -24.33 -29.23
N GLN L 328 48.24 -24.84 -30.42
CA GLN L 328 49.62 -25.14 -30.78
C GLN L 328 50.44 -23.88 -31.02
N GLY L 329 49.78 -22.76 -31.31
CA GLY L 329 50.46 -21.52 -31.57
C GLY L 329 50.57 -21.15 -33.03
N ALA L 330 49.96 -21.93 -33.93
CA ALA L 330 50.12 -21.68 -35.36
C ALA L 330 49.27 -20.51 -35.82
N VAL L 331 48.05 -20.40 -35.31
CA VAL L 331 47.15 -19.31 -35.65
C VAL L 331 46.78 -18.57 -34.37
N ILE L 332 46.24 -17.38 -34.53
CA ILE L 332 45.75 -16.60 -33.39
C ILE L 332 44.32 -17.02 -33.11
N ASN L 333 43.44 -16.83 -34.11
CA ASN L 333 42.07 -17.26 -34.00
C ASN L 333 41.58 -17.57 -35.41
N PHE L 334 40.53 -18.39 -35.48
CA PHE L 334 40.01 -18.88 -36.74
C PHE L 334 38.51 -18.69 -36.81
N GLU L 335 37.94 -18.99 -37.97
CA GLU L 335 36.49 -18.97 -38.15
C GLU L 335 36.16 -19.90 -39.32
N VAL L 336 35.69 -21.10 -39.00
CA VAL L 336 35.31 -22.09 -40.00
C VAL L 336 33.80 -22.20 -40.00
N TYR L 337 33.19 -21.99 -41.16
CA TYR L 337 31.75 -22.05 -41.28
C TYR L 337 31.39 -22.45 -42.71
N ALA L 338 30.21 -23.04 -42.86
CA ALA L 338 29.66 -23.29 -44.17
C ALA L 338 29.15 -21.99 -44.76
N ASP L 339 29.46 -21.76 -46.03
CA ASP L 339 29.17 -20.48 -46.67
C ASP L 339 27.67 -20.32 -46.89
N PRO L 340 27.03 -19.28 -46.35
CA PRO L 340 25.58 -19.15 -46.52
C PRO L 340 25.19 -18.69 -47.92
N ASP L 341 26.06 -17.96 -48.61
CA ASP L 341 25.74 -17.45 -49.94
C ASP L 341 26.11 -18.43 -51.05
N LEU L 342 27.30 -19.01 -50.98
CA LEU L 342 27.77 -19.87 -52.05
C LEU L 342 27.16 -21.27 -52.01
N ASN L 343 26.49 -21.64 -50.92
CA ASN L 343 25.74 -22.89 -50.87
C ASN L 343 24.30 -22.58 -51.23
N SER L 344 24.08 -22.33 -52.52
CA SER L 344 22.74 -22.08 -53.02
C SER L 344 22.08 -23.40 -53.38
N ALA L 345 20.82 -23.33 -53.83
CA ALA L 345 20.13 -24.53 -54.24
C ALA L 345 20.63 -25.04 -55.57
N SER L 346 21.13 -24.15 -56.42
CA SER L 346 21.66 -24.54 -57.71
C SER L 346 23.12 -24.97 -57.67
N GLN L 347 23.87 -24.51 -56.68
CA GLN L 347 25.25 -24.99 -56.52
C GLN L 347 25.26 -26.38 -55.90
N LEU L 348 24.34 -26.65 -54.97
CA LEU L 348 24.31 -27.96 -54.32
C LEU L 348 23.75 -29.02 -55.25
N ALA L 349 22.93 -28.63 -56.22
CA ALA L 349 22.38 -29.58 -57.17
C ALA L 349 23.41 -30.06 -58.19
N GLN L 350 24.55 -29.40 -58.28
CA GLN L 350 25.65 -29.85 -59.12
C GLN L 350 26.70 -30.62 -58.34
N GLY L 351 26.53 -30.75 -57.03
CA GLY L 351 27.51 -31.41 -56.20
C GLY L 351 28.54 -30.50 -55.59
N LYS L 352 28.37 -29.19 -55.70
CA LYS L 352 29.32 -28.24 -55.13
C LYS L 352 28.81 -27.76 -53.78
N VAL L 353 29.67 -27.82 -52.77
CA VAL L 353 29.34 -27.34 -51.43
C VAL L 353 30.56 -26.62 -50.88
N TYR L 354 30.36 -25.42 -50.34
CA TYR L 354 31.44 -24.50 -50.04
C TYR L 354 31.63 -24.35 -48.54
N TRP L 355 32.90 -24.31 -48.11
CA TRP L 355 33.26 -24.02 -46.73
C TRP L 355 34.28 -22.89 -46.73
N ASN L 356 34.15 -21.99 -45.76
CA ASN L 356 35.05 -20.86 -45.60
C ASN L 356 35.91 -21.06 -44.36
N ILE L 357 37.22 -21.01 -44.53
CA ILE L 357 38.16 -21.14 -43.43
C ILE L 357 38.93 -19.83 -43.32
N ARG L 358 38.48 -18.95 -42.44
CA ARG L 358 39.15 -17.68 -42.21
C ARG L 358 39.94 -17.77 -40.92
N PHE L 359 41.22 -17.43 -40.97
CA PHE L 359 42.08 -17.50 -39.80
C PHE L 359 43.06 -16.34 -39.83
N THR L 360 43.89 -16.25 -38.79
CA THR L 360 44.92 -15.24 -38.67
C THR L 360 46.24 -15.91 -38.32
N ASP L 361 47.22 -15.79 -39.20
CA ASP L 361 48.56 -16.28 -38.90
C ASP L 361 49.20 -15.43 -37.81
N VAL L 362 50.11 -16.04 -37.07
CA VAL L 362 50.86 -15.36 -36.03
C VAL L 362 52.06 -14.70 -36.69
N PRO L 363 52.12 -13.37 -36.77
CA PRO L 363 53.19 -12.71 -37.53
C PRO L 363 54.50 -12.76 -36.78
N PRO L 364 55.63 -12.68 -37.46
CA PRO L 364 56.91 -12.67 -36.77
C PRO L 364 57.25 -11.26 -36.30
N ALA L 365 57.70 -11.16 -35.06
CA ALA L 365 58.08 -9.87 -34.47
C ALA L 365 59.41 -9.45 -35.05
N GLU L 366 59.37 -8.87 -36.26
CA GLU L 366 60.60 -8.43 -36.89
C GLU L 366 61.06 -7.08 -36.36
N ASN L 367 60.21 -6.36 -35.63
CA ASN L 367 60.60 -5.07 -35.07
C ASN L 367 59.81 -4.79 -33.80
N PRO L 368 60.26 -5.28 -32.65
CA PRO L 368 59.67 -4.83 -31.39
C PRO L 368 60.07 -3.40 -31.06
N ASN L 369 59.13 -2.46 -31.20
CA ASN L 369 59.38 -1.05 -30.96
C ASN L 369 59.11 -0.72 -29.49
N PHE L 370 60.06 -0.03 -28.87
CA PHE L 370 59.91 0.41 -27.48
C PHE L 370 59.83 1.93 -27.42
N ARG L 371 59.01 2.43 -26.51
CA ARG L 371 58.74 3.86 -26.36
C ARG L 371 58.97 4.23 -24.90
N VAL L 372 60.21 4.57 -24.55
CA VAL L 372 60.59 4.89 -23.18
C VAL L 372 60.44 6.39 -22.95
N GLU L 373 60.00 6.75 -21.74
CA GLU L 373 59.77 8.15 -21.41
C GLU L 373 59.92 8.38 -19.92
N VAL L 374 60.40 9.57 -19.56
CA VAL L 374 60.44 10.04 -18.19
C VAL L 374 59.22 10.90 -17.94
N THR L 375 58.72 10.88 -16.72
CA THR L 375 57.49 11.58 -16.36
C THR L 375 57.72 12.36 -15.07
N ASP L 376 56.69 13.08 -14.63
CA ASP L 376 56.69 13.73 -13.33
C ASP L 376 55.45 13.36 -12.53
N GLN L 377 54.74 12.30 -12.94
CA GLN L 377 53.51 11.90 -12.26
C GLN L 377 53.81 11.28 -10.90
N TRP L 378 54.83 10.43 -10.83
CA TRP L 378 55.27 9.82 -9.59
C TRP L 378 56.36 10.61 -8.90
N LEU L 379 56.60 11.85 -9.34
CA LEU L 379 57.55 12.72 -8.64
C LEU L 379 56.98 13.24 -7.33
N THR L 380 55.66 13.31 -7.21
CA THR L 380 55.00 13.71 -5.98
C THR L 380 54.77 12.53 -5.03
N GLU L 381 55.32 11.35 -5.34
CA GLU L 381 55.14 10.18 -4.48
C GLU L 381 55.95 10.28 -3.21
N VAL L 382 57.07 11.00 -3.22
CA VAL L 382 57.95 11.10 -2.04
C VAL L 382 57.45 12.28 -1.23
N LEU L 383 56.42 12.03 -0.42
CA LEU L 383 55.95 13.02 0.52
C LEU L 383 55.46 12.45 1.85
N ASP L 384 55.37 11.13 2.00
CA ASP L 384 54.80 10.51 3.18
C ASP L 384 55.16 9.03 3.24
N SER M 2 60.34 -4.52 -45.55
CA SER M 2 60.67 -4.33 -44.15
C SER M 2 61.27 -2.96 -43.91
N PHE M 3 60.65 -2.18 -43.01
CA PHE M 3 61.16 -0.86 -42.69
C PHE M 3 62.47 -0.97 -41.90
N PHE M 4 62.42 -1.57 -40.72
CA PHE M 4 63.61 -1.89 -39.97
C PHE M 4 63.43 -3.24 -39.31
N HIS M 5 64.48 -4.05 -39.34
CA HIS M 5 64.48 -5.41 -38.80
C HIS M 5 65.46 -5.43 -37.64
N GLY M 6 64.93 -5.42 -36.43
CA GLY M 6 65.76 -5.39 -35.22
C GLY M 6 64.93 -4.95 -34.03
N VAL M 7 65.59 -4.31 -33.07
CA VAL M 7 64.94 -3.76 -31.89
C VAL M 7 65.05 -2.25 -31.95
N THR M 8 63.92 -1.56 -31.86
CA THR M 8 63.88 -0.11 -31.87
C THR M 8 63.51 0.38 -30.48
N VAL M 9 64.34 1.25 -29.92
CA VAL M 9 64.09 1.89 -28.64
C VAL M 9 64.01 3.39 -28.90
N THR M 10 62.79 3.93 -28.87
CA THR M 10 62.56 5.34 -29.16
C THR M 10 62.43 6.13 -27.87
N ASN M 11 62.61 7.43 -27.99
CA ASN M 11 62.37 8.37 -26.90
C ASN M 11 61.33 9.38 -27.38
N VAL M 12 60.14 9.34 -26.77
CA VAL M 12 59.05 10.18 -27.27
C VAL M 12 59.21 11.63 -26.81
N ASP M 13 59.72 11.83 -25.59
CA ASP M 13 60.11 13.15 -25.05
C ASP M 13 58.92 14.12 -25.01
N ILE M 14 57.92 13.77 -24.20
CA ILE M 14 56.72 14.58 -24.09
C ILE M 14 56.50 15.01 -22.65
N GLY M 15 57.58 15.25 -21.92
CA GLY M 15 57.48 15.73 -20.55
C GLY M 15 57.38 17.24 -20.47
N ALA M 16 56.66 17.71 -19.47
CA ALA M 16 56.55 19.14 -19.21
C ALA M 16 57.82 19.65 -18.54
N ARG M 17 58.44 20.66 -19.13
CA ARG M 17 59.70 21.18 -18.63
C ARG M 17 59.46 22.09 -17.42
N THR M 18 60.54 22.56 -16.82
CA THR M 18 60.50 23.43 -15.66
C THR M 18 60.95 24.84 -16.05
N ILE M 19 60.49 25.81 -15.27
CA ILE M 19 60.75 27.22 -15.55
C ILE M 19 61.43 27.82 -14.33
N ALA M 20 62.60 28.42 -14.53
CA ALA M 20 63.34 29.08 -13.48
C ALA M 20 63.29 30.59 -13.67
N LEU M 21 63.43 31.32 -12.57
CA LEU M 21 63.44 32.78 -12.55
C LEU M 21 64.87 33.31 -12.68
N PRO M 22 65.08 34.43 -13.40
CA PRO M 22 66.43 34.95 -13.64
C PRO M 22 67.02 35.80 -12.51
N ALA M 23 66.82 35.36 -11.27
CA ALA M 23 67.51 35.77 -10.04
C ALA M 23 67.19 37.18 -9.56
N SER M 24 66.51 37.98 -10.38
CA SER M 24 65.75 39.17 -9.97
C SER M 24 66.49 40.29 -9.26
N SER M 25 67.81 40.20 -9.10
CA SER M 25 68.49 41.15 -8.22
C SER M 25 69.81 41.68 -8.79
N VAL M 26 70.05 41.54 -10.08
CA VAL M 26 71.28 42.04 -10.68
C VAL M 26 71.16 43.54 -10.82
N ILE M 27 72.17 44.26 -10.34
CA ILE M 27 72.13 45.72 -10.24
C ILE M 27 73.06 46.30 -11.30
N GLY M 28 72.52 47.14 -12.16
CA GLY M 28 73.31 47.83 -13.15
C GLY M 28 73.81 49.17 -12.64
N LEU M 29 75.11 49.30 -12.49
CA LEU M 29 75.72 50.49 -11.90
C LEU M 29 76.56 51.21 -12.94
N CYS M 30 76.57 52.55 -12.87
CA CYS M 30 77.39 53.35 -13.77
C CYS M 30 77.68 54.67 -13.05
N ASP M 31 78.93 54.85 -12.62
CA ASP M 31 79.34 56.06 -11.93
C ASP M 31 80.80 56.34 -12.26
N VAL M 32 81.28 57.49 -11.79
CA VAL M 32 82.63 57.94 -12.10
C VAL M 32 83.65 57.11 -11.32
N PHE M 33 84.78 56.83 -11.96
CA PHE M 33 85.93 56.27 -11.26
C PHE M 33 87.19 56.77 -11.96
N THR M 34 88.27 56.85 -11.20
CA THR M 34 89.53 57.36 -11.72
C THR M 34 90.41 56.19 -12.13
N PRO M 35 90.70 56.02 -13.42
CA PRO M 35 91.54 54.88 -13.83
C PRO M 35 93.01 55.14 -13.54
N GLY M 36 93.72 54.07 -13.25
CA GLY M 36 95.13 54.17 -12.94
C GLY M 36 95.79 52.84 -12.64
N ALA M 37 96.70 52.82 -11.68
CA ALA M 37 97.39 51.59 -11.32
C ALA M 37 96.57 50.74 -10.36
N GLN M 38 95.81 51.37 -9.47
CA GLN M 38 95.00 50.62 -8.50
C GLN M 38 93.65 50.22 -9.07
N ALA M 39 93.22 50.82 -10.17
CA ALA M 39 91.93 50.52 -10.80
C ALA M 39 92.18 49.50 -11.91
N SER M 40 91.67 48.30 -11.73
CA SER M 40 91.88 47.20 -12.68
C SER M 40 90.79 47.12 -13.73
N ALA M 41 90.14 48.23 -14.07
CA ALA M 41 89.05 48.24 -15.02
C ALA M 41 89.26 49.34 -16.06
N LYS M 42 89.01 49.00 -17.32
CA LYS M 42 89.05 49.98 -18.39
C LYS M 42 87.85 50.92 -18.26
N PRO M 43 88.00 52.19 -18.64
CA PRO M 43 86.98 53.20 -18.31
C PRO M 43 85.67 53.12 -19.09
N ASN M 44 85.42 52.07 -19.88
CA ASN M 44 84.10 51.94 -20.51
C ASN M 44 83.54 50.53 -20.53
N VAL M 45 84.29 49.51 -20.15
CA VAL M 45 83.82 48.13 -20.24
C VAL M 45 83.06 47.76 -18.97
N PRO M 46 82.09 46.87 -19.03
CA PRO M 46 81.43 46.41 -17.81
C PRO M 46 82.32 45.46 -17.03
N VAL M 47 82.17 45.49 -15.70
CA VAL M 47 82.90 44.62 -14.79
C VAL M 47 81.89 43.97 -13.87
N LEU M 48 81.89 42.65 -13.82
CA LEU M 48 81.00 41.93 -12.92
C LEU M 48 81.55 41.99 -11.51
N LEU M 49 80.70 42.35 -10.56
CA LEU M 49 81.10 42.47 -9.15
C LEU M 49 80.18 41.62 -8.30
N THR M 50 80.75 40.88 -7.37
CA THR M 50 79.98 40.05 -6.46
C THR M 50 80.40 40.19 -5.01
N SER M 51 81.38 41.05 -4.71
CA SER M 51 81.80 41.25 -3.33
C SER M 51 82.35 42.66 -3.21
N LYS M 52 82.48 43.13 -1.96
CA LYS M 52 83.03 44.46 -1.71
C LYS M 52 84.53 44.49 -1.98
N LYS M 53 85.22 43.37 -1.74
CA LYS M 53 86.64 43.28 -2.05
C LYS M 53 86.89 43.34 -3.55
N ASP M 54 85.98 42.75 -4.34
CA ASP M 54 86.10 42.80 -5.79
C ASP M 54 85.83 44.20 -6.34
N ALA M 55 84.99 44.97 -5.65
CA ALA M 55 84.70 46.32 -6.13
C ALA M 55 85.85 47.28 -5.87
N ALA M 56 86.59 47.08 -4.79
CA ALA M 56 87.77 47.89 -4.53
C ALA M 56 88.99 47.43 -5.32
N ALA M 57 89.03 46.15 -5.70
CA ALA M 57 90.13 45.65 -6.50
C ALA M 57 89.96 45.95 -7.99
N ALA M 58 88.77 46.37 -8.41
CA ALA M 58 88.50 46.69 -9.81
C ALA M 58 88.41 48.17 -10.09
N PHE M 59 87.92 48.98 -9.14
CA PHE M 59 87.79 50.40 -9.36
C PHE M 59 88.55 51.25 -8.36
N GLY M 60 89.15 50.65 -7.33
CA GLY M 60 89.95 51.42 -6.39
C GLY M 60 89.13 52.07 -5.30
N ILE M 61 89.72 52.15 -4.10
CA ILE M 61 89.07 52.81 -2.99
C ILE M 61 89.10 54.32 -3.21
N GLY M 62 87.98 54.98 -2.92
CA GLY M 62 87.86 56.41 -3.09
C GLY M 62 87.17 56.84 -4.37
N SER M 63 86.91 55.91 -5.28
CA SER M 63 86.17 56.24 -6.49
C SER M 63 84.70 56.50 -6.15
N SER M 64 84.03 57.22 -7.04
CA SER M 64 82.62 57.46 -6.87
C SER M 64 81.76 56.24 -7.13
N ILE M 65 82.31 55.23 -7.82
CA ILE M 65 81.56 54.00 -8.04
C ILE M 65 81.88 52.95 -6.97
N TYR M 66 83.00 53.08 -6.26
CA TYR M 66 83.22 52.20 -5.12
C TYR M 66 82.37 52.63 -3.94
N LEU M 67 82.11 53.94 -3.81
CA LEU M 67 81.20 54.42 -2.78
C LEU M 67 79.76 54.03 -3.07
N ALA M 68 79.43 53.75 -4.33
CA ALA M 68 78.12 53.21 -4.66
C ALA M 68 78.06 51.71 -4.40
N CYS M 69 79.17 51.00 -4.65
CA CYS M 69 79.21 49.58 -4.33
C CYS M 69 79.28 49.35 -2.83
N GLU M 70 79.84 50.30 -2.08
CA GLU M 70 79.85 50.20 -0.62
C GLU M 70 78.45 50.34 -0.06
N ALA M 71 77.61 51.18 -0.68
CA ALA M 71 76.25 51.36 -0.20
C ALA M 71 75.39 50.13 -0.46
N ILE M 72 75.72 49.35 -1.49
CA ILE M 72 74.93 48.17 -1.80
C ILE M 72 75.38 46.99 -0.96
N TYR M 73 76.68 46.78 -0.83
CA TYR M 73 77.18 45.61 -0.13
C TYR M 73 77.11 45.74 1.39
N ASN M 74 76.91 46.95 1.92
CA ASN M 74 76.72 47.08 3.36
C ASN M 74 75.33 46.63 3.77
N ARG M 75 74.35 46.72 2.88
CA ARG M 75 72.97 46.36 3.16
C ARG M 75 72.60 44.99 2.60
N ALA M 76 72.96 44.72 1.35
CA ALA M 76 72.56 43.50 0.67
C ALA M 76 73.80 42.70 0.27
N GLN M 77 73.56 41.64 -0.49
CA GLN M 77 74.63 40.79 -1.03
C GLN M 77 74.13 40.28 -2.38
N ALA M 78 74.53 40.97 -3.44
CA ALA M 78 73.99 40.68 -4.76
C ALA M 78 75.09 40.88 -5.80
N VAL M 79 74.69 40.79 -7.06
CA VAL M 79 75.61 40.86 -8.20
C VAL M 79 75.45 42.23 -8.86
N ILE M 80 76.55 42.95 -9.00
CA ILE M 80 76.55 44.29 -9.57
C ILE M 80 77.26 44.23 -10.92
N VAL M 81 76.57 44.72 -11.96
CA VAL M 81 77.20 44.94 -13.26
C VAL M 81 77.58 46.42 -13.28
N ALA M 82 78.82 46.70 -12.92
CA ALA M 82 79.31 48.07 -12.89
C ALA M 82 80.01 48.41 -14.19
N VAL M 83 79.80 49.63 -14.67
CA VAL M 83 80.43 50.06 -15.92
C VAL M 83 81.64 50.92 -15.59
N GLY M 84 81.42 52.03 -14.91
CA GLY M 84 82.51 52.90 -14.56
C GLY M 84 82.90 53.81 -15.71
N VAL M 85 82.85 55.12 -15.49
CA VAL M 85 83.23 56.10 -16.49
C VAL M 85 84.33 56.98 -15.90
N GLU M 86 84.99 57.74 -16.78
CA GLU M 86 86.09 58.59 -16.37
C GLU M 86 85.61 60.01 -16.12
N THR M 87 86.38 60.75 -15.32
CA THR M 87 85.99 62.08 -14.90
C THR M 87 86.22 63.08 -16.02
N ALA M 88 85.17 63.85 -16.35
CA ALA M 88 85.29 64.90 -17.35
C ALA M 88 85.58 66.23 -16.65
N GLU M 89 85.83 67.26 -17.46
CA GLU M 89 86.17 68.57 -16.91
C GLU M 89 84.93 69.31 -16.43
N THR M 90 84.01 69.59 -17.33
CA THR M 90 82.76 70.21 -16.94
C THR M 90 81.80 69.17 -16.37
N PRO M 91 80.92 69.55 -15.44
CA PRO M 91 79.88 68.61 -14.99
C PRO M 91 78.83 68.32 -16.06
N GLU M 92 78.71 69.17 -17.08
CA GLU M 92 77.85 68.85 -18.21
C GLU M 92 78.40 67.71 -19.03
N ALA M 93 79.72 67.71 -19.27
CA ALA M 93 80.35 66.62 -20.02
C ALA M 93 80.42 65.33 -19.23
N GLN M 94 80.28 65.40 -17.90
CA GLN M 94 80.16 64.18 -17.12
C GLN M 94 78.83 63.49 -17.40
N ALA M 95 77.77 64.26 -17.64
CA ALA M 95 76.48 63.68 -17.99
C ALA M 95 76.50 63.08 -19.40
N SER M 96 77.37 63.58 -20.27
CA SER M 96 77.52 62.98 -21.59
C SER M 96 78.24 61.63 -21.53
N ALA M 97 79.03 61.40 -20.49
CA ALA M 97 79.78 60.16 -20.36
C ALA M 97 78.97 59.07 -19.65
N VAL M 98 78.06 59.45 -18.76
CA VAL M 98 77.22 58.45 -18.12
C VAL M 98 76.19 57.92 -19.11
N ILE M 99 75.58 58.81 -19.90
CA ILE M 99 74.71 58.40 -20.99
C ILE M 99 75.50 57.61 -22.02
N GLY M 100 76.67 58.12 -22.39
CA GLY M 100 77.54 57.40 -23.31
C GLY M 100 77.04 57.42 -24.73
N GLY M 101 76.53 56.27 -25.17
CA GLY M 101 76.14 56.13 -26.55
C GLY M 101 76.90 55.00 -27.19
N ILE M 102 77.78 55.33 -28.13
CA ILE M 102 78.60 54.33 -28.81
C ILE M 102 79.96 54.94 -29.10
N SER M 103 80.95 54.07 -29.32
CA SER M 103 82.32 54.49 -29.55
C SER M 103 82.68 54.34 -31.02
N ALA M 104 83.85 54.88 -31.39
CA ALA M 104 84.32 54.81 -32.76
C ALA M 104 84.75 53.41 -33.17
N ALA M 105 84.98 52.53 -32.20
CA ALA M 105 85.27 51.13 -32.48
C ALA M 105 84.02 50.28 -32.56
N GLY M 106 82.84 50.88 -32.48
CA GLY M 106 81.60 50.14 -32.55
C GLY M 106 81.20 49.46 -31.26
N GLU M 107 81.54 50.05 -30.12
CA GLU M 107 81.23 49.48 -28.83
C GLU M 107 80.49 50.51 -27.98
N ARG M 108 79.66 50.03 -27.07
CA ARG M 108 78.87 50.91 -26.22
C ARG M 108 79.74 51.47 -25.10
N THR M 109 79.41 52.68 -24.65
CA THR M 109 80.31 53.46 -23.82
C THR M 109 79.81 53.67 -22.39
N GLY M 110 78.66 54.29 -22.21
CA GLY M 110 78.26 54.69 -20.88
C GLY M 110 77.27 53.76 -20.21
N LEU M 111 76.03 54.23 -20.05
CA LEU M 111 74.96 53.36 -19.56
C LEU M 111 74.60 52.29 -20.57
N GLN M 112 74.89 52.51 -21.85
CA GLN M 112 74.58 51.54 -22.89
C GLN M 112 75.36 50.24 -22.76
N ALA M 113 76.49 50.25 -22.04
CA ALA M 113 77.25 49.04 -21.80
C ALA M 113 76.53 48.06 -20.88
N LEU M 114 75.48 48.50 -20.18
CA LEU M 114 74.68 47.59 -19.38
C LEU M 114 73.83 46.65 -20.24
N LEU M 115 73.65 46.97 -21.53
CA LEU M 115 73.01 46.04 -22.44
C LEU M 115 73.92 44.87 -22.77
N ASP M 116 75.22 45.00 -22.56
CA ASP M 116 76.17 43.90 -22.71
C ASP M 116 76.28 43.05 -21.45
N GLY M 117 75.43 43.30 -20.44
CA GLY M 117 75.53 42.54 -19.20
C GLY M 117 75.01 41.12 -19.29
N LYS M 118 74.16 40.84 -20.27
CA LYS M 118 73.64 39.48 -20.42
C LYS M 118 74.46 38.65 -21.39
N SER M 119 75.00 39.27 -22.44
CA SER M 119 75.79 38.54 -23.42
C SER M 119 77.22 38.30 -22.97
N ARG M 120 77.66 38.91 -21.87
CA ARG M 120 79.01 38.73 -21.37
C ARG M 120 79.08 38.05 -20.02
N PHE M 121 78.07 38.19 -19.17
CA PHE M 121 78.11 37.61 -17.83
C PHE M 121 76.91 36.73 -17.50
N ASN M 122 75.95 36.59 -18.43
CA ASN M 122 74.69 35.86 -18.23
C ASN M 122 73.93 36.38 -17.01
N ALA M 123 73.89 37.70 -16.87
CA ALA M 123 73.20 38.33 -15.74
C ALA M 123 72.66 39.67 -16.24
N GLN M 124 71.39 39.69 -16.62
CA GLN M 124 70.75 40.92 -17.06
C GLN M 124 70.46 41.80 -15.86
N PRO M 125 70.89 43.06 -15.87
CA PRO M 125 70.67 43.92 -14.70
C PRO M 125 69.21 44.33 -14.56
N ARG M 126 68.67 44.13 -13.36
CA ARG M 126 67.28 44.45 -13.05
C ARG M 126 67.13 45.77 -12.32
N LEU M 127 68.20 46.33 -11.76
CA LEU M 127 68.16 47.61 -11.07
C LEU M 127 69.18 48.53 -11.73
N LEU M 128 68.70 49.56 -12.41
CA LEU M 128 69.56 50.51 -13.10
C LEU M 128 69.81 51.69 -12.17
N VAL M 129 71.06 51.85 -11.72
CA VAL M 129 71.41 52.85 -10.74
C VAL M 129 72.57 53.67 -11.29
N ALA M 130 72.37 54.98 -11.44
CA ALA M 130 73.43 55.94 -11.71
C ALA M 130 73.37 56.97 -10.60
N PRO M 131 74.10 56.77 -9.50
CA PRO M 131 73.94 57.65 -8.34
C PRO M 131 74.61 59.00 -8.55
N GLY M 132 73.88 60.05 -8.23
CA GLY M 132 74.37 61.42 -8.37
C GLY M 132 74.06 62.05 -9.69
N HIS M 133 74.10 61.26 -10.76
CA HIS M 133 73.86 61.77 -12.10
C HIS M 133 72.41 61.70 -12.51
N SER M 134 71.58 60.93 -11.80
CA SER M 134 70.17 60.82 -12.16
C SER M 134 69.37 62.06 -11.82
N ALA M 135 69.94 62.99 -11.03
CA ALA M 135 69.26 64.26 -10.78
C ALA M 135 69.25 65.13 -12.04
N GLN M 136 70.21 64.95 -12.93
CA GLN M 136 70.18 65.61 -14.23
C GLN M 136 69.17 64.91 -15.12
N GLN M 137 68.35 65.70 -15.81
CA GLN M 137 67.26 65.14 -16.60
C GLN M 137 67.74 64.44 -17.86
N ALA M 138 68.95 64.75 -18.33
CA ALA M 138 69.48 64.07 -19.51
C ALA M 138 69.83 62.62 -19.20
N VAL M 139 70.42 62.38 -18.03
CA VAL M 139 70.82 61.02 -17.65
C VAL M 139 69.60 60.21 -17.25
N ALA M 140 68.64 60.84 -16.57
CA ALA M 140 67.47 60.11 -16.08
C ALA M 140 66.53 59.73 -17.20
N THR M 141 66.50 60.50 -18.29
CA THR M 141 65.65 60.15 -19.42
C THR M 141 66.35 59.21 -20.38
N ALA M 142 67.67 59.05 -20.28
CA ALA M 142 68.39 58.03 -21.03
C ALA M 142 68.46 56.72 -20.26
N MET M 143 68.34 56.78 -18.94
CA MET M 143 68.17 55.58 -18.14
C MET M 143 66.73 55.08 -18.14
N ASP M 144 65.79 55.96 -18.49
CA ASP M 144 64.39 55.54 -18.60
C ASP M 144 64.15 54.72 -19.85
N GLY M 145 64.72 55.15 -20.98
CA GLY M 145 64.64 54.35 -22.19
C GLY M 145 65.49 53.10 -22.15
N LEU M 146 66.49 53.08 -21.28
CA LEU M 146 67.33 51.89 -21.11
C LEU M 146 66.65 50.86 -20.21
N ALA M 147 65.81 51.31 -19.27
CA ALA M 147 65.13 50.39 -18.38
C ALA M 147 64.06 49.57 -19.07
N GLU M 148 63.57 50.04 -20.22
CA GLU M 148 62.62 49.25 -21.01
C GLU M 148 63.32 48.27 -21.94
N LYS M 149 64.58 48.52 -22.29
CA LYS M 149 65.35 47.56 -23.07
C LYS M 149 65.76 46.36 -22.23
N LEU M 150 65.86 46.52 -20.91
CA LEU M 150 66.29 45.46 -20.02
C LEU M 150 65.16 44.92 -19.15
N ARG M 151 63.95 45.50 -19.25
CA ARG M 151 62.84 45.27 -18.33
C ARG M 151 63.26 45.47 -16.88
N ALA M 152 64.00 46.54 -16.63
CA ALA M 152 64.56 46.84 -15.32
C ALA M 152 63.84 48.01 -14.68
N ILE M 153 64.12 48.22 -13.41
CA ILE M 153 63.51 49.30 -12.63
C ILE M 153 64.61 50.29 -12.32
N ALA M 154 64.69 51.36 -13.11
CA ALA M 154 65.75 52.35 -12.94
C ALA M 154 65.45 53.22 -11.73
N ILE M 155 66.33 53.20 -10.74
CA ILE M 155 66.12 53.91 -9.49
C ILE M 155 66.75 55.29 -9.62
N LEU M 156 65.91 56.28 -9.91
CA LEU M 156 66.37 57.67 -9.98
C LEU M 156 66.57 58.23 -8.59
N ASP M 157 67.16 59.42 -8.53
CA ASP M 157 67.17 60.21 -7.32
C ASP M 157 67.08 61.68 -7.71
N GLY M 158 66.10 62.37 -7.13
CA GLY M 158 65.87 63.75 -7.46
C GLY M 158 66.93 64.66 -6.89
N PRO M 159 66.86 65.96 -7.21
CA PRO M 159 67.84 66.91 -6.68
C PRO M 159 67.61 67.15 -5.20
N ASN M 160 68.66 67.60 -4.52
CA ASN M 160 68.61 67.86 -3.09
C ASN M 160 68.10 69.25 -2.77
N SER M 161 67.33 69.86 -3.67
CA SER M 161 66.64 71.11 -3.41
C SER M 161 65.35 70.84 -2.64
N THR M 162 64.50 71.86 -2.53
CA THR M 162 63.29 71.75 -1.73
C THR M 162 62.26 70.86 -2.42
N ASP M 163 61.16 70.61 -1.71
CA ASP M 163 60.13 69.69 -2.21
C ASP M 163 59.36 70.24 -3.39
N GLU M 164 59.38 71.55 -3.60
CA GLU M 164 58.78 72.11 -4.80
C GLU M 164 59.61 71.76 -6.03
N ALA M 165 60.94 71.72 -5.88
CA ALA M 165 61.81 71.35 -6.98
C ALA M 165 61.95 69.85 -7.16
N ALA M 166 61.50 69.05 -6.19
CA ALA M 166 61.50 67.60 -6.33
C ALA M 166 60.22 67.11 -6.98
N VAL M 167 59.10 67.76 -6.70
CA VAL M 167 57.85 67.42 -7.37
C VAL M 167 57.90 67.86 -8.83
N ALA M 168 58.42 69.06 -9.09
CA ALA M 168 58.55 69.57 -10.45
C ALA M 168 59.59 68.78 -11.26
N TYR M 169 60.50 68.09 -10.58
CA TYR M 169 61.41 67.19 -11.28
C TYR M 169 60.74 65.87 -11.62
N ALA M 170 59.87 65.38 -10.76
CA ALA M 170 59.18 64.12 -10.99
C ALA M 170 58.03 64.24 -11.97
N LYS M 171 57.68 65.45 -12.40
CA LYS M 171 56.62 65.66 -13.36
C LYS M 171 57.09 65.55 -14.81
N ASN M 172 58.30 65.03 -15.02
CA ASN M 172 58.85 64.92 -16.37
C ASN M 172 58.87 63.49 -16.89
N PHE M 173 58.65 62.49 -16.05
CA PHE M 173 58.98 61.12 -16.42
C PHE M 173 57.78 60.27 -16.80
N GLY M 174 56.85 60.05 -15.87
CA GLY M 174 55.62 59.34 -16.16
C GLY M 174 55.67 57.89 -16.63
N SER M 175 56.85 57.26 -16.59
CA SER M 175 57.01 55.91 -17.10
C SER M 175 57.16 54.91 -15.96
N LYS M 176 56.51 53.75 -16.11
CA LYS M 176 56.29 52.81 -15.02
C LYS M 176 57.54 52.12 -14.50
N ARG M 177 58.70 52.29 -15.15
CA ARG M 177 59.92 51.66 -14.72
C ARG M 177 60.90 52.64 -14.10
N LEU M 178 60.39 53.65 -13.39
CA LEU M 178 61.22 54.66 -12.75
C LEU M 178 60.80 54.79 -11.31
N PHE M 179 61.79 54.75 -10.40
CA PHE M 179 61.55 54.79 -8.97
C PHE M 179 62.41 55.90 -8.39
N MET M 180 61.78 56.97 -7.92
CA MET M 180 62.48 58.18 -7.53
C MET M 180 62.59 58.26 -6.01
N VAL M 181 63.83 58.34 -5.51
CA VAL M 181 64.12 58.45 -4.09
C VAL M 181 64.76 59.81 -3.87
N ASP M 182 63.99 60.78 -3.39
CA ASP M 182 64.45 62.16 -3.39
C ASP M 182 65.42 62.59 -2.27
N PRO M 183 65.14 62.42 -0.97
CA PRO M 183 65.98 63.08 0.04
C PRO M 183 67.35 62.41 0.16
N GLY M 184 68.39 63.23 0.14
CA GLY M 184 69.74 62.70 0.06
C GLY M 184 70.20 62.11 1.40
N VAL M 185 70.81 60.94 1.32
CA VAL M 185 71.36 60.26 2.48
C VAL M 185 72.61 61.00 2.93
N GLN M 186 72.70 61.29 4.23
CA GLN M 186 73.89 61.89 4.82
C GLN M 186 74.62 60.80 5.60
N VAL M 187 75.69 60.28 5.01
CA VAL M 187 76.39 59.12 5.55
C VAL M 187 77.73 59.57 6.13
N TRP M 188 78.25 58.76 7.05
CA TRP M 188 79.52 59.06 7.71
C TRP M 188 80.68 58.58 6.86
N ASP M 189 81.63 59.48 6.62
CA ASP M 189 82.80 59.17 5.80
C ASP M 189 83.93 58.70 6.70
N SER M 190 84.49 57.53 6.38
CA SER M 190 85.57 56.98 7.18
C SER M 190 86.90 57.70 6.95
N ALA M 191 87.06 58.37 5.81
CA ALA M 191 88.32 59.04 5.52
C ALA M 191 88.41 60.39 6.25
N THR M 192 87.45 61.27 6.02
CA THR M 192 87.48 62.61 6.60
C THR M 192 86.96 62.65 8.03
N ASN M 193 86.39 61.54 8.52
CA ASN M 193 85.78 61.42 9.85
C ASN M 193 84.69 62.48 10.07
N ALA M 194 83.86 62.68 9.04
CA ALA M 194 82.73 63.59 9.11
C ALA M 194 81.62 63.05 8.22
N ALA M 195 80.47 63.72 8.25
CA ALA M 195 79.30 63.27 7.53
C ALA M 195 79.30 63.86 6.12
N ARG M 196 79.24 62.98 5.12
CA ARG M 196 79.16 63.39 3.73
C ARG M 196 77.78 63.06 3.17
N ASN M 197 77.42 63.73 2.08
CA ASN M 197 76.12 63.56 1.47
C ASN M 197 76.22 62.56 0.31
N ALA M 198 75.40 61.54 0.36
CA ALA M 198 75.21 60.46 -0.59
C ALA M 198 73.95 60.68 -1.40
N PRO M 199 73.90 60.23 -2.66
CA PRO M 199 72.73 60.53 -3.50
C PRO M 199 71.47 59.74 -3.18
N ALA M 200 71.54 58.77 -2.25
CA ALA M 200 70.42 57.95 -1.77
C ALA M 200 69.77 57.15 -2.90
N SER M 201 70.55 56.77 -3.91
CA SER M 201 70.06 55.90 -4.97
C SER M 201 70.70 54.53 -4.95
N ALA M 202 71.96 54.43 -4.53
CA ALA M 202 72.58 53.13 -4.34
C ALA M 202 72.07 52.46 -3.07
N TYR M 203 71.65 53.25 -2.07
CA TYR M 203 71.08 52.68 -0.86
C TYR M 203 69.71 52.07 -1.12
N ALA M 204 68.95 52.63 -2.07
CA ALA M 204 67.70 52.01 -2.47
C ALA M 204 67.95 50.71 -3.24
N ALA M 205 69.06 50.64 -3.99
CA ALA M 205 69.41 49.41 -4.67
C ALA M 205 69.84 48.33 -3.70
N GLY M 206 70.37 48.72 -2.53
CA GLY M 206 70.65 47.75 -1.49
C GLY M 206 69.41 47.22 -0.81
N LEU M 207 68.26 47.82 -1.04
CA LEU M 207 67.00 47.33 -0.49
C LEU M 207 66.23 46.47 -1.48
N PHE M 208 66.29 46.81 -2.77
CA PHE M 208 65.69 45.96 -3.79
C PHE M 208 66.43 44.65 -3.95
N ALA M 209 67.71 44.61 -3.60
CA ALA M 209 68.49 43.39 -3.68
C ALA M 209 68.47 42.59 -2.39
N TRP M 210 68.13 43.21 -1.27
CA TRP M 210 68.04 42.51 0.00
C TRP M 210 66.66 41.91 0.21
N THR M 211 65.60 42.63 -0.19
CA THR M 211 64.25 42.12 0.00
C THR M 211 63.90 41.01 -0.97
N ASP M 212 64.62 40.89 -2.08
CA ASP M 212 64.38 39.75 -2.95
C ASP M 212 65.05 38.50 -2.44
N ALA M 213 66.14 38.64 -1.68
CA ALA M 213 66.83 37.50 -1.10
C ALA M 213 66.35 37.17 0.30
N GLU M 214 65.46 37.97 0.87
CA GLU M 214 64.95 37.74 2.21
C GLU M 214 63.44 37.66 2.28
N TYR M 215 62.73 38.39 1.42
CA TYR M 215 61.28 38.44 1.44
C TYR M 215 60.65 38.10 0.09
N GLY M 216 61.42 38.07 -0.98
CA GLY M 216 60.90 37.82 -2.30
C GLY M 216 60.78 39.09 -3.14
N PHE M 217 60.75 38.90 -4.46
CA PHE M 217 60.63 40.05 -5.36
C PHE M 217 59.24 40.66 -5.35
N TRP M 218 58.24 39.92 -4.86
CA TRP M 218 56.88 40.41 -4.73
C TRP M 218 56.68 41.27 -3.48
N SER M 219 57.70 41.41 -2.64
CA SER M 219 57.62 42.21 -1.43
C SER M 219 58.30 43.54 -1.69
N SER M 220 57.58 44.63 -1.45
CA SER M 220 58.13 45.95 -1.69
C SER M 220 59.18 46.29 -0.64
N PRO M 221 60.21 47.07 -0.98
CA PRO M 221 61.21 47.43 0.02
C PRO M 221 60.84 48.68 0.81
N SER M 222 59.57 49.06 0.75
CA SER M 222 59.11 50.37 1.19
C SER M 222 58.88 50.48 2.69
N ASN M 223 59.39 49.56 3.51
CA ASN M 223 59.40 49.78 4.94
C ASN M 223 60.67 49.23 5.58
N LYS M 224 61.70 48.98 4.79
CA LYS M 224 62.87 48.24 5.26
C LYS M 224 63.99 49.21 5.64
N GLU M 225 64.84 48.76 6.56
CA GLU M 225 65.87 49.62 7.13
C GLU M 225 67.04 49.77 6.18
N ILE M 226 67.62 50.96 6.18
CA ILE M 226 68.91 51.21 5.55
C ILE M 226 69.94 51.34 6.66
N LYS M 227 70.84 50.36 6.76
CA LYS M 227 71.69 50.24 7.93
C LYS M 227 72.84 51.24 7.92
N GLY M 228 73.32 51.65 6.74
CA GLY M 228 74.54 52.44 6.68
C GLY M 228 74.36 53.91 6.98
N VAL M 229 73.15 54.44 6.85
CA VAL M 229 72.95 55.88 6.86
C VAL M 229 73.02 56.41 8.30
N THR M 230 73.32 57.71 8.40
CA THR M 230 73.33 58.39 9.69
C THR M 230 72.81 59.82 9.56
N GLY M 231 71.97 60.08 8.56
CA GLY M 231 71.45 61.42 8.36
C GLY M 231 70.63 61.47 7.10
N THR M 232 69.98 62.63 6.92
CA THR M 232 69.21 62.90 5.71
C THR M 232 69.19 64.39 5.49
N SER M 233 69.76 64.85 4.38
CA SER M 233 69.72 66.25 4.03
C SER M 233 68.30 66.64 3.65
N ARG M 234 67.85 67.80 4.18
CA ARG M 234 66.48 68.30 4.10
C ARG M 234 65.50 67.24 4.62
N PRO M 235 65.45 67.03 5.94
CA PRO M 235 64.70 65.89 6.48
C PRO M 235 63.20 66.07 6.35
N VAL M 236 62.52 64.97 6.01
CA VAL M 236 61.10 65.00 5.73
C VAL M 236 60.31 64.81 7.02
N GLU M 237 59.03 65.18 6.96
CA GLU M 237 58.13 65.10 8.11
C GLU M 237 57.05 64.07 7.83
N PHE M 238 56.94 63.08 8.70
CA PHE M 238 55.80 62.17 8.75
C PHE M 238 55.63 61.81 10.21
N LEU M 239 54.64 62.40 10.87
CA LEU M 239 54.62 62.27 12.32
C LEU M 239 53.99 60.96 12.77
N ASP M 240 52.66 60.85 12.71
CA ASP M 240 52.02 59.61 13.13
C ASP M 240 51.08 59.01 12.10
N GLY M 241 50.03 59.76 11.77
CA GLY M 241 48.97 59.25 10.93
C GLY M 241 48.34 60.32 10.06
N ASP M 242 48.93 61.52 10.07
CA ASP M 242 48.35 62.64 9.34
C ASP M 242 48.52 62.46 7.84
N GLU M 243 47.42 62.58 7.10
CA GLU M 243 47.45 62.47 5.65
C GLU M 243 48.04 63.69 4.97
N THR M 244 48.42 64.71 5.72
CA THR M 244 48.91 65.98 5.20
C THR M 244 50.35 66.24 5.66
N CYS M 245 51.12 65.18 5.87
CA CYS M 245 52.52 65.33 6.27
C CYS M 245 53.37 65.76 5.08
N ARG M 246 54.61 66.15 5.37
CA ARG M 246 55.51 66.58 4.31
C ARG M 246 56.00 65.39 3.49
N ALA M 247 56.25 64.26 4.15
CA ALA M 247 56.65 63.05 3.41
C ALA M 247 55.48 62.45 2.65
N ASN M 248 54.27 62.59 3.17
CA ASN M 248 53.10 62.04 2.49
C ASN M 248 52.70 62.84 1.27
N LEU M 249 53.05 64.13 1.22
CA LEU M 249 52.82 64.90 0.00
C LEU M 249 53.84 64.56 -1.08
N LEU M 250 54.92 63.88 -0.74
CA LEU M 250 55.88 63.38 -1.72
C LEU M 250 55.52 61.99 -2.21
N ASN M 251 55.03 61.12 -1.32
CA ASN M 251 54.54 59.81 -1.75
C ASN M 251 53.26 59.95 -2.57
N ASN M 252 52.51 61.03 -2.36
CA ASN M 252 51.36 61.31 -3.20
C ASN M 252 51.78 61.64 -4.63
N ALA M 253 52.95 62.26 -4.79
CA ALA M 253 53.47 62.65 -6.10
C ALA M 253 54.43 61.61 -6.68
N ASN M 254 54.27 60.34 -6.27
CA ASN M 254 55.03 59.19 -6.79
C ASN M 254 56.54 59.35 -6.55
N ILE M 255 56.89 59.77 -5.34
CA ILE M 255 58.29 59.96 -4.94
C ILE M 255 58.51 59.22 -3.64
N ALA M 256 59.51 58.33 -3.61
CA ALA M 256 59.86 57.60 -2.41
C ALA M 256 60.72 58.48 -1.51
N THR M 257 60.54 58.31 -0.20
CA THR M 257 61.25 59.12 0.80
C THR M 257 61.94 58.21 1.79
N ILE M 258 62.65 58.84 2.73
CA ILE M 258 63.23 58.17 3.89
C ILE M 258 62.70 58.89 5.12
N ILE M 259 61.75 58.27 5.82
CA ILE M 259 60.88 59.04 6.72
C ILE M 259 61.55 59.32 8.06
N ARG M 260 62.04 58.29 8.74
CA ARG M 260 62.26 58.36 10.17
C ARG M 260 63.52 59.14 10.51
N ASP M 261 63.87 59.15 11.80
CA ASP M 261 65.02 59.87 12.32
C ASP M 261 66.29 59.38 11.66
N ASP M 262 66.88 60.27 10.85
CA ASP M 262 67.99 60.08 9.90
C ASP M 262 67.64 59.14 8.76
N GLY M 263 66.36 58.82 8.57
CA GLY M 263 65.95 57.99 7.47
C GLY M 263 66.44 56.56 7.55
N TYR M 264 66.15 55.87 8.65
CA TYR M 264 66.43 54.45 8.71
C TYR M 264 65.24 53.61 8.26
N ARG M 265 64.30 54.20 7.52
CA ARG M 265 63.22 53.48 6.86
C ARG M 265 62.99 54.10 5.49
N LEU M 266 63.16 53.32 4.44
CA LEU M 266 62.67 53.74 3.13
C LEU M 266 61.15 53.78 3.16
N TRP M 267 60.58 54.74 2.45
CA TRP M 267 59.13 54.97 2.49
C TRP M 267 58.65 55.30 1.08
N GLY M 268 57.89 54.40 0.49
CA GLY M 268 57.31 54.64 -0.80
C GLY M 268 57.39 53.45 -1.71
N ASN M 269 56.24 53.01 -2.22
CA ASN M 269 56.18 51.91 -3.16
C ASN M 269 55.43 52.28 -4.43
N ARG M 270 55.27 53.58 -4.71
CA ARG M 270 54.61 54.03 -5.92
C ARG M 270 55.68 54.44 -6.92
N THR M 271 55.75 53.73 -8.05
CA THR M 271 56.66 54.13 -9.09
C THR M 271 56.08 55.31 -9.85
N LEU M 272 56.91 55.95 -10.67
CA LEU M 272 56.53 57.16 -11.40
C LEU M 272 55.70 56.80 -12.63
N SER M 273 54.49 56.29 -12.39
CA SER M 273 53.64 55.79 -13.46
C SER M 273 52.36 56.60 -13.51
N SER M 274 51.95 56.98 -14.73
CA SER M 274 50.70 57.70 -14.90
C SER M 274 49.49 56.78 -14.81
N ASP M 275 49.62 55.53 -15.25
CA ASP M 275 48.54 54.57 -15.10
C ASP M 275 48.54 54.02 -13.69
N SER M 276 47.37 54.02 -13.05
CA SER M 276 47.25 53.51 -11.70
C SER M 276 47.27 52.00 -11.62
N LYS M 277 47.25 51.30 -12.77
CA LYS M 277 47.46 49.86 -12.77
C LYS M 277 48.90 49.53 -12.42
N TRP M 278 49.85 50.17 -13.09
CA TRP M 278 51.27 49.94 -12.88
C TRP M 278 51.87 50.86 -11.84
N ALA M 279 51.07 51.29 -10.85
CA ALA M 279 51.54 52.29 -9.90
C ALA M 279 52.54 51.69 -8.92
N PHE M 280 52.34 50.45 -8.50
CA PHE M 280 53.19 49.85 -7.48
C PHE M 280 54.42 49.22 -8.11
N VAL M 281 55.53 49.28 -7.37
CA VAL M 281 56.77 48.66 -7.82
C VAL M 281 56.68 47.15 -7.69
N THR M 282 55.80 46.64 -6.83
CA THR M 282 55.57 45.21 -6.73
C THR M 282 54.99 44.64 -8.02
N ARG M 283 53.96 45.31 -8.57
CA ARG M 283 53.30 44.81 -9.78
C ARG M 283 54.20 44.95 -11.01
N VAL M 284 55.07 45.96 -11.04
CA VAL M 284 55.98 46.11 -12.17
C VAL M 284 57.09 45.06 -12.10
N ARG M 285 57.57 44.76 -10.90
CA ARG M 285 58.70 43.86 -10.76
C ARG M 285 58.30 42.41 -10.97
N THR M 286 57.13 42.01 -10.48
CA THR M 286 56.69 40.63 -10.70
C THR M 286 56.26 40.41 -12.14
N MET M 287 55.79 41.45 -12.82
CA MET M 287 55.41 41.29 -14.22
C MET M 287 56.63 41.09 -15.10
N ASP M 288 57.66 41.90 -14.90
CA ASP M 288 58.88 41.76 -15.69
C ASP M 288 59.69 40.53 -15.31
N LEU M 289 59.39 39.88 -14.20
CA LEU M 289 60.04 38.64 -13.81
C LEU M 289 59.34 37.41 -14.35
N VAL M 290 58.00 37.44 -14.45
CA VAL M 290 57.28 36.33 -15.06
C VAL M 290 57.18 36.45 -16.57
N MET M 291 57.50 37.62 -17.13
CA MET M 291 57.57 37.74 -18.58
C MET M 291 58.94 37.44 -19.14
N ASP M 292 59.95 37.29 -18.29
CA ASP M 292 61.26 36.87 -18.72
C ASP M 292 61.57 35.43 -18.35
N ALA M 293 60.89 34.89 -17.33
CA ALA M 293 61.01 33.47 -17.04
C ALA M 293 60.32 32.63 -18.10
N ILE M 294 59.21 33.14 -18.65
CA ILE M 294 58.51 32.44 -19.71
C ILE M 294 59.28 32.59 -21.03
N LEU M 295 59.86 33.78 -21.26
CA LEU M 295 60.56 34.05 -22.51
C LEU M 295 61.86 33.26 -22.60
N ALA M 296 62.66 33.27 -21.54
CA ALA M 296 63.92 32.52 -21.53
C ALA M 296 63.74 31.06 -21.17
N GLY M 297 62.54 30.64 -20.80
CA GLY M 297 62.29 29.28 -20.39
C GLY M 297 61.51 28.44 -21.36
N HIS M 298 61.06 29.00 -22.47
CA HIS M 298 60.27 28.28 -23.46
C HIS M 298 60.96 28.26 -24.82
N LYS M 299 62.28 28.31 -24.84
CA LYS M 299 63.02 28.20 -26.09
C LYS M 299 63.24 26.75 -26.53
N TRP M 300 62.66 25.79 -25.81
CA TRP M 300 62.66 24.40 -26.23
C TRP M 300 61.46 24.04 -27.08
N ALA M 301 60.49 24.94 -27.19
CA ALA M 301 59.22 24.65 -27.87
C ALA M 301 59.01 25.55 -29.08
N VAL M 302 60.07 25.78 -29.86
CA VAL M 302 59.98 26.69 -31.00
C VAL M 302 59.84 25.97 -32.32
N ASP M 303 60.10 24.67 -32.39
CA ASP M 303 59.75 23.90 -33.58
C ASP M 303 59.29 22.50 -33.20
N ARG M 304 58.55 22.37 -32.12
CA ARG M 304 58.20 21.04 -31.64
C ARG M 304 57.08 20.40 -32.45
N GLY M 305 56.20 21.19 -33.04
CA GLY M 305 55.07 20.62 -33.74
C GLY M 305 53.85 20.57 -32.85
N ILE M 306 52.75 21.18 -33.29
CA ILE M 306 51.57 21.32 -32.47
C ILE M 306 50.78 20.01 -32.47
N THR M 307 51.08 19.14 -31.51
CA THR M 307 50.29 17.96 -31.24
C THR M 307 49.48 18.18 -29.98
N LYS M 308 48.55 17.25 -29.71
CA LYS M 308 47.69 17.37 -28.54
C LYS M 308 48.47 17.24 -27.25
N THR M 309 49.57 16.48 -27.26
CA THR M 309 50.45 16.38 -26.12
C THR M 309 51.51 17.47 -26.09
N TYR M 310 51.48 18.39 -27.05
CA TYR M 310 52.38 19.53 -27.02
C TYR M 310 51.76 20.71 -26.30
N VAL M 311 50.51 21.05 -26.66
CA VAL M 311 49.79 22.14 -26.02
C VAL M 311 49.49 21.80 -24.57
N LYS M 312 49.21 20.53 -24.27
CA LYS M 312 48.91 20.15 -22.91
C LYS M 312 50.15 20.12 -22.03
N ASP M 313 51.31 19.82 -22.59
CA ASP M 313 52.54 19.76 -21.81
C ASP M 313 53.31 21.08 -21.80
N VAL M 314 52.82 22.10 -22.50
CA VAL M 314 53.27 23.46 -22.26
C VAL M 314 52.41 24.11 -21.19
N THR M 315 51.11 23.86 -21.23
CA THR M 315 50.18 24.41 -20.23
C THR M 315 50.43 23.82 -18.86
N GLU M 316 50.58 22.50 -18.77
CA GLU M 316 50.88 21.86 -17.49
C GLU M 316 52.27 22.19 -16.98
N GLY M 317 53.20 22.54 -17.88
CA GLY M 317 54.47 23.09 -17.45
C GLY M 317 54.41 24.56 -17.12
N LEU M 318 53.31 25.22 -17.47
CA LEU M 318 53.09 26.62 -17.16
C LEU M 318 52.25 26.84 -15.91
N ARG M 319 51.30 25.93 -15.64
CA ARG M 319 50.61 25.95 -14.37
C ARG M 319 51.55 25.60 -13.23
N ALA M 320 52.46 24.65 -13.47
CA ALA M 320 53.42 24.24 -12.45
C ALA M 320 54.42 25.34 -12.12
N PHE M 321 54.64 26.29 -13.03
CA PHE M 321 55.45 27.45 -12.70
C PHE M 321 54.65 28.45 -11.87
N MET M 322 53.38 28.65 -12.21
CA MET M 322 52.55 29.59 -11.46
C MET M 322 52.07 29.00 -10.14
N ARG M 323 52.01 27.67 -10.03
CA ARG M 323 51.67 27.07 -8.75
C ARG M 323 52.87 27.02 -7.82
N ASP M 324 54.09 27.07 -8.35
CA ASP M 324 55.27 27.28 -7.52
C ASP M 324 55.44 28.74 -7.12
N LEU M 325 54.67 29.64 -7.72
CA LEU M 325 54.63 31.03 -7.31
C LEU M 325 53.46 31.34 -6.39
N LYS M 326 52.41 30.52 -6.41
CA LYS M 326 51.24 30.76 -5.58
C LYS M 326 51.51 30.40 -4.12
N ASN M 327 52.05 29.21 -3.87
CA ASN M 327 52.37 28.81 -2.51
C ASN M 327 53.61 29.51 -1.98
N GLN M 328 54.45 30.05 -2.87
CA GLN M 328 55.58 30.86 -2.46
C GLN M 328 55.13 32.23 -1.96
N GLY M 329 53.93 32.67 -2.33
CA GLY M 329 53.42 33.96 -1.92
C GLY M 329 53.52 35.04 -2.97
N ALA M 330 53.96 34.72 -4.19
CA ALA M 330 54.17 35.74 -5.20
C ALA M 330 52.86 36.19 -5.82
N VAL M 331 51.93 35.27 -6.06
CA VAL M 331 50.63 35.58 -6.62
C VAL M 331 49.56 35.11 -5.63
N ILE M 332 48.35 35.59 -5.83
CA ILE M 332 47.21 35.14 -5.02
C ILE M 332 46.62 33.91 -5.67
N ASN M 333 46.17 34.05 -6.91
CA ASN M 333 45.68 32.92 -7.69
C ASN M 333 45.93 33.22 -9.16
N PHE M 334 45.96 32.16 -9.96
CA PHE M 334 46.31 32.26 -11.36
C PHE M 334 45.27 31.52 -12.20
N GLU M 335 45.41 31.65 -13.52
CA GLU M 335 44.59 30.91 -14.47
C GLU M 335 45.37 30.80 -15.77
N VAL M 336 45.94 29.63 -16.02
CA VAL M 336 46.71 29.37 -17.23
C VAL M 336 45.90 28.42 -18.10
N TYR M 337 45.63 28.83 -19.33
CA TYR M 337 44.85 28.00 -20.24
C TYR M 337 45.24 28.34 -21.67
N ALA M 338 45.04 27.37 -22.55
CA ALA M 338 45.19 27.62 -23.98
C ALA M 338 44.01 28.43 -24.47
N ASP M 339 44.28 29.44 -25.28
CA ASP M 339 43.26 30.39 -25.72
C ASP M 339 42.29 29.72 -26.68
N PRO M 340 41.00 29.67 -26.39
CA PRO M 340 40.07 29.00 -27.32
C PRO M 340 39.78 29.80 -28.57
N ASP M 341 39.87 31.13 -28.50
CA ASP M 341 39.57 31.98 -29.66
C ASP M 341 40.79 32.21 -30.53
N LEU M 342 41.94 32.53 -29.94
CA LEU M 342 43.12 32.87 -30.71
C LEU M 342 43.83 31.66 -31.30
N ASN M 343 43.49 30.45 -30.86
CA ASN M 343 44.00 29.24 -31.48
C ASN M 343 42.99 28.78 -32.52
N SER M 344 42.94 29.49 -33.63
CA SER M 344 42.06 29.14 -34.71
C SER M 344 42.76 28.16 -35.64
N ALA M 345 42.06 27.71 -36.68
CA ALA M 345 42.68 26.80 -37.64
C ALA M 345 43.66 27.53 -38.55
N SER M 346 43.44 28.82 -38.77
CA SER M 346 44.34 29.60 -39.61
C SER M 346 45.52 30.18 -38.85
N GLN M 347 45.40 30.35 -37.53
CA GLN M 347 46.55 30.77 -36.75
C GLN M 347 47.51 29.61 -36.51
N LEU M 348 46.97 28.41 -36.31
CA LEU M 348 47.83 27.26 -36.07
C LEU M 348 48.52 26.79 -37.35
N ALA M 349 47.94 27.08 -38.51
CA ALA M 349 48.56 26.71 -39.77
C ALA M 349 49.75 27.59 -40.12
N GLN M 350 49.95 28.71 -39.43
CA GLN M 350 51.12 29.54 -39.59
C GLN M 350 52.18 29.26 -38.53
N GLY M 351 51.89 28.37 -37.60
CA GLY M 351 52.81 28.09 -36.51
C GLY M 351 52.59 28.91 -35.27
N LYS M 352 51.49 29.65 -35.18
CA LYS M 352 51.18 30.47 -34.01
C LYS M 352 50.23 29.71 -33.11
N VAL M 353 50.57 29.63 -31.82
CA VAL M 353 49.71 28.99 -30.83
C VAL M 353 49.75 29.84 -29.57
N TYR M 354 48.58 30.13 -29.00
CA TYR M 354 48.45 31.16 -27.98
C TYR M 354 48.12 30.53 -26.63
N TRP M 355 48.75 31.06 -25.58
CA TRP M 355 48.44 30.70 -24.20
C TRP M 355 48.16 31.96 -23.41
N ASN M 356 47.19 31.89 -22.51
CA ASN M 356 46.81 33.02 -21.67
C ASN M 356 47.19 32.72 -20.23
N ILE M 357 47.97 33.61 -19.63
CA ILE M 357 48.40 33.47 -18.24
C ILE M 357 47.81 34.65 -17.48
N ARG M 358 46.67 34.44 -16.84
CA ARG M 358 46.04 35.46 -16.03
C ARG M 358 46.29 35.16 -14.56
N PHE M 359 46.81 36.15 -13.83
CA PHE M 359 47.12 35.96 -12.42
C PHE M 359 46.80 37.25 -11.67
N THR M 360 47.01 37.21 -10.36
CA THR M 360 46.80 38.36 -9.48
C THR M 360 48.03 38.54 -8.60
N ASP M 361 48.69 39.67 -8.74
CA ASP M 361 49.80 40.00 -7.86
C ASP M 361 49.30 40.28 -6.46
N VAL M 362 50.15 40.04 -5.47
CA VAL M 362 49.83 40.33 -4.08
C VAL M 362 50.19 41.78 -3.82
N PRO M 363 49.20 42.65 -3.59
CA PRO M 363 49.48 44.08 -3.48
C PRO M 363 50.14 44.41 -2.16
N PRO M 364 50.90 45.50 -2.07
CA PRO M 364 51.49 45.88 -0.79
C PRO M 364 50.50 46.66 0.05
N ALA M 365 50.42 46.31 1.33
CA ALA M 365 49.52 46.98 2.25
C ALA M 365 50.10 48.34 2.61
N GLU M 366 49.90 49.31 1.73
CA GLU M 366 50.42 50.64 1.99
C GLU M 366 49.53 51.43 2.94
N ASN M 367 48.31 50.97 3.21
CA ASN M 367 47.41 51.66 4.14
C ASN M 367 46.45 50.67 4.77
N PRO M 368 46.86 50.00 5.86
CA PRO M 368 45.88 49.24 6.63
C PRO M 368 44.93 50.15 7.40
N ASN M 369 43.69 50.22 6.95
CA ASN M 369 42.69 51.09 7.57
C ASN M 369 41.96 50.33 8.67
N PHE M 370 41.83 50.96 9.84
CA PHE M 370 41.12 50.38 10.97
C PHE M 370 39.87 51.21 11.27
N ARG M 371 38.80 50.52 11.66
CA ARG M 371 37.50 51.15 11.92
C ARG M 371 37.03 50.70 13.29
N VAL M 372 37.43 51.44 14.32
CA VAL M 372 37.12 51.09 15.71
C VAL M 372 35.81 51.77 16.11
N GLU M 373 35.00 51.08 16.91
CA GLU M 373 33.72 51.60 17.34
C GLU M 373 33.31 51.01 18.68
N VAL M 374 32.60 51.82 19.46
CA VAL M 374 31.96 51.35 20.69
C VAL M 374 30.51 51.03 20.38
N THR M 375 29.96 50.05 21.10
CA THR M 375 28.62 49.57 20.83
C THR M 375 27.88 49.46 22.16
N ASP M 376 26.61 49.03 22.09
CA ASP M 376 25.82 48.71 23.27
C ASP M 376 25.21 47.32 23.17
N GLN M 377 25.70 46.51 22.22
CA GLN M 377 25.13 45.17 22.01
C GLN M 377 25.50 44.23 23.16
N TRP M 378 26.75 44.29 23.61
CA TRP M 378 27.21 43.50 24.73
C TRP M 378 27.10 44.24 26.05
N LEU M 379 26.37 45.36 26.09
CA LEU M 379 26.12 46.04 27.34
C LEU M 379 25.10 45.31 28.20
N THR M 380 24.23 44.51 27.57
CA THR M 380 23.26 43.68 28.28
C THR M 380 23.83 42.33 28.69
N GLU M 381 25.14 42.11 28.51
CA GLU M 381 25.75 40.84 28.86
C GLU M 381 25.89 40.68 30.37
N VAL M 382 26.00 41.78 31.12
CA VAL M 382 26.20 41.70 32.58
C VAL M 382 24.80 41.67 33.19
N LEU M 383 24.21 40.48 33.22
CA LEU M 383 22.95 40.27 33.93
C LEU M 383 22.83 38.92 34.62
N ASP M 384 23.77 38.00 34.43
CA ASP M 384 23.65 36.64 34.94
C ASP M 384 25.02 35.94 34.90
N SER N 2 49.08 57.50 -4.36
CA SER N 2 48.82 57.04 -3.00
C SER N 2 48.07 58.08 -2.20
N PHE N 3 46.90 57.69 -1.67
CA PHE N 3 46.12 58.62 -0.86
C PHE N 3 46.80 58.88 0.47
N PHE N 4 46.98 57.84 1.28
CA PHE N 4 47.78 57.94 2.50
C PHE N 4 48.57 56.66 2.66
N HIS N 5 49.84 56.81 3.05
CA HIS N 5 50.77 55.70 3.22
C HIS N 5 51.13 55.62 4.70
N GLY N 6 50.54 54.66 5.39
CA GLY N 6 50.75 54.50 6.82
C GLY N 6 49.66 53.63 7.42
N VAL N 7 49.34 53.88 8.69
CA VAL N 7 48.28 53.18 9.39
C VAL N 7 47.19 54.18 9.70
N THR N 8 45.96 53.88 9.29
CA THR N 8 44.81 54.73 9.54
C THR N 8 43.91 54.05 10.57
N VAL N 9 43.61 54.77 11.65
CA VAL N 9 42.69 54.29 12.67
C VAL N 9 41.53 55.28 12.71
N THR N 10 40.38 54.88 12.18
CA THR N 10 39.22 55.74 12.08
C THR N 10 38.25 55.44 13.22
N ASN N 11 37.37 56.38 13.48
CA ASN N 11 36.27 56.21 14.42
C ASN N 11 34.97 56.46 13.64
N VAL N 12 34.17 55.41 13.47
CA VAL N 12 32.98 55.56 12.63
C VAL N 12 31.85 56.26 13.38
N ASP N 13 31.73 56.03 14.69
CA ASP N 13 30.83 56.74 15.61
C ASP N 13 29.35 56.60 15.18
N ILE N 14 28.86 55.37 15.21
CA ILE N 14 27.50 55.08 14.78
C ILE N 14 26.72 54.42 15.91
N GLY N 15 27.02 54.80 17.16
CA GLY N 15 26.29 54.27 18.29
C GLY N 15 25.04 55.08 18.60
N ALA N 16 24.03 54.39 19.12
CA ALA N 16 22.81 55.05 19.54
C ALA N 16 23.02 55.73 20.89
N ARG N 17 22.72 57.03 20.96
CA ARG N 17 22.96 57.79 22.16
C ARG N 17 21.86 57.54 23.20
N THR N 18 22.01 58.12 24.37
CA THR N 18 21.05 57.98 25.45
C THR N 18 20.31 59.30 25.67
N ILE N 19 19.12 59.20 26.23
CA ILE N 19 18.24 60.34 26.44
C ILE N 19 17.91 60.43 27.92
N ALA N 20 18.19 61.58 28.52
CA ALA N 20 17.88 61.83 29.92
C ALA N 20 16.72 62.81 30.03
N LEU N 21 16.01 62.74 31.15
CA LEU N 21 14.87 63.60 31.44
C LEU N 21 15.34 64.82 32.23
N PRO N 22 14.74 66.02 32.00
CA PRO N 22 15.19 67.26 32.66
C PRO N 22 14.63 67.49 34.06
N ALA N 23 14.60 66.42 34.87
CA ALA N 23 14.42 66.40 36.33
C ALA N 23 13.03 66.80 36.83
N SER N 24 12.18 67.33 35.94
CA SER N 24 10.72 67.36 36.08
C SER N 24 10.14 68.09 37.29
N SER N 25 10.96 68.72 38.13
CA SER N 25 10.43 69.21 39.40
C SER N 25 10.93 70.60 39.78
N VAL N 26 11.46 71.36 38.84
CA VAL N 26 11.93 72.71 39.14
C VAL N 26 10.73 73.63 39.26
N ILE N 27 10.65 74.37 40.34
CA ILE N 27 9.49 75.17 40.69
C ILE N 27 9.81 76.64 40.47
N GLY N 28 9.02 77.30 39.63
CA GLY N 28 9.18 78.73 39.41
C GLY N 28 8.32 79.53 40.36
N LEU N 29 8.95 80.30 41.23
CA LEU N 29 8.26 81.04 42.27
C LEU N 29 8.42 82.53 42.05
N CYS N 30 7.38 83.30 42.36
CA CYS N 30 7.43 84.75 42.26
C CYS N 30 6.43 85.32 43.26
N ASP N 31 6.93 85.91 44.34
CA ASP N 31 6.09 86.51 45.36
C ASP N 31 6.81 87.70 45.96
N VAL N 32 6.10 88.43 46.82
CA VAL N 32 6.63 89.65 47.41
C VAL N 32 7.70 89.32 48.45
N PHE N 33 8.73 90.17 48.50
CA PHE N 33 9.69 90.13 49.58
C PHE N 33 10.20 91.55 49.82
N THR N 34 10.62 91.82 51.06
CA THR N 34 11.07 93.14 51.42
C THR N 34 12.60 93.18 51.35
N PRO N 35 13.18 93.94 50.43
CA PRO N 35 14.65 93.99 50.34
C PRO N 35 15.25 94.84 51.44
N GLY N 36 16.45 94.45 51.86
CA GLY N 36 17.14 95.17 52.90
C GLY N 36 18.50 94.60 53.24
N ALA N 37 18.84 94.59 54.53
CA ALA N 37 20.13 94.07 54.95
C ALA N 37 20.10 92.56 55.11
N GLN N 38 18.97 92.00 55.54
CA GLN N 38 18.86 90.55 55.71
C GLN N 38 18.49 89.82 54.43
N ALA N 39 18.00 90.54 53.43
CA ALA N 39 17.62 89.95 52.15
C ALA N 39 18.79 90.09 51.18
N SER N 40 19.39 88.97 50.80
CA SER N 40 20.56 88.95 49.94
C SER N 40 20.21 88.84 48.46
N ALA N 41 19.03 89.32 48.06
CA ALA N 41 18.59 89.20 46.68
C ALA N 41 18.08 90.55 46.18
N LYS N 42 18.47 90.89 44.95
CA LYS N 42 17.95 92.08 44.30
C LYS N 42 16.49 91.87 43.93
N PRO N 43 15.67 92.93 43.95
CA PRO N 43 14.21 92.75 43.85
C PRO N 43 13.68 92.38 42.48
N ASN N 44 14.51 92.02 41.50
CA ASN N 44 13.96 91.52 40.24
C ASN N 44 14.73 90.36 39.63
N VAL N 45 15.88 89.98 40.16
CA VAL N 45 16.69 88.93 39.54
C VAL N 45 16.25 87.57 40.08
N PRO N 46 16.39 86.50 39.31
CA PRO N 46 16.09 85.16 39.85
C PRO N 46 17.18 84.69 40.78
N VAL N 47 16.78 83.90 41.78
CA VAL N 47 17.69 83.31 42.75
C VAL N 47 17.40 81.82 42.81
N LEU N 48 18.42 81.00 42.58
CA LEU N 48 18.26 79.56 42.68
C LEU N 48 18.24 79.15 44.14
N LEU N 49 17.25 78.35 44.51
CA LEU N 49 17.08 77.89 45.88
C LEU N 49 17.01 76.37 45.90
N THR N 50 17.73 75.75 46.83
CA THR N 50 17.72 74.31 46.97
C THR N 50 17.55 73.85 48.40
N SER N 51 17.40 74.76 49.37
CA SER N 51 17.19 74.39 50.75
C SER N 51 16.40 75.49 51.44
N LYS N 52 15.85 75.16 52.61
CA LYS N 52 15.09 76.13 53.37
C LYS N 52 16.00 77.18 53.99
N LYS N 53 17.23 76.79 54.34
CA LYS N 53 18.21 77.74 54.86
C LYS N 53 18.64 78.73 53.79
N ASP N 54 18.72 78.28 52.54
CA ASP N 54 19.07 79.17 51.44
C ASP N 54 17.95 80.15 51.12
N ALA N 55 16.70 79.75 51.38
CA ALA N 55 15.57 80.64 51.09
C ALA N 55 15.46 81.75 52.12
N ALA N 56 15.83 81.48 53.37
CA ALA N 56 15.83 82.51 54.39
C ALA N 56 17.09 83.37 54.34
N ALA N 57 18.18 82.84 53.79
CA ALA N 57 19.40 83.62 53.66
C ALA N 57 19.38 84.51 52.42
N ALA N 58 18.44 84.30 51.50
CA ALA N 58 18.34 85.10 50.29
C ALA N 58 17.19 86.09 50.30
N PHE N 59 16.08 85.77 50.96
CA PHE N 59 14.94 86.65 50.99
C PHE N 59 14.52 87.06 52.40
N GLY N 60 15.11 86.51 53.44
CA GLY N 60 14.80 86.92 54.79
C GLY N 60 13.57 86.23 55.35
N ILE N 61 13.60 85.96 56.67
CA ILE N 61 12.45 85.37 57.34
C ILE N 61 11.36 86.40 57.47
N GLY N 62 10.11 85.99 57.20
CA GLY N 62 8.97 86.87 57.29
C GLY N 62 8.51 87.43 55.97
N SER N 63 9.26 87.22 54.90
CA SER N 63 8.84 87.64 53.58
C SER N 63 7.69 86.76 53.10
N SER N 64 6.93 87.28 52.14
CA SER N 64 5.85 86.49 51.55
C SER N 64 6.36 85.41 50.61
N ILE N 65 7.61 85.51 50.16
CA ILE N 65 8.18 84.46 49.33
C ILE N 65 8.93 83.42 50.16
N TYR N 66 9.36 83.76 51.38
CA TYR N 66 9.92 82.75 52.26
C TYR N 66 8.82 81.85 52.83
N LEU N 67 7.64 82.42 53.04
CA LEU N 67 6.49 81.62 53.46
C LEU N 67 6.01 80.70 52.36
N ALA N 68 6.30 81.02 51.09
CA ALA N 68 6.02 80.11 50.00
C ALA N 68 7.10 79.04 49.88
N CYS N 69 8.35 79.40 50.15
CA CYS N 69 9.42 78.40 50.16
C CYS N 69 9.30 77.48 51.37
N GLU N 70 8.75 77.97 52.47
CA GLU N 70 8.51 77.12 53.63
C GLU N 70 7.45 76.07 53.34
N ALA N 71 6.44 76.42 52.54
CA ALA N 71 5.39 75.47 52.21
C ALA N 71 5.88 74.38 51.28
N ILE N 72 6.90 74.66 50.48
CA ILE N 72 7.42 73.67 49.55
C ILE N 72 8.42 72.76 50.25
N TYR N 73 9.32 73.32 51.03
CA TYR N 73 10.38 72.54 51.65
C TYR N 73 9.92 71.75 52.86
N ASN N 74 8.75 72.06 53.42
CA ASN N 74 8.22 71.24 54.51
C ASN N 74 7.66 69.93 53.98
N ARG N 75 7.20 69.91 52.73
CA ARG N 75 6.60 68.72 52.13
C ARG N 75 7.57 68.00 51.20
N ALA N 76 8.25 68.72 50.33
CA ALA N 76 9.12 68.13 49.32
C ALA N 76 10.55 68.60 49.52
N GLN N 77 11.41 68.24 48.56
CA GLN N 77 12.80 68.65 48.55
C GLN N 77 13.19 68.79 47.09
N ALA N 78 13.13 70.02 46.58
CA ALA N 78 13.32 70.25 45.15
C ALA N 78 14.04 71.58 44.97
N VAL N 79 14.14 71.99 43.70
CA VAL N 79 14.87 73.18 43.30
C VAL N 79 13.86 74.27 42.95
N ILE N 80 13.99 75.43 43.59
CA ILE N 80 13.06 76.54 43.40
C ILE N 80 13.82 77.65 42.69
N VAL N 81 13.26 78.11 41.56
CA VAL N 81 13.74 79.33 40.90
C VAL N 81 12.83 80.44 41.38
N ALA N 82 13.26 81.15 42.42
CA ALA N 82 12.48 82.23 42.99
C ALA N 82 12.92 83.55 42.39
N VAL N 83 11.94 84.42 42.12
CA VAL N 83 12.25 85.73 41.55
C VAL N 83 12.24 86.77 42.65
N GLY N 84 11.09 86.94 43.30
CA GLY N 84 10.98 87.92 44.36
C GLY N 84 10.76 89.31 43.83
N VAL N 85 9.67 89.95 44.24
CA VAL N 85 9.35 91.31 43.83
C VAL N 85 9.19 92.15 45.08
N GLU N 86 9.18 93.47 44.90
CA GLU N 86 9.08 94.40 46.01
C GLU N 86 7.65 94.84 46.22
N THR N 87 7.35 95.29 47.44
CA THR N 87 6.00 95.62 47.83
C THR N 87 5.59 96.97 47.25
N ALA N 88 4.46 97.00 46.55
CA ALA N 88 3.92 98.24 46.02
C ALA N 88 2.91 98.83 47.00
N GLU N 89 2.43 100.04 46.69
CA GLU N 89 1.51 100.72 47.60
C GLU N 89 0.09 100.17 47.44
N THR N 90 -0.48 100.30 46.24
CA THR N 90 -1.79 99.73 46.00
C THR N 90 -1.66 98.23 45.74
N PRO N 91 -2.69 97.43 46.06
CA PRO N 91 -2.67 96.02 45.66
C PRO N 91 -2.84 95.81 44.17
N GLU N 92 -3.34 96.81 43.45
CA GLU N 92 -3.37 96.72 41.99
C GLU N 92 -1.98 96.82 41.41
N ALA N 93 -1.14 97.71 41.94
CA ALA N 93 0.23 97.85 41.46
C ALA N 93 1.11 96.68 41.90
N GLN N 94 0.68 95.91 42.89
CA GLN N 94 1.39 94.68 43.22
C GLN N 94 1.20 93.65 42.12
N ALA N 95 0.02 93.62 41.49
CA ALA N 95 -0.21 92.71 40.38
C ALA N 95 0.56 93.13 39.14
N SER N 96 0.89 94.41 39.01
CA SER N 96 1.72 94.86 37.91
C SER N 96 3.17 94.44 38.09
N ALA N 97 3.61 94.21 39.32
CA ALA N 97 4.98 93.83 39.59
C ALA N 97 5.20 92.33 39.50
N VAL N 98 4.18 91.52 39.80
CA VAL N 98 4.31 90.08 39.65
C VAL N 98 4.33 89.70 38.18
N ILE N 99 3.45 90.31 37.38
CA ILE N 99 3.48 90.15 35.93
C ILE N 99 4.79 90.71 35.38
N GLY N 100 5.17 91.90 35.83
CA GLY N 100 6.43 92.48 35.43
C GLY N 100 6.42 92.97 34.01
N GLY N 101 7.11 92.23 33.14
CA GLY N 101 7.28 92.66 31.77
C GLY N 101 8.76 92.79 31.46
N ILE N 102 9.23 94.02 31.25
CA ILE N 102 10.63 94.27 30.95
C ILE N 102 11.03 95.59 31.59
N SER N 103 12.33 95.77 31.79
CA SER N 103 12.86 96.95 32.45
C SER N 103 13.51 97.86 31.41
N ALA N 104 13.86 99.07 31.88
CA ALA N 104 14.49 100.07 31.01
C ALA N 104 15.92 99.69 30.64
N ALA N 105 16.54 98.78 31.38
CA ALA N 105 17.86 98.26 31.04
C ALA N 105 17.80 97.07 30.11
N GLY N 106 16.60 96.69 29.64
CA GLY N 106 16.47 95.56 28.75
C GLY N 106 16.48 94.21 29.44
N GLU N 107 15.97 94.15 30.67
CA GLU N 107 15.96 92.91 31.44
C GLU N 107 14.54 92.64 31.91
N ARG N 108 14.22 91.37 32.08
CA ARG N 108 12.89 90.97 32.52
C ARG N 108 12.73 91.19 34.02
N THR N 109 11.49 91.49 34.44
CA THR N 109 11.24 92.03 35.76
C THR N 109 10.48 91.08 36.68
N GLY N 110 9.28 90.67 36.31
CA GLY N 110 8.44 89.95 37.25
C GLY N 110 8.43 88.45 37.06
N LEU N 111 7.29 87.91 36.60
CA LEU N 111 7.23 86.50 36.23
C LEU N 111 8.07 86.20 35.01
N GLN N 112 8.34 87.20 34.16
CA GLN N 112 9.13 87.01 32.95
C GLN N 112 10.58 86.61 33.24
N ALA N 113 11.08 86.89 34.45
CA ALA N 113 12.42 86.47 34.83
C ALA N 113 12.56 84.96 34.98
N LEU N 114 11.44 84.23 35.05
CA LEU N 114 11.50 82.78 35.07
C LEU N 114 11.92 82.20 33.72
N LEU N 115 11.83 82.98 32.64
CA LEU N 115 12.38 82.56 31.37
C LEU N 115 13.90 82.56 31.37
N ASP N 116 14.52 83.28 32.30
CA ASP N 116 15.96 83.27 32.48
C ASP N 116 16.42 82.14 33.39
N GLY N 117 15.52 81.23 33.78
CA GLY N 117 15.89 80.16 34.69
C GLY N 117 16.70 79.05 34.05
N LYS N 118 16.63 78.92 32.73
CA LYS N 118 17.41 77.89 32.05
C LYS N 118 18.75 78.40 31.56
N SER N 119 18.81 79.66 31.13
CA SER N 119 20.05 80.23 30.63
C SER N 119 20.99 80.67 31.74
N ARG N 120 20.54 80.69 32.99
CA ARG N 120 21.37 81.10 34.11
C ARG N 120 21.66 79.99 35.11
N PHE N 121 20.76 79.02 35.26
CA PHE N 121 20.95 77.97 36.24
C PHE N 121 20.86 76.57 35.68
N ASN N 122 20.59 76.43 34.37
CA ASN N 122 20.37 75.14 33.69
C ASN N 122 19.25 74.34 34.36
N ALA N 123 18.17 75.03 34.71
CA ALA N 123 17.04 74.39 35.37
C ALA N 123 15.78 75.14 34.93
N GLN N 124 15.10 74.61 33.93
CA GLN N 124 13.87 75.22 33.46
C GLN N 124 12.75 74.93 34.45
N PRO N 125 12.02 75.93 34.93
CA PRO N 125 10.97 75.68 35.92
C PRO N 125 9.76 74.99 35.30
N ARG N 126 9.33 73.90 35.94
CA ARG N 126 8.20 73.12 35.48
C ARG N 126 6.92 73.41 36.25
N LEU N 127 7.01 74.07 37.41
CA LEU N 127 5.85 74.44 38.20
C LEU N 127 5.88 75.94 38.41
N LEU N 128 4.93 76.65 37.80
CA LEU N 128 4.86 78.10 37.91
C LEU N 128 3.89 78.45 39.03
N VAL N 129 4.41 79.02 40.11
CA VAL N 129 3.62 79.30 41.30
C VAL N 129 3.80 80.76 41.67
N ALA N 130 2.70 81.50 41.68
CA ALA N 130 2.64 82.86 42.24
C ALA N 130 1.55 82.83 43.32
N PRO N 131 1.91 82.54 44.57
CA PRO N 131 0.89 82.33 45.60
C PRO N 131 0.28 83.65 46.06
N GLY N 132 -1.04 83.68 46.13
CA GLY N 132 -1.78 84.85 46.56
C GLY N 132 -2.17 85.78 45.43
N HIS N 133 -1.30 85.92 44.44
CA HIS N 133 -1.55 86.82 43.32
C HIS N 133 -2.26 86.14 42.17
N SER N 134 -2.31 84.81 42.14
CA SER N 134 -2.99 84.11 41.05
C SER N 134 -4.50 84.21 41.13
N ALA N 135 -5.05 84.67 42.25
CA ALA N 135 -6.49 84.89 42.34
C ALA N 135 -6.91 86.08 41.49
N GLN N 136 -6.00 87.03 41.27
CA GLN N 136 -6.26 88.11 40.33
C GLN N 136 -6.11 87.60 38.90
N GLN N 137 -7.07 87.97 38.05
CA GLN N 137 -7.11 87.42 36.70
C GLN N 137 -6.01 87.98 35.81
N ALA N 138 -5.43 89.13 36.15
CA ALA N 138 -4.34 89.67 35.36
C ALA N 138 -3.08 88.84 35.52
N VAL N 139 -2.78 88.41 36.75
CA VAL N 139 -1.58 87.61 37.01
C VAL N 139 -1.76 86.19 36.49
N ALA N 140 -2.97 85.65 36.63
CA ALA N 140 -3.19 84.26 36.25
C ALA N 140 -3.22 84.09 34.73
N THR N 141 -3.60 85.12 34.00
CA THR N 141 -3.59 85.03 32.54
C THR N 141 -2.23 85.42 31.95
N ALA N 142 -1.36 86.04 32.74
CA ALA N 142 0.03 86.26 32.33
C ALA N 142 0.93 85.10 32.74
N MET N 143 0.52 84.32 33.74
CA MET N 143 1.19 83.07 34.06
C MET N 143 0.71 81.94 33.17
N ASP N 144 -0.45 82.10 32.54
CA ASP N 144 -0.93 81.10 31.60
C ASP N 144 -0.16 81.15 30.28
N GLY N 145 0.09 82.36 29.77
CA GLY N 145 0.92 82.49 28.59
C GLY N 145 2.38 82.22 28.84
N LEU N 146 2.81 82.32 30.10
CA LEU N 146 4.18 82.00 30.47
C LEU N 146 4.39 80.50 30.61
N ALA N 147 3.35 79.76 31.00
CA ALA N 147 3.46 78.32 31.16
C ALA N 147 3.61 77.58 29.84
N GLU N 148 3.21 78.21 28.73
CA GLU N 148 3.42 77.62 27.42
C GLU N 148 4.79 77.93 26.86
N LYS N 149 5.42 79.02 27.32
CA LYS N 149 6.79 79.32 26.93
C LYS N 149 7.79 78.38 27.59
N LEU N 150 7.44 77.82 28.74
CA LEU N 150 8.32 76.94 29.50
C LEU N 150 7.89 75.49 29.47
N ARG N 151 6.74 75.18 28.83
CA ARG N 151 6.06 73.89 28.92
C ARG N 151 5.85 73.46 30.36
N ALA N 152 5.40 74.39 31.18
CA ALA N 152 5.22 74.19 32.61
C ALA N 152 3.75 74.13 32.97
N ILE N 153 3.47 73.71 34.19
CA ILE N 153 2.11 73.58 34.70
C ILE N 153 1.93 74.65 35.76
N ALA N 154 1.31 75.77 35.38
CA ALA N 154 1.13 76.88 36.30
C ALA N 154 0.01 76.57 37.27
N ILE N 155 0.35 76.54 38.56
CA ILE N 155 -0.60 76.15 39.60
C ILE N 155 -1.28 77.41 40.11
N LEU N 156 -2.48 77.69 39.61
CA LEU N 156 -3.25 78.81 40.08
C LEU N 156 -3.88 78.51 41.43
N ASP N 157 -4.46 79.53 42.04
CA ASP N 157 -5.33 79.35 43.19
C ASP N 157 -6.44 80.38 43.10
N GLY N 158 -7.68 79.91 43.17
CA GLY N 158 -8.82 80.79 43.06
C GLY N 158 -9.03 81.64 44.29
N PRO N 159 -10.00 82.55 44.24
CA PRO N 159 -10.28 83.40 45.40
C PRO N 159 -10.92 82.59 46.52
N ASN N 160 -10.80 83.12 47.73
CA ASN N 160 -11.32 82.46 48.92
C ASN N 160 -12.79 82.80 49.17
N SER N 161 -13.51 83.23 48.14
CA SER N 161 -14.95 83.42 48.22
C SER N 161 -15.67 82.09 48.06
N THR N 162 -16.99 82.14 47.89
CA THR N 162 -17.80 80.93 47.84
C THR N 162 -17.56 80.17 46.55
N ASP N 163 -18.17 78.99 46.46
CA ASP N 163 -17.96 78.10 45.31
C ASP N 163 -18.59 78.64 44.03
N GLU N 164 -19.55 79.55 44.13
CA GLU N 164 -20.08 80.18 42.94
C GLU N 164 -19.05 81.13 42.34
N ALA N 165 -18.26 81.80 43.19
CA ALA N 165 -17.23 82.70 42.71
C ALA N 165 -15.95 81.98 42.34
N ALA N 166 -15.79 80.71 42.72
CA ALA N 166 -14.65 79.91 42.32
C ALA N 166 -14.87 79.22 40.98
N VAL N 167 -16.12 78.80 40.71
CA VAL N 167 -16.44 78.23 39.41
C VAL N 167 -16.44 79.32 38.35
N ALA N 168 -17.02 80.49 38.67
CA ALA N 168 -17.03 81.61 37.73
C ALA N 168 -15.63 82.19 37.50
N TYR N 169 -14.70 81.95 38.41
CA TYR N 169 -13.32 82.32 38.18
C TYR N 169 -12.61 81.33 37.27
N ALA N 170 -12.94 80.04 37.39
CA ALA N 170 -12.31 79.02 36.56
C ALA N 170 -12.87 78.95 35.16
N LYS N 171 -13.94 79.70 34.86
CA LYS N 171 -14.52 79.74 33.53
C LYS N 171 -13.84 80.74 32.61
N ASN N 172 -12.67 81.25 33.00
CA ASN N 172 -11.97 82.24 32.19
C ASN N 172 -10.73 81.69 31.50
N PHE N 173 -10.28 80.50 31.86
CA PHE N 173 -8.94 80.08 31.47
C PHE N 173 -8.91 79.07 30.33
N GLY N 174 -9.49 77.88 30.53
CA GLY N 174 -9.61 76.89 29.47
C GLY N 174 -8.34 76.32 28.84
N SER N 175 -7.17 76.60 29.39
CA SER N 175 -5.91 76.18 28.80
C SER N 175 -5.30 75.04 29.61
N LYS N 176 -4.75 74.05 28.90
CA LYS N 176 -4.39 72.75 29.47
C LYS N 176 -3.22 72.80 30.44
N ARG N 177 -2.53 73.93 30.59
CA ARG N 177 -1.40 74.03 31.49
C ARG N 177 -1.72 74.86 32.73
N LEU N 178 -2.95 74.77 33.21
CA LEU N 178 -3.37 75.52 34.39
C LEU N 178 -4.05 74.56 35.37
N PHE N 179 -3.62 74.62 36.63
CA PHE N 179 -4.10 73.71 37.66
C PHE N 179 -4.59 74.57 38.83
N MET N 180 -5.89 74.59 39.07
CA MET N 180 -6.49 75.50 40.02
C MET N 180 -6.80 74.78 41.32
N VAL N 181 -6.25 75.28 42.42
CA VAL N 181 -6.47 74.73 43.76
C VAL N 181 -7.20 75.82 44.56
N ASP N 182 -8.51 75.68 44.72
CA ASP N 182 -9.31 76.77 45.24
C ASP N 182 -9.31 76.99 46.76
N PRO N 183 -9.62 76.01 47.63
CA PRO N 183 -9.85 76.35 49.04
C PRO N 183 -8.55 76.67 49.77
N GLY N 184 -8.56 77.79 50.49
CA GLY N 184 -7.33 78.30 51.08
C GLY N 184 -6.90 77.49 52.29
N VAL N 185 -5.60 77.19 52.33
CA VAL N 185 -5.01 76.47 53.44
C VAL N 185 -4.92 77.40 54.65
N GLN N 186 -5.37 76.92 55.80
CA GLN N 186 -5.26 77.65 57.06
C GLN N 186 -4.15 77.00 57.86
N VAL N 187 -2.99 77.63 57.89
CA VAL N 187 -1.80 77.05 58.49
C VAL N 187 -1.47 77.79 59.78
N TRP N 188 -0.72 77.11 60.65
CA TRP N 188 -0.36 77.67 61.95
C TRP N 188 0.88 78.54 61.80
N ASP N 189 0.80 79.76 62.32
CA ASP N 189 1.91 80.71 62.23
C ASP N 189 2.76 80.60 63.50
N SER N 190 4.06 80.39 63.31
CA SER N 190 4.96 80.26 64.46
C SER N 190 5.24 81.59 65.14
N ALA N 191 5.07 82.71 64.44
CA ALA N 191 5.35 84.02 65.04
C ALA N 191 4.20 84.46 65.95
N THR N 192 3.00 84.57 65.39
CA THR N 192 1.86 85.06 66.16
C THR N 192 1.21 84.00 67.03
N ASN N 193 1.62 82.73 66.89
CA ASN N 193 1.05 81.58 67.61
C ASN N 193 -0.46 81.46 67.39
N ALA N 194 -0.88 81.65 66.15
CA ALA N 194 -2.27 81.50 65.76
C ALA N 194 -2.31 81.01 64.32
N ALA N 195 -3.53 80.72 63.84
CA ALA N 195 -3.72 80.16 62.51
C ALA N 195 -3.86 81.28 61.49
N ARG N 196 -3.00 81.28 60.48
CA ARG N 196 -3.07 82.23 59.38
C ARG N 196 -3.51 81.53 58.11
N ASN N 197 -4.01 82.32 57.16
CA ASN N 197 -4.52 81.80 55.90
C ASN N 197 -3.44 81.89 54.84
N ALA N 198 -3.15 80.77 54.21
CA ALA N 198 -2.20 80.53 53.13
C ALA N 198 -2.96 80.37 51.81
N PRO N 199 -2.37 80.76 50.68
CA PRO N 199 -3.10 80.70 49.40
C PRO N 199 -3.31 79.31 48.82
N ALA N 200 -2.72 78.27 49.43
CA ALA N 200 -2.85 76.87 49.01
C ALA N 200 -2.37 76.62 47.59
N SER N 201 -1.40 77.40 47.13
CA SER N 201 -0.78 77.18 45.83
C SER N 201 0.66 76.71 45.93
N ALA N 202 1.39 77.18 46.94
CA ALA N 202 2.73 76.64 47.18
C ALA N 202 2.68 75.25 47.80
N TYR N 203 1.60 74.94 48.52
CA TYR N 203 1.44 73.60 49.08
C TYR N 203 1.15 72.57 47.99
N ALA N 204 0.48 72.98 46.92
CA ALA N 204 0.31 72.10 45.78
C ALA N 204 1.63 71.89 45.04
N ALA N 205 2.50 72.90 45.03
CA ALA N 205 3.82 72.75 44.42
C ALA N 205 4.70 71.82 45.24
N GLY N 206 4.45 71.72 46.54
CA GLY N 206 5.14 70.75 47.35
C GLY N 206 4.68 69.32 47.12
N LEU N 207 3.58 69.13 46.41
CA LEU N 207 3.09 67.81 46.07
C LEU N 207 3.51 67.38 44.67
N PHE N 208 3.56 68.33 43.72
CA PHE N 208 4.08 68.01 42.40
C PHE N 208 5.58 67.77 42.42
N ALA N 209 6.29 68.29 43.40
CA ALA N 209 7.72 68.06 43.53
C ALA N 209 8.06 66.87 44.41
N TRP N 210 7.13 66.43 45.24
CA TRP N 210 7.34 65.26 46.08
C TRP N 210 6.94 63.97 45.37
N THR N 211 5.85 64.01 44.60
CA THR N 211 5.40 62.81 43.91
C THR N 211 6.27 62.47 42.70
N ASP N 212 7.02 63.43 42.18
CA ASP N 212 7.95 63.08 41.12
C ASP N 212 9.22 62.43 41.66
N ALA N 213 9.58 62.74 42.90
CA ALA N 213 10.75 62.15 43.53
C ALA N 213 10.42 60.91 44.33
N GLU N 214 9.15 60.55 44.45
CA GLU N 214 8.74 59.38 45.22
C GLU N 214 7.89 58.41 44.42
N TYR N 215 7.09 58.91 43.48
CA TYR N 215 6.19 58.08 42.70
C TYR N 215 6.37 58.24 41.19
N GLY N 216 7.08 59.27 40.74
CA GLY N 216 7.25 59.53 39.33
C GLY N 216 6.37 60.68 38.85
N PHE N 217 6.78 61.28 37.73
CA PHE N 217 6.02 62.38 37.16
C PHE N 217 4.72 61.92 36.51
N TRP N 218 4.59 60.64 36.21
CA TRP N 218 3.37 60.06 35.66
C TRP N 218 2.33 59.77 36.73
N SER N 219 2.64 60.00 38.00
CA SER N 219 1.71 59.76 39.09
C SER N 219 1.13 61.10 39.52
N SER N 220 -0.19 61.20 39.54
CA SER N 220 -0.83 62.44 39.91
C SER N 220 -0.71 62.68 41.41
N PRO N 221 -0.63 63.93 41.86
CA PRO N 221 -0.52 64.19 43.29
C PRO N 221 -1.89 64.29 43.97
N SER N 222 -2.93 63.82 43.31
CA SER N 222 -4.31 64.08 43.66
C SER N 222 -4.85 63.20 44.77
N ASN N 223 -4.01 62.50 45.53
CA ASN N 223 -4.48 61.85 46.75
C ASN N 223 -3.45 61.92 47.85
N LYS N 224 -2.47 62.81 47.74
CA LYS N 224 -1.30 62.79 48.61
C LYS N 224 -1.47 63.81 49.73
N GLU N 225 -0.80 63.54 50.85
CA GLU N 225 -0.99 64.34 52.04
C GLU N 225 -0.21 65.64 51.97
N ILE N 226 -0.80 66.69 52.53
CA ILE N 226 -0.09 67.94 52.77
C ILE N 226 0.19 68.01 54.27
N LYS N 227 1.45 67.90 54.65
CA LYS N 227 1.79 67.69 56.05
C LYS N 227 1.71 68.96 56.87
N GLY N 228 1.94 70.13 56.26
CA GLY N 228 2.06 71.35 57.04
C GLY N 228 0.75 71.97 57.48
N VAL N 229 -0.36 71.64 56.81
CA VAL N 229 -1.60 72.38 57.00
C VAL N 229 -2.27 71.97 58.30
N THR N 230 -3.12 72.85 58.81
CA THR N 230 -3.94 72.57 59.99
C THR N 230 -5.32 73.19 59.87
N GLY N 231 -5.80 73.40 58.67
CA GLY N 231 -7.10 74.01 58.48
C GLY N 231 -7.37 74.24 57.01
N THR N 232 -8.61 74.66 56.74
CA THR N 232 -9.01 75.03 55.39
C THR N 232 -10.15 76.03 55.49
N SER N 233 -9.91 77.25 55.01
CA SER N 233 -10.96 78.26 54.98
C SER N 233 -12.01 77.86 53.96
N ARG N 234 -13.30 78.01 54.36
CA ARG N 234 -14.49 77.55 53.64
C ARG N 234 -14.35 76.06 53.32
N PRO N 235 -14.50 75.18 54.32
CA PRO N 235 -14.17 73.76 54.10
C PRO N 235 -15.17 73.06 53.21
N VAL N 236 -14.65 72.19 52.35
CA VAL N 236 -15.46 71.53 51.32
C VAL N 236 -16.06 70.25 51.90
N GLU N 237 -17.09 69.74 51.22
CA GLU N 237 -17.80 68.55 51.63
C GLU N 237 -17.58 67.45 50.60
N PHE N 238 -17.08 66.31 51.06
CA PHE N 238 -17.05 65.08 50.27
C PHE N 238 -17.19 63.95 51.30
N LEU N 239 -18.38 63.37 51.41
CA LEU N 239 -18.59 62.50 52.55
C LEU N 239 -18.04 61.09 52.29
N ASP N 240 -18.74 60.28 51.49
CA ASP N 240 -18.24 58.94 51.23
C ASP N 240 -18.12 58.59 49.76
N GLY N 241 -19.25 58.61 49.06
CA GLY N 241 -19.30 58.14 47.69
C GLY N 241 -20.32 58.89 46.85
N ASP N 242 -20.89 59.95 47.41
CA ASP N 242 -21.96 60.68 46.73
C ASP N 242 -21.39 61.48 45.58
N GLU N 243 -21.98 61.31 44.39
CA GLU N 243 -21.56 62.06 43.21
C GLU N 243 -22.01 63.51 43.24
N THR N 244 -22.75 63.93 44.26
CA THR N 244 -23.33 65.27 44.36
C THR N 244 -22.78 66.02 45.57
N CYS N 245 -21.54 65.72 45.97
CA CYS N 245 -20.92 66.41 47.08
C CYS N 245 -20.50 67.81 46.68
N ARG N 246 -20.12 68.61 47.68
CA ARG N 246 -19.69 69.98 47.41
C ARG N 246 -18.30 70.00 46.77
N ALA N 247 -17.41 69.10 47.22
CA ALA N 247 -16.09 69.02 46.62
C ALA N 247 -16.15 68.40 45.23
N ASN N 248 -17.10 67.48 45.00
CA ASN N 248 -17.20 66.83 43.70
C ASN N 248 -17.80 67.76 42.64
N LEU N 249 -18.58 68.76 43.05
CA LEU N 249 -19.05 69.76 42.10
C LEU N 249 -17.95 70.73 41.72
N LEU N 250 -16.86 70.78 42.47
CA LEU N 250 -15.70 71.58 42.10
C LEU N 250 -14.72 70.80 41.22
N ASN N 251 -14.53 69.51 41.51
CA ASN N 251 -13.71 68.67 40.63
C ASN N 251 -14.39 68.45 39.28
N ASN N 252 -15.72 68.54 39.25
CA ASN N 252 -16.44 68.49 37.98
C ASN N 252 -16.14 69.72 37.13
N ALA N 253 -15.89 70.87 37.77
CA ALA N 253 -15.61 72.11 37.07
C ALA N 253 -14.12 72.37 36.93
N ASN N 254 -13.31 71.30 36.92
CA ASN N 254 -11.85 71.34 36.70
C ASN N 254 -11.13 72.19 37.75
N ILE N 255 -11.51 71.99 39.02
CA ILE N 255 -10.92 72.69 40.15
C ILE N 255 -10.49 71.68 41.18
N ALA N 256 -9.22 71.72 41.57
CA ALA N 256 -8.70 70.83 42.60
C ALA N 256 -9.07 71.36 43.98
N THR N 257 -9.32 70.44 44.91
CA THR N 257 -9.75 70.79 46.25
C THR N 257 -8.84 70.10 47.27
N ILE N 258 -9.11 70.38 48.54
CA ILE N 258 -8.49 69.69 49.66
C ILE N 258 -9.64 69.15 50.51
N ILE N 259 -9.87 67.83 50.44
CA ILE N 259 -11.17 67.30 50.84
C ILE N 259 -11.27 67.12 52.35
N ARG N 260 -10.34 66.41 52.96
CA ARG N 260 -10.58 65.80 54.26
C ARG N 260 -10.50 66.83 55.38
N ASP N 261 -10.58 66.32 56.62
CA ASP N 261 -10.57 67.15 57.82
C ASP N 261 -9.29 67.96 57.89
N ASP N 262 -9.46 69.29 57.74
CA ASP N 262 -8.45 70.33 57.54
C ASP N 262 -7.68 70.18 56.24
N GLY N 263 -8.15 69.35 55.32
CA GLY N 263 -7.52 69.22 54.03
C GLY N 263 -6.13 68.60 54.09
N TYR N 264 -6.01 67.42 54.68
CA TYR N 264 -4.75 66.71 54.60
C TYR N 264 -4.70 65.75 53.42
N ARG N 265 -5.56 65.96 52.42
CA ARG N 265 -5.50 65.25 51.14
C ARG N 265 -5.83 66.23 50.04
N LEU N 266 -4.90 66.44 49.11
CA LEU N 266 -5.23 67.12 47.87
C LEU N 266 -6.16 66.24 47.05
N TRP N 267 -7.10 66.87 46.36
CA TRP N 267 -8.14 66.14 45.64
C TRP N 267 -8.38 66.83 44.30
N GLY N 268 -8.01 66.17 43.23
CA GLY N 268 -8.27 66.68 41.89
C GLY N 268 -7.09 66.50 40.97
N ASN N 269 -7.33 65.86 39.83
CA ASN N 269 -6.30 65.67 38.82
C ASN N 269 -6.77 66.14 37.46
N ARG N 270 -7.79 66.98 37.40
CA ARG N 270 -8.28 67.53 36.16
C ARG N 270 -7.75 68.95 36.00
N THR N 271 -6.92 69.18 35.00
CA THR N 271 -6.46 70.53 34.73
C THR N 271 -7.57 71.31 34.03
N LEU N 272 -7.38 72.63 33.95
CA LEU N 272 -8.39 73.53 33.39
C LEU N 272 -8.34 73.49 31.87
N SER N 273 -8.71 72.35 31.29
CA SER N 273 -8.60 72.14 29.86
C SER N 273 -9.98 71.90 29.25
N SER N 274 -10.25 72.55 28.13
CA SER N 274 -11.52 72.35 27.45
C SER N 274 -11.54 71.03 26.66
N ASP N 275 -10.40 70.61 26.13
CA ASP N 275 -10.32 69.32 25.47
C ASP N 275 -10.20 68.22 26.50
N SER N 276 -11.03 67.19 26.37
CA SER N 276 -11.00 66.07 27.30
C SER N 276 -9.82 65.13 27.06
N LYS N 277 -9.06 65.33 25.99
CA LYS N 277 -7.81 64.59 25.82
C LYS N 277 -6.78 65.04 26.83
N TRP N 278 -6.57 66.36 26.94
CA TRP N 278 -5.59 66.93 27.86
C TRP N 278 -6.18 67.25 29.22
N ALA N 279 -7.20 66.52 29.65
CA ALA N 279 -7.89 66.87 30.89
C ALA N 279 -7.06 66.55 32.11
N PHE N 280 -6.29 65.46 32.08
CA PHE N 280 -5.54 65.05 33.26
C PHE N 280 -4.19 65.74 33.32
N VAL N 281 -3.74 66.03 34.54
CA VAL N 281 -2.43 66.61 34.74
C VAL N 281 -1.33 65.59 34.49
N THR N 282 -1.66 64.29 34.60
CA THR N 282 -0.70 63.25 34.27
C THR N 282 -0.33 63.28 32.79
N ARG N 283 -1.34 63.39 31.91
CA ARG N 283 -1.07 63.36 30.48
C ARG N 283 -0.38 64.63 30.01
N VAL N 284 -0.65 65.77 30.65
CA VAL N 284 0.02 67.01 30.28
C VAL N 284 1.47 66.99 30.73
N ARG N 285 1.73 66.44 31.92
CA ARG N 285 3.07 66.48 32.48
C ARG N 285 4.01 65.50 31.79
N THR N 286 3.52 64.31 31.47
CA THR N 286 4.37 63.34 30.77
C THR N 286 4.61 63.74 29.33
N MET N 287 3.66 64.47 28.72
CA MET N 287 3.86 64.91 27.34
C MET N 287 4.93 65.98 27.27
N ASP N 288 4.88 66.97 28.16
CA ASP N 288 5.88 68.03 28.17
C ASP N 288 7.23 67.56 28.68
N LEU N 289 7.30 66.38 29.28
CA LEU N 289 8.57 65.81 29.72
C LEU N 289 9.22 64.95 28.65
N VAL N 290 8.44 64.25 27.83
CA VAL N 290 9.01 63.49 26.72
C VAL N 290 9.18 64.34 25.46
N MET N 291 8.59 65.53 25.42
CA MET N 291 8.83 66.44 24.31
C MET N 291 10.01 67.36 24.55
N ASP N 292 10.53 67.40 25.77
CA ASP N 292 11.73 68.15 26.06
C ASP N 292 12.95 67.26 26.24
N ALA N 293 12.75 65.99 26.59
CA ALA N 293 13.86 65.05 26.61
C ALA N 293 14.33 64.72 25.20
N ILE N 294 13.40 64.67 24.25
CA ILE N 294 13.76 64.43 22.87
C ILE N 294 14.37 65.69 22.25
N LEU N 295 13.84 66.86 22.62
CA LEU N 295 14.33 68.12 22.06
C LEU N 295 15.72 68.46 22.54
N ALA N 296 15.97 68.35 23.84
CA ALA N 296 17.28 68.64 24.40
C ALA N 296 18.23 67.46 24.31
N GLY N 297 17.77 66.30 23.86
CA GLY N 297 18.59 65.12 23.78
C GLY N 297 19.00 64.69 22.40
N HIS N 298 18.52 65.38 21.36
CA HIS N 298 18.83 65.02 19.98
C HIS N 298 19.54 66.15 19.25
N LYS N 299 20.30 66.98 19.98
CA LYS N 299 21.09 68.02 19.35
C LYS N 299 22.43 67.52 18.84
N TRP N 300 22.67 66.22 18.91
CA TRP N 300 23.85 65.61 18.30
C TRP N 300 23.60 65.16 16.87
N ALA N 301 22.36 65.18 16.41
CA ALA N 301 21.98 64.64 15.11
C ALA N 301 21.42 65.71 14.20
N VAL N 302 22.03 66.90 14.20
CA VAL N 302 21.51 68.01 13.41
C VAL N 302 22.27 68.22 12.11
N ASP N 303 23.45 67.64 11.95
CA ASP N 303 24.10 67.62 10.64
C ASP N 303 24.84 66.32 10.40
N ARG N 304 24.26 65.20 10.85
CA ARG N 304 24.98 63.94 10.78
C ARG N 304 24.99 63.35 9.38
N GLY N 305 23.98 63.64 8.57
CA GLY N 305 23.90 63.01 7.27
C GLY N 305 23.03 61.78 7.29
N ILE N 306 22.01 61.75 6.46
CA ILE N 306 21.02 60.68 6.50
C ILE N 306 21.56 59.44 5.81
N THR N 307 22.21 58.57 6.57
CA THR N 307 22.60 57.26 6.11
C THR N 307 21.67 56.22 6.73
N LYS N 308 21.80 54.98 6.25
CA LYS N 308 20.93 53.90 6.74
C LYS N 308 21.22 53.56 8.20
N THR N 309 22.46 53.77 8.64
CA THR N 309 22.82 53.60 10.04
C THR N 309 22.60 54.86 10.85
N TYR N 310 22.07 55.92 10.25
CA TYR N 310 21.72 57.11 11.01
C TYR N 310 20.27 57.06 11.47
N VAL N 311 19.36 56.72 10.56
CA VAL N 311 17.94 56.60 10.90
C VAL N 311 17.70 55.43 11.84
N LYS N 312 18.46 54.36 11.67
CA LYS N 312 18.29 53.20 12.54
C LYS N 312 18.85 53.44 13.93
N ASP N 313 19.90 54.23 14.06
CA ASP N 313 20.51 54.49 15.36
C ASP N 313 19.94 55.72 16.05
N VAL N 314 19.02 56.43 15.41
CA VAL N 314 18.17 57.38 16.12
C VAL N 314 16.92 56.68 16.65
N THR N 315 16.35 55.79 15.84
CA THR N 315 15.16 55.03 16.24
C THR N 315 15.48 54.08 17.38
N GLU N 316 16.57 53.32 17.27
CA GLU N 316 16.96 52.42 18.34
C GLU N 316 17.43 53.16 19.59
N GLY N 317 17.89 54.39 19.44
CA GLY N 317 18.12 55.23 20.60
C GLY N 317 16.88 55.90 21.13
N LEU N 318 15.78 55.83 20.37
CA LEU N 318 14.49 56.38 20.77
C LEU N 318 13.58 55.33 21.37
N ARG N 319 13.65 54.09 20.88
CA ARG N 319 12.96 52.99 21.53
C ARG N 319 13.54 52.72 22.90
N ALA N 320 14.87 52.81 23.03
CA ALA N 320 15.53 52.57 24.30
C ALA N 320 15.21 53.63 25.34
N PHE N 321 14.80 54.83 24.92
CA PHE N 321 14.30 55.81 25.86
C PHE N 321 12.88 55.50 26.28
N MET N 322 12.04 55.07 25.34
CA MET N 322 10.66 54.72 25.67
C MET N 322 10.55 53.37 26.36
N ARG N 323 11.51 52.47 26.15
CA ARG N 323 11.51 51.22 26.88
C ARG N 323 12.06 51.38 28.29
N ASP N 324 12.85 52.41 28.54
CA ASP N 324 13.21 52.78 29.91
C ASP N 324 12.10 53.54 30.62
N LEU N 325 11.07 53.95 29.88
CA LEU N 325 9.87 54.54 30.47
C LEU N 325 8.75 53.53 30.64
N LYS N 326 8.77 52.43 29.88
CA LYS N 326 7.70 51.45 29.95
C LYS N 326 7.83 50.58 31.20
N ASN N 327 9.02 50.05 31.46
CA ASN N 327 9.23 49.25 32.67
C ASN N 327 9.31 50.12 33.92
N GLN N 328 9.58 51.41 33.76
CA GLN N 328 9.52 52.34 34.89
C GLN N 328 8.09 52.63 35.32
N GLY N 329 7.12 52.38 34.45
CA GLY N 329 5.72 52.63 34.74
C GLY N 329 5.17 53.92 34.17
N ALA N 330 5.95 54.64 33.36
CA ALA N 330 5.49 55.92 32.86
C ALA N 330 4.50 55.77 31.72
N VAL N 331 4.73 54.81 30.84
CA VAL N 331 3.82 54.53 29.73
C VAL N 331 3.35 53.09 29.84
N ILE N 332 2.29 52.77 29.09
CA ILE N 332 1.80 51.41 29.04
C ILE N 332 2.55 50.68 27.93
N ASN N 333 2.44 51.17 26.71
CA ASN N 333 3.18 50.64 25.59
C ASN N 333 3.42 51.76 24.60
N PHE N 334 4.43 51.58 23.75
CA PHE N 334 4.87 52.61 22.83
C PHE N 334 5.01 52.03 21.44
N GLU N 335 5.27 52.92 20.47
CA GLU N 335 5.56 52.49 19.10
C GLU N 335 6.38 53.60 18.45
N VAL N 336 7.69 53.37 18.35
CA VAL N 336 8.61 54.33 17.74
C VAL N 336 9.06 53.76 16.40
N TYR N 337 8.83 54.52 15.33
CA TYR N 337 9.21 54.07 14.00
C TYR N 337 9.49 55.27 13.13
N ALA N 338 10.31 55.06 12.11
CA ALA N 338 10.52 56.08 11.09
C ALA N 338 9.29 56.14 10.19
N ASP N 339 8.85 57.35 9.89
CA ASP N 339 7.60 57.55 9.17
C ASP N 339 7.75 57.12 7.71
N PRO N 340 6.95 56.18 7.22
CA PRO N 340 7.13 55.73 5.83
C PRO N 340 6.60 56.73 4.81
N ASP N 341 5.62 57.54 5.18
CA ASP N 341 5.03 58.50 4.25
C ASP N 341 5.75 59.84 4.26
N LEU N 342 6.05 60.37 5.44
CA LEU N 342 6.66 61.70 5.53
C LEU N 342 8.15 61.70 5.22
N ASN N 343 8.79 60.53 5.14
CA ASN N 343 10.18 60.46 4.68
C ASN N 343 10.15 60.14 3.19
N SER N 344 9.80 61.16 2.40
CA SER N 344 9.78 61.03 0.96
C SER N 344 11.16 61.36 0.41
N ALA N 345 11.32 61.25 -0.91
CA ALA N 345 12.60 61.59 -1.52
C ALA N 345 12.81 63.09 -1.56
N SER N 346 11.73 63.87 -1.61
CA SER N 346 11.83 65.32 -1.64
C SER N 346 11.93 65.93 -0.25
N GLN N 347 11.43 65.25 0.78
CA GLN N 347 11.63 65.75 2.13
C GLN N 347 13.03 65.48 2.63
N LEU N 348 13.62 64.35 2.24
CA LEU N 348 14.96 64.02 2.68
C LEU N 348 16.01 64.84 1.95
N ALA N 349 15.70 65.32 0.75
CA ALA N 349 16.62 66.15 -0.01
C ALA N 349 16.72 67.56 0.54
N GLN N 350 15.82 67.96 1.43
CA GLN N 350 15.90 69.24 2.12
C GLN N 350 16.51 69.11 3.50
N GLY N 351 16.84 67.89 3.93
CA GLY N 351 17.36 67.67 5.25
C GLY N 351 16.33 67.34 6.30
N LYS N 352 15.08 67.11 5.91
CA LYS N 352 14.02 66.77 6.85
C LYS N 352 13.84 65.27 6.90
N VAL N 353 13.83 64.72 8.11
CA VAL N 353 13.61 63.28 8.31
C VAL N 353 12.70 63.13 9.52
N TYR N 354 11.66 62.31 9.40
CA TYR N 354 10.57 62.29 10.36
C TYR N 354 10.56 60.99 11.14
N TRP N 355 10.30 61.10 12.44
CA TRP N 355 10.10 59.95 13.31
C TRP N 355 8.79 60.11 14.06
N ASN N 356 8.07 59.01 14.22
CA ASN N 356 6.79 58.99 14.93
C ASN N 356 6.94 58.26 16.24
N ILE N 357 6.58 58.91 17.34
CA ILE N 357 6.64 58.33 18.67
C ILE N 357 5.21 58.27 19.19
N ARG N 358 4.57 57.13 19.04
CA ARG N 358 3.22 56.92 19.54
C ARG N 358 3.29 56.09 20.81
N PHE N 359 2.67 56.58 21.89
CA PHE N 359 2.69 55.88 23.16
C PHE N 359 1.35 56.06 23.84
N THR N 360 1.21 55.44 25.01
CA THR N 360 0.01 55.52 25.84
C THR N 360 0.41 55.87 27.26
N ASP N 361 -0.04 57.02 27.74
CA ASP N 361 0.18 57.38 29.13
C ASP N 361 -0.65 56.48 30.04
N VAL N 362 -0.16 56.30 31.26
CA VAL N 362 -0.87 55.52 32.28
C VAL N 362 -1.86 56.46 32.97
N PRO N 363 -3.17 56.28 32.79
CA PRO N 363 -4.13 57.25 33.31
C PRO N 363 -4.28 57.10 34.81
N PRO N 364 -4.69 58.15 35.51
CA PRO N 364 -4.91 58.02 36.95
C PRO N 364 -6.28 57.45 37.24
N ALA N 365 -6.33 56.49 38.16
CA ALA N 365 -7.58 55.86 38.55
C ALA N 365 -8.37 56.82 39.43
N GLU N 366 -9.05 57.76 38.79
CA GLU N 366 -9.84 58.71 39.55
C GLU N 366 -11.18 58.16 39.98
N ASN N 367 -11.60 57.02 39.44
CA ASN N 367 -12.87 56.40 39.83
C ASN N 367 -12.81 54.90 39.61
N PRO N 368 -12.29 54.14 40.58
CA PRO N 368 -12.45 52.68 40.53
C PRO N 368 -13.88 52.26 40.81
N ASN N 369 -14.57 51.82 39.77
CA ASN N 369 -15.97 51.41 39.88
C ASN N 369 -16.05 49.93 40.22
N PHE N 370 -16.87 49.59 41.21
CA PHE N 370 -17.08 48.21 41.62
C PHE N 370 -18.52 47.82 41.33
N ARG N 371 -18.72 46.57 40.93
CA ARG N 371 -20.02 46.03 40.54
C ARG N 371 -20.25 44.74 41.31
N VAL N 372 -20.81 44.85 42.51
CA VAL N 372 -21.02 43.71 43.39
C VAL N 372 -22.41 43.13 43.13
N GLU N 373 -22.53 41.81 43.19
CA GLU N 373 -23.79 41.13 42.93
C GLU N 373 -23.85 39.81 43.66
N VAL N 374 -25.07 39.44 44.06
CA VAL N 374 -25.36 38.12 44.62
C VAL N 374 -25.90 37.25 43.49
N THR N 375 -25.61 35.95 43.58
CA THR N 375 -25.98 35.01 42.53
C THR N 375 -26.62 33.79 43.17
N ASP N 376 -27.03 32.84 42.33
CA ASP N 376 -27.51 31.53 42.79
C ASP N 376 -26.76 30.40 42.09
N GLN N 377 -25.64 30.71 41.43
CA GLN N 377 -24.90 29.70 40.69
C GLN N 377 -24.19 28.73 41.63
N TRP N 378 -23.59 29.24 42.70
CA TRP N 378 -22.94 28.43 43.70
C TRP N 378 -23.86 28.08 44.86
N LEU N 379 -25.17 28.31 44.70
CA LEU N 379 -26.13 27.89 45.71
C LEU N 379 -26.34 26.38 45.69
N THR N 380 -26.10 25.74 44.55
CA THR N 380 -26.19 24.29 44.43
C THR N 380 -24.89 23.58 44.81
N GLU N 381 -23.91 24.32 45.34
CA GLU N 381 -22.63 23.72 45.71
C GLU N 381 -22.75 22.88 46.98
N VAL N 382 -23.70 23.19 47.85
CA VAL N 382 -23.84 22.46 49.13
C VAL N 382 -24.78 21.30 48.85
N LEU N 383 -24.21 20.22 48.31
CA LEU N 383 -24.94 18.97 48.15
C LEU N 383 -24.12 17.71 48.38
N ASP N 384 -22.81 17.82 48.56
CA ASP N 384 -21.93 16.66 48.64
C ASP N 384 -20.57 17.06 49.22
N SER O 2 -14.86 65.94 35.46
CA SER O 2 -14.94 64.77 36.33
C SER O 2 -16.37 64.51 36.74
N PHE O 3 -16.85 63.30 36.45
CA PHE O 3 -18.22 62.93 36.84
C PHE O 3 -18.32 62.77 38.35
N PHE O 4 -17.58 61.81 38.91
CA PHE O 4 -17.46 61.68 40.35
C PHE O 4 -16.03 61.31 40.69
N HIS O 5 -15.51 61.92 41.75
CA HIS O 5 -14.14 61.74 42.20
C HIS O 5 -14.20 61.09 43.57
N GLY O 6 -13.94 59.80 43.63
CA GLY O 6 -14.00 59.04 44.88
C GLY O 6 -14.09 57.56 44.57
N VAL O 7 -14.73 56.82 45.47
CA VAL O 7 -14.96 55.39 45.31
C VAL O 7 -16.45 55.16 45.15
N THR O 8 -16.82 54.50 44.06
CA THR O 8 -18.21 54.17 43.78
C THR O 8 -18.43 52.68 43.98
N VAL O 9 -19.40 52.33 44.82
CA VAL O 9 -19.79 50.94 45.04
C VAL O 9 -21.24 50.81 44.61
N THR O 10 -21.47 50.19 43.45
CA THR O 10 -22.80 50.06 42.88
C THR O 10 -23.38 48.68 43.21
N ASN O 11 -24.69 48.58 43.10
CA ASN O 11 -25.40 47.32 43.20
C ASN O 11 -26.17 47.11 41.91
N VAL O 12 -25.78 46.12 41.12
CA VAL O 12 -26.39 45.95 39.81
C VAL O 12 -27.76 45.28 39.90
N ASP O 13 -27.94 44.36 40.85
CA ASP O 13 -29.23 43.74 41.22
C ASP O 13 -29.87 43.03 40.03
N ILE O 14 -29.19 42.00 39.54
CA ILE O 14 -29.67 41.25 38.39
C ILE O 14 -29.85 39.78 38.74
N GLY O 15 -30.24 39.49 39.98
CA GLY O 15 -30.51 38.14 40.40
C GLY O 15 -31.93 37.70 40.09
N ALA O 16 -32.09 36.41 39.82
CA ALA O 16 -33.41 35.84 39.59
C ALA O 16 -34.12 35.63 40.92
N ARG O 17 -35.32 36.19 41.06
CA ARG O 17 -36.05 36.12 42.30
C ARG O 17 -36.72 34.75 42.46
N THR O 18 -37.35 34.55 43.61
CA THR O 18 -38.03 33.30 43.92
C THR O 18 -39.54 33.52 43.93
N ILE O 19 -40.28 32.44 43.69
CA ILE O 19 -41.73 32.48 43.58
C ILE O 19 -42.31 31.54 44.61
N ALA O 20 -43.20 32.04 45.46
CA ALA O 20 -43.87 31.25 46.46
C ALA O 20 -45.34 31.08 46.09
N LEU O 21 -45.94 30.01 46.57
CA LEU O 21 -47.34 29.67 46.35
C LEU O 21 -48.21 30.23 47.47
N PRO O 22 -49.44 30.71 47.17
CA PRO O 22 -50.29 31.36 48.18
C PRO O 22 -51.11 30.40 49.04
N ALA O 23 -50.48 29.31 49.48
CA ALA O 23 -50.88 28.40 50.55
C ALA O 23 -52.10 27.53 50.25
N SER O 24 -52.82 27.83 49.16
CA SER O 24 -53.72 26.90 48.46
C SER O 24 -54.89 26.32 49.24
N SER O 25 -55.11 26.72 50.50
CA SER O 25 -56.08 26.00 51.32
C SER O 25 -56.96 26.91 52.16
N VAL O 26 -57.04 28.19 51.84
CA VAL O 26 -57.89 29.10 52.59
C VAL O 26 -59.34 28.87 52.19
N ILE O 27 -60.21 28.67 53.17
CA ILE O 27 -61.59 28.26 52.94
C ILE O 27 -62.50 29.45 53.21
N GLY O 28 -63.29 29.83 52.21
CA GLY O 28 -64.28 30.88 52.39
C GLY O 28 -65.61 30.33 52.82
N LEU O 29 -66.04 30.68 54.03
CA LEU O 29 -67.25 30.13 54.61
C LEU O 29 -68.28 31.24 54.80
N CYS O 30 -69.56 30.90 54.62
CA CYS O 30 -70.65 31.84 54.83
C CYS O 30 -71.89 31.04 55.18
N ASP O 31 -72.30 31.10 56.45
CA ASP O 31 -73.49 30.39 56.90
C ASP O 31 -74.14 31.19 58.02
N VAL O 32 -75.31 30.73 58.45
CA VAL O 32 -76.10 31.44 59.45
C VAL O 32 -75.44 31.32 60.83
N PHE O 33 -75.53 32.40 61.60
CA PHE O 33 -75.18 32.36 63.01
C PHE O 33 -76.04 33.37 63.75
N THR O 34 -76.29 33.09 65.02
CA THR O 34 -77.14 33.95 65.83
C THR O 34 -76.28 34.91 66.63
N PRO O 35 -76.34 36.22 66.36
CA PRO O 35 -75.51 37.16 67.11
C PRO O 35 -76.07 37.43 68.49
N GLY O 36 -75.16 37.67 69.43
CA GLY O 36 -75.57 37.94 70.80
C GLY O 36 -74.39 38.22 71.73
N ALA O 37 -74.49 37.71 72.95
CA ALA O 37 -73.42 37.93 73.92
C ALA O 37 -72.28 36.93 73.75
N GLN O 38 -72.59 35.70 73.36
CA GLN O 38 -71.55 34.69 73.18
C GLN O 38 -70.92 34.73 71.80
N ALA O 39 -71.54 35.42 70.84
CA ALA O 39 -71.01 35.55 69.48
C ALA O 39 -70.24 36.85 69.38
N SER O 40 -68.92 36.74 69.21
CA SER O 40 -68.03 37.90 69.16
C SER O 40 -67.84 38.44 67.75
N ALA O 41 -68.79 38.24 66.86
CA ALA O 41 -68.66 38.67 65.47
C ALA O 41 -69.90 39.44 65.03
N LYS O 42 -69.67 40.54 64.32
CA LYS O 42 -70.76 41.29 63.74
C LYS O 42 -71.36 40.51 62.57
N PRO O 43 -72.67 40.64 62.33
CA PRO O 43 -73.35 39.72 61.41
C PRO O 43 -73.07 39.93 59.92
N ASN O 44 -72.09 40.75 59.53
CA ASN O 44 -71.73 40.83 58.12
C ASN O 44 -70.25 40.92 57.83
N VAL O 45 -69.40 41.09 58.83
CA VAL O 45 -67.96 41.29 58.59
C VAL O 45 -67.27 39.93 58.54
N PRO O 46 -66.18 39.80 57.79
CA PRO O 46 -65.43 38.54 57.81
C PRO O 46 -64.63 38.40 59.09
N VAL O 47 -64.47 37.15 59.52
CA VAL O 47 -63.69 36.81 60.71
C VAL O 47 -62.70 35.73 60.32
N LEU O 48 -61.41 35.97 60.54
CA LEU O 48 -60.40 34.97 60.27
C LEU O 48 -60.41 33.91 61.36
N LEU O 49 -60.44 32.65 60.96
CA LEU O 49 -60.47 31.53 61.88
C LEU O 49 -59.33 30.58 61.58
N THR O 50 -58.64 30.13 62.62
CA THR O 50 -57.54 29.20 62.46
C THR O 50 -57.59 28.03 63.43
N SER O 51 -58.60 27.98 64.30
CA SER O 51 -58.73 26.86 65.23
C SER O 51 -60.21 26.66 65.54
N LYS O 52 -60.52 25.51 66.12
CA LYS O 52 -61.91 25.22 66.48
C LYS O 52 -62.33 26.03 67.70
N LYS O 53 -61.39 26.34 68.60
CA LYS O 53 -61.68 27.20 69.74
C LYS O 53 -61.98 28.62 69.30
N ASP O 54 -61.30 29.09 68.25
CA ASP O 54 -61.56 30.43 67.73
C ASP O 54 -62.90 30.51 67.02
N ALA O 55 -63.37 29.40 66.45
CA ALA O 55 -64.65 29.41 65.76
C ALA O 55 -65.82 29.44 66.73
N ALA O 56 -65.66 28.81 67.90
CA ALA O 56 -66.71 28.86 68.92
C ALA O 56 -66.64 30.15 69.73
N ALA O 57 -65.47 30.78 69.82
CA ALA O 57 -65.35 32.04 70.53
C ALA O 57 -65.79 33.23 69.69
N ALA O 58 -65.96 33.05 68.38
CA ALA O 58 -66.38 34.13 67.50
C ALA O 58 -67.82 34.02 67.04
N PHE O 59 -68.36 32.82 66.89
CA PHE O 59 -69.72 32.63 66.44
C PHE O 59 -70.60 31.86 67.41
N GLY O 60 -70.05 31.31 68.48
CA GLY O 60 -70.85 30.63 69.47
C GLY O 60 -71.14 29.19 69.11
N ILE O 61 -71.20 28.34 70.14
CA ILE O 61 -71.55 26.93 69.93
C ILE O 61 -73.03 26.82 69.61
N GLY O 62 -73.37 25.99 68.63
CA GLY O 62 -74.74 25.79 68.23
C GLY O 62 -75.15 26.56 67.00
N SER O 63 -74.32 27.47 66.52
CA SER O 63 -74.60 28.19 65.29
C SER O 63 -74.45 27.26 64.10
N SER O 64 -75.10 27.64 62.99
CA SER O 64 -74.98 26.86 61.77
C SER O 64 -73.63 27.03 61.10
N ILE O 65 -72.88 28.07 61.46
CA ILE O 65 -71.54 28.24 60.90
C ILE O 65 -70.47 27.63 61.81
N TYR O 66 -70.77 27.42 63.09
CA TYR O 66 -69.84 26.67 63.92
C TYR O 66 -69.90 25.18 63.60
N LEU O 67 -71.08 24.69 63.21
CA LEU O 67 -71.21 23.30 62.77
C LEU O 67 -70.52 23.09 61.43
N ALA O 68 -70.32 24.14 60.65
CA ALA O 68 -69.53 24.03 59.43
C ALA O 68 -68.04 24.10 59.73
N CYS O 69 -67.65 24.91 60.72
CA CYS O 69 -66.26 24.94 61.14
C CYS O 69 -65.86 23.68 61.87
N GLU O 70 -66.81 23.03 62.56
CA GLU O 70 -66.54 21.76 63.20
C GLU O 70 -66.26 20.66 62.17
N ALA O 71 -66.95 20.71 61.02
CA ALA O 71 -66.73 19.70 59.99
C ALA O 71 -65.38 19.86 59.31
N ILE O 72 -64.84 21.08 59.30
CA ILE O 72 -63.56 21.30 58.65
C ILE O 72 -62.41 20.98 59.61
N TYR O 73 -62.51 21.41 60.85
CA TYR O 73 -61.41 21.24 61.80
C TYR O 73 -61.33 19.83 62.37
N ASN O 74 -62.38 19.02 62.23
CA ASN O 74 -62.29 17.63 62.65
C ASN O 74 -61.46 16.81 61.66
N ARG O 75 -61.44 17.21 60.40
CA ARG O 75 -60.72 16.49 59.36
C ARG O 75 -59.38 17.14 59.02
N ALA O 76 -59.37 18.44 58.83
CA ALA O 76 -58.18 19.16 58.39
C ALA O 76 -57.75 20.18 59.45
N GLN O 77 -56.78 21.00 59.08
CA GLN O 77 -56.28 22.07 59.94
C GLN O 77 -55.85 23.18 58.99
N ALA O 78 -56.74 24.16 58.77
CA ALA O 78 -56.49 25.18 57.78
C ALA O 78 -57.07 26.50 58.27
N VAL O 79 -57.06 27.49 57.38
CA VAL O 79 -57.49 28.85 57.69
C VAL O 79 -58.85 29.08 57.04
N ILE O 80 -59.82 29.49 57.85
CA ILE O 80 -61.19 29.71 57.38
C ILE O 80 -61.48 31.20 57.43
N VAL O 81 -61.91 31.76 56.30
CA VAL O 81 -62.43 33.12 56.26
C VAL O 81 -63.95 32.98 56.34
N ALA O 82 -64.48 33.08 57.55
CA ALA O 82 -65.91 32.96 57.78
C ALA O 82 -66.56 34.32 57.78
N VAL O 83 -67.75 34.41 57.19
CA VAL O 83 -68.47 35.67 57.13
C VAL O 83 -69.54 35.67 58.22
N GLY O 84 -70.48 34.74 58.13
CA GLY O 84 -71.54 34.67 59.11
C GLY O 84 -72.65 35.66 58.81
N VAL O 85 -73.87 35.16 58.65
CA VAL O 85 -75.03 35.99 58.39
C VAL O 85 -76.06 35.71 59.47
N GLU O 86 -77.06 36.59 59.56
CA GLU O 86 -78.08 36.47 60.58
C GLU O 86 -79.32 35.77 60.02
N THR O 87 -80.11 35.20 60.93
CA THR O 87 -81.25 34.37 60.55
C THR O 87 -82.40 35.24 60.09
N ALA O 88 -82.93 34.98 58.91
CA ALA O 88 -84.10 35.67 58.41
C ALA O 88 -85.37 34.89 58.74
N GLU O 89 -86.51 35.49 58.45
CA GLU O 89 -87.79 34.85 58.79
C GLU O 89 -88.15 33.77 57.77
N THR O 90 -88.31 34.16 56.51
CA THR O 90 -88.56 33.18 55.47
C THR O 90 -87.25 32.52 55.04
N PRO O 91 -87.30 31.25 54.59
CA PRO O 91 -86.08 30.65 54.02
C PRO O 91 -85.69 31.25 52.68
N GLU O 92 -86.60 31.93 51.99
CA GLU O 92 -86.24 32.66 50.78
C GLU O 92 -85.37 33.86 51.12
N ALA O 93 -85.71 34.60 52.18
CA ALA O 93 -84.92 35.75 52.58
C ALA O 93 -83.60 35.34 53.21
N GLN O 94 -83.46 34.09 53.64
CA GLN O 94 -82.15 33.61 54.06
C GLN O 94 -81.20 33.48 52.88
N ALA O 95 -81.73 33.12 51.71
CA ALA O 95 -80.89 33.05 50.51
C ALA O 95 -80.51 34.43 50.01
N SER O 96 -81.30 35.45 50.34
CA SER O 96 -80.92 36.81 49.99
C SER O 96 -79.79 37.34 50.88
N ALA O 97 -79.63 36.77 52.07
CA ALA O 97 -78.60 37.22 52.99
C ALA O 97 -77.28 36.51 52.76
N VAL O 98 -77.30 35.27 52.28
CA VAL O 98 -76.05 34.57 51.97
C VAL O 98 -75.43 35.16 50.71
N ILE O 99 -76.24 35.43 49.69
CA ILE O 99 -75.77 36.17 48.51
C ILE O 99 -75.33 37.57 48.91
N GLY O 100 -76.14 38.24 49.70
CA GLY O 100 -75.78 39.56 50.19
C GLY O 100 -75.85 40.62 49.13
N GLY O 101 -74.69 41.07 48.67
CA GLY O 101 -74.62 42.18 47.75
C GLY O 101 -73.80 43.29 48.34
N ILE O 102 -74.45 44.41 48.67
CA ILE O 102 -73.77 45.55 49.25
C ILE O 102 -74.72 46.22 50.25
N SER O 103 -74.15 46.99 51.16
CA SER O 103 -74.91 47.64 52.22
C SER O 103 -75.03 49.13 51.91
N ALA O 104 -75.87 49.80 52.71
CA ALA O 104 -76.09 51.23 52.55
C ALA O 104 -74.90 52.06 52.98
N ALA O 105 -73.98 51.49 53.75
CA ALA O 105 -72.74 52.15 54.12
C ALA O 105 -71.63 51.91 53.11
N GLY O 106 -71.93 51.24 51.99
CA GLY O 106 -70.92 50.98 50.99
C GLY O 106 -70.01 49.81 51.30
N GLU O 107 -70.52 48.80 51.99
CA GLU O 107 -69.73 47.64 52.38
C GLU O 107 -70.44 46.39 51.92
N ARG O 108 -69.66 45.34 51.64
CA ARG O 108 -70.22 44.08 51.17
C ARG O 108 -70.81 43.29 52.34
N THR O 109 -71.85 42.51 52.04
CA THR O 109 -72.72 41.96 53.07
C THR O 109 -72.62 40.44 53.21
N GLY O 110 -72.91 39.69 52.16
CA GLY O 110 -73.04 38.25 52.32
C GLY O 110 -71.82 37.47 51.88
N LEU O 111 -71.95 36.73 50.77
CA LEU O 111 -70.80 36.06 50.18
C LEU O 111 -69.81 37.05 49.60
N GLN O 112 -70.25 38.26 49.27
CA GLN O 112 -69.38 39.28 48.69
C GLN O 112 -68.30 39.74 49.66
N ALA O 113 -68.48 39.56 50.97
CA ALA O 113 -67.46 39.89 51.94
C ALA O 113 -66.23 38.99 51.87
N LEU O 114 -66.32 37.86 51.16
CA LEU O 114 -65.14 37.02 50.94
C LEU O 114 -64.16 37.66 49.97
N LEU O 115 -64.59 38.66 49.21
CA LEU O 115 -63.65 39.44 48.40
C LEU O 115 -62.77 40.35 49.25
N ASP O 116 -63.19 40.63 50.48
CA ASP O 116 -62.38 41.38 51.44
C ASP O 116 -61.42 40.48 52.22
N GLY O 117 -61.33 39.20 51.86
CA GLY O 117 -60.47 38.30 52.60
C GLY O 117 -58.99 38.47 52.34
N LYS O 118 -58.64 39.07 51.21
CA LYS O 118 -57.23 39.29 50.90
C LYS O 118 -56.75 40.66 51.35
N SER O 119 -57.60 41.67 51.27
CA SER O 119 -57.22 43.02 51.67
C SER O 119 -57.27 43.24 53.18
N ARG O 120 -57.82 42.29 53.94
CA ARG O 120 -57.91 42.41 55.38
C ARG O 120 -57.10 41.38 56.14
N PHE O 121 -56.88 40.19 55.59
CA PHE O 121 -56.16 39.15 56.29
C PHE O 121 -54.99 38.57 55.52
N ASN O 122 -54.75 39.05 54.29
CA ASN O 122 -53.72 38.52 53.37
C ASN O 122 -53.88 37.03 53.15
N ALA O 123 -55.13 36.59 52.95
CA ALA O 123 -55.43 35.19 52.71
C ALA O 123 -56.65 35.12 51.81
N GLN O 124 -56.40 34.96 50.51
CA GLN O 124 -57.50 34.84 49.56
C GLN O 124 -58.13 33.46 49.67
N PRO O 125 -59.44 33.37 49.84
CA PRO O 125 -60.08 32.06 50.01
C PRO O 125 -60.09 31.27 48.71
N ARG O 126 -59.62 30.02 48.78
CA ARG O 126 -59.57 29.13 47.63
C ARG O 126 -60.71 28.12 47.60
N LEU O 127 -61.43 27.94 48.69
CA LEU O 127 -62.57 27.03 48.75
C LEU O 127 -63.78 27.82 49.21
N LEU O 128 -64.74 28.02 48.32
CA LEU O 128 -65.95 28.78 48.64
C LEU O 128 -67.03 27.79 49.07
N VAL O 129 -67.42 27.85 50.34
CA VAL O 129 -68.36 26.89 50.92
C VAL O 129 -69.49 27.66 51.57
N ALA O 130 -70.72 27.43 51.11
CA ALA O 130 -71.92 27.89 51.78
C ALA O 130 -72.76 26.65 52.03
N PRO O 131 -72.61 26.00 53.19
CA PRO O 131 -73.26 24.71 53.41
C PRO O 131 -74.76 24.88 53.69
N GLY O 132 -75.56 24.07 53.01
CA GLY O 132 -77.01 24.10 53.17
C GLY O 132 -77.70 25.03 52.20
N HIS O 133 -77.09 26.17 51.92
CA HIS O 133 -77.70 27.16 51.04
C HIS O 133 -77.33 26.96 49.58
N SER O 134 -76.31 26.16 49.28
CA SER O 134 -75.91 25.96 47.90
C SER O 134 -76.88 25.07 47.13
N ALA O 135 -77.79 24.39 47.82
CA ALA O 135 -78.82 23.64 47.12
C ALA O 135 -79.81 24.55 46.43
N GLN O 136 -79.99 25.76 46.93
CA GLN O 136 -80.77 26.77 46.23
C GLN O 136 -79.97 27.33 45.06
N GLN O 137 -80.62 27.45 43.91
CA GLN O 137 -79.92 27.84 42.69
C GLN O 137 -79.53 29.31 42.68
N ALA O 138 -80.18 30.14 43.51
CA ALA O 138 -79.79 31.55 43.58
C ALA O 138 -78.44 31.71 44.27
N VAL O 139 -78.20 30.96 45.34
CA VAL O 139 -76.95 31.07 46.07
C VAL O 139 -75.82 30.41 45.29
N ALA O 140 -76.12 29.28 44.63
CA ALA O 140 -75.07 28.55 43.94
C ALA O 140 -74.62 29.26 42.66
N THR O 141 -75.49 30.04 42.04
CA THR O 141 -75.09 30.80 40.87
C THR O 141 -74.48 32.15 41.22
N ALA O 142 -74.64 32.61 42.46
CA ALA O 142 -73.92 33.77 42.94
C ALA O 142 -72.57 33.41 43.55
N MET O 143 -72.43 32.16 44.01
CA MET O 143 -71.13 31.64 44.41
C MET O 143 -70.32 31.17 43.21
N ASP O 144 -70.97 30.93 42.07
CA ASP O 144 -70.26 30.56 40.86
C ASP O 144 -69.56 31.77 40.23
N GLY O 145 -70.26 32.91 40.19
CA GLY O 145 -69.62 34.13 39.72
C GLY O 145 -68.61 34.69 40.70
N LEU O 146 -68.72 34.32 41.97
CA LEU O 146 -67.76 34.75 42.97
C LEU O 146 -66.49 33.90 42.93
N ALA O 147 -66.60 32.64 42.52
CA ALA O 147 -65.43 31.76 42.46
C ALA O 147 -64.48 32.14 41.32
N GLU O 148 -64.96 32.87 40.33
CA GLU O 148 -64.08 33.37 39.28
C GLU O 148 -63.42 34.68 39.66
N LYS O 149 -64.00 35.45 40.58
CA LYS O 149 -63.35 36.65 41.09
C LYS O 149 -62.20 36.32 42.01
N LEU O 150 -62.20 35.15 42.64
CA LEU O 150 -61.17 34.75 43.58
C LEU O 150 -60.28 33.64 43.04
N ARG O 151 -60.56 33.13 41.84
CA ARG O 151 -59.95 31.91 41.27
C ARG O 151 -60.06 30.74 42.24
N ALA O 152 -61.24 30.58 42.83
CA ALA O 152 -61.50 29.57 43.85
C ALA O 152 -62.38 28.47 43.29
N ILE O 153 -62.48 27.38 44.05
CA ILE O 153 -63.28 26.22 43.67
C ILE O 153 -64.47 26.16 44.62
N ALA O 154 -65.61 26.67 44.17
CA ALA O 154 -66.79 26.73 45.03
C ALA O 154 -67.41 25.34 45.13
N ILE O 155 -67.47 24.81 46.34
CA ILE O 155 -67.95 23.46 46.59
C ILE O 155 -69.44 23.53 46.86
N LEU O 156 -70.24 23.24 45.83
CA LEU O 156 -71.68 23.19 45.98
C LEU O 156 -72.10 21.90 46.66
N ASP O 157 -73.38 21.83 47.01
CA ASP O 157 -73.99 20.58 47.42
C ASP O 157 -75.42 20.57 46.93
N GLY O 158 -75.80 19.53 46.20
CA GLY O 158 -77.11 19.43 45.63
C GLY O 158 -78.17 19.14 46.67
N PRO O 159 -79.43 19.12 46.25
CA PRO O 159 -80.52 18.83 47.19
C PRO O 159 -80.50 17.36 47.59
N ASN O 160 -81.11 17.08 48.73
CA ASN O 160 -81.17 15.73 49.28
C ASN O 160 -82.33 14.93 48.74
N SER O 161 -82.86 15.31 47.57
CA SER O 161 -83.86 14.54 46.86
C SER O 161 -83.20 13.40 46.08
N THR O 162 -83.97 12.74 45.21
CA THR O 162 -83.47 11.57 44.50
C THR O 162 -82.45 11.97 43.44
N ASP O 163 -81.86 10.96 42.81
CA ASP O 163 -80.79 11.19 41.84
C ASP O 163 -81.29 11.84 40.55
N GLU O 164 -82.58 11.74 40.27
CA GLU O 164 -83.12 12.47 39.13
C GLU O 164 -83.14 13.97 39.39
N ALA O 165 -83.40 14.36 40.64
CA ALA O 165 -83.40 15.77 41.00
C ALA O 165 -82.00 16.30 41.28
N ALA O 166 -81.01 15.43 41.44
CA ALA O 166 -79.62 15.87 41.61
C ALA O 166 -78.93 16.05 40.28
N VAL O 167 -79.25 15.21 39.29
CA VAL O 167 -78.71 15.40 37.95
C VAL O 167 -79.34 16.62 37.29
N ALA O 168 -80.64 16.80 37.45
CA ALA O 168 -81.32 17.96 36.89
C ALA O 168 -80.93 19.26 37.59
N TYR O 169 -80.40 19.18 38.81
CA TYR O 169 -79.84 20.35 39.46
C TYR O 169 -78.44 20.67 38.94
N ALA O 170 -77.66 19.66 38.62
CA ALA O 170 -76.31 19.87 38.11
C ALA O 170 -76.27 20.26 36.65
N LYS O 171 -77.40 20.24 35.95
CA LYS O 171 -77.47 20.64 34.56
C LYS O 171 -77.66 22.14 34.39
N ASN O 172 -77.48 22.93 35.44
CA ASN O 172 -77.67 24.37 35.38
C ASN O 172 -76.38 25.15 35.40
N PHE O 173 -75.25 24.52 35.73
CA PHE O 173 -74.05 25.28 36.09
C PHE O 173 -73.00 25.32 34.99
N GLY O 174 -72.45 24.18 34.60
CA GLY O 174 -71.50 24.09 33.50
C GLY O 174 -70.18 24.85 33.59
N SER O 175 -69.86 25.42 34.75
CA SER O 175 -68.65 26.24 34.91
C SER O 175 -67.60 25.48 35.68
N LYS O 176 -66.34 25.61 35.24
CA LYS O 176 -65.24 24.75 35.66
C LYS O 176 -64.80 24.94 37.11
N ARG O 177 -65.33 25.93 37.81
CA ARG O 177 -64.95 26.16 39.20
C ARG O 177 -66.06 25.78 40.18
N LEU O 178 -66.82 24.74 39.85
CA LEU O 178 -67.90 24.28 40.71
C LEU O 178 -67.76 22.79 40.95
N PHE O 179 -67.84 22.38 42.21
CA PHE O 179 -67.63 21.00 42.61
C PHE O 179 -68.84 20.58 43.44
N MET O 180 -69.66 19.69 42.91
CA MET O 180 -70.95 19.35 43.51
C MET O 180 -70.85 18.03 44.25
N VAL O 181 -71.17 18.05 45.54
CA VAL O 181 -71.15 16.87 46.39
C VAL O 181 -72.60 16.63 46.84
N ASP O 182 -73.28 15.69 46.20
CA ASP O 182 -74.73 15.57 46.38
C ASP O 182 -75.23 14.87 47.65
N PRO O 183 -74.83 13.63 47.99
CA PRO O 183 -75.56 12.92 49.07
C PRO O 183 -75.21 13.49 50.44
N GLY O 184 -76.25 13.75 51.24
CA GLY O 184 -76.07 14.46 52.48
C GLY O 184 -75.45 13.58 53.55
N VAL O 185 -74.47 14.14 54.25
CA VAL O 185 -73.81 13.46 55.36
C VAL O 185 -74.76 13.40 56.55
N GLN O 186 -74.89 12.22 57.14
CA GLN O 186 -75.68 12.02 58.35
C GLN O 186 -74.71 11.86 59.50
N VAL O 187 -74.53 12.91 60.30
CA VAL O 187 -73.53 12.96 61.33
C VAL O 187 -74.20 12.87 62.70
N TRP O 188 -73.43 12.43 63.70
CA TRP O 188 -73.93 12.27 65.05
C TRP O 188 -73.87 13.59 65.79
N ASP O 189 -74.99 14.00 66.38
CA ASP O 189 -75.07 15.25 67.11
C ASP O 189 -74.78 15.00 68.59
N SER O 190 -73.83 15.76 69.13
CA SER O 190 -73.45 15.59 70.54
C SER O 190 -74.48 16.16 71.50
N ALA O 191 -75.31 17.10 71.04
CA ALA O 191 -76.30 17.71 71.92
C ALA O 191 -77.52 16.80 72.10
N THR O 192 -78.17 16.44 71.00
CA THR O 192 -79.40 15.65 71.05
C THR O 192 -79.13 14.15 71.20
N ASN O 193 -77.86 13.73 71.09
CA ASN O 193 -77.45 12.32 71.13
C ASN O 193 -78.18 11.48 70.09
N ALA O 194 -78.29 12.02 68.88
CA ALA O 194 -78.90 11.32 67.76
C ALA O 194 -78.22 11.78 66.48
N ALA O 195 -78.59 11.16 65.36
CA ALA O 195 -77.96 11.44 64.09
C ALA O 195 -78.71 12.58 63.40
N ARG O 196 -77.98 13.64 63.05
CA ARG O 196 -78.53 14.76 62.30
C ARG O 196 -77.95 14.78 60.89
N ASN O 197 -78.65 15.47 60.00
CA ASN O 197 -78.25 15.55 58.60
C ASN O 197 -77.46 16.83 58.36
N ALA O 198 -76.27 16.68 57.81
CA ALA O 198 -75.30 17.69 57.42
C ALA O 198 -75.32 17.86 55.91
N PRO O 199 -75.03 19.07 55.40
CA PRO O 199 -75.15 19.30 53.94
C PRO O 199 -74.04 18.68 53.10
N ALA O 200 -73.01 18.08 53.73
CA ALA O 200 -71.90 17.40 53.06
C ALA O 200 -71.11 18.31 52.13
N SER O 201 -71.06 19.61 52.45
CA SER O 201 -70.24 20.55 51.71
C SER O 201 -69.06 21.08 52.51
N ALA O 202 -69.22 21.22 53.82
CA ALA O 202 -68.09 21.57 54.67
C ALA O 202 -67.16 20.38 54.88
N TYR O 203 -67.70 19.16 54.80
CA TYR O 203 -66.86 17.97 54.91
C TYR O 203 -65.98 17.79 53.68
N ALA O 204 -66.46 18.22 52.51
CA ALA O 204 -65.61 18.22 51.34
C ALA O 204 -64.52 19.29 51.44
N ALA O 205 -64.81 20.41 52.11
CA ALA O 205 -63.79 21.42 52.32
C ALA O 205 -62.73 20.96 53.31
N GLY O 206 -63.09 20.03 54.20
CA GLY O 206 -62.09 19.42 55.06
C GLY O 206 -61.19 18.44 54.35
N LEU O 207 -61.53 18.06 53.12
CA LEU O 207 -60.69 17.17 52.33
C LEU O 207 -59.81 17.94 51.36
N PHE O 208 -60.31 19.05 50.79
CA PHE O 208 -59.48 19.90 49.96
C PHE O 208 -58.41 20.63 50.76
N ALA O 209 -58.63 20.82 52.06
CA ALA O 209 -57.66 21.46 52.92
C ALA O 209 -56.72 20.48 53.59
N TRP O 210 -57.09 19.21 53.67
CA TRP O 210 -56.23 18.18 54.24
C TRP O 210 -55.30 17.58 53.21
N THR O 211 -55.79 17.37 51.99
CA THR O 211 -54.96 16.77 50.95
C THR O 211 -53.93 17.74 50.40
N ASP O 212 -54.12 19.05 50.57
CA ASP O 212 -53.08 19.98 50.18
C ASP O 212 -51.96 20.05 51.20
N ALA O 213 -52.26 19.76 52.47
CA ALA O 213 -51.26 19.77 53.51
C ALA O 213 -50.65 18.40 53.75
N GLU O 214 -51.13 17.36 53.07
CA GLU O 214 -50.62 16.01 53.24
C GLU O 214 -50.17 15.38 51.94
N TYR O 215 -50.83 15.71 50.83
CA TYR O 215 -50.52 15.11 49.54
C TYR O 215 -50.22 16.13 48.45
N GLY O 216 -50.51 17.41 48.68
CA GLY O 216 -50.30 18.44 47.69
C GLY O 216 -51.60 18.85 47.02
N PHE O 217 -51.58 20.07 46.44
CA PHE O 217 -52.77 20.58 45.77
C PHE O 217 -53.02 19.89 44.44
N TRP O 218 -52.01 19.21 43.88
CA TRP O 218 -52.15 18.45 42.65
C TRP O 218 -52.76 17.09 42.88
N SER O 219 -53.04 16.71 44.11
CA SER O 219 -53.63 15.42 44.42
C SER O 219 -55.11 15.62 44.71
N SER O 220 -55.96 14.90 43.99
CA SER O 220 -57.40 15.05 44.16
C SER O 220 -57.83 14.44 45.50
N PRO O 221 -58.87 14.99 46.13
CA PRO O 221 -59.34 14.41 47.40
C PRO O 221 -60.35 13.30 47.20
N SER O 222 -60.42 12.76 45.99
CA SER O 222 -61.52 11.90 45.55
C SER O 222 -61.38 10.45 45.99
N ASN O 223 -60.51 10.13 46.93
CA ASN O 223 -60.54 8.79 47.52
C ASN O 223 -60.24 8.86 49.01
N LYS O 224 -60.35 10.02 49.64
CA LYS O 224 -59.85 10.21 50.99
C LYS O 224 -61.00 10.11 51.99
N GLU O 225 -60.65 9.73 53.22
CA GLU O 225 -61.65 9.44 54.22
C GLU O 225 -62.21 10.71 54.84
N ILE O 226 -63.50 10.68 55.16
CA ILE O 226 -64.12 11.71 55.99
C ILE O 226 -64.34 11.08 57.36
N LYS O 227 -63.60 11.56 58.36
CA LYS O 227 -63.55 10.88 59.64
C LYS O 227 -64.79 11.12 60.49
N GLY O 228 -65.44 12.29 60.35
CA GLY O 228 -66.49 12.64 61.26
C GLY O 228 -67.84 12.00 61.00
N VAL O 229 -68.07 11.52 59.78
CA VAL O 229 -69.42 11.12 59.38
C VAL O 229 -69.77 9.76 59.98
N THR O 230 -71.07 9.50 60.07
CA THR O 230 -71.57 8.20 60.52
C THR O 230 -72.83 7.81 59.77
N GLY O 231 -73.01 8.31 58.55
CA GLY O 231 -74.20 8.00 57.79
C GLY O 231 -74.22 8.78 56.50
N THR O 232 -75.20 8.45 55.66
CA THR O 232 -75.42 9.17 54.42
C THR O 232 -76.89 9.03 54.05
N SER O 233 -77.59 10.15 54.01
CA SER O 233 -78.99 10.15 53.59
C SER O 233 -79.07 9.83 52.11
N ARG O 234 -80.01 8.95 51.74
CA ARG O 234 -80.18 8.37 50.40
C ARG O 234 -78.86 7.74 49.95
N PRO O 235 -78.48 6.59 50.50
CA PRO O 235 -77.13 6.06 50.26
C PRO O 235 -76.96 5.54 48.84
N VAL O 236 -75.79 5.81 48.27
CA VAL O 236 -75.51 5.50 46.88
C VAL O 236 -74.98 4.08 46.76
N GLU O 237 -75.03 3.54 45.55
CA GLU O 237 -74.59 2.18 45.25
C GLU O 237 -73.38 2.22 44.34
N PHE O 238 -72.28 1.61 44.78
CA PHE O 238 -71.14 1.31 43.94
C PHE O 238 -70.56 0.02 44.48
N LEU O 239 -70.81 -1.09 43.79
CA LEU O 239 -70.50 -2.37 44.43
C LEU O 239 -69.02 -2.72 44.27
N ASP O 240 -68.62 -3.18 43.08
CA ASP O 240 -67.22 -3.54 42.91
C ASP O 240 -66.54 -2.86 41.72
N GLY O 241 -67.05 -3.14 40.52
CA GLY O 241 -66.42 -2.69 39.30
C GLY O 241 -67.41 -2.41 38.19
N ASP O 242 -68.70 -2.43 38.52
CA ASP O 242 -69.73 -2.26 37.51
C ASP O 242 -69.79 -0.81 37.05
N GLU O 243 -69.73 -0.61 35.73
CA GLU O 243 -69.81 0.73 35.14
C GLU O 243 -71.22 1.31 35.18
N THR O 244 -72.20 0.55 35.68
CA THR O 244 -73.61 0.95 35.69
C THR O 244 -74.15 1.06 37.10
N CYS O 245 -73.29 1.40 38.06
CA CYS O 245 -73.71 1.56 39.45
C CYS O 245 -74.48 2.86 39.61
N ARG O 246 -75.11 3.01 40.79
CA ARG O 246 -75.87 4.23 41.05
C ARG O 246 -74.95 5.40 41.33
N ALA O 247 -73.83 5.16 42.01
CA ALA O 247 -72.87 6.23 42.26
C ALA O 247 -72.10 6.57 40.99
N ASN O 248 -71.88 5.60 40.10
CA ASN O 248 -71.15 5.87 38.87
C ASN O 248 -71.99 6.63 37.85
N LEU O 249 -73.31 6.54 37.93
CA LEU O 249 -74.15 7.37 37.08
C LEU O 249 -74.21 8.81 37.57
N LEU O 250 -73.77 9.08 38.80
CA LEU O 250 -73.64 10.43 39.30
C LEU O 250 -72.27 11.03 38.99
N ASN O 251 -71.22 10.23 39.10
CA ASN O 251 -69.89 10.70 38.69
C ASN O 251 -69.81 10.90 37.18
N ASN O 252 -70.64 10.19 36.43
CA ASN O 252 -70.75 10.42 34.99
C ASN O 252 -71.35 11.80 34.70
N ALA O 253 -72.25 12.27 35.56
CA ALA O 253 -72.91 13.56 35.39
C ALA O 253 -72.21 14.68 36.17
N ASN O 254 -70.90 14.53 36.41
CA ASN O 254 -70.04 15.53 37.05
C ASN O 254 -70.53 15.88 38.46
N ILE O 255 -70.86 14.85 39.23
CA ILE O 255 -71.34 15.00 40.61
C ILE O 255 -70.51 14.09 41.50
N ALA O 256 -69.89 14.65 42.53
CA ALA O 256 -69.11 13.87 43.49
C ALA O 256 -70.05 13.22 44.49
N THR O 257 -69.69 12.01 44.93
CA THR O 257 -70.50 11.23 45.84
C THR O 257 -69.67 10.80 47.04
N ILE O 258 -70.32 10.12 47.97
CA ILE O 258 -69.67 9.46 49.09
C ILE O 258 -70.09 7.99 49.03
N ILE O 259 -69.17 7.11 48.61
CA ILE O 259 -69.59 5.81 48.10
C ILE O 259 -69.85 4.82 49.22
N ARG O 260 -68.89 4.62 50.11
CA ARG O 260 -68.84 3.42 50.92
C ARG O 260 -69.86 3.45 52.05
N ASP O 261 -69.77 2.42 52.91
CA ASP O 261 -70.67 2.26 54.04
C ASP O 261 -70.60 3.46 54.97
N ASP O 262 -71.70 4.22 55.00
CA ASP O 262 -71.89 5.55 55.60
C ASP O 262 -71.04 6.63 54.95
N GLY O 263 -70.45 6.36 53.79
CA GLY O 263 -69.69 7.37 53.08
C GLY O 263 -68.43 7.79 53.79
N TYR O 264 -67.56 6.84 54.11
CA TYR O 264 -66.25 7.21 54.62
C TYR O 264 -65.21 7.32 53.51
N ARG O 265 -65.65 7.49 52.27
CA ARG O 265 -64.78 7.79 51.14
C ARG O 265 -65.49 8.79 50.25
N LEU O 266 -64.91 9.97 50.06
CA LEU O 266 -65.37 10.85 48.99
C LEU O 266 -65.04 10.22 47.65
N TRP O 267 -65.92 10.42 46.67
CA TRP O 267 -65.79 9.77 45.38
C TRP O 267 -66.17 10.76 44.30
N GLY O 268 -65.19 11.19 43.51
CA GLY O 268 -65.46 12.06 42.39
C GLY O 268 -64.43 13.16 42.26
N ASN O 269 -63.81 13.26 41.10
CA ASN O 269 -62.85 14.31 40.83
C ASN O 269 -63.19 15.07 39.55
N ARG O 270 -64.43 14.98 39.09
CA ARG O 270 -64.86 15.70 37.90
C ARG O 270 -65.64 16.93 38.35
N THR O 271 -65.11 18.10 38.03
CA THR O 271 -65.85 19.33 38.33
C THR O 271 -66.95 19.52 37.29
N LEU O 272 -67.86 20.44 37.58
CA LEU O 272 -69.02 20.68 36.72
C LEU O 272 -68.63 21.54 35.52
N SER O 273 -67.83 20.94 34.64
CA SER O 273 -67.28 21.67 33.49
C SER O 273 -67.76 21.04 32.20
N SER O 274 -68.17 21.89 31.25
CA SER O 274 -68.59 21.39 29.95
C SER O 274 -67.41 21.03 29.06
N ASP O 275 -66.30 21.74 29.20
CA ASP O 275 -65.09 21.40 28.46
C ASP O 275 -64.38 20.25 29.17
N SER O 276 -64.02 19.22 28.40
CA SER O 276 -63.34 18.07 28.97
C SER O 276 -61.87 18.34 29.26
N LYS O 277 -61.35 19.49 28.86
CA LYS O 277 -60.01 19.89 29.28
C LYS O 277 -59.99 20.22 30.76
N TRP O 278 -60.92 21.06 31.21
CA TRP O 278 -61.00 21.48 32.60
C TRP O 278 -61.90 20.58 33.43
N ALA O 279 -62.00 19.30 33.08
CA ALA O 279 -62.95 18.42 33.75
C ALA O 279 -62.49 18.06 35.15
N PHE O 280 -61.20 17.88 35.35
CA PHE O 280 -60.70 17.43 36.64
C PHE O 280 -60.46 18.61 37.57
N VAL O 281 -60.69 18.38 38.86
CA VAL O 281 -60.44 19.40 39.87
C VAL O 281 -58.95 19.58 40.10
N THR O 282 -58.14 18.57 39.76
CA THR O 282 -56.70 18.69 39.83
C THR O 282 -56.18 19.74 38.85
N ARG O 283 -56.65 19.68 37.60
CA ARG O 283 -56.17 20.61 36.59
C ARG O 283 -56.67 22.04 36.83
N VAL O 284 -57.85 22.19 37.41
CA VAL O 284 -58.36 23.52 37.71
C VAL O 284 -57.60 24.13 38.89
N ARG O 285 -57.28 23.31 39.89
CA ARG O 285 -56.66 23.81 41.11
C ARG O 285 -55.19 24.17 40.89
N THR O 286 -54.46 23.35 40.13
CA THR O 286 -53.06 23.66 39.87
C THR O 286 -52.92 24.84 38.90
N MET O 287 -53.90 25.04 38.03
CA MET O 287 -53.83 26.16 37.11
C MET O 287 -54.05 27.48 37.84
N ASP O 288 -55.05 27.54 38.72
CA ASP O 288 -55.30 28.75 39.48
C ASP O 288 -54.26 29.00 40.56
N LEU O 289 -53.43 28.02 40.87
CA LEU O 289 -52.34 28.20 41.83
C LEU O 289 -51.05 28.66 41.17
N VAL O 290 -50.78 28.23 39.94
CA VAL O 290 -49.61 28.72 39.22
C VAL O 290 -49.89 30.00 38.45
N MET O 291 -51.17 30.38 38.31
CA MET O 291 -51.49 31.68 37.72
C MET O 291 -51.58 32.78 38.75
N ASP O 292 -51.58 32.45 40.03
CA ASP O 292 -51.54 33.45 41.09
C ASP O 292 -50.18 33.55 41.74
N ALA O 293 -49.38 32.49 41.68
CA ALA O 293 -47.99 32.58 42.14
C ALA O 293 -47.16 33.43 41.21
N ILE O 294 -47.45 33.37 39.91
CA ILE O 294 -46.74 34.20 38.95
C ILE O 294 -47.24 35.64 39.02
N LEU O 295 -48.55 35.82 39.25
CA LEU O 295 -49.13 37.16 39.29
C LEU O 295 -48.69 37.93 40.53
N ALA O 296 -48.76 37.29 41.69
CA ALA O 296 -48.35 37.94 42.93
C ALA O 296 -46.85 37.86 43.18
N GLY O 297 -46.11 37.14 42.34
CA GLY O 297 -44.68 36.98 42.53
C GLY O 297 -43.81 37.71 41.55
N HIS O 298 -44.40 38.41 40.57
CA HIS O 298 -43.63 39.14 39.57
C HIS O 298 -43.94 40.63 39.59
N LYS O 299 -44.32 41.16 40.75
CA LYS O 299 -44.54 42.59 40.89
C LYS O 299 -43.26 43.37 41.12
N TRP O 300 -42.11 42.71 41.07
CA TRP O 300 -40.82 43.38 41.13
C TRP O 300 -40.30 43.74 39.76
N ALA O 301 -40.93 43.27 38.70
CA ALA O 301 -40.44 43.44 37.33
C ALA O 301 -41.41 44.25 36.48
N VAL O 302 -41.98 45.31 37.04
CA VAL O 302 -42.98 46.09 36.32
C VAL O 302 -42.41 47.38 35.73
N ASP O 303 -41.24 47.82 36.15
CA ASP O 303 -40.56 48.91 35.45
C ASP O 303 -39.06 48.69 35.44
N ARG O 304 -38.62 47.46 35.27
CA ARG O 304 -37.19 47.18 35.38
C ARG O 304 -36.42 47.60 34.15
N GLY O 305 -37.04 47.61 32.99
CA GLY O 305 -36.32 47.91 31.77
C GLY O 305 -35.85 46.65 31.08
N ILE O 306 -36.24 46.48 29.82
CA ILE O 306 -35.98 45.24 29.10
C ILE O 306 -34.54 45.22 28.62
N THR O 307 -33.65 44.67 29.43
CA THR O 307 -32.29 44.37 29.04
C THR O 307 -32.14 42.87 28.83
N LYS O 308 -31.00 42.47 28.28
CA LYS O 308 -30.76 41.05 27.99
C LYS O 308 -30.65 40.23 29.27
N THR O 309 -30.19 40.84 30.35
CA THR O 309 -30.16 40.19 31.66
C THR O 309 -31.46 40.36 32.42
N TYR O 310 -32.46 41.00 31.84
CA TYR O 310 -33.77 41.08 32.48
C TYR O 310 -34.66 39.93 32.02
N VAL O 311 -34.74 39.70 30.71
CA VAL O 311 -35.53 38.61 30.17
C VAL O 311 -34.96 37.26 30.59
N LYS O 312 -33.64 37.16 30.67
CA LYS O 312 -33.02 35.90 31.06
C LYS O 312 -33.18 35.62 32.54
N ASP O 313 -33.23 36.65 33.38
CA ASP O 313 -33.38 36.44 34.82
C ASP O 313 -34.83 36.45 35.28
N VAL O 314 -35.78 36.67 34.39
CA VAL O 314 -37.17 36.33 34.67
C VAL O 314 -37.46 34.90 34.26
N THR O 315 -36.91 34.47 33.12
CA THR O 315 -37.09 33.11 32.64
C THR O 315 -36.40 32.10 33.56
N GLU O 316 -35.16 32.37 33.94
CA GLU O 316 -34.45 31.48 34.86
C GLU O 316 -35.04 31.50 36.26
N GLY O 317 -35.71 32.59 36.64
CA GLY O 317 -36.50 32.58 37.86
C GLY O 317 -37.86 31.95 37.71
N LEU O 318 -38.28 31.69 36.47
CA LEU O 318 -39.54 31.03 36.18
C LEU O 318 -39.37 29.54 35.95
N ARG O 319 -38.24 29.12 35.37
CA ARG O 319 -37.93 27.70 35.30
C ARG O 319 -37.68 27.12 36.68
N ALA O 320 -37.02 27.91 37.54
CA ALA O 320 -36.73 27.47 38.90
C ALA O 320 -37.98 27.32 39.75
N PHE O 321 -39.05 28.02 39.40
CA PHE O 321 -40.32 27.80 40.06
C PHE O 321 -40.99 26.53 39.55
N MET O 322 -40.94 26.29 38.24
CA MET O 322 -41.54 25.09 37.68
C MET O 322 -40.69 23.85 37.93
N ARG O 323 -39.38 24.01 38.12
CA ARG O 323 -38.56 22.87 38.48
C ARG O 323 -38.68 22.51 39.95
N ASP O 324 -39.09 23.46 40.79
CA ASP O 324 -39.46 23.13 42.16
C ASP O 324 -40.86 22.54 42.25
N LEU O 325 -41.63 22.57 41.16
CA LEU O 325 -42.90 21.89 41.07
C LEU O 325 -42.80 20.54 40.39
N LYS O 326 -41.76 20.31 39.59
CA LYS O 326 -41.61 19.06 38.87
C LYS O 326 -41.15 17.94 39.79
N ASN O 327 -40.10 18.19 40.57
CA ASN O 327 -39.62 17.18 41.50
C ASN O 327 -40.52 17.06 42.72
N GLN O 328 -41.35 18.07 42.99
CA GLN O 328 -42.35 17.96 44.03
C GLN O 328 -43.50 17.05 43.63
N GLY O 329 -43.69 16.82 42.34
CA GLY O 329 -44.75 15.97 41.84
C GLY O 329 -45.96 16.71 41.30
N ALA O 330 -45.89 18.04 41.23
CA ALA O 330 -47.06 18.81 40.80
C ALA O 330 -47.26 18.74 39.30
N VAL O 331 -46.17 18.80 38.53
CA VAL O 331 -46.24 18.71 37.08
C VAL O 331 -45.40 17.52 36.65
N ILE O 332 -45.60 17.10 35.39
CA ILE O 332 -44.80 16.04 34.81
C ILE O 332 -43.55 16.65 34.20
N ASN O 333 -43.74 17.55 33.25
CA ASN O 333 -42.64 18.29 32.66
C ASN O 333 -43.16 19.64 32.19
N PHE O 334 -42.25 20.59 32.05
CA PHE O 334 -42.60 21.96 31.74
C PHE O 334 -41.75 22.46 30.59
N GLU O 335 -42.08 23.67 30.12
CA GLU O 335 -41.28 24.35 29.10
C GLU O 335 -41.53 25.84 29.24
N VAL O 336 -40.58 26.54 29.84
CA VAL O 336 -40.66 27.99 30.05
C VAL O 336 -39.66 28.64 29.11
N TYR O 337 -40.14 29.55 28.27
CA TYR O 337 -39.28 30.23 27.32
C TYR O 337 -39.87 31.59 27.00
N ALA O 338 -39.01 32.52 26.59
CA ALA O 338 -39.47 33.80 26.07
C ALA O 338 -40.02 33.59 24.67
N ASP O 339 -41.15 34.20 24.40
CA ASP O 339 -41.88 33.98 23.15
C ASP O 339 -41.13 34.61 21.99
N PRO O 340 -40.74 33.85 20.97
CA PRO O 340 -39.99 34.45 19.86
C PRO O 340 -40.85 35.28 18.93
N ASP O 341 -42.14 34.97 18.83
CA ASP O 341 -43.02 35.71 17.93
C ASP O 341 -43.66 36.92 18.58
N LEU O 342 -44.16 36.78 19.81
CA LEU O 342 -44.87 37.86 20.47
C LEU O 342 -43.95 38.93 21.04
N ASN O 343 -42.65 38.65 21.13
CA ASN O 343 -41.68 39.68 21.52
C ASN O 343 -41.12 40.30 20.25
N SER O 344 -41.94 41.11 19.60
CA SER O 344 -41.53 41.82 18.40
C SER O 344 -40.87 43.14 18.79
N ALA O 345 -40.41 43.88 17.81
CA ALA O 345 -39.80 45.18 18.09
C ALA O 345 -40.84 46.22 18.44
N SER O 346 -42.07 46.05 17.94
CA SER O 346 -43.13 47.00 18.25
C SER O 346 -43.88 46.65 19.54
N GLN O 347 -43.85 45.39 19.97
CA GLN O 347 -44.43 45.06 21.25
C GLN O 347 -43.51 45.47 22.40
N LEU O 348 -42.20 45.35 22.20
CA LEU O 348 -41.26 45.71 23.25
C LEU O 348 -41.14 47.22 23.40
N ALA O 349 -41.44 47.97 22.33
CA ALA O 349 -41.38 49.43 22.40
C ALA O 349 -42.56 50.03 23.16
N GLN O 350 -43.59 49.24 23.45
CA GLN O 350 -44.70 49.66 24.29
C GLN O 350 -44.54 49.20 25.73
N GLY O 351 -43.50 48.44 26.02
CA GLY O 351 -43.31 47.89 27.34
C GLY O 351 -43.89 46.51 27.55
N LYS O 352 -44.33 45.85 26.49
CA LYS O 352 -44.90 44.51 26.59
C LYS O 352 -43.82 43.48 26.25
N VAL O 353 -43.66 42.48 27.13
CA VAL O 353 -42.71 41.40 26.90
C VAL O 353 -43.39 40.11 27.34
N TYR O 354 -43.32 39.08 26.51
CA TYR O 354 -44.15 37.89 26.66
C TYR O 354 -43.31 36.68 27.05
N TRP O 355 -43.83 35.88 27.97
CA TRP O 355 -43.23 34.61 28.35
C TRP O 355 -44.28 33.52 28.24
N ASN O 356 -43.87 32.34 27.78
CA ASN O 356 -44.75 31.20 27.62
C ASN O 356 -44.38 30.13 28.63
N ILE O 357 -45.34 29.71 29.43
CA ILE O 357 -45.14 28.67 30.44
C ILE O 357 -46.04 27.50 30.05
N ARG O 358 -45.49 26.52 29.35
CA ARG O 358 -46.21 25.33 28.97
C ARG O 358 -45.80 24.19 29.88
N PHE O 359 -46.78 23.52 30.49
CA PHE O 359 -46.50 22.43 31.40
C PHE O 359 -47.56 21.35 31.23
N THR O 360 -47.41 20.27 31.99
CA THR O 360 -48.36 19.17 31.99
C THR O 360 -48.71 18.82 33.43
N ASP O 361 -49.99 18.97 33.78
CA ASP O 361 -50.45 18.55 35.08
C ASP O 361 -50.43 17.04 35.20
N VAL O 362 -50.27 16.54 36.42
CA VAL O 362 -50.30 15.12 36.70
C VAL O 362 -51.76 14.71 36.88
N PRO O 363 -52.33 13.93 35.97
CA PRO O 363 -53.76 13.64 36.03
C PRO O 363 -54.05 12.63 37.13
N PRO O 364 -55.28 12.63 37.66
CA PRO O 364 -55.63 11.64 38.67
C PRO O 364 -56.04 10.33 38.03
N ALA O 365 -55.52 9.23 38.57
CA ALA O 365 -55.83 7.90 38.06
C ALA O 365 -57.23 7.52 38.51
N GLU O 366 -58.22 8.02 37.78
CA GLU O 366 -59.60 7.70 38.14
C GLU O 366 -60.03 6.34 37.63
N ASN O 367 -59.26 5.72 36.73
CA ASN O 367 -59.59 4.39 36.23
C ASN O 367 -58.33 3.66 35.81
N PRO O 368 -57.65 2.99 36.76
CA PRO O 368 -56.59 2.06 36.35
C PRO O 368 -57.14 0.82 35.69
N ASN O 369 -56.97 0.71 34.38
CA ASN O 369 -57.48 -0.42 33.62
C ASN O 369 -56.45 -1.54 33.57
N PHE O 370 -56.87 -2.76 33.86
CA PHE O 370 -56.00 -3.92 33.81
C PHE O 370 -56.46 -4.86 32.69
N ARG O 371 -55.50 -5.49 32.01
CA ARG O 371 -55.75 -6.37 30.88
C ARG O 371 -55.04 -7.69 31.13
N VAL O 372 -55.72 -8.62 31.81
CA VAL O 372 -55.14 -9.90 32.18
C VAL O 372 -55.43 -10.91 31.09
N GLU O 373 -54.47 -11.80 30.84
CA GLU O 373 -54.61 -12.80 29.78
C GLU O 373 -53.77 -14.03 30.10
N VAL O 374 -54.27 -15.18 29.68
CA VAL O 374 -53.52 -16.44 29.71
C VAL O 374 -52.90 -16.67 28.35
N THR O 375 -51.74 -17.30 28.33
CA THR O 375 -50.98 -17.50 27.10
C THR O 375 -50.53 -18.96 27.04
N ASP O 376 -49.83 -19.30 25.95
CA ASP O 376 -49.19 -20.59 25.81
C ASP O 376 -47.72 -20.45 25.45
N GLN O 377 -47.17 -19.24 25.61
CA GLN O 377 -45.77 -18.99 25.23
C GLN O 377 -44.81 -19.65 26.21
N TRP O 378 -45.11 -19.59 27.51
CA TRP O 378 -44.31 -20.23 28.54
C TRP O 378 -44.83 -21.62 28.88
N LEU O 379 -45.73 -22.17 28.07
CA LEU O 379 -46.18 -23.54 28.27
C LEU O 379 -45.11 -24.55 27.85
N THR O 380 -44.22 -24.17 26.94
CA THR O 380 -43.10 -25.00 26.53
C THR O 380 -41.88 -24.86 27.44
N GLU O 381 -42.00 -24.13 28.55
CA GLU O 381 -40.88 -23.93 29.46
C GLU O 381 -40.57 -25.19 30.26
N VAL O 382 -41.56 -26.05 30.49
CA VAL O 382 -41.35 -27.26 31.30
C VAL O 382 -40.91 -28.35 30.34
N LEU O 383 -39.62 -28.35 30.02
CA LEU O 383 -39.03 -29.44 29.24
C LEU O 383 -37.62 -29.82 29.65
N ASP O 384 -36.98 -29.07 30.56
CA ASP O 384 -35.58 -29.29 30.90
C ASP O 384 -35.23 -28.56 32.20
N MET P 1 44.93 -52.48 -28.03
CA MET P 1 44.97 -53.84 -28.56
C MET P 1 44.91 -53.84 -30.08
N ILE P 2 45.73 -54.68 -30.70
CA ILE P 2 45.87 -54.75 -32.15
C ILE P 2 45.28 -56.07 -32.61
N GLY P 3 44.27 -56.00 -33.50
CA GLY P 3 43.70 -57.18 -34.12
C GLY P 3 43.71 -57.05 -35.62
N MET P 4 43.23 -58.11 -36.27
CA MET P 4 43.12 -58.13 -37.72
C MET P 4 41.69 -57.83 -38.14
N ASP P 5 41.56 -57.25 -39.33
CA ASP P 5 40.23 -57.00 -39.87
C ASP P 5 39.60 -58.31 -40.31
N ARG P 6 38.27 -58.35 -40.29
CA ARG P 6 37.56 -59.58 -40.65
C ARG P 6 37.68 -59.88 -42.13
N ARG P 7 37.18 -58.99 -42.98
CA ARG P 7 37.55 -59.05 -44.38
C ARG P 7 38.90 -58.38 -44.59
N SER P 8 39.60 -58.80 -45.64
CA SER P 8 40.86 -58.25 -46.16
C SER P 8 42.07 -58.41 -45.24
N GLY P 9 41.92 -58.95 -44.04
CA GLY P 9 43.05 -59.31 -43.21
C GLY P 9 43.92 -58.18 -42.69
N LEU P 10 43.46 -56.92 -42.77
CA LEU P 10 44.35 -55.82 -42.44
C LEU P 10 44.45 -55.61 -40.93
N PRO P 11 45.64 -55.28 -40.41
CA PRO P 11 45.78 -55.01 -38.97
C PRO P 11 45.28 -53.63 -38.60
N LEU P 12 44.10 -53.58 -37.98
CA LEU P 12 43.52 -52.35 -37.44
C LEU P 12 43.24 -52.52 -35.96
N SER P 13 43.49 -51.47 -35.18
CA SER P 13 43.48 -51.56 -33.73
C SER P 13 42.31 -50.84 -33.08
N GLY P 14 42.11 -49.57 -33.38
CA GLY P 14 41.14 -48.79 -32.64
C GLY P 14 39.73 -48.76 -33.20
N LEU P 15 39.59 -48.28 -34.44
CA LEU P 15 38.28 -47.87 -34.94
C LEU P 15 37.43 -49.04 -35.39
N ALA P 16 37.89 -49.81 -36.37
CA ALA P 16 37.08 -50.88 -36.93
C ALA P 16 37.16 -52.16 -36.11
N HIS P 17 38.18 -52.33 -35.27
CA HIS P 17 38.23 -53.50 -34.39
C HIS P 17 37.16 -53.41 -33.31
N LEU P 18 36.88 -52.20 -32.82
CA LEU P 18 35.79 -51.99 -31.89
C LEU P 18 34.42 -52.10 -32.57
N LYS P 19 34.37 -51.92 -33.89
CA LYS P 19 33.13 -52.02 -34.64
C LYS P 19 32.87 -53.43 -35.17
N GLN P 20 33.92 -54.13 -35.60
CA GLN P 20 33.74 -55.50 -36.04
C GLN P 20 33.49 -56.47 -34.89
N SER P 21 33.65 -56.02 -33.64
CA SER P 21 33.37 -56.85 -32.49
C SER P 21 31.94 -56.64 -31.98
N VAL P 22 31.47 -55.40 -32.03
CA VAL P 22 30.11 -55.10 -31.55
C VAL P 22 29.07 -55.50 -32.58
N GLU P 23 29.27 -55.11 -33.85
CA GLU P 23 28.33 -55.44 -34.90
C GLU P 23 28.28 -56.94 -35.20
N ASP P 24 29.33 -57.67 -34.86
CA ASP P 24 29.27 -59.13 -34.96
C ASP P 24 28.46 -59.73 -33.83
N ILE P 25 28.57 -59.14 -32.62
CA ILE P 25 27.95 -59.71 -31.42
C ILE P 25 26.43 -59.65 -31.50
N LEU P 26 25.89 -58.60 -32.13
CA LEU P 26 24.45 -58.43 -32.20
C LEU P 26 23.78 -59.42 -33.14
N THR P 27 24.53 -60.00 -34.07
CA THR P 27 23.94 -60.96 -35.01
C THR P 27 24.54 -62.36 -34.91
N THR P 28 25.54 -62.57 -34.06
CA THR P 28 26.02 -63.92 -33.80
C THR P 28 25.17 -64.56 -32.72
N PRO P 29 24.59 -65.73 -32.96
CA PRO P 29 23.78 -66.39 -31.94
C PRO P 29 24.64 -67.13 -30.93
N LEU P 30 23.98 -67.64 -29.90
CA LEU P 30 24.65 -68.46 -28.90
C LEU P 30 24.82 -69.88 -29.42
N GLY P 31 25.97 -70.48 -29.11
CA GLY P 31 26.25 -71.84 -29.52
C GLY P 31 26.80 -71.99 -30.91
N SER P 32 26.92 -70.90 -31.68
CA SER P 32 27.51 -71.00 -33.00
C SER P 32 29.03 -71.16 -32.93
N ARG P 33 29.65 -70.63 -31.90
CA ARG P 33 31.08 -70.81 -31.71
C ARG P 33 31.38 -72.23 -31.23
N ARG P 34 32.57 -72.71 -31.58
CA ARG P 34 32.96 -74.07 -31.24
C ARG P 34 33.54 -74.07 -29.85
N MET P 35 32.97 -74.93 -28.99
CA MET P 35 33.32 -75.11 -27.57
C MET P 35 33.11 -73.84 -26.75
N ARG P 36 32.32 -72.89 -27.25
CA ARG P 36 32.00 -71.66 -26.52
C ARG P 36 30.53 -71.37 -26.67
N PRO P 37 29.67 -72.09 -25.94
CA PRO P 37 28.21 -71.96 -26.15
C PRO P 37 27.62 -70.72 -25.51
N GLU P 38 28.40 -69.92 -24.79
CA GLU P 38 27.92 -68.73 -24.11
C GLU P 38 28.31 -67.45 -24.82
N TYR P 39 29.04 -67.54 -25.93
CA TYR P 39 29.36 -66.37 -26.75
C TYR P 39 28.25 -66.15 -27.76
N GLY P 40 27.93 -64.89 -28.00
CA GLY P 40 26.84 -64.55 -28.89
C GLY P 40 25.79 -63.72 -28.19
N SER P 41 24.59 -63.63 -28.78
CA SER P 41 23.52 -62.85 -28.20
C SER P 41 22.20 -63.59 -28.34
N LYS P 42 21.25 -63.22 -27.49
CA LYS P 42 19.88 -63.69 -27.60
C LYS P 42 19.05 -62.87 -28.58
N LEU P 43 19.68 -61.94 -29.32
CA LEU P 43 18.94 -61.08 -30.23
C LEU P 43 18.40 -61.85 -31.43
N ARG P 44 19.05 -62.95 -31.81
CA ARG P 44 18.49 -63.81 -32.83
C ARG P 44 17.27 -64.57 -32.33
N ARG P 45 17.14 -64.73 -31.01
CA ARG P 45 15.96 -65.31 -30.41
C ARG P 45 14.90 -64.28 -30.07
N MET P 46 15.22 -62.99 -30.14
CA MET P 46 14.23 -61.94 -29.95
C MET P 46 13.41 -61.67 -31.19
N VAL P 47 13.70 -62.35 -32.30
CA VAL P 47 12.89 -62.23 -33.51
C VAL P 47 11.53 -62.86 -33.26
N ASP P 48 10.47 -62.18 -33.72
CA ASP P 48 9.07 -62.61 -33.63
C ASP P 48 8.58 -62.72 -32.18
N MET P 49 9.24 -62.06 -31.29
CA MET P 49 8.62 -61.86 -30.00
C MET P 49 7.80 -60.58 -30.05
N PRO P 50 6.69 -60.51 -29.30
CA PRO P 50 5.83 -59.33 -29.39
C PRO P 50 6.49 -58.09 -28.78
N VAL P 51 6.38 -56.98 -29.50
CA VAL P 51 7.08 -55.75 -29.13
C VAL P 51 6.32 -55.07 -28.00
N SER P 52 6.67 -55.39 -26.77
CA SER P 52 6.04 -54.82 -25.59
C SER P 52 7.05 -53.98 -24.82
N GLU P 53 6.58 -53.33 -23.75
CA GLU P 53 7.49 -52.59 -22.90
C GLU P 53 8.36 -53.50 -22.06
N GLY P 54 7.96 -54.76 -21.86
CA GLY P 54 8.84 -55.74 -21.27
C GLY P 54 9.81 -56.35 -22.25
N TRP P 55 9.55 -56.20 -23.55
CA TRP P 55 10.48 -56.70 -24.56
C TRP P 55 11.68 -55.77 -24.69
N LYS P 56 11.48 -54.46 -24.55
CA LYS P 56 12.59 -53.52 -24.60
C LYS P 56 13.46 -53.61 -23.36
N SER P 57 12.86 -54.02 -22.24
CA SER P 57 13.64 -54.29 -21.04
C SER P 57 14.54 -55.51 -21.21
N ALA P 58 14.22 -56.41 -22.13
CA ALA P 58 15.07 -57.56 -22.39
C ALA P 58 16.17 -57.23 -23.40
N VAL P 59 15.84 -56.44 -24.43
CA VAL P 59 16.83 -56.13 -25.47
C VAL P 59 17.88 -55.17 -24.93
N GLN P 60 17.46 -54.17 -24.14
CA GLN P 60 18.42 -53.30 -23.46
C GLN P 60 19.23 -54.04 -22.40
N ALA P 61 18.72 -55.17 -21.91
CA ALA P 61 19.53 -56.03 -21.04
C ALA P 61 20.50 -56.87 -21.86
N GLU P 62 19.99 -57.52 -22.92
CA GLU P 62 20.83 -58.41 -23.73
C GLU P 62 21.89 -57.66 -24.53
N VAL P 63 21.66 -56.38 -24.85
CA VAL P 63 22.73 -55.56 -25.38
C VAL P 63 23.75 -55.27 -24.28
N ALA P 64 23.27 -54.95 -23.07
CA ALA P 64 24.17 -54.72 -21.95
C ALA P 64 24.80 -56.00 -21.43
N ARG P 65 24.17 -57.16 -21.67
CA ARG P 65 24.76 -58.42 -21.23
C ARG P 65 25.82 -58.90 -22.21
N SER P 66 25.42 -59.14 -23.46
CA SER P 66 26.31 -59.79 -24.43
C SER P 66 27.48 -58.91 -24.83
N LEU P 67 27.35 -57.59 -24.70
CA LEU P 67 28.51 -56.73 -24.85
C LEU P 67 29.22 -56.52 -23.52
N GLY P 68 28.50 -56.63 -22.41
CA GLY P 68 29.14 -56.52 -21.11
C GLY P 68 29.98 -57.74 -20.77
N ARG P 69 29.62 -58.91 -21.31
CA ARG P 69 30.44 -60.10 -21.10
C ARG P 69 31.73 -60.02 -21.92
N TRP P 70 31.61 -59.91 -23.24
CA TRP P 70 32.74 -60.19 -24.12
C TRP P 70 33.26 -58.95 -24.84
N GLU P 71 32.89 -57.74 -24.41
CA GLU P 71 33.44 -56.52 -25.00
C GLU P 71 33.52 -55.43 -23.93
N PRO P 72 34.54 -55.50 -23.05
CA PRO P 72 34.63 -54.51 -21.97
C PRO P 72 35.13 -53.14 -22.42
N ARG P 73 35.70 -53.02 -23.61
CA ARG P 73 36.22 -51.76 -24.13
C ARG P 73 35.16 -50.92 -24.86
N ILE P 74 33.88 -51.18 -24.61
CA ILE P 74 32.78 -50.40 -25.18
C ILE P 74 31.83 -50.02 -24.06
N GLY P 75 31.61 -48.72 -23.88
CA GLY P 75 30.59 -48.25 -22.97
C GLY P 75 29.27 -47.91 -23.64
N LEU P 76 28.24 -48.70 -23.33
CA LEU P 76 26.95 -48.53 -23.97
C LEU P 76 26.25 -47.29 -23.43
N SER P 77 25.70 -46.49 -24.32
CA SER P 77 25.01 -45.26 -23.94
C SER P 77 23.50 -45.43 -23.85
N ALA P 78 22.85 -45.76 -24.97
CA ALA P 78 21.39 -45.82 -24.99
C ALA P 78 20.93 -46.74 -26.10
N VAL P 79 19.99 -47.61 -25.79
CA VAL P 79 19.33 -48.46 -26.79
C VAL P 79 17.87 -48.03 -26.80
N ARG P 80 17.54 -47.07 -27.66
CA ARG P 80 16.21 -46.49 -27.73
C ARG P 80 15.50 -47.04 -28.97
N VAL P 81 14.32 -47.61 -28.77
CA VAL P 81 13.45 -47.98 -29.87
C VAL P 81 12.83 -46.71 -30.42
N VAL P 82 13.16 -46.37 -31.67
CA VAL P 82 12.79 -45.07 -32.21
C VAL P 82 11.69 -45.15 -33.27
N ALA P 83 11.43 -46.34 -33.83
CA ALA P 83 10.42 -46.47 -34.88
C ALA P 83 9.96 -47.91 -34.98
N VAL P 84 8.65 -48.09 -35.15
CA VAL P 84 8.06 -49.38 -35.52
C VAL P 84 7.32 -49.14 -36.83
N VAL P 85 7.87 -49.66 -37.92
CA VAL P 85 7.44 -49.25 -39.24
C VAL P 85 6.44 -50.24 -39.83
N ASP P 86 6.88 -51.47 -40.03
CA ASP P 86 6.05 -52.51 -40.65
C ASP P 86 6.33 -53.83 -39.94
N GLY P 87 6.37 -53.79 -38.61
CA GLY P 87 6.94 -54.85 -37.83
C GLY P 87 8.43 -54.70 -37.60
N ARG P 88 9.12 -53.99 -38.48
CA ARG P 88 10.53 -53.68 -38.28
C ARG P 88 10.69 -52.72 -37.11
N VAL P 89 11.58 -53.07 -36.17
CA VAL P 89 11.81 -52.29 -34.97
C VAL P 89 13.17 -51.61 -35.09
N ASP P 90 13.17 -50.29 -35.15
CA ASP P 90 14.40 -49.51 -35.29
C ASP P 90 14.94 -49.22 -33.89
N LEU P 91 16.04 -49.87 -33.54
CA LEU P 91 16.70 -49.65 -32.26
C LEU P 91 18.00 -48.89 -32.51
N LEU P 92 18.08 -47.67 -31.97
CA LEU P 92 19.28 -46.87 -32.13
C LEU P 92 20.30 -47.25 -31.07
N LEU P 93 21.52 -47.54 -31.51
CA LEU P 93 22.60 -47.99 -30.63
C LEU P 93 23.81 -47.07 -30.85
N SER P 94 23.89 -46.00 -30.05
CA SER P 94 25.01 -45.07 -30.12
C SER P 94 26.04 -45.51 -29.09
N GLY P 95 27.23 -45.87 -29.55
CA GLY P 95 28.29 -46.34 -28.67
C GLY P 95 29.43 -45.36 -28.61
N VAL P 96 30.10 -45.32 -27.45
CA VAL P 96 31.25 -44.45 -27.29
C VAL P 96 32.46 -45.09 -27.96
N PHE P 97 33.48 -44.28 -28.20
CA PHE P 97 34.72 -44.77 -28.81
C PHE P 97 35.85 -44.68 -27.79
N GLU P 98 36.62 -45.75 -27.69
CA GLU P 98 37.75 -45.81 -26.77
C GLU P 98 39.04 -46.06 -27.55
N GLY P 99 40.16 -45.68 -26.95
CA GLY P 99 41.46 -45.90 -27.55
C GLY P 99 41.78 -44.94 -28.68
N MET Q 1 73.25 9.36 -7.41
CA MET Q 1 74.45 8.88 -8.10
C MET Q 1 74.78 9.74 -9.31
N ILE Q 2 76.06 10.05 -9.48
CA ILE Q 2 76.53 10.94 -10.53
C ILE Q 2 77.32 10.10 -11.54
N GLY Q 3 76.88 10.12 -12.79
CA GLY Q 3 77.60 9.47 -13.87
C GLY Q 3 77.87 10.44 -15.00
N MET Q 4 78.56 9.94 -16.01
CA MET Q 4 78.86 10.72 -17.20
C MET Q 4 77.88 10.37 -18.32
N ASP Q 5 77.64 11.34 -19.19
CA ASP Q 5 76.79 11.09 -20.36
C ASP Q 5 77.55 10.22 -21.35
N ARG Q 6 76.79 9.46 -22.14
CA ARG Q 6 77.40 8.54 -23.10
C ARG Q 6 78.06 9.31 -24.24
N ARG Q 7 77.28 10.07 -25.00
CA ARG Q 7 77.88 11.06 -25.88
C ARG Q 7 78.20 12.32 -25.08
N SER Q 8 79.19 13.08 -25.56
CA SER Q 8 79.62 14.40 -25.10
C SER Q 8 80.25 14.42 -23.71
N GLY Q 9 80.28 13.30 -22.98
CA GLY Q 9 81.04 13.21 -21.74
C GLY Q 9 80.54 14.05 -20.57
N LEU Q 10 79.32 14.60 -20.63
CA LEU Q 10 78.92 15.55 -19.60
C LEU Q 10 78.45 14.84 -18.34
N PRO Q 11 78.78 15.38 -17.15
CA PRO Q 11 78.30 14.75 -15.90
C PRO Q 11 76.85 15.09 -15.61
N LEU Q 12 75.97 14.12 -15.82
CA LEU Q 12 74.56 14.22 -15.49
C LEU Q 12 74.17 13.08 -14.54
N SER Q 13 73.32 13.39 -13.57
CA SER Q 13 73.04 12.47 -12.48
C SER Q 13 71.64 11.88 -12.51
N GLY Q 14 70.61 12.71 -12.59
CA GLY Q 14 69.26 12.21 -12.44
C GLY Q 14 68.55 11.79 -13.70
N LEU Q 15 68.39 12.73 -14.63
CA LEU Q 15 67.42 12.56 -15.72
C LEU Q 15 67.93 11.65 -16.83
N ALA Q 16 69.03 12.04 -17.48
CA ALA Q 16 69.51 11.28 -18.62
C ALA Q 16 70.35 10.07 -18.23
N HIS Q 17 70.89 10.04 -17.01
CA HIS Q 17 71.60 8.85 -16.56
C HIS Q 17 70.65 7.68 -16.34
N LEU Q 18 69.44 7.96 -15.86
CA LEU Q 18 68.41 6.94 -15.76
C LEU Q 18 67.86 6.53 -17.12
N LYS Q 19 68.00 7.39 -18.13
CA LYS Q 19 67.52 7.09 -19.47
C LYS Q 19 68.58 6.43 -20.34
N GLN Q 20 69.84 6.83 -20.20
CA GLN Q 20 70.92 6.18 -20.94
C GLN Q 20 71.23 4.79 -20.41
N SER Q 21 70.68 4.41 -19.26
CA SER Q 21 70.88 3.07 -18.72
C SER Q 21 69.76 2.13 -19.13
N VAL Q 22 68.53 2.64 -19.19
CA VAL Q 22 67.40 1.80 -19.55
C VAL Q 22 67.33 1.60 -21.06
N GLU Q 23 67.46 2.69 -21.83
CA GLU Q 23 67.41 2.60 -23.29
C GLU Q 23 68.60 1.86 -23.87
N ASP Q 24 69.72 1.79 -23.15
CA ASP Q 24 70.83 0.95 -23.58
C ASP Q 24 70.53 -0.53 -23.31
N ILE Q 25 69.87 -0.82 -22.19
CA ILE Q 25 69.66 -2.20 -21.76
C ILE Q 25 68.73 -2.95 -22.72
N LEU Q 26 67.74 -2.25 -23.29
CA LEU Q 26 66.79 -2.89 -24.17
C LEU Q 26 67.38 -3.28 -25.52
N THR Q 27 68.51 -2.68 -25.91
CA THR Q 27 69.12 -3.00 -27.20
C THR Q 27 70.52 -3.58 -27.07
N THR Q 28 71.07 -3.66 -25.87
CA THR Q 28 72.34 -4.35 -25.67
C THR Q 28 72.09 -5.84 -25.48
N PRO Q 29 72.70 -6.71 -26.27
CA PRO Q 29 72.49 -8.15 -26.11
C PRO Q 29 73.32 -8.72 -24.97
N LEU Q 30 73.09 -9.99 -24.68
CA LEU Q 30 73.88 -10.71 -23.70
C LEU Q 30 75.20 -11.15 -24.30
N GLY Q 31 76.27 -11.07 -23.50
CA GLY Q 31 77.58 -11.48 -23.94
C GLY Q 31 78.35 -10.44 -24.73
N SER Q 32 77.76 -9.29 -25.01
CA SER Q 32 78.49 -8.23 -25.71
C SER Q 32 79.49 -7.54 -24.78
N ARG Q 33 79.21 -7.50 -23.49
CA ARG Q 33 80.15 -6.94 -22.53
C ARG Q 33 81.31 -7.91 -22.29
N ARG Q 34 82.46 -7.35 -21.96
CA ARG Q 34 83.65 -8.13 -21.76
C ARG Q 34 83.67 -8.65 -20.33
N MET Q 35 83.80 -9.98 -20.20
CA MET Q 35 83.80 -10.73 -18.94
C MET Q 35 82.50 -10.57 -18.15
N ARG Q 36 81.43 -10.14 -18.80
CA ARG Q 36 80.11 -10.01 -18.16
C ARG Q 36 79.05 -10.55 -19.10
N PRO Q 37 78.94 -11.88 -19.20
CA PRO Q 37 78.02 -12.47 -20.20
C PRO Q 37 76.56 -12.43 -19.80
N GLU Q 38 76.24 -11.95 -18.60
CA GLU Q 38 74.87 -11.91 -18.10
C GLU Q 38 74.28 -10.51 -18.14
N TYR Q 39 75.05 -9.51 -18.57
CA TYR Q 39 74.52 -8.16 -18.76
C TYR Q 39 73.94 -8.04 -20.17
N GLY Q 40 72.83 -7.32 -20.26
CA GLY Q 40 72.13 -7.18 -21.53
C GLY Q 40 70.72 -7.68 -21.44
N SER Q 41 70.09 -7.94 -22.58
CA SER Q 41 68.71 -8.39 -22.61
C SER Q 41 68.53 -9.46 -23.67
N LYS Q 42 67.49 -10.26 -23.50
CA LYS Q 42 67.07 -11.22 -24.51
C LYS Q 42 66.19 -10.61 -25.58
N LEU Q 43 66.01 -9.28 -25.57
CA LEU Q 43 65.13 -8.62 -26.52
C LEU Q 43 65.69 -8.67 -27.94
N ARG Q 44 67.01 -8.75 -28.08
CA ARG Q 44 67.59 -8.97 -29.40
C ARG Q 44 67.35 -10.38 -29.90
N ARG Q 45 67.08 -11.33 -29.00
CA ARG Q 45 66.69 -12.67 -29.37
C ARG Q 45 65.19 -12.83 -29.51
N MET Q 46 64.40 -11.84 -29.10
CA MET Q 46 62.96 -11.86 -29.30
C MET Q 46 62.56 -11.42 -30.70
N VAL Q 47 63.52 -11.02 -31.54
CA VAL Q 47 63.23 -10.67 -32.91
C VAL Q 47 62.86 -11.94 -33.68
N ASP Q 48 61.83 -11.83 -34.53
CA ASP Q 48 61.31 -12.91 -35.38
C ASP Q 48 60.76 -14.09 -34.58
N MET Q 49 60.43 -13.86 -33.36
CA MET Q 49 59.61 -14.85 -32.69
C MET Q 49 58.14 -14.51 -32.94
N PRO Q 50 57.26 -15.51 -33.01
CA PRO Q 50 55.86 -15.23 -33.33
C PRO Q 50 55.16 -14.48 -32.21
N VAL Q 51 54.40 -13.46 -32.57
CA VAL Q 51 53.77 -12.57 -31.60
C VAL Q 51 52.52 -13.23 -31.04
N SER Q 52 52.69 -13.96 -29.95
CA SER Q 52 51.60 -14.66 -29.29
C SER Q 52 51.36 -14.06 -27.92
N GLU Q 53 50.34 -14.56 -27.24
CA GLU Q 53 50.08 -14.12 -25.87
C GLU Q 53 51.11 -14.69 -24.89
N GLY Q 54 51.78 -15.78 -25.27
CA GLY Q 54 52.92 -16.23 -24.49
C GLY Q 54 54.21 -15.50 -24.80
N TRP Q 55 54.25 -14.79 -25.93
CA TRP Q 55 55.42 -13.97 -26.25
C TRP Q 55 55.44 -12.68 -25.43
N LYS Q 56 54.27 -12.10 -25.16
CA LYS Q 56 54.21 -10.90 -24.34
C LYS Q 56 54.50 -11.22 -22.87
N SER Q 57 54.19 -12.45 -22.45
CA SER Q 57 54.58 -12.90 -21.13
C SER Q 57 56.09 -13.02 -20.98
N ALA Q 58 56.81 -13.20 -22.09
CA ALA Q 58 58.27 -13.26 -22.03
C ALA Q 58 58.89 -11.87 -22.08
N VAL Q 59 58.34 -10.97 -22.90
CA VAL Q 59 58.93 -9.64 -23.03
C VAL Q 59 58.68 -8.81 -21.78
N GLN Q 60 57.47 -8.91 -21.20
CA GLN Q 60 57.21 -8.27 -19.93
C GLN Q 60 58.00 -8.89 -18.78
N ALA Q 61 58.46 -10.14 -18.94
CA ALA Q 61 59.39 -10.72 -17.99
C ALA Q 61 60.80 -10.22 -18.22
N GLU Q 62 61.26 -10.24 -19.48
CA GLU Q 62 62.63 -9.84 -19.80
C GLU Q 62 62.86 -8.35 -19.62
N VAL Q 63 61.81 -7.53 -19.73
CA VAL Q 63 61.94 -6.14 -19.31
C VAL Q 63 62.05 -6.06 -17.79
N ALA Q 64 61.23 -6.84 -17.09
CA ALA Q 64 61.32 -6.87 -15.62
C ALA Q 64 62.56 -7.60 -15.13
N ARG Q 65 63.14 -8.49 -15.95
CA ARG Q 65 64.36 -9.18 -15.52
C ARG Q 65 65.59 -8.32 -15.75
N SER Q 66 65.83 -7.94 -17.00
CA SER Q 66 67.08 -7.28 -17.37
C SER Q 66 67.19 -5.88 -16.78
N LEU Q 67 66.07 -5.24 -16.48
CA LEU Q 67 66.12 -4.00 -15.71
C LEU Q 67 66.06 -4.28 -14.21
N GLY Q 68 65.45 -5.39 -13.81
CA GLY Q 68 65.45 -5.74 -12.40
C GLY Q 68 66.80 -6.21 -11.89
N ARG Q 69 67.62 -6.78 -12.78
CA ARG Q 69 68.97 -7.16 -12.40
C ARG Q 69 69.87 -5.94 -12.24
N TRP Q 70 70.01 -5.16 -13.30
CA TRP Q 70 71.11 -4.19 -13.37
C TRP Q 70 70.64 -2.74 -13.34
N GLU Q 71 69.38 -2.48 -12.98
CA GLU Q 71 68.89 -1.10 -12.82
C GLU Q 71 67.85 -1.04 -11.72
N PRO Q 72 68.28 -1.05 -10.45
CA PRO Q 72 67.32 -1.04 -9.34
C PRO Q 72 66.66 0.31 -9.09
N ARG Q 73 67.19 1.40 -9.65
CA ARG Q 73 66.65 2.73 -9.46
C ARG Q 73 65.55 3.08 -10.47
N ILE Q 74 64.93 2.08 -11.10
CA ILE Q 74 63.83 2.30 -12.03
C ILE Q 74 62.70 1.34 -11.66
N GLY Q 75 61.53 1.88 -11.37
CA GLY Q 75 60.34 1.08 -11.16
C GLY Q 75 59.46 0.96 -12.39
N LEU Q 76 59.39 -0.26 -12.94
CA LEU Q 76 58.66 -0.48 -14.17
C LEU Q 76 57.15 -0.46 -13.91
N SER Q 77 56.42 0.27 -14.75
CA SER Q 77 54.97 0.40 -14.59
C SER Q 77 54.20 -0.59 -15.47
N ALA Q 78 54.34 -0.49 -16.79
CA ALA Q 78 53.53 -1.30 -17.69
C ALA Q 78 54.24 -1.43 -19.03
N VAL Q 79 54.28 -2.65 -19.54
CA VAL Q 79 54.79 -2.93 -20.88
C VAL Q 79 53.59 -3.46 -21.68
N ARG Q 80 52.86 -2.55 -22.33
CA ARG Q 80 51.66 -2.90 -23.06
C ARG Q 80 51.95 -2.87 -24.55
N VAL Q 81 51.65 -3.99 -25.22
CA VAL Q 81 51.69 -4.02 -26.68
C VAL Q 81 50.47 -3.28 -27.20
N VAL Q 82 50.70 -2.16 -27.88
CA VAL Q 82 49.60 -1.27 -28.25
C VAL Q 82 49.28 -1.29 -29.74
N ALA Q 83 50.17 -1.80 -30.59
CA ALA Q 83 49.93 -1.81 -32.03
C ALA Q 83 50.80 -2.87 -32.69
N VAL Q 84 50.20 -3.59 -33.64
CA VAL Q 84 50.94 -4.46 -34.56
C VAL Q 84 50.64 -3.94 -35.96
N VAL Q 85 51.62 -3.31 -36.59
CA VAL Q 85 51.37 -2.51 -37.78
C VAL Q 85 51.68 -3.30 -39.04
N ASP Q 86 52.94 -3.69 -39.21
CA ASP Q 86 53.40 -4.40 -40.40
C ASP Q 86 54.41 -5.45 -39.98
N GLY Q 87 54.09 -6.18 -38.92
CA GLY Q 87 55.06 -6.96 -38.20
C GLY Q 87 55.77 -6.20 -37.11
N ARG Q 88 55.83 -4.88 -37.21
CA ARG Q 88 56.37 -4.04 -36.15
C ARG Q 88 55.45 -4.07 -34.94
N VAL Q 89 56.01 -4.35 -33.77
CA VAL Q 89 55.27 -4.48 -32.52
C VAL Q 89 55.57 -3.27 -31.66
N ASP Q 90 54.56 -2.43 -31.43
CA ASP Q 90 54.72 -1.22 -30.62
C ASP Q 90 54.48 -1.58 -29.16
N LEU Q 91 55.54 -1.58 -28.37
CA LEU Q 91 55.46 -1.84 -26.94
C LEU Q 91 55.69 -0.53 -26.19
N LEU Q 92 54.68 -0.08 -25.46
CA LEU Q 92 54.80 1.15 -24.69
C LEU Q 92 55.44 0.85 -23.35
N LEU Q 93 56.50 1.60 -23.02
CA LEU Q 93 57.26 1.40 -21.79
C LEU Q 93 57.31 2.73 -21.04
N SER Q 94 56.35 2.95 -20.16
CA SER Q 94 56.30 4.15 -19.33
C SER Q 94 57.00 3.84 -18.01
N GLY Q 95 58.08 4.54 -17.73
CA GLY Q 95 58.87 4.32 -16.53
C GLY Q 95 58.77 5.50 -15.57
N VAL Q 96 58.85 5.20 -14.28
CA VAL Q 96 58.82 6.26 -13.27
C VAL Q 96 60.19 6.92 -13.21
N PHE Q 97 60.23 8.10 -12.61
CA PHE Q 97 61.47 8.85 -12.45
C PHE Q 97 61.83 8.91 -10.97
N GLU Q 98 63.08 8.63 -10.65
CA GLU Q 98 63.57 8.68 -9.28
C GLU Q 98 64.71 9.68 -9.18
N GLY Q 99 64.93 10.17 -7.96
CA GLY Q 99 66.01 11.10 -7.68
C GLY Q 99 65.72 12.51 -8.16
N MET R 1 37.76 52.57 36.36
CA MET R 1 38.99 53.34 36.37
C MET R 1 38.78 54.72 35.75
N ILE R 2 39.33 55.75 36.38
CA ILE R 2 39.15 57.14 35.98
C ILE R 2 40.48 57.64 35.43
N GLY R 3 40.48 58.09 34.17
CA GLY R 3 41.64 58.70 33.57
C GLY R 3 41.29 60.06 32.99
N MET R 4 42.31 60.71 32.45
CA MET R 4 42.14 62.01 31.82
C MET R 4 42.06 61.84 30.30
N ASP R 5 41.35 62.75 29.65
CA ASP R 5 41.29 62.74 28.19
C ASP R 5 42.63 63.21 27.63
N ARG R 6 42.94 62.75 26.43
CA ARG R 6 44.21 63.08 25.80
C ARG R 6 44.26 64.55 25.40
N ARG R 7 43.37 64.96 24.50
CA ARG R 7 43.14 66.38 24.32
C ARG R 7 42.19 66.89 25.40
N SER R 8 42.29 68.18 25.70
CA SER R 8 41.42 68.98 26.58
C SER R 8 41.48 68.60 28.06
N GLY R 9 42.21 67.54 28.44
CA GLY R 9 42.46 67.26 29.85
C GLY R 9 41.26 66.84 30.68
N LEU R 10 40.14 66.48 30.07
CA LEU R 10 38.93 66.25 30.87
C LEU R 10 38.94 64.86 31.48
N PRO R 11 38.45 64.71 32.73
CA PRO R 11 38.39 63.39 33.37
C PRO R 11 37.20 62.58 32.86
N LEU R 12 37.49 61.61 32.01
CA LEU R 12 36.49 60.66 31.52
C LEU R 12 36.95 59.23 31.84
N SER R 13 35.99 58.38 32.22
CA SER R 13 36.31 57.07 32.77
C SER R 13 35.95 55.91 31.84
N GLY R 14 34.71 55.85 31.38
CA GLY R 14 34.27 54.67 30.66
C GLY R 14 34.44 54.70 29.16
N LEU R 15 33.82 55.68 28.50
CA LEU R 15 33.60 55.61 27.05
C LEU R 15 34.85 55.97 26.26
N ALA R 16 35.34 57.20 26.42
CA ALA R 16 36.46 57.65 25.61
C ALA R 16 37.81 57.21 26.15
N HIS R 17 37.89 56.83 27.43
CA HIS R 17 39.14 56.28 27.96
C HIS R 17 39.44 54.92 27.37
N LEU R 18 38.40 54.12 27.15
CA LEU R 18 38.56 52.84 26.46
C LEU R 18 38.84 53.02 24.97
N LYS R 19 38.47 54.17 24.40
CA LYS R 19 38.71 54.45 22.99
C LYS R 19 40.04 55.14 22.74
N GLN R 20 40.45 56.05 23.63
CA GLN R 20 41.75 56.69 23.49
C GLN R 20 42.90 55.76 23.83
N SER R 21 42.62 54.58 24.38
CA SER R 21 43.66 53.60 24.66
C SER R 21 43.82 52.60 23.51
N VAL R 22 42.71 52.22 22.89
CA VAL R 22 42.76 51.25 21.80
C VAL R 22 43.20 51.92 20.50
N GLU R 23 42.60 53.07 20.17
CA GLU R 23 42.95 53.78 18.95
C GLU R 23 44.36 54.35 18.99
N ASP R 24 44.92 54.56 20.18
CA ASP R 24 46.32 54.95 20.28
C ASP R 24 47.23 53.76 20.03
N ILE R 25 46.83 52.57 20.51
CA ILE R 25 47.68 51.38 20.47
C ILE R 25 47.92 50.93 19.04
N LEU R 26 46.92 51.08 18.17
CA LEU R 26 47.03 50.62 16.79
C LEU R 26 47.98 51.46 15.96
N THR R 27 48.26 52.70 16.38
CA THR R 27 49.15 53.56 15.62
C THR R 27 50.41 53.97 16.38
N THR R 28 50.53 53.58 17.65
CA THR R 28 51.78 53.80 18.37
C THR R 28 52.75 52.66 18.08
N PRO R 29 53.95 52.94 17.61
CA PRO R 29 54.92 51.86 17.34
C PRO R 29 55.61 51.39 18.61
N LEU R 30 56.39 50.33 18.45
CA LEU R 30 57.21 49.83 19.56
C LEU R 30 58.46 50.67 19.70
N GLY R 31 58.86 50.91 20.96
CA GLY R 31 60.04 51.66 21.24
C GLY R 31 59.87 53.16 21.25
N SER R 32 58.68 53.67 20.92
CA SER R 32 58.45 55.10 20.97
C SER R 32 58.32 55.60 22.41
N ARG R 33 57.84 54.75 23.31
CA ARG R 33 57.74 55.11 24.71
C ARG R 33 59.13 55.08 25.35
N ARG R 34 59.31 55.91 26.37
CA ARG R 34 60.59 56.03 27.04
C ARG R 34 60.69 54.95 28.11
N MET R 35 61.77 54.15 28.01
CA MET R 35 62.09 53.02 28.89
C MET R 35 61.02 51.92 28.84
N ARG R 36 60.18 51.91 27.80
CA ARG R 36 59.17 50.87 27.62
C ARG R 36 59.17 50.43 26.17
N PRO R 37 60.15 49.63 25.74
CA PRO R 37 60.28 49.29 24.33
C PRO R 37 59.30 48.23 23.85
N GLU R 38 58.48 47.68 24.74
CA GLU R 38 57.53 46.63 24.39
C GLU R 38 56.09 47.14 24.31
N TYR R 39 55.87 48.43 24.58
CA TYR R 39 54.56 49.02 24.41
C TYR R 39 54.41 49.53 22.98
N GLY R 40 53.21 49.36 22.42
CA GLY R 40 52.97 49.73 21.05
C GLY R 40 52.49 48.55 20.24
N SER R 41 52.57 48.65 18.91
CA SER R 41 52.11 47.59 18.03
C SER R 41 53.07 47.43 16.87
N LYS R 42 53.03 46.25 16.26
CA LYS R 42 53.74 45.97 15.03
C LYS R 42 52.97 46.41 13.79
N LEU R 43 51.84 47.10 13.97
CA LEU R 43 51.01 47.50 12.85
C LEU R 43 51.68 48.57 12.00
N ARG R 44 52.55 49.38 12.59
CA ARG R 44 53.35 50.31 11.80
C ARG R 44 54.41 49.59 10.98
N ARG R 45 54.79 48.38 11.38
CA ARG R 45 55.69 47.55 10.59
C ARG R 45 54.95 46.64 9.61
N MET R 46 53.63 46.55 9.72
CA MET R 46 52.83 45.81 8.74
C MET R 46 52.56 46.60 7.48
N VAL R 47 53.00 47.86 7.42
CA VAL R 47 52.85 48.66 6.21
C VAL R 47 53.78 48.10 5.14
N ASP R 48 53.26 48.02 3.91
CA ASP R 48 53.97 47.54 2.71
C ASP R 48 54.40 46.07 2.82
N MET R 49 53.76 45.35 3.68
CA MET R 49 53.89 43.92 3.56
C MET R 49 52.81 43.39 2.62
N PRO R 50 53.08 42.33 1.88
CA PRO R 50 52.10 41.84 0.90
C PRO R 50 50.87 41.26 1.57
N VAL R 51 49.69 41.64 1.05
CA VAL R 51 48.43 41.27 1.67
C VAL R 51 48.09 39.83 1.30
N SER R 52 48.52 38.89 2.13
CA SER R 52 48.27 37.48 1.91
C SER R 52 47.37 36.94 3.02
N GLU R 53 47.01 35.66 2.90
CA GLU R 53 46.23 35.03 3.95
C GLU R 53 47.06 34.77 5.19
N GLY R 54 48.38 34.71 5.06
CA GLY R 54 49.25 34.69 6.23
C GLY R 54 49.50 36.06 6.83
N TRP R 55 49.21 37.11 6.09
CA TRP R 55 49.34 38.46 6.63
C TRP R 55 48.18 38.79 7.56
N LYS R 56 46.98 38.32 7.25
CA LYS R 56 45.84 38.55 8.12
C LYS R 56 45.94 37.73 9.39
N SER R 57 46.63 36.58 9.33
CA SER R 57 46.91 35.81 10.53
C SER R 57 47.88 36.54 11.46
N ALA R 58 48.68 37.46 10.93
CA ALA R 58 49.58 38.24 11.77
C ALA R 58 48.88 39.47 12.34
N VAL R 59 48.02 40.13 11.56
CA VAL R 59 47.37 41.35 12.03
C VAL R 59 46.30 41.02 13.07
N GLN R 60 45.56 39.94 12.86
CA GLN R 60 44.62 39.46 13.87
C GLN R 60 45.33 38.92 15.11
N ALA R 61 46.60 38.54 14.98
CA ALA R 61 47.40 38.21 16.15
C ALA R 61 47.90 39.46 16.85
N GLU R 62 48.46 40.42 16.08
CA GLU R 62 49.03 41.62 16.66
C GLU R 62 47.97 42.56 17.23
N VAL R 63 46.73 42.50 16.73
CA VAL R 63 45.64 43.18 17.41
C VAL R 63 45.32 42.46 18.72
N ALA R 64 45.29 41.12 18.68
CA ALA R 64 45.05 40.35 19.90
C ALA R 64 46.25 40.37 20.84
N ARG R 65 47.45 40.62 20.32
CA ARG R 65 48.62 40.69 21.20
C ARG R 65 48.72 42.05 21.87
N SER R 66 48.85 43.11 21.07
CA SER R 66 49.16 44.44 21.60
C SER R 66 48.01 45.02 22.40
N LEU R 67 46.78 44.58 22.16
CA LEU R 67 45.68 44.93 23.06
C LEU R 67 45.54 43.91 24.19
N GLY R 68 45.96 42.67 23.95
CA GLY R 68 45.92 41.68 25.02
C GLY R 68 46.98 41.91 26.08
N ARG R 69 48.10 42.54 25.70
CA ARG R 69 49.11 42.89 26.69
C ARG R 69 48.66 44.06 27.56
N TRP R 70 48.37 45.20 26.93
CA TRP R 70 48.28 46.45 27.67
C TRP R 70 46.87 47.03 27.72
N GLU R 71 45.84 46.26 27.38
CA GLU R 71 44.45 46.70 27.50
C GLU R 71 43.54 45.53 27.83
N PRO R 72 43.54 45.09 29.09
CA PRO R 72 42.73 43.92 29.46
C PRO R 72 41.24 44.19 29.57
N ARG R 73 40.83 45.46 29.62
CA ARG R 73 39.43 45.85 29.74
C ARG R 73 38.73 45.97 28.38
N ILE R 74 39.26 45.35 27.34
CA ILE R 74 38.65 45.34 26.01
C ILE R 74 38.65 43.91 25.50
N GLY R 75 37.46 43.38 25.19
CA GLY R 75 37.34 42.09 24.54
C GLY R 75 37.18 42.17 23.04
N LEU R 76 38.20 41.72 22.32
CA LEU R 76 38.20 41.83 20.87
C LEU R 76 37.24 40.82 20.26
N SER R 77 36.42 41.28 19.31
CA SER R 77 35.43 40.43 18.67
C SER R 77 35.91 39.86 17.33
N ALA R 78 36.21 40.73 16.37
CA ALA R 78 36.56 40.26 15.03
C ALA R 78 37.36 41.33 14.30
N VAL R 79 38.45 40.90 13.67
CA VAL R 79 39.25 41.76 12.81
C VAL R 79 39.12 41.19 11.41
N ARG R 80 38.13 41.65 10.66
CA ARG R 80 37.83 41.15 9.32
C ARG R 80 38.31 42.14 8.29
N VAL R 81 39.13 41.67 7.36
CA VAL R 81 39.51 42.47 6.19
C VAL R 81 38.32 42.48 5.25
N VAL R 82 37.73 43.66 5.05
CA VAL R 82 36.47 43.76 4.32
C VAL R 82 36.61 44.36 2.93
N ALA R 83 37.72 45.04 2.63
CA ALA R 83 37.89 45.68 1.33
C ALA R 83 39.37 45.93 1.07
N VAL R 84 39.79 45.66 -0.17
CA VAL R 84 41.09 46.07 -0.69
C VAL R 84 40.81 46.97 -1.88
N VAL R 85 41.05 48.27 -1.72
CA VAL R 85 40.52 49.25 -2.67
C VAL R 85 41.60 49.65 -3.67
N ASP R 86 42.68 50.25 -3.18
CA ASP R 86 43.75 50.74 -4.03
C ASP R 86 45.09 50.49 -3.34
N GLY R 87 45.24 49.28 -2.81
CA GLY R 87 46.26 48.99 -1.85
C GLY R 87 45.85 49.25 -0.42
N ARG R 88 44.88 50.14 -0.21
CA ARG R 88 44.33 50.37 1.12
C ARG R 88 43.55 49.15 1.58
N VAL R 89 43.85 48.68 2.79
CA VAL R 89 43.23 47.49 3.35
C VAL R 89 42.29 47.92 4.46
N ASP R 90 40.99 47.70 4.26
CA ASP R 90 39.97 48.07 5.24
C ASP R 90 39.79 46.92 6.22
N LEU R 91 40.25 47.11 7.44
CA LEU R 91 40.10 46.13 8.50
C LEU R 91 39.06 46.63 9.50
N LEU R 92 37.95 45.91 9.62
CA LEU R 92 36.91 46.29 10.55
C LEU R 92 37.22 45.77 11.93
N LEU R 93 37.20 46.65 12.93
CA LEU R 93 37.55 46.30 14.31
C LEU R 93 36.38 46.71 15.21
N SER R 94 35.44 45.80 15.43
CA SER R 94 34.31 46.04 16.31
C SER R 94 34.68 45.53 17.71
N GLY R 95 34.72 46.44 18.67
CA GLY R 95 35.10 46.11 20.03
C GLY R 95 33.93 46.23 20.99
N VAL R 96 33.92 45.39 22.03
CA VAL R 96 32.88 45.45 23.02
C VAL R 96 33.15 46.62 23.97
N PHE R 97 32.13 47.02 24.70
CA PHE R 97 32.25 48.11 25.67
C PHE R 97 32.10 47.54 27.08
N GLU R 98 32.99 47.95 27.98
CA GLU R 98 32.95 47.51 29.37
C GLU R 98 32.83 48.71 30.29
N GLY R 99 32.32 48.47 31.49
CA GLY R 99 32.18 49.52 32.48
C GLY R 99 31.01 50.44 32.22
N MET S 1 -26.20 33.66 60.75
CA MET S 1 -26.09 34.85 61.59
C MET S 1 -27.15 35.88 61.24
N ILE S 2 -27.76 36.46 62.27
CA ILE S 2 -28.85 37.42 62.11
C ILE S 2 -28.34 38.80 62.51
N GLY S 3 -28.42 39.75 61.57
CA GLY S 3 -28.08 41.13 61.85
C GLY S 3 -29.23 42.05 61.46
N MET S 4 -29.02 43.33 61.72
CA MET S 4 -29.99 44.36 61.36
C MET S 4 -29.58 45.04 60.07
N ASP S 5 -30.57 45.52 59.33
CA ASP S 5 -30.29 46.28 58.12
C ASP S 5 -29.74 47.65 58.48
N ARG S 6 -28.93 48.22 57.59
CA ARG S 6 -28.30 49.51 57.87
C ARG S 6 -29.33 50.63 57.85
N ARG S 7 -29.99 50.84 56.71
CA ARG S 7 -31.19 51.66 56.72
C ARG S 7 -32.38 50.80 57.17
N SER S 8 -33.39 51.48 57.73
CA SER S 8 -34.71 50.96 58.11
C SER S 8 -34.70 49.95 59.27
N GLY S 9 -33.53 49.55 59.77
CA GLY S 9 -33.46 48.75 60.99
C GLY S 9 -34.01 47.35 60.92
N LEU S 10 -34.28 46.81 59.73
CA LEU S 10 -34.98 45.52 59.66
C LEU S 10 -34.02 44.36 59.89
N PRO S 11 -34.47 43.31 60.61
CA PRO S 11 -33.61 42.13 60.81
C PRO S 11 -33.58 41.23 59.59
N LEU S 12 -32.46 41.28 58.86
CA LEU S 12 -32.21 40.40 57.74
C LEU S 12 -30.91 39.63 57.96
N SER S 13 -30.89 38.37 57.57
CA SER S 13 -29.81 37.46 57.93
C SER S 13 -28.92 37.07 56.76
N GLY S 14 -29.50 36.56 55.69
CA GLY S 14 -28.70 35.98 54.61
C GLY S 14 -28.30 36.93 53.51
N LEU S 15 -29.29 37.51 52.82
CA LEU S 15 -29.05 38.12 51.52
C LEU S 15 -28.43 39.51 51.63
N ALA S 16 -29.12 40.44 52.27
CA ALA S 16 -28.64 41.81 52.34
C ALA S 16 -27.61 42.04 53.43
N HIS S 17 -27.54 41.16 54.44
CA HIS S 17 -26.49 41.29 55.44
C HIS S 17 -25.12 40.96 54.86
N LEU S 18 -25.07 40.00 53.94
CA LEU S 18 -23.84 39.72 53.22
C LEU S 18 -23.49 40.80 52.21
N LYS S 19 -24.48 41.58 51.78
CA LYS S 19 -24.25 42.66 50.82
C LYS S 19 -23.95 43.98 51.49
N GLN S 20 -24.61 44.28 52.62
CA GLN S 20 -24.31 45.50 53.36
C GLN S 20 -22.97 45.44 54.08
N SER S 21 -22.34 44.27 54.13
CA SER S 21 -21.02 44.14 54.74
C SER S 21 -19.91 44.27 53.70
N VAL S 22 -20.13 43.72 52.51
CA VAL S 22 -19.12 43.77 51.47
C VAL S 22 -19.10 45.14 50.79
N GLU S 23 -20.28 45.65 50.41
CA GLU S 23 -20.37 46.96 49.76
C GLU S 23 -19.98 48.10 50.69
N ASP S 24 -20.07 47.91 52.00
CA ASP S 24 -19.56 48.91 52.93
C ASP S 24 -18.04 48.85 53.00
N ILE S 25 -17.46 47.65 52.93
CA ILE S 25 -16.02 47.46 53.14
C ILE S 25 -15.22 48.11 52.01
N LEU S 26 -15.75 48.09 50.79
CA LEU S 26 -15.03 48.64 49.64
C LEU S 26 -14.95 50.16 49.67
N THR S 27 -15.83 50.83 50.40
CA THR S 27 -15.81 52.29 50.45
C THR S 27 -15.55 52.84 51.84
N THR S 28 -15.44 52.00 52.86
CA THR S 28 -15.03 52.46 54.18
C THR S 28 -13.51 52.51 54.25
N PRO S 29 -12.90 53.63 54.59
CA PRO S 29 -11.45 53.70 54.69
C PRO S 29 -10.95 53.14 56.01
N LEU S 30 -9.62 53.04 56.10
CA LEU S 30 -8.98 52.62 57.34
C LEU S 30 -8.93 53.78 58.32
N GLY S 31 -9.14 53.47 59.60
CA GLY S 31 -9.08 54.46 60.64
C GLY S 31 -10.36 55.25 60.85
N SER S 32 -11.39 55.04 60.03
CA SER S 32 -12.65 55.73 60.23
C SER S 32 -13.42 55.16 61.41
N ARG S 33 -13.23 53.88 61.71
CA ARG S 33 -13.87 53.28 62.87
C ARG S 33 -13.16 53.72 64.14
N ARG S 34 -13.92 53.76 65.23
CA ARG S 34 -13.40 54.21 66.50
C ARG S 34 -12.72 53.05 67.20
N MET S 35 -11.45 53.26 67.58
CA MET S 35 -10.57 52.29 68.23
C MET S 35 -10.33 51.04 67.39
N ARG S 36 -10.59 51.10 66.08
CA ARG S 36 -10.34 49.99 65.17
C ARG S 36 -9.70 50.52 63.89
N PRO S 37 -8.41 50.84 63.95
CA PRO S 37 -7.76 51.50 62.80
C PRO S 37 -7.42 50.55 61.66
N GLU S 38 -7.66 49.24 61.82
CA GLU S 38 -7.33 48.26 60.80
C GLU S 38 -8.57 47.77 60.04
N TYR S 39 -9.75 48.25 60.39
CA TYR S 39 -10.97 47.93 59.64
C TYR S 39 -11.13 48.93 58.51
N GLY S 40 -11.60 48.43 57.37
CA GLY S 40 -11.74 49.26 56.19
C GLY S 40 -10.92 48.72 55.04
N SER S 41 -10.68 49.55 54.03
CA SER S 41 -9.94 49.14 52.85
C SER S 41 -8.99 50.24 52.41
N LYS S 42 -7.97 49.84 51.66
CA LYS S 42 -7.07 50.77 51.00
C LYS S 42 -7.61 51.25 49.67
N LEU S 43 -8.85 50.90 49.32
CA LEU S 43 -9.41 51.27 48.03
C LEU S 43 -9.66 52.77 47.92
N ARG S 44 -9.90 53.44 49.05
CA ARG S 44 -9.98 54.89 49.04
C ARG S 44 -8.62 55.53 48.82
N ARG S 45 -7.54 54.82 49.11
CA ARG S 45 -6.19 55.27 48.81
C ARG S 45 -5.73 54.85 47.42
N MET S 46 -6.46 53.95 46.76
CA MET S 46 -6.14 53.57 45.39
C MET S 46 -6.66 54.57 44.36
N VAL S 47 -7.36 55.62 44.80
CA VAL S 47 -7.80 56.67 43.90
C VAL S 47 -6.59 57.47 43.44
N ASP S 48 -6.57 57.79 42.14
CA ASP S 48 -5.53 58.58 41.47
C ASP S 48 -4.16 57.89 41.50
N MET S 49 -4.15 56.62 41.70
CA MET S 49 -2.94 55.89 41.40
C MET S 49 -2.97 55.47 39.93
N PRO S 50 -1.82 55.40 39.26
CA PRO S 50 -1.82 55.07 37.83
C PRO S 50 -2.24 53.63 37.57
N VAL S 51 -3.11 53.45 36.59
CA VAL S 51 -3.71 52.15 36.31
C VAL S 51 -2.72 51.29 35.54
N SER S 52 -1.90 50.53 36.27
CA SER S 52 -0.90 49.66 35.67
C SER S 52 -1.27 48.21 35.96
N GLU S 53 -0.46 47.29 35.42
CA GLU S 53 -0.67 45.88 35.71
C GLU S 53 -0.23 45.53 37.12
N GLY S 54 0.63 46.35 37.74
CA GLY S 54 0.92 46.21 39.15
C GLY S 54 -0.12 46.84 40.05
N TRP S 55 -0.97 47.72 39.50
CA TRP S 55 -2.05 48.30 40.27
C TRP S 55 -3.19 47.30 40.45
N LYS S 56 -3.46 46.48 39.44
CA LYS S 56 -4.50 45.47 39.56
C LYS S 56 -4.07 44.35 40.49
N SER S 57 -2.77 44.11 40.59
CA SER S 57 -2.25 43.15 41.57
C SER S 57 -2.45 43.65 42.99
N ALA S 58 -2.59 44.96 43.19
CA ALA S 58 -2.83 45.50 44.52
C ALA S 58 -4.32 45.50 44.85
N VAL S 59 -5.17 45.83 43.87
CA VAL S 59 -6.62 45.91 44.13
C VAL S 59 -7.20 44.52 44.32
N GLN S 60 -6.76 43.55 43.52
CA GLN S 60 -7.16 42.16 43.73
C GLN S 60 -6.59 41.58 45.01
N ALA S 61 -5.51 42.16 45.54
CA ALA S 61 -5.03 41.79 46.86
C ALA S 61 -5.86 42.47 47.95
N GLU S 62 -6.10 43.77 47.82
CA GLU S 62 -6.84 44.52 48.85
C GLU S 62 -8.31 44.13 48.91
N VAL S 63 -8.88 43.65 47.81
CA VAL S 63 -10.21 43.04 47.89
C VAL S 63 -10.11 41.71 48.63
N ALA S 64 -9.09 40.92 48.32
CA ALA S 64 -8.89 39.64 49.02
C ALA S 64 -8.39 39.84 50.45
N ARG S 65 -7.77 40.98 50.75
CA ARG S 65 -7.32 41.23 52.12
C ARG S 65 -8.46 41.74 52.99
N SER S 66 -9.04 42.89 52.61
CA SER S 66 -10.00 43.58 53.48
C SER S 66 -11.30 42.80 53.62
N LEU S 67 -11.63 41.94 52.64
CA LEU S 67 -12.75 41.02 52.83
C LEU S 67 -12.28 39.72 53.46
N GLY S 68 -11.02 39.34 53.27
CA GLY S 68 -10.50 38.15 53.92
C GLY S 68 -10.28 38.33 55.40
N ARG S 69 -10.03 39.56 55.84
CA ARG S 69 -9.91 39.84 57.27
C ARG S 69 -11.27 39.79 57.95
N TRP S 70 -12.19 40.65 57.51
CA TRP S 70 -13.38 40.94 58.31
C TRP S 70 -14.67 40.43 57.69
N GLU S 71 -14.61 39.55 56.68
CA GLU S 71 -15.81 38.94 56.11
C GLU S 71 -15.50 37.52 55.65
N PRO S 72 -15.42 36.57 56.58
CA PRO S 72 -15.07 35.19 56.19
C PRO S 72 -16.20 34.42 55.50
N ARG S 73 -17.43 34.91 55.58
CA ARG S 73 -18.59 34.25 54.97
C ARG S 73 -18.81 34.65 53.51
N ILE S 74 -17.79 35.17 52.84
CA ILE S 74 -17.86 35.53 51.43
C ILE S 74 -16.64 34.95 50.73
N GLY S 75 -16.87 34.11 49.71
CA GLY S 75 -15.80 33.62 48.87
C GLY S 75 -15.64 34.40 47.58
N LEU S 76 -14.52 35.12 47.46
CA LEU S 76 -14.30 35.98 46.31
C LEU S 76 -13.96 35.14 45.09
N SER S 77 -14.60 35.45 43.96
CA SER S 77 -14.38 34.72 42.72
C SER S 77 -13.38 35.40 41.80
N ALA S 78 -13.67 36.62 41.35
CA ALA S 78 -12.81 37.27 40.36
C ALA S 78 -13.01 38.77 40.44
N VAL S 79 -11.90 39.51 40.44
CA VAL S 79 -11.91 40.96 40.36
C VAL S 79 -11.24 41.32 39.04
N ARG S 80 -12.03 41.41 37.97
CA ARG S 80 -11.52 41.68 36.63
C ARG S 80 -11.79 43.12 36.26
N VAL S 81 -10.74 43.83 35.87
CA VAL S 81 -10.89 45.15 35.29
C VAL S 81 -11.41 44.98 33.87
N VAL S 82 -12.62 45.46 33.61
CA VAL S 82 -13.29 45.17 32.35
C VAL S 82 -13.38 46.38 31.42
N ALA S 83 -13.18 47.60 31.93
CA ALA S 83 -13.31 48.79 31.10
C ALA S 83 -12.57 49.95 31.75
N VAL S 84 -11.85 50.71 30.92
CA VAL S 84 -11.28 52.00 31.30
C VAL S 84 -11.89 53.03 30.36
N VAL S 85 -12.80 53.86 30.88
CA VAL S 85 -13.67 54.65 30.02
C VAL S 85 -13.13 56.07 29.89
N ASP S 86 -13.06 56.80 30.99
CA ASP S 86 -12.63 58.19 31.00
C ASP S 86 -11.78 58.43 32.24
N GLY S 87 -10.87 57.51 32.52
CA GLY S 87 -10.24 57.42 33.80
C GLY S 87 -10.99 56.55 34.79
N ARG S 88 -12.30 56.40 34.61
CA ARG S 88 -13.10 55.48 35.42
C ARG S 88 -12.71 54.05 35.12
N VAL S 89 -12.42 53.28 36.16
CA VAL S 89 -11.98 51.89 36.04
C VAL S 89 -13.11 50.99 36.50
N ASP S 90 -13.67 50.21 35.58
CA ASP S 90 -14.77 49.31 35.87
C ASP S 90 -14.19 47.98 36.35
N LEU S 91 -14.33 47.69 37.63
CA LEU S 91 -13.88 46.43 38.21
C LEU S 91 -15.10 45.58 38.54
N LEU S 92 -15.21 44.43 37.88
CA LEU S 92 -16.34 43.53 38.13
C LEU S 92 -16.03 42.64 39.33
N LEU S 93 -16.94 42.61 40.29
CA LEU S 93 -16.76 41.85 41.52
C LEU S 93 -17.97 40.93 41.70
N SER S 94 -17.86 39.72 41.19
CA SER S 94 -18.89 38.70 41.32
C SER S 94 -18.58 37.86 42.55
N GLY S 95 -19.47 37.90 43.53
CA GLY S 95 -19.28 37.18 44.78
C GLY S 95 -20.27 36.04 44.92
N VAL S 96 -19.85 34.98 45.59
CA VAL S 96 -20.74 33.85 45.84
C VAL S 96 -21.68 34.19 46.99
N PHE S 97 -22.75 33.42 47.10
CA PHE S 97 -23.73 33.61 48.17
C PHE S 97 -23.68 32.42 49.11
N GLU S 98 -23.66 32.69 50.41
CA GLU S 98 -23.63 31.65 51.42
C GLU S 98 -24.85 31.79 52.34
N GLY S 99 -25.21 30.69 52.98
CA GLY S 99 -26.31 30.69 53.92
C GLY S 99 -27.67 30.69 53.24
N MET T 1 -54.12 -28.44 41.46
CA MET T 1 -55.16 -28.13 42.43
C MET T 1 -56.52 -27.96 41.74
N ILE T 2 -57.56 -28.54 42.34
CA ILE T 2 -58.89 -28.54 41.79
C ILE T 2 -59.78 -27.64 42.65
N GLY T 3 -60.36 -26.61 42.03
CA GLY T 3 -61.31 -25.75 42.70
C GLY T 3 -62.61 -25.67 41.92
N MET T 4 -63.56 -24.94 42.48
CA MET T 4 -64.85 -24.71 41.84
C MET T 4 -64.86 -23.36 41.15
N ASP T 5 -65.65 -23.25 40.09
CA ASP T 5 -65.82 -21.99 39.41
C ASP T 5 -66.66 -21.05 40.27
N ARG T 6 -66.45 -19.75 40.10
CA ARG T 6 -67.15 -18.77 40.91
C ARG T 6 -68.63 -18.70 40.53
N ARG T 7 -68.93 -18.35 39.29
CA ARG T 7 -70.28 -18.59 38.78
C ARG T 7 -70.38 -20.04 38.32
N SER T 8 -71.62 -20.56 38.34
CA SER T 8 -72.06 -21.86 37.82
C SER T 8 -71.51 -23.07 38.58
N GLY T 9 -70.63 -22.89 39.56
CA GLY T 9 -70.23 -23.98 40.43
C GLY T 9 -69.43 -25.11 39.80
N LEU T 10 -68.90 -24.93 38.59
CA LEU T 10 -68.28 -26.07 37.91
C LEU T 10 -66.86 -26.32 38.41
N PRO T 11 -66.46 -27.58 38.55
CA PRO T 11 -65.08 -27.88 38.97
C PRO T 11 -64.08 -27.73 37.84
N LEU T 12 -63.32 -26.64 37.87
CA LEU T 12 -62.23 -26.40 36.94
C LEU T 12 -60.92 -26.20 37.70
N SER T 13 -59.83 -26.72 37.15
CA SER T 13 -58.58 -26.80 37.88
C SER T 13 -57.50 -25.87 37.36
N GLY T 14 -57.20 -25.93 36.07
CA GLY T 14 -56.06 -25.21 35.55
C GLY T 14 -56.32 -23.80 35.04
N LEU T 15 -57.20 -23.68 34.04
CA LEU T 15 -57.26 -22.45 33.24
C LEU T 15 -58.02 -21.34 33.94
N ALA T 16 -59.29 -21.56 34.25
CA ALA T 16 -60.10 -20.48 34.81
C ALA T 16 -59.93 -20.33 36.33
N HIS T 17 -59.41 -21.35 37.01
CA HIS T 17 -59.12 -21.21 38.43
C HIS T 17 -57.95 -20.28 38.66
N LEU T 18 -56.96 -20.30 37.77
CA LEU T 18 -55.86 -19.35 37.82
C LEU T 18 -56.30 -17.95 37.39
N LYS T 19 -57.39 -17.84 36.64
CA LYS T 19 -57.90 -16.55 36.19
C LYS T 19 -58.91 -15.96 37.15
N GLN T 20 -59.77 -16.79 37.74
CA GLN T 20 -60.72 -16.29 38.74
C GLN T 20 -60.05 -15.92 40.05
N SER T 21 -58.77 -16.26 40.24
CA SER T 21 -58.05 -15.88 41.45
C SER T 21 -57.27 -14.59 41.24
N VAL T 22 -56.72 -14.39 40.05
CA VAL T 22 -55.94 -13.18 39.78
C VAL T 22 -56.86 -12.01 39.50
N GLU T 23 -57.86 -12.19 38.63
CA GLU T 23 -58.79 -11.12 38.30
C GLU T 23 -59.66 -10.72 39.47
N ASP T 24 -59.85 -11.61 40.45
CA ASP T 24 -60.55 -11.22 41.67
C ASP T 24 -59.64 -10.38 42.57
N ILE T 25 -58.35 -10.71 42.61
CA ILE T 25 -57.41 -10.08 43.54
C ILE T 25 -57.21 -8.60 43.20
N LEU T 26 -57.24 -8.26 41.91
CA LEU T 26 -57.00 -6.89 41.49
C LEU T 26 -58.14 -5.96 41.84
N THR T 27 -59.34 -6.49 42.07
CA THR T 27 -60.50 -5.65 42.38
C THR T 27 -61.08 -5.91 43.76
N THR T 28 -60.57 -6.90 44.49
CA THR T 28 -60.99 -7.11 45.87
C THR T 28 -60.16 -6.21 46.79
N PRO T 29 -60.78 -5.38 47.61
CA PRO T 29 -60.00 -4.52 48.51
C PRO T 29 -59.56 -5.27 49.75
N LEU T 30 -58.74 -4.59 50.55
CA LEU T 30 -58.30 -5.13 51.83
C LEU T 30 -59.39 -4.96 52.88
N GLY T 31 -59.55 -5.97 53.73
CA GLY T 31 -60.53 -5.91 54.79
C GLY T 31 -61.93 -6.32 54.39
N SER T 32 -62.17 -6.61 53.11
CA SER T 32 -63.50 -7.06 52.70
C SER T 32 -63.75 -8.50 53.13
N ARG T 33 -62.70 -9.31 53.23
CA ARG T 33 -62.84 -10.67 53.70
C ARG T 33 -63.06 -10.69 55.21
N ARG T 34 -63.77 -11.71 55.67
CA ARG T 34 -64.10 -11.83 57.09
C ARG T 34 -62.95 -12.49 57.81
N MET T 35 -62.46 -11.81 58.86
CA MET T 35 -61.33 -12.22 59.70
C MET T 35 -60.03 -12.36 58.91
N ARG T 36 -59.94 -11.76 57.72
CA ARG T 36 -58.72 -11.77 56.91
C ARG T 36 -58.49 -10.38 56.34
N PRO T 37 -58.00 -9.45 57.16
CA PRO T 37 -57.90 -8.05 56.72
C PRO T 37 -56.71 -7.78 55.80
N GLU T 38 -55.86 -8.78 55.56
CA GLU T 38 -54.67 -8.62 54.73
C GLU T 38 -54.83 -9.23 53.34
N TYR T 39 -55.98 -9.83 53.06
CA TYR T 39 -56.27 -10.34 51.72
C TYR T 39 -56.90 -9.22 50.89
N GLY T 40 -56.53 -9.18 49.62
CA GLY T 40 -57.00 -8.13 48.73
C GLY T 40 -55.86 -7.33 48.15
N SER T 41 -56.15 -6.14 47.62
CA SER T 41 -55.14 -5.31 47.01
C SER T 41 -55.36 -3.86 47.39
N LYS T 42 -54.29 -3.08 47.28
CA LYS T 42 -54.35 -1.63 47.42
C LYS T 42 -54.76 -0.93 46.13
N LEU T 43 -55.13 -1.69 45.08
CA LEU T 43 -55.46 -1.10 43.79
C LEU T 43 -56.76 -0.32 43.85
N ARG T 44 -57.67 -0.68 44.76
CA ARG T 44 -58.86 0.14 44.96
C ARG T 44 -58.53 1.45 45.66
N ARG T 45 -57.40 1.50 46.38
CA ARG T 45 -56.91 2.75 46.96
C ARG T 45 -55.99 3.53 46.02
N MET T 46 -55.58 2.93 44.91
CA MET T 46 -54.80 3.64 43.90
C MET T 46 -55.66 4.48 42.98
N VAL T 47 -56.99 4.43 43.14
CA VAL T 47 -57.87 5.29 42.36
C VAL T 47 -57.70 6.73 42.81
N ASP T 48 -57.66 7.64 41.83
CA ASP T 48 -57.53 9.09 42.01
C ASP T 48 -56.21 9.48 42.67
N MET T 49 -55.25 8.63 42.60
CA MET T 49 -53.90 9.10 42.89
C MET T 49 -53.27 9.62 41.61
N PRO T 50 -52.40 10.63 41.70
CA PRO T 50 -51.84 11.21 40.48
C PRO T 50 -50.88 10.26 39.77
N VAL T 51 -51.04 10.16 38.46
CA VAL T 51 -50.30 9.20 37.65
C VAL T 51 -48.88 9.70 37.42
N SER T 52 -47.98 9.34 38.31
CA SER T 52 -46.59 9.74 38.24
C SER T 52 -45.71 8.52 38.00
N GLU T 53 -44.41 8.75 37.83
CA GLU T 53 -43.48 7.64 37.69
C GLU T 53 -43.26 6.92 39.01
N GLY T 54 -43.54 7.59 40.14
CA GLY T 54 -43.57 6.90 41.42
C GLY T 54 -44.86 6.16 41.69
N TRP T 55 -45.92 6.47 40.94
CA TRP T 55 -47.17 5.75 41.07
C TRP T 55 -47.10 4.39 40.40
N LYS T 56 -46.39 4.29 39.27
CA LYS T 56 -46.23 3.01 38.60
C LYS T 56 -45.29 2.10 39.38
N SER T 57 -44.37 2.68 40.14
CA SER T 57 -43.54 1.89 41.04
C SER T 57 -44.35 1.29 42.18
N ALA T 58 -45.50 1.87 42.51
CA ALA T 58 -46.35 1.32 43.55
C ALA T 58 -47.29 0.25 42.99
N VAL T 59 -47.83 0.47 41.78
CA VAL T 59 -48.78 -0.48 41.21
C VAL T 59 -48.07 -1.75 40.77
N GLN T 60 -46.88 -1.63 40.18
CA GLN T 60 -46.07 -2.80 39.87
C GLN T 60 -45.56 -3.51 41.13
N ALA T 61 -45.51 -2.81 42.26
CA ALA T 61 -45.22 -3.46 43.53
C ALA T 61 -46.47 -4.15 44.07
N GLU T 62 -47.61 -3.45 44.09
CA GLU T 62 -48.84 -4.01 44.64
C GLU T 62 -49.41 -5.14 43.80
N VAL T 63 -49.12 -5.17 42.50
CA VAL T 63 -49.43 -6.36 41.72
C VAL T 63 -48.49 -7.50 42.12
N ALA T 64 -47.19 -7.19 42.29
CA ALA T 64 -46.24 -8.19 42.72
C ALA T 64 -46.42 -8.56 44.19
N ARG T 65 -47.02 -7.68 45.00
CA ARG T 65 -47.25 -8.01 46.40
C ARG T 65 -48.50 -8.86 46.57
N SER T 66 -49.66 -8.33 46.15
CA SER T 66 -50.94 -8.97 46.44
C SER T 66 -51.12 -10.28 45.69
N LEU T 67 -50.43 -10.45 44.57
CA LEU T 67 -50.38 -11.76 43.93
C LEU T 67 -49.23 -12.60 44.45
N GLY T 68 -48.16 -11.96 44.92
CA GLY T 68 -47.06 -12.70 45.51
C GLY T 68 -47.40 -13.27 46.87
N ARG T 69 -48.32 -12.63 47.60
CA ARG T 69 -48.77 -13.19 48.87
C ARG T 69 -49.68 -14.40 48.66
N TRP T 70 -50.79 -14.21 47.95
CA TRP T 70 -51.88 -15.17 47.99
C TRP T 70 -52.09 -15.90 46.66
N GLU T 71 -51.13 -15.84 45.73
CA GLU T 71 -51.23 -16.59 44.48
C GLU T 71 -49.84 -17.00 44.01
N PRO T 72 -49.24 -18.02 44.63
CA PRO T 72 -47.88 -18.42 44.26
C PRO T 72 -47.78 -19.17 42.93
N ARG T 73 -48.89 -19.66 42.39
CA ARG T 73 -48.91 -20.39 41.14
C ARG T 73 -49.04 -19.50 39.91
N ILE T 74 -48.70 -18.22 40.03
CA ILE T 74 -48.72 -17.28 38.92
C ILE T 74 -47.40 -16.51 38.92
N GLY T 75 -46.67 -16.59 37.81
CA GLY T 75 -45.48 -15.78 37.63
C GLY T 75 -45.72 -14.52 36.83
N LEU T 76 -45.62 -13.37 37.48
CA LEU T 76 -45.90 -12.10 36.85
C LEU T 76 -44.78 -11.73 35.88
N SER T 77 -45.16 -11.30 34.67
CA SER T 77 -44.19 -10.94 33.65
C SER T 77 -43.93 -9.44 33.60
N ALA T 78 -44.96 -8.64 33.30
CA ALA T 78 -44.76 -7.21 33.10
C ALA T 78 -46.08 -6.48 33.32
N VAL T 79 -46.01 -5.39 34.08
CA VAL T 79 -47.15 -4.49 34.28
C VAL T 79 -46.74 -3.16 33.65
N ARG T 80 -47.04 -3.00 32.37
CA ARG T 80 -46.66 -1.81 31.62
C ARG T 80 -47.87 -0.92 31.43
N VAL T 81 -47.74 0.34 31.83
CA VAL T 81 -48.74 1.36 31.52
C VAL T 81 -48.60 1.72 30.05
N VAL T 82 -49.62 1.41 29.25
CA VAL T 82 -49.50 1.54 27.81
C VAL T 82 -50.31 2.70 27.23
N ALA T 83 -51.26 3.26 27.98
CA ALA T 83 -52.08 4.34 27.46
C ALA T 83 -52.71 5.12 28.61
N VAL T 84 -52.72 6.44 28.49
CA VAL T 84 -53.48 7.33 29.35
C VAL T 84 -54.43 8.09 28.45
N VAL T 85 -55.72 7.75 28.52
CA VAL T 85 -56.67 8.16 27.49
C VAL T 85 -57.43 9.41 27.93
N ASP T 86 -58.21 9.27 29.01
CA ASP T 86 -59.06 10.34 29.51
C ASP T 86 -59.03 10.31 31.03
N GLY T 87 -57.84 10.16 31.59
CA GLY T 87 -57.68 9.78 32.97
C GLY T 87 -57.64 8.28 33.19
N ARG T 88 -58.24 7.51 32.28
CA ARG T 88 -58.17 6.07 32.33
C ARG T 88 -56.74 5.61 32.03
N VAL T 89 -56.20 4.76 32.89
CA VAL T 89 -54.84 4.26 32.78
C VAL T 89 -54.88 2.81 32.35
N ASP T 90 -54.39 2.52 31.16
CA ASP T 90 -54.38 1.16 30.61
C ASP T 90 -53.10 0.48 31.07
N LEU T 91 -53.23 -0.48 31.98
CA LEU T 91 -52.11 -1.27 32.46
C LEU T 91 -52.21 -2.67 31.89
N LEU T 92 -51.24 -3.07 31.09
CA LEU T 92 -51.24 -4.40 30.49
C LEU T 92 -50.63 -5.39 31.47
N LEU T 93 -51.33 -6.49 31.73
CA LEU T 93 -50.91 -7.50 32.69
C LEU T 93 -50.91 -8.85 31.98
N SER T 94 -49.78 -9.23 31.41
CA SER T 94 -49.62 -10.51 30.75
C SER T 94 -49.05 -11.49 31.76
N GLY T 95 -49.80 -12.54 32.07
CA GLY T 95 -49.40 -13.52 33.05
C GLY T 95 -49.12 -14.87 32.40
N VAL T 96 -48.17 -15.61 32.98
CA VAL T 96 -47.85 -16.93 32.47
C VAL T 96 -48.91 -17.92 32.95
N PHE T 97 -48.97 -19.08 32.30
CA PHE T 97 -49.91 -20.13 32.64
C PHE T 97 -49.15 -21.31 33.21
N GLU T 98 -49.64 -21.85 34.33
CA GLU T 98 -49.02 -23.01 34.97
C GLU T 98 -50.03 -24.13 35.07
N GLY T 99 -49.52 -25.36 35.17
CA GLY T 99 -50.36 -26.53 35.32
C GLY T 99 -51.01 -26.97 34.02
N ILE U 2 -51.09 -126.01 22.08
CA ILE U 2 -50.18 -124.91 22.35
C ILE U 2 -48.99 -124.98 21.39
N ILE U 3 -49.07 -124.21 20.30
CA ILE U 3 -48.06 -124.23 19.24
C ILE U 3 -47.57 -122.80 19.06
N ASP U 4 -46.25 -122.62 19.11
CA ASP U 4 -45.64 -121.30 18.93
C ASP U 4 -45.86 -120.83 17.50
N LEU U 5 -46.46 -119.64 17.35
CA LEU U 5 -46.69 -119.05 16.04
C LEU U 5 -45.51 -118.19 15.59
N SER U 6 -44.56 -117.91 16.47
CA SER U 6 -43.43 -117.03 16.19
C SER U 6 -42.24 -117.77 15.58
N GLN U 7 -42.49 -118.89 14.88
CA GLN U 7 -41.45 -119.64 14.19
C GLN U 7 -41.77 -119.81 12.71
N LEU U 8 -42.60 -118.94 12.15
CA LEU U 8 -43.05 -118.99 10.78
C LEU U 8 -42.32 -117.95 9.94
N PRO U 9 -42.47 -117.99 8.61
CA PRO U 9 -42.05 -116.84 7.79
C PRO U 9 -42.86 -115.60 8.12
N GLU U 10 -42.26 -114.43 7.89
CA GLU U 10 -42.82 -113.19 8.37
C GLU U 10 -44.03 -112.79 7.53
N PRO U 11 -45.10 -112.31 8.16
CA PRO U 11 -46.21 -111.72 7.40
C PRO U 11 -45.92 -110.25 7.08
N GLU U 12 -46.34 -109.85 5.88
CA GLU U 12 -46.19 -108.47 5.42
C GLU U 12 -47.56 -107.81 5.44
N VAL U 13 -47.73 -106.81 6.31
CA VAL U 13 -48.99 -106.09 6.38
C VAL U 13 -49.05 -105.03 5.30
N ILE U 14 -47.96 -104.32 5.08
CA ILE U 14 -47.74 -103.52 3.88
C ILE U 14 -46.77 -104.30 2.99
N GLU U 15 -46.93 -104.13 1.68
CA GLU U 15 -46.02 -104.75 0.73
C GLU U 15 -44.64 -104.10 0.83
N ASN U 16 -43.60 -104.91 0.59
CA ASN U 16 -42.22 -104.47 0.79
C ASN U 16 -41.53 -104.48 -0.56
N LEU U 17 -41.67 -103.38 -1.29
CA LEU U 17 -41.06 -103.24 -2.60
C LEU U 17 -39.57 -102.96 -2.48
N ASP U 18 -38.82 -103.33 -3.51
CA ASP U 18 -37.40 -103.05 -3.55
C ASP U 18 -37.15 -101.62 -4.01
N PHE U 19 -35.87 -101.23 -4.03
CA PHE U 19 -35.49 -99.83 -4.20
C PHE U 19 -35.78 -99.32 -5.61
N GLU U 20 -35.81 -100.20 -6.60
CA GLU U 20 -35.91 -99.75 -7.99
C GLU U 20 -37.35 -99.44 -8.40
N THR U 21 -38.32 -100.29 -8.04
CA THR U 21 -39.70 -100.02 -8.43
C THR U 21 -40.36 -98.94 -7.57
N ILE U 22 -39.76 -98.59 -6.43
CA ILE U 22 -40.20 -97.41 -5.69
C ILE U 22 -39.76 -96.14 -6.42
N TYR U 23 -38.56 -96.18 -7.01
CA TYR U 23 -38.00 -95.01 -7.67
C TYR U 23 -38.77 -94.64 -8.94
N GLN U 24 -39.05 -95.63 -9.79
CA GLN U 24 -39.81 -95.37 -11.01
C GLN U 24 -41.28 -95.08 -10.72
N GLU U 25 -41.80 -95.52 -9.58
CA GLU U 25 -43.16 -95.14 -9.21
C GLU U 25 -43.22 -93.68 -8.79
N LEU U 26 -42.14 -93.14 -8.21
CA LEU U 26 -42.10 -91.72 -7.87
C LEU U 26 -41.89 -90.86 -9.10
N LEU U 27 -41.08 -91.35 -10.05
CA LEU U 27 -40.82 -90.60 -11.27
C LEU U 27 -42.08 -90.43 -12.12
N GLY U 28 -42.92 -91.47 -12.18
CA GLY U 28 -44.17 -91.37 -12.93
C GLY U 28 -45.11 -90.32 -12.36
N ASP U 29 -45.23 -90.26 -11.03
CA ASP U 29 -46.03 -89.22 -10.39
C ASP U 29 -45.41 -87.84 -10.63
N PHE U 30 -44.07 -87.77 -10.61
CA PHE U 30 -43.35 -86.51 -10.85
C PHE U 30 -43.60 -85.98 -12.25
N ARG U 31 -43.61 -86.86 -13.25
CA ARG U 31 -43.86 -86.43 -14.64
C ARG U 31 -45.27 -85.87 -14.81
N GLU U 32 -46.26 -86.49 -14.14
CA GLU U 32 -47.63 -85.99 -14.20
C GLU U 32 -47.74 -84.61 -13.58
N ALA U 33 -47.05 -84.39 -12.45
CA ALA U 33 -47.05 -83.09 -11.79
C ALA U 33 -46.37 -82.03 -12.64
N MET U 34 -45.26 -82.38 -13.28
CA MET U 34 -44.49 -81.46 -14.13
C MET U 34 -44.93 -81.46 -15.58
N ALA U 35 -46.08 -82.07 -15.90
CA ALA U 35 -46.55 -82.20 -17.29
C ALA U 35 -46.63 -80.85 -17.98
N GLY U 36 -45.99 -80.75 -19.14
CA GLY U 36 -45.88 -79.50 -19.84
C GLY U 36 -44.64 -78.70 -19.50
N GLU U 37 -43.91 -79.10 -18.46
CA GLU U 37 -42.71 -78.41 -18.01
C GLU U 37 -41.47 -79.27 -17.98
N TRP U 38 -41.59 -80.57 -18.23
CA TRP U 38 -40.43 -81.45 -18.17
C TRP U 38 -39.46 -81.15 -19.30
N THR U 39 -38.17 -81.08 -18.96
CA THR U 39 -37.10 -80.86 -19.90
C THR U 39 -35.95 -81.78 -19.49
N ALA U 40 -35.04 -82.03 -20.44
CA ALA U 40 -33.85 -82.83 -20.14
C ALA U 40 -32.99 -82.15 -19.08
N GLU U 41 -32.92 -80.81 -19.13
CA GLU U 41 -32.19 -80.04 -18.13
C GLU U 41 -32.81 -80.17 -16.74
N VAL U 42 -34.14 -80.36 -16.67
CA VAL U 42 -34.84 -80.47 -15.38
C VAL U 42 -34.35 -81.68 -14.59
N GLU U 43 -34.11 -82.80 -15.27
CA GLU U 43 -33.61 -84.00 -14.60
C GLU U 43 -32.09 -83.91 -14.45
N SER U 44 -31.67 -82.96 -13.62
CA SER U 44 -30.27 -82.72 -13.36
C SER U 44 -29.76 -83.66 -12.27
N ASP U 45 -28.44 -83.65 -12.09
CA ASP U 45 -27.83 -84.48 -11.06
C ASP U 45 -28.25 -84.15 -9.62
N PRO U 46 -28.38 -82.87 -9.17
CA PRO U 46 -28.90 -82.66 -7.80
C PRO U 46 -30.34 -83.12 -7.61
N VAL U 47 -31.19 -82.95 -8.62
CA VAL U 47 -32.59 -83.34 -8.52
C VAL U 47 -32.72 -84.86 -8.45
N LEU U 48 -31.94 -85.58 -9.26
CA LEU U 48 -31.99 -87.04 -9.25
C LEU U 48 -31.50 -87.62 -7.92
N LYS U 49 -30.43 -87.08 -7.35
CA LYS U 49 -29.96 -87.54 -6.05
C LYS U 49 -30.93 -87.24 -4.92
N LEU U 50 -31.80 -86.24 -5.08
CA LEU U 50 -32.92 -86.07 -4.16
C LEU U 50 -33.94 -87.18 -4.32
N LEU U 51 -34.23 -87.57 -5.57
CA LEU U 51 -35.18 -88.65 -5.82
C LEU U 51 -34.62 -90.02 -5.46
N GLN U 52 -33.30 -90.19 -5.46
CA GLN U 52 -32.73 -91.44 -4.97
C GLN U 52 -32.76 -91.53 -3.45
N LEU U 53 -32.77 -90.38 -2.76
CA LEU U 53 -33.03 -90.39 -1.33
C LEU U 53 -34.48 -90.77 -1.05
N ALA U 54 -35.41 -90.14 -1.77
CA ALA U 54 -36.84 -90.35 -1.52
C ALA U 54 -37.28 -91.76 -1.83
N ALA U 55 -36.65 -92.41 -2.81
CA ALA U 55 -36.90 -93.84 -3.04
C ALA U 55 -36.37 -94.70 -1.92
N TYR U 56 -35.39 -94.21 -1.15
CA TYR U 56 -34.83 -94.93 -0.01
C TYR U 56 -35.56 -94.65 1.30
N ARG U 57 -36.26 -93.52 1.42
CA ARG U 57 -36.86 -93.18 2.71
C ARG U 57 -38.12 -94.00 2.98
N GLU U 58 -38.96 -94.22 1.96
CA GLU U 58 -40.07 -95.15 2.16
C GLU U 58 -39.66 -96.60 1.91
N LEU U 59 -38.42 -96.84 1.48
CA LEU U 59 -37.84 -98.16 1.67
C LEU U 59 -37.61 -98.44 3.15
N LEU U 60 -37.32 -97.40 3.93
CA LEU U 60 -37.23 -97.49 5.39
C LEU U 60 -38.55 -97.20 6.09
N LEU U 61 -39.61 -96.90 5.35
CA LEU U 61 -40.94 -96.79 5.95
C LEU U 61 -41.82 -98.00 5.68
N ARG U 62 -41.66 -98.66 4.53
CA ARG U 62 -42.28 -99.96 4.37
C ARG U 62 -41.62 -101.00 5.28
N ALA U 63 -40.35 -100.79 5.61
CA ALA U 63 -39.67 -101.58 6.63
C ALA U 63 -40.05 -101.13 8.05
N ARG U 64 -40.53 -99.89 8.21
CA ARG U 64 -40.95 -99.42 9.52
C ARG U 64 -42.32 -99.94 9.90
N ILE U 65 -43.26 -99.94 8.95
CA ILE U 65 -44.61 -100.45 9.20
C ILE U 65 -44.59 -101.95 9.46
N ASN U 66 -43.72 -102.68 8.74
CA ASN U 66 -43.60 -104.12 8.94
C ASN U 66 -42.95 -104.45 10.28
N ASP U 67 -41.89 -103.73 10.65
CA ASP U 67 -41.22 -104.00 11.92
C ASP U 67 -42.04 -103.56 13.12
N ALA U 68 -42.97 -102.61 12.94
CA ALA U 68 -43.89 -102.25 14.01
C ALA U 68 -45.01 -103.28 14.15
N ALA U 69 -45.49 -103.82 13.03
CA ALA U 69 -46.60 -104.76 13.06
C ALA U 69 -46.19 -106.15 13.53
N ARG U 70 -44.89 -106.46 13.51
CA ARG U 70 -44.41 -107.68 14.16
C ARG U 70 -44.60 -107.61 15.67
N ALA U 71 -44.10 -106.55 16.30
CA ALA U 71 -44.09 -106.43 17.76
C ALA U 71 -45.44 -106.05 18.36
N VAL U 72 -46.51 -105.98 17.57
CA VAL U 72 -47.86 -105.83 18.08
C VAL U 72 -48.56 -107.18 18.18
N MET U 73 -48.45 -108.00 17.14
CA MET U 73 -48.96 -109.36 17.17
C MET U 73 -48.07 -110.24 18.04
N LEU U 74 -48.69 -111.24 18.69
CA LEU U 74 -47.94 -112.19 19.50
C LEU U 74 -46.97 -113.02 18.67
N ALA U 75 -47.27 -113.21 17.39
CA ALA U 75 -46.29 -113.74 16.43
C ALA U 75 -45.17 -112.72 16.25
N TYR U 76 -43.97 -113.09 16.72
CA TYR U 76 -42.75 -112.27 16.67
C TYR U 76 -42.89 -110.97 17.45
N ALA U 77 -43.21 -111.11 18.73
CA ALA U 77 -43.08 -110.04 19.70
C ALA U 77 -41.92 -110.34 20.64
N SER U 78 -41.14 -109.32 20.97
CA SER U 78 -39.92 -109.48 21.74
C SER U 78 -40.14 -108.97 23.17
N GLY U 79 -39.06 -109.04 23.97
CA GLY U 79 -39.15 -108.73 25.37
C GLY U 79 -39.40 -107.26 25.64
N ALA U 80 -39.87 -106.99 26.86
CA ALA U 80 -40.34 -105.68 27.35
C ALA U 80 -41.47 -105.10 26.50
N ASP U 81 -42.21 -105.95 25.80
CA ASP U 81 -43.34 -105.52 24.97
C ASP U 81 -44.57 -106.40 25.15
N LEU U 82 -44.41 -107.63 25.64
CA LEU U 82 -45.55 -108.46 26.05
C LEU U 82 -46.23 -107.96 27.30
N ASP U 83 -45.58 -107.10 28.11
CA ASP U 83 -46.25 -106.48 29.25
C ASP U 83 -47.39 -105.57 28.83
N GLN U 84 -47.31 -104.99 27.64
CA GLN U 84 -48.44 -104.23 27.11
C GLN U 84 -49.49 -105.14 26.48
N ILE U 85 -49.08 -106.29 25.98
CA ILE U 85 -50.03 -107.23 25.38
C ILE U 85 -50.66 -108.12 26.46
N GLY U 86 -49.85 -108.61 27.40
CA GLY U 86 -50.35 -109.41 28.50
C GLY U 86 -51.25 -108.68 29.47
N ALA U 87 -51.13 -107.34 29.54
CA ALA U 87 -52.08 -106.56 30.33
C ALA U 87 -53.47 -106.59 29.70
N GLY U 88 -53.55 -106.74 28.37
CA GLY U 88 -54.80 -106.98 27.69
C GLY U 88 -55.32 -108.39 27.80
N PHE U 89 -54.53 -109.30 28.38
CA PHE U 89 -54.94 -110.69 28.57
C PHE U 89 -54.76 -111.16 30.01
N ASN U 90 -54.67 -110.22 30.96
CA ASN U 90 -54.55 -110.48 32.41
C ASN U 90 -53.30 -111.31 32.73
N VAL U 91 -52.22 -111.03 32.00
CA VAL U 91 -50.95 -111.75 32.16
C VAL U 91 -49.92 -110.79 32.74
N GLN U 92 -49.52 -111.03 33.98
CA GLN U 92 -48.44 -110.31 34.66
C GLN U 92 -47.29 -111.26 34.88
N ARG U 93 -46.07 -110.81 34.60
CA ARG U 93 -44.90 -111.62 34.88
C ARG U 93 -44.66 -111.72 36.38
N LEU U 94 -44.27 -112.91 36.83
CA LEU U 94 -44.06 -113.18 38.25
C LEU U 94 -42.57 -113.42 38.49
N LEU U 95 -42.22 -113.69 39.74
CA LEU U 95 -40.82 -113.82 40.16
C LEU U 95 -40.46 -115.29 40.32
N ILE U 96 -39.46 -115.74 39.57
CA ILE U 96 -38.86 -117.06 39.71
C ILE U 96 -37.45 -116.83 40.20
N ARG U 97 -37.22 -117.04 41.52
CA ARG U 97 -36.05 -116.73 42.34
C ARG U 97 -35.50 -115.33 42.02
N PRO U 98 -36.16 -114.27 42.50
CA PRO U 98 -35.77 -112.90 42.11
C PRO U 98 -34.48 -112.42 42.75
N ALA U 99 -34.21 -111.12 42.59
CA ALA U 99 -32.94 -110.51 43.00
C ALA U 99 -32.87 -110.39 44.53
N GLN U 100 -32.49 -111.51 45.16
CA GLN U 100 -32.04 -111.46 46.55
C GLN U 100 -30.51 -111.40 46.55
N PRO U 101 -29.91 -110.28 46.95
CA PRO U 101 -28.43 -110.22 47.03
C PRO U 101 -27.87 -110.98 48.23
N GLU U 102 -27.63 -112.28 48.02
CA GLU U 102 -26.83 -113.06 48.96
C GLU U 102 -25.46 -112.43 49.20
N ALA U 103 -24.76 -112.08 48.13
CA ALA U 103 -23.64 -111.14 48.19
C ALA U 103 -23.95 -109.96 47.28
N VAL U 104 -23.53 -108.77 47.71
CA VAL U 104 -24.03 -107.52 47.14
C VAL U 104 -23.44 -107.21 45.76
N PRO U 105 -22.13 -107.37 45.46
CA PRO U 105 -21.69 -107.14 44.06
C PRO U 105 -22.19 -108.19 43.06
N PRO U 106 -22.27 -109.53 43.36
CA PRO U 106 -22.89 -110.41 42.34
C PRO U 106 -24.41 -110.34 42.33
N VAL U 107 -24.98 -109.37 41.62
CA VAL U 107 -26.42 -109.25 41.53
C VAL U 107 -26.95 -110.37 40.65
N GLU U 108 -28.03 -111.03 41.10
CA GLU U 108 -28.65 -112.14 40.37
C GLU U 108 -30.13 -111.84 40.18
N ALA U 109 -30.46 -111.10 39.12
CA ALA U 109 -31.83 -110.76 38.79
C ALA U 109 -32.29 -111.65 37.64
N GLN U 110 -33.52 -112.14 37.73
CA GLN U 110 -34.03 -113.06 36.73
C GLN U 110 -35.56 -113.01 36.71
N TYR U 111 -36.11 -112.97 35.52
CA TYR U 111 -37.55 -112.96 35.27
C TYR U 111 -37.92 -114.22 34.48
N GLU U 112 -39.18 -114.30 34.08
CA GLU U 112 -39.59 -115.31 33.12
C GLU U 112 -39.10 -114.96 31.72
N SER U 113 -38.58 -115.96 31.01
CA SER U 113 -38.08 -115.79 29.66
C SER U 113 -39.22 -115.75 28.66
N ASP U 114 -38.88 -115.60 27.39
CA ASP U 114 -39.86 -115.65 26.32
C ASP U 114 -40.27 -117.10 26.01
N LYS U 115 -41.18 -117.24 25.04
CA LYS U 115 -41.72 -118.46 24.42
C LYS U 115 -42.40 -119.43 25.39
N SER U 116 -42.50 -119.06 26.67
CA SER U 116 -43.41 -119.69 27.62
C SER U 116 -44.37 -118.73 28.26
N LEU U 117 -44.01 -117.44 28.37
CA LEU U 117 -44.97 -116.45 28.84
C LEU U 117 -46.00 -116.13 27.77
N ARG U 118 -45.60 -116.23 26.50
CA ARG U 118 -46.55 -116.10 25.39
C ARG U 118 -47.56 -117.24 25.40
N ASN U 119 -47.11 -118.45 25.77
CA ASN U 119 -47.99 -119.60 25.88
C ASN U 119 -49.09 -119.38 26.92
N ARG U 120 -48.74 -118.75 28.04
CA ARG U 120 -49.73 -118.40 29.05
C ARG U 120 -50.75 -117.40 28.50
N ILE U 121 -50.28 -116.44 27.68
CA ILE U 121 -51.16 -115.50 27.01
C ILE U 121 -52.09 -116.23 26.06
N GLN U 122 -51.58 -117.29 25.40
CA GLN U 122 -52.42 -118.11 24.54
C GLN U 122 -53.50 -118.83 25.34
N LEU U 123 -53.17 -119.23 26.57
CA LEU U 123 -54.11 -119.91 27.45
C LEU U 123 -54.92 -118.94 28.32
N ALA U 124 -54.79 -117.63 28.09
CA ALA U 124 -55.51 -116.64 28.90
C ALA U 124 -57.03 -116.78 28.74
N PHE U 125 -57.50 -117.02 27.52
CA PHE U 125 -58.94 -117.18 27.31
C PHE U 125 -59.42 -118.56 27.73
N GLU U 126 -58.52 -119.52 27.94
CA GLU U 126 -58.86 -120.83 28.47
C GLU U 126 -58.88 -120.85 29.99
N GLN U 127 -58.70 -119.69 30.64
CA GLN U 127 -58.82 -119.56 32.08
C GLN U 127 -60.05 -118.77 32.51
N LEU U 128 -60.85 -118.28 31.55
CA LEU U 128 -62.09 -117.57 31.89
C LEU U 128 -63.14 -118.53 32.41
N SER U 129 -63.38 -119.63 31.70
CA SER U 129 -64.45 -120.56 32.06
C SER U 129 -64.06 -121.38 33.28
N VAL U 130 -64.85 -121.22 34.35
CA VAL U 130 -64.63 -121.94 35.60
C VAL U 130 -65.53 -123.18 35.70
N ALA U 131 -66.35 -123.44 34.67
CA ALA U 131 -67.14 -124.65 34.53
C ALA U 131 -66.34 -125.83 34.00
N GLY U 132 -65.02 -125.71 33.89
CA GLY U 132 -64.14 -126.79 33.51
C GLY U 132 -64.30 -127.36 32.11
N PRO U 133 -63.91 -126.60 31.05
CA PRO U 133 -63.72 -127.25 29.75
C PRO U 133 -62.44 -128.06 29.68
N ARG U 134 -62.10 -128.53 28.47
CA ARG U 134 -60.95 -129.43 28.30
C ARG U 134 -59.63 -128.75 28.62
N ASN U 135 -59.53 -127.43 28.39
CA ASN U 135 -58.28 -126.72 28.54
C ASN U 135 -58.13 -125.98 29.87
N ALA U 136 -59.22 -125.78 30.61
CA ALA U 136 -59.11 -125.07 31.90
C ALA U 136 -58.41 -125.91 32.94
N TYR U 137 -58.54 -127.24 32.88
CA TYR U 137 -57.70 -128.10 33.71
C TYR U 137 -56.24 -128.04 33.28
N ILE U 138 -56.00 -127.85 31.99
CA ILE U 138 -54.64 -127.68 31.49
C ILE U 138 -54.09 -126.31 31.89
N ALA U 139 -54.79 -125.24 31.48
CA ALA U 139 -54.29 -123.87 31.60
C ALA U 139 -54.16 -123.37 33.04
N HIS U 140 -54.73 -124.06 34.03
CA HIS U 140 -54.47 -123.74 35.41
C HIS U 140 -53.35 -124.57 36.02
N ALA U 141 -53.06 -125.74 35.45
CA ALA U 141 -51.98 -126.59 35.94
C ALA U 141 -50.60 -126.10 35.51
N LEU U 142 -50.52 -125.15 34.56
CA LEU U 142 -49.24 -124.54 34.18
C LEU U 142 -48.84 -123.37 35.07
N GLY U 143 -49.43 -123.24 36.26
CA GLY U 143 -48.99 -122.23 37.19
C GLY U 143 -47.72 -122.58 37.92
N ALA U 144 -47.40 -123.87 38.02
CA ALA U 144 -46.19 -124.33 38.66
C ALA U 144 -45.02 -124.29 37.67
N ASP U 145 -43.81 -124.46 38.21
CA ASP U 145 -42.59 -124.34 37.45
C ASP U 145 -41.87 -125.67 37.25
N GLY U 146 -41.92 -126.57 38.23
CA GLY U 146 -41.22 -127.83 38.14
C GLY U 146 -41.98 -128.94 37.44
N ARG U 147 -42.71 -128.62 36.37
CA ARG U 147 -43.51 -129.62 35.65
C ARG U 147 -43.46 -129.31 34.15
N VAL U 148 -44.29 -130.01 33.41
CA VAL U 148 -44.62 -129.71 32.03
C VAL U 148 -46.15 -129.75 31.91
N ALA U 149 -46.67 -129.50 30.70
CA ALA U 149 -48.09 -129.29 30.51
C ALA U 149 -48.89 -130.59 30.72
N ASP U 150 -50.21 -130.47 30.62
CA ASP U 150 -51.13 -131.51 31.06
C ASP U 150 -52.01 -131.92 29.89
N ALA U 151 -52.59 -133.13 29.99
CA ALA U 151 -53.58 -133.59 29.05
C ALA U 151 -54.74 -134.23 29.81
N SER U 152 -55.95 -134.07 29.27
CA SER U 152 -57.17 -134.55 29.90
C SER U 152 -57.82 -135.62 29.03
N ALA U 153 -58.39 -136.63 29.69
CA ALA U 153 -59.11 -137.70 29.00
C ALA U 153 -60.11 -138.29 30.00
N THR U 154 -61.01 -139.14 29.48
CA THR U 154 -61.98 -139.83 30.32
C THR U 154 -62.36 -141.14 29.62
N SER U 155 -61.83 -142.25 30.11
CA SER U 155 -62.35 -143.58 29.81
C SER U 155 -63.52 -144.01 30.71
N PRO U 156 -63.47 -143.91 32.10
CA PRO U 156 -64.56 -144.49 32.90
C PRO U 156 -65.86 -143.70 32.88
N ALA U 157 -66.78 -144.10 33.78
CA ALA U 157 -68.06 -143.50 34.13
C ALA U 157 -67.96 -141.98 34.31
N PRO U 158 -69.03 -141.22 34.02
CA PRO U 158 -68.91 -139.76 33.96
C PRO U 158 -68.67 -139.10 35.32
N CYS U 159 -68.23 -137.84 35.25
CA CYS U 159 -67.67 -137.07 36.37
C CYS U 159 -66.53 -137.83 37.05
N GLU U 160 -65.68 -138.48 36.23
CA GLU U 160 -64.42 -139.05 36.68
C GLU U 160 -63.36 -138.62 35.67
N VAL U 161 -62.58 -137.61 36.03
CA VAL U 161 -61.63 -136.99 35.11
C VAL U 161 -60.29 -137.68 35.26
N LEU U 162 -59.70 -138.11 34.14
CA LEU U 162 -58.37 -138.69 34.10
C LEU U 162 -57.42 -137.67 33.49
N ILE U 163 -56.71 -136.95 34.35
CA ILE U 163 -55.68 -136.00 33.94
C ILE U 163 -54.32 -136.62 34.18
N SER U 164 -53.42 -136.45 33.22
CA SER U 164 -52.09 -137.07 33.23
C SER U 164 -51.07 -135.97 33.53
N VAL U 165 -50.68 -135.86 34.79
CA VAL U 165 -49.76 -134.80 35.22
C VAL U 165 -48.35 -135.29 34.87
N LEU U 166 -47.84 -134.84 33.72
CA LEU U 166 -46.47 -135.12 33.33
C LEU U 166 -45.56 -134.01 33.82
N GLY U 167 -44.29 -134.34 34.01
CA GLY U 167 -43.33 -133.38 34.51
C GLY U 167 -41.94 -133.57 33.92
N VAL U 168 -41.37 -132.50 33.36
CA VAL U 168 -40.00 -132.53 32.85
C VAL U 168 -39.12 -131.91 33.91
N GLU U 169 -38.38 -132.76 34.63
CA GLU U 169 -37.24 -132.33 35.42
C GLU U 169 -36.04 -133.25 35.28
N GLY U 170 -36.19 -134.45 34.72
CA GLY U 170 -35.10 -135.39 34.61
C GLY U 170 -35.55 -136.76 34.15
N ASN U 171 -35.09 -137.80 34.85
CA ASN U 171 -35.40 -139.19 34.50
C ASN U 171 -36.81 -139.52 34.96
N GLY U 172 -37.79 -139.23 34.11
CA GLY U 172 -39.13 -139.79 34.25
C GLY U 172 -39.98 -139.34 35.42
N GLN U 173 -40.08 -140.21 36.43
CA GLN U 173 -41.06 -140.14 37.52
C GLN U 173 -41.01 -138.81 38.28
N ALA U 174 -42.15 -138.11 38.29
CA ALA U 174 -42.31 -136.90 39.06
C ALA U 174 -42.55 -137.22 40.54
N PRO U 175 -42.11 -136.36 41.46
CA PRO U 175 -42.33 -136.62 42.88
C PRO U 175 -43.78 -136.44 43.27
N GLU U 176 -44.21 -137.22 44.29
CA GLU U 176 -45.59 -137.13 44.76
C GLU U 176 -45.86 -135.87 45.56
N ALA U 177 -44.83 -135.26 46.16
CA ALA U 177 -45.03 -133.97 46.82
C ALA U 177 -45.25 -132.86 45.81
N VAL U 178 -44.65 -132.97 44.62
CA VAL U 178 -44.94 -132.03 43.54
C VAL U 178 -46.32 -132.32 42.95
N LEU U 179 -46.76 -133.57 43.03
CA LEU U 179 -48.08 -133.97 42.53
C LEU U 179 -49.21 -133.34 43.33
N GLN U 180 -48.98 -133.04 44.62
CA GLN U 180 -50.02 -132.48 45.47
C GLN U 180 -50.28 -131.01 45.17
N ALA U 181 -49.42 -130.35 44.40
CA ALA U 181 -49.57 -128.92 44.13
C ALA U 181 -50.70 -128.63 43.15
N VAL U 182 -51.15 -129.62 42.39
CA VAL U 182 -52.22 -129.36 41.43
C VAL U 182 -53.56 -129.23 42.16
N ARG U 183 -53.71 -129.88 43.31
CA ARG U 183 -54.91 -129.69 44.12
C ARG U 183 -54.87 -128.34 44.84
N LEU U 184 -53.69 -127.79 45.07
CA LEU U 184 -53.57 -126.41 45.51
C LEU U 184 -53.77 -125.41 44.37
N ALA U 185 -53.58 -125.85 43.12
CA ALA U 185 -53.89 -125.00 41.97
C ALA U 185 -55.29 -125.24 41.42
N LEU U 186 -55.97 -126.31 41.86
CA LEU U 186 -57.33 -126.62 41.42
C LEU U 186 -58.17 -126.90 42.67
N ASN U 187 -58.65 -125.84 43.31
CA ASN U 187 -59.56 -125.96 44.44
C ASN U 187 -60.86 -125.22 44.19
N ALA U 188 -60.79 -123.95 43.79
CA ALA U 188 -61.95 -123.14 43.43
C ALA U 188 -61.97 -122.81 41.95
N GLU U 189 -61.27 -123.61 41.13
CA GLU U 189 -61.33 -123.48 39.68
C GLU U 189 -62.08 -124.59 38.98
N ASP U 190 -62.24 -125.74 39.62
CA ASP U 190 -62.96 -126.86 39.01
C ASP U 190 -64.46 -126.67 39.21
N VAL U 191 -65.24 -127.69 38.86
CA VAL U 191 -66.63 -127.79 39.29
C VAL U 191 -66.65 -128.60 40.57
N ARG U 192 -67.61 -128.32 41.45
CA ARG U 192 -67.67 -129.03 42.72
C ARG U 192 -68.22 -130.46 42.64
N PRO U 193 -69.29 -130.79 41.87
CA PRO U 193 -69.66 -132.21 41.77
C PRO U 193 -68.65 -133.08 41.03
N VAL U 194 -67.89 -132.53 40.08
CA VAL U 194 -66.96 -133.35 39.32
C VAL U 194 -65.77 -133.72 40.20
N ALA U 195 -65.19 -134.88 39.94
CA ALA U 195 -64.11 -135.41 40.78
C ALA U 195 -63.06 -136.06 39.89
N ASP U 196 -61.83 -135.61 39.99
CA ASP U 196 -60.73 -136.08 39.17
C ASP U 196 -59.87 -137.08 39.95
N ARG U 197 -59.24 -137.98 39.21
CA ARG U 197 -58.12 -138.77 39.71
C ARG U 197 -56.83 -138.27 39.09
N VAL U 198 -55.76 -138.28 39.87
CA VAL U 198 -54.50 -137.66 39.48
C VAL U 198 -53.48 -138.78 39.30
N THR U 199 -53.19 -139.13 38.05
CA THR U 199 -52.19 -140.12 37.71
C THR U 199 -51.02 -139.42 37.05
N VAL U 200 -49.82 -139.61 37.60
CA VAL U 200 -48.64 -138.98 37.02
C VAL U 200 -48.18 -139.70 35.75
N ARG U 201 -48.13 -141.03 35.77
CA ARG U 201 -47.81 -141.84 34.60
C ARG U 201 -48.98 -142.79 34.39
N SER U 202 -49.81 -142.49 33.39
CA SER U 202 -51.07 -143.19 33.20
C SER U 202 -51.01 -144.30 32.15
N ALA U 203 -49.89 -144.46 31.44
CA ALA U 203 -49.80 -145.54 30.47
C ALA U 203 -48.54 -146.37 30.62
N GLY U 204 -47.45 -145.75 31.07
CA GLY U 204 -46.20 -146.48 31.19
C GLY U 204 -45.05 -145.82 30.45
N ILE U 205 -43.82 -146.18 30.82
CA ILE U 205 -42.62 -145.59 30.24
C ILE U 205 -41.79 -146.70 29.60
N VAL U 206 -41.52 -146.55 28.31
CA VAL U 206 -40.61 -147.46 27.61
C VAL U 206 -39.33 -146.71 27.24
N PRO U 207 -38.16 -147.34 27.34
CA PRO U 207 -36.91 -146.63 27.04
C PRO U 207 -36.65 -146.56 25.54
N TYR U 208 -36.35 -145.35 25.05
CA TYR U 208 -36.06 -145.12 23.65
C TYR U 208 -34.64 -144.57 23.48
N GLN U 209 -34.11 -144.75 22.27
CA GLN U 209 -32.81 -144.19 21.88
C GLN U 209 -32.92 -143.72 20.43
N VAL U 210 -31.79 -143.25 19.90
CA VAL U 210 -31.61 -143.04 18.46
C VAL U 210 -30.14 -143.26 18.13
N LYS U 211 -29.89 -143.84 16.96
CA LYS U 211 -28.53 -144.05 16.46
C LYS U 211 -28.48 -143.58 15.01
N ALA U 212 -27.75 -142.49 14.76
CA ALA U 212 -27.70 -141.86 13.45
C ALA U 212 -26.25 -141.82 12.97
N GLN U 213 -26.03 -142.20 11.71
CA GLN U 213 -24.73 -142.13 11.08
C GLN U 213 -24.76 -141.03 10.03
N LEU U 214 -24.48 -139.79 10.46
CA LEU U 214 -24.58 -138.67 9.56
C LEU U 214 -23.32 -138.59 8.69
N TYR U 215 -23.44 -137.86 7.57
CA TYR U 215 -22.32 -137.50 6.73
C TYR U 215 -22.16 -135.99 6.70
N LEU U 216 -20.92 -135.52 6.75
CA LEU U 216 -20.61 -134.13 6.48
C LEU U 216 -19.76 -134.02 5.22
N PHE U 217 -19.69 -132.81 4.67
CA PHE U 217 -18.92 -132.55 3.47
C PHE U 217 -17.42 -132.50 3.78
N PRO U 218 -16.56 -132.79 2.79
CA PRO U 218 -15.13 -132.47 2.94
C PRO U 218 -14.89 -130.97 2.89
N GLY U 219 -14.58 -130.37 4.04
CA GLY U 219 -14.68 -128.93 4.19
C GLY U 219 -14.55 -128.49 5.63
N PRO U 220 -15.55 -127.74 6.14
CA PRO U 220 -15.44 -127.14 7.48
C PRO U 220 -15.40 -128.13 8.63
N GLU U 221 -15.21 -127.63 9.85
CA GLU U 221 -14.84 -128.48 10.97
C GLU U 221 -16.03 -129.30 11.45
N ALA U 222 -15.76 -130.56 11.79
CA ALA U 222 -16.79 -131.53 12.11
C ALA U 222 -17.15 -131.53 13.59
N GLU U 223 -16.60 -130.59 14.37
CA GLU U 223 -16.85 -130.50 15.80
C GLU U 223 -18.07 -129.65 16.10
N LEU U 224 -18.17 -128.49 15.46
CA LEU U 224 -19.27 -127.57 15.71
C LEU U 224 -20.50 -127.87 14.85
N ILE U 225 -20.35 -128.64 13.78
CA ILE U 225 -21.47 -128.99 12.93
C ILE U 225 -22.19 -130.23 13.45
N ARG U 226 -21.44 -131.19 13.98
CA ARG U 226 -22.02 -132.33 14.67
C ARG U 226 -22.77 -131.90 15.94
N ALA U 227 -22.17 -130.99 16.72
CA ALA U 227 -22.80 -130.50 17.94
C ALA U 227 -23.99 -129.57 17.68
N ALA U 228 -24.08 -128.99 16.48
CA ALA U 228 -25.24 -128.16 16.16
C ALA U 228 -26.50 -128.97 15.91
N ALA U 229 -26.37 -130.27 15.67
CA ALA U 229 -27.55 -131.12 15.49
C ALA U 229 -28.32 -131.30 16.79
N GLU U 230 -27.61 -131.44 17.92
CA GLU U 230 -28.26 -131.55 19.21
C GLU U 230 -28.74 -130.22 19.77
N ALA U 231 -28.35 -129.09 19.16
CA ALA U 231 -28.88 -127.81 19.60
C ALA U 231 -30.35 -127.64 19.23
N SER U 232 -30.78 -128.28 18.15
CA SER U 232 -32.19 -128.32 17.77
C SER U 232 -32.87 -129.62 18.16
N LEU U 233 -32.17 -130.54 18.81
CA LEU U 233 -32.72 -131.83 19.20
C LEU U 233 -32.94 -131.98 20.69
N ARG U 234 -31.99 -131.55 21.54
CA ARG U 234 -32.13 -131.76 22.97
C ARG U 234 -33.20 -130.87 23.60
N ASP U 235 -33.59 -129.79 22.94
CA ASP U 235 -34.77 -129.02 23.32
C ASP U 235 -36.03 -129.49 22.60
N TYR U 236 -35.88 -130.34 21.57
CA TYR U 236 -37.01 -130.88 20.83
C TYR U 236 -37.65 -132.07 21.54
N ILE U 237 -36.83 -132.90 22.19
CA ILE U 237 -37.35 -134.06 22.91
C ILE U 237 -38.14 -133.64 24.14
N SER U 238 -37.73 -132.56 24.80
CA SER U 238 -38.48 -132.03 25.94
C SER U 238 -39.78 -131.33 25.53
N ALA U 239 -39.98 -131.07 24.24
CA ALA U 239 -41.19 -130.42 23.75
C ALA U 239 -42.18 -131.40 23.14
N GLN U 240 -41.91 -132.71 23.24
CA GLN U 240 -42.79 -133.72 22.66
C GLN U 240 -43.98 -134.00 23.60
N ARG U 241 -43.70 -134.26 24.86
CA ARG U 241 -44.75 -134.44 25.87
C ARG U 241 -45.32 -133.13 26.37
N ARG U 242 -44.79 -132.00 25.92
CA ARG U 242 -45.40 -130.70 26.18
C ARG U 242 -46.77 -130.58 25.51
N LEU U 243 -46.97 -131.27 24.39
CA LEU U 243 -48.29 -131.42 23.79
C LEU U 243 -48.85 -132.81 23.92
N GLY U 244 -48.09 -133.76 24.48
CA GLY U 244 -48.60 -135.10 24.67
C GLY U 244 -48.74 -135.91 23.41
N ARG U 245 -48.08 -135.52 22.33
CA ARG U 245 -48.32 -136.10 21.02
C ARG U 245 -47.11 -136.91 20.57
N ASP U 246 -47.17 -137.39 19.34
CA ASP U 246 -46.35 -138.50 18.88
C ASP U 246 -44.97 -138.02 18.44
N ILE U 247 -44.01 -138.93 18.46
CA ILE U 247 -42.76 -138.74 17.75
C ILE U 247 -42.81 -139.60 16.50
N ARG U 248 -42.03 -139.22 15.50
CA ARG U 248 -42.05 -139.93 14.23
C ARG U 248 -40.62 -140.33 13.86
N ARG U 249 -40.52 -141.15 12.82
CA ARG U 249 -39.23 -141.37 12.15
C ARG U 249 -38.70 -140.07 11.56
N SER U 250 -39.58 -139.30 10.91
CA SER U 250 -39.20 -138.02 10.31
C SER U 250 -38.76 -136.97 11.32
N ALA U 251 -39.16 -137.10 12.59
CA ALA U 251 -38.62 -136.24 13.63
C ALA U 251 -37.16 -136.56 13.91
N LEU U 252 -36.76 -137.82 13.71
CA LEU U 252 -35.37 -138.23 13.88
C LEU U 252 -34.52 -137.95 12.65
N PHE U 253 -35.12 -137.53 11.53
CA PHE U 253 -34.36 -137.07 10.38
C PHE U 253 -34.18 -135.55 10.40
N ALA U 254 -35.30 -134.81 10.42
CA ALA U 254 -35.28 -133.36 10.17
C ALA U 254 -34.62 -132.57 11.28
N THR U 255 -34.59 -133.09 12.50
CA THR U 255 -33.90 -132.42 13.60
C THR U 255 -32.40 -132.67 13.60
N LEU U 256 -31.87 -133.40 12.61
CA LEU U 256 -30.44 -133.62 12.47
C LEU U 256 -29.88 -133.02 11.19
N HIS U 257 -30.71 -132.39 10.35
CA HIS U 257 -30.23 -131.70 9.15
C HIS U 257 -29.75 -130.30 9.54
N VAL U 258 -28.44 -130.10 9.46
CA VAL U 258 -27.81 -128.80 9.72
C VAL U 258 -27.05 -128.38 8.48
N GLU U 259 -26.36 -127.24 8.56
CA GLU U 259 -25.55 -126.75 7.44
C GLU U 259 -24.34 -127.66 7.22
N GLY U 260 -24.34 -128.38 6.10
CA GLY U 260 -23.26 -129.29 5.75
C GLY U 260 -23.67 -130.74 5.70
N VAL U 261 -24.93 -131.00 5.37
CA VAL U 261 -25.50 -132.35 5.37
C VAL U 261 -25.97 -132.66 3.95
N GLN U 262 -25.55 -133.82 3.43
CA GLN U 262 -26.04 -134.28 2.14
C GLN U 262 -26.93 -135.51 2.21
N ARG U 263 -26.77 -136.37 3.22
CA ARG U 263 -27.71 -137.46 3.47
C ARG U 263 -27.62 -137.88 4.93
N VAL U 264 -28.71 -138.45 5.43
CA VAL U 264 -28.82 -138.98 6.78
C VAL U 264 -29.33 -140.41 6.71
N GLU U 265 -29.42 -141.05 7.87
CA GLU U 265 -29.78 -142.46 7.95
C GLU U 265 -30.29 -142.77 9.35
N LEU U 266 -31.17 -143.77 9.45
CA LEU U 266 -31.80 -144.15 10.70
C LEU U 266 -31.89 -145.66 10.80
N GLN U 267 -31.60 -146.21 11.98
CA GLN U 267 -31.69 -147.64 12.23
C GLN U 267 -32.46 -148.03 13.49
N GLU U 268 -32.73 -147.11 14.41
CA GLU U 268 -33.19 -147.50 15.74
C GLU U 268 -34.64 -147.99 15.77
N PRO U 269 -35.61 -147.42 15.04
CA PRO U 269 -36.86 -148.16 14.86
C PRO U 269 -36.89 -149.01 13.59
N ALA U 270 -37.42 -150.22 13.72
CA ALA U 270 -37.79 -151.01 12.54
C ALA U 270 -39.08 -150.49 11.92
N ALA U 271 -40.06 -150.14 12.76
CA ALA U 271 -41.26 -149.45 12.34
C ALA U 271 -41.60 -148.40 13.39
N ASP U 272 -42.36 -147.40 12.97
CA ASP U 272 -42.70 -146.29 13.85
C ASP U 272 -43.69 -146.74 14.94
N VAL U 273 -43.61 -146.08 16.09
CA VAL U 273 -44.47 -146.37 17.21
C VAL U 273 -45.58 -145.32 17.25
N VAL U 274 -46.62 -145.58 18.03
CA VAL U 274 -47.74 -144.66 18.18
C VAL U 274 -47.77 -144.17 19.63
N LEU U 275 -47.95 -142.87 19.80
CA LEU U 275 -48.10 -142.24 21.12
C LEU U 275 -49.33 -141.35 21.09
N ASP U 276 -50.41 -141.79 21.72
CA ASP U 276 -51.67 -141.05 21.70
C ASP U 276 -51.62 -139.92 22.74
N GLU U 277 -52.79 -139.32 23.02
CA GLU U 277 -52.88 -138.31 24.07
C GLU U 277 -52.73 -138.91 25.46
N THR U 278 -53.02 -140.20 25.62
CA THR U 278 -52.76 -140.90 26.88
C THR U 278 -51.36 -141.49 26.91
N GLN U 279 -50.95 -142.19 25.85
CA GLN U 279 -49.68 -142.90 25.84
C GLN U 279 -48.52 -141.93 25.67
N ALA U 280 -47.50 -142.09 26.51
CA ALA U 280 -46.29 -141.28 26.43
C ALA U 280 -45.09 -142.16 26.72
N ALA U 281 -43.90 -141.63 26.47
CA ALA U 281 -42.67 -142.38 26.64
C ALA U 281 -41.55 -141.42 27.02
N TYR U 282 -40.37 -141.97 27.27
CA TYR U 282 -39.22 -141.18 27.70
C TYR U 282 -38.00 -141.67 26.95
N CYS U 283 -37.07 -140.74 26.69
CA CYS U 283 -35.84 -141.03 25.97
C CYS U 283 -34.66 -140.95 26.93
N THR U 284 -33.93 -142.06 27.05
CA THR U 284 -32.89 -142.16 28.07
C THR U 284 -31.59 -141.52 27.61
N GLY U 285 -30.98 -142.06 26.57
CA GLY U 285 -29.68 -141.59 26.13
C GLY U 285 -29.37 -141.80 24.66
N TYR U 286 -28.85 -140.77 24.02
CA TYR U 286 -28.61 -140.77 22.58
C TYR U 286 -27.12 -140.86 22.28
N ALA U 287 -26.81 -141.22 21.03
CA ALA U 287 -25.43 -141.25 20.55
C ALA U 287 -25.46 -140.98 19.06
N ILE U 288 -25.25 -139.72 18.67
CA ILE U 288 -25.21 -139.30 17.28
C ILE U 288 -23.77 -138.95 16.94
N THR U 289 -23.14 -139.76 16.09
CA THR U 289 -21.78 -139.55 15.61
C THR U 289 -21.80 -139.45 14.08
N LEU U 290 -20.60 -139.39 13.49
CA LEU U 290 -20.45 -139.37 12.05
C LEU U 290 -19.97 -140.72 11.53
N GLY U 291 -20.33 -141.01 10.28
CA GLY U 291 -19.87 -142.20 9.62
C GLY U 291 -18.51 -142.05 8.94
N GLY U 292 -18.18 -140.82 8.58
CA GLY U 292 -16.91 -140.53 7.93
C GLY U 292 -15.71 -140.61 8.84
N ILE V 2 135.94 -14.07 -17.18
CA ILE V 2 134.71 -14.17 -16.41
C ILE V 2 134.40 -12.83 -15.75
N ILE V 3 133.54 -12.05 -16.40
CA ILE V 3 133.19 -10.71 -15.95
C ILE V 3 131.68 -10.64 -15.81
N ASP V 4 131.22 -10.20 -14.64
CA ASP V 4 129.79 -10.07 -14.37
C ASP V 4 129.20 -8.96 -15.24
N LEU V 5 128.18 -9.31 -16.02
CA LEU V 5 127.49 -8.35 -16.86
C LEU V 5 126.34 -7.67 -16.15
N SER V 6 125.97 -8.14 -14.95
CA SER V 6 124.83 -7.61 -14.21
C SER V 6 125.21 -6.45 -13.30
N GLN V 7 126.25 -5.70 -13.65
CA GLN V 7 126.66 -4.51 -12.90
C GLN V 7 126.72 -3.27 -13.79
N LEU V 8 125.99 -3.28 -14.89
CA LEU V 8 125.97 -2.22 -15.88
C LEU V 8 124.70 -1.39 -15.74
N PRO V 9 124.60 -0.25 -16.43
CA PRO V 9 123.30 0.41 -16.58
C PRO V 9 122.32 -0.47 -17.35
N GLU V 10 121.03 -0.25 -17.08
CA GLU V 10 120.00 -1.16 -17.58
C GLU V 10 119.78 -0.96 -19.08
N PRO V 11 119.64 -2.05 -19.83
CA PRO V 11 119.22 -1.93 -21.23
C PRO V 11 117.70 -1.82 -21.34
N GLU V 12 117.25 -0.99 -22.28
CA GLU V 12 115.83 -0.81 -22.54
C GLU V 12 115.49 -1.50 -23.86
N VAL V 13 114.68 -2.55 -23.78
CA VAL V 13 114.27 -3.26 -24.99
C VAL V 13 113.12 -2.54 -25.67
N ILE V 14 112.16 -2.06 -24.89
CA ILE V 14 111.20 -1.06 -25.32
C ILE V 14 111.62 0.28 -24.73
N GLU V 15 111.34 1.36 -25.46
CA GLU V 15 111.62 2.69 -24.95
C GLU V 15 110.70 3.02 -23.78
N ASN V 16 111.22 3.80 -22.83
CA ASN V 16 110.52 4.08 -21.58
C ASN V 16 110.20 5.56 -21.53
N LEU V 17 109.07 5.94 -22.14
CA LEU V 17 108.64 7.32 -22.18
C LEU V 17 108.06 7.74 -20.84
N ASP V 18 108.12 9.04 -20.56
CA ASP V 18 107.53 9.57 -19.34
C ASP V 18 106.02 9.79 -19.54
N PHE V 19 105.37 10.23 -18.46
CA PHE V 19 103.91 10.26 -18.39
C PHE V 19 103.30 11.29 -19.33
N GLU V 20 104.04 12.35 -19.66
CA GLU V 20 103.46 13.46 -20.41
C GLU V 20 103.43 13.20 -21.92
N THR V 21 104.50 12.66 -22.49
CA THR V 21 104.50 12.41 -23.94
C THR V 21 103.72 11.17 -24.32
N ILE V 22 103.39 10.30 -23.35
CA ILE V 22 102.43 9.23 -23.61
C ILE V 22 101.02 9.80 -23.71
N TYR V 23 100.71 10.80 -22.89
CA TYR V 23 99.37 11.38 -22.84
C TYR V 23 99.04 12.14 -24.13
N GLN V 24 99.95 13.00 -24.59
CA GLN V 24 99.71 13.73 -25.83
C GLN V 24 99.79 12.84 -27.06
N GLU V 25 100.48 11.70 -26.99
CA GLU V 25 100.45 10.75 -28.09
C GLU V 25 99.10 10.05 -28.19
N LEU V 26 98.42 9.85 -27.06
CA LEU V 26 97.08 9.27 -27.08
C LEU V 26 96.05 10.28 -27.55
N LEU V 27 96.22 11.55 -27.16
CA LEU V 27 95.29 12.60 -27.56
C LEU V 27 95.30 12.82 -29.07
N GLY V 28 96.48 12.75 -29.69
CA GLY V 28 96.57 12.91 -31.14
C GLY V 28 95.83 11.83 -31.90
N ASP V 29 95.97 10.58 -31.45
CA ASP V 29 95.22 9.46 -32.04
C ASP V 29 93.72 9.64 -31.79
N PHE V 30 93.36 10.14 -30.60
CA PHE V 30 91.96 10.37 -30.26
C PHE V 30 91.31 11.43 -31.15
N ARG V 31 92.05 12.50 -31.46
CA ARG V 31 91.52 13.55 -32.34
C ARG V 31 91.27 13.04 -33.75
N GLU V 32 92.17 12.18 -34.25
CA GLU V 32 91.97 11.59 -35.58
C GLU V 32 90.74 10.70 -35.61
N ALA V 33 90.52 9.92 -34.55
CA ALA V 33 89.34 9.06 -34.47
C ALA V 33 88.06 9.87 -34.39
N MET V 34 88.08 10.96 -33.62
CA MET V 34 86.92 11.82 -33.44
C MET V 34 86.84 12.97 -34.44
N ALA V 35 87.63 12.92 -35.51
CA ALA V 35 87.70 13.99 -36.51
C ALA V 35 86.32 14.31 -37.07
N GLY V 36 85.93 15.59 -37.00
CA GLY V 36 84.61 16.00 -37.40
C GLY V 36 83.61 16.02 -36.27
N GLU V 37 83.96 15.45 -35.11
CA GLU V 37 83.08 15.38 -33.96
C GLU V 37 83.64 16.03 -32.71
N TRP V 38 84.90 16.47 -32.73
CA TRP V 38 85.50 17.05 -31.53
C TRP V 38 84.85 18.39 -31.19
N THR V 39 84.55 18.57 -29.91
CA THR V 39 83.98 19.80 -29.39
C THR V 39 84.65 20.07 -28.05
N ALA V 40 84.58 21.33 -27.60
CA ALA V 40 85.13 21.69 -26.30
C ALA V 40 84.40 20.94 -25.19
N GLU V 41 83.10 20.73 -25.34
CA GLU V 41 82.31 19.97 -24.38
C GLU V 41 82.75 18.51 -24.32
N VAL V 42 83.23 17.96 -25.44
CA VAL V 42 83.65 16.55 -25.49
C VAL V 42 84.81 16.29 -24.55
N GLU V 43 85.76 17.22 -24.45
CA GLU V 43 86.90 17.05 -23.54
C GLU V 43 86.49 17.51 -22.13
N SER V 44 85.58 16.74 -21.55
CA SER V 44 85.05 17.00 -20.22
C SER V 44 86.00 16.42 -19.17
N ASP V 45 85.71 16.77 -17.92
CA ASP V 45 86.51 16.26 -16.80
C ASP V 45 86.46 14.74 -16.62
N PRO V 46 85.32 14.03 -16.74
CA PRO V 46 85.39 12.55 -16.65
C PRO V 46 86.17 11.90 -17.77
N VAL V 47 86.08 12.44 -18.99
CA VAL V 47 86.78 11.88 -20.14
C VAL V 47 88.28 12.07 -20.00
N LEU V 48 88.71 13.26 -19.54
CA LEU V 48 90.14 13.54 -19.36
C LEU V 48 90.76 12.66 -18.28
N LYS V 49 90.05 12.44 -17.16
CA LYS V 49 90.57 11.57 -16.11
C LYS V 49 90.63 10.11 -16.53
N LEU V 50 89.84 9.70 -17.53
CA LEU V 50 90.03 8.40 -18.16
C LEU V 50 91.32 8.38 -18.97
N LEU V 51 91.61 9.46 -19.70
CA LEU V 51 92.82 9.53 -20.50
C LEU V 51 94.07 9.70 -19.65
N GLN V 52 93.94 10.26 -18.43
CA GLN V 52 95.09 10.30 -17.53
C GLN V 52 95.36 8.95 -16.90
N LEU V 53 94.34 8.09 -16.79
CA LEU V 53 94.59 6.70 -16.41
C LEU V 53 95.31 5.97 -17.52
N ALA V 54 94.82 6.12 -18.76
CA ALA V 54 95.37 5.36 -19.89
C ALA V 54 96.80 5.77 -20.20
N ALA V 55 97.17 7.03 -19.96
CA ALA V 55 98.56 7.42 -20.07
C ALA V 55 99.43 6.81 -18.98
N TYR V 56 98.83 6.41 -17.86
CA TYR V 56 99.55 5.76 -16.77
C TYR V 56 99.59 4.24 -16.90
N ARG V 57 98.67 3.62 -17.65
CA ARG V 57 98.64 2.16 -17.68
C ARG V 57 99.74 1.58 -18.56
N GLU V 58 100.02 2.21 -19.71
CA GLU V 58 101.18 1.79 -20.48
C GLU V 58 102.46 2.47 -20.01
N LEU V 59 102.38 3.39 -19.04
CA LEU V 59 103.55 3.71 -18.25
C LEU V 59 103.94 2.54 -17.36
N LEU V 60 102.97 1.74 -16.94
CA LEU V 60 103.21 0.50 -16.22
C LEU V 60 103.32 -0.71 -17.14
N LEU V 61 103.17 -0.53 -18.46
CA LEU V 61 103.42 -1.61 -19.40
C LEU V 61 104.76 -1.48 -20.11
N ARG V 62 105.22 -0.25 -20.36
CA ARG V 62 106.60 -0.07 -20.79
C ARG V 62 107.57 -0.42 -19.66
N ALA V 63 107.13 -0.26 -18.40
CA ALA V 63 107.86 -0.75 -17.25
C ALA V 63 107.70 -2.24 -17.05
N ARG V 64 106.62 -2.84 -17.59
CA ARG V 64 106.42 -4.28 -17.49
C ARG V 64 107.27 -5.05 -18.47
N ILE V 65 107.37 -4.57 -19.71
CA ILE V 65 108.18 -5.23 -20.72
C ILE V 65 109.67 -5.13 -20.37
N ASN V 66 110.09 -4.00 -19.80
CA ASN V 66 111.48 -3.84 -19.39
C ASN V 66 111.82 -4.71 -18.19
N ASP V 67 110.94 -4.78 -17.19
CA ASP V 67 111.21 -5.60 -16.01
C ASP V 67 111.11 -7.09 -16.30
N ALA V 68 110.38 -7.48 -17.34
CA ALA V 68 110.37 -8.88 -17.77
C ALA V 68 111.63 -9.24 -18.56
N ALA V 69 112.11 -8.31 -19.38
CA ALA V 69 113.28 -8.58 -20.22
C ALA V 69 114.58 -8.56 -19.44
N ARG V 70 114.59 -7.97 -18.24
CA ARG V 70 115.76 -8.11 -17.36
C ARG V 70 115.92 -9.54 -16.88
N ALA V 71 114.86 -10.13 -16.33
CA ALA V 71 114.91 -11.46 -15.72
C ALA V 71 114.92 -12.61 -16.73
N VAL V 72 115.00 -12.33 -18.03
CA VAL V 72 115.22 -13.35 -19.03
C VAL V 72 116.69 -13.44 -19.42
N MET V 73 117.33 -12.30 -19.64
CA MET V 73 118.76 -12.24 -19.87
C MET V 73 119.52 -12.50 -18.58
N LEU V 74 120.70 -13.12 -18.70
CA LEU V 74 121.57 -13.35 -17.54
C LEU V 74 122.04 -12.05 -16.91
N ALA V 75 122.14 -10.98 -17.69
CA ALA V 75 122.30 -9.64 -17.15
C ALA V 75 121.06 -9.24 -16.37
N TYR V 76 121.20 -9.11 -15.05
CA TYR V 76 120.14 -8.75 -14.11
C TYR V 76 119.00 -9.78 -14.10
N ALA V 77 119.37 -11.02 -13.82
CA ALA V 77 118.42 -12.06 -13.45
C ALA V 77 118.58 -12.39 -11.97
N SER V 78 117.46 -12.58 -11.29
CA SER V 78 117.44 -12.76 -9.84
C SER V 78 117.17 -14.22 -9.50
N GLY V 79 117.10 -14.50 -8.19
CA GLY V 79 116.98 -15.86 -7.71
C GLY V 79 115.65 -16.50 -8.06
N ALA V 80 115.65 -17.85 -7.99
CA ALA V 80 114.54 -18.72 -8.40
C ALA V 80 114.12 -18.53 -9.85
N ASP V 81 115.03 -18.01 -10.69
CA ASP V 81 114.77 -17.82 -12.11
C ASP V 81 115.92 -18.27 -12.99
N LEU V 82 117.14 -18.40 -12.46
CA LEU V 82 118.23 -19.05 -13.18
C LEU V 82 118.05 -20.55 -13.32
N ASP V 83 117.18 -21.17 -12.53
CA ASP V 83 116.88 -22.59 -12.73
C ASP V 83 116.20 -22.85 -14.07
N GLN V 84 115.46 -21.88 -14.60
CA GLN V 84 114.92 -22.01 -15.94
C GLN V 84 115.94 -21.66 -17.00
N ILE V 85 116.91 -20.81 -16.69
CA ILE V 85 117.96 -20.47 -17.64
C ILE V 85 119.09 -21.49 -17.61
N GLY V 86 119.49 -21.92 -16.41
CA GLY V 86 120.53 -22.93 -16.28
C GLY V 86 120.13 -24.31 -16.78
N ALA V 87 118.82 -24.60 -16.83
CA ALA V 87 118.38 -25.84 -17.47
C ALA V 87 118.63 -25.81 -18.96
N GLY V 88 118.62 -24.63 -19.58
CA GLY V 88 119.06 -24.45 -20.95
C GLY V 88 120.55 -24.48 -21.16
N PHE V 89 121.34 -24.50 -20.07
CA PHE V 89 122.79 -24.54 -20.14
C PHE V 89 123.39 -25.66 -19.29
N ASN V 90 122.57 -26.68 -18.96
CA ASN V 90 122.98 -27.87 -18.19
C ASN V 90 123.53 -27.48 -16.81
N VAL V 91 122.94 -26.47 -16.20
CA VAL V 91 123.37 -25.97 -14.89
C VAL V 91 122.28 -26.28 -13.87
N GLN V 92 122.58 -27.19 -12.95
CA GLN V 92 121.74 -27.51 -11.81
C GLN V 92 122.43 -27.07 -10.53
N ARG V 93 121.67 -26.43 -9.64
CA ARG V 93 122.24 -26.05 -8.35
C ARG V 93 122.46 -27.28 -7.49
N LEU V 94 123.59 -27.29 -6.78
CA LEU V 94 123.98 -28.41 -5.93
C LEU V 94 123.90 -27.99 -4.47
N LEU V 95 124.25 -28.93 -3.58
CA LEU V 95 124.11 -28.72 -2.15
C LEU V 95 125.48 -28.43 -1.53
N ILE V 96 125.59 -27.27 -0.89
CA ILE V 96 126.76 -26.89 -0.10
C ILE V 96 126.27 -26.82 1.35
N ARG V 97 126.59 -27.87 2.13
CA ARG V 97 126.14 -28.20 3.49
C ARG V 97 124.63 -27.98 3.64
N PRO V 98 123.80 -28.89 3.08
CA PRO V 98 122.35 -28.67 3.06
C PRO V 98 121.67 -28.84 4.41
N ALA V 99 120.33 -28.85 4.39
CA ALA V 99 119.52 -28.84 5.60
C ALA V 99 119.58 -30.20 6.31
N GLN V 100 120.65 -30.40 7.08
CA GLN V 100 120.67 -31.47 8.07
C GLN V 100 120.28 -30.89 9.42
N PRO V 101 119.11 -31.24 9.96
CA PRO V 101 118.73 -30.74 11.30
C PRO V 101 119.49 -31.43 12.43
N GLU V 102 120.67 -30.89 12.75
CA GLU V 102 121.36 -31.26 13.98
C GLU V 102 120.48 -31.06 15.21
N ALA V 103 119.85 -29.90 15.32
CA ALA V 103 118.71 -29.70 16.20
C ALA V 103 117.51 -29.25 15.36
N VAL V 104 116.32 -29.72 15.74
CA VAL V 104 115.15 -29.66 14.86
C VAL V 104 114.55 -28.25 14.76
N PRO V 105 114.39 -27.44 15.82
CA PRO V 105 113.89 -26.05 15.59
C PRO V 105 114.88 -25.14 14.86
N PRO V 106 116.24 -25.17 15.13
CA PRO V 106 117.10 -24.32 14.28
C PRO V 106 117.38 -24.92 12.91
N VAL V 107 116.47 -24.70 11.95
CA VAL V 107 116.66 -25.21 10.60
C VAL V 107 117.76 -24.41 9.93
N GLU V 108 118.69 -25.10 9.26
CA GLU V 108 119.80 -24.46 8.56
C GLU V 108 119.82 -24.93 7.11
N ALA V 109 119.05 -24.27 6.27
CA ALA V 109 118.99 -24.58 4.84
C ALA V 109 119.80 -23.56 4.07
N GLN V 110 120.57 -24.02 3.08
CA GLN V 110 121.44 -23.13 2.34
C GLN V 110 121.74 -23.72 0.97
N TYR V 111 121.66 -22.88 -0.05
CA TYR V 111 121.95 -23.24 -1.43
C TYR V 111 123.15 -22.41 -1.91
N GLU V 112 123.46 -22.53 -3.21
CA GLU V 112 124.41 -21.63 -3.83
C GLU V 112 123.79 -20.25 -4.03
N SER V 113 124.56 -19.21 -3.71
CA SER V 113 124.11 -17.84 -3.86
C SER V 113 124.21 -17.40 -5.32
N ASP V 114 123.82 -16.15 -5.59
CA ASP V 114 123.96 -15.57 -6.92
C ASP V 114 125.41 -15.16 -7.18
N LYS V 115 125.63 -14.61 -8.39
CA LYS V 115 126.85 -14.02 -8.96
C LYS V 115 128.05 -14.96 -9.00
N SER V 116 127.88 -16.23 -8.60
CA SER V 116 128.82 -17.30 -8.91
C SER V 116 128.17 -18.46 -9.65
N LEU V 117 126.87 -18.68 -9.47
CA LEU V 117 126.18 -19.68 -10.27
C LEU V 117 125.97 -19.19 -11.70
N ARG V 118 125.81 -17.88 -11.86
CA ARG V 118 125.76 -17.28 -13.21
C ARG V 118 127.10 -17.46 -13.93
N ASN V 119 128.20 -17.37 -13.19
CA ASN V 119 129.54 -17.57 -13.76
C ASN V 119 129.69 -18.97 -14.32
N ARG V 120 129.14 -19.97 -13.62
CA ARG V 120 129.15 -21.34 -14.13
C ARG V 120 128.33 -21.46 -15.42
N ILE V 121 127.22 -20.73 -15.50
CA ILE V 121 126.41 -20.67 -16.72
C ILE V 121 127.21 -20.03 -17.84
N GLN V 122 128.02 -19.03 -17.51
CA GLN V 122 128.91 -18.41 -18.49
C GLN V 122 129.94 -19.42 -19.01
N LEU V 123 130.41 -20.30 -18.14
CA LEU V 123 131.38 -21.33 -18.50
C LEU V 123 130.73 -22.62 -18.99
N ALA V 124 129.41 -22.63 -19.17
CA ALA V 124 128.71 -23.85 -19.63
C ALA V 124 129.17 -24.27 -21.01
N PHE V 125 129.34 -23.32 -21.93
CA PHE V 125 129.81 -23.65 -23.27
C PHE V 125 131.29 -23.94 -23.32
N GLU V 126 132.04 -23.58 -22.28
CA GLU V 126 133.44 -23.92 -22.16
C GLU V 126 133.66 -25.29 -21.52
N GLN V 127 132.59 -26.03 -21.27
CA GLN V 127 132.66 -27.40 -20.78
C GLN V 127 132.22 -28.43 -21.81
N LEU V 128 131.81 -27.99 -23.00
CA LEU V 128 131.45 -28.92 -24.06
C LEU V 128 132.68 -29.61 -24.65
N SER V 129 133.70 -28.84 -24.99
CA SER V 129 134.88 -29.39 -25.65
C SER V 129 135.73 -30.17 -24.66
N VAL V 130 135.89 -31.47 -24.93
CA VAL V 130 136.69 -32.34 -24.10
C VAL V 130 138.10 -32.53 -24.67
N ALA V 131 138.40 -31.89 -25.80
CA ALA V 131 139.74 -31.83 -26.38
C ALA V 131 140.64 -30.78 -25.72
N GLY V 132 140.21 -30.20 -24.60
CA GLY V 132 141.01 -29.29 -23.82
C GLY V 132 141.43 -27.99 -24.47
N PRO V 133 140.48 -27.04 -24.69
CA PRO V 133 140.89 -25.65 -24.99
C PRO V 133 141.40 -24.93 -23.75
N ARG V 134 141.63 -23.61 -23.88
CA ARG V 134 142.21 -22.82 -22.80
C ARG V 134 141.30 -22.72 -21.59
N ASN V 135 139.99 -22.76 -21.80
CA ASN V 135 139.03 -22.54 -20.73
C ASN V 135 138.44 -23.83 -20.14
N ALA V 136 138.58 -24.97 -20.82
CA ALA V 136 138.04 -26.21 -20.28
C ALA V 136 138.82 -26.71 -19.08
N TYR V 137 140.13 -26.43 -19.03
CA TYR V 137 140.87 -26.67 -17.80
C TYR V 137 140.44 -25.72 -16.69
N ILE V 138 140.04 -24.50 -17.06
CA ILE V 138 139.51 -23.55 -16.08
C ILE V 138 138.11 -23.98 -15.63
N ALA V 139 137.19 -24.11 -16.58
CA ALA V 139 135.77 -24.30 -16.29
C ALA V 139 135.43 -25.64 -15.64
N HIS V 140 136.35 -26.61 -15.62
CA HIS V 140 136.15 -27.82 -14.84
C HIS V 140 136.77 -27.74 -13.46
N ALA V 141 137.78 -26.88 -13.27
CA ALA V 141 138.41 -26.72 -11.97
C ALA V 141 137.58 -25.89 -11.00
N LEU V 142 136.53 -25.21 -11.47
CA LEU V 142 135.62 -24.49 -10.59
C LEU V 142 134.50 -25.36 -10.03
N GLY V 143 134.65 -26.68 -10.07
CA GLY V 143 133.69 -27.56 -9.43
C GLY V 143 133.83 -27.64 -7.92
N ALA V 144 135.03 -27.33 -7.41
CA ALA V 144 135.28 -27.34 -5.98
C ALA V 144 134.86 -26.01 -5.37
N ASP V 145 134.83 -25.98 -4.03
CA ASP V 145 134.35 -24.83 -3.29
C ASP V 145 135.45 -24.09 -2.53
N GLY V 146 136.45 -24.82 -2.02
CA GLY V 146 137.51 -24.20 -1.25
C GLY V 146 138.66 -23.65 -2.05
N ARG V 147 138.38 -23.04 -3.21
CA ARG V 147 139.43 -22.51 -4.08
C ARG V 147 138.93 -21.21 -4.72
N VAL V 148 139.71 -20.72 -5.68
CA VAL V 148 139.32 -19.67 -6.61
C VAL V 148 139.68 -20.17 -8.02
N ALA V 149 139.41 -19.35 -9.03
CA ALA V 149 139.50 -19.76 -10.42
C ALA V 149 140.96 -20.00 -10.84
N ASP V 150 141.13 -20.46 -12.08
CA ASP V 150 142.38 -21.01 -12.55
C ASP V 150 142.84 -20.22 -13.78
N ALA V 151 144.14 -20.28 -14.07
CA ALA V 151 144.70 -19.75 -15.29
C ALA V 151 145.66 -20.75 -15.90
N SER V 152 145.72 -20.77 -17.23
CA SER V 152 146.53 -21.72 -17.98
C SER V 152 147.60 -20.97 -18.77
N ALA V 153 148.78 -21.58 -18.84
CA ALA V 153 149.90 -21.04 -19.62
C ALA V 153 150.81 -22.20 -20.00
N THR V 154 151.76 -21.91 -20.90
CA THR V 154 152.76 -22.90 -21.29
C THR V 154 154.01 -22.16 -21.74
N SER V 155 155.03 -22.16 -20.89
CA SER V 155 156.40 -21.83 -21.27
C SER V 155 157.19 -23.00 -21.88
N PRO V 156 157.24 -24.25 -21.25
CA PRO V 156 158.15 -25.28 -21.80
C PRO V 156 157.67 -25.93 -23.08
N ALA V 157 158.38 -27.01 -23.46
CA ALA V 157 158.12 -27.96 -24.55
C ALA V 157 156.66 -28.40 -24.61
N PRO V 158 156.12 -28.71 -25.80
CA PRO V 158 154.66 -28.91 -25.93
C PRO V 158 154.16 -30.17 -25.24
N CYS V 159 152.83 -30.19 -25.07
CA CYS V 159 152.10 -31.13 -24.20
C CYS V 159 152.66 -31.14 -22.78
N GLU V 160 152.99 -29.95 -22.28
CA GLU V 160 153.33 -29.72 -20.87
C GLU V 160 152.54 -28.49 -20.42
N VAL V 161 151.44 -28.71 -19.73
CA VAL V 161 150.52 -27.64 -19.37
C VAL V 161 150.91 -27.10 -17.99
N LEU V 162 151.05 -25.78 -17.90
CA LEU V 162 151.31 -25.09 -16.64
C LEU V 162 150.04 -24.39 -16.20
N ILE V 163 149.29 -25.04 -15.31
CA ILE V 163 148.09 -24.45 -14.72
C ILE V 163 148.41 -24.01 -13.29
N SER V 164 147.93 -22.82 -12.94
CA SER V 164 148.24 -22.19 -11.65
C SER V 164 147.00 -22.28 -10.78
N VAL V 165 146.96 -23.28 -9.90
CA VAL V 165 145.78 -23.51 -9.07
C VAL V 165 145.89 -22.55 -7.88
N LEU V 166 145.21 -21.42 -7.98
CA LEU V 166 145.13 -20.46 -6.89
C LEU V 166 143.90 -20.78 -6.03
N GLY V 167 143.96 -20.37 -4.76
CA GLY V 167 142.88 -20.63 -3.85
C GLY V 167 142.69 -19.52 -2.83
N VAL V 168 141.46 -19.02 -2.72
CA VAL V 168 141.12 -18.01 -1.72
C VAL V 168 140.46 -18.74 -0.56
N GLU V 169 141.20 -18.91 0.52
CA GLU V 169 140.63 -19.27 1.82
C GLU V 169 141.24 -18.49 2.97
N GLY V 170 142.36 -17.80 2.77
CA GLY V 170 143.01 -17.08 3.84
C GLY V 170 144.38 -16.56 3.46
N ASN V 171 145.37 -16.79 4.32
CA ASN V 171 146.74 -16.32 4.10
C ASN V 171 147.44 -17.21 3.08
N GLY V 172 147.26 -16.90 1.80
CA GLY V 172 148.12 -17.43 0.76
C GLY V 172 148.02 -18.91 0.43
N GLN V 173 149.01 -19.68 0.89
CA GLN V 173 149.29 -21.06 0.48
C GLN V 173 148.09 -21.98 0.65
N ALA V 174 147.66 -22.59 -0.47
CA ALA V 174 146.62 -23.59 -0.46
C ALA V 174 147.18 -24.95 -0.01
N PRO V 175 146.36 -25.77 0.65
CA PRO V 175 146.85 -27.08 1.11
C PRO V 175 147.04 -28.04 -0.05
N GLU V 176 147.99 -28.95 0.12
CA GLU V 176 148.29 -29.93 -0.91
C GLU V 176 147.23 -31.02 -1.01
N ALA V 177 146.49 -31.28 0.07
CA ALA V 177 145.36 -32.21 -0.02
C ALA V 177 144.21 -31.63 -0.82
N VAL V 178 144.04 -30.30 -0.78
CA VAL V 178 143.06 -29.64 -1.62
C VAL V 178 143.57 -29.59 -3.06
N LEU V 179 144.90 -29.59 -3.24
CA LEU V 179 145.50 -29.57 -4.57
C LEU V 179 145.25 -30.87 -5.33
N GLN V 180 145.07 -31.98 -4.62
CA GLN V 180 144.86 -33.27 -5.26
C GLN V 180 143.46 -33.41 -5.85
N ALA V 181 142.53 -32.51 -5.51
CA ALA V 181 141.16 -32.62 -5.98
C ALA V 181 141.00 -32.26 -7.45
N VAL V 182 141.97 -31.54 -8.03
CA VAL V 182 141.84 -31.16 -9.44
C VAL V 182 142.10 -32.37 -10.33
N ARG V 183 142.90 -33.33 -9.88
CA ARG V 183 143.08 -34.57 -10.62
C ARG V 183 141.86 -35.47 -10.49
N LEU V 184 141.09 -35.33 -9.41
CA LEU V 184 139.78 -35.96 -9.34
C LEU V 184 138.73 -35.22 -10.14
N ALA V 185 138.94 -33.94 -10.45
CA ALA V 185 138.06 -33.21 -11.33
C ALA V 185 138.53 -33.21 -12.78
N LEU V 186 139.77 -33.65 -13.05
CA LEU V 186 140.32 -33.73 -14.40
C LEU V 186 140.92 -35.12 -14.58
N ASN V 187 140.08 -36.10 -14.89
CA ASN V 187 140.55 -37.45 -15.20
C ASN V 187 140.09 -37.90 -16.59
N ALA V 188 138.80 -37.77 -16.87
CA ALA V 188 138.23 -38.07 -18.19
C ALA V 188 137.73 -36.82 -18.88
N GLU V 189 138.24 -35.64 -18.50
CA GLU V 189 137.94 -34.39 -19.17
C GLU V 189 139.11 -33.84 -19.98
N ASP V 190 140.35 -34.23 -19.68
CA ASP V 190 141.50 -33.74 -20.41
C ASP V 190 141.68 -34.55 -21.70
N VAL V 191 142.79 -34.33 -22.39
CA VAL V 191 143.25 -35.24 -23.43
C VAL V 191 144.20 -36.23 -22.78
N ARG V 192 144.25 -37.45 -23.30
CA ARG V 192 145.10 -38.47 -22.71
C ARG V 192 146.61 -38.32 -23.02
N PRO V 193 147.06 -37.98 -24.24
CA PRO V 193 148.51 -37.75 -24.41
C PRO V 193 149.04 -36.52 -23.70
N VAL V 194 148.22 -35.48 -23.50
CA VAL V 194 148.70 -34.26 -22.87
C VAL V 194 148.90 -34.51 -21.38
N ALA V 195 149.87 -33.79 -20.80
CA ALA V 195 150.25 -34.02 -19.40
C ALA V 195 150.54 -32.68 -18.75
N ASP V 196 149.83 -32.38 -17.66
CA ASP V 196 149.94 -31.11 -16.97
C ASP V 196 150.82 -31.26 -15.73
N ARG V 197 151.46 -30.16 -15.34
CA ARG V 197 152.04 -30.02 -14.01
C ARG V 197 151.18 -29.06 -13.20
N VAL V 198 151.05 -29.33 -11.91
CA VAL V 198 150.13 -28.61 -11.04
C VAL V 198 150.96 -27.81 -10.04
N THR V 199 151.08 -26.52 -10.27
CA THR V 199 151.78 -25.61 -9.37
C THR V 199 150.75 -24.70 -8.72
N VAL V 200 150.74 -24.68 -7.38
CA VAL V 200 149.79 -23.83 -6.66
C VAL V 200 150.23 -22.37 -6.70
N ARG V 201 151.50 -22.09 -6.44
CA ARG V 201 152.07 -20.75 -6.52
C ARG V 201 153.23 -20.82 -7.52
N SER V 202 152.99 -20.31 -8.73
CA SER V 202 153.93 -20.49 -9.84
C SER V 202 154.86 -19.31 -10.05
N ALA V 203 154.68 -18.20 -9.34
CA ALA V 203 155.58 -17.07 -9.52
C ALA V 203 156.12 -16.54 -8.20
N GLY V 204 155.34 -16.63 -7.13
CA GLY V 204 155.79 -16.10 -5.85
C GLY V 204 154.81 -15.13 -5.23
N ILE V 205 154.92 -14.89 -3.93
CA ILE V 205 154.00 -14.03 -3.19
C ILE V 205 154.81 -12.90 -2.56
N VAL V 206 154.45 -11.66 -2.89
CA VAL V 206 155.05 -10.49 -2.25
C VAL V 206 153.99 -9.81 -1.38
N PRO V 207 154.36 -9.31 -0.19
CA PRO V 207 153.35 -8.70 0.70
C PRO V 207 153.03 -7.26 0.27
N TYR V 208 151.75 -6.96 0.15
CA TYR V 208 151.28 -5.64 -0.22
C TYR V 208 150.42 -5.03 0.88
N GLN V 209 150.32 -3.70 0.87
CA GLN V 209 149.45 -2.95 1.77
C GLN V 209 148.83 -1.80 1.00
N VAL V 210 148.06 -0.97 1.70
CA VAL V 210 147.64 0.33 1.21
C VAL V 210 147.48 1.26 2.41
N LYS V 211 147.84 2.53 2.23
CA LYS V 211 147.68 3.56 3.26
C LYS V 211 147.04 4.77 2.62
N ALA V 212 145.80 5.07 2.99
CA ALA V 212 145.01 6.12 2.39
C ALA V 212 144.58 7.12 3.46
N GLN V 213 144.75 8.40 3.19
CA GLN V 213 144.32 9.49 4.07
C GLN V 213 143.12 10.17 3.43
N LEU V 214 141.92 9.64 3.67
CA LEU V 214 140.74 10.19 3.04
C LEU V 214 140.29 11.45 3.77
N TYR V 215 139.48 12.25 3.07
CA TYR V 215 138.77 13.38 3.67
C TYR V 215 137.27 13.15 3.56
N LEU V 216 136.54 13.49 4.62
CA LEU V 216 135.09 13.58 4.57
C LEU V 216 134.65 15.02 4.79
N PHE V 217 133.39 15.29 4.42
CA PHE V 217 132.82 16.62 4.57
C PHE V 217 132.48 16.92 6.03
N PRO V 218 132.45 18.20 6.42
CA PRO V 218 131.83 18.57 7.71
C PRO V 218 130.33 18.39 7.67
N GLY V 219 129.82 17.37 8.35
CA GLY V 219 128.47 16.90 8.11
C GLY V 219 128.18 15.57 8.78
N PRO V 220 127.75 14.57 7.99
CA PRO V 220 127.30 13.29 8.56
C PRO V 220 128.40 12.48 9.24
N GLU V 221 128.02 11.36 9.85
CA GLU V 221 128.90 10.66 10.78
C GLU V 221 130.02 9.94 10.06
N ALA V 222 131.22 10.00 10.62
CA ALA V 222 132.43 9.50 10.00
C ALA V 222 132.69 8.03 10.30
N GLU V 223 131.76 7.37 10.98
CA GLU V 223 131.92 5.97 11.36
C GLU V 223 131.39 5.04 10.27
N LEU V 224 130.21 5.34 9.73
CA LEU V 224 129.59 4.49 8.71
C LEU V 224 130.05 4.83 7.31
N ILE V 225 130.64 6.02 7.10
CA ILE V 225 131.12 6.41 5.78
C ILE V 225 132.54 5.92 5.55
N ARG V 226 133.37 5.93 6.61
CA ARG V 226 134.68 5.32 6.54
C ARG V 226 134.59 3.80 6.35
N ALA V 227 133.68 3.15 7.08
CA ALA V 227 133.49 1.70 6.97
C ALA V 227 132.83 1.29 5.66
N ALA V 228 132.13 2.20 4.98
CA ALA V 228 131.54 1.86 3.68
C ALA V 228 132.58 1.75 2.57
N ALA V 229 133.78 2.29 2.78
CA ALA V 229 134.84 2.15 1.78
C ALA V 229 135.34 0.72 1.68
N GLU V 230 135.47 0.02 2.81
CA GLU V 230 135.88 -1.37 2.80
C GLU V 230 134.77 -2.33 2.41
N ALA V 231 133.51 -1.87 2.33
CA ALA V 231 132.44 -2.74 1.85
C ALA V 231 132.56 -3.01 0.36
N SER V 232 133.14 -2.09 -0.39
CA SER V 232 133.45 -2.29 -1.80
C SER V 232 134.90 -2.64 -2.06
N LEU V 233 135.72 -2.76 -1.01
CA LEU V 233 137.14 -3.06 -1.14
C LEU V 233 137.52 -4.45 -0.68
N ARG V 234 137.00 -4.92 0.46
CA ARG V 234 137.40 -6.22 0.99
C ARG V 234 136.86 -7.38 0.16
N ASP V 235 135.82 -7.16 -0.63
CA ASP V 235 135.39 -8.13 -1.64
C ASP V 235 136.04 -7.89 -3.00
N TYR V 236 136.69 -6.74 -3.17
CA TYR V 236 137.37 -6.40 -4.43
C TYR V 236 138.75 -7.05 -4.50
N ILE V 237 139.45 -7.14 -3.38
CA ILE V 237 140.79 -7.75 -3.35
C ILE V 237 140.70 -9.25 -3.60
N SER V 238 139.65 -9.91 -3.11
CA SER V 238 139.44 -11.32 -3.37
C SER V 238 139.01 -11.61 -4.81
N ALA V 239 138.64 -10.59 -5.59
CA ALA V 239 138.22 -10.76 -6.97
C ALA V 239 139.32 -10.40 -7.96
N GLN V 240 140.53 -10.11 -7.48
CA GLN V 240 141.63 -9.75 -8.37
C GLN V 240 142.28 -10.98 -8.99
N ARG V 241 142.63 -11.97 -8.16
CA ARG V 241 143.17 -13.24 -8.63
C ARG V 241 142.08 -14.19 -9.12
N ARG V 242 140.81 -13.80 -9.01
CA ARG V 242 139.73 -14.54 -9.65
C ARG V 242 139.83 -14.51 -11.17
N LEU V 243 140.40 -13.44 -11.72
CA LEU V 243 140.77 -13.38 -13.14
C LEU V 243 142.26 -13.44 -13.36
N GLY V 244 143.07 -13.45 -12.31
CA GLY V 244 144.51 -13.54 -12.48
C GLY V 244 145.17 -12.31 -13.03
N ARG V 245 144.51 -11.16 -12.96
CA ARG V 245 144.95 -9.95 -13.64
C ARG V 245 145.42 -8.92 -12.63
N ASP V 246 145.74 -7.73 -13.14
CA ASP V 246 146.59 -6.78 -12.43
C ASP V 246 145.75 -5.94 -11.47
N ILE V 247 146.42 -5.39 -10.46
CA ILE V 247 145.87 -4.30 -9.67
C ILE V 247 146.55 -3.02 -10.13
N ARG V 248 145.88 -1.89 -9.92
CA ARG V 248 146.43 -0.62 -10.37
C ARG V 248 146.44 0.36 -9.19
N ARG V 249 147.09 1.50 -9.42
CA ARG V 249 146.93 2.64 -8.53
C ARG V 249 145.50 3.13 -8.49
N SER V 250 144.86 3.20 -9.67
CA SER V 250 143.46 3.62 -9.79
C SER V 250 142.47 2.67 -9.12
N ALA V 251 142.85 1.41 -8.92
CA ALA V 251 142.01 0.51 -8.11
C ALA V 251 142.04 0.91 -6.65
N LEU V 252 143.14 1.50 -6.19
CA LEU V 252 143.26 1.97 -4.82
C LEU V 252 142.65 3.35 -4.62
N PHE V 253 142.24 4.03 -5.69
CA PHE V 253 141.47 5.27 -5.58
C PHE V 253 139.97 5.02 -5.64
N ALA V 254 139.50 4.41 -6.74
CA ALA V 254 138.07 4.34 -7.05
C ALA V 254 137.29 3.44 -6.10
N THR V 255 137.94 2.46 -5.48
CA THR V 255 137.28 1.62 -4.49
C THR V 255 137.19 2.26 -3.11
N LEU V 256 137.65 3.50 -2.96
CA LEU V 256 137.53 4.24 -1.71
C LEU V 256 136.66 5.48 -1.85
N HIS V 257 136.13 5.77 -3.04
CA HIS V 257 135.22 6.89 -3.22
C HIS V 257 133.81 6.45 -2.85
N VAL V 258 133.30 7.00 -1.74
CA VAL V 258 131.95 6.75 -1.26
C VAL V 258 131.21 8.08 -1.18
N GLU V 259 129.97 8.05 -0.70
CA GLU V 259 129.18 9.26 -0.53
C GLU V 259 129.76 10.12 0.59
N GLY V 260 130.32 11.27 0.22
CA GLY V 260 130.90 12.19 1.17
C GLY V 260 132.40 12.38 1.01
N VAL V 261 132.89 12.23 -0.23
CA VAL V 261 134.31 12.28 -0.53
C VAL V 261 134.55 13.43 -1.50
N GLN V 262 135.51 14.31 -1.17
CA GLN V 262 135.91 15.36 -2.10
C GLN V 262 137.32 15.19 -2.68
N ARG V 263 138.22 14.53 -1.97
CA ARG V 263 139.51 14.16 -2.53
C ARG V 263 140.09 12.98 -1.77
N VAL V 264 140.95 12.22 -2.45
CA VAL V 264 141.64 11.07 -1.88
C VAL V 264 143.14 11.23 -2.15
N GLU V 265 143.92 10.27 -1.64
CA GLU V 265 145.37 10.37 -1.71
C GLU V 265 145.96 8.97 -1.53
N LEU V 266 147.13 8.73 -2.12
CA LEU V 266 147.80 7.44 -2.09
C LEU V 266 149.29 7.64 -1.91
N GLN V 267 149.90 6.80 -1.06
CA GLN V 267 151.34 6.83 -0.82
C GLN V 267 152.04 5.49 -0.91
N GLU V 268 151.32 4.37 -0.90
CA GLU V 268 151.96 3.07 -0.68
C GLU V 268 152.77 2.57 -1.90
N PRO V 269 152.34 2.74 -3.16
CA PRO V 269 153.32 2.56 -4.23
C PRO V 269 153.98 3.85 -4.68
N ALA V 270 155.29 3.77 -4.91
CA ALA V 270 155.98 4.85 -5.62
C ALA V 270 155.70 4.78 -7.11
N ALA V 271 155.68 3.58 -7.68
CA ALA V 271 155.22 3.35 -9.04
C ALA V 271 154.42 2.05 -9.05
N ASP V 272 153.56 1.92 -10.07
CA ASP V 272 152.69 0.77 -10.15
C ASP V 272 153.47 -0.50 -10.50
N VAL V 273 152.95 -1.63 -10.04
CA VAL V 273 153.56 -2.92 -10.29
C VAL V 273 152.80 -3.61 -11.42
N VAL V 274 153.38 -4.66 -11.97
CA VAL V 274 152.75 -5.44 -13.04
C VAL V 274 152.47 -6.84 -12.52
N LEU V 275 151.27 -7.33 -12.81
CA LEU V 275 150.87 -8.70 -12.49
C LEU V 275 150.27 -9.34 -13.73
N ASP V 276 151.01 -10.24 -14.35
CA ASP V 276 150.57 -10.88 -15.59
C ASP V 276 149.60 -12.01 -15.28
N GLU V 277 149.31 -12.85 -16.29
CA GLU V 277 148.49 -14.03 -16.07
C GLU V 277 149.21 -15.09 -15.25
N THR V 278 150.54 -15.09 -15.25
CA THR V 278 151.32 -15.97 -14.38
C THR V 278 151.57 -15.33 -13.02
N GLN V 279 152.02 -14.08 -13.01
CA GLN V 279 152.44 -13.43 -11.78
C GLN V 279 151.21 -13.02 -10.96
N ALA V 280 151.25 -13.33 -9.67
CA ALA V 280 150.18 -12.94 -8.74
C ALA V 280 150.81 -12.55 -7.42
N ALA V 281 150.00 -11.96 -6.55
CA ALA V 281 150.48 -11.48 -5.26
C ALA V 281 149.33 -11.57 -4.25
N TYR V 282 149.63 -11.22 -3.01
CA TYR V 282 148.67 -11.31 -1.92
C TYR V 282 148.77 -10.07 -1.06
N CYS V 283 147.65 -9.66 -0.49
CA CYS V 283 147.57 -8.47 0.34
C CYS V 283 147.35 -8.87 1.79
N THR V 284 148.27 -8.47 2.66
CA THR V 284 148.27 -8.96 4.04
C THR V 284 147.29 -8.17 4.91
N GLY V 285 147.56 -6.86 5.09
CA GLY V 285 146.76 -6.07 6.00
C GLY V 285 146.71 -4.59 5.68
N TYR V 286 145.52 -4.02 5.72
CA TYR V 286 145.28 -2.64 5.30
C TYR V 286 145.00 -1.76 6.52
N ALA V 287 145.13 -0.45 6.32
CA ALA V 287 144.79 0.53 7.35
C ALA V 287 144.35 1.81 6.64
N ILE V 288 143.04 1.97 6.48
CA ILE V 288 142.46 3.16 5.85
C ILE V 288 141.75 3.96 6.95
N THR V 289 142.30 5.12 7.26
CA THR V 289 141.72 6.05 8.24
C THR V 289 141.44 7.38 7.56
N LEU V 290 141.06 8.38 8.37
CA LEU V 290 140.81 9.73 7.88
C LEU V 290 141.94 10.66 8.29
N GLY V 291 142.16 11.70 7.48
CA GLY V 291 143.13 12.73 7.79
C GLY V 291 142.59 13.82 8.68
N GLY V 292 141.28 14.04 8.64
CA GLY V 292 140.64 15.05 9.45
C GLY V 292 140.56 14.73 10.93
N ILE W 2 95.18 80.60 58.52
CA ILE W 2 94.36 79.39 58.44
C ILE W 2 92.99 79.64 59.06
N ILE W 3 92.02 79.96 58.21
CA ILE W 3 90.68 80.32 58.65
C ILE W 3 89.70 79.40 57.95
N ASP W 4 88.83 78.75 58.73
CA ASP W 4 87.82 77.84 58.18
C ASP W 4 86.81 78.64 57.37
N LEU W 5 86.64 78.25 56.11
CA LEU W 5 85.67 78.90 55.23
C LEU W 5 84.30 78.23 55.31
N SER W 6 84.19 77.08 55.98
CA SER W 6 82.95 76.32 56.06
C SER W 6 82.07 76.74 57.22
N GLN W 7 82.18 78.00 57.67
CA GLN W 7 81.35 78.54 58.73
C GLN W 7 80.60 79.79 58.30
N LEU W 8 80.42 79.97 56.99
CA LEU W 8 79.79 81.13 56.40
C LEU W 8 78.37 80.81 55.97
N PRO W 9 77.58 81.81 55.59
CA PRO W 9 76.32 81.51 54.87
C PRO W 9 76.59 80.84 53.53
N GLU W 10 75.60 80.08 53.08
CA GLU W 10 75.80 79.21 51.94
C GLU W 10 75.84 80.00 50.64
N PRO W 11 76.77 79.68 49.73
CA PRO W 11 76.72 80.27 48.39
C PRO W 11 75.76 79.51 47.49
N GLU W 12 75.06 80.26 46.64
CA GLU W 12 74.12 79.68 45.68
C GLU W 12 74.74 79.79 44.28
N VAL W 13 75.06 78.65 43.69
CA VAL W 13 75.65 78.64 42.35
C VAL W 13 74.53 78.77 41.30
N ILE W 14 73.43 78.07 41.50
CA ILE W 14 72.17 78.34 40.81
C ILE W 14 71.25 79.07 41.79
N GLU W 15 70.41 79.95 41.26
CA GLU W 15 69.43 80.63 42.09
C GLU W 15 68.38 79.64 42.59
N ASN W 16 67.87 79.90 43.80
CA ASN W 16 66.98 78.96 44.48
C ASN W 16 65.63 79.65 44.64
N LEU W 17 64.80 79.54 43.59
CA LEU W 17 63.47 80.14 43.60
C LEU W 17 62.51 79.31 44.44
N ASP W 18 61.48 79.97 44.96
CA ASP W 18 60.46 79.28 45.73
C ASP W 18 59.44 78.63 44.79
N PHE W 19 58.47 77.92 45.38
CA PHE W 19 57.58 77.05 44.62
C PHE W 19 56.61 77.83 43.74
N GLU W 20 56.30 79.08 44.09
CA GLU W 20 55.26 79.80 43.38
C GLU W 20 55.77 80.46 42.09
N THR W 21 56.95 81.09 42.12
CA THR W 21 57.45 81.72 40.91
C THR W 21 58.03 80.73 39.91
N ILE W 22 58.30 79.48 40.34
CA ILE W 22 58.62 78.43 39.39
C ILE W 22 57.37 77.99 38.63
N TYR W 23 56.22 77.97 39.33
CA TYR W 23 54.98 77.51 38.74
C TYR W 23 54.46 78.46 37.66
N GLN W 24 54.44 79.76 37.96
CA GLN W 24 54.00 80.74 36.98
C GLN W 24 54.99 80.92 35.84
N GLU W 25 56.27 80.61 36.06
CA GLU W 25 57.23 80.63 34.98
C GLU W 25 56.99 79.48 34.00
N LEU W 26 56.51 78.33 34.50
CA LEU W 26 56.17 77.22 33.62
C LEU W 26 54.88 77.48 32.87
N LEU W 27 53.91 78.12 33.54
CA LEU W 27 52.63 78.42 32.91
C LEU W 27 52.78 79.39 31.74
N GLY W 28 53.67 80.38 31.88
CA GLY W 28 53.92 81.32 30.78
C GLY W 28 54.48 80.65 29.54
N ASP W 29 55.44 79.73 29.73
CA ASP W 29 55.99 78.96 28.62
C ASP W 29 54.91 78.05 28.03
N PHE W 30 54.05 77.48 28.89
CA PHE W 30 52.96 76.62 28.44
C PHE W 30 51.95 77.36 27.57
N ARG W 31 51.62 78.60 27.94
CA ARG W 31 50.68 79.40 27.15
C ARG W 31 51.24 79.72 25.76
N GLU W 32 52.54 80.00 25.68
CA GLU W 32 53.17 80.27 24.38
C GLU W 32 53.14 79.04 23.50
N ALA W 33 53.38 77.85 24.08
CA ALA W 33 53.34 76.60 23.33
C ALA W 33 51.93 76.30 22.84
N MET W 34 50.93 76.54 23.69
CA MET W 34 49.53 76.28 23.37
C MET W 34 48.81 77.45 22.74
N ALA W 35 49.55 78.48 22.30
CA ALA W 35 48.97 79.70 21.74
C ALA W 35 48.02 79.39 20.58
N GLY W 36 46.80 79.90 20.68
CA GLY W 36 45.78 79.59 19.71
C GLY W 36 44.93 78.39 20.07
N GLU W 37 45.33 77.63 21.09
CA GLU W 37 44.61 76.44 21.52
C GLU W 37 44.17 76.47 22.97
N TRP W 38 44.58 77.47 23.74
CA TRP W 38 44.22 77.52 25.16
C TRP W 38 42.73 77.76 25.34
N THR W 39 42.13 76.99 26.24
CA THR W 39 40.73 77.10 26.59
C THR W 39 40.64 76.94 28.10
N ALA W 40 39.52 77.39 28.68
CA ALA W 40 39.28 77.22 30.11
C ALA W 40 39.19 75.74 30.46
N GLU W 41 38.60 74.94 29.56
CA GLU W 41 38.53 73.50 29.75
C GLU W 41 39.91 72.84 29.76
N VAL W 42 40.87 73.41 29.01
CA VAL W 42 42.22 72.84 28.92
C VAL W 42 42.91 72.85 30.27
N GLU W 43 42.73 73.91 31.06
CA GLU W 43 43.33 73.98 32.40
C GLU W 43 42.44 73.24 33.40
N SER W 44 42.38 71.92 33.21
CA SER W 44 41.57 71.05 34.04
C SER W 44 42.35 70.67 35.31
N ASP W 45 41.64 70.03 36.23
CA ASP W 45 42.27 69.59 37.47
C ASP W 45 43.38 68.55 37.29
N PRO W 46 43.28 67.51 36.42
CA PRO W 46 44.45 66.62 36.24
C PRO W 46 45.67 67.31 35.64
N VAL W 47 45.45 68.24 34.71
CA VAL W 47 46.55 68.95 34.05
C VAL W 47 47.26 69.87 35.04
N LEU W 48 46.49 70.57 35.88
CA LEU W 48 47.08 71.47 36.87
C LEU W 48 47.90 70.72 37.91
N LYS W 49 47.41 69.57 38.39
CA LYS W 49 48.17 68.78 39.36
C LYS W 49 49.43 68.17 38.75
N LEU W 50 49.48 68.01 37.43
CA LEU W 50 50.75 67.69 36.77
C LEU W 50 51.71 68.88 36.81
N LEU W 51 51.19 70.09 36.60
CA LEU W 51 52.03 71.28 36.65
C LEU W 51 52.44 71.65 38.06
N GLN W 52 51.69 71.25 39.08
CA GLN W 52 52.14 71.44 40.45
C GLN W 52 53.21 70.45 40.85
N LEU W 53 53.25 69.28 40.20
CA LEU W 53 54.38 68.38 40.37
C LEU W 53 55.63 68.97 39.72
N ALA W 54 55.49 69.45 38.48
CA ALA W 54 56.64 69.94 37.72
C ALA W 54 57.24 71.19 38.34
N ALA W 55 56.42 72.04 38.98
CA ALA W 55 56.98 73.15 39.75
C ALA W 55 57.73 72.69 40.99
N TYR W 56 57.45 71.48 41.48
CA TYR W 56 58.14 70.91 42.64
C TYR W 56 59.37 70.11 42.25
N ARG W 57 59.47 69.61 41.02
CA ARG W 57 60.60 68.73 40.68
C ARG W 57 61.88 69.51 40.46
N GLU W 58 61.81 70.68 39.80
CA GLU W 58 62.99 71.54 39.75
C GLU W 58 63.12 72.43 40.97
N LEU W 59 62.15 72.40 41.89
CA LEU W 59 62.41 72.86 43.25
C LEU W 59 63.37 71.89 43.95
N LEU W 60 63.32 70.61 43.59
CA LEU W 60 64.28 69.62 44.06
C LEU W 60 65.48 69.46 43.14
N LEU W 61 65.53 70.20 42.03
CA LEU W 61 66.73 70.22 41.19
C LEU W 61 67.57 71.48 41.38
N ARG W 62 66.94 72.62 41.68
CA ARG W 62 67.72 73.76 42.13
C ARG W 62 68.31 73.50 43.52
N ALA W 63 67.65 72.66 44.32
CA ALA W 63 68.22 72.16 45.56
C ALA W 63 69.25 71.05 45.32
N ARG W 64 69.19 70.37 44.18
CA ARG W 64 70.16 69.32 43.87
C ARG W 64 71.47 69.91 43.39
N ILE W 65 71.42 70.93 42.53
CA ILE W 65 72.64 71.57 42.04
C ILE W 65 73.37 72.31 43.16
N ASN W 66 72.62 72.91 44.08
CA ASN W 66 73.23 73.60 45.21
C ASN W 66 73.85 72.62 46.21
N ASP W 67 73.16 71.51 46.50
CA ASP W 67 73.70 70.54 47.45
C ASP W 67 74.86 69.74 46.87
N ALA W 68 74.96 69.65 45.54
CA ALA W 68 76.12 69.04 44.91
C ALA W 68 77.32 69.99 44.90
N ALA W 69 77.07 71.29 44.68
CA ALA W 69 78.15 72.27 44.61
C ALA W 69 78.74 72.61 45.97
N ARG W 70 78.03 72.32 47.05
CA ARG W 70 78.63 72.44 48.38
C ARG W 70 79.74 71.41 48.57
N ALA W 71 79.45 70.13 48.31
CA ALA W 71 80.38 69.05 48.58
C ALA W 71 81.50 68.91 47.53
N VAL W 72 81.61 69.83 46.59
CA VAL W 72 82.75 69.90 45.69
C VAL W 72 83.78 70.92 46.17
N MET W 73 83.31 72.09 46.58
CA MET W 73 84.17 73.10 47.19
C MET W 73 84.54 72.68 48.60
N LEU W 74 85.75 73.08 49.05
CA LEU W 74 86.19 72.80 50.41
C LEU W 74 85.32 73.51 51.44
N ALA W 75 84.72 74.63 51.07
CA ALA W 75 83.66 75.24 51.87
C ALA W 75 82.45 74.32 51.88
N TYR W 76 82.15 73.75 53.07
CA TYR W 76 81.03 72.84 53.31
C TYR W 76 81.15 71.56 52.49
N ALA W 77 82.28 70.87 52.67
CA ALA W 77 82.44 69.49 52.24
C ALA W 77 82.47 68.58 53.46
N SER W 78 81.80 67.43 53.35
CA SER W 78 81.62 66.52 54.47
C SER W 78 82.52 65.30 54.31
N GLY W 79 82.42 64.38 55.27
CA GLY W 79 83.31 63.24 55.33
C GLY W 79 83.09 62.27 54.18
N ALA W 80 84.12 61.42 53.97
CA ALA W 80 84.23 60.47 52.85
C ALA W 80 84.16 61.14 51.48
N ASP W 81 84.46 62.43 51.40
CA ASP W 81 84.46 63.19 50.16
C ASP W 81 85.69 64.07 49.99
N LEU W 82 86.39 64.41 51.07
CA LEU W 82 87.69 65.05 50.96
C LEU W 82 88.79 64.13 50.45
N ASP W 83 88.58 62.81 50.48
CA ASP W 83 89.55 61.89 49.88
C ASP W 83 89.64 62.07 48.37
N GLN W 84 88.55 62.51 47.72
CA GLN W 84 88.62 62.86 46.31
C GLN W 84 89.20 64.25 46.08
N ILE W 85 89.04 65.15 47.04
CA ILE W 85 89.60 66.48 46.92
C ILE W 85 91.06 66.52 47.36
N GLY W 86 91.37 65.84 48.47
CA GLY W 86 92.74 65.77 48.96
C GLY W 86 93.68 64.98 48.06
N ALA W 87 93.14 64.08 47.24
CA ALA W 87 93.97 63.42 46.23
C ALA W 87 94.44 64.40 45.16
N GLY W 88 93.64 65.45 44.90
CA GLY W 88 94.06 66.56 44.06
C GLY W 88 95.00 67.54 44.72
N PHE W 89 95.25 67.39 46.03
CA PHE W 89 96.16 68.25 46.77
C PHE W 89 97.20 67.46 47.56
N ASN W 90 97.43 66.20 47.18
CA ASN W 90 98.43 65.30 47.79
C ASN W 90 98.17 65.11 49.29
N VAL W 91 96.90 65.02 49.66
CA VAL W 91 96.48 64.85 51.05
C VAL W 91 95.85 63.48 51.21
N GLN W 92 96.54 62.60 51.94
CA GLN W 92 96.05 61.29 52.33
C GLN W 92 95.84 61.26 53.83
N ARG W 93 94.70 60.72 54.27
CA ARG W 93 94.47 60.57 55.70
C ARG W 93 95.36 59.49 56.28
N LEU W 94 95.89 59.75 57.48
CA LEU W 94 96.81 58.85 58.15
C LEU W 94 96.13 58.25 59.37
N LEU W 95 96.87 57.41 60.10
CA LEU W 95 96.31 56.67 61.23
C LEU W 95 96.77 57.31 62.53
N ILE W 96 95.79 57.71 63.35
CA ILE W 96 96.01 58.20 64.71
C ILE W 96 95.37 57.16 65.62
N ARG W 97 96.21 56.30 66.23
CA ARG W 97 95.90 55.08 67.01
C ARG W 97 94.80 54.25 66.33
N PRO W 98 95.14 53.53 65.25
CA PRO W 98 94.12 52.82 64.47
C PRO W 98 93.55 51.59 65.15
N ALA W 99 92.78 50.81 64.40
CA ALA W 99 92.03 49.67 64.93
C ALA W 99 92.97 48.50 65.26
N GLN W 100 93.59 48.58 66.43
CA GLN W 100 94.22 47.42 67.04
C GLN W 100 93.24 46.80 68.03
N PRO W 101 92.70 45.60 67.75
CA PRO W 101 91.81 44.96 68.72
C PRO W 101 92.56 44.37 69.92
N GLU W 102 92.75 45.20 70.94
CA GLU W 102 93.19 44.72 72.25
C GLU W 102 92.25 43.65 72.79
N ALA W 103 90.95 43.92 72.77
CA ALA W 103 89.93 42.89 72.88
C ALA W 103 89.05 42.91 71.63
N VAL W 104 88.63 41.73 71.18
CA VAL W 104 88.08 41.56 69.84
C VAL W 104 86.66 42.10 69.70
N PRO W 105 85.70 41.91 70.63
CA PRO W 105 84.38 42.58 70.44
C PRO W 105 84.41 44.11 70.59
N PRO W 106 85.19 44.74 71.55
CA PRO W 106 85.21 46.22 71.50
C PRO W 106 86.15 46.76 70.42
N VAL W 107 85.64 46.89 69.19
CA VAL W 107 86.44 47.43 68.11
C VAL W 107 86.61 48.93 68.33
N GLU W 108 87.84 49.42 68.16
CA GLU W 108 88.17 50.84 68.35
C GLU W 108 88.85 51.37 67.09
N ALA W 109 88.05 51.77 66.11
CA ALA W 109 88.56 52.33 64.86
C ALA W 109 88.41 53.84 64.90
N GLN W 110 89.44 54.54 64.42
CA GLN W 110 89.43 56.00 64.48
C GLN W 110 90.36 56.56 63.42
N TYR W 111 89.88 57.58 62.72
CA TYR W 111 90.63 58.30 61.70
C TYR W 111 90.80 59.75 62.13
N GLU W 112 91.35 60.57 61.23
CA GLU W 112 91.35 62.01 61.44
C GLU W 112 89.95 62.58 61.20
N SER W 113 89.54 63.48 62.09
CA SER W 113 88.24 64.12 61.99
C SER W 113 88.26 65.24 60.95
N ASP W 114 87.13 65.91 60.77
CA ASP W 114 87.04 67.06 59.89
C ASP W 114 87.64 68.30 60.56
N LYS W 115 87.60 69.42 59.81
CA LYS W 115 87.99 70.80 60.15
C LYS W 115 89.44 70.96 60.59
N SER W 116 90.23 69.89 60.56
CA SER W 116 91.68 69.96 60.63
C SER W 116 92.36 69.29 59.44
N LEU W 117 91.72 68.30 58.81
CA LEU W 117 92.27 67.73 57.58
C LEU W 117 92.06 68.68 56.42
N ARG W 118 90.99 69.48 56.46
CA ARG W 118 90.79 70.54 55.46
C ARG W 118 91.87 71.61 55.57
N ASN W 119 92.30 71.91 56.81
CA ASN W 119 93.37 72.87 57.05
C ASN W 119 94.67 72.43 56.39
N ARG W 120 94.98 71.12 56.45
CA ARG W 120 96.15 70.60 55.78
C ARG W 120 96.04 70.76 54.27
N ILE W 121 94.82 70.57 53.72
CA ILE W 121 94.56 70.80 52.30
C ILE W 121 94.79 72.27 51.96
N GLN W 122 94.41 73.17 52.88
CA GLN W 122 94.67 74.60 52.70
C GLN W 122 96.17 74.88 52.65
N LEU W 123 96.94 74.14 53.44
CA LEU W 123 98.40 74.30 53.49
C LEU W 123 99.12 73.41 52.48
N ALA W 124 98.39 72.73 51.59
CA ALA W 124 99.01 71.85 50.60
C ALA W 124 99.92 72.62 49.65
N PHE W 125 99.47 73.80 49.19
CA PHE W 125 100.29 74.60 48.29
C PHE W 125 101.42 75.32 49.02
N GLU W 126 101.35 75.41 50.35
CA GLU W 126 102.42 75.97 51.16
C GLU W 126 103.48 74.92 51.51
N GLN W 127 103.36 73.70 50.98
CA GLN W 127 104.36 72.66 51.15
C GLN W 127 105.12 72.36 49.87
N LEU W 128 104.80 73.04 48.76
CA LEU W 128 105.53 72.85 47.52
C LEU W 128 106.92 73.46 47.59
N SER W 129 107.00 74.72 48.04
CA SER W 129 108.27 75.44 48.04
C SER W 129 109.17 74.93 49.15
N VAL W 130 110.33 74.40 48.77
CA VAL W 130 111.31 73.88 49.72
C VAL W 130 112.40 74.91 50.00
N ALA W 131 112.33 76.09 49.38
CA ALA W 131 113.20 77.23 49.66
C ALA W 131 112.78 78.01 50.90
N GLY W 132 111.83 77.50 51.68
CA GLY W 132 111.43 78.09 52.94
C GLY W 132 110.80 79.48 52.90
N PRO W 133 109.56 79.61 52.38
CA PRO W 133 108.80 80.82 52.65
C PRO W 133 108.25 80.88 54.07
N ARG W 134 107.40 81.88 54.35
CA ARG W 134 106.91 82.10 55.71
C ARG W 134 106.03 80.96 56.20
N ASN W 135 105.31 80.29 55.29
CA ASN W 135 104.35 79.27 55.68
C ASN W 135 104.88 77.84 55.57
N ALA W 136 105.99 77.61 54.88
CA ALA W 136 106.52 76.25 54.76
C ALA W 136 107.11 75.76 56.06
N TYR W 137 107.65 76.66 56.89
CA TYR W 137 108.03 76.28 58.25
C TYR W 137 106.79 75.98 59.09
N ILE W 138 105.69 76.68 58.81
CA ILE W 138 104.42 76.40 59.50
C ILE W 138 103.83 75.09 59.02
N ALA W 139 103.59 74.98 57.71
CA ALA W 139 102.84 73.88 57.11
C ALA W 139 103.53 72.53 57.20
N HIS W 140 104.82 72.48 57.51
CA HIS W 140 105.48 71.21 57.80
C HIS W 140 105.49 70.87 59.28
N ALA W 141 105.38 71.86 60.16
CA ALA W 141 105.35 71.62 61.59
C ALA W 141 103.99 71.09 62.08
N LEU W 142 102.95 71.15 61.26
CA LEU W 142 101.66 70.57 61.60
C LEU W 142 101.56 69.08 61.26
N GLY W 143 102.70 68.40 61.05
CA GLY W 143 102.65 66.96 60.87
C GLY W 143 102.48 66.17 62.15
N ALA W 144 102.84 66.77 63.28
CA ALA W 144 102.68 66.14 64.58
C ALA W 144 101.26 66.35 65.11
N ASP W 145 100.94 65.62 66.17
CA ASP W 145 99.60 65.61 66.74
C ASP W 145 99.52 66.29 68.11
N GLY W 146 100.56 66.16 68.92
CA GLY W 146 100.54 66.73 70.26
C GLY W 146 100.98 68.18 70.36
N ARG W 147 100.59 69.01 69.38
CA ARG W 147 100.98 70.42 69.37
C ARG W 147 99.81 71.25 68.84
N VAL W 148 100.10 72.52 68.58
CA VAL W 148 99.26 73.44 67.83
C VAL W 148 100.15 74.11 66.79
N ALA W 149 99.58 75.00 65.98
CA ALA W 149 100.26 75.57 64.82
C ALA W 149 101.39 76.52 65.25
N ASP W 150 102.12 77.01 64.25
CA ASP W 150 103.39 77.68 64.45
C ASP W 150 103.31 79.09 63.87
N ALA W 151 104.19 79.97 64.34
CA ALA W 151 104.36 81.29 63.77
C ALA W 151 105.85 81.59 63.61
N SER W 152 106.18 82.33 62.56
CA SER W 152 107.55 82.65 62.22
C SER W 152 107.79 84.15 62.31
N ALA W 153 108.97 84.52 62.79
CA ALA W 153 109.38 85.92 62.88
C ALA W 153 110.90 85.98 62.86
N THR W 154 111.44 87.19 62.71
CA THR W 154 112.89 87.40 62.75
C THR W 154 113.15 88.83 63.23
N SER W 155 113.57 88.96 64.48
CA SER W 155 114.21 90.17 64.99
C SER W 155 115.72 90.26 64.71
N PRO W 156 116.58 89.20 65.00
CA PRO W 156 118.03 89.42 64.86
C PRO W 156 118.53 89.44 63.41
N ALA W 157 119.87 89.42 63.29
CA ALA W 157 120.69 89.29 62.08
C ALA W 157 120.18 88.21 61.13
N PRO W 158 120.35 88.36 59.82
CA PRO W 158 119.67 87.47 58.86
C PRO W 158 120.20 86.04 58.89
N CYS W 159 119.40 85.15 58.29
CA CYS W 159 119.51 83.69 58.39
C CYS W 159 119.54 83.24 59.86
N GLU W 160 118.70 83.87 60.68
CA GLU W 160 118.43 83.43 62.05
C GLU W 160 116.91 83.46 62.22
N VAL W 161 116.28 82.29 62.13
CA VAL W 161 114.83 82.21 62.12
C VAL W 161 114.35 82.00 63.55
N LEU W 162 113.38 82.82 63.97
CA LEU W 162 112.73 82.70 65.28
C LEU W 162 111.34 82.13 65.06
N ILE W 163 111.20 80.82 65.24
CA ILE W 163 109.91 80.14 65.18
C ILE W 163 109.46 79.82 66.60
N SER W 164 108.17 80.05 66.86
CA SER W 164 107.58 79.91 68.20
C SER W 164 106.72 78.65 68.19
N VAL W 165 107.29 77.55 68.68
CA VAL W 165 106.59 76.26 68.66
C VAL W 165 105.66 76.25 69.87
N LEU W 166 104.39 76.59 69.64
CA LEU W 166 103.38 76.50 70.66
C LEU W 166 102.71 75.14 70.61
N GLY W 167 102.16 74.73 71.75
CA GLY W 167 101.51 73.42 71.84
C GLY W 167 100.32 73.42 72.77
N VAL W 168 99.18 72.95 72.29
CA VAL W 168 97.99 72.80 73.10
C VAL W 168 97.91 71.34 73.53
N GLU W 169 98.25 71.08 74.79
CA GLU W 169 97.91 69.83 75.45
C GLU W 169 97.42 70.02 76.88
N GLY W 170 97.58 71.20 77.47
CA GLY W 170 97.18 71.43 78.84
C GLY W 170 97.68 72.75 79.39
N ASN W 171 98.26 72.72 80.59
CA ASN W 171 98.75 73.93 81.26
C ASN W 171 100.08 74.35 80.66
N GLY W 172 100.00 75.14 79.57
CA GLY W 172 101.15 75.89 79.10
C GLY W 172 102.30 75.13 78.49
N GLN W 173 103.39 75.00 79.27
CA GLN W 173 104.71 74.57 78.81
C GLN W 173 104.70 73.22 78.10
N ALA W 174 105.15 73.21 76.84
CA ALA W 174 105.31 72.00 76.06
C ALA W 174 106.59 71.27 76.47
N PRO W 175 106.60 69.93 76.40
CA PRO W 175 107.80 69.18 76.77
C PRO W 175 108.92 69.35 75.74
N GLU W 176 110.16 69.28 76.23
CA GLU W 176 111.32 69.43 75.36
C GLU W 176 111.56 68.20 74.49
N ALA W 177 111.08 67.03 74.89
CA ALA W 177 111.17 65.87 74.02
C ALA W 177 110.19 65.97 72.85
N VAL W 178 109.06 66.64 73.05
CA VAL W 178 108.15 66.93 71.95
C VAL W 178 108.72 68.04 71.08
N LEU W 179 109.54 68.93 71.68
CA LEU W 179 110.17 70.02 70.93
C LEU W 179 111.19 69.51 69.92
N GLN W 180 111.79 68.34 70.18
CA GLN W 180 112.81 67.81 69.28
C GLN W 180 112.22 67.22 68.00
N ALA W 181 110.90 67.03 67.95
CA ALA W 181 110.27 66.41 66.79
C ALA W 181 110.21 67.35 65.58
N VAL W 182 110.35 68.65 65.79
CA VAL W 182 110.28 69.58 64.66
C VAL W 182 111.56 69.50 63.83
N ARG W 183 112.69 69.15 64.46
CA ARG W 183 113.91 68.91 63.71
C ARG W 183 113.87 67.59 62.96
N LEU W 184 113.07 66.63 63.44
CA LEU W 184 112.77 65.45 62.64
C LEU W 184 111.74 65.72 61.55
N ALA W 185 110.94 66.78 61.68
CA ALA W 185 110.04 67.18 60.62
C ALA W 185 110.63 68.25 59.71
N LEU W 186 111.76 68.86 60.10
CA LEU W 186 112.44 69.87 59.28
C LEU W 186 113.93 69.48 59.21
N ASN W 187 114.25 68.58 58.30
CA ASN W 187 115.64 68.22 58.03
C ASN W 187 116.01 68.44 56.57
N ALA W 188 115.20 67.92 55.65
CA ALA W 188 115.38 68.13 54.21
C ALA W 188 114.26 68.96 53.62
N GLU W 189 113.57 69.76 54.45
CA GLU W 189 112.57 70.70 53.98
C GLU W 189 113.01 72.16 54.09
N ASP W 190 113.98 72.47 54.93
CA ASP W 190 114.44 73.84 55.08
C ASP W 190 115.46 74.16 53.98
N VAL W 191 116.09 75.33 54.08
CA VAL W 191 117.29 75.62 53.31
C VAL W 191 118.49 75.23 54.16
N ARG W 192 119.58 74.82 53.52
CA ARG W 192 120.74 74.38 54.28
C ARG W 192 121.59 75.52 54.89
N PRO W 193 121.85 76.66 54.21
CA PRO W 193 122.57 77.74 54.93
C PRO W 193 121.76 78.40 56.05
N VAL W 194 120.43 78.43 55.95
CA VAL W 194 119.64 79.11 56.97
C VAL W 194 119.62 78.25 58.24
N ALA W 195 119.53 78.92 59.39
CA ALA W 195 119.62 78.24 60.68
C ALA W 195 118.61 78.86 61.63
N ASP W 196 117.73 78.03 62.18
CA ASP W 196 116.66 78.48 63.07
C ASP W 196 117.02 78.22 64.52
N ARG W 197 116.47 79.04 65.40
CA ARG W 197 116.42 78.74 66.82
C ARG W 197 114.98 78.37 67.20
N VAL W 198 114.84 77.42 68.11
CA VAL W 198 113.56 76.84 68.45
C VAL W 198 113.22 77.25 69.89
N THR W 199 112.33 78.23 70.02
CA THR W 199 111.84 78.69 71.31
C THR W 199 110.39 78.27 71.46
N VAL W 200 110.08 77.55 72.53
CA VAL W 200 108.71 77.10 72.77
C VAL W 200 107.83 78.25 73.26
N ARG W 201 108.32 79.02 74.23
CA ARG W 201 107.63 80.21 74.74
C ARG W 201 108.59 81.38 74.56
N SER W 202 108.31 82.22 73.56
CA SER W 202 109.24 83.25 73.15
C SER W 202 108.92 84.63 73.71
N ALA W 203 107.80 84.80 74.41
CA ALA W 203 107.49 86.10 75.00
C ALA W 203 107.12 86.02 76.47
N GLY W 204 106.50 84.91 76.88
CA GLY W 204 106.07 84.78 78.26
C GLY W 204 104.61 84.46 78.41
N ILE W 205 104.21 83.96 79.58
CA ILE W 205 102.83 83.53 79.84
C ILE W 205 102.31 84.33 81.02
N VAL W 206 101.20 85.04 80.80
CA VAL W 206 100.50 85.74 81.88
C VAL W 206 99.17 85.05 82.14
N PRO W 207 98.74 84.92 83.39
CA PRO W 207 97.48 84.22 83.67
C PRO W 207 96.27 85.12 83.44
N TYR W 208 95.29 84.61 82.69
CA TYR W 208 94.07 85.34 82.40
C TYR W 208 92.86 84.58 82.92
N GLN W 209 91.77 85.32 83.13
CA GLN W 209 90.48 84.77 83.52
C GLN W 209 89.38 85.53 82.78
N VAL W 210 88.13 85.18 83.09
CA VAL W 210 86.98 85.99 82.73
C VAL W 210 85.90 85.79 83.80
N LYS W 211 85.17 86.87 84.10
CA LYS W 211 84.06 86.81 85.04
C LYS W 211 82.86 87.53 84.41
N ALA W 212 81.83 86.76 84.09
CA ALA W 212 80.65 87.26 83.37
C ALA W 212 79.41 87.02 84.21
N GLN W 213 78.56 88.05 84.32
CA GLN W 213 77.29 87.95 85.01
C GLN W 213 76.17 88.02 83.97
N LEU W 214 75.83 86.86 83.41
CA LEU W 214 74.84 86.85 82.34
C LEU W 214 73.43 86.92 82.92
N TYR W 215 72.48 87.32 82.07
CA TYR W 215 71.06 87.26 82.38
C TYR W 215 70.37 86.30 81.43
N LEU W 216 69.44 85.49 81.96
CA LEU W 216 68.53 84.73 81.12
C LEU W 216 67.10 85.21 81.34
N PHE W 217 66.23 84.84 80.40
CA PHE W 217 64.82 85.22 80.46
C PHE W 217 64.08 84.39 81.51
N PRO W 218 62.98 84.93 82.06
CA PRO W 218 62.05 84.09 82.84
C PRO W 218 61.30 83.12 81.95
N GLY W 219 61.65 81.84 82.01
CA GLY W 219 61.27 80.90 80.98
C GLY W 219 61.99 79.57 81.10
N PRO W 220 62.68 79.15 80.02
CA PRO W 220 63.30 77.81 79.98
C PRO W 220 64.42 77.60 80.97
N GLU W 221 64.94 76.37 81.04
CA GLU W 221 65.79 75.96 82.15
C GLU W 221 67.18 76.58 82.03
N ALA W 222 67.72 77.01 83.18
CA ALA W 222 68.96 77.76 83.23
C ALA W 222 70.18 76.87 83.32
N GLU W 223 70.00 75.55 83.24
CA GLU W 223 71.09 74.60 83.35
C GLU W 223 71.74 74.34 81.99
N LEU W 224 70.93 74.11 80.96
CA LEU W 224 71.44 73.80 79.64
C LEU W 224 71.75 75.04 78.81
N ILE W 225 71.22 76.20 79.20
CA ILE W 225 71.48 77.45 78.48
C ILE W 225 72.76 78.11 78.98
N ARG W 226 73.01 78.03 80.30
CA ARG W 226 74.29 78.46 80.86
C ARG W 226 75.44 77.61 80.34
N ALA W 227 75.25 76.29 80.30
CA ALA W 227 76.29 75.38 79.82
C ALA W 227 76.51 75.46 78.32
N ALA W 228 75.53 75.96 77.56
CA ALA W 228 75.72 76.13 76.11
C ALA W 228 76.66 77.28 75.76
N ALA W 229 76.91 78.19 76.71
CA ALA W 229 77.86 79.27 76.46
C ALA W 229 79.29 78.77 76.37
N GLU W 230 79.65 77.81 77.22
CA GLU W 230 80.99 77.21 77.16
C GLU W 230 81.16 76.20 76.04
N ALA W 231 80.07 75.78 75.38
CA ALA W 231 80.21 74.90 74.22
C ALA W 231 80.82 75.63 73.02
N SER W 232 80.61 76.94 72.92
CA SER W 232 81.25 77.76 71.90
C SER W 232 82.44 78.54 72.43
N LEU W 233 82.79 78.38 73.72
CA LEU W 233 83.89 79.10 74.33
C LEU W 233 85.11 78.24 74.65
N ARG W 234 84.91 77.03 75.18
CA ARG W 234 86.05 76.20 75.57
C ARG W 234 86.81 75.63 74.38
N ASP W 235 86.19 75.59 73.19
CA ASP W 235 86.90 75.32 71.96
C ASP W 235 87.39 76.58 71.27
N TYR W 236 86.92 77.75 71.71
CA TYR W 236 87.34 79.03 71.15
C TYR W 236 88.67 79.50 71.72
N ILE W 237 88.92 79.23 73.01
CA ILE W 237 90.17 79.64 73.64
C ILE W 237 91.35 78.82 73.10
N SER W 238 91.11 77.55 72.78
CA SER W 238 92.15 76.72 72.16
C SER W 238 92.42 77.08 70.70
N ALA W 239 91.58 77.90 70.07
CA ALA W 239 91.76 78.32 68.70
C ALA W 239 92.35 79.72 68.57
N GLN W 240 92.74 80.33 69.69
CA GLN W 240 93.30 81.68 69.65
C GLN W 240 94.78 81.66 69.27
N ARG W 241 95.57 80.83 69.94
CA ARG W 241 96.98 80.65 69.60
C ARG W 241 97.18 79.71 68.41
N ARG W 242 96.09 79.13 67.88
CA ARG W 242 96.17 78.40 66.61
C ARG W 242 96.53 79.32 65.44
N LEU W 243 96.15 80.59 65.53
CA LEU W 243 96.64 81.60 64.60
C LEU W 243 97.62 82.58 65.23
N GLY W 244 97.87 82.47 66.53
CA GLY W 244 98.84 83.35 67.16
C GLY W 244 98.38 84.78 67.34
N ARG W 245 97.08 85.04 67.25
CA ARG W 245 96.57 86.39 67.19
C ARG W 245 95.81 86.73 68.47
N ASP W 246 95.20 87.91 68.47
CA ASP W 246 94.80 88.58 69.70
C ASP W 246 93.45 88.07 70.18
N ILE W 247 93.20 88.24 71.47
CA ILE W 247 91.86 88.14 72.02
C ILE W 247 91.38 89.56 72.29
N ARG W 248 90.06 89.72 72.31
CA ARG W 248 89.48 91.04 72.51
C ARG W 248 88.48 91.00 73.65
N ARG W 249 88.03 92.18 74.06
CA ARG W 249 86.86 92.29 74.92
C ARG W 249 85.61 91.71 74.24
N SER W 250 85.44 92.03 72.95
CA SER W 250 84.30 91.53 72.17
C SER W 250 84.32 90.02 71.98
N ALA W 251 85.48 89.37 72.09
CA ALA W 251 85.51 87.91 72.10
C ALA W 251 84.91 87.35 73.38
N LEU W 252 84.99 88.10 74.49
CA LEU W 252 84.40 87.71 75.75
C LEU W 252 82.92 88.07 75.84
N PHE W 253 82.39 88.82 74.88
CA PHE W 253 80.94 89.04 74.80
C PHE W 253 80.26 88.04 73.87
N ALA W 254 80.69 88.01 72.59
CA ALA W 254 79.96 87.31 71.54
C ALA W 254 80.01 85.79 71.70
N THR W 255 81.01 85.24 72.37
CA THR W 255 81.06 83.81 72.63
C THR W 255 80.21 83.38 73.82
N LEU W 256 79.49 84.32 74.45
CA LEU W 256 78.58 84.01 75.54
C LEU W 256 77.13 84.32 75.20
N HIS W 257 76.85 84.83 73.99
CA HIS W 257 75.48 85.07 73.57
C HIS W 257 74.90 83.77 73.00
N VAL W 258 73.94 83.19 73.73
CA VAL W 258 73.23 81.99 73.30
C VAL W 258 71.74 82.31 73.23
N GLU W 259 70.93 81.30 72.93
CA GLU W 259 69.48 81.46 72.87
C GLU W 259 68.91 81.72 74.26
N GLY W 260 68.43 82.93 74.50
CA GLY W 260 67.87 83.30 75.78
C GLY W 260 68.63 84.39 76.51
N VAL W 261 69.31 85.25 75.75
CA VAL W 261 70.17 86.29 76.31
C VAL W 261 69.63 87.64 75.88
N GLN W 262 69.45 88.56 76.85
CA GLN W 262 69.07 89.92 76.53
C GLN W 262 70.14 90.96 76.81
N ARG W 263 71.06 90.71 77.75
CA ARG W 263 72.23 91.55 77.93
C ARG W 263 73.32 90.76 78.64
N VAL W 264 74.57 91.18 78.42
CA VAL W 264 75.74 90.60 79.03
C VAL W 264 76.57 91.71 79.67
N GLU W 265 77.67 91.32 80.33
CA GLU W 265 78.47 92.26 81.09
C GLU W 265 79.86 91.67 81.29
N LEU W 266 80.87 92.55 81.41
CA LEU W 266 82.26 92.14 81.54
C LEU W 266 82.95 93.04 82.56
N GLN W 267 83.77 92.42 83.42
CA GLN W 267 84.55 93.15 84.42
C GLN W 267 86.03 92.81 84.46
N GLU W 268 86.48 91.71 83.86
CA GLU W 268 87.81 91.19 84.12
C GLU W 268 88.94 92.03 83.49
N PRO W 269 88.82 92.56 82.27
CA PRO W 269 89.78 93.63 81.90
C PRO W 269 89.26 95.03 82.17
N ALA W 270 90.15 95.87 82.69
CA ALA W 270 89.88 97.31 82.71
C ALA W 270 90.07 97.93 81.33
N ALA W 271 91.12 97.50 80.63
CA ALA W 271 91.32 97.83 79.23
C ALA W 271 91.86 96.60 78.52
N ASP W 272 91.67 96.57 77.20
CA ASP W 272 92.07 95.42 76.41
C ASP W 272 93.59 95.31 76.30
N VAL W 273 94.07 94.08 76.17
CA VAL W 273 95.48 93.81 76.05
C VAL W 273 95.80 93.57 74.58
N VAL W 274 97.09 93.58 74.25
CA VAL W 274 97.54 93.33 72.89
C VAL W 274 98.35 92.04 72.87
N LEU W 275 98.09 91.20 71.88
CA LEU W 275 98.84 89.97 71.65
C LEU W 275 99.25 89.91 70.17
N ASP W 276 100.53 90.15 69.90
CA ASP W 276 101.02 90.19 68.53
C ASP W 276 101.27 88.77 68.03
N GLU W 277 101.96 88.66 66.88
CA GLU W 277 102.34 87.35 66.36
C GLU W 277 103.42 86.69 67.22
N THR W 278 104.21 87.47 67.95
CA THR W 278 105.16 86.92 68.92
C THR W 278 104.53 86.70 70.28
N GLN W 279 103.82 87.72 70.80
CA GLN W 279 103.29 87.68 72.15
C GLN W 279 102.08 86.75 72.21
N ALA W 280 102.05 85.88 73.22
CA ALA W 280 100.93 84.99 73.45
C ALA W 280 100.72 84.85 74.95
N ALA W 281 99.58 84.26 75.32
CA ALA W 281 99.21 84.12 76.72
C ALA W 281 98.40 82.85 76.88
N TYR W 282 98.03 82.56 78.13
CA TYR W 282 97.30 81.34 78.46
C TYR W 282 96.21 81.67 79.45
N CYS W 283 95.10 80.95 79.37
CA CYS W 283 93.95 81.15 80.24
C CYS W 283 93.83 79.99 81.20
N THR W 284 93.87 80.30 82.50
CA THR W 284 93.95 79.25 83.52
C THR W 284 92.57 78.68 83.84
N GLY W 285 91.69 79.51 84.38
CA GLY W 285 90.40 79.03 84.84
C GLY W 285 89.29 80.06 84.84
N TYR W 286 88.13 79.68 84.33
CA TYR W 286 87.00 80.60 84.14
C TYR W 286 85.90 80.29 85.14
N ALA W 287 85.00 81.26 85.31
CA ALA W 287 83.82 81.08 86.15
C ALA W 287 82.71 81.97 85.60
N ILE W 288 81.84 81.39 84.76
CA ILE W 288 80.72 82.10 84.18
C ILE W 288 79.44 81.58 84.83
N THR W 289 78.79 82.41 85.62
CA THR W 289 77.52 82.09 86.28
C THR W 289 76.45 83.11 85.83
N LEU W 290 75.29 83.03 86.46
CA LEU W 290 74.20 83.96 86.20
C LEU W 290 74.06 84.96 87.35
N GLY W 291 73.56 86.14 87.02
CA GLY W 291 73.27 87.16 88.01
C GLY W 291 71.90 87.02 88.65
N GLY W 292 70.96 86.39 87.93
CA GLY W 292 69.62 86.18 88.43
C GLY W 292 69.51 85.13 89.53
N ILE X 2 -18.72 71.95 115.99
CA ILE X 2 -18.25 70.79 115.23
C ILE X 2 -19.39 69.81 115.03
N ILE X 3 -20.03 69.89 113.88
CA ILE X 3 -21.21 69.08 113.57
C ILE X 3 -20.91 68.33 112.26
N ASP X 4 -21.09 67.01 112.29
CA ASP X 4 -20.87 66.18 111.11
C ASP X 4 -21.91 66.51 110.05
N LEU X 5 -21.44 66.87 108.85
CA LEU X 5 -22.33 67.16 107.73
C LEU X 5 -22.64 65.93 106.90
N SER X 6 -21.96 64.81 107.16
CA SER X 6 -22.12 63.58 106.39
C SER X 6 -23.22 62.68 106.93
N GLN X 7 -24.23 63.25 107.59
CA GLN X 7 -25.36 62.50 108.11
C GLN X 7 -26.69 63.06 107.59
N LEU X 8 -26.65 63.77 106.47
CA LEU X 8 -27.80 64.42 105.87
C LEU X 8 -28.30 63.63 104.67
N PRO X 9 -29.47 63.98 104.12
CA PRO X 9 -29.83 63.46 102.79
C PRO X 9 -28.87 63.94 101.72
N GLU X 10 -28.75 63.15 100.65
CA GLU X 10 -27.71 63.37 99.67
C GLU X 10 -28.02 64.59 98.80
N PRO X 11 -27.03 65.43 98.52
CA PRO X 11 -27.23 66.49 97.52
C PRO X 11 -27.01 65.96 96.11
N GLU X 12 -27.83 66.46 95.18
CA GLU X 12 -27.72 66.10 93.77
C GLU X 12 -27.14 67.29 93.01
N VAL X 13 -25.94 67.12 92.48
CA VAL X 13 -25.31 68.19 91.71
C VAL X 13 -25.84 68.19 90.28
N ILE X 14 -25.99 67.01 89.69
CA ILE X 14 -26.80 66.82 88.49
C ILE X 14 -28.11 66.18 88.92
N GLU X 15 -29.19 66.49 88.20
CA GLU X 15 -30.47 65.87 88.47
C GLU X 15 -30.44 64.39 88.09
N ASN X 16 -31.19 63.59 88.84
CA ASN X 16 -31.15 62.14 88.70
C ASN X 16 -32.52 61.67 88.21
N LEU X 17 -32.69 61.69 86.90
CA LEU X 17 -33.95 61.28 86.30
C LEU X 17 -34.05 59.75 86.27
N ASP X 18 -35.29 59.26 86.26
CA ASP X 18 -35.53 57.83 86.17
C ASP X 18 -35.42 57.37 84.72
N PHE X 19 -35.58 56.05 84.52
CA PHE X 19 -35.26 55.42 83.24
C PHE X 19 -36.25 55.81 82.14
N GLU X 20 -37.48 56.17 82.51
CA GLU X 20 -38.51 56.39 81.50
C GLU X 20 -38.44 57.78 80.86
N THR X 21 -38.23 58.83 81.66
CA THR X 21 -38.17 60.16 81.09
C THR X 21 -36.83 60.45 80.42
N ILE X 22 -35.81 59.64 80.65
CA ILE X 22 -34.59 59.71 79.86
C ILE X 22 -34.83 59.13 78.47
N TYR X 23 -35.64 58.07 78.39
CA TYR X 23 -35.90 57.37 77.14
C TYR X 23 -36.71 58.24 76.17
N GLN X 24 -37.80 58.84 76.67
CA GLN X 24 -38.61 59.71 75.80
C GLN X 24 -37.91 61.02 75.48
N GLU X 25 -36.96 61.46 76.31
CA GLU X 25 -36.17 62.64 75.95
C GLU X 25 -35.21 62.32 74.81
N LEU X 26 -34.72 61.09 74.72
CA LEU X 26 -33.86 60.70 73.60
C LEU X 26 -34.67 60.51 72.32
N LEU X 27 -35.89 59.97 72.45
CA LEU X 27 -36.74 59.74 71.29
C LEU X 27 -37.15 61.06 70.63
N GLY X 28 -37.42 62.10 71.43
CA GLY X 28 -37.77 63.39 70.86
C GLY X 28 -36.65 64.00 70.04
N ASP X 29 -35.41 63.90 70.55
CA ASP X 29 -34.25 64.37 69.79
C ASP X 29 -34.05 63.52 68.54
N PHE X 30 -34.30 62.21 68.64
CA PHE X 30 -34.18 61.30 67.51
C PHE X 30 -35.17 61.63 66.40
N ARG X 31 -36.41 61.98 66.75
CA ARG X 31 -37.42 62.34 65.75
C ARG X 31 -37.03 63.61 65.00
N GLU X 32 -36.47 64.59 65.71
CA GLU X 32 -36.02 65.83 65.07
C GLU X 32 -34.89 65.55 64.09
N ALA X 33 -33.96 64.67 64.46
CA ALA X 33 -32.85 64.31 63.57
C ALA X 33 -33.34 63.57 62.34
N MET X 34 -34.30 62.66 62.52
CA MET X 34 -34.86 61.86 61.44
C MET X 34 -36.06 62.49 60.77
N ALA X 35 -36.34 63.78 61.02
CA ALA X 35 -37.51 64.48 60.49
C ALA X 35 -37.58 64.37 58.97
N GLY X 36 -38.71 63.90 58.47
CA GLY X 36 -38.87 63.65 57.06
C GLY X 36 -38.52 62.24 56.64
N GLU X 37 -37.92 61.45 57.54
CA GLU X 37 -37.50 60.09 57.26
C GLU X 37 -38.10 59.06 58.20
N TRP X 38 -38.81 59.47 59.24
CA TRP X 38 -39.36 58.53 60.19
C TRP X 38 -40.47 57.69 59.57
N THR X 39 -40.41 56.39 59.82
CA THR X 39 -41.41 55.44 59.35
C THR X 39 -41.67 54.46 60.49
N ALA X 40 -42.80 53.77 60.41
CA ALA X 40 -43.12 52.74 61.41
C ALA X 40 -42.10 51.61 61.35
N GLU X 41 -41.63 51.28 60.14
CA GLU X 41 -40.60 50.27 59.98
C GLU X 41 -39.27 50.68 60.61
N VAL X 42 -38.98 51.98 60.65
CA VAL X 42 -37.72 52.50 61.20
C VAL X 42 -37.60 52.15 62.68
N GLU X 43 -38.71 52.26 63.42
CA GLU X 43 -38.70 51.92 64.86
C GLU X 43 -38.87 50.40 65.03
N SER X 44 -37.84 49.69 64.58
CA SER X 44 -37.82 48.23 64.65
C SER X 44 -37.34 47.78 66.01
N ASP X 45 -37.46 46.47 66.25
CA ASP X 45 -37.01 45.89 67.52
C ASP X 45 -35.50 46.03 67.77
N PRO X 46 -34.58 45.82 66.81
CA PRO X 46 -33.15 46.07 67.15
C PRO X 46 -32.83 47.52 67.45
N VAL X 47 -33.48 48.46 66.76
CA VAL X 47 -33.24 49.89 66.99
C VAL X 47 -33.74 50.32 68.36
N LEU X 48 -34.93 49.82 68.76
CA LEU X 48 -35.49 50.17 70.06
C LEU X 48 -34.64 49.63 71.21
N LYS X 49 -34.15 48.39 71.10
CA LYS X 49 -33.29 47.83 72.13
C LYS X 49 -31.93 48.54 72.22
N LEU X 50 -31.50 49.20 71.15
CA LEU X 50 -30.36 50.11 71.26
C LEU X 50 -30.72 51.35 72.06
N LEU X 51 -31.93 51.89 71.84
CA LEU X 51 -32.36 53.07 72.58
C LEU X 51 -32.69 52.76 74.03
N GLN X 52 -33.05 51.51 74.35
CA GLN X 52 -33.24 51.15 75.74
C GLN X 52 -31.91 50.96 76.46
N LEU X 53 -30.84 50.64 75.74
CA LEU X 53 -29.51 50.68 76.33
C LEU X 53 -29.09 52.11 76.60
N ALA X 54 -29.28 53.00 75.61
CA ALA X 54 -28.82 54.39 75.72
C ALA X 54 -29.57 55.15 76.81
N ALA X 55 -30.84 54.82 77.05
CA ALA X 55 -31.54 55.39 78.19
C ALA X 55 -31.00 54.88 79.52
N TYR X 56 -30.35 53.72 79.53
CA TYR X 56 -29.74 53.16 80.72
C TYR X 56 -28.30 53.61 80.94
N ARG X 57 -27.59 54.04 79.89
CA ARG X 57 -26.18 54.35 80.07
C ARG X 57 -25.98 55.70 80.76
N GLU X 58 -26.78 56.71 80.43
CA GLU X 58 -26.73 57.94 81.20
C GLU X 58 -27.61 57.89 82.44
N LEU X 59 -28.36 56.80 82.63
CA LEU X 59 -28.84 56.48 83.97
C LEU X 59 -27.69 56.09 84.88
N LEU X 60 -26.64 55.48 84.32
CA LEU X 60 -25.40 55.19 85.03
C LEU X 60 -24.38 56.31 84.91
N LEU X 61 -24.68 57.39 84.19
CA LEU X 61 -23.81 58.56 84.18
C LEU X 61 -24.31 59.70 85.04
N ARG X 62 -25.64 59.84 85.16
CA ARG X 62 -26.17 60.74 86.19
C ARG X 62 -25.92 60.18 87.58
N ALA X 63 -25.82 58.85 87.69
CA ALA X 63 -25.36 58.21 88.92
C ALA X 63 -23.84 58.27 89.08
N ARG X 64 -23.11 58.46 87.98
CA ARG X 64 -21.66 58.56 88.06
C ARG X 64 -21.22 59.94 88.52
N ILE X 65 -21.86 61.00 88.01
CA ILE X 65 -21.53 62.37 88.40
C ILE X 65 -21.90 62.61 89.86
N ASN X 66 -23.02 62.03 90.31
CA ASN X 66 -23.43 62.19 91.69
C ASN X 66 -22.52 61.42 92.66
N ASP X 67 -22.13 60.19 92.29
CA ASP X 67 -21.27 59.41 93.16
C ASP X 67 -19.83 59.93 93.18
N ALA X 68 -19.42 60.66 92.13
CA ALA X 68 -18.12 61.32 92.16
C ALA X 68 -18.15 62.59 92.99
N ALA X 69 -19.25 63.34 92.94
CA ALA X 69 -19.35 64.60 93.66
C ALA X 69 -19.57 64.41 95.16
N ARG X 70 -20.00 63.23 95.59
CA ARG X 70 -20.02 62.91 97.01
C ARG X 70 -18.60 62.86 97.58
N ALA X 71 -17.73 62.06 96.96
CA ALA X 71 -16.39 61.81 97.48
C ALA X 71 -15.39 62.95 97.22
N VAL X 72 -15.84 64.09 96.70
CA VAL X 72 -15.02 65.29 96.61
C VAL X 72 -15.31 66.22 97.78
N MET X 73 -16.59 66.44 98.08
CA MET X 73 -16.99 67.22 99.25
C MET X 73 -16.75 66.40 100.52
N LEU X 74 -16.43 67.11 101.61
CA LEU X 74 -16.25 66.46 102.92
C LEU X 74 -17.54 65.81 103.41
N ALA X 75 -18.70 66.33 103.00
CA ALA X 75 -19.96 65.64 103.17
C ALA X 75 -19.97 64.36 102.33
N TYR X 76 -19.97 63.21 103.02
CA TYR X 76 -19.97 61.87 102.41
C TYR X 76 -18.72 61.63 101.56
N ALA X 77 -17.56 61.78 102.20
CA ALA X 77 -16.30 61.28 101.66
C ALA X 77 -15.83 60.09 102.48
N SER X 78 -15.32 59.07 101.80
CA SER X 78 -14.96 57.80 102.42
C SER X 78 -13.44 57.69 102.56
N GLY X 79 -13.00 56.55 103.10
CA GLY X 79 -11.59 56.35 103.40
C GLY X 79 -10.73 56.27 102.17
N ALA X 80 -9.42 56.48 102.39
CA ALA X 80 -8.37 56.59 101.37
C ALA X 80 -8.64 57.69 100.34
N ASP X 81 -9.45 58.69 100.71
CA ASP X 81 -9.76 59.82 99.84
C ASP X 81 -9.68 61.16 100.55
N LEU X 82 -9.76 61.19 101.88
CA LEU X 82 -9.47 62.39 102.66
C LEU X 82 -8.00 62.76 102.66
N ASP X 83 -7.10 61.84 102.32
CA ASP X 83 -5.69 62.18 102.17
C ASP X 83 -5.45 63.17 101.04
N GLN X 84 -6.29 63.15 100.01
CA GLN X 84 -6.21 64.17 98.97
C GLN X 84 -6.90 65.46 99.38
N ILE X 85 -7.90 65.38 100.25
CA ILE X 85 -8.58 66.58 100.72
C ILE X 85 -7.84 67.21 101.89
N GLY X 86 -7.37 66.39 102.83
CA GLY X 86 -6.60 66.88 103.96
C GLY X 86 -5.24 67.45 103.61
N ALA X 87 -4.68 67.05 102.46
CA ALA X 87 -3.46 67.69 101.98
C ALA X 87 -3.72 69.13 101.56
N GLY X 88 -4.94 69.43 101.11
CA GLY X 88 -5.38 70.79 100.90
C GLY X 88 -5.71 71.57 102.14
N PHE X 89 -5.73 70.91 103.31
CA PHE X 89 -6.03 71.56 104.57
C PHE X 89 -4.97 71.26 105.63
N ASN X 90 -3.76 70.85 105.21
CA ASN X 90 -2.61 70.56 106.07
C ASN X 90 -2.93 69.47 107.11
N VAL X 91 -3.70 68.47 106.68
CA VAL X 91 -4.12 67.38 107.54
C VAL X 91 -3.45 66.09 107.06
N GLN X 92 -2.53 65.58 107.86
CA GLN X 92 -1.89 64.29 107.63
C GLN X 92 -2.32 63.33 108.73
N ARG X 93 -2.66 62.10 108.35
CA ARG X 93 -3.00 61.10 109.35
C ARG X 93 -1.75 60.65 110.11
N LEU X 94 -1.90 60.46 111.42
CA LEU X 94 -0.80 60.09 112.29
C LEU X 94 -0.99 58.66 112.78
N LEU X 95 -0.06 58.20 113.61
CA LEU X 95 -0.06 56.82 114.07
C LEU X 95 -0.56 56.74 115.50
N ILE X 96 -1.63 55.97 115.71
CA ILE X 96 -2.17 55.65 117.02
C ILE X 96 -1.95 54.16 117.20
N ARG X 97 -0.91 53.79 117.97
CA ARG X 97 -0.32 52.46 118.20
C ARG X 97 -0.18 51.69 116.89
N PRO X 98 0.82 52.05 116.06
CA PRO X 98 0.93 51.44 114.71
C PRO X 98 1.41 50.00 114.71
N ALA X 99 1.71 49.49 113.52
CA ALA X 99 2.04 48.08 113.31
C ALA X 99 3.43 47.76 113.86
N GLN X 100 3.47 47.53 115.17
CA GLN X 100 4.62 46.88 115.78
C GLN X 100 4.31 45.39 115.91
N PRO X 101 4.98 44.51 115.16
CA PRO X 101 4.74 43.07 115.32
C PRO X 101 5.38 42.50 116.58
N GLU X 102 4.64 42.55 117.69
CA GLU X 102 4.99 41.80 118.89
C GLU X 102 5.15 40.31 118.59
N ALA X 103 4.17 39.73 117.91
CA ALA X 103 4.35 38.44 117.23
C ALA X 103 4.07 38.63 115.75
N VAL X 104 4.84 37.93 114.92
CA VAL X 104 4.94 38.23 113.49
C VAL X 104 3.69 37.80 112.69
N PRO X 105 3.08 36.62 112.87
CA PRO X 105 1.82 36.36 112.13
C PRO X 105 0.62 37.20 112.57
N PRO X 106 0.38 37.51 113.90
CA PRO X 106 -0.74 38.44 114.17
C PRO X 106 -0.38 39.90 113.92
N VAL X 107 -0.51 40.35 112.68
CA VAL X 107 -0.21 41.74 112.35
C VAL X 107 -1.33 42.61 112.91
N GLU X 108 -0.95 43.72 113.55
CA GLU X 108 -1.90 44.66 114.16
C GLU X 108 -1.63 46.06 113.63
N ALA X 109 -2.21 46.38 112.48
CA ALA X 109 -2.07 47.69 111.86
C ALA X 109 -3.34 48.49 112.10
N GLN X 110 -3.17 49.77 112.43
CA GLN X 110 -4.31 50.60 112.77
C GLN X 110 -3.97 52.06 112.53
N TYR X 111 -4.90 52.78 111.90
CA TYR X 111 -4.80 54.20 111.62
C TYR X 111 -5.92 54.93 112.37
N GLU X 112 -6.03 56.23 112.10
CA GLU X 112 -7.20 56.99 112.55
C GLU X 112 -8.41 56.64 111.70
N SER X 113 -9.55 56.45 112.36
CA SER X 113 -10.79 56.12 111.70
C SER X 113 -11.43 57.38 111.09
N ASP X 114 -12.57 57.21 110.45
CA ASP X 114 -13.34 58.33 109.92
C ASP X 114 -14.09 59.06 111.03
N LYS X 115 -14.81 60.12 110.63
CA LYS X 115 -15.72 60.99 111.38
C LYS X 115 -15.09 61.70 112.59
N SER X 116 -13.78 61.53 112.79
CA SER X 116 -12.98 62.39 113.65
C SER X 116 -11.81 63.03 112.94
N LEU X 117 -11.28 62.40 111.89
CA LEU X 117 -10.26 63.05 111.08
C LEU X 117 -10.86 64.15 110.21
N ARG X 118 -12.12 63.97 109.80
CA ARG X 118 -12.85 65.02 109.10
C ARG X 118 -13.07 66.23 110.00
N ASN X 119 -13.31 65.99 111.29
CA ASN X 119 -13.48 67.07 112.26
C ASN X 119 -12.22 67.92 112.38
N ARG X 120 -11.05 67.29 112.33
CA ARG X 120 -9.79 68.03 112.33
C ARG X 120 -9.66 68.89 111.07
N ILE X 121 -10.12 68.36 109.93
CA ILE X 121 -10.15 69.12 108.68
C ILE X 121 -11.08 70.32 108.82
N GLN X 122 -12.20 70.13 109.54
CA GLN X 122 -13.11 71.24 109.81
C GLN X 122 -12.44 72.31 110.66
N LEU X 123 -11.57 71.90 111.59
CA LEU X 123 -10.84 72.82 112.45
C LEU X 123 -9.51 73.26 111.86
N ALA X 124 -9.22 72.91 110.60
CA ALA X 124 -7.95 73.29 109.96
C ALA X 124 -7.82 74.80 109.85
N PHE X 125 -8.89 75.50 109.47
CA PHE X 125 -8.83 76.95 109.35
C PHE X 125 -8.89 77.63 110.71
N GLU X 126 -9.28 76.93 111.76
CA GLU X 126 -9.25 77.45 113.12
C GLU X 126 -7.89 77.24 113.79
N GLN X 127 -6.90 76.73 113.05
CA GLN X 127 -5.54 76.60 113.54
C GLN X 127 -4.57 77.57 112.85
N LEU X 128 -5.05 78.39 111.91
CA LEU X 128 -4.20 79.38 111.28
C LEU X 128 -3.88 80.53 112.22
N SER X 129 -4.90 81.09 112.88
CA SER X 129 -4.71 82.25 113.73
C SER X 129 -4.01 81.88 115.03
N VAL X 130 -2.83 82.44 115.25
CA VAL X 130 -2.05 82.19 116.46
C VAL X 130 -2.26 83.29 117.50
N ALA X 131 -3.09 84.29 117.18
CA ALA X 131 -3.52 85.33 118.12
C ALA X 131 -4.65 84.88 119.05
N GLY X 132 -4.98 83.59 119.05
CA GLY X 132 -5.93 83.02 119.97
C GLY X 132 -7.38 83.50 119.86
N PRO X 133 -8.10 83.12 118.77
CA PRO X 133 -9.57 83.27 118.82
C PRO X 133 -10.24 82.21 119.68
N ARG X 134 -11.57 82.15 119.63
CA ARG X 134 -12.33 81.26 120.50
C ARG X 134 -12.08 79.79 120.19
N ASN X 135 -11.77 79.46 118.93
CA ASN X 135 -11.64 78.08 118.50
C ASN X 135 -10.19 77.59 118.42
N ALA X 136 -9.21 78.49 118.43
CA ALA X 136 -7.81 78.05 118.36
C ALA X 136 -7.36 77.38 119.65
N TYR X 137 -7.92 77.80 120.79
CA TYR X 137 -7.69 77.03 122.02
C TYR X 137 -8.38 75.68 121.96
N ILE X 138 -9.51 75.59 121.28
CA ILE X 138 -10.20 74.32 121.07
C ILE X 138 -9.42 73.44 120.09
N ALA X 139 -9.20 73.95 118.87
CA ALA X 139 -8.66 73.18 117.76
C ALA X 139 -7.21 72.73 117.94
N HIS X 140 -6.49 73.28 118.90
CA HIS X 140 -5.17 72.76 119.24
C HIS X 140 -5.21 71.75 120.38
N ALA X 141 -6.25 71.79 121.22
CA ALA X 141 -6.38 70.85 122.32
C ALA X 141 -6.89 69.48 121.87
N LEU X 142 -7.37 69.35 120.63
CA LEU X 142 -7.76 68.05 120.08
C LEU X 142 -6.58 67.29 119.46
N GLY X 143 -5.35 67.66 119.78
CA GLY X 143 -4.21 66.88 119.32
C GLY X 143 -3.98 65.61 120.11
N ALA X 144 -4.47 65.55 121.34
CA ALA X 144 -4.35 64.38 122.18
C ALA X 144 -5.47 63.39 121.87
N ASP X 145 -5.33 62.17 122.40
CA ASP X 145 -6.24 61.07 122.13
C ASP X 145 -7.10 60.69 123.31
N GLY X 146 -6.57 60.77 124.53
CA GLY X 146 -7.31 60.37 125.71
C GLY X 146 -8.19 61.44 126.32
N ARG X 147 -8.85 62.24 125.49
CA ARG X 147 -9.71 63.32 125.96
C ARG X 147 -10.94 63.42 125.05
N VAL X 148 -11.70 64.50 125.26
CA VAL X 148 -12.75 64.96 124.36
C VAL X 148 -12.52 66.47 124.15
N ALA X 149 -13.38 67.09 123.35
CA ALA X 149 -13.17 68.47 122.90
C ALA X 149 -13.32 69.46 124.06
N ASP X 150 -13.06 70.73 123.75
CA ASP X 150 -12.86 71.77 124.75
C ASP X 150 -13.88 72.88 124.51
N ALA X 151 -14.15 73.66 125.56
CA ALA X 151 -14.94 74.88 125.46
C ALA X 151 -14.26 76.00 126.21
N SER X 152 -14.42 77.22 125.69
CA SER X 152 -13.77 78.40 126.23
C SER X 152 -14.82 79.39 126.74
N ALA X 153 -14.51 80.05 127.86
CA ALA X 153 -15.38 81.07 128.44
C ALA X 153 -14.51 82.00 129.26
N THR X 154 -15.11 83.12 129.68
CA THR X 154 -14.42 84.08 130.55
C THR X 154 -15.47 84.82 131.37
N SER X 155 -15.59 84.46 132.64
CA SER X 155 -16.27 85.28 133.65
C SER X 155 -15.37 86.37 134.27
N PRO X 156 -14.10 86.09 134.77
CA PRO X 156 -13.38 87.14 135.50
C PRO X 156 -12.80 88.25 134.62
N ALA X 157 -11.95 89.08 135.26
CA ALA X 157 -11.11 90.14 134.71
C ALA X 157 -10.37 89.71 133.44
N PRO X 158 -10.10 90.63 132.50
CA PRO X 158 -9.61 90.22 131.18
C PRO X 158 -8.19 89.65 131.20
N CYS X 159 -7.85 88.98 130.10
CA CYS X 159 -6.67 88.11 129.96
C CYS X 159 -6.62 87.05 131.07
N GLU X 160 -7.78 86.50 131.40
CA GLU X 160 -7.90 85.32 132.27
C GLU X 160 -8.86 84.37 131.58
N VAL X 161 -8.31 83.35 130.92
CA VAL X 161 -9.10 82.44 130.09
C VAL X 161 -9.54 81.26 130.95
N LEU X 162 -10.83 80.95 130.91
CA LEU X 162 -11.40 79.79 131.58
C LEU X 162 -11.75 78.75 130.52
N ILE X 163 -10.84 77.79 130.34
CA ILE X 163 -11.07 76.67 129.45
C ILE X 163 -11.39 75.42 130.27
N SER X 164 -12.39 74.67 129.82
CA SER X 164 -12.91 73.51 130.55
C SER X 164 -12.45 72.26 129.81
N VAL X 165 -11.36 71.66 130.30
CA VAL X 165 -10.77 70.49 129.65
C VAL X 165 -11.58 69.28 130.11
N LEU X 166 -12.54 68.87 129.29
CA LEU X 166 -13.30 67.66 129.54
C LEU X 166 -12.62 66.48 128.86
N GLY X 167 -12.87 65.29 129.39
CA GLY X 167 -12.26 64.08 128.86
C GLY X 167 -13.17 62.88 128.96
N VAL X 168 -13.38 62.19 127.83
CA VAL X 168 -14.15 60.95 127.81
C VAL X 168 -13.14 59.80 127.82
N GLU X 169 -13.01 59.15 128.97
CA GLU X 169 -12.38 57.85 129.07
C GLU X 169 -13.13 56.89 129.98
N GLY X 170 -14.07 57.37 130.79
CA GLY X 170 -14.79 56.52 131.72
C GLY X 170 -15.64 57.30 132.71
N ASN X 171 -15.53 56.98 133.99
CA ASN X 171 -16.32 57.61 135.04
C ASN X 171 -15.73 58.98 135.37
N GLY X 172 -16.15 59.99 134.61
CA GLY X 172 -15.96 61.37 135.02
C GLY X 172 -14.55 61.93 135.00
N GLN X 173 -13.97 62.06 136.21
CA GLN X 173 -12.75 62.82 136.49
C GLN X 173 -11.56 62.40 135.63
N ALA X 174 -11.03 63.35 134.87
CA ALA X 174 -9.82 63.14 134.09
C ALA X 174 -8.57 63.23 134.98
N PRO X 175 -7.52 62.48 134.66
CA PRO X 175 -6.31 62.53 135.48
C PRO X 175 -5.56 63.85 135.30
N GLU X 176 -4.87 64.26 136.37
CA GLU X 176 -4.11 65.50 136.33
C GLU X 176 -2.83 65.39 135.52
N ALA X 177 -2.29 64.19 135.34
CA ALA X 177 -1.15 64.01 134.46
C ALA X 177 -1.56 64.15 132.99
N VAL X 178 -2.80 63.77 132.67
CA VAL X 178 -3.32 64.02 131.32
C VAL X 178 -3.66 65.49 131.16
N LEU X 179 -3.98 66.17 132.27
CA LEU X 179 -4.30 67.60 132.24
C LEU X 179 -3.07 68.44 131.88
N GLN X 180 -1.87 67.97 132.19
CA GLN X 180 -0.66 68.73 131.92
C GLN X 180 -0.28 68.74 130.44
N ALA X 181 -0.90 67.88 129.62
CA ALA X 181 -0.55 67.77 128.22
C ALA X 181 -1.05 68.95 127.40
N VAL X 182 -2.02 69.71 127.90
CA VAL X 182 -2.53 70.84 127.13
C VAL X 182 -1.54 72.00 127.16
N ARG X 183 -0.73 72.10 128.21
CA ARG X 183 0.33 73.09 128.24
C ARG X 183 1.50 72.69 127.34
N LEU X 184 1.66 71.38 127.10
CA LEU X 184 2.58 70.92 126.06
C LEU X 184 2.00 71.08 124.67
N ALA X 185 0.67 71.18 124.53
CA ALA X 185 0.04 71.47 123.26
C ALA X 185 -0.24 72.95 123.05
N LEU X 186 -0.12 73.77 124.12
CA LEU X 186 -0.32 75.22 124.03
C LEU X 186 0.87 75.90 124.72
N ASN X 187 1.96 76.04 123.98
CA ASN X 187 3.12 76.79 124.46
C ASN X 187 3.49 77.93 123.53
N ALA X 188 3.61 77.66 122.23
CA ALA X 188 3.87 78.67 121.21
C ALA X 188 2.67 78.84 120.28
N GLU X 189 1.48 78.46 120.73
CA GLU X 189 0.25 78.69 119.98
C GLU X 189 -0.64 79.76 120.59
N ASP X 190 -0.49 80.06 121.88
CA ASP X 190 -1.32 81.07 122.53
C ASP X 190 -0.73 82.45 122.26
N VAL X 191 -1.28 83.47 122.92
CA VAL X 191 -0.63 84.77 123.02
C VAL X 191 0.20 84.77 124.29
N ARG X 192 1.30 85.51 124.30
CA ARG X 192 2.17 85.51 125.46
C ARG X 192 1.65 86.35 126.65
N PRO X 193 1.07 87.57 126.49
CA PRO X 193 0.51 88.24 127.67
C PRO X 193 -0.72 87.55 128.26
N VAL X 194 -1.51 86.84 127.45
CA VAL X 194 -2.73 86.23 127.97
C VAL X 194 -2.35 85.01 128.82
N ALA X 195 -3.18 84.72 129.83
CA ALA X 195 -2.87 83.67 130.80
C ALA X 195 -4.15 82.92 131.13
N ASP X 196 -4.15 81.61 130.92
CA ASP X 196 -5.32 80.77 131.13
C ASP X 196 -5.22 80.04 132.46
N ARG X 197 -6.37 79.72 133.03
CA ARG X 197 -6.48 78.73 134.09
C ARG X 197 -7.13 77.47 133.53
N VAL X 198 -6.66 76.32 134.01
CA VAL X 198 -7.05 75.03 133.44
C VAL X 198 -7.87 74.30 134.50
N THR X 199 -9.19 74.29 134.31
CA THR X 199 -10.12 73.57 135.18
C THR X 199 -10.68 72.39 134.41
N VAL X 200 -10.53 71.18 134.96
CA VAL X 200 -11.06 69.99 134.31
C VAL X 200 -12.57 69.89 134.45
N ARG X 201 -13.10 70.11 135.66
CA ARG X 201 -14.53 70.14 135.93
C ARG X 201 -14.83 71.50 136.54
N SER X 202 -15.42 72.39 135.74
CA SER X 202 -15.60 73.78 136.14
C SER X 202 -16.97 74.11 136.69
N ALA X 203 -17.92 73.17 136.67
CA ALA X 203 -19.24 73.44 137.23
C ALA X 203 -19.71 72.37 138.19
N GLY X 204 -19.30 71.12 137.97
CA GLY X 204 -19.76 70.04 138.82
C GLY X 204 -20.41 68.91 138.07
N ILE X 205 -20.50 67.74 138.69
CA ILE X 205 -21.05 66.53 138.06
C ILE X 205 -22.23 66.06 138.89
N VAL X 206 -23.39 65.96 138.24
CA VAL X 206 -24.58 65.38 138.85
C VAL X 206 -24.90 64.04 138.19
N PRO X 207 -25.31 63.02 138.94
CA PRO X 207 -25.57 61.71 138.33
C PRO X 207 -26.94 61.67 137.66
N TYR X 208 -26.97 61.20 136.41
CA TYR X 208 -28.19 61.09 135.64
C TYR X 208 -28.45 59.64 135.25
N GLN X 209 -29.70 59.33 134.95
CA GLN X 209 -30.13 58.03 134.45
C GLN X 209 -31.21 58.25 133.39
N VAL X 210 -31.75 57.14 132.89
CA VAL X 210 -32.98 57.14 132.11
C VAL X 210 -33.68 55.80 132.34
N LYS X 211 -35.02 55.85 132.39
CA LYS X 211 -35.85 54.66 132.54
C LYS X 211 -36.97 54.74 131.50
N ALA X 212 -36.92 53.85 130.52
CA ALA X 212 -37.85 53.85 129.39
C ALA X 212 -38.58 52.52 129.33
N GLN X 213 -39.90 52.58 129.15
CA GLN X 213 -40.73 51.39 128.99
C GLN X 213 -41.22 51.35 127.54
N LEU X 214 -40.41 50.77 126.66
CA LEU X 214 -40.75 50.76 125.25
C LEU X 214 -41.78 49.67 124.96
N TYR X 215 -42.45 49.81 123.83
CA TYR X 215 -43.32 48.77 123.29
C TYR X 215 -42.78 48.31 121.93
N LEU X 216 -42.81 47.01 121.69
CA LEU X 216 -42.59 46.46 120.36
C LEU X 216 -43.85 45.80 119.83
N PHE X 217 -43.88 45.58 118.52
CA PHE X 217 -45.02 44.95 117.87
C PHE X 217 -45.05 43.45 118.15
N PRO X 218 -46.24 42.83 118.09
CA PRO X 218 -46.30 41.35 118.04
C PRO X 218 -45.81 40.82 116.71
N GLY X 219 -44.61 40.22 116.69
CA GLY X 219 -43.89 40.01 115.47
C GLY X 219 -42.46 39.56 115.70
N PRO X 220 -41.49 40.31 115.12
CA PRO X 220 -40.08 39.88 115.17
C PRO X 220 -39.45 39.87 116.55
N GLU X 221 -38.20 39.40 116.64
CA GLU X 221 -37.62 39.06 117.94
C GLU X 221 -37.26 40.30 118.73
N ALA X 222 -37.52 40.25 120.04
CA ALA X 222 -37.37 41.40 120.92
C ALA X 222 -35.98 41.52 121.50
N GLU X 223 -35.04 40.68 121.06
CA GLU X 223 -33.68 40.69 121.57
C GLU X 223 -32.80 41.65 120.78
N LEU X 224 -32.89 41.60 119.45
CA LEU X 224 -32.06 42.44 118.60
C LEU X 224 -32.67 43.82 118.34
N ILE X 225 -33.97 43.99 118.61
CA ILE X 225 -34.62 45.29 118.41
C ILE X 225 -34.48 46.15 119.66
N ARG X 226 -34.55 45.53 120.84
CA ARG X 226 -34.25 46.23 122.09
C ARG X 226 -32.79 46.68 122.14
N ALA X 227 -31.88 45.80 121.74
CA ALA X 227 -30.45 46.13 121.74
C ALA X 227 -30.05 47.12 120.66
N ALA X 228 -30.86 47.27 119.61
CA ALA X 228 -30.57 48.26 118.58
C ALA X 228 -30.83 49.69 119.05
N ALA X 229 -31.58 49.86 120.13
CA ALA X 229 -31.82 51.20 120.66
C ALA X 229 -30.56 51.79 121.29
N GLU X 230 -29.77 50.97 121.98
CA GLU X 230 -28.51 51.42 122.56
C GLU X 230 -27.39 51.54 121.54
N ALA X 231 -27.56 51.02 120.32
CA ALA X 231 -26.55 51.19 119.29
C ALA X 231 -26.50 52.64 118.80
N SER X 232 -27.61 53.36 118.86
CA SER X 232 -27.66 54.78 118.56
C SER X 232 -27.66 55.66 119.80
N LEU X 233 -27.61 55.06 120.99
CA LEU X 233 -27.65 55.80 122.25
C LEU X 233 -26.33 55.83 123.00
N ARG X 234 -25.63 54.70 123.08
CA ARG X 234 -24.39 54.64 123.86
C ARG X 234 -23.24 55.41 123.21
N ASP X 235 -23.31 55.66 121.91
CA ASP X 235 -22.42 56.60 121.23
C ASP X 235 -22.97 58.02 121.20
N TYR X 236 -24.25 58.20 121.53
CA TYR X 236 -24.87 59.52 121.56
C TYR X 236 -24.57 60.27 122.85
N ILE X 237 -24.49 59.55 123.98
CA ILE X 237 -24.20 60.18 125.26
C ILE X 237 -22.76 60.67 125.32
N SER X 238 -21.83 59.96 124.68
CA SER X 238 -20.44 60.40 124.59
C SER X 238 -20.25 61.58 123.63
N ALA X 239 -21.25 61.92 122.82
CA ALA X 239 -21.17 63.03 121.89
C ALA X 239 -21.88 64.28 122.39
N GLN X 240 -22.36 64.26 123.63
CA GLN X 240 -23.07 65.42 124.17
C GLN X 240 -22.10 66.48 124.69
N ARG X 241 -21.13 66.08 125.49
CA ARG X 241 -20.07 66.97 125.95
C ARG X 241 -18.98 67.18 124.92
N ARG X 242 -19.05 66.50 123.78
CA ARG X 242 -18.17 66.79 122.65
C ARG X 242 -18.41 68.19 122.09
N LEU X 243 -19.65 68.69 122.20
CA LEU X 243 -19.95 70.08 121.92
C LEU X 243 -20.26 70.90 123.16
N GLY X 244 -20.30 70.27 124.33
CA GLY X 244 -20.55 71.01 125.55
C GLY X 244 -21.96 71.51 125.72
N ARG X 245 -22.92 70.94 124.99
CA ARG X 245 -24.26 71.49 124.92
C ARG X 245 -25.24 70.56 125.61
N ASP X 246 -26.53 70.90 125.50
CA ASP X 246 -27.54 70.40 126.41
C ASP X 246 -28.05 69.03 125.95
N ILE X 247 -28.61 68.29 126.89
CA ILE X 247 -29.45 67.14 126.57
C ILE X 247 -30.89 67.56 126.80
N ARG X 248 -31.81 66.88 126.13
CA ARG X 248 -33.22 67.22 126.23
C ARG X 248 -34.01 65.98 126.59
N ARG X 249 -35.29 66.21 126.91
CA ARG X 249 -36.25 65.11 126.98
C ARG X 249 -36.39 64.42 125.62
N SER X 250 -36.46 65.20 124.54
CA SER X 250 -36.58 64.67 123.18
C SER X 250 -35.36 63.87 122.74
N ALA X 251 -34.20 64.10 123.34
CA ALA X 251 -33.05 63.24 123.08
C ALA X 251 -33.25 61.86 123.68
N LEU X 252 -34.01 61.76 124.76
CA LEU X 252 -34.34 60.48 125.38
C LEU X 252 -35.51 59.78 124.71
N PHE X 253 -36.20 60.44 123.78
CA PHE X 253 -37.22 59.78 122.96
C PHE X 253 -36.63 59.29 121.64
N ALA X 254 -36.09 60.21 120.84
CA ALA X 254 -35.75 59.94 119.45
C ALA X 254 -34.58 58.96 119.29
N THR X 255 -33.70 58.87 120.28
CA THR X 255 -32.62 57.90 120.23
C THR X 255 -33.05 56.50 120.64
N LEU X 256 -34.33 56.29 120.94
CA LEU X 256 -34.87 54.98 121.25
C LEU X 256 -35.89 54.50 120.23
N HIS X 257 -36.20 55.29 119.21
CA HIS X 257 -37.10 54.86 118.15
C HIS X 257 -36.33 54.06 117.12
N VAL X 258 -36.60 52.76 117.07
CA VAL X 258 -35.99 51.85 116.10
C VAL X 258 -37.11 51.22 115.27
N GLU X 259 -36.74 50.30 114.37
CA GLU X 259 -37.72 49.58 113.56
C GLU X 259 -38.54 48.63 114.43
N GLY X 260 -39.83 48.96 114.59
CA GLY X 260 -40.73 48.14 115.39
C GLY X 260 -41.26 48.85 116.61
N VAL X 261 -41.38 50.17 116.56
CA VAL X 261 -41.79 51.00 117.68
C VAL X 261 -43.07 51.72 117.31
N GLN X 262 -44.09 51.63 118.17
CA GLN X 262 -45.31 52.40 117.97
C GLN X 262 -45.53 53.50 118.99
N ARG X 263 -45.00 53.37 120.22
CA ARG X 263 -45.01 54.46 121.18
C ARG X 263 -43.89 54.25 122.19
N VAL X 264 -43.43 55.35 122.79
CA VAL X 264 -42.41 55.35 123.82
C VAL X 264 -42.92 56.14 125.01
N GLU X 265 -42.12 56.19 126.07
CA GLU X 265 -42.53 56.81 127.32
C GLU X 265 -41.29 57.16 128.14
N LEU X 266 -41.40 58.20 128.97
CA LEU X 266 -40.29 58.71 129.76
C LEU X 266 -40.79 59.09 131.14
N GLN X 267 -40.01 58.73 132.17
CA GLN X 267 -40.33 59.08 133.56
C GLN X 267 -39.20 59.72 134.34
N GLU X 268 -37.95 59.65 133.89
CA GLU X 268 -36.81 59.99 134.74
C GLU X 268 -36.66 61.49 135.02
N PRO X 269 -36.88 62.42 134.07
CA PRO X 269 -37.06 63.80 134.50
C PRO X 269 -38.52 64.19 134.72
N ALA X 270 -38.76 64.93 135.79
CA ALA X 270 -40.04 65.62 135.94
C ALA X 270 -40.10 66.86 135.06
N ALA X 271 -39.00 67.61 134.99
CA ALA X 271 -38.84 68.70 134.03
C ALA X 271 -37.41 68.65 133.50
N ASP X 272 -37.22 69.25 132.32
CA ASP X 272 -35.91 69.22 131.68
C ASP X 272 -34.91 70.10 132.42
N VAL X 273 -33.64 69.71 132.33
CA VAL X 273 -32.57 70.45 132.96
C VAL X 273 -31.88 71.29 131.90
N VAL X 274 -31.04 72.24 132.35
CA VAL X 274 -30.30 73.10 131.45
C VAL X 274 -28.80 72.82 131.63
N LEU X 275 -28.09 72.69 130.50
CA LEU X 275 -26.65 72.53 130.50
C LEU X 275 -26.05 73.54 129.52
N ASP X 276 -25.41 74.58 130.05
CA ASP X 276 -24.86 75.64 129.23
C ASP X 276 -23.50 75.22 128.68
N GLU X 277 -22.76 76.17 128.10
CA GLU X 277 -21.40 75.90 127.63
C GLU X 277 -20.43 75.67 128.79
N THR X 278 -20.74 76.19 129.98
CA THR X 278 -19.95 75.90 131.18
C THR X 278 -20.45 74.65 131.89
N GLN X 279 -21.76 74.56 132.12
CA GLN X 279 -22.34 73.49 132.91
C GLN X 279 -22.36 72.19 132.11
N ALA X 280 -21.90 71.11 132.72
CA ALA X 280 -21.93 69.78 132.12
C ALA X 280 -22.28 68.75 133.19
N ALA X 281 -22.57 67.54 132.75
CA ALA X 281 -22.98 66.47 133.65
C ALA X 281 -22.51 65.14 133.08
N TYR X 282 -22.76 64.07 133.83
CA TYR X 282 -22.32 62.74 133.44
C TYR X 282 -23.45 61.75 133.71
N CYS X 283 -23.53 60.71 132.89
CA CYS X 283 -24.56 59.69 133.00
C CYS X 283 -23.93 58.39 133.48
N THR X 284 -24.42 57.89 134.62
CA THR X 284 -23.78 56.76 135.27
C THR X 284 -24.23 55.44 134.65
N GLY X 285 -25.52 55.11 134.77
CA GLY X 285 -26.00 53.83 134.33
C GLY X 285 -27.46 53.79 133.93
N TYR X 286 -27.75 53.16 132.79
CA TYR X 286 -29.07 53.15 132.20
C TYR X 286 -29.71 51.78 132.34
N ALA X 287 -31.04 51.74 132.18
CA ALA X 287 -31.78 50.48 132.16
C ALA X 287 -33.00 50.67 131.27
N ILE X 288 -32.89 50.27 130.01
CA ILE X 288 -33.98 50.36 129.05
C ILE X 288 -34.46 48.94 128.76
N THR X 289 -35.68 48.63 129.22
CA THR X 289 -36.32 47.33 128.97
C THR X 289 -37.64 47.56 128.23
N LEU X 290 -38.41 46.48 128.08
CA LEU X 290 -39.72 46.55 127.46
C LEU X 290 -40.83 46.44 128.50
N GLY X 291 -41.97 47.03 128.19
CA GLY X 291 -43.15 46.92 129.04
C GLY X 291 -43.98 45.69 128.76
N GLY X 292 -43.89 45.16 127.55
CA GLY X 292 -44.64 43.98 127.17
C GLY X 292 -44.12 42.69 127.78
N ILE Y 2 -92.01 -31.56 97.34
CA ILE Y 2 -90.66 -31.56 96.78
C ILE Y 2 -90.50 -32.70 95.79
N ILE Y 3 -90.69 -32.40 94.51
CA ILE Y 3 -90.66 -33.40 93.45
C ILE Y 3 -89.62 -32.97 92.42
N ASP Y 4 -88.69 -33.86 92.10
CA ASP Y 4 -87.65 -33.57 91.12
C ASP Y 4 -88.27 -33.42 89.73
N LEU Y 5 -88.02 -32.28 89.10
CA LEU Y 5 -88.52 -32.02 87.75
C LEU Y 5 -87.54 -32.48 86.68
N SER Y 6 -86.33 -32.87 87.06
CA SER Y 6 -85.29 -33.27 86.12
C SER Y 6 -85.33 -34.75 85.78
N GLN Y 7 -86.52 -35.37 85.86
CA GLN Y 7 -86.70 -36.78 85.49
C GLN Y 7 -87.79 -36.94 84.44
N LEU Y 8 -88.07 -35.89 83.68
CA LEU Y 8 -89.12 -35.86 82.68
C LEU Y 8 -88.52 -35.97 81.28
N PRO Y 9 -89.35 -36.16 80.25
CA PRO Y 9 -88.86 -35.94 78.88
C PRO Y 9 -88.44 -34.50 78.65
N GLU Y 10 -87.52 -34.32 77.70
CA GLU Y 10 -86.87 -33.03 77.53
C GLU Y 10 -87.82 -32.03 76.87
N PRO Y 11 -87.84 -30.78 77.36
CA PRO Y 11 -88.57 -29.73 76.64
C PRO Y 11 -87.72 -29.14 75.52
N GLU Y 12 -88.37 -28.83 74.41
CA GLU Y 12 -87.73 -28.20 73.26
C GLU Y 12 -88.15 -26.73 73.20
N VAL Y 13 -87.20 -25.83 73.41
CA VAL Y 13 -87.51 -24.40 73.34
C VAL Y 13 -87.50 -23.93 71.90
N ILE Y 14 -86.53 -24.40 71.11
CA ILE Y 14 -86.58 -24.34 69.65
C ILE Y 14 -86.94 -25.74 69.15
N GLU Y 15 -87.64 -25.79 68.02
CA GLU Y 15 -87.96 -27.07 67.40
C GLU Y 15 -86.70 -27.71 66.85
N ASN Y 16 -86.67 -29.04 66.87
CA ASN Y 16 -85.47 -29.80 66.52
C ASN Y 16 -85.79 -30.62 65.27
N LEU Y 17 -85.62 -29.99 64.12
CA LEU Y 17 -85.88 -30.66 62.85
C LEU Y 17 -84.75 -31.61 62.49
N ASP Y 18 -85.07 -32.62 61.69
CA ASP Y 18 -84.06 -33.56 61.23
C ASP Y 18 -83.32 -32.98 60.02
N PHE Y 19 -82.33 -33.74 59.53
CA PHE Y 19 -81.37 -33.22 58.56
C PHE Y 19 -82.01 -32.98 57.19
N GLU Y 20 -83.09 -33.70 56.86
CA GLU Y 20 -83.62 -33.62 55.51
C GLU Y 20 -84.53 -32.41 55.31
N THR Y 21 -85.42 -32.11 56.25
CA THR Y 21 -86.30 -30.96 56.07
C THR Y 21 -85.60 -29.63 56.33
N ILE Y 22 -84.42 -29.63 56.95
CA ILE Y 22 -83.60 -28.43 57.00
C ILE Y 22 -82.98 -28.17 55.63
N TYR Y 23 -82.60 -29.23 54.92
CA TYR Y 23 -81.93 -29.10 53.64
C TYR Y 23 -82.86 -28.54 52.57
N GLN Y 24 -84.07 -29.10 52.45
CA GLN Y 24 -85.03 -28.60 51.48
C GLN Y 24 -85.59 -27.23 51.84
N GLU Y 25 -85.56 -26.87 53.13
CA GLU Y 25 -85.95 -25.51 53.51
C GLU Y 25 -84.90 -24.50 53.07
N LEU Y 26 -83.62 -24.89 53.04
CA LEU Y 26 -82.58 -23.99 52.54
C LEU Y 26 -82.61 -23.89 51.02
N LEU Y 27 -82.92 -25.00 50.35
CA LEU Y 27 -82.98 -25.01 48.89
C LEU Y 27 -84.10 -24.10 48.37
N GLY Y 28 -85.25 -24.09 49.05
CA GLY Y 28 -86.34 -23.22 48.65
C GLY Y 28 -85.99 -21.75 48.71
N ASP Y 29 -85.31 -21.35 49.80
CA ASP Y 29 -84.84 -19.97 49.94
C ASP Y 29 -83.78 -19.67 48.87
N PHE Y 30 -82.93 -20.65 48.57
CA PHE Y 30 -81.89 -20.50 47.55
C PHE Y 30 -82.47 -20.28 46.17
N ARG Y 31 -83.54 -21.01 45.82
CA ARG Y 31 -84.18 -20.84 44.51
C ARG Y 31 -84.79 -19.46 44.36
N GLU Y 32 -85.40 -18.93 45.44
CA GLU Y 32 -85.97 -17.58 45.39
C GLU Y 32 -84.88 -16.53 45.19
N ALA Y 33 -83.73 -16.70 45.84
CA ALA Y 33 -82.61 -15.78 45.69
C ALA Y 33 -82.04 -15.84 44.28
N MET Y 34 -81.92 -17.04 43.71
CA MET Y 34 -81.38 -17.25 42.38
C MET Y 34 -82.42 -17.22 41.28
N ALA Y 35 -83.64 -16.76 41.58
CA ALA Y 35 -84.75 -16.75 40.61
C ALA Y 35 -84.38 -16.03 39.33
N GLY Y 36 -84.55 -16.70 38.20
CA GLY Y 36 -84.14 -16.18 36.93
C GLY Y 36 -82.73 -16.58 36.53
N GLU Y 37 -81.96 -17.16 37.45
CA GLU Y 37 -80.59 -17.58 37.19
C GLU Y 37 -80.33 -19.05 37.43
N TRP Y 38 -81.30 -19.80 37.95
CA TRP Y 38 -81.08 -21.21 38.23
C TRP Y 38 -80.94 -22.01 36.95
N THR Y 39 -79.95 -22.89 36.94
CA THR Y 39 -79.66 -23.78 35.82
C THR Y 39 -79.30 -25.14 36.42
N ALA Y 40 -79.39 -26.17 35.60
CA ALA Y 40 -78.99 -27.52 36.03
C ALA Y 40 -77.50 -27.55 36.35
N GLU Y 41 -76.70 -26.81 35.58
CA GLU Y 41 -75.27 -26.70 35.83
C GLU Y 41 -74.96 -26.02 37.17
N VAL Y 42 -75.84 -25.09 37.59
CA VAL Y 42 -75.63 -24.36 38.85
C VAL Y 42 -75.62 -25.29 40.05
N GLU Y 43 -76.51 -26.30 40.05
CA GLU Y 43 -76.55 -27.26 41.15
C GLU Y 43 -75.49 -28.36 40.90
N SER Y 44 -74.24 -27.93 40.98
CA SER Y 44 -73.10 -28.80 40.78
C SER Y 44 -72.77 -29.55 42.07
N ASP Y 45 -71.86 -30.51 41.95
CA ASP Y 45 -71.43 -31.28 43.11
C ASP Y 45 -70.72 -30.46 44.19
N PRO Y 46 -69.80 -29.49 43.90
CA PRO Y 46 -69.25 -28.69 45.01
C PRO Y 46 -70.28 -27.80 45.71
N VAL Y 47 -71.24 -27.26 44.96
CA VAL Y 47 -72.26 -26.39 45.55
C VAL Y 47 -73.20 -27.20 46.45
N LEU Y 48 -73.58 -28.40 46.01
CA LEU Y 48 -74.47 -29.24 46.82
C LEU Y 48 -73.81 -29.69 48.12
N LYS Y 49 -72.52 -30.07 48.07
CA LYS Y 49 -71.81 -30.45 49.29
C LYS Y 49 -71.61 -29.29 50.25
N LEU Y 50 -71.64 -28.05 49.76
CA LEU Y 50 -71.72 -26.89 50.64
C LEU Y 50 -73.08 -26.81 51.32
N LEU Y 51 -74.15 -27.09 50.58
CA LEU Y 51 -75.49 -27.05 51.14
C LEU Y 51 -75.77 -28.23 52.06
N GLN Y 52 -75.07 -29.36 51.89
CA GLN Y 52 -75.19 -30.45 52.85
C GLN Y 52 -74.44 -30.16 54.14
N LEU Y 53 -73.40 -29.33 54.08
CA LEU Y 53 -72.80 -28.83 55.32
C LEU Y 53 -73.74 -27.88 56.03
N ALA Y 54 -74.32 -26.93 55.30
CA ALA Y 54 -75.17 -25.91 55.91
C ALA Y 54 -76.44 -26.48 56.51
N ALA Y 55 -76.98 -27.57 55.92
CA ALA Y 55 -78.08 -28.28 56.56
C ALA Y 55 -77.66 -28.98 57.84
N TYR Y 56 -76.37 -29.28 58.00
CA TYR Y 56 -75.84 -29.91 59.20
C TYR Y 56 -75.41 -28.90 60.27
N ARG Y 57 -75.11 -27.66 59.90
CA ARG Y 57 -74.58 -26.73 60.90
C ARG Y 57 -75.66 -26.19 61.81
N GLU Y 58 -76.85 -25.89 61.28
CA GLU Y 58 -77.96 -25.56 62.16
C GLU Y 58 -78.70 -26.79 62.65
N LEU Y 59 -78.33 -27.99 62.19
CA LEU Y 59 -78.65 -29.18 62.94
C LEU Y 59 -77.87 -29.24 64.25
N LEU Y 60 -76.67 -28.66 64.27
CA LEU Y 60 -75.88 -28.48 65.48
C LEU Y 60 -76.13 -27.15 66.16
N LEU Y 61 -77.01 -26.30 65.62
CA LEU Y 61 -77.41 -25.08 66.31
C LEU Y 61 -78.79 -25.19 66.94
N ARG Y 62 -79.70 -25.95 66.33
CA ARG Y 62 -80.94 -26.30 67.01
C ARG Y 62 -80.65 -27.24 68.18
N ALA Y 63 -79.58 -28.03 68.08
CA ALA Y 63 -79.08 -28.81 69.21
C ALA Y 63 -78.29 -27.97 70.19
N ARG Y 64 -77.77 -26.82 69.76
CA ARG Y 64 -77.03 -25.93 70.65
C ARG Y 64 -77.96 -25.10 71.53
N ILE Y 65 -79.04 -24.58 70.95
CA ILE Y 65 -80.02 -23.80 71.70
C ILE Y 65 -80.76 -24.67 72.71
N ASN Y 66 -81.05 -25.93 72.34
CA ASN Y 66 -81.71 -26.84 73.27
C ASN Y 66 -80.79 -27.27 74.41
N ASP Y 67 -79.53 -27.57 74.11
CA ASP Y 67 -78.59 -27.99 75.15
C ASP Y 67 -78.18 -26.84 76.06
N ALA Y 68 -78.28 -25.60 75.59
CA ALA Y 68 -78.06 -24.45 76.45
C ALA Y 68 -79.25 -24.17 77.35
N ALA Y 69 -80.46 -24.36 76.83
CA ALA Y 69 -81.68 -24.07 77.58
C ALA Y 69 -81.98 -25.12 78.64
N ARG Y 70 -81.40 -26.31 78.52
CA ARG Y 70 -81.47 -27.28 79.61
C ARG Y 70 -80.75 -26.80 80.85
N ALA Y 71 -79.47 -26.40 80.69
CA ALA Y 71 -78.61 -26.04 81.81
C ALA Y 71 -78.88 -24.65 82.37
N VAL Y 72 -79.91 -23.95 81.90
CA VAL Y 72 -80.36 -22.71 82.52
C VAL Y 72 -81.52 -22.96 83.47
N MET Y 73 -82.50 -23.75 83.04
CA MET Y 73 -83.59 -24.18 83.91
C MET Y 73 -83.10 -25.21 84.91
N LEU Y 74 -83.71 -25.20 86.10
CA LEU Y 74 -83.38 -26.19 87.13
C LEU Y 74 -83.72 -27.61 86.70
N ALA Y 75 -84.71 -27.76 85.82
CA ALA Y 75 -84.95 -29.02 85.12
C ALA Y 75 -83.76 -29.31 84.19
N TYR Y 76 -83.01 -30.36 84.54
CA TYR Y 76 -81.82 -30.83 83.80
C TYR Y 76 -80.72 -29.76 83.76
N ALA Y 77 -80.30 -29.34 84.95
CA ALA Y 77 -79.07 -28.59 85.14
C ALA Y 77 -78.04 -29.47 85.83
N SER Y 78 -76.79 -29.40 85.39
CA SER Y 78 -75.74 -30.27 85.86
C SER Y 78 -74.80 -29.51 86.80
N GLY Y 79 -73.76 -30.22 87.27
CA GLY Y 79 -72.87 -29.67 88.27
C GLY Y 79 -72.02 -28.52 87.74
N ALA Y 80 -71.49 -27.74 88.69
CA ALA Y 80 -70.74 -26.50 88.47
C ALA Y 80 -71.53 -25.45 87.70
N ASP Y 81 -72.86 -25.54 87.73
CA ASP Y 81 -73.74 -24.59 87.06
C ASP Y 81 -74.90 -24.14 87.93
N LEU Y 82 -75.26 -24.90 88.96
CA LEU Y 82 -76.21 -24.43 89.98
C LEU Y 82 -75.65 -23.34 90.87
N ASP Y 83 -74.33 -23.17 90.92
CA ASP Y 83 -73.75 -22.05 91.67
C ASP Y 83 -74.13 -20.70 91.07
N GLN Y 84 -74.38 -20.65 89.76
CA GLN Y 84 -74.90 -19.43 89.16
C GLN Y 84 -76.41 -19.30 89.33
N ILE Y 85 -77.11 -20.42 89.47
CA ILE Y 85 -78.56 -20.37 89.69
C ILE Y 85 -78.88 -20.20 91.17
N GLY Y 86 -78.16 -20.92 92.03
CA GLY Y 86 -78.36 -20.79 93.47
C GLY Y 86 -77.94 -19.46 94.05
N ALA Y 87 -77.05 -18.74 93.37
CA ALA Y 87 -76.74 -17.37 93.78
C ALA Y 87 -77.93 -16.45 93.55
N GLY Y 88 -78.78 -16.75 92.58
CA GLY Y 88 -80.05 -16.08 92.40
C GLY Y 88 -81.13 -16.50 93.37
N PHE Y 89 -80.88 -17.54 94.17
CA PHE Y 89 -81.84 -18.02 95.15
C PHE Y 89 -81.22 -18.15 96.55
N ASN Y 90 -80.11 -17.45 96.80
CA ASN Y 90 -79.42 -17.41 98.10
C ASN Y 90 -78.97 -18.80 98.54
N VAL Y 91 -78.54 -19.63 97.59
CA VAL Y 91 -78.10 -20.99 97.84
C VAL Y 91 -76.61 -21.10 97.58
N GLN Y 92 -75.85 -21.29 98.66
CA GLN Y 92 -74.42 -21.55 98.60
C GLN Y 92 -74.15 -22.97 99.06
N ARG Y 93 -73.29 -23.68 98.33
CA ARG Y 93 -72.92 -25.02 98.76
C ARG Y 93 -72.02 -24.96 99.99
N LEU Y 94 -72.25 -25.88 100.92
CA LEU Y 94 -71.51 -25.92 102.18
C LEU Y 94 -70.62 -27.15 102.21
N LEU Y 95 -69.89 -27.33 103.30
CA LEU Y 95 -68.91 -28.39 103.42
C LEU Y 95 -69.46 -29.52 104.29
N ILE Y 96 -69.53 -30.72 103.71
CA ILE Y 96 -69.87 -31.95 104.41
C ILE Y 96 -68.61 -32.80 104.40
N ARG Y 97 -67.89 -32.82 105.55
CA ARG Y 97 -66.55 -33.38 105.81
C ARG Y 97 -65.57 -33.03 104.68
N PRO Y 98 -65.10 -31.78 104.63
CA PRO Y 98 -64.27 -31.33 103.50
C PRO Y 98 -62.85 -31.89 103.50
N ALA Y 99 -62.01 -31.37 102.61
CA ALA Y 99 -60.67 -31.89 102.36
C ALA Y 99 -59.74 -31.56 103.53
N GLN Y 100 -59.82 -32.39 104.58
CA GLN Y 100 -58.77 -32.42 105.59
C GLN Y 100 -57.82 -33.56 105.25
N PRO Y 101 -56.57 -33.27 104.85
CA PRO Y 101 -55.61 -34.35 104.57
C PRO Y 101 -55.07 -35.00 105.85
N GLU Y 102 -55.79 -36.01 106.33
CA GLU Y 102 -55.26 -36.91 107.37
C GLU Y 102 -53.94 -37.53 106.94
N ALA Y 103 -53.89 -38.08 105.73
CA ALA Y 103 -52.64 -38.37 105.04
C ALA Y 103 -52.61 -37.60 103.72
N VAL Y 104 -51.43 -37.11 103.35
CA VAL Y 104 -51.31 -36.09 102.31
C VAL Y 104 -51.51 -36.65 100.89
N PRO Y 105 -50.97 -37.82 100.47
CA PRO Y 105 -51.34 -38.31 99.11
C PRO Y 105 -52.79 -38.76 98.95
N PRO Y 106 -53.46 -39.44 99.96
CA PRO Y 106 -54.89 -39.71 99.71
C PRO Y 106 -55.78 -38.50 99.99
N VAL Y 107 -55.92 -37.62 99.00
CA VAL Y 107 -56.79 -36.45 99.15
C VAL Y 107 -58.25 -36.90 99.15
N GLU Y 108 -59.03 -36.37 100.08
CA GLU Y 108 -60.45 -36.72 100.21
C GLU Y 108 -61.28 -35.43 100.20
N ALA Y 109 -61.60 -34.96 99.00
CA ALA Y 109 -62.42 -33.77 98.82
C ALA Y 109 -63.84 -34.18 98.46
N GLN Y 110 -64.81 -33.50 99.05
CA GLN Y 110 -66.20 -33.87 98.84
C GLN Y 110 -67.10 -32.68 99.11
N TYR Y 111 -68.06 -32.46 98.21
CA TYR Y 111 -69.06 -31.41 98.32
C TYR Y 111 -70.45 -32.04 98.42
N GLU Y 112 -71.48 -31.20 98.38
CA GLU Y 112 -72.84 -31.69 98.23
C GLU Y 112 -73.08 -32.15 96.81
N SER Y 113 -73.74 -33.31 96.67
CA SER Y 113 -74.06 -33.87 95.37
C SER Y 113 -75.27 -33.16 94.76
N ASP Y 114 -75.66 -33.60 93.56
CA ASP Y 114 -76.86 -33.10 92.92
C ASP Y 114 -78.12 -33.72 93.52
N LYS Y 115 -79.28 -33.30 93.00
CA LYS Y 115 -80.66 -33.75 93.26
C LYS Y 115 -81.11 -33.61 94.71
N SER Y 116 -80.27 -33.04 95.58
CA SER Y 116 -80.68 -32.54 96.88
C SER Y 116 -80.34 -31.07 97.09
N LEU Y 117 -79.31 -30.55 96.41
CA LEU Y 117 -79.04 -29.11 96.45
C LEU Y 117 -80.06 -28.36 95.62
N ARG Y 118 -80.57 -28.99 94.55
CA ARG Y 118 -81.66 -28.40 93.77
C ARG Y 118 -82.94 -28.31 94.60
N ASN Y 119 -83.17 -29.30 95.46
CA ASN Y 119 -84.33 -29.30 96.35
C ASN Y 119 -84.30 -28.11 97.30
N ARG Y 120 -83.11 -27.77 97.81
CA ARG Y 120 -82.97 -26.59 98.65
C ARG Y 120 -83.28 -25.31 97.87
N ILE Y 121 -82.88 -25.27 96.59
CA ILE Y 121 -83.21 -24.15 95.71
C ILE Y 121 -84.73 -24.07 95.52
N GLN Y 122 -85.39 -25.23 95.44
CA GLN Y 122 -86.85 -25.28 95.36
C GLN Y 122 -87.49 -24.71 96.62
N LEU Y 123 -86.86 -24.94 97.77
CA LEU Y 123 -87.35 -24.45 99.05
C LEU Y 123 -86.81 -23.06 99.40
N ALA Y 124 -86.08 -22.41 98.48
CA ALA Y 124 -85.50 -21.10 98.75
C ALA Y 124 -86.58 -20.05 99.00
N PHE Y 125 -87.66 -20.07 98.23
CA PHE Y 125 -88.75 -19.12 98.44
C PHE Y 125 -89.62 -19.49 99.64
N GLU Y 126 -89.52 -20.71 100.14
CA GLU Y 126 -90.21 -21.13 101.33
C GLU Y 126 -89.41 -20.82 102.60
N GLN Y 127 -88.29 -20.12 102.47
CA GLN Y 127 -87.50 -19.65 103.60
C GLN Y 127 -87.54 -18.14 103.78
N LEU Y 128 -88.26 -17.43 102.90
CA LEU Y 128 -88.40 -15.98 103.05
C LEU Y 128 -89.33 -15.64 104.20
N SER Y 129 -90.50 -16.27 104.26
CA SER Y 129 -91.49 -15.93 105.26
C SER Y 129 -91.08 -16.46 106.63
N VAL Y 130 -90.89 -15.54 107.58
CA VAL Y 130 -90.52 -15.89 108.95
C VAL Y 130 -91.73 -15.93 109.87
N ALA Y 131 -92.92 -15.66 109.34
CA ALA Y 131 -94.19 -15.81 110.05
C ALA Y 131 -94.70 -17.25 110.09
N GLY Y 132 -93.87 -18.21 109.67
CA GLY Y 132 -94.18 -19.62 109.75
C GLY Y 132 -95.37 -20.13 108.96
N PRO Y 133 -95.26 -20.19 107.60
CA PRO Y 133 -96.23 -21.00 106.84
C PRO Y 133 -95.98 -22.49 106.96
N ARG Y 134 -96.69 -23.29 106.17
CA ARG Y 134 -96.62 -24.75 106.27
C ARG Y 134 -95.25 -25.29 105.89
N ASN Y 135 -94.54 -24.62 104.98
CA ASN Y 135 -93.28 -25.12 104.46
C ASN Y 135 -92.05 -24.51 105.12
N ALA Y 136 -92.18 -23.39 105.84
CA ALA Y 136 -91.01 -22.80 106.48
C ALA Y 136 -90.51 -23.62 107.66
N TYR Y 137 -91.41 -24.34 108.34
CA TYR Y 137 -90.96 -25.33 109.32
C TYR Y 137 -90.27 -26.50 108.64
N ILE Y 138 -90.72 -26.84 107.43
CA ILE Y 138 -90.06 -27.89 106.64
C ILE Y 138 -88.71 -27.41 106.13
N ALA Y 139 -88.72 -26.31 105.36
CA ALA Y 139 -87.54 -25.84 104.62
C ALA Y 139 -86.40 -25.34 105.49
N HIS Y 140 -86.62 -25.12 106.79
CA HIS Y 140 -85.52 -24.84 107.69
C HIS Y 140 -85.01 -26.07 108.41
N ALA Y 141 -85.83 -27.13 108.51
CA ALA Y 141 -85.41 -28.37 109.14
C ALA Y 141 -84.53 -29.23 108.26
N LEU Y 142 -84.43 -28.91 106.96
CA LEU Y 142 -83.51 -29.60 106.05
C LEU Y 142 -82.10 -29.02 106.07
N GLY Y 143 -81.75 -28.25 107.09
CA GLY Y 143 -80.38 -27.78 107.21
C GLY Y 143 -79.41 -28.82 107.74
N ALA Y 144 -79.93 -29.83 108.44
CA ALA Y 144 -79.12 -30.91 108.98
C ALA Y 144 -78.92 -31.99 107.92
N ASP Y 145 -78.01 -32.91 108.21
CA ASP Y 145 -77.61 -33.95 107.26
C ASP Y 145 -78.07 -35.33 107.66
N GLY Y 146 -78.10 -35.63 108.96
CA GLY Y 146 -78.46 -36.96 109.43
C GLY Y 146 -79.95 -37.19 109.62
N ARG Y 147 -80.78 -36.65 108.72
CA ARG Y 147 -82.23 -36.78 108.82
C ARG Y 147 -82.82 -36.95 107.43
N VAL Y 148 -84.15 -36.88 107.37
CA VAL Y 148 -84.92 -36.73 106.14
C VAL Y 148 -85.92 -35.59 106.38
N ALA Y 149 -86.74 -35.30 105.37
CA ALA Y 149 -87.60 -34.11 105.39
C ALA Y 149 -88.72 -34.24 106.41
N ASP Y 150 -89.50 -33.17 106.55
CA ASP Y 150 -90.42 -33.00 107.65
C ASP Y 150 -91.83 -32.81 107.10
N ALA Y 151 -92.82 -33.07 107.94
CA ALA Y 151 -94.22 -32.77 107.63
C ALA Y 151 -94.87 -32.11 108.83
N SER Y 152 -95.80 -31.21 108.56
CA SER Y 152 -96.49 -30.42 109.57
C SER Y 152 -97.97 -30.74 109.58
N ALA Y 153 -98.56 -30.78 110.77
CA ALA Y 153 -99.99 -31.00 110.95
C ALA Y 153 -100.40 -30.39 112.27
N THR Y 154 -101.72 -30.31 112.49
CA THR Y 154 -102.26 -29.82 113.75
C THR Y 154 -103.64 -30.45 113.96
N SER Y 155 -103.71 -31.43 114.85
CA SER Y 155 -104.96 -31.90 115.44
C SER Y 155 -105.43 -31.06 116.64
N PRO Y 156 -104.59 -30.75 117.70
CA PRO Y 156 -105.16 -30.10 118.89
C PRO Y 156 -105.50 -28.63 118.71
N ALA Y 157 -105.81 -27.98 119.86
CA ALA Y 157 -106.03 -26.54 120.08
C ALA Y 157 -104.98 -25.67 119.39
N PRO Y 158 -105.33 -24.45 118.95
CA PRO Y 158 -104.43 -23.68 118.10
C PRO Y 158 -103.18 -23.18 118.81
N CYS Y 159 -102.21 -22.78 117.97
CA CYS Y 159 -100.81 -22.52 118.36
C CYS Y 159 -100.21 -23.71 119.10
N GLU Y 160 -100.52 -24.91 118.60
CA GLU Y 160 -99.85 -26.15 119.02
C GLU Y 160 -99.49 -26.91 117.74
N VAL Y 161 -98.24 -26.83 117.33
CA VAL Y 161 -97.80 -27.37 116.06
C VAL Y 161 -97.31 -28.80 116.28
N LEU Y 162 -97.81 -29.73 115.47
CA LEU Y 162 -97.38 -31.13 115.48
C LEU Y 162 -96.53 -31.37 114.24
N ILE Y 163 -95.22 -31.29 114.42
CA ILE Y 163 -94.26 -31.60 113.35
C ILE Y 163 -93.66 -32.98 113.60
N SER Y 164 -93.54 -33.77 112.55
CA SER Y 164 -93.09 -35.17 112.62
C SER Y 164 -91.68 -35.22 112.07
N VAL Y 165 -90.69 -35.20 112.95
CA VAL Y 165 -89.29 -35.19 112.55
C VAL Y 165 -88.90 -36.63 112.23
N LEU Y 166 -88.96 -37.00 110.97
CA LEU Y 166 -88.50 -38.30 110.51
C LEU Y 166 -87.03 -38.23 110.12
N GLY Y 167 -86.36 -39.37 110.19
CA GLY Y 167 -84.95 -39.42 109.88
C GLY Y 167 -84.54 -40.73 109.23
N VAL Y 168 -83.87 -40.65 108.08
CA VAL Y 168 -83.35 -41.82 107.39
C VAL Y 168 -81.87 -41.91 107.75
N GLU Y 169 -81.54 -42.84 108.64
CA GLU Y 169 -80.16 -43.30 108.82
C GLU Y 169 -80.05 -44.81 108.97
N GLY Y 170 -81.15 -45.52 109.18
CA GLY Y 170 -81.11 -46.96 109.38
C GLY Y 170 -82.43 -47.54 109.84
N ASN Y 171 -82.39 -48.37 110.87
CA ASN Y 171 -83.57 -49.04 111.40
C ASN Y 171 -84.39 -48.06 112.25
N GLY Y 172 -85.26 -47.30 111.59
CA GLY Y 172 -86.32 -46.58 112.28
C GLY Y 172 -85.94 -45.41 113.16
N GLN Y 173 -85.97 -45.66 114.48
CA GLN Y 173 -85.93 -44.64 115.53
C GLN Y 173 -84.71 -43.71 115.42
N ALA Y 174 -84.98 -42.42 115.28
CA ALA Y 174 -83.94 -41.39 115.29
C ALA Y 174 -83.50 -41.09 116.73
N PRO Y 175 -82.22 -40.74 116.92
CA PRO Y 175 -81.75 -40.43 118.27
C PRO Y 175 -82.30 -39.12 118.79
N GLU Y 176 -82.46 -39.05 120.12
CA GLU Y 176 -82.99 -37.85 120.74
C GLU Y 176 -81.99 -36.70 120.79
N ALA Y 177 -80.69 -37.01 120.72
CA ALA Y 177 -79.69 -35.94 120.61
C ALA Y 177 -79.72 -35.30 119.23
N VAL Y 178 -80.06 -36.07 118.19
CA VAL Y 178 -80.26 -35.51 116.86
C VAL Y 178 -81.58 -34.75 116.82
N LEU Y 179 -82.55 -35.15 117.66
CA LEU Y 179 -83.84 -34.47 117.72
C LEU Y 179 -83.72 -33.05 118.28
N GLN Y 180 -82.72 -32.79 119.11
CA GLN Y 180 -82.56 -31.47 119.71
C GLN Y 180 -82.01 -30.44 118.73
N ALA Y 181 -81.52 -30.87 117.56
CA ALA Y 181 -80.91 -29.95 116.61
C ALA Y 181 -81.95 -29.10 115.89
N VAL Y 182 -83.22 -29.51 115.88
CA VAL Y 182 -84.24 -28.72 115.19
C VAL Y 182 -84.57 -27.47 115.98
N ARG Y 183 -84.43 -27.50 117.30
CA ARG Y 183 -84.59 -26.29 118.10
C ARG Y 183 -83.40 -25.36 117.96
N LEU Y 184 -82.23 -25.89 117.62
CA LEU Y 184 -81.11 -25.06 117.20
C LEU Y 184 -81.26 -24.55 115.78
N ALA Y 185 -82.08 -25.20 114.95
CA ALA Y 185 -82.38 -24.70 113.62
C ALA Y 185 -83.67 -23.88 113.58
N LEU Y 186 -84.47 -23.91 114.65
CA LEU Y 186 -85.71 -23.13 114.74
C LEU Y 186 -85.71 -22.40 116.08
N ASN Y 187 -85.03 -21.26 116.12
CA ASN Y 187 -85.04 -20.39 117.30
C ASN Y 187 -85.53 -18.98 116.96
N ALA Y 188 -84.95 -18.37 115.94
CA ALA Y 188 -85.38 -17.06 115.45
C ALA Y 188 -85.99 -17.15 114.05
N GLU Y 189 -86.48 -18.34 113.68
CA GLU Y 189 -87.22 -18.51 112.43
C GLU Y 189 -88.71 -18.75 112.62
N ASP Y 190 -89.14 -19.19 113.80
CA ASP Y 190 -90.55 -19.44 114.05
C ASP Y 190 -91.24 -18.12 114.42
N VAL Y 191 -92.50 -18.22 114.84
CA VAL Y 191 -93.16 -17.12 115.52
C VAL Y 191 -92.96 -17.32 117.01
N ARG Y 192 -92.90 -16.23 117.77
CA ARG Y 192 -92.68 -16.35 119.21
C ARG Y 192 -93.89 -16.81 120.02
N PRO Y 193 -95.14 -16.35 119.79
CA PRO Y 193 -96.26 -16.94 120.55
C PRO Y 193 -96.56 -18.39 120.22
N VAL Y 194 -96.29 -18.84 118.99
CA VAL Y 194 -96.62 -20.21 118.61
C VAL Y 194 -95.63 -21.17 119.29
N ALA Y 195 -96.11 -22.38 119.59
CA ALA Y 195 -95.32 -23.35 120.33
C ALA Y 195 -95.54 -24.73 119.75
N ASP Y 196 -94.47 -25.38 119.34
CA ASP Y 196 -94.53 -26.69 118.70
C ASP Y 196 -94.19 -27.79 119.70
N ARG Y 197 -94.73 -28.98 119.45
CA ARG Y 197 -94.25 -30.20 120.07
C ARG Y 197 -93.51 -31.02 119.02
N VAL Y 198 -92.45 -31.69 119.44
CA VAL Y 198 -91.53 -32.37 118.53
C VAL Y 198 -91.67 -33.87 118.78
N THR Y 199 -92.38 -34.56 117.89
CA THR Y 199 -92.54 -36.01 117.95
C THR Y 199 -91.77 -36.62 116.79
N VAL Y 200 -90.86 -37.54 117.10
CA VAL Y 200 -90.08 -38.20 116.06
C VAL Y 200 -90.92 -39.23 115.29
N ARG Y 201 -91.66 -40.08 116.02
CA ARG Y 201 -92.57 -41.05 115.44
C ARG Y 201 -93.95 -40.77 116.02
N SER Y 202 -94.82 -40.16 115.21
CA SER Y 202 -96.09 -39.65 115.69
C SER Y 202 -97.26 -40.58 115.42
N ALA Y 203 -97.07 -41.68 114.70
CA ALA Y 203 -98.18 -42.60 114.47
C ALA Y 203 -97.83 -44.05 114.78
N GLY Y 204 -96.56 -44.43 114.59
CA GLY Y 204 -96.16 -45.80 114.82
C GLY Y 204 -95.48 -46.45 113.64
N ILE Y 205 -94.75 -47.53 113.88
CA ILE Y 205 -93.99 -48.22 112.84
C ILE Y 205 -94.48 -49.65 112.75
N VAL Y 206 -94.93 -50.05 111.56
CA VAL Y 206 -95.30 -51.43 111.29
C VAL Y 206 -94.29 -52.04 110.33
N PRO Y 207 -93.89 -53.31 110.52
CA PRO Y 207 -92.87 -53.91 109.63
C PRO Y 207 -93.49 -54.37 108.31
N TYR Y 208 -92.86 -53.98 107.21
CA TYR Y 208 -93.31 -54.35 105.87
C TYR Y 208 -92.22 -55.14 105.15
N GLN Y 209 -92.65 -55.91 104.14
CA GLN Y 209 -91.76 -56.65 103.26
C GLN Y 209 -92.31 -56.59 101.85
N VAL Y 210 -91.65 -57.28 100.93
CA VAL Y 210 -92.20 -57.59 99.60
C VAL Y 210 -91.61 -58.92 99.16
N LYS Y 211 -92.43 -59.71 98.46
CA LYS Y 211 -92.00 -60.98 97.89
C LYS Y 211 -92.48 -61.05 96.44
N ALA Y 212 -91.54 -61.00 95.50
CA ALA Y 212 -91.83 -60.93 94.08
C ALA Y 212 -91.20 -62.11 93.37
N GLN Y 213 -91.97 -62.77 92.50
CA GLN Y 213 -91.48 -63.87 91.69
C GLN Y 213 -91.41 -63.40 90.24
N LEU Y 214 -90.29 -62.77 89.88
CA LEU Y 214 -90.18 -62.21 88.54
C LEU Y 214 -89.84 -63.31 87.53
N TYR Y 215 -90.09 -63.01 86.25
CA TYR Y 215 -89.65 -63.83 85.14
C TYR Y 215 -88.69 -63.04 84.27
N LEU Y 216 -87.63 -63.71 83.81
CA LEU Y 216 -86.78 -63.16 82.76
C LEU Y 216 -86.87 -64.02 81.50
N PHE Y 217 -86.42 -63.45 80.39
CA PHE Y 217 -86.45 -64.14 79.11
C PHE Y 217 -85.34 -65.20 79.03
N PRO Y 218 -85.53 -66.24 78.21
CA PRO Y 218 -84.40 -67.12 77.86
C PRO Y 218 -83.40 -66.40 76.97
N GLY Y 219 -82.24 -66.05 77.51
CA GLY Y 219 -81.38 -65.07 76.89
C GLY Y 219 -80.25 -64.62 77.79
N PRO Y 220 -80.15 -63.28 78.01
CA PRO Y 220 -79.00 -62.72 78.76
C PRO Y 220 -78.95 -63.12 80.23
N GLU Y 221 -77.88 -62.71 80.90
CA GLU Y 221 -77.55 -63.27 82.20
C GLU Y 221 -78.49 -62.75 83.29
N ALA Y 222 -78.89 -63.66 84.18
CA ALA Y 222 -79.90 -63.38 85.19
C ALA Y 222 -79.32 -62.79 86.47
N GLU Y 223 -78.02 -62.50 86.48
CA GLU Y 223 -77.35 -61.95 87.66
C GLU Y 223 -77.43 -60.43 87.69
N LEU Y 224 -77.15 -59.79 86.56
CA LEU Y 224 -77.14 -58.33 86.49
C LEU Y 224 -78.52 -57.75 86.20
N ILE Y 225 -79.46 -58.55 85.72
CA ILE Y 225 -80.81 -58.06 85.43
C ILE Y 225 -81.69 -58.16 86.68
N ARG Y 226 -81.50 -59.21 87.48
CA ARG Y 226 -82.15 -59.30 88.78
C ARG Y 226 -81.67 -58.20 89.72
N ALA Y 227 -80.36 -57.95 89.75
CA ALA Y 227 -79.80 -56.92 90.61
C ALA Y 227 -80.11 -55.51 90.14
N ALA Y 228 -80.46 -55.33 88.88
CA ALA Y 228 -80.85 -54.00 88.39
C ALA Y 228 -82.22 -53.57 88.88
N ALA Y 229 -83.04 -54.50 89.38
CA ALA Y 229 -84.34 -54.14 89.92
C ALA Y 229 -84.20 -53.39 91.24
N GLU Y 230 -83.26 -53.79 92.09
CA GLU Y 230 -83.01 -53.10 93.34
C GLU Y 230 -82.23 -51.80 93.17
N ALA Y 231 -81.66 -51.55 91.99
CA ALA Y 231 -80.98 -50.28 91.75
C ALA Y 231 -81.97 -49.12 91.66
N SER Y 232 -83.20 -49.39 91.22
CA SER Y 232 -84.27 -48.41 91.21
C SER Y 232 -85.24 -48.59 92.37
N LEU Y 233 -85.01 -49.55 93.26
CA LEU Y 233 -85.88 -49.83 94.39
C LEU Y 233 -85.30 -49.44 95.74
N ARG Y 234 -84.03 -49.73 95.99
CA ARG Y 234 -83.45 -49.46 97.30
C ARG Y 234 -83.23 -47.97 97.56
N ASP Y 235 -83.20 -47.16 96.51
CA ASP Y 235 -83.25 -45.70 96.65
C ASP Y 235 -84.68 -45.16 96.57
N TYR Y 236 -85.64 -46.00 96.16
CA TYR Y 236 -87.04 -45.61 96.08
C TYR Y 236 -87.73 -45.69 97.43
N ILE Y 237 -87.38 -46.69 98.25
CA ILE Y 237 -87.99 -46.84 99.56
C ILE Y 237 -87.55 -45.72 100.51
N SER Y 238 -86.32 -45.25 100.38
CA SER Y 238 -85.84 -44.11 101.16
C SER Y 238 -86.44 -42.79 100.72
N ALA Y 239 -87.10 -42.73 99.57
CA ALA Y 239 -87.72 -41.51 99.07
C ALA Y 239 -89.22 -41.47 99.30
N GLN Y 240 -89.77 -42.45 100.03
CA GLN Y 240 -91.21 -42.48 100.29
C GLN Y 240 -91.60 -41.55 101.44
N ARG Y 241 -90.90 -41.66 102.57
CA ARG Y 241 -91.09 -40.76 103.70
C ARG Y 241 -90.39 -39.42 103.51
N ARG Y 242 -89.64 -39.24 102.43
CA ARG Y 242 -89.12 -37.93 102.06
C ARG Y 242 -90.23 -36.95 101.73
N LEU Y 243 -91.37 -37.44 101.22
CA LEU Y 243 -92.57 -36.63 101.08
C LEU Y 243 -93.66 -37.02 102.07
N GLY Y 244 -93.45 -38.06 102.87
CA GLY Y 244 -94.45 -38.43 103.85
C GLY Y 244 -95.69 -39.07 103.29
N ARG Y 245 -95.65 -39.57 102.06
CA ARG Y 245 -96.83 -40.00 101.35
C ARG Y 245 -96.82 -41.52 101.18
N ASP Y 246 -97.80 -42.02 100.44
CA ASP Y 246 -98.20 -43.41 100.51
C ASP Y 246 -97.32 -44.27 99.60
N ILE Y 247 -97.28 -45.56 99.91
CA ILE Y 247 -96.78 -46.56 98.98
C ILE Y 247 -97.99 -47.29 98.42
N ARG Y 248 -97.84 -47.87 97.24
CA ARG Y 248 -98.95 -48.55 96.60
C ARG Y 248 -98.52 -49.96 96.22
N ARG Y 249 -99.50 -50.75 95.80
CA ARG Y 249 -99.21 -52.01 95.11
C ARG Y 249 -98.45 -51.77 93.81
N SER Y 250 -98.88 -50.75 93.04
CA SER Y 250 -98.22 -50.39 91.77
C SER Y 250 -96.80 -49.90 91.96
N ALA Y 251 -96.43 -49.40 93.15
CA ALA Y 251 -95.03 -49.08 93.41
C ALA Y 251 -94.19 -50.35 93.52
N LEU Y 252 -94.79 -51.45 93.96
CA LEU Y 252 -94.12 -52.73 94.04
C LEU Y 252 -94.10 -53.48 92.71
N PHE Y 253 -94.81 -53.00 91.69
CA PHE Y 253 -94.69 -53.54 90.34
C PHE Y 253 -93.69 -52.76 89.50
N ALA Y 254 -93.92 -51.45 89.33
CA ALA Y 254 -93.20 -50.64 88.36
C ALA Y 254 -91.73 -50.44 88.70
N THR Y 255 -91.36 -50.53 89.98
CA THR Y 255 -89.95 -50.43 90.37
C THR Y 255 -89.19 -51.74 90.20
N LEU Y 256 -89.85 -52.78 89.67
CA LEU Y 256 -89.19 -54.05 89.39
C LEU Y 256 -89.19 -54.39 87.90
N HIS Y 257 -89.76 -53.53 87.05
CA HIS Y 257 -89.71 -53.74 85.61
C HIS Y 257 -88.40 -53.19 85.07
N VAL Y 258 -87.53 -54.09 84.63
CA VAL Y 258 -86.25 -53.74 84.01
C VAL Y 258 -86.21 -54.32 82.60
N GLU Y 259 -85.09 -54.15 81.92
CA GLU Y 259 -84.91 -54.71 80.58
C GLU Y 259 -84.83 -56.23 80.64
N GLY Y 260 -85.86 -56.90 80.11
CA GLY Y 260 -85.92 -58.35 80.10
C GLY Y 260 -87.05 -58.92 80.93
N VAL Y 261 -88.15 -58.18 81.05
CA VAL Y 261 -89.28 -58.54 81.89
C VAL Y 261 -90.51 -58.67 81.00
N GLN Y 262 -91.22 -59.80 81.11
CA GLN Y 262 -92.49 -59.97 80.41
C GLN Y 262 -93.71 -60.01 81.32
N ARG Y 263 -93.57 -60.43 82.57
CA ARG Y 263 -94.64 -60.32 83.55
C ARG Y 263 -94.05 -60.35 84.96
N VAL Y 264 -94.77 -59.75 85.89
CA VAL Y 264 -94.41 -59.70 87.30
C VAL Y 264 -95.60 -60.20 88.13
N GLU Y 265 -95.40 -60.27 89.44
CA GLU Y 265 -96.41 -60.83 90.34
C GLU Y 265 -96.15 -60.32 91.75
N LEU Y 266 -97.21 -60.23 92.55
CA LEU Y 266 -97.13 -59.71 93.91
C LEU Y 266 -98.04 -60.54 94.82
N GLN Y 267 -97.54 -60.85 96.02
CA GLN Y 267 -98.30 -61.60 97.02
C GLN Y 267 -98.33 -60.97 98.41
N GLU Y 268 -97.45 -60.02 98.73
CA GLU Y 268 -97.23 -59.62 100.11
C GLU Y 268 -98.38 -58.79 100.70
N PRO Y 269 -99.02 -57.86 99.98
CA PRO Y 269 -100.31 -57.38 100.50
C PRO Y 269 -101.51 -58.13 99.92
N ALA Y 270 -102.47 -58.42 100.79
CA ALA Y 270 -103.79 -58.86 100.32
C ALA Y 270 -104.60 -57.68 99.80
N ALA Y 271 -104.54 -56.55 100.51
CA ALA Y 271 -105.09 -55.29 100.02
C ALA Y 271 -104.11 -54.18 100.39
N ASP Y 272 -104.20 -53.07 99.66
CA ASP Y 272 -103.28 -51.96 99.87
C ASP Y 272 -103.56 -51.24 101.19
N VAL Y 273 -102.51 -50.67 101.75
CA VAL Y 273 -102.60 -49.95 103.01
C VAL Y 273 -102.62 -48.45 102.69
N VAL Y 274 -102.98 -47.65 103.69
CA VAL Y 274 -103.03 -46.20 103.54
C VAL Y 274 -101.99 -45.59 104.47
N LEU Y 275 -101.23 -44.62 103.94
CA LEU Y 275 -100.26 -43.86 104.71
C LEU Y 275 -100.49 -42.37 104.45
N ASP Y 276 -101.06 -41.67 105.42
CA ASP Y 276 -101.39 -40.26 105.27
C ASP Y 276 -100.15 -39.41 105.50
N GLU Y 277 -100.34 -38.09 105.63
CA GLU Y 277 -99.24 -37.19 105.97
C GLU Y 277 -98.75 -37.39 107.40
N THR Y 278 -99.60 -37.91 108.29
CA THR Y 278 -99.18 -38.27 109.64
C THR Y 278 -98.65 -39.69 109.70
N GLN Y 279 -99.39 -40.65 109.13
CA GLN Y 279 -99.05 -42.06 109.25
C GLN Y 279 -97.87 -42.40 108.35
N ALA Y 280 -96.89 -43.11 108.91
CA ALA Y 280 -95.73 -43.58 108.16
C ALA Y 280 -95.37 -44.97 108.64
N ALA Y 281 -94.48 -45.62 107.89
CA ALA Y 281 -94.08 -46.98 108.18
C ALA Y 281 -92.64 -47.19 107.74
N TYR Y 282 -92.11 -48.38 108.00
CA TYR Y 282 -90.72 -48.69 107.70
C TYR Y 282 -90.66 -50.09 107.11
N CYS Y 283 -89.70 -50.30 106.20
CA CYS Y 283 -89.53 -51.58 105.52
C CYS Y 283 -88.25 -52.24 106.01
N THR Y 284 -88.39 -53.44 106.57
CA THR Y 284 -87.27 -54.09 107.24
C THR Y 284 -86.36 -54.80 106.25
N GLY Y 285 -86.88 -55.82 105.56
CA GLY Y 285 -86.04 -56.63 104.69
C GLY Y 285 -86.77 -57.29 103.55
N TYR Y 286 -86.19 -57.21 102.36
CA TYR Y 286 -86.83 -57.68 101.13
C TYR Y 286 -86.15 -58.95 100.64
N ALA Y 287 -86.84 -59.67 99.75
CA ALA Y 287 -86.28 -60.84 99.09
C ALA Y 287 -86.95 -60.97 97.72
N ILE Y 288 -86.29 -60.45 96.69
CA ILE Y 288 -86.78 -60.52 95.32
C ILE Y 288 -85.88 -61.48 94.56
N THR Y 289 -86.43 -62.63 94.18
CA THR Y 289 -85.74 -63.65 93.39
C THR Y 289 -86.51 -63.89 92.09
N LEU Y 290 -86.09 -64.90 91.33
CA LEU Y 290 -86.75 -65.30 90.11
C LEU Y 290 -87.54 -66.59 90.31
N GLY Y 291 -88.60 -66.75 89.53
CA GLY Y 291 -89.38 -67.96 89.54
C GLY Y 291 -88.84 -69.04 88.62
N GLY Y 292 -88.11 -68.65 87.59
CA GLY Y 292 -87.52 -69.57 86.65
C GLY Y 292 -86.35 -70.36 87.19
N THR Z 3 -54.51 -77.59 28.76
CA THR Z 3 -54.56 -76.33 28.02
C THR Z 3 -54.99 -76.55 26.58
N THR Z 4 -56.23 -77.03 26.41
CA THR Z 4 -56.71 -77.40 25.08
C THR Z 4 -57.12 -76.15 24.31
N CYS Z 5 -56.63 -76.04 23.07
CA CYS Z 5 -56.96 -74.96 22.16
C CYS Z 5 -57.61 -75.53 20.92
N ARG Z 6 -58.40 -74.71 20.24
CA ARG Z 6 -59.08 -75.11 19.02
C ARG Z 6 -58.42 -74.45 17.81
N THR Z 7 -58.19 -75.24 16.77
CA THR Z 7 -57.51 -74.80 15.58
C THR Z 7 -58.47 -74.07 14.65
N ALA Z 8 -57.97 -73.58 13.53
CA ALA Z 8 -58.79 -73.23 12.39
C ALA Z 8 -58.51 -74.18 11.23
N ASP Z 9 -59.16 -73.92 10.10
CA ASP Z 9 -59.15 -74.85 8.96
C ASP Z 9 -57.87 -74.75 8.11
N GLY Z 10 -56.95 -73.85 8.43
CA GLY Z 10 -55.71 -73.74 7.69
C GLY Z 10 -54.50 -73.67 8.59
N ASP Z 11 -54.73 -73.74 9.90
CA ASP Z 11 -53.65 -73.68 10.87
C ASP Z 11 -52.81 -74.94 10.82
N MET Z 12 -51.53 -74.77 11.15
CA MET Z 12 -50.56 -75.86 11.10
C MET Z 12 -49.86 -75.96 12.44
N LEU Z 13 -49.28 -77.13 12.69
CA LEU Z 13 -48.93 -77.52 14.05
C LEU Z 13 -47.71 -76.75 14.55
N ASP Z 14 -46.66 -76.66 13.73
CA ASP Z 14 -45.43 -75.99 14.15
C ASP Z 14 -45.61 -74.48 14.25
N SER Z 15 -46.57 -73.90 13.53
CA SER Z 15 -46.85 -72.48 13.68
C SER Z 15 -47.59 -72.19 14.98
N LEU Z 16 -48.53 -73.05 15.35
CA LEU Z 16 -49.33 -72.86 16.56
C LEU Z 16 -48.49 -72.93 17.83
N CYS Z 17 -47.74 -74.02 18.01
CA CYS Z 17 -46.95 -74.21 19.22
C CYS Z 17 -45.64 -73.43 19.22
N TYR Z 18 -45.36 -72.62 18.20
CA TYR Z 18 -44.31 -71.62 18.37
C TYR Z 18 -44.83 -70.36 19.03
N HIS Z 19 -46.09 -69.98 18.76
CA HIS Z 19 -46.68 -68.85 19.47
C HIS Z 19 -46.96 -69.19 20.94
N VAL Z 20 -47.27 -70.45 21.22
CA VAL Z 20 -47.62 -70.85 22.58
C VAL Z 20 -46.36 -71.04 23.41
N TYR Z 21 -45.40 -71.81 22.90
CA TYR Z 21 -44.23 -72.19 23.70
C TYR Z 21 -43.08 -71.20 23.58
N GLY Z 22 -42.77 -70.75 22.36
CA GLY Z 22 -41.65 -69.88 22.12
C GLY Z 22 -40.48 -70.54 21.43
N HIS Z 23 -40.45 -71.87 21.34
CA HIS Z 23 -39.41 -72.58 20.63
C HIS Z 23 -40.00 -73.90 20.14
N LEU Z 24 -39.28 -74.55 19.24
CA LEU Z 24 -39.79 -75.75 18.58
C LEU Z 24 -38.88 -76.96 18.78
N LEU Z 25 -37.88 -76.88 19.65
CA LEU Z 25 -37.00 -78.01 19.92
C LEU Z 25 -37.68 -78.94 20.91
N GLY Z 26 -38.09 -80.12 20.42
CA GLY Z 26 -38.79 -81.08 21.25
C GLY Z 26 -40.20 -80.69 21.64
N CYS Z 27 -40.84 -79.82 20.87
CA CYS Z 27 -42.14 -79.28 21.24
C CYS Z 27 -43.25 -79.64 20.27
N VAL Z 28 -42.91 -80.16 19.09
CA VAL Z 28 -43.91 -80.55 18.09
C VAL Z 28 -44.24 -82.03 18.19
N GLU Z 29 -43.23 -82.89 18.27
CA GLU Z 29 -43.49 -84.32 18.38
C GLU Z 29 -44.00 -84.71 19.76
N ALA Z 30 -43.74 -83.88 20.78
CA ALA Z 30 -44.39 -84.07 22.07
C ALA Z 30 -45.87 -83.70 22.02
N THR Z 31 -46.23 -82.76 21.13
CA THR Z 31 -47.63 -82.44 20.92
C THR Z 31 -48.34 -83.56 20.17
N LEU Z 32 -47.67 -84.16 19.17
CA LEU Z 32 -48.23 -85.32 18.49
C LEU Z 32 -48.25 -86.56 19.38
N ASP Z 33 -47.38 -86.62 20.38
CA ASP Z 33 -47.37 -87.76 21.30
C ASP Z 33 -48.58 -87.71 22.23
N ALA Z 34 -48.80 -86.57 22.88
CA ALA Z 34 -49.90 -86.43 23.84
C ALA Z 34 -51.15 -85.87 23.19
N ASN Z 35 -51.56 -86.49 22.09
CA ASN Z 35 -52.78 -86.18 21.35
C ASN Z 35 -53.23 -87.44 20.60
N PRO Z 36 -54.36 -88.04 20.99
CA PRO Z 36 -54.82 -89.26 20.31
C PRO Z 36 -55.36 -88.97 18.93
N GLY Z 37 -54.78 -89.63 17.93
CA GLY Z 37 -55.24 -89.51 16.56
C GLY Z 37 -54.99 -88.18 15.88
N LEU Z 38 -54.03 -87.38 16.37
CA LEU Z 38 -53.75 -86.10 15.73
C LEU Z 38 -52.96 -86.30 14.43
N ALA Z 39 -51.96 -87.19 14.47
CA ALA Z 39 -51.15 -87.47 13.28
C ALA Z 39 -51.98 -88.11 12.17
N ASP Z 40 -53.00 -88.91 12.54
CA ASP Z 40 -53.88 -89.54 11.56
C ASP Z 40 -54.62 -88.48 10.76
N GLU Z 41 -55.02 -87.40 11.42
CA GLU Z 41 -55.63 -86.26 10.77
C GLU Z 41 -54.61 -85.59 9.85
N GLN Z 42 -55.09 -85.07 8.72
CA GLN Z 42 -54.24 -84.42 7.72
C GLN Z 42 -53.55 -83.19 8.31
N GLN Z 43 -52.33 -82.94 7.82
CA GLN Z 43 -51.50 -81.85 8.33
C GLN Z 43 -52.17 -80.47 8.21
N PRO Z 44 -52.89 -80.10 7.11
CA PRO Z 44 -53.72 -78.90 7.20
C PRO Z 44 -54.97 -79.26 7.99
N PHE Z 45 -55.04 -78.78 9.22
CA PHE Z 45 -56.04 -79.17 10.20
C PHE Z 45 -57.44 -78.70 9.79
N ARG Z 46 -58.45 -79.44 10.24
CA ARG Z 46 -59.84 -79.03 9.99
C ARG Z 46 -60.20 -77.85 10.88
N ALA Z 47 -61.37 -77.26 10.58
CA ALA Z 47 -61.85 -76.04 11.24
C ALA Z 47 -62.02 -76.20 12.75
N GLY Z 48 -62.45 -77.37 13.21
CA GLY Z 48 -62.71 -77.50 14.64
C GLY Z 48 -62.11 -78.67 15.41
N LEU Z 49 -60.87 -79.02 15.11
CA LEU Z 49 -60.18 -80.07 15.86
C LEU Z 49 -59.66 -79.48 17.17
N LEU Z 50 -59.50 -80.32 18.20
CA LEU Z 50 -59.01 -79.85 19.49
C LEU Z 50 -57.62 -80.44 19.76
N ILE Z 51 -56.64 -79.57 19.94
CA ILE Z 51 -55.29 -79.96 20.33
C ILE Z 51 -55.07 -79.57 21.78
N SER Z 52 -54.74 -80.54 22.63
CA SER Z 52 -54.39 -80.28 24.02
C SER Z 52 -52.88 -80.12 24.12
N PHE Z 53 -52.41 -78.89 24.28
CA PHE Z 53 -50.99 -78.62 24.39
C PHE Z 53 -50.51 -78.95 25.81
N PRO Z 54 -49.56 -79.86 25.98
CA PRO Z 54 -49.09 -80.20 27.32
C PRO Z 54 -48.21 -79.12 27.92
N ASP Z 55 -48.05 -79.19 29.24
CA ASP Z 55 -47.18 -78.31 30.00
C ASP Z 55 -45.78 -78.90 30.15
N MET Z 56 -44.82 -78.02 30.44
CA MET Z 56 -43.39 -78.26 30.55
C MET Z 56 -42.82 -78.96 29.31
N PRO Z 57 -42.63 -78.24 28.19
CA PRO Z 57 -42.07 -78.85 26.98
C PRO Z 57 -40.61 -79.28 27.12
N THR AA 3 90.70 -31.34 -24.65
CA THR AA 3 89.40 -30.96 -25.20
C THR AA 3 89.54 -29.79 -26.17
N THR AA 4 90.24 -30.02 -27.27
CA THR AA 4 90.56 -28.95 -28.21
C THR AA 4 89.34 -28.67 -29.10
N CYS AA 5 88.97 -27.40 -29.20
CA CYS AA 5 87.89 -26.93 -30.05
C CYS AA 5 88.43 -25.94 -31.07
N ARG AA 6 87.73 -25.83 -32.19
CA ARG AA 6 88.11 -24.92 -33.27
C ARG AA 6 87.18 -23.72 -33.29
N THR AA 7 87.77 -22.52 -33.40
CA THR AA 7 87.04 -21.27 -33.36
C THR AA 7 86.43 -20.98 -34.74
N ALA AA 8 85.71 -19.87 -34.84
CA ALA AA 8 85.40 -19.25 -36.11
C ALA AA 8 86.12 -17.90 -36.21
N ASP AA 9 85.88 -17.19 -37.31
CA ASP AA 9 86.63 -15.99 -37.64
C ASP AA 9 86.15 -14.75 -36.89
N GLY AA 10 85.11 -14.85 -36.06
CA GLY AA 10 84.64 -13.72 -35.30
C GLY AA 10 84.42 -14.06 -33.84
N ASP AA 11 84.69 -15.31 -33.47
CA ASP AA 11 84.51 -15.77 -32.11
C ASP AA 11 85.54 -15.14 -31.18
N MET AA 12 85.14 -14.96 -29.93
CA MET AA 12 85.97 -14.32 -28.93
C MET AA 12 86.07 -15.22 -27.72
N LEU AA 13 87.11 -14.98 -26.92
CA LEU AA 13 87.58 -15.97 -25.96
C LEU AA 13 86.62 -16.10 -24.77
N ASP AA 14 86.21 -14.97 -24.20
CA ASP AA 14 85.33 -14.99 -23.04
C ASP AA 14 83.92 -15.46 -23.37
N SER AA 15 83.49 -15.32 -24.63
CA SER AA 15 82.19 -15.86 -25.02
C SER AA 15 82.24 -17.37 -25.16
N LEU AA 16 83.33 -17.90 -25.72
CA LEU AA 16 83.46 -19.34 -25.95
C LEU AA 16 83.51 -20.13 -24.64
N CYS AA 17 84.42 -19.77 -23.74
CA CYS AA 17 84.58 -20.50 -22.49
C CYS AA 17 83.53 -20.15 -21.44
N TYR AA 18 82.55 -19.29 -21.74
CA TYR AA 18 81.37 -19.23 -20.89
C TYR AA 18 80.36 -20.30 -21.26
N HIS AA 19 80.23 -20.63 -22.55
CA HIS AA 19 79.35 -21.73 -22.94
C HIS AA 19 79.93 -23.08 -22.53
N VAL AA 20 81.26 -23.19 -22.49
CA VAL AA 20 81.88 -24.47 -22.16
C VAL AA 20 81.90 -24.68 -20.65
N TYR AA 21 82.37 -23.69 -19.89
CA TYR AA 21 82.58 -23.86 -18.46
C TYR AA 21 81.35 -23.51 -17.63
N GLY AA 22 80.69 -22.39 -17.94
CA GLY AA 22 79.56 -21.91 -17.18
C GLY AA 22 79.86 -20.70 -16.31
N HIS AA 23 81.13 -20.33 -16.14
CA HIS AA 23 81.50 -19.13 -15.41
C HIS AA 23 82.84 -18.65 -15.94
N LEU AA 24 83.20 -17.43 -15.58
CA LEU AA 24 84.39 -16.79 -16.13
C LEU AA 24 85.39 -16.37 -15.07
N LEU AA 25 85.19 -16.78 -13.81
CA LEU AA 25 86.12 -16.43 -12.75
C LEU AA 25 87.31 -17.40 -12.79
N GLY AA 26 88.47 -16.88 -13.19
CA GLY AA 26 89.66 -17.70 -13.31
C GLY AA 26 89.65 -18.68 -14.45
N CYS AA 27 88.84 -18.43 -15.49
CA CYS AA 27 88.66 -19.38 -16.57
C CYS AA 27 89.13 -18.87 -17.92
N VAL AA 28 89.42 -17.58 -18.05
CA VAL AA 28 89.90 -17.00 -19.30
C VAL AA 28 91.42 -16.91 -19.35
N GLU AA 29 92.03 -16.41 -18.27
CA GLU AA 29 93.48 -16.32 -18.25
C GLU AA 29 94.14 -17.69 -18.05
N ALA AA 30 93.41 -18.66 -17.52
CA ALA AA 30 93.90 -20.03 -17.50
C ALA AA 30 93.86 -20.63 -18.90
N THR AA 31 92.93 -20.18 -19.74
CA THR AA 31 92.89 -20.61 -21.13
C THR AA 31 94.05 -19.98 -21.91
N LEU AA 32 94.34 -18.71 -21.66
CA LEU AA 32 95.51 -18.07 -22.27
C LEU AA 32 96.82 -18.63 -21.72
N ASP AA 33 96.81 -19.18 -20.51
CA ASP AA 33 98.03 -19.76 -19.94
C ASP AA 33 98.36 -21.07 -20.62
N ALA AA 34 97.40 -21.98 -20.72
CA ALA AA 34 97.62 -23.30 -21.31
C ALA AA 34 97.28 -23.32 -22.79
N ASN AA 35 97.82 -22.37 -23.54
CA ASN AA 35 97.72 -22.25 -24.98
C ASN AA 35 98.94 -21.51 -25.51
N PRO AA 36 99.81 -22.18 -26.26
CA PRO AA 36 101.02 -21.50 -26.78
C PRO AA 36 100.67 -20.53 -27.90
N GLY AA 37 101.07 -19.27 -27.71
CA GLY AA 37 100.88 -18.24 -28.73
C GLY AA 37 99.46 -17.81 -28.98
N LEU AA 38 98.53 -18.04 -28.04
CA LEU AA 38 97.16 -17.62 -28.26
C LEU AA 38 97.01 -16.11 -28.07
N ALA AA 39 97.66 -15.55 -27.03
CA ALA AA 39 97.60 -14.11 -26.78
C ALA AA 39 98.26 -13.31 -27.89
N ASP AA 40 99.31 -13.88 -28.52
CA ASP AA 40 100.00 -13.22 -29.63
C ASP AA 40 99.03 -13.01 -30.79
N GLU AA 41 98.16 -13.99 -31.03
CA GLU AA 41 97.10 -13.88 -32.02
C GLU AA 41 96.12 -12.79 -31.60
N GLN AA 42 95.59 -12.07 -32.60
CA GLN AA 42 94.65 -10.99 -32.35
C GLN AA 42 93.37 -11.48 -31.68
N GLN AA 43 92.81 -10.62 -30.84
CA GLN AA 43 91.62 -10.98 -30.04
C GLN AA 43 90.42 -11.41 -30.90
N PRO AA 44 90.09 -10.78 -32.06
CA PRO AA 44 89.13 -11.44 -32.95
C PRO AA 44 89.85 -12.56 -33.68
N PHE AA 45 89.55 -13.79 -33.28
CA PHE AA 45 90.28 -14.98 -33.70
C PHE AA 45 90.08 -15.27 -35.19
N ARG AA 46 91.08 -15.92 -35.80
CA ARG AA 46 90.96 -16.32 -37.19
C ARG AA 46 90.00 -17.51 -37.32
N ALA AA 47 89.65 -17.82 -38.57
CA ALA AA 47 88.67 -18.84 -38.90
C ALA AA 47 89.05 -20.23 -38.39
N GLY AA 48 90.33 -20.58 -38.40
CA GLY AA 48 90.70 -21.93 -38.00
C GLY AA 48 91.78 -22.15 -36.98
N LEU AA 49 91.81 -21.32 -35.93
CA LEU AA 49 92.77 -21.50 -34.84
C LEU AA 49 92.24 -22.60 -33.91
N LEU AA 50 93.15 -23.27 -33.19
CA LEU AA 50 92.74 -24.33 -32.27
C LEU AA 50 93.04 -23.92 -30.84
N ILE AA 51 92.00 -23.86 -30.01
CA ILE AA 51 92.13 -23.60 -28.59
C ILE AA 51 91.88 -24.91 -27.84
N SER AA 52 92.85 -25.33 -27.03
CA SER AA 52 92.69 -26.50 -26.16
C SER AA 52 92.22 -26.02 -24.80
N PHE AA 53 90.95 -26.23 -24.50
CA PHE AA 53 90.38 -25.83 -23.21
C PHE AA 53 90.77 -26.84 -22.14
N PRO AA 54 91.45 -26.42 -21.08
CA PRO AA 54 91.84 -27.38 -20.04
C PRO AA 54 90.67 -27.80 -19.17
N ASP AA 55 90.88 -28.90 -18.45
CA ASP AA 55 89.93 -29.41 -17.48
C ASP AA 55 90.21 -28.88 -16.08
N MET AA 56 89.17 -28.94 -15.24
CA MET AA 56 89.10 -28.42 -13.87
C MET AA 56 89.50 -26.94 -13.79
N PRO AA 57 88.62 -26.01 -14.20
CA PRO AA 57 88.94 -24.58 -14.14
C PRO AA 57 89.04 -24.05 -12.70
N THR BA 3 83.40 47.86 24.01
CA THR BA 3 82.46 47.63 22.92
C THR BA 3 81.84 48.94 22.44
N THR BA 4 82.67 49.82 21.90
CA THR BA 4 82.22 51.15 21.52
C THR BA 4 81.48 51.09 20.19
N CYS BA 5 80.30 51.71 20.15
CA CYS BA 5 79.47 51.81 18.96
C CYS BA 5 79.24 53.28 18.63
N ARG BA 6 78.98 53.55 17.35
CA ARG BA 6 78.74 54.90 16.88
C ARG BA 6 77.26 55.09 16.59
N THR BA 7 76.70 56.21 17.05
CA THR BA 7 75.29 56.51 16.93
C THR BA 7 75.00 57.08 15.54
N ALA BA 8 73.73 57.37 15.28
CA ALA BA 8 73.34 58.27 14.21
C ALA BA 8 72.74 59.55 14.78
N ASP BA 9 72.28 60.43 13.89
CA ASP BA 9 71.86 61.78 14.29
C ASP BA 9 70.45 61.83 14.87
N GLY BA 10 69.74 60.70 14.95
CA GLY BA 10 68.42 60.67 15.53
C GLY BA 10 68.24 59.54 16.52
N ASP BA 11 69.30 58.76 16.72
CA ASP BA 11 69.25 57.64 17.64
C ASP BA 11 69.17 58.11 19.08
N MET BA 12 68.52 57.30 19.91
CA MET BA 12 68.30 57.62 21.31
C MET BA 12 68.80 56.47 22.16
N LEU BA 13 69.06 56.79 23.43
CA LEU BA 13 69.90 55.94 24.27
C LEU BA 13 69.18 54.66 24.67
N ASP BA 14 67.93 54.77 25.13
CA ASP BA 14 67.19 53.61 25.58
C ASP BA 14 66.78 52.68 24.44
N SER BA 15 66.68 53.21 23.21
CA SER BA 15 66.42 52.35 22.07
C SER BA 15 67.66 51.55 21.68
N LEU BA 16 68.84 52.17 21.73
CA LEU BA 16 70.08 51.51 21.32
C LEU BA 16 70.43 50.35 22.26
N CYS BA 17 70.50 50.61 23.56
CA CYS BA 17 70.89 49.58 24.52
C CYS BA 17 69.78 48.60 24.86
N TYR BA 18 68.60 48.71 24.24
CA TYR BA 18 67.67 47.59 24.28
C TYR BA 18 67.97 46.56 23.21
N HIS BA 19 68.44 46.99 22.04
CA HIS BA 19 68.85 46.03 21.02
C HIS BA 19 70.15 45.34 21.41
N VAL BA 20 71.03 46.02 22.15
CA VAL BA 20 72.30 45.44 22.51
C VAL BA 20 72.16 44.51 23.70
N TYR BA 21 71.49 44.96 24.76
CA TYR BA 21 71.45 44.18 25.99
C TYR BA 21 70.27 43.23 26.06
N GLY BA 22 69.08 43.69 25.67
CA GLY BA 22 67.87 42.90 25.76
C GLY BA 22 66.92 43.32 26.85
N HIS BA 23 67.35 44.18 27.77
CA HIS BA 23 66.48 44.72 28.81
C HIS BA 23 67.02 46.08 29.22
N LEU BA 24 66.21 46.83 29.95
CA LEU BA 24 66.54 48.21 30.29
C LEU BA 24 66.57 48.46 31.79
N LEU BA 25 66.50 47.42 32.61
CA LEU BA 25 66.56 47.58 34.06
C LEU BA 25 68.01 47.73 34.49
N GLY BA 26 68.39 48.93 34.91
CA GLY BA 26 69.75 49.21 35.31
C GLY BA 26 70.75 49.23 34.18
N CYS BA 27 70.30 49.48 32.95
CA CYS BA 27 71.17 49.39 31.78
C CYS BA 27 71.34 50.72 31.05
N VAL BA 28 70.53 51.73 31.36
CA VAL BA 28 70.64 53.04 30.73
C VAL BA 28 71.48 54.01 31.56
N GLU BA 29 71.22 54.07 32.87
CA GLU BA 29 72.01 54.97 33.71
C GLU BA 29 73.41 54.43 33.96
N ALA BA 30 73.62 53.13 33.79
CA ALA BA 30 74.98 52.59 33.80
C ALA BA 30 75.72 52.97 32.53
N THR BA 31 75.00 53.15 31.42
CA THR BA 31 75.61 53.64 30.19
C THR BA 31 75.98 55.12 30.32
N LEU BA 32 75.11 55.92 30.95
CA LEU BA 32 75.43 57.31 31.23
C LEU BA 32 76.53 57.45 32.29
N ASP BA 33 76.68 56.45 33.15
CA ASP BA 33 77.73 56.50 34.17
C ASP BA 33 79.11 56.29 33.54
N ALA BA 34 79.25 55.23 32.75
CA ALA BA 34 80.54 54.89 32.13
C ALA BA 34 80.68 55.49 30.74
N ASN BA 35 80.42 56.80 30.63
CA ASN BA 35 80.57 57.59 29.42
C ASN BA 35 80.83 59.03 29.82
N PRO BA 36 82.02 59.57 29.56
CA PRO BA 36 82.33 60.96 29.95
C PRO BA 36 81.61 61.95 29.05
N GLY BA 37 80.82 62.82 29.66
CA GLY BA 37 80.14 63.88 28.95
C GLY BA 37 79.01 63.45 28.03
N LEU BA 38 78.44 62.26 28.24
CA LEU BA 38 77.34 61.83 27.39
C LEU BA 38 76.04 62.54 27.76
N ALA BA 39 75.77 62.68 29.05
CA ALA BA 39 74.57 63.37 29.52
C ALA BA 39 74.59 64.85 29.14
N ASP BA 40 75.78 65.46 29.10
CA ASP BA 40 75.91 66.87 28.72
C ASP BA 40 75.42 67.06 27.29
N GLU BA 41 75.72 66.10 26.42
CA GLU BA 41 75.22 66.09 25.06
C GLU BA 41 73.70 65.93 25.06
N GLN BA 42 73.05 66.59 24.10
CA GLN BA 42 71.59 66.56 23.99
C GLN BA 42 71.08 65.15 23.74
N GLN BA 43 69.89 64.88 24.28
CA GLN BA 43 69.30 63.53 24.19
C GLN BA 43 69.11 63.04 22.75
N PRO BA 44 68.67 63.87 21.75
CA PRO BA 44 68.79 63.38 20.37
C PRO BA 44 70.25 63.53 19.96
N PHE BA 45 70.94 62.40 19.87
CA PHE BA 45 72.39 62.36 19.69
C PHE BA 45 72.82 62.88 18.33
N ARG BA 46 74.05 63.40 18.26
CA ARG BA 46 74.59 63.86 16.98
C ARG BA 46 74.98 62.66 16.12
N ALA BA 47 75.28 62.96 14.84
CA ALA BA 47 75.56 61.95 13.83
C ALA BA 47 76.74 61.05 14.18
N GLY BA 48 77.79 61.61 14.82
CA GLY BA 48 78.96 60.79 15.06
C GLY BA 48 79.55 60.73 16.46
N LEU BA 49 78.70 60.68 17.49
CA LEU BA 49 79.18 60.54 18.87
C LEU BA 49 79.52 59.06 19.11
N LEU BA 50 80.42 58.79 20.04
CA LEU BA 50 80.81 57.42 20.35
C LEU BA 50 80.36 57.05 21.76
N ILE BA 51 79.52 56.02 21.87
CA ILE BA 51 79.08 55.49 23.16
C ILE BA 51 79.78 54.15 23.35
N SER BA 52 80.52 54.02 24.47
CA SER BA 52 81.14 52.75 24.85
C SER BA 52 80.19 52.02 25.79
N PHE BA 53 79.54 50.98 25.27
CA PHE BA 53 78.63 50.19 26.08
C PHE BA 53 79.41 49.23 26.96
N PRO BA 54 79.27 49.30 28.29
CA PRO BA 54 80.02 48.38 29.15
C PRO BA 54 79.45 46.96 29.14
N ASP BA 55 80.28 46.04 29.61
CA ASP BA 55 79.91 44.64 29.76
C ASP BA 55 79.35 44.35 31.16
N MET BA 56 78.60 43.25 31.26
CA MET BA 56 77.86 42.77 32.42
C MET BA 56 76.94 43.85 33.00
N PRO BA 57 75.78 44.11 32.37
CA PRO BA 57 74.85 45.12 32.88
C PRO BA 57 74.19 44.72 34.20
N THR CA 3 7.13 64.33 75.07
CA THR CA 3 6.98 64.23 73.61
C THR CA 3 5.71 64.91 73.15
N THR CA 4 5.63 66.23 73.35
CA THR CA 4 4.41 66.97 73.05
C THR CA 4 4.30 67.23 71.55
N CYS CA 5 3.14 66.92 70.99
CA CYS CA 5 2.82 67.15 69.59
C CYS CA 5 1.62 68.08 69.49
N ARG CA 6 1.52 68.78 68.36
CA ARG CA 6 0.43 69.71 68.11
C ARG CA 6 -0.53 69.11 67.09
N THR CA 7 -1.82 69.20 67.39
CA THR CA 7 -2.86 68.63 66.56
C THR CA 7 -3.18 69.55 65.39
N ALA CA 8 -4.11 69.13 64.54
CA ALA CA 8 -4.79 70.03 63.63
C ALA CA 8 -6.28 70.13 64.03
N ASP CA 9 -7.04 70.87 63.22
CA ASP CA 9 -8.42 71.21 63.57
C ASP CA 9 -9.42 70.10 63.27
N GLY CA 10 -8.98 68.97 62.73
CA GLY CA 10 -9.87 67.86 62.45
C GLY CA 10 -9.31 66.54 62.94
N ASP CA 11 -8.13 66.58 63.52
CA ASP CA 11 -7.47 65.38 64.02
C ASP CA 11 -8.20 64.82 65.23
N MET CA 12 -8.13 63.50 65.39
CA MET CA 12 -8.81 62.81 66.46
C MET CA 12 -7.80 61.94 67.20
N LEU CA 13 -8.17 61.59 68.43
CA LEU CA 13 -7.19 61.12 69.40
C LEU CA 13 -6.71 59.71 69.08
N ASP CA 14 -7.64 58.80 68.79
CA ASP CA 14 -7.28 57.41 68.50
C ASP CA 14 -6.55 57.25 67.18
N SER CA 15 -6.76 58.17 66.23
CA SER CA 15 -6.00 58.14 64.98
C SER CA 15 -4.56 58.59 65.20
N LEU CA 16 -4.36 59.62 66.02
CA LEU CA 16 -3.02 60.18 66.25
C LEU CA 16 -2.12 59.19 66.96
N CYS CA 17 -2.55 58.66 68.11
CA CYS CA 17 -1.72 57.76 68.90
C CYS CA 17 -1.70 56.32 68.36
N TYR CA 18 -2.35 56.03 67.23
CA TYR CA 18 -2.05 54.79 66.53
C TYR CA 18 -0.83 54.95 65.62
N HIS CA 19 -0.64 56.13 65.01
CA HIS CA 19 0.57 56.36 64.23
C HIS CA 19 1.79 56.48 65.13
N VAL CA 20 1.61 57.00 66.34
CA VAL CA 20 2.76 57.21 67.24
C VAL CA 20 3.14 55.91 67.93
N TYR CA 21 2.17 55.21 68.51
CA TYR CA 21 2.47 54.05 69.33
C TYR CA 21 2.50 52.75 68.54
N GLY CA 22 1.52 52.53 67.66
CA GLY CA 22 1.40 51.31 66.91
C GLY CA 22 0.28 50.41 67.35
N HIS CA 23 -0.33 50.67 68.51
CA HIS CA 23 -1.49 49.92 68.97
C HIS CA 23 -2.31 50.84 69.86
N LEU CA 24 -3.54 50.40 70.15
CA LEU CA 24 -4.49 51.23 70.89
C LEU CA 24 -4.99 50.58 72.17
N LEU CA 25 -4.40 49.46 72.59
CA LEU CA 25 -4.80 48.80 73.82
C LEU CA 25 -4.14 49.52 75.00
N GLY CA 26 -4.95 50.22 75.79
CA GLY CA 26 -4.43 50.96 76.93
C GLY CA 26 -3.62 52.18 76.58
N CYS CA 27 -3.82 52.75 75.38
CA CYS CA 27 -2.99 53.83 74.89
C CYS CA 27 -3.75 55.13 74.66
N VAL CA 28 -5.08 55.10 74.67
CA VAL CA 28 -5.91 56.28 74.47
C VAL CA 28 -6.32 56.89 75.79
N GLU CA 29 -6.82 56.08 76.72
CA GLU CA 29 -7.23 56.61 78.02
C GLU CA 29 -6.03 56.98 78.89
N ALA CA 30 -4.85 56.40 78.61
CA ALA CA 30 -3.64 56.88 79.26
C ALA CA 30 -3.21 58.23 78.73
N THR CA 31 -3.56 58.52 77.46
CA THR CA 31 -3.31 59.85 76.90
C THR CA 31 -4.26 60.87 77.50
N LEU CA 32 -5.53 60.49 77.69
CA LEU CA 32 -6.47 61.37 78.37
C LEU CA 32 -6.17 61.52 79.85
N ASP CA 33 -5.49 60.53 80.45
CA ASP CA 33 -5.12 60.63 81.86
C ASP CA 33 -4.01 61.65 82.07
N ALA CA 34 -2.93 61.53 81.31
CA ALA CA 34 -1.77 62.42 81.45
C ALA CA 34 -1.86 63.62 80.51
N ASN CA 35 -2.99 64.30 80.54
CA ASN CA 35 -3.27 65.53 79.81
C ASN CA 35 -4.32 66.34 80.55
N PRO CA 36 -3.96 67.50 81.12
CA PRO CA 36 -4.95 68.29 81.87
C PRO CA 36 -5.95 68.96 80.95
N GLY CA 37 -7.23 68.68 81.19
CA GLY CA 37 -8.30 69.30 80.43
C GLY CA 37 -8.44 68.89 78.99
N LEU CA 38 -7.90 67.74 78.60
CA LEU CA 38 -8.02 67.30 77.21
C LEU CA 38 -9.42 66.75 76.93
N ALA CA 39 -9.98 65.97 77.86
CA ALA CA 39 -11.32 65.43 77.72
C ALA CA 39 -12.38 66.53 77.71
N ASP CA 40 -12.15 67.62 78.46
CA ASP CA 40 -13.08 68.75 78.49
C ASP CA 40 -13.20 69.37 77.11
N GLU CA 41 -12.09 69.43 76.38
CA GLU CA 41 -12.09 69.88 75.00
C GLU CA 41 -12.87 68.89 74.14
N GLN CA 42 -13.57 69.42 73.12
CA GLN CA 42 -14.38 68.62 72.23
C GLN CA 42 -13.53 67.61 71.46
N GLN CA 43 -14.15 66.45 71.17
CA GLN CA 43 -13.43 65.36 70.52
C GLN CA 43 -12.85 65.74 69.14
N PRO CA 44 -13.54 66.52 68.26
CA PRO CA 44 -12.79 67.06 67.12
C PRO CA 44 -11.96 68.23 67.63
N PHE CA 45 -10.64 68.00 67.71
CA PHE CA 45 -9.71 68.92 68.35
C PHE CA 45 -9.58 70.24 67.59
N ARG CA 46 -9.24 71.30 68.32
CA ARG CA 46 -9.00 72.59 67.67
C ARG CA 46 -7.65 72.57 66.94
N ALA CA 47 -7.43 73.62 66.14
CA ALA CA 47 -6.26 73.74 65.28
C ALA CA 47 -4.94 73.70 66.05
N GLY CA 48 -4.89 74.30 67.24
CA GLY CA 48 -3.62 74.36 67.94
C GLY CA 48 -3.52 73.90 69.38
N LEU CA 49 -4.20 72.82 69.73
CA LEU CA 49 -4.10 72.26 71.07
C LEU CA 49 -2.81 71.43 71.17
N LEU CA 50 -2.27 71.30 72.38
CA LEU CA 50 -1.04 70.53 72.57
C LEU CA 50 -1.33 69.28 73.38
N ILE CA 51 -1.05 68.11 72.81
CA ILE CA 51 -1.16 66.83 73.49
C ILE CA 51 0.25 66.32 73.78
N SER CA 52 0.54 66.08 75.05
CA SER CA 52 1.81 65.48 75.46
C SER CA 52 1.63 63.97 75.56
N PHE CA 53 2.15 63.25 74.57
CA PHE CA 53 2.05 61.79 74.56
C PHE CA 53 3.07 61.19 75.52
N PRO CA 54 2.65 60.42 76.52
CA PRO CA 54 3.61 59.84 77.46
C PRO CA 54 4.38 58.68 76.86
N ASP CA 55 5.49 58.34 77.51
CA ASP CA 55 6.32 57.21 77.15
C ASP CA 55 5.91 55.96 77.91
N MET CA 56 6.31 54.80 77.36
CA MET CA 56 5.99 53.44 77.80
C MET CA 56 4.49 53.23 77.97
N PRO CA 57 3.73 53.06 76.87
CA PRO CA 57 2.28 52.83 76.97
C PRO CA 57 1.91 51.48 77.59
N THR DA 3 -62.03 1.65 77.36
CA THR DA 3 -61.72 2.30 76.09
C THR DA 3 -62.89 2.21 75.12
N THR DA 4 -64.01 2.83 75.48
CA THR DA 4 -65.24 2.70 74.70
C THR DA 4 -65.16 3.61 73.48
N CYS DA 5 -65.48 3.05 72.31
CA CYS DA 5 -65.52 3.76 71.05
C CYS DA 5 -66.93 3.66 70.46
N ARG DA 6 -67.29 4.63 69.63
CA ARG DA 6 -68.59 4.67 68.99
C ARG DA 6 -68.46 4.31 67.52
N THR DA 7 -69.34 3.42 67.05
CA THR DA 7 -69.31 2.92 65.69
C THR DA 7 -69.96 3.92 64.74
N ALA DA 8 -69.97 3.59 63.45
CA ALA DA 8 -70.88 4.20 62.50
C ALA DA 8 -71.90 3.18 62.01
N ASP DA 9 -72.75 3.59 61.07
CA ASP DA 9 -73.90 2.79 60.65
C ASP DA 9 -73.53 1.70 59.64
N GLY DA 10 -72.27 1.59 59.23
CA GLY DA 10 -71.85 0.55 58.30
C GLY DA 10 -70.60 -0.15 58.76
N ASP DA 11 -70.08 0.25 59.91
CA ASP DA 11 -68.86 -0.35 60.46
C ASP DA 11 -69.12 -1.77 60.92
N MET DA 12 -68.08 -2.59 60.84
CA MET DA 12 -68.16 -3.99 61.20
C MET DA 12 -67.07 -4.31 62.20
N LEU DA 13 -67.27 -5.42 62.92
CA LEU DA 13 -66.55 -5.64 64.17
C LEU DA 13 -65.10 -6.02 63.91
N ASP DA 14 -64.85 -6.94 62.99
CA ASP DA 14 -63.50 -7.39 62.70
C ASP DA 14 -62.65 -6.33 62.01
N SER DA 15 -63.29 -5.39 61.31
CA SER DA 15 -62.54 -4.29 60.72
C SER DA 15 -62.11 -3.28 61.77
N LEU DA 16 -62.99 -2.99 62.74
CA LEU DA 16 -62.70 -2.00 63.78
C LEU DA 16 -61.55 -2.44 64.69
N CYS DA 17 -61.65 -3.62 65.27
CA CYS DA 17 -60.63 -4.11 66.19
C CYS DA 17 -59.38 -4.64 65.51
N TYR DA 18 -59.28 -4.59 64.18
CA TYR DA 18 -57.97 -4.75 63.56
C TYR DA 18 -57.18 -3.45 63.54
N HIS DA 19 -57.87 -2.30 63.37
CA HIS DA 19 -57.17 -1.03 63.46
C HIS DA 19 -56.76 -0.71 64.89
N VAL DA 20 -57.54 -1.18 65.87
CA VAL DA 20 -57.24 -0.87 67.26
C VAL DA 20 -56.15 -1.78 67.80
N TYR DA 21 -56.30 -3.09 67.60
CA TYR DA 21 -55.39 -4.05 68.22
C TYR DA 21 -54.17 -4.37 67.34
N GLY DA 22 -54.38 -4.59 66.05
CA GLY DA 22 -53.32 -4.98 65.15
C GLY DA 22 -53.36 -6.43 64.70
N HIS DA 23 -54.18 -7.25 65.34
CA HIS DA 23 -54.36 -8.64 64.93
C HIS DA 23 -55.75 -9.08 65.36
N LEU DA 24 -56.19 -10.22 64.83
CA LEU DA 24 -57.55 -10.69 65.05
C LEU DA 24 -57.61 -12.08 65.68
N LEU DA 25 -56.48 -12.61 66.14
CA LEU DA 25 -56.47 -13.91 66.79
C LEU DA 25 -56.91 -13.75 68.24
N GLY DA 26 -58.11 -14.24 68.56
CA GLY DA 26 -58.63 -14.12 69.91
C GLY DA 26 -59.05 -12.72 70.30
N CYS DA 27 -59.34 -11.86 69.33
CA CYS DA 27 -59.61 -10.45 69.60
C CYS DA 27 -61.01 -10.02 69.22
N VAL DA 28 -61.75 -10.83 68.49
CA VAL DA 28 -63.12 -10.50 68.08
C VAL DA 28 -64.14 -11.12 69.03
N GLU DA 29 -63.99 -12.40 69.36
CA GLU DA 29 -64.93 -13.04 70.27
C GLU DA 29 -64.72 -12.59 71.71
N ALA DA 30 -63.54 -12.08 72.04
CA ALA DA 30 -63.33 -11.44 73.33
C ALA DA 30 -64.03 -10.08 73.38
N THR DA 31 -64.17 -9.43 72.23
CA THR DA 31 -64.96 -8.19 72.16
C THR DA 31 -66.45 -8.48 72.31
N LEU DA 32 -66.93 -9.56 71.68
CA LEU DA 32 -68.32 -9.97 71.86
C LEU DA 32 -68.57 -10.52 73.26
N ASP DA 33 -67.54 -11.02 73.94
CA ASP DA 33 -67.72 -11.52 75.29
C ASP DA 33 -67.92 -10.37 76.28
N ALA DA 34 -67.04 -9.38 76.24
CA ALA DA 34 -67.09 -8.25 77.17
C ALA DA 34 -67.88 -7.07 76.59
N ASN DA 35 -69.08 -7.37 76.10
CA ASN DA 35 -70.03 -6.40 75.58
C ASN DA 35 -71.44 -6.96 75.75
N PRO DA 36 -72.27 -6.37 76.62
CA PRO DA 36 -73.63 -6.90 76.82
C PRO DA 36 -74.53 -6.59 75.63
N GLY DA 37 -75.11 -7.63 75.05
CA GLY DA 37 -76.05 -7.50 73.97
C GLY DA 37 -75.48 -7.03 72.65
N LEU DA 38 -74.18 -7.18 72.42
CA LEU DA 38 -73.60 -6.76 71.15
C LEU DA 38 -73.93 -7.76 70.04
N ALA DA 39 -73.83 -9.05 70.34
CA ALA DA 39 -74.16 -10.09 69.37
C ALA DA 39 -75.63 -10.06 68.97
N ASP DA 40 -76.51 -9.69 69.91
CA ASP DA 40 -77.95 -9.60 69.63
C ASP DA 40 -78.20 -8.55 68.55
N GLU DA 41 -77.45 -7.45 68.60
CA GLU DA 41 -77.50 -6.43 67.57
C GLU DA 41 -76.98 -7.00 66.25
N GLN DA 42 -77.58 -6.54 65.14
CA GLN DA 42 -77.22 -7.02 63.81
C GLN DA 42 -75.77 -6.69 63.48
N GLN DA 43 -75.14 -7.57 62.69
CA GLN DA 43 -73.73 -7.45 62.36
C GLN DA 43 -73.39 -6.13 61.65
N PRO DA 44 -74.21 -5.58 60.69
CA PRO DA 44 -73.95 -4.19 60.30
C PRO DA 44 -74.49 -3.28 61.38
N PHE DA 45 -73.58 -2.70 62.14
CA PHE DA 45 -73.89 -1.95 63.36
C PHE DA 45 -74.68 -0.67 63.06
N ARG DA 46 -75.49 -0.24 64.03
CA ARG DA 46 -76.21 1.02 63.89
C ARG DA 46 -75.26 2.20 64.05
N ALA DA 47 -75.78 3.38 63.73
CA ALA DA 47 -75.00 4.62 63.71
C ALA DA 47 -74.39 4.97 65.05
N GLY DA 48 -75.08 4.69 66.16
CA GLY DA 48 -74.55 5.10 67.44
C GLY DA 48 -74.46 4.11 68.58
N LEU DA 49 -74.07 2.87 68.28
CA LEU DA 49 -73.88 1.86 69.32
C LEU DA 49 -72.50 2.09 69.97
N LEU DA 50 -72.34 1.66 71.22
CA LEU DA 50 -71.07 1.83 71.92
C LEU DA 50 -70.44 0.48 72.18
N ILE DA 51 -69.23 0.27 71.65
CA ILE DA 51 -68.44 -0.92 71.91
C ILE DA 51 -67.30 -0.55 72.83
N SER DA 52 -67.21 -1.22 73.98
CA SER DA 52 -66.09 -1.04 74.91
C SER DA 52 -65.04 -2.10 74.60
N PHE DA 53 -63.95 -1.67 73.98
CA PHE DA 53 -62.87 -2.59 73.63
C PHE DA 53 -62.02 -2.86 74.87
N PRO DA 54 -61.88 -4.11 75.30
CA PRO DA 54 -61.07 -4.40 76.49
C PRO DA 54 -59.58 -4.30 76.21
N ASP DA 55 -58.82 -4.20 77.30
CA ASP DA 55 -57.36 -4.18 77.26
C ASP DA 55 -56.79 -5.58 77.43
N MET DA 56 -55.53 -5.73 76.98
CA MET DA 56 -54.74 -6.96 76.91
C MET DA 56 -55.49 -8.06 76.16
N PRO DA 57 -55.55 -8.02 74.82
CA PRO DA 57 -56.23 -9.06 74.04
C PRO DA 57 -55.52 -10.42 74.10
N SER EA 2 -77.31 -12.48 5.00
CA SER EA 2 -76.57 -13.63 5.53
C SER EA 2 -76.74 -14.86 4.65
N PHE EA 3 -75.70 -15.18 3.89
CA PHE EA 3 -75.73 -16.38 3.05
C PHE EA 3 -75.73 -17.64 3.91
N PHE EA 4 -74.77 -17.77 4.82
CA PHE EA 4 -74.79 -18.82 5.81
C PHE EA 4 -74.11 -18.32 7.07
N HIS EA 5 -74.83 -18.39 8.18
CA HIS EA 5 -74.31 -18.03 9.49
C HIS EA 5 -73.88 -19.32 10.18
N GLY EA 6 -72.58 -19.53 10.28
CA GLY EA 6 -72.06 -20.78 10.79
C GLY EA 6 -70.65 -20.98 10.28
N VAL EA 7 -70.18 -22.21 10.41
CA VAL EA 7 -68.83 -22.59 10.00
C VAL EA 7 -68.95 -23.53 8.81
N THR EA 8 -68.29 -23.20 7.72
CA THR EA 8 -68.17 -24.11 6.58
C THR EA 8 -66.78 -24.72 6.58
N VAL EA 9 -66.73 -26.04 6.36
CA VAL EA 9 -65.48 -26.73 6.12
C VAL EA 9 -65.63 -27.44 4.77
N THR EA 10 -64.90 -26.97 3.77
CA THR EA 10 -65.06 -27.46 2.41
C THR EA 10 -63.81 -28.19 1.95
N ASN EA 11 -64.02 -29.21 1.13
CA ASN EA 11 -62.96 -29.93 0.45
C ASN EA 11 -62.95 -29.49 -0.99
N VAL EA 12 -61.86 -28.83 -1.42
CA VAL EA 12 -61.90 -28.13 -2.69
C VAL EA 12 -61.66 -29.07 -3.86
N ASP EA 13 -60.89 -30.15 -3.66
CA ASP EA 13 -60.75 -31.27 -4.60
C ASP EA 13 -60.16 -30.82 -5.94
N ILE EA 14 -58.98 -30.19 -5.89
CA ILE EA 14 -58.34 -29.65 -7.08
C ILE EA 14 -56.97 -30.25 -7.31
N GLY EA 15 -56.64 -31.36 -6.67
CA GLY EA 15 -55.35 -31.97 -6.87
C GLY EA 15 -55.27 -32.77 -8.14
N ALA EA 16 -54.04 -33.06 -8.56
CA ALA EA 16 -53.81 -33.97 -9.68
C ALA EA 16 -54.07 -35.40 -9.25
N ARG EA 17 -54.39 -36.24 -10.22
CA ARG EA 17 -54.71 -37.63 -9.95
C ARG EA 17 -53.56 -38.52 -10.40
N THR EA 18 -53.73 -39.83 -10.22
CA THR EA 18 -52.71 -40.81 -10.58
C THR EA 18 -53.28 -41.75 -11.63
N ILE EA 19 -52.42 -42.14 -12.57
CA ILE EA 19 -52.82 -42.96 -13.71
C ILE EA 19 -52.09 -44.29 -13.62
N ALA EA 20 -52.86 -45.38 -13.65
CA ALA EA 20 -52.31 -46.72 -13.57
C ALA EA 20 -52.54 -47.45 -14.89
N LEU EA 21 -51.66 -48.40 -15.18
CA LEU EA 21 -51.71 -49.13 -16.44
C LEU EA 21 -52.67 -50.32 -16.34
N PRO EA 22 -53.33 -50.69 -17.43
CA PRO EA 22 -54.28 -51.81 -17.37
C PRO EA 22 -53.66 -53.19 -17.55
N ALA EA 23 -52.51 -53.43 -16.90
CA ALA EA 23 -51.95 -54.74 -16.55
C ALA EA 23 -51.42 -55.56 -17.72
N SER EA 24 -51.73 -55.19 -18.96
CA SER EA 24 -50.98 -55.56 -20.17
C SER EA 24 -50.83 -57.05 -20.50
N SER EA 25 -51.43 -57.96 -19.73
CA SER EA 25 -51.05 -59.35 -19.86
C SER EA 25 -52.22 -60.32 -19.80
N VAL EA 26 -53.41 -59.89 -20.17
CA VAL EA 26 -54.57 -60.78 -20.19
C VAL EA 26 -54.67 -61.40 -21.57
N ILE EA 27 -54.74 -62.73 -21.62
CA ILE EA 27 -54.64 -63.48 -22.87
C ILE EA 27 -56.01 -64.02 -23.23
N GLY EA 28 -56.60 -63.48 -24.30
CA GLY EA 28 -57.86 -63.99 -24.79
C GLY EA 28 -57.63 -65.26 -25.56
N LEU EA 29 -58.35 -66.31 -25.21
CA LEU EA 29 -58.17 -67.62 -25.80
C LEU EA 29 -59.49 -68.14 -26.35
N CYS EA 30 -59.40 -68.90 -27.44
CA CYS EA 30 -60.58 -69.53 -28.04
C CYS EA 30 -60.14 -70.77 -28.80
N ASP EA 31 -60.45 -71.94 -28.26
CA ASP EA 31 -60.16 -73.19 -28.94
C ASP EA 31 -61.24 -74.19 -28.55
N VAL EA 32 -61.26 -75.31 -29.25
CA VAL EA 32 -62.35 -76.27 -29.12
C VAL EA 32 -62.14 -77.14 -27.90
N PHE EA 33 -63.25 -77.69 -27.39
CA PHE EA 33 -63.22 -78.64 -26.29
C PHE EA 33 -64.51 -79.44 -26.31
N THR EA 34 -64.57 -80.47 -25.49
CA THR EA 34 -65.74 -81.34 -25.42
C THR EA 34 -66.50 -81.07 -24.13
N PRO EA 35 -67.70 -80.49 -24.19
CA PRO EA 35 -68.46 -80.24 -22.97
C PRO EA 35 -69.05 -81.53 -22.43
N GLY EA 36 -68.98 -81.69 -21.11
CA GLY EA 36 -69.47 -82.89 -20.46
C GLY EA 36 -69.57 -82.75 -18.96
N ALA EA 37 -69.21 -83.80 -18.24
CA ALA EA 37 -69.24 -83.76 -16.78
C ALA EA 37 -67.97 -83.16 -16.19
N GLN EA 38 -66.81 -83.53 -16.73
CA GLN EA 38 -65.55 -83.00 -16.24
C GLN EA 38 -65.34 -81.54 -16.64
N ALA EA 39 -65.93 -81.12 -17.76
CA ALA EA 39 -65.81 -79.74 -18.21
C ALA EA 39 -66.90 -78.90 -17.54
N SER EA 40 -66.48 -77.94 -16.71
CA SER EA 40 -67.40 -77.13 -15.92
C SER EA 40 -67.77 -75.82 -16.63
N ALA EA 41 -67.77 -75.81 -17.95
CA ALA EA 41 -68.07 -74.60 -18.71
C ALA EA 41 -69.15 -74.90 -19.75
N LYS EA 42 -69.66 -73.85 -20.32
CA LYS EA 42 -70.62 -73.87 -21.40
C LYS EA 42 -69.94 -73.45 -22.71
N PRO EA 43 -70.36 -74.00 -23.86
CA PRO EA 43 -69.55 -73.88 -25.07
C PRO EA 43 -69.57 -72.52 -25.78
N ASN EA 44 -70.08 -71.47 -25.16
CA ASN EA 44 -69.92 -70.14 -25.76
C ASN EA 44 -69.57 -69.03 -24.78
N VAL EA 45 -69.60 -69.26 -23.47
CA VAL EA 45 -69.40 -68.20 -22.51
C VAL EA 45 -67.92 -68.07 -22.17
N PRO EA 46 -67.44 -66.88 -21.81
CA PRO EA 46 -66.05 -66.76 -21.37
C PRO EA 46 -65.85 -67.30 -19.96
N VAL EA 47 -64.66 -67.83 -19.72
CA VAL EA 47 -64.27 -68.39 -18.43
C VAL EA 47 -62.97 -67.74 -18.01
N LEU EA 48 -62.95 -67.17 -16.80
CA LEU EA 48 -61.73 -66.58 -16.28
C LEU EA 48 -60.80 -67.66 -15.76
N LEU EA 49 -59.57 -67.67 -16.25
CA LEU EA 49 -58.58 -68.65 -15.84
C LEU EA 49 -57.35 -67.94 -15.30
N THR EA 50 -56.96 -68.28 -14.07
CA THR EA 50 -55.79 -67.69 -13.46
C THR EA 50 -54.71 -68.72 -13.10
N SER EA 51 -55.00 -70.01 -13.25
CA SER EA 51 -54.04 -71.04 -12.88
C SER EA 51 -54.19 -72.24 -13.79
N LYS EA 52 -53.22 -73.13 -13.72
CA LYS EA 52 -53.20 -74.31 -14.59
C LYS EA 52 -54.25 -75.32 -14.16
N LYS EA 53 -54.53 -75.41 -12.85
CA LYS EA 53 -55.56 -76.30 -12.36
C LYS EA 53 -56.96 -75.77 -12.63
N ASP EA 54 -57.11 -74.45 -12.78
CA ASP EA 54 -58.41 -73.88 -13.07
C ASP EA 54 -58.83 -74.15 -14.51
N ALA EA 55 -57.87 -74.33 -15.41
CA ALA EA 55 -58.21 -74.70 -16.78
C ALA EA 55 -58.53 -76.18 -16.91
N ALA EA 56 -57.96 -77.02 -16.04
CA ALA EA 56 -58.26 -78.44 -16.09
C ALA EA 56 -59.64 -78.74 -15.53
N ALA EA 57 -60.11 -77.93 -14.59
CA ALA EA 57 -61.44 -78.16 -14.03
C ALA EA 57 -62.53 -77.55 -14.90
N ALA EA 58 -62.22 -76.50 -15.64
CA ALA EA 58 -63.23 -75.81 -16.44
C ALA EA 58 -63.31 -76.30 -17.88
N PHE EA 59 -62.30 -77.03 -18.35
CA PHE EA 59 -62.31 -77.51 -19.73
C PHE EA 59 -61.88 -78.97 -19.87
N GLY EA 60 -61.48 -79.62 -18.79
CA GLY EA 60 -61.13 -81.02 -18.86
C GLY EA 60 -59.71 -81.27 -19.33
N ILE EA 61 -59.03 -82.24 -18.72
CA ILE EA 61 -57.68 -82.59 -19.14
C ILE EA 61 -57.76 -83.30 -20.49
N GLY EA 62 -56.90 -82.90 -21.43
CA GLY EA 62 -56.89 -83.49 -22.74
C GLY EA 62 -57.67 -82.73 -23.79
N SER EA 63 -58.36 -81.66 -23.40
CA SER EA 63 -59.06 -80.84 -24.38
C SER EA 63 -58.06 -80.04 -25.21
N SER EA 64 -58.54 -79.56 -26.36
CA SER EA 64 -57.67 -78.76 -27.22
C SER EA 64 -57.46 -77.36 -26.69
N ILE EA 65 -58.31 -76.89 -25.77
CA ILE EA 65 -58.14 -75.59 -25.16
C ILE EA 65 -57.44 -75.67 -23.80
N TYR EA 66 -57.45 -76.85 -23.16
CA TYR EA 66 -56.60 -77.02 -21.98
C TYR EA 66 -55.14 -77.11 -22.38
N LEU EA 67 -54.87 -77.72 -23.52
CA LEU EA 67 -53.51 -77.83 -24.04
C LEU EA 67 -52.95 -76.48 -24.46
N ALA EA 68 -53.81 -75.52 -24.76
CA ALA EA 68 -53.36 -74.15 -25.02
C ALA EA 68 -53.07 -73.41 -23.73
N CYS EA 69 -53.88 -73.65 -22.69
CA CYS EA 69 -53.58 -73.08 -21.38
C CYS EA 69 -52.37 -73.76 -20.75
N GLU EA 70 -52.14 -75.02 -21.08
CA GLU EA 70 -50.93 -75.70 -20.63
C GLU EA 70 -49.69 -75.07 -21.25
N ALA EA 71 -49.80 -74.54 -22.47
CA ALA EA 71 -48.67 -73.88 -23.11
C ALA EA 71 -48.36 -72.52 -22.50
N ILE EA 72 -49.31 -71.91 -21.80
CA ILE EA 72 -49.15 -70.57 -21.26
C ILE EA 72 -48.70 -70.61 -19.80
N TYR EA 73 -49.27 -71.51 -19.00
CA TYR EA 73 -49.00 -71.54 -17.58
C TYR EA 73 -47.68 -72.21 -17.23
N ASN EA 74 -46.94 -72.72 -18.20
CA ASN EA 74 -45.61 -73.25 -17.93
C ASN EA 74 -44.55 -72.17 -18.07
N ARG EA 75 -44.69 -71.31 -19.07
CA ARG EA 75 -43.71 -70.24 -19.27
C ARG EA 75 -44.03 -69.05 -18.38
N ALA EA 76 -45.30 -68.69 -18.27
CA ALA EA 76 -45.71 -67.50 -17.54
C ALA EA 76 -46.79 -67.88 -16.53
N GLN EA 77 -47.38 -66.86 -15.92
CA GLN EA 77 -48.51 -67.03 -15.01
C GLN EA 77 -49.39 -65.78 -15.16
N ALA EA 78 -50.40 -65.86 -16.01
CA ALA EA 78 -51.20 -64.70 -16.35
C ALA EA 78 -52.68 -65.05 -16.37
N VAL EA 79 -53.50 -64.03 -16.55
CA VAL EA 79 -54.94 -64.19 -16.62
C VAL EA 79 -55.31 -64.59 -18.05
N ILE EA 80 -56.14 -65.62 -18.18
CA ILE EA 80 -56.59 -66.10 -19.47
C ILE EA 80 -58.11 -66.04 -19.48
N VAL EA 81 -58.67 -65.28 -20.42
CA VAL EA 81 -60.11 -65.28 -20.66
C VAL EA 81 -60.35 -66.26 -21.80
N ALA EA 82 -60.65 -67.50 -21.45
CA ALA EA 82 -60.87 -68.55 -22.43
C ALA EA 82 -62.35 -68.66 -22.75
N VAL EA 83 -62.66 -68.89 -24.02
CA VAL EA 83 -64.07 -69.00 -24.43
C VAL EA 83 -64.46 -70.46 -24.48
N GLY EA 84 -63.81 -71.23 -25.35
CA GLY EA 84 -64.16 -72.63 -25.48
C GLY EA 84 -65.39 -72.85 -26.31
N VAL EA 85 -65.27 -73.63 -27.39
CA VAL EA 85 -66.39 -73.95 -28.26
C VAL EA 85 -66.48 -75.46 -28.39
N GLU EA 86 -67.64 -75.94 -28.82
CA GLU EA 86 -67.80 -77.36 -29.06
C GLU EA 86 -67.19 -77.75 -30.39
N THR EA 87 -66.79 -79.01 -30.51
CA THR EA 87 -66.13 -79.49 -31.72
C THR EA 87 -67.14 -79.68 -32.83
N ALA EA 88 -66.97 -78.94 -33.92
CA ALA EA 88 -67.82 -79.10 -35.09
C ALA EA 88 -67.46 -80.38 -35.83
N GLU EA 89 -68.38 -80.82 -36.69
CA GLU EA 89 -68.20 -82.08 -37.40
C GLU EA 89 -67.15 -81.95 -38.49
N THR EA 90 -67.38 -81.08 -39.45
CA THR EA 90 -66.40 -80.89 -40.51
C THR EA 90 -65.33 -79.90 -40.07
N PRO EA 91 -64.10 -80.02 -40.59
CA PRO EA 91 -63.07 -79.02 -40.29
C PRO EA 91 -63.31 -77.67 -40.93
N GLU EA 92 -64.22 -77.57 -41.91
CA GLU EA 92 -64.57 -76.29 -42.48
C GLU EA 92 -65.58 -75.55 -41.61
N ALA EA 93 -66.49 -76.28 -40.96
CA ALA EA 93 -67.45 -75.68 -40.05
C ALA EA 93 -66.85 -75.38 -38.68
N GLN EA 94 -65.65 -75.87 -38.39
CA GLN EA 94 -64.98 -75.51 -37.16
C GLN EA 94 -64.51 -74.07 -37.19
N ALA EA 95 -64.15 -73.57 -38.37
CA ALA EA 95 -63.74 -72.17 -38.51
C ALA EA 95 -64.92 -71.23 -38.30
N SER EA 96 -66.13 -71.66 -38.66
CA SER EA 96 -67.30 -70.82 -38.48
C SER EA 96 -67.73 -70.72 -37.02
N ALA EA 97 -67.27 -71.65 -36.18
CA ALA EA 97 -67.58 -71.58 -34.75
C ALA EA 97 -66.58 -70.73 -33.99
N VAL EA 98 -65.31 -70.73 -34.41
CA VAL EA 98 -64.32 -69.86 -33.78
C VAL EA 98 -64.58 -68.41 -34.16
N ILE EA 99 -64.93 -68.15 -35.43
CA ILE EA 99 -65.40 -66.84 -35.84
C ILE EA 99 -66.76 -66.63 -35.19
N GLY EA 100 -66.80 -65.82 -34.14
CA GLY EA 100 -68.03 -65.65 -33.40
C GLY EA 100 -69.03 -64.81 -34.17
N GLY EA 101 -70.30 -65.16 -34.00
CA GLY EA 101 -71.35 -64.30 -34.47
C GLY EA 101 -72.14 -63.80 -33.29
N ILE EA 102 -73.47 -63.84 -33.41
CA ILE EA 102 -74.37 -63.49 -32.32
C ILE EA 102 -75.46 -64.55 -32.31
N SER EA 103 -75.71 -65.13 -31.14
CA SER EA 103 -76.68 -66.20 -31.02
C SER EA 103 -78.10 -65.68 -31.19
N ALA EA 104 -79.05 -66.61 -31.28
CA ALA EA 104 -80.45 -66.24 -31.37
C ALA EA 104 -80.98 -65.64 -30.08
N ALA EA 105 -80.32 -65.89 -28.95
CA ALA EA 105 -80.67 -65.26 -27.69
C ALA EA 105 -80.08 -63.86 -27.55
N GLY EA 106 -79.30 -63.40 -28.52
CA GLY EA 106 -78.69 -62.09 -28.43
C GLY EA 106 -77.40 -62.06 -27.64
N GLU EA 107 -76.52 -63.03 -27.87
CA GLU EA 107 -75.27 -63.13 -27.12
C GLU EA 107 -74.16 -63.51 -28.06
N ARG EA 108 -72.98 -62.93 -27.85
CA ARG EA 108 -71.80 -63.27 -28.64
C ARG EA 108 -71.33 -64.67 -28.30
N THR EA 109 -70.83 -65.39 -29.31
CA THR EA 109 -70.62 -66.83 -29.19
C THR EA 109 -69.15 -67.24 -29.20
N GLY EA 110 -68.41 -66.91 -30.25
CA GLY EA 110 -67.08 -67.47 -30.39
C GLY EA 110 -65.97 -66.55 -29.96
N LEU EA 111 -65.21 -66.02 -30.93
CA LEU EA 111 -64.16 -65.07 -30.62
C LEU EA 111 -64.73 -63.75 -30.10
N GLN EA 112 -65.95 -63.41 -30.50
CA GLN EA 112 -66.56 -62.15 -30.09
C GLN EA 112 -66.89 -62.11 -28.60
N ALA EA 113 -66.92 -63.26 -27.92
CA ALA EA 113 -67.16 -63.29 -26.49
C ALA EA 113 -66.03 -62.66 -25.68
N LEU EA 114 -64.85 -62.48 -26.27
CA LEU EA 114 -63.77 -61.76 -25.62
C LEU EA 114 -64.08 -60.27 -25.47
N LEU EA 115 -65.04 -59.73 -26.21
CA LEU EA 115 -65.52 -58.38 -25.96
C LEU EA 115 -66.31 -58.29 -24.67
N ASP EA 116 -66.82 -59.41 -24.17
CA ASP EA 116 -67.41 -59.49 -22.84
C ASP EA 116 -66.38 -59.83 -21.76
N GLY EA 117 -65.13 -59.51 -21.99
CA GLY EA 117 -64.08 -59.80 -21.03
C GLY EA 117 -63.91 -58.71 -20.00
N LYS EA 118 -64.16 -57.47 -20.38
CA LYS EA 118 -64.08 -56.36 -19.45
C LYS EA 118 -65.39 -56.10 -18.72
N SER EA 119 -66.52 -56.35 -19.39
CA SER EA 119 -67.82 -56.11 -18.78
C SER EA 119 -68.14 -57.10 -17.68
N ARG EA 120 -67.52 -58.27 -17.69
CA ARG EA 120 -67.82 -59.33 -16.75
C ARG EA 120 -66.72 -59.60 -15.73
N PHE EA 121 -65.45 -59.63 -16.16
CA PHE EA 121 -64.35 -59.94 -15.27
C PHE EA 121 -63.49 -58.73 -14.91
N ASN EA 122 -63.73 -57.57 -15.54
CA ASN EA 122 -62.87 -56.38 -15.46
C ASN EA 122 -61.43 -56.70 -15.84
N ALA EA 123 -61.27 -57.58 -16.83
CA ALA EA 123 -59.95 -57.99 -17.33
C ALA EA 123 -60.04 -58.06 -18.84
N GLN EA 124 -59.74 -56.93 -19.48
CA GLN EA 124 -59.78 -56.87 -20.94
C GLN EA 124 -58.57 -57.58 -21.52
N PRO EA 125 -58.76 -58.47 -22.49
CA PRO EA 125 -57.62 -59.20 -23.03
C PRO EA 125 -56.73 -58.33 -23.90
N ARG EA 126 -55.43 -58.65 -23.90
CA ARG EA 126 -54.45 -57.96 -24.71
C ARG EA 126 -53.73 -58.86 -25.70
N LEU EA 127 -53.82 -60.17 -25.54
CA LEU EA 127 -53.27 -61.13 -26.50
C LEU EA 127 -54.40 -62.03 -26.97
N LEU EA 128 -54.69 -61.97 -28.27
CA LEU EA 128 -55.79 -62.74 -28.85
C LEU EA 128 -55.21 -63.96 -29.55
N VAL EA 129 -55.41 -65.13 -28.95
CA VAL EA 129 -54.82 -66.37 -29.43
C VAL EA 129 -55.94 -67.36 -29.66
N ALA EA 130 -56.20 -67.68 -30.93
CA ALA EA 130 -57.01 -68.84 -31.30
C ALA EA 130 -56.04 -69.85 -31.90
N PRO EA 131 -55.45 -70.72 -31.09
CA PRO EA 131 -54.35 -71.56 -31.57
C PRO EA 131 -54.84 -72.69 -32.47
N GLY EA 132 -54.20 -72.83 -33.62
CA GLY EA 132 -54.50 -73.86 -34.58
C GLY EA 132 -55.48 -73.43 -35.65
N HIS EA 133 -56.53 -72.71 -35.26
CA HIS EA 133 -57.52 -72.26 -36.21
C HIS EA 133 -57.12 -70.98 -36.92
N SER EA 134 -56.12 -70.26 -36.41
CA SER EA 134 -55.66 -69.03 -37.05
C SER EA 134 -54.84 -69.28 -38.30
N ALA EA 135 -54.46 -70.53 -38.58
CA ALA EA 135 -53.81 -70.85 -39.84
C ALA EA 135 -54.78 -70.75 -41.01
N GLN EA 136 -56.08 -70.88 -40.77
CA GLN EA 136 -57.07 -70.61 -41.79
C GLN EA 136 -57.29 -69.11 -41.88
N GLN EA 137 -57.46 -68.62 -43.11
CA GLN EA 137 -57.46 -67.19 -43.35
C GLN EA 137 -58.74 -66.52 -42.85
N ALA EA 138 -59.84 -67.26 -42.77
CA ALA EA 138 -61.10 -66.68 -42.35
C ALA EA 138 -61.10 -66.37 -40.85
N VAL EA 139 -60.46 -67.21 -40.05
CA VAL EA 139 -60.39 -66.97 -38.62
C VAL EA 139 -59.42 -65.83 -38.31
N ALA EA 140 -58.29 -65.80 -39.00
CA ALA EA 140 -57.28 -64.78 -38.74
C ALA EA 140 -57.72 -63.40 -39.20
N THR EA 141 -58.52 -63.33 -40.26
CA THR EA 141 -59.04 -62.04 -40.68
C THR EA 141 -60.25 -61.60 -39.86
N ALA EA 142 -60.82 -62.50 -39.06
CA ALA EA 142 -61.83 -62.13 -38.09
C ALA EA 142 -61.23 -61.83 -36.73
N MET EA 143 -59.98 -62.23 -36.49
CA MET EA 143 -59.26 -61.85 -35.30
C MET EA 143 -58.52 -60.53 -35.48
N ASP EA 144 -58.31 -60.11 -36.73
CA ASP EA 144 -57.73 -58.80 -36.99
C ASP EA 144 -58.70 -57.69 -36.64
N GLY EA 145 -59.97 -57.83 -37.03
CA GLY EA 145 -60.97 -56.85 -36.66
C GLY EA 145 -61.33 -56.88 -35.19
N LEU EA 146 -61.11 -58.02 -34.53
CA LEU EA 146 -61.35 -58.11 -33.09
C LEU EA 146 -60.22 -57.47 -32.30
N ALA EA 147 -59.00 -57.48 -32.85
CA ALA EA 147 -57.85 -56.92 -32.15
C ALA EA 147 -57.90 -55.40 -32.08
N GLU EA 148 -58.63 -54.74 -32.98
CA GLU EA 148 -58.79 -53.29 -32.87
C GLU EA 148 -59.89 -52.92 -31.89
N LYS EA 149 -60.88 -53.81 -31.71
CA LYS EA 149 -61.94 -53.55 -30.74
C LYS EA 149 -61.45 -53.66 -29.31
N LEU EA 150 -60.37 -54.38 -29.07
CA LEU EA 150 -59.82 -54.56 -27.74
C LEU EA 150 -58.49 -53.85 -27.55
N ARG EA 151 -57.96 -53.24 -28.60
CA ARG EA 151 -56.58 -52.71 -28.66
C ARG EA 151 -55.57 -53.77 -28.25
N ALA EA 152 -55.77 -54.98 -28.77
CA ALA EA 152 -54.97 -56.14 -28.41
C ALA EA 152 -53.93 -56.41 -29.49
N ILE EA 153 -53.22 -57.52 -29.32
CA ILE EA 153 -52.25 -58.00 -30.30
C ILE EA 153 -52.65 -59.44 -30.62
N ALA EA 154 -53.27 -59.65 -31.75
CA ALA EA 154 -53.75 -60.98 -32.13
C ALA EA 154 -52.58 -61.80 -32.64
N ILE EA 155 -52.14 -62.78 -31.86
CA ILE EA 155 -50.99 -63.59 -32.23
C ILE EA 155 -51.46 -64.70 -33.15
N LEU EA 156 -51.09 -64.61 -34.43
CA LEU EA 156 -51.46 -65.61 -35.41
C LEU EA 156 -50.43 -66.73 -35.42
N ASP EA 157 -50.68 -67.73 -36.27
CA ASP EA 157 -49.68 -68.72 -36.60
C ASP EA 157 -49.98 -69.21 -38.02
N GLY EA 158 -48.97 -69.20 -38.87
CA GLY EA 158 -49.16 -69.62 -40.24
C GLY EA 158 -49.25 -71.12 -40.36
N PRO EA 159 -49.36 -71.59 -41.60
CA PRO EA 159 -49.37 -73.03 -41.84
C PRO EA 159 -47.99 -73.62 -41.61
N ASN EA 160 -47.96 -74.93 -41.37
CA ASN EA 160 -46.72 -75.66 -41.21
C ASN EA 160 -46.14 -76.14 -42.54
N SER EA 161 -46.53 -75.51 -43.64
CA SER EA 161 -46.00 -75.82 -44.96
C SER EA 161 -44.68 -75.11 -45.18
N THR EA 162 -44.20 -75.12 -46.42
CA THR EA 162 -42.91 -74.53 -46.76
C THR EA 162 -42.98 -73.00 -46.64
N ASP EA 163 -41.79 -72.38 -46.71
CA ASP EA 163 -41.67 -70.95 -46.53
C ASP EA 163 -42.26 -70.15 -47.68
N GLU EA 164 -42.45 -70.76 -48.84
CA GLU EA 164 -43.19 -70.09 -49.90
C GLU EA 164 -44.66 -69.96 -49.54
N ALA EA 165 -45.20 -70.94 -48.80
CA ALA EA 165 -46.58 -70.87 -48.34
C ALA EA 165 -46.72 -70.05 -47.06
N ALA EA 166 -45.62 -69.77 -46.36
CA ALA EA 166 -45.68 -68.96 -45.16
C ALA EA 166 -45.67 -67.48 -45.50
N VAL EA 167 -44.88 -67.08 -46.49
CA VAL EA 167 -44.86 -65.70 -46.93
C VAL EA 167 -46.15 -65.36 -47.67
N ALA EA 168 -46.64 -66.29 -48.49
CA ALA EA 168 -47.86 -66.05 -49.26
C ALA EA 168 -49.11 -66.03 -48.39
N TYR EA 169 -49.03 -66.53 -47.16
CA TYR EA 169 -50.13 -66.40 -46.21
C TYR EA 169 -50.06 -65.09 -45.45
N ALA EA 170 -48.85 -64.61 -45.14
CA ALA EA 170 -48.67 -63.37 -44.42
C ALA EA 170 -48.81 -62.14 -45.31
N LYS EA 171 -48.98 -62.32 -46.61
CA LYS EA 171 -49.17 -61.21 -47.53
C LYS EA 171 -50.63 -60.81 -47.65
N ASN EA 172 -51.50 -61.32 -46.78
CA ASN EA 172 -52.92 -61.01 -46.82
C ASN EA 172 -53.34 -60.04 -45.72
N PHE EA 173 -52.49 -59.77 -44.74
CA PHE EA 173 -52.94 -59.16 -43.50
C PHE EA 173 -52.61 -57.68 -43.40
N GLY EA 174 -51.34 -57.31 -43.37
CA GLY EA 174 -50.93 -55.93 -43.44
C GLY EA 174 -51.29 -55.04 -42.27
N SER EA 175 -51.89 -55.56 -41.20
CA SER EA 175 -52.31 -54.74 -40.08
C SER EA 175 -51.32 -54.84 -38.92
N LYS EA 176 -51.21 -53.76 -38.16
CA LYS EA 176 -50.19 -53.65 -37.13
C LYS EA 176 -50.49 -54.46 -35.89
N ARG EA 177 -51.69 -55.01 -35.74
CA ARG EA 177 -52.07 -55.76 -34.54
C ARG EA 177 -52.11 -57.26 -34.82
N LEU EA 178 -51.20 -57.74 -35.65
CA LEU EA 178 -51.12 -59.15 -36.00
C LEU EA 178 -49.68 -59.61 -35.90
N PHE EA 179 -49.45 -60.65 -35.11
CA PHE EA 179 -48.12 -61.19 -34.89
C PHE EA 179 -48.14 -62.65 -35.32
N MET EA 180 -47.29 -63.01 -36.28
CA MET EA 180 -47.35 -64.32 -36.91
C MET EA 180 -46.12 -65.13 -36.56
N VAL EA 181 -46.33 -66.32 -36.01
CA VAL EA 181 -45.27 -67.24 -35.65
C VAL EA 181 -45.44 -68.47 -36.54
N ASP EA 182 -44.58 -68.61 -37.53
CA ASP EA 182 -44.80 -69.60 -38.58
C ASP EA 182 -44.48 -71.06 -38.23
N PRO EA 183 -43.28 -71.43 -37.75
CA PRO EA 183 -43.00 -72.87 -37.64
C PRO EA 183 -43.71 -73.49 -36.44
N GLY EA 184 -44.38 -74.61 -36.68
CA GLY EA 184 -45.16 -75.24 -35.63
C GLY EA 184 -44.28 -75.93 -34.62
N VAL EA 185 -44.59 -75.73 -33.34
CA VAL EA 185 -43.80 -76.32 -32.27
C VAL EA 185 -44.10 -77.80 -32.17
N GLN EA 186 -43.05 -78.61 -32.07
CA GLN EA 186 -43.16 -80.02 -31.74
C GLN EA 186 -42.97 -80.15 -30.23
N VAL EA 187 -43.97 -80.68 -29.54
CA VAL EA 187 -43.98 -80.74 -28.08
C VAL EA 187 -44.29 -82.15 -27.64
N TRP EA 188 -43.67 -82.57 -26.54
CA TRP EA 188 -43.89 -83.90 -25.98
C TRP EA 188 -45.26 -83.98 -25.33
N ASP EA 189 -45.96 -85.08 -25.57
CA ASP EA 189 -47.30 -85.28 -25.06
C ASP EA 189 -47.29 -86.27 -23.91
N SER EA 190 -48.18 -86.04 -22.93
CA SER EA 190 -48.36 -86.95 -21.82
C SER EA 190 -49.48 -87.95 -22.06
N ALA EA 191 -50.34 -87.72 -23.05
CA ALA EA 191 -51.43 -88.63 -23.36
C ALA EA 191 -51.00 -89.69 -24.36
N THR EA 192 -50.54 -89.28 -25.53
CA THR EA 192 -50.08 -90.21 -26.55
C THR EA 192 -48.66 -90.70 -26.31
N ASN EA 193 -47.95 -90.09 -25.34
CA ASN EA 193 -46.59 -90.46 -24.94
C ASN EA 193 -45.61 -90.38 -26.11
N ALA EA 194 -45.74 -89.32 -26.90
CA ALA EA 194 -44.87 -89.07 -28.04
C ALA EA 194 -44.82 -87.57 -28.29
N ALA EA 195 -44.16 -87.18 -29.37
CA ALA EA 195 -44.01 -85.77 -29.71
C ALA EA 195 -45.12 -85.36 -30.68
N ARG EA 196 -45.99 -84.48 -30.21
CA ARG EA 196 -47.10 -83.97 -31.02
C ARG EA 196 -46.78 -82.58 -31.53
N ASN EA 197 -47.44 -82.20 -32.62
CA ASN EA 197 -47.24 -80.89 -33.23
C ASN EA 197 -48.26 -79.91 -32.66
N ALA EA 198 -47.78 -78.91 -32.01
CA ALA EA 198 -48.48 -77.80 -31.40
C ALA EA 198 -48.59 -76.64 -32.40
N PRO EA 199 -49.61 -75.79 -32.28
CA PRO EA 199 -49.75 -74.67 -33.23
C PRO EA 199 -48.73 -73.55 -33.07
N ALA EA 200 -47.97 -73.54 -31.97
CA ALA EA 200 -46.91 -72.56 -31.66
C ALA EA 200 -47.42 -71.13 -31.55
N SER EA 201 -48.73 -70.94 -31.39
CA SER EA 201 -49.29 -69.62 -31.14
C SER EA 201 -49.57 -69.38 -29.67
N ALA EA 202 -49.91 -70.44 -28.92
CA ALA EA 202 -50.05 -70.31 -27.48
C ALA EA 202 -48.70 -70.25 -26.78
N TYR EA 203 -47.65 -70.79 -27.39
CA TYR EA 203 -46.33 -70.71 -26.80
C TYR EA 203 -45.70 -69.33 -26.98
N ALA EA 204 -46.12 -68.60 -28.01
CA ALA EA 204 -45.67 -67.22 -28.16
C ALA EA 204 -46.36 -66.28 -27.19
N ALA EA 205 -47.64 -66.53 -26.89
CA ALA EA 205 -48.34 -65.74 -25.89
C ALA EA 205 -47.88 -66.06 -24.47
N GLY EA 206 -47.24 -67.20 -24.27
CA GLY EA 206 -46.57 -67.44 -23.00
C GLY EA 206 -45.39 -66.52 -22.78
N LEU EA 207 -44.77 -66.06 -23.87
CA LEU EA 207 -43.65 -65.14 -23.76
C LEU EA 207 -44.10 -63.69 -23.67
N PHE EA 208 -45.22 -63.34 -24.30
CA PHE EA 208 -45.77 -62.01 -24.14
C PHE EA 208 -46.27 -61.78 -22.72
N ALA EA 209 -46.74 -62.84 -22.07
CA ALA EA 209 -47.18 -62.72 -20.68
C ALA EA 209 -46.03 -62.84 -19.70
N TRP EA 210 -44.91 -63.41 -20.10
CA TRP EA 210 -43.78 -63.57 -19.20
C TRP EA 210 -42.86 -62.36 -19.23
N THR EA 211 -42.62 -61.78 -20.40
CA THR EA 211 -41.76 -60.60 -20.49
C THR EA 211 -42.42 -59.38 -19.88
N ASP EA 212 -43.75 -59.33 -19.85
CA ASP EA 212 -44.42 -58.22 -19.18
C ASP EA 212 -44.31 -58.32 -17.67
N ALA EA 213 -44.16 -59.53 -17.15
CA ALA EA 213 -43.98 -59.73 -15.72
C ALA EA 213 -42.51 -59.68 -15.31
N GLU EA 214 -41.61 -60.06 -16.21
CA GLU EA 214 -40.18 -60.11 -15.91
C GLU EA 214 -39.46 -58.85 -16.36
N TYR EA 215 -39.56 -58.49 -17.64
CA TYR EA 215 -38.85 -57.36 -18.20
C TYR EA 215 -39.73 -56.16 -18.48
N GLY EA 216 -41.04 -56.31 -18.46
CA GLY EA 216 -41.93 -55.19 -18.67
C GLY EA 216 -42.60 -55.24 -20.03
N PHE EA 217 -43.69 -54.45 -20.14
CA PHE EA 217 -44.50 -54.41 -21.35
C PHE EA 217 -43.82 -53.66 -22.49
N TRP EA 218 -42.74 -52.95 -22.23
CA TRP EA 218 -41.97 -52.26 -23.26
C TRP EA 218 -40.87 -53.12 -23.83
N SER EA 219 -40.75 -54.38 -23.39
CA SER EA 219 -39.67 -55.25 -23.78
C SER EA 219 -40.18 -56.30 -24.75
N SER EA 220 -39.47 -56.47 -25.84
CA SER EA 220 -39.89 -57.43 -26.85
C SER EA 220 -39.58 -58.85 -26.39
N PRO EA 221 -40.45 -59.81 -26.70
CA PRO EA 221 -40.21 -61.20 -26.30
C PRO EA 221 -39.38 -61.97 -27.32
N SER EA 222 -38.72 -61.26 -28.22
CA SER EA 222 -38.18 -61.83 -29.44
C SER EA 222 -36.76 -62.38 -29.28
N ASN EA 223 -36.32 -62.64 -28.06
CA ASN EA 223 -35.07 -63.36 -27.86
C ASN EA 223 -35.18 -64.34 -26.71
N LYS EA 224 -36.37 -64.54 -26.16
CA LYS EA 224 -36.56 -65.26 -24.92
C LYS EA 224 -36.93 -66.72 -25.21
N GLU EA 225 -36.66 -67.58 -24.24
CA GLU EA 225 -36.73 -69.01 -24.47
C GLU EA 225 -38.15 -69.54 -24.24
N ILE EA 226 -38.53 -70.51 -25.07
CA ILE EA 226 -39.76 -71.26 -24.89
C ILE EA 226 -39.42 -72.55 -24.16
N LYS EA 227 -40.15 -72.85 -23.10
CA LYS EA 227 -39.71 -73.89 -22.17
C LYS EA 227 -40.27 -75.26 -22.47
N GLY EA 228 -41.54 -75.36 -22.87
CA GLY EA 228 -42.15 -76.65 -23.03
C GLY EA 228 -41.79 -77.41 -24.28
N VAL EA 229 -41.11 -76.79 -25.23
CA VAL EA 229 -40.91 -77.38 -26.55
C VAL EA 229 -39.84 -78.47 -26.47
N THR EA 230 -39.81 -79.29 -27.53
CA THR EA 230 -38.73 -80.26 -27.71
C THR EA 230 -38.31 -80.36 -29.17
N GLY EA 231 -38.61 -79.35 -29.97
CA GLY EA 231 -38.28 -79.38 -31.38
C GLY EA 231 -39.14 -78.39 -32.14
N THR EA 232 -39.09 -78.52 -33.46
CA THR EA 232 -39.80 -77.60 -34.34
C THR EA 232 -39.98 -78.29 -35.69
N SER EA 233 -41.23 -78.34 -36.16
CA SER EA 233 -41.50 -78.84 -37.50
C SER EA 233 -40.93 -77.89 -38.54
N ARG EA 234 -40.24 -78.45 -39.55
CA ARG EA 234 -39.48 -77.74 -40.58
C ARG EA 234 -38.49 -76.77 -39.95
N PRO EA 235 -37.37 -77.27 -39.42
CA PRO EA 235 -36.45 -76.40 -38.67
C PRO EA 235 -35.76 -75.37 -39.57
N VAL EA 236 -35.75 -74.13 -39.11
CA VAL EA 236 -35.19 -73.03 -39.89
C VAL EA 236 -33.72 -72.86 -39.56
N GLU EA 237 -33.00 -72.19 -40.44
CA GLU EA 237 -31.56 -72.05 -40.37
C GLU EA 237 -31.18 -70.67 -39.86
N PHE EA 238 -30.37 -70.63 -38.81
CA PHE EA 238 -29.77 -69.39 -38.31
C PHE EA 238 -28.44 -69.79 -37.66
N LEU EA 239 -27.36 -69.71 -38.43
CA LEU EA 239 -26.12 -70.35 -38.00
C LEU EA 239 -25.33 -69.48 -37.02
N ASP EA 240 -24.69 -68.42 -37.53
CA ASP EA 240 -24.09 -67.45 -36.62
C ASP EA 240 -24.48 -66.02 -36.95
N GLY EA 241 -24.17 -65.58 -38.17
CA GLY EA 241 -24.35 -64.18 -38.54
C GLY EA 241 -24.68 -63.95 -40.00
N ASP EA 242 -24.97 -65.01 -40.74
CA ASP EA 242 -25.25 -64.88 -42.16
C ASP EA 242 -26.62 -64.23 -42.36
N GLU EA 243 -26.64 -63.08 -43.04
CA GLU EA 243 -27.87 -62.32 -43.19
C GLU EA 243 -28.81 -62.86 -44.26
N THR EA 244 -28.41 -63.92 -44.97
CA THR EA 244 -29.27 -64.58 -45.94
C THR EA 244 -29.69 -65.96 -45.46
N CYS EA 245 -29.72 -66.16 -44.16
CA CYS EA 245 -30.22 -67.40 -43.59
C CYS EA 245 -31.73 -67.50 -43.77
N ARG EA 246 -32.25 -68.72 -43.62
CA ARG EA 246 -33.66 -68.95 -43.87
C ARG EA 246 -34.55 -68.38 -42.78
N ALA EA 247 -34.02 -68.24 -41.55
CA ALA EA 247 -34.79 -67.60 -40.50
C ALA EA 247 -34.86 -66.09 -40.68
N ASN EA 248 -33.82 -65.50 -41.27
CA ASN EA 248 -33.82 -64.06 -41.50
C ASN EA 248 -34.71 -63.68 -42.69
N LEU EA 249 -34.89 -64.59 -43.64
CA LEU EA 249 -35.75 -64.30 -44.78
C LEU EA 249 -37.21 -64.28 -44.42
N LEU EA 250 -37.59 -64.83 -43.27
CA LEU EA 250 -38.97 -64.74 -42.80
C LEU EA 250 -39.20 -63.52 -41.93
N ASN EA 251 -38.20 -63.11 -41.14
CA ASN EA 251 -38.33 -61.88 -40.37
C ASN EA 251 -38.32 -60.65 -41.27
N ASN EA 252 -37.70 -60.76 -42.44
CA ASN EA 252 -37.79 -59.70 -43.44
C ASN EA 252 -39.20 -59.58 -44.00
N ALA EA 253 -39.94 -60.69 -44.01
CA ALA EA 253 -41.33 -60.70 -44.46
C ALA EA 253 -42.31 -60.58 -43.29
N ASN EA 254 -41.88 -59.96 -42.18
CA ASN EA 254 -42.71 -59.64 -41.02
C ASN EA 254 -43.28 -60.90 -40.36
N ILE EA 255 -42.50 -61.97 -40.32
CA ILE EA 255 -42.92 -63.23 -39.73
C ILE EA 255 -41.93 -63.61 -38.65
N ALA EA 256 -42.42 -63.81 -37.43
CA ALA EA 256 -41.57 -64.32 -36.37
C ALA EA 256 -41.31 -65.81 -36.57
N THR EA 257 -40.14 -66.27 -36.12
CA THR EA 257 -39.74 -67.66 -36.28
C THR EA 257 -39.30 -68.21 -34.93
N ILE EA 258 -38.82 -69.45 -34.97
CA ILE EA 258 -38.28 -70.16 -33.82
C ILE EA 258 -37.00 -70.83 -34.27
N ILE EA 259 -35.86 -70.38 -33.74
CA ILE EA 259 -34.60 -70.55 -34.46
C ILE EA 259 -33.78 -71.77 -34.05
N ARG EA 260 -33.38 -71.84 -32.78
CA ARG EA 260 -32.18 -72.55 -32.39
C ARG EA 260 -32.40 -74.07 -32.37
N ASP EA 261 -31.37 -74.78 -31.91
CA ASP EA 261 -31.41 -76.24 -31.86
C ASP EA 261 -32.43 -76.69 -30.82
N ASP EA 262 -33.29 -77.63 -31.23
CA ASP EA 262 -34.52 -78.04 -30.54
C ASP EA 262 -35.50 -76.90 -30.32
N GLY EA 263 -35.39 -75.84 -31.13
CA GLY EA 263 -36.32 -74.73 -31.17
C GLY EA 263 -36.61 -74.00 -29.88
N TYR EA 264 -35.59 -73.57 -29.14
CA TYR EA 264 -35.80 -73.04 -27.80
C TYR EA 264 -35.63 -71.52 -27.73
N ARG EA 265 -35.82 -70.81 -28.84
CA ARG EA 265 -35.81 -69.36 -28.83
C ARG EA 265 -36.90 -68.82 -29.75
N LEU EA 266 -37.53 -67.73 -29.35
CA LEU EA 266 -38.38 -66.97 -30.26
C LEU EA 266 -37.53 -65.94 -30.97
N TRP EA 267 -37.84 -65.68 -32.23
CA TRP EA 267 -37.03 -64.81 -33.06
C TRP EA 267 -37.95 -63.97 -33.92
N GLY EA 268 -37.86 -62.66 -33.78
CA GLY EA 268 -38.66 -61.77 -34.60
C GLY EA 268 -39.56 -60.86 -33.79
N ASN EA 269 -39.32 -59.56 -33.86
CA ASN EA 269 -40.11 -58.58 -33.14
C ASN EA 269 -41.00 -57.76 -34.06
N ARG EA 270 -40.88 -57.95 -35.36
CA ARG EA 270 -41.70 -57.22 -36.32
C ARG EA 270 -43.11 -57.79 -36.32
N THR EA 271 -44.10 -56.92 -36.27
CA THR EA 271 -45.47 -57.34 -36.49
C THR EA 271 -45.79 -57.25 -37.98
N LEU EA 272 -46.97 -57.70 -38.36
CA LEU EA 272 -47.33 -57.74 -39.78
C LEU EA 272 -47.85 -56.40 -40.28
N SER EA 273 -47.12 -55.32 -40.07
CA SER EA 273 -47.62 -53.99 -40.38
C SER EA 273 -47.09 -53.52 -41.73
N SER EA 274 -47.91 -52.74 -42.44
CA SER EA 274 -47.48 -52.14 -43.68
C SER EA 274 -46.69 -50.85 -43.45
N ASP EA 275 -47.05 -50.09 -42.42
CA ASP EA 275 -46.30 -48.88 -42.10
C ASP EA 275 -44.97 -49.23 -41.45
N SER EA 276 -43.96 -48.42 -41.73
CA SER EA 276 -42.67 -48.58 -41.08
C SER EA 276 -42.67 -47.99 -39.67
N LYS EA 277 -43.72 -47.27 -39.29
CA LYS EA 277 -43.81 -46.70 -37.95
C LYS EA 277 -44.23 -47.76 -36.94
N TRP EA 278 -45.28 -48.51 -37.24
CA TRP EA 278 -45.81 -49.52 -36.34
C TRP EA 278 -45.26 -50.90 -36.64
N ALA EA 279 -44.01 -50.98 -37.10
CA ALA EA 279 -43.47 -52.28 -37.49
C ALA EA 279 -43.07 -53.10 -36.27
N PHE EA 280 -42.51 -52.47 -35.25
CA PHE EA 280 -42.12 -53.19 -34.05
C PHE EA 280 -43.33 -53.49 -33.19
N VAL EA 281 -43.40 -54.73 -32.69
CA VAL EA 281 -44.51 -55.13 -31.82
C VAL EA 281 -44.39 -54.52 -30.44
N THR EA 282 -43.22 -53.99 -30.09
CA THR EA 282 -43.05 -53.26 -28.84
C THR EA 282 -43.78 -51.93 -28.89
N ARG EA 283 -43.64 -51.19 -29.99
CA ARG EA 283 -44.24 -49.87 -30.11
C ARG EA 283 -45.76 -49.93 -30.17
N VAL EA 284 -46.31 -50.95 -30.83
CA VAL EA 284 -47.76 -51.12 -30.88
C VAL EA 284 -48.30 -51.51 -29.51
N ARG EA 285 -47.50 -52.21 -28.72
CA ARG EA 285 -47.95 -52.66 -27.40
C ARG EA 285 -47.92 -51.52 -26.39
N THR EA 286 -46.88 -50.68 -26.42
CA THR EA 286 -46.82 -49.56 -25.48
C THR EA 286 -47.77 -48.44 -25.88
N MET EA 287 -48.08 -48.30 -27.16
CA MET EA 287 -49.00 -47.26 -27.58
C MET EA 287 -50.42 -47.58 -27.15
N ASP EA 288 -50.81 -48.85 -27.23
CA ASP EA 288 -52.14 -49.24 -26.77
C ASP EA 288 -52.23 -49.31 -25.26
N LEU EA 289 -51.11 -49.27 -24.55
CA LEU EA 289 -51.12 -49.28 -23.10
C LEU EA 289 -51.08 -47.88 -22.50
N VAL EA 290 -50.54 -46.89 -23.22
CA VAL EA 290 -50.61 -45.51 -22.78
C VAL EA 290 -51.81 -44.78 -23.34
N MET EA 291 -52.51 -45.35 -24.32
CA MET EA 291 -53.76 -44.79 -24.78
C MET EA 291 -54.96 -45.35 -24.05
N ASP EA 292 -54.82 -46.50 -23.40
CA ASP EA 292 -55.89 -47.08 -22.62
C ASP EA 292 -55.77 -46.79 -21.13
N ALA EA 293 -54.59 -46.38 -20.67
CA ALA EA 293 -54.46 -45.91 -19.29
C ALA EA 293 -54.90 -44.47 -19.15
N ILE EA 294 -54.68 -43.65 -20.19
CA ILE EA 294 -55.13 -42.27 -20.18
C ILE EA 294 -56.65 -42.20 -20.27
N LEU EA 295 -57.25 -43.05 -21.10
CA LEU EA 295 -58.70 -43.04 -21.28
C LEU EA 295 -59.42 -43.55 -20.04
N ALA EA 296 -58.88 -44.59 -19.39
CA ALA EA 296 -59.52 -45.13 -18.21
C ALA EA 296 -59.15 -44.37 -16.95
N GLY EA 297 -58.10 -43.56 -16.99
CA GLY EA 297 -57.66 -42.81 -15.84
C GLY EA 297 -58.09 -41.37 -15.79
N HIS EA 298 -58.80 -40.89 -16.81
CA HIS EA 298 -59.25 -39.49 -16.85
C HIS EA 298 -60.76 -39.39 -16.91
N LYS EA 299 -61.46 -40.38 -16.38
CA LYS EA 299 -62.91 -40.31 -16.34
C LYS EA 299 -63.44 -39.45 -15.20
N TRP EA 300 -62.56 -39.00 -14.31
CA TRP EA 300 -62.93 -38.04 -13.29
C TRP EA 300 -62.99 -36.62 -13.83
N ALA EA 301 -62.40 -36.36 -14.99
CA ALA EA 301 -62.20 -35.01 -15.50
C ALA EA 301 -63.15 -34.66 -16.63
N VAL EA 302 -64.30 -35.33 -16.72
CA VAL EA 302 -65.17 -35.14 -17.87
C VAL EA 302 -66.27 -34.12 -17.63
N ASP EA 303 -66.39 -33.57 -16.41
CA ASP EA 303 -67.25 -32.40 -16.22
C ASP EA 303 -66.71 -31.42 -15.19
N ARG EA 304 -65.39 -31.39 -14.98
CA ARG EA 304 -64.83 -30.65 -13.86
C ARG EA 304 -64.83 -29.14 -14.07
N GLY EA 305 -65.07 -28.66 -15.27
CA GLY EA 305 -65.07 -27.22 -15.49
C GLY EA 305 -63.67 -26.70 -15.73
N ILE EA 306 -63.48 -25.97 -16.82
CA ILE EA 306 -62.13 -25.56 -17.22
C ILE EA 306 -61.72 -24.32 -16.43
N THR EA 307 -61.05 -24.54 -15.30
CA THR EA 307 -60.39 -23.47 -14.56
C THR EA 307 -58.90 -23.58 -14.75
N LYS EA 308 -58.17 -22.56 -14.27
CA LYS EA 308 -56.72 -22.55 -14.43
C LYS EA 308 -56.06 -23.61 -13.57
N THR EA 309 -56.70 -24.02 -12.48
CA THR EA 309 -56.23 -25.11 -11.64
C THR EA 309 -56.71 -26.46 -12.12
N TYR EA 310 -57.28 -26.54 -13.32
CA TYR EA 310 -57.72 -27.79 -13.93
C TYR EA 310 -56.82 -28.21 -15.06
N VAL EA 311 -56.53 -27.30 -15.99
CA VAL EA 311 -55.58 -27.58 -17.06
C VAL EA 311 -54.18 -27.74 -16.50
N LYS EA 312 -53.85 -26.99 -15.45
CA LYS EA 312 -52.55 -27.14 -14.80
C LYS EA 312 -52.44 -28.46 -14.05
N ASP EA 313 -53.55 -28.96 -13.52
CA ASP EA 313 -53.53 -30.15 -12.68
C ASP EA 313 -54.01 -31.40 -13.40
N VAL EA 314 -54.37 -31.31 -14.68
CA VAL EA 314 -54.44 -32.51 -15.51
C VAL EA 314 -53.05 -32.80 -16.09
N THR EA 315 -52.35 -31.75 -16.52
CA THR EA 315 -51.00 -31.90 -17.05
C THR EA 315 -50.01 -32.32 -15.97
N GLU EA 316 -50.20 -31.87 -14.73
CA GLU EA 316 -49.31 -32.28 -13.64
C GLU EA 316 -49.48 -33.75 -13.32
N GLY EA 317 -50.68 -34.30 -13.46
CA GLY EA 317 -50.88 -35.73 -13.35
C GLY EA 317 -50.56 -36.50 -14.59
N LEU EA 318 -50.45 -35.81 -15.72
CA LEU EA 318 -50.08 -36.44 -16.98
C LEU EA 318 -48.58 -36.48 -17.18
N ARG EA 319 -47.86 -35.49 -16.66
CA ARG EA 319 -46.40 -35.57 -16.66
C ARG EA 319 -45.91 -36.62 -15.67
N ALA EA 320 -46.56 -36.71 -14.51
CA ALA EA 320 -46.16 -37.69 -13.52
C ALA EA 320 -46.47 -39.11 -13.95
N PHE EA 321 -47.45 -39.29 -14.84
CA PHE EA 321 -47.67 -40.61 -15.43
C PHE EA 321 -46.55 -40.99 -16.36
N MET EA 322 -46.04 -40.03 -17.13
CA MET EA 322 -44.94 -40.31 -18.04
C MET EA 322 -43.59 -40.27 -17.34
N ARG EA 323 -43.45 -39.47 -16.29
CA ARG EA 323 -42.19 -39.44 -15.54
C ARG EA 323 -42.01 -40.73 -14.74
N ASP EA 324 -43.09 -41.30 -14.23
CA ASP EA 324 -43.01 -42.61 -13.58
C ASP EA 324 -42.97 -43.75 -14.58
N LEU EA 325 -43.19 -43.46 -15.86
CA LEU EA 325 -42.99 -44.42 -16.94
C LEU EA 325 -41.64 -44.28 -17.62
N LYS EA 326 -40.89 -43.22 -17.29
CA LYS EA 326 -39.59 -42.97 -17.89
C LYS EA 326 -38.46 -43.53 -17.03
N ASN EA 327 -38.49 -43.29 -15.72
CA ASN EA 327 -37.52 -43.91 -14.83
C ASN EA 327 -37.77 -45.40 -14.64
N GLN EA 328 -38.99 -45.86 -14.93
CA GLN EA 328 -39.26 -47.28 -14.99
C GLN EA 328 -38.59 -47.92 -16.20
N GLY EA 329 -38.38 -47.15 -17.25
CA GLY EA 329 -37.66 -47.60 -18.43
C GLY EA 329 -38.50 -47.81 -19.67
N ALA EA 330 -39.79 -47.48 -19.62
CA ALA EA 330 -40.65 -47.78 -20.76
C ALA EA 330 -40.46 -46.79 -21.89
N VAL EA 331 -40.27 -45.51 -21.57
CA VAL EA 331 -40.02 -44.48 -22.56
C VAL EA 331 -38.63 -43.91 -22.31
N ILE EA 332 -38.15 -43.12 -23.26
CA ILE EA 332 -36.85 -42.48 -23.16
C ILE EA 332 -36.97 -41.04 -22.67
N ASN EA 333 -37.77 -40.24 -23.36
CA ASN EA 333 -38.12 -38.92 -22.88
C ASN EA 333 -39.50 -38.58 -23.45
N PHE EA 334 -40.10 -37.53 -22.91
CA PHE EA 334 -41.46 -37.19 -23.28
C PHE EA 334 -41.62 -35.68 -23.27
N GLU EA 335 -42.80 -35.23 -23.69
CA GLU EA 335 -43.14 -33.81 -23.66
C GLU EA 335 -44.66 -33.70 -23.58
N VAL EA 336 -45.18 -33.44 -22.39
CA VAL EA 336 -46.61 -33.31 -22.15
C VAL EA 336 -46.92 -31.83 -21.98
N TYR EA 337 -47.84 -31.33 -22.79
CA TYR EA 337 -48.18 -29.91 -22.73
C TYR EA 337 -49.59 -29.74 -23.27
N ALA EA 338 -50.30 -28.75 -22.74
CA ALA EA 338 -51.58 -28.36 -23.31
C ALA EA 338 -51.35 -27.68 -24.65
N ASP EA 339 -52.16 -28.05 -25.62
CA ASP EA 339 -51.97 -27.58 -27.00
C ASP EA 339 -52.33 -26.11 -27.12
N PRO EA 340 -51.39 -25.22 -27.48
CA PRO EA 340 -51.72 -23.80 -27.55
C PRO EA 340 -52.56 -23.41 -28.75
N ASP EA 341 -52.66 -24.27 -29.76
CA ASP EA 341 -53.42 -23.98 -30.97
C ASP EA 341 -54.84 -24.53 -30.91
N LEU EA 342 -54.98 -25.81 -30.58
CA LEU EA 342 -56.29 -26.45 -30.57
C LEU EA 342 -57.14 -26.04 -29.39
N ASN EA 343 -56.55 -25.48 -28.34
CA ASN EA 343 -57.32 -24.89 -27.24
C ASN EA 343 -57.69 -23.47 -27.62
N SER EA 344 -58.69 -23.35 -28.47
CA SER EA 344 -59.16 -22.06 -28.92
C SER EA 344 -60.18 -21.50 -27.94
N ALA EA 345 -60.71 -20.32 -28.25
CA ALA EA 345 -61.80 -19.79 -27.44
C ALA EA 345 -63.10 -20.50 -27.73
N SER EA 346 -63.31 -20.94 -28.97
CA SER EA 346 -64.53 -21.63 -29.34
C SER EA 346 -64.47 -23.12 -29.05
N GLN EA 347 -63.29 -23.71 -29.04
CA GLN EA 347 -63.18 -25.12 -28.66
C GLN EA 347 -63.42 -25.29 -27.17
N LEU EA 348 -62.91 -24.36 -26.36
CA LEU EA 348 -63.14 -24.42 -24.92
C LEU EA 348 -64.57 -24.05 -24.56
N ALA EA 349 -65.26 -23.30 -25.42
CA ALA EA 349 -66.66 -22.96 -25.18
C ALA EA 349 -67.60 -24.12 -25.49
N GLN EA 350 -67.12 -25.17 -26.14
CA GLN EA 350 -67.88 -26.39 -26.32
C GLN EA 350 -67.50 -27.46 -25.32
N GLY EA 351 -66.48 -27.24 -24.52
CA GLY EA 351 -65.97 -28.23 -23.60
C GLY EA 351 -64.76 -28.97 -24.08
N LYS EA 352 -64.38 -28.80 -25.35
CA LYS EA 352 -63.21 -29.50 -25.89
C LYS EA 352 -61.95 -28.83 -25.37
N VAL EA 353 -61.07 -29.60 -24.75
CA VAL EA 353 -59.78 -29.10 -24.29
C VAL EA 353 -58.73 -30.17 -24.59
N TYR EA 354 -57.64 -29.78 -25.24
CA TYR EA 354 -56.73 -30.71 -25.88
C TYR EA 354 -55.40 -30.74 -25.14
N TRP EA 355 -54.82 -31.94 -25.03
CA TRP EA 355 -53.50 -32.13 -24.45
C TRP EA 355 -52.66 -32.98 -25.40
N ASN EA 356 -51.39 -32.63 -25.53
CA ASN EA 356 -50.46 -33.36 -26.36
C ASN EA 356 -49.50 -34.16 -25.47
N ILE EA 357 -49.37 -35.45 -25.75
CA ILE EA 357 -48.43 -36.31 -25.05
C ILE EA 357 -47.52 -36.91 -26.10
N ARG EA 358 -46.41 -36.24 -26.36
CA ARG EA 358 -45.40 -36.77 -27.27
C ARG EA 358 -44.35 -37.52 -26.48
N PHE EA 359 -43.92 -38.66 -27.00
CA PHE EA 359 -42.89 -39.44 -26.33
C PHE EA 359 -42.20 -40.33 -27.36
N THR EA 360 -41.10 -40.94 -26.94
CA THR EA 360 -40.41 -41.95 -27.72
C THR EA 360 -40.40 -43.26 -26.95
N ASP EA 361 -40.74 -44.36 -27.62
CA ASP EA 361 -40.65 -45.66 -27.00
C ASP EA 361 -39.20 -46.14 -27.00
N VAL EA 362 -38.96 -47.29 -26.39
CA VAL EA 362 -37.64 -47.91 -26.37
C VAL EA 362 -37.61 -48.94 -27.48
N PRO EA 363 -36.89 -48.70 -28.58
CA PRO EA 363 -36.89 -49.66 -29.68
C PRO EA 363 -36.01 -50.86 -29.36
N PRO EA 364 -36.45 -52.07 -29.71
CA PRO EA 364 -35.63 -53.25 -29.44
C PRO EA 364 -34.41 -53.28 -30.35
N ALA EA 365 -33.25 -53.55 -29.77
CA ALA EA 365 -31.97 -53.50 -30.49
C ALA EA 365 -31.83 -54.75 -31.36
N GLU EA 366 -32.61 -54.78 -32.44
CA GLU EA 366 -32.68 -55.97 -33.27
C GLU EA 366 -31.43 -56.18 -34.12
N ASN EA 367 -30.55 -55.19 -34.22
CA ASN EA 367 -29.30 -55.35 -34.96
C ASN EA 367 -28.18 -54.56 -34.29
N PRO EA 368 -27.57 -55.12 -33.23
CA PRO EA 368 -26.37 -54.47 -32.68
C PRO EA 368 -25.17 -54.64 -33.57
N ASN EA 369 -24.78 -53.58 -34.27
CA ASN EA 369 -23.65 -53.63 -35.19
C ASN EA 369 -22.36 -53.30 -34.47
N PHE EA 370 -21.31 -54.05 -34.79
CA PHE EA 370 -19.98 -53.78 -34.27
C PHE EA 370 -19.04 -53.59 -35.45
N ARG EA 371 -18.21 -52.56 -35.38
CA ARG EA 371 -17.29 -52.21 -36.45
C ARG EA 371 -15.88 -52.25 -35.89
N VAL EA 372 -15.15 -53.32 -36.21
CA VAL EA 372 -13.82 -53.56 -35.67
C VAL EA 372 -12.80 -53.09 -36.70
N GLU EA 373 -11.80 -52.34 -36.24
CA GLU EA 373 -10.83 -51.70 -37.13
C GLU EA 373 -9.44 -51.81 -36.52
N VAL EA 374 -8.48 -52.28 -37.33
CA VAL EA 374 -7.09 -52.38 -36.89
C VAL EA 374 -6.39 -51.11 -37.33
N THR EA 375 -6.29 -50.14 -36.43
CA THR EA 375 -5.64 -48.87 -36.70
C THR EA 375 -4.19 -48.94 -36.24
N ASP EA 376 -3.29 -48.32 -36.98
CA ASP EA 376 -1.91 -48.17 -36.55
C ASP EA 376 -1.66 -46.84 -35.85
N GLN EA 377 -2.70 -46.26 -35.24
CA GLN EA 377 -2.56 -44.97 -34.57
C GLN EA 377 -1.72 -45.09 -33.30
N TRP EA 378 -1.97 -46.12 -32.51
CA TRP EA 378 -1.21 -46.36 -31.29
C TRP EA 378 0.03 -47.21 -31.53
N LEU EA 379 0.45 -47.35 -32.79
CA LEU EA 379 1.67 -48.11 -33.07
C LEU EA 379 2.91 -47.35 -32.65
N THR EA 380 2.82 -46.02 -32.56
CA THR EA 380 3.92 -45.20 -32.09
C THR EA 380 3.97 -45.10 -30.57
N GLU EA 381 3.10 -45.81 -29.85
CA GLU EA 381 3.11 -45.78 -28.40
C GLU EA 381 4.19 -46.66 -27.80
N VAL EA 382 4.68 -47.66 -28.54
CA VAL EA 382 5.79 -48.49 -28.08
C VAL EA 382 7.07 -47.77 -28.49
N LEU EA 383 7.53 -46.88 -27.62
CA LEU EA 383 8.80 -46.20 -27.83
C LEU EA 383 9.68 -46.17 -26.59
N ASP EA 384 9.13 -46.34 -25.39
CA ASP EA 384 9.91 -46.36 -24.16
C ASP EA 384 9.63 -47.63 -23.36
N MET FA 1 42.33 -122.39 -20.44
CA MET FA 1 42.71 -121.44 -19.41
C MET FA 1 42.93 -120.05 -20.01
N ILE FA 2 41.84 -119.32 -20.21
CA ILE FA 2 41.89 -117.99 -20.81
C ILE FA 2 41.85 -116.94 -19.71
N ILE FA 3 42.51 -115.81 -19.97
CA ILE FA 3 42.57 -114.70 -19.02
C ILE FA 3 41.44 -113.73 -19.30
N ASP FA 4 40.75 -113.29 -18.25
CA ASP FA 4 39.66 -112.34 -18.41
C ASP FA 4 40.21 -110.97 -18.81
N LEU FA 5 39.47 -110.28 -19.68
CA LEU FA 5 39.91 -109.00 -20.22
C LEU FA 5 39.76 -107.85 -19.24
N SER FA 6 39.04 -108.05 -18.14
CA SER FA 6 38.80 -107.00 -17.15
C SER FA 6 39.93 -106.84 -16.15
N GLN FA 7 40.99 -107.64 -16.25
CA GLN FA 7 42.14 -107.53 -15.34
C GLN FA 7 43.37 -106.96 -16.03
N LEU FA 8 43.26 -106.55 -17.29
CA LEU FA 8 44.39 -105.97 -18.00
C LEU FA 8 44.64 -104.52 -17.56
N PRO FA 9 45.90 -104.08 -17.54
CA PRO FA 9 46.18 -102.65 -17.34
C PRO FA 9 45.82 -101.83 -18.56
N GLU FA 10 45.65 -100.52 -18.34
CA GLU FA 10 45.28 -99.64 -19.44
C GLU FA 10 46.48 -99.43 -20.36
N PRO FA 11 46.25 -99.35 -21.69
CA PRO FA 11 47.38 -99.28 -22.62
C PRO FA 11 47.98 -97.90 -22.80
N GLU FA 12 48.93 -97.79 -23.73
CA GLU FA 12 49.67 -96.56 -23.99
C GLU FA 12 48.96 -95.66 -24.99
N VAL FA 13 48.40 -96.23 -26.06
CA VAL FA 13 47.92 -95.42 -27.17
C VAL FA 13 46.59 -94.75 -26.88
N ILE FA 14 45.79 -95.29 -25.96
CA ILE FA 14 44.53 -94.66 -25.60
C ILE FA 14 44.85 -93.47 -24.69
N GLU FA 15 44.38 -92.29 -25.07
CA GLU FA 15 44.62 -91.06 -24.33
C GLU FA 15 43.29 -90.45 -23.92
N ASN FA 16 43.18 -90.08 -22.65
CA ASN FA 16 42.19 -89.08 -22.27
C ASN FA 16 42.51 -87.77 -22.96
N LEU FA 17 41.48 -87.14 -23.52
CA LEU FA 17 41.68 -85.91 -24.27
C LEU FA 17 41.15 -84.73 -23.47
N ASP FA 18 41.63 -83.54 -23.83
CA ASP FA 18 41.11 -82.28 -23.30
C ASP FA 18 41.06 -81.27 -24.43
N PHE FA 19 39.96 -80.50 -24.49
CA PHE FA 19 39.93 -79.37 -25.40
C PHE FA 19 40.83 -78.24 -24.93
N GLU FA 20 40.95 -78.07 -23.61
CA GLU FA 20 41.71 -76.95 -23.07
C GLU FA 20 43.21 -77.13 -23.26
N THR FA 21 43.73 -78.33 -23.03
CA THR FA 21 45.16 -78.55 -23.19
C THR FA 21 45.61 -78.62 -24.64
N ILE FA 22 44.68 -78.60 -25.60
CA ILE FA 22 45.00 -78.31 -26.98
C ILE FA 22 44.87 -76.81 -27.28
N TYR FA 23 43.81 -76.18 -26.77
CA TYR FA 23 43.53 -74.78 -27.08
C TYR FA 23 44.46 -73.83 -26.34
N GLN FA 24 44.86 -74.16 -25.10
CA GLN FA 24 45.82 -73.32 -24.40
C GLN FA 24 47.23 -73.46 -24.96
N GLU FA 25 47.52 -74.57 -25.66
CA GLU FA 25 48.77 -74.66 -26.40
C GLU FA 25 48.73 -73.76 -27.63
N LEU FA 26 47.60 -73.72 -28.34
CA LEU FA 26 47.46 -72.87 -29.52
C LEU FA 26 47.51 -71.39 -29.18
N LEU FA 27 47.12 -71.02 -27.95
CA LEU FA 27 47.43 -69.69 -27.46
C LEU FA 27 48.94 -69.51 -27.29
N GLY FA 28 49.59 -70.46 -26.62
CA GLY FA 28 51.01 -70.44 -26.37
C GLY FA 28 51.89 -70.88 -27.52
N ASP FA 29 51.30 -71.11 -28.70
CA ASP FA 29 52.07 -71.23 -29.94
C ASP FA 29 51.92 -70.03 -30.84
N PHE FA 30 50.85 -69.25 -30.70
CA PHE FA 30 50.61 -68.07 -31.52
C PHE FA 30 51.08 -66.78 -30.85
N ARG FA 31 51.02 -66.70 -29.53
CA ARG FA 31 51.40 -65.47 -28.83
C ARG FA 31 52.90 -65.24 -28.90
N GLU FA 32 53.70 -66.29 -28.76
CA GLU FA 32 55.15 -66.15 -28.95
C GLU FA 32 55.53 -65.99 -30.41
N ALA FA 33 54.70 -66.46 -31.34
CA ALA FA 33 55.02 -66.34 -32.76
C ALA FA 33 54.72 -64.95 -33.32
N MET FA 34 53.90 -64.16 -32.63
CA MET FA 34 53.62 -62.80 -33.06
C MET FA 34 54.62 -61.78 -32.53
N ALA FA 35 55.42 -62.15 -31.52
CA ALA FA 35 56.42 -61.30 -30.86
C ALA FA 35 55.79 -60.03 -30.30
N GLY FA 36 54.62 -60.19 -29.69
CA GLY FA 36 53.92 -59.07 -29.07
C GLY FA 36 53.13 -58.19 -30.02
N GLU FA 37 53.02 -58.57 -31.30
CA GLU FA 37 52.25 -57.75 -32.24
C GLU FA 37 50.75 -58.02 -32.14
N TRP FA 38 50.36 -59.19 -31.65
CA TRP FA 38 48.96 -59.50 -31.33
C TRP FA 38 48.84 -59.67 -29.83
N THR FA 39 47.94 -58.90 -29.21
CA THR FA 39 47.77 -58.95 -27.76
C THR FA 39 46.32 -58.84 -27.32
N ALA FA 40 45.36 -59.13 -28.19
CA ALA FA 40 43.94 -59.01 -27.84
C ALA FA 40 43.38 -60.42 -27.63
N GLU FA 41 43.45 -60.90 -26.39
CA GLU FA 41 42.88 -62.20 -26.02
C GLU FA 41 41.39 -62.15 -25.73
N VAL FA 42 40.69 -61.09 -26.14
CA VAL FA 42 39.23 -61.06 -26.08
C VAL FA 42 38.69 -62.07 -27.09
N GLU FA 43 37.60 -62.75 -26.72
CA GLU FA 43 37.05 -63.82 -27.56
C GLU FA 43 36.49 -63.28 -28.87
N SER FA 44 36.07 -62.03 -28.90
CA SER FA 44 35.56 -61.40 -30.11
C SER FA 44 36.64 -61.10 -31.14
N ASP FA 45 37.91 -61.25 -30.79
CA ASP FA 45 38.99 -61.10 -31.75
C ASP FA 45 38.93 -62.29 -32.71
N PRO FA 46 38.97 -62.08 -34.03
CA PRO FA 46 38.82 -63.20 -34.97
C PRO FA 46 40.04 -64.11 -35.12
N VAL FA 47 41.03 -64.00 -34.23
CA VAL FA 47 42.02 -65.07 -34.12
C VAL FA 47 41.50 -66.17 -33.22
N LEU FA 48 40.66 -65.85 -32.24
CA LEU FA 48 40.10 -66.88 -31.39
C LEU FA 48 38.90 -67.57 -32.01
N LYS FA 49 38.36 -67.04 -33.11
CA LYS FA 49 37.47 -67.83 -33.95
C LYS FA 49 38.21 -68.98 -34.60
N LEU FA 50 39.43 -68.73 -35.07
CA LEU FA 50 40.17 -69.67 -35.90
C LEU FA 50 41.00 -70.65 -35.09
N LEU FA 51 41.49 -70.25 -33.91
CA LEU FA 51 42.18 -71.17 -33.02
C LEU FA 51 41.23 -72.14 -32.32
N GLN FA 52 39.92 -71.92 -32.37
CA GLN FA 52 38.95 -72.90 -31.90
C GLN FA 52 38.45 -73.84 -32.99
N LEU FA 53 38.85 -73.64 -34.24
CA LEU FA 53 38.74 -74.72 -35.22
C LEU FA 53 39.97 -75.61 -35.20
N ALA FA 54 41.16 -75.01 -35.12
CA ALA FA 54 42.41 -75.76 -35.07
C ALA FA 54 42.59 -76.53 -33.76
N ALA FA 55 41.78 -76.25 -32.74
CA ALA FA 55 41.76 -77.07 -31.54
C ALA FA 55 40.59 -78.04 -31.48
N TYR FA 56 39.56 -77.84 -32.30
CA TYR FA 56 38.46 -78.79 -32.39
C TYR FA 56 38.60 -79.78 -33.52
N ARG FA 57 39.01 -79.33 -34.71
CA ARG FA 57 39.21 -80.25 -35.82
C ARG FA 57 40.45 -81.11 -35.64
N GLU FA 58 41.45 -80.62 -34.90
CA GLU FA 58 42.58 -81.48 -34.54
C GLU FA 58 42.14 -82.53 -33.52
N LEU FA 59 41.29 -82.13 -32.58
CA LEU FA 59 40.76 -83.04 -31.57
C LEU FA 59 39.86 -84.12 -32.20
N LEU FA 60 39.22 -83.80 -33.33
CA LEU FA 60 38.47 -84.83 -34.05
C LEU FA 60 39.42 -85.82 -34.74
N LEU FA 61 40.58 -85.35 -35.20
CA LEU FA 61 41.57 -86.27 -35.77
C LEU FA 61 42.26 -87.08 -34.67
N ARG FA 62 42.42 -86.50 -33.48
CA ARG FA 62 42.95 -87.27 -32.36
C ARG FA 62 41.95 -88.34 -31.89
N ALA FA 63 40.66 -88.10 -32.08
CA ALA FA 63 39.66 -89.08 -31.68
C ALA FA 63 39.46 -90.16 -32.74
N ARG FA 64 39.72 -89.85 -34.02
CA ARG FA 64 39.67 -90.89 -35.06
C ARG FA 64 40.80 -91.90 -34.88
N ILE FA 65 41.98 -91.43 -34.47
CA ILE FA 65 43.11 -92.33 -34.25
C ILE FA 65 42.88 -93.20 -33.03
N ASN FA 66 42.26 -92.64 -31.98
CA ASN FA 66 41.91 -93.44 -30.81
C ASN FA 66 40.76 -94.40 -31.10
N ASP FA 67 39.82 -94.02 -31.96
CA ASP FA 67 38.75 -94.95 -32.33
C ASP FA 67 39.26 -96.05 -33.26
N ALA FA 68 40.24 -95.75 -34.12
CA ALA FA 68 40.79 -96.77 -35.00
C ALA FA 68 41.77 -97.68 -34.26
N ALA FA 69 42.46 -97.19 -33.24
CA ALA FA 69 43.36 -98.04 -32.48
C ALA FA 69 42.60 -98.98 -31.55
N ARG FA 70 41.42 -98.56 -31.09
CA ARG FA 70 40.57 -99.45 -30.31
C ARG FA 70 39.90 -100.49 -31.19
N ALA FA 71 39.69 -100.17 -32.47
CA ALA FA 71 39.00 -101.06 -33.39
C ALA FA 71 39.86 -102.23 -33.86
N VAL FA 72 41.15 -102.24 -33.55
CA VAL FA 72 42.03 -103.34 -33.88
C VAL FA 72 42.54 -104.06 -32.64
N MET FA 73 41.97 -103.75 -31.47
CA MET FA 73 42.28 -104.42 -30.22
C MET FA 73 41.06 -105.19 -29.74
N LEU FA 74 41.32 -106.40 -29.23
CA LEU FA 74 40.24 -107.33 -28.88
C LEU FA 74 39.46 -106.86 -27.66
N ALA FA 75 40.11 -106.17 -26.73
CA ALA FA 75 39.45 -105.71 -25.52
C ALA FA 75 38.68 -104.40 -25.70
N TYR FA 76 38.69 -103.81 -26.89
CA TYR FA 76 38.00 -102.54 -27.09
C TYR FA 76 37.16 -102.44 -28.36
N ALA FA 77 37.32 -103.34 -29.33
CA ALA FA 77 36.58 -103.22 -30.58
C ALA FA 77 35.12 -103.63 -30.41
N SER FA 78 34.25 -103.02 -31.21
CA SER FA 78 32.83 -103.30 -31.17
C SER FA 78 32.23 -102.97 -32.52
N GLY FA 79 30.98 -103.40 -32.72
CA GLY FA 79 30.26 -103.07 -33.95
C GLY FA 79 30.75 -103.91 -35.11
N ALA FA 80 31.00 -103.26 -36.24
CA ALA FA 80 31.54 -103.91 -37.43
C ALA FA 80 33.06 -103.99 -37.41
N ASP FA 81 33.69 -103.74 -36.28
CA ASP FA 81 35.14 -103.82 -36.15
C ASP FA 81 35.62 -105.14 -35.57
N LEU FA 82 34.77 -105.83 -34.79
CA LEU FA 82 34.99 -107.23 -34.47
C LEU FA 82 34.64 -108.17 -35.61
N ASP FA 83 33.96 -107.67 -36.65
CA ASP FA 83 33.77 -108.46 -37.86
C ASP FA 83 35.09 -108.70 -38.58
N GLN FA 84 35.98 -107.71 -38.60
CA GLN FA 84 37.25 -107.87 -39.30
C GLN FA 84 38.25 -108.70 -38.51
N ILE FA 85 38.17 -108.68 -37.18
CA ILE FA 85 38.96 -109.60 -36.38
C ILE FA 85 38.37 -111.01 -36.44
N GLY FA 86 37.05 -111.13 -36.52
CA GLY FA 86 36.43 -112.44 -36.57
C GLY FA 86 36.61 -113.15 -37.90
N ALA FA 87 36.58 -112.40 -39.00
CA ALA FA 87 36.73 -112.99 -40.32
C ALA FA 87 38.14 -113.48 -40.58
N GLY FA 88 39.14 -112.93 -39.88
CA GLY FA 88 40.51 -113.41 -40.04
C GLY FA 88 40.76 -114.73 -39.37
N PHE FA 89 40.04 -115.02 -38.28
CA PHE FA 89 40.24 -116.24 -37.51
C PHE FA 89 39.12 -117.25 -37.75
N ASN FA 90 38.34 -117.06 -38.82
CA ASN FA 90 37.23 -117.93 -39.24
C ASN FA 90 36.17 -118.08 -38.14
N VAL FA 91 35.79 -116.94 -37.55
CA VAL FA 91 34.75 -116.89 -36.53
C VAL FA 91 33.64 -115.99 -37.04
N GLN FA 92 32.40 -116.50 -37.02
CA GLN FA 92 31.23 -115.74 -37.46
C GLN FA 92 30.24 -115.57 -36.32
N ARG FA 93 29.44 -114.51 -36.41
CA ARG FA 93 28.40 -114.25 -35.43
C ARG FA 93 27.19 -115.14 -35.71
N LEU FA 94 26.59 -115.65 -34.63
CA LEU FA 94 25.56 -116.69 -34.72
C LEU FA 94 24.26 -116.12 -35.29
N LEU FA 95 23.26 -116.99 -35.44
CA LEU FA 95 21.94 -116.62 -35.92
C LEU FA 95 20.90 -117.22 -34.98
N ILE FA 96 20.29 -116.39 -34.15
CA ILE FA 96 19.30 -116.89 -33.20
C ILE FA 96 17.94 -117.08 -33.88
N ARG FA 97 17.34 -115.98 -34.34
CA ARG FA 97 16.22 -116.03 -35.26
C ARG FA 97 16.64 -115.58 -36.65
N PRO FA 98 16.05 -116.14 -37.73
CA PRO FA 98 16.53 -115.83 -39.08
C PRO FA 98 16.15 -114.42 -39.55
N ALA FA 99 16.63 -114.04 -40.73
CA ALA FA 99 16.55 -112.65 -41.16
C ALA FA 99 15.19 -112.33 -41.78
N GLN FA 100 14.60 -113.29 -42.47
CA GLN FA 100 13.46 -112.99 -43.33
C GLN FA 100 12.16 -113.21 -42.57
N PRO FA 101 11.23 -112.26 -42.60
CA PRO FA 101 9.91 -112.48 -42.02
C PRO FA 101 8.93 -113.07 -43.01
N GLU FA 102 7.95 -113.80 -42.47
CA GLU FA 102 6.82 -114.29 -43.25
C GLU FA 102 5.61 -113.37 -43.17
N ALA FA 103 5.57 -112.43 -42.24
CA ALA FA 103 4.43 -111.55 -42.05
C ALA FA 103 4.73 -110.16 -42.59
N VAL FA 104 3.73 -109.28 -42.49
CA VAL FA 104 3.84 -107.92 -43.01
C VAL FA 104 4.71 -107.05 -42.08
N PRO FA 105 4.60 -107.08 -40.74
CA PRO FA 105 5.64 -106.42 -39.93
C PRO FA 105 6.96 -107.17 -40.01
N PRO FA 106 8.06 -106.47 -40.35
CA PRO FA 106 9.35 -107.15 -40.51
C PRO FA 106 9.92 -107.57 -39.17
N VAL FA 107 10.08 -108.88 -38.99
CA VAL FA 107 10.66 -109.41 -37.76
C VAL FA 107 12.17 -109.14 -37.77
N GLU FA 108 12.66 -108.48 -36.73
CA GLU FA 108 14.08 -108.19 -36.63
C GLU FA 108 14.85 -109.47 -36.32
N ALA FA 109 16.04 -109.59 -36.91
CA ALA FA 109 16.89 -110.75 -36.71
C ALA FA 109 17.75 -110.53 -35.47
N GLN FA 110 17.44 -111.25 -34.39
CA GLN FA 110 18.18 -111.10 -33.15
C GLN FA 110 19.60 -111.63 -33.31
N TYR FA 111 20.55 -110.90 -32.73
CA TYR FA 111 21.96 -111.25 -32.80
C TYR FA 111 22.56 -111.20 -31.39
N GLU FA 112 23.51 -112.10 -31.15
CA GLU FA 112 24.19 -112.15 -29.86
C GLU FA 112 25.00 -110.87 -29.64
N SER FA 113 24.90 -110.32 -28.43
CA SER FA 113 25.58 -109.09 -28.02
C SER FA 113 27.09 -109.10 -28.25
N ASP FA 114 27.67 -107.91 -28.40
CA ASP FA 114 29.09 -107.77 -28.68
C ASP FA 114 29.97 -108.01 -27.47
N LYS FA 115 29.38 -108.13 -26.27
CA LYS FA 115 30.10 -108.59 -25.09
C LYS FA 115 30.39 -110.09 -25.10
N SER FA 116 29.76 -110.84 -26.00
CA SER FA 116 30.01 -112.27 -26.14
C SER FA 116 30.86 -112.61 -27.36
N LEU FA 117 31.13 -111.64 -28.24
CA LEU FA 117 32.08 -111.87 -29.31
C LEU FA 117 33.50 -111.94 -28.78
N ARG FA 118 33.79 -111.17 -27.72
CA ARG FA 118 35.09 -111.22 -27.07
C ARG FA 118 35.32 -112.54 -26.35
N ASN FA 119 34.26 -113.27 -26.01
CA ASN FA 119 34.39 -114.66 -25.61
C ASN FA 119 34.81 -115.53 -26.79
N ARG FA 120 34.18 -115.37 -27.96
CA ARG FA 120 34.35 -116.34 -29.03
C ARG FA 120 35.65 -116.15 -29.80
N ILE FA 121 36.16 -114.91 -29.90
CA ILE FA 121 37.48 -114.73 -30.49
C ILE FA 121 38.55 -115.28 -29.56
N GLN FA 122 38.33 -115.19 -28.24
CA GLN FA 122 39.32 -115.63 -27.28
C GLN FA 122 39.30 -117.14 -27.09
N LEU FA 123 38.17 -117.80 -27.38
CA LEU FA 123 38.10 -119.25 -27.38
C LEU FA 123 38.41 -119.85 -28.74
N ALA FA 124 38.88 -119.05 -29.71
CA ALA FA 124 39.24 -119.57 -31.01
C ALA FA 124 40.63 -120.16 -31.05
N PHE FA 125 41.38 -120.12 -29.94
CA PHE FA 125 42.71 -120.71 -29.87
C PHE FA 125 42.69 -122.05 -29.14
N GLU FA 126 42.25 -122.05 -27.88
CA GLU FA 126 42.12 -123.27 -27.08
C GLU FA 126 40.84 -123.97 -27.50
N GLN FA 127 40.96 -124.86 -28.48
CA GLN FA 127 39.78 -125.43 -29.14
C GLN FA 127 40.20 -126.78 -29.73
N LEU FA 128 39.24 -127.69 -29.84
CA LEU FA 128 39.48 -129.01 -30.42
C LEU FA 128 39.77 -128.87 -31.90
N SER FA 129 41.00 -129.18 -32.30
CA SER FA 129 41.45 -129.04 -33.68
C SER FA 129 41.86 -130.36 -34.31
N VAL FA 130 42.71 -131.13 -33.65
CA VAL FA 130 43.28 -132.36 -34.22
C VAL FA 130 43.54 -133.32 -33.06
N ALA FA 131 43.35 -134.62 -33.32
CA ALA FA 131 43.50 -135.66 -32.30
C ALA FA 131 44.98 -136.05 -32.17
N GLY FA 132 45.75 -135.15 -31.56
CA GLY FA 132 47.14 -135.39 -31.27
C GLY FA 132 47.43 -136.29 -30.09
N PRO FA 133 47.15 -135.80 -28.86
CA PRO FA 133 47.48 -136.59 -27.66
C PRO FA 133 46.37 -137.53 -27.24
N ARG FA 134 46.56 -138.20 -26.10
CA ARG FA 134 45.59 -139.17 -25.59
C ARG FA 134 44.25 -138.52 -25.22
N ASN FA 135 44.27 -137.24 -24.86
CA ASN FA 135 43.06 -136.55 -24.45
C ASN FA 135 42.26 -135.98 -25.63
N ALA FA 136 42.79 -136.07 -26.85
CA ALA FA 136 42.14 -135.52 -28.03
C ALA FA 136 41.65 -136.56 -29.02
N TYR FA 137 42.14 -137.81 -28.96
CA TYR FA 137 41.51 -138.88 -29.72
C TYR FA 137 40.09 -139.16 -29.24
N ILE FA 138 39.85 -139.00 -27.95
CA ILE FA 138 38.55 -139.33 -27.36
C ILE FA 138 37.57 -138.20 -27.61
N ALA FA 139 38.04 -136.95 -27.55
CA ALA FA 139 37.16 -135.81 -27.79
C ALA FA 139 36.77 -135.68 -29.27
N HIS FA 140 37.60 -136.20 -30.18
CA HIS FA 140 37.16 -136.34 -31.57
C HIS FA 140 36.34 -137.60 -31.79
N ALA FA 141 36.21 -138.46 -30.78
CA ALA FA 141 35.32 -139.61 -30.81
C ALA FA 141 34.02 -139.35 -30.05
N LEU FA 142 33.52 -138.12 -30.10
CA LEU FA 142 32.27 -137.74 -29.46
C LEU FA 142 31.22 -137.33 -30.49
N GLY FA 143 31.10 -138.09 -31.57
CA GLY FA 143 30.10 -137.81 -32.59
C GLY FA 143 28.73 -138.39 -32.30
N ALA FA 144 28.70 -139.64 -31.82
CA ALA FA 144 27.46 -140.27 -31.39
C ALA FA 144 27.07 -139.77 -30.00
N ASP FA 145 26.02 -140.36 -29.43
CA ASP FA 145 25.46 -139.87 -28.17
C ASP FA 145 25.34 -140.93 -27.10
N GLY FA 146 24.99 -142.16 -27.45
CA GLY FA 146 24.77 -143.19 -26.44
C GLY FA 146 26.05 -143.87 -26.03
N ARG FA 147 26.88 -143.18 -25.26
CA ARG FA 147 28.27 -143.56 -25.06
C ARG FA 147 28.86 -142.75 -23.92
N VAL FA 148 29.68 -143.40 -23.09
CA VAL FA 148 30.39 -142.73 -22.00
C VAL FA 148 31.87 -142.77 -22.35
N ALA FA 149 32.72 -142.19 -21.49
CA ALA FA 149 34.07 -141.76 -21.82
C ALA FA 149 34.98 -142.95 -22.16
N ASP FA 150 36.16 -142.61 -22.68
CA ASP FA 150 37.01 -143.57 -23.38
C ASP FA 150 38.46 -143.12 -23.20
N ALA FA 151 39.40 -144.02 -23.49
CA ALA FA 151 40.82 -143.72 -23.41
C ALA FA 151 41.55 -144.43 -24.54
N SER FA 152 42.70 -143.86 -24.92
CA SER FA 152 43.47 -144.36 -26.06
C SER FA 152 44.84 -144.85 -25.62
N ALA FA 153 45.40 -145.75 -26.42
CA ALA FA 153 46.74 -146.28 -26.24
C ALA FA 153 47.36 -146.51 -27.61
N THR FA 154 48.66 -146.81 -27.61
CA THR FA 154 49.35 -147.17 -28.84
C THR FA 154 50.43 -148.20 -28.53
N SER FA 155 50.20 -149.43 -28.97
CA SER FA 155 51.11 -150.52 -28.63
C SER FA 155 52.40 -150.48 -29.46
N PRO FA 156 52.39 -150.15 -30.80
CA PRO FA 156 53.66 -149.76 -31.40
C PRO FA 156 53.84 -148.25 -31.44
N ALA FA 157 55.10 -147.81 -31.52
CA ALA FA 157 55.37 -146.40 -31.81
C ALA FA 157 55.07 -145.97 -33.25
N PRO FA 158 55.70 -146.54 -34.30
CA PRO FA 158 55.78 -145.78 -35.57
C PRO FA 158 54.49 -145.70 -36.38
N CYS FA 159 53.61 -146.70 -36.33
CA CYS FA 159 52.50 -146.73 -37.27
C CYS FA 159 51.13 -146.69 -36.60
N GLU FA 160 50.83 -147.59 -35.68
CA GLU FA 160 49.45 -147.91 -35.34
C GLU FA 160 49.06 -147.24 -34.03
N VAL FA 161 47.88 -146.62 -34.01
CA VAL FA 161 47.26 -146.11 -32.81
C VAL FA 161 45.95 -146.87 -32.62
N LEU FA 162 45.61 -147.20 -31.38
CA LEU FA 162 44.47 -148.03 -31.07
C LEU FA 162 43.44 -147.25 -30.28
N ILE FA 163 42.19 -147.24 -30.75
CA ILE FA 163 41.10 -146.55 -30.10
C ILE FA 163 39.98 -147.57 -29.88
N SER FA 164 39.61 -147.76 -28.61
CA SER FA 164 38.69 -148.82 -28.22
C SER FA 164 37.37 -148.19 -27.73
N VAL FA 165 36.42 -148.04 -28.66
CA VAL FA 165 35.16 -147.39 -28.35
C VAL FA 165 34.27 -148.37 -27.59
N LEU FA 166 33.80 -147.95 -26.42
CA LEU FA 166 32.78 -148.66 -25.66
C LEU FA 166 31.56 -147.78 -25.46
N GLY FA 167 30.38 -148.33 -25.74
CA GLY FA 167 29.13 -147.61 -25.59
C GLY FA 167 28.15 -148.35 -24.70
N VAL FA 168 27.66 -147.69 -23.65
CA VAL FA 168 26.83 -148.35 -22.64
C VAL FA 168 25.39 -148.26 -23.13
N GLU FA 169 24.99 -149.22 -23.97
CA GLU FA 169 23.58 -149.40 -24.29
C GLU FA 169 22.97 -150.57 -23.52
N GLY FA 170 23.52 -151.77 -23.71
CA GLY FA 170 23.15 -152.93 -22.92
C GLY FA 170 24.30 -153.43 -22.08
N ASN FA 171 24.96 -154.48 -22.54
CA ASN FA 171 26.12 -155.07 -21.90
C ASN FA 171 27.40 -154.27 -22.12
N GLY FA 172 27.36 -153.20 -22.91
CA GLY FA 172 28.53 -152.40 -23.18
C GLY FA 172 29.28 -152.78 -24.44
N GLN FA 173 28.66 -153.51 -25.35
CA GLN FA 173 29.25 -153.78 -26.65
C GLN FA 173 28.99 -152.62 -27.61
N ALA FA 174 29.93 -152.40 -28.51
CA ALA FA 174 29.74 -151.42 -29.58
C ALA FA 174 28.94 -152.05 -30.71
N PRO FA 175 27.84 -151.43 -31.14
CA PRO FA 175 27.12 -151.95 -32.32
C PRO FA 175 27.89 -151.69 -33.60
N GLU FA 176 27.50 -152.45 -34.64
CA GLU FA 176 28.13 -152.32 -35.95
C GLU FA 176 27.67 -151.10 -36.72
N ALA FA 177 26.54 -150.49 -36.32
CA ALA FA 177 26.07 -149.29 -37.00
C ALA FA 177 26.93 -148.08 -36.67
N VAL FA 178 27.43 -147.99 -35.43
CA VAL FA 178 28.25 -146.86 -35.01
C VAL FA 178 29.73 -147.09 -35.25
N LEU FA 179 30.12 -148.22 -35.85
CA LEU FA 179 31.51 -148.41 -36.23
C LEU FA 179 31.92 -147.50 -37.39
N GLN FA 180 31.07 -147.39 -38.39
CA GLN FA 180 31.33 -146.48 -39.50
C GLN FA 180 31.03 -145.02 -39.14
N ALA FA 181 30.20 -144.78 -38.13
CA ALA FA 181 29.88 -143.43 -37.71
C ALA FA 181 31.07 -142.75 -37.03
N VAL FA 182 31.98 -143.56 -36.45
CA VAL FA 182 33.22 -143.03 -35.92
C VAL FA 182 34.21 -142.73 -37.04
N ARG FA 183 34.27 -143.60 -38.05
CA ARG FA 183 35.28 -143.47 -39.11
C ARG FA 183 35.02 -142.29 -40.03
N LEU FA 184 33.78 -141.79 -40.10
CA LEU FA 184 33.50 -140.60 -40.90
C LEU FA 184 34.19 -139.36 -40.33
N ALA FA 185 34.14 -139.20 -39.00
CA ALA FA 185 34.78 -138.05 -38.37
C ALA FA 185 36.30 -138.15 -38.38
N LEU FA 186 36.83 -139.35 -38.12
CA LEU FA 186 38.27 -139.54 -37.90
C LEU FA 186 39.15 -139.25 -39.11
N ASN FA 187 38.68 -139.53 -40.34
CA ASN FA 187 39.53 -139.39 -41.53
C ASN FA 187 40.01 -137.95 -41.74
N ALA FA 188 39.12 -136.97 -41.51
CA ALA FA 188 39.47 -135.57 -41.70
C ALA FA 188 39.91 -134.87 -40.43
N GLU FA 189 39.79 -135.51 -39.26
CA GLU FA 189 40.16 -134.89 -37.99
C GLU FA 189 41.39 -135.49 -37.34
N ASP FA 190 42.16 -136.31 -38.06
CA ASP FA 190 43.33 -136.96 -37.49
C ASP FA 190 44.53 -136.78 -38.41
N VAL FA 191 45.70 -137.17 -37.90
CA VAL FA 191 46.93 -137.17 -38.69
C VAL FA 191 46.75 -138.11 -39.86
N ARG FA 192 47.13 -137.64 -41.06
CA ARG FA 192 46.86 -138.37 -42.30
C ARG FA 192 47.42 -139.80 -42.37
N PRO FA 193 48.76 -140.10 -42.07
CA PRO FA 193 49.24 -141.49 -42.19
C PRO FA 193 49.14 -142.32 -40.91
N VAL FA 194 47.95 -142.37 -40.31
CA VAL FA 194 47.74 -143.24 -39.16
C VAL FA 194 47.11 -144.54 -39.63
N ALA FA 195 47.47 -145.64 -38.96
CA ALA FA 195 46.77 -146.90 -39.13
C ALA FA 195 45.78 -147.07 -37.99
N ASP FA 196 44.71 -146.27 -38.07
CA ASP FA 196 43.65 -146.25 -37.06
C ASP FA 196 42.76 -147.48 -37.20
N ARG FA 197 43.22 -148.60 -36.64
CA ARG FA 197 42.45 -149.84 -36.67
C ARG FA 197 41.33 -149.69 -35.65
N VAL FA 198 40.21 -149.10 -36.11
CA VAL FA 198 39.04 -148.87 -35.25
C VAL FA 198 38.11 -150.06 -35.49
N THR FA 199 38.25 -151.01 -34.56
CA THR FA 199 37.48 -152.23 -34.43
C THR FA 199 36.66 -152.06 -33.14
N VAL FA 200 35.54 -152.75 -33.00
CA VAL FA 200 34.70 -152.51 -31.82
C VAL FA 200 35.32 -152.74 -30.44
N ARG FA 201 35.99 -153.88 -30.21
CA ARG FA 201 36.61 -154.12 -28.89
C ARG FA 201 37.78 -155.11 -28.84
N SER FA 202 38.80 -154.80 -28.04
CA SER FA 202 39.90 -155.71 -27.83
C SER FA 202 39.29 -156.88 -27.07
N ALA FA 203 38.43 -156.50 -26.12
CA ALA FA 203 37.66 -157.39 -25.27
C ALA FA 203 36.48 -156.60 -24.72
N GLY FA 204 35.28 -157.15 -24.85
CA GLY FA 204 34.07 -156.46 -24.46
C GLY FA 204 33.48 -156.90 -23.14
N ILE FA 205 32.45 -157.73 -23.19
CA ILE FA 205 31.77 -158.21 -21.99
C ILE FA 205 32.67 -159.15 -21.19
N VAL FA 206 33.23 -158.62 -20.11
CA VAL FA 206 34.00 -159.41 -19.15
C VAL FA 206 33.20 -159.45 -17.86
N PRO FA 207 32.32 -160.44 -17.66
CA PRO FA 207 31.25 -160.34 -16.66
C PRO FA 207 31.80 -160.41 -15.25
N TYR FA 208 31.59 -159.34 -14.49
CA TYR FA 208 32.09 -159.20 -13.12
C TYR FA 208 30.89 -159.22 -12.18
N GLN FA 209 30.52 -160.41 -11.71
CA GLN FA 209 29.56 -160.50 -10.63
C GLN FA 209 30.18 -160.02 -9.33
N VAL FA 210 29.32 -159.59 -8.40
CA VAL FA 210 29.71 -159.32 -7.02
C VAL FA 210 28.67 -159.96 -6.11
N LYS FA 211 29.13 -160.49 -4.98
CA LYS FA 211 28.26 -160.90 -3.88
C LYS FA 211 28.90 -160.47 -2.56
N ALA FA 212 28.06 -160.08 -1.61
CA ALA FA 212 28.54 -159.62 -0.31
C ALA FA 212 27.64 -160.17 0.78
N GLN FA 213 28.21 -160.94 1.69
CA GLN FA 213 27.49 -161.46 2.86
C GLN FA 213 27.67 -160.44 3.98
N LEU FA 214 26.72 -159.50 4.06
CA LEU FA 214 26.80 -158.42 5.03
C LEU FA 214 26.45 -158.90 6.43
N TYR FA 215 27.29 -158.55 7.40
CA TYR FA 215 27.05 -158.86 8.81
C TYR FA 215 26.84 -157.55 9.55
N LEU FA 216 25.68 -157.39 10.16
CA LEU FA 216 25.28 -156.14 10.78
C LEU FA 216 24.84 -156.39 12.22
N PHE FA 217 24.61 -155.30 12.95
CA PHE FA 217 23.92 -155.39 14.23
C PHE FA 217 22.41 -155.34 14.00
N PRO FA 218 21.63 -156.17 14.71
CA PRO FA 218 20.19 -156.27 14.41
C PRO FA 218 19.32 -155.14 14.93
N GLY FA 219 19.91 -154.01 15.33
CA GLY FA 219 19.15 -152.92 15.90
C GLY FA 219 18.31 -152.12 14.91
N PRO FA 220 18.00 -150.87 15.26
CA PRO FA 220 17.03 -150.10 14.48
C PRO FA 220 17.59 -149.54 13.18
N GLU FA 221 18.87 -149.16 13.19
CA GLU FA 221 19.53 -148.53 12.04
C GLU FA 221 19.91 -149.51 10.95
N ALA FA 222 19.68 -150.82 11.14
CA ALA FA 222 20.14 -151.82 10.18
C ALA FA 222 19.39 -151.79 8.85
N GLU FA 223 18.22 -151.15 8.80
CA GLU FA 223 17.57 -150.94 7.50
C GLU FA 223 18.07 -149.69 6.79
N LEU FA 224 18.40 -148.63 7.53
CA LEU FA 224 18.83 -147.38 6.90
C LEU FA 224 20.27 -147.40 6.45
N ILE FA 225 21.17 -148.06 7.20
CA ILE FA 225 22.59 -148.04 6.86
C ILE FA 225 22.96 -149.14 5.87
N ARG FA 226 22.11 -150.16 5.71
CA ARG FA 226 22.37 -151.19 4.71
C ARG FA 226 22.09 -150.66 3.30
N ALA FA 227 21.02 -149.90 3.13
CA ALA FA 227 20.71 -149.32 1.82
C ALA FA 227 21.63 -148.16 1.47
N ALA FA 228 22.27 -147.53 2.47
CA ALA FA 228 23.22 -146.47 2.18
C ALA FA 228 24.51 -147.03 1.60
N ALA FA 229 24.94 -148.20 2.07
CA ALA FA 229 26.10 -148.88 1.49
C ALA FA 229 25.81 -149.39 0.09
N GLU FA 230 24.56 -149.78 -0.19
CA GLU FA 230 24.20 -150.22 -1.53
C GLU FA 230 24.18 -149.04 -2.50
N ALA FA 231 23.84 -147.84 -2.02
CA ALA FA 231 23.89 -146.65 -2.86
C ALA FA 231 25.34 -146.25 -3.15
N SER FA 232 26.25 -146.50 -2.20
CA SER FA 232 27.67 -146.28 -2.44
C SER FA 232 28.25 -147.31 -3.41
N LEU FA 233 27.58 -148.46 -3.59
CA LEU FA 233 28.00 -149.43 -4.58
C LEU FA 233 27.54 -149.04 -5.99
N ARG FA 234 26.37 -148.39 -6.11
CA ARG FA 234 25.82 -148.04 -7.41
C ARG FA 234 26.66 -146.98 -8.12
N ASP FA 235 26.97 -145.87 -7.43
CA ASP FA 235 27.77 -144.83 -8.08
C ASP FA 235 29.24 -145.23 -8.23
N TYR FA 236 29.68 -146.27 -7.52
CA TYR FA 236 31.01 -146.81 -7.77
C TYR FA 236 31.07 -147.55 -9.10
N ILE FA 237 30.10 -148.43 -9.35
CA ILE FA 237 30.02 -149.18 -10.59
C ILE FA 237 29.80 -148.24 -11.77
N SER FA 238 29.01 -147.19 -11.56
CA SER FA 238 28.83 -146.16 -12.59
C SER FA 238 30.12 -145.36 -12.83
N ALA FA 239 31.03 -145.33 -11.86
CA ALA FA 239 32.35 -144.77 -12.05
C ALA FA 239 33.38 -145.77 -12.58
N GLN FA 240 33.03 -147.05 -12.66
CA GLN FA 240 33.93 -148.06 -13.20
C GLN FA 240 33.65 -148.39 -14.66
N ARG FA 241 32.72 -147.68 -15.31
CA ARG FA 241 32.57 -147.76 -16.76
C ARG FA 241 33.69 -146.95 -17.40
N ARG FA 242 34.87 -147.56 -17.45
CA ARG FA 242 36.12 -146.84 -17.69
C ARG FA 242 37.11 -147.87 -18.25
N LEU FA 243 38.25 -147.37 -18.72
CA LEU FA 243 39.37 -148.23 -19.06
C LEU FA 243 40.43 -148.28 -17.97
N GLY FA 244 40.36 -147.39 -16.98
CA GLY FA 244 41.17 -147.58 -15.78
C GLY FA 244 40.67 -148.75 -14.95
N ARG FA 245 39.34 -148.91 -14.87
CA ARG FA 245 38.56 -150.12 -14.55
C ARG FA 245 39.12 -151.03 -13.46
N ASP FA 246 39.73 -150.45 -12.43
CA ASP FA 246 40.44 -151.21 -11.41
C ASP FA 246 39.46 -151.90 -10.45
N ILE FA 247 38.82 -152.96 -10.95
CA ILE FA 247 38.01 -153.83 -10.11
C ILE FA 247 38.93 -154.60 -9.18
N ARG FA 248 38.65 -154.53 -7.87
CA ARG FA 248 39.56 -155.12 -6.89
C ARG FA 248 38.83 -155.95 -5.84
N ARG FA 249 39.58 -156.36 -4.82
CA ARG FA 249 39.05 -157.00 -3.61
C ARG FA 249 39.14 -156.11 -2.39
N SER FA 250 40.34 -155.59 -2.09
CA SER FA 250 40.55 -154.76 -0.91
C SER FA 250 40.01 -153.35 -1.06
N ALA FA 251 39.85 -152.86 -2.30
CA ALA FA 251 39.24 -151.55 -2.50
C ALA FA 251 37.74 -151.57 -2.23
N LEU FA 252 37.10 -152.73 -2.36
CA LEU FA 252 35.70 -152.85 -1.98
C LEU FA 252 35.52 -153.06 -0.49
N PHE FA 253 36.58 -153.41 0.23
CA PHE FA 253 36.51 -153.52 1.68
C PHE FA 253 36.33 -152.16 2.33
N ALA FA 254 37.06 -151.15 1.84
CA ALA FA 254 36.99 -149.80 2.40
C ALA FA 254 35.62 -149.17 2.20
N THR FA 255 35.03 -149.38 1.02
CA THR FA 255 33.69 -148.84 0.71
C THR FA 255 32.64 -149.44 1.64
N LEU FA 256 32.69 -150.75 1.85
CA LEU FA 256 31.74 -151.42 2.72
C LEU FA 256 31.93 -151.04 4.19
N HIS FA 257 33.18 -150.86 4.62
CA HIS FA 257 33.53 -150.63 6.03
C HIS FA 257 33.60 -149.14 6.36
N VAL FA 258 32.69 -148.32 5.82
CA VAL FA 258 32.74 -146.88 6.05
C VAL FA 258 32.40 -146.53 7.51
N GLU FA 259 31.15 -146.75 7.94
CA GLU FA 259 30.77 -146.40 9.31
C GLU FA 259 30.46 -147.60 10.20
N GLY FA 260 29.52 -148.46 9.83
CA GLY FA 260 29.07 -149.45 10.79
C GLY FA 260 29.14 -150.96 10.58
N VAL FA 261 29.57 -151.45 9.42
CA VAL FA 261 29.57 -152.89 9.21
C VAL FA 261 30.66 -153.56 10.05
N GLN FA 262 30.36 -154.76 10.56
CA GLN FA 262 31.35 -155.50 11.34
C GLN FA 262 32.35 -156.23 10.46
N ARG FA 263 31.87 -156.89 9.42
CA ARG FA 263 32.69 -157.60 8.44
C ARG FA 263 31.80 -157.99 7.27
N VAL FA 264 32.43 -158.54 6.24
CA VAL FA 264 31.73 -158.94 5.02
C VAL FA 264 32.47 -160.14 4.43
N GLU FA 265 31.75 -160.95 3.67
CA GLU FA 265 32.30 -162.17 3.06
C GLU FA 265 32.03 -162.08 1.56
N LEU FA 266 33.07 -161.72 0.82
CA LEU FA 266 33.00 -161.48 -0.62
C LEU FA 266 33.28 -162.78 -1.36
N GLN FA 267 32.33 -163.21 -2.20
CA GLN FA 267 32.44 -164.48 -2.90
C GLN FA 267 33.06 -164.31 -4.28
N GLU FA 268 32.47 -163.46 -5.12
CA GLU FA 268 32.85 -163.37 -6.53
C GLU FA 268 34.17 -162.64 -6.79
N PRO FA 269 34.52 -161.52 -6.08
CA PRO FA 269 35.93 -161.09 -6.13
C PRO FA 269 36.82 -161.91 -5.22
N ALA FA 270 37.59 -162.84 -5.80
CA ALA FA 270 38.57 -163.61 -5.05
C ALA FA 270 40.02 -163.23 -5.33
N ALA FA 271 40.31 -162.72 -6.52
CA ALA FA 271 41.65 -162.24 -6.86
C ALA FA 271 41.58 -160.87 -7.50
N ASP FA 272 42.72 -160.20 -7.53
CA ASP FA 272 42.81 -158.90 -8.19
C ASP FA 272 42.71 -159.06 -9.71
N VAL FA 273 42.10 -158.07 -10.35
CA VAL FA 273 41.97 -158.07 -11.81
C VAL FA 273 43.24 -157.53 -12.43
N VAL FA 274 43.83 -158.30 -13.35
CA VAL FA 274 44.97 -157.84 -14.12
C VAL FA 274 44.52 -156.73 -15.08
N LEU FA 275 45.34 -155.70 -15.23
CA LEU FA 275 44.91 -154.45 -15.87
C LEU FA 275 45.71 -154.23 -17.15
N ASP FA 276 45.00 -154.11 -18.27
CA ASP FA 276 45.50 -153.53 -19.50
C ASP FA 276 44.47 -152.54 -20.03
N GLU FA 277 44.91 -151.70 -20.97
CA GLU FA 277 44.02 -150.73 -21.60
C GLU FA 277 43.01 -151.42 -22.53
N THR FA 278 43.38 -152.58 -23.08
CA THR FA 278 42.62 -153.15 -24.19
C THR FA 278 41.29 -153.73 -23.75
N GLN FA 279 41.26 -154.36 -22.58
CA GLN FA 279 40.03 -155.02 -22.14
C GLN FA 279 39.05 -154.00 -21.56
N ALA FA 280 37.81 -154.45 -21.36
CA ALA FA 280 36.80 -153.62 -20.72
C ALA FA 280 36.18 -154.34 -19.54
N ALA FA 281 35.16 -153.76 -18.93
CA ALA FA 281 34.51 -154.34 -17.77
C ALA FA 281 33.01 -154.07 -17.83
N TYR FA 282 32.26 -154.85 -17.05
CA TYR FA 282 30.81 -154.70 -16.94
C TYR FA 282 30.35 -155.42 -15.67
N CYS FA 283 29.28 -154.91 -15.07
CA CYS FA 283 28.67 -155.53 -13.91
C CYS FA 283 27.21 -155.83 -14.22
N THR FA 284 26.87 -157.13 -14.22
CA THR FA 284 25.53 -157.56 -14.58
C THR FA 284 24.54 -157.46 -13.43
N GLY FA 285 25.02 -157.50 -12.19
CA GLY FA 285 24.12 -157.47 -11.05
C GLY FA 285 24.81 -158.08 -9.84
N TYR FA 286 23.99 -158.32 -8.82
CA TYR FA 286 24.49 -158.85 -7.56
C TYR FA 286 23.39 -159.63 -6.86
N ALA FA 287 23.77 -160.33 -5.79
CA ALA FA 287 22.82 -161.04 -4.93
C ALA FA 287 23.18 -160.71 -3.48
N ILE FA 288 22.61 -159.61 -2.99
CA ILE FA 288 22.86 -159.16 -1.62
C ILE FA 288 21.99 -159.97 -0.65
N THR FA 289 22.51 -160.17 0.56
CA THR FA 289 21.87 -161.03 1.54
C THR FA 289 22.29 -160.59 2.93
N LEU FA 290 21.49 -160.97 3.92
CA LEU FA 290 21.74 -160.64 5.32
C LEU FA 290 22.47 -161.79 6.00
N GLY FA 291 23.37 -161.45 6.92
CA GLY FA 291 24.09 -162.48 7.66
C GLY FA 291 23.20 -163.20 8.66
N GLY FA 292 22.43 -162.45 9.44
CA GLY FA 292 21.55 -163.04 10.43
C GLY FA 292 22.03 -162.83 11.85
N SER GA 2 -50.43 53.51 27.66
CA SER GA 2 -50.38 52.36 28.54
C SER GA 2 -51.69 51.59 28.53
N PHE GA 3 -51.67 50.42 27.88
CA PHE GA 3 -52.86 49.57 27.85
C PHE GA 3 -53.14 48.99 29.23
N PHE GA 4 -52.14 48.34 29.84
CA PHE GA 4 -52.23 47.92 31.22
C PHE GA 4 -50.83 47.96 31.83
N HIS GA 5 -50.70 48.69 32.93
CA HIS GA 5 -49.46 48.76 33.68
C HIS GA 5 -49.58 47.79 34.85
N GLY GA 6 -48.88 46.67 34.77
CA GLY GA 6 -49.03 45.62 35.75
C GLY GA 6 -48.59 44.30 35.15
N VAL GA 7 -48.96 43.23 35.83
CA VAL GA 7 -48.61 41.87 35.41
C VAL GA 7 -49.89 41.17 34.98
N THR GA 8 -49.90 40.64 33.76
CA THR GA 8 -50.99 39.77 33.32
C THR GA 8 -50.53 38.33 33.36
N VAL GA 9 -51.38 37.46 33.87
CA VAL GA 9 -51.19 36.02 33.80
C VAL GA 9 -52.43 35.45 33.12
N THR GA 10 -52.28 34.97 31.90
CA THR GA 10 -53.39 34.53 31.09
C THR GA 10 -53.34 33.03 30.86
N ASN GA 11 -54.51 32.42 30.79
CA ASN GA 11 -54.68 31.03 30.41
C ASN GA 11 -55.21 30.99 28.98
N VAL GA 12 -54.40 30.48 28.05
CA VAL GA 12 -54.71 30.67 26.64
C VAL GA 12 -55.78 29.69 26.16
N ASP GA 13 -55.83 28.48 26.74
CA ASP GA 13 -56.92 27.51 26.56
C ASP GA 13 -57.05 27.06 25.10
N ILE GA 14 -55.95 26.53 24.56
CA ILE GA 14 -55.90 26.13 23.16
C ILE GA 14 -55.57 24.65 23.00
N GLY GA 15 -55.67 23.87 24.06
CA GLY GA 15 -55.37 22.46 23.95
C GLY GA 15 -56.50 21.66 23.33
N ALA GA 16 -56.17 20.45 22.90
CA ALA GA 16 -57.18 19.51 22.43
C ALA GA 16 -57.94 18.93 23.60
N ARG GA 17 -59.16 18.49 23.35
CA ARG GA 17 -60.02 17.96 24.38
C ARG GA 17 -60.11 16.45 24.26
N THR GA 18 -60.88 15.83 25.16
CA THR GA 18 -61.04 14.38 25.19
C THR GA 18 -62.51 14.05 24.96
N ILE GA 19 -62.76 12.97 24.23
CA ILE GA 19 -64.09 12.56 23.83
C ILE GA 19 -64.40 11.22 24.47
N ALA GA 20 -65.50 11.15 25.20
CA ALA GA 20 -65.93 9.93 25.87
C ALA GA 20 -67.22 9.41 25.25
N LEU GA 21 -67.42 8.11 25.34
CA LEU GA 21 -68.57 7.46 24.74
C LEU GA 21 -69.78 7.52 25.67
N PRO GA 22 -71.00 7.60 25.12
CA PRO GA 22 -72.19 7.67 25.97
C PRO GA 22 -72.72 6.32 26.44
N ALA GA 23 -71.83 5.43 26.86
CA ALA GA 23 -72.07 4.27 27.73
C ALA GA 23 -72.88 3.13 27.12
N SER GA 24 -73.53 3.35 25.97
CA SER GA 24 -73.96 2.30 25.03
C SER GA 24 -74.93 1.24 25.55
N SER GA 25 -75.40 1.31 26.80
CA SER GA 25 -76.06 0.15 27.37
C SER GA 25 -77.31 0.49 28.19
N VAL GA 26 -77.96 1.60 27.91
CA VAL GA 26 -79.18 1.96 28.61
C VAL GA 26 -80.36 1.39 27.86
N ILE GA 27 -81.21 0.65 28.55
CA ILE GA 27 -82.28 -0.13 27.93
C ILE GA 27 -83.61 0.55 28.22
N GLY GA 28 -84.22 1.12 27.18
CA GLY GA 28 -85.54 1.69 27.32
C GLY GA 28 -86.59 0.59 27.33
N LEU GA 29 -87.43 0.59 28.35
CA LEU GA 29 -88.43 -0.45 28.54
C LEU GA 29 -89.82 0.15 28.64
N CYS GA 30 -90.81 -0.59 28.16
CA CYS GA 30 -92.20 -0.16 28.27
C CYS GA 30 -93.08 -1.39 28.24
N ASP GA 31 -93.68 -1.74 29.37
CA ASP GA 31 -94.61 -2.86 29.44
C ASP GA 31 -95.63 -2.54 30.52
N VAL GA 32 -96.68 -3.33 30.57
CA VAL GA 32 -97.82 -3.03 31.42
C VAL GA 32 -97.54 -3.47 32.85
N PHE GA 33 -98.24 -2.84 33.79
CA PHE GA 33 -98.17 -3.20 35.20
C PHE GA 33 -99.43 -2.69 35.89
N THR GA 34 -99.61 -3.11 37.13
CA THR GA 34 -100.78 -2.71 37.90
C THR GA 34 -100.37 -1.69 38.96
N PRO GA 35 -100.78 -0.43 38.85
CA PRO GA 35 -100.41 0.54 39.88
C PRO GA 35 -101.22 0.35 41.14
N GLY GA 36 -100.55 0.46 42.28
CA GLY GA 36 -101.19 0.25 43.56
C GLY GA 36 -100.35 0.71 44.72
N ALA GA 37 -100.35 -0.06 45.81
CA ALA GA 37 -99.55 0.28 46.98
C ALA GA 37 -98.13 -0.23 46.86
N GLN GA 38 -97.95 -1.46 46.38
CA GLN GA 38 -96.61 -2.03 46.22
C GLN GA 38 -95.86 -1.40 45.06
N ALA GA 39 -96.57 -0.91 44.04
CA ALA GA 39 -95.94 -0.25 42.91
C ALA GA 39 -95.72 1.21 43.23
N SER GA 40 -94.45 1.63 43.30
CA SER GA 40 -94.08 2.99 43.68
C SER GA 40 -93.93 3.91 42.48
N ALA GA 41 -94.64 3.67 41.39
CA ALA GA 41 -94.52 4.46 40.19
C ALA GA 41 -95.91 4.92 39.73
N LYS GA 42 -95.91 5.83 38.80
CA LYS GA 42 -97.08 6.35 38.14
C LYS GA 42 -97.15 5.81 36.70
N PRO GA 43 -98.36 5.59 36.17
CA PRO GA 43 -98.46 4.79 34.94
C PRO GA 43 -98.08 5.47 33.63
N ASN GA 44 -97.41 6.62 33.66
CA ASN GA 44 -96.87 7.17 32.43
C ASN GA 44 -95.47 7.75 32.54
N VAL GA 45 -94.91 7.91 33.74
CA VAL GA 45 -93.62 8.58 33.90
C VAL GA 45 -92.49 7.57 33.79
N PRO GA 46 -91.30 7.98 33.34
CA PRO GA 46 -90.16 7.06 33.34
C PRO GA 46 -89.60 6.87 34.73
N VAL GA 47 -89.07 5.67 34.96
CA VAL GA 47 -88.47 5.29 36.24
C VAL GA 47 -87.07 4.76 35.95
N LEU GA 48 -86.07 5.31 36.61
CA LEU GA 48 -84.70 4.82 36.45
C LEU GA 48 -84.51 3.57 37.28
N LEU GA 49 -84.05 2.50 36.63
CA LEU GA 49 -83.81 1.22 37.28
C LEU GA 49 -82.36 0.81 37.07
N THR GA 50 -81.66 0.55 38.17
CA THR GA 50 -80.28 0.10 38.10
C THR GA 50 -80.06 -1.27 38.72
N SER GA 51 -81.06 -1.85 39.36
CA SER GA 51 -80.89 -3.13 40.02
C SER GA 51 -82.20 -3.91 39.96
N LYS GA 52 -82.10 -5.20 40.30
CA LYS GA 52 -83.26 -6.08 40.24
C LYS GA 52 -84.25 -5.78 41.35
N LYS GA 53 -83.74 -5.37 42.52
CA LYS GA 53 -84.61 -5.00 43.63
C LYS GA 53 -85.28 -3.64 43.41
N ASP GA 54 -84.67 -2.78 42.60
CA ASP GA 54 -85.27 -1.48 42.33
C ASP GA 54 -86.47 -1.60 41.40
N ALA GA 55 -86.51 -2.63 40.57
CA ALA GA 55 -87.67 -2.86 39.72
C ALA GA 55 -88.80 -3.52 40.49
N ALA GA 56 -88.47 -4.29 41.53
CA ALA GA 56 -89.51 -4.93 42.32
C ALA GA 56 -90.21 -3.93 43.23
N ALA GA 57 -89.50 -2.88 43.65
CA ALA GA 57 -90.12 -1.88 44.52
C ALA GA 57 -90.88 -0.84 43.71
N ALA GA 58 -90.49 -0.61 42.47
CA ALA GA 58 -91.12 0.43 41.67
C ALA GA 58 -92.24 -0.08 40.79
N PHE GA 59 -92.33 -1.40 40.57
CA PHE GA 59 -93.38 -1.95 39.72
C PHE GA 59 -94.06 -3.18 40.30
N GLY GA 60 -93.61 -3.67 41.46
CA GLY GA 60 -94.26 -4.80 42.08
C GLY GA 60 -93.82 -6.13 41.54
N ILE GA 61 -93.66 -7.13 42.41
CA ILE GA 61 -93.30 -8.46 41.97
C ILE GA 61 -94.50 -9.11 41.29
N GLY GA 62 -94.26 -9.71 40.13
CA GLY GA 62 -95.32 -10.34 39.37
C GLY GA 62 -95.92 -9.48 38.28
N SER GA 63 -95.49 -8.22 38.15
CA SER GA 63 -95.95 -7.38 37.07
C SER GA 63 -95.34 -7.84 35.74
N SER GA 64 -95.97 -7.41 34.65
CA SER GA 64 -95.47 -7.77 33.33
C SER GA 64 -94.22 -6.99 32.96
N ILE GA 65 -93.95 -5.88 33.64
CA ILE GA 65 -92.73 -5.11 33.39
C ILE GA 65 -91.63 -5.43 34.39
N TYR GA 66 -91.97 -6.00 35.55
CA TYR GA 66 -90.93 -6.53 36.42
C TYR GA 66 -90.33 -7.80 35.83
N LEU GA 67 -91.16 -8.60 35.18
CA LEU GA 67 -90.69 -9.82 34.53
C LEU GA 67 -89.80 -9.54 33.33
N ALA GA 68 -89.91 -8.34 32.74
CA ALA GA 68 -88.99 -7.94 31.70
C ALA GA 68 -87.66 -7.46 32.29
N CYS GA 69 -87.72 -6.77 33.44
CA CYS GA 69 -86.49 -6.40 34.13
C CYS GA 69 -85.83 -7.61 34.75
N GLU GA 70 -86.61 -8.62 35.12
CA GLU GA 70 -86.05 -9.88 35.60
C GLU GA 70 -85.28 -10.58 34.49
N ALA GA 71 -85.70 -10.42 33.24
CA ALA GA 71 -84.99 -11.03 32.12
C ALA GA 71 -83.67 -10.33 31.82
N ILE GA 72 -83.50 -9.10 32.24
CA ILE GA 72 -82.31 -8.31 31.93
C ILE GA 72 -81.27 -8.41 33.04
N TYR GA 73 -81.70 -8.34 34.29
CA TYR GA 73 -80.77 -8.29 35.42
C TYR GA 73 -80.18 -9.63 35.78
N ASN GA 74 -80.59 -10.71 35.12
CA ASN GA 74 -79.97 -12.00 35.34
C ASN GA 74 -78.77 -12.22 34.42
N ARG GA 75 -78.89 -11.79 33.16
CA ARG GA 75 -77.80 -11.94 32.22
C ARG GA 75 -76.80 -10.80 32.35
N ALA GA 76 -77.28 -9.58 32.52
CA ALA GA 76 -76.42 -8.40 32.55
C ALA GA 76 -76.73 -7.60 33.80
N GLN GA 77 -76.15 -6.40 33.87
CA GLN GA 77 -76.43 -5.45 34.93
C GLN GA 77 -76.28 -4.06 34.32
N ALA GA 78 -77.40 -3.48 33.89
CA ALA GA 78 -77.38 -2.23 33.16
C ALA GA 78 -78.48 -1.31 33.65
N VAL GA 79 -78.46 -0.09 33.11
CA VAL GA 79 -79.45 0.92 33.44
C VAL GA 79 -80.69 0.68 32.58
N ILE GA 80 -81.86 0.68 33.22
CA ILE GA 80 -83.12 0.49 32.52
C ILE GA 80 -83.99 1.71 32.80
N VAL GA 81 -84.39 2.41 31.74
CA VAL GA 81 -85.38 3.47 31.85
C VAL GA 81 -86.72 2.85 31.51
N ALA GA 82 -87.45 2.41 32.54
CA ALA GA 82 -88.72 1.76 32.35
C ALA GA 82 -89.84 2.78 32.47
N VAL GA 83 -90.86 2.64 31.62
CA VAL GA 83 -91.97 3.58 31.64
C VAL GA 83 -93.11 3.00 32.48
N GLY GA 84 -93.65 1.87 32.06
CA GLY GA 84 -94.75 1.27 32.79
C GLY GA 84 -96.07 1.93 32.49
N VAL GA 85 -97.05 1.15 32.02
CA VAL GA 85 -98.38 1.66 31.72
C VAL GA 85 -99.39 0.80 32.45
N GLU GA 86 -100.60 1.33 32.61
CA GLU GA 86 -101.66 0.55 33.23
C GLU GA 86 -102.26 -0.42 32.22
N THR GA 87 -102.83 -1.50 32.72
CA THR GA 87 -103.37 -2.55 31.87
C THR GA 87 -104.70 -2.09 31.28
N ALA GA 88 -104.76 -2.01 29.94
CA ALA GA 88 -106.01 -1.67 29.28
C ALA GA 88 -106.96 -2.86 29.29
N GLU GA 89 -108.23 -2.57 29.03
CA GLU GA 89 -109.26 -3.61 29.10
C GLU GA 89 -109.16 -4.57 27.91
N THR GA 90 -109.29 -4.06 26.71
CA THR GA 90 -109.19 -4.91 25.54
C THR GA 90 -107.73 -5.07 25.13
N PRO GA 91 -107.36 -6.20 24.51
CA PRO GA 91 -105.98 -6.34 24.00
C PRO GA 91 -105.68 -5.46 22.80
N GLU GA 92 -106.70 -4.90 22.14
CA GLU GA 92 -106.47 -3.97 21.05
C GLU GA 92 -106.16 -2.57 21.57
N ALA GA 93 -106.78 -2.17 22.69
CA ALA GA 93 -106.49 -0.89 23.30
C ALA GA 93 -105.22 -0.90 24.13
N GLN GA 94 -104.63 -2.07 24.37
CA GLN GA 94 -103.34 -2.12 25.04
C GLN GA 94 -102.23 -1.64 24.13
N ALA GA 95 -102.37 -1.86 22.82
CA ALA GA 95 -101.38 -1.36 21.87
C ALA GA 95 -101.42 0.15 21.77
N SER GA 96 -102.58 0.77 21.97
CA SER GA 96 -102.68 2.22 21.90
C SER GA 96 -102.09 2.90 23.13
N ALA GA 97 -101.89 2.16 24.22
CA ALA GA 97 -101.25 2.71 25.40
C ALA GA 97 -99.73 2.59 25.35
N VAL GA 98 -99.21 1.53 24.74
CA VAL GA 98 -97.77 1.41 24.57
C VAL GA 98 -97.28 2.40 23.52
N ILE GA 99 -98.03 2.57 22.44
CA ILE GA 99 -97.75 3.64 21.49
C ILE GA 99 -98.09 4.95 22.19
N GLY GA 100 -97.06 5.68 22.61
CA GLY GA 100 -97.29 6.88 23.38
C GLY GA 100 -97.81 8.01 22.50
N GLY GA 101 -98.66 8.82 23.10
CA GLY GA 101 -99.05 10.06 22.47
C GLY GA 101 -98.58 11.20 23.34
N ILE GA 102 -99.45 12.18 23.54
CA ILE GA 102 -99.19 13.31 24.42
C ILE GA 102 -100.45 13.53 25.24
N SER GA 103 -100.30 13.60 26.55
CA SER GA 103 -101.44 13.74 27.44
C SER GA 103 -102.07 15.13 27.31
N ALA GA 104 -103.23 15.29 27.95
CA ALA GA 104 -103.90 16.57 27.98
C ALA GA 104 -103.15 17.61 28.81
N ALA GA 105 -102.28 17.16 29.72
CA ALA GA 105 -101.43 18.06 30.48
C ALA GA 105 -100.18 18.47 29.70
N GLY GA 106 -99.97 17.95 28.51
CA GLY GA 106 -98.79 18.28 27.74
C GLY GA 106 -97.58 17.45 28.09
N GLU GA 107 -97.74 16.14 28.24
CA GLU GA 107 -96.67 15.26 28.64
C GLU GA 107 -96.74 13.97 27.85
N ARG GA 108 -95.58 13.45 27.45
CA ARG GA 108 -95.52 12.18 26.74
C ARG GA 108 -95.88 11.05 27.69
N THR GA 109 -96.55 10.02 27.15
CA THR GA 109 -97.21 9.02 27.98
C THR GA 109 -96.58 7.63 27.89
N GLY GA 110 -96.52 7.04 26.70
CA GLY GA 110 -96.15 5.65 26.61
C GLY GA 110 -94.71 5.42 26.23
N LEU GA 111 -94.48 4.97 24.99
CA LEU GA 111 -93.12 4.78 24.51
C LEU GA 111 -92.40 6.11 24.33
N GLN GA 112 -93.15 7.19 24.08
CA GLN GA 112 -92.53 8.49 23.86
C GLN GA 112 -91.89 9.06 25.11
N ALA GA 113 -92.21 8.53 26.30
CA ALA GA 113 -91.59 8.99 27.54
C ALA GA 113 -90.11 8.65 27.61
N LEU GA 114 -89.63 7.72 26.77
CA LEU GA 114 -88.20 7.45 26.68
C LEU GA 114 -87.42 8.61 26.07
N LEU GA 115 -88.09 9.53 25.37
CA LEU GA 115 -87.43 10.76 24.94
C LEU GA 115 -87.15 11.69 26.10
N ASP GA 116 -87.83 11.51 27.23
CA ASP GA 116 -87.50 12.19 28.48
C ASP GA 116 -86.50 11.40 29.32
N GLY GA 117 -85.68 10.56 28.69
CA GLY GA 117 -84.72 9.76 29.42
C GLY GA 117 -83.40 10.49 29.63
N LYS GA 118 -83.03 11.36 28.70
CA LYS GA 118 -81.81 12.14 28.84
C LYS GA 118 -82.05 13.45 29.55
N SER GA 119 -83.22 14.05 29.39
CA SER GA 119 -83.52 15.32 30.02
C SER GA 119 -83.70 15.20 31.53
N ARG GA 120 -84.01 14.01 32.02
CA ARG GA 120 -84.31 13.80 33.43
C ARG GA 120 -83.26 12.98 34.17
N PHE GA 121 -82.76 11.91 33.56
CA PHE GA 121 -81.79 11.04 34.22
C PHE GA 121 -80.38 11.16 33.68
N ASN GA 122 -80.19 11.92 32.59
CA ASN GA 122 -78.93 11.99 31.83
C ASN GA 122 -78.47 10.60 31.39
N ALA GA 123 -79.43 9.75 31.02
CA ALA GA 123 -79.17 8.38 30.57
C ALA GA 123 -80.09 8.12 29.39
N GLN GA 124 -79.60 8.42 28.20
CA GLN GA 124 -80.38 8.21 26.99
C GLN GA 124 -80.40 6.72 26.64
N PRO GA 125 -81.56 6.14 26.37
CA PRO GA 125 -81.62 4.70 26.10
C PRO GA 125 -81.06 4.37 24.73
N ARG GA 126 -80.47 3.18 24.64
CA ARG GA 126 -79.93 2.66 23.39
C ARG GA 126 -80.57 1.38 22.93
N LEU GA 127 -81.32 0.68 23.78
CA LEU GA 127 -82.07 -0.50 23.41
C LEU GA 127 -83.53 -0.26 23.75
N LEU GA 128 -84.39 -0.26 22.73
CA LEU GA 128 -85.80 0.03 22.90
C LEU GA 128 -86.56 -1.29 22.88
N VAL GA 129 -87.04 -1.72 24.03
CA VAL GA 129 -87.69 -3.01 24.19
C VAL GA 129 -89.06 -2.79 24.79
N ALA GA 130 -90.10 -3.03 23.99
CA ALA GA 130 -91.46 -3.16 24.49
C ALA GA 130 -91.82 -4.64 24.35
N PRO GA 131 -91.54 -5.46 25.36
CA PRO GA 131 -91.63 -6.91 25.18
C PRO GA 131 -93.09 -7.39 25.17
N GLY GA 132 -93.42 -8.19 24.17
CA GLY GA 132 -94.74 -8.76 24.02
C GLY GA 132 -95.64 -7.96 23.12
N HIS GA 133 -95.63 -6.64 23.27
CA HIS GA 133 -96.48 -5.79 22.46
C HIS GA 133 -95.87 -5.48 21.11
N SER GA 134 -94.57 -5.73 20.92
CA SER GA 134 -93.93 -5.46 19.64
C SER GA 134 -94.28 -6.50 18.58
N ALA GA 135 -94.94 -7.59 18.96
CA ALA GA 135 -95.44 -8.55 17.97
C ALA GA 135 -96.59 -7.96 17.16
N GLN GA 136 -97.31 -6.99 17.71
CA GLN GA 136 -98.29 -6.25 16.95
C GLN GA 136 -97.59 -5.20 16.10
N GLN GA 137 -98.09 -5.03 14.87
CA GLN GA 137 -97.37 -4.20 13.90
C GLN GA 137 -97.46 -2.72 14.21
N ALA GA 138 -98.51 -2.30 14.91
CA ALA GA 138 -98.68 -0.88 15.20
C ALA GA 138 -97.67 -0.40 16.25
N VAL GA 139 -97.35 -1.25 17.22
CA VAL GA 139 -96.38 -0.88 18.24
C VAL GA 139 -94.97 -0.88 17.67
N ALA GA 140 -94.66 -1.88 16.84
CA ALA GA 140 -93.31 -2.00 16.29
C ALA GA 140 -93.02 -0.92 15.28
N THR GA 141 -94.03 -0.46 14.54
CA THR GA 141 -93.81 0.63 13.60
C THR GA 141 -93.82 1.98 14.29
N ALA GA 142 -94.26 2.05 15.55
CA ALA GA 142 -94.11 3.25 16.36
C ALA GA 142 -92.82 3.23 17.15
N MET GA 143 -92.20 2.07 17.30
CA MET GA 143 -90.88 1.98 17.91
C MET GA 143 -89.77 2.15 16.89
N ASP GA 144 -90.08 2.00 15.61
CA ASP GA 144 -89.10 2.28 14.56
C ASP GA 144 -88.83 3.77 14.44
N GLY GA 145 -89.89 4.58 14.48
CA GLY GA 145 -89.70 6.02 14.45
C GLY GA 145 -89.13 6.57 15.74
N LEU GA 146 -89.31 5.85 16.85
CA LEU GA 146 -88.70 6.26 18.11
C LEU GA 146 -87.23 5.93 18.17
N ALA GA 147 -86.81 4.88 17.47
CA ALA GA 147 -85.42 4.46 17.50
C ALA GA 147 -84.51 5.41 16.74
N GLU GA 148 -85.04 6.20 15.80
CA GLU GA 148 -84.24 7.21 15.15
C GLU GA 148 -84.14 8.49 15.97
N LYS GA 149 -85.14 8.76 16.80
CA LYS GA 149 -85.09 9.92 17.68
C LYS GA 149 -84.07 9.77 18.79
N LEU GA 150 -83.72 8.54 19.15
CA LEU GA 150 -82.78 8.26 20.22
C LEU GA 150 -81.46 7.70 19.71
N ARG GA 151 -81.36 7.44 18.40
CA ARG GA 151 -80.27 6.68 17.78
C ARG GA 151 -80.07 5.34 18.48
N ALA GA 152 -81.18 4.67 18.76
CA ALA GA 152 -81.18 3.42 19.51
C ALA GA 152 -81.33 2.24 18.56
N ILE GA 153 -81.46 1.05 19.15
CA ILE GA 153 -81.71 -0.18 18.40
C ILE GA 153 -82.96 -0.79 19.02
N ALA GA 154 -84.09 -0.66 18.34
CA ALA GA 154 -85.35 -1.16 18.86
C ALA GA 154 -85.43 -2.65 18.63
N ILE GA 155 -85.31 -3.43 19.71
CA ILE GA 155 -85.31 -4.88 19.61
C ILE GA 155 -86.75 -5.37 19.55
N LEU GA 156 -87.18 -5.85 18.39
CA LEU GA 156 -88.52 -6.36 18.22
C LEU GA 156 -88.58 -7.83 18.60
N ASP GA 157 -89.77 -8.40 18.51
CA ASP GA 157 -89.96 -9.84 18.57
C ASP GA 157 -91.18 -10.17 17.74
N GLY GA 158 -91.06 -11.12 16.83
CA GLY GA 158 -92.16 -11.49 15.99
C GLY GA 158 -93.16 -12.35 16.72
N PRO GA 159 -94.19 -12.79 15.99
CA PRO GA 159 -95.17 -13.70 16.58
C PRO GA 159 -94.58 -15.07 16.81
N ASN GA 160 -95.21 -15.83 17.70
CA ASN GA 160 -94.80 -17.20 17.96
C ASN GA 160 -95.47 -18.19 17.02
N SER GA 161 -95.94 -17.73 15.87
CA SER GA 161 -96.53 -18.59 14.86
C SER GA 161 -95.45 -19.25 14.01
N THR GA 162 -95.85 -19.86 12.91
CA THR GA 162 -94.92 -20.57 12.04
C THR GA 162 -93.99 -19.60 11.32
N ASP GA 163 -92.97 -20.15 10.67
CA ASP GA 163 -91.95 -19.35 10.02
C ASP GA 163 -92.46 -18.64 8.78
N GLU GA 164 -93.57 -19.09 8.20
CA GLU GA 164 -94.20 -18.32 7.14
C GLU GA 164 -94.79 -17.03 7.68
N ALA GA 165 -95.28 -17.06 8.91
CA ALA GA 165 -95.80 -15.85 9.54
C ALA GA 165 -94.71 -15.00 10.16
N ALA GA 166 -93.51 -15.56 10.35
CA ALA GA 166 -92.41 -14.77 10.90
C ALA GA 166 -91.71 -13.96 9.81
N VAL GA 167 -91.56 -14.54 8.62
CA VAL GA 167 -90.98 -13.81 7.51
C VAL GA 167 -91.95 -12.76 7.00
N ALA GA 168 -93.24 -13.09 6.94
CA ALA GA 168 -94.24 -12.16 6.45
C ALA GA 168 -94.50 -11.00 7.41
N TYR GA 169 -94.06 -11.12 8.66
CA TYR GA 169 -94.12 -10.00 9.58
C TYR GA 169 -92.88 -9.13 9.49
N ALA GA 170 -91.72 -9.72 9.22
CA ALA GA 170 -90.48 -8.97 9.09
C ALA GA 170 -90.33 -8.30 7.73
N LYS GA 171 -91.25 -8.53 6.81
CA LYS GA 171 -91.22 -7.90 5.50
C LYS GA 171 -91.93 -6.55 5.49
N ASN GA 172 -92.26 -6.01 6.66
CA ASN GA 172 -92.93 -4.73 6.76
C ASN GA 172 -92.02 -3.61 7.21
N PHE GA 173 -90.82 -3.92 7.68
CA PHE GA 173 -90.04 -2.95 8.45
C PHE GA 173 -88.92 -2.30 7.65
N GLY GA 174 -87.93 -3.06 7.21
CA GLY GA 174 -86.90 -2.57 6.32
C GLY GA 174 -85.96 -1.52 6.87
N SER GA 175 -86.03 -1.15 8.14
CA SER GA 175 -85.18 -0.12 8.70
C SER GA 175 -84.03 -0.72 9.49
N LYS GA 176 -82.90 -0.01 9.49
CA LYS GA 176 -81.67 -0.52 10.06
C LYS GA 176 -81.64 -0.54 11.58
N ARG GA 177 -82.59 0.10 12.24
CA ARG GA 177 -82.61 0.18 13.70
C ARG GA 177 -83.66 -0.73 14.30
N LEU GA 178 -83.87 -1.89 13.69
CA LEU GA 178 -84.84 -2.87 14.17
C LEU GA 178 -84.20 -4.25 14.18
N PHE GA 179 -84.24 -4.89 15.34
CA PHE GA 179 -83.66 -6.20 15.54
C PHE GA 179 -84.76 -7.14 15.99
N MET GA 180 -84.99 -8.20 15.22
CA MET GA 180 -86.14 -9.06 15.43
C MET GA 180 -85.69 -10.44 15.89
N VAL GA 181 -86.22 -10.87 17.03
CA VAL GA 181 -85.94 -12.19 17.60
C VAL GA 181 -87.24 -12.96 17.58
N ASP GA 182 -87.36 -13.92 16.66
CA ASP GA 182 -88.66 -14.54 16.40
C ASP GA 182 -89.13 -15.59 17.41
N PRO GA 183 -88.38 -16.66 17.76
CA PRO GA 183 -88.99 -17.71 18.57
C PRO GA 183 -89.12 -17.29 20.03
N GLY GA 184 -90.31 -17.50 20.58
CA GLY GA 184 -90.58 -17.05 21.94
C GLY GA 184 -89.90 -17.95 22.95
N VAL GA 185 -89.27 -17.34 23.95
CA VAL GA 185 -88.55 -18.09 24.97
C VAL GA 185 -89.55 -18.72 25.93
N GLN GA 186 -89.35 -20.00 26.22
CA GLN GA 186 -90.06 -20.69 27.28
C GLN GA 186 -89.20 -20.62 28.54
N VAL GA 187 -89.73 -20.02 29.59
CA VAL GA 187 -88.97 -19.76 30.80
C VAL GA 187 -89.74 -20.29 32.00
N TRP GA 188 -89.02 -20.79 33.00
CA TRP GA 188 -89.63 -21.31 34.21
C TRP GA 188 -90.13 -20.16 35.08
N ASP GA 189 -91.32 -20.32 35.63
CA ASP GA 189 -91.96 -19.30 36.44
C ASP GA 189 -91.91 -19.68 37.91
N SER GA 190 -91.76 -18.66 38.76
CA SER GA 190 -91.79 -18.83 40.20
C SER GA 190 -93.17 -18.62 40.79
N ALA GA 191 -94.09 -18.00 40.03
CA ALA GA 191 -95.45 -17.76 40.52
C ALA GA 191 -96.37 -18.93 40.19
N THR GA 192 -96.49 -19.27 38.90
CA THR GA 192 -97.33 -20.39 38.50
C THR GA 192 -96.64 -21.74 38.66
N ASN GA 193 -95.33 -21.73 38.96
CA ASN GA 193 -94.52 -22.93 39.20
C ASN GA 193 -94.53 -23.88 38.00
N ALA GA 194 -94.42 -23.30 36.81
CA ALA GA 194 -94.38 -24.05 35.56
C ALA GA 194 -93.60 -23.24 34.54
N ALA GA 195 -93.57 -23.74 33.31
CA ALA GA 195 -92.85 -23.07 32.23
C ALA GA 195 -93.79 -22.16 31.46
N ARG GA 196 -93.54 -20.86 31.53
CA ARG GA 196 -94.34 -19.86 30.84
C ARG GA 196 -93.61 -19.37 29.61
N ASN GA 197 -94.37 -18.85 28.65
CA ASN GA 197 -93.82 -18.34 27.40
C ASN GA 197 -93.53 -16.85 27.54
N ALA GA 198 -92.30 -16.50 27.43
CA ALA GA 198 -91.74 -15.17 27.46
C ALA GA 198 -91.67 -14.59 26.06
N PRO GA 199 -91.70 -13.26 25.90
CA PRO GA 199 -91.65 -12.67 24.55
C PRO GA 199 -90.30 -12.76 23.87
N ALA GA 200 -89.23 -13.12 24.58
CA ALA GA 200 -87.86 -13.30 24.08
C ALA GA 200 -87.26 -12.03 23.50
N SER GA 201 -87.84 -10.86 23.81
CA SER GA 201 -87.25 -9.60 23.42
C SER GA 201 -86.47 -8.95 24.54
N ALA GA 202 -86.88 -9.16 25.79
CA ALA GA 202 -86.11 -8.69 26.93
C ALA GA 202 -84.88 -9.56 27.18
N TYR GA 203 -84.91 -10.82 26.75
CA TYR GA 203 -83.74 -11.69 26.89
C TYR GA 203 -82.68 -11.38 25.87
N ALA GA 204 -83.05 -10.82 24.73
CA ALA GA 204 -82.06 -10.38 23.76
C ALA GA 204 -81.39 -9.09 24.19
N ALA GA 205 -82.13 -8.19 24.84
CA ALA GA 205 -81.52 -6.97 25.37
C ALA GA 205 -80.66 -7.24 26.59
N GLY GA 206 -80.84 -8.39 27.24
CA GLY GA 206 -79.90 -8.78 28.26
C GLY GA 206 -78.54 -9.11 27.69
N LEU GA 207 -78.48 -9.54 26.42
CA LEU GA 207 -77.22 -9.83 25.77
C LEU GA 207 -76.58 -8.59 25.16
N PHE GA 208 -77.39 -7.64 24.70
CA PHE GA 208 -76.84 -6.38 24.21
C PHE GA 208 -76.23 -5.57 25.35
N ALA GA 209 -76.77 -5.72 26.56
CA ALA GA 209 -76.20 -5.03 27.71
C ALA GA 209 -75.05 -5.79 28.34
N TRP GA 210 -74.95 -7.09 28.08
CA TRP GA 210 -73.88 -7.88 28.66
C TRP GA 210 -72.62 -7.88 27.78
N THR GA 211 -72.79 -7.94 26.46
CA THR GA 211 -71.64 -7.93 25.58
C THR GA 211 -70.97 -6.57 25.54
N ASP GA 212 -71.71 -5.50 25.82
CA ASP GA 212 -71.09 -4.18 25.90
C ASP GA 212 -70.26 -4.02 27.16
N ALA GA 213 -70.60 -4.77 28.21
CA ALA GA 213 -69.81 -4.74 29.44
C ALA GA 213 -68.70 -5.77 29.44
N GLU GA 214 -68.88 -6.88 28.71
CA GLU GA 214 -67.89 -7.95 28.68
C GLU GA 214 -66.97 -7.85 27.48
N TYR GA 215 -67.53 -7.81 26.28
CA TYR GA 215 -66.73 -7.80 25.06
C TYR GA 215 -66.71 -6.45 24.35
N GLY GA 216 -67.57 -5.52 24.73
CA GLY GA 216 -67.55 -4.20 24.14
C GLY GA 216 -68.72 -3.97 23.21
N PHE GA 217 -68.96 -2.68 22.92
CA PHE GA 217 -70.08 -2.28 22.08
C PHE GA 217 -69.87 -2.57 20.60
N TRP GA 218 -68.66 -2.93 20.20
CA TRP GA 218 -68.37 -3.32 18.83
C TRP GA 218 -68.54 -4.82 18.61
N SER GA 219 -68.97 -5.56 19.62
CA SER GA 219 -69.05 -7.01 19.54
C SER GA 219 -70.49 -7.42 19.43
N SER GA 220 -70.78 -8.30 18.49
CA SER GA 220 -72.14 -8.74 18.28
C SER GA 220 -72.54 -9.74 19.36
N PRO GA 221 -73.79 -9.71 19.82
CA PRO GA 221 -74.24 -10.64 20.85
C PRO GA 221 -74.78 -11.95 20.26
N SER GA 222 -74.46 -12.22 19.00
CA SER GA 222 -75.13 -13.22 18.21
C SER GA 222 -74.53 -14.62 18.33
N ASN GA 223 -73.76 -14.87 19.38
CA ASN GA 223 -73.33 -16.23 19.66
C ASN GA 223 -73.33 -16.51 21.16
N LYS GA 224 -73.86 -15.59 21.96
CA LYS GA 224 -73.72 -15.64 23.40
C LYS GA 224 -74.94 -16.27 24.03
N GLU GA 225 -74.76 -16.81 25.23
CA GLU GA 225 -75.77 -17.65 25.85
C GLU GA 225 -76.81 -16.84 26.61
N ILE GA 226 -78.06 -17.28 26.55
CA ILE GA 226 -79.13 -16.73 27.36
C ILE GA 226 -79.29 -17.63 28.58
N LYS GA 227 -79.31 -17.03 29.77
CA LYS GA 227 -79.15 -17.80 30.99
C LYS GA 227 -80.46 -18.26 31.62
N GLY GA 228 -81.49 -17.41 31.60
CA GLY GA 228 -82.71 -17.73 32.31
C GLY GA 228 -83.62 -18.72 31.63
N VAL GA 229 -83.38 -19.05 30.37
CA VAL GA 229 -84.32 -19.84 29.58
C VAL GA 229 -84.30 -21.30 30.00
N THR GA 230 -85.34 -22.03 29.59
CA THR GA 230 -85.37 -23.48 29.74
C THR GA 230 -85.98 -24.15 28.52
N GLY GA 231 -86.00 -23.48 27.39
CA GLY GA 231 -86.59 -24.03 26.19
C GLY GA 231 -86.94 -22.92 25.22
N THR GA 232 -87.70 -23.30 24.20
CA THR GA 232 -88.07 -22.37 23.13
C THR GA 232 -89.32 -22.90 22.45
N SER GA 233 -90.36 -22.07 22.35
CA SER GA 233 -91.54 -22.42 21.61
C SER GA 233 -91.21 -22.50 20.12
N ARG GA 234 -91.69 -23.58 19.46
CA ARG GA 234 -91.38 -23.93 18.07
C ARG GA 234 -89.88 -24.00 17.85
N PRO GA 235 -89.22 -25.06 18.31
CA PRO GA 235 -87.74 -25.12 18.26
C PRO GA 235 -87.22 -25.21 16.83
N VAL GA 236 -86.23 -24.38 16.52
CA VAL GA 236 -85.68 -24.31 15.17
C VAL GA 236 -84.53 -25.29 15.04
N GLU GA 237 -84.19 -25.61 13.80
CA GLU GA 237 -83.21 -26.64 13.48
C GLU GA 237 -81.90 -26.00 13.06
N PHE GA 238 -80.81 -26.41 13.73
CA PHE GA 238 -79.45 -26.02 13.33
C PHE GA 238 -78.55 -27.17 13.79
N LEU GA 239 -78.28 -28.11 12.89
CA LEU GA 239 -77.68 -29.37 13.35
C LEU GA 239 -76.16 -29.27 13.49
N ASP GA 240 -75.43 -29.24 12.37
CA ASP GA 240 -74.01 -28.93 12.45
C ASP GA 240 -73.59 -27.83 11.49
N GLY GA 241 -73.82 -28.06 10.20
CA GLY GA 241 -73.30 -27.17 9.17
C GLY GA 241 -74.16 -27.06 7.92
N ASP GA 242 -75.36 -27.62 7.96
CA ASP GA 242 -76.24 -27.59 6.79
C ASP GA 242 -76.78 -26.19 6.57
N GLU GA 243 -76.48 -25.61 5.41
CA GLU GA 243 -76.84 -24.24 5.12
C GLU GA 243 -78.30 -24.05 4.75
N THR GA 244 -79.08 -25.13 4.66
CA THR GA 244 -80.51 -25.05 4.42
C THR GA 244 -81.32 -25.46 5.63
N CYS GA 245 -80.73 -25.29 6.82
CA CYS GA 245 -81.46 -25.54 8.06
C CYS GA 245 -82.50 -24.46 8.28
N ARG GA 246 -83.46 -24.76 9.17
CA ARG GA 246 -84.57 -23.85 9.40
C ARG GA 246 -84.15 -22.60 10.16
N ALA GA 247 -83.09 -22.68 10.97
CA ALA GA 247 -82.59 -21.49 11.64
C ALA GA 247 -81.84 -20.58 10.68
N ASN GA 248 -81.19 -21.14 9.67
CA ASN GA 248 -80.48 -20.32 8.70
C ASN GA 248 -81.43 -19.65 7.71
N LEU GA 249 -82.60 -20.24 7.48
CA LEU GA 249 -83.57 -19.64 6.56
C LEU GA 249 -84.22 -18.39 7.16
N LEU GA 250 -84.14 -18.21 8.48
CA LEU GA 250 -84.64 -17.00 9.10
C LEU GA 250 -83.58 -15.92 9.19
N ASN GA 251 -82.32 -16.29 9.40
CA ASN GA 251 -81.25 -15.29 9.39
C ASN GA 251 -81.02 -14.75 7.99
N ASN GA 252 -81.36 -15.53 6.96
CA ASN GA 252 -81.32 -15.02 5.60
C ASN GA 252 -82.40 -13.97 5.37
N ALA GA 253 -83.50 -14.05 6.12
CA ALA GA 253 -84.58 -13.07 6.05
C ALA GA 253 -84.45 -12.01 7.15
N ASN GA 254 -83.22 -11.75 7.62
CA ASN GA 254 -82.89 -10.69 8.58
C ASN GA 254 -83.60 -10.86 9.92
N ILE GA 255 -83.76 -12.11 10.36
CA ILE GA 255 -84.42 -12.41 11.62
C ILE GA 255 -83.46 -13.20 12.49
N ALA GA 256 -83.20 -12.69 13.69
CA ALA GA 256 -82.41 -13.46 14.65
C ALA GA 256 -83.25 -14.58 15.24
N THR GA 257 -82.58 -15.67 15.60
CA THR GA 257 -83.24 -16.85 16.15
C THR GA 257 -82.57 -17.26 17.45
N ILE GA 258 -83.04 -18.37 17.99
CA ILE GA 258 -82.50 -18.98 19.21
C ILE GA 258 -82.38 -20.48 18.93
N ILE GA 259 -81.15 -20.99 18.86
CA ILE GA 259 -80.89 -22.21 18.11
C ILE GA 259 -80.89 -23.49 18.93
N ARG GA 260 -80.01 -23.59 19.92
CA ARG GA 260 -79.51 -24.88 20.38
C ARG GA 260 -80.52 -25.61 21.25
N ASP GA 261 -80.08 -26.75 21.80
CA ASP GA 261 -80.93 -27.58 22.64
C ASP GA 261 -81.23 -26.85 23.94
N ASP GA 262 -82.52 -26.82 24.30
CA ASP GA 262 -83.12 -25.98 25.35
C ASP GA 262 -82.89 -24.49 25.12
N GLY GA 263 -82.65 -24.10 23.87
CA GLY GA 263 -82.57 -22.72 23.42
C GLY GA 263 -81.60 -21.80 24.14
N TYR GA 264 -80.35 -22.20 24.28
CA TYR GA 264 -79.43 -21.44 25.12
C TYR GA 264 -78.39 -20.66 24.32
N ARG GA 265 -78.70 -20.30 23.07
CA ARG GA 265 -77.82 -19.44 22.29
C ARG GA 265 -78.66 -18.46 21.48
N LEU GA 266 -78.18 -17.23 21.35
CA LEU GA 266 -78.73 -16.30 20.38
C LEU GA 266 -78.01 -16.49 19.06
N TRP GA 267 -78.74 -16.33 17.96
CA TRP GA 267 -78.20 -16.61 16.64
C TRP GA 267 -78.71 -15.56 15.68
N GLY GA 268 -77.81 -14.82 15.07
CA GLY GA 268 -78.21 -13.83 14.08
C GLY GA 268 -77.77 -12.43 14.44
N ASN GA 269 -76.90 -11.85 13.63
CA ASN GA 269 -76.39 -10.51 13.84
C ASN GA 269 -76.95 -9.51 12.84
N ARG GA 270 -77.71 -9.97 11.85
CA ARG GA 270 -78.29 -9.08 10.86
C ARG GA 270 -79.46 -8.34 11.47
N THR GA 271 -79.51 -7.03 11.24
CA THR GA 271 -80.69 -6.26 11.58
C THR GA 271 -81.63 -6.26 10.39
N LEU GA 272 -82.81 -5.69 10.58
CA LEU GA 272 -83.83 -5.72 9.53
C LEU GA 272 -83.63 -4.61 8.50
N SER GA 273 -82.44 -4.49 7.93
CA SER GA 273 -82.12 -3.37 7.05
C SER GA 273 -82.27 -3.76 5.59
N SER GA 274 -82.70 -2.80 4.78
CA SER GA 274 -82.76 -3.02 3.34
C SER GA 274 -81.41 -2.82 2.66
N ASP GA 275 -80.60 -1.88 3.16
CA ASP GA 275 -79.28 -1.67 2.60
C ASP GA 275 -78.34 -2.78 3.04
N SER GA 276 -77.41 -3.15 2.16
CA SER GA 276 -76.37 -4.11 2.50
C SER GA 276 -75.27 -3.48 3.33
N LYS GA 277 -75.25 -2.15 3.47
CA LYS GA 277 -74.25 -1.48 4.27
C LYS GA 277 -74.56 -1.59 5.75
N TRP GA 278 -75.79 -1.28 6.13
CA TRP GA 278 -76.21 -1.30 7.52
C TRP GA 278 -76.85 -2.61 7.93
N ALA GA 279 -76.42 -3.72 7.32
CA ALA GA 279 -77.07 -4.99 7.59
C ALA GA 279 -76.66 -5.55 8.95
N PHE GA 280 -75.39 -5.40 9.32
CA PHE GA 280 -74.92 -5.91 10.61
C PHE GA 280 -75.35 -4.98 11.72
N VAL GA 281 -75.85 -5.56 12.82
CA VAL GA 281 -76.26 -4.77 13.97
C VAL GA 281 -75.06 -4.22 14.74
N THR GA 282 -73.86 -4.75 14.49
CA THR GA 282 -72.66 -4.19 15.07
C THR GA 282 -72.33 -2.83 14.46
N ARG GA 283 -72.42 -2.72 13.14
CA ARG GA 283 -72.06 -1.48 12.45
C ARG GA 283 -73.04 -0.36 12.75
N VAL GA 284 -74.33 -0.67 12.89
CA VAL GA 284 -75.31 0.34 13.24
C VAL GA 284 -75.11 0.81 14.68
N ARG GA 285 -74.62 -0.08 15.54
CA ARG GA 285 -74.42 0.26 16.94
C ARG GA 285 -73.18 1.12 17.15
N THR GA 286 -72.09 0.81 16.44
CA THR GA 286 -70.87 1.61 16.58
C THR GA 286 -70.99 2.94 15.85
N MET GA 287 -71.81 3.00 14.80
CA MET GA 287 -71.97 4.27 14.09
C MET GA 287 -72.76 5.26 14.92
N ASP GA 288 -73.78 4.79 15.62
CA ASP GA 288 -74.55 5.67 16.48
C ASP GA 288 -73.82 6.02 17.78
N LEU GA 289 -72.74 5.30 18.09
CA LEU GA 289 -71.95 5.58 19.27
C LEU GA 289 -70.79 6.51 18.99
N VAL GA 290 -70.27 6.54 17.76
CA VAL GA 290 -69.26 7.52 17.39
C VAL GA 290 -69.85 8.79 16.79
N MET GA 291 -71.14 8.79 16.45
CA MET GA 291 -71.80 10.01 16.03
C MET GA 291 -72.45 10.74 17.19
N ASP GA 292 -72.68 10.06 18.31
CA ASP GA 292 -73.24 10.71 19.49
C ASP GA 292 -72.17 11.08 20.51
N ALA GA 293 -70.97 10.51 20.41
CA ALA GA 293 -69.87 10.96 21.24
C ALA GA 293 -69.21 12.20 20.66
N ILE GA 294 -69.16 12.31 19.34
CA ILE GA 294 -68.61 13.49 18.70
C ILE GA 294 -69.52 14.70 18.90
N LEU GA 295 -70.83 14.48 18.81
CA LEU GA 295 -71.79 15.57 18.97
C LEU GA 295 -71.83 16.07 20.41
N ALA GA 296 -71.78 15.16 21.37
CA ALA GA 296 -71.82 15.56 22.77
C ALA GA 296 -70.46 15.99 23.30
N GLY GA 297 -69.39 15.65 22.61
CA GLY GA 297 -68.05 15.98 23.04
C GLY GA 297 -67.43 17.20 22.39
N HIS GA 298 -68.12 17.83 21.45
CA HIS GA 298 -67.60 18.99 20.75
C HIS GA 298 -68.47 20.22 20.97
N LYS GA 299 -69.17 20.28 22.09
CA LYS GA 299 -69.98 21.45 22.39
C LYS GA 299 -69.15 22.60 22.95
N TRP GA 300 -67.87 22.36 23.25
CA TRP GA 300 -66.96 23.43 23.64
C TRP GA 300 -66.47 24.22 22.44
N ALA GA 301 -66.60 23.68 21.23
CA ALA GA 301 -65.97 24.24 20.04
C ALA GA 301 -66.95 24.96 19.14
N VAL GA 302 -68.08 25.44 19.67
CA VAL GA 302 -69.11 26.00 18.81
C VAL GA 302 -69.02 27.52 18.70
N ASP GA 303 -68.09 28.17 19.40
CA ASP GA 303 -67.83 29.57 19.11
C ASP GA 303 -66.36 29.95 19.30
N ARG GA 304 -65.45 28.99 19.18
CA ARG GA 304 -64.06 29.23 19.55
C ARG GA 304 -63.28 30.08 18.57
N GLY GA 305 -63.80 30.32 17.38
CA GLY GA 305 -63.07 31.13 16.43
C GLY GA 305 -62.08 30.30 15.66
N ILE GA 306 -62.13 30.37 14.33
CA ILE GA 306 -61.30 29.50 13.50
C ILE GA 306 -59.90 30.08 13.37
N THR GA 307 -59.01 29.65 14.26
CA THR GA 307 -57.59 29.93 14.15
C THR GA 307 -56.86 28.66 13.74
N LYS GA 308 -55.58 28.81 13.42
CA LYS GA 308 -54.79 27.66 12.98
C LYS GA 308 -54.55 26.68 14.12
N THR GA 309 -54.58 27.16 15.36
CA THR GA 309 -54.47 26.29 16.53
C THR GA 309 -55.82 25.77 16.97
N TYR GA 310 -56.86 25.93 16.18
CA TYR GA 310 -58.19 25.40 16.45
C TYR GA 310 -58.53 24.22 15.56
N VAL GA 311 -58.34 24.35 14.24
CA VAL GA 311 -58.52 23.23 13.33
C VAL GA 311 -57.47 22.16 13.58
N LYS GA 312 -56.26 22.57 13.96
CA LYS GA 312 -55.21 21.60 14.29
C LYS GA 312 -55.52 20.88 15.59
N ASP GA 313 -56.19 21.54 16.53
CA ASP GA 313 -56.42 20.98 17.85
C ASP GA 313 -57.83 20.46 18.05
N VAL GA 314 -58.69 20.54 17.04
CA VAL GA 314 -59.89 19.71 17.03
C VAL GA 314 -59.55 18.35 16.43
N THR GA 315 -58.76 18.34 15.36
CA THR GA 315 -58.34 17.10 14.72
C THR GA 315 -57.41 16.29 15.62
N GLU GA 316 -56.57 16.96 16.42
CA GLU GA 316 -55.70 16.24 17.34
C GLU GA 316 -56.47 15.55 18.43
N GLY GA 317 -57.59 16.13 18.87
CA GLY GA 317 -58.48 15.45 19.79
C GLY GA 317 -59.44 14.50 19.13
N LEU GA 318 -59.59 14.59 17.81
CA LEU GA 318 -60.43 13.69 17.05
C LEU GA 318 -59.67 12.45 16.59
N ARG GA 319 -58.37 12.58 16.33
CA ARG GA 319 -57.55 11.41 16.06
C ARG GA 319 -57.34 10.60 17.32
N ALA GA 320 -57.14 11.27 18.46
CA ALA GA 320 -56.93 10.57 19.72
C ALA GA 320 -58.20 9.88 20.20
N PHE GA 321 -59.37 10.36 19.79
CA PHE GA 321 -60.59 9.63 20.08
C PHE GA 321 -60.67 8.34 19.28
N MET GA 322 -60.22 8.36 18.03
CA MET GA 322 -60.23 7.16 17.21
C MET GA 322 -59.02 6.28 17.47
N ARG GA 323 -57.88 6.87 17.85
CA ARG GA 323 -56.72 6.05 18.19
C ARG GA 323 -56.93 5.30 19.49
N ASP GA 324 -57.63 5.89 20.45
CA ASP GA 324 -58.00 5.19 21.66
C ASP GA 324 -59.19 4.27 21.47
N LEU GA 325 -59.85 4.36 20.32
CA LEU GA 325 -60.89 3.42 19.92
C LEU GA 325 -60.37 2.31 19.01
N LYS GA 326 -59.13 2.43 18.54
CA LYS GA 326 -58.53 1.45 17.65
C LYS GA 326 -57.72 0.40 18.41
N ASN GA 327 -56.88 0.84 19.35
CA ASN GA 327 -56.18 -0.11 20.20
C ASN GA 327 -57.11 -0.76 21.21
N GLN GA 328 -58.25 -0.15 21.49
CA GLN GA 328 -59.29 -0.81 22.28
C GLN GA 328 -59.93 -1.95 21.49
N GLY GA 329 -59.93 -1.86 20.17
CA GLY GA 329 -60.41 -2.93 19.31
C GLY GA 329 -61.71 -2.64 18.60
N ALA GA 330 -62.26 -1.44 18.73
CA ALA GA 330 -63.58 -1.17 18.15
C ALA GA 330 -63.50 -0.95 16.65
N VAL GA 331 -62.46 -0.27 16.18
CA VAL GA 331 -62.24 -0.04 14.75
C VAL GA 331 -60.94 -0.73 14.37
N ILE GA 332 -60.71 -0.82 13.06
CA ILE GA 332 -59.51 -1.43 12.52
C ILE GA 332 -58.48 -0.38 12.16
N ASN GA 333 -58.84 0.59 11.33
CA ASN GA 333 -58.02 1.76 11.08
C ASN GA 333 -58.95 2.90 10.72
N PHE GA 334 -58.40 4.11 10.72
CA PHE GA 334 -59.20 5.30 10.52
C PHE GA 334 -58.40 6.34 9.74
N GLU GA 335 -59.07 7.44 9.40
CA GLU GA 335 -58.42 8.55 8.72
C GLU GA 335 -59.21 9.80 9.06
N VAL GA 336 -58.71 10.59 9.99
CA VAL GA 336 -59.36 11.84 10.41
C VAL GA 336 -58.58 12.99 9.81
N TYR GA 337 -59.27 13.86 9.07
CA TYR GA 337 -58.61 14.98 8.44
C TYR GA 337 -59.64 16.07 8.20
N ALA GA 338 -59.18 17.32 8.24
CA ALA GA 338 -60.03 18.43 7.84
C ALA GA 338 -60.22 18.40 6.33
N ASP GA 339 -61.46 18.61 5.91
CA ASP GA 339 -61.83 18.47 4.50
C ASP GA 339 -61.23 19.61 3.67
N PRO GA 340 -60.36 19.33 2.71
CA PRO GA 340 -59.75 20.43 1.94
C PRO GA 340 -60.68 21.07 0.93
N ASP GA 341 -61.80 20.44 0.60
CA ASP GA 341 -62.75 20.97 -0.37
C ASP GA 341 -63.88 21.74 0.27
N LEU GA 342 -64.53 21.15 1.27
CA LEU GA 342 -65.69 21.79 1.89
C LEU GA 342 -65.30 22.94 2.81
N ASN GA 343 -64.04 23.02 3.23
CA ASN GA 343 -63.55 24.18 3.97
C ASN GA 343 -63.13 25.23 2.97
N SER GA 344 -64.13 25.93 2.43
CA SER GA 344 -63.90 26.97 1.45
C SER GA 344 -63.63 28.29 2.17
N ALA GA 345 -63.42 29.35 1.39
CA ALA GA 345 -63.31 30.67 1.99
C ALA GA 345 -64.67 31.20 2.42
N SER GA 346 -65.72 30.85 1.68
CA SER GA 346 -67.06 31.32 2.03
C SER GA 346 -67.75 30.44 3.05
N GLN GA 347 -67.39 29.16 3.14
CA GLN GA 347 -67.94 28.31 4.18
C GLN GA 347 -67.38 28.69 5.54
N LEU GA 348 -66.08 29.01 5.58
CA LEU GA 348 -65.46 29.44 6.83
C LEU GA 348 -65.90 30.85 7.23
N ALA GA 349 -66.33 31.66 6.27
CA ALA GA 349 -66.83 32.99 6.57
C ALA GA 349 -68.24 32.97 7.15
N GLN GA 350 -68.93 31.84 7.10
CA GLN GA 350 -70.21 31.67 7.77
C GLN GA 350 -70.07 30.93 9.09
N GLY GA 351 -68.88 30.43 9.40
CA GLY GA 351 -68.65 29.63 10.57
C GLY GA 351 -68.63 28.14 10.33
N LYS GA 352 -69.01 27.69 9.13
CA LYS GA 352 -69.02 26.27 8.82
C LYS GA 352 -67.59 25.79 8.61
N VAL GA 353 -67.18 24.77 9.35
CA VAL GA 353 -65.87 24.16 9.18
C VAL GA 353 -66.04 22.65 9.30
N TYR GA 354 -65.52 21.91 8.32
CA TYR GA 354 -65.87 20.51 8.11
C TYR GA 354 -64.70 19.60 8.45
N TRP GA 355 -65.00 18.47 9.08
CA TRP GA 355 -64.02 17.43 9.37
C TRP GA 355 -64.54 16.10 8.89
N ASN GA 356 -63.65 15.29 8.32
CA ASN GA 356 -63.98 13.95 7.84
C ASN GA 356 -63.39 12.92 8.78
N ILE GA 357 -64.23 12.00 9.24
CA ILE GA 357 -63.79 10.88 10.08
C ILE GA 357 -64.18 9.61 9.35
N ARG GA 358 -63.27 9.09 8.55
CA ARG GA 358 -63.48 7.81 7.88
C ARG GA 358 -62.86 6.71 8.71
N PHE GA 359 -63.57 5.58 8.82
CA PHE GA 359 -63.06 4.45 9.57
C PHE GA 359 -63.73 3.19 9.07
N THR GA 360 -63.20 2.05 9.51
CA THR GA 360 -63.83 0.75 9.27
C THR GA 360 -64.16 0.11 10.61
N ASP GA 361 -65.36 -0.41 10.73
CA ASP GA 361 -65.74 -1.14 11.93
C ASP GA 361 -65.16 -2.55 11.87
N VAL GA 362 -65.36 -3.31 12.95
CA VAL GA 362 -64.93 -4.70 13.02
C VAL GA 362 -66.14 -5.57 12.67
N PRO GA 363 -66.17 -6.20 11.51
CA PRO GA 363 -67.33 -6.99 11.13
C PRO GA 363 -67.34 -8.32 11.86
N PRO GA 364 -68.51 -8.77 12.31
CA PRO GA 364 -68.57 -10.06 13.01
C PRO GA 364 -68.37 -11.20 12.02
N ALA GA 365 -67.50 -12.15 12.39
CA ALA GA 365 -67.13 -13.25 11.51
C ALA GA 365 -68.24 -14.28 11.45
N GLU GA 366 -69.32 -13.92 10.76
CA GLU GA 366 -70.52 -14.74 10.74
C GLU GA 366 -70.37 -16.00 9.92
N ASN GA 367 -69.32 -16.12 9.10
CA ASN GA 367 -69.07 -17.33 8.33
C ASN GA 367 -67.58 -17.59 8.22
N PRO GA 368 -66.96 -18.18 9.24
CA PRO GA 368 -65.57 -18.61 9.08
C PRO GA 368 -65.45 -19.84 8.19
N ASN GA 369 -64.96 -19.64 6.98
CA ASN GA 369 -64.84 -20.73 6.02
C ASN GA 369 -63.48 -21.40 6.14
N PHE GA 370 -63.47 -22.72 6.06
CA PHE GA 370 -62.24 -23.48 6.05
C PHE GA 370 -62.22 -24.33 4.80
N ARG GA 371 -61.08 -24.34 4.13
CA ARG GA 371 -60.91 -25.06 2.87
C ARG GA 371 -59.79 -26.08 3.05
N VAL GA 372 -60.15 -27.35 3.21
CA VAL GA 372 -59.21 -28.41 3.50
C VAL GA 372 -58.90 -29.13 2.19
N GLU GA 373 -57.62 -29.37 1.94
CA GLU GA 373 -57.15 -29.91 0.67
C GLU GA 373 -56.06 -30.94 0.93
N VAL GA 374 -56.20 -32.12 0.33
CA VAL GA 374 -55.20 -33.17 0.45
C VAL GA 374 -54.27 -33.05 -0.76
N THR GA 375 -53.15 -32.36 -0.56
CA THR GA 375 -52.17 -32.16 -1.62
C THR GA 375 -51.09 -33.24 -1.51
N ASP GA 376 -50.60 -33.72 -2.63
CA ASP GA 376 -49.45 -34.61 -2.66
C ASP GA 376 -48.14 -33.86 -2.86
N GLN GA 377 -48.08 -32.59 -2.47
CA GLN GA 377 -46.87 -31.79 -2.66
C GLN GA 377 -45.75 -32.26 -1.73
N TRP GA 378 -46.07 -32.53 -0.48
CA TRP GA 378 -45.09 -33.03 0.48
C TRP GA 378 -44.98 -34.54 0.48
N LEU GA 379 -45.50 -35.21 -0.54
CA LEU GA 379 -45.39 -36.66 -0.62
C LEU GA 379 -43.97 -37.08 -0.96
N THR GA 380 -43.20 -36.20 -1.59
CA THR GA 380 -41.80 -36.47 -1.88
C THR GA 380 -40.87 -36.14 -0.71
N GLU GA 381 -41.42 -35.75 0.43
CA GLU GA 381 -40.59 -35.45 1.60
C GLU GA 381 -40.14 -36.70 2.34
N VAL GA 382 -40.85 -37.82 2.18
CA VAL GA 382 -40.43 -39.10 2.77
C VAL GA 382 -39.47 -39.74 1.77
N LEU GA 383 -38.19 -39.39 1.89
CA LEU GA 383 -37.14 -40.01 1.09
C LEU GA 383 -35.92 -40.44 1.90
N ASP GA 384 -35.70 -39.87 3.08
CA ASP GA 384 -34.57 -40.25 3.93
C ASP GA 384 -35.05 -40.63 5.32
N SER HA 2 -37.14 -55.44 -41.26
CA SER HA 2 -35.93 -55.98 -40.65
C SER HA 2 -34.90 -56.34 -41.70
N PHE HA 3 -33.85 -55.51 -41.80
CA PHE HA 3 -32.77 -55.78 -42.73
C PHE HA 3 -31.97 -57.01 -42.30
N PHE HA 4 -31.50 -57.02 -41.05
CA PHE HA 4 -30.91 -58.21 -40.47
C PHE HA 4 -31.17 -58.20 -38.97
N HIS HA 5 -31.78 -59.28 -38.49
CA HIS HA 5 -32.03 -59.47 -37.07
C HIS HA 5 -30.92 -60.37 -36.53
N GLY HA 6 -30.01 -59.79 -35.77
CA GLY HA 6 -28.84 -60.51 -35.32
C GLY HA 6 -27.74 -59.52 -35.00
N VAL HA 7 -26.53 -60.06 -34.87
CA VAL HA 7 -25.36 -59.27 -34.53
C VAL HA 7 -24.44 -59.25 -35.75
N THR HA 8 -24.07 -58.06 -36.19
CA THR HA 8 -23.05 -57.92 -37.23
C THR HA 8 -21.75 -57.47 -36.58
N VAL HA 9 -20.66 -58.09 -37.00
CA VAL HA 9 -19.31 -57.65 -36.63
C VAL HA 9 -18.57 -57.43 -37.94
N THR HA 10 -18.28 -56.17 -38.26
CA THR HA 10 -17.70 -55.81 -39.54
C THR HA 10 -16.30 -55.26 -39.36
N ASN HA 11 -15.45 -55.55 -40.34
CA ASN HA 11 -14.12 -54.99 -40.45
C ASN HA 11 -14.15 -53.92 -41.53
N VAL HA 12 -13.93 -52.66 -41.13
CA VAL HA 12 -14.21 -51.57 -42.04
C VAL HA 12 -13.10 -51.35 -43.05
N ASP HA 13 -11.85 -51.66 -42.67
CA ASP HA 13 -10.68 -51.72 -43.57
C ASP HA 13 -10.40 -50.38 -44.24
N ILE HA 14 -10.20 -49.34 -43.42
CA ILE HA 14 -9.99 -47.99 -43.91
C ILE HA 14 -8.66 -47.42 -43.47
N GLY HA 15 -7.75 -48.24 -42.98
CA GLY HA 15 -6.46 -47.74 -42.55
C GLY HA 15 -5.52 -47.47 -43.70
N ALA HA 16 -4.47 -46.70 -43.41
CA ALA HA 16 -3.41 -46.49 -44.37
C ALA HA 16 -2.52 -47.74 -44.45
N ARG HA 17 -1.85 -47.90 -45.58
CA ARG HA 17 -1.03 -49.06 -45.82
C ARG HA 17 0.45 -48.67 -45.72
N THR HA 18 1.33 -49.65 -45.92
CA THR HA 18 2.77 -49.45 -45.84
C THR HA 18 3.39 -49.77 -47.19
N ILE HA 19 4.40 -48.99 -47.56
CA ILE HA 19 5.05 -49.07 -48.86
C ILE HA 19 6.49 -49.49 -48.66
N ALA HA 20 6.89 -50.58 -49.31
CA ALA HA 20 8.25 -51.11 -49.22
C ALA HA 20 8.96 -50.96 -50.55
N LEU HA 21 10.27 -50.84 -50.49
CA LEU HA 21 11.09 -50.63 -51.67
C LEU HA 21 11.42 -51.95 -52.36
N PRO HA 22 11.55 -51.96 -53.69
CA PRO HA 22 11.84 -53.22 -54.40
C PRO HA 22 13.33 -53.58 -54.46
N ALA HA 23 14.04 -53.40 -53.35
CA ALA HA 23 15.32 -54.04 -53.01
C ALA HA 23 16.54 -53.59 -53.83
N SER HA 24 16.32 -52.87 -54.94
CA SER HA 24 17.31 -51.99 -55.57
C SER HA 24 18.62 -52.61 -56.05
N SER HA 25 18.81 -53.93 -55.93
CA SER HA 25 20.15 -54.47 -56.10
C SER HA 25 20.20 -55.77 -56.91
N VAL HA 26 19.24 -56.01 -57.78
CA VAL HA 26 19.24 -57.20 -58.61
C VAL HA 26 19.98 -56.87 -59.91
N ILE HA 27 20.97 -57.69 -60.25
CA ILE HA 27 21.89 -57.39 -61.35
C ILE HA 27 21.56 -58.31 -62.51
N GLY HA 28 21.02 -57.75 -63.60
CA GLY HA 28 20.77 -58.53 -64.79
C GLY HA 28 22.07 -58.72 -65.54
N LEU HA 29 22.39 -59.97 -65.86
CA LEU HA 29 23.64 -60.32 -66.50
C LEU HA 29 23.38 -61.09 -67.78
N CYS HA 30 24.26 -60.91 -68.77
CA CYS HA 30 24.17 -61.65 -70.02
C CYS HA 30 25.55 -61.71 -70.64
N ASP HA 31 26.17 -62.89 -70.62
CA ASP HA 31 27.46 -63.10 -71.24
C ASP HA 31 27.51 -64.53 -71.74
N VAL HA 32 28.53 -64.83 -72.54
CA VAL HA 32 28.59 -66.11 -73.23
C VAL HA 32 29.13 -67.18 -72.30
N PHE HA 33 28.79 -68.44 -72.61
CA PHE HA 33 29.30 -69.60 -71.88
C PHE HA 33 29.16 -70.81 -72.78
N THR HA 34 29.76 -71.92 -72.35
CA THR HA 34 29.73 -73.15 -73.11
C THR HA 34 28.79 -74.15 -72.44
N PRO HA 35 27.64 -74.46 -73.04
CA PRO HA 35 26.74 -75.43 -72.42
C PRO HA 35 27.27 -76.85 -72.57
N GLY HA 36 27.16 -77.62 -71.49
CA GLY HA 36 27.66 -78.99 -71.49
C GLY HA 36 27.16 -79.78 -70.30
N ALA HA 37 28.04 -80.60 -69.72
CA ALA HA 37 27.68 -81.39 -68.56
C ALA HA 37 27.84 -80.60 -67.26
N GLN HA 38 28.93 -79.85 -67.13
CA GLN HA 38 29.15 -79.06 -65.92
C GLN HA 38 28.23 -77.85 -65.85
N ALA HA 39 27.79 -77.33 -66.99
CA ALA HA 39 26.89 -76.20 -67.01
C ALA HA 39 25.45 -76.70 -66.90
N SER HA 40 24.78 -76.34 -65.81
CA SER HA 40 23.43 -76.82 -65.52
C SER HA 40 22.35 -75.88 -66.04
N ALA HA 41 22.62 -75.13 -67.11
CA ALA HA 41 21.67 -74.17 -67.65
C ALA HA 41 21.49 -74.41 -69.14
N LYS HA 42 20.49 -73.77 -69.69
CA LYS HA 42 20.17 -73.74 -71.10
C LYS HA 42 20.53 -72.38 -71.69
N PRO HA 43 20.95 -72.33 -72.96
CA PRO HA 43 21.60 -71.12 -73.46
C PRO HA 43 20.69 -69.93 -73.78
N ASN HA 44 19.43 -69.94 -73.35
CA ASN HA 44 18.62 -68.73 -73.49
C ASN HA 44 17.77 -68.39 -72.28
N VAL HA 45 17.65 -69.26 -71.29
CA VAL HA 45 16.72 -69.04 -70.18
C VAL HA 45 17.43 -68.28 -69.06
N PRO HA 46 16.72 -67.48 -68.27
CA PRO HA 46 17.34 -66.84 -67.12
C PRO HA 46 17.58 -67.82 -65.98
N VAL HA 47 18.65 -67.58 -65.23
CA VAL HA 47 19.03 -68.40 -64.08
C VAL HA 47 19.21 -67.47 -62.89
N LEU HA 48 18.53 -67.78 -61.80
CA LEU HA 48 18.67 -66.99 -60.58
C LEU HA 48 19.95 -67.39 -59.85
N LEU HA 49 20.79 -66.41 -59.57
CA LEU HA 49 22.05 -66.63 -58.88
C LEU HA 49 22.11 -65.79 -57.62
N THR HA 50 22.34 -66.43 -56.48
CA THR HA 50 22.45 -65.74 -55.22
C THR HA 50 23.80 -65.91 -54.55
N SER HA 51 24.67 -66.77 -55.08
CA SER HA 51 25.95 -67.03 -54.45
C SER HA 51 26.98 -67.33 -55.51
N LYS HA 52 28.26 -67.34 -55.09
CA LYS HA 52 29.36 -67.56 -56.01
C LYS HA 52 29.43 -69.02 -56.45
N LYS HA 53 29.05 -69.94 -55.57
CA LYS HA 53 29.03 -71.36 -55.92
C LYS HA 53 27.84 -71.71 -56.80
N ASP HA 54 26.77 -70.92 -56.75
CA ASP HA 54 25.61 -71.17 -57.59
C ASP HA 54 25.89 -70.81 -59.05
N ALA HA 55 26.79 -69.86 -59.29
CA ALA HA 55 27.16 -69.52 -60.65
C ALA HA 55 28.15 -70.51 -61.22
N ALA HA 56 28.95 -71.16 -60.37
CA ALA HA 56 29.89 -72.15 -60.86
C ALA HA 56 29.19 -73.45 -61.23
N ALA HA 57 28.08 -73.76 -60.57
CA ALA HA 57 27.36 -74.98 -60.90
C ALA HA 57 26.42 -74.79 -62.08
N ALA HA 58 25.95 -73.57 -62.31
CA ALA HA 58 24.99 -73.31 -63.37
C ALA HA 58 25.64 -72.87 -64.68
N PHE HA 59 26.90 -72.43 -64.64
CA PHE HA 59 27.56 -71.98 -65.85
C PHE HA 59 28.97 -72.53 -66.02
N GLY HA 60 29.49 -73.27 -65.06
CA GLY HA 60 30.80 -73.87 -65.20
C GLY HA 60 31.93 -72.92 -64.83
N ILE HA 61 32.96 -73.44 -64.16
CA ILE HA 61 34.12 -72.62 -63.83
C ILE HA 61 34.92 -72.36 -65.10
N GLY HA 62 35.31 -71.11 -65.29
CA GLY HA 62 36.06 -70.74 -66.47
C GLY HA 62 35.23 -70.16 -67.60
N SER HA 63 33.91 -70.14 -67.46
CA SER HA 63 33.06 -69.52 -68.47
C SER HA 63 33.21 -68.01 -68.44
N SER HA 64 32.80 -67.37 -69.53
CA SER HA 64 32.88 -65.91 -69.59
C SER HA 64 31.80 -65.25 -68.76
N ILE HA 65 30.74 -65.96 -68.40
CA ILE HA 65 29.70 -65.41 -67.54
C ILE HA 65 29.90 -65.81 -66.08
N TYR HA 66 30.66 -66.86 -65.79
CA TYR HA 66 31.03 -67.11 -64.41
C TYR HA 66 32.06 -66.09 -63.94
N LEU HA 67 32.94 -65.67 -64.84
CA LEU HA 67 33.94 -64.66 -64.52
C LEU HA 67 33.32 -63.30 -64.28
N ALA HA 68 32.12 -63.05 -64.83
CA ALA HA 68 31.39 -61.84 -64.50
C ALA HA 68 30.70 -61.93 -63.15
N CYS HA 69 30.19 -63.12 -62.81
CA CYS HA 69 29.64 -63.32 -61.47
C CYS HA 69 30.74 -63.37 -60.42
N GLU HA 70 31.94 -63.81 -60.82
CA GLU HA 70 33.08 -63.74 -59.92
C GLU HA 70 33.46 -62.31 -59.60
N ALA HA 71 33.25 -61.39 -60.54
CA ALA HA 71 33.54 -59.98 -60.30
C ALA HA 71 32.54 -59.32 -59.37
N ILE HA 72 31.35 -59.90 -59.22
CA ILE HA 72 30.29 -59.30 -58.42
C ILE HA 72 30.27 -59.86 -57.00
N TYR HA 73 30.46 -61.16 -56.85
CA TYR HA 73 30.34 -61.82 -55.55
C TYR HA 73 31.56 -61.62 -54.66
N ASN HA 74 32.61 -60.97 -55.14
CA ASN HA 74 33.75 -60.65 -54.30
C ASN HA 74 33.57 -59.31 -53.60
N ARG HA 75 33.04 -58.33 -54.32
CA ARG HA 75 32.82 -57.02 -53.73
C ARG HA 75 31.52 -56.97 -52.95
N ALA HA 76 30.46 -57.56 -53.49
CA ALA HA 76 29.14 -57.49 -52.90
C ALA HA 76 28.58 -58.90 -52.76
N GLN HA 77 27.30 -58.97 -52.38
CA GLN HA 77 26.57 -60.23 -52.32
C GLN HA 77 25.12 -59.91 -52.66
N ALA HA 78 24.76 -60.09 -53.93
CA ALA HA 78 23.46 -59.68 -54.42
C ALA HA 78 22.87 -60.74 -55.33
N VAL HA 79 21.62 -60.51 -55.73
CA VAL HA 79 20.91 -61.41 -56.62
C VAL HA 79 21.30 -61.08 -58.05
N ILE HA 80 21.65 -62.12 -58.81
CA ILE HA 80 22.02 -61.96 -60.21
C ILE HA 80 21.08 -62.81 -61.05
N VAL HA 81 20.36 -62.17 -61.96
CA VAL HA 81 19.56 -62.86 -62.96
C VAL HA 81 20.42 -62.98 -64.21
N ALA HA 82 21.14 -64.09 -64.34
CA ALA HA 82 22.04 -64.30 -65.47
C ALA HA 82 21.31 -65.05 -66.56
N VAL HA 83 21.57 -64.69 -67.81
CA VAL HA 83 20.92 -65.34 -68.93
C VAL HA 83 21.83 -66.42 -69.49
N GLY HA 84 23.00 -66.03 -69.98
CA GLY HA 84 23.91 -66.99 -70.55
C GLY HA 84 23.53 -67.39 -71.96
N VAL HA 85 24.44 -67.20 -72.92
CA VAL HA 85 24.21 -67.57 -74.30
C VAL HA 85 25.37 -68.44 -74.75
N GLU HA 86 25.14 -69.18 -75.85
CA GLU HA 86 26.20 -69.99 -76.41
C GLU HA 86 27.15 -69.13 -77.23
N THR HA 87 28.39 -69.58 -77.35
CA THR HA 87 29.42 -68.82 -78.05
C THR HA 87 29.19 -68.92 -79.56
N ALA HA 88 28.97 -67.78 -80.19
CA ALA HA 88 28.84 -67.74 -81.64
C ALA HA 88 30.20 -67.88 -82.30
N GLU HA 89 30.18 -68.21 -83.59
CA GLU HA 89 31.42 -68.48 -84.32
C GLU HA 89 32.19 -67.19 -84.58
N THR HA 90 31.57 -66.26 -85.31
CA THR HA 90 32.22 -65.00 -85.59
C THR HA 90 32.01 -64.03 -84.44
N PRO HA 91 32.94 -63.10 -84.21
CA PRO HA 91 32.70 -62.06 -83.19
C PRO HA 91 31.64 -61.04 -83.58
N GLU HA 92 31.24 -60.98 -84.85
CA GLU HA 92 30.16 -60.11 -85.25
C GLU HA 92 28.81 -60.72 -84.96
N ALA HA 93 28.70 -62.05 -85.09
CA ALA HA 93 27.46 -62.75 -84.76
C ALA HA 93 27.29 -62.98 -83.27
N GLN HA 94 28.33 -62.72 -82.47
CA GLN HA 94 28.16 -62.79 -81.02
C GLN HA 94 27.33 -61.64 -80.50
N ALA HA 95 27.41 -60.48 -81.16
CA ALA HA 95 26.60 -59.33 -80.77
C ALA HA 95 25.13 -59.57 -81.07
N SER HA 96 24.82 -60.34 -82.11
CA SER HA 96 23.43 -60.62 -82.45
C SER HA 96 22.80 -61.62 -81.49
N ALA HA 97 23.60 -62.36 -80.74
CA ALA HA 97 23.07 -63.28 -79.74
C ALA HA 97 22.83 -62.60 -78.40
N VAL HA 98 23.67 -61.64 -78.04
CA VAL HA 98 23.44 -60.88 -76.81
C VAL HA 98 22.25 -59.95 -76.97
N ILE HA 99 22.12 -59.31 -78.13
CA ILE HA 99 20.90 -58.58 -78.46
C ILE HA 99 19.80 -59.61 -78.66
N GLY HA 100 18.92 -59.72 -77.67
CA GLY HA 100 17.90 -60.74 -77.72
C GLY HA 100 16.82 -60.40 -78.73
N GLY HA 101 16.31 -61.44 -79.37
CA GLY HA 101 15.11 -61.30 -80.16
C GLY HA 101 14.01 -62.11 -79.54
N ILE HA 102 13.28 -62.84 -80.38
CA ILE HA 102 12.24 -63.75 -79.93
C ILE HA 102 12.41 -65.03 -80.73
N SER HA 103 12.47 -66.16 -80.04
CA SER HA 103 12.70 -67.44 -80.70
C SER HA 103 11.48 -67.86 -81.53
N ALA HA 104 11.67 -68.93 -82.31
CA ALA HA 104 10.56 -69.48 -83.09
C ALA HA 104 9.51 -70.13 -82.22
N ALA HA 105 9.85 -70.51 -80.99
CA ALA HA 105 8.89 -71.03 -80.04
C ALA HA 105 8.11 -69.93 -79.32
N GLY HA 106 8.44 -68.67 -79.57
CA GLY HA 106 7.75 -67.58 -78.90
C GLY HA 106 8.33 -67.23 -77.54
N GLU HA 107 9.65 -67.17 -77.43
CA GLU HA 107 10.30 -66.92 -76.15
C GLU HA 107 11.47 -65.98 -76.38
N ARG HA 108 11.66 -65.05 -75.44
CA ARG HA 108 12.79 -64.14 -75.49
C ARG HA 108 14.10 -64.88 -75.24
N THR HA 109 15.16 -64.47 -75.92
CA THR HA 109 16.37 -65.27 -75.98
C THR HA 109 17.56 -64.64 -75.26
N GLY HA 110 17.98 -63.44 -75.63
CA GLY HA 110 19.23 -62.92 -75.13
C GLY HA 110 19.09 -61.96 -73.97
N LEU HA 111 19.32 -60.67 -74.23
CA LEU HA 111 19.14 -59.66 -73.21
C LEU HA 111 17.68 -59.48 -72.84
N GLN HA 112 16.76 -59.79 -73.77
CA GLN HA 112 15.33 -59.61 -73.53
C GLN HA 112 14.79 -60.59 -72.50
N ALA HA 113 15.53 -61.66 -72.20
CA ALA HA 113 15.10 -62.62 -71.18
C ALA HA 113 15.11 -62.03 -69.78
N LEU HA 114 15.78 -60.90 -69.57
CA LEU HA 114 15.72 -60.19 -68.30
C LEU HA 114 14.35 -59.56 -68.04
N LEU HA 115 13.53 -59.41 -69.08
CA LEU HA 115 12.15 -59.01 -68.88
C LEU HA 115 11.31 -60.12 -68.25
N ASP HA 116 11.78 -61.37 -68.34
CA ASP HA 116 11.21 -62.49 -67.62
C ASP HA 116 11.85 -62.69 -66.25
N GLY HA 117 12.40 -61.62 -65.66
CA GLY HA 117 13.04 -61.72 -64.37
C GLY HA 117 12.07 -61.53 -63.22
N LYS HA 118 11.03 -60.73 -63.43
CA LYS HA 118 10.03 -60.53 -62.40
C LYS HA 118 8.90 -61.54 -62.49
N SER HA 119 8.55 -61.99 -63.70
CA SER HA 119 7.47 -62.93 -63.89
C SER HA 119 7.81 -64.31 -63.38
N ARG HA 120 9.10 -64.64 -63.26
CA ARG HA 120 9.54 -65.98 -62.89
C ARG HA 120 10.18 -66.05 -61.52
N PHE HA 121 11.04 -65.09 -61.17
CA PHE HA 121 11.75 -65.12 -59.89
C PHE HA 121 11.24 -64.09 -58.88
N ASN HA 122 10.34 -63.19 -59.29
CA ASN HA 122 9.90 -62.02 -58.52
C ASN HA 122 11.08 -61.16 -58.10
N ALA HA 123 12.07 -61.05 -58.98
CA ALA HA 123 13.28 -60.26 -58.73
C ALA HA 123 13.60 -59.51 -60.02
N GLN HA 124 13.04 -58.32 -60.15
CA GLN HA 124 13.28 -57.50 -61.33
C GLN HA 124 14.68 -56.89 -61.27
N PRO HA 125 15.46 -57.01 -62.34
CA PRO HA 125 16.83 -56.48 -62.28
C PRO HA 125 16.86 -54.96 -62.32
N ARG HA 126 17.88 -54.40 -61.67
CA ARG HA 126 18.10 -52.97 -61.64
C ARG HA 126 19.44 -52.54 -62.22
N LEU HA 127 20.37 -53.47 -62.40
CA LEU HA 127 21.65 -53.20 -63.06
C LEU HA 127 21.77 -54.12 -64.25
N LEU HA 128 21.84 -53.56 -65.45
CA LEU HA 128 21.90 -54.34 -66.68
C LEU HA 128 23.34 -54.34 -67.16
N VAL HA 129 24.00 -55.49 -67.03
CA VAL HA 129 25.42 -55.61 -67.33
C VAL HA 129 25.58 -56.74 -68.33
N ALA HA 130 25.95 -56.40 -69.57
CA ALA HA 130 26.45 -57.36 -70.54
C ALA HA 130 27.94 -57.07 -70.70
N PRO HA 131 28.80 -57.69 -69.88
CA PRO HA 131 30.20 -57.27 -69.83
C PRO HA 131 30.98 -57.75 -71.05
N GLY HA 132 31.71 -56.82 -71.66
CA GLY HA 132 32.54 -57.09 -72.81
C GLY HA 132 31.85 -56.81 -74.12
N HIS HA 133 30.59 -57.22 -74.24
CA HIS HA 133 29.86 -57.01 -75.48
C HIS HA 133 29.26 -55.62 -75.57
N SER HA 134 29.18 -54.88 -74.47
CA SER HA 134 28.63 -53.53 -74.48
C SER HA 134 29.58 -52.50 -75.09
N ALA HA 135 30.83 -52.89 -75.35
CA ALA HA 135 31.74 -52.01 -76.08
C ALA HA 135 31.34 -51.86 -77.53
N GLN HA 136 30.63 -52.84 -78.09
CA GLN HA 136 30.04 -52.70 -79.41
C GLN HA 136 28.77 -51.88 -79.30
N GLN HA 137 28.56 -51.01 -80.30
CA GLN HA 137 27.48 -50.03 -80.20
C GLN HA 137 26.11 -50.65 -80.37
N ALA HA 138 26.02 -51.78 -81.07
CA ALA HA 138 24.73 -52.40 -81.31
C ALA HA 138 24.16 -53.03 -80.04
N VAL HA 139 25.03 -53.60 -79.21
CA VAL HA 139 24.57 -54.20 -77.96
C VAL HA 139 24.20 -53.13 -76.96
N ALA HA 140 24.99 -52.06 -76.88
CA ALA HA 140 24.74 -51.01 -75.90
C ALA HA 140 23.50 -50.20 -76.23
N THR HA 141 23.19 -50.04 -77.53
CA THR HA 141 21.98 -49.34 -77.91
C THR HA 141 20.76 -50.23 -77.82
N ALA HA 142 20.94 -51.54 -77.68
CA ALA HA 142 19.84 -52.45 -77.37
C ALA HA 142 19.67 -52.66 -75.88
N MET HA 143 20.67 -52.30 -75.08
CA MET HA 143 20.54 -52.30 -73.64
C MET HA 143 20.00 -50.98 -73.12
N ASP HA 144 20.06 -49.92 -73.93
CA ASP HA 144 19.45 -48.65 -73.55
C ASP HA 144 17.93 -48.75 -73.59
N GLY HA 145 17.38 -49.37 -74.63
CA GLY HA 145 15.94 -49.57 -74.70
C GLY HA 145 15.44 -50.61 -73.72
N LEU HA 146 16.31 -51.51 -73.28
CA LEU HA 146 15.93 -52.49 -72.27
C LEU HA 146 15.93 -51.89 -70.88
N ALA HA 147 16.77 -50.87 -70.64
CA ALA HA 147 16.88 -50.25 -69.33
C ALA HA 147 15.66 -49.42 -69.00
N GLU HA 148 14.90 -48.96 -69.99
CA GLU HA 148 13.66 -48.25 -69.71
C GLU HA 148 12.50 -49.20 -69.46
N LYS HA 149 12.57 -50.41 -70.03
CA LYS HA 149 11.53 -51.40 -69.79
C LYS HA 149 11.60 -51.98 -68.38
N LEU HA 150 12.75 -51.90 -67.74
CA LEU HA 150 12.93 -52.42 -66.39
C LEU HA 150 13.12 -51.32 -65.35
N ARG HA 151 13.19 -50.06 -65.79
CA ARG HA 151 13.61 -48.91 -64.97
C ARG HA 151 14.95 -49.19 -64.29
N ALA HA 152 15.88 -49.74 -65.06
CA ALA HA 152 17.17 -50.15 -64.55
C ALA HA 152 18.24 -49.13 -64.91
N ILE HA 153 19.48 -49.45 -64.59
CA ILE HA 153 20.64 -48.64 -64.95
C ILE HA 153 21.58 -49.56 -65.70
N ALA HA 154 21.62 -49.42 -67.02
CA ALA HA 154 22.45 -50.30 -67.84
C ALA HA 154 23.89 -49.81 -67.77
N ILE HA 155 24.74 -50.57 -67.10
CA ILE HA 155 26.14 -50.19 -66.92
C ILE HA 155 26.92 -50.62 -68.15
N LEU HA 156 27.34 -49.65 -68.96
CA LEU HA 156 28.12 -49.93 -70.15
C LEU HA 156 29.59 -49.98 -69.81
N ASP HA 157 30.41 -50.26 -70.83
CA ASP HA 157 31.84 -50.08 -70.75
C ASP HA 157 32.34 -49.78 -72.15
N GLY HA 158 33.12 -48.72 -72.28
CA GLY HA 158 33.63 -48.33 -73.57
C GLY HA 158 34.76 -49.21 -74.02
N PRO HA 159 35.33 -48.87 -75.18
CA PRO HA 159 36.50 -49.61 -75.66
C PRO HA 159 37.72 -49.29 -74.83
N ASN HA 160 38.71 -50.18 -74.89
CA ASN HA 160 39.97 -49.97 -74.21
C ASN HA 160 40.97 -49.20 -75.06
N SER HA 161 40.49 -48.44 -76.03
CA SER HA 161 41.33 -47.60 -76.87
C SER HA 161 41.61 -46.28 -76.18
N THR HA 162 42.17 -45.32 -76.92
CA THR HA 162 42.53 -44.04 -76.36
C THR HA 162 41.29 -43.22 -75.99
N ASP HA 163 41.53 -42.13 -75.28
CA ASP HA 163 40.44 -41.29 -74.77
C ASP HA 163 39.72 -40.53 -75.86
N GLU HA 164 40.34 -40.36 -77.04
CA GLU HA 164 39.61 -39.82 -78.17
C GLU HA 164 38.55 -40.81 -78.67
N ALA HA 165 38.84 -42.11 -78.56
CA ALA HA 165 37.86 -43.13 -78.93
C ALA HA 165 36.88 -43.42 -77.82
N ALA HA 166 37.17 -43.00 -76.58
CA ALA HA 166 36.23 -43.20 -75.49
C ALA HA 166 35.16 -42.13 -75.47
N VAL HA 167 35.54 -40.89 -75.75
CA VAL HA 167 34.56 -39.80 -75.82
C VAL HA 167 33.70 -39.95 -77.06
N ALA HA 168 34.31 -40.34 -78.19
CA ALA HA 168 33.56 -40.50 -79.43
C ALA HA 168 32.62 -41.69 -79.43
N TYR HA 169 32.79 -42.62 -78.48
CA TYR HA 169 31.84 -43.69 -78.30
C TYR HA 169 30.69 -43.29 -77.38
N ALA HA 170 30.98 -42.47 -76.37
CA ALA HA 170 29.96 -42.01 -75.44
C ALA HA 170 29.11 -40.87 -75.99
N LYS HA 171 29.43 -40.36 -77.17
CA LYS HA 171 28.65 -39.31 -77.81
C LYS HA 171 27.50 -39.86 -78.63
N ASN HA 172 27.20 -41.15 -78.51
CA ASN HA 172 26.13 -41.77 -79.26
C ASN HA 172 24.89 -42.05 -78.42
N PHE HA 173 24.97 -41.92 -77.10
CA PHE HA 173 23.97 -42.50 -76.23
C PHE HA 173 22.99 -41.47 -75.67
N GLY HA 174 23.45 -40.52 -74.87
CA GLY HA 174 22.63 -39.43 -74.41
C GLY HA 174 21.47 -39.75 -73.50
N SER HA 175 21.30 -41.00 -73.07
CA SER HA 175 20.17 -41.37 -72.23
C SER HA 175 20.59 -41.49 -70.77
N LYS HA 176 19.65 -41.19 -69.88
CA LYS HA 176 19.94 -41.09 -68.46
C LYS HA 176 20.14 -42.43 -67.77
N ARG HA 177 19.81 -43.54 -68.42
CA ARG HA 177 19.92 -44.86 -67.83
C ARG HA 177 21.11 -45.64 -68.37
N LEU HA 178 22.20 -44.94 -68.64
CA LEU HA 178 23.42 -45.54 -69.15
C LEU HA 178 24.61 -45.02 -68.36
N PHE HA 179 25.39 -45.95 -67.81
CA PHE HA 179 26.55 -45.62 -66.99
C PHE HA 179 27.76 -46.26 -67.64
N MET HA 180 28.74 -45.45 -68.03
CA MET HA 180 29.86 -45.93 -68.83
C MET HA 180 31.15 -45.87 -68.02
N VAL HA 181 31.83 -47.01 -67.93
CA VAL HA 181 33.09 -47.14 -67.23
C VAL HA 181 34.13 -47.49 -68.29
N ASP HA 182 34.97 -46.53 -68.65
CA ASP HA 182 35.83 -46.67 -69.81
C ASP HA 182 37.08 -47.55 -69.64
N PRO HA 183 37.98 -47.34 -68.67
CA PRO HA 183 39.25 -48.09 -68.70
C PRO HA 183 39.04 -49.54 -68.25
N GLY HA 184 39.57 -50.47 -69.04
CA GLY HA 184 39.37 -51.88 -68.76
C GLY HA 184 40.21 -52.33 -67.58
N VAL HA 185 39.60 -53.09 -66.68
CA VAL HA 185 40.28 -53.57 -65.49
C VAL HA 185 41.24 -54.68 -65.87
N GLN HA 186 42.47 -54.60 -65.37
CA GLN HA 186 43.42 -55.71 -65.44
C GLN HA 186 43.32 -56.48 -64.15
N VAL HA 187 42.98 -57.78 -64.24
CA VAL HA 187 42.71 -58.60 -63.08
C VAL HA 187 43.54 -59.88 -63.18
N TRP HA 188 43.99 -60.37 -62.03
CA TRP HA 188 44.77 -61.60 -61.97
C TRP HA 188 43.87 -62.80 -62.21
N ASP HA 189 44.37 -63.74 -63.01
CA ASP HA 189 43.62 -64.93 -63.39
C ASP HA 189 44.15 -66.15 -62.65
N SER HA 190 43.23 -67.05 -62.30
CA SER HA 190 43.60 -68.32 -61.69
C SER HA 190 43.76 -69.44 -62.71
N ALA HA 191 43.29 -69.26 -63.93
CA ALA HA 191 43.42 -70.27 -64.97
C ALA HA 191 44.72 -70.11 -65.76
N THR HA 192 44.91 -68.95 -66.36
CA THR HA 192 46.13 -68.68 -67.11
C THR HA 192 47.30 -68.28 -66.22
N ASN HA 193 47.04 -68.03 -64.94
CA ASN HA 193 48.05 -67.67 -63.92
C ASN HA 193 48.81 -66.40 -64.30
N ALA HA 194 48.08 -65.42 -64.82
CA ALA HA 194 48.65 -64.13 -65.20
C ALA HA 194 47.57 -63.07 -65.08
N ALA HA 195 47.89 -61.86 -65.51
CA ALA HA 195 46.96 -60.74 -65.43
C ALA HA 195 46.19 -60.62 -66.73
N ARG HA 196 44.88 -60.86 -66.67
CA ARG HA 196 44.02 -60.75 -67.84
C ARG HA 196 43.22 -59.46 -67.79
N ASN HA 197 42.78 -59.02 -68.96
CA ASN HA 197 42.01 -57.79 -69.09
C ASN HA 197 40.52 -58.10 -68.99
N ALA HA 198 39.89 -57.58 -68.00
CA ALA HA 198 38.48 -57.67 -67.68
C ALA HA 198 37.73 -56.49 -68.32
N PRO HA 199 36.43 -56.64 -68.62
CA PRO HA 199 35.69 -55.53 -69.24
C PRO HA 199 35.39 -54.36 -68.33
N ALA HA 200 35.60 -54.51 -67.01
CA ALA HA 200 35.39 -53.47 -65.98
C ALA HA 200 33.96 -52.99 -65.89
N SER HA 201 33.00 -53.72 -66.44
CA SER HA 201 31.60 -53.39 -66.29
C SER HA 201 30.93 -54.22 -65.21
N ALA HA 202 31.38 -55.46 -65.01
CA ALA HA 202 30.89 -56.26 -63.90
C ALA HA 202 31.50 -55.82 -62.56
N TYR HA 203 32.66 -55.19 -62.58
CA TYR HA 203 33.26 -54.68 -61.35
C TYR HA 203 32.59 -53.41 -60.89
N ALA HA 204 31.99 -52.64 -61.81
CA ALA HA 204 31.23 -51.47 -61.41
C ALA HA 204 29.89 -51.85 -60.81
N ALA HA 205 29.26 -52.91 -61.33
CA ALA HA 205 28.02 -53.40 -60.74
C ALA HA 205 28.22 -54.09 -59.42
N GLY HA 206 29.45 -54.52 -59.12
CA GLY HA 206 29.75 -54.96 -57.77
C GLY HA 206 29.70 -53.84 -56.76
N LEU HA 207 29.95 -52.61 -57.20
CA LEU HA 207 29.87 -51.46 -56.31
C LEU HA 207 28.45 -50.91 -56.20
N PHE HA 208 27.65 -51.01 -57.26
CA PHE HA 208 26.26 -50.62 -57.17
C PHE HA 208 25.48 -51.55 -56.25
N ALA HA 209 25.88 -52.82 -56.20
CA ALA HA 209 25.24 -53.77 -55.30
C ALA HA 209 25.80 -53.71 -53.89
N TRP HA 210 26.99 -53.17 -53.71
CA TRP HA 210 27.59 -53.09 -52.39
C TRP HA 210 27.19 -51.83 -51.65
N THR HA 211 27.13 -50.69 -52.36
CA THR HA 211 26.76 -49.44 -51.72
C THR HA 211 25.28 -49.42 -51.34
N ASP HA 212 24.45 -50.19 -52.05
CA ASP HA 212 23.05 -50.28 -51.66
C ASP HA 212 22.87 -51.11 -50.41
N ALA HA 213 23.79 -52.04 -50.14
CA ALA HA 213 23.73 -52.83 -48.92
C ALA HA 213 24.48 -52.17 -47.78
N GLU HA 214 25.50 -51.37 -48.07
CA GLU HA 214 26.32 -50.73 -47.04
C GLU HA 214 25.87 -49.30 -46.75
N TYR HA 215 25.81 -48.45 -47.78
CA TYR HA 215 25.47 -47.05 -47.60
C TYR HA 215 24.08 -46.69 -48.09
N GLY HA 216 23.42 -47.56 -48.84
CA GLY HA 216 22.07 -47.30 -49.26
C GLY HA 216 21.98 -46.97 -50.75
N PHE HA 217 20.77 -47.08 -51.28
CA PHE HA 217 20.52 -46.87 -52.70
C PHE HA 217 20.57 -45.39 -53.11
N TRP HA 218 20.60 -44.48 -52.15
CA TRP HA 218 20.75 -43.06 -52.41
C TRP HA 218 22.20 -42.61 -52.44
N SER HA 219 23.14 -43.54 -52.27
CA SER HA 219 24.55 -43.21 -52.16
C SER HA 219 25.26 -43.60 -53.43
N SER HA 220 26.06 -42.69 -53.95
CA SER HA 220 26.76 -42.96 -55.19
C SER HA 220 27.95 -43.88 -54.93
N PRO HA 221 28.25 -44.79 -55.85
CA PRO HA 221 29.39 -45.70 -55.66
C PRO HA 221 30.69 -45.12 -56.19
N SER HA 222 30.72 -43.81 -56.42
CA SER HA 222 31.76 -43.17 -57.21
C SER HA 222 32.98 -42.75 -56.41
N ASN HA 223 33.19 -43.32 -55.23
CA ASN HA 223 34.44 -43.12 -54.52
C ASN HA 223 34.89 -44.42 -53.84
N LYS HA 224 34.22 -45.52 -54.10
CA LYS HA 224 34.41 -46.75 -53.34
C LYS HA 224 35.37 -47.67 -54.07
N GLU HA 225 36.00 -48.56 -53.30
CA GLU HA 225 37.12 -49.34 -53.82
C GLU HA 225 36.65 -50.61 -54.52
N ILE HA 226 37.34 -50.96 -55.59
CA ILE HA 226 37.16 -52.22 -56.28
C ILE HA 226 38.21 -53.19 -55.77
N LYS HA 227 37.79 -54.38 -55.37
CA LYS HA 227 38.65 -55.25 -54.57
C LYS HA 227 39.45 -56.25 -55.41
N GLY HA 228 38.86 -56.82 -56.45
CA GLY HA 228 39.53 -57.87 -57.18
C GLY HA 228 40.61 -57.43 -58.14
N VAL HA 229 40.73 -56.13 -58.41
CA VAL HA 229 41.59 -55.65 -59.47
C VAL HA 229 43.05 -55.71 -59.05
N THR HA 230 43.95 -55.60 -60.04
CA THR HA 230 45.37 -55.47 -59.78
C THR HA 230 46.01 -54.47 -60.75
N GLY HA 231 45.22 -53.61 -61.36
CA GLY HA 231 45.74 -52.66 -62.32
C GLY HA 231 44.63 -52.15 -63.22
N THR HA 232 45.04 -51.47 -64.28
CA THR HA 232 44.10 -50.85 -65.21
C THR HA 232 44.81 -50.63 -66.53
N SER HA 233 44.22 -51.13 -67.62
CA SER HA 233 44.74 -50.86 -68.95
C SER HA 233 44.56 -49.39 -69.28
N ARG HA 234 45.62 -48.76 -69.83
CA ARG HA 234 45.74 -47.34 -70.10
C ARG HA 234 45.43 -46.52 -68.85
N PRO HA 235 46.37 -46.44 -67.90
CA PRO HA 235 46.08 -45.81 -66.60
C PRO HA 235 45.89 -44.30 -66.74
N VAL HA 236 44.82 -43.79 -66.11
CA VAL HA 236 44.46 -42.39 -66.22
C VAL HA 236 45.14 -41.60 -65.10
N GLU HA 237 45.23 -40.30 -65.29
CA GLU HA 237 45.96 -39.41 -64.40
C GLU HA 237 45.00 -38.65 -63.51
N PHE HA 238 45.23 -38.72 -62.20
CA PHE HA 238 44.51 -37.91 -61.22
C PHE HA 238 45.47 -37.72 -60.04
N LEU HA 239 46.20 -36.62 -60.05
CA LEU HA 239 47.35 -36.52 -59.13
C LEU HA 239 46.93 -36.07 -57.74
N ASP HA 240 46.60 -34.78 -57.58
CA ASP HA 240 46.01 -34.36 -56.32
C ASP HA 240 44.72 -33.55 -56.52
N GLY HA 241 44.84 -32.44 -57.25
CA GLY HA 241 43.73 -31.50 -57.37
C GLY HA 241 43.66 -30.74 -58.67
N ASP HA 242 44.47 -31.14 -59.65
CA ASP HA 242 44.51 -30.45 -60.94
C ASP HA 242 43.24 -30.76 -61.72
N GLU HA 243 42.48 -29.72 -62.05
CA GLU HA 243 41.18 -29.88 -62.71
C GLU HA 243 41.29 -30.18 -64.20
N THR HA 244 42.50 -30.18 -64.75
CA THR HA 244 42.71 -30.55 -66.15
C THR HA 244 43.43 -31.89 -66.28
N CYS HA 245 43.29 -32.75 -65.28
CA CYS HA 245 43.84 -34.09 -65.34
C CYS HA 245 43.07 -34.93 -66.35
N ARG HA 246 43.67 -36.04 -66.75
CA ARG HA 246 43.06 -36.87 -67.79
C ARG HA 246 41.86 -37.65 -67.28
N ALA HA 247 41.80 -37.93 -65.97
CA ALA HA 247 40.62 -38.58 -65.42
C ALA HA 247 39.45 -37.60 -65.30
N ASN HA 248 39.73 -36.32 -65.09
CA ASN HA 248 38.65 -35.35 -64.99
C ASN HA 248 38.10 -34.98 -66.36
N LEU HA 249 38.90 -35.11 -67.41
CA LEU HA 249 38.42 -34.81 -68.76
C LEU HA 249 37.44 -35.86 -69.27
N LEU HA 250 37.41 -37.03 -68.66
CA LEU HA 250 36.43 -38.05 -69.02
C LEU HA 250 35.15 -37.93 -68.21
N ASN HA 251 35.25 -37.54 -66.93
CA ASN HA 251 34.05 -37.30 -66.14
C ASN HA 251 33.30 -36.06 -66.61
N ASN HA 252 34.01 -35.13 -67.25
CA ASN HA 252 33.33 -33.99 -67.88
C ASN HA 252 32.53 -34.43 -69.09
N ALA HA 253 32.95 -35.53 -69.74
CA ALA HA 253 32.23 -36.11 -70.87
C ALA HA 253 31.32 -37.25 -70.45
N ASN HA 254 30.85 -37.23 -69.20
CA ASN HA 254 29.87 -38.17 -68.65
C ASN HA 254 30.36 -39.62 -68.68
N ILE HA 255 31.65 -39.82 -68.44
CA ILE HA 255 32.25 -41.14 -68.43
C ILE HA 255 32.90 -41.38 -67.09
N ALA HA 256 32.51 -42.45 -66.41
CA ALA HA 256 33.17 -42.83 -65.19
C ALA HA 256 34.52 -43.47 -65.51
N THR HA 257 35.47 -43.30 -64.58
CA THR HA 257 36.83 -43.81 -64.76
C THR HA 257 37.23 -44.63 -63.54
N ILE HA 258 38.48 -45.07 -63.56
CA ILE HA 258 39.10 -45.81 -62.45
C ILE HA 258 40.48 -45.21 -62.25
N ILE HA 259 40.69 -44.56 -61.10
CA ILE HA 259 41.72 -43.53 -61.01
C ILE HA 259 43.07 -44.00 -60.47
N ARG HA 260 43.09 -44.52 -59.24
CA ARG HA 260 44.26 -44.46 -58.40
C ARG HA 260 45.31 -45.50 -58.81
N ASP HA 261 46.38 -45.57 -58.01
CA ASP HA 261 47.47 -46.50 -58.28
C ASP HA 261 47.00 -47.93 -58.09
N ASP HA 262 47.30 -48.77 -59.09
CA ASP HA 262 46.76 -50.13 -59.30
C ASP HA 262 45.23 -50.13 -59.43
N GLY HA 263 44.65 -48.99 -59.80
CA GLY HA 263 43.25 -48.84 -60.14
C GLY HA 263 42.23 -49.29 -59.12
N TYR HA 264 42.34 -48.83 -57.87
CA TYR HA 264 41.51 -49.37 -56.80
C TYR HA 264 40.42 -48.41 -56.35
N ARG HA 265 40.00 -47.48 -57.21
CA ARG HA 265 38.86 -46.62 -56.90
C ARG HA 265 38.01 -46.44 -58.14
N LEU HA 266 36.70 -46.36 -57.95
CA LEU HA 266 35.81 -45.92 -59.01
C LEU HA 266 35.66 -44.41 -58.90
N TRP HA 267 35.54 -43.75 -60.05
CA TRP HA 267 35.52 -42.29 -60.10
C TRP HA 267 34.51 -41.86 -61.13
N GLY HA 268 33.52 -41.09 -60.71
CA GLY HA 268 32.53 -40.58 -61.63
C GLY HA 268 31.12 -41.01 -61.29
N ASN HA 269 30.26 -40.05 -60.96
CA ASN HA 269 28.88 -40.33 -60.62
C ASN HA 269 27.92 -39.86 -61.70
N ARG HA 270 28.42 -39.18 -62.73
CA ARG HA 270 27.56 -38.70 -63.80
C ARG HA 270 27.18 -39.87 -64.70
N THR HA 271 25.90 -39.95 -65.04
CA THR HA 271 25.46 -40.88 -66.06
C THR HA 271 25.53 -40.20 -67.42
N LEU HA 272 25.25 -40.95 -68.48
CA LEU HA 272 25.38 -40.42 -69.82
C LEU HA 272 24.15 -39.65 -70.25
N SER HA 273 23.69 -38.68 -69.46
CA SER HA 273 22.43 -38.00 -69.73
C SER HA 273 22.66 -36.68 -70.44
N SER HA 274 21.73 -36.31 -71.31
CA SER HA 274 21.78 -35.01 -71.95
C SER HA 274 21.20 -33.91 -71.07
N ASP HA 275 20.17 -34.22 -70.28
CA ASP HA 275 19.61 -33.24 -69.37
C ASP HA 275 20.53 -33.03 -68.18
N SER HA 276 20.56 -31.80 -67.69
CA SER HA 276 21.30 -31.49 -66.47
C SER HA 276 20.55 -31.92 -65.22
N LYS HA 277 19.28 -32.31 -65.35
CA LYS HA 277 18.50 -32.76 -64.20
C LYS HA 277 18.85 -34.19 -63.83
N TRP HA 278 18.88 -35.09 -64.81
CA TRP HA 278 19.15 -36.49 -64.58
C TRP HA 278 20.62 -36.83 -64.77
N ALA HA 279 21.53 -35.89 -64.48
CA ALA HA 279 22.94 -36.13 -64.75
C ALA HA 279 23.55 -37.07 -63.71
N PHE HA 280 23.17 -36.93 -62.45
CA PHE HA 280 23.70 -37.78 -61.40
C PHE HA 280 23.04 -39.15 -61.44
N VAL HA 281 23.84 -40.20 -61.33
CA VAL HA 281 23.31 -41.56 -61.31
C VAL HA 281 22.61 -41.89 -60.01
N THR HA 282 22.82 -41.07 -58.97
CA THR HA 282 22.09 -41.23 -57.72
C THR HA 282 20.62 -40.84 -57.90
N ARG HA 283 20.38 -39.70 -58.57
CA ARG HA 283 19.02 -39.20 -58.74
C ARG HA 283 18.18 -40.09 -59.64
N VAL HA 284 18.79 -40.66 -60.68
CA VAL HA 284 18.07 -41.58 -61.56
C VAL HA 284 17.76 -42.88 -60.82
N ARG HA 285 18.61 -43.27 -59.88
CA ARG HA 285 18.40 -44.51 -59.16
C ARG HA 285 17.33 -44.38 -58.10
N THR HA 286 17.30 -43.25 -57.37
CA THR HA 286 16.27 -43.05 -56.36
C THR HA 286 14.91 -42.72 -56.99
N MET HA 287 14.91 -42.11 -58.17
CA MET HA 287 13.63 -41.80 -58.82
C MET HA 287 12.95 -43.07 -59.31
N ASP HA 288 13.72 -44.02 -59.85
CA ASP HA 288 13.15 -45.28 -60.30
C ASP HA 288 12.81 -46.20 -59.13
N LEU HA 289 13.30 -45.91 -57.94
CA LEU HA 289 12.99 -46.71 -56.76
C LEU HA 289 11.79 -46.18 -55.98
N VAL HA 290 11.50 -44.88 -56.07
CA VAL HA 290 10.28 -44.34 -55.47
C VAL HA 290 9.13 -44.29 -56.45
N MET HA 291 9.37 -44.51 -57.74
CA MET HA 291 8.29 -44.66 -58.70
C MET HA 291 7.86 -46.09 -58.89
N ASP HA 292 8.70 -47.05 -58.50
CA ASP HA 292 8.35 -48.46 -58.59
C ASP HA 292 7.87 -49.03 -57.26
N ALA HA 293 8.15 -48.34 -56.15
CA ALA HA 293 7.57 -48.74 -54.87
C ALA HA 293 6.15 -48.21 -54.72
N ILE HA 294 5.87 -47.03 -55.27
CA ILE HA 294 4.53 -46.48 -55.23
C ILE HA 294 3.59 -47.27 -56.14
N LEU HA 295 4.08 -47.67 -57.31
CA LEU HA 295 3.26 -48.41 -58.26
C LEU HA 295 2.96 -49.82 -57.76
N ALA HA 296 3.94 -50.48 -57.15
CA ALA HA 296 3.74 -51.83 -56.64
C ALA HA 296 3.09 -51.85 -55.27
N GLY HA 297 3.08 -50.73 -54.56
CA GLY HA 297 2.53 -50.65 -53.24
C GLY HA 297 1.13 -50.07 -53.15
N HIS HA 298 0.55 -49.64 -54.27
CA HIS HA 298 -0.77 -49.05 -54.28
C HIS HA 298 -1.74 -49.83 -55.14
N LYS HA 299 -1.50 -51.13 -55.31
CA LYS HA 299 -2.43 -51.97 -56.06
C LYS HA 299 -3.64 -52.37 -55.26
N TRP HA 300 -3.66 -52.07 -53.95
CA TRP HA 300 -4.85 -52.27 -53.15
C TRP HA 300 -5.88 -51.18 -53.34
N ALA HA 301 -5.47 -50.03 -53.90
CA ALA HA 301 -6.30 -48.83 -53.93
C ALA HA 301 -6.88 -48.56 -55.31
N VAL HA 302 -7.02 -49.58 -56.15
CA VAL HA 302 -7.45 -49.34 -57.52
C VAL HA 302 -8.95 -49.53 -57.73
N ASP HA 303 -9.70 -49.91 -56.70
CA ASP HA 303 -11.15 -49.83 -56.80
C ASP HA 303 -11.82 -49.50 -55.47
N ARG HA 304 -11.11 -48.83 -54.56
CA ARG HA 304 -11.60 -48.66 -53.19
C ARG HA 304 -12.72 -47.64 -53.06
N GLY HA 305 -12.98 -46.84 -54.07
CA GLY HA 305 -14.04 -45.87 -53.96
C GLY HA 305 -13.56 -44.60 -53.28
N ILE HA 306 -13.79 -43.45 -53.90
CA ILE HA 306 -13.22 -42.21 -53.41
C ILE HA 306 -14.10 -41.65 -52.30
N THR HA 307 -13.79 -42.00 -51.06
CA THR HA 307 -14.39 -41.39 -49.88
C THR HA 307 -13.37 -40.47 -49.22
N LYS HA 308 -13.85 -39.70 -48.23
CA LYS HA 308 -12.96 -38.77 -47.55
C LYS HA 308 -11.93 -39.48 -46.70
N THR HA 309 -12.23 -40.69 -46.25
CA THR HA 309 -11.28 -41.53 -45.53
C THR HA 309 -10.42 -42.37 -46.46
N TYR HA 310 -10.44 -42.09 -47.76
CA TYR HA 310 -9.59 -42.76 -48.74
C TYR HA 310 -8.48 -41.86 -49.24
N VAL HA 311 -8.82 -40.64 -49.65
CA VAL HA 311 -7.81 -39.66 -50.05
C VAL HA 311 -6.97 -39.24 -48.85
N LYS HA 312 -7.60 -39.18 -47.67
CA LYS HA 312 -6.86 -38.87 -46.45
C LYS HA 312 -5.92 -40.00 -46.05
N ASP HA 313 -6.30 -41.25 -46.34
CA ASP HA 313 -5.55 -42.40 -45.88
C ASP HA 313 -4.70 -43.03 -46.98
N VAL HA 314 -4.72 -42.49 -48.19
CA VAL HA 314 -3.64 -42.79 -49.13
C VAL HA 314 -2.48 -41.84 -48.89
N THR HA 315 -2.77 -40.57 -48.65
CA THR HA 315 -1.75 -39.58 -48.36
C THR HA 315 -1.06 -39.84 -47.03
N GLU HA 316 -1.80 -40.35 -46.04
CA GLU HA 316 -1.19 -40.69 -44.75
C GLU HA 316 -0.21 -41.84 -44.87
N GLY HA 317 -0.47 -42.78 -45.76
CA GLY HA 317 0.49 -43.82 -46.05
C GLY HA 317 1.56 -43.42 -47.04
N LEU HA 318 1.34 -42.32 -47.76
CA LEU HA 318 2.31 -41.79 -48.70
C LEU HA 318 3.28 -40.83 -48.04
N ARG HA 319 2.83 -40.10 -47.01
CA ARG HA 319 3.74 -39.29 -46.23
C ARG HA 319 4.63 -40.16 -45.36
N ALA HA 320 4.08 -41.24 -44.80
CA ALA HA 320 4.86 -42.15 -43.96
C ALA HA 320 5.87 -42.93 -44.78
N PHE HA 321 5.63 -43.12 -46.08
CA PHE HA 321 6.64 -43.73 -46.92
C PHE HA 321 7.81 -42.78 -47.14
N MET HA 322 7.53 -41.48 -47.29
CA MET HA 322 8.59 -40.52 -47.46
C MET HA 322 9.21 -40.08 -46.14
N ARG HA 323 8.43 -40.10 -45.05
CA ARG HA 323 9.00 -39.76 -43.75
C ARG HA 323 9.94 -40.85 -43.26
N ASP HA 324 9.63 -42.11 -43.56
CA ASP HA 324 10.54 -43.21 -43.26
C ASP HA 324 11.67 -43.31 -44.27
N LEU HA 325 11.60 -42.56 -45.37
CA LEU HA 325 12.70 -42.43 -46.31
C LEU HA 325 13.53 -41.19 -46.08
N LYS HA 326 13.08 -40.29 -45.20
CA LYS HA 326 13.79 -39.06 -44.90
C LYS HA 326 14.72 -39.20 -43.70
N ASN HA 327 14.21 -39.80 -42.62
CA ASN HA 327 15.08 -40.07 -41.48
C ASN HA 327 16.04 -41.22 -41.76
N GLN HA 328 15.74 -42.04 -42.76
CA GLN HA 328 16.70 -43.03 -43.23
C GLN HA 328 17.86 -42.36 -43.97
N GLY HA 329 17.60 -41.19 -44.56
CA GLY HA 329 18.64 -40.40 -45.19
C GLY HA 329 18.57 -40.34 -46.69
N ALA HA 330 17.55 -40.92 -47.32
CA ALA HA 330 17.51 -40.98 -48.78
C ALA HA 330 17.10 -39.65 -49.39
N VAL HA 331 16.15 -38.95 -48.77
CA VAL HA 331 15.71 -37.65 -49.23
C VAL HA 331 16.04 -36.63 -48.14
N ILE HA 332 15.91 -35.36 -48.48
CA ILE HA 332 16.17 -34.27 -47.55
C ILE HA 332 14.87 -33.75 -46.94
N ASN HA 333 13.92 -33.35 -47.78
CA ASN HA 333 12.58 -33.04 -47.32
C ASN HA 333 11.63 -33.33 -48.48
N PHE HA 334 10.34 -33.36 -48.17
CA PHE HA 334 9.34 -33.75 -49.15
C PHE HA 334 8.07 -32.94 -48.93
N GLU HA 335 7.11 -33.13 -49.84
CA GLU HA 335 5.81 -32.49 -49.73
C GLU HA 335 4.81 -33.37 -50.48
N VAL HA 336 4.04 -34.16 -49.74
CA VAL HA 336 3.04 -35.04 -50.32
C VAL HA 336 1.68 -34.44 -50.07
N TYR HA 337 0.91 -34.24 -51.12
CA TYR HA 337 -0.40 -33.63 -50.99
C TYR HA 337 -1.26 -34.05 -52.18
N ALA HA 338 -2.56 -34.16 -51.94
CA ALA HA 338 -3.50 -34.36 -53.03
C ALA HA 338 -3.60 -33.09 -53.85
N ASP HA 339 -3.59 -33.25 -55.17
CA ASP HA 339 -3.54 -32.11 -56.07
C ASP HA 339 -4.87 -31.37 -56.08
N PRO HA 340 -4.91 -30.09 -55.67
CA PRO HA 340 -6.21 -29.39 -55.63
C PRO HA 340 -6.74 -28.99 -56.99
N ASP HA 341 -5.93 -29.02 -58.03
CA ASP HA 341 -6.34 -28.63 -59.37
C ASP HA 341 -6.76 -29.82 -60.22
N LEU HA 342 -5.92 -30.85 -60.29
CA LEU HA 342 -6.21 -32.00 -61.14
C LEU HA 342 -7.29 -32.90 -60.57
N ASN HA 343 -7.59 -32.79 -59.28
CA ASN HA 343 -8.73 -33.50 -58.71
C ASN HA 343 -9.97 -32.65 -58.93
N SER HA 344 -10.49 -32.70 -60.15
CA SER HA 344 -11.67 -31.95 -60.52
C SER HA 344 -12.92 -32.76 -60.17
N ALA HA 345 -14.08 -32.19 -60.49
CA ALA HA 345 -15.31 -32.95 -60.33
C ALA HA 345 -15.47 -33.99 -61.43
N SER HA 346 -14.99 -33.69 -62.63
CA SER HA 346 -15.09 -34.61 -63.75
C SER HA 346 -13.96 -35.63 -63.78
N GLN HA 347 -12.80 -35.30 -63.23
CA GLN HA 347 -11.73 -36.28 -63.14
C GLN HA 347 -12.06 -37.34 -62.11
N LEU HA 348 -12.65 -36.94 -60.99
CA LEU HA 348 -13.05 -37.89 -59.97
C LEU HA 348 -14.26 -38.70 -60.39
N ALA HA 349 -15.08 -38.18 -61.32
CA ALA HA 349 -16.21 -38.93 -61.83
C ALA HA 349 -15.81 -40.00 -62.83
N GLN HA 350 -14.56 -40.00 -63.30
CA GLN HA 350 -14.03 -41.08 -64.12
C GLN HA 350 -13.19 -42.04 -63.31
N GLY HA 351 -12.93 -41.75 -62.05
CA GLY HA 351 -12.07 -42.55 -61.22
C GLY HA 351 -10.66 -42.01 -61.08
N LYS HA 352 -10.29 -41.00 -61.86
CA LYS HA 352 -8.95 -40.43 -61.79
C LYS HA 352 -8.83 -39.57 -60.54
N VAL HA 353 -7.84 -39.87 -59.70
CA VAL HA 353 -7.56 -39.07 -58.52
C VAL HA 353 -6.05 -38.94 -58.39
N TYR HA 354 -5.57 -37.70 -58.23
CA TYR HA 354 -4.16 -37.36 -58.43
C TYR HA 354 -3.51 -37.01 -57.10
N TRP HA 355 -2.27 -37.46 -56.93
CA TRP HA 355 -1.45 -37.12 -55.77
C TRP HA 355 -0.09 -36.61 -56.24
N ASN HA 356 0.41 -35.59 -55.57
CA ASN HA 356 1.72 -35.03 -55.87
C ASN HA 356 2.71 -35.42 -54.79
N ILE HA 357 3.84 -35.97 -55.19
CA ILE HA 357 4.92 -36.32 -54.27
C ILE HA 357 6.15 -35.56 -54.74
N ARG HA 358 6.35 -34.38 -54.20
CA ARG HA 358 7.54 -33.59 -54.48
C ARG HA 358 8.58 -33.88 -53.40
N PHE HA 359 9.83 -34.02 -53.81
CA PHE HA 359 10.91 -34.25 -52.86
C PHE HA 359 12.22 -33.81 -53.49
N THR HA 360 13.26 -33.77 -52.66
CA THR HA 360 14.62 -33.54 -53.11
C THR HA 360 15.48 -34.74 -52.74
N ASP HA 361 16.27 -35.22 -53.69
CA ASP HA 361 17.21 -36.29 -53.39
C ASP HA 361 18.43 -35.71 -52.68
N VAL HA 362 19.34 -36.61 -52.28
CA VAL HA 362 20.60 -36.22 -51.66
C VAL HA 362 21.67 -36.20 -52.75
N PRO HA 363 22.14 -35.04 -53.19
CA PRO HA 363 23.12 -35.01 -54.27
C PRO HA 363 24.50 -35.39 -53.75
N PRO HA 364 25.25 -36.17 -54.53
CA PRO HA 364 26.60 -36.55 -54.09
C PRO HA 364 27.54 -35.36 -54.17
N ALA HA 365 28.30 -35.15 -53.10
CA ALA HA 365 29.18 -33.98 -52.97
C ALA HA 365 30.42 -34.16 -53.84
N GLU HA 366 30.22 -34.05 -55.15
CA GLU HA 366 31.28 -34.35 -56.10
C GLU HA 366 32.37 -33.28 -56.12
N ASN HA 367 32.14 -32.11 -55.53
CA ASN HA 367 33.16 -31.08 -55.46
C ASN HA 367 33.07 -30.32 -54.14
N PRO HA 368 33.64 -30.87 -53.05
CA PRO HA 368 33.72 -30.09 -51.82
C PRO HA 368 34.77 -28.99 -51.91
N ASN HA 369 34.32 -27.75 -52.04
CA ASN HA 369 35.23 -26.62 -52.18
C ASN HA 369 35.58 -26.06 -50.82
N PHE HA 370 36.85 -25.72 -50.64
CA PHE HA 370 37.31 -25.05 -49.43
C PHE HA 370 37.98 -23.75 -49.82
N ARG HA 371 37.65 -22.69 -49.09
CA ARG HA 371 38.15 -21.36 -49.39
C ARG HA 371 38.91 -20.87 -48.15
N VAL HA 372 40.24 -20.90 -48.22
CA VAL HA 372 41.09 -20.56 -47.09
C VAL HA 372 41.56 -19.12 -47.27
N GLU HA 373 41.47 -18.34 -46.20
CA GLU HA 373 41.73 -16.91 -46.25
C GLU HA 373 42.51 -16.48 -45.02
N VAL HA 374 43.61 -15.76 -45.22
CA VAL HA 374 44.42 -15.26 -44.12
C VAL HA 374 43.95 -13.83 -43.83
N THR HA 375 43.06 -13.69 -42.86
CA THR HA 375 42.52 -12.40 -42.47
C THR HA 375 43.33 -11.86 -41.30
N ASP HA 376 43.55 -10.55 -41.28
CA ASP HA 376 44.14 -9.89 -40.13
C ASP HA 376 43.10 -9.33 -39.16
N GLN HA 377 41.91 -9.93 -39.14
CA GLN HA 377 40.85 -9.45 -38.26
C GLN HA 377 41.16 -9.72 -36.80
N TRP HA 378 41.65 -10.92 -36.49
CA TRP HA 378 42.03 -11.28 -35.14
C TRP HA 378 43.46 -10.93 -34.82
N LEU HA 379 44.10 -10.08 -35.62
CA LEU HA 379 45.47 -9.68 -35.32
C LEU HA 379 45.52 -8.72 -34.15
N THR HA 380 44.42 -8.03 -33.87
CA THR HA 380 44.34 -7.15 -32.71
C THR HA 380 43.95 -7.89 -31.44
N GLU HA 381 43.83 -9.22 -31.48
CA GLU HA 381 43.50 -9.99 -30.29
C GLU HA 381 44.70 -10.21 -29.38
N VAL HA 382 45.92 -10.12 -29.91
CA VAL HA 382 47.13 -10.23 -29.09
C VAL HA 382 47.42 -8.82 -28.57
N LEU HA 383 46.81 -8.49 -27.44
CA LEU HA 383 47.08 -7.23 -26.75
C LEU HA 383 47.32 -7.38 -25.26
N ASP HA 384 46.87 -8.46 -24.63
CA ASP HA 384 47.07 -8.69 -23.20
C ASP HA 384 47.72 -10.04 -22.97
N SER IA 2 30.02 -32.42 -65.08
CA SER IA 2 31.04 -32.36 -64.03
C SER IA 2 32.14 -31.39 -64.37
N PHE IA 3 32.14 -30.23 -63.70
CA PHE IA 3 33.20 -29.25 -63.91
C PHE IA 3 34.52 -29.76 -63.37
N PHE IA 4 34.54 -30.17 -62.09
CA PHE IA 4 35.69 -30.85 -61.53
C PHE IA 4 35.21 -31.82 -60.47
N HIS IA 5 35.58 -33.08 -60.63
CA HIS IA 5 35.28 -34.12 -59.66
C HIS IA 5 36.52 -34.31 -58.79
N GLY IA 6 36.45 -33.85 -57.56
CA GLY IA 6 37.60 -33.84 -56.69
C GLY IA 6 37.41 -32.79 -55.62
N VAL IA 7 38.51 -32.47 -54.95
CA VAL IA 7 38.53 -31.49 -53.87
C VAL IA 7 39.32 -30.28 -54.35
N THR IA 8 38.71 -29.10 -54.26
CA THR IA 8 39.42 -27.86 -54.50
C THR IA 8 39.70 -27.19 -53.17
N VAL IA 9 40.92 -26.69 -53.02
CA VAL IA 9 41.30 -25.85 -51.89
C VAL IA 9 41.84 -24.56 -52.50
N THR IA 10 41.10 -23.46 -52.33
CA THR IA 10 41.43 -22.21 -52.98
C THR IA 10 41.80 -21.15 -51.95
N ASN IA 11 42.74 -20.29 -52.33
CA ASN IA 11 43.12 -19.11 -51.56
C ASN IA 11 42.49 -17.90 -52.24
N VAL IA 12 41.57 -17.24 -51.55
CA VAL IA 12 40.73 -16.25 -52.23
C VAL IA 12 41.45 -14.92 -52.38
N ASP IA 13 42.35 -14.58 -51.43
CA ASP IA 13 43.28 -13.44 -51.53
C ASP IA 13 42.54 -12.11 -51.64
N ILE IA 14 41.68 -11.82 -50.67
CA ILE IA 14 40.85 -10.62 -50.68
C ILE IA 14 41.10 -9.74 -49.47
N GLY IA 15 42.19 -9.97 -48.73
CA GLY IA 15 42.46 -9.16 -47.57
C GLY IA 15 43.06 -7.81 -47.92
N ALA IA 16 43.01 -6.90 -46.95
CA ALA IA 16 43.68 -5.62 -47.09
C ALA IA 16 45.18 -5.80 -46.92
N ARG IA 17 45.95 -4.88 -47.49
CA ARG IA 17 47.40 -4.96 -47.45
C ARG IA 17 47.95 -3.93 -46.49
N THR IA 18 49.27 -3.89 -46.35
CA THR IA 18 49.95 -2.97 -45.45
C THR IA 18 50.85 -2.05 -46.26
N ILE IA 19 50.92 -0.80 -45.84
CA ILE IA 19 51.65 0.25 -46.55
C ILE IA 19 52.79 0.73 -45.67
N ALA IA 20 54.01 0.67 -46.19
CA ALA IA 20 55.20 1.10 -45.47
C ALA IA 20 55.79 2.34 -46.12
N LEU IA 21 56.47 3.15 -45.33
CA LEU IA 21 57.04 4.40 -45.78
C LEU IA 21 58.41 4.18 -46.43
N PRO IA 22 58.77 4.98 -47.42
CA PRO IA 22 60.08 4.80 -48.07
C PRO IA 22 61.25 5.49 -47.39
N ALA IA 23 61.30 5.40 -46.05
CA ALA IA 23 62.49 5.58 -45.20
C ALA IA 23 63.03 7.00 -45.10
N SER IA 24 62.57 7.92 -45.96
CA SER IA 24 62.61 9.37 -45.74
C SER IA 24 63.97 10.03 -45.53
N SER IA 25 65.09 9.29 -45.60
CA SER IA 25 66.33 9.84 -45.10
C SER IA 25 67.54 9.54 -45.98
N VAL IA 26 67.34 9.32 -47.28
CA VAL IA 26 68.46 9.07 -48.18
C VAL IA 26 68.91 10.40 -48.75
N ILE IA 27 70.20 10.69 -48.64
CA ILE IA 27 70.75 12.00 -48.96
C ILE IA 27 71.53 11.89 -50.26
N GLY IA 28 71.00 12.52 -51.31
CA GLY IA 28 71.71 12.56 -52.58
C GLY IA 28 72.79 13.62 -52.51
N LEU IA 29 74.02 13.23 -52.84
CA LEU IA 29 75.17 14.11 -52.73
C LEU IA 29 75.89 14.20 -54.07
N CYS IA 30 76.48 15.36 -54.33
CA CYS IA 30 77.28 15.56 -55.55
C CYS IA 30 78.28 16.68 -55.29
N ASP IA 31 79.55 16.32 -55.17
CA ASP IA 31 80.61 17.29 -55.00
C ASP IA 31 81.86 16.73 -55.65
N VAL IA 32 82.87 17.59 -55.80
CA VAL IA 32 84.04 17.24 -56.58
C VAL IA 32 85.00 16.41 -55.73
N PHE IA 33 85.84 15.64 -56.42
CA PHE IA 33 86.88 14.85 -55.79
C PHE IA 33 87.94 14.54 -56.83
N THR IA 34 89.06 13.98 -56.37
CA THR IA 34 90.17 13.64 -57.25
C THR IA 34 90.24 12.14 -57.43
N PRO IA 35 89.93 11.61 -58.61
CA PRO IA 35 90.03 10.15 -58.81
C PRO IA 35 91.47 9.70 -58.91
N GLY IA 36 91.77 8.59 -58.26
CA GLY IA 36 93.12 8.06 -58.25
C GLY IA 36 93.19 6.64 -57.73
N ALA IA 37 94.22 6.36 -56.94
CA ALA IA 37 94.38 5.03 -56.35
C ALA IA 37 93.59 4.88 -55.06
N GLN IA 38 93.62 5.89 -54.20
CA GLN IA 38 92.88 5.83 -52.94
C GLN IA 38 91.38 5.98 -53.15
N ALA IA 39 90.96 6.65 -54.21
CA ALA IA 39 89.54 6.82 -54.51
C ALA IA 39 89.06 5.62 -55.32
N SER IA 40 88.15 4.84 -54.73
CA SER IA 40 87.66 3.61 -55.35
C SER IA 40 86.40 3.82 -56.18
N ALA IA 41 86.21 5.01 -56.74
CA ALA IA 41 85.02 5.33 -57.51
C ALA IA 41 85.42 5.90 -58.87
N LYS IA 42 84.45 5.99 -59.72
CA LYS IA 42 84.54 6.59 -61.04
C LYS IA 42 83.83 7.94 -61.05
N PRO IA 43 84.30 8.91 -61.83
CA PRO IA 43 83.85 10.30 -61.64
C PRO IA 43 82.46 10.64 -62.18
N ASN IA 44 81.63 9.67 -62.51
CA ASN IA 44 80.23 9.99 -62.83
C ASN IA 44 79.21 9.03 -62.26
N VAL IA 45 79.60 7.90 -61.70
CA VAL IA 45 78.64 6.88 -61.27
C VAL IA 45 78.24 7.13 -59.83
N PRO IA 46 77.03 6.75 -59.43
CA PRO IA 46 76.65 6.88 -58.02
C PRO IA 46 77.31 5.80 -57.17
N VAL IA 47 77.59 6.16 -55.92
CA VAL IA 47 78.21 5.27 -54.94
C VAL IA 47 77.34 5.27 -53.69
N LEU IA 48 76.94 4.08 -53.26
CA LEU IA 48 76.15 3.96 -52.04
C LEU IA 48 77.06 4.08 -50.82
N LEU IA 49 76.73 5.01 -49.92
CA LEU IA 49 77.51 5.23 -48.71
C LEU IA 49 76.60 5.07 -47.50
N THR IA 50 77.00 4.20 -46.58
CA THR IA 50 76.26 3.99 -45.35
C THR IA 50 77.06 4.30 -44.10
N SER IA 51 78.34 4.59 -44.22
CA SER IA 51 79.17 4.84 -43.04
C SER IA 51 80.25 5.85 -43.40
N LYS IA 52 80.91 6.36 -42.35
CA LYS IA 52 81.94 7.37 -42.53
C LYS IA 52 83.20 6.79 -43.14
N LYS IA 53 83.50 5.53 -42.81
CA LYS IA 53 84.67 4.87 -43.39
C LYS IA 53 84.43 4.45 -44.83
N ASP IA 54 83.17 4.27 -45.23
CA ASP IA 54 82.86 3.90 -46.60
C ASP IA 54 83.05 5.07 -47.54
N ALA IA 55 82.90 6.30 -47.05
CA ALA IA 55 83.15 7.47 -47.87
C ALA IA 55 84.63 7.77 -48.00
N ALA IA 56 85.43 7.38 -46.99
CA ALA IA 56 86.87 7.61 -47.06
C ALA IA 56 87.54 6.63 -48.01
N ALA IA 57 86.98 5.43 -48.16
CA ALA IA 57 87.56 4.45 -49.06
C ALA IA 57 87.11 4.68 -50.50
N ALA IA 58 85.93 5.26 -50.71
CA ALA IA 58 85.40 5.43 -52.05
C ALA IA 58 85.71 6.79 -52.65
N PHE IA 59 86.12 7.76 -51.84
CA PHE IA 59 86.42 9.09 -52.36
C PHE IA 59 87.71 9.68 -51.82
N GLY IA 60 88.40 9.01 -50.91
CA GLY IA 60 89.66 9.50 -50.41
C GLY IA 60 89.52 10.52 -49.30
N ILE IA 61 90.38 10.45 -48.29
CA ILE IA 61 90.36 11.44 -47.21
C ILE IA 61 90.91 12.75 -47.74
N GLY IA 62 90.21 13.85 -47.44
CA GLY IA 62 90.60 15.15 -47.90
C GLY IA 62 89.91 15.62 -49.15
N SER IA 63 89.08 14.79 -49.76
CA SER IA 63 88.32 15.22 -50.92
C SER IA 63 87.22 16.18 -50.51
N SER IA 64 86.72 16.93 -51.50
CA SER IA 64 85.65 17.88 -51.22
C SER IA 64 84.30 17.19 -51.01
N ILE IA 65 84.17 15.94 -51.45
CA ILE IA 65 82.94 15.19 -51.22
C ILE IA 65 83.05 14.27 -50.01
N TYR IA 66 84.25 13.92 -49.57
CA TYR IA 66 84.38 13.24 -48.29
C TYR IA 66 84.09 14.18 -47.14
N LEU IA 67 84.47 15.46 -47.30
CA LEU IA 67 84.21 16.46 -46.28
C LEU IA 67 82.73 16.79 -46.17
N ALA IA 68 81.95 16.51 -47.21
CA ALA IA 68 80.50 16.65 -47.12
C ALA IA 68 79.88 15.45 -46.43
N CYS IA 69 80.43 14.25 -46.68
CA CYS IA 69 79.97 13.07 -45.94
C CYS IA 69 80.44 13.11 -44.49
N GLU IA 70 81.57 13.77 -44.23
CA GLU IA 70 82.01 13.98 -42.86
C GLU IA 70 81.05 14.88 -42.11
N ALA IA 71 80.41 15.83 -42.80
CA ALA IA 71 79.44 16.69 -42.16
C ALA IA 71 78.13 15.99 -41.83
N ILE IA 72 77.84 14.87 -42.48
CA ILE IA 72 76.58 14.17 -42.30
C ILE IA 72 76.70 13.05 -41.28
N TYR IA 73 77.80 12.30 -41.32
CA TYR IA 73 77.95 11.13 -40.46
C TYR IA 73 78.33 11.46 -39.03
N ASN IA 74 78.56 12.74 -38.71
CA ASN IA 74 78.79 13.13 -37.34
C ASN IA 74 77.50 13.45 -36.60
N ARG IA 75 76.57 14.11 -37.28
CA ARG IA 75 75.30 14.44 -36.65
C ARG IA 75 74.32 13.28 -36.75
N ALA IA 76 74.27 12.61 -37.89
CA ALA IA 76 73.31 11.54 -38.13
C ALA IA 76 74.04 10.30 -38.61
N GLN IA 77 73.26 9.31 -39.02
CA GLN IA 77 73.79 8.09 -39.63
C GLN IA 77 72.76 7.62 -40.65
N ALA IA 78 72.96 7.99 -41.91
CA ALA IA 78 71.97 7.75 -42.94
C ALA IA 78 72.65 7.27 -44.21
N VAL IA 79 71.81 6.90 -45.18
CA VAL IA 79 72.28 6.44 -46.48
C VAL IA 79 72.57 7.64 -47.34
N ILE IA 80 73.74 7.65 -47.98
CA ILE IA 80 74.14 8.73 -48.87
C ILE IA 80 74.43 8.14 -50.24
N VAL IA 81 73.69 8.61 -51.25
CA VAL IA 81 73.98 8.26 -52.64
C VAL IA 81 74.85 9.38 -53.19
N ALA IA 82 76.16 9.21 -53.13
CA ALA IA 82 77.10 10.23 -53.57
C ALA IA 82 77.49 9.95 -55.02
N VAL IA 83 77.63 11.01 -55.80
CA VAL IA 83 77.99 10.86 -57.20
C VAL IA 83 79.48 11.06 -57.36
N GLY IA 84 79.97 12.24 -57.04
CA GLY IA 84 81.38 12.52 -57.18
C GLY IA 84 81.78 12.83 -58.61
N VAL IA 85 82.37 14.00 -58.84
CA VAL IA 85 82.81 14.41 -60.16
C VAL IA 85 84.28 14.81 -60.06
N GLU IA 86 84.95 14.84 -61.21
CA GLU IA 86 86.33 15.27 -61.24
C GLU IA 86 86.39 16.80 -61.21
N THR IA 87 87.51 17.32 -60.71
CA THR IA 87 87.67 18.76 -60.55
C THR IA 87 87.94 19.40 -61.91
N ALA IA 88 87.05 20.30 -62.32
CA ALA IA 88 87.26 21.04 -63.55
C ALA IA 88 88.32 22.11 -63.36
N GLU IA 89 88.84 22.61 -64.48
CA GLU IA 89 89.93 23.58 -64.43
C GLU IA 89 89.44 24.95 -63.97
N THR IA 90 88.51 25.53 -64.71
CA THR IA 90 87.98 26.83 -64.32
C THR IA 90 86.84 26.65 -63.31
N PRO IA 91 86.62 27.62 -62.43
CA PRO IA 91 85.45 27.55 -61.53
C PRO IA 91 84.12 27.74 -62.23
N GLU IA 92 84.11 28.25 -63.46
CA GLU IA 92 82.87 28.36 -64.21
C GLU IA 92 82.49 27.03 -64.86
N ALA IA 93 83.49 26.24 -65.29
CA ALA IA 93 83.23 24.92 -65.85
C ALA IA 93 82.99 23.87 -64.78
N GLN IA 94 83.23 24.19 -63.50
CA GLN IA 94 82.88 23.25 -62.44
C GLN IA 94 81.38 23.17 -62.25
N ALA IA 95 80.66 24.28 -62.51
CA ALA IA 95 79.21 24.26 -62.42
C ALA IA 95 78.59 23.43 -63.52
N SER IA 96 79.23 23.37 -64.69
CA SER IA 96 78.69 22.56 -65.79
C SER IA 96 78.89 21.08 -65.57
N ALA IA 97 79.79 20.69 -64.66
CA ALA IA 97 79.97 19.28 -64.33
C ALA IA 97 79.02 18.81 -63.24
N VAL IA 98 78.68 19.68 -62.29
CA VAL IA 98 77.70 19.32 -61.27
C VAL IA 98 76.31 19.26 -61.88
N ILE IA 99 75.98 20.20 -62.76
CA ILE IA 99 74.76 20.12 -63.56
C ILE IA 99 74.95 18.96 -64.54
N GLY IA 100 74.31 17.84 -64.25
CA GLY IA 100 74.51 16.66 -65.06
C GLY IA 100 73.83 16.78 -66.40
N GLY IA 101 74.46 16.21 -67.41
CA GLY IA 101 73.81 16.04 -68.68
C GLY IA 101 73.66 14.57 -68.96
N ILE IA 102 73.97 14.16 -70.19
CA ILE IA 102 73.97 12.77 -70.59
C ILE IA 102 75.24 12.54 -71.40
N SER IA 103 76.00 11.52 -71.04
CA SER IA 103 77.27 11.26 -71.69
C SER IA 103 77.06 10.75 -73.11
N ALA IA 104 78.16 10.64 -73.86
CA ALA IA 104 78.11 10.11 -75.21
C ALA IA 104 77.81 8.61 -75.22
N ALA IA 105 78.05 7.92 -74.11
CA ALA IA 105 77.66 6.52 -73.99
C ALA IA 105 76.20 6.32 -73.62
N GLY IA 106 75.46 7.40 -73.39
CA GLY IA 106 74.07 7.30 -73.01
C GLY IA 106 73.85 7.08 -71.53
N GLU IA 107 74.56 7.83 -70.68
CA GLU IA 107 74.48 7.67 -69.24
C GLU IA 107 74.48 9.04 -68.59
N ARG IA 108 73.68 9.19 -67.54
CA ARG IA 108 73.65 10.42 -66.76
C ARG IA 108 74.95 10.59 -65.99
N THR IA 109 75.40 11.84 -65.87
CA THR IA 109 76.75 12.12 -65.40
C THR IA 109 76.82 12.79 -64.03
N GLY IA 110 76.20 13.95 -63.87
CA GLY IA 110 76.44 14.72 -62.66
C GLY IA 110 75.35 14.57 -61.61
N LEU IA 111 74.55 15.62 -61.45
CA LEU IA 111 73.43 15.55 -60.51
C LEU IA 111 72.35 14.60 -61.00
N GLN IA 112 72.24 14.40 -62.31
CA GLN IA 112 71.22 13.53 -62.87
C GLN IA 112 71.44 12.07 -62.54
N ALA IA 113 72.64 11.69 -62.10
CA ALA IA 113 72.90 10.31 -61.70
C ALA IA 113 72.15 9.90 -60.45
N LEU IA 114 71.63 10.86 -59.68
CA LEU IA 114 70.77 10.53 -58.55
C LEU IA 114 69.43 9.97 -58.97
N LEU IA 115 69.03 10.15 -60.24
CA LEU IA 115 67.86 9.47 -60.77
C LEU IA 115 68.11 7.97 -60.94
N ASP IA 116 69.37 7.56 -61.00
CA ASP IA 116 69.74 6.15 -60.96
C ASP IA 116 69.98 5.66 -59.53
N GLY IA 117 69.35 6.29 -58.55
CA GLY IA 117 69.53 5.90 -57.17
C GLY IA 117 68.57 4.81 -56.75
N LYS IA 118 67.38 4.80 -57.32
CA LYS IA 118 66.40 3.77 -57.01
C LYS IA 118 66.54 2.55 -57.91
N SER IA 119 66.95 2.75 -59.17
CA SER IA 119 67.08 1.66 -60.11
C SER IA 119 68.25 0.75 -59.78
N ARG IA 120 69.24 1.24 -59.04
CA ARG IA 120 70.45 0.50 -58.76
C ARG IA 120 70.59 0.08 -57.31
N PHE IA 121 70.28 0.96 -56.36
CA PHE IA 121 70.44 0.66 -54.94
C PHE IA 121 69.14 0.42 -54.21
N ASN IA 122 67.99 0.65 -54.86
CA ASN IA 122 66.66 0.67 -54.25
C ASN IA 122 66.60 1.64 -53.07
N ALA IA 123 67.29 2.77 -53.22
CA ALA IA 123 67.33 3.81 -52.19
C ALA IA 123 67.21 5.15 -52.90
N GLN IA 124 65.98 5.61 -53.07
CA GLN IA 124 65.74 6.88 -53.73
C GLN IA 124 66.09 8.03 -52.79
N PRO IA 125 66.86 9.01 -53.24
CA PRO IA 125 67.26 10.10 -52.33
C PRO IA 125 66.11 11.04 -52.05
N ARG IA 126 66.13 11.61 -50.84
CA ARG IA 126 65.14 12.58 -50.41
C ARG IA 126 65.73 13.94 -50.05
N LEU IA 127 67.03 14.03 -49.86
CA LEU IA 127 67.71 15.31 -49.63
C LEU IA 127 68.77 15.48 -50.71
N LEU IA 128 68.62 16.51 -51.52
CA LEU IA 128 69.53 16.76 -52.64
C LEU IA 128 70.49 17.86 -52.24
N VAL IA 129 71.74 17.49 -51.99
CA VAL IA 129 72.75 18.41 -51.47
C VAL IA 129 73.93 18.39 -52.42
N ALA IA 130 74.14 19.49 -53.14
CA ALA IA 130 75.39 19.74 -53.85
C ALA IA 130 76.08 20.86 -53.08
N PRO IA 131 76.90 20.55 -52.08
CA PRO IA 131 77.40 21.59 -51.17
C PRO IA 131 78.48 22.44 -51.82
N GLY IA 132 78.33 23.75 -51.72
CA GLY IA 132 79.28 24.71 -52.24
C GLY IA 132 78.94 25.20 -53.63
N HIS IA 133 78.53 24.28 -54.51
CA HIS IA 133 78.19 24.66 -55.87
C HIS IA 133 76.77 25.19 -56.00
N SER IA 134 75.93 24.97 -55.01
CA SER IA 134 74.55 25.46 -55.05
C SER IA 134 74.45 26.96 -54.81
N ALA IA 135 75.54 27.61 -54.40
CA ALA IA 135 75.55 29.06 -54.31
C ALA IA 135 75.51 29.72 -55.69
N GLN IA 136 75.97 29.02 -56.72
CA GLN IA 136 75.79 29.48 -58.09
C GLN IA 136 74.38 29.18 -58.54
N GLN IA 137 73.80 30.12 -59.29
CA GLN IA 137 72.38 30.03 -59.61
C GLN IA 137 72.08 28.94 -60.64
N ALA IA 138 73.06 28.61 -61.49
CA ALA IA 138 72.83 27.60 -62.51
C ALA IA 138 72.71 26.21 -61.92
N VAL IA 139 73.49 25.91 -60.88
CA VAL IA 139 73.42 24.59 -60.25
C VAL IA 139 72.15 24.47 -59.43
N ALA IA 140 71.77 25.53 -58.71
CA ALA IA 140 70.60 25.47 -57.85
C ALA IA 140 69.31 25.42 -58.65
N THR IA 141 69.27 26.04 -59.83
CA THR IA 141 68.09 25.95 -60.67
C THR IA 141 68.04 24.65 -61.47
N ALA IA 142 69.15 23.90 -61.51
CA ALA IA 142 69.14 22.55 -62.04
C ALA IA 142 68.87 21.51 -60.98
N MET IA 143 69.02 21.88 -59.71
CA MET IA 143 68.64 21.01 -58.61
C MET IA 143 67.17 21.19 -58.23
N ASP IA 144 66.56 22.30 -58.64
CA ASP IA 144 65.13 22.49 -58.42
C ASP IA 144 64.32 21.56 -59.32
N GLY IA 145 64.69 21.45 -60.58
CA GLY IA 145 64.01 20.51 -61.47
C GLY IA 145 64.32 19.07 -61.17
N LEU IA 146 65.45 18.79 -60.51
CA LEU IA 146 65.77 17.44 -60.11
C LEU IA 146 65.00 17.04 -58.86
N ALA IA 147 64.66 18.00 -58.00
CA ALA IA 147 63.95 17.71 -56.76
C ALA IA 147 62.50 17.31 -56.99
N GLU IA 148 61.91 17.69 -58.12
CA GLU IA 148 60.57 17.23 -58.45
C GLU IA 148 60.58 15.85 -59.08
N LYS IA 149 61.67 15.48 -59.75
CA LYS IA 149 61.79 14.15 -60.32
C LYS IA 149 61.96 13.07 -59.27
N LEU IA 150 62.45 13.44 -58.08
CA LEU IA 150 62.67 12.49 -57.01
C LEU IA 150 61.71 12.70 -55.84
N ARG IA 151 60.86 13.72 -55.91
CA ARG IA 151 60.05 14.20 -54.78
C ARG IA 151 60.90 14.45 -53.55
N ALA IA 152 62.04 15.09 -53.76
CA ALA IA 152 63.02 15.32 -52.72
C ALA IA 152 62.93 16.75 -52.21
N ILE IA 153 63.86 17.11 -51.33
CA ILE IA 153 63.98 18.47 -50.82
C ILE IA 153 65.42 18.88 -51.08
N ALA IA 154 65.62 19.71 -52.09
CA ALA IA 154 66.96 20.13 -52.48
C ALA IA 154 67.43 21.23 -51.52
N ILE IA 155 68.38 20.90 -50.65
CA ILE IA 155 68.86 21.84 -49.66
C ILE IA 155 69.92 22.72 -50.31
N LEU IA 156 69.59 23.98 -50.53
CA LEU IA 156 70.52 24.94 -51.12
C LEU IA 156 71.37 25.58 -50.04
N ASP IA 157 72.28 26.44 -50.47
CA ASP IA 157 72.98 27.35 -49.57
C ASP IA 157 73.33 28.59 -50.36
N GLY IA 158 73.00 29.75 -49.83
CA GLY IA 158 73.27 30.99 -50.51
C GLY IA 158 74.72 31.37 -50.42
N PRO IA 159 75.04 32.55 -50.97
CA PRO IA 159 76.41 33.05 -50.86
C PRO IA 159 76.70 33.51 -49.44
N ASN IA 160 78.00 33.58 -49.13
CA ASN IA 160 78.43 34.07 -47.83
C ASN IA 160 78.60 35.59 -47.81
N SER IA 161 77.95 36.29 -48.72
CA SER IA 161 77.97 37.75 -48.76
C SER IA 161 76.96 38.31 -47.78
N THR IA 162 76.70 39.62 -47.88
CA THR IA 162 75.80 40.30 -46.96
C THR IA 162 74.36 39.85 -47.19
N ASP IA 163 73.49 40.26 -46.27
CA ASP IA 163 72.09 39.83 -46.29
C ASP IA 163 71.30 40.47 -47.43
N GLU IA 164 71.79 41.57 -47.99
CA GLU IA 164 71.17 42.09 -49.21
C GLU IA 164 71.43 41.16 -50.38
N ALA IA 165 72.58 40.49 -50.41
CA ALA IA 165 72.87 39.52 -51.45
C ALA IA 165 72.28 38.15 -51.16
N ALA IA 166 71.86 37.90 -49.93
CA ALA IA 166 71.23 36.63 -49.60
C ALA IA 166 69.75 36.63 -49.96
N VAL IA 167 69.08 37.75 -49.72
CA VAL IA 167 67.67 37.86 -50.11
C VAL IA 167 67.55 37.95 -51.62
N ALA IA 168 68.46 38.69 -52.27
CA ALA IA 168 68.40 38.85 -53.72
C ALA IA 168 68.77 37.58 -54.47
N TYR IA 169 69.38 36.61 -53.80
CA TYR IA 169 69.62 35.31 -54.40
C TYR IA 169 68.43 34.37 -54.20
N ALA IA 170 67.75 34.47 -53.07
CA ALA IA 170 66.59 33.64 -52.79
C ALA IA 170 65.33 34.13 -53.48
N LYS IA 171 65.37 35.27 -54.15
CA LYS IA 171 64.22 35.79 -54.89
C LYS IA 171 64.15 35.24 -56.31
N ASN IA 172 64.95 34.23 -56.63
CA ASN IA 172 64.95 33.64 -57.96
C ASN IA 172 64.26 32.29 -58.02
N PHE IA 173 63.93 31.69 -56.88
CA PHE IA 173 63.59 30.28 -56.85
C PHE IA 173 62.09 30.00 -56.74
N GLY IA 174 61.47 30.41 -55.64
CA GLY IA 174 60.02 30.33 -55.51
C GLY IA 174 59.40 28.95 -55.48
N SER IA 175 60.17 27.87 -55.48
CA SER IA 175 59.61 26.53 -55.50
C SER IA 175 59.64 25.91 -54.11
N LYS IA 176 58.66 25.05 -53.86
CA LYS IA 176 58.45 24.49 -52.53
C LYS IA 176 59.47 23.43 -52.13
N ARG IA 177 60.28 22.94 -53.06
CA ARG IA 177 61.24 21.88 -52.78
C ARG IA 177 62.66 22.41 -52.71
N LEU IA 178 62.82 23.62 -52.18
CA LEU IA 178 64.12 24.25 -52.04
C LEU IA 178 64.26 24.82 -50.65
N PHE IA 179 65.31 24.42 -49.95
CA PHE IA 179 65.57 24.85 -48.58
C PHE IA 179 66.93 25.54 -48.57
N MET IA 180 66.95 26.79 -48.16
CA MET IA 180 68.16 27.62 -48.29
C MET IA 180 68.71 27.94 -46.91
N VAL IA 181 69.97 27.62 -46.69
CA VAL IA 181 70.68 27.90 -45.44
C VAL IA 181 71.79 28.88 -45.79
N ASP IA 182 71.61 30.15 -45.42
CA ASP IA 182 72.49 31.21 -45.92
C ASP IA 182 73.87 31.32 -45.26
N PRO IA 183 74.03 31.44 -43.93
CA PRO IA 183 75.37 31.75 -43.41
C PRO IA 183 76.27 30.52 -43.45
N GLY IA 184 77.47 30.70 -43.98
CA GLY IA 184 78.40 29.59 -44.15
C GLY IA 184 79.00 29.17 -42.82
N VAL IA 185 79.03 27.86 -42.58
CA VAL IA 185 79.54 27.33 -41.34
C VAL IA 185 81.06 27.43 -41.33
N GLN IA 186 81.62 27.91 -40.23
CA GLN IA 186 83.05 27.86 -39.98
C GLN IA 186 83.32 26.62 -39.15
N VAL IA 187 84.15 25.71 -39.68
CA VAL IA 187 84.39 24.42 -39.05
C VAL IA 187 85.89 24.20 -38.93
N TRP IA 188 86.29 23.54 -37.84
CA TRP IA 188 87.69 23.23 -37.61
C TRP IA 188 88.15 22.11 -38.53
N ASP IA 189 89.34 22.29 -39.10
CA ASP IA 189 89.90 21.35 -40.05
C ASP IA 189 91.01 20.52 -39.40
N SER IA 190 91.09 19.26 -39.82
CA SER IA 190 92.16 18.37 -39.37
C SER IA 190 93.35 18.36 -40.31
N ALA IA 191 93.19 18.87 -41.54
CA ALA IA 191 94.28 18.90 -42.51
C ALA IA 191 95.08 20.19 -42.38
N THR IA 192 94.43 21.34 -42.53
CA THR IA 192 95.11 22.63 -42.42
C THR IA 192 95.28 23.06 -40.97
N ASN IA 193 94.66 22.34 -40.02
CA ASN IA 193 94.77 22.59 -38.58
C ASN IA 193 94.32 24.01 -38.20
N ALA IA 194 93.23 24.46 -38.83
CA ALA IA 194 92.65 25.76 -38.57
C ALA IA 194 91.16 25.68 -38.85
N ALA IA 195 90.50 26.83 -38.78
CA ALA IA 195 89.06 26.92 -39.00
C ALA IA 195 88.79 27.25 -40.47
N ARG IA 196 88.19 26.32 -41.19
CA ARG IA 196 87.84 26.50 -42.59
C ARG IA 196 86.36 26.79 -42.73
N ASN IA 197 86.00 27.43 -43.84
CA ASN IA 197 84.62 27.78 -44.12
C ASN IA 197 83.97 26.68 -44.93
N ALA IA 198 82.98 26.07 -44.38
CA ALA IA 198 82.13 25.03 -44.93
C ALA IA 198 80.91 25.64 -45.62
N PRO IA 199 80.33 24.95 -46.60
CA PRO IA 199 79.17 25.53 -47.31
C PRO IA 199 77.88 25.54 -46.49
N ALA IA 200 77.84 24.85 -45.34
CA ALA IA 200 76.69 24.79 -44.42
C ALA IA 200 75.44 24.19 -45.04
N SER IA 201 75.57 23.50 -46.17
CA SER IA 201 74.45 22.77 -46.76
C SER IA 201 74.46 21.30 -46.43
N ALA IA 202 75.65 20.72 -46.25
CA ALA IA 202 75.75 19.35 -45.78
C ALA IA 202 75.47 19.23 -44.30
N TYR IA 203 75.68 20.30 -43.54
CA TYR IA 203 75.37 20.27 -42.11
C TYR IA 203 73.89 20.39 -41.85
N ALA IA 204 73.14 21.01 -42.77
CA ALA IA 204 71.69 21.04 -42.64
C ALA IA 204 71.07 19.69 -42.98
N ALA IA 205 71.63 18.97 -43.96
CA ALA IA 205 71.14 17.64 -44.28
C ALA IA 205 71.53 16.62 -43.22
N GLY IA 206 72.52 16.92 -42.38
CA GLY IA 206 72.76 16.09 -41.23
C GLY IA 206 71.63 16.17 -40.21
N LEU IA 207 70.91 17.30 -40.18
CA LEU IA 207 69.78 17.45 -39.28
C LEU IA 207 68.49 16.88 -39.86
N PHE IA 208 68.33 16.94 -41.18
CA PHE IA 208 67.18 16.30 -41.80
C PHE IA 208 67.26 14.78 -41.69
N ALA IA 209 68.46 14.23 -41.66
CA ALA IA 209 68.62 12.80 -41.49
C ALA IA 209 68.61 12.38 -40.03
N TRP IA 210 68.86 13.31 -39.11
CA TRP IA 210 68.86 12.98 -37.70
C TRP IA 210 67.49 13.10 -37.07
N THR IA 211 66.73 14.13 -37.45
CA THR IA 211 65.39 14.30 -36.89
C THR IA 211 64.42 13.25 -37.40
N ASP IA 212 64.69 12.69 -38.58
CA ASP IA 212 63.84 11.60 -39.07
C ASP IA 212 64.11 10.32 -38.31
N ALA IA 213 65.31 10.15 -37.78
CA ALA IA 213 65.64 8.98 -36.98
C ALA IA 213 65.32 9.18 -35.51
N GLU IA 214 65.36 10.42 -35.02
CA GLU IA 214 65.13 10.72 -33.61
C GLU IA 214 63.69 11.14 -33.35
N TYR IA 215 63.22 12.18 -34.04
CA TYR IA 215 61.89 12.71 -33.80
C TYR IA 215 60.89 12.39 -34.90
N GLY IA 216 61.33 11.88 -36.04
CA GLY IA 216 60.42 11.48 -37.09
C GLY IA 216 60.44 12.45 -38.26
N PHE IA 217 59.92 11.97 -39.39
CA PHE IA 217 59.91 12.73 -40.63
C PHE IA 217 58.89 13.86 -40.63
N TRP IA 218 57.98 13.89 -39.66
CA TRP IA 218 57.02 14.98 -39.51
C TRP IA 218 57.54 16.10 -38.64
N SER IA 219 58.78 16.02 -38.16
CA SER IA 219 59.33 16.98 -37.22
C SER IA 219 60.33 17.86 -37.93
N SER IA 220 60.21 19.16 -37.73
CA SER IA 220 61.10 20.09 -38.40
C SER IA 220 62.46 20.09 -37.71
N PRO IA 221 63.55 20.23 -38.48
CA PRO IA 221 64.88 20.25 -37.88
C PRO IA 221 65.32 21.64 -37.46
N SER IA 222 64.37 22.57 -37.36
CA SER IA 222 64.64 23.99 -37.30
C SER IA 222 64.88 24.52 -35.88
N ASN IA 223 65.19 23.65 -34.94
CA ASN IA 223 65.63 24.10 -33.63
C ASN IA 223 66.75 23.22 -33.09
N LYS IA 224 67.27 22.31 -33.89
CA LYS IA 224 68.17 21.28 -33.42
C LYS IA 224 69.62 21.70 -33.66
N GLU IA 225 70.51 21.12 -32.88
CA GLU IA 225 71.89 21.58 -32.82
C GLU IA 225 72.75 20.94 -33.89
N ILE IA 226 73.66 21.72 -34.45
CA ILE IA 226 74.68 21.23 -35.36
C ILE IA 226 75.95 20.99 -34.55
N LYS IA 227 76.54 19.81 -34.71
CA LYS IA 227 77.56 19.37 -33.76
C LYS IA 227 78.98 19.70 -34.18
N GLY IA 228 79.30 19.59 -35.47
CA GLY IA 228 80.67 19.75 -35.90
C GLY IA 228 81.17 21.18 -35.97
N VAL IA 229 80.29 22.16 -35.88
CA VAL IA 229 80.66 23.55 -36.16
C VAL IA 229 81.48 24.13 -35.01
N THR IA 230 82.13 25.26 -35.31
CA THR IA 230 82.81 26.04 -34.28
C THR IA 230 82.62 27.53 -34.51
N GLY IA 231 81.61 27.92 -35.27
CA GLY IA 231 81.39 29.32 -35.57
C GLY IA 231 80.53 29.47 -36.80
N THR IA 232 80.47 30.70 -37.30
CA THR IA 232 79.63 31.02 -38.45
C THR IA 232 80.16 32.30 -39.08
N SER IA 233 80.43 32.25 -40.38
CA SER IA 233 80.82 33.44 -41.12
C SER IA 233 79.64 34.40 -41.19
N ARG IA 234 79.90 35.69 -40.92
CA ARG IA 234 78.92 36.77 -40.79
C ARG IA 234 77.83 36.39 -39.78
N PRO IA 235 78.13 36.45 -38.48
CA PRO IA 235 77.17 35.96 -37.47
C PRO IA 235 75.92 36.81 -37.38
N VAL IA 236 74.77 36.16 -37.38
CA VAL IA 236 73.49 36.84 -37.38
C VAL IA 236 73.05 37.09 -35.94
N GLU IA 237 72.11 38.03 -35.78
CA GLU IA 237 71.67 38.50 -34.49
C GLU IA 237 70.31 37.89 -34.15
N PHE IA 238 70.22 37.27 -32.98
CA PHE IA 238 68.96 36.79 -32.41
C PHE IA 238 69.14 36.82 -30.89
N LEU IA 239 68.71 37.92 -30.27
CA LEU IA 239 69.11 38.13 -28.88
C LEU IA 239 68.21 37.40 -27.90
N ASP IA 240 66.98 37.88 -27.69
CA ASP IA 240 66.03 37.10 -26.92
C ASP IA 240 64.69 36.94 -27.63
N GLY IA 241 64.04 38.06 -27.94
CA GLY IA 241 62.69 38.05 -28.45
C GLY IA 241 62.35 39.18 -29.41
N ASP IA 242 63.35 39.95 -29.83
CA ASP IA 242 63.11 41.09 -30.70
C ASP IA 242 62.76 40.59 -32.10
N GLU IA 243 61.57 40.95 -32.58
CA GLU IA 243 61.08 40.45 -33.86
C GLU IA 243 61.69 41.16 -35.06
N THR IA 244 62.52 42.17 -34.85
CA THR IA 244 63.23 42.84 -35.93
C THR IA 244 64.73 42.54 -35.90
N CYS IA 245 65.10 41.39 -35.34
CA CYS IA 245 66.48 40.94 -35.36
C CYS IA 245 66.89 40.54 -36.77
N ARG IA 246 68.20 40.46 -36.99
CA ARG IA 246 68.71 40.18 -38.32
C ARG IA 246 68.49 38.72 -38.73
N ALA IA 247 68.39 37.81 -37.76
CA ALA IA 247 68.08 36.43 -38.10
C ALA IA 247 66.61 36.26 -38.46
N ASN IA 248 65.73 37.07 -37.88
CA ASN IA 248 64.31 36.97 -38.20
C ASN IA 248 64.00 37.60 -39.55
N LEU IA 249 64.79 38.58 -39.97
CA LEU IA 249 64.56 39.22 -41.27
C LEU IA 249 64.90 38.31 -42.43
N LEU IA 250 65.68 37.24 -42.19
CA LEU IA 250 65.96 36.26 -43.23
C LEU IA 250 64.93 35.14 -43.25
N ASN IA 251 64.42 34.74 -42.09
CA ASN IA 251 63.35 33.74 -42.07
C ASN IA 251 62.05 34.29 -42.62
N ASN IA 252 61.88 35.62 -42.56
CA ASN IA 252 60.74 36.24 -43.21
C ASN IA 252 60.87 36.18 -44.73
N ALA IA 253 62.10 36.13 -45.24
CA ALA IA 253 62.37 35.98 -46.66
C ALA IA 253 62.62 34.54 -47.06
N ASN IA 254 62.06 33.58 -46.30
CA ASN IA 254 62.09 32.15 -46.59
C ASN IA 254 63.51 31.59 -46.63
N ILE IA 255 64.38 32.09 -45.77
CA ILE IA 255 65.77 31.65 -45.69
C ILE IA 255 66.05 31.15 -44.28
N ALA IA 256 66.50 29.91 -44.18
CA ALA IA 256 66.94 29.40 -42.89
C ALA IA 256 68.29 29.99 -42.53
N THR IA 257 68.53 30.14 -41.23
CA THR IA 257 69.76 30.72 -40.72
C THR IA 257 70.37 29.80 -39.66
N ILE IA 258 71.47 30.27 -39.08
CA ILE IA 258 72.17 29.59 -37.99
C ILE IA 258 72.47 30.65 -36.94
N ILE IA 259 71.85 30.52 -35.77
CA ILE IA 259 71.64 31.69 -34.93
C ILE IA 259 72.68 31.90 -33.83
N ARG IA 260 72.83 30.93 -32.93
CA ARG IA 260 73.31 31.20 -31.58
C ARG IA 260 74.82 31.41 -31.53
N ASP IA 261 75.34 31.55 -30.32
CA ASP IA 261 76.76 31.78 -30.11
C ASP IA 261 77.55 30.56 -30.51
N ASP IA 262 78.60 30.77 -31.32
CA ASP IA 262 79.37 29.76 -32.05
C ASP IA 262 78.50 28.94 -33.01
N GLY IA 263 77.35 29.48 -33.41
CA GLY IA 263 76.48 28.94 -34.42
C GLY IA 263 76.00 27.51 -34.26
N TYR IA 264 75.46 27.16 -33.08
CA TYR IA 264 75.15 25.77 -32.80
C TYR IA 264 73.66 25.46 -32.85
N ARG IA 265 72.88 26.23 -33.58
CA ARG IA 265 71.47 25.92 -33.79
C ARG IA 265 71.08 26.22 -35.23
N LEU IA 266 70.22 25.38 -35.80
CA LEU IA 266 69.56 25.70 -37.06
C LEU IA 266 68.28 26.46 -36.75
N TRP IA 267 67.95 27.41 -37.61
CA TRP IA 267 66.82 28.31 -37.37
C TRP IA 267 66.09 28.53 -38.68
N GLY IA 268 64.83 28.18 -38.74
CA GLY IA 268 64.04 28.42 -39.93
C GLY IA 268 63.47 27.14 -40.53
N ASN IA 269 62.15 27.04 -40.54
CA ASN IA 269 61.47 25.88 -41.09
C ASN IA 269 60.76 26.19 -42.39
N ARG IA 270 60.75 27.45 -42.81
CA ARG IA 270 60.11 27.82 -44.07
C ARG IA 270 60.99 27.40 -45.23
N THR IA 271 60.36 26.78 -46.23
CA THR IA 271 61.04 26.53 -47.48
C THR IA 271 60.84 27.72 -48.40
N LEU IA 272 61.50 27.69 -49.57
CA LEU IA 272 61.44 28.82 -50.48
C LEU IA 272 60.19 28.80 -51.36
N SER IA 273 59.02 28.67 -50.77
CA SER IA 273 57.79 28.49 -51.55
C SER IA 273 57.05 29.80 -51.73
N SER IA 274 56.40 29.95 -52.88
CA SER IA 274 55.55 31.11 -53.11
C SER IA 274 54.18 30.95 -52.51
N ASP IA 275 53.64 29.72 -52.51
CA ASP IA 275 52.35 29.48 -51.88
C ASP IA 275 52.48 29.50 -50.37
N SER IA 276 51.43 29.97 -49.71
CA SER IA 276 51.37 29.92 -48.25
C SER IA 276 51.00 28.54 -47.74
N LYS IA 277 50.57 27.64 -48.63
CA LYS IA 277 50.21 26.29 -48.23
C LYS IA 277 51.45 25.43 -48.02
N TRP IA 278 52.37 25.45 -48.97
CA TRP IA 278 53.59 24.65 -48.91
C TRP IA 278 54.75 25.41 -48.32
N ALA IA 279 54.51 26.34 -47.40
CA ALA IA 279 55.59 27.16 -46.88
C ALA IA 279 56.44 26.39 -45.89
N PHE IA 280 55.84 25.57 -45.05
CA PHE IA 280 56.60 24.80 -44.08
C PHE IA 280 57.27 23.61 -44.75
N VAL IA 281 58.55 23.39 -44.43
CA VAL IA 281 59.28 22.26 -44.99
C VAL IA 281 58.84 20.94 -44.37
N THR IA 282 58.11 20.98 -43.26
CA THR IA 282 57.53 19.77 -42.69
C THR IA 282 56.40 19.24 -43.57
N ARG IA 283 55.52 20.14 -44.03
CA ARG IA 283 54.35 19.73 -44.81
C ARG IA 283 54.75 19.22 -46.18
N VAL IA 284 55.77 19.80 -46.80
CA VAL IA 284 56.25 19.32 -48.09
C VAL IA 284 56.92 17.95 -47.93
N ARG IA 285 57.53 17.71 -46.77
CA ARG IA 285 58.21 16.45 -46.55
C ARG IA 285 57.25 15.31 -46.26
N THR IA 286 56.20 15.56 -45.47
CA THR IA 286 55.22 14.52 -45.19
C THR IA 286 54.29 14.28 -46.37
N MET IA 287 54.07 15.28 -47.22
CA MET IA 287 53.22 15.07 -48.38
C MET IA 287 53.90 14.20 -49.41
N ASP IA 288 55.21 14.38 -49.61
CA ASP IA 288 55.94 13.53 -50.54
C ASP IA 288 56.21 12.15 -49.97
N LEU IA 289 56.02 11.95 -48.67
CA LEU IA 289 56.21 10.65 -48.06
C LEU IA 289 54.92 9.83 -47.98
N VAL IA 290 53.76 10.48 -47.96
CA VAL IA 290 52.49 9.77 -48.03
C VAL IA 290 51.98 9.65 -49.46
N MET IA 291 52.56 10.38 -50.42
CA MET IA 291 52.24 10.18 -51.81
C MET IA 291 53.15 9.17 -52.50
N ASP IA 292 54.32 8.89 -51.91
CA ASP IA 292 55.21 7.89 -52.45
C ASP IA 292 55.09 6.55 -51.76
N ALA IA 293 54.48 6.50 -50.57
CA ALA IA 293 54.17 5.23 -49.94
C ALA IA 293 52.89 4.63 -50.50
N ILE IA 294 51.93 5.48 -50.86
CA ILE IA 294 50.69 4.99 -51.46
C ILE IA 294 50.95 4.48 -52.88
N LEU IA 295 51.80 5.16 -53.63
CA LEU IA 295 52.09 4.76 -55.00
C LEU IA 295 52.91 3.47 -55.04
N ALA IA 296 53.87 3.32 -54.14
CA ALA IA 296 54.69 2.12 -54.12
C ALA IA 296 54.02 0.96 -53.37
N GLY IA 297 53.00 1.25 -52.57
CA GLY IA 297 52.33 0.23 -51.80
C GLY IA 297 51.04 -0.29 -52.38
N HIS IA 298 50.60 0.25 -53.52
CA HIS IA 298 49.35 -0.16 -54.15
C HIS IA 298 49.58 -0.73 -55.54
N LYS IA 299 50.76 -1.27 -55.80
CA LYS IA 299 51.03 -1.89 -57.08
C LYS IA 299 50.45 -3.30 -57.19
N TRP IA 300 49.93 -3.84 -56.10
CA TRP IA 300 49.20 -5.10 -56.14
C TRP IA 300 47.79 -4.94 -56.65
N ALA IA 301 47.26 -3.71 -56.65
CA ALA IA 301 45.85 -3.46 -56.89
C ALA IA 301 45.58 -2.89 -58.27
N VAL IA 302 46.47 -3.12 -59.24
CA VAL IA 302 46.33 -2.47 -60.53
C VAL IA 302 45.63 -3.34 -61.56
N ASP IA 303 45.26 -4.59 -61.22
CA ASP IA 303 44.36 -5.32 -62.10
C ASP IA 303 43.42 -6.25 -61.32
N ARG IA 304 43.12 -5.93 -60.06
CA ARG IA 304 42.42 -6.86 -59.20
C ARG IA 304 40.93 -6.99 -59.51
N GLY IA 305 40.36 -6.11 -60.32
CA GLY IA 305 38.96 -6.21 -60.61
C GLY IA 305 38.11 -5.55 -59.55
N ILE IA 306 37.22 -4.65 -59.95
CA ILE IA 306 36.48 -3.85 -58.99
C ILE IA 306 35.29 -4.65 -58.47
N THR IA 307 35.48 -5.35 -57.36
CA THR IA 307 34.41 -5.99 -56.62
C THR IA 307 34.15 -5.20 -55.34
N LYS IA 308 33.06 -5.56 -54.65
CA LYS IA 308 32.70 -4.86 -53.42
C LYS IA 308 33.70 -5.15 -52.30
N THR IA 309 34.36 -6.30 -52.36
CA THR IA 309 35.42 -6.64 -51.41
C THR IA 309 36.78 -6.12 -51.85
N TYR IA 310 36.83 -5.25 -52.85
CA TYR IA 310 38.06 -4.62 -53.31
C TYR IA 310 38.13 -3.16 -52.93
N VAL IA 311 37.06 -2.40 -53.20
CA VAL IA 311 36.99 -1.00 -52.76
C VAL IA 311 36.90 -0.94 -51.24
N LYS IA 312 36.23 -1.91 -50.62
CA LYS IA 312 36.17 -1.95 -49.16
C LYS IA 312 37.51 -2.30 -48.55
N ASP IA 313 38.32 -3.11 -49.24
CA ASP IA 313 39.57 -3.60 -48.69
C ASP IA 313 40.79 -2.89 -49.23
N VAL IA 314 40.62 -1.90 -50.11
CA VAL IA 314 41.69 -0.93 -50.34
C VAL IA 314 41.59 0.18 -49.30
N THR IA 315 40.36 0.63 -49.02
CA THR IA 315 40.15 1.67 -48.02
C THR IA 315 40.47 1.18 -46.61
N GLU IA 316 40.22 -0.11 -46.32
CA GLU IA 316 40.56 -0.65 -45.01
C GLU IA 316 42.07 -0.70 -44.79
N GLY IA 317 42.83 -0.93 -45.85
CA GLY IA 317 44.27 -0.82 -45.75
C GLY IA 317 44.80 0.58 -45.88
N LEU IA 318 43.96 1.50 -46.37
CA LEU IA 318 44.34 2.90 -46.48
C LEU IA 318 44.02 3.68 -45.22
N ARG IA 319 42.97 3.29 -44.50
CA ARG IA 319 42.72 3.87 -43.19
C ARG IA 319 43.74 3.40 -42.17
N ALA IA 320 44.12 2.13 -42.25
CA ALA IA 320 45.10 1.58 -41.31
C ALA IA 320 46.49 2.15 -41.57
N PHE IA 321 46.77 2.60 -42.79
CA PHE IA 321 48.02 3.31 -43.04
C PHE IA 321 48.03 4.67 -42.38
N MET IA 322 46.89 5.37 -42.39
CA MET IA 322 46.80 6.67 -41.75
C MET IA 322 46.54 6.56 -40.25
N ARG IA 323 45.86 5.50 -39.81
CA ARG IA 323 45.66 5.32 -38.37
C ARG IA 323 46.96 4.94 -37.67
N ASP IA 324 47.82 4.17 -38.34
CA ASP IA 324 49.14 3.90 -37.80
C ASP IA 324 50.11 5.04 -38.01
N LEU IA 325 49.72 6.05 -38.79
CA LEU IA 325 50.47 7.29 -38.93
C LEU IA 325 49.94 8.40 -38.03
N LYS IA 326 48.79 8.18 -37.38
CA LYS IA 326 48.19 9.17 -36.50
C LYS IA 326 48.59 8.96 -35.05
N ASN IA 327 48.53 7.73 -34.57
CA ASN IA 327 49.01 7.44 -33.22
C ASN IA 327 50.53 7.47 -33.15
N GLN IA 328 51.21 7.35 -34.29
CA GLN IA 328 52.65 7.59 -34.33
C GLN IA 328 52.95 9.07 -34.16
N GLY IA 329 52.03 9.94 -34.54
CA GLY IA 329 52.16 11.37 -34.31
C GLY IA 329 52.40 12.19 -35.55
N ALA IA 330 52.38 11.58 -36.74
CA ALA IA 330 52.71 12.32 -37.95
C ALA IA 330 51.57 13.22 -38.41
N VAL IA 331 50.33 12.73 -38.30
CA VAL IA 331 49.16 13.51 -38.65
C VAL IA 331 48.32 13.70 -37.39
N ILE IA 332 47.34 14.58 -37.49
CA ILE IA 332 46.44 14.86 -36.37
C ILE IA 332 45.14 14.09 -36.49
N ASN IA 333 44.45 14.22 -37.61
CA ASN IA 333 43.31 13.38 -37.94
C ASN IA 333 43.22 13.28 -39.44
N PHE IA 334 42.41 12.35 -39.92
CA PHE IA 334 42.35 12.07 -41.35
C PHE IA 334 40.92 11.69 -41.71
N GLU IA 335 40.69 11.51 -43.02
CA GLU IA 335 39.40 11.06 -43.52
C GLU IA 335 39.65 10.37 -44.86
N VAL IA 336 39.66 9.05 -44.85
CA VAL IA 336 39.88 8.25 -46.05
C VAL IA 336 38.54 7.67 -46.47
N TYR IA 337 38.16 7.93 -47.72
CA TYR IA 337 36.88 7.45 -48.22
C TYR IA 337 36.95 7.35 -49.73
N ALA IA 338 36.22 6.38 -50.28
CA ALA IA 338 36.06 6.32 -51.73
C ALA IA 338 35.18 7.46 -52.19
N ASP IA 339 35.59 8.11 -53.27
CA ASP IA 339 34.93 9.31 -53.76
C ASP IA 339 33.57 8.97 -54.35
N PRO IA 340 32.47 9.48 -53.80
CA PRO IA 340 31.15 9.12 -54.34
C PRO IA 340 30.82 9.79 -55.65
N ASP IA 341 31.54 10.84 -56.04
CA ASP IA 341 31.27 11.55 -57.28
C ASP IA 341 32.14 11.07 -58.44
N LEU IA 342 33.45 10.98 -58.24
CA LEU IA 342 34.35 10.60 -59.30
C LEU IA 342 34.29 9.11 -59.63
N ASN IA 343 33.76 8.28 -58.73
CA ASN IA 343 33.51 6.88 -59.04
C ASN IA 343 32.15 6.79 -59.74
N SER IA 344 32.16 7.12 -61.02
CA SER IA 344 30.95 7.09 -61.82
C SER IA 344 30.77 5.69 -62.40
N ALA IA 345 29.71 5.51 -63.18
CA ALA IA 345 29.54 4.24 -63.89
C ALA IA 345 30.48 4.15 -65.07
N SER IA 346 30.79 5.27 -65.72
CA SER IA 346 31.69 5.26 -66.86
C SER IA 346 33.16 5.34 -66.46
N GLN IA 347 33.47 5.92 -65.31
CA GLN IA 347 34.84 5.91 -64.84
C GLN IA 347 35.25 4.51 -64.40
N LEU IA 348 34.35 3.79 -63.74
CA LEU IA 348 34.64 2.43 -63.33
C LEU IA 348 34.64 1.47 -64.51
N ALA IA 349 33.95 1.81 -65.60
CA ALA IA 349 33.97 0.99 -66.80
C ALA IA 349 35.27 1.13 -67.59
N GLN IA 350 36.10 2.12 -67.28
CA GLN IA 350 37.42 2.24 -67.86
C GLN IA 350 38.50 1.70 -66.94
N GLY IA 351 38.15 1.34 -65.71
CA GLY IA 351 39.11 0.92 -64.72
C GLY IA 351 39.49 1.98 -63.72
N LYS IA 352 39.09 3.23 -63.95
CA LYS IA 352 39.43 4.31 -63.03
C LYS IA 352 38.57 4.21 -61.78
N VAL IA 353 39.20 4.15 -60.62
CA VAL IA 353 38.49 4.14 -59.35
C VAL IA 353 39.25 5.04 -58.38
N TYR IA 354 38.54 5.97 -57.75
CA TYR IA 354 39.16 7.10 -57.05
C TYR IA 354 38.98 6.96 -55.55
N TRP IA 355 40.03 7.33 -54.81
CA TRP IA 355 39.99 7.37 -53.35
C TRP IA 355 40.51 8.72 -52.88
N ASN IA 356 39.87 9.26 -51.85
CA ASN IA 356 40.27 10.53 -51.26
C ASN IA 356 40.93 10.28 -49.92
N ILE IA 357 42.11 10.83 -49.72
CA ILE IA 357 42.83 10.75 -48.46
C ILE IA 357 43.06 12.18 -47.99
N ARG IA 358 42.14 12.72 -47.21
CA ARG IA 358 42.30 14.03 -46.62
C ARG IA 358 42.90 13.87 -45.23
N PHE IA 359 43.84 14.75 -44.89
CA PHE IA 359 44.46 14.73 -43.58
C PHE IA 359 45.03 16.09 -43.26
N THR IA 360 45.43 16.28 -42.01
CA THR IA 360 46.15 17.47 -41.57
C THR IA 360 47.51 17.04 -41.04
N ASP IA 361 48.55 17.73 -41.46
CA ASP IA 361 49.88 17.49 -40.92
C ASP IA 361 50.01 18.15 -39.54
N VAL IA 362 51.15 17.93 -38.91
CA VAL IA 362 51.45 18.56 -37.62
C VAL IA 362 52.31 19.80 -37.90
N PRO IA 363 51.78 21.00 -37.76
CA PRO IA 363 52.56 22.19 -38.09
C PRO IA 363 53.57 22.49 -36.98
N PRO IA 364 54.79 22.88 -37.34
CA PRO IA 364 55.78 23.21 -36.31
C PRO IA 364 55.43 24.51 -35.62
N ALA IA 365 55.49 24.50 -34.29
CA ALA IA 365 55.08 25.63 -33.47
C ALA IA 365 56.14 26.73 -33.52
N GLU IA 366 56.21 27.39 -34.67
CA GLU IA 366 57.28 28.36 -34.90
C GLU IA 366 57.10 29.65 -34.11
N ASN IA 367 55.92 29.88 -33.53
CA ASN IA 367 55.71 31.07 -32.69
C ASN IA 367 54.78 30.74 -31.53
N PRO IA 368 55.31 30.15 -30.45
CA PRO IA 368 54.49 29.98 -29.25
C PRO IA 368 54.28 31.30 -28.53
N ASN IA 369 53.07 31.85 -28.63
CA ASN IA 369 52.76 33.12 -28.01
C ASN IA 369 52.24 32.92 -26.61
N PHE IA 370 52.69 33.76 -25.69
CA PHE IA 370 52.19 33.78 -24.32
C PHE IA 370 51.65 35.16 -24.01
N ARG IA 371 50.48 35.20 -23.39
CA ARG IA 371 49.80 36.45 -23.08
C ARG IA 371 49.60 36.50 -21.57
N VAL IA 372 50.43 37.30 -20.89
CA VAL IA 372 50.42 37.39 -19.44
C VAL IA 372 49.62 38.61 -19.05
N GLU IA 373 48.73 38.44 -18.07
CA GLU IA 373 47.79 39.49 -17.68
C GLU IA 373 47.65 39.51 -16.16
N VAL IA 374 47.79 40.70 -15.57
CA VAL IA 374 47.64 40.86 -14.14
C VAL IA 374 46.19 41.28 -13.89
N THR IA 375 45.35 40.31 -13.56
CA THR IA 375 43.94 40.54 -13.29
C THR IA 375 43.74 40.70 -11.79
N ASP IA 376 42.85 41.60 -11.39
CA ASP IA 376 42.45 41.71 -9.99
C ASP IA 376 41.20 40.90 -9.68
N GLN IA 377 40.95 39.84 -10.44
CA GLN IA 377 39.75 39.03 -10.23
C GLN IA 377 39.84 38.25 -8.93
N TRP IA 378 40.99 37.65 -8.65
CA TRP IA 378 41.20 36.90 -7.42
C TRP IA 378 41.72 37.78 -6.29
N LEU IA 379 41.61 39.10 -6.41
CA LEU IA 379 42.04 39.98 -5.34
C LEU IA 379 41.06 39.94 -4.17
N THR IA 380 39.82 39.54 -4.42
CA THR IA 380 38.84 39.38 -3.35
C THR IA 380 38.91 38.01 -2.68
N GLU IA 381 39.88 37.18 -3.04
CA GLU IA 381 40.04 35.88 -2.43
C GLU IA 381 40.72 35.95 -1.07
N VAL IA 382 41.50 37.00 -0.81
CA VAL IA 382 42.11 37.20 0.51
C VAL IA 382 41.07 37.92 1.37
N LEU IA 383 40.22 37.14 2.02
CA LEU IA 383 39.25 37.67 2.97
C LEU IA 383 39.18 36.90 4.28
N ASP IA 384 39.62 35.65 4.32
CA ASP IA 384 39.61 34.86 5.54
C ASP IA 384 41.01 34.30 5.82
N SER JA 2 56.95 33.93 -42.76
CA SER JA 2 57.27 33.96 -41.34
C SER JA 2 57.25 35.38 -40.81
N PHE JA 3 56.20 35.70 -40.04
CA PHE JA 3 56.11 37.02 -39.42
C PHE JA 3 57.17 37.19 -38.34
N PHE JA 4 57.23 36.26 -37.39
CA PHE JA 4 58.32 36.21 -36.44
C PHE JA 4 58.56 34.76 -36.04
N HIS JA 5 59.80 34.32 -36.22
CA HIS JA 5 60.21 32.98 -35.80
C HIS JA 5 60.91 33.11 -34.46
N GLY JA 6 60.24 32.67 -33.41
CA GLY JA 6 60.73 32.86 -32.06
C GLY JA 6 59.56 32.79 -31.10
N VAL JA 7 59.83 33.25 -29.88
CA VAL JA 7 58.85 33.25 -28.80
C VAL JA 7 58.47 34.69 -28.50
N THR JA 8 57.18 35.00 -28.54
CA THR JA 8 56.69 36.29 -28.08
C THR JA 8 56.05 36.12 -26.72
N VAL JA 9 56.35 37.05 -25.81
CA VAL JA 9 55.67 37.15 -24.54
C VAL JA 9 55.14 38.57 -24.46
N THR JA 10 53.81 38.71 -24.52
CA THR JA 10 53.18 40.01 -24.61
C THR JA 10 52.35 40.29 -23.36
N ASN JA 11 52.32 41.56 -22.97
CA ASN JA 11 51.46 42.05 -21.90
C ASN JA 11 50.30 42.79 -22.54
N VAL JA 12 49.09 42.26 -22.38
CA VAL JA 12 47.98 42.74 -23.20
C VAL JA 12 47.39 44.04 -22.64
N ASP JA 13 47.46 44.24 -21.32
CA ASP JA 13 47.15 45.52 -20.65
C ASP JA 13 45.71 45.96 -20.88
N ILE JA 14 44.76 45.09 -20.52
CA ILE JA 14 43.35 45.34 -20.74
C ILE JA 14 42.54 45.33 -19.45
N GLY JA 15 43.20 45.43 -18.31
CA GLY JA 15 42.49 45.43 -17.05
C GLY JA 15 41.87 46.77 -16.73
N ALA JA 16 40.93 46.76 -15.79
CA ALA JA 16 40.37 47.99 -15.27
C ALA JA 16 41.37 48.66 -14.33
N ARG JA 17 41.23 49.97 -14.19
CA ARG JA 17 42.14 50.75 -13.36
C ARG JA 17 41.45 51.16 -12.06
N THR JA 18 42.17 51.87 -11.22
CA THR JA 18 41.66 52.32 -9.94
C THR JA 18 41.66 53.84 -9.89
N ILE JA 19 40.64 54.40 -9.26
CA ILE JA 19 40.43 55.83 -9.22
C ILE JA 19 40.53 56.31 -7.78
N ALA JA 20 41.41 57.27 -7.54
CA ALA JA 20 41.62 57.82 -6.21
C ALA JA 20 41.16 59.27 -6.16
N LEU JA 21 40.76 59.70 -4.97
CA LEU JA 21 40.22 61.04 -4.77
C LEU JA 21 41.34 62.05 -4.56
N PRO JA 22 41.16 63.30 -5.01
CA PRO JA 22 42.22 64.30 -4.84
C PRO JA 22 42.22 65.02 -3.49
N ALA JA 23 42.04 64.26 -2.41
CA ALA JA 23 42.41 64.58 -1.03
C ALA JA 23 41.60 65.70 -0.36
N SER JA 24 40.81 66.46 -1.12
CA SER JA 24 39.66 67.23 -0.63
C SER JA 24 39.92 68.30 0.43
N SER JA 25 41.16 68.54 0.84
CA SER JA 25 41.37 69.33 2.05
C SER JA 25 42.51 70.33 1.95
N VAL JA 26 42.84 70.80 0.76
CA VAL JA 26 43.90 71.79 0.60
C VAL JA 26 43.25 73.17 0.66
N ILE JA 27 43.77 74.02 1.53
CA ILE JA 27 43.14 75.31 1.83
C ILE JA 27 43.97 76.42 1.19
N GLY JA 28 43.40 77.06 0.18
CA GLY JA 28 44.06 78.21 -0.43
C GLY JA 28 43.87 79.43 0.44
N LEU JA 29 44.97 80.09 0.77
CA LEU JA 29 44.94 81.22 1.68
C LEU JA 29 45.60 82.43 1.02
N CYS JA 30 45.10 83.61 1.36
CA CYS JA 30 45.67 84.86 0.86
C CYS JA 30 45.35 85.97 1.86
N ASP JA 31 46.35 86.42 2.59
CA ASP JA 31 46.19 87.53 3.51
C ASP JA 31 47.50 88.29 3.58
N VAL JA 32 47.47 89.47 4.19
CA VAL JA 32 48.60 90.37 4.14
C VAL JA 32 49.64 89.96 5.19
N PHE JA 33 50.88 90.38 4.95
CA PHE JA 33 51.98 90.16 5.89
C PHE JA 33 53.07 91.16 5.56
N THR JA 34 54.06 91.23 6.45
CA THR JA 34 55.17 92.16 6.28
C THR JA 34 56.42 91.39 5.88
N PRO JA 35 56.91 91.56 4.65
CA PRO JA 35 58.13 90.84 4.25
C PRO JA 35 59.36 91.48 4.88
N GLY JA 36 60.26 90.62 5.35
CA GLY JA 36 61.47 91.09 6.00
C GLY JA 36 62.50 90.00 6.18
N ALA JA 37 63.17 89.99 7.34
CA ALA JA 37 64.15 88.97 7.63
C ALA JA 37 63.52 87.69 8.20
N GLN JA 38 62.57 87.85 9.12
CA GLN JA 38 61.91 86.69 9.70
C GLN JA 38 60.95 86.01 8.73
N ALA JA 39 60.41 86.76 7.78
CA ALA JA 39 59.50 86.20 6.77
C ALA JA 39 60.32 85.65 5.62
N SER JA 40 60.26 84.34 5.43
CA SER JA 40 61.06 83.65 4.42
C SER JA 40 60.32 83.51 3.08
N ALA JA 41 59.42 84.41 2.77
CA ALA JA 41 58.63 84.33 1.54
C ALA JA 41 58.72 85.64 0.78
N LYS JA 42 58.25 85.62 -0.43
CA LYS JA 42 58.12 86.75 -1.32
C LYS JA 42 56.66 87.15 -1.45
N PRO JA 43 56.35 88.44 -1.62
CA PRO JA 43 54.97 88.90 -1.44
C PRO JA 43 54.00 88.59 -2.57
N ASN JA 44 54.33 87.71 -3.50
CA ASN JA 44 53.32 87.28 -4.47
C ASN JA 44 53.34 85.79 -4.78
N VAL JA 45 54.33 85.02 -4.34
CA VAL JA 45 54.46 83.63 -4.73
C VAL JA 45 53.71 82.74 -3.74
N PRO JA 46 53.20 81.59 -4.16
CA PRO JA 46 52.58 80.66 -3.21
C PRO JA 46 53.61 79.94 -2.38
N VAL JA 47 53.24 79.62 -1.14
CA VAL JA 47 54.08 78.91 -0.20
C VAL JA 47 53.30 77.73 0.33
N LEU JA 48 53.89 76.54 0.22
CA LEU JA 48 53.24 75.34 0.75
C LEU JA 48 53.43 75.27 2.26
N LEU JA 49 52.32 75.14 2.98
CA LEU JA 49 52.35 75.05 4.43
C LEU JA 49 51.68 73.77 4.88
N THR JA 50 52.39 72.97 5.67
CA THR JA 50 51.84 71.73 6.20
C THR JA 50 51.81 71.69 7.71
N SER JA 51 52.37 72.68 8.40
CA SER JA 51 52.41 72.67 9.85
C SER JA 51 52.34 74.09 10.37
N LYS JA 52 52.12 74.21 11.68
CA LYS JA 52 51.98 75.51 12.31
C LYS JA 52 53.31 76.23 12.41
N LYS JA 53 54.40 75.48 12.59
CA LYS JA 53 55.72 76.07 12.64
C LYS JA 53 56.22 76.47 11.26
N ASP JA 54 55.70 75.85 10.20
CA ASP JA 54 56.10 76.21 8.85
C ASP JA 54 55.51 77.54 8.42
N ALA JA 55 54.37 77.91 8.99
CA ALA JA 55 53.77 79.21 8.70
C ALA JA 55 54.45 80.32 9.49
N ALA JA 56 55.00 80.00 10.66
CA ALA JA 56 55.69 81.01 11.45
C ALA JA 56 57.06 81.34 10.86
N ALA JA 57 57.68 80.38 10.20
CA ALA JA 57 58.98 80.64 9.59
C ALA JA 57 58.86 81.31 8.23
N ALA JA 58 57.76 81.07 7.53
CA ALA JA 58 57.60 81.60 6.19
C ALA JA 58 56.85 82.93 6.15
N PHE JA 59 56.17 83.30 7.22
CA PHE JA 59 55.43 84.56 7.24
C PHE JA 59 55.62 85.37 8.50
N GLY JA 60 56.34 84.86 9.49
CA GLY JA 60 56.60 85.61 10.70
C GLY JA 60 55.49 85.53 11.71
N ILE JA 61 55.84 85.44 12.99
CA ILE JA 61 54.83 85.42 14.04
C ILE JA 61 54.25 86.81 14.19
N GLY JA 62 52.92 86.89 14.26
CA GLY JA 62 52.24 88.16 14.38
C GLY JA 62 51.74 88.74 13.08
N SER JA 63 52.02 88.09 11.95
CA SER JA 63 51.48 88.55 10.68
C SER JA 63 49.99 88.25 10.59
N SER JA 64 49.34 88.95 9.68
CA SER JA 64 47.90 88.73 9.49
C SER JA 64 47.60 87.43 8.78
N ILE JA 65 48.58 86.84 8.09
CA ILE JA 65 48.38 85.56 7.43
C ILE JA 65 48.91 84.40 8.29
N TYR JA 66 49.80 84.66 9.24
CA TYR JA 66 50.12 83.61 10.20
C TYR JA 66 48.96 83.38 11.16
N LEU JA 67 48.25 84.45 11.51
CA LEU JA 67 47.08 84.34 12.39
C LEU JA 67 45.93 83.60 11.71
N ALA JA 68 45.90 83.57 10.39
CA ALA JA 68 44.92 82.75 9.67
C ALA JA 68 45.34 81.28 9.65
N CYS JA 69 46.64 81.02 9.51
CA CYS JA 69 47.13 79.65 9.62
C CYS JA 69 47.07 79.15 11.05
N GLU JA 70 47.17 80.06 12.02
CA GLU JA 70 46.96 79.68 13.42
C GLU JA 70 45.54 79.25 13.67
N ALA JA 71 44.58 79.82 12.94
CA ALA JA 71 43.18 79.42 13.09
C ALA JA 71 42.88 78.06 12.48
N ILE JA 72 43.72 77.58 11.58
CA ILE JA 72 43.48 76.33 10.87
C ILE JA 72 44.20 75.17 11.54
N TYR JA 73 45.44 75.38 11.97
CA TYR JA 73 46.25 74.30 12.51
C TYR JA 73 45.90 73.93 13.95
N ASN JA 74 44.98 74.64 14.58
CA ASN JA 74 44.53 74.25 15.91
C ASN JA 74 43.35 73.29 15.84
N ARG JA 75 42.43 73.52 14.91
CA ARG JA 75 41.29 72.64 14.77
C ARG JA 75 41.63 71.42 13.93
N ALA JA 76 42.37 71.61 12.84
CA ALA JA 76 42.67 70.55 11.90
C ALA JA 76 44.18 70.50 11.67
N GLN JA 77 44.57 69.68 10.69
CA GLN JA 77 45.97 69.60 10.27
C GLN JA 77 45.94 69.28 8.77
N ALA JA 78 46.04 70.32 7.94
CA ALA JA 78 45.86 70.16 6.51
C ALA JA 78 46.92 70.97 5.76
N VAL JA 79 46.91 70.79 4.44
CA VAL JA 79 47.84 71.50 3.56
C VAL JA 79 47.26 72.88 3.27
N ILE JA 80 48.09 73.91 3.41
CA ILE JA 80 47.67 75.28 3.14
C ILE JA 80 48.60 75.83 2.07
N VAL JA 81 48.02 76.25 0.94
CA VAL JA 81 48.76 76.97 -0.08
C VAL JA 81 48.52 78.46 0.17
N ALA JA 82 49.41 79.09 0.93
CA ALA JA 82 49.28 80.48 1.29
C ALA JA 82 50.04 81.34 0.29
N VAL JA 83 49.47 82.49 -0.06
CA VAL JA 83 50.11 83.38 -1.01
C VAL JA 83 50.88 84.45 -0.27
N GLY JA 84 50.17 85.27 0.50
CA GLY JA 84 50.83 86.34 1.23
C GLY JA 84 51.12 87.54 0.36
N VAL JA 85 50.62 88.71 0.74
CA VAL JA 85 50.86 89.94 0.00
C VAL JA 85 51.38 90.98 0.97
N GLU JA 86 52.00 92.01 0.43
CA GLU JA 86 52.49 93.10 1.27
C GLU JA 86 51.34 94.02 1.64
N THR JA 87 51.48 94.72 2.76
CA THR JA 87 50.44 95.58 3.27
C THR JA 87 50.39 96.87 2.45
N ALA JA 88 49.26 97.12 1.80
CA ALA JA 88 49.07 98.36 1.08
C ALA JA 88 48.83 99.51 2.04
N GLU JA 89 48.99 100.73 1.52
CA GLU JA 89 48.87 101.92 2.37
C GLU JA 89 47.42 102.19 2.74
N THR JA 90 46.58 102.42 1.74
CA THR JA 90 45.18 102.67 2.02
C THR JA 90 44.43 101.34 2.16
N PRO JA 91 43.34 101.31 2.95
CA PRO JA 91 42.52 100.09 3.02
C PRO JA 91 41.73 99.81 1.74
N GLU JA 92 41.60 100.79 0.85
CA GLU JA 92 40.94 100.55 -0.43
C GLU JA 92 41.89 99.90 -1.43
N ALA JA 93 43.17 100.24 -1.37
CA ALA JA 93 44.17 99.61 -2.23
C ALA JA 93 44.61 98.25 -1.72
N GLN JA 94 44.24 97.88 -0.49
CA GLN JA 94 44.52 96.54 -0.02
C GLN JA 94 43.64 95.50 -0.72
N ALA JA 95 42.44 95.89 -1.10
CA ALA JA 95 41.55 94.99 -1.84
C ALA JA 95 42.08 94.73 -3.24
N SER JA 96 42.75 95.71 -3.84
CA SER JA 96 43.29 95.53 -5.18
C SER JA 96 44.52 94.63 -5.19
N ALA JA 97 45.15 94.42 -4.04
CA ALA JA 97 46.29 93.49 -3.96
C ALA JA 97 45.86 92.06 -3.71
N VAL JA 98 44.77 91.87 -2.95
CA VAL JA 98 44.24 90.52 -2.75
C VAL JA 98 43.59 90.01 -4.03
N ILE JA 99 42.86 90.87 -4.74
CA ILE JA 99 42.38 90.55 -6.07
C ILE JA 99 43.60 90.50 -6.99
N GLY JA 100 44.03 89.29 -7.34
CA GLY JA 100 45.23 89.15 -8.11
C GLY JA 100 45.03 89.58 -9.55
N GLY JA 101 46.07 90.15 -10.13
CA GLY JA 101 46.08 90.37 -11.55
C GLY JA 101 47.20 89.56 -12.15
N ILE JA 102 47.96 90.18 -13.05
CA ILE JA 102 49.14 89.56 -13.66
C ILE JA 102 50.24 90.61 -13.64
N SER JA 103 51.41 90.24 -13.13
CA SER JA 103 52.51 91.18 -13.01
C SER JA 103 53.08 91.54 -14.38
N ALA JA 104 53.97 92.53 -14.38
CA ALA JA 104 54.66 92.92 -15.61
C ALA JA 104 55.64 91.86 -16.08
N ALA JA 105 56.07 90.97 -15.20
CA ALA JA 105 56.91 89.85 -15.59
C ALA JA 105 56.11 88.67 -16.14
N GLY JA 106 54.79 88.76 -16.16
CA GLY JA 106 53.96 87.68 -16.65
C GLY JA 106 53.67 86.61 -15.62
N GLU JA 107 53.33 87.01 -14.39
CA GLU JA 107 53.10 86.07 -13.31
C GLU JA 107 51.90 86.52 -12.50
N ARG JA 108 51.08 85.57 -12.07
CA ARG JA 108 49.93 85.86 -11.23
C ARG JA 108 50.40 86.30 -9.84
N THR JA 109 49.67 87.23 -9.23
CA THR JA 109 50.17 87.93 -8.06
C THR JA 109 49.39 87.62 -6.79
N GLY JA 110 48.09 87.86 -6.75
CA GLY JA 110 47.37 87.79 -5.50
C GLY JA 110 46.61 86.50 -5.29
N LEU JA 111 45.28 86.56 -5.39
CA LEU JA 111 44.48 85.36 -5.27
C LEU JA 111 44.68 84.43 -6.46
N GLN JA 112 45.06 84.97 -7.62
CA GLN JA 112 45.23 84.16 -8.82
C GLN JA 112 46.44 83.22 -8.72
N ALA JA 113 47.34 83.46 -7.77
CA ALA JA 113 48.49 82.57 -7.58
C ALA JA 113 48.09 81.19 -7.07
N LEU JA 114 46.88 81.05 -6.55
CA LEU JA 114 46.36 79.73 -6.17
C LEU JA 114 46.10 78.84 -7.38
N LEU JA 115 45.99 79.42 -8.59
CA LEU JA 115 45.95 78.62 -9.80
C LEU JA 115 47.29 77.97 -10.10
N ASP JA 116 48.37 78.48 -9.53
CA ASP JA 116 49.68 77.84 -9.58
C ASP JA 116 49.90 76.90 -8.40
N GLY JA 117 48.82 76.36 -7.82
CA GLY JA 117 48.93 75.47 -6.69
C GLY JA 117 49.11 74.03 -7.10
N LYS JA 118 48.53 73.65 -8.24
CA LYS JA 118 48.70 72.29 -8.73
C LYS JA 118 49.91 72.14 -9.63
N SER JA 119 50.27 73.19 -10.37
CA SER JA 119 51.40 73.13 -11.28
C SER JA 119 52.73 73.08 -10.55
N ARG JA 120 52.77 73.55 -9.30
CA ARG JA 120 54.01 73.66 -8.54
C ARG JA 120 54.10 72.68 -7.38
N PHE JA 121 53.03 72.51 -6.61
CA PHE JA 121 53.06 71.65 -5.44
C PHE JA 121 52.31 70.34 -5.62
N ASN JA 122 51.59 70.17 -6.74
CA ASN JA 122 50.65 69.06 -6.99
C ASN JA 122 49.61 68.96 -5.88
N ALA JA 123 49.17 70.12 -5.38
CA ALA JA 123 48.16 70.20 -4.32
C ALA JA 123 47.21 71.33 -4.69
N GLN JA 124 46.16 70.98 -5.42
CA GLN JA 124 45.18 71.97 -5.83
C GLN JA 124 44.28 72.33 -4.65
N PRO JA 125 44.08 73.62 -4.37
CA PRO JA 125 43.28 74.00 -3.21
C PRO JA 125 41.80 73.73 -3.43
N ARG JA 126 41.11 73.42 -2.33
CA ARG JA 126 39.68 73.19 -2.34
C ARG JA 126 38.89 74.15 -1.46
N LEU JA 127 39.56 74.86 -0.55
CA LEU JA 127 38.93 75.89 0.26
C LEU JA 127 39.65 77.20 0.02
N LEU JA 128 38.94 78.18 -0.52
CA LEU JA 128 39.52 79.47 -0.86
C LEU JA 128 39.16 80.47 0.22
N VAL JA 129 40.12 80.84 1.05
CA VAL JA 129 39.89 81.69 2.20
C VAL JA 129 40.83 82.88 2.10
N ALA JA 130 40.25 84.06 1.86
CA ALA JA 130 40.95 85.33 2.04
C ALA JA 130 40.32 85.99 3.26
N PRO JA 131 40.83 85.72 4.46
CA PRO JA 131 40.12 86.13 5.68
C PRO JA 131 40.25 87.63 5.94
N GLY JA 132 39.12 88.27 6.20
CA GLY JA 132 39.05 89.68 6.48
C GLY JA 132 38.77 90.54 5.28
N HIS JA 133 39.43 90.24 4.16
CA HIS JA 133 39.23 91.02 2.95
C HIS JA 133 38.00 90.58 2.16
N SER JA 134 37.45 89.41 2.45
CA SER JA 134 36.27 88.93 1.75
C SER JA 134 35.00 89.63 2.19
N ALA JA 135 35.04 90.44 3.25
CA ALA JA 135 33.91 91.26 3.62
C ALA JA 135 33.68 92.38 2.63
N GLN JA 136 34.71 92.80 1.90
CA GLN JA 136 34.54 93.73 0.81
C GLN JA 136 34.04 92.98 -0.41
N GLN JA 137 33.13 93.61 -1.16
CA GLN JA 137 32.43 92.91 -2.23
C GLN JA 137 33.32 92.65 -3.43
N ALA JA 138 34.34 93.48 -3.64
CA ALA JA 138 35.21 93.32 -4.80
C ALA JA 138 36.09 92.09 -4.67
N VAL JA 139 36.55 91.79 -3.46
CA VAL JA 139 37.39 90.62 -3.25
C VAL JA 139 36.57 89.35 -3.32
N ALA JA 140 35.36 89.37 -2.75
CA ALA JA 140 34.53 88.17 -2.72
C ALA JA 140 33.98 87.84 -4.09
N THR JA 141 33.72 88.83 -4.93
CA THR JA 141 33.28 88.56 -6.29
C THR JA 141 34.43 88.19 -7.21
N ALA JA 142 35.67 88.40 -6.79
CA ALA JA 142 36.83 87.89 -7.49
C ALA JA 142 37.25 86.53 -6.99
N MET JA 143 36.78 86.13 -5.81
CA MET JA 143 36.99 84.78 -5.32
C MET JA 143 35.91 83.83 -5.78
N ASP JA 144 34.77 84.36 -6.23
CA ASP JA 144 33.72 83.53 -6.82
C ASP JA 144 34.15 82.99 -8.17
N GLY JA 145 34.74 83.84 -9.02
CA GLY JA 145 35.25 83.38 -10.29
C GLY JA 145 36.48 82.52 -10.17
N LEU JA 146 37.23 82.66 -9.07
CA LEU JA 146 38.38 81.80 -8.84
C LEU JA 146 37.96 80.43 -8.34
N ALA JA 147 36.83 80.34 -7.63
CA ALA JA 147 36.38 79.07 -7.10
C ALA JA 147 35.87 78.11 -8.16
N GLU JA 148 35.47 78.63 -9.33
CA GLU JA 148 35.10 77.75 -10.44
C GLU JA 148 36.31 77.27 -11.22
N LYS JA 149 37.40 78.05 -11.22
CA LYS JA 149 38.62 77.64 -11.89
C LYS JA 149 39.33 76.52 -11.15
N LEU JA 150 39.09 76.37 -9.85
CA LEU JA 150 39.71 75.34 -9.04
C LEU JA 150 38.74 74.26 -8.61
N ARG JA 151 37.44 74.41 -8.92
CA ARG JA 151 36.35 73.61 -8.38
C ARG JA 151 36.40 73.57 -6.86
N ALA JA 152 36.62 74.74 -6.27
CA ALA JA 152 36.81 74.87 -4.83
C ALA JA 152 35.53 75.39 -4.18
N ILE JA 153 35.61 75.66 -2.89
CA ILE JA 153 34.52 76.26 -2.13
C ILE JA 153 35.10 77.49 -1.46
N ALA JA 154 34.80 78.66 -2.00
CA ALA JA 154 35.35 79.90 -1.47
C ALA JA 154 34.57 80.31 -0.23
N ILE JA 155 35.20 80.19 0.93
CA ILE JA 155 34.54 80.48 2.20
C ILE JA 155 34.63 81.98 2.43
N LEU JA 156 33.49 82.67 2.33
CA LEU JA 156 33.44 84.10 2.56
C LEU JA 156 33.21 84.39 4.03
N ASP JA 157 33.17 85.67 4.37
CA ASP JA 157 32.69 86.12 5.67
C ASP JA 157 32.11 87.50 5.47
N GLY JA 158 30.89 87.71 5.94
CA GLY JA 158 30.24 88.98 5.80
C GLY JA 158 30.78 90.01 6.76
N PRO JA 159 30.18 91.20 6.74
CA PRO JA 159 30.58 92.24 7.68
C PRO JA 159 30.09 91.91 9.08
N ASN JA 160 30.73 92.52 10.07
CA ASN JA 160 30.33 92.36 11.46
C ASN JA 160 29.26 93.35 11.88
N SER JA 161 28.52 93.89 10.91
CA SER JA 161 27.41 94.79 11.18
C SER JA 161 26.16 94.01 11.53
N THR JA 162 25.02 94.69 11.57
CA THR JA 162 23.76 94.07 11.93
C THR JA 162 23.29 93.08 10.86
N ASP JA 163 22.26 92.31 11.20
CA ASP JA 163 21.77 91.26 10.32
C ASP JA 163 21.06 91.81 9.09
N GLU JA 164 20.61 93.07 9.13
CA GLU JA 164 20.11 93.70 7.91
C GLU JA 164 21.23 93.93 6.92
N ALA JA 165 22.44 94.22 7.41
CA ALA JA 165 23.59 94.37 6.54
C ALA JA 165 24.24 93.06 6.16
N ALA JA 166 23.92 91.98 6.88
CA ALA JA 166 24.47 90.67 6.54
C ALA JA 166 23.66 90.01 5.42
N VAL JA 167 22.34 90.16 5.45
CA VAL JA 167 21.50 89.62 4.39
C VAL JA 167 21.69 90.43 3.12
N ALA JA 168 21.80 91.76 3.25
CA ALA JA 168 21.95 92.62 2.09
C ALA JA 168 23.31 92.49 1.43
N TYR JA 169 24.28 91.90 2.12
CA TYR JA 169 25.57 91.58 1.50
C TYR JA 169 25.55 90.23 0.81
N ALA JA 170 24.82 89.27 1.37
CA ALA JA 170 24.71 87.93 0.78
C ALA JA 170 23.74 87.88 -0.39
N LYS JA 171 23.03 88.95 -0.68
CA LYS JA 171 22.11 89.01 -1.80
C LYS JA 171 22.79 89.42 -3.09
N ASN JA 172 24.12 89.46 -3.12
CA ASN JA 172 24.87 89.84 -4.30
C ASN JA 172 25.51 88.66 -5.01
N PHE JA 173 25.54 87.48 -4.39
CA PHE JA 173 26.43 86.43 -4.84
C PHE JA 173 25.72 85.34 -5.64
N GLY JA 174 24.81 84.59 -5.03
CA GLY JA 174 23.98 83.64 -5.73
C GLY JA 174 24.67 82.43 -6.33
N SER JA 175 25.96 82.24 -6.12
CA SER JA 175 26.68 81.12 -6.73
C SER JA 175 26.89 80.00 -5.72
N LYS JA 176 26.92 78.77 -6.22
CA LYS JA 176 26.94 77.59 -5.38
C LYS JA 176 28.27 77.33 -4.71
N ARG JA 177 29.34 78.01 -5.11
CA ARG JA 177 30.67 77.79 -4.57
C ARG JA 177 31.08 78.90 -3.60
N LEU JA 178 30.12 79.42 -2.85
CA LEU JA 178 30.38 80.48 -1.89
C LEU JA 178 29.71 80.13 -0.57
N PHE JA 179 30.49 80.11 0.50
CA PHE JA 179 30.03 79.77 1.84
C PHE JA 179 30.29 80.96 2.74
N MET JA 180 29.25 81.51 3.33
CA MET JA 180 29.35 82.78 4.07
C MET JA 180 29.11 82.53 5.55
N VAL JA 181 30.08 82.94 6.37
CA VAL JA 181 30.00 82.84 7.82
C VAL JA 181 29.97 84.26 8.36
N ASP JA 182 28.80 84.71 8.81
CA ASP JA 182 28.61 86.13 9.11
C ASP JA 182 29.21 86.64 10.42
N PRO JA 183 28.92 86.07 11.62
CA PRO JA 183 29.37 86.75 12.84
C PRO JA 183 30.86 86.56 13.07
N GLY JA 184 31.55 87.67 13.35
CA GLY JA 184 32.99 87.62 13.51
C GLY JA 184 33.38 86.99 14.82
N VAL JA 185 34.37 86.10 14.77
CA VAL JA 185 34.82 85.39 15.96
C VAL JA 185 35.65 86.33 16.82
N GLN JA 186 35.36 86.34 18.12
CA GLN JA 186 36.19 87.01 19.11
C GLN JA 186 37.14 85.96 19.69
N VAL JA 187 38.45 86.18 19.53
CA VAL JA 187 39.45 85.21 19.91
C VAL JA 187 40.49 85.88 20.80
N TRP JA 188 41.00 85.12 21.76
CA TRP JA 188 42.02 85.62 22.67
C TRP JA 188 43.36 85.74 21.96
N ASP JA 189 44.05 86.84 22.20
CA ASP JA 189 45.33 87.13 21.56
C ASP JA 189 46.48 86.92 22.53
N SER JA 190 47.60 86.45 21.99
CA SER JA 190 48.82 86.29 22.77
C SER JA 190 49.74 87.50 22.66
N ALA JA 191 49.52 88.38 21.69
CA ALA JA 191 50.35 89.57 21.52
C ALA JA 191 49.80 90.74 22.33
N THR JA 192 48.55 91.13 22.07
CA THR JA 192 47.93 92.22 22.80
C THR JA 192 47.38 91.80 24.16
N ASN JA 193 47.37 90.48 24.43
CA ASN JA 193 46.92 89.90 25.70
C ASN JA 193 45.47 90.28 26.03
N ALA JA 194 44.62 90.25 25.02
CA ALA JA 194 43.21 90.55 25.17
C ALA JA 194 42.44 89.80 24.09
N ALA JA 195 41.14 90.06 24.01
CA ALA JA 195 40.28 89.40 23.04
C ALA JA 195 40.17 90.25 21.79
N ARG JA 196 40.69 89.74 20.68
CA ARG JA 196 40.65 90.42 19.39
C ARG JA 196 39.58 89.81 18.52
N ASN JA 197 39.11 90.60 17.55
CA ASN JA 197 38.08 90.16 16.62
C ASN JA 197 38.72 89.56 15.38
N ALA JA 198 38.48 88.32 15.16
CA ALA JA 198 38.92 87.51 14.04
C ALA JA 198 37.88 87.54 12.93
N PRO JA 199 38.27 87.34 11.67
CA PRO JA 199 37.28 87.39 10.57
C PRO JA 199 36.33 86.20 10.51
N ALA JA 200 36.59 85.13 11.27
CA ALA JA 200 35.76 83.92 11.37
C ALA JA 200 35.62 83.17 10.04
N SER JA 201 36.47 83.45 9.07
CA SER JA 201 36.50 82.70 7.83
C SER JA 201 37.58 81.63 7.81
N ALA JA 202 38.70 81.88 8.49
CA ALA JA 202 39.72 80.86 8.65
C ALA JA 202 39.33 79.81 9.67
N TYR JA 203 38.46 80.15 10.62
CA TYR JA 203 37.99 79.18 11.59
C TYR JA 203 36.96 78.23 10.99
N ALA JA 204 36.24 78.67 9.96
CA ALA JA 204 35.32 77.77 9.27
C ALA JA 204 36.08 76.80 8.37
N ALA JA 205 37.18 77.24 7.75
CA ALA JA 205 37.99 76.33 6.96
C ALA JA 205 38.78 75.36 7.82
N GLY JA 206 38.95 75.65 9.11
CA GLY JA 206 39.49 74.66 10.00
C GLY JA 206 38.54 73.49 10.21
N LEU JA 207 37.24 73.74 10.07
CA LEU JA 207 36.25 72.67 10.20
C LEU JA 207 36.06 71.90 8.90
N PHE JA 208 36.19 72.56 7.75
CA PHE JA 208 36.14 71.86 6.48
C PHE JA 208 37.34 70.93 6.30
N ALA JA 209 38.48 71.29 6.89
CA ALA JA 209 39.65 70.43 6.83
C ALA JA 209 39.64 69.37 7.92
N TRP JA 210 38.87 69.57 8.98
CA TRP JA 210 38.84 68.59 10.05
C TRP JA 210 37.79 67.52 9.82
N THR JA 211 36.62 67.90 9.30
CA THR JA 211 35.57 66.91 9.04
C THR JA 211 35.93 66.01 7.87
N ASP JA 212 36.77 66.48 6.95
CA ASP JA 212 37.22 65.60 5.88
C ASP JA 212 38.22 64.56 6.38
N ALA JA 213 38.94 64.88 7.44
CA ALA JA 213 39.86 63.92 8.03
C ALA JA 213 39.21 63.05 9.09
N GLU JA 214 38.17 63.55 9.75
CA GLU JA 214 37.50 62.82 10.81
C GLU JA 214 36.25 62.08 10.32
N TYR JA 215 35.32 62.80 9.70
CA TYR JA 215 34.06 62.23 9.26
C TYR JA 215 33.97 62.05 7.75
N GLY JA 216 34.86 62.64 6.98
CA GLY JA 216 34.86 62.45 5.54
C GLY JA 216 34.37 63.68 4.81
N PHE JA 217 34.68 63.71 3.51
CA PHE JA 217 34.35 64.85 2.66
C PHE JA 217 32.87 64.93 2.31
N TRP JA 218 32.09 63.89 2.61
CA TRP JA 218 30.65 63.89 2.40
C TRP JA 218 29.90 64.39 3.62
N SER JA 219 30.60 64.79 4.67
CA SER JA 219 29.98 65.17 5.93
C SER JA 219 30.04 66.67 6.09
N SER JA 220 28.92 67.26 6.45
CA SER JA 220 28.87 68.71 6.60
C SER JA 220 29.53 69.13 7.91
N PRO JA 221 30.23 70.26 7.92
CA PRO JA 221 30.87 70.72 9.16
C PRO JA 221 29.96 71.57 10.02
N SER JA 222 28.66 71.53 9.75
CA SER JA 222 27.71 72.51 10.24
C SER JA 222 27.13 72.17 11.61
N ASN JA 223 27.78 71.32 12.38
CA ASN JA 223 27.40 71.12 13.77
C ASN JA 223 28.63 70.95 14.65
N LYS JA 224 29.82 71.15 14.12
CA LYS JA 224 31.06 70.80 14.79
C LYS JA 224 31.65 72.02 15.48
N GLU JA 225 32.46 71.75 16.50
CA GLU JA 225 32.90 72.80 17.40
C GLU JA 225 34.14 73.52 16.88
N ILE JA 226 34.18 74.82 17.11
CA ILE JA 226 35.38 75.63 16.84
C ILE JA 226 36.14 75.77 18.15
N LYS JA 227 37.44 75.50 18.11
CA LYS JA 227 38.19 75.30 19.35
C LYS JA 227 38.86 76.56 19.87
N GLY JA 228 39.41 77.38 18.99
CA GLY JA 228 40.19 78.52 19.44
C GLY JA 228 39.40 79.71 19.94
N VAL JA 229 38.08 79.73 19.73
CA VAL JA 229 37.29 80.92 19.98
C VAL JA 229 37.08 81.12 21.48
N THR JA 230 36.66 82.34 21.84
CA THR JA 230 36.23 82.63 23.20
C THR JA 230 35.01 83.54 23.21
N GLY JA 231 34.28 83.61 22.12
CA GLY JA 231 33.12 84.48 22.03
C GLY JA 231 32.77 84.74 20.58
N THR JA 232 31.89 85.73 20.40
CA THR JA 232 31.39 86.07 19.07
C THR JA 232 30.85 87.48 19.11
N SER JA 233 31.33 88.33 18.20
CA SER JA 233 30.79 89.67 18.07
C SER JA 233 29.36 89.60 17.54
N ARG JA 234 28.45 90.37 18.17
CA ARG JA 234 27.00 90.37 17.94
C ARG JA 234 26.44 88.95 18.08
N PRO JA 235 26.29 88.45 19.30
CA PRO JA 235 25.89 87.05 19.49
C PRO JA 235 24.46 86.78 19.03
N VAL JA 236 24.29 85.71 18.26
CA VAL JA 236 22.99 85.37 17.68
C VAL JA 236 22.23 84.48 18.65
N GLU JA 237 20.92 84.41 18.43
CA GLU JA 237 20.00 83.71 19.34
C GLU JA 237 19.60 82.38 18.73
N PHE JA 238 19.77 81.31 19.51
CA PHE JA 238 19.27 79.98 19.15
C PHE JA 238 19.03 79.26 20.48
N LEU JA 239 17.79 79.32 20.96
CA LEU JA 239 17.56 78.93 22.35
C LEU JA 239 17.38 77.42 22.50
N ASP JA 240 16.24 76.88 22.08
CA ASP JA 240 16.12 75.43 22.01
C ASP JA 240 15.59 74.95 20.66
N GLY JA 241 14.40 75.42 20.28
CA GLY JA 241 13.73 74.90 19.11
C GLY JA 241 12.86 75.90 18.37
N ASP JA 242 12.94 77.17 18.75
CA ASP JA 242 12.10 78.19 18.13
C ASP JA 242 12.59 78.47 16.71
N GLU JA 243 11.71 78.26 15.74
CA GLU JA 243 12.08 78.38 14.33
C GLU JA 243 12.15 79.81 13.84
N THR JA 244 11.82 80.79 14.69
CA THR JA 244 11.95 82.20 14.34
C THR JA 244 13.06 82.87 15.15
N CYS JA 245 14.06 82.09 15.56
CA CYS JA 245 15.22 82.64 16.23
C CYS JA 245 16.08 83.41 15.24
N ARG JA 246 16.97 84.25 15.78
CA ARG JA 246 17.78 85.11 14.94
C ARG JA 246 18.86 84.33 14.19
N ALA JA 247 19.31 83.20 14.73
CA ALA JA 247 20.26 82.38 13.99
C ALA JA 247 19.61 81.62 12.86
N ASN JA 248 18.33 81.27 13.00
CA ASN JA 248 17.63 80.57 11.93
C ASN JA 248 17.24 81.51 10.81
N LEU JA 249 17.05 82.79 11.10
CA LEU JA 249 16.70 83.75 10.05
C LEU JA 249 17.86 84.04 9.12
N LEU JA 250 19.09 83.72 9.53
CA LEU JA 250 20.24 83.87 8.65
C LEU JA 250 20.51 82.62 7.84
N ASN JA 251 20.27 81.44 8.41
CA ASN JA 251 20.41 80.21 7.63
C ASN JA 251 19.33 80.09 6.58
N ASN JA 252 18.17 80.74 6.79
CA ASN JA 252 17.15 80.81 5.76
C ASN JA 252 17.62 81.69 4.60
N ALA JA 253 18.49 82.65 4.87
CA ALA JA 253 19.07 83.51 3.84
C ALA JA 253 20.43 83.01 3.37
N ASN JA 254 20.68 81.70 3.47
CA ASN JA 254 21.87 81.01 2.97
C ASN JA 254 23.15 81.53 3.61
N ILE JA 255 23.10 81.86 4.90
CA ILE JA 255 24.24 82.36 5.64
C ILE JA 255 24.49 81.45 6.83
N ALA JA 256 25.70 80.91 6.92
CA ALA JA 256 26.08 80.15 8.09
C ALA JA 256 26.35 81.09 9.26
N THR JA 257 26.09 80.60 10.47
CA THR JA 257 26.26 81.39 11.69
C THR JA 257 27.11 80.62 12.69
N ILE JA 258 27.26 81.21 13.87
CA ILE JA 258 27.97 80.62 14.99
C ILE JA 258 27.11 80.84 16.22
N ILE JA 259 26.58 79.75 16.80
CA ILE JA 259 25.36 79.87 17.60
C ILE JA 259 25.58 79.99 19.11
N ARG JA 260 26.22 79.00 19.71
CA ARG JA 260 26.01 78.70 21.12
C ARG JA 260 26.73 79.68 22.04
N ASP JA 261 26.67 79.40 23.35
CA ASP JA 261 27.28 80.25 24.34
C ASP JA 261 28.80 80.20 24.22
N ASP JA 262 29.42 81.38 24.19
CA ASP JA 262 30.82 81.64 23.82
C ASP JA 262 31.15 81.17 22.41
N GLY JA 263 30.13 81.04 21.56
CA GLY JA 263 30.26 80.76 20.14
C GLY JA 263 31.05 79.53 19.73
N TYR JA 264 30.74 78.37 20.29
CA TYR JA 264 31.59 77.20 20.08
C TYR JA 264 30.95 76.17 19.15
N ARG JA 265 30.04 76.59 18.26
CA ARG JA 265 29.49 75.70 17.26
C ARG JA 265 29.35 76.44 15.94
N LEU JA 266 29.60 75.74 14.83
CA LEU JA 266 29.23 76.25 13.52
C LEU JA 266 27.83 75.79 13.20
N TRP JA 267 27.06 76.64 12.52
CA TRP JA 267 25.66 76.39 12.26
C TRP JA 267 25.33 76.83 10.85
N GLY JA 268 24.87 75.91 10.02
CA GLY JA 268 24.49 76.25 8.67
C GLY JA 268 25.26 75.49 7.63
N ASN JA 269 24.56 74.65 6.85
CA ASN JA 269 25.18 73.86 5.80
C ASN JA 269 24.80 74.36 4.42
N ARG JA 270 23.91 75.34 4.33
CA ARG JA 270 23.50 75.88 3.04
C ARG JA 270 24.61 76.78 2.49
N THR JA 271 24.93 76.60 1.21
CA THR JA 271 25.81 77.54 0.53
C THR JA 271 24.96 78.64 -0.09
N LEU JA 272 25.62 79.64 -0.66
CA LEU JA 272 24.90 80.79 -1.19
C LEU JA 272 24.37 80.54 -2.60
N SER JA 273 23.65 79.45 -2.82
CA SER JA 273 23.24 79.06 -4.16
C SER JA 273 21.82 79.51 -4.45
N SER JA 274 21.56 79.86 -5.71
CA SER JA 274 20.20 80.19 -6.13
C SER JA 274 19.39 78.95 -6.45
N ASP JA 275 20.02 77.91 -6.99
CA ASP JA 275 19.31 76.67 -7.25
C ASP JA 275 19.04 75.92 -5.96
N SER JA 276 17.91 75.23 -5.91
CA SER JA 276 17.60 74.36 -4.79
C SER JA 276 18.33 73.03 -4.87
N LYS JA 277 18.98 72.74 -6.00
CA LYS JA 277 19.72 71.50 -6.15
C LYS JA 277 21.09 71.59 -5.45
N TRP JA 278 21.82 72.66 -5.71
CA TRP JA 278 23.14 72.86 -5.14
C TRP JA 278 23.12 73.68 -3.87
N ALA JA 279 22.06 73.57 -3.07
CA ALA JA 279 21.94 74.41 -1.89
C ALA JA 279 22.84 73.91 -0.77
N PHE JA 280 22.94 72.59 -0.60
CA PHE JA 280 23.78 72.04 0.46
C PHE JA 280 25.24 72.09 0.05
N VAL JA 281 26.09 72.52 0.98
CA VAL JA 281 27.52 72.58 0.71
C VAL JA 281 28.16 71.20 0.69
N THR JA 282 27.45 70.18 1.19
CA THR JA 282 27.93 68.81 1.08
C THR JA 282 27.85 68.32 -0.36
N ARG JA 283 26.73 68.59 -1.04
CA ARG JA 283 26.52 68.10 -2.40
C ARG JA 283 27.46 68.78 -3.39
N VAL JA 284 27.74 70.07 -3.20
CA VAL JA 284 28.69 70.77 -4.07
C VAL JA 284 30.10 70.26 -3.84
N ARG JA 285 30.41 69.83 -2.62
CA ARG JA 285 31.74 69.35 -2.31
C ARG JA 285 31.98 67.94 -2.85
N THR JA 286 31.00 67.05 -2.74
CA THR JA 286 31.17 65.70 -3.28
C THR JA 286 31.07 65.67 -4.79
N MET JA 287 30.33 66.61 -5.39
CA MET JA 287 30.25 66.63 -6.84
C MET JA 287 31.55 67.07 -7.48
N ASP JA 288 32.23 68.04 -6.86
CA ASP JA 288 33.51 68.47 -7.38
C ASP JA 288 34.63 67.50 -7.05
N LEU JA 289 34.38 66.55 -6.15
CA LEU JA 289 35.38 65.54 -5.82
C LEU JA 289 35.23 64.26 -6.63
N VAL JA 290 34.03 63.96 -7.13
CA VAL JA 290 33.85 62.84 -8.04
C VAL JA 290 33.95 63.26 -9.50
N MET JA 291 33.93 64.55 -9.79
CA MET JA 291 34.20 65.03 -11.15
C MET JA 291 35.67 65.32 -11.39
N ASP JA 292 36.45 65.51 -10.32
CA ASP JA 292 37.88 65.73 -10.46
C ASP JA 292 38.69 64.47 -10.24
N ALA JA 293 38.12 63.44 -9.63
CA ALA JA 293 38.78 62.15 -9.55
C ALA JA 293 38.60 61.35 -10.83
N ILE JA 294 37.46 61.51 -11.49
CA ILE JA 294 37.23 60.83 -12.77
C ILE JA 294 38.10 61.45 -13.86
N LEU JA 295 38.22 62.77 -13.86
CA LEU JA 295 39.01 63.45 -14.88
C LEU JA 295 40.50 63.18 -14.72
N ALA JA 296 40.99 63.15 -13.48
CA ALA JA 296 42.40 62.89 -13.26
C ALA JA 296 42.74 61.41 -13.26
N GLY JA 297 41.75 60.54 -13.12
CA GLY JA 297 41.96 59.11 -13.08
C GLY JA 297 41.72 58.38 -14.37
N HIS JA 298 41.29 59.07 -15.42
CA HIS JA 298 41.01 58.44 -16.71
C HIS JA 298 41.89 59.01 -17.82
N LYS JA 299 43.07 59.51 -17.47
CA LYS JA 299 43.98 60.01 -18.49
C LYS JA 299 44.75 58.88 -19.18
N TRP JA 300 44.64 57.65 -18.69
CA TRP JA 300 45.19 56.50 -19.39
C TRP JA 300 44.33 56.04 -20.55
N ALA JA 301 43.07 56.47 -20.60
CA ALA JA 301 42.09 55.94 -21.53
C ALA JA 301 41.78 56.88 -22.68
N VAL JA 302 42.70 57.80 -23.00
CA VAL JA 302 42.39 58.83 -24.00
C VAL JA 302 42.87 58.46 -25.39
N ASP JA 303 43.55 57.32 -25.57
CA ASP JA 303 43.78 56.83 -26.93
C ASP JA 303 43.77 55.31 -27.02
N ARG JA 304 43.08 54.63 -26.11
CA ARG JA 304 43.20 53.19 -25.98
C ARG JA 304 42.49 52.42 -27.09
N GLY JA 305 41.64 53.06 -27.87
CA GLY JA 305 40.94 52.34 -28.93
C GLY JA 305 39.70 51.66 -28.40
N ILE JA 306 38.57 51.90 -29.03
CA ILE JA 306 37.30 51.42 -28.52
C ILE JA 306 37.10 49.96 -28.92
N THR JA 307 37.52 49.04 -28.06
CA THR JA 307 37.20 47.63 -28.19
C THR JA 307 36.18 47.24 -27.15
N LYS JA 308 35.66 46.01 -27.28
CA LYS JA 308 34.63 45.55 -26.34
C LYS JA 308 35.21 45.34 -24.94
N THR JA 309 36.51 45.07 -24.84
CA THR JA 309 37.19 44.96 -23.56
C THR JA 309 37.68 46.30 -23.04
N TYR JA 310 37.26 47.40 -23.66
CA TYR JA 310 37.61 48.74 -23.21
C TYR JA 310 36.42 49.45 -22.57
N VAL JA 311 35.26 49.43 -23.23
CA VAL JA 311 34.04 49.98 -22.64
C VAL JA 311 33.61 49.14 -21.46
N LYS JA 312 33.82 47.82 -21.52
CA LYS JA 312 33.50 46.95 -20.39
C LYS JA 312 34.44 47.19 -19.22
N ASP JA 313 35.70 47.55 -19.49
CA ASP JA 313 36.70 47.68 -18.45
C ASP JA 313 37.00 49.12 -18.06
N VAL JA 314 36.31 50.09 -18.67
CA VAL JA 314 36.25 51.42 -18.06
C VAL JA 314 35.10 51.46 -17.05
N THR JA 315 33.97 50.86 -17.42
CA THR JA 315 32.81 50.80 -16.52
C THR JA 315 33.09 49.92 -15.31
N GLU JA 316 33.88 48.85 -15.48
CA GLU JA 316 34.21 48.00 -14.34
C GLU JA 316 35.09 48.72 -13.33
N GLY JA 317 35.95 49.62 -13.80
CA GLY JA 317 36.70 50.47 -12.90
C GLY JA 317 35.96 51.69 -12.44
N LEU JA 318 34.85 52.02 -13.10
CA LEU JA 318 34.01 53.13 -12.70
C LEU JA 318 32.94 52.72 -11.71
N ARG JA 319 32.47 51.47 -11.79
CA ARG JA 319 31.58 50.95 -10.76
C ARG JA 319 32.33 50.70 -9.47
N ALA JA 320 33.57 50.21 -9.57
CA ALA JA 320 34.37 49.94 -8.38
C ALA JA 320 34.81 51.23 -7.70
N PHE JA 321 34.88 52.34 -8.44
CA PHE JA 321 35.13 53.62 -7.80
C PHE JA 321 33.93 54.07 -6.99
N MET JA 322 32.73 53.83 -7.50
CA MET JA 322 31.52 54.21 -6.76
C MET JA 322 31.14 53.17 -5.73
N ARG JA 323 31.46 51.89 -5.95
CA ARG JA 323 31.16 50.87 -4.95
C ARG JA 323 32.08 51.02 -3.74
N ASP JA 324 33.32 51.43 -3.95
CA ASP JA 324 34.21 51.74 -2.84
C ASP JA 324 33.94 53.10 -2.24
N LEU JA 325 33.09 53.90 -2.88
CA LEU JA 325 32.61 55.16 -2.32
C LEU JA 325 31.25 55.02 -1.67
N LYS JA 326 30.59 53.87 -1.83
CA LYS JA 326 29.27 53.62 -1.26
C LYS JA 326 29.36 52.93 0.10
N ASN JA 327 30.18 51.89 0.20
CA ASN JA 327 30.40 51.26 1.50
C ASN JA 327 31.26 52.12 2.41
N GLN JA 328 32.00 53.07 1.84
CA GLN JA 328 32.68 54.07 2.65
C GLN JA 328 31.68 55.05 3.27
N GLY JA 329 30.53 55.24 2.62
CA GLY JA 329 29.45 56.04 3.16
C GLY JA 329 29.22 57.36 2.45
N ALA JA 330 29.94 57.63 1.36
CA ALA JA 330 29.82 58.94 0.73
C ALA JA 330 28.55 59.06 -0.10
N VAL JA 331 28.16 57.99 -0.79
CA VAL JA 331 26.95 57.96 -1.59
C VAL JA 331 26.03 56.90 -0.99
N ILE JA 332 24.78 56.91 -1.44
CA ILE JA 332 23.79 55.94 -0.99
C ILE JA 332 23.65 54.79 -1.95
N ASN JA 333 23.37 55.09 -3.22
CA ASN JA 333 23.44 54.09 -4.28
C ASN JA 333 23.78 54.81 -5.57
N PHE JA 334 24.13 54.04 -6.59
CA PHE JA 334 24.61 54.63 -7.83
C PHE JA 334 24.13 53.77 -9.00
N GLU JA 335 24.42 54.25 -10.21
CA GLU JA 335 24.11 53.51 -11.43
C GLU JA 335 25.09 53.98 -12.51
N VAL JA 336 26.12 53.18 -12.76
CA VAL JA 336 27.13 53.50 -13.77
C VAL JA 336 26.87 52.60 -14.97
N TYR JA 337 26.71 53.22 -16.14
CA TYR JA 337 26.44 52.47 -17.34
C TYR JA 337 26.89 53.29 -18.54
N ALA JA 338 27.31 52.59 -19.59
CA ALA JA 338 27.58 53.25 -20.85
C ALA JA 338 26.28 53.68 -21.49
N ASP JA 339 26.26 54.90 -22.00
CA ASP JA 339 25.03 55.50 -22.52
C ASP JA 339 24.62 54.83 -23.82
N PRO JA 340 23.44 54.19 -23.89
CA PRO JA 340 23.06 53.50 -25.13
C PRO JA 340 22.63 54.44 -26.24
N ASP JA 341 22.34 55.69 -25.94
CA ASP JA 341 21.88 56.65 -26.95
C ASP JA 341 23.03 57.50 -27.49
N LEU JA 342 23.83 58.11 -26.62
CA LEU JA 342 24.90 58.99 -27.05
C LEU JA 342 26.07 58.25 -27.64
N ASN JA 343 26.20 56.95 -27.39
CA ASN JA 343 27.21 56.13 -28.06
C ASN JA 343 26.64 55.67 -29.39
N SER JA 344 26.66 56.58 -30.36
CA SER JA 344 26.14 56.30 -31.68
C SER JA 344 27.24 55.67 -32.54
N ALA JA 345 26.92 55.38 -33.79
CA ALA JA 345 27.95 54.92 -34.71
C ALA JA 345 28.85 56.07 -35.15
N SER JA 346 28.31 57.26 -35.27
CA SER JA 346 29.08 58.41 -35.70
C SER JA 346 29.81 59.09 -34.56
N GLN JA 347 29.29 58.98 -33.33
CA GLN JA 347 30.02 59.53 -32.19
C GLN JA 347 31.25 58.69 -31.88
N LEU JA 348 31.12 57.37 -32.00
CA LEU JA 348 32.27 56.49 -31.78
C LEU JA 348 33.27 56.56 -32.93
N ALA JA 349 32.84 56.97 -34.11
CA ALA JA 349 33.74 57.16 -35.23
C ALA JA 349 34.57 58.43 -35.13
N GLN JA 350 34.22 59.32 -34.22
CA GLN JA 350 35.04 60.49 -33.92
C GLN JA 350 35.90 60.29 -32.68
N GLY JA 351 35.70 59.19 -31.96
CA GLY JA 351 36.39 58.95 -30.72
C GLY JA 351 35.57 59.27 -29.48
N LYS JA 352 34.42 59.90 -29.64
CA LYS JA 352 33.58 60.24 -28.49
C LYS JA 352 32.89 58.99 -27.99
N VAL JA 353 33.05 58.68 -26.71
CA VAL JA 353 32.36 57.56 -26.08
C VAL JA 353 31.91 58.01 -24.70
N TYR JA 354 30.63 57.80 -24.39
CA TYR JA 354 29.97 58.45 -23.26
C TYR JA 354 29.65 57.44 -22.18
N TRP JA 355 29.82 57.86 -20.92
CA TRP JA 355 29.45 57.06 -19.77
C TRP JA 355 28.61 57.91 -18.83
N ASN JA 356 27.59 57.30 -18.24
CA ASN JA 356 26.71 57.96 -17.29
C ASN JA 356 27.01 57.45 -15.89
N ILE JA 357 27.24 58.37 -14.96
CA ILE JA 357 27.45 58.03 -13.56
C ILE JA 357 26.38 58.78 -12.76
N ARG JA 358 25.25 58.12 -12.54
CA ARG JA 358 24.20 58.68 -11.71
C ARG JA 358 24.37 58.17 -10.30
N PHE JA 359 24.18 59.06 -9.32
CA PHE JA 359 24.28 58.66 -7.92
C PHE JA 359 23.48 59.64 -7.07
N THR JA 360 23.31 59.30 -5.81
CA THR JA 360 22.73 60.19 -4.81
C THR JA 360 23.75 60.43 -3.71
N ASP JA 361 23.92 61.69 -3.33
CA ASP JA 361 24.77 62.01 -2.21
C ASP JA 361 24.04 61.73 -0.90
N VAL JA 362 24.75 61.91 0.22
CA VAL JA 362 24.16 61.76 1.55
C VAL JA 362 23.78 63.15 2.04
N PRO JA 363 22.50 63.49 2.10
CA PRO JA 363 22.11 64.83 2.52
C PRO JA 363 22.23 64.99 4.02
N PRO JA 364 22.73 66.13 4.49
CA PRO JA 364 22.84 66.34 5.94
C PRO JA 364 21.48 66.53 6.56
N ALA JA 365 21.23 65.82 7.67
CA ALA JA 365 19.92 65.81 8.33
C ALA JA 365 19.72 67.11 9.10
N GLU JA 366 19.49 68.18 8.35
CA GLU JA 366 19.42 69.50 8.94
C GLU JA 366 18.15 69.74 9.74
N ASN JA 367 17.14 68.88 9.61
CA ASN JA 367 15.92 68.99 10.39
C ASN JA 367 15.37 67.62 10.76
N PRO JA 368 15.91 66.98 11.79
CA PRO JA 368 15.29 65.74 12.27
C PRO JA 368 13.99 66.00 13.01
N ASN JA 369 12.87 65.69 12.36
CA ASN JA 369 11.57 65.93 12.94
C ASN JA 369 11.11 64.73 13.75
N PHE JA 370 10.52 64.99 14.91
CA PHE JA 370 9.92 63.96 15.73
C PHE JA 370 8.46 64.30 15.96
N ARG JA 371 7.61 63.30 15.82
CA ARG JA 371 6.16 63.47 15.94
C ARG JA 371 5.68 62.56 17.05
N VAL JA 372 5.40 63.14 18.22
CA VAL JA 372 5.02 62.40 19.40
C VAL JA 372 3.51 62.45 19.52
N GLU JA 373 2.90 61.28 19.77
CA GLU JA 373 1.45 61.15 19.78
C GLU JA 373 1.02 60.24 20.93
N VAL JA 374 0.06 60.71 21.72
CA VAL JA 374 -0.47 59.93 22.83
C VAL JA 374 -1.71 59.20 22.32
N THR JA 375 -1.53 57.95 21.90
CA THR JA 375 -2.60 57.12 21.39
C THR JA 375 -3.17 56.28 22.52
N ASP JA 376 -4.48 56.07 22.52
CA ASP JA 376 -5.11 55.14 23.45
C ASP JA 376 -5.28 53.75 22.84
N GLN JA 377 -4.44 53.39 21.88
CA GLN JA 377 -4.58 52.09 21.22
C GLN JA 377 -4.19 50.96 22.16
N TRP JA 378 -3.10 51.12 22.91
CA TRP JA 378 -2.67 50.12 23.87
C TRP JA 378 -3.28 50.32 25.24
N LEU JA 379 -4.35 51.12 25.34
CA LEU JA 379 -5.02 51.30 26.63
C LEU JA 379 -5.81 50.06 27.02
N THR JA 380 -6.18 49.24 26.05
CA THR JA 380 -6.87 47.98 26.33
C THR JA 380 -5.91 46.84 26.63
N GLU JA 381 -4.61 47.11 26.71
CA GLU JA 381 -3.64 46.08 27.03
C GLU JA 381 -3.58 45.78 28.52
N VAL JA 382 -4.00 46.70 29.38
CA VAL JA 382 -4.07 46.45 30.82
C VAL JA 382 -5.43 45.81 31.08
N LEU JA 383 -5.48 44.48 30.97
CA LEU JA 383 -6.67 43.72 31.30
C LEU JA 383 -6.39 42.50 32.17
N ASP JA 384 -5.17 41.98 32.19
CA ASP JA 384 -4.82 40.83 33.02
C ASP JA 384 -3.62 41.15 33.91
N SER KA 2 16.66 76.88 3.65
CA SER KA 2 16.52 76.32 4.99
C SER KA 2 15.30 76.86 5.70
N PHE KA 3 14.26 76.03 5.80
CA PHE KA 3 13.05 76.42 6.50
C PHE KA 3 13.31 76.55 8.00
N PHE KA 4 13.86 75.51 8.61
CA PHE KA 4 14.35 75.59 9.98
C PHE KA 4 15.52 74.65 10.14
N HIS KA 5 16.64 75.18 10.59
CA HIS KA 5 17.83 74.40 10.89
C HIS KA 5 17.85 74.15 12.39
N GLY KA 6 17.57 72.92 12.78
CA GLY KA 6 17.42 72.57 14.18
C GLY KA 6 16.57 71.33 14.31
N VAL KA 7 16.10 71.10 15.53
CA VAL KA 7 15.29 69.94 15.85
C VAL KA 7 13.88 70.42 16.17
N THR KA 8 12.89 69.87 15.49
CA THR KA 8 11.49 70.11 15.84
C THR KA 8 10.94 68.90 16.55
N VAL KA 9 10.21 69.14 17.63
CA VAL KA 9 9.45 68.10 18.32
C VAL KA 9 8.01 68.58 18.36
N THR KA 10 7.14 67.93 17.60
CA THR KA 10 5.76 68.40 17.44
C THR KA 10 4.79 67.40 18.05
N ASN KA 11 3.71 67.93 18.59
CA ASN KA 11 2.58 67.14 19.08
C ASN KA 11 1.45 67.27 18.06
N VAL KA 12 1.12 66.15 17.41
CA VAL KA 12 0.25 66.24 16.25
C VAL KA 12 -1.21 66.38 16.62
N ASP KA 13 -1.62 65.81 17.77
CA ASP KA 13 -2.94 66.03 18.40
C ASP KA 13 -4.09 65.58 17.49
N ILE KA 14 -4.05 64.30 17.09
CA ILE KA 14 -5.04 63.76 16.18
C ILE KA 14 -5.80 62.59 16.77
N GLY KA 15 -5.72 62.40 18.09
CA GLY KA 15 -6.43 61.29 18.70
C GLY KA 15 -7.90 61.57 18.88
N ALA KA 16 -8.66 60.49 19.11
CA ALA KA 16 -10.05 60.62 19.47
C ALA KA 16 -10.18 61.10 20.91
N ARG KA 17 -11.32 61.72 21.21
CA ARG KA 17 -11.55 62.27 22.54
C ARG KA 17 -12.56 61.40 23.29
N THR KA 18 -12.87 61.79 24.52
CA THR KA 18 -13.79 61.06 25.36
C THR KA 18 -14.98 61.95 25.70
N ILE KA 19 -16.16 61.34 25.75
CA ILE KA 19 -17.41 62.06 25.95
C ILE KA 19 -18.02 61.61 27.26
N ALA KA 20 -18.30 62.57 28.14
CA ALA KA 20 -18.89 62.30 29.45
C ALA KA 20 -20.30 62.86 29.52
N LEU KA 21 -21.13 62.25 30.34
CA LEU KA 21 -22.52 62.63 30.46
C LEU KA 21 -22.68 63.78 31.45
N PRO KA 22 -23.67 64.66 31.25
CA PRO KA 22 -23.85 65.80 32.16
C PRO KA 22 -24.69 65.49 33.40
N ALA KA 23 -24.46 64.33 34.02
CA ALA KA 23 -24.79 63.99 35.41
C ALA KA 23 -26.27 63.82 35.73
N SER KA 24 -27.16 64.23 34.82
CA SER KA 24 -28.55 63.76 34.73
C SER KA 24 -29.46 63.96 35.94
N SER KA 25 -28.99 64.61 37.02
CA SER KA 25 -29.74 64.54 38.26
C SER KA 25 -29.81 65.86 39.01
N VAL KA 26 -29.72 66.98 38.33
CA VAL KA 26 -29.83 68.29 38.98
C VAL KA 26 -31.29 68.71 38.95
N ILE KA 27 -31.84 69.06 40.11
CA ILE KA 27 -33.27 69.29 40.27
C ILE KA 27 -33.50 70.79 40.43
N GLY KA 28 -34.11 71.40 39.41
CA GLY KA 28 -34.47 72.80 39.52
C GLY KA 28 -35.72 72.95 40.36
N LEU KA 29 -35.65 73.81 41.37
CA LEU KA 29 -36.74 73.98 42.32
C LEU KA 29 -37.15 75.44 42.39
N CYS KA 30 -38.43 75.67 42.62
CA CYS KA 30 -38.94 77.03 42.79
C CYS KA 30 -40.21 76.96 43.63
N ASP KA 31 -40.13 77.42 44.87
CA ASP KA 31 -41.29 77.49 45.75
C ASP KA 31 -41.10 78.68 46.68
N VAL KA 32 -42.17 79.02 47.39
CA VAL KA 32 -42.18 80.26 48.16
C VAL KA 32 -41.48 80.04 49.50
N PHE KA 33 -41.01 81.14 50.07
CA PHE KA 33 -40.38 81.14 51.39
C PHE KA 33 -40.45 82.55 51.95
N THR KA 34 -40.11 82.69 53.22
CA THR KA 34 -40.12 83.98 53.90
C THR KA 34 -38.70 84.47 54.11
N PRO KA 35 -38.27 85.52 53.42
CA PRO KA 35 -36.91 86.02 53.63
C PRO KA 35 -36.81 86.78 54.95
N GLY KA 36 -35.71 86.53 55.66
CA GLY KA 36 -35.50 87.15 56.95
C GLY KA 36 -34.08 87.00 57.45
N ALA KA 37 -33.92 86.74 58.74
CA ALA KA 37 -32.60 86.55 59.32
C ALA KA 37 -32.12 85.11 59.19
N GLN KA 38 -33.00 84.14 59.43
CA GLN KA 38 -32.63 82.74 59.30
C GLN KA 38 -32.47 82.31 57.85
N ALA KA 39 -33.16 82.96 56.92
CA ALA KA 39 -33.04 82.65 55.51
C ALA KA 39 -31.88 83.43 54.91
N SER KA 40 -30.85 82.71 54.46
CA SER KA 40 -29.63 83.32 53.95
C SER KA 40 -29.67 83.53 52.44
N ALA KA 41 -30.84 83.72 51.85
CA ALA KA 41 -30.98 83.89 50.42
C ALA KA 41 -31.78 85.14 50.11
N LYS KA 42 -31.77 85.52 48.87
CA LYS KA 42 -32.53 86.62 48.31
C LYS KA 42 -33.68 86.07 47.47
N PRO KA 43 -34.83 86.76 47.42
CA PRO KA 43 -36.05 86.13 46.89
C PRO KA 43 -36.14 86.00 45.38
N ASN KA 44 -35.05 86.18 44.63
CA ASN KA 44 -35.11 85.85 43.20
C ASN KA 44 -33.88 85.14 42.66
N VAL KA 45 -32.80 85.02 43.42
CA VAL KA 45 -31.55 84.46 42.90
C VAL KA 45 -31.53 82.95 43.11
N PRO KA 46 -30.85 82.20 42.25
CA PRO KA 46 -30.71 80.77 42.49
C PRO KA 46 -29.71 80.47 43.60
N VAL KA 47 -29.96 79.39 44.31
CA VAL KA 47 -29.12 78.94 45.41
C VAL KA 47 -28.77 77.48 45.16
N LEU KA 48 -27.48 77.16 45.17
CA LEU KA 48 -27.05 75.78 44.99
C LEU KA 48 -27.21 75.02 46.31
N LEU KA 49 -27.92 73.90 46.25
CA LEU KA 49 -28.16 73.07 47.43
C LEU KA 49 -27.66 71.66 47.15
N THR KA 50 -26.79 71.17 48.02
CA THR KA 50 -26.28 69.82 47.91
C THR KA 50 -26.59 68.94 49.10
N SER KA 51 -27.18 69.49 50.16
CA SER KA 51 -27.46 68.70 51.36
C SER KA 51 -28.71 69.23 52.03
N LYS KA 52 -29.21 68.45 52.98
CA LYS KA 52 -30.45 68.81 53.67
C LYS KA 52 -30.23 69.97 54.63
N LYS KA 53 -29.04 70.05 55.23
CA LYS KA 53 -28.73 71.15 56.12
C LYS KA 53 -28.45 72.44 55.37
N ASP KA 54 -28.04 72.34 54.10
CA ASP KA 54 -27.78 73.54 53.31
C ASP KA 54 -29.08 74.22 52.89
N ALA KA 55 -30.17 73.46 52.78
CA ALA KA 55 -31.46 74.07 52.49
C ALA KA 55 -32.09 74.69 53.72
N ALA KA 56 -31.77 74.17 54.91
CA ALA KA 56 -32.31 74.75 56.14
C ALA KA 56 -31.63 76.06 56.48
N ALA KA 57 -30.37 76.22 56.10
CA ALA KA 57 -29.66 77.46 56.38
C ALA KA 57 -29.95 78.53 55.34
N ALA KA 58 -30.28 78.14 54.12
CA ALA KA 58 -30.49 79.10 53.05
C ALA KA 58 -31.95 79.49 52.87
N PHE KA 59 -32.88 78.72 53.43
CA PHE KA 59 -34.29 79.03 53.28
C PHE KA 59 -35.09 78.94 54.58
N GLY KA 60 -34.48 78.52 55.68
CA GLY KA 60 -35.16 78.46 56.95
C GLY KA 60 -35.99 77.21 57.13
N ILE KA 61 -35.98 76.65 58.33
CA ILE KA 61 -36.80 75.48 58.63
C ILE KA 61 -38.26 75.90 58.70
N GLY KA 62 -39.12 75.13 58.03
CA GLY KA 62 -40.54 75.44 58.01
C GLY KA 62 -40.99 76.20 56.79
N SER KA 63 -40.08 76.60 55.90
CA SER KA 63 -40.47 77.26 54.67
C SER KA 63 -41.11 76.26 53.72
N SER KA 64 -41.85 76.80 52.75
CA SER KA 64 -42.50 75.94 51.77
C SER KA 64 -41.51 75.36 50.76
N ILE KA 65 -40.33 75.96 50.63
CA ILE KA 65 -39.31 75.43 49.74
C ILE KA 65 -38.28 74.57 50.48
N TYR KA 66 -38.17 74.72 51.80
CA TYR KA 66 -37.36 73.76 52.56
C TYR KA 66 -38.08 72.41 52.64
N LEU KA 67 -39.41 72.45 52.74
CA LEU KA 67 -40.20 71.23 52.77
C LEU KA 67 -40.17 70.49 51.45
N ALA KA 68 -39.88 71.18 50.35
CA ALA KA 68 -39.67 70.51 49.07
C ALA KA 68 -38.28 69.88 48.99
N CYS KA 69 -37.28 70.56 49.55
CA CYS KA 69 -35.95 69.96 49.63
C CYS KA 69 -35.91 68.83 50.65
N GLU KA 70 -36.77 68.90 51.68
CA GLU KA 70 -36.90 67.80 52.62
C GLU KA 70 -37.48 66.57 51.93
N ALA KA 71 -38.32 66.75 50.94
CA ALA KA 71 -38.88 65.62 50.20
C ALA KA 71 -37.88 64.96 49.28
N ILE KA 72 -36.81 65.66 48.91
CA ILE KA 72 -35.83 65.15 47.97
C ILE KA 72 -34.64 64.49 48.67
N TYR KA 73 -34.16 65.11 49.75
CA TYR KA 73 -32.96 64.63 50.42
C TYR KA 73 -33.19 63.43 51.31
N ASN KA 74 -34.43 62.98 51.45
CA ASN KA 74 -34.69 61.75 52.19
C ASN KA 74 -34.63 60.52 51.30
N ARG KA 75 -35.15 60.64 50.08
CA ARG KA 75 -35.11 59.52 49.16
C ARG KA 75 -33.79 59.45 48.42
N ALA KA 76 -33.27 60.60 47.99
CA ALA KA 76 -32.05 60.65 47.19
C ALA KA 76 -31.06 61.61 47.83
N GLN KA 77 -29.99 61.89 47.11
CA GLN KA 77 -29.00 62.88 47.51
C GLN KA 77 -28.45 63.50 46.23
N ALA KA 78 -29.01 64.63 45.81
CA ALA KA 78 -28.68 65.22 44.53
C ALA KA 78 -28.52 66.72 44.66
N VAL KA 79 -28.10 67.34 43.57
CA VAL KA 79 -27.91 68.78 43.51
C VAL KA 79 -29.26 69.44 43.23
N ILE KA 80 -29.59 70.45 44.00
CA ILE KA 80 -30.84 71.20 43.83
C ILE KA 80 -30.49 72.66 43.58
N VAL KA 81 -30.90 73.19 42.44
CA VAL KA 81 -30.80 74.62 42.16
C VAL KA 81 -32.15 75.22 42.53
N ALA KA 82 -32.26 75.70 43.76
CA ALA KA 82 -33.51 76.27 44.26
C ALA KA 82 -33.50 77.77 44.05
N VAL KA 83 -34.65 78.31 43.68
CA VAL KA 83 -34.76 79.75 43.44
C VAL KA 83 -35.29 80.43 44.67
N GLY KA 84 -36.52 80.09 45.08
CA GLY KA 84 -37.10 80.72 46.24
C GLY KA 84 -37.67 82.09 45.93
N VAL KA 85 -38.96 82.29 46.19
CA VAL KA 85 -39.61 83.58 45.98
C VAL KA 85 -40.31 83.97 47.27
N GLU KA 86 -40.62 85.25 47.37
CA GLU KA 86 -41.36 85.73 48.54
C GLU KA 86 -42.84 85.42 48.37
N THR KA 87 -43.53 85.30 49.51
CA THR KA 87 -44.93 84.93 49.51
C THR KA 87 -45.78 86.12 49.09
N ALA KA 88 -46.51 85.97 47.98
CA ALA KA 88 -47.42 87.01 47.53
C ALA KA 88 -48.67 87.03 48.40
N GLU KA 89 -49.41 88.14 48.33
CA GLU KA 89 -50.57 88.33 49.17
C GLU KA 89 -51.73 87.44 48.72
N THR KA 90 -52.19 87.63 47.50
CA THR KA 90 -53.27 86.81 47.00
C THR KA 90 -52.73 85.51 46.42
N PRO KA 91 -53.52 84.43 46.46
CA PRO KA 91 -53.08 83.18 45.81
C PRO KA 91 -53.06 83.24 44.30
N GLU KA 92 -53.69 84.25 43.69
CA GLU KA 92 -53.62 84.42 42.24
C GLU KA 92 -52.33 85.12 41.84
N ALA KA 93 -51.85 86.05 42.66
CA ALA KA 93 -50.58 86.72 42.39
C ALA KA 93 -49.38 85.87 42.77
N GLN KA 94 -49.58 84.76 43.48
CA GLN KA 94 -48.47 83.86 43.76
C GLN KA 94 -48.04 83.12 42.51
N ALA KA 95 -48.98 82.85 41.60
CA ALA KA 95 -48.64 82.21 40.34
C ALA KA 95 -47.83 83.12 39.44
N SER KA 96 -48.05 84.43 39.53
CA SER KA 96 -47.29 85.37 38.71
C SER KA 96 -45.88 85.55 39.20
N ALA KA 97 -45.58 85.16 40.44
CA ALA KA 97 -44.22 85.23 40.94
C ALA KA 97 -43.42 83.97 40.63
N VAL KA 98 -44.07 82.81 40.59
CA VAL KA 98 -43.39 81.58 40.20
C VAL KA 98 -43.10 81.61 38.71
N ILE KA 99 -44.05 82.08 37.91
CA ILE KA 99 -43.80 82.33 36.50
C ILE KA 99 -42.84 83.52 36.42
N GLY KA 100 -41.58 83.24 36.14
CA GLY KA 100 -40.58 84.28 36.15
C GLY KA 100 -40.72 85.19 34.95
N GLY KA 101 -40.42 86.47 35.18
CA GLY KA 101 -40.27 87.39 34.09
C GLY KA 101 -38.84 87.87 34.05
N ILE KA 102 -38.67 89.18 33.88
CA ILE KA 102 -37.37 89.82 33.91
C ILE KA 102 -37.53 91.09 34.74
N SER KA 103 -36.66 91.27 35.73
CA SER KA 103 -36.76 92.41 36.63
C SER KA 103 -36.40 93.71 35.92
N ALA KA 104 -36.64 94.83 36.60
CA ALA KA 104 -36.27 96.13 36.06
C ALA KA 104 -34.76 96.32 36.02
N ALA KA 105 -34.00 95.56 36.79
CA ALA KA 105 -32.55 95.59 36.73
C ALA KA 105 -31.99 94.72 35.60
N GLY KA 106 -32.85 94.01 34.87
CA GLY KA 106 -32.39 93.15 33.80
C GLY KA 106 -31.96 91.77 34.26
N GLU KA 107 -32.74 91.14 35.14
CA GLU KA 107 -32.38 89.84 35.70
C GLU KA 107 -33.63 88.98 35.78
N ARG KA 108 -33.47 87.69 35.47
CA ARG KA 108 -34.56 86.74 35.59
C ARG KA 108 -34.92 86.52 37.05
N THR KA 109 -36.20 86.32 37.31
CA THR KA 109 -36.71 86.38 38.68
C THR KA 109 -37.20 85.05 39.22
N GLY KA 110 -38.18 84.42 38.57
CA GLY KA 110 -38.83 83.27 39.17
C GLY KA 110 -38.31 81.94 38.67
N LEU KA 111 -39.14 81.26 37.86
CA LEU KA 111 -38.71 80.00 37.27
C LEU KA 111 -37.61 80.21 36.24
N GLN KA 112 -37.56 81.38 35.62
CA GLN KA 112 -36.56 81.66 34.59
C GLN KA 112 -35.15 81.74 35.15
N ALA KA 113 -35.00 81.90 36.46
CA ALA KA 113 -33.67 81.93 37.07
C ALA KA 113 -32.95 80.59 36.99
N LEU KA 114 -33.67 79.50 36.71
CA LEU KA 114 -33.04 78.21 36.46
C LEU KA 114 -32.24 78.18 35.16
N LEU KA 115 -32.49 79.13 34.25
CA LEU KA 115 -31.63 79.29 33.08
C LEU KA 115 -30.27 79.84 33.45
N ASP KA 116 -30.14 80.47 34.61
CA ASP KA 116 -28.86 80.86 35.18
C ASP KA 116 -28.26 79.77 36.07
N GLY KA 117 -28.61 78.52 35.83
CA GLY KA 117 -28.10 77.42 36.62
C GLY KA 117 -26.79 76.88 36.11
N LYS KA 118 -26.58 76.94 34.79
CA LYS KA 118 -25.33 76.50 34.20
C LYS KA 118 -24.30 77.61 34.13
N SER KA 119 -24.74 78.85 33.94
CA SER KA 119 -23.82 79.97 33.82
C SER KA 119 -23.16 80.31 35.14
N ARG KA 120 -23.76 79.93 36.26
CA ARG KA 120 -23.27 80.31 37.58
C ARG KA 120 -22.71 79.14 38.38
N PHE KA 121 -23.39 77.99 38.37
CA PHE KA 121 -22.95 76.84 39.15
C PHE KA 121 -22.35 75.72 38.34
N ASN KA 122 -22.40 75.82 37.00
CA ASN KA 122 -22.06 74.73 36.06
C ASN KA 122 -22.83 73.45 36.36
N ALA KA 123 -24.10 73.63 36.74
CA ALA KA 123 -24.99 72.52 37.06
C ALA KA 123 -26.35 72.84 36.46
N GLN KA 124 -26.55 72.42 35.23
CA GLN KA 124 -27.81 72.66 34.53
C GLN KA 124 -28.87 71.71 35.07
N PRO KA 125 -30.05 72.22 35.44
CA PRO KA 125 -31.07 71.34 36.00
C PRO KA 125 -31.71 70.45 34.95
N ARG KA 126 -32.12 69.26 35.39
CA ARG KA 126 -32.78 68.29 34.55
C ARG KA 126 -34.17 67.92 35.02
N LEU KA 127 -34.54 68.24 36.26
CA LEU KA 127 -35.89 68.04 36.77
C LEU KA 127 -36.41 69.39 37.24
N LEU KA 128 -37.48 69.86 36.61
CA LEU KA 128 -38.06 71.16 36.91
C LEU KA 128 -39.29 70.95 37.78
N VAL KA 129 -39.17 71.29 39.06
CA VAL KA 129 -40.22 71.03 40.03
C VAL KA 129 -40.57 72.35 40.70
N ALA KA 130 -41.77 72.86 40.42
CA ALA KA 130 -42.38 73.93 41.21
C ALA KA 130 -43.52 73.28 41.98
N PRO KA 131 -43.27 72.77 43.18
CA PRO KA 131 -44.28 71.93 43.85
C PRO KA 131 -45.42 72.77 44.43
N GLY KA 132 -46.64 72.35 44.13
CA GLY KA 132 -47.84 73.01 44.62
C GLY KA 132 -48.40 74.01 43.66
N HIS KA 133 -47.54 74.83 43.06
CA HIS KA 133 -48.00 75.84 42.13
C HIS KA 133 -48.22 75.30 40.73
N SER KA 134 -47.69 74.12 40.42
CA SER KA 134 -47.88 73.53 39.10
C SER KA 134 -49.28 72.97 38.88
N ALA KA 135 -50.10 72.89 39.93
CA ALA KA 135 -51.49 72.53 39.77
C ALA KA 135 -52.29 73.61 39.06
N GLN KA 136 -51.84 74.86 39.14
CA GLN KA 136 -52.41 75.92 38.34
C GLN KA 136 -51.87 75.85 36.91
N GLN KA 137 -52.74 76.11 35.94
CA GLN KA 137 -52.38 75.86 34.55
C GLN KA 137 -51.39 76.88 34.02
N ALA KA 138 -51.38 78.09 34.59
CA ALA KA 138 -50.49 79.12 34.09
C ALA KA 138 -49.04 78.83 34.44
N VAL KA 139 -48.79 78.26 35.62
CA VAL KA 139 -47.43 77.92 36.02
C VAL KA 139 -46.92 76.73 35.25
N ALA KA 140 -47.78 75.72 35.05
CA ALA KA 140 -47.36 74.50 34.37
C ALA KA 140 -47.13 74.72 32.89
N THR KA 141 -47.86 75.65 32.28
CA THR KA 141 -47.63 75.97 30.88
C THR KA 141 -46.45 76.91 30.70
N ALA KA 142 -45.97 77.53 31.77
CA ALA KA 142 -44.74 78.28 31.74
C ALA KA 142 -43.54 77.44 32.11
N MET KA 143 -43.76 76.27 32.72
CA MET KA 143 -42.71 75.32 32.96
C MET KA 143 -42.51 74.37 31.80
N ASP KA 144 -43.50 74.28 30.90
CA ASP KA 144 -43.35 73.48 29.70
C ASP KA 144 -42.38 74.15 28.73
N GLY KA 145 -42.51 75.47 28.54
CA GLY KA 145 -41.57 76.19 27.71
C GLY KA 145 -40.20 76.32 28.31
N LEU KA 146 -40.10 76.23 29.63
CA LEU KA 146 -38.81 76.26 30.30
C LEU KA 146 -38.09 74.92 30.19
N ALA KA 147 -38.85 73.83 30.11
CA ALA KA 147 -38.26 72.50 30.04
C ALA KA 147 -37.58 72.22 28.72
N GLU KA 148 -37.97 72.94 27.65
CA GLU KA 148 -37.27 72.80 26.38
C GLU KA 148 -36.01 73.64 26.33
N LYS KA 149 -35.98 74.75 27.08
CA LYS KA 149 -34.78 75.57 27.14
C LYS KA 149 -33.65 74.91 27.90
N LEU KA 150 -33.96 73.97 28.79
CA LEU KA 150 -32.96 73.27 29.58
C LEU KA 150 -32.81 71.81 29.18
N ARG KA 151 -33.62 71.33 28.23
CA ARG KA 151 -33.78 69.91 27.91
C ARG KA 151 -34.05 69.08 29.15
N ALA KA 152 -34.94 69.59 30.00
CA ALA KA 152 -35.25 68.99 31.28
C ALA KA 152 -36.55 68.20 31.20
N ILE KA 153 -37.00 67.70 32.34
CA ILE KA 153 -38.27 67.01 32.47
C ILE KA 153 -39.03 67.72 33.58
N ALA KA 154 -39.99 68.56 33.21
CA ALA KA 154 -40.74 69.33 34.19
C ALA KA 154 -41.79 68.44 34.83
N ILE KA 155 -41.57 68.09 36.11
CA ILE KA 155 -42.47 67.19 36.82
C ILE KA 155 -43.63 68.02 37.36
N LEU KA 156 -44.81 67.83 36.78
CA LEU KA 156 -46.01 68.54 37.22
C LEU KA 156 -46.68 67.76 38.35
N ASP KA 157 -47.77 68.33 38.84
CA ASP KA 157 -48.69 67.60 39.72
C ASP KA 157 -50.06 68.21 39.51
N GLY KA 158 -51.05 67.35 39.27
CA GLY KA 158 -52.39 67.83 39.04
C GLY KA 158 -53.07 68.23 40.32
N PRO KA 159 -54.34 68.62 40.20
CA PRO KA 159 -55.12 68.95 41.39
C PRO KA 159 -55.45 67.70 42.19
N ASN KA 160 -55.76 67.90 43.46
CA ASN KA 160 -56.17 66.81 44.33
C ASN KA 160 -57.67 66.55 44.27
N SER KA 161 -58.33 66.97 43.19
CA SER KA 161 -59.74 66.72 42.97
C SER KA 161 -59.96 65.34 42.40
N THR KA 162 -61.17 65.05 41.94
CA THR KA 162 -61.52 63.75 41.41
C THR KA 162 -60.80 63.48 40.09
N ASP KA 163 -60.89 62.23 39.64
CA ASP KA 163 -60.17 61.79 38.45
C ASP KA 163 -60.76 62.38 37.17
N GLU KA 164 -62.00 62.86 37.20
CA GLU KA 164 -62.52 63.60 36.06
C GLU KA 164 -61.82 64.95 35.93
N ALA KA 165 -61.43 65.55 37.06
CA ALA KA 165 -60.68 66.80 37.02
C ALA KA 165 -59.18 66.58 36.82
N ALA KA 166 -58.70 65.36 37.00
CA ALA KA 166 -57.29 65.07 36.76
C ALA KA 166 -57.02 64.83 35.29
N VAL KA 167 -57.92 64.13 34.61
CA VAL KA 167 -57.78 63.90 33.19
C VAL KA 167 -58.02 65.19 32.42
N ALA KA 168 -59.01 65.98 32.85
CA ALA KA 168 -59.33 67.23 32.16
C ALA KA 168 -58.27 68.30 32.37
N TYR KA 169 -57.38 68.13 33.34
CA TYR KA 169 -56.25 69.02 33.50
C TYR KA 169 -55.06 68.58 32.65
N ALA KA 170 -54.87 67.27 32.51
CA ALA KA 170 -53.77 66.74 31.71
C ALA KA 170 -54.05 66.77 30.21
N LYS KA 171 -55.24 67.16 29.80
CA LYS KA 171 -55.59 67.27 28.39
C LYS KA 171 -55.23 68.63 27.81
N ASN KA 172 -54.46 69.43 28.53
CA ASN KA 172 -54.05 70.75 28.07
C ASN KA 172 -52.60 70.81 27.61
N PHE KA 173 -51.81 69.77 27.90
CA PHE KA 173 -50.36 69.90 27.82
C PHE KA 173 -49.76 69.27 26.57
N GLY KA 174 -49.87 67.96 26.41
CA GLY KA 174 -49.47 67.30 25.18
C GLY KA 174 -47.99 67.29 24.84
N SER KA 175 -47.12 67.82 25.69
CA SER KA 175 -45.69 67.89 25.38
C SER KA 175 -44.93 66.78 26.08
N LYS KA 176 -43.84 66.35 25.44
CA LYS KA 176 -43.11 65.18 25.90
C LYS KA 176 -42.25 65.44 27.14
N ARG KA 177 -42.06 66.69 27.53
CA ARG KA 177 -41.22 67.02 28.67
C ARG KA 177 -42.03 67.41 29.90
N LEU KA 178 -43.17 66.75 30.08
CA LEU KA 178 -44.06 67.01 31.21
C LEU KA 178 -44.46 65.69 31.83
N PHE KA 179 -44.22 65.55 33.14
CA PHE KA 179 -44.53 64.34 33.88
C PHE KA 179 -45.48 64.71 35.00
N MET KA 180 -46.67 64.11 35.01
CA MET KA 180 -47.73 64.53 35.91
C MET KA 180 -48.01 63.43 36.93
N VAL KA 181 -47.93 63.79 38.21
CA VAL KA 181 -48.21 62.89 39.31
C VAL KA 181 -49.46 63.44 40.01
N ASP KA 182 -50.59 62.78 39.83
CA ASP KA 182 -51.87 63.35 40.24
C ASP KA 182 -52.20 63.27 41.74
N PRO KA 183 -52.18 62.12 42.43
CA PRO KA 183 -52.71 62.12 43.80
C PRO KA 183 -51.73 62.75 44.77
N GLY KA 184 -52.24 63.65 45.60
CA GLY KA 184 -51.38 64.38 46.52
C GLY KA 184 -50.93 63.52 47.67
N VAL KA 185 -49.65 63.58 48.00
CA VAL KA 185 -49.09 62.77 49.07
C VAL KA 185 -49.53 63.34 50.41
N GLN KA 186 -49.98 62.47 51.30
CA GLN KA 186 -50.21 62.81 52.69
C GLN KA 186 -48.97 62.42 53.48
N VAL KA 187 -48.34 63.40 54.12
CA VAL KA 187 -47.06 63.19 54.79
C VAL KA 187 -47.16 63.71 56.22
N TRP KA 188 -46.47 63.03 57.14
CA TRP KA 188 -46.45 63.42 58.53
C TRP KA 188 -45.59 64.66 58.72
N ASP KA 189 -46.08 65.59 59.53
CA ASP KA 189 -45.41 66.86 59.77
C ASP KA 189 -44.78 66.87 61.14
N SER KA 190 -43.62 67.54 61.24
CA SER KA 190 -42.94 67.74 62.51
C SER KA 190 -43.31 69.04 63.18
N ALA KA 191 -43.92 69.98 62.45
CA ALA KA 191 -44.31 71.27 63.01
C ALA KA 191 -45.72 71.21 63.59
N THR KA 192 -46.70 70.86 62.76
CA THR KA 192 -48.07 70.76 63.23
C THR KA 192 -48.36 69.44 63.94
N ASN KA 193 -47.42 68.48 63.89
CA ASN KA 193 -47.51 67.18 64.55
C ASN KA 193 -48.73 66.39 64.10
N ALA KA 194 -48.99 66.43 62.79
CA ALA KA 194 -50.10 65.71 62.19
C ALA KA 194 -49.74 65.40 60.75
N ALA KA 195 -50.71 64.84 60.01
CA ALA KA 195 -50.50 64.47 58.62
C ALA KA 195 -50.94 65.61 57.71
N ARG KA 196 -49.99 66.22 57.01
CA ARG KA 196 -50.27 67.30 56.08
C ARG KA 196 -50.24 66.80 54.65
N ASN KA 197 -50.92 67.52 53.77
CA ASN KA 197 -51.00 67.16 52.37
C ASN KA 197 -49.87 67.86 51.60
N ALA KA 198 -49.00 67.10 51.04
CA ALA KA 198 -47.87 67.47 50.21
C ALA KA 198 -48.28 67.49 48.74
N PRO KA 199 -47.62 68.29 47.90
CA PRO KA 199 -48.00 68.36 46.48
C PRO KA 199 -47.63 67.12 45.67
N ALA KA 200 -46.82 66.21 46.21
CA ALA KA 200 -46.39 64.95 45.60
C ALA KA 200 -45.61 65.14 44.29
N SER KA 201 -45.10 66.34 44.04
CA SER KA 201 -44.24 66.59 42.90
C SER KA 201 -42.78 66.58 43.27
N ALA KA 202 -42.45 67.01 44.49
CA ALA KA 202 -41.09 66.91 44.98
C ALA KA 202 -40.73 65.48 45.38
N TYR KA 203 -41.72 64.66 45.72
CA TYR KA 203 -41.45 63.27 46.06
C TYR KA 203 -41.20 62.43 44.82
N ALA KA 204 -41.74 62.84 43.67
CA ALA KA 204 -41.44 62.15 42.43
C ALA KA 204 -40.05 62.49 41.92
N ALA KA 205 -39.59 63.73 42.12
CA ALA KA 205 -38.24 64.10 41.75
C ALA KA 205 -37.20 63.50 42.69
N GLY KA 206 -37.61 63.07 43.88
CA GLY KA 206 -36.71 62.29 44.72
C GLY KA 206 -36.43 60.93 44.12
N LEU KA 207 -37.35 60.40 43.32
CA LEU KA 207 -37.14 59.11 42.67
C LEU KA 207 -36.38 59.25 41.36
N PHE KA 208 -36.56 60.36 40.65
CA PHE KA 208 -35.77 60.60 39.45
C PHE KA 208 -34.31 60.83 39.79
N ALA KA 209 -34.03 61.40 40.96
CA ALA KA 209 -32.65 61.59 41.39
C ALA KA 209 -32.08 60.36 42.05
N TRP KA 210 -32.91 59.44 42.53
CA TRP KA 210 -32.42 58.24 43.18
C TRP KA 210 -32.16 57.12 42.19
N THR KA 211 -33.04 56.96 41.20
CA THR KA 211 -32.84 55.89 40.22
C THR KA 211 -31.67 56.19 39.29
N ASP KA 212 -31.33 57.46 39.11
CA ASP KA 212 -30.16 57.79 38.31
C ASP KA 212 -28.87 57.48 39.07
N ALA KA 213 -28.92 57.50 40.39
CA ALA KA 213 -27.75 57.15 41.18
C ALA KA 213 -27.70 55.66 41.50
N GLU KA 214 -28.85 54.99 41.56
CA GLU KA 214 -28.92 53.57 41.90
C GLU KA 214 -28.98 52.69 40.66
N TYR KA 215 -29.96 52.91 39.79
CA TYR KA 215 -30.16 52.07 38.62
C TYR KA 215 -29.76 52.74 37.32
N GLY KA 216 -29.51 54.03 37.31
CA GLY KA 216 -29.05 54.71 36.10
C GLY KA 216 -30.13 55.57 35.49
N PHE KA 217 -29.68 56.48 34.61
CA PHE KA 217 -30.58 57.44 33.97
C PHE KA 217 -31.45 56.80 32.89
N TRP KA 218 -31.16 55.58 32.48
CA TRP KA 218 -31.99 54.85 31.52
C TRP KA 218 -33.08 54.04 32.18
N SER KA 219 -33.21 54.12 33.51
CA SER KA 219 -34.14 53.29 34.26
C SER KA 219 -35.31 54.14 34.72
N SER KA 220 -36.51 53.66 34.50
CA SER KA 220 -37.68 54.41 34.88
C SER KA 220 -37.91 54.31 36.39
N PRO KA 221 -38.37 55.40 37.01
CA PRO KA 221 -38.60 55.38 38.47
C PRO KA 221 -40.00 54.89 38.82
N SER KA 222 -40.68 54.25 37.87
CA SER KA 222 -42.11 54.02 37.94
C SER KA 222 -42.49 52.73 38.66
N ASN KA 223 -41.61 52.17 39.47
CA ASN KA 223 -41.99 51.08 40.35
C ASN KA 223 -41.31 51.21 41.70
N LYS KA 224 -40.64 52.30 41.97
CA LYS KA 224 -39.78 52.44 43.13
C LYS KA 224 -40.52 53.14 44.26
N GLU KA 225 -40.06 52.91 45.48
CA GLU KA 225 -40.81 53.30 46.66
C GLU KA 225 -40.51 54.73 47.07
N ILE KA 226 -41.54 55.42 47.54
CA ILE KA 226 -41.40 56.74 48.15
C ILE KA 226 -41.35 56.55 49.65
N LYS KA 227 -40.35 57.16 50.30
CA LYS KA 227 -40.01 56.80 51.67
C LYS KA 227 -40.71 57.67 52.71
N GLY KA 228 -40.83 58.97 52.46
CA GLY KA 228 -41.34 59.85 53.49
C GLY KA 228 -42.84 59.84 53.69
N VAL KA 229 -43.59 59.19 52.80
CA VAL KA 229 -45.04 59.32 52.80
C VAL KA 229 -45.65 58.50 53.94
N THR KA 230 -46.92 58.78 54.22
CA THR KA 230 -47.69 57.96 55.15
C THR KA 230 -49.13 57.80 54.67
N GLY KA 231 -49.38 58.01 53.38
CA GLY KA 231 -50.72 57.90 52.85
C GLY KA 231 -50.82 58.65 51.54
N THR KA 232 -52.06 58.82 51.10
CA THR KA 232 -52.33 59.47 49.82
C THR KA 232 -53.77 59.98 49.83
N SER KA 233 -53.94 61.27 49.53
CA SER KA 233 -55.27 61.84 49.39
C SER KA 233 -55.94 61.25 48.15
N ARG KA 234 -57.22 60.85 48.32
CA ARG KA 234 -58.03 60.13 47.32
C ARG KA 234 -57.30 58.88 46.85
N PRO KA 235 -57.27 57.82 47.64
CA PRO KA 235 -56.45 56.63 47.29
C PRO KA 235 -57.00 55.90 46.08
N VAL KA 236 -56.11 55.57 45.15
CA VAL KA 236 -56.48 54.93 43.89
C VAL KA 236 -56.46 53.42 44.07
N GLU KA 237 -57.14 52.73 43.16
CA GLU KA 237 -57.34 51.29 43.25
C GLU KA 237 -56.43 50.58 42.27
N PHE KA 238 -55.65 49.61 42.78
CA PHE KA 238 -54.85 48.71 41.94
C PHE KA 238 -54.71 47.41 42.74
N LEU KA 239 -55.62 46.46 42.46
CA LEU KA 239 -55.74 45.33 43.37
C LEU KA 239 -54.71 44.25 43.10
N ASP KA 240 -54.88 43.49 42.02
CA ASP KA 240 -53.82 42.58 41.60
C ASP KA 240 -53.46 42.73 40.12
N GLY KA 241 -54.45 42.52 39.25
CA GLY KA 241 -54.20 42.47 37.83
C GLY KA 241 -55.33 42.95 36.95
N ASP KA 242 -56.35 43.57 37.55
CA ASP KA 242 -57.51 44.03 36.79
C ASP KA 242 -57.13 45.25 35.97
N GLU KA 243 -57.27 45.16 34.65
CA GLU KA 243 -56.84 46.20 33.74
C GLU KA 243 -57.80 47.38 33.67
N THR KA 244 -58.93 47.32 34.37
CA THR KA 244 -59.87 48.43 34.45
C THR KA 244 -59.91 49.03 35.84
N CYS KA 245 -58.80 48.91 36.58
CA CYS KA 245 -58.68 49.56 37.87
C CYS KA 245 -58.55 51.06 37.70
N ARG KA 246 -58.78 51.78 38.80
CA ARG KA 246 -58.79 53.24 38.73
C ARG KA 246 -57.39 53.81 38.58
N ALA KA 247 -56.36 53.10 39.04
CA ALA KA 247 -55.00 53.56 38.81
C ALA KA 247 -54.55 53.34 37.37
N ASN KA 248 -55.07 52.32 36.72
CA ASN KA 248 -54.71 52.07 35.32
C ASN KA 248 -55.42 53.03 34.38
N LEU KA 249 -56.60 53.53 34.77
CA LEU KA 249 -57.32 54.47 33.92
C LEU KA 249 -56.65 55.83 33.87
N LEU KA 250 -55.76 56.13 34.82
CA LEU KA 250 -55.01 57.37 34.78
C LEU KA 250 -53.69 57.22 34.03
N ASN KA 251 -53.05 56.06 34.11
CA ASN KA 251 -51.85 55.82 33.32
C ASN KA 251 -52.17 55.71 31.84
N ASN KA 252 -53.39 55.31 31.51
CA ASN KA 252 -53.84 55.32 30.12
C ASN KA 252 -53.99 56.75 29.61
N ALA KA 253 -54.27 57.70 30.51
CA ALA KA 253 -54.37 59.12 30.16
C ALA KA 253 -53.07 59.86 30.44
N ASN KA 254 -51.93 59.15 30.40
CA ASN KA 254 -50.58 59.72 30.53
C ASN KA 254 -50.35 60.42 31.86
N ILE KA 255 -50.92 59.88 32.93
CA ILE KA 255 -50.79 60.45 34.26
C ILE KA 255 -50.20 59.39 35.19
N ALA KA 256 -49.08 59.72 35.82
CA ALA KA 256 -48.52 58.84 36.83
C ALA KA 256 -49.35 58.92 38.11
N THR KA 257 -49.39 57.81 38.84
CA THR KA 257 -50.16 57.72 40.07
C THR KA 257 -49.28 57.20 41.19
N ILE KA 258 -49.90 57.00 42.36
CA ILE KA 258 -49.26 56.44 43.53
C ILE KA 258 -50.21 55.40 44.10
N ILE KA 259 -49.82 54.13 44.05
CA ILE KA 259 -50.80 53.05 44.05
C ILE KA 259 -51.10 52.42 45.42
N ARG KA 260 -50.07 51.88 46.06
CA ARG KA 260 -50.27 50.80 47.02
C ARG KA 260 -50.81 51.30 48.35
N ASP KA 261 -50.91 50.38 49.31
CA ASP KA 261 -51.43 50.70 50.64
C ASP KA 261 -50.46 51.61 51.37
N ASP KA 262 -51.00 52.71 51.92
CA ASP KA 262 -50.27 53.87 52.46
C ASP KA 262 -49.41 54.55 51.41
N GLY KA 263 -49.73 54.36 50.13
CA GLY KA 263 -49.13 55.04 49.00
C GLY KA 263 -47.63 54.99 48.86
N TYR KA 264 -47.03 53.81 48.91
CA TYR KA 264 -45.57 53.70 48.97
C TYR KA 264 -44.95 53.23 47.66
N ARG KA 265 -45.62 53.44 46.53
CA ARG KA 265 -45.04 53.14 45.23
C ARG KA 265 -45.41 54.21 44.23
N LEU KA 266 -44.48 54.55 43.34
CA LEU KA 266 -44.80 55.36 42.18
C LEU KA 266 -45.23 54.44 41.05
N TRP KA 267 -46.18 54.88 40.25
CA TRP KA 267 -46.76 54.05 39.21
C TRP KA 267 -47.00 54.90 37.97
N GLY KA 268 -46.38 54.53 36.86
CA GLY KA 268 -46.58 55.25 35.63
C GLY KA 268 -45.30 55.82 35.05
N ASN KA 269 -44.91 55.33 33.89
CA ASN KA 269 -43.70 55.80 33.21
C ASN KA 269 -44.00 56.63 31.99
N ARG KA 270 -45.27 56.75 31.61
CA ARG KA 270 -45.65 57.55 30.46
C ARG KA 270 -45.58 59.02 30.81
N THR KA 271 -44.97 59.80 29.92
CA THR KA 271 -45.02 61.25 30.04
C THR KA 271 -46.24 61.76 29.29
N LEU KA 272 -46.50 63.06 29.39
CA LEU KA 272 -47.71 63.62 28.79
C LEU KA 272 -47.52 63.94 27.32
N SER KA 273 -47.06 62.99 26.52
CA SER KA 273 -46.71 63.24 25.13
C SER KA 273 -47.84 62.84 24.20
N SER KA 274 -47.99 63.60 23.10
CA SER KA 274 -48.95 63.23 22.08
C SER KA 274 -48.41 62.19 21.12
N ASP KA 275 -47.12 62.23 20.83
CA ASP KA 275 -46.51 61.22 19.98
C ASP KA 275 -46.38 59.90 20.72
N SER KA 276 -46.53 58.80 20.00
CA SER KA 276 -46.28 57.49 20.56
C SER KA 276 -44.80 57.16 20.64
N LYS KA 277 -43.95 57.98 20.03
CA LYS KA 277 -42.51 57.74 20.08
C LYS KA 277 -41.93 58.20 21.40
N TRP KA 278 -42.26 59.42 21.81
CA TRP KA 278 -41.74 60.00 23.05
C TRP KA 278 -42.67 59.77 24.23
N ALA KA 279 -43.40 58.66 24.26
CA ALA KA 279 -44.37 58.45 25.32
C ALA KA 279 -43.69 58.06 26.62
N PHE KA 280 -42.66 57.23 26.55
CA PHE KA 280 -41.95 56.81 27.76
C PHE KA 280 -41.04 57.91 28.26
N VAL KA 281 -41.06 58.16 29.57
CA VAL KA 281 -40.20 59.18 30.16
C VAL KA 281 -38.75 58.73 30.21
N THR KA 282 -38.49 57.43 30.02
CA THR KA 282 -37.13 56.94 29.93
C THR KA 282 -36.48 57.39 28.62
N ARG KA 283 -37.21 57.28 27.50
CA ARG KA 283 -36.65 57.61 26.21
C ARG KA 283 -36.41 59.10 26.05
N VAL KA 284 -37.28 59.94 26.62
CA VAL KA 284 -37.06 61.38 26.57
C VAL KA 284 -35.88 61.77 27.44
N ARG KA 285 -35.63 61.02 28.51
CA ARG KA 285 -34.53 61.35 29.41
C ARG KA 285 -33.18 60.93 28.83
N THR KA 286 -33.10 59.77 28.19
CA THR KA 286 -31.84 59.34 27.58
C THR KA 286 -31.55 60.09 26.29
N MET KA 287 -32.58 60.56 25.59
CA MET KA 287 -32.34 61.31 24.37
C MET KA 287 -31.76 62.69 24.67
N ASP KA 288 -32.25 63.33 25.74
CA ASP KA 288 -31.70 64.62 26.12
C ASP KA 288 -30.35 64.51 26.81
N LEU KA 289 -29.96 63.30 27.22
CA LEU KA 289 -28.66 63.08 27.84
C LEU KA 289 -27.59 62.68 26.84
N VAL KA 290 -27.96 62.08 25.71
CA VAL KA 290 -26.99 61.80 24.65
C VAL KA 290 -26.95 62.90 23.61
N MET KA 291 -27.89 63.84 23.62
CA MET KA 291 -27.81 65.01 22.77
C MET KA 291 -27.12 66.17 23.45
N ASP KA 292 -27.02 66.16 24.78
CA ASP KA 292 -26.32 67.20 25.50
C ASP KA 292 -24.90 66.80 25.89
N ALA KA 293 -24.58 65.51 25.85
CA ALA KA 293 -23.20 65.09 26.03
C ALA KA 293 -22.41 65.20 24.74
N ILE KA 294 -23.06 64.99 23.59
CA ILE KA 294 -22.40 65.14 22.31
C ILE KA 294 -22.13 66.62 22.03
N LEU KA 295 -23.08 67.49 22.37
CA LEU KA 295 -22.92 68.91 22.10
C LEU KA 295 -21.85 69.52 23.01
N ALA KA 296 -21.80 69.12 24.28
CA ALA KA 296 -20.82 69.66 25.19
C ALA KA 296 -19.47 68.97 25.08
N GLY KA 297 -19.42 67.79 24.47
CA GLY KA 297 -18.20 67.04 24.34
C GLY KA 297 -17.49 67.16 23.02
N HIS KA 298 -18.04 67.91 22.06
CA HIS KA 298 -17.45 68.07 20.75
C HIS KA 298 -17.12 69.52 20.45
N LYS KA 299 -16.89 70.32 21.48
CA LYS KA 299 -16.51 71.71 21.27
C LYS KA 299 -15.03 71.86 20.91
N TRP KA 300 -14.25 70.79 20.99
CA TRP KA 300 -12.88 70.80 20.51
C TRP KA 300 -12.79 70.67 19.00
N ALA KA 301 -13.85 70.22 18.35
CA ALA KA 301 -13.82 69.83 16.95
C ALA KA 301 -14.49 70.86 16.04
N VAL KA 302 -14.58 72.12 16.47
CA VAL KA 302 -15.33 73.10 15.70
C VAL KA 302 -14.47 73.93 14.76
N ASP KA 303 -13.14 73.73 14.77
CA ASP KA 303 -12.33 74.31 13.69
C ASP KA 303 -11.13 73.44 13.32
N ARG KA 304 -11.22 72.13 13.54
CA ARG KA 304 -10.07 71.26 13.42
C ARG KA 304 -9.65 70.99 11.97
N GLY KA 305 -10.48 71.31 10.99
CA GLY KA 305 -10.11 71.05 9.62
C GLY KA 305 -10.43 69.63 9.23
N ILE KA 306 -11.17 69.47 8.12
CA ILE KA 306 -11.65 68.15 7.75
C ILE KA 306 -10.56 67.38 7.02
N THR KA 307 -9.79 66.60 7.76
CA THR KA 307 -8.84 65.65 7.20
C THR KA 307 -9.39 64.23 7.40
N LYS KA 308 -8.72 63.27 6.77
CA LYS KA 308 -9.17 61.88 6.86
C LYS KA 308 -8.96 61.32 8.26
N THR KA 309 -8.01 61.86 9.01
CA THR KA 309 -7.79 61.49 10.40
C THR KA 309 -8.65 62.31 11.36
N TYR KA 310 -9.62 63.06 10.85
CA TYR KA 310 -10.56 63.82 11.66
C TYR KA 310 -11.94 63.20 11.67
N VAL KA 311 -12.48 62.88 10.48
CA VAL KA 311 -13.75 62.18 10.40
C VAL KA 311 -13.62 60.76 10.95
N LYS KA 312 -12.46 60.14 10.75
CA LYS KA 312 -12.22 58.82 11.31
C LYS KA 312 -12.10 58.86 12.82
N ASP KA 313 -11.57 59.96 13.39
CA ASP KA 313 -11.30 60.05 14.80
C ASP KA 313 -12.33 60.86 15.57
N VAL KA 314 -13.36 61.39 14.90
CA VAL KA 314 -14.55 61.81 15.61
C VAL KA 314 -15.48 60.63 15.79
N THR KA 315 -15.62 59.81 14.75
CA THR KA 315 -16.45 58.60 14.83
C THR KA 315 -15.87 57.57 15.77
N GLU KA 316 -14.54 57.48 15.87
CA GLU KA 316 -13.93 56.54 16.80
C GLU KA 316 -14.18 56.93 18.26
N GLY KA 317 -14.26 58.23 18.54
CA GLY KA 317 -14.67 58.69 19.84
C GLY KA 317 -16.16 58.73 20.05
N LEU KA 318 -16.92 58.65 18.97
CA LEU KA 318 -18.37 58.61 19.03
C LEU KA 318 -18.90 57.19 19.17
N ARG KA 319 -18.20 56.22 18.59
CA ARG KA 319 -18.56 54.82 18.82
C ARG KA 319 -18.20 54.41 20.24
N ALA KA 320 -17.06 54.88 20.75
CA ALA KA 320 -16.63 54.53 22.10
C ALA KA 320 -17.52 55.19 23.14
N PHE KA 321 -18.17 56.30 22.82
CA PHE KA 321 -19.15 56.87 23.73
C PHE KA 321 -20.39 56.00 23.80
N MET KA 322 -20.81 55.43 22.68
CA MET KA 322 -21.98 54.55 22.67
C MET KA 322 -21.63 53.13 23.09
N ARG KA 323 -20.40 52.69 22.83
CA ARG KA 323 -20.00 51.35 23.28
C ARG KA 323 -19.84 51.30 24.79
N ASP KA 324 -19.37 52.39 25.39
CA ASP KA 324 -19.32 52.47 26.85
C ASP KA 324 -20.68 52.82 27.45
N LEU KA 325 -21.66 53.16 26.63
CA LEU KA 325 -23.04 53.33 27.05
C LEU KA 325 -23.88 52.09 26.80
N LYS KA 326 -23.35 51.10 26.08
CA LYS KA 326 -24.05 49.88 25.75
C LYS KA 326 -23.77 48.78 26.75
N ASN KA 327 -22.50 48.56 27.09
CA ASN KA 327 -22.16 47.60 28.13
C ASN KA 327 -22.51 48.12 29.52
N GLN KA 328 -22.69 49.43 29.67
CA GLN KA 328 -23.24 49.99 30.90
C GLN KA 328 -24.71 49.65 31.03
N GLY KA 329 -25.41 49.45 29.91
CA GLY KA 329 -26.79 49.01 29.90
C GLY KA 329 -27.79 50.05 29.47
N ALA KA 330 -27.35 51.23 29.04
CA ALA KA 330 -28.28 52.30 28.73
C ALA KA 330 -28.94 52.09 27.37
N VAL KA 331 -28.20 51.60 26.38
CA VAL KA 331 -28.73 51.31 25.07
C VAL KA 331 -28.59 49.81 24.83
N ILE KA 332 -29.24 49.33 23.77
CA ILE KA 332 -29.18 47.93 23.40
C ILE KA 332 -28.15 47.69 22.30
N ASN KA 333 -28.27 48.40 21.19
CA ASN KA 333 -27.24 48.41 20.16
C ASN KA 333 -27.31 49.76 19.46
N PHE KA 334 -26.29 50.06 18.68
CA PHE KA 334 -26.18 51.36 18.06
C PHE KA 334 -25.55 51.22 16.67
N GLU KA 335 -25.48 52.33 15.96
CA GLU KA 335 -24.82 52.37 14.65
C GLU KA 335 -24.38 53.81 14.42
N VAL KA 336 -23.10 54.08 14.63
CA VAL KA 336 -22.52 55.40 14.44
C VAL KA 336 -21.71 55.38 13.15
N TYR KA 337 -22.04 56.30 12.24
CA TYR KA 337 -21.35 56.34 10.96
C TYR KA 337 -21.46 57.75 10.40
N ALA KA 338 -20.44 58.16 9.65
CA ALA KA 338 -20.51 59.40 8.92
C ALA KA 338 -21.49 59.25 7.76
N ASP KA 339 -22.33 60.25 7.58
CA ASP KA 339 -23.42 60.19 6.60
C ASP KA 339 -22.85 60.26 5.19
N PRO KA 340 -23.05 59.22 4.36
CA PRO KA 340 -22.46 59.26 3.00
C PRO KA 340 -23.20 60.19 2.05
N ASP KA 341 -24.42 60.61 2.38
CA ASP KA 341 -25.22 61.48 1.51
C ASP KA 341 -25.07 62.95 1.87
N LEU KA 342 -25.26 63.29 3.14
CA LEU KA 342 -25.21 64.68 3.56
C LEU KA 342 -23.80 65.25 3.59
N ASN KA 343 -22.77 64.41 3.61
CA ASN KA 343 -21.39 64.86 3.45
C ASN KA 343 -21.09 64.99 1.97
N SER KA 344 -21.58 66.07 1.39
CA SER KA 344 -21.38 66.33 -0.03
C SER KA 344 -20.05 67.07 -0.22
N ALA KA 345 -19.74 67.39 -1.48
CA ALA KA 345 -18.57 68.21 -1.75
C ALA KA 345 -18.83 69.67 -1.37
N SER KA 346 -20.06 70.14 -1.54
CA SER KA 346 -20.39 71.51 -1.22
C SER KA 346 -20.74 71.71 0.24
N GLN KA 347 -21.22 70.68 0.93
CA GLN KA 347 -21.46 70.80 2.36
C GLN KA 347 -20.14 70.84 3.12
N LEU KA 348 -19.17 70.05 2.69
CA LEU KA 348 -17.86 70.06 3.33
C LEU KA 348 -17.08 71.31 2.97
N ALA KA 349 -17.39 71.96 1.86
CA ALA KA 349 -16.75 73.21 1.49
C ALA KA 349 -17.26 74.40 2.29
N GLN KA 350 -18.37 74.25 3.02
CA GLN KA 350 -18.84 75.25 3.94
C GLN KA 350 -18.45 74.95 5.37
N GLY KA 351 -17.87 73.79 5.63
CA GLY KA 351 -17.54 73.36 6.97
C GLY KA 351 -18.55 72.40 7.57
N LYS KA 352 -19.69 72.19 6.94
CA LYS KA 352 -20.69 71.28 7.46
C LYS KA 352 -20.26 69.84 7.23
N VAL KA 353 -20.20 69.06 8.30
CA VAL KA 353 -19.88 67.64 8.20
C VAL KA 353 -20.79 66.89 9.15
N TYR KA 354 -21.46 65.85 8.65
CA TYR KA 354 -22.60 65.24 9.32
C TYR KA 354 -22.25 63.85 9.82
N TRP KA 355 -22.73 63.52 11.01
CA TRP KA 355 -22.60 62.19 11.60
C TRP KA 355 -23.95 61.69 12.04
N ASN KA 356 -24.22 60.40 11.83
CA ASN KA 356 -25.46 59.78 12.25
C ASN KA 356 -25.18 58.87 13.44
N ILE KA 357 -25.96 59.05 14.50
CA ILE KA 357 -25.89 58.20 15.69
C ILE KA 357 -27.26 57.60 15.88
N ARG KA 358 -27.48 56.43 15.30
CA ARG KA 358 -28.72 55.69 15.50
C ARG KA 358 -28.53 54.71 16.65
N PHE KA 359 -29.55 54.60 17.50
CA PHE KA 359 -29.48 53.65 18.61
C PHE KA 359 -30.90 53.32 19.05
N THR KA 360 -31.01 52.31 19.91
CA THR KA 360 -32.26 51.96 20.57
C THR KA 360 -32.09 52.09 22.07
N ASP KA 361 -33.05 52.74 22.72
CA ASP KA 361 -33.02 52.81 24.17
C ASP KA 361 -33.52 51.51 24.77
N VAL KA 362 -33.49 51.41 26.09
CA VAL KA 362 -34.00 50.26 26.81
C VAL KA 362 -35.41 50.60 27.27
N PRO KA 363 -36.46 50.02 26.68
CA PRO KA 363 -37.82 50.37 27.06
C PRO KA 363 -38.19 49.71 28.38
N PRO KA 364 -38.88 50.44 29.27
CA PRO KA 364 -39.29 49.83 30.54
C PRO KA 364 -40.39 48.81 30.32
N ALA KA 365 -40.22 47.65 30.94
CA ALA KA 365 -41.13 46.52 30.74
C ALA KA 365 -42.43 46.75 31.51
N GLU KA 366 -43.23 47.68 31.00
CA GLU KA 366 -44.43 48.10 31.70
C GLU KA 366 -45.54 47.06 31.68
N ASN KA 367 -45.45 46.03 30.85
CA ASN KA 367 -46.43 44.96 30.83
C ASN KA 367 -45.77 43.62 30.54
N PRO KA 368 -45.17 42.97 31.55
CA PRO KA 368 -44.69 41.61 31.35
C PRO KA 368 -45.84 40.61 31.27
N ASN KA 369 -46.12 40.12 30.07
CA ASN KA 369 -47.21 39.19 29.86
C ASN KA 369 -46.72 37.76 30.02
N PHE KA 370 -47.53 36.95 30.67
CA PHE KA 370 -47.26 35.52 30.80
C PHE KA 370 -48.44 34.76 30.24
N ARG KA 371 -48.14 33.73 29.45
CA ARG KA 371 -49.17 32.93 28.80
C ARG KA 371 -49.00 31.49 29.25
N VAL KA 372 -49.86 31.05 30.15
CA VAL KA 372 -49.77 29.72 30.74
C VAL KA 372 -50.73 28.79 30.01
N GLU KA 373 -50.25 27.61 29.65
CA GLU KA 373 -51.01 26.68 28.82
C GLU KA 373 -50.81 25.27 29.33
N VAL KA 374 -51.91 24.55 29.53
CA VAL KA 374 -51.88 23.16 29.97
C VAL KA 374 -51.92 22.29 28.73
N THR KA 375 -50.76 21.87 28.25
CA THR KA 375 -50.65 21.03 27.06
C THR KA 375 -50.58 19.57 27.51
N ASP KA 376 -51.20 18.68 26.74
CA ASP KA 376 -51.05 17.25 26.94
C ASP KA 376 -49.95 16.64 26.08
N GLN KA 377 -48.96 17.44 25.69
CA GLN KA 377 -47.89 16.94 24.84
C GLN KA 377 -46.99 15.98 25.58
N TRP KA 378 -46.63 16.29 26.82
CA TRP KA 378 -45.81 15.43 27.64
C TRP KA 378 -46.62 14.43 28.45
N LEU KA 379 -47.90 14.23 28.10
CA LEU KA 379 -48.71 13.25 28.80
C LEU KA 379 -48.31 11.84 28.43
N THR KA 380 -47.69 11.65 27.27
CA THR KA 380 -47.19 10.34 26.87
C THR KA 380 -45.80 10.04 27.42
N GLU KA 381 -45.25 10.92 28.26
CA GLU KA 381 -43.95 10.69 28.86
C GLU KA 381 -44.00 9.72 30.03
N VAL KA 382 -45.16 9.57 30.67
CA VAL KA 382 -45.32 8.59 31.74
C VAL KA 382 -45.68 7.26 31.08
N LEU KA 383 -44.66 6.51 30.70
CA LEU KA 383 -44.85 5.17 30.16
C LEU KA 383 -43.93 4.13 30.77
N ASP KA 384 -42.80 4.51 31.36
CA ASP KA 384 -41.88 3.57 31.99
C ASP KA 384 -41.61 3.98 33.43
N MET LA 1 -57.88 -110.15 41.33
CA MET LA 1 -56.53 -109.67 41.57
C MET LA 1 -55.92 -109.14 40.27
N ILE LA 2 -56.24 -107.89 39.95
CA ILE LA 2 -55.77 -107.25 38.72
C ILE LA 2 -54.57 -106.38 39.04
N ILE LA 3 -53.68 -106.25 38.08
CA ILE LA 3 -52.46 -105.46 38.22
C ILE LA 3 -52.72 -104.05 37.70
N ASP LA 4 -52.28 -103.05 38.47
CA ASP LA 4 -52.46 -101.67 38.04
C ASP LA 4 -51.55 -101.36 36.86
N LEU LA 5 -52.07 -100.54 35.94
CA LEU LA 5 -51.36 -100.22 34.71
C LEU LA 5 -50.22 -99.22 34.90
N SER LA 6 -50.17 -98.57 36.05
CA SER LA 6 -49.16 -97.55 36.33
C SER LA 6 -47.83 -98.14 36.81
N GLN LA 7 -47.72 -99.46 36.95
CA GLN LA 7 -46.48 -100.09 37.36
C GLN LA 7 -45.79 -100.87 36.23
N LEU LA 8 -46.31 -100.78 35.01
CA LEU LA 8 -45.69 -101.44 33.87
C LEU LA 8 -44.46 -100.67 33.39
N PRO LA 9 -43.45 -101.39 32.89
CA PRO LA 9 -42.33 -100.71 32.22
C PRO LA 9 -42.74 -100.18 30.85
N GLU LA 10 -41.96 -99.22 30.36
CA GLU LA 10 -42.27 -98.63 29.06
C GLU LA 10 -41.94 -99.62 27.93
N PRO LA 11 -42.76 -99.67 26.88
CA PRO LA 11 -42.58 -100.69 25.83
C PRO LA 11 -41.50 -100.35 24.81
N GLU LA 12 -41.40 -101.21 23.79
CA GLU LA 12 -40.39 -101.10 22.75
C GLU LA 12 -40.82 -100.21 21.59
N VAL LA 13 -42.09 -100.33 21.16
CA VAL LA 13 -42.50 -99.69 19.92
C VAL LA 13 -42.74 -98.19 20.08
N ILE LA 14 -43.03 -97.72 21.29
CA ILE LA 14 -43.19 -96.29 21.51
C ILE LA 14 -41.82 -95.64 21.53
N GLU LA 15 -41.62 -94.66 20.68
CA GLU LA 15 -40.34 -93.97 20.55
C GLU LA 15 -40.54 -92.49 20.83
N ASN LA 16 -39.69 -91.92 21.68
CA ASN LA 16 -39.48 -90.49 21.66
C ASN LA 16 -38.90 -90.07 20.31
N LEU LA 17 -39.46 -89.02 19.74
CA LEU LA 17 -39.03 -88.58 18.41
C LEU LA 17 -38.22 -87.30 18.53
N ASP LA 18 -37.44 -87.03 17.48
CA ASP LA 18 -36.71 -85.78 17.33
C ASP LA 18 -36.77 -85.35 15.88
N PHE LA 19 -37.01 -84.06 15.65
CA PHE LA 19 -36.88 -83.54 14.29
C PHE LA 19 -35.42 -83.46 13.87
N GLU LA 20 -34.51 -83.21 14.82
CA GLU LA 20 -33.11 -83.00 14.48
C GLU LA 20 -32.44 -84.31 14.09
N THR LA 21 -32.71 -85.39 14.83
CA THR LA 21 -32.07 -86.66 14.51
C THR LA 21 -32.65 -87.34 13.28
N ILE LA 22 -33.72 -86.80 12.70
CA ILE LA 22 -34.12 -87.15 11.34
C ILE LA 22 -33.49 -86.21 10.32
N TYR LA 23 -33.47 -84.90 10.61
CA TYR LA 23 -32.98 -83.91 9.66
C TYR LA 23 -31.46 -83.93 9.53
N GLN LA 24 -30.74 -84.19 10.63
CA GLN LA 24 -29.29 -84.30 10.53
C GLN LA 24 -28.84 -85.59 9.85
N GLU LA 25 -29.70 -86.60 9.83
CA GLU LA 25 -29.43 -87.78 9.00
C GLU LA 25 -29.61 -87.46 7.53
N LEU LA 26 -30.65 -86.69 7.18
CA LEU LA 26 -30.89 -86.30 5.79
C LEU LA 26 -29.80 -85.39 5.25
N LEU LA 27 -29.13 -84.63 6.12
CA LEU LA 27 -27.89 -83.97 5.72
C LEU LA 27 -26.82 -85.00 5.44
N GLY LA 28 -26.60 -85.94 6.37
CA GLY LA 28 -25.62 -86.99 6.24
C GLY LA 28 -25.99 -88.15 5.36
N ASP LA 29 -27.11 -88.08 4.65
CA ASP LA 29 -27.42 -88.98 3.56
C ASP LA 29 -27.31 -88.33 2.20
N PHE LA 30 -27.42 -87.01 2.12
CA PHE LA 30 -27.31 -86.28 0.87
C PHE LA 30 -25.92 -85.75 0.60
N ARG LA 31 -25.17 -85.38 1.64
CA ARG LA 31 -23.84 -84.81 1.47
C ARG LA 31 -22.85 -85.84 0.93
N GLU LA 32 -22.91 -87.07 1.46
CA GLU LA 32 -22.08 -88.15 0.92
C GLU LA 32 -22.57 -88.64 -0.44
N ALA LA 33 -23.86 -88.46 -0.75
CA ALA LA 33 -24.38 -88.91 -2.03
C ALA LA 33 -24.05 -87.96 -3.18
N MET LA 34 -23.69 -86.71 -2.88
CA MET LA 34 -23.30 -85.77 -3.92
C MET LA 34 -21.82 -85.83 -4.26
N ALA LA 35 -21.01 -86.48 -3.40
CA ALA LA 35 -19.55 -86.61 -3.55
C ALA LA 35 -18.87 -85.25 -3.66
N GLY LA 36 -19.32 -84.31 -2.83
CA GLY LA 36 -18.74 -82.98 -2.79
C GLY LA 36 -19.21 -82.03 -3.87
N GLU LA 37 -20.21 -82.41 -4.68
CA GLU LA 37 -20.70 -81.51 -5.71
C GLU LA 37 -21.69 -80.49 -5.17
N TRP LA 38 -22.34 -80.80 -4.04
CA TRP LA 38 -23.18 -79.84 -3.32
C TRP LA 38 -22.52 -79.54 -1.97
N THR LA 39 -22.26 -78.26 -1.71
CA THR LA 39 -21.58 -77.87 -0.48
C THR LA 39 -22.12 -76.59 0.14
N ALA LA 40 -23.35 -76.18 -0.19
CA ALA LA 40 -23.93 -74.95 0.32
C ALA LA 40 -24.97 -75.32 1.39
N GLU LA 41 -24.53 -75.41 2.64
CA GLU LA 41 -25.42 -75.68 3.76
C GLU LA 41 -26.11 -74.43 4.29
N VAL LA 42 -26.13 -73.33 3.54
CA VAL LA 42 -26.95 -72.18 3.88
C VAL LA 42 -28.41 -72.56 3.74
N GLU LA 43 -29.26 -72.05 4.64
CA GLU LA 43 -30.68 -72.42 4.66
C GLU LA 43 -31.42 -71.93 3.43
N SER LA 44 -30.94 -70.84 2.81
CA SER LA 44 -31.55 -70.32 1.60
C SER LA 44 -31.31 -71.19 0.37
N ASP LA 45 -30.44 -72.19 0.46
CA ASP LA 45 -30.25 -73.13 -0.64
C ASP LA 45 -31.51 -73.99 -0.75
N PRO LA 46 -32.09 -74.15 -1.94
CA PRO LA 46 -33.36 -74.90 -2.06
C PRO LA 46 -33.24 -76.41 -1.93
N VAL LA 47 -32.11 -76.94 -1.49
CA VAL LA 47 -32.09 -78.33 -1.03
C VAL LA 47 -32.55 -78.41 0.42
N LEU LA 48 -32.31 -77.37 1.20
CA LEU LA 48 -32.77 -77.38 2.58
C LEU LA 48 -34.24 -76.99 2.72
N LYS LA 49 -34.86 -76.47 1.65
CA LYS LA 49 -36.31 -76.41 1.59
C LYS LA 49 -36.90 -77.81 1.53
N LEU LA 50 -36.29 -78.70 0.76
CA LEU LA 50 -36.87 -79.99 0.45
C LEU LA 50 -36.50 -81.07 1.47
N LEU LA 51 -35.32 -80.98 2.09
CA LEU LA 51 -34.96 -81.88 3.17
C LEU LA 51 -35.69 -81.59 4.47
N GLN LA 52 -36.38 -80.45 4.58
CA GLN LA 52 -37.26 -80.19 5.70
C GLN LA 52 -38.71 -80.58 5.45
N LEU LA 53 -39.05 -81.03 4.24
CA LEU LA 53 -40.29 -81.78 4.06
C LEU LA 53 -40.07 -83.26 4.30
N ALA LA 54 -38.97 -83.81 3.78
CA ALA LA 54 -38.65 -85.21 3.97
C ALA LA 54 -38.26 -85.56 5.41
N ALA LA 55 -38.01 -84.56 6.26
CA ALA LA 55 -37.83 -84.80 7.69
C ALA LA 55 -39.06 -84.46 8.50
N TYR LA 56 -40.01 -83.70 7.95
CA TYR LA 56 -41.27 -83.43 8.64
C TYR LA 56 -42.39 -84.36 8.24
N ARG LA 57 -42.55 -84.64 6.94
CA ARG LA 57 -43.58 -85.57 6.50
C ARG LA 57 -43.25 -87.01 6.86
N GLU LA 58 -41.96 -87.34 6.98
CA GLU LA 58 -41.61 -88.66 7.49
C GLU LA 58 -41.91 -88.75 8.98
N LEU LA 59 -41.64 -87.66 9.71
CA LEU LA 59 -41.95 -87.60 11.13
C LEU LA 59 -43.45 -87.67 11.41
N LEU LA 60 -44.28 -87.20 10.47
CA LEU LA 60 -45.72 -87.39 10.61
C LEU LA 60 -46.12 -88.85 10.38
N LEU LA 61 -45.42 -89.56 9.50
CA LEU LA 61 -45.68 -90.99 9.34
C LEU LA 61 -45.14 -91.79 10.52
N ARG LA 62 -44.05 -91.33 11.13
CA ARG LA 62 -43.55 -91.99 12.35
C ARG LA 62 -44.51 -91.76 13.52
N ALA LA 63 -45.25 -90.65 13.51
CA ALA LA 63 -46.19 -90.38 14.58
C ALA LA 63 -47.53 -91.09 14.37
N ARG LA 64 -47.90 -91.35 13.12
CA ARG LA 64 -49.11 -92.14 12.85
C ARG LA 64 -48.94 -93.59 13.30
N ILE LA 65 -47.74 -94.14 13.12
CA ILE LA 65 -47.47 -95.50 13.54
C ILE LA 65 -47.44 -95.61 15.06
N ASN LA 66 -46.90 -94.58 15.73
CA ASN LA 66 -46.94 -94.56 17.19
C ASN LA 66 -48.34 -94.31 17.73
N ASP LA 67 -49.15 -93.51 17.03
CA ASP LA 67 -50.52 -93.31 17.46
C ASP LA 67 -51.38 -94.56 17.22
N ALA LA 68 -51.10 -95.29 16.14
CA ALA LA 68 -51.85 -96.52 15.87
C ALA LA 68 -51.41 -97.68 16.75
N ALA LA 69 -50.13 -97.72 17.16
CA ALA LA 69 -49.68 -98.78 18.05
C ALA LA 69 -50.16 -98.56 19.47
N ARG LA 70 -50.37 -97.30 19.88
CA ARG LA 70 -50.96 -97.02 21.18
C ARG LA 70 -52.45 -97.30 21.18
N ALA LA 71 -53.10 -97.20 20.02
CA ALA LA 71 -54.54 -97.37 19.91
C ALA LA 71 -54.98 -98.83 19.97
N VAL LA 72 -54.04 -99.78 19.97
CA VAL LA 72 -54.35 -101.20 20.10
C VAL LA 72 -53.78 -101.77 21.40
N MET LA 73 -53.30 -100.91 22.29
CA MET LA 73 -52.81 -101.30 23.59
C MET LA 73 -53.71 -100.72 24.68
N LEU LA 74 -53.99 -101.54 25.70
CA LEU LA 74 -54.98 -101.19 26.70
C LEU LA 74 -54.49 -100.06 27.62
N ALA LA 75 -53.18 -99.97 27.85
CA ALA LA 75 -52.64 -98.94 28.71
C ALA LA 75 -52.43 -97.60 28.02
N TYR LA 76 -52.74 -97.49 26.73
CA TYR LA 76 -52.51 -96.24 26.02
C TYR LA 76 -53.66 -95.78 25.12
N ALA LA 77 -54.63 -96.63 24.80
CA ALA LA 77 -55.69 -96.23 23.88
C ALA LA 77 -56.69 -95.31 24.56
N SER LA 78 -57.29 -94.43 23.77
CA SER LA 78 -58.28 -93.48 24.26
C SER LA 78 -59.20 -93.09 23.10
N GLY LA 79 -60.29 -92.41 23.46
CA GLY LA 79 -61.20 -91.90 22.43
C GLY LA 79 -62.05 -93.01 21.85
N ALA LA 80 -62.15 -93.04 20.53
CA ALA LA 80 -62.87 -94.09 19.80
C ALA LA 80 -62.00 -95.32 19.54
N ASP LA 81 -60.84 -95.43 20.18
CA ASP LA 81 -59.96 -96.57 20.02
C ASP LA 81 -60.14 -97.62 21.11
N LEU LA 82 -60.61 -97.22 22.28
CA LEU LA 82 -61.12 -98.17 23.27
C LEU LA 82 -62.52 -98.69 22.94
N ASP LA 83 -63.20 -98.07 21.97
CA ASP LA 83 -64.44 -98.63 21.46
C ASP LA 83 -64.20 -99.94 20.73
N GLN LA 84 -63.10 -100.04 19.98
CA GLN LA 84 -62.83 -101.26 19.22
C GLN LA 84 -62.29 -102.38 20.11
N ILE LA 85 -61.59 -102.03 21.20
CA ILE LA 85 -61.22 -103.05 22.17
C ILE LA 85 -62.43 -103.44 23.02
N GLY LA 86 -63.32 -102.50 23.30
CA GLY LA 86 -64.49 -102.82 24.12
C GLY LA 86 -65.53 -103.65 23.38
N ALA LA 87 -65.71 -103.39 22.09
CA ALA LA 87 -66.71 -104.13 21.31
C ALA LA 87 -66.30 -105.57 21.06
N GLY LA 88 -65.00 -105.87 21.12
CA GLY LA 88 -64.56 -107.25 20.96
C GLY LA 88 -64.81 -108.11 22.17
N PHE LA 89 -64.80 -107.50 23.36
CA PHE LA 89 -64.97 -108.24 24.61
C PHE LA 89 -66.36 -108.02 25.21
N ASN LA 90 -67.30 -107.51 24.41
CA ASN LA 90 -68.70 -107.26 24.78
C ASN LA 90 -68.80 -106.30 25.98
N VAL LA 91 -68.04 -105.21 25.92
CA VAL LA 91 -68.06 -104.17 26.94
C VAL LA 91 -68.48 -102.86 26.28
N GLN LA 92 -69.49 -102.20 26.83
CA GLN LA 92 -69.99 -100.94 26.32
C GLN LA 92 -69.85 -99.84 27.36
N ARG LA 93 -69.76 -98.60 26.88
CA ARG LA 93 -69.67 -97.43 27.74
C ARG LA 93 -71.06 -97.09 28.28
N LEU LA 94 -71.12 -96.71 29.56
CA LEU LA 94 -72.38 -96.56 30.27
C LEU LA 94 -73.14 -95.32 29.78
N LEU LA 95 -74.32 -95.10 30.35
CA LEU LA 95 -75.15 -93.94 30.04
C LEU LA 95 -75.61 -93.31 31.36
N ILE LA 96 -75.02 -92.18 31.71
CA ILE LA 96 -75.37 -91.51 32.97
C ILE LA 96 -76.66 -90.71 32.81
N ARG LA 97 -76.63 -89.68 31.96
CA ARG LA 97 -77.83 -89.01 31.48
C ARG LA 97 -78.09 -89.35 30.01
N PRO LA 98 -79.36 -89.44 29.59
CA PRO LA 98 -79.65 -89.89 28.21
C PRO LA 98 -79.31 -88.85 27.15
N ALA LA 99 -79.45 -89.24 25.88
CA ALA LA 99 -78.93 -88.42 24.79
C ALA LA 99 -79.88 -87.30 24.42
N GLN LA 100 -81.18 -87.55 24.49
CA GLN LA 100 -82.15 -86.66 23.89
C GLN LA 100 -82.64 -85.63 24.90
N PRO LA 101 -82.64 -84.35 24.55
CA PRO LA 101 -83.23 -83.33 25.44
C PRO LA 101 -84.72 -83.13 25.17
N GLU LA 102 -85.41 -82.69 26.22
CA GLU LA 102 -86.81 -82.26 26.09
C GLU LA 102 -86.95 -80.75 25.92
N ALA LA 103 -85.90 -79.98 26.16
CA ALA LA 103 -85.95 -78.53 26.09
C ALA LA 103 -85.27 -78.04 24.81
N VAL LA 104 -85.29 -76.72 24.62
CA VAL LA 104 -84.71 -76.09 23.44
C VAL LA 104 -83.17 -76.07 23.53
N PRO LA 105 -82.51 -75.74 24.65
CA PRO LA 105 -81.06 -75.98 24.72
C PRO LA 105 -80.76 -77.47 24.78
N PRO LA 106 -79.89 -77.96 23.90
CA PRO LA 106 -79.61 -79.41 23.85
C PRO LA 106 -78.77 -79.84 25.05
N VAL LA 107 -79.35 -80.72 25.87
CA VAL LA 107 -78.63 -81.23 27.03
C VAL LA 107 -77.59 -82.24 26.55
N GLU LA 108 -76.33 -82.02 26.93
CA GLU LA 108 -75.27 -82.94 26.55
C GLU LA 108 -75.39 -84.24 27.32
N ALA LA 109 -75.08 -85.34 26.66
CA ALA LA 109 -75.15 -86.67 27.27
C ALA LA 109 -73.82 -86.96 27.97
N GLN LA 110 -73.83 -86.94 29.30
CA GLN LA 110 -72.62 -87.17 30.07
C GLN LA 110 -72.17 -88.63 29.92
N TYR LA 111 -70.86 -88.80 29.79
CA TYR LA 111 -70.27 -90.12 29.63
C TYR LA 111 -69.10 -90.28 30.60
N GLU LA 112 -68.94 -91.50 31.09
CA GLU LA 112 -67.84 -91.81 32.01
C GLU LA 112 -66.50 -91.63 31.32
N SER LA 113 -65.57 -90.99 32.02
CA SER LA 113 -64.22 -90.70 31.54
C SER LA 113 -63.46 -91.92 31.02
N ASP LA 114 -62.50 -91.69 30.13
CA ASP LA 114 -61.73 -92.76 29.52
C ASP LA 114 -60.67 -93.34 30.44
N LYS LA 115 -60.44 -92.73 31.60
CA LYS LA 115 -59.62 -93.33 32.64
C LYS LA 115 -60.33 -94.45 33.40
N SER LA 116 -61.65 -94.58 33.23
CA SER LA 116 -62.41 -95.67 33.83
C SER LA 116 -62.78 -96.76 32.85
N LEU LA 117 -62.54 -96.56 31.56
CA LEU LA 117 -62.71 -97.67 30.61
C LEU LA 117 -61.61 -98.70 30.77
N ARG LA 118 -60.40 -98.26 31.14
CA ARG LA 118 -59.30 -99.17 31.42
C ARG LA 118 -59.54 -100.00 32.67
N ASN LA 119 -60.41 -99.53 33.58
CA ASN LA 119 -60.94 -100.39 34.64
C ASN LA 119 -61.84 -101.48 34.06
N ARG LA 120 -62.76 -101.11 33.17
CA ARG LA 120 -63.82 -102.04 32.79
C ARG LA 120 -63.37 -103.09 31.78
N ILE LA 121 -62.40 -102.76 30.92
CA ILE LA 121 -61.83 -103.79 30.05
C ILE LA 121 -61.01 -104.77 30.88
N GLN LA 122 -60.35 -104.29 31.94
CA GLN LA 122 -59.50 -105.14 32.75
C GLN LA 122 -60.29 -105.98 33.74
N LEU LA 123 -61.49 -105.54 34.11
CA LEU LA 123 -62.40 -106.37 34.91
C LEU LA 123 -63.32 -107.24 34.08
N ALA LA 124 -63.10 -107.31 32.77
CA ALA LA 124 -63.92 -108.15 31.91
C ALA LA 124 -63.46 -109.61 31.90
N PHE LA 125 -62.38 -109.94 32.62
CA PHE LA 125 -61.89 -111.31 32.71
C PHE LA 125 -62.29 -111.95 34.04
N GLU LA 126 -61.85 -111.37 35.15
CA GLU LA 126 -62.20 -111.82 36.50
C GLU LA 126 -63.60 -111.34 36.81
N GLN LA 127 -64.60 -112.16 36.47
CA GLN LA 127 -65.99 -111.72 36.52
C GLN LA 127 -66.86 -112.96 36.68
N LEU LA 128 -68.02 -112.79 37.29
CA LEU LA 128 -68.97 -113.87 37.50
C LEU LA 128 -69.54 -114.31 36.16
N SER LA 129 -69.22 -115.53 35.75
CA SER LA 129 -69.63 -116.08 34.46
C SER LA 129 -70.51 -117.31 34.58
N VAL LA 130 -70.09 -118.31 35.35
CA VAL LA 130 -70.79 -119.58 35.44
C VAL LA 130 -70.55 -120.14 36.84
N ALA LA 131 -71.57 -120.81 37.39
CA ALA LA 131 -71.51 -121.35 38.75
C ALA LA 131 -70.79 -122.71 38.76
N GLY LA 132 -69.48 -122.65 38.60
CA GLY LA 132 -68.64 -123.82 38.65
C GLY LA 132 -68.34 -124.34 40.05
N PRO LA 133 -67.54 -123.59 40.82
CA PRO LA 133 -67.14 -124.08 42.15
C PRO LA 133 -68.12 -123.70 43.25
N ARG LA 134 -67.76 -124.02 44.50
CA ARG LA 134 -68.62 -123.74 45.65
C ARG LA 134 -68.83 -122.25 45.89
N ASN LA 135 -67.88 -121.42 45.47
CA ASN LA 135 -67.97 -119.98 45.68
C ASN LA 135 -68.75 -119.27 44.59
N ALA LA 136 -69.16 -119.98 43.54
CA ALA LA 136 -69.88 -119.37 42.43
C ALA LA 136 -71.34 -119.81 42.29
N TYR LA 137 -71.74 -120.92 42.93
CA TYR LA 137 -73.16 -121.23 43.03
C TYR LA 137 -73.90 -120.20 43.87
N ILE LA 138 -73.23 -119.65 44.89
CA ILE LA 138 -73.87 -118.73 45.82
C ILE LA 138 -73.93 -117.33 45.21
N ALA LA 139 -72.89 -116.95 44.47
CA ALA LA 139 -72.87 -115.63 43.84
C ALA LA 139 -73.84 -115.55 42.66
N HIS LA 140 -74.16 -116.68 42.03
CA HIS LA 140 -75.27 -116.69 41.08
C HIS LA 140 -76.62 -116.86 41.76
N ALA LA 141 -76.64 -117.07 43.07
CA ALA LA 141 -77.85 -117.08 43.88
C ALA LA 141 -78.05 -115.76 44.62
N LEU LA 142 -77.66 -114.64 44.02
CA LEU LA 142 -77.82 -113.32 44.60
C LEU LA 142 -78.77 -112.45 43.77
N GLY LA 143 -79.88 -113.03 43.33
CA GLY LA 143 -80.88 -112.29 42.57
C GLY LA 143 -81.87 -111.52 43.43
N ALA LA 144 -82.35 -112.15 44.49
CA ALA LA 144 -83.22 -111.48 45.47
C ALA LA 144 -82.39 -110.60 46.41
N ASP LA 145 -83.04 -110.03 47.41
CA ASP LA 145 -82.39 -109.05 48.27
C ASP LA 145 -82.48 -109.37 49.76
N GLY LA 146 -83.62 -109.90 50.22
CA GLY LA 146 -83.79 -110.15 51.63
C GLY LA 146 -83.20 -111.48 52.07
N ARG LA 147 -81.87 -111.55 52.13
CA ARG LA 147 -81.17 -112.82 52.20
C ARG LA 147 -79.70 -112.57 52.56
N VAL LA 148 -79.15 -113.43 53.41
CA VAL LA 148 -77.73 -113.36 53.77
C VAL LA 148 -77.06 -114.61 53.19
N ALA LA 149 -75.75 -114.74 53.38
CA ALA LA 149 -74.88 -115.61 52.59
C ALA LA 149 -75.22 -117.10 52.78
N ASP LA 150 -74.62 -117.91 51.93
CA ASP LA 150 -75.06 -119.28 51.69
C ASP LA 150 -73.84 -120.10 51.27
N ALA LA 151 -73.97 -121.43 51.33
CA ALA LA 151 -72.91 -122.33 50.93
C ALA LA 151 -73.51 -123.55 50.24
N SER LA 152 -72.72 -124.18 49.37
CA SER LA 152 -73.17 -125.30 48.57
C SER LA 152 -72.40 -126.57 48.89
N ALA LA 153 -73.05 -127.70 48.61
CA ALA LA 153 -72.46 -129.02 48.76
C ALA LA 153 -72.99 -129.92 47.65
N THR LA 154 -72.40 -131.10 47.53
CA THR LA 154 -72.88 -132.10 46.58
C THR LA 154 -72.67 -133.49 47.18
N SER LA 155 -73.77 -134.14 47.54
CA SER LA 155 -73.68 -135.43 48.21
C SER LA 155 -73.35 -136.56 47.25
N PRO LA 156 -73.91 -136.63 45.99
CA PRO LA 156 -73.26 -137.50 45.00
C PRO LA 156 -72.29 -136.74 44.11
N ALA LA 157 -71.33 -137.48 43.53
CA ALA LA 157 -70.51 -136.90 42.47
C ALA LA 157 -71.23 -136.69 41.14
N PRO LA 158 -71.77 -137.73 40.46
CA PRO LA 158 -71.98 -137.59 39.01
C PRO LA 158 -73.15 -136.71 38.58
N CYS LA 159 -74.23 -136.61 39.36
CA CYS LA 159 -75.43 -135.95 38.86
C CYS LA 159 -75.83 -134.73 39.66
N GLU LA 160 -76.03 -134.85 40.97
CA GLU LA 160 -76.85 -133.90 41.71
C GLU LA 160 -75.96 -132.95 42.50
N VAL LA 161 -76.29 -131.65 42.42
CA VAL LA 161 -75.70 -130.62 43.25
C VAL LA 161 -76.82 -130.02 44.10
N LEU LA 162 -76.52 -129.73 45.36
CA LEU LA 162 -77.52 -129.27 46.31
C LEU LA 162 -77.21 -127.84 46.74
N ILE LA 163 -78.21 -126.97 46.62
CA ILE LA 163 -78.11 -125.56 47.00
C ILE LA 163 -79.23 -125.27 47.98
N SER LA 164 -78.88 -124.84 49.19
CA SER LA 164 -79.82 -124.68 50.29
C SER LA 164 -79.97 -123.19 50.62
N VAL LA 165 -80.95 -122.55 50.00
CA VAL LA 165 -81.15 -121.11 50.16
C VAL LA 165 -81.82 -120.85 51.50
N LEU LA 166 -81.21 -120.01 52.32
CA LEU LA 166 -81.81 -119.50 53.55
C LEU LA 166 -81.90 -117.97 53.48
N GLY LA 167 -83.09 -117.45 53.81
CA GLY LA 167 -83.32 -116.02 53.81
C GLY LA 167 -83.84 -115.53 55.15
N VAL LA 168 -83.16 -114.55 55.74
CA VAL LA 168 -83.48 -114.09 57.10
C VAL LA 168 -84.55 -113.02 56.96
N GLU LA 169 -85.81 -113.45 56.90
CA GLU LA 169 -86.93 -112.53 57.03
C GLU LA 169 -87.56 -112.60 58.42
N GLY LA 170 -88.03 -113.78 58.81
CA GLY LA 170 -88.49 -114.02 60.16
C GLY LA 170 -87.64 -115.06 60.88
N ASN LA 171 -88.13 -116.29 60.92
CA ASN LA 171 -87.42 -117.42 61.53
C ASN LA 171 -86.32 -117.97 60.64
N GLY LA 172 -86.15 -117.45 59.43
CA GLY LA 172 -85.14 -117.93 58.50
C GLY LA 172 -85.61 -119.00 57.53
N GLN LA 173 -86.92 -119.13 57.32
CA GLN LA 173 -87.45 -120.02 56.30
C GLN LA 173 -87.44 -119.31 54.94
N ALA LA 174 -87.26 -120.09 53.89
CA ALA LA 174 -87.39 -119.56 52.53
C ALA LA 174 -88.85 -119.54 52.12
N PRO LA 175 -89.40 -118.41 51.69
CA PRO LA 175 -90.76 -118.39 51.17
C PRO LA 175 -90.88 -119.09 49.83
N GLU LA 176 -92.12 -119.45 49.48
CA GLU LA 176 -92.39 -120.12 48.23
C GLU LA 176 -92.39 -119.17 47.03
N ALA LA 177 -92.47 -117.86 47.26
CA ALA LA 177 -92.43 -116.90 46.15
C ALA LA 177 -91.03 -116.79 45.56
N VAL LA 178 -90.00 -116.87 46.42
CA VAL LA 178 -88.61 -116.75 45.97
C VAL LA 178 -88.01 -118.09 45.58
N LEU LA 179 -88.77 -119.19 45.62
CA LEU LA 179 -88.25 -120.46 45.13
C LEU LA 179 -88.12 -120.46 43.61
N GLN LA 180 -89.14 -119.92 42.92
CA GLN LA 180 -89.06 -119.80 41.46
C GLN LA 180 -88.18 -118.63 41.02
N ALA LA 181 -87.98 -117.64 41.89
CA ALA LA 181 -87.12 -116.50 41.55
C ALA LA 181 -85.66 -116.90 41.49
N VAL LA 182 -85.27 -117.95 42.19
CA VAL LA 182 -83.93 -118.50 42.07
C VAL LA 182 -83.79 -119.31 40.78
N ARG LA 183 -84.82 -120.09 40.43
CA ARG LA 183 -84.74 -121.00 39.29
C ARG LA 183 -84.71 -120.27 37.94
N LEU LA 184 -85.19 -119.03 37.89
CA LEU LA 184 -85.09 -118.25 36.65
C LEU LA 184 -83.65 -117.93 36.29
N ALA LA 185 -82.85 -117.53 37.27
CA ALA LA 185 -81.44 -117.21 37.02
C ALA LA 185 -80.60 -118.46 36.74
N LEU LA 186 -80.85 -119.54 37.50
CA LEU LA 186 -79.99 -120.73 37.47
C LEU LA 186 -79.97 -121.48 36.14
N ASN LA 187 -81.09 -121.52 35.41
CA ASN LA 187 -81.16 -122.34 34.19
C ASN LA 187 -80.15 -121.87 33.12
N ALA LA 188 -79.99 -120.56 32.95
CA ALA LA 188 -79.07 -120.03 31.97
C ALA LA 188 -77.68 -119.71 32.52
N GLU LA 189 -77.49 -119.76 33.84
CA GLU LA 189 -76.21 -119.42 34.44
C GLU LA 189 -75.46 -120.62 35.03
N ASP LA 190 -75.88 -121.84 34.74
CA ASP LA 190 -75.25 -123.03 35.30
C ASP LA 190 -74.95 -124.03 34.19
N VAL LA 191 -74.20 -125.08 34.58
CA VAL LA 191 -73.90 -126.19 33.68
C VAL LA 191 -75.22 -126.85 33.27
N ARG LA 192 -75.38 -127.10 31.96
CA ARG LA 192 -76.66 -127.57 31.42
C ARG LA 192 -77.20 -128.87 32.03
N PRO LA 193 -76.41 -130.03 32.15
CA PRO LA 193 -77.01 -131.25 32.71
C PRO LA 193 -76.85 -131.43 34.21
N VAL LA 194 -77.25 -130.41 34.98
CA VAL LA 194 -77.25 -130.53 36.44
C VAL LA 194 -78.64 -130.93 36.90
N ALA LA 195 -78.69 -131.73 37.97
CA ALA LA 195 -79.94 -131.97 38.68
C ALA LA 195 -80.00 -131.07 39.90
N ASP LA 196 -80.21 -129.77 39.63
CA ASP LA 196 -80.26 -128.75 40.67
C ASP LA 196 -81.60 -128.84 41.41
N ARG LA 197 -81.66 -129.74 42.38
CA ARG LA 197 -82.86 -129.88 43.21
C ARG LA 197 -82.88 -128.71 44.19
N VAL LA 198 -83.44 -127.60 43.73
CA VAL LA 198 -83.53 -126.39 44.55
C VAL LA 198 -84.91 -126.41 45.21
N THR LA 199 -84.87 -126.92 46.44
CA THR LA 199 -85.98 -127.01 47.39
C THR LA 199 -85.64 -126.02 48.51
N VAL LA 200 -86.63 -125.53 49.25
CA VAL LA 200 -86.32 -124.51 50.24
C VAL LA 200 -85.34 -124.86 51.37
N ARG LA 201 -85.48 -126.01 52.03
CA ARG LA 201 -84.52 -126.38 53.09
C ARG LA 201 -84.38 -127.86 53.42
N SER LA 202 -83.16 -128.31 53.67
CA SER LA 202 -82.91 -129.68 54.11
C SER LA 202 -83.54 -129.74 55.50
N ALA LA 203 -83.31 -128.66 56.24
CA ALA LA 203 -83.82 -128.42 57.58
C ALA LA 203 -83.74 -126.93 57.86
N GLY LA 204 -84.86 -126.36 58.31
CA GLY LA 204 -84.94 -124.93 58.50
C GLY LA 204 -84.82 -124.46 59.94
N ILE LA 205 -85.95 -124.17 60.58
CA ILE LA 205 -85.97 -123.69 61.95
C ILE LA 205 -85.53 -124.80 62.92
N VAL LA 206 -84.30 -124.70 63.39
CA VAL LA 206 -83.78 -125.59 64.43
C VAL LA 206 -83.56 -124.73 65.67
N PRO LA 207 -84.55 -124.60 66.55
CA PRO LA 207 -84.56 -123.51 67.54
C PRO LA 207 -83.50 -123.69 68.61
N TYR LA 208 -82.57 -122.74 68.68
CA TYR LA 208 -81.44 -122.78 69.60
C TYR LA 208 -81.64 -121.67 70.63
N GLN LA 209 -82.30 -122.01 71.74
CA GLN LA 209 -82.33 -121.09 72.86
C GLN LA 209 -80.95 -121.03 73.53
N VAL LA 210 -80.70 -119.93 74.23
CA VAL LA 210 -79.55 -119.79 75.11
C VAL LA 210 -80.03 -119.18 76.43
N LYS LA 211 -79.44 -119.63 77.53
CA LYS LA 211 -79.59 -118.98 78.82
C LYS LA 211 -78.24 -118.96 79.52
N ALA LA 212 -77.97 -117.89 80.27
CA ALA LA 212 -76.70 -117.73 80.95
C ALA LA 212 -76.96 -117.13 82.33
N GLN LA 213 -76.57 -117.87 83.38
CA GLN LA 213 -76.64 -117.39 84.76
C GLN LA 213 -75.32 -116.69 85.06
N LEU LA 214 -75.29 -115.38 84.82
CA LEU LA 214 -74.07 -114.61 84.99
C LEU LA 214 -73.79 -114.33 86.46
N TYR LA 215 -72.55 -114.60 86.88
CA TYR LA 215 -72.09 -114.32 88.23
C TYR LA 215 -71.03 -113.22 88.16
N LEU LA 216 -71.29 -112.10 88.82
CA LEU LA 216 -70.46 -110.91 88.73
C LEU LA 216 -70.08 -110.44 90.13
N PHE LA 217 -69.16 -109.47 90.17
CA PHE LA 217 -68.92 -108.73 91.40
C PHE LA 217 -69.90 -107.57 91.51
N PRO LA 218 -70.46 -107.32 92.69
CA PRO LA 218 -71.55 -106.33 92.82
C PRO LA 218 -71.10 -104.86 92.82
N GLY LA 219 -69.88 -104.57 92.40
CA GLY LA 219 -69.37 -103.22 92.42
C GLY LA 219 -69.95 -102.28 91.36
N PRO LA 220 -69.21 -101.23 91.03
CA PRO LA 220 -69.76 -100.17 90.18
C PRO LA 220 -69.83 -100.53 88.70
N GLU LA 221 -68.84 -101.29 88.23
CA GLU LA 221 -68.72 -101.65 86.82
C GLU LA 221 -69.67 -102.75 86.38
N ALA LA 222 -70.46 -103.32 87.29
CA ALA LA 222 -71.30 -104.47 86.98
C ALA LA 222 -72.47 -104.13 86.04
N GLU LA 223 -72.82 -102.85 85.90
CA GLU LA 223 -73.79 -102.47 84.89
C GLU LA 223 -73.16 -102.26 83.52
N LEU LA 224 -71.94 -101.73 83.47
CA LEU LA 224 -71.31 -101.44 82.19
C LEU LA 224 -70.70 -102.67 81.52
N ILE LA 225 -70.15 -103.60 82.29
CA ILE LA 225 -69.48 -104.75 81.70
C ILE LA 225 -70.45 -105.90 81.42
N ARG LA 226 -71.63 -105.89 82.03
CA ARG LA 226 -72.65 -106.89 81.73
C ARG LA 226 -73.28 -106.66 80.37
N ALA LA 227 -73.57 -105.39 80.04
CA ALA LA 227 -74.13 -105.08 78.73
C ALA LA 227 -73.10 -105.16 77.61
N ALA LA 228 -71.81 -105.08 77.93
CA ALA LA 228 -70.77 -105.24 76.92
C ALA LA 228 -70.66 -106.70 76.48
N ALA LA 229 -70.83 -107.63 77.41
CA ALA LA 229 -70.86 -109.05 77.06
C ALA LA 229 -72.12 -109.41 76.27
N GLU LA 230 -73.23 -108.73 76.52
CA GLU LA 230 -74.44 -108.97 75.75
C GLU LA 230 -74.30 -108.45 74.33
N ALA LA 231 -73.54 -107.37 74.14
CA ALA LA 231 -73.28 -106.87 72.80
C ALA LA 231 -72.35 -107.81 72.03
N SER LA 232 -71.43 -108.47 72.74
CA SER LA 232 -70.60 -109.50 72.12
C SER LA 232 -71.39 -110.75 71.77
N LEU LA 233 -72.55 -110.95 72.40
CA LEU LA 233 -73.42 -112.06 72.04
C LEU LA 233 -74.24 -111.75 70.79
N ARG LA 234 -74.61 -110.48 70.59
CA ARG LA 234 -75.46 -110.10 69.47
C ARG LA 234 -74.74 -110.26 68.13
N ASP LA 235 -73.53 -109.70 68.01
CA ASP LA 235 -72.80 -109.82 66.75
C ASP LA 235 -72.25 -111.23 66.53
N TYR LA 236 -72.20 -112.06 67.57
CA TYR LA 236 -71.86 -113.48 67.38
C TYR LA 236 -73.00 -114.21 66.69
N ILE LA 237 -74.23 -114.03 67.19
CA ILE LA 237 -75.40 -114.68 66.61
C ILE LA 237 -75.64 -114.18 65.19
N SER LA 238 -75.38 -112.89 64.95
CA SER LA 238 -75.44 -112.34 63.60
C SER LA 238 -74.36 -112.90 62.69
N ALA LA 239 -73.26 -113.40 63.26
CA ALA LA 239 -72.24 -114.13 62.51
C ALA LA 239 -72.51 -115.62 62.42
N GLN LA 240 -73.52 -116.14 63.12
CA GLN LA 240 -73.87 -117.55 63.04
C GLN LA 240 -75.04 -117.82 62.11
N ARG LA 241 -75.53 -116.81 61.39
CA ARG LA 241 -76.48 -117.01 60.29
C ARG LA 241 -75.69 -117.53 59.09
N ARG LA 242 -75.38 -118.83 59.13
CA ARG LA 242 -74.36 -119.42 58.28
C ARG LA 242 -74.67 -120.90 58.18
N LEU LA 243 -73.97 -121.59 57.28
CA LEU LA 243 -74.00 -123.04 57.23
C LEU LA 243 -72.79 -123.68 57.90
N GLY LA 244 -71.76 -122.89 58.24
CA GLY LA 244 -70.74 -123.40 59.14
C GLY LA 244 -71.26 -123.55 60.56
N ARG LA 245 -72.09 -122.60 61.00
CA ARG LA 245 -73.08 -122.64 62.08
C ARG LA 245 -72.69 -123.41 63.35
N ASP LA 246 -71.42 -123.33 63.73
CA ASP LA 246 -70.87 -124.15 64.83
C ASP LA 246 -71.32 -123.59 66.18
N ILE LA 247 -72.60 -123.84 66.48
CA ILE LA 247 -73.13 -123.57 67.81
C ILE LA 247 -72.51 -124.55 68.81
N ARG LA 248 -71.91 -124.03 69.88
CA ARG LA 248 -71.18 -124.89 70.80
C ARG LA 248 -71.52 -124.63 72.26
N ARG LA 249 -70.75 -125.24 73.16
CA ARG LA 249 -70.77 -124.97 74.59
C ARG LA 249 -69.51 -124.27 75.08
N SER LA 250 -68.34 -124.83 74.77
CA SER LA 250 -67.07 -124.27 75.23
C SER LA 250 -66.65 -123.04 74.44
N ALA LA 251 -67.15 -122.86 73.22
CA ALA LA 251 -66.85 -121.65 72.46
C ALA LA 251 -67.60 -120.44 73.03
N LEU LA 252 -68.73 -120.65 73.68
CA LEU LA 252 -69.43 -119.57 74.36
C LEU LA 252 -68.83 -119.25 75.72
N PHE LA 253 -68.00 -120.15 76.26
CA PHE LA 253 -67.30 -119.88 77.52
C PHE LA 253 -66.25 -118.80 77.34
N ALA LA 254 -65.50 -118.86 76.23
CA ALA LA 254 -64.45 -117.88 75.95
C ALA LA 254 -65.01 -116.48 75.74
N THR LA 255 -66.13 -116.37 75.03
CA THR LA 255 -66.77 -115.08 74.78
C THR LA 255 -67.23 -114.43 76.08
N LEU LA 256 -67.86 -115.22 76.95
CA LEU LA 256 -68.33 -114.70 78.24
C LEU LA 256 -67.18 -114.34 79.18
N HIS LA 257 -66.10 -115.12 79.17
CA HIS LA 257 -64.97 -114.96 80.09
C HIS LA 257 -63.88 -114.07 79.52
N VAL LA 258 -64.23 -112.98 78.84
CA VAL LA 258 -63.23 -112.11 78.23
C VAL LA 258 -62.43 -111.34 79.29
N GLU LA 259 -63.06 -110.42 80.02
CA GLU LA 259 -62.32 -109.65 81.02
C GLU LA 259 -62.71 -109.94 82.47
N GLY LA 260 -63.98 -109.81 82.83
CA GLY LA 260 -64.29 -109.86 84.26
C GLY LA 260 -65.25 -110.84 84.89
N VAL LA 261 -65.91 -111.72 84.13
CA VAL LA 261 -66.88 -112.62 84.76
C VAL LA 261 -66.16 -113.69 85.56
N GLN LA 262 -66.76 -114.09 86.70
CA GLN LA 262 -66.17 -115.13 87.53
C GLN LA 262 -66.49 -116.52 86.99
N ARG LA 263 -67.75 -116.76 86.62
CA ARG LA 263 -68.22 -118.01 86.03
C ARG LA 263 -69.62 -117.78 85.49
N VAL LA 264 -70.15 -118.80 84.82
CA VAL LA 264 -71.47 -118.74 84.21
C VAL LA 264 -72.05 -120.15 84.23
N GLU LA 265 -73.38 -120.24 84.21
CA GLU LA 265 -74.11 -121.50 84.27
C GLU LA 265 -75.04 -121.53 83.07
N LEU LA 266 -74.62 -122.28 82.05
CA LEU LA 266 -75.32 -122.37 80.77
C LEU LA 266 -76.32 -123.51 80.80
N GLN LA 267 -77.60 -123.19 80.59
CA GLN LA 267 -78.67 -124.18 80.69
C GLN LA 267 -78.97 -124.84 79.34
N GLU LA 268 -79.28 -124.03 78.33
CA GLU LA 268 -79.79 -124.56 77.06
C GLU LA 268 -78.72 -125.18 76.16
N PRO LA 269 -77.47 -124.65 76.04
CA PRO LA 269 -76.41 -125.50 75.47
C PRO LA 269 -75.85 -126.51 76.46
N ALA LA 270 -76.27 -127.77 76.33
CA ALA LA 270 -75.72 -128.85 77.15
C ALA LA 270 -74.79 -129.79 76.41
N ALA LA 271 -74.97 -129.96 75.09
CA ALA LA 271 -74.10 -130.77 74.28
C ALA LA 271 -73.68 -130.02 73.02
N ASP LA 272 -72.63 -130.51 72.38
CA ASP LA 272 -72.19 -129.94 71.11
C ASP LA 272 -73.17 -130.26 70.00
N VAL LA 273 -73.32 -129.33 69.07
CA VAL LA 273 -74.20 -129.50 67.92
C VAL LA 273 -73.48 -130.30 66.85
N VAL LA 274 -74.10 -131.40 66.41
CA VAL LA 274 -73.56 -132.16 65.27
C VAL LA 274 -73.72 -131.34 64.00
N LEU LA 275 -72.71 -131.39 63.12
CA LEU LA 275 -72.59 -130.44 62.03
C LEU LA 275 -72.69 -131.17 60.69
N ASP LA 276 -73.66 -130.78 59.88
CA ASP LA 276 -73.71 -131.07 58.46
C ASP LA 276 -74.04 -129.77 57.70
N GLU LA 277 -73.81 -129.80 56.39
CA GLU LA 277 -74.11 -128.65 55.55
C GLU LA 277 -75.62 -128.46 55.39
N THR LA 278 -76.39 -129.55 55.49
CA THR LA 278 -77.79 -129.53 55.07
C THR LA 278 -78.68 -128.76 56.03
N GLN LA 279 -78.43 -128.87 57.33
CA GLN LA 279 -79.28 -128.23 58.30
C GLN LA 279 -78.95 -126.74 58.42
N ALA LA 280 -79.83 -126.01 59.10
CA ALA LA 280 -79.60 -124.60 59.39
C ALA LA 280 -79.73 -124.32 60.88
N ALA LA 281 -79.65 -123.05 61.27
CA ALA LA 281 -79.75 -122.67 62.67
C ALA LA 281 -80.51 -121.35 62.79
N TYR LA 282 -80.98 -121.08 64.00
CA TYR LA 282 -81.68 -119.85 64.33
C TYR LA 282 -81.67 -119.67 65.83
N CYS LA 283 -81.68 -118.41 66.27
CA CYS LA 283 -81.75 -118.07 67.69
C CYS LA 283 -82.97 -117.19 67.92
N THR LA 284 -83.93 -117.71 68.70
CA THR LA 284 -85.18 -116.99 68.93
C THR LA 284 -85.07 -115.93 70.02
N GLY LA 285 -84.13 -116.08 70.93
CA GLY LA 285 -84.00 -115.15 72.04
C GLY LA 285 -83.29 -115.80 73.21
N TYR LA 286 -83.35 -115.12 74.34
CA TYR LA 286 -82.66 -115.57 75.55
C TYR LA 286 -83.39 -115.03 76.77
N ALA LA 287 -82.98 -115.54 77.94
CA ALA LA 287 -83.48 -115.06 79.23
C ALA LA 287 -82.27 -114.85 80.14
N ILE LA 288 -81.69 -113.65 80.07
CA ILE LA 288 -80.53 -113.31 80.87
C ILE LA 288 -80.98 -112.92 82.28
N THR LA 289 -80.11 -113.21 83.26
CA THR LA 289 -80.45 -113.02 84.66
C THR LA 289 -79.17 -112.82 85.45
N LEU LA 290 -79.33 -112.22 86.64
CA LEU LA 290 -78.21 -111.95 87.53
C LEU LA 290 -78.07 -113.07 88.55
N GLY LA 291 -76.83 -113.38 88.92
CA GLY LA 291 -76.59 -114.41 89.93
C GLY LA 291 -77.00 -113.96 91.32
N GLY LA 292 -76.59 -112.75 91.70
CA GLY LA 292 -76.90 -112.22 93.01
C GLY LA 292 -75.71 -112.18 93.96
N MET MA 1 124.51 -37.25 -17.41
CA MET MA 1 123.77 -37.02 -16.17
C MET MA 1 122.95 -35.74 -16.26
N ILE MA 2 121.79 -35.82 -16.87
CA ILE MA 2 120.91 -34.68 -17.07
C ILE MA 2 119.83 -34.67 -15.99
N ILE MA 3 119.39 -33.47 -15.62
CA ILE MA 3 118.38 -33.29 -14.60
C ILE MA 3 117.01 -33.22 -15.27
N ASP MA 4 116.04 -33.94 -14.70
CA ASP MA 4 114.69 -33.91 -15.24
C ASP MA 4 114.03 -32.55 -14.98
N LEU MA 5 113.24 -32.10 -15.96
CA LEU MA 5 112.62 -30.78 -15.91
C LEU MA 5 111.43 -30.72 -14.96
N SER MA 6 110.92 -31.85 -14.51
CA SER MA 6 109.76 -31.92 -13.65
C SER MA 6 110.09 -31.70 -12.18
N GLN MA 7 111.36 -31.50 -11.82
CA GLN MA 7 111.75 -31.26 -10.44
C GLN MA 7 112.20 -29.83 -10.20
N LEU MA 8 112.08 -28.95 -11.19
CA LEU MA 8 112.44 -27.55 -11.02
C LEU MA 8 111.37 -26.78 -10.24
N PRO MA 9 111.77 -25.79 -9.45
CA PRO MA 9 110.79 -24.90 -8.84
C PRO MA 9 110.20 -23.94 -9.87
N GLU MA 10 109.04 -23.38 -9.53
CA GLU MA 10 108.37 -22.47 -10.44
C GLU MA 10 109.12 -21.13 -10.49
N PRO MA 11 109.21 -20.49 -11.66
CA PRO MA 11 110.03 -19.27 -11.79
C PRO MA 11 109.34 -18.00 -11.32
N GLU MA 12 110.02 -16.87 -11.53
CA GLU MA 12 109.56 -15.56 -11.09
C GLU MA 12 108.65 -14.88 -12.10
N VAL MA 13 109.00 -14.96 -13.39
CA VAL MA 13 108.31 -14.16 -14.39
C VAL MA 13 106.95 -14.70 -14.76
N ILE MA 14 106.70 -15.99 -14.57
CA ILE MA 14 105.38 -16.55 -14.84
C ILE MA 14 104.46 -16.16 -13.70
N GLU MA 15 103.34 -15.51 -14.03
CA GLU MA 15 102.37 -15.05 -13.06
C GLU MA 15 101.03 -15.68 -13.34
N ASN MA 16 100.40 -16.22 -12.30
CA ASN MA 16 98.96 -16.41 -12.34
C ASN MA 16 98.27 -15.06 -12.46
N LEU MA 17 97.29 -14.98 -13.36
CA LEU MA 17 96.62 -13.72 -13.61
C LEU MA 17 95.21 -13.77 -13.03
N ASP MA 18 94.65 -12.57 -12.81
CA ASP MA 18 93.26 -12.41 -12.42
C ASP MA 18 92.67 -11.21 -13.16
N PHE MA 19 91.45 -11.36 -13.66
CA PHE MA 19 90.75 -10.21 -14.20
C PHE MA 19 90.30 -9.27 -13.10
N GLU MA 20 89.97 -9.82 -11.92
CA GLU MA 20 89.41 -9.00 -10.84
C GLU MA 20 90.48 -8.12 -10.21
N THR MA 21 91.68 -8.66 -9.97
CA THR MA 21 92.73 -7.86 -9.35
C THR MA 21 93.36 -6.85 -10.30
N ILE MA 22 92.99 -6.87 -11.58
CA ILE MA 22 93.26 -5.73 -12.46
C ILE MA 22 92.09 -4.76 -12.48
N TYR MA 23 90.85 -5.29 -12.53
CA TYR MA 23 89.67 -4.43 -12.65
C TYR MA 23 89.33 -3.73 -11.34
N GLN MA 24 89.57 -4.37 -10.19
CA GLN MA 24 89.33 -3.69 -8.92
C GLN MA 24 90.40 -2.65 -8.63
N GLU MA 25 91.57 -2.75 -9.24
CA GLU MA 25 92.54 -1.66 -9.18
C GLU MA 25 92.08 -0.48 -10.02
N LEU MA 26 91.53 -0.74 -11.21
CA LEU MA 26 91.05 0.34 -12.07
C LEU MA 26 89.85 1.07 -11.46
N LEU MA 27 89.07 0.39 -10.61
CA LEU MA 27 88.12 1.10 -9.78
C LEU MA 27 88.84 1.99 -8.78
N GLY MA 28 89.81 1.43 -8.07
CA GLY MA 28 90.59 2.14 -7.07
C GLY MA 28 91.69 3.03 -7.61
N ASP MA 29 91.78 3.20 -8.93
CA ASP MA 29 92.59 4.25 -9.52
C ASP MA 29 91.76 5.38 -10.11
N PHE MA 30 90.49 5.14 -10.43
CA PHE MA 30 89.60 6.14 -10.99
C PHE MA 30 88.75 6.83 -9.93
N ARG MA 31 88.36 6.11 -8.88
CA ARG MA 31 87.49 6.69 -7.86
C ARG MA 31 88.21 7.75 -7.04
N GLU MA 32 89.47 7.51 -6.69
CA GLU MA 32 90.26 8.54 -6.02
C GLU MA 32 90.67 9.67 -6.95
N ALA MA 33 90.75 9.41 -8.26
CA ALA MA 33 91.15 10.44 -9.21
C ALA MA 33 90.01 11.41 -9.54
N MET MA 34 88.76 11.02 -9.29
CA MET MA 34 87.63 11.91 -9.52
C MET MA 34 87.33 12.82 -8.33
N ALA MA 35 87.87 12.49 -7.16
CA ALA MA 35 87.66 13.24 -5.90
C ALA MA 35 86.18 13.32 -5.54
N GLY MA 36 85.47 12.21 -5.73
CA GLY MA 36 84.07 12.13 -5.40
C GLY MA 36 83.12 12.71 -6.42
N GLU MA 37 83.61 13.12 -7.59
CA GLU MA 37 82.72 13.67 -8.61
C GLU MA 37 82.02 12.58 -9.42
N TRP MA 38 82.60 11.38 -9.47
CA TRP MA 38 81.94 10.21 -10.05
C TRP MA 38 81.68 9.20 -8.93
N THR MA 39 80.41 8.80 -8.79
CA THR MA 39 80.04 7.89 -7.71
C THR MA 39 78.99 6.86 -8.13
N ALA MA 40 78.84 6.59 -9.42
CA ALA MA 40 77.84 5.64 -9.91
C ALA MA 40 78.55 4.36 -10.32
N GLU MA 41 78.70 3.43 -9.38
CA GLU MA 41 79.30 2.13 -9.65
C GLU MA 41 78.31 1.12 -10.23
N VAL MA 42 77.16 1.57 -10.74
CA VAL MA 42 76.26 0.70 -11.49
C VAL MA 42 76.94 0.33 -12.81
N GLU MA 43 76.75 -0.92 -13.26
CA GLU MA 43 77.43 -1.42 -14.45
C GLU MA 43 76.97 -0.70 -15.71
N SER MA 44 75.74 -0.19 -15.71
CA SER MA 44 75.20 0.55 -16.85
C SER MA 44 75.85 1.93 -17.04
N ASP MA 45 76.63 2.39 -16.07
CA ASP MA 45 77.37 3.64 -16.23
C ASP MA 45 78.46 3.43 -17.27
N PRO MA 46 78.60 4.29 -18.28
CA PRO MA 46 79.59 4.05 -19.34
C PRO MA 46 81.04 4.30 -18.96
N VAL MA 47 81.35 4.46 -17.67
CA VAL MA 47 82.74 4.34 -17.26
C VAL MA 47 83.11 2.88 -17.02
N LEU MA 48 82.15 2.05 -16.64
CA LEU MA 48 82.43 0.63 -16.46
C LEU MA 48 82.39 -0.14 -17.77
N LYS MA 49 81.89 0.46 -18.86
CA LYS MA 49 82.16 -0.07 -20.18
C LYS MA 49 83.64 0.04 -20.53
N LEU MA 50 84.26 1.15 -20.18
CA LEU MA 50 85.61 1.48 -20.62
C LEU MA 50 86.69 0.92 -19.71
N LEU MA 51 86.41 0.82 -18.41
CA LEU MA 51 87.35 0.18 -17.49
C LEU MA 51 87.38 -1.34 -17.63
N GLN MA 52 86.45 -1.94 -18.37
CA GLN MA 52 86.53 -3.35 -18.70
C GLN MA 52 87.20 -3.62 -20.06
N LEU MA 53 87.56 -2.57 -20.81
CA LEU MA 53 88.54 -2.75 -21.88
C LEU MA 53 89.95 -2.57 -21.35
N ALA MA 54 90.17 -1.56 -20.51
CA ALA MA 54 91.48 -1.31 -19.93
C ALA MA 54 91.91 -2.38 -18.92
N ALA MA 55 91.00 -3.24 -18.49
CA ALA MA 55 91.37 -4.40 -17.69
C ALA MA 55 91.42 -5.70 -18.49
N TYR MA 56 90.82 -5.73 -19.68
CA TYR MA 56 90.91 -6.90 -20.54
C TYR MA 56 92.02 -6.79 -21.58
N ARG MA 57 92.16 -5.63 -22.23
CA ARG MA 57 93.24 -5.45 -23.20
C ARG MA 57 94.60 -5.35 -22.54
N GLU MA 58 94.66 -4.88 -21.29
CA GLU MA 58 95.91 -4.92 -20.55
C GLU MA 58 96.25 -6.36 -20.17
N LEU MA 59 95.23 -7.14 -19.80
CA LEU MA 59 95.42 -8.55 -19.46
C LEU MA 59 95.84 -9.37 -20.68
N LEU MA 60 95.47 -8.94 -21.89
CA LEU MA 60 95.98 -9.59 -23.08
C LEU MA 60 97.45 -9.25 -23.31
N LEU MA 61 97.88 -8.05 -22.95
CA LEU MA 61 99.30 -7.71 -23.04
C LEU MA 61 100.10 -8.38 -21.94
N ARG MA 62 99.49 -8.60 -20.77
CA ARG MA 62 100.16 -9.36 -19.72
C ARG MA 62 100.30 -10.83 -20.10
N ALA MA 63 99.39 -11.35 -20.93
CA ALA MA 63 99.47 -12.73 -21.36
C ALA MA 63 100.42 -12.92 -22.53
N ARG MA 64 100.61 -11.89 -23.36
CA ARG MA 64 101.60 -11.97 -24.44
C ARG MA 64 103.02 -12.01 -23.87
N ILE MA 65 103.27 -11.26 -22.80
CA ILE MA 65 104.58 -11.25 -22.17
C ILE MA 65 104.86 -12.59 -21.49
N ASN MA 66 103.84 -13.18 -20.87
CA ASN MA 66 104.01 -14.50 -20.28
C ASN MA 66 104.13 -15.60 -21.34
N ASP MA 67 103.46 -15.45 -22.48
CA ASP MA 67 103.63 -16.42 -23.55
C ASP MA 67 104.99 -16.27 -24.24
N ALA MA 68 105.51 -15.05 -24.33
CA ALA MA 68 106.82 -14.86 -24.94
C ALA MA 68 107.96 -15.23 -23.99
N ALA MA 69 107.76 -15.10 -22.67
CA ALA MA 69 108.79 -15.49 -21.73
C ALA MA 69 108.87 -17.00 -21.58
N ARG MA 70 107.75 -17.70 -21.78
CA ARG MA 70 107.77 -19.16 -21.81
C ARG MA 70 108.37 -19.69 -23.10
N ALA MA 71 108.27 -18.92 -24.19
CA ALA MA 71 108.75 -19.36 -25.48
C ALA MA 71 110.27 -19.29 -25.62
N VAL MA 72 110.97 -18.72 -24.65
CA VAL MA 72 112.43 -18.67 -24.65
C VAL MA 72 113.01 -19.49 -23.51
N MET MA 73 112.18 -20.27 -22.83
CA MET MA 73 112.62 -21.18 -21.77
C MET MA 73 112.40 -22.62 -22.21
N LEU MA 74 113.37 -23.46 -21.90
CA LEU MA 74 113.38 -24.84 -22.40
C LEU MA 74 112.30 -25.70 -21.75
N ALA MA 75 111.94 -25.40 -20.50
CA ALA MA 75 110.93 -26.19 -19.79
C ALA MA 75 109.50 -25.75 -20.10
N TYR MA 76 109.30 -24.74 -20.95
CA TYR MA 76 107.96 -24.27 -21.24
C TYR MA 76 107.65 -24.01 -22.71
N ALA MA 77 108.65 -23.93 -23.58
CA ALA MA 77 108.39 -23.60 -24.98
C ALA MA 77 107.80 -24.80 -25.73
N SER MA 78 106.98 -24.50 -26.73
CA SER MA 78 106.36 -25.52 -27.55
C SER MA 78 106.04 -24.94 -28.91
N GLY MA 79 105.66 -25.82 -29.84
CA GLY MA 79 105.25 -25.36 -31.16
C GLY MA 79 106.44 -24.95 -32.00
N ALA MA 80 106.32 -23.80 -32.65
CA ALA MA 80 107.40 -23.21 -33.45
C ALA MA 80 108.37 -22.39 -32.61
N ASP MA 81 108.30 -22.49 -31.29
CA ASP MA 81 109.19 -21.76 -30.40
C ASP MA 81 110.38 -22.59 -29.92
N LEU MA 82 110.25 -23.91 -29.91
CA LEU MA 82 111.40 -24.80 -29.80
C LEU MA 82 112.17 -24.94 -31.10
N ASP MA 83 111.60 -24.47 -32.22
CA ASP MA 83 112.35 -24.39 -33.47
C ASP MA 83 113.49 -23.38 -33.37
N GLN MA 84 113.24 -22.25 -32.70
CA GLN MA 84 114.27 -21.21 -32.59
C GLN MA 84 115.33 -21.56 -31.56
N ILE MA 85 114.98 -22.33 -30.53
CA ILE MA 85 116.00 -22.86 -29.62
C ILE MA 85 116.76 -24.01 -30.27
N GLY MA 86 116.08 -24.80 -31.10
CA GLY MA 86 116.74 -25.93 -31.74
C GLY MA 86 117.69 -25.51 -32.85
N ALA MA 87 117.32 -24.48 -33.62
CA ALA MA 87 118.15 -24.02 -34.72
C ALA MA 87 119.44 -23.34 -34.24
N GLY MA 88 119.44 -22.82 -33.01
CA GLY MA 88 120.65 -22.22 -32.49
C GLY MA 88 121.69 -23.23 -32.06
N PHE MA 89 121.26 -24.41 -31.64
CA PHE MA 89 122.15 -25.46 -31.15
C PHE MA 89 122.33 -26.58 -32.17
N ASN MA 90 121.94 -26.34 -33.42
CA ASN MA 90 122.06 -27.27 -34.55
C ASN MA 90 121.31 -28.59 -34.27
N VAL MA 91 120.07 -28.45 -33.78
CA VAL MA 91 119.21 -29.59 -33.52
C VAL MA 91 117.94 -29.43 -34.36
N GLN MA 92 117.60 -30.46 -35.13
CA GLN MA 92 116.42 -30.46 -35.98
C GLN MA 92 115.46 -31.57 -35.58
N ARG MA 93 114.18 -31.35 -35.89
CA ARG MA 93 113.14 -32.33 -35.62
C ARG MA 93 113.18 -33.42 -36.69
N LEU MA 94 112.99 -34.67 -36.26
CA LEU MA 94 113.21 -35.84 -37.10
C LEU MA 94 112.11 -35.95 -38.17
N LEU MA 95 112.24 -36.97 -39.01
CA LEU MA 95 111.26 -37.26 -40.06
C LEU MA 95 110.92 -38.74 -40.00
N ILE MA 96 109.73 -39.07 -39.49
CA ILE MA 96 109.33 -40.47 -39.37
C ILE MA 96 108.82 -41.00 -40.72
N ARG MA 97 107.70 -40.44 -41.20
CA ARG MA 97 107.27 -40.62 -42.58
C ARG MA 97 107.47 -39.34 -43.38
N PRO MA 98 107.79 -39.44 -44.68
CA PRO MA 98 108.12 -38.23 -45.46
C PRO MA 98 106.91 -37.36 -45.76
N ALA MA 99 107.16 -36.19 -46.37
CA ALA MA 99 106.12 -35.18 -46.49
C ALA MA 99 105.20 -35.44 -47.67
N GLN MA 100 105.73 -35.98 -48.76
CA GLN MA 100 105.02 -36.00 -50.03
C GLN MA 100 104.25 -37.31 -50.18
N PRO MA 101 102.96 -37.27 -50.52
CA PRO MA 101 102.23 -38.50 -50.83
C PRO MA 101 102.32 -38.88 -52.29
N GLU MA 102 102.19 -40.18 -52.53
CA GLU MA 102 102.07 -40.71 -53.89
C GLU MA 102 100.62 -40.92 -54.33
N ALA MA 103 99.67 -40.89 -53.39
CA ALA MA 103 98.27 -41.14 -53.70
C ALA MA 103 97.48 -39.83 -53.69
N VAL MA 104 96.19 -39.93 -54.00
CA VAL MA 104 95.30 -38.77 -54.08
C VAL MA 104 94.94 -38.26 -52.68
N PRO MA 105 94.62 -39.07 -51.66
CA PRO MA 105 94.54 -38.50 -50.30
C PRO MA 105 95.93 -38.13 -49.79
N PRO MA 106 96.10 -36.89 -49.31
CA PRO MA 106 97.44 -36.45 -48.86
C PRO MA 106 97.81 -37.10 -47.55
N VAL MA 107 98.89 -37.90 -47.57
CA VAL MA 107 99.37 -38.54 -46.36
C VAL MA 107 100.06 -37.49 -45.48
N GLU MA 108 99.61 -37.39 -44.23
CA GLU MA 108 100.21 -36.43 -43.31
C GLU MA 108 101.60 -36.91 -42.89
N ALA MA 109 102.52 -35.96 -42.73
CA ALA MA 109 103.89 -36.27 -42.34
C ALA MA 109 103.96 -36.31 -40.81
N GLN MA 110 104.10 -37.52 -40.26
CA GLN MA 110 104.16 -37.69 -38.81
C GLN MA 110 105.44 -37.06 -38.25
N TYR MA 111 105.31 -36.40 -37.11
CA TYR MA 111 106.43 -35.75 -36.45
C TYR MA 111 106.45 -36.13 -34.98
N GLU MA 112 107.66 -36.25 -34.43
CA GLU MA 112 107.83 -36.59 -33.02
C GLU MA 112 107.27 -35.47 -32.16
N SER MA 113 106.52 -35.86 -31.11
CA SER MA 113 105.88 -34.95 -30.15
C SER MA 113 106.83 -33.95 -29.52
N ASP MA 114 106.28 -32.82 -29.08
CA ASP MA 114 107.07 -31.74 -28.50
C ASP MA 114 107.52 -32.04 -27.07
N LYS MA 115 107.01 -33.11 -26.45
CA LYS MA 115 107.54 -33.60 -25.19
C LYS MA 115 108.88 -34.33 -25.33
N SER MA 116 109.28 -34.66 -26.56
CA SER MA 116 110.57 -35.29 -26.82
C SER MA 116 111.60 -34.33 -27.40
N LEU MA 117 111.19 -33.11 -27.77
CA LEU MA 117 112.18 -32.11 -28.17
C LEU MA 117 112.95 -31.60 -26.95
N ARG MA 118 112.30 -31.55 -25.79
CA ARG MA 118 112.97 -31.17 -24.55
C ARG MA 118 113.98 -32.23 -24.10
N ASN MA 119 113.83 -33.47 -24.56
CA ASN MA 119 114.91 -34.45 -24.45
C ASN MA 119 116.09 -34.07 -25.34
N ARG MA 120 115.83 -33.71 -26.59
CA ARG MA 120 116.92 -33.59 -27.57
C ARG MA 120 117.71 -32.30 -27.43
N ILE MA 121 117.07 -31.21 -26.99
CA ILE MA 121 117.83 -30.00 -26.70
C ILE MA 121 118.69 -30.22 -25.46
N GLN MA 122 118.21 -31.01 -24.50
CA GLN MA 122 118.95 -31.22 -23.26
C GLN MA 122 120.06 -32.25 -23.41
N LEU MA 123 119.96 -33.15 -24.40
CA LEU MA 123 121.05 -34.05 -24.73
C LEU MA 123 121.99 -33.48 -25.79
N ALA MA 124 121.86 -32.21 -26.14
CA ALA MA 124 122.75 -31.59 -27.11
C ALA MA 124 124.05 -31.10 -26.48
N PHE MA 125 124.21 -31.26 -25.17
CA PHE MA 125 125.44 -30.87 -24.49
C PHE MA 125 126.32 -32.08 -24.17
N GLU MA 126 125.80 -33.02 -23.39
CA GLU MA 126 126.48 -34.27 -23.07
C GLU MA 126 126.36 -35.21 -24.26
N GLN MA 127 127.33 -35.13 -25.17
CA GLN MA 127 127.23 -35.80 -26.45
C GLN MA 127 128.64 -36.04 -26.97
N LEU MA 128 128.80 -37.08 -27.78
CA LEU MA 128 130.10 -37.41 -28.36
C LEU MA 128 130.48 -36.35 -29.38
N SER MA 129 131.54 -35.60 -29.08
CA SER MA 129 131.99 -34.50 -29.93
C SER MA 129 133.39 -34.70 -30.47
N VAL MA 130 134.35 -35.02 -29.61
CA VAL MA 130 135.76 -35.12 -30.00
C VAL MA 130 136.42 -36.17 -29.11
N ALA MA 131 137.37 -36.92 -29.69
CA ALA MA 131 138.04 -38.01 -28.97
C ALA MA 131 139.20 -37.45 -28.14
N GLY MA 132 138.82 -36.79 -27.04
CA GLY MA 132 139.77 -36.27 -26.09
C GLY MA 132 140.38 -37.30 -25.15
N PRO MA 133 139.58 -37.84 -24.21
CA PRO MA 133 140.13 -38.77 -23.22
C PRO MA 133 140.11 -40.22 -23.69
N ARG MA 134 140.50 -41.14 -22.79
CA ARG MA 134 140.56 -42.56 -23.10
C ARG MA 134 139.19 -43.16 -23.41
N ASN MA 135 138.13 -42.58 -22.86
CA ASN MA 135 136.78 -43.10 -23.07
C ASN MA 135 136.13 -42.58 -24.34
N ALA MA 136 136.78 -41.65 -25.05
CA ALA MA 136 136.22 -41.07 -26.25
C ALA MA 136 136.94 -41.43 -27.54
N TYR MA 137 138.19 -41.92 -27.46
CA TYR MA 137 138.82 -42.51 -28.64
C TYR MA 137 138.09 -43.77 -29.09
N ILE MA 138 137.54 -44.53 -28.14
CA ILE MA 138 136.91 -45.80 -28.47
C ILE MA 138 135.49 -45.57 -28.99
N ALA MA 139 134.79 -44.57 -28.43
CA ALA MA 139 133.44 -44.27 -28.88
C ALA MA 139 133.43 -43.62 -30.25
N HIS MA 140 134.51 -42.94 -30.64
CA HIS MA 140 134.66 -42.53 -32.03
C HIS MA 140 135.20 -43.64 -32.92
N ALA MA 141 135.58 -44.78 -32.35
CA ALA MA 141 135.95 -45.98 -33.10
C ALA MA 141 134.81 -46.99 -33.15
N LEU MA 142 133.56 -46.52 -33.22
CA LEU MA 142 132.39 -47.39 -33.32
C LEU MA 142 131.67 -47.19 -34.65
N GLY MA 143 132.42 -47.11 -35.74
CA GLY MA 143 131.83 -46.98 -37.06
C GLY MA 143 131.41 -48.29 -37.70
N ALA MA 144 132.26 -49.31 -37.58
CA ALA MA 144 131.93 -50.66 -38.04
C ALA MA 144 131.01 -51.35 -37.04
N ASP MA 145 130.72 -52.62 -37.27
CA ASP MA 145 129.74 -53.35 -36.47
C ASP MA 145 130.27 -54.64 -35.87
N GLY MA 146 131.08 -55.39 -36.60
CA GLY MA 146 131.54 -56.68 -36.11
C GLY MA 146 132.74 -56.57 -35.21
N ARG MA 147 132.52 -56.09 -33.98
CA ARG MA 147 133.60 -55.61 -33.14
C ARG MA 147 133.08 -55.41 -31.73
N VAL MA 148 133.89 -55.77 -30.73
CA VAL MA 148 133.56 -55.56 -29.33
C VAL MA 148 134.55 -54.51 -28.78
N ALA MA 149 134.40 -54.14 -27.51
CA ALA MA 149 134.95 -52.91 -26.94
C ALA MA 149 136.48 -52.91 -26.94
N ASP MA 150 137.04 -51.74 -26.64
CA ASP MA 150 138.42 -51.42 -26.93
C ASP MA 150 138.90 -50.40 -25.90
N ALA MA 151 140.22 -50.23 -25.79
CA ALA MA 151 140.81 -49.27 -24.87
C ALA MA 151 142.03 -48.63 -25.53
N SER MA 152 142.36 -47.42 -25.10
CA SER MA 152 143.44 -46.65 -25.69
C SER MA 152 144.54 -46.37 -24.66
N ALA MA 153 145.75 -46.15 -25.19
CA ALA MA 153 146.91 -45.78 -24.40
C ALA MA 153 147.76 -44.81 -25.21
N THR MA 154 148.75 -44.22 -24.56
CA THR MA 154 149.71 -43.36 -25.24
C THR MA 154 151.07 -43.53 -24.59
N SER MA 155 152.00 -44.15 -25.32
CA SER MA 155 153.31 -44.46 -24.76
C SER MA 155 154.22 -43.22 -24.72
N PRO MA 156 154.24 -42.30 -25.74
CA PRO MA 156 154.82 -40.98 -25.44
C PRO MA 156 153.77 -39.96 -25.07
N ALA MA 157 154.19 -38.91 -24.36
CA ALA MA 157 153.31 -37.75 -24.16
C ALA MA 157 153.11 -36.88 -25.40
N PRO MA 158 154.15 -36.28 -26.02
CA PRO MA 158 153.88 -35.09 -26.85
C PRO MA 158 153.23 -35.34 -28.21
N CYS MA 159 153.47 -36.49 -28.84
CA CYS MA 159 153.05 -36.65 -30.24
C CYS MA 159 152.06 -37.78 -30.43
N GLU MA 160 152.38 -39.00 -30.03
CA GLU MA 160 151.73 -40.19 -30.58
C GLU MA 160 150.70 -40.73 -29.60
N VAL MA 161 149.52 -41.06 -30.12
CA VAL MA 161 148.49 -41.79 -29.40
C VAL MA 161 148.27 -43.11 -30.12
N LEU MA 162 148.07 -44.17 -29.37
CA LEU MA 162 147.96 -45.52 -29.92
C LEU MA 162 146.57 -46.08 -29.68
N ILE MA 163 145.93 -46.55 -30.76
CA ILE MA 163 144.60 -47.13 -30.70
C ILE MA 163 144.69 -48.51 -31.34
N SER MA 164 144.35 -49.54 -30.56
CA SER MA 164 144.54 -50.93 -30.97
C SER MA 164 143.17 -51.58 -31.18
N VAL MA 165 142.69 -51.56 -32.42
CA VAL MA 165 141.36 -52.07 -32.74
C VAL MA 165 141.43 -53.59 -32.81
N LEU MA 166 140.57 -54.25 -32.03
CA LEU MA 166 140.37 -55.69 -32.14
C LEU MA 166 138.91 -55.99 -32.47
N GLY MA 167 138.70 -56.86 -33.46
CA GLY MA 167 137.37 -57.24 -33.89
C GLY MA 167 137.17 -58.74 -33.85
N VAL MA 168 136.15 -59.21 -33.15
CA VAL MA 168 135.95 -60.65 -32.92
C VAL MA 168 135.13 -61.16 -34.10
N GLU MA 169 135.82 -61.52 -35.19
CA GLU MA 169 135.20 -62.27 -36.26
C GLU MA 169 135.58 -63.74 -36.21
N GLY MA 170 136.87 -64.04 -36.29
CA GLY MA 170 137.38 -65.39 -36.09
C GLY MA 170 138.27 -65.47 -34.87
N ASN MA 171 139.58 -65.46 -35.11
CA ASN MA 171 140.59 -65.48 -34.04
C ASN MA 171 140.77 -64.14 -33.36
N GLY MA 172 140.08 -63.10 -33.81
CA GLY MA 172 140.21 -61.77 -33.23
C GLY MA 172 141.22 -60.87 -33.89
N GLN MA 173 141.61 -61.18 -35.14
CA GLN MA 173 142.46 -60.28 -35.91
C GLN MA 173 141.61 -59.21 -36.60
N ALA MA 174 142.20 -58.04 -36.76
CA ALA MA 174 141.53 -56.98 -37.53
C ALA MA 174 141.80 -57.19 -39.02
N PRO MA 175 140.76 -57.24 -39.85
CA PRO MA 175 140.99 -57.33 -41.30
C PRO MA 175 141.52 -56.02 -41.87
N GLU MA 176 142.11 -56.14 -43.07
CA GLU MA 176 142.66 -54.97 -43.74
C GLU MA 176 141.60 -54.09 -44.40
N ALA MA 177 140.38 -54.61 -44.57
CA ALA MA 177 139.30 -53.79 -45.15
C ALA MA 177 138.81 -52.74 -44.16
N VAL MA 178 138.77 -53.09 -42.87
CA VAL MA 178 138.29 -52.15 -41.85
C VAL MA 178 139.40 -51.28 -41.27
N LEU MA 179 140.63 -51.41 -41.77
CA LEU MA 179 141.69 -50.50 -41.33
C LEU MA 179 141.47 -49.09 -41.86
N GLN MA 180 141.10 -48.97 -43.13
CA GLN MA 180 140.78 -47.66 -43.70
C GLN MA 180 139.40 -47.17 -43.28
N ALA MA 181 138.50 -48.07 -42.88
CA ALA MA 181 137.17 -47.66 -42.44
C ALA MA 181 137.21 -46.94 -41.10
N VAL MA 182 138.24 -47.21 -40.29
CA VAL MA 182 138.45 -46.45 -39.07
C VAL MA 182 139.05 -45.08 -39.37
N ARG MA 183 139.98 -45.02 -40.32
CA ARG MA 183 140.70 -43.77 -40.60
C ARG MA 183 139.83 -42.70 -41.25
N LEU MA 184 138.72 -43.09 -41.89
CA LEU MA 184 137.81 -42.10 -42.46
C LEU MA 184 137.12 -41.28 -41.36
N ALA MA 185 136.68 -41.93 -40.29
CA ALA MA 185 136.03 -41.22 -39.20
C ALA MA 185 137.01 -40.38 -38.39
N LEU MA 186 138.21 -40.94 -38.11
CA LEU MA 186 139.16 -40.33 -37.18
C LEU MA 186 139.72 -38.97 -37.61
N ASN MA 187 139.92 -38.75 -38.93
CA ASN MA 187 140.57 -37.51 -39.39
C ASN MA 187 139.77 -36.26 -39.01
N ALA MA 188 138.45 -36.31 -39.13
CA ALA MA 188 137.61 -35.17 -38.81
C ALA MA 188 137.05 -35.19 -37.39
N GLU MA 189 137.23 -36.28 -36.65
CA GLU MA 189 136.69 -36.39 -35.30
C GLU MA 189 137.75 -36.39 -34.20
N ASP MA 190 139.00 -36.03 -34.51
CA ASP MA 190 140.07 -36.05 -33.53
C ASP MA 190 140.83 -34.73 -33.59
N VAL MA 191 141.73 -34.56 -32.60
CA VAL MA 191 142.63 -33.41 -32.55
C VAL MA 191 143.50 -33.44 -33.80
N ARG MA 192 143.61 -32.28 -34.46
CA ARG MA 192 144.29 -32.19 -35.76
C ARG MA 192 145.75 -32.68 -35.78
N PRO MA 193 146.71 -32.25 -34.86
CA PRO MA 193 148.10 -32.72 -34.97
C PRO MA 193 148.41 -33.97 -34.16
N VAL MA 194 147.62 -35.03 -34.34
CA VAL MA 194 147.91 -36.31 -33.70
C VAL MA 194 148.66 -37.20 -34.68
N ALA MA 195 149.57 -38.00 -34.16
CA ALA MA 195 150.17 -39.08 -34.94
C ALA MA 195 149.46 -40.39 -34.60
N ASP MA 196 148.23 -40.49 -35.09
CA ASP MA 196 147.38 -41.65 -34.86
C ASP MA 196 147.85 -42.83 -35.71
N ARG MA 197 148.86 -43.53 -35.22
CA ARG MA 197 149.36 -44.72 -35.92
C ARG MA 197 148.35 -45.83 -35.69
N VAL MA 198 147.34 -45.89 -36.55
CA VAL MA 198 146.30 -46.91 -36.47
C VAL MA 198 146.71 -48.03 -37.41
N THR MA 199 147.35 -49.02 -36.77
CA THR MA 199 147.81 -50.28 -37.35
C THR MA 199 146.90 -51.36 -36.71
N VAL MA 200 146.75 -52.50 -37.35
CA VAL MA 200 145.82 -53.49 -36.81
C VAL MA 200 146.07 -54.03 -35.40
N ARG MA 201 147.29 -54.45 -35.07
CA ARG MA 201 147.56 -54.94 -33.70
C ARG MA 201 149.01 -54.88 -33.22
N SER MA 202 149.20 -54.54 -31.94
CA SER MA 202 150.53 -54.55 -31.34
C SER MA 202 150.91 -56.03 -31.30
N ALA MA 203 149.90 -56.82 -30.94
CA ALA MA 203 149.94 -58.28 -30.86
C ALA MA 203 148.52 -58.80 -30.90
N GLY MA 204 148.27 -59.76 -31.78
CA GLY MA 204 146.93 -60.26 -31.99
C GLY MA 204 146.63 -61.59 -31.34
N ILE MA 205 146.68 -62.67 -32.11
CA ILE MA 205 146.39 -64.01 -31.63
C ILE MA 205 147.48 -64.47 -30.66
N VAL MA 206 147.17 -64.43 -29.37
CA VAL MA 206 148.04 -64.98 -28.33
C VAL MA 206 147.31 -66.17 -27.73
N PRO MA 207 147.53 -67.39 -28.26
CA PRO MA 207 146.59 -68.50 -28.01
C PRO MA 207 146.67 -69.00 -26.58
N TYR MA 208 145.55 -68.89 -25.87
CA TYR MA 208 145.45 -69.27 -24.47
C TYR MA 208 144.55 -70.49 -24.37
N GLN MA 209 145.15 -71.68 -24.43
CA GLN MA 209 144.41 -72.88 -24.12
C GLN MA 209 144.13 -72.95 -22.61
N VAL MA 210 143.09 -73.70 -22.26
CA VAL MA 210 142.82 -74.07 -20.88
C VAL MA 210 142.50 -75.56 -20.83
N LYS MA 211 142.94 -76.23 -19.77
CA LYS MA 211 142.51 -77.58 -19.44
C LYS MA 211 142.27 -77.68 -17.95
N ALA MA 212 141.27 -78.46 -17.56
CA ALA MA 212 140.92 -78.61 -16.15
C ALA MA 212 140.57 -80.07 -15.88
N GLN MA 213 141.32 -80.69 -14.98
CA GLN MA 213 141.05 -82.06 -14.53
C GLN MA 213 140.11 -81.96 -13.32
N LEU MA 214 138.81 -82.00 -13.59
CA LEU MA 214 137.81 -81.82 -12.55
C LEU MA 214 137.67 -83.09 -11.71
N TYR MA 215 137.70 -82.93 -10.39
CA TYR MA 215 137.49 -84.01 -9.45
C TYR MA 215 136.19 -83.75 -8.69
N LEU MA 216 135.25 -84.68 -8.81
CA LEU MA 216 133.89 -84.52 -8.29
C LEU MA 216 133.53 -85.71 -7.43
N PHE MA 217 132.40 -85.59 -6.74
CA PHE MA 217 131.78 -86.74 -6.11
C PHE MA 217 130.89 -87.46 -7.11
N PRO MA 218 130.92 -88.81 -7.14
CA PRO MA 218 130.21 -89.54 -8.21
C PRO MA 218 128.70 -89.67 -8.04
N GLY MA 219 128.09 -88.87 -7.16
CA GLY MA 219 126.66 -88.97 -6.91
C GLY MA 219 125.77 -88.44 -8.01
N PRO MA 220 124.54 -88.07 -7.64
CA PRO MA 220 123.53 -87.74 -8.66
C PRO MA 220 123.72 -86.37 -9.30
N GLU MA 221 124.17 -85.40 -8.51
CA GLU MA 221 124.31 -84.01 -8.94
C GLU MA 221 125.54 -83.77 -9.82
N ALA MA 222 126.38 -84.79 -10.04
CA ALA MA 222 127.64 -84.61 -10.76
C ALA MA 222 127.46 -84.29 -12.24
N GLU MA 223 126.27 -84.56 -12.82
CA GLU MA 223 126.00 -84.12 -14.18
C GLU MA 223 125.49 -82.69 -14.23
N LEU MA 224 124.70 -82.27 -13.23
CA LEU MA 224 124.12 -80.92 -13.26
C LEU MA 224 125.08 -79.83 -12.82
N ILE MA 225 125.96 -80.12 -11.86
CA ILE MA 225 126.86 -79.09 -11.34
C ILE MA 225 128.14 -78.99 -12.16
N ARG MA 226 128.47 -80.01 -12.95
CA ARG MA 226 129.63 -79.93 -13.82
C ARG MA 226 129.38 -79.00 -15.02
N ALA MA 227 128.18 -79.08 -15.60
CA ALA MA 227 127.83 -78.20 -16.71
C ALA MA 227 127.55 -76.78 -16.26
N ALA MA 228 127.23 -76.58 -14.98
CA ALA MA 228 127.03 -75.22 -14.46
C ALA MA 228 128.35 -74.48 -14.34
N ALA MA 229 129.42 -75.19 -13.94
CA ALA MA 229 130.75 -74.60 -13.91
C ALA MA 229 131.27 -74.31 -15.30
N GLU MA 230 130.90 -75.12 -16.29
CA GLU MA 230 131.31 -74.85 -17.67
C GLU MA 230 130.59 -73.63 -18.23
N ALA MA 231 129.35 -73.38 -17.79
CA ALA MA 231 128.64 -72.18 -18.21
C ALA MA 231 129.25 -70.94 -17.56
N SER MA 232 129.78 -71.06 -16.34
CA SER MA 232 130.51 -69.97 -15.72
C SER MA 232 131.85 -69.71 -16.39
N LEU MA 233 132.39 -70.70 -17.11
CA LEU MA 233 133.60 -70.49 -17.88
C LEU MA 233 133.33 -69.76 -19.19
N ARG MA 234 132.16 -69.99 -19.80
CA ARG MA 234 131.84 -69.39 -21.09
C ARG MA 234 131.66 -67.88 -21.00
N ASP MA 235 130.84 -67.41 -20.05
CA ASP MA 235 130.65 -65.97 -19.92
C ASP MA 235 131.86 -65.26 -19.31
N TYR MA 236 132.79 -66.01 -18.70
CA TYR MA 236 134.04 -65.41 -18.26
C TYR MA 236 134.92 -65.09 -19.46
N ILE MA 237 135.09 -66.06 -20.37
CA ILE MA 237 135.90 -65.87 -21.57
C ILE MA 237 135.29 -64.80 -22.47
N SER MA 238 133.96 -64.74 -22.53
CA SER MA 238 133.28 -63.67 -23.25
C SER MA 238 133.47 -62.31 -22.58
N ALA MA 239 133.77 -62.28 -21.28
CA ALA MA 239 134.16 -61.06 -20.58
C ALA MA 239 135.66 -60.78 -20.64
N GLN MA 240 136.47 -61.71 -21.16
CA GLN MA 240 137.90 -61.49 -21.30
C GLN MA 240 138.31 -61.04 -22.69
N ARG MA 241 137.35 -60.81 -23.59
CA ARG MA 241 137.62 -60.15 -24.87
C ARG MA 241 137.80 -58.66 -24.61
N ARG MA 242 138.98 -58.31 -24.11
CA ARG MA 242 139.22 -57.02 -23.48
C ARG MA 242 140.72 -56.75 -23.57
N LEU MA 243 141.11 -55.53 -23.23
CA LEU MA 243 142.52 -55.19 -23.06
C LEU MA 243 142.95 -55.18 -21.60
N GLY MA 244 142.00 -55.24 -20.66
CA GLY MA 244 142.37 -55.54 -19.29
C GLY MA 244 142.80 -56.98 -19.11
N ARG MA 245 142.12 -57.91 -19.82
CA ARG MA 245 142.53 -59.27 -20.24
C ARG MA 245 143.35 -60.08 -19.23
N ASP MA 246 143.03 -59.94 -17.94
CA ASP MA 246 143.83 -60.54 -16.86
C ASP MA 246 143.57 -62.05 -16.78
N ILE MA 247 144.13 -62.77 -17.75
CA ILE MA 247 144.14 -64.23 -17.68
C ILE MA 247 145.08 -64.67 -16.57
N ARG MA 248 144.58 -65.50 -15.66
CA ARG MA 248 145.36 -65.87 -14.49
C ARG MA 248 145.35 -67.36 -14.20
N ARG MA 249 145.89 -67.73 -13.04
CA ARG MA 249 145.81 -69.08 -12.49
C ARG MA 249 144.92 -69.17 -11.26
N SER MA 250 145.16 -68.31 -10.26
CA SER MA 250 144.39 -68.34 -9.02
C SER MA 250 143.01 -67.72 -9.17
N ALA MA 251 142.80 -66.85 -10.15
CA ALA MA 251 141.47 -66.32 -10.40
C ALA MA 251 140.53 -67.36 -11.01
N LEU MA 252 141.08 -68.35 -11.71
CA LEU MA 252 140.25 -69.46 -12.20
C LEU MA 252 139.99 -70.50 -11.13
N PHE MA 253 140.74 -70.48 -10.03
CA PHE MA 253 140.49 -71.39 -8.92
C PHE MA 253 139.18 -71.03 -8.22
N ALA MA 254 138.93 -69.73 -8.00
CA ALA MA 254 137.72 -69.26 -7.33
C ALA MA 254 136.46 -69.58 -8.13
N THR MA 255 136.53 -69.41 -9.46
CA THR MA 255 135.38 -69.70 -10.32
C THR MA 255 135.02 -71.18 -10.28
N LEU MA 256 136.03 -72.05 -10.35
CA LEU MA 256 135.79 -73.49 -10.30
C LEU MA 256 135.30 -73.96 -8.93
N HIS MA 257 135.82 -73.36 -7.85
CA HIS MA 257 135.52 -73.78 -6.48
C HIS MA 257 134.35 -73.02 -5.88
N VAL MA 258 133.29 -72.77 -6.65
CA VAL MA 258 132.15 -72.01 -6.14
C VAL MA 258 131.37 -72.80 -5.09
N GLU MA 259 130.71 -73.90 -5.47
CA GLU MA 259 129.91 -74.66 -4.51
C GLU MA 259 130.47 -76.05 -4.20
N GLY MA 260 130.66 -76.91 -5.19
CA GLY MA 260 130.96 -78.29 -4.86
C GLY MA 260 132.21 -79.04 -5.29
N VAL MA 261 133.10 -78.44 -6.08
CA VAL MA 261 134.27 -79.19 -6.55
C VAL MA 261 135.24 -79.42 -5.39
N GLN MA 262 135.90 -80.58 -5.38
CA GLN MA 262 136.89 -80.88 -4.35
C GLN MA 262 138.22 -80.24 -4.66
N ARG MA 263 138.69 -80.36 -5.90
CA ARG MA 263 139.93 -79.76 -6.38
C ARG MA 263 139.95 -79.87 -7.89
N VAL MA 264 140.98 -79.26 -8.49
CA VAL MA 264 141.13 -79.25 -9.94
C VAL MA 264 142.63 -79.21 -10.25
N GLU MA 265 143.01 -79.71 -11.43
CA GLU MA 265 144.40 -79.79 -11.86
C GLU MA 265 144.49 -79.05 -13.19
N LEU MA 266 144.99 -77.83 -13.14
CA LEU MA 266 145.07 -76.94 -14.30
C LEU MA 266 146.41 -77.14 -15.01
N GLN MA 267 146.35 -77.51 -16.29
CA GLN MA 267 147.56 -77.82 -17.05
C GLN MA 267 148.09 -76.59 -17.79
N GLU MA 268 147.26 -75.97 -18.63
CA GLU MA 268 147.72 -74.93 -19.54
C GLU MA 268 147.98 -73.57 -18.87
N PRO MA 269 147.17 -73.09 -17.88
CA PRO MA 269 147.70 -71.98 -17.06
C PRO MA 269 148.66 -72.44 -16.00
N ALA MA 270 149.96 -72.23 -16.22
CA ALA MA 270 150.98 -72.53 -15.22
C ALA MA 270 151.60 -71.30 -14.58
N ALA MA 271 151.63 -70.17 -15.27
CA ALA MA 271 152.13 -68.92 -14.72
C ALA MA 271 151.15 -67.79 -14.99
N ASP MA 272 151.32 -66.69 -14.25
CA ASP MA 272 150.50 -65.51 -14.49
C ASP MA 272 150.90 -64.83 -15.80
N VAL MA 273 149.90 -64.25 -16.47
CA VAL MA 273 150.13 -63.53 -17.71
C VAL MA 273 150.61 -62.12 -17.40
N VAL MA 274 151.76 -61.74 -17.98
CA VAL MA 274 152.23 -60.36 -17.87
C VAL MA 274 151.31 -59.45 -18.68
N LEU MA 275 151.03 -58.26 -18.14
CA LEU MA 275 149.95 -57.42 -18.65
C LEU MA 275 150.52 -56.12 -19.20
N ASP MA 276 150.25 -55.85 -20.48
CA ASP MA 276 150.36 -54.53 -21.07
C ASP MA 276 149.10 -54.25 -21.88
N GLU MA 277 148.92 -52.97 -22.23
CA GLU MA 277 147.76 -52.58 -23.04
C GLU MA 277 147.89 -53.07 -24.47
N THR MA 278 149.13 -53.24 -24.96
CA THR MA 278 149.36 -53.41 -26.39
C THR MA 278 148.93 -54.79 -26.89
N GLN MA 279 149.16 -55.84 -26.09
CA GLN MA 279 148.84 -57.18 -26.54
C GLN MA 279 147.35 -57.46 -26.41
N ALA MA 280 146.91 -58.56 -27.02
CA ALA MA 280 145.53 -59.01 -26.90
C ALA MA 280 145.48 -60.45 -26.43
N ALA MA 281 144.29 -61.04 -26.38
CA ALA MA 281 144.11 -62.41 -25.93
C ALA MA 281 143.02 -63.08 -26.74
N TYR MA 282 143.01 -64.41 -26.69
CA TYR MA 282 142.01 -65.23 -27.37
C TYR MA 282 142.02 -66.62 -26.73
N CYS MA 283 140.86 -67.28 -26.75
CA CYS MA 283 140.73 -68.64 -26.26
C CYS MA 283 140.18 -69.50 -27.39
N THR MA 284 140.97 -70.48 -27.83
CA THR MA 284 140.60 -71.33 -28.95
C THR MA 284 139.69 -72.47 -28.55
N GLY MA 285 139.74 -72.90 -27.29
CA GLY MA 285 138.93 -74.02 -26.85
C GLY MA 285 139.56 -74.65 -25.62
N TYR MA 286 139.05 -75.83 -25.29
CA TYR MA 286 139.48 -76.55 -24.10
C TYR MA 286 139.28 -78.05 -24.30
N ALA MA 287 139.82 -78.83 -23.37
CA ALA MA 287 139.64 -80.28 -23.34
C ALA MA 287 139.27 -80.66 -21.90
N ILE MA 288 137.97 -80.61 -21.59
CA ILE MA 288 137.48 -80.95 -20.27
C ILE MA 288 137.38 -82.46 -20.11
N THR MA 289 137.59 -82.94 -18.90
CA THR MA 289 137.66 -84.37 -18.62
C THR MA 289 137.27 -84.61 -17.18
N LEU MA 290 136.87 -85.86 -16.90
CA LEU MA 290 136.47 -86.27 -15.56
C LEU MA 290 137.65 -86.91 -14.84
N GLY MA 291 137.73 -86.67 -13.53
CA GLY MA 291 138.78 -87.29 -12.73
C GLY MA 291 138.61 -88.79 -12.57
N GLY MA 292 137.41 -89.21 -12.21
CA GLY MA 292 137.13 -90.62 -12.02
C GLY MA 292 136.94 -91.00 -10.56
N MET NA 1 106.45 60.15 47.40
CA MET NA 1 105.58 59.18 48.05
C MET NA 1 104.11 59.52 47.78
N ILE NA 2 103.62 59.12 46.60
CA ILE NA 2 102.25 59.40 46.20
C ILE NA 2 101.38 58.19 46.48
N ILE NA 3 100.11 58.45 46.77
CA ILE NA 3 99.15 57.40 47.08
C ILE NA 3 98.42 57.01 45.79
N ASP NA 4 98.28 55.69 45.57
CA ASP NA 4 97.58 55.22 44.39
C ASP NA 4 96.08 55.51 44.49
N LEU NA 5 95.48 55.85 43.37
CA LEU NA 5 94.07 56.26 43.33
C LEU NA 5 93.11 55.07 43.45
N SER NA 6 93.60 53.85 43.30
CA SER NA 6 92.77 52.65 43.34
C SER NA 6 92.48 52.17 44.76
N GLN NA 7 93.01 52.83 45.78
CA GLN NA 7 92.76 52.45 47.17
C GLN NA 7 91.85 53.45 47.90
N LEU NA 8 91.31 54.45 47.20
CA LEU NA 8 90.41 55.40 47.82
C LEU NA 8 89.01 54.80 48.00
N PRO NA 9 88.31 55.19 49.06
CA PRO NA 9 86.90 54.83 49.20
C PRO NA 9 86.02 55.61 48.22
N GLU NA 10 84.83 55.09 47.97
CA GLU NA 10 83.92 55.75 47.05
C GLU NA 10 83.34 57.01 47.68
N PRO NA 11 83.15 58.08 46.90
CA PRO NA 11 82.71 59.35 47.51
C PRO NA 11 81.22 59.45 47.75
N GLU NA 12 80.79 60.64 48.18
CA GLU NA 12 79.40 60.91 48.54
C GLU NA 12 78.55 61.35 47.36
N VAL NA 13 79.11 62.21 46.49
CA VAL NA 13 78.28 62.84 45.46
C VAL NA 13 77.97 61.91 44.29
N ILE NA 14 78.79 60.89 44.06
CA ILE NA 14 78.51 59.94 43.00
C ILE NA 14 77.40 59.00 43.49
N GLU NA 15 76.32 58.91 42.73
CA GLU NA 15 75.17 58.10 43.08
C GLU NA 15 74.92 57.09 41.98
N ASN NA 16 74.74 55.83 42.37
CA ASN NA 16 74.05 54.89 41.49
C ASN NA 16 72.62 55.36 41.28
N LEU NA 17 72.17 55.33 40.03
CA LEU NA 17 70.85 55.82 39.70
C LEU NA 17 69.93 54.65 39.39
N ASP NA 18 68.63 54.92 39.48
CA ASP NA 18 67.59 53.99 39.07
C ASP NA 18 66.47 54.76 38.39
N PHE NA 19 65.97 54.24 37.27
CA PHE NA 19 64.77 54.81 36.67
C PHE NA 19 63.54 54.51 37.51
N GLU NA 20 63.51 53.34 38.16
CA GLU NA 20 62.32 52.91 38.89
C GLU NA 20 62.14 53.72 40.17
N THR NA 21 63.21 53.96 40.92
CA THR NA 21 63.09 54.72 42.16
C THR NA 21 62.89 56.21 41.94
N ILE NA 22 62.95 56.69 40.70
CA ILE NA 22 62.42 58.00 40.36
C ILE NA 22 60.97 57.91 39.89
N TYR NA 23 60.66 56.91 39.06
CA TYR NA 23 59.32 56.79 38.48
C TYR NA 23 58.29 56.29 39.49
N GLN NA 24 58.67 55.41 40.41
CA GLN NA 24 57.74 54.99 41.45
C GLN NA 24 57.50 56.08 42.49
N GLU NA 25 58.40 57.05 42.62
CA GLU NA 25 58.12 58.22 43.42
C GLU NA 25 57.10 59.13 42.73
N LEU NA 26 57.24 59.30 41.41
CA LEU NA 26 56.30 60.13 40.66
C LEU NA 26 54.90 59.53 40.63
N LEU NA 27 54.78 58.21 40.75
CA LEU NA 27 53.48 57.62 41.04
C LEU NA 27 53.01 58.02 42.42
N GLY NA 28 53.87 57.87 43.42
CA GLY NA 28 53.55 58.20 44.80
C GLY NA 28 53.64 59.67 45.15
N ASP NA 29 53.83 60.54 44.17
CA ASP NA 29 53.64 61.98 44.34
C ASP NA 29 52.39 62.49 43.64
N PHE NA 30 51.90 61.77 42.62
CA PHE NA 30 50.71 62.17 41.88
C PHE NA 30 49.44 61.50 42.40
N ARG NA 31 49.55 60.27 42.89
CA ARG NA 31 48.36 59.54 43.35
C ARG NA 31 47.78 60.15 44.62
N GLU NA 32 48.64 60.56 45.56
CA GLU NA 32 48.16 61.26 46.75
C GLU NA 32 47.73 62.69 46.44
N ALA NA 33 48.26 63.29 45.37
CA ALA NA 33 47.90 64.66 45.03
C ALA NA 33 46.55 64.76 44.32
N MET NA 34 46.05 63.66 43.76
CA MET NA 34 44.74 63.66 43.13
C MET NA 34 43.61 63.37 44.08
N ALA NA 35 43.92 62.86 45.28
CA ALA NA 35 42.95 62.49 46.33
C ALA NA 35 41.93 61.47 45.82
N GLY NA 36 42.42 60.49 45.05
CA GLY NA 36 41.58 59.44 44.53
C GLY NA 36 40.79 59.80 43.29
N GLU NA 37 41.01 60.97 42.70
CA GLU NA 37 40.27 61.34 41.49
C GLU NA 37 40.89 60.71 40.24
N TRP NA 38 42.17 60.36 40.27
CA TRP NA 38 42.81 59.60 39.21
C TRP NA 38 43.20 58.23 39.76
N THR NA 39 42.73 57.17 39.10
CA THR NA 39 42.98 55.82 39.59
C THR NA 39 43.25 54.81 38.47
N ALA NA 40 43.64 55.27 37.28
CA ALA NA 40 43.89 54.38 36.14
C ALA NA 40 45.41 54.26 35.95
N GLU NA 41 46.01 53.27 36.61
CA GLU NA 41 47.43 53.00 36.47
C GLU NA 41 47.76 52.13 35.24
N VAL NA 42 46.83 52.00 34.28
CA VAL NA 42 47.14 51.37 33.01
C VAL NA 42 48.11 52.27 32.25
N GLU NA 43 49.06 51.65 31.53
CA GLU NA 43 50.11 52.41 30.85
C GLU NA 43 49.55 53.26 29.71
N SER NA 44 48.43 52.84 29.13
CA SER NA 44 47.78 53.60 28.06
C SER NA 44 47.13 54.90 28.54
N ASP NA 45 47.03 55.11 29.85
CA ASP NA 45 46.53 56.37 30.38
C ASP NA 45 47.58 57.45 30.10
N PRO NA 46 47.19 58.61 29.52
CA PRO NA 46 48.19 59.61 29.17
C PRO NA 46 48.78 60.41 30.33
N VAL NA 47 48.56 59.98 31.58
CA VAL NA 47 49.39 60.50 32.66
C VAL NA 47 50.69 59.71 32.76
N LEU NA 48 50.69 58.44 32.38
CA LEU NA 48 51.92 57.67 32.40
C LEU NA 48 52.78 57.89 31.16
N LYS NA 49 52.25 58.56 30.13
CA LYS NA 49 53.10 59.12 29.09
C LYS NA 49 53.96 60.24 29.65
N LEU NA 50 53.39 61.08 30.50
CA LEU NA 50 54.03 62.31 30.94
C LEU NA 50 54.91 62.11 32.18
N LEU NA 51 54.55 61.17 33.06
CA LEU NA 51 55.40 60.84 34.20
C LEU NA 51 56.63 60.02 33.79
N GLN NA 52 56.70 59.52 32.57
CA GLN NA 52 57.92 58.90 32.06
C GLN NA 52 58.81 59.88 31.28
N LEU NA 53 58.38 61.12 31.08
CA LEU NA 53 59.32 62.17 30.72
C LEU NA 53 59.91 62.83 31.97
N ALA NA 54 59.07 63.10 32.97
CA ALA NA 54 59.53 63.70 34.22
C ALA NA 54 60.39 62.75 35.05
N ALA NA 55 60.43 61.46 34.73
CA ALA NA 55 61.38 60.55 35.35
C ALA NA 55 62.58 60.24 34.48
N TYR NA 56 62.51 60.53 33.17
CA TYR NA 56 63.66 60.36 32.30
C TYR NA 56 64.46 61.64 32.09
N ARG NA 57 63.78 62.77 31.87
CA ARG NA 57 64.49 64.04 31.72
C ARG NA 57 65.08 64.53 33.02
N GLU NA 58 64.47 64.17 34.16
CA GLU NA 58 65.09 64.47 35.45
C GLU NA 58 66.33 63.60 35.65
N LEU NA 59 66.24 62.33 35.24
CA LEU NA 59 67.38 61.42 35.34
C LEU NA 59 68.53 61.84 34.42
N LEU NA 60 68.24 62.54 33.32
CA LEU NA 60 69.30 63.10 32.51
C LEU NA 60 69.97 64.29 33.20
N LEU NA 61 69.19 65.08 33.97
CA LEU NA 61 69.79 66.15 34.75
C LEU NA 61 70.57 65.61 35.95
N ARG NA 62 70.12 64.48 36.52
CA ARG NA 62 70.88 63.85 37.59
C ARG NA 62 72.18 63.26 37.07
N ALA NA 63 72.23 62.87 35.79
CA ALA NA 63 73.44 62.33 35.22
C ALA NA 63 74.40 63.41 34.75
N ARG NA 64 73.89 64.59 34.39
CA ARG NA 64 74.77 65.72 34.06
C ARG NA 64 75.51 66.20 35.29
N ILE NA 65 74.85 66.22 36.45
CA ILE NA 65 75.49 66.65 37.68
C ILE NA 65 76.54 65.64 38.12
N ASN NA 66 76.27 64.35 37.94
CA ASN NA 66 77.27 63.33 38.24
C ASN NA 66 78.42 63.34 37.25
N ASP NA 67 78.15 63.65 35.98
CA ASP NA 67 79.24 63.75 35.01
C ASP NA 67 80.08 65.01 35.23
N ALA NA 68 79.46 66.10 35.69
CA ALA NA 68 80.21 67.31 35.97
C ALA NA 68 80.98 67.24 37.29
N ALA NA 69 80.47 66.49 38.27
CA ALA NA 69 81.18 66.34 39.53
C ALA NA 69 82.37 65.39 39.39
N ARG NA 70 82.29 64.43 38.47
CA ARG NA 70 83.44 63.58 38.18
C ARG NA 70 84.49 64.32 37.36
N ALA NA 71 84.06 65.32 36.57
CA ALA NA 71 84.97 66.05 35.70
C ALA NA 71 85.84 67.07 36.43
N VAL NA 72 85.60 67.28 37.73
CA VAL NA 72 86.44 68.16 38.54
C VAL NA 72 87.17 67.39 39.63
N MET NA 73 87.14 66.07 39.57
CA MET NA 73 87.87 65.19 40.49
C MET NA 73 88.95 64.44 39.73
N LEU NA 74 90.13 64.35 40.35
CA LEU NA 74 91.30 63.79 39.68
C LEU NA 74 91.18 62.29 39.43
N ALA NA 75 90.47 61.57 40.30
CA ALA NA 75 90.33 60.13 40.16
C ALA NA 75 89.22 59.72 39.21
N TYR NA 76 88.50 60.68 38.61
CA TYR NA 76 87.39 60.33 37.72
C TYR NA 76 87.33 61.11 36.42
N ALA NA 77 88.06 62.22 36.27
CA ALA NA 77 87.94 63.03 35.07
C ALA NA 77 88.68 62.38 33.90
N SER NA 78 88.19 62.63 32.69
CA SER NA 78 88.78 62.09 31.48
C SER NA 78 88.43 63.00 30.32
N GLY NA 79 89.09 62.76 29.19
CA GLY NA 79 88.78 63.52 27.98
C GLY NA 79 89.35 64.92 28.04
N ALA NA 80 88.52 65.90 27.68
CA ALA NA 80 88.87 67.31 27.75
C ALA NA 80 88.63 67.92 29.13
N ASP NA 81 88.38 67.10 30.14
CA ASP NA 81 88.15 67.56 31.49
C ASP NA 81 89.39 67.50 32.37
N LEU NA 82 90.34 66.63 32.04
CA LEU NA 82 91.69 66.70 32.59
C LEU NA 82 92.53 67.78 31.93
N ASP NA 83 92.08 68.34 30.81
CA ASP NA 83 92.73 69.52 30.24
C ASP NA 83 92.58 70.73 31.14
N GLN NA 84 91.42 70.90 31.78
CA GLN NA 84 91.20 72.06 32.64
C GLN NA 84 91.88 71.91 33.99
N ILE NA 85 92.05 70.68 34.48
CA ILE NA 85 92.87 70.47 35.68
C ILE NA 85 94.35 70.59 35.34
N GLY NA 86 94.74 70.16 34.13
CA GLY NA 86 96.15 70.23 33.76
C GLY NA 86 96.62 71.63 33.46
N ALA NA 87 95.76 72.46 32.85
CA ALA NA 87 96.15 73.81 32.51
C ALA NA 87 96.27 74.71 33.74
N GLY NA 88 95.61 74.37 34.84
CA GLY NA 88 95.74 75.15 36.06
C GLY NA 88 97.05 74.91 36.77
N PHE NA 89 97.62 73.72 36.64
CA PHE NA 89 98.85 73.35 37.32
C PHE NA 89 100.05 73.33 36.39
N ASN NA 90 99.91 73.95 35.20
CA ASN NA 90 100.94 74.06 34.16
C ASN NA 90 101.46 72.69 33.72
N VAL NA 91 100.52 71.78 33.45
CA VAL NA 91 100.84 70.45 32.96
C VAL NA 91 100.14 70.27 31.61
N GLN NA 92 100.91 69.87 30.60
CA GLN NA 92 100.39 69.65 29.26
C GLN NA 92 100.59 68.20 28.82
N ARG NA 93 99.74 67.75 27.91
CA ARG NA 93 99.82 66.41 27.36
C ARG NA 93 100.92 66.37 26.30
N LEU NA 94 101.68 65.27 26.29
CA LEU NA 94 102.90 65.16 25.50
C LEU NA 94 102.57 65.04 24.01
N LEU NA 95 103.61 64.96 23.19
CA LEU NA 95 103.49 64.79 21.75
C LEU NA 95 104.43 63.67 21.32
N ILE NA 96 103.86 62.50 21.00
CA ILE NA 96 104.68 61.36 20.60
C ILE NA 96 105.08 61.49 19.13
N ARG NA 97 104.09 61.43 18.23
CA ARG NA 97 104.27 61.82 16.84
C ARG NA 97 103.57 63.14 16.56
N PRO NA 98 104.12 63.99 15.65
CA PRO NA 98 103.54 65.33 15.45
C PRO NA 98 102.21 65.30 14.72
N ALA NA 99 101.59 66.48 14.58
CA ALA NA 99 100.21 66.55 14.11
C ALA NA 99 100.12 66.50 12.59
N GLN NA 100 101.09 67.09 11.91
CA GLN NA 100 100.96 67.35 10.48
C GLN NA 100 101.55 66.19 9.67
N PRO NA 101 100.83 65.65 8.70
CA PRO NA 101 101.41 64.66 7.79
C PRO NA 101 102.09 65.28 6.58
N GLU NA 102 103.07 64.56 6.05
CA GLU NA 102 103.69 64.91 4.78
C GLU NA 102 103.09 64.18 3.60
N ALA NA 103 102.30 63.13 3.82
CA ALA NA 103 101.73 62.32 2.76
C ALA NA 103 100.25 62.66 2.58
N VAL NA 104 99.64 62.00 1.60
CA VAL NA 104 98.23 62.21 1.27
C VAL NA 104 97.31 61.55 2.32
N PRO NA 105 97.53 60.32 2.80
CA PRO NA 105 96.76 59.86 3.97
C PRO NA 105 97.18 60.62 5.22
N PRO NA 106 96.22 61.20 5.94
CA PRO NA 106 96.57 62.00 7.14
C PRO NA 106 97.02 61.11 8.28
N VAL NA 107 98.26 61.28 8.70
CA VAL NA 107 98.79 60.51 9.82
C VAL NA 107 98.20 61.06 11.12
N GLU NA 108 97.59 60.18 11.90
CA GLU NA 108 97.00 60.60 13.17
C GLU NA 108 98.10 60.89 14.18
N ALA NA 109 97.88 61.91 15.01
CA ALA NA 109 98.84 62.31 16.03
C ALA NA 109 98.59 61.49 17.29
N GLN NA 110 99.49 60.55 17.58
CA GLN NA 110 99.35 59.69 18.75
C GLN NA 110 99.50 60.51 20.03
N TYR NA 111 98.67 60.20 21.01
CA TYR NA 111 98.68 60.89 22.30
C TYR NA 111 98.67 59.87 23.42
N GLU NA 112 99.37 60.20 24.51
CA GLU NA 112 99.42 59.33 25.67
C GLU NA 112 98.02 59.20 26.29
N SER NA 113 97.67 57.95 26.65
CA SER NA 113 96.39 57.60 27.23
C SER NA 113 96.02 58.41 28.48
N ASP NA 114 94.73 58.52 28.76
CA ASP NA 114 94.24 59.31 29.88
C ASP NA 114 94.42 58.61 31.23
N LYS NA 115 94.83 57.34 31.23
CA LYS NA 115 95.25 56.66 32.45
C LYS NA 115 96.63 57.09 32.93
N SER NA 116 97.40 57.80 32.09
CA SER NA 116 98.70 58.32 32.47
C SER NA 116 98.69 59.81 32.76
N LEU NA 117 97.58 60.50 32.47
CA LEU NA 117 97.47 61.90 32.90
C LEU NA 117 97.28 61.99 34.41
N ARG NA 118 96.60 61.00 34.99
CA ARG NA 118 96.44 60.95 36.45
C ARG NA 118 97.76 60.66 37.16
N ASN NA 119 98.73 60.08 36.46
CA ASN NA 119 100.11 60.07 36.95
C ASN NA 119 100.71 61.47 36.97
N ARG NA 120 100.55 62.22 35.88
CA ARG NA 120 101.31 63.46 35.71
C ARG NA 120 100.74 64.62 36.52
N ILE NA 121 99.42 64.65 36.73
CA ILE NA 121 98.87 65.67 37.63
C ILE NA 121 99.28 65.36 39.07
N GLN NA 122 99.41 64.08 39.42
CA GLN NA 122 99.74 63.70 40.79
C GLN NA 122 101.23 63.84 41.07
N LEU NA 123 102.08 63.78 40.05
CA LEU NA 123 103.50 64.06 40.21
C LEU NA 123 103.84 65.52 39.98
N ALA NA 124 102.84 66.39 39.87
CA ALA NA 124 103.11 67.82 39.71
C ALA NA 124 103.37 68.52 41.03
N PHE NA 125 103.30 67.82 42.16
CA PHE NA 125 103.58 68.39 43.46
C PHE NA 125 104.97 68.01 43.96
N GLU NA 126 105.22 66.71 44.11
CA GLU NA 126 106.53 66.19 44.51
C GLU NA 126 107.45 66.21 43.30
N GLN NA 127 108.15 67.32 43.12
CA GLN NA 127 108.89 67.56 41.88
C GLN NA 127 110.02 68.54 42.20
N LEU NA 128 111.10 68.43 41.43
CA LEU NA 128 112.25 69.32 41.60
C LEU NA 128 111.86 70.73 41.20
N SER NA 129 111.85 71.64 42.18
CA SER NA 129 111.44 73.03 41.97
C SER NA 129 112.55 74.03 42.27
N VAL NA 130 113.19 73.94 43.43
CA VAL NA 130 114.18 74.91 43.87
C VAL NA 130 115.20 74.18 44.75
N ALA NA 131 116.46 74.60 44.66
CA ALA NA 131 117.54 73.96 45.40
C ALA NA 131 117.62 74.50 46.82
N GLY NA 132 116.65 74.07 47.63
CA GLY NA 132 116.61 74.43 49.04
C GLY NA 132 117.56 73.66 49.93
N PRO NA 133 117.31 72.35 50.13
CA PRO NA 133 118.14 71.57 51.05
C PRO NA 133 119.36 70.95 50.38
N ARG NA 134 120.11 70.14 51.14
CA ARG NA 134 121.31 69.50 50.64
C ARG NA 134 121.03 68.50 49.51
N ASN NA 135 119.83 67.92 49.48
CA ASN NA 135 119.48 66.94 48.47
C ASN NA 135 118.97 67.57 47.18
N ALA NA 136 118.79 68.89 47.15
CA ALA NA 136 118.26 69.57 45.98
C ALA NA 136 119.25 70.48 45.26
N TYR NA 137 120.35 70.87 45.92
CA TYR NA 137 121.43 71.54 45.20
C TYR NA 137 122.08 70.59 44.18
N ILE NA 138 122.14 69.31 44.49
CA ILE NA 138 122.82 68.35 43.63
C ILE NA 138 121.91 67.94 42.47
N ALA NA 139 120.61 67.82 42.73
CA ALA NA 139 119.67 67.46 41.68
C ALA NA 139 119.45 68.60 40.69
N HIS NA 140 119.65 69.85 41.11
CA HIS NA 140 119.71 70.94 40.16
C HIS NA 140 121.09 71.09 39.51
N ALA NA 141 122.08 70.30 39.95
CA ALA NA 141 123.38 70.22 39.33
C ALA NA 141 123.51 68.98 38.44
N LEU NA 142 122.42 68.56 37.79
CA LEU NA 142 122.41 67.42 36.89
C LEU NA 142 122.12 67.84 35.46
N GLY NA 143 122.75 68.93 35.01
CA GLY NA 143 122.58 69.38 33.63
C GLY NA 143 123.48 68.70 32.63
N ALA NA 144 124.75 68.52 32.99
CA ALA NA 144 125.70 67.77 32.16
C ALA NA 144 125.48 66.27 32.34
N ASP NA 145 126.35 65.46 31.73
CA ASP NA 145 126.15 64.02 31.69
C ASP NA 145 127.34 63.23 32.21
N GLY NA 146 128.56 63.66 31.93
CA GLY NA 146 129.73 62.88 32.31
C GLY NA 146 130.16 63.16 33.73
N ARG NA 147 129.39 62.65 34.70
CA ARG NA 147 129.49 63.11 36.08
C ARG NA 147 128.70 62.14 36.97
N VAL NA 148 129.26 61.86 38.15
CA VAL NA 148 128.60 61.03 39.15
C VAL NA 148 128.25 61.93 40.34
N ALA NA 149 127.60 61.37 41.36
CA ALA NA 149 126.85 62.12 42.37
C ALA NA 149 127.76 63.02 43.22
N ASP NA 150 127.11 63.88 44.00
CA ASP NA 150 127.75 65.04 44.60
C ASP NA 150 127.02 65.36 45.89
N ALA NA 151 127.65 66.18 46.74
CA ALA NA 151 127.04 66.60 48.00
C ALA NA 151 127.42 68.05 48.28
N SER NA 152 126.58 68.73 49.05
CA SER NA 152 126.74 70.15 49.33
C SER NA 152 126.97 70.40 50.82
N ALA NA 153 127.62 71.53 51.11
CA ALA NA 153 127.85 71.99 52.46
C ALA NA 153 127.78 73.52 52.47
N THR NA 154 127.77 74.09 53.66
CA THR NA 154 127.81 75.54 53.81
C THR NA 154 128.61 75.89 55.07
N SER NA 155 129.80 76.45 54.85
CA SER NA 155 130.69 76.73 55.97
C SER NA 155 130.26 77.98 56.76
N PRO NA 156 129.78 79.10 56.14
CA PRO NA 156 129.04 80.07 56.95
C PRO NA 156 127.53 79.85 56.87
N ALA NA 157 126.82 80.33 57.88
CA ALA NA 157 125.36 80.42 57.79
C ALA NA 157 124.83 81.50 56.84
N PRO NA 158 125.11 82.80 57.04
CA PRO NA 158 124.20 83.81 56.46
C PRO NA 158 124.32 84.02 54.96
N CYS NA 159 125.49 83.83 54.34
CA CYS NA 159 125.65 84.24 52.96
C CYS NA 159 125.98 83.09 52.01
N GLU NA 160 127.04 82.33 52.27
CA GLU NA 160 127.69 81.54 51.23
C GLU NA 160 127.30 80.09 51.35
N VAL NA 161 126.96 79.48 50.21
CA VAL NA 161 126.76 78.05 50.09
C VAL NA 161 127.81 77.52 49.11
N LEU NA 162 128.36 76.35 49.40
CA LEU NA 162 129.47 75.79 48.63
C LEU NA 162 129.01 74.51 47.94
N ILE NA 163 129.24 74.45 46.62
CA ILE NA 163 128.89 73.28 45.81
C ILE NA 163 130.15 72.86 45.07
N SER NA 164 130.59 71.62 45.31
CA SER NA 164 131.86 71.11 44.82
C SER NA 164 131.61 70.04 43.76
N VAL NA 165 131.56 70.46 42.49
CA VAL NA 165 131.24 69.55 41.40
C VAL NA 165 132.48 68.71 41.08
N LEU NA 166 132.32 67.39 41.10
CA LEU NA 166 133.34 66.47 40.62
C LEU NA 166 132.77 65.62 39.48
N GLY NA 167 133.54 65.52 38.40
CA GLY NA 167 133.14 64.75 37.23
C GLY NA 167 134.19 63.72 36.86
N VAL NA 168 133.79 62.45 36.77
CA VAL NA 168 134.73 61.35 36.56
C VAL NA 168 134.90 61.20 35.05
N GLU NA 169 135.82 61.99 34.48
CA GLU NA 169 136.27 61.76 33.11
C GLU NA 169 137.63 61.07 33.07
N GLY NA 170 138.64 61.70 33.66
CA GLY NA 170 139.94 61.09 33.84
C GLY NA 170 140.28 60.89 35.31
N ASN NA 171 141.09 61.80 35.85
CA ASN NA 171 141.48 61.78 37.25
C ASN NA 171 140.40 62.33 38.18
N GLY NA 172 139.27 62.79 37.64
CA GLY NA 172 138.20 63.34 38.44
C GLY NA 172 138.24 64.84 38.64
N GLN NA 173 138.98 65.56 37.79
CA GLN NA 173 138.94 67.01 37.82
C GLN NA 173 137.76 67.53 37.00
N ALA NA 174 137.23 68.67 37.42
CA ALA NA 174 136.19 69.34 36.65
C ALA NA 174 136.83 70.18 35.54
N PRO NA 175 136.44 70.00 34.29
CA PRO NA 175 136.94 70.87 33.23
C PRO NA 175 136.37 72.28 33.31
N GLU NA 176 137.06 73.21 32.65
CA GLU NA 176 136.64 74.60 32.64
C GLU NA 176 135.45 74.85 31.70
N ALA NA 177 135.17 73.93 30.79
CA ALA NA 177 134.03 74.11 29.88
C ALA NA 177 132.71 73.91 30.62
N VAL NA 178 132.67 72.97 31.56
CA VAL NA 178 131.45 72.68 32.31
C VAL NA 178 131.31 73.54 33.57
N LEU NA 179 132.23 74.45 33.82
CA LEU NA 179 132.06 75.38 34.94
C LEU NA 179 130.96 76.39 34.67
N GLN NA 180 130.91 76.93 33.46
CA GLN NA 180 129.83 77.83 33.08
C GLN NA 180 128.54 77.10 32.75
N ALA NA 181 128.62 75.81 32.41
CA ALA NA 181 127.42 75.04 32.11
C ALA NA 181 126.59 74.76 33.35
N VAL NA 182 127.24 74.76 34.53
CA VAL NA 182 126.52 74.67 35.79
C VAL NA 182 125.87 76.00 36.14
N ARG NA 183 126.58 77.11 35.90
CA ARG NA 183 126.10 78.43 36.32
C ARG NA 183 124.90 78.91 35.52
N LEU NA 184 124.68 78.38 34.31
CA LEU NA 184 123.49 78.74 33.55
C LEU NA 184 122.22 78.24 34.21
N ALA NA 185 122.23 77.01 34.71
CA ALA NA 185 121.04 76.46 35.38
C ALA NA 185 120.82 77.09 36.75
N LEU NA 186 121.89 77.30 37.52
CA LEU NA 186 121.78 77.72 38.92
C LEU NA 186 121.15 79.09 39.14
N ASN NA 187 121.37 80.06 38.24
CA ASN NA 187 120.90 81.43 38.47
C ASN NA 187 119.37 81.51 38.58
N ALA NA 188 118.66 80.77 37.74
CA ALA NA 188 117.20 80.78 37.76
C ALA NA 188 116.58 79.66 38.60
N GLU NA 189 117.37 78.71 39.08
CA GLU NA 189 116.85 77.59 39.85
C GLU NA 189 117.24 77.62 41.33
N ASP NA 190 117.77 78.73 41.83
CA ASP NA 190 118.21 78.82 43.22
C ASP NA 190 117.65 80.08 43.85
N VAL NA 191 117.84 80.16 45.18
CA VAL NA 191 117.46 81.35 45.95
C VAL NA 191 118.27 82.53 45.43
N ARG NA 192 117.58 83.65 45.17
CA ARG NA 192 118.19 84.81 44.51
C ARG NA 192 119.44 85.38 45.20
N PRO NA 193 119.48 85.70 46.58
CA PRO NA 193 120.68 86.28 47.16
C PRO NA 193 121.67 85.27 47.74
N VAL NA 194 122.06 84.28 46.94
CA VAL NA 194 123.09 83.33 47.37
C VAL NA 194 124.43 83.78 46.81
N ALA NA 195 125.49 83.55 47.59
CA ALA NA 195 126.85 83.68 47.07
C ALA NA 195 127.38 82.30 46.70
N ASP NA 196 126.83 81.78 45.59
CA ASP NA 196 127.17 80.45 45.08
C ASP NA 196 128.55 80.50 44.41
N ARG NA 197 129.59 80.40 45.23
CA ARG NA 197 130.95 80.37 44.72
C ARG NA 197 131.18 78.99 44.12
N VAL NA 198 130.80 78.84 42.85
CA VAL NA 198 130.96 77.56 42.14
C VAL NA 198 132.29 77.65 41.38
N THR NA 199 133.28 77.08 42.06
CA THR NA 199 134.65 76.91 41.59
C THR NA 199 134.82 75.39 41.39
N VAL NA 200 135.76 74.96 40.56
CA VAL NA 200 135.86 73.54 40.29
C VAL NA 200 136.13 72.58 41.46
N ARG NA 201 137.10 72.88 42.32
CA ARG NA 201 137.36 71.99 43.48
C ARG NA 201 138.06 72.61 44.69
N SER NA 202 137.63 72.23 45.88
CA SER NA 202 138.30 72.66 47.11
C SER NA 202 139.66 71.98 47.06
N ALA NA 203 139.60 70.72 46.63
CA ALA NA 203 140.74 69.83 46.44
C ALA NA 203 140.31 68.70 45.52
N GLY NA 204 141.09 68.47 44.47
CA GLY NA 204 140.74 67.50 43.45
C GLY NA 204 141.45 66.17 43.56
N ILE NA 205 142.49 65.99 42.74
CA ILE NA 205 143.25 64.75 42.72
C ILE NA 205 144.05 64.58 44.01
N VAL NA 206 143.56 63.71 44.89
CA VAL NA 206 144.27 63.33 46.11
C VAL NA 206 144.64 61.86 45.95
N PRO NA 207 145.82 61.55 45.40
CA PRO NA 207 146.08 60.20 44.86
C PRO NA 207 146.21 59.16 45.96
N TYR NA 208 145.31 58.18 45.93
CA TYR NA 208 145.24 57.12 46.94
C TYR NA 208 145.63 55.81 46.28
N GLN NA 209 146.93 55.49 46.33
CA GLN NA 209 147.35 54.17 45.94
C GLN NA 209 146.92 53.14 46.98
N VAL NA 210 146.82 51.89 46.55
CA VAL NA 210 146.64 50.75 47.44
C VAL NA 210 147.60 49.65 47.00
N LYS NA 211 148.15 48.93 47.97
CA LYS NA 211 148.87 47.68 47.73
C LYS NA 211 148.49 46.67 48.79
N ALA NA 212 148.41 45.40 48.40
CA ALA NA 212 148.01 44.33 49.31
C ALA NA 212 148.89 43.11 49.05
N GLN NA 213 149.62 42.68 50.07
CA GLN NA 213 150.43 41.47 50.01
C GLN NA 213 149.54 40.32 50.49
N LEU NA 214 148.86 39.67 49.54
CA LEU NA 214 147.91 38.63 49.86
C LEU NA 214 148.62 37.32 50.21
N TYR NA 215 148.23 36.73 51.32
CA TYR NA 215 148.75 35.43 51.76
C TYR NA 215 147.61 34.41 51.70
N LEU NA 216 147.80 33.37 50.89
CA LEU NA 216 146.75 32.40 50.61
C LEU NA 216 147.28 30.99 50.87
N PHE NA 217 146.36 30.02 50.83
CA PHE NA 217 146.76 28.62 50.76
C PHE NA 217 147.01 28.21 49.31
N PRO NA 218 148.09 27.46 49.03
CA PRO NA 218 148.46 27.18 47.64
C PRO NA 218 147.62 26.12 46.92
N GLY NA 219 146.45 25.77 47.44
CA GLY NA 219 145.64 24.74 46.85
C GLY NA 219 144.93 25.13 45.56
N PRO NA 220 143.83 24.44 45.24
CA PRO NA 220 143.20 24.60 43.92
C PRO NA 220 142.39 25.87 43.79
N GLU NA 221 141.74 26.29 44.88
CA GLU NA 221 140.84 27.44 44.87
C GLU NA 221 141.56 28.78 44.89
N ALA NA 222 142.89 28.79 44.97
CA ALA NA 222 143.65 30.03 45.13
C ALA NA 222 143.62 30.91 43.88
N GLU NA 223 143.25 30.38 42.72
CA GLU NA 223 143.04 31.22 41.56
C GLU NA 223 141.63 31.81 41.51
N LEU NA 224 140.62 31.06 41.96
CA LEU NA 224 139.25 31.53 41.89
C LEU NA 224 138.88 32.51 42.99
N ILE NA 225 139.41 32.33 44.20
CA ILE NA 225 139.04 33.18 45.33
C ILE NA 225 139.89 34.45 45.39
N ARG NA 226 141.04 34.46 44.72
CA ARG NA 226 141.86 35.68 44.68
C ARG NA 226 141.25 36.72 43.75
N ALA NA 227 140.72 36.29 42.61
CA ALA NA 227 140.08 37.22 41.69
C ALA NA 227 138.70 37.66 42.19
N ALA NA 228 138.07 36.89 43.08
CA ALA NA 228 136.79 37.30 43.66
C ALA NA 228 136.98 38.45 44.64
N ALA NA 229 138.08 38.43 45.40
CA ALA NA 229 138.40 39.55 46.28
C ALA NA 229 138.78 40.80 45.50
N GLU NA 230 139.41 40.63 44.33
CA GLU NA 230 139.73 41.79 43.50
C GLU NA 230 138.49 42.40 42.89
N ALA NA 231 137.46 41.59 42.61
CA ALA NA 231 136.20 42.12 42.13
C ALA NA 231 135.46 42.87 43.22
N SER NA 232 135.61 42.43 44.48
CA SER NA 232 135.05 43.16 45.61
C SER NA 232 135.79 44.47 45.86
N LEU NA 233 137.03 44.60 45.37
CA LEU NA 233 137.75 45.85 45.47
C LEU NA 233 137.31 46.85 44.40
N ARG NA 234 136.92 46.36 43.22
CA ARG NA 234 136.54 47.24 42.12
C ARG NA 234 135.25 47.99 42.40
N ASP NA 235 134.19 47.27 42.80
CA ASP NA 235 132.93 47.95 43.08
C ASP NA 235 132.97 48.74 44.39
N TYR NA 236 133.96 48.51 45.24
CA TYR NA 236 134.16 49.35 46.41
C TYR NA 236 134.69 50.72 45.99
N ILE NA 237 135.74 50.74 45.16
CA ILE NA 237 136.33 51.99 44.67
C ILE NA 237 135.32 52.76 43.83
N SER NA 238 134.50 52.04 43.05
CA SER NA 238 133.42 52.68 42.30
C SER NA 238 132.33 53.24 43.22
N ALA NA 239 132.21 52.73 44.44
CA ALA NA 239 131.34 53.31 45.46
C ALA NA 239 132.03 54.38 46.30
N GLN NA 240 133.33 54.58 46.15
CA GLN NA 240 134.04 55.63 46.87
C GLN NA 240 134.24 56.89 46.05
N ARG NA 241 133.68 56.96 44.84
CA ARG NA 241 133.61 58.22 44.09
C ARG NA 241 132.50 59.07 44.70
N ARG NA 242 132.82 59.70 45.82
CA ARG NA 242 131.83 60.26 46.72
C ARG NA 242 132.53 61.36 47.53
N LEU NA 243 131.73 62.13 48.27
CA LEU NA 243 132.27 63.05 49.24
C LEU NA 243 132.21 62.52 50.67
N GLY NA 244 131.50 61.42 50.90
CA GLY NA 244 131.65 60.70 52.15
C GLY NA 244 132.99 60.00 52.24
N ARG NA 245 133.45 59.43 51.12
CA ARG NA 245 134.84 59.09 50.73
C ARG NA 245 135.74 58.52 51.84
N ASP NA 246 135.16 57.72 52.73
CA ASP NA 246 135.88 57.24 53.93
C ASP NA 246 136.86 56.13 53.55
N ILE NA 247 137.96 56.55 52.93
CA ILE NA 247 139.10 55.67 52.70
C ILE NA 247 139.76 55.34 54.04
N ARG NA 248 139.90 54.05 54.33
CA ARG NA 248 140.40 53.65 55.64
C ARG NA 248 141.50 52.59 55.58
N ARG NA 249 141.85 52.04 56.73
CA ARG NA 249 142.74 50.90 56.87
C ARG NA 249 142.00 49.65 57.35
N SER NA 250 141.28 49.76 58.46
CA SER NA 250 140.58 48.61 59.03
C SER NA 250 139.30 48.25 58.28
N ALA NA 251 138.72 49.19 57.53
CA ALA NA 251 137.56 48.87 56.70
C ALA NA 251 137.95 48.03 55.49
N LEU NA 252 139.19 48.13 55.02
CA LEU NA 252 139.67 47.27 53.95
C LEU NA 252 140.10 45.89 54.46
N PHE NA 253 140.28 45.74 55.78
CA PHE NA 253 140.59 44.44 56.36
C PHE NA 253 139.40 43.51 56.27
N ALA NA 254 138.19 44.03 56.56
CA ALA NA 254 136.97 43.23 56.52
C ALA NA 254 136.64 42.74 55.12
N THR NA 255 136.84 43.60 54.11
CA THR NA 255 136.57 43.23 52.73
C THR NA 255 137.50 42.11 52.26
N LEU NA 256 138.78 42.22 52.60
CA LEU NA 256 139.76 41.19 52.22
C LEU NA 256 139.53 39.88 52.97
N HIS NA 257 139.14 39.94 54.24
CA HIS NA 257 139.00 38.78 55.10
C HIS NA 257 137.58 38.22 55.09
N VAL NA 258 136.93 38.16 53.93
CA VAL NA 258 135.56 37.67 53.86
C VAL NA 258 135.48 36.16 54.12
N GLU NA 259 136.01 35.33 53.22
CA GLU NA 259 135.93 33.89 53.42
C GLU NA 259 137.27 33.21 53.69
N GLY NA 260 138.27 33.35 52.84
CA GLY NA 260 139.45 32.51 52.99
C GLY NA 260 140.85 33.04 53.19
N VAL NA 261 141.10 34.35 53.16
CA VAL NA 261 142.46 34.83 53.28
C VAL NA 261 142.96 34.64 54.71
N GLN NA 262 144.26 34.32 54.85
CA GLN NA 262 144.86 34.16 56.17
C GLN NA 262 145.22 35.50 56.80
N ARG NA 263 145.85 36.38 56.02
CA ARG NA 263 146.23 37.72 56.44
C ARG NA 263 146.66 38.49 55.21
N VAL NA 264 146.93 39.79 55.41
CA VAL NA 264 147.31 40.68 54.33
C VAL NA 264 148.24 41.75 54.92
N GLU NA 265 149.09 42.32 54.07
CA GLU NA 265 150.07 43.32 54.48
C GLU NA 265 149.85 44.54 53.59
N LEU NA 266 149.18 45.54 54.15
CA LEU NA 266 148.79 46.75 53.43
C LEU NA 266 149.88 47.80 53.57
N GLN NA 267 150.42 48.25 52.42
CA GLN NA 267 151.53 49.19 52.42
C GLN NA 267 151.06 50.64 52.35
N GLU NA 268 150.27 50.98 51.33
CA GLU NA 268 149.92 52.38 51.06
C GLU NA 268 148.88 52.97 52.02
N PRO NA 269 147.81 52.25 52.47
CA PRO NA 269 147.08 52.76 53.63
C PRO NA 269 147.79 52.47 54.94
N ALA NA 270 148.44 53.48 55.52
CA ALA NA 270 149.06 53.36 56.83
C ALA NA 270 148.33 54.10 57.94
N ALA NA 271 147.62 55.17 57.63
CA ALA NA 271 146.83 55.91 58.59
C ALA NA 271 145.43 56.17 58.05
N ASP NA 272 144.52 56.52 58.96
CA ASP NA 272 143.17 56.87 58.55
C ASP NA 272 143.15 58.22 57.85
N VAL NA 273 142.26 58.36 56.87
CA VAL NA 273 142.11 59.61 56.14
C VAL NA 273 141.23 60.56 56.93
N VAL NA 274 141.73 61.78 57.18
CA VAL NA 274 140.93 62.82 57.79
C VAL NA 274 139.84 63.27 56.81
N LEU NA 275 138.64 63.52 57.33
CA LEU NA 275 137.45 63.67 56.49
C LEU NA 275 136.90 65.08 56.62
N ASP NA 276 136.80 65.77 55.49
CA ASP NA 276 135.97 66.97 55.33
C ASP NA 276 135.19 66.83 54.03
N GLU NA 277 134.16 67.67 53.90
CA GLU NA 277 133.34 67.68 52.68
C GLU NA 277 134.12 68.25 51.50
N THR NA 278 135.09 69.14 51.76
CA THR NA 278 135.66 69.96 50.70
C THR NA 278 136.58 69.15 49.79
N GLN NA 279 137.35 68.22 50.35
CA GLN NA 279 138.31 67.48 49.54
C GLN NA 279 137.62 66.37 48.76
N ALA NA 280 138.34 65.78 47.81
CA ALA NA 280 137.85 64.65 47.05
C ALA NA 280 138.83 63.49 47.12
N ALA NA 281 138.57 62.41 46.38
CA ALA NA 281 139.43 61.24 46.38
C ALA NA 281 139.49 60.65 44.99
N TYR NA 282 140.50 59.82 44.76
CA TYR NA 282 140.69 59.11 43.50
C TYR NA 282 141.64 57.95 43.73
N CYS NA 283 141.47 56.89 42.95
CA CYS NA 283 142.34 55.72 43.00
C CYS NA 283 142.93 55.49 41.61
N THR NA 284 144.26 55.62 41.51
CA THR NA 284 144.92 55.52 40.22
C THR NA 284 145.20 54.07 39.81
N GLY NA 285 145.28 53.15 40.77
CA GLY NA 285 145.59 51.77 40.46
C GLY NA 285 146.17 51.09 41.68
N TYR NA 286 146.72 49.89 41.43
CA TYR NA 286 147.28 49.07 42.49
C TYR NA 286 148.36 48.18 41.93
N ALA NA 287 149.09 47.51 42.82
CA ALA NA 287 150.10 46.52 42.46
C ALA NA 287 149.87 45.29 43.34
N ILE NA 288 149.01 44.40 42.88
CA ILE NA 288 148.68 43.18 43.61
C ILE NA 288 149.76 42.14 43.38
N THR NA 289 150.00 41.29 44.38
CA THR NA 289 151.10 40.34 44.36
C THR NA 289 150.74 39.17 45.27
N LEU NA 290 151.42 38.05 45.03
CA LEU NA 290 151.22 36.82 45.80
C LEU NA 290 152.25 36.74 46.91
N GLY NA 291 151.83 36.21 48.07
CA GLY NA 291 152.77 36.02 49.17
C GLY NA 291 153.78 34.94 48.92
N GLY NA 292 153.33 33.78 48.45
CA GLY NA 292 154.22 32.67 48.17
C GLY NA 292 154.08 31.54 49.17
N MET OA 1 6.22 72.39 109.19
CA MET OA 1 6.32 70.95 109.02
C MET OA 1 5.25 70.44 108.06
N ILE OA 2 5.52 70.55 106.77
CA ILE OA 2 4.57 70.14 105.73
C ILE OA 2 4.94 68.75 105.23
N ILE OA 3 3.93 68.00 104.82
CA ILE OA 3 4.10 66.64 104.32
C ILE OA 3 4.25 66.68 102.81
N ASP OA 4 5.23 65.94 102.29
CA ASP OA 4 5.44 65.89 100.85
C ASP OA 4 4.30 65.13 100.18
N LEU OA 5 3.92 65.60 98.99
CA LEU OA 5 2.79 65.03 98.26
C LEU OA 5 3.11 63.71 97.59
N SER OA 6 4.38 63.34 97.50
CA SER OA 6 4.81 62.11 96.84
C SER OA 6 4.70 60.88 97.74
N GLN OA 7 4.29 61.03 98.99
CA GLN OA 7 4.13 59.89 99.89
C GLN OA 7 2.66 59.55 100.18
N LEU OA 8 1.72 60.22 99.52
CA LEU OA 8 0.31 59.93 99.69
C LEU OA 8 -0.09 58.64 98.96
N PRO OA 9 -1.05 57.90 99.51
CA PRO OA 9 -1.62 56.78 98.76
C PRO OA 9 -2.54 57.26 97.65
N GLU OA 10 -2.78 56.39 96.68
CA GLU OA 10 -3.63 56.75 95.56
C GLU OA 10 -5.10 56.81 96.00
N PRO OA 11 -5.88 57.77 95.48
CA PRO OA 11 -7.25 57.95 95.98
C PRO OA 11 -8.27 57.01 95.37
N GLU OA 12 -9.54 57.23 95.71
CA GLU OA 12 -10.65 56.38 95.30
C GLU OA 12 -11.23 56.80 93.95
N VAL OA 13 -11.38 58.11 93.72
CA VAL OA 13 -12.15 58.56 92.56
C VAL OA 13 -11.36 58.47 91.26
N ILE OA 14 -10.02 58.47 91.32
CA ILE OA 14 -9.23 58.31 90.11
C ILE OA 14 -9.26 56.84 89.72
N GLU OA 15 -9.68 56.57 88.49
CA GLU OA 15 -9.79 55.21 87.97
C GLU OA 15 -8.92 55.06 86.74
N ASN OA 16 -8.13 53.99 86.71
CA ASN OA 16 -7.62 53.50 85.44
C ASN OA 16 -8.80 53.06 84.56
N LEU OA 17 -8.77 53.46 83.30
CA LEU OA 17 -9.87 53.16 82.39
C LEU OA 17 -9.44 52.10 81.39
N ASP OA 18 -10.44 51.45 80.81
CA ASP OA 18 -10.24 50.51 79.71
C ASP OA 18 -11.36 50.68 78.71
N PHE OA 19 -11.00 50.69 77.42
CA PHE OA 19 -12.03 50.66 76.39
C PHE OA 19 -12.70 49.29 76.31
N GLU OA 20 -11.95 48.23 76.60
CA GLU OA 20 -12.48 46.88 76.45
C GLU OA 20 -13.51 46.55 77.54
N THR OA 21 -13.21 46.92 78.79
CA THR OA 21 -14.14 46.61 79.88
C THR OA 21 -15.37 47.51 79.88
N ILE OA 22 -15.44 48.51 79.01
CA ILE OA 22 -16.70 49.17 78.70
C ILE OA 22 -17.38 48.53 77.50
N TYR OA 23 -16.61 48.20 76.46
CA TYR OA 23 -17.18 47.67 75.23
C TYR OA 23 -17.63 46.21 75.37
N GLN OA 24 -16.92 45.41 76.16
CA GLN OA 24 -17.37 44.03 76.40
C GLN OA 24 -18.58 43.97 77.32
N GLU OA 25 -18.81 45.02 78.11
CA GLU OA 25 -20.08 45.11 78.84
C GLU OA 25 -21.22 45.44 77.90
N LEU OA 26 -20.99 46.34 76.94
CA LEU OA 26 -22.03 46.71 75.97
C LEU OA 26 -22.40 45.55 75.06
N LEU OA 27 -21.46 44.61 74.83
CA LEU OA 27 -21.84 43.35 74.22
C LEU OA 27 -22.73 42.55 75.16
N GLY OA 28 -22.32 42.41 76.42
CA GLY OA 28 -23.06 41.68 77.42
C GLY OA 28 -24.23 42.41 78.05
N ASP OA 29 -24.58 43.59 77.54
CA ASP OA 29 -25.84 44.24 77.85
C ASP OA 29 -26.83 44.20 76.70
N PHE OA 30 -26.34 44.04 75.46
CA PHE OA 30 -27.20 43.98 74.28
C PHE OA 30 -27.54 42.56 73.86
N ARG OA 31 -26.63 41.60 74.08
CA ARG OA 31 -26.86 40.23 73.65
C ARG OA 31 -27.96 39.56 74.48
N GLU OA 32 -27.96 39.79 75.79
CA GLU OA 32 -29.05 39.29 76.63
C GLU OA 32 -30.34 40.06 76.42
N ALA OA 33 -30.27 41.32 75.97
CA ALA OA 33 -31.48 42.11 75.76
C ALA OA 33 -32.19 41.77 74.47
N MET OA 34 -31.51 41.13 73.52
CA MET OA 34 -32.16 40.71 72.27
C MET OA 34 -32.82 39.34 72.37
N ALA OA 35 -32.48 38.56 73.42
CA ALA OA 35 -32.99 37.20 73.65
C ALA OA 35 -32.70 36.28 72.48
N GLY OA 36 -31.49 36.39 71.93
CA GLY OA 36 -31.06 35.56 70.83
C GLY OA 36 -31.54 35.98 69.46
N GLU OA 37 -32.19 37.14 69.34
CA GLU OA 37 -32.64 37.60 68.03
C GLU OA 37 -31.54 38.26 67.23
N TRP OA 38 -30.51 38.78 67.90
CA TRP OA 38 -29.30 39.28 67.23
C TRP OA 38 -28.14 38.39 67.62
N THR OA 39 -27.45 37.84 66.62
CA THR OA 39 -26.35 36.91 66.89
C THR OA 39 -25.18 37.08 65.93
N ALA OA 40 -25.04 38.23 65.28
CA ALA OA 40 -23.96 38.47 64.32
C ALA OA 40 -22.93 39.39 64.98
N GLU OA 41 -21.95 38.79 65.66
CA GLU OA 41 -20.85 39.54 66.27
C GLU OA 41 -19.73 39.88 65.29
N VAL OA 42 -19.97 39.78 63.98
CA VAL OA 42 -19.02 40.28 62.99
C VAL OA 42 -18.98 41.80 63.08
N GLU OA 43 -17.79 42.38 62.91
CA GLU OA 43 -17.60 43.82 63.09
C GLU OA 43 -18.35 44.63 62.02
N SER OA 44 -18.57 44.03 60.84
CA SER OA 44 -19.31 44.70 59.78
C SER OA 44 -20.80 44.83 60.07
N ASP OA 45 -21.31 44.18 61.11
CA ASP OA 45 -22.70 44.36 61.50
C ASP OA 45 -22.86 45.76 62.07
N PRO OA 46 -23.86 46.54 61.62
CA PRO OA 46 -23.97 47.93 62.09
C PRO OA 46 -24.49 48.11 63.52
N VAL OA 47 -24.55 47.05 64.31
CA VAL OA 47 -24.70 47.25 65.75
C VAL OA 47 -23.34 47.50 66.40
N LEU OA 48 -22.27 46.94 65.84
CA LEU OA 48 -20.94 47.18 66.38
C LEU OA 48 -20.35 48.49 65.89
N LYS OA 49 -20.95 49.14 64.90
CA LYS OA 49 -20.66 50.55 64.64
C LYS OA 49 -21.13 51.42 65.80
N LEU OA 50 -22.31 51.12 66.34
CA LEU OA 50 -22.98 51.99 67.30
C LEU OA 50 -22.58 51.71 68.74
N LEU OA 51 -22.25 50.45 69.07
CA LEU OA 51 -21.72 50.14 70.38
C LEU OA 51 -20.28 50.58 70.58
N GLN OA 52 -19.59 50.99 69.53
CA GLN OA 52 -18.28 51.63 69.67
C GLN OA 52 -18.34 53.15 69.73
N LEU OA 53 -19.52 53.75 69.58
CA LEU OA 53 -19.69 55.13 70.01
C LEU OA 53 -20.12 55.18 71.48
N ALA OA 54 -21.04 54.31 71.88
CA ALA OA 54 -21.50 54.25 73.26
C ALA OA 54 -20.45 53.74 74.23
N ALA OA 55 -19.35 53.17 73.73
CA ALA OA 55 -18.21 52.84 74.58
C ALA OA 55 -17.07 53.83 74.48
N TYR OA 56 -17.05 54.67 73.44
CA TYR OA 56 -16.04 55.73 73.33
C TYR OA 56 -16.53 57.07 73.85
N ARG OA 57 -17.76 57.47 73.53
CA ARG OA 57 -18.29 58.72 74.05
C ARG OA 57 -18.62 58.65 75.53
N GLU OA 58 -18.93 57.46 76.04
CA GLU OA 58 -19.07 57.30 77.48
C GLU OA 58 -17.72 57.39 78.16
N LEU OA 59 -16.69 56.81 77.54
CA LEU OA 59 -15.32 56.88 78.05
C LEU OA 59 -14.78 58.30 78.04
N LEU OA 60 -15.24 59.14 77.12
CA LEU OA 60 -14.88 60.55 77.17
C LEU OA 60 -15.57 61.28 78.32
N LEU OA 61 -16.79 60.87 78.68
CA LEU OA 61 -17.44 61.44 79.86
C LEU OA 61 -16.83 60.90 81.14
N ARG OA 62 -16.34 59.67 81.13
CA ARG OA 62 -15.62 59.14 82.29
C ARG OA 62 -14.27 59.84 82.48
N ALA OA 63 -13.68 60.33 81.39
CA ALA OA 63 -12.41 61.03 81.49
C ALA OA 63 -12.58 62.50 81.86
N ARG OA 64 -13.73 63.10 81.52
CA ARG OA 64 -14.00 64.47 81.95
C ARG OA 64 -14.21 64.53 83.46
N ILE OA 65 -14.86 63.51 84.03
CA ILE OA 65 -15.08 63.47 85.48
C ILE OA 65 -13.77 63.24 86.22
N ASN OA 66 -12.88 62.40 85.66
CA ASN OA 66 -11.57 62.21 86.26
C ASN OA 66 -10.68 63.43 86.09
N ASP OA 67 -10.81 64.16 84.97
CA ASP OA 67 -10.05 65.39 84.81
C ASP OA 67 -10.56 66.51 85.71
N ALA OA 68 -11.87 66.55 85.95
CA ALA OA 68 -12.43 67.57 86.83
C ALA OA 68 -12.20 67.25 88.31
N ALA OA 69 -12.13 65.96 88.66
CA ALA OA 69 -11.86 65.60 90.06
C ALA OA 69 -10.40 65.81 90.42
N ARG OA 70 -9.50 65.69 89.44
CA ARG OA 70 -8.09 66.01 89.66
C ARG OA 70 -7.88 67.52 89.72
N ALA OA 71 -8.73 68.30 89.06
CA ALA OA 71 -8.57 69.74 88.99
C ALA OA 71 -9.00 70.46 90.28
N VAL OA 72 -9.58 69.74 91.23
CA VAL OA 72 -9.95 70.31 92.52
C VAL OA 72 -9.15 69.69 93.65
N MET OA 73 -8.13 68.90 93.33
CA MET OA 73 -7.22 68.32 94.30
C MET OA 73 -5.83 68.91 94.14
N LEU OA 74 -5.18 69.19 95.27
CA LEU OA 74 -3.92 69.93 95.26
C LEU OA 74 -2.78 69.09 94.70
N ALA OA 75 -2.82 67.77 94.88
CA ALA OA 75 -1.76 66.90 94.40
C ALA OA 75 -1.90 66.53 92.92
N TYR OA 76 -2.94 67.00 92.24
CA TYR OA 76 -3.13 66.63 90.84
C TYR OA 76 -3.49 67.77 89.91
N ALA OA 77 -3.89 68.95 90.41
CA ALA OA 77 -4.33 70.02 89.53
C ALA OA 77 -3.13 70.70 88.87
N SER OA 78 -3.36 71.21 87.66
CA SER OA 78 -2.33 71.91 86.90
C SER OA 78 -3.00 72.89 85.95
N GLY OA 79 -2.18 73.75 85.35
CA GLY OA 79 -2.69 74.68 84.36
C GLY OA 79 -3.45 75.82 85.00
N ALA OA 80 -4.63 76.12 84.44
CA ALA OA 80 -5.52 77.13 84.98
C ALA OA 80 -6.44 76.60 86.07
N ASP OA 81 -6.16 75.40 86.59
CA ASP OA 81 -6.96 74.80 87.66
C ASP OA 81 -6.37 75.02 89.03
N LEU OA 82 -5.04 75.23 89.13
CA LEU OA 82 -4.44 75.77 90.33
C LEU OA 82 -4.63 77.27 90.48
N ASP OA 83 -5.08 77.95 89.42
CA ASP OA 83 -5.49 79.34 89.56
C ASP OA 83 -6.71 79.50 90.45
N GLN OA 84 -7.66 78.56 90.35
CA GLN OA 84 -8.88 78.66 91.17
C GLN OA 84 -8.65 78.24 92.60
N ILE OA 85 -7.70 77.33 92.84
CA ILE OA 85 -7.32 77.02 94.22
C ILE OA 85 -6.45 78.15 94.79
N GLY OA 86 -5.63 78.78 93.95
CA GLY OA 86 -4.76 79.85 94.44
C GLY OA 86 -5.52 81.14 94.74
N ALA OA 87 -6.53 81.45 93.93
CA ALA OA 87 -7.29 82.69 94.14
C ALA OA 87 -8.17 82.62 95.38
N GLY OA 88 -8.53 81.41 95.83
CA GLY OA 88 -9.33 81.30 97.04
C GLY OA 88 -8.52 81.53 98.30
N PHE OA 89 -7.23 81.23 98.28
CA PHE OA 89 -6.36 81.35 99.44
C PHE OA 89 -5.43 82.56 99.34
N ASN OA 90 -5.74 83.49 98.42
CA ASN OA 90 -5.00 84.73 98.18
C ASN OA 90 -3.53 84.45 97.82
N VAL OA 91 -3.32 83.51 96.91
CA VAL OA 91 -1.99 83.16 96.42
C VAL OA 91 -1.98 83.39 94.92
N GLN OA 92 -0.99 84.16 94.44
CA GLN OA 92 -0.84 84.45 93.02
C GLN OA 92 0.50 83.94 92.50
N ARG OA 93 0.53 83.66 91.19
CA ARG OA 93 1.74 83.22 90.53
C ARG OA 93 2.66 84.41 90.28
N LEU OA 94 3.96 84.20 90.47
CA LEU OA 94 4.94 85.28 90.48
C LEU OA 94 5.16 85.84 89.07
N LEU OA 95 6.02 86.84 88.98
CA LEU OA 95 6.38 87.46 87.70
C LEU OA 95 7.90 87.58 87.65
N ILE OA 96 8.54 86.71 86.85
CA ILE OA 96 9.99 86.74 86.75
C ILE OA 96 10.46 87.84 85.80
N ARG OA 97 10.11 87.72 84.52
CA ARG OA 97 10.21 88.82 83.58
C ARG OA 97 8.82 89.36 83.22
N PRO OA 98 8.69 90.67 82.96
CA PRO OA 98 7.34 91.25 82.74
C PRO OA 98 6.74 90.87 81.40
N ALA OA 99 5.49 91.28 81.18
CA ALA OA 99 4.72 90.76 80.06
C ALA OA 99 5.03 91.51 78.77
N GLN OA 100 5.30 92.81 78.87
CA GLN OA 100 5.32 93.66 77.69
C GLN OA 100 6.74 93.77 77.13
N PRO OA 101 6.94 93.55 75.83
CA PRO OA 101 8.26 93.79 75.24
C PRO OA 101 8.43 95.22 74.76
N GLU OA 102 9.69 95.65 74.73
CA GLU OA 102 10.05 96.93 74.12
C GLU OA 102 10.52 96.79 72.67
N ALA OA 103 10.83 95.57 72.22
CA ALA OA 103 11.34 95.34 70.88
C ALA OA 103 10.25 94.77 69.98
N VAL OA 104 10.60 94.54 68.72
CA VAL OA 104 9.67 94.02 67.71
C VAL OA 104 9.41 92.53 67.91
N PRO OA 105 10.40 91.65 68.19
CA PRO OA 105 10.04 90.29 68.62
C PRO OA 105 9.44 90.30 70.01
N PRO OA 106 8.27 89.69 70.18
CA PRO OA 106 7.59 89.73 71.49
C PRO OA 106 8.31 88.82 72.49
N VAL OA 107 8.82 89.43 73.56
CA VAL OA 107 9.49 88.67 74.61
C VAL OA 107 8.43 87.94 75.44
N GLU OA 108 8.58 86.63 75.56
CA GLU OA 108 7.64 85.84 76.34
C GLU OA 108 7.85 86.10 77.83
N ALA OA 109 6.75 86.14 78.57
CA ALA OA 109 6.79 86.38 80.01
C ALA OA 109 7.00 85.06 80.73
N GLN OA 110 8.20 84.86 81.27
CA GLN OA 110 8.52 83.62 81.97
C GLN OA 110 7.71 83.50 83.25
N TYR OA 111 7.24 82.29 83.53
CA TYR OA 111 6.44 82.01 84.71
C TYR OA 111 6.99 80.78 85.42
N GLU OA 112 6.90 80.79 86.74
CA GLU OA 112 7.36 79.66 87.55
C GLU OA 112 6.52 78.43 87.25
N SER OA 113 7.19 77.29 87.09
CA SER OA 113 6.58 76.00 86.79
C SER OA 113 5.46 75.58 87.76
N ASP OA 114 4.55 74.75 87.28
CA ASP OA 114 3.41 74.32 88.08
C ASP OA 114 3.77 73.27 89.13
N LYS OA 115 4.99 72.75 89.10
CA LYS OA 115 5.51 71.92 90.19
C LYS OA 115 5.89 72.72 91.42
N SER OA 116 5.98 74.05 91.31
CA SER OA 116 6.27 74.92 92.44
C SER OA 116 5.04 75.65 92.96
N LEU OA 117 3.90 75.57 92.26
CA LEU OA 117 2.66 76.11 92.82
C LEU OA 117 2.16 75.23 93.95
N ARG OA 118 2.39 73.92 93.86
CA ARG OA 118 2.03 72.99 94.93
C ARG OA 118 2.88 73.21 96.18
N ASN OA 119 4.05 73.81 96.04
CA ASN OA 119 4.78 74.34 97.20
C ASN OA 119 4.04 75.52 97.82
N ARG OA 120 3.59 76.47 96.99
CA ARG OA 120 3.12 77.74 97.54
C ARG OA 120 1.72 77.67 98.10
N ILE OA 121 0.85 76.80 97.56
CA ILE OA 121 -0.45 76.59 98.18
C ILE OA 121 -0.28 75.87 99.51
N GLN OA 122 0.72 74.98 99.61
CA GLN OA 122 0.91 74.20 100.82
C GLN OA 122 1.64 75.00 101.90
N LEU OA 123 2.40 76.02 101.52
CA LEU OA 123 2.99 76.93 102.49
C LEU OA 123 2.10 78.14 102.79
N ALA OA 124 0.86 78.13 102.32
CA ALA OA 124 -0.06 79.23 102.63
C ALA OA 124 -0.74 79.08 103.98
N PHE OA 125 -0.47 78.00 104.71
CA PHE OA 125 -1.03 77.79 106.04
C PHE OA 125 -0.02 78.11 107.14
N GLU OA 126 1.11 77.40 107.14
CA GLU OA 126 2.20 77.62 108.08
C GLU OA 126 2.99 78.84 107.61
N GLN OA 127 2.58 80.02 108.07
CA GLN OA 127 3.10 81.27 107.53
C GLN OA 127 2.95 82.34 108.61
N LEU OA 128 3.83 83.33 108.56
CA LEU OA 128 3.79 84.44 109.51
C LEU OA 128 2.55 85.29 109.25
N SER OA 129 1.62 85.28 110.22
CA SER OA 129 0.35 85.98 110.10
C SER OA 129 0.17 87.07 111.14
N VAL OA 130 0.38 86.76 112.42
CA VAL OA 130 0.11 87.68 113.52
C VAL OA 130 1.08 87.36 114.65
N ALA OA 131 1.53 88.39 115.35
CA ALA OA 131 2.51 88.25 116.43
C ALA OA 131 1.83 87.84 117.73
N GLY OA 132 1.41 86.57 117.76
CA GLY OA 132 0.81 85.99 118.95
C GLY OA 132 1.78 85.61 120.04
N PRO OA 133 2.60 84.56 119.80
CA PRO OA 133 3.50 84.08 120.86
C PRO OA 133 4.86 84.78 120.87
N ARG OA 134 5.76 84.31 121.74
CA ARG OA 134 7.09 84.92 121.88
C ARG OA 134 7.93 84.77 120.61
N ASN OA 135 7.68 83.74 119.81
CA ASN OA 135 8.45 83.51 118.59
C ASN OA 135 7.94 84.28 117.39
N ALA OA 136 6.80 84.98 117.53
CA ALA OA 136 6.21 85.72 116.42
C ALA OA 136 6.24 87.23 116.58
N TYR OA 137 6.45 87.76 117.80
CA TYR OA 137 6.74 89.18 117.93
C TYR OA 137 8.07 89.55 117.29
N ILE OA 138 9.03 88.64 117.32
CA ILE OA 138 10.37 88.94 116.80
C ILE OA 138 10.40 88.80 115.28
N ALA OA 139 9.66 87.83 114.76
CA ALA OA 139 9.61 87.63 113.31
C ALA OA 139 8.82 88.73 112.61
N HIS OA 140 7.87 89.36 113.31
CA HIS OA 140 7.26 90.58 112.79
C HIS OA 140 8.10 91.82 113.05
N ALA OA 141 9.20 91.68 113.80
CA ALA OA 141 10.18 92.74 114.00
C ALA OA 141 11.41 92.56 113.12
N LEU OA 142 11.22 92.03 111.91
CA LEU OA 142 12.31 91.84 110.94
C LEU OA 142 12.11 92.70 109.70
N GLY OA 143 11.74 93.96 109.89
CA GLY OA 143 11.57 94.88 108.79
C GLY OA 143 12.86 95.56 108.34
N ALA OA 144 13.68 95.99 109.29
CA ALA OA 144 14.99 96.54 109.01
C ALA OA 144 16.00 95.42 108.72
N ASP OA 145 17.26 95.79 108.55
CA ASP OA 145 18.27 94.83 108.13
C ASP OA 145 19.49 94.76 109.04
N GLY OA 146 19.94 95.90 109.58
CA GLY OA 146 21.14 95.90 110.39
C GLY OA 146 20.88 95.54 111.84
N ARG OA 147 20.61 94.26 112.09
CA ARG OA 147 20.02 93.83 113.35
C ARG OA 147 20.11 92.31 113.45
N VAL OA 148 20.40 91.82 114.65
CA VAL OA 148 20.44 90.39 114.92
C VAL OA 148 19.29 90.08 115.87
N ALA OA 149 19.11 88.80 116.24
CA ALA OA 149 17.87 88.26 116.78
C ALA OA 149 17.53 88.86 118.15
N ASP OA 150 16.30 88.58 118.59
CA ASP OA 150 15.65 89.33 119.66
C ASP OA 150 14.69 88.38 120.36
N ALA OA 151 14.25 88.77 121.56
CA ALA OA 151 13.30 87.98 122.34
C ALA OA 151 12.33 88.91 123.05
N SER OA 152 11.14 88.40 123.34
CA SER OA 152 10.09 89.20 123.95
C SER OA 152 9.69 88.67 125.33
N ALA OA 153 9.14 89.56 126.13
CA ALA OA 153 8.62 89.24 127.46
C ALA OA 153 7.40 90.11 127.72
N THR OA 154 6.69 89.79 128.80
CA THR OA 154 5.56 90.61 129.23
C THR OA 154 5.50 90.60 130.76
N SER OA 155 5.80 91.74 131.36
CA SER OA 155 5.88 91.82 132.81
C SER OA 155 4.49 91.88 133.45
N PRO OA 156 3.48 92.62 132.91
CA PRO OA 156 2.10 92.31 133.34
C PRO OA 156 1.38 91.35 132.40
N ALA OA 157 0.37 90.66 132.93
CA ALA OA 157 -0.53 89.90 132.06
C ALA OA 157 -1.48 90.77 131.21
N PRO OA 158 -2.38 91.60 131.79
CA PRO OA 158 -3.57 92.00 131.02
C PRO OA 158 -3.34 93.00 129.91
N CYS OA 159 -2.37 93.91 130.01
CA CYS OA 159 -2.29 95.02 129.06
C CYS OA 159 -1.00 95.03 128.26
N GLU OA 160 0.16 95.06 128.91
CA GLU OA 160 1.38 95.54 128.27
C GLU OA 160 2.26 94.37 127.86
N VAL OA 161 2.77 94.43 126.63
CA VAL OA 161 3.79 93.52 126.13
C VAL OA 161 5.03 94.35 125.82
N LEU OA 162 6.21 93.82 126.13
CA LEU OA 162 7.46 94.55 126.00
C LEU OA 162 8.34 93.90 124.94
N ILE OA 163 8.80 94.71 123.98
CA ILE OA 163 9.67 94.26 122.91
C ILE OA 163 10.91 95.14 122.93
N SER OA 164 12.07 94.52 123.11
CA SER OA 164 13.34 95.24 123.32
C SER OA 164 14.24 95.03 122.10
N VAL OA 165 14.16 95.94 121.14
CA VAL OA 165 14.92 95.82 119.90
C VAL OA 165 16.36 96.21 120.16
N LEU OA 166 17.29 95.32 119.82
CA LEU OA 166 18.71 95.62 119.81
C LEU OA 166 19.28 95.40 118.41
N GLY OA 167 20.05 96.39 117.94
CA GLY OA 167 20.67 96.32 116.63
C GLY OA 167 22.17 96.53 116.70
N VAL OA 168 22.93 95.58 116.16
CA VAL OA 168 24.39 95.59 116.29
C VAL OA 168 24.93 96.43 115.13
N GLU OA 169 24.98 97.75 115.33
CA GLU OA 169 25.72 98.62 114.43
C GLU OA 169 27.07 99.03 115.01
N GLY OA 170 27.05 99.68 116.18
CA GLY OA 170 28.27 99.97 116.92
C GLY OA 170 28.30 99.25 118.25
N ASN OA 171 27.97 99.97 119.32
CA ASN OA 171 27.90 99.42 120.67
C ASN OA 171 26.64 98.60 120.93
N GLY OA 172 25.73 98.52 119.96
CA GLY OA 172 24.50 97.78 120.13
C GLY OA 172 23.31 98.59 120.60
N GLN OA 173 23.36 99.92 120.47
CA GLN OA 173 22.22 100.76 120.75
C GLN OA 173 21.29 100.83 119.54
N ALA OA 174 20.00 100.96 119.82
CA ALA OA 174 19.03 101.17 118.75
C ALA OA 174 19.00 102.66 118.37
N PRO OA 175 19.17 103.01 117.10
CA PRO OA 175 19.03 104.41 116.70
C PRO OA 175 17.58 104.86 116.74
N GLU OA 176 17.41 106.18 116.75
CA GLU OA 176 16.08 106.78 116.79
C GLU OA 176 15.38 106.75 115.44
N ALA OA 177 16.13 106.54 114.35
CA ALA OA 177 15.51 106.46 113.03
C ALA OA 177 14.73 105.18 112.84
N VAL OA 178 15.23 104.07 113.41
CA VAL OA 178 14.56 102.78 113.28
C VAL OA 178 13.55 102.51 114.38
N LEU OA 179 13.32 103.47 115.29
CA LEU OA 179 12.27 103.31 116.28
C LEU OA 179 10.88 103.41 115.65
N GLN OA 180 10.70 104.37 114.75
CA GLN OA 180 9.43 104.49 114.03
C GLN OA 180 9.31 103.47 112.90
N ALA OA 181 10.43 102.94 112.41
CA ALA OA 181 10.39 101.94 111.34
C ALA OA 181 9.85 100.60 111.85
N VAL OA 182 9.98 100.35 113.15
CA VAL OA 182 9.35 99.17 113.76
C VAL OA 182 7.85 99.40 113.95
N ARG OA 183 7.46 100.62 114.36
CA ARG OA 183 6.06 100.89 114.70
C ARG OA 183 5.15 100.91 113.48
N LEU OA 184 5.70 101.13 112.27
CA LEU OA 184 4.88 101.07 111.07
C LEU OA 184 4.36 99.66 110.81
N ALA OA 185 5.22 98.66 110.97
CA ALA OA 185 4.81 97.27 110.75
C ALA OA 185 3.88 96.75 111.85
N LEU OA 186 4.18 97.09 113.11
CA LEU OA 186 3.50 96.52 114.27
C LEU OA 186 2.02 96.85 114.38
N ASN OA 187 1.59 98.06 113.96
CA ASN OA 187 0.20 98.46 114.16
C ASN OA 187 -0.79 97.56 113.42
N ALA OA 188 -0.46 97.16 112.20
CA ALA OA 188 -1.34 96.30 111.40
C ALA OA 188 -1.02 94.82 111.52
N GLU OA 189 0.08 94.44 112.17
CA GLU OA 189 0.48 93.04 112.27
C GLU OA 189 0.37 92.48 113.69
N ASP OA 190 -0.29 93.19 114.61
CA ASP OA 190 -0.40 92.73 115.99
C ASP OA 190 -1.85 92.81 116.45
N VAL OA 191 -2.08 92.24 117.64
CA VAL OA 191 -3.39 92.32 118.29
C VAL OA 191 -3.72 93.79 118.55
N ARG OA 192 -4.94 94.19 118.20
CA ARG OA 192 -5.33 95.59 118.23
C ARG OA 192 -5.19 96.29 119.58
N PRO OA 193 -5.71 95.75 120.78
CA PRO OA 193 -5.57 96.49 122.03
C PRO OA 193 -4.32 96.16 122.85
N VAL OA 194 -3.15 96.23 122.22
CA VAL OA 194 -1.90 96.03 122.95
C VAL OA 194 -1.33 97.38 123.33
N ALA OA 195 -0.69 97.43 124.50
CA ALA OA 195 0.12 98.59 124.86
C ALA OA 195 1.59 98.27 124.57
N ASP OA 196 1.90 98.25 123.27
CA ASP OA 196 3.24 97.95 122.79
C ASP OA 196 4.17 99.14 123.01
N ARG OA 197 4.69 99.24 124.24
CA ARG OA 197 5.63 100.31 124.57
C ARG OA 197 6.96 99.94 123.94
N VAL OA 198 7.13 100.32 122.67
CA VAL OA 198 8.36 100.04 121.93
C VAL OA 198 9.24 101.28 122.07
N THR OA 199 10.13 101.16 123.05
CA THR OA 199 11.18 102.12 123.40
C THR OA 199 12.50 101.41 123.03
N VAL OA 200 13.57 102.16 122.79
CA VAL OA 200 14.80 101.51 122.33
C VAL OA 200 15.44 100.46 123.25
N ARG OA 201 15.61 100.72 124.54
CA ARG OA 201 16.20 99.71 125.44
C ARG OA 201 15.87 99.84 126.94
N SER OA 202 15.66 98.70 127.60
CA SER OA 202 15.45 98.68 129.04
C SER OA 202 16.80 99.10 129.61
N ALA OA 203 17.83 98.54 128.99
CA ALA OA 203 19.24 98.79 129.29
C ALA OA 203 20.06 98.36 128.08
N GLY OA 204 20.93 99.25 127.61
CA GLY OA 204 21.70 99.02 126.40
C GLY OA 204 23.12 98.58 126.62
N ILE OA 205 24.06 99.52 126.50
CA ILE OA 205 25.49 99.25 126.66
C ILE OA 205 25.80 98.90 128.11
N VAL OA 206 25.99 97.61 128.38
CA VAL OA 206 26.46 97.15 129.67
C VAL OA 206 27.85 96.56 129.46
N PRO OA 207 28.90 97.37 129.62
CA PRO OA 207 30.22 97.01 129.05
C PRO OA 207 30.87 95.85 129.80
N TYR OA 208 31.10 94.75 129.09
CA TYR OA 208 31.66 93.54 129.66
C TYR OA 208 33.05 93.35 129.08
N GLN OA 209 34.05 93.88 129.78
CA GLN OA 209 35.43 93.55 129.43
C GLN OA 209 35.74 92.12 129.84
N VAL OA 210 36.75 91.54 129.17
CA VAL OA 210 37.33 90.27 129.57
C VAL OA 210 38.86 90.41 129.53
N LYS OA 211 39.52 89.77 130.48
CA LYS OA 211 40.97 89.58 130.44
C LYS OA 211 41.30 88.17 130.89
N ALA OA 212 42.32 87.59 130.27
CA ALA OA 212 42.73 86.21 130.57
C ALA OA 212 44.24 86.13 130.61
N GLN OA 213 44.79 85.75 131.76
CA GLN OA 213 46.23 85.52 131.91
C GLN OA 213 46.49 84.06 131.58
N LEU OA 214 46.79 83.79 130.31
CA LEU OA 214 46.97 82.43 129.83
C LEU OA 214 48.33 81.88 130.26
N TYR OA 215 48.33 80.67 130.82
CA TYR OA 215 49.54 79.96 131.20
C TYR OA 215 49.67 78.73 130.32
N LEU OA 216 50.77 78.65 129.57
CA LEU OA 216 50.97 77.61 128.57
C LEU OA 216 52.30 76.94 128.79
N PHE OA 217 52.52 75.85 128.06
CA PHE OA 217 53.87 75.28 127.95
C PHE OA 217 54.64 75.98 126.83
N PRO OA 218 55.93 76.29 127.05
CA PRO OA 218 56.67 77.11 126.08
C PRO OA 218 57.14 76.39 124.83
N GLY OA 219 56.60 75.21 124.53
CA GLY OA 219 57.06 74.44 123.39
C GLY OA 219 56.61 74.96 122.04
N PRO OA 220 56.56 74.07 121.04
CA PRO OA 220 56.35 74.52 119.65
C PRO OA 220 54.90 74.87 119.34
N GLU OA 221 53.96 74.15 119.94
CA GLU OA 221 52.54 74.31 119.67
C GLU OA 221 51.92 75.53 120.36
N ALA OA 222 52.69 76.27 121.16
CA ALA OA 222 52.14 77.38 121.94
C ALA OA 222 51.70 78.57 121.10
N GLU OA 223 52.16 78.66 119.85
CA GLU OA 223 51.62 79.69 118.95
C GLU OA 223 50.34 79.24 118.25
N LEU OA 224 50.23 77.95 117.92
CA LEU OA 224 49.06 77.47 117.18
C LEU OA 224 47.84 77.24 118.07
N ILE OA 225 48.04 76.78 119.30
CA ILE OA 225 46.91 76.45 120.17
C ILE OA 225 46.43 77.67 120.96
N ARG OA 226 47.24 78.73 121.06
CA ARG OA 226 46.79 79.95 121.72
C ARG OA 226 45.81 80.73 120.83
N ALA OA 227 46.09 80.79 119.52
CA ALA OA 227 45.17 81.47 118.62
C ALA OA 227 43.91 80.66 118.34
N ALA OA 228 43.94 79.34 118.57
CA ALA OA 228 42.74 78.52 118.41
C ALA OA 228 41.75 78.78 119.53
N ALA OA 229 42.25 78.99 120.75
CA ALA OA 229 41.39 79.37 121.86
C ALA OA 229 40.82 80.77 121.69
N GLU OA 230 41.57 81.68 121.06
CA GLU OA 230 41.05 83.01 120.80
C GLU OA 230 39.95 82.98 119.73
N ALA OA 231 40.05 82.05 118.78
CA ALA OA 231 38.98 81.89 117.79
C ALA OA 231 37.73 81.30 118.42
N SER OA 232 37.89 80.45 119.43
CA SER OA 232 36.75 79.94 120.18
C SER OA 232 36.12 81.02 121.06
N LEU OA 233 36.86 82.09 121.37
CA LEU OA 233 36.28 83.21 122.10
C LEU OA 233 35.48 84.13 121.18
N ARG OA 234 35.88 84.26 119.91
CA ARG OA 234 35.22 85.17 118.99
C ARG OA 234 33.81 84.71 118.64
N ASP OA 235 33.65 83.43 118.26
CA ASP OA 235 32.31 82.95 117.91
C ASP OA 235 31.45 82.73 119.14
N TYR OA 236 32.03 82.70 120.34
CA TYR OA 236 31.23 82.68 121.56
C TYR OA 236 30.58 84.04 121.79
N ILE OA 237 31.37 85.12 121.69
CA ILE OA 237 30.85 86.48 121.88
C ILE OA 237 29.83 86.82 120.79
N SER OA 238 30.07 86.34 119.56
CA SER OA 238 29.10 86.49 118.49
C SER OA 238 27.83 85.69 118.73
N ALA OA 239 27.89 84.64 119.57
CA ALA OA 239 26.71 83.93 120.02
C ALA OA 239 26.10 84.51 121.29
N GLN OA 240 26.74 85.48 121.93
CA GLN OA 240 26.20 86.13 123.11
C GLN OA 240 25.51 87.45 122.81
N ARG OA 241 25.39 87.82 121.54
CA ARG OA 241 24.53 88.94 121.14
C ARG OA 241 23.08 88.47 121.18
N ARG OA 242 22.54 88.43 122.40
CA ARG OA 242 21.32 87.69 122.68
C ARG OA 242 20.72 88.31 123.94
N LEU OA 243 19.49 87.90 124.25
CA LEU OA 243 18.87 88.24 125.53
C LEU OA 243 18.95 87.10 126.54
N GLY OA 244 19.33 85.90 126.11
CA GLY OA 244 19.71 84.87 127.06
C GLY OA 244 21.03 85.19 127.74
N ARG OA 245 21.99 85.73 126.98
CA ARG OA 245 23.15 86.55 127.36
C ARG OA 245 23.89 86.13 128.64
N ASP OA 246 23.99 84.83 128.89
CA ASP OA 246 24.51 84.30 130.16
C ASP OA 246 26.04 84.43 130.18
N ILE OA 247 26.50 85.67 130.37
CA ILE OA 247 27.91 85.92 130.63
C ILE OA 247 28.27 85.38 132.01
N ARG OA 248 29.30 84.53 132.08
CA ARG OA 248 29.61 83.86 133.34
C ARG OA 248 31.10 83.91 133.68
N ARG OA 249 31.49 83.16 134.70
CA ARG OA 249 32.87 82.91 135.07
C ARG OA 249 33.30 81.48 134.82
N SER OA 250 32.55 80.51 135.33
CA SER OA 250 32.91 79.10 135.18
C SER OA 250 32.59 78.55 133.79
N ALA OA 251 31.67 79.19 133.06
CA ALA OA 251 31.43 78.76 131.68
C ALA OA 251 32.56 79.15 130.74
N LEU OA 252 33.32 80.19 131.08
CA LEU OA 252 34.50 80.54 130.30
C LEU OA 252 35.71 79.69 130.67
N PHE OA 253 35.66 78.99 131.82
CA PHE OA 253 36.72 78.08 132.20
C PHE OA 253 36.76 76.86 131.28
N ALA OA 254 35.58 76.31 130.95
CA ALA OA 254 35.49 75.13 130.09
C ALA OA 254 35.98 75.42 128.68
N THR OA 255 35.64 76.60 128.14
CA THR OA 255 36.06 76.99 126.79
C THR OA 255 37.58 77.11 126.72
N LEU OA 256 38.19 77.74 127.72
CA LEU OA 256 39.64 77.90 127.74
C LEU OA 256 40.36 76.57 127.96
N HIS OA 257 39.80 75.69 128.79
CA HIS OA 257 40.45 74.43 129.18
C HIS OA 257 40.05 73.27 128.28
N VAL OA 258 39.95 73.50 126.96
CA VAL OA 258 39.53 72.44 126.04
C VAL OA 258 40.60 71.35 125.91
N GLU OA 259 41.76 71.66 125.32
CA GLU OA 259 42.78 70.64 125.15
C GLU OA 259 44.05 70.86 125.98
N GLY OA 260 44.72 72.00 125.86
CA GLY OA 260 46.02 72.10 126.48
C GLY OA 260 46.41 73.14 127.52
N VAL OA 261 45.54 74.08 127.89
CA VAL OA 261 45.95 75.10 128.84
C VAL OA 261 46.09 74.50 130.24
N GLN OA 262 47.08 74.99 131.00
CA GLN OA 262 47.27 74.51 132.36
C GLN OA 262 46.32 75.19 133.34
N ARG OA 263 46.18 76.51 133.23
CA ARG OA 263 45.26 77.31 134.05
C ARG OA 263 45.18 78.70 133.44
N VAL OA 264 44.29 79.51 134.00
CA VAL OA 264 44.06 80.87 133.52
C VAL OA 264 43.65 81.72 134.72
N GLU OA 265 43.90 83.03 134.62
CA GLU OA 265 43.61 83.98 135.70
C GLU OA 265 42.73 85.06 135.09
N LEU OA 266 41.44 84.97 135.38
CA LEU OA 266 40.42 85.85 134.82
C LEU OA 266 40.23 87.06 135.74
N GLN OA 267 40.43 88.26 135.20
CA GLN OA 267 40.37 89.47 136.00
C GLN OA 267 38.98 90.11 135.97
N GLU OA 268 38.46 90.39 134.78
CA GLU OA 268 37.23 91.18 134.64
C GLU OA 268 35.95 90.41 134.96
N PRO OA 269 35.77 89.10 134.59
CA PRO OA 269 34.70 88.34 135.23
C PRO OA 269 35.06 87.87 136.63
N ALA OA 270 34.54 88.54 137.65
CA ALA OA 270 34.73 88.11 139.03
C ALA OA 270 33.48 87.52 139.67
N ALA OA 271 32.29 87.92 139.24
CA ALA OA 271 31.04 87.36 139.73
C ALA OA 271 30.13 87.00 138.57
N ASP OA 272 29.13 86.18 138.87
CA ASP OA 272 28.13 85.82 137.87
C ASP OA 272 27.22 87.01 137.55
N VAL OA 273 26.80 87.10 136.30
CA VAL OA 273 25.90 88.16 135.86
C VAL OA 273 24.47 87.78 136.21
N VAL OA 274 23.77 88.67 136.92
CA VAL OA 274 22.35 88.48 137.18
C VAL OA 274 21.56 88.66 135.88
N LEU OA 275 20.55 87.82 135.68
CA LEU OA 275 19.91 87.67 134.37
C LEU OA 275 18.46 88.12 134.45
N ASP OA 276 18.10 89.11 133.63
CA ASP OA 276 16.73 89.42 133.27
C ASP OA 276 16.65 89.58 131.76
N GLU OA 277 15.41 89.56 131.25
CA GLU OA 277 15.18 89.75 129.82
C GLU OA 277 15.45 91.19 129.40
N THR OA 278 15.28 92.14 130.32
CA THR OA 278 15.22 93.56 129.95
C THR OA 278 16.59 94.11 129.56
N GLN OA 279 17.65 93.70 130.25
CA GLN OA 279 18.96 94.25 129.98
C GLN OA 279 19.58 93.60 128.74
N ALA OA 280 20.66 94.21 128.26
CA ALA OA 280 21.42 93.66 127.15
C ALA OA 280 22.89 93.50 127.52
N ALA OA 281 23.72 93.11 126.56
CA ALA OA 281 25.14 92.91 126.82
C ALA OA 281 25.94 93.35 125.59
N TYR OA 282 27.23 93.57 125.81
CA TYR OA 282 28.16 93.96 124.75
C TYR OA 282 29.58 93.67 125.24
N CYS OA 283 30.47 93.37 124.30
CA CYS OA 283 31.88 93.15 124.59
C CYS OA 283 32.70 94.12 123.75
N THR OA 284 33.41 95.03 124.42
CA THR OA 284 34.18 96.06 123.73
C THR OA 284 35.54 95.58 123.26
N GLY OA 285 36.09 94.56 123.91
CA GLY OA 285 37.41 94.08 123.55
C GLY OA 285 38.03 93.35 124.73
N TYR OA 286 39.34 93.09 124.60
CA TYR OA 286 40.08 92.34 125.60
C TYR OA 286 41.54 92.76 125.56
N ALA OA 287 42.29 92.29 126.55
CA ALA OA 287 43.74 92.49 126.62
C ALA OA 287 44.37 91.13 126.97
N ILE OA 288 44.65 90.33 125.94
CA ILE OA 288 45.24 89.02 126.11
C ILE OA 288 46.75 89.16 126.31
N THR OA 289 47.32 88.24 127.09
CA THR OA 289 48.72 88.32 127.48
C THR OA 289 49.22 86.93 127.80
N LEU OA 290 50.54 86.78 127.75
CA LEU OA 290 51.20 85.50 128.02
C LEU OA 290 51.65 85.45 129.49
N GLY OA 291 51.57 84.26 130.08
CA GLY OA 291 52.01 84.09 131.45
C GLY OA 291 53.52 84.18 131.59
N GLY OA 292 54.25 83.47 130.73
CA GLY OA 292 55.70 83.48 130.78
C GLY OA 292 56.29 82.17 131.29
N MET PA 1 -76.43 -12.79 105.89
CA MET PA 1 -75.20 -13.50 105.54
C MET PA 1 -75.21 -13.91 104.08
N ILE PA 2 -74.85 -12.98 103.20
CA ILE PA 2 -74.84 -13.21 101.77
C ILE PA 2 -73.43 -13.54 101.31
N ILE PA 3 -73.34 -14.36 100.27
CA ILE PA 3 -72.07 -14.79 99.71
C ILE PA 3 -71.67 -13.84 98.58
N ASP PA 4 -70.41 -13.42 98.57
CA ASP PA 4 -69.94 -12.54 97.52
C ASP PA 4 -69.84 -13.30 96.20
N LEU PA 5 -70.17 -12.59 95.11
CA LEU PA 5 -70.22 -13.21 93.78
C LEU PA 5 -68.85 -13.43 93.17
N SER PA 6 -67.80 -12.84 93.75
CA SER PA 6 -66.45 -12.95 93.22
C SER PA 6 -65.73 -14.23 93.66
N GLN PA 7 -66.37 -15.08 94.46
CA GLN PA 7 -65.77 -16.34 94.90
C GLN PA 7 -66.41 -17.55 94.24
N LEU PA 8 -67.34 -17.36 93.31
CA LEU PA 8 -67.96 -18.47 92.61
C LEU PA 8 -67.03 -19.06 91.55
N PRO PA 9 -67.11 -20.37 91.32
CA PRO PA 9 -66.39 -20.97 90.18
C PRO PA 9 -67.07 -20.62 88.86
N GLU PA 10 -66.31 -20.75 87.78
CA GLU PA 10 -66.84 -20.42 86.46
C GLU PA 10 -67.83 -21.49 86.02
N PRO PA 11 -68.92 -21.10 85.34
CA PRO PA 11 -69.97 -22.08 85.00
C PRO PA 11 -69.68 -22.92 83.76
N GLU PA 12 -70.67 -23.73 83.37
CA GLU PA 12 -70.55 -24.66 82.25
C GLU PA 12 -70.92 -24.02 80.92
N VAL PA 13 -71.98 -23.21 80.90
CA VAL PA 13 -72.52 -22.76 79.62
C VAL PA 13 -71.71 -21.64 78.99
N ILE PA 14 -70.94 -20.88 79.79
CA ILE PA 14 -70.10 -19.84 79.22
C ILE PA 14 -68.87 -20.52 78.62
N GLU PA 15 -68.62 -20.24 77.34
CA GLU PA 15 -67.52 -20.84 76.60
C GLU PA 15 -66.62 -19.73 76.08
N ASN PA 16 -65.32 -19.87 76.29
CA ASN PA 16 -64.35 -19.16 75.46
C ASN PA 16 -64.50 -19.65 74.02
N LEU PA 17 -64.53 -18.70 73.08
CA LEU PA 17 -64.72 -19.03 71.69
C LEU PA 17 -63.42 -18.86 70.92
N ASP PA 18 -63.35 -19.52 69.76
CA ASP PA 18 -62.26 -19.36 68.82
C ASP PA 18 -62.82 -19.36 67.41
N PHE PA 19 -62.33 -18.44 66.57
CA PHE PA 19 -62.67 -18.51 65.15
C PHE PA 19 -61.97 -19.67 64.47
N GLU PA 20 -60.77 -20.02 64.92
CA GLU PA 20 -59.99 -21.05 64.25
C GLU PA 20 -60.56 -22.44 64.50
N THR PA 21 -60.96 -22.73 65.74
CA THR PA 21 -61.49 -24.06 66.04
C THR PA 21 -62.91 -24.27 65.52
N ILE PA 22 -63.54 -23.24 64.97
CA ILE PA 22 -64.73 -23.42 64.13
C ILE PA 22 -64.35 -23.56 62.66
N TYR PA 23 -63.41 -22.72 62.20
CA TYR PA 23 -63.04 -22.70 60.78
C TYR PA 23 -62.19 -23.90 60.37
N GLN PA 24 -61.33 -24.39 61.26
CA GLN PA 24 -60.56 -25.59 60.94
C GLN PA 24 -61.43 -26.85 61.00
N GLU PA 25 -62.55 -26.80 61.70
CA GLU PA 25 -63.52 -27.90 61.60
C GLU PA 25 -64.23 -27.87 60.26
N LEU PA 26 -64.59 -26.67 59.77
CA LEU PA 26 -65.27 -26.55 58.49
C LEU PA 26 -64.37 -26.95 57.32
N LEU PA 27 -63.05 -26.82 57.49
CA LEU PA 27 -62.13 -27.46 56.56
C LEU PA 27 -62.24 -28.98 56.66
N GLY PA 28 -62.16 -29.51 57.89
CA GLY PA 28 -62.23 -30.93 58.15
C GLY PA 28 -63.62 -31.52 58.14
N ASP PA 29 -64.65 -30.75 57.75
CA ASP PA 29 -65.95 -31.30 57.40
C ASP PA 29 -66.23 -31.27 55.91
N PHE PA 30 -65.56 -30.40 55.16
CA PHE PA 30 -65.74 -30.29 53.72
C PHE PA 30 -64.74 -31.11 52.93
N ARG PA 31 -63.51 -31.25 53.43
CA ARG PA 31 -62.47 -31.97 52.70
C ARG PA 31 -62.75 -33.46 52.64
N GLU PA 32 -63.23 -34.05 53.74
CA GLU PA 32 -63.66 -35.44 53.70
C GLU PA 32 -64.96 -35.64 52.96
N ALA PA 33 -65.81 -34.62 52.87
CA ALA PA 33 -67.08 -34.74 52.17
C ALA PA 33 -66.94 -34.66 50.66
N MET PA 34 -65.83 -34.12 50.16
CA MET PA 34 -65.61 -34.07 48.71
C MET PA 34 -64.93 -35.32 48.17
N ALA PA 35 -64.35 -36.16 49.05
CA ALA PA 35 -63.64 -37.39 48.71
C ALA PA 35 -62.48 -37.12 47.75
N GLY PA 36 -61.76 -36.04 48.01
CA GLY PA 36 -60.61 -35.67 47.21
C GLY PA 36 -60.92 -34.95 45.91
N GLU PA 37 -62.17 -34.59 45.67
CA GLU PA 37 -62.50 -33.88 44.43
C GLU PA 37 -62.20 -32.39 44.53
N TRP PA 38 -62.16 -31.84 45.74
CA TRP PA 38 -61.72 -30.47 45.98
C TRP PA 38 -60.42 -30.51 46.78
N THR PA 39 -59.37 -29.89 46.25
CA THR PA 39 -58.07 -29.92 46.91
C THR PA 39 -57.31 -28.61 46.84
N ALA PA 40 -58.00 -27.49 46.60
CA ALA PA 40 -57.35 -26.19 46.47
C ALA PA 40 -57.61 -25.38 47.74
N GLU PA 41 -56.73 -25.53 48.73
CA GLU PA 41 -56.82 -24.78 49.98
C GLU PA 41 -56.21 -23.37 49.88
N VAL PA 42 -55.99 -22.85 48.67
CA VAL PA 42 -55.62 -21.45 48.50
C VAL PA 42 -56.81 -20.58 48.88
N GLU PA 43 -56.53 -19.44 49.51
CA GLU PA 43 -57.60 -18.57 50.02
C GLU PA 43 -58.42 -17.96 48.90
N SER PA 44 -57.83 -17.79 47.72
CA SER PA 44 -58.54 -17.26 46.56
C SER PA 44 -59.56 -18.22 45.98
N ASP PA 45 -59.59 -19.48 46.42
CA ASP PA 45 -60.62 -20.41 46.00
C ASP PA 45 -61.94 -19.99 46.63
N PRO PA 46 -63.03 -19.88 45.85
CA PRO PA 46 -64.29 -19.38 46.43
C PRO PA 46 -65.04 -20.36 47.32
N VAL PA 47 -64.42 -21.46 47.73
CA VAL PA 47 -64.98 -22.21 48.85
C VAL PA 47 -64.53 -21.62 50.17
N LEU PA 48 -63.35 -21.01 50.21
CA LEU PA 48 -62.89 -20.37 51.44
C LEU PA 48 -63.47 -18.98 51.63
N LYS PA 49 -64.11 -18.41 50.60
CA LYS PA 49 -64.99 -17.27 50.82
C LYS PA 49 -66.21 -17.66 51.65
N LEU PA 50 -66.77 -18.84 51.37
CA LEU PA 50 -68.05 -19.24 51.93
C LEU PA 50 -67.91 -19.96 53.27
N LEU PA 51 -66.81 -20.68 53.48
CA LEU PA 51 -66.55 -21.28 54.78
C LEU PA 51 -66.11 -20.27 55.83
N GLN PA 52 -65.80 -19.03 55.45
CA GLN PA 52 -65.57 -17.97 56.42
C GLN PA 52 -66.81 -17.14 56.71
N LEU PA 53 -67.93 -17.39 56.03
CA LEU PA 53 -69.21 -16.93 56.55
C LEU PA 53 -69.83 -17.94 57.49
N ALA PA 54 -69.76 -19.23 57.15
CA ALA PA 54 -70.29 -20.29 57.99
C ALA PA 54 -69.48 -20.50 59.27
N ALA PA 55 -68.30 -19.91 59.37
CA ALA PA 55 -67.56 -19.90 60.63
C ALA PA 55 -67.66 -18.57 61.37
N TYR PA 56 -68.08 -17.50 60.71
CA TYR PA 56 -68.31 -16.22 61.38
C TYR PA 56 -69.76 -16.00 61.78
N ARG PA 57 -70.71 -16.32 60.90
CA ARG PA 57 -72.12 -16.18 61.26
C ARG PA 57 -72.56 -17.22 62.26
N GLU PA 58 -71.93 -18.40 62.27
CA GLU PA 58 -72.20 -19.36 63.32
C GLU PA 58 -71.64 -18.88 64.65
N LEU PA 59 -70.45 -18.26 64.61
CA LEU PA 59 -69.83 -17.71 65.81
C LEU PA 59 -70.62 -16.53 66.37
N LEU PA 60 -71.36 -15.80 65.52
CA LEU PA 60 -72.28 -14.78 66.02
C LEU PA 60 -73.48 -15.39 66.71
N LEU PA 61 -73.95 -16.55 66.24
CA LEU PA 61 -75.04 -17.24 66.92
C LEU PA 61 -74.54 -17.89 68.21
N ARG PA 62 -73.29 -18.34 68.25
CA ARG PA 62 -72.72 -18.86 69.49
C ARG PA 62 -72.53 -17.75 70.52
N ALA PA 63 -72.33 -16.51 70.06
CA ALA PA 63 -72.16 -15.40 70.99
C ALA PA 63 -73.50 -14.84 71.46
N ARG PA 64 -74.57 -14.97 70.65
CA ARG PA 64 -75.89 -14.57 71.11
C ARG PA 64 -76.40 -15.48 72.22
N ILE PA 65 -76.09 -16.78 72.13
CA ILE PA 65 -76.51 -17.72 73.16
C ILE PA 65 -75.73 -17.48 74.46
N ASN PA 66 -74.45 -17.15 74.33
CA ASN PA 66 -73.67 -16.81 75.53
C ASN PA 66 -74.07 -15.47 76.12
N ASP PA 67 -74.47 -14.51 75.28
CA ASP PA 67 -74.96 -13.24 75.80
C ASP PA 67 -76.33 -13.37 76.44
N ALA PA 68 -77.17 -14.26 75.92
CA ALA PA 68 -78.49 -14.48 76.50
C ALA PA 68 -78.44 -15.33 77.76
N ALA PA 69 -77.46 -16.25 77.85
CA ALA PA 69 -77.33 -17.06 79.06
C ALA PA 69 -76.73 -16.26 80.20
N ARG PA 70 -75.90 -15.27 79.89
CA ARG PA 70 -75.39 -14.37 80.93
C ARG PA 70 -76.46 -13.38 81.39
N ALA PA 71 -77.41 -13.06 80.51
CA ALA PA 71 -78.45 -12.08 80.81
C ALA PA 71 -79.53 -12.61 81.73
N VAL PA 72 -79.53 -13.90 82.05
CA VAL PA 72 -80.47 -14.49 82.99
C VAL PA 72 -79.76 -15.01 84.24
N MET PA 73 -78.49 -14.69 84.41
CA MET PA 73 -77.71 -15.03 85.59
C MET PA 73 -77.34 -13.76 86.35
N LEU PA 74 -77.44 -13.83 87.67
CA LEU PA 74 -77.29 -12.65 88.51
C LEU PA 74 -75.84 -12.15 88.55
N ALA PA 75 -74.88 -13.06 88.41
CA ALA PA 75 -73.47 -12.68 88.47
C ALA PA 75 -72.93 -12.18 87.13
N TYR PA 76 -73.74 -12.13 86.08
CA TYR PA 76 -73.26 -11.69 84.78
C TYR PA 76 -74.16 -10.73 84.03
N ALA PA 77 -75.42 -10.56 84.43
CA ALA PA 77 -76.32 -9.69 83.68
C ALA PA 77 -76.02 -8.22 83.94
N SER PA 78 -76.29 -7.39 82.92
CA SER PA 78 -76.08 -5.96 83.03
C SER PA 78 -77.02 -5.25 82.06
N GLY PA 79 -77.09 -3.93 82.20
CA GLY PA 79 -77.89 -3.14 81.28
C GLY PA 79 -79.37 -3.27 81.57
N ALA PA 80 -80.16 -3.49 80.53
CA ALA PA 80 -81.59 -3.71 80.64
C ALA PA 80 -81.95 -5.17 80.91
N ASP PA 81 -80.96 -5.99 81.27
CA ASP PA 81 -81.20 -7.40 81.57
C ASP PA 81 -81.33 -7.67 83.06
N LEU PA 82 -80.74 -6.82 83.91
CA LEU PA 82 -81.07 -6.80 85.33
C LEU PA 82 -82.40 -6.11 85.61
N ASP PA 83 -82.97 -5.40 84.64
CA ASP PA 83 -84.33 -4.88 84.77
C ASP PA 83 -85.34 -6.02 84.84
N GLN PA 84 -85.15 -7.08 84.06
CA GLN PA 84 -86.11 -8.18 84.05
C GLN PA 84 -85.95 -9.09 85.25
N ILE PA 85 -84.75 -9.19 85.81
CA ILE PA 85 -84.59 -9.89 87.09
C ILE PA 85 -85.09 -9.03 88.24
N GLY PA 86 -84.93 -7.71 88.15
CA GLY PA 86 -85.38 -6.84 89.21
C GLY PA 86 -86.89 -6.68 89.27
N ALA PA 87 -87.55 -6.65 88.11
CA ALA PA 87 -89.00 -6.49 88.08
C ALA PA 87 -89.73 -7.73 88.57
N GLY PA 88 -89.09 -8.90 88.52
CA GLY PA 88 -89.73 -10.10 89.04
C GLY PA 88 -89.73 -10.18 90.55
N PHE PA 89 -88.73 -9.58 91.19
CA PHE PA 89 -88.59 -9.62 92.64
C PHE PA 89 -88.97 -8.31 93.30
N ASN PA 90 -89.68 -7.43 92.56
CA ASN PA 90 -90.17 -6.13 93.01
C ASN PA 90 -89.03 -5.23 93.50
N VAL PA 91 -87.96 -5.17 92.70
CA VAL PA 91 -86.81 -4.31 92.98
C VAL PA 91 -86.65 -3.35 91.81
N GLN PA 92 -86.58 -2.05 92.13
CA GLN PA 92 -86.41 -1.01 91.12
C GLN PA 92 -85.11 -0.24 91.35
N ARG PA 93 -84.60 0.34 90.27
CA ARG PA 93 -83.40 1.15 90.33
C ARG PA 93 -83.74 2.53 90.86
N LEU PA 94 -82.87 3.08 91.71
CA LEU PA 94 -83.16 4.29 92.46
C LEU PA 94 -83.15 5.52 91.55
N LEU PA 95 -83.43 6.69 92.14
CA LEU PA 95 -83.41 7.96 91.44
C LEU PA 95 -82.61 8.96 92.26
N ILE PA 96 -81.40 9.26 91.82
CA ILE PA 96 -80.55 10.20 92.56
C ILE PA 96 -80.94 11.64 92.26
N ARG PA 97 -80.77 12.07 91.00
CA ARG PA 97 -81.36 13.29 90.50
C ARG PA 97 -82.50 12.98 89.54
N PRO PA 98 -83.56 13.82 89.49
CA PRO PA 98 -84.74 13.49 88.67
C PRO PA 98 -84.49 13.64 87.18
N ALA PA 99 -85.49 13.25 86.37
CA ALA PA 99 -85.28 13.11 84.93
C ALA PA 99 -85.40 14.44 84.22
N GLN PA 100 -86.29 15.31 84.68
CA GLN PA 100 -86.68 16.48 83.90
C GLN PA 100 -85.82 17.68 84.27
N PRO PA 101 -85.26 18.39 83.30
CA PRO PA 101 -84.54 19.63 83.60
C PRO PA 101 -85.46 20.85 83.56
N GLU PA 102 -85.07 21.86 84.33
CA GLU PA 102 -85.72 23.17 84.28
C GLU PA 102 -85.02 24.15 83.35
N ALA PA 103 -83.80 23.86 82.93
CA ALA PA 103 -83.02 24.76 82.09
C ALA PA 103 -83.00 24.26 80.64
N VAL PA 104 -82.35 25.04 79.78
CA VAL PA 104 -82.26 24.72 78.36
C VAL PA 104 -81.27 23.58 78.10
N PRO PA 105 -80.07 23.50 78.71
CA PRO PA 105 -79.30 22.25 78.60
C PRO PA 105 -79.97 21.13 79.39
N PRO PA 106 -80.21 19.98 78.76
CA PRO PA 106 -80.91 18.88 79.44
C PRO PA 106 -80.02 18.23 80.49
N VAL PA 107 -80.42 18.31 81.75
CA VAL PA 107 -79.67 17.68 82.83
C VAL PA 107 -79.90 16.17 82.77
N GLU PA 108 -78.80 15.42 82.70
CA GLU PA 108 -78.91 13.97 82.66
C GLU PA 108 -79.33 13.43 84.03
N ALA PA 109 -80.15 12.39 84.02
CA ALA PA 109 -80.63 11.77 85.25
C ALA PA 109 -79.63 10.71 85.71
N GLN PA 110 -78.90 11.02 86.78
CA GLN PA 110 -77.90 10.09 87.30
C GLN PA 110 -78.56 8.84 87.85
N TYR PA 111 -77.94 7.70 87.58
CA TYR PA 111 -78.44 6.42 88.04
C TYR PA 111 -77.31 5.62 88.69
N GLU PA 112 -77.66 4.85 89.72
CA GLU PA 112 -76.69 4.02 90.40
C GLU PA 112 -76.15 2.95 89.47
N SER PA 113 -74.82 2.76 89.50
CA SER PA 113 -74.11 1.80 88.67
C SER PA 113 -74.63 0.37 88.76
N ASP PA 114 -74.40 -0.42 87.71
CA ASP PA 114 -74.90 -1.78 87.63
C ASP PA 114 -74.10 -2.76 88.48
N LYS PA 115 -72.98 -2.33 89.06
CA LYS PA 115 -72.27 -3.10 90.07
C LYS PA 115 -72.96 -3.07 91.43
N SER PA 116 -73.93 -2.18 91.63
CA SER PA 116 -74.69 -2.12 92.87
C SER PA 116 -76.09 -2.70 92.74
N LEU PA 117 -76.52 -3.03 91.53
CA LEU PA 117 -77.78 -3.76 91.37
C LEU PA 117 -77.63 -5.20 91.84
N ARG PA 118 -76.45 -5.78 91.65
CA ARG PA 118 -76.18 -7.13 92.15
C ARG PA 118 -76.13 -7.18 93.68
N ASN PA 119 -75.89 -6.05 94.34
CA ASN PA 119 -76.14 -5.94 95.77
C ASN PA 119 -77.63 -6.02 96.07
N ARG PA 120 -78.46 -5.27 95.33
CA ARG PA 120 -79.85 -5.09 95.75
C ARG PA 120 -80.73 -6.28 95.39
N ILE PA 121 -80.42 -7.01 94.31
CA ILE PA 121 -81.15 -8.24 94.04
C ILE PA 121 -80.79 -9.30 95.08
N GLN PA 122 -79.53 -9.29 95.55
CA GLN PA 122 -79.07 -10.29 96.50
C GLN PA 122 -79.51 -9.99 97.92
N LEU PA 123 -79.80 -8.72 98.25
CA LEU PA 123 -80.39 -8.36 99.52
C LEU PA 123 -81.91 -8.34 99.49
N ALA PA 124 -82.53 -8.83 98.42
CA ALA PA 124 -83.97 -8.89 98.34
C ALA PA 124 -84.56 -10.12 99.03
N PHE PA 125 -83.70 -11.00 99.57
CA PHE PA 125 -84.17 -12.18 100.29
C PHE PA 125 -84.07 -12.00 101.80
N GLU PA 126 -82.86 -11.74 102.30
CA GLU PA 126 -82.62 -11.48 103.72
C GLU PA 126 -83.01 -10.04 104.01
N GLN PA 127 -84.27 -9.83 104.37
CA GLN PA 127 -84.84 -8.49 104.45
C GLN PA 127 -86.00 -8.54 105.44
N LEU PA 128 -86.27 -7.41 106.08
CA LEU PA 128 -87.36 -7.30 107.03
C LEU PA 128 -88.69 -7.39 106.28
N SER PA 129 -89.44 -8.46 106.54
CA SER PA 129 -90.70 -8.73 105.86
C SER PA 129 -91.89 -8.77 106.81
N VAL PA 130 -91.80 -9.55 107.89
CA VAL PA 130 -92.92 -9.76 108.80
C VAL PA 130 -92.36 -9.99 110.20
N ALA PA 131 -93.07 -9.50 111.22
CA ALA PA 131 -92.63 -9.59 112.60
C ALA PA 131 -92.99 -10.95 113.19
N GLY PA 132 -92.24 -11.96 112.76
CA GLY PA 132 -92.39 -13.30 113.26
C GLY PA 132 -91.76 -13.56 114.62
N PRO PA 133 -90.42 -13.56 114.70
CA PRO PA 133 -89.76 -13.88 115.97
C PRO PA 133 -89.53 -12.68 116.86
N ARG PA 134 -88.83 -12.90 117.98
CA ARG PA 134 -88.57 -11.82 118.94
C ARG PA 134 -87.68 -10.72 118.36
N ASN PA 135 -86.84 -11.03 117.38
CA ASN PA 135 -85.94 -10.05 116.80
C ASN PA 135 -86.58 -9.24 115.69
N ALA PA 136 -87.82 -9.57 115.30
CA ALA PA 136 -88.49 -8.88 114.20
C ALA PA 136 -89.70 -8.05 114.63
N TYR PA 137 -90.25 -8.29 115.83
CA TYR PA 137 -91.24 -7.35 116.37
C TYR PA 137 -90.63 -5.99 116.65
N ILE PA 138 -89.36 -5.98 117.05
CA ILE PA 138 -88.70 -4.73 117.44
C ILE PA 138 -88.24 -3.96 116.20
N ALA PA 139 -87.78 -4.68 115.18
CA ALA PA 139 -87.34 -4.03 113.95
C ALA PA 139 -88.51 -3.48 113.15
N HIS PA 140 -89.70 -4.04 113.29
CA HIS PA 140 -90.90 -3.40 112.76
C HIS PA 140 -91.44 -2.31 113.68
N ALA PA 141 -90.87 -2.16 114.87
CA ALA PA 141 -91.18 -1.05 115.78
C ALA PA 141 -90.12 0.04 115.71
N LEU PA 142 -89.55 0.29 114.54
CA LEU PA 142 -88.56 1.34 114.33
C LEU PA 142 -89.07 2.41 113.38
N GLY PA 143 -90.32 2.83 113.56
CA GLY PA 143 -90.89 3.89 112.75
C GLY PA 143 -90.58 5.29 113.22
N ALA PA 144 -90.66 5.51 114.54
CA ALA PA 144 -90.27 6.78 115.15
C ALA PA 144 -88.75 6.87 115.27
N ASP PA 145 -88.27 7.92 115.91
CA ASP PA 145 -86.84 8.18 115.95
C ASP PA 145 -86.29 8.36 117.37
N GLY PA 146 -87.03 9.01 118.26
CA GLY PA 146 -86.51 9.29 119.58
C GLY PA 146 -86.70 8.12 120.53
N ARG PA 147 -85.90 7.07 120.36
CA ARG PA 147 -86.19 5.78 120.96
C ARG PA 147 -84.97 4.88 120.81
N VAL PA 148 -84.68 4.10 121.86
CA VAL PA 148 -83.59 3.13 121.83
C VAL PA 148 -84.23 1.74 121.89
N ALA PA 149 -83.41 0.68 121.85
CA ALA PA 149 -83.83 -0.66 121.50
C ALA PA 149 -84.80 -1.26 122.52
N ASP PA 150 -85.38 -2.40 122.14
CA ASP PA 150 -86.57 -2.93 122.78
C ASP PA 150 -86.54 -4.44 122.63
N ALA PA 151 -87.37 -5.13 123.42
CA ALA PA 151 -87.47 -6.58 123.37
C ALA PA 151 -88.92 -7.00 123.59
N SER PA 152 -89.28 -8.17 123.05
CA SER PA 152 -90.65 -8.65 123.09
C SER PA 152 -90.76 -9.95 123.88
N ALA PA 153 -91.96 -10.20 124.40
CA ALA PA 153 -92.30 -11.41 125.12
C ALA PA 153 -93.74 -11.77 124.80
N THR PA 154 -94.15 -12.96 125.22
CA THR PA 154 -95.54 -13.40 125.08
C THR PA 154 -95.91 -14.28 126.28
N SER PA 155 -96.76 -13.73 127.14
CA SER PA 155 -97.10 -14.44 128.38
C SER PA 155 -98.09 -15.59 128.12
N PRO PA 156 -99.14 -15.45 127.26
CA PRO PA 156 -99.79 -16.68 126.79
C PRO PA 156 -99.24 -17.16 125.45
N ALA PA 157 -99.40 -18.45 125.17
CA ALA PA 157 -99.14 -18.96 123.83
C ALA PA 157 -100.17 -18.56 122.78
N PRO PA 158 -101.47 -18.91 122.89
CA PRO PA 158 -102.30 -18.96 121.67
C PRO PA 158 -102.73 -17.62 121.09
N CYS PA 159 -102.89 -16.56 121.89
CA CYS PA 159 -103.50 -15.35 121.37
C CYS PA 159 -102.59 -14.13 121.45
N GLU PA 160 -102.09 -13.78 122.63
CA GLU PA 160 -101.62 -12.42 122.88
C GLU PA 160 -100.09 -12.37 122.83
N VAL PA 161 -99.58 -11.36 122.14
CA VAL PA 161 -98.16 -11.02 122.14
C VAL PA 161 -98.04 -9.62 122.73
N LEU PA 162 -97.00 -9.41 123.54
CA LEU PA 162 -96.82 -8.17 124.27
C LEU PA 162 -95.57 -7.45 123.79
N ILE PA 163 -95.73 -6.18 123.42
CA ILE PA 163 -94.63 -5.35 122.96
C ILE PA 163 -94.61 -4.10 123.83
N SER PA 164 -93.50 -3.86 124.51
CA SER PA 164 -93.37 -2.81 125.52
C SER PA 164 -92.41 -1.74 125.01
N VAL PA 165 -92.97 -0.71 124.36
CA VAL PA 165 -92.15 0.34 123.76
C VAL PA 165 -91.68 1.29 124.85
N LEU PA 166 -90.37 1.50 124.94
CA LEU PA 166 -89.78 2.52 125.78
C LEU PA 166 -88.97 3.50 124.93
N GLY PA 167 -89.20 4.80 125.15
CA GLY PA 167 -88.50 5.84 124.43
C GLY PA 167 -87.80 6.81 125.36
N VAL PA 168 -86.50 7.00 125.17
CA VAL PA 168 -85.70 7.80 126.10
C VAL PA 168 -85.79 9.25 125.63
N GLU PA 169 -86.84 9.95 126.07
CA GLU PA 169 -86.90 11.39 125.91
C GLU PA 169 -86.57 12.12 127.22
N GLY PA 170 -87.34 11.85 128.27
CA GLY PA 170 -87.03 12.34 129.60
C GLY PA 170 -86.74 11.21 130.56
N ASN PA 171 -87.74 10.85 131.37
CA ASN PA 171 -87.64 9.75 132.32
C ASN PA 171 -87.79 8.37 131.68
N GLY PA 172 -88.03 8.32 130.37
CA GLY PA 172 -88.21 7.05 129.68
C GLY PA 172 -89.64 6.58 129.54
N GLN PA 173 -90.61 7.46 129.72
CA GLN PA 173 -91.99 7.12 129.46
C GLN PA 173 -92.32 7.27 127.98
N ALA PA 174 -93.24 6.44 127.50
CA ALA PA 174 -93.72 6.57 126.13
C ALA PA 174 -94.83 7.64 126.09
N PRO PA 175 -94.72 8.64 125.22
CA PRO PA 175 -95.81 9.60 125.07
C PRO PA 175 -97.02 9.00 124.37
N GLU PA 176 -98.16 9.66 124.54
CA GLU PA 176 -99.41 9.21 123.93
C GLU PA 176 -99.48 9.52 122.44
N ALA PA 177 -98.64 10.43 121.94
CA ALA PA 177 -98.65 10.74 120.52
C ALA PA 177 -98.05 9.62 119.69
N VAL PA 178 -97.02 8.95 120.23
CA VAL PA 178 -96.36 7.86 119.51
C VAL PA 178 -96.98 6.50 119.78
N LEU PA 179 -98.07 6.44 120.57
CA LEU PA 179 -98.76 5.17 120.74
C LEU PA 179 -99.51 4.77 119.49
N GLN PA 180 -100.18 5.72 118.82
CA GLN PA 180 -100.84 5.43 117.56
C GLN PA 180 -99.87 5.37 116.39
N ALA PA 181 -98.69 5.99 116.52
CA ALA PA 181 -97.69 5.95 115.46
C ALA PA 181 -97.07 4.57 115.32
N VAL PA 182 -97.07 3.78 116.39
CA VAL PA 182 -96.66 2.39 116.31
C VAL PA 182 -97.75 1.53 115.67
N ARG PA 183 -99.01 1.79 116.00
CA ARG PA 183 -100.12 0.94 115.54
C ARG PA 183 -100.39 1.08 114.06
N LEU PA 184 -99.98 2.19 113.42
CA LEU PA 184 -100.14 2.32 111.98
C LEU PA 184 -99.26 1.33 111.22
N ALA PA 185 -98.02 1.16 111.65
CA ALA PA 185 -97.12 0.21 110.97
C ALA PA 185 -97.50 -1.24 111.25
N LEU PA 186 -97.87 -1.55 112.51
CA LEU PA 186 -98.07 -2.94 112.95
C LEU PA 186 -99.21 -3.68 112.27
N ASN PA 187 -100.31 -2.99 111.92
CA ASN PA 187 -101.49 -3.69 111.37
C ASN PA 187 -101.18 -4.40 110.05
N ALA PA 188 -100.40 -3.77 109.18
CA ALA PA 188 -100.07 -4.36 107.89
C ALA PA 188 -98.74 -5.11 107.89
N GLU PA 189 -97.94 -5.03 108.95
CA GLU PA 189 -96.64 -5.69 109.00
C GLU PA 189 -96.58 -6.87 109.98
N ASP PA 190 -97.71 -7.34 110.49
CA ASP PA 190 -97.72 -8.43 111.46
C ASP PA 190 -98.73 -9.49 111.04
N VAL PA 191 -98.69 -10.61 111.75
CA VAL PA 191 -99.64 -11.70 111.56
C VAL PA 191 -101.04 -11.17 111.85
N ARG PA 192 -101.98 -11.46 110.96
CA ARG PA 192 -103.33 -10.88 111.02
C ARG PA 192 -104.10 -11.12 112.33
N PRO PA 193 -104.23 -12.40 112.90
CA PRO PA 193 -105.01 -12.57 114.13
C PRO PA 193 -104.20 -12.48 115.42
N VAL PA 194 -103.44 -11.41 115.59
CA VAL PA 194 -102.72 -11.17 116.84
C VAL PA 194 -103.54 -10.24 117.72
N ALA PA 195 -103.47 -10.47 119.02
CA ALA PA 195 -103.99 -9.50 119.99
C ALA PA 195 -102.83 -8.67 120.52
N ASP PA 196 -102.35 -7.78 119.64
CA ASP PA 196 -101.21 -6.90 119.95
C ASP PA 196 -101.67 -5.77 120.87
N ARG PA 197 -101.71 -6.07 122.17
CA ARG PA 197 -102.08 -5.07 123.16
C ARG PA 197 -100.87 -4.14 123.33
N VAL PA 198 -100.80 -3.13 122.47
CA VAL PA 198 -99.70 -2.16 122.51
C VAL PA 198 -100.20 -0.98 123.35
N THR PA 199 -99.81 -1.06 124.62
CA THR PA 199 -100.03 -0.07 125.66
C THR PA 199 -98.64 0.50 125.97
N VAL PA 200 -98.55 1.70 126.52
CA VAL PA 200 -97.23 2.30 126.71
C VAL PA 200 -96.23 1.56 127.62
N ARG PA 201 -96.64 1.11 128.81
CA ARG PA 201 -95.70 0.37 129.67
C ARG PA 201 -96.30 -0.57 130.72
N SER PA 202 -95.69 -1.72 130.91
CA SER PA 202 -96.11 -2.65 131.97
C SER PA 202 -95.79 -1.92 133.26
N ALA PA 203 -94.61 -1.29 133.24
CA ALA PA 203 -94.06 -0.48 134.31
C ALA PA 203 -92.99 0.42 133.71
N GLY PA 204 -93.07 1.71 134.00
CA GLY PA 204 -92.18 2.69 133.40
C GLY PA 204 -91.07 3.16 134.30
N ILE PA 205 -91.24 4.34 134.90
CA ILE PA 205 -90.23 4.94 135.77
C ILE PA 205 -90.09 4.13 137.06
N VAL PA 206 -89.04 3.33 137.14
CA VAL PA 206 -88.68 2.61 138.36
C VAL PA 206 -87.37 3.22 138.86
N PRO PA 207 -87.42 4.23 139.72
CA PRO PA 207 -86.26 5.12 139.94
C PRO PA 207 -85.14 4.40 140.69
N TYR PA 208 -83.99 4.28 140.05
CA TYR PA 208 -82.84 3.57 140.59
C TYR PA 208 -81.75 4.60 140.87
N GLN PA 209 -81.74 5.15 142.09
CA GLN PA 209 -80.61 5.95 142.52
C GLN PA 209 -79.39 5.06 142.75
N VAL PA 210 -78.21 5.67 142.68
CA VAL PA 210 -76.96 5.06 143.10
C VAL PA 210 -76.19 6.07 143.94
N LYS PA 211 -75.51 5.57 144.97
CA LYS PA 211 -74.52 6.34 145.70
C LYS PA 211 -73.31 5.45 145.99
N ALA PA 212 -72.13 6.05 145.96
CA ALA PA 212 -70.88 5.31 146.17
C ALA PA 212 -69.95 6.15 147.04
N GLN PA 213 -69.58 5.62 148.19
CA GLN PA 213 -68.60 6.25 149.08
C GLN PA 213 -67.22 5.72 148.69
N LEU PA 214 -66.56 6.44 147.78
CA LEU PA 214 -65.28 6.00 147.25
C LEU PA 214 -64.16 6.25 148.25
N TYR PA 215 -63.35 5.22 148.48
CA TYR PA 215 -62.17 5.31 149.33
C TYR PA 215 -60.93 5.15 148.47
N LEU PA 216 -60.07 6.16 148.46
CA LEU PA 216 -58.92 6.22 147.57
C LEU PA 216 -57.66 6.49 148.38
N PHE PA 217 -56.52 6.38 147.71
CA PHE PA 217 -55.27 6.89 148.25
C PHE PA 217 -55.12 8.37 147.93
N PRO PA 218 -54.67 9.20 148.87
CA PRO PA 218 -54.68 10.66 148.66
C PRO PA 218 -53.56 11.19 147.78
N GLY PA 219 -52.87 10.34 147.02
CA GLY PA 219 -51.76 10.78 146.21
C GLY PA 219 -52.14 11.56 144.96
N PRO PA 220 -51.23 11.56 143.97
CA PRO PA 220 -51.41 12.45 142.82
C PRO PA 220 -52.46 11.97 141.82
N GLU PA 221 -52.56 10.66 141.64
CA GLU PA 221 -53.46 10.06 140.65
C GLU PA 221 -54.92 10.05 141.09
N ALA PA 222 -55.23 10.50 142.31
CA ALA PA 222 -56.59 10.39 142.84
C ALA PA 222 -57.59 11.30 142.12
N GLU PA 223 -57.13 12.31 141.39
CA GLU PA 223 -58.05 13.09 140.56
C GLU PA 223 -58.28 12.44 139.20
N LEU PA 224 -57.26 11.80 138.63
CA LEU PA 224 -57.40 11.23 137.29
C LEU PA 224 -58.11 9.88 137.27
N ILE PA 225 -57.91 9.06 138.30
CA ILE PA 225 -58.49 7.72 138.31
C ILE PA 225 -59.91 7.73 138.90
N ARG PA 226 -60.29 8.77 139.63
CA ARG PA 226 -61.66 8.88 140.14
C ARG PA 226 -62.63 9.23 139.03
N ALA PA 227 -62.24 10.14 138.13
CA ALA PA 227 -63.10 10.50 137.01
C ALA PA 227 -63.13 9.43 135.93
N ALA PA 228 -62.13 8.54 135.88
CA ALA PA 228 -62.14 7.43 134.93
C ALA PA 228 -63.17 6.38 135.33
N ALA PA 229 -63.32 6.14 136.64
CA ALA PA 229 -64.36 5.24 137.12
C ALA PA 229 -65.75 5.82 136.92
N GLU PA 230 -65.89 7.15 137.00
CA GLU PA 230 -67.18 7.78 136.74
C GLU PA 230 -67.56 7.68 135.26
N ALA PA 231 -66.56 7.71 134.38
CA ALA PA 231 -66.83 7.53 132.95
C ALA PA 231 -67.23 6.10 132.65
N SER PA 232 -66.69 5.13 133.40
CA SER PA 232 -67.12 3.74 133.27
C SER PA 232 -68.53 3.53 133.82
N LEU PA 233 -69.01 4.43 134.69
CA LEU PA 233 -70.38 4.36 135.16
C LEU PA 233 -71.37 4.92 134.15
N ARG PA 234 -70.95 5.93 133.37
CA ARG PA 234 -71.85 6.58 132.41
C ARG PA 234 -72.22 5.66 131.27
N ASP PA 235 -71.22 5.04 130.63
CA ASP PA 235 -71.54 4.14 129.52
C ASP PA 235 -72.15 2.82 129.98
N TYR PA 236 -72.06 2.50 131.26
CA TYR PA 236 -72.77 1.35 131.81
C TYR PA 236 -74.27 1.63 131.87
N ILE PA 237 -74.63 2.79 132.43
CA ILE PA 237 -76.04 3.19 132.55
C ILE PA 237 -76.65 3.38 131.16
N SER PA 238 -75.87 3.91 130.22
CA SER PA 238 -76.31 4.01 128.84
C SER PA 238 -76.48 2.64 128.17
N ALA PA 239 -75.80 1.61 128.68
CA ALA PA 239 -76.02 0.24 128.26
C ALA PA 239 -77.11 -0.48 129.05
N GLN PA 240 -77.64 0.14 130.11
CA GLN PA 240 -78.73 -0.46 130.88
C GLN PA 240 -80.10 0.08 130.49
N ARG PA 241 -80.18 0.93 129.47
CA ARG PA 241 -81.47 1.30 128.87
C ARG PA 241 -81.94 0.14 128.00
N ARG PA 242 -82.49 -0.87 128.68
CA ARG PA 242 -82.68 -2.19 128.08
C ARG PA 242 -83.79 -2.87 128.87
N LEU PA 243 -84.26 -4.01 128.37
CA LEU PA 243 -85.16 -4.87 129.11
C LEU PA 243 -84.44 -6.05 129.76
N GLY PA 244 -83.18 -6.30 129.40
CA GLY PA 244 -82.37 -7.20 130.20
C GLY PA 244 -82.00 -6.61 131.54
N ARG PA 245 -81.71 -5.30 131.56
CA ARG PA 245 -81.76 -4.33 132.68
C ARG PA 245 -81.29 -4.84 134.05
N ASP PA 246 -80.26 -5.70 134.05
CA ASP PA 246 -79.83 -6.39 135.28
C ASP PA 246 -79.05 -5.42 136.18
N ILE PA 247 -79.79 -4.52 136.83
CA ILE PA 247 -79.23 -3.68 137.87
C ILE PA 247 -78.90 -4.54 139.08
N ARG PA 248 -77.66 -4.46 139.55
CA ARG PA 248 -77.23 -5.36 140.62
C ARG PA 248 -76.48 -4.64 141.74
N ARG PA 249 -75.90 -5.42 142.65
CA ARG PA 249 -74.98 -4.94 143.68
C ARG PA 249 -73.55 -5.39 143.44
N SER PA 250 -73.34 -6.70 143.25
CA SER PA 250 -72.00 -7.23 143.07
C SER PA 250 -71.44 -6.99 141.66
N ALA PA 251 -72.30 -6.75 140.68
CA ALA PA 251 -71.81 -6.40 139.35
C ALA PA 251 -71.26 -4.98 139.30
N LEU PA 252 -71.71 -4.10 140.19
CA LEU PA 252 -71.12 -2.77 140.30
C LEU PA 252 -69.84 -2.76 141.11
N PHE PA 253 -69.58 -3.82 141.87
CA PHE PA 253 -68.32 -3.94 142.61
C PHE PA 253 -67.15 -4.13 141.67
N ALA PA 254 -67.32 -4.98 140.63
CA ALA PA 254 -66.27 -5.26 139.67
C ALA PA 254 -65.89 -4.02 138.85
N THR PA 255 -66.90 -3.24 138.45
CA THR PA 255 -66.66 -2.03 137.68
C THR PA 255 -65.85 -1.01 138.48
N LEU PA 256 -66.23 -0.82 139.75
CA LEU PA 256 -65.52 0.12 140.62
C LEU PA 256 -64.11 -0.35 140.95
N HIS PA 257 -63.92 -1.66 141.14
CA HIS PA 257 -62.65 -2.24 141.58
C HIS PA 257 -61.76 -2.66 140.41
N VAL PA 258 -61.71 -1.87 139.34
CA VAL PA 258 -60.92 -2.25 138.17
C VAL PA 258 -59.41 -2.18 138.46
N GLU PA 259 -58.85 -0.98 138.69
CA GLU PA 259 -57.42 -0.89 138.93
C GLU PA 259 -57.05 -0.46 140.36
N GLY PA 260 -57.54 0.67 140.84
CA GLY PA 260 -56.99 1.17 142.10
C GLY PA 260 -57.81 1.44 143.34
N VAL PA 261 -59.13 1.28 143.33
CA VAL PA 261 -59.91 1.61 144.51
C VAL PA 261 -59.66 0.57 145.61
N GLN PA 262 -59.64 1.02 146.87
CA GLN PA 262 -59.46 0.12 148.00
C GLN PA 262 -60.76 -0.59 148.37
N ARG PA 263 -61.86 0.17 148.46
CA ARG PA 263 -63.19 -0.35 148.74
C ARG PA 263 -64.20 0.75 148.47
N VAL PA 264 -65.47 0.41 148.57
CA VAL PA 264 -66.56 1.33 148.31
C VAL PA 264 -67.73 0.94 149.21
N GLU PA 265 -68.60 1.91 149.51
CA GLU PA 265 -69.74 1.71 150.39
C GLU PA 265 -70.97 2.16 149.61
N LEU PA 266 -71.71 1.18 149.10
CA LEU PA 266 -72.87 1.41 148.25
C LEU PA 266 -74.13 1.50 149.10
N GLN PA 267 -74.83 2.64 149.00
CA GLN PA 267 -76.00 2.87 149.84
C GLN PA 267 -77.30 2.44 149.15
N GLU PA 268 -77.56 2.95 147.95
CA GLU PA 268 -78.85 2.77 147.31
C GLU PA 268 -79.07 1.37 146.69
N PRO PA 269 -78.05 0.71 146.05
CA PRO PA 269 -78.23 -0.74 145.83
C PRO PA 269 -77.95 -1.56 147.07
N ALA PA 270 -79.01 -2.04 147.74
CA ALA PA 270 -78.87 -2.94 148.87
C ALA PA 270 -79.27 -4.37 148.58
N ALA PA 271 -80.18 -4.61 147.64
CA ALA PA 271 -80.58 -5.94 147.23
C ALA PA 271 -80.56 -6.07 145.71
N ASP PA 272 -80.56 -7.31 145.24
CA ASP PA 272 -80.63 -7.56 143.80
C ASP PA 272 -82.02 -7.23 143.27
N VAL PA 273 -82.06 -6.73 142.04
CA VAL PA 273 -83.31 -6.41 141.38
C VAL PA 273 -83.92 -7.67 140.79
N VAL PA 274 -85.18 -7.95 141.14
CA VAL PA 274 -85.91 -9.04 140.52
C VAL PA 274 -86.22 -8.70 139.06
N LEU PA 275 -86.10 -9.68 138.17
CA LEU PA 275 -86.07 -9.43 136.73
C LEU PA 275 -87.28 -10.07 136.07
N ASP PA 276 -88.07 -9.25 135.38
CA ASP PA 276 -89.04 -9.68 134.39
C ASP PA 276 -88.89 -8.81 133.14
N GLU PA 277 -89.47 -9.28 132.04
CA GLU PA 277 -89.43 -8.52 130.79
C GLU PA 277 -90.32 -7.28 130.87
N THR PA 278 -91.37 -7.31 131.69
CA THR PA 278 -92.42 -6.32 131.62
C THR PA 278 -91.98 -4.96 132.17
N GLN PA 279 -91.20 -4.96 133.24
CA GLN PA 279 -90.82 -3.70 133.87
C GLN PA 279 -89.67 -3.04 133.10
N ALA PA 280 -89.42 -1.78 133.44
CA ALA PA 280 -88.29 -1.05 132.85
C ALA PA 280 -87.40 -0.47 133.95
N ALA PA 281 -86.41 0.31 133.57
CA ALA PA 281 -85.48 0.90 134.53
C ALA PA 281 -85.10 2.30 134.07
N TYR PA 282 -84.58 3.08 135.01
CA TYR PA 282 -84.10 4.44 134.75
C TYR PA 282 -83.17 4.84 135.88
N CYS PA 283 -82.20 5.70 135.57
CA CYS PA 283 -81.29 6.26 136.56
C CYS PA 283 -81.38 7.77 136.52
N THR PA 284 -81.83 8.37 137.62
CA THR PA 284 -82.05 9.80 137.68
C THR PA 284 -80.77 10.59 137.98
N GLY PA 285 -79.80 9.96 138.62
CA GLY PA 285 -78.58 10.65 138.99
C GLY PA 285 -77.91 9.94 140.15
N TYR PA 286 -76.92 10.64 140.72
CA TYR PA 286 -76.13 10.09 141.81
C TYR PA 286 -75.60 11.22 142.66
N ALA PA 287 -75.01 10.84 143.81
CA ALA PA 287 -74.35 11.78 144.71
C ALA PA 287 -73.00 11.16 145.09
N ILE PA 288 -71.99 11.43 144.26
CA ILE PA 288 -70.64 10.90 144.49
C ILE PA 288 -69.93 11.77 145.53
N THR PA 289 -69.05 11.14 146.31
CA THR PA 289 -68.40 11.80 147.43
C THR PA 289 -67.07 11.10 147.70
N LEU PA 290 -66.17 11.82 148.37
CA LEU PA 290 -64.86 11.31 148.73
C LEU PA 290 -64.88 10.75 150.14
N GLY PA 291 -64.12 9.67 150.35
CA GLY PA 291 -64.03 9.09 151.69
C GLY PA 291 -63.26 9.96 152.66
N GLY PA 292 -62.10 10.44 152.25
CA GLY PA 292 -61.28 11.27 153.10
C GLY PA 292 -60.03 10.57 153.59
N SER QA 2 -77.64 32.50 9.83
CA SER QA 2 -77.33 31.30 10.60
C SER QA 2 -78.20 30.13 10.16
N PHE QA 3 -77.61 29.22 9.37
CA PHE QA 3 -78.32 28.02 8.98
C PHE QA 3 -78.49 27.09 10.17
N PHE QA 4 -77.43 26.86 10.93
CA PHE QA 4 -77.53 26.17 12.21
C PHE QA 4 -76.40 26.62 13.11
N HIS QA 5 -76.74 26.94 14.36
CA HIS QA 5 -75.77 27.30 15.39
C HIS QA 5 -75.59 26.08 16.28
N GLY QA 6 -74.53 25.33 16.06
CA GLY QA 6 -74.30 24.12 16.85
C GLY QA 6 -73.47 23.13 16.06
N VAL QA 7 -73.46 21.89 16.53
CA VAL QA 7 -72.65 20.82 15.94
C VAL QA 7 -73.57 19.92 15.12
N THR QA 8 -73.30 19.84 13.82
CA THR QA 8 -73.90 18.80 12.99
C THR QA 8 -72.93 17.66 12.85
N VAL QA 9 -73.43 16.44 12.99
CA VAL QA 9 -72.66 15.24 12.73
C VAL QA 9 -73.44 14.43 11.71
N THR QA 10 -72.93 14.36 10.49
CA THR QA 10 -73.64 13.72 9.40
C THR QA 10 -73.03 12.36 9.08
N ASN QA 11 -73.84 11.52 8.46
CA ASN QA 11 -73.45 10.19 8.00
C ASN QA 11 -73.60 10.22 6.49
N VAL QA 12 -72.47 10.29 5.78
CA VAL QA 12 -72.53 10.69 4.37
C VAL QA 12 -73.03 9.57 3.47
N ASP QA 13 -72.82 8.31 3.86
CA ASP QA 13 -73.45 7.13 3.25
C ASP QA 13 -73.11 6.98 1.76
N ILE QA 14 -71.82 7.05 1.44
CA ILE QA 14 -71.37 7.05 0.06
C ILE QA 14 -70.48 5.85 -0.25
N GLY QA 15 -70.49 4.83 0.58
CA GLY QA 15 -69.67 3.68 0.32
C GLY QA 15 -70.25 2.77 -0.75
N ALA QA 16 -69.39 1.87 -1.24
CA ALA QA 16 -69.83 0.83 -2.15
C ALA QA 16 -70.39 -0.33 -1.35
N ARG QA 17 -71.57 -0.80 -1.72
CA ARG QA 17 -72.27 -1.83 -0.95
C ARG QA 17 -71.76 -3.21 -1.37
N THR QA 18 -72.42 -4.25 -0.89
CA THR QA 18 -72.02 -5.61 -1.19
C THR QA 18 -73.22 -6.38 -1.74
N ILE QA 19 -72.93 -7.48 -2.44
CA ILE QA 19 -73.93 -8.24 -3.16
C ILE QA 19 -73.82 -9.70 -2.72
N ALA QA 20 -74.95 -10.29 -2.33
CA ALA QA 20 -75.02 -11.70 -2.00
C ALA QA 20 -75.86 -12.44 -3.04
N LEU QA 21 -75.67 -13.75 -3.11
CA LEU QA 21 -76.35 -14.61 -4.06
C LEU QA 21 -77.61 -15.20 -3.45
N PRO QA 22 -78.68 -15.39 -4.25
CA PRO QA 22 -79.93 -15.92 -3.68
C PRO QA 22 -80.01 -17.44 -3.59
N ALA QA 23 -78.93 -18.07 -3.13
CA ALA QA 23 -78.87 -19.43 -2.57
C ALA QA 23 -79.07 -20.57 -3.55
N SER QA 24 -79.54 -20.29 -4.76
CA SER QA 24 -79.37 -21.12 -5.96
C SER QA 24 -79.90 -22.55 -5.91
N SER QA 25 -80.55 -22.98 -4.83
CA SER QA 25 -80.83 -24.41 -4.69
C SER QA 25 -82.22 -24.71 -4.18
N VAL QA 26 -83.14 -23.76 -4.20
CA VAL QA 26 -84.51 -24.03 -3.78
C VAL QA 26 -85.21 -24.79 -4.88
N ILE QA 27 -85.88 -25.87 -4.53
CA ILE QA 27 -86.44 -26.81 -5.48
C ILE QA 27 -87.96 -26.66 -5.47
N GLY QA 28 -88.54 -26.32 -6.61
CA GLY QA 28 -89.98 -26.24 -6.71
C GLY QA 28 -90.59 -27.58 -7.07
N LEU QA 29 -91.39 -28.13 -6.17
CA LEU QA 29 -91.95 -29.46 -6.34
C LEU QA 29 -93.46 -29.37 -6.50
N CYS QA 30 -94.00 -30.29 -7.31
CA CYS QA 30 -95.46 -30.36 -7.49
C CYS QA 30 -95.80 -31.78 -7.91
N ASP QA 31 -96.44 -32.52 -7.03
CA ASP QA 31 -96.90 -33.86 -7.33
C ASP QA 31 -98.19 -34.09 -6.55
N VAL QA 32 -98.74 -35.30 -6.66
CA VAL QA 32 -100.02 -35.58 -6.03
C VAL QA 32 -99.80 -36.06 -4.61
N PHE QA 33 -100.84 -35.91 -3.79
CA PHE QA 33 -100.86 -36.44 -2.43
C PHE QA 33 -102.32 -36.53 -2.00
N THR QA 34 -102.57 -37.44 -1.07
CA THR QA 34 -103.93 -37.65 -0.58
C THR QA 34 -104.14 -36.88 0.71
N PRO QA 35 -104.95 -35.84 0.73
CA PRO QA 35 -105.16 -35.08 1.97
C PRO QA 35 -106.03 -35.85 2.94
N GLY QA 36 -105.71 -35.72 4.23
CA GLY QA 36 -106.45 -36.41 5.26
C GLY QA 36 -106.02 -36.01 6.65
N ALA QA 37 -105.97 -36.98 7.56
CA ALA QA 37 -105.59 -36.69 8.94
C ALA QA 37 -104.08 -36.66 9.10
N GLN QA 38 -103.36 -37.54 8.40
CA GLN QA 38 -101.91 -37.63 8.51
C GLN QA 38 -101.19 -36.68 7.57
N ALA QA 39 -101.85 -36.18 6.54
CA ALA QA 39 -101.28 -35.21 5.61
C ALA QA 39 -101.77 -33.83 6.04
N SER QA 40 -100.90 -33.06 6.66
CA SER QA 40 -101.27 -31.80 7.30
C SER QA 40 -101.08 -30.59 6.42
N ALA QA 41 -101.24 -30.73 5.11
CA ALA QA 41 -101.13 -29.60 4.18
C ALA QA 41 -102.39 -29.50 3.34
N LYS QA 42 -102.84 -28.27 3.13
CA LYS QA 42 -103.97 -28.02 2.27
C LYS QA 42 -103.59 -28.28 0.81
N PRO QA 43 -104.51 -28.81 -0.01
CA PRO QA 43 -104.11 -29.41 -1.28
C PRO QA 43 -103.75 -28.45 -2.41
N ASN QA 44 -103.59 -27.15 -2.14
CA ASN QA 44 -103.00 -26.28 -3.15
C ASN QA 44 -102.01 -25.28 -2.62
N VAL QA 45 -101.86 -25.11 -1.31
CA VAL QA 45 -100.98 -24.08 -0.75
C VAL QA 45 -99.53 -24.59 -0.82
N PRO QA 46 -98.55 -23.69 -0.96
CA PRO QA 46 -97.16 -24.13 -0.94
C PRO QA 46 -96.69 -24.37 0.48
N VAL QA 47 -95.91 -25.43 0.66
CA VAL QA 47 -95.34 -25.79 1.96
C VAL QA 47 -93.83 -25.78 1.82
N LEU QA 48 -93.16 -25.06 2.71
CA LEU QA 48 -91.70 -25.04 2.73
C LEU QA 48 -91.20 -26.27 3.46
N LEU QA 49 -90.37 -27.07 2.79
CA LEU QA 49 -89.80 -28.27 3.37
C LEU QA 49 -88.29 -28.12 3.44
N THR QA 50 -87.73 -28.38 4.61
CA THR QA 50 -86.29 -28.30 4.78
C THR QA 50 -85.67 -29.62 5.21
N SER QA 51 -86.46 -30.63 5.53
CA SER QA 51 -85.92 -31.91 5.98
C SER QA 51 -86.88 -33.03 5.62
N LYS QA 52 -86.37 -34.25 5.65
CA LYS QA 52 -87.16 -35.42 5.30
C LYS QA 52 -88.21 -35.72 6.35
N LYS QA 53 -87.95 -35.33 7.60
CA LYS QA 53 -88.96 -35.44 8.65
C LYS QA 53 -90.05 -34.40 8.47
N ASP QA 54 -89.76 -33.30 7.79
CA ASP QA 54 -90.74 -32.25 7.56
C ASP QA 54 -91.63 -32.54 6.37
N ALA QA 55 -91.17 -33.36 5.42
CA ALA QA 55 -91.98 -33.68 4.26
C ALA QA 55 -92.99 -34.77 4.54
N ALA QA 56 -92.65 -35.72 5.43
CA ALA QA 56 -93.59 -36.76 5.79
C ALA QA 56 -94.68 -36.24 6.71
N ALA QA 57 -94.38 -35.22 7.53
CA ALA QA 57 -95.38 -34.66 8.41
C ALA QA 57 -96.40 -33.82 7.67
N ALA QA 58 -96.07 -33.35 6.47
CA ALA QA 58 -96.97 -32.49 5.72
C ALA QA 58 -97.67 -33.22 4.57
N PHE QA 59 -97.21 -34.39 4.17
CA PHE QA 59 -97.82 -35.10 3.07
C PHE QA 59 -98.06 -36.58 3.32
N GLY QA 60 -97.47 -37.18 4.35
CA GLY QA 60 -97.64 -38.58 4.61
C GLY QA 60 -96.64 -39.43 3.84
N ILE QA 61 -96.48 -40.67 4.31
CA ILE QA 61 -95.46 -41.54 3.72
C ILE QA 61 -95.92 -42.09 2.38
N GLY QA 62 -97.20 -42.44 2.26
CA GLY QA 62 -97.68 -43.05 1.04
C GLY QA 62 -97.85 -42.11 -0.13
N SER QA 63 -97.68 -40.81 0.08
CA SER QA 63 -97.92 -39.82 -0.97
C SER QA 63 -96.84 -39.91 -2.04
N SER QA 64 -97.23 -39.57 -3.26
CA SER QA 64 -96.30 -39.54 -4.38
C SER QA 64 -95.41 -38.31 -4.37
N ILE QA 65 -95.71 -37.31 -3.54
CA ILE QA 65 -94.86 -36.14 -3.44
C ILE QA 65 -93.80 -36.29 -2.35
N TYR QA 66 -94.06 -37.13 -1.34
CA TYR QA 66 -93.02 -37.45 -0.37
C TYR QA 66 -91.94 -38.30 -1.00
N LEU QA 67 -92.31 -39.13 -1.98
CA LEU QA 67 -91.34 -39.94 -2.69
C LEU QA 67 -90.44 -39.09 -3.58
N ALA QA 68 -90.88 -37.88 -3.93
CA ALA QA 68 -90.00 -36.94 -4.61
C ALA QA 68 -89.13 -36.17 -3.64
N CYS QA 69 -89.60 -35.96 -2.41
CA CYS QA 69 -88.75 -35.37 -1.38
C CYS QA 69 -87.71 -36.39 -0.90
N GLU QA 70 -88.10 -37.66 -0.82
CA GLU QA 70 -87.17 -38.72 -0.46
C GLU QA 70 -86.09 -38.89 -1.51
N ALA QA 71 -86.42 -38.63 -2.77
CA ALA QA 71 -85.42 -38.69 -3.83
C ALA QA 71 -84.43 -37.54 -3.74
N ILE QA 72 -84.86 -36.40 -3.20
CA ILE QA 72 -83.99 -35.24 -3.07
C ILE QA 72 -83.20 -35.31 -1.77
N TYR QA 73 -83.85 -35.66 -0.66
CA TYR QA 73 -83.18 -35.63 0.64
C TYR QA 73 -82.22 -36.79 0.85
N ASN QA 74 -82.33 -37.85 0.06
CA ASN QA 74 -81.34 -38.92 0.16
C ASN QA 74 -80.04 -38.54 -0.51
N ARG QA 75 -80.09 -37.67 -1.52
CA ARG QA 75 -78.90 -37.25 -2.24
C ARG QA 75 -78.31 -35.97 -1.65
N ALA QA 76 -79.14 -34.95 -1.47
CA ALA QA 76 -78.68 -33.66 -0.98
C ALA QA 76 -79.47 -33.25 0.26
N GLN QA 77 -79.31 -32.00 0.69
CA GLN QA 77 -80.09 -31.44 1.79
C GLN QA 77 -80.35 -29.98 1.43
N ALA QA 78 -81.50 -29.71 0.81
CA ALA QA 78 -81.82 -28.38 0.34
C ALA QA 78 -83.28 -28.07 0.63
N VAL QA 79 -83.66 -26.84 0.32
CA VAL QA 79 -85.02 -26.37 0.57
C VAL QA 79 -85.91 -26.84 -0.56
N ILE QA 80 -87.13 -27.26 -0.22
CA ILE QA 80 -88.11 -27.70 -1.20
C ILE QA 80 -89.38 -26.92 -0.95
N VAL QA 81 -89.81 -26.14 -1.95
CA VAL QA 81 -91.13 -25.54 -1.93
C VAL QA 81 -92.05 -26.51 -2.66
N ALA QA 82 -92.76 -27.32 -1.88
CA ALA QA 82 -93.68 -28.30 -2.43
C ALA QA 82 -95.09 -27.73 -2.47
N VAL QA 83 -95.82 -28.04 -3.54
CA VAL QA 83 -97.18 -27.55 -3.68
C VAL QA 83 -98.14 -28.65 -3.23
N GLY QA 84 -98.15 -29.77 -3.93
CA GLY QA 84 -99.08 -30.83 -3.61
C GLY QA 84 -100.45 -30.59 -4.22
N VAL QA 85 -101.01 -31.62 -4.84
CA VAL QA 85 -102.37 -31.57 -5.38
C VAL QA 85 -103.08 -32.84 -4.97
N GLU QA 86 -104.41 -32.80 -5.02
CA GLU QA 86 -105.18 -33.99 -4.72
C GLU QA 86 -105.31 -34.86 -5.96
N THR QA 87 -105.42 -36.17 -5.74
CA THR QA 87 -105.39 -37.13 -6.83
C THR QA 87 -106.68 -37.08 -7.62
N ALA QA 88 -106.58 -36.75 -8.90
CA ALA QA 88 -107.75 -36.66 -9.76
C ALA QA 88 -108.19 -38.05 -10.21
N GLU QA 89 -109.25 -38.10 -11.00
CA GLU QA 89 -109.84 -39.36 -11.40
C GLU QA 89 -109.09 -39.98 -12.58
N THR QA 90 -109.10 -39.31 -13.71
CA THR QA 90 -108.42 -39.77 -14.91
C THR QA 90 -106.98 -39.26 -14.93
N PRO QA 91 -106.08 -39.93 -15.65
CA PRO QA 91 -104.73 -39.38 -15.81
C PRO QA 91 -104.68 -38.13 -16.68
N GLU QA 92 -105.72 -37.85 -17.45
CA GLU QA 92 -105.78 -36.59 -18.19
C GLU QA 92 -106.13 -35.43 -17.26
N ALA QA 93 -107.07 -35.64 -16.34
CA ALA QA 93 -107.47 -34.61 -15.41
C ALA QA 93 -106.47 -34.40 -14.29
N GLN QA 94 -105.51 -35.31 -14.12
CA GLN QA 94 -104.42 -35.06 -13.20
C GLN QA 94 -103.45 -34.03 -13.77
N ALA QA 95 -103.33 -33.98 -15.10
CA ALA QA 95 -102.46 -32.99 -15.73
C ALA QA 95 -103.03 -31.59 -15.63
N SER QA 96 -104.35 -31.45 -15.64
CA SER QA 96 -104.95 -30.13 -15.50
C SER QA 96 -104.90 -29.62 -14.05
N ALA QA 97 -104.65 -30.50 -13.09
CA ALA QA 97 -104.48 -30.08 -11.71
C ALA QA 97 -103.05 -29.71 -11.39
N VAL QA 98 -102.08 -30.31 -12.08
CA VAL QA 98 -100.68 -29.95 -11.91
C VAL QA 98 -100.39 -28.62 -12.59
N ILE QA 99 -100.94 -28.41 -13.78
CA ILE QA 99 -100.86 -27.11 -14.44
C ILE QA 99 -101.58 -26.05 -13.63
N GLY QA 100 -102.79 -26.37 -13.18
CA GLY QA 100 -103.51 -25.49 -12.29
C GLY QA 100 -104.05 -24.25 -12.98
N GLY QA 101 -103.43 -23.11 -12.68
CA GLY QA 101 -103.91 -21.84 -13.17
C GLY QA 101 -104.31 -20.96 -12.01
N ILE QA 102 -105.51 -20.43 -12.04
CA ILE QA 102 -106.03 -19.64 -10.93
C ILE QA 102 -107.40 -20.18 -10.57
N SER QA 103 -107.81 -19.97 -9.32
CA SER QA 103 -109.05 -20.52 -8.81
C SER QA 103 -110.15 -19.49 -8.86
N ALA QA 104 -111.36 -19.93 -8.49
CA ALA QA 104 -112.47 -18.99 -8.39
C ALA QA 104 -112.35 -18.11 -7.16
N ALA QA 105 -111.53 -18.49 -6.18
CA ALA QA 105 -111.27 -17.68 -5.02
C ALA QA 105 -110.16 -16.67 -5.23
N GLY QA 106 -109.55 -16.64 -6.41
CA GLY QA 106 -108.47 -15.72 -6.67
C GLY QA 106 -107.13 -16.14 -6.12
N GLU QA 107 -106.78 -17.41 -6.28
CA GLU QA 107 -105.56 -17.97 -5.71
C GLU QA 107 -104.94 -18.93 -6.71
N ARG QA 108 -103.62 -18.88 -6.84
CA ARG QA 108 -102.92 -19.80 -7.71
C ARG QA 108 -102.89 -21.19 -7.11
N THR QA 109 -103.14 -22.21 -7.94
CA THR QA 109 -103.39 -23.55 -7.44
C THR QA 109 -102.30 -24.55 -7.80
N GLY QA 110 -101.95 -24.69 -9.07
CA GLY QA 110 -101.12 -25.82 -9.46
C GLY QA 110 -99.64 -25.50 -9.39
N LEU QA 111 -98.97 -25.56 -10.55
CA LEU QA 111 -97.59 -25.11 -10.63
C LEU QA 111 -97.46 -23.61 -10.41
N GLN QA 112 -98.53 -22.86 -10.65
CA GLN QA 112 -98.51 -21.41 -10.45
C GLN QA 112 -98.34 -21.02 -8.99
N ALA QA 113 -98.62 -21.92 -8.04
CA ALA QA 113 -98.43 -21.64 -6.63
C ALA QA 113 -96.95 -21.51 -6.26
N LEU QA 114 -96.04 -21.97 -7.11
CA LEU QA 114 -94.62 -21.77 -6.87
C LEU QA 114 -94.20 -20.32 -7.04
N LEU QA 115 -95.00 -19.51 -7.74
CA LEU QA 115 -94.74 -18.08 -7.82
C LEU QA 115 -95.01 -17.37 -6.51
N ASP QA 116 -95.77 -17.99 -5.61
CA ASP QA 116 -95.92 -17.53 -4.24
C ASP QA 116 -94.79 -18.01 -3.33
N GLY QA 117 -93.77 -18.66 -3.89
CA GLY QA 117 -92.69 -19.19 -3.08
C GLY QA 117 -91.74 -18.14 -2.54
N LYS QA 118 -91.72 -16.95 -3.14
CA LYS QA 118 -90.86 -15.89 -2.65
C LYS QA 118 -91.62 -14.85 -1.84
N SER QA 119 -92.91 -14.65 -2.13
CA SER QA 119 -93.71 -13.69 -1.37
C SER QA 119 -94.04 -14.20 0.02
N ARG QA 120 -93.95 -15.50 0.26
CA ARG QA 120 -94.34 -16.09 1.53
C ARG QA 120 -93.17 -16.68 2.31
N PHE QA 121 -92.18 -17.25 1.63
CA PHE QA 121 -91.06 -17.89 2.31
C PHE QA 121 -89.73 -17.20 2.09
N ASN QA 122 -89.68 -16.21 1.20
CA ASN QA 122 -88.45 -15.53 0.75
C ASN QA 122 -87.41 -16.52 0.24
N ALA QA 123 -87.89 -17.54 -0.48
CA ALA QA 123 -87.04 -18.58 -1.07
C ALA QA 123 -87.64 -18.90 -2.44
N GLN QA 124 -87.13 -18.25 -3.46
CA GLN QA 124 -87.61 -18.46 -4.82
C GLN QA 124 -87.05 -19.76 -5.36
N PRO QA 125 -87.87 -20.63 -5.94
CA PRO QA 125 -87.38 -21.92 -6.43
C PRO QA 125 -86.53 -21.76 -7.68
N ARG QA 126 -85.39 -22.44 -7.70
CA ARG QA 126 -84.48 -22.44 -8.84
C ARG QA 126 -84.50 -23.72 -9.64
N LEU QA 127 -85.03 -24.81 -9.08
CA LEU QA 127 -85.21 -26.06 -9.80
C LEU QA 127 -86.68 -26.40 -9.79
N LEU QA 128 -87.26 -26.54 -10.97
CA LEU QA 128 -88.69 -26.83 -11.10
C LEU QA 128 -88.86 -28.29 -11.49
N VAL QA 129 -89.50 -29.06 -10.62
CA VAL QA 129 -89.66 -30.50 -10.80
C VAL QA 129 -91.10 -30.87 -10.55
N ALA QA 130 -91.74 -31.49 -11.54
CA ALA QA 130 -93.02 -32.16 -11.38
C ALA QA 130 -92.78 -33.59 -11.81
N PRO QA 131 -92.50 -34.50 -10.87
CA PRO QA 131 -92.02 -35.84 -11.26
C PRO QA 131 -93.16 -36.71 -11.77
N GLY QA 132 -92.97 -37.26 -12.97
CA GLY QA 132 -93.92 -38.14 -13.59
C GLY QA 132 -94.94 -37.43 -14.46
N HIS QA 133 -95.31 -36.20 -14.11
CA HIS QA 133 -96.25 -35.45 -14.90
C HIS QA 133 -95.60 -34.64 -16.00
N SER QA 134 -94.27 -34.44 -15.94
CA SER QA 134 -93.57 -33.70 -16.97
C SER QA 134 -93.44 -34.49 -18.28
N ALA QA 135 -93.75 -35.79 -18.27
CA ALA QA 135 -93.72 -36.59 -19.49
C ALA QA 135 -94.85 -36.25 -20.45
N GLN QA 136 -95.85 -35.50 -20.00
CA GLN QA 136 -96.89 -35.00 -20.89
C GLN QA 136 -96.50 -33.63 -21.41
N GLN QA 137 -96.92 -33.35 -22.65
CA GLN QA 137 -96.54 -32.08 -23.28
C GLN QA 137 -97.31 -30.90 -22.70
N ALA QA 138 -98.50 -31.15 -22.14
CA ALA QA 138 -99.29 -30.05 -21.58
C ALA QA 138 -98.66 -29.53 -20.30
N VAL QA 139 -98.15 -30.41 -19.45
CA VAL QA 139 -97.54 -29.99 -18.20
C VAL QA 139 -96.17 -29.39 -18.45
N ALA QA 140 -95.39 -29.98 -19.35
CA ALA QA 140 -94.03 -29.52 -19.60
C ALA QA 140 -93.99 -28.19 -20.34
N THR QA 141 -95.04 -27.86 -21.09
CA THR QA 141 -95.13 -26.52 -21.67
C THR QA 141 -95.56 -25.51 -20.62
N ALA QA 142 -96.38 -25.92 -19.66
CA ALA QA 142 -96.74 -25.03 -18.56
C ALA QA 142 -95.57 -24.79 -17.63
N MET QA 143 -94.68 -25.77 -17.50
CA MET QA 143 -93.51 -25.61 -16.66
C MET QA 143 -92.41 -24.80 -17.34
N ASP QA 144 -92.42 -24.71 -18.67
CA ASP QA 144 -91.44 -23.89 -19.36
C ASP QA 144 -91.76 -22.41 -19.20
N GLY QA 145 -93.03 -22.04 -19.33
CA GLY QA 145 -93.42 -20.67 -19.10
C GLY QA 145 -93.29 -20.25 -17.65
N LEU QA 146 -93.41 -21.22 -16.75
CA LEU QA 146 -93.18 -20.95 -15.34
C LEU QA 146 -91.70 -20.78 -15.03
N ALA QA 147 -90.84 -21.45 -15.79
CA ALA QA 147 -89.40 -21.40 -15.53
C ALA QA 147 -88.77 -20.08 -15.94
N GLU QA 148 -89.41 -19.32 -16.85
CA GLU QA 148 -88.90 -17.99 -17.17
C GLU QA 148 -89.41 -16.94 -16.19
N LYS QA 149 -90.58 -17.18 -15.58
CA LYS QA 149 -91.07 -16.29 -14.54
C LYS QA 149 -90.23 -16.38 -13.28
N LEU QA 150 -89.64 -17.54 -13.02
CA LEU QA 150 -88.85 -17.75 -11.83
C LEU QA 150 -87.35 -17.74 -12.07
N ARG QA 151 -86.92 -17.63 -13.34
CA ARG QA 151 -85.53 -17.80 -13.76
C ARG QA 151 -84.96 -19.13 -13.26
N ALA QA 152 -85.73 -20.19 -13.44
CA ALA QA 152 -85.40 -21.51 -12.92
C ALA QA 152 -85.07 -22.45 -14.07
N ILE QA 153 -84.60 -23.63 -13.71
CA ILE QA 153 -84.27 -24.68 -14.67
C ILE QA 153 -85.28 -25.80 -14.46
N ALA QA 154 -86.29 -25.86 -15.32
CA ALA QA 154 -87.38 -26.82 -15.17
C ALA QA 154 -86.89 -28.19 -15.63
N ILE QA 155 -86.67 -29.09 -14.66
CA ILE QA 155 -86.14 -30.41 -14.96
C ILE QA 155 -87.29 -31.31 -15.44
N LEU QA 156 -87.28 -31.65 -16.71
CA LEU QA 156 -88.28 -32.54 -17.28
C LEU QA 156 -87.83 -33.99 -17.15
N ASP QA 157 -88.70 -34.89 -17.57
CA ASP QA 157 -88.33 -36.29 -17.77
C ASP QA 157 -89.22 -36.83 -18.87
N GLY QA 158 -88.62 -37.46 -19.87
CA GLY QA 158 -89.36 -37.98 -20.98
C GLY QA 158 -90.07 -39.27 -20.63
N PRO QA 159 -90.76 -39.83 -21.61
CA PRO QA 159 -91.40 -41.12 -21.41
C PRO QA 159 -90.38 -42.24 -21.31
N ASN QA 160 -90.79 -43.34 -20.67
CA ASN QA 160 -89.94 -44.50 -20.50
C ASN QA 160 -90.04 -45.48 -21.65
N SER QA 161 -90.43 -45.01 -22.82
CA SER QA 161 -90.45 -45.82 -24.04
C SER QA 161 -89.07 -45.78 -24.69
N THR QA 162 -88.95 -46.22 -25.94
CA THR QA 162 -87.67 -46.28 -26.61
C THR QA 162 -87.12 -44.89 -26.92
N ASP QA 163 -85.90 -44.86 -27.45
CA ASP QA 163 -85.19 -43.61 -27.66
C ASP QA 163 -85.76 -42.80 -28.81
N GLU QA 164 -86.48 -43.43 -29.74
CA GLU QA 164 -87.17 -42.67 -30.76
C GLU QA 164 -88.29 -41.83 -30.18
N ALA QA 165 -88.94 -42.33 -29.12
CA ALA QA 165 -89.96 -41.58 -28.41
C ALA QA 165 -89.37 -40.55 -27.46
N ALA QA 166 -88.07 -40.55 -27.25
CA ALA QA 166 -87.42 -39.53 -26.44
C ALA QA 166 -86.90 -38.37 -27.28
N VAL QA 167 -86.41 -38.67 -28.49
CA VAL QA 167 -85.99 -37.61 -29.39
C VAL QA 167 -87.21 -36.86 -29.93
N ALA QA 168 -88.29 -37.60 -30.22
CA ALA QA 168 -89.51 -36.96 -30.70
C ALA QA 168 -90.24 -36.19 -29.61
N TYR QA 169 -89.94 -36.46 -28.34
CA TYR QA 169 -90.48 -35.66 -27.26
C TYR QA 169 -89.61 -34.45 -26.96
N ALA QA 170 -88.29 -34.58 -27.10
CA ALA QA 170 -87.39 -33.47 -26.85
C ALA QA 170 -87.31 -32.49 -28.02
N LYS QA 171 -87.94 -32.80 -29.15
CA LYS QA 171 -87.97 -31.90 -30.29
C LYS QA 171 -89.13 -30.92 -30.21
N ASN QA 172 -89.90 -30.94 -29.11
CA ASN QA 172 -91.07 -30.09 -28.98
C ASN QA 172 -90.80 -28.78 -28.27
N PHE QA 173 -89.67 -28.67 -27.56
CA PHE QA 173 -89.51 -27.61 -26.58
C PHE QA 173 -88.64 -26.45 -27.06
N GLY QA 174 -87.34 -26.70 -27.25
CA GLY QA 174 -86.46 -25.66 -27.77
C GLY QA 174 -86.25 -24.47 -26.86
N SER QA 175 -86.31 -24.66 -25.55
CA SER QA 175 -86.17 -23.56 -24.60
C SER QA 175 -84.99 -23.81 -23.68
N LYS QA 176 -84.24 -22.74 -23.39
CA LYS QA 176 -82.95 -22.86 -22.71
C LYS QA 176 -83.08 -23.15 -21.21
N ARG QA 177 -84.29 -23.18 -20.67
CA ARG QA 177 -84.49 -23.45 -19.25
C ARG QA 177 -85.19 -24.79 -19.03
N LEU QA 178 -84.92 -25.77 -19.89
CA LEU QA 178 -85.54 -27.07 -19.79
C LEU QA 178 -84.45 -28.13 -19.83
N PHE QA 179 -84.48 -29.03 -18.86
CA PHE QA 179 -83.46 -30.07 -18.71
C PHE QA 179 -84.17 -31.40 -18.68
N MET QA 180 -83.84 -32.29 -19.61
CA MET QA 180 -84.55 -33.54 -19.78
C MET QA 180 -83.65 -34.72 -19.46
N VAL QA 181 -84.14 -35.61 -18.61
CA VAL QA 181 -83.45 -36.84 -18.24
C VAL QA 181 -84.33 -38.00 -18.66
N ASP QA 182 -83.95 -38.70 -19.73
CA ASP QA 182 -84.89 -39.65 -20.34
C ASP QA 182 -85.09 -40.97 -19.59
N PRO QA 183 -84.08 -41.81 -19.33
CA PRO QA 183 -84.37 -43.18 -18.89
C PRO QA 183 -84.84 -43.22 -17.44
N GLY QA 184 -85.90 -43.98 -17.19
CA GLY QA 184 -86.52 -43.98 -15.89
C GLY QA 184 -85.70 -44.75 -14.86
N VAL QA 185 -85.58 -44.16 -13.68
CA VAL QA 185 -84.85 -44.79 -12.59
C VAL QA 185 -85.67 -45.94 -12.03
N GLN QA 186 -85.03 -47.09 -11.88
CA GLN QA 186 -85.65 -48.24 -11.22
C GLN QA 186 -85.23 -48.22 -9.76
N VAL QA 187 -86.14 -47.85 -8.88
CA VAL QA 187 -85.82 -47.61 -7.48
C VAL QA 187 -86.63 -48.56 -6.60
N TRP QA 188 -86.15 -48.77 -5.38
CA TRP QA 188 -86.77 -49.68 -4.45
C TRP QA 188 -87.98 -49.04 -3.78
N ASP QA 189 -89.11 -49.73 -3.81
CA ASP QA 189 -90.35 -49.24 -3.21
C ASP QA 189 -90.54 -49.92 -1.86
N SER QA 190 -90.58 -49.12 -0.80
CA SER QA 190 -90.72 -49.64 0.55
C SER QA 190 -92.17 -49.88 0.94
N ALA QA 191 -93.11 -49.68 0.04
CA ALA QA 191 -94.53 -49.94 0.31
C ALA QA 191 -95.01 -51.24 -0.30
N THR QA 192 -94.46 -51.64 -1.45
CA THR QA 192 -94.80 -52.90 -2.08
C THR QA 192 -93.66 -53.90 -2.03
N ASN QA 193 -92.50 -53.52 -1.49
CA ASN QA 193 -91.30 -54.37 -1.32
C ASN QA 193 -90.81 -54.92 -2.65
N ALA QA 194 -90.70 -54.03 -3.64
CA ALA QA 194 -90.22 -54.40 -4.96
C ALA QA 194 -89.59 -53.18 -5.62
N ALA QA 195 -88.98 -53.39 -6.77
CA ALA QA 195 -88.29 -52.32 -7.49
C ALA QA 195 -89.25 -51.67 -8.46
N ARG QA 196 -89.71 -50.46 -8.14
CA ARG QA 196 -90.61 -49.72 -9.00
C ARG QA 196 -89.83 -48.79 -9.92
N ASN QA 197 -90.52 -48.25 -10.91
CA ASN QA 197 -89.92 -47.32 -11.86
C ASN QA 197 -90.19 -45.90 -11.38
N ALA QA 198 -89.15 -45.21 -10.98
CA ALA QA 198 -89.25 -43.82 -10.60
C ALA QA 198 -89.21 -42.94 -11.84
N PRO QA 199 -89.78 -41.73 -11.78
CA PRO QA 199 -89.76 -40.84 -12.95
C PRO QA 199 -88.39 -40.26 -13.29
N ALA QA 200 -87.40 -40.40 -12.42
CA ALA QA 200 -86.00 -39.97 -12.62
C ALA QA 200 -85.85 -38.48 -12.85
N SER QA 201 -86.81 -37.69 -12.39
CA SER QA 201 -86.73 -36.23 -12.45
C SER QA 201 -86.41 -35.60 -11.11
N ALA QA 202 -86.91 -36.19 -10.03
CA ALA QA 202 -86.55 -35.73 -8.69
C ALA QA 202 -85.14 -36.17 -8.31
N TYR QA 203 -84.63 -37.23 -8.92
CA TYR QA 203 -83.29 -37.70 -8.63
C TYR QA 203 -82.24 -36.81 -9.27
N ALA QA 204 -82.54 -36.21 -10.42
CA ALA QA 204 -81.65 -35.20 -10.98
C ALA QA 204 -81.74 -33.89 -10.20
N ALA QA 205 -82.87 -33.64 -9.54
CA ALA QA 205 -82.99 -32.44 -8.72
C ALA QA 205 -82.17 -32.55 -7.45
N GLY QA 206 -81.95 -33.75 -6.96
CA GLY QA 206 -81.04 -33.92 -5.84
C GLY QA 206 -79.60 -33.70 -6.23
N LEU QA 207 -79.28 -33.91 -7.50
CA LEU QA 207 -77.92 -33.67 -7.98
C LEU QA 207 -77.63 -32.19 -8.17
N PHE QA 208 -78.61 -31.43 -8.65
CA PHE QA 208 -78.45 -29.99 -8.76
C PHE QA 208 -78.36 -29.33 -7.39
N ALA QA 209 -79.07 -29.87 -6.41
CA ALA QA 209 -78.99 -29.35 -5.06
C ALA QA 209 -77.74 -29.79 -4.33
N TRP QA 210 -77.06 -30.82 -4.81
CA TRP QA 210 -75.87 -31.32 -4.13
C TRP QA 210 -74.60 -30.66 -4.62
N THR QA 211 -74.50 -30.40 -5.93
CA THR QA 211 -73.31 -29.77 -6.47
C THR QA 211 -73.18 -28.31 -6.07
N ASP QA 212 -74.30 -27.65 -5.74
CA ASP QA 212 -74.19 -26.29 -5.24
C ASP QA 212 -73.63 -26.25 -3.84
N ALA QA 213 -73.90 -27.28 -3.04
CA ALA QA 213 -73.34 -27.36 -1.70
C ALA QA 213 -71.96 -27.99 -1.67
N GLU QA 214 -71.58 -28.72 -2.72
CA GLU QA 214 -70.29 -29.40 -2.76
C GLU QA 214 -69.29 -28.72 -3.68
N TYR QA 215 -69.66 -28.46 -4.93
CA TYR QA 215 -68.76 -27.87 -5.91
C TYR QA 215 -69.11 -26.44 -6.29
N GLY QA 216 -70.33 -25.99 -6.02
CA GLY QA 216 -70.77 -24.67 -6.40
C GLY QA 216 -71.81 -24.72 -7.51
N PHE QA 217 -72.48 -23.59 -7.70
CA PHE QA 217 -73.56 -23.50 -8.67
C PHE QA 217 -73.05 -23.40 -10.10
N TRP QA 218 -71.75 -23.26 -10.31
CA TRP QA 218 -71.16 -23.23 -11.64
C TRP QA 218 -70.70 -24.60 -12.11
N SER QA 219 -71.06 -25.66 -11.40
CA SER QA 219 -70.63 -27.00 -11.73
C SER QA 219 -71.83 -27.82 -12.20
N SER QA 220 -71.70 -28.43 -13.37
CA SER QA 220 -72.76 -29.27 -13.88
C SER QA 220 -72.79 -30.58 -13.10
N PRO QA 221 -73.97 -31.18 -12.91
CA PRO QA 221 -74.04 -32.46 -12.19
C PRO QA 221 -73.83 -33.66 -13.09
N SER QA 222 -73.29 -33.43 -14.28
CA SER QA 222 -73.28 -34.41 -15.36
C SER QA 222 -72.19 -35.46 -15.23
N ASN QA 223 -71.54 -35.58 -14.09
CA ASN QA 223 -70.74 -36.76 -13.79
C ASN QA 223 -70.93 -37.22 -12.36
N LYS QA 224 -71.81 -36.59 -11.61
CA LYS QA 224 -72.00 -36.94 -10.22
C LYS QA 224 -72.95 -38.14 -10.12
N GLU QA 225 -73.00 -38.73 -8.94
CA GLU QA 225 -73.66 -40.01 -8.74
C GLU QA 225 -75.00 -39.84 -8.05
N ILE QA 226 -75.96 -40.66 -8.44
CA ILE QA 226 -77.26 -40.69 -7.81
C ILE QA 226 -77.29 -41.84 -6.82
N LYS QA 227 -77.88 -41.60 -5.66
CA LYS QA 227 -77.70 -42.49 -4.51
C LYS QA 227 -78.73 -43.62 -4.45
N GLY QA 228 -80.01 -43.26 -4.38
CA GLY QA 228 -81.05 -44.25 -4.16
C GLY QA 228 -81.31 -45.18 -5.32
N VAL QA 229 -80.76 -44.87 -6.50
CA VAL QA 229 -81.04 -45.62 -7.71
C VAL QA 229 -80.42 -47.00 -7.64
N THR QA 230 -81.24 -48.03 -7.86
CA THR QA 230 -80.77 -49.40 -7.89
C THR QA 230 -81.04 -50.03 -9.26
N GLY QA 231 -80.92 -49.24 -10.31
CA GLY QA 231 -81.13 -49.74 -11.65
C GLY QA 231 -81.83 -48.71 -12.51
N THR QA 232 -81.77 -48.94 -13.82
CA THR QA 232 -82.35 -48.04 -14.80
C THR QA 232 -83.18 -48.84 -15.77
N SER QA 233 -84.46 -48.49 -15.89
CA SER QA 233 -85.31 -49.10 -16.89
C SER QA 233 -84.83 -48.70 -18.29
N ARG QA 234 -84.79 -49.69 -19.20
CA ARG QA 234 -84.18 -49.60 -20.53
C ARG QA 234 -82.74 -49.11 -20.41
N PRO QA 235 -81.80 -49.98 -20.04
CA PRO QA 235 -80.43 -49.55 -19.76
C PRO QA 235 -79.71 -49.05 -21.02
N VAL QA 236 -79.11 -47.88 -20.92
CA VAL QA 236 -78.43 -47.25 -22.04
C VAL QA 236 -76.99 -47.74 -22.10
N GLU QA 237 -76.38 -47.57 -23.27
CA GLU QA 237 -75.06 -48.12 -23.56
C GLU QA 237 -74.03 -47.00 -23.51
N PHE QA 238 -72.97 -47.22 -22.73
CA PHE QA 238 -71.80 -46.34 -22.73
C PHE QA 238 -70.60 -47.23 -22.41
N LEU QA 239 -69.94 -47.74 -23.46
CA LEU QA 239 -68.94 -48.80 -23.27
C LEU QA 239 -67.56 -48.26 -22.93
N ASP QA 240 -66.86 -47.69 -23.91
CA ASP QA 240 -65.49 -47.28 -23.63
C ASP QA 240 -65.20 -45.82 -23.95
N GLY QA 241 -65.21 -45.49 -25.24
CA GLY QA 241 -64.94 -44.16 -25.73
C GLY QA 241 -65.69 -43.90 -27.03
N ASP QA 242 -66.59 -44.81 -27.35
CA ASP QA 242 -67.23 -44.82 -28.66
C ASP QA 242 -68.24 -43.69 -28.78
N GLU QA 243 -68.08 -42.87 -29.80
CA GLU QA 243 -68.95 -41.72 -30.00
C GLU QA 243 -70.29 -42.08 -30.60
N THR QA 244 -70.52 -43.34 -30.93
CA THR QA 244 -71.81 -43.82 -31.43
C THR QA 244 -72.47 -44.76 -30.43
N CYS QA 245 -72.29 -44.51 -29.14
CA CYS QA 245 -73.02 -45.28 -28.14
C CYS QA 245 -74.46 -44.82 -28.08
N ARG QA 246 -75.31 -45.64 -27.45
CA ARG QA 246 -76.72 -45.31 -27.39
C ARG QA 246 -76.99 -44.13 -26.46
N ALA QA 247 -76.19 -43.98 -25.42
CA ALA QA 247 -76.36 -42.84 -24.51
C ALA QA 247 -75.75 -41.57 -25.06
N ASN QA 248 -74.73 -41.67 -25.92
CA ASN QA 248 -74.15 -40.47 -26.50
C ASN QA 248 -75.04 -39.89 -27.58
N LEU QA 249 -75.81 -40.73 -28.27
CA LEU QA 249 -76.75 -40.23 -29.27
C LEU QA 249 -77.93 -39.51 -28.65
N LEU QA 250 -78.16 -39.71 -27.35
CA LEU QA 250 -79.17 -38.94 -26.64
C LEU QA 250 -78.62 -37.62 -26.11
N ASN QA 251 -77.33 -37.57 -25.74
CA ASN QA 251 -76.72 -36.29 -25.39
C ASN QA 251 -76.55 -35.41 -26.62
N ASN QA 252 -76.44 -36.01 -27.79
CA ASN QA 252 -76.41 -35.23 -29.03
C ASN QA 252 -77.77 -34.63 -29.34
N ALA QA 253 -78.84 -35.20 -28.81
CA ALA QA 253 -80.18 -34.67 -28.97
C ALA QA 253 -80.62 -33.84 -27.77
N ASN QA 254 -79.65 -33.31 -27.00
CA ASN QA 254 -79.86 -32.44 -25.84
C ASN QA 254 -80.70 -33.11 -24.75
N ILE QA 255 -80.47 -34.40 -24.54
CA ILE QA 255 -81.14 -35.17 -23.49
C ILE QA 255 -80.08 -35.76 -22.58
N ALA QA 256 -80.20 -35.52 -21.28
CA ALA QA 256 -79.33 -36.15 -20.32
C ALA QA 256 -79.75 -37.59 -20.09
N THR QA 257 -78.79 -38.42 -19.70
CA THR QA 257 -79.05 -39.84 -19.47
C THR QA 257 -78.47 -40.25 -18.12
N ILE QA 258 -78.74 -41.51 -17.77
CA ILE QA 258 -78.19 -42.16 -16.58
C ILE QA 258 -77.52 -43.44 -17.06
N ILE QA 259 -76.19 -43.47 -17.05
CA ILE QA 259 -75.48 -44.37 -17.95
C ILE QA 259 -75.18 -45.75 -17.38
N ARG QA 260 -74.43 -45.82 -16.28
CA ARG QA 260 -73.59 -46.98 -16.01
C ARG QA 260 -74.39 -48.15 -15.45
N ASP QA 261 -73.66 -49.17 -14.97
CA ASP QA 261 -74.21 -50.46 -14.56
C ASP QA 261 -75.13 -50.28 -13.36
N ASP QA 262 -76.43 -50.51 -13.59
CA ASP QA 262 -77.51 -50.24 -12.65
C ASP QA 262 -77.51 -48.78 -12.20
N GLY QA 263 -77.20 -47.89 -13.14
CA GLY QA 263 -77.51 -46.47 -13.05
C GLY QA 263 -76.94 -45.67 -11.91
N TYR QA 264 -75.64 -45.37 -11.92
CA TYR QA 264 -75.07 -44.57 -10.85
C TYR QA 264 -74.34 -43.33 -11.33
N ARG QA 265 -74.56 -42.89 -12.56
CA ARG QA 265 -73.95 -41.65 -13.04
C ARG QA 265 -74.94 -40.90 -13.91
N LEU QA 266 -75.18 -39.63 -13.59
CA LEU QA 266 -75.87 -38.75 -14.53
C LEU QA 266 -74.92 -38.42 -15.67
N TRP QA 267 -75.47 -38.24 -16.87
CA TRP QA 267 -74.66 -38.07 -18.06
C TRP QA 267 -75.33 -37.07 -18.98
N GLY QA 268 -74.80 -35.86 -19.04
CA GLY QA 268 -75.32 -34.85 -19.94
C GLY QA 268 -75.47 -33.50 -19.28
N ASN QA 269 -74.84 -32.47 -19.87
CA ASN QA 269 -74.91 -31.12 -19.32
C ASN QA 269 -75.50 -30.14 -20.33
N ARG QA 270 -76.27 -30.64 -21.28
CA ARG QA 270 -76.91 -29.80 -22.28
C ARG QA 270 -78.37 -29.60 -21.93
N THR QA 271 -78.83 -28.37 -22.01
CA THR QA 271 -80.24 -28.09 -21.86
C THR QA 271 -80.91 -28.14 -23.23
N LEU QA 272 -82.22 -27.99 -23.26
CA LEU QA 272 -82.98 -28.13 -24.50
C LEU QA 272 -83.06 -26.79 -25.25
N SER QA 273 -81.91 -26.20 -25.51
CA SER QA 273 -81.86 -24.88 -26.13
C SER QA 273 -81.65 -25.00 -27.63
N SER QA 274 -82.19 -24.03 -28.37
CA SER QA 274 -81.94 -23.98 -29.81
C SER QA 274 -80.64 -23.22 -30.11
N ASP QA 275 -80.35 -22.18 -29.35
CA ASP QA 275 -79.08 -21.49 -29.48
C ASP QA 275 -77.96 -22.35 -28.91
N SER QA 276 -76.82 -22.35 -29.58
CA SER QA 276 -75.64 -23.01 -29.04
C SER QA 276 -74.94 -22.18 -28.00
N LYS QA 277 -75.34 -20.92 -27.80
CA LYS QA 277 -74.79 -20.11 -26.73
C LYS QA 277 -75.24 -20.61 -25.38
N TRP QA 278 -76.55 -20.79 -25.20
CA TRP QA 278 -77.12 -21.27 -23.95
C TRP QA 278 -77.26 -22.77 -23.92
N ALA QA 279 -76.31 -23.50 -24.49
CA ALA QA 279 -76.42 -24.95 -24.55
C ALA QA 279 -76.16 -25.59 -23.20
N PHE QA 280 -75.14 -25.12 -22.49
CA PHE QA 280 -74.76 -25.73 -21.22
C PHE QA 280 -75.70 -25.27 -20.11
N VAL QA 281 -76.04 -26.20 -19.22
CA VAL QA 281 -76.86 -25.89 -18.06
C VAL QA 281 -76.10 -24.99 -17.10
N THR QA 282 -74.78 -25.14 -17.05
CA THR QA 282 -73.94 -24.33 -16.18
C THR QA 282 -74.00 -22.85 -16.57
N ARG QA 283 -73.97 -22.55 -17.86
CA ARG QA 283 -74.01 -21.16 -18.30
C ARG QA 283 -75.37 -20.52 -18.05
N VAL QA 284 -76.45 -21.28 -18.19
CA VAL QA 284 -77.78 -20.75 -17.90
C VAL QA 284 -77.98 -20.59 -16.39
N ARG QA 285 -77.38 -21.47 -15.60
CA ARG QA 285 -77.58 -21.43 -14.16
C ARG QA 285 -76.80 -20.27 -13.53
N THR QA 286 -75.58 -20.02 -14.00
CA THR QA 286 -74.82 -18.91 -13.45
C THR QA 286 -75.34 -17.57 -13.93
N MET QA 287 -75.87 -17.52 -15.15
CA MET QA 287 -76.39 -16.25 -15.67
C MET QA 287 -77.65 -15.86 -14.93
N ASP QA 288 -78.51 -16.81 -14.60
CA ASP QA 288 -79.72 -16.51 -13.84
C ASP QA 288 -79.43 -16.26 -12.37
N LEU QA 289 -78.22 -16.59 -11.89
CA LEU QA 289 -77.83 -16.32 -10.51
C LEU QA 289 -77.12 -14.99 -10.37
N VAL QA 290 -76.29 -14.60 -11.35
CA VAL QA 290 -75.65 -13.29 -11.31
C VAL QA 290 -76.54 -12.18 -11.82
N MET QA 291 -77.73 -12.50 -12.32
CA MET QA 291 -78.69 -11.48 -12.70
C MET QA 291 -79.78 -11.28 -11.66
N ASP QA 292 -79.99 -12.23 -10.77
CA ASP QA 292 -80.87 -12.04 -9.64
C ASP QA 292 -80.15 -11.54 -8.40
N ALA QA 293 -78.81 -11.63 -8.38
CA ALA QA 293 -78.05 -11.02 -7.31
C ALA QA 293 -77.83 -9.54 -7.56
N ILE QA 294 -77.66 -9.15 -8.81
CA ILE QA 294 -77.54 -7.74 -9.15
C ILE QA 294 -78.89 -7.03 -8.98
N LEU QA 295 -79.99 -7.72 -9.33
CA LEU QA 295 -81.31 -7.10 -9.24
C LEU QA 295 -81.75 -6.92 -7.78
N ALA QA 296 -81.54 -7.92 -6.94
CA ALA QA 296 -81.94 -7.82 -5.56
C ALA QA 296 -80.91 -7.12 -4.69
N GLY QA 297 -79.68 -6.98 -5.18
CA GLY QA 297 -78.62 -6.34 -4.43
C GLY QA 297 -78.42 -4.88 -4.72
N HIS QA 298 -79.19 -4.31 -5.64
CA HIS QA 298 -79.06 -2.91 -6.00
C HIS QA 298 -80.37 -2.16 -5.81
N LYS QA 299 -81.20 -2.60 -4.86
CA LYS QA 299 -82.43 -1.89 -4.56
C LYS QA 299 -82.21 -0.72 -3.59
N TRP QA 300 -80.98 -0.47 -3.18
CA TRP QA 300 -80.65 0.72 -2.43
C TRP QA 300 -80.35 1.91 -3.34
N ALA QA 301 -80.09 1.67 -4.62
CA ALA QA 301 -79.61 2.69 -5.54
C ALA QA 301 -80.70 3.19 -6.47
N VAL QA 302 -81.95 3.15 -6.05
CA VAL QA 302 -83.04 3.48 -6.96
C VAL QA 302 -83.45 4.95 -6.88
N ASP QA 303 -83.04 5.69 -5.86
CA ASP QA 303 -83.22 7.13 -5.87
C ASP QA 303 -82.05 7.85 -5.20
N ARG QA 304 -80.83 7.42 -5.51
CA ARG QA 304 -79.67 7.96 -4.83
C ARG QA 304 -79.09 9.22 -5.46
N GLY QA 305 -79.49 9.55 -6.69
CA GLY QA 305 -78.97 10.74 -7.31
C GLY QA 305 -77.65 10.47 -8.00
N ILE QA 306 -77.57 10.78 -9.29
CA ILE QA 306 -76.41 10.45 -10.10
C ILE QA 306 -75.32 11.48 -9.80
N THR QA 307 -74.44 11.15 -8.88
CA THR QA 307 -73.24 11.93 -8.61
C THR QA 307 -72.04 11.17 -9.16
N LYS QA 308 -70.85 11.76 -8.98
CA LYS QA 308 -69.65 11.05 -9.39
C LYS QA 308 -69.29 9.96 -8.40
N THR QA 309 -69.57 10.18 -7.12
CA THR QA 309 -69.32 9.16 -6.10
C THR QA 309 -70.43 8.13 -6.02
N TYR QA 310 -71.42 8.18 -6.90
CA TYR QA 310 -72.44 7.16 -7.01
C TYR QA 310 -72.17 6.19 -8.15
N VAL QA 311 -71.80 6.72 -9.31
CA VAL QA 311 -71.43 5.87 -10.45
C VAL QA 311 -70.13 5.14 -10.16
N LYS QA 312 -69.20 5.80 -9.46
CA LYS QA 312 -67.93 5.17 -9.14
C LYS QA 312 -68.07 4.14 -8.02
N ASP QA 313 -69.05 4.30 -7.14
CA ASP QA 313 -69.23 3.40 -6.01
C ASP QA 313 -70.39 2.44 -6.21
N VAL QA 314 -70.96 2.40 -7.40
CA VAL QA 314 -71.73 1.23 -7.82
C VAL QA 314 -70.84 0.26 -8.58
N THR QA 315 -69.98 0.81 -9.45
CA THR QA 315 -69.02 0.01 -10.19
C THR QA 315 -68.02 -0.69 -9.28
N GLU QA 316 -67.51 0.02 -8.28
CA GLU QA 316 -66.58 -0.59 -7.32
C GLU QA 316 -67.28 -1.60 -6.42
N GLY QA 317 -68.59 -1.50 -6.24
CA GLY QA 317 -69.35 -2.56 -5.61
C GLY QA 317 -69.78 -3.65 -6.55
N LEU QA 318 -69.64 -3.42 -7.84
CA LEU QA 318 -69.93 -4.39 -8.89
C LEU QA 318 -68.68 -5.10 -9.38
N ARG QA 319 -67.55 -4.39 -9.42
CA ARG QA 319 -66.28 -5.04 -9.71
C ARG QA 319 -65.87 -5.96 -8.57
N ALA QA 320 -66.18 -5.58 -7.33
CA ALA QA 320 -65.81 -6.41 -6.20
C ALA QA 320 -66.70 -7.64 -6.09
N PHE QA 321 -67.93 -7.57 -6.61
CA PHE QA 321 -68.79 -8.74 -6.61
C PHE QA 321 -68.33 -9.77 -7.63
N MET QA 322 -67.91 -9.31 -8.81
CA MET QA 322 -67.39 -10.22 -9.81
C MET QA 322 -65.99 -10.68 -9.48
N ARG QA 323 -65.22 -9.89 -8.73
CA ARG QA 323 -63.91 -10.34 -8.30
C ARG QA 323 -64.01 -11.44 -7.26
N ASP QA 324 -65.06 -11.40 -6.42
CA ASP QA 324 -65.31 -12.46 -5.47
C ASP QA 324 -65.89 -13.71 -6.11
N LEU QA 325 -66.32 -13.62 -7.37
CA LEU QA 325 -66.73 -14.79 -8.13
C LEU QA 325 -65.59 -15.39 -8.93
N LYS QA 326 -64.56 -14.60 -9.23
CA LYS QA 326 -63.46 -15.09 -10.04
C LYS QA 326 -62.52 -15.99 -9.25
N ASN QA 327 -62.15 -15.57 -8.04
CA ASN QA 327 -61.29 -16.40 -7.21
C ASN QA 327 -62.08 -17.47 -6.46
N GLN QA 328 -63.40 -17.38 -6.43
CA GLN QA 328 -64.20 -18.49 -5.93
C GLN QA 328 -64.25 -19.63 -6.93
N GLY QA 329 -64.14 -19.31 -8.22
CA GLY QA 329 -64.16 -20.30 -9.27
C GLY QA 329 -65.36 -20.25 -10.19
N ALA QA 330 -66.19 -19.22 -10.09
CA ALA QA 330 -67.42 -19.17 -10.86
C ALA QA 330 -67.20 -18.58 -12.25
N VAL QA 331 -66.45 -17.50 -12.36
CA VAL QA 331 -66.13 -16.90 -13.64
C VAL QA 331 -64.62 -17.01 -13.86
N ILE QA 332 -64.21 -16.80 -15.10
CA ILE QA 332 -62.79 -16.86 -15.43
C ILE QA 332 -62.15 -15.48 -15.39
N ASN QA 333 -62.75 -14.53 -16.09
CA ASN QA 333 -62.39 -13.13 -15.96
C ASN QA 333 -63.62 -12.30 -16.25
N PHE QA 334 -63.51 -11.00 -16.04
CA PHE QA 334 -64.66 -10.13 -16.17
C PHE QA 334 -64.20 -8.74 -16.59
N GLU QA 335 -65.18 -7.89 -16.89
CA GLU QA 335 -64.92 -6.49 -17.23
C GLU QA 335 -66.19 -5.71 -16.91
N VAL QA 336 -66.18 -5.00 -15.78
CA VAL QA 336 -67.32 -4.21 -15.34
C VAL QA 336 -66.97 -2.74 -15.51
N TYR QA 337 -67.79 -2.02 -16.25
CA TYR QA 337 -67.55 -0.61 -16.51
C TYR QA 337 -68.86 0.08 -16.79
N ALA QA 338 -68.93 1.37 -16.46
CA ALA QA 338 -70.07 2.17 -16.84
C ALA QA 338 -70.06 2.38 -18.35
N ASP QA 339 -71.24 2.33 -18.95
CA ASP QA 339 -71.35 2.38 -20.40
C ASP QA 339 -70.99 3.77 -20.91
N PRO QA 340 -70.02 3.91 -21.80
CA PRO QA 340 -69.60 5.25 -22.24
C PRO QA 340 -70.59 5.87 -23.21
N ASP QA 341 -71.17 5.07 -24.10
CA ASP QA 341 -72.08 5.57 -25.11
C ASP QA 341 -73.53 5.61 -24.62
N LEU QA 342 -73.96 4.61 -23.87
CA LEU QA 342 -75.34 4.55 -23.44
C LEU QA 342 -75.65 5.52 -22.31
N ASN QA 343 -74.65 5.95 -21.54
CA ASN QA 343 -74.85 6.99 -20.53
C ASN QA 343 -74.69 8.36 -21.18
N SER QA 344 -75.67 8.70 -22.00
CA SER QA 344 -75.69 10.00 -22.63
C SER QA 344 -76.25 11.03 -21.64
N ALA QA 345 -76.07 12.30 -21.98
CA ALA QA 345 -76.61 13.36 -21.15
C ALA QA 345 -78.12 13.43 -21.20
N SER QA 346 -78.74 12.89 -22.26
CA SER QA 346 -80.19 12.81 -22.32
C SER QA 346 -80.73 11.64 -21.53
N GLN QA 347 -79.98 10.54 -21.46
CA GLN QA 347 -80.42 9.38 -20.69
C GLN QA 347 -80.19 9.59 -19.21
N LEU QA 348 -79.10 10.27 -18.85
CA LEU QA 348 -78.81 10.54 -17.44
C LEU QA 348 -79.81 11.53 -16.86
N ALA QA 349 -80.32 12.45 -17.67
CA ALA QA 349 -81.28 13.44 -17.21
C ALA QA 349 -82.69 12.87 -17.08
N GLN QA 350 -82.91 11.61 -17.42
CA GLN QA 350 -84.17 10.93 -17.17
C GLN QA 350 -84.08 9.98 -15.99
N GLY QA 351 -82.91 9.84 -15.38
CA GLY QA 351 -82.69 8.90 -14.32
C GLY QA 351 -82.04 7.60 -14.76
N LYS QA 352 -82.01 7.32 -16.06
CA LYS QA 352 -81.41 6.08 -16.55
C LYS QA 352 -79.89 6.20 -16.52
N VAL QA 353 -79.23 5.19 -15.95
CA VAL QA 353 -77.79 5.13 -15.93
C VAL QA 353 -77.37 3.67 -16.11
N TYR QA 354 -76.47 3.43 -17.06
CA TYR QA 354 -76.21 2.09 -17.58
C TYR QA 354 -74.86 1.58 -17.14
N TRP QA 355 -74.80 0.30 -16.80
CA TRP QA 355 -73.56 -0.40 -16.48
C TRP QA 355 -73.45 -1.66 -17.31
N ASN QA 356 -72.24 -2.00 -17.73
CA ASN QA 356 -71.97 -3.21 -18.48
C ASN QA 356 -71.20 -4.18 -17.61
N ILE QA 357 -71.66 -5.42 -17.55
CA ILE QA 357 -70.97 -6.49 -16.82
C ILE QA 357 -70.70 -7.61 -17.83
N ARG QA 358 -69.50 -7.63 -18.39
CA ARG QA 358 -69.08 -8.70 -19.28
C ARG QA 358 -68.27 -9.70 -18.50
N PHE QA 359 -68.56 -10.99 -18.67
CA PHE QA 359 -67.79 -12.03 -18.02
C PHE QA 359 -67.86 -13.30 -18.85
N THR QA 360 -67.01 -14.26 -18.50
CA THR QA 360 -67.06 -15.60 -19.08
C THR QA 360 -67.29 -16.60 -17.98
N ASP QA 361 -68.23 -17.51 -18.20
CA ASP QA 361 -68.48 -18.59 -17.26
C ASP QA 361 -67.38 -19.64 -17.36
N VAL QA 362 -67.44 -20.63 -16.47
CA VAL QA 362 -66.55 -21.78 -16.51
C VAL QA 362 -67.27 -22.89 -17.27
N PRO QA 363 -66.88 -23.20 -18.51
CA PRO QA 363 -67.57 -24.21 -19.27
C PRO QA 363 -67.22 -25.61 -18.78
N PRO QA 364 -68.18 -26.50 -18.68
CA PRO QA 364 -67.87 -27.87 -18.23
C PRO QA 364 -67.10 -28.61 -19.31
N ALA QA 365 -65.99 -29.22 -18.91
CA ALA QA 365 -65.08 -29.91 -19.83
C ALA QA 365 -65.68 -31.24 -20.24
N GLU QA 366 -66.70 -31.17 -21.09
CA GLU QA 366 -67.46 -32.36 -21.47
C GLU QA 366 -66.71 -33.26 -22.45
N ASN QA 367 -65.59 -32.82 -23.00
CA ASN QA 367 -64.81 -33.65 -23.92
C ASN QA 367 -63.32 -33.34 -23.77
N PRO QA 368 -62.65 -33.92 -22.76
CA PRO QA 368 -61.19 -33.77 -22.66
C PRO QA 368 -60.49 -34.68 -23.65
N ASN QA 369 -59.93 -34.10 -24.70
CA ASN QA 369 -59.27 -34.86 -25.75
C ASN QA 369 -57.79 -34.99 -25.46
N PHE QA 370 -57.24 -36.15 -25.82
CA PHE QA 370 -55.82 -36.43 -25.65
C PHE QA 370 -55.24 -36.86 -26.99
N ARG QA 371 -54.03 -36.40 -27.29
CA ARG QA 371 -53.40 -36.63 -28.59
C ARG QA 371 -52.03 -37.23 -28.36
N VAL QA 372 -51.98 -38.56 -28.31
CA VAL QA 372 -50.75 -39.30 -28.02
C VAL QA 372 -50.08 -39.64 -29.34
N GLU QA 373 -48.75 -39.54 -29.37
CA GLU QA 373 -48.00 -39.95 -30.54
C GLU QA 373 -46.64 -40.48 -30.14
N VAL QA 374 -46.21 -41.54 -30.82
CA VAL QA 374 -44.89 -42.10 -30.64
C VAL QA 374 -43.97 -41.47 -31.68
N THR QA 375 -42.94 -40.77 -31.21
CA THR QA 375 -42.04 -40.10 -32.13
C THR QA 375 -40.65 -40.70 -32.06
N ASP QA 376 -39.69 -40.08 -32.75
CA ASP QA 376 -38.29 -40.46 -32.68
C ASP QA 376 -37.44 -39.24 -32.36
N GLN QA 377 -38.02 -38.25 -31.70
CA GLN QA 377 -37.31 -36.99 -31.47
C GLN QA 377 -36.25 -37.15 -30.39
N TRP QA 378 -36.59 -37.83 -29.30
CA TRP QA 378 -35.65 -38.05 -28.20
C TRP QA 378 -34.98 -39.42 -28.29
N LEU QA 379 -34.80 -39.94 -29.51
CA LEU QA 379 -34.17 -41.23 -29.65
C LEU QA 379 -32.66 -41.13 -29.66
N THR QA 380 -32.11 -39.98 -30.05
CA THR QA 380 -30.68 -39.74 -29.93
C THR QA 380 -30.26 -39.33 -28.53
N GLU QA 381 -31.21 -39.27 -27.59
CA GLU QA 381 -30.87 -39.06 -26.19
C GLU QA 381 -30.17 -40.26 -25.57
N VAL QA 382 -30.26 -41.42 -26.21
CA VAL QA 382 -29.51 -42.60 -25.77
C VAL QA 382 -28.17 -42.53 -26.49
N LEU QA 383 -27.30 -41.67 -25.99
CA LEU QA 383 -25.90 -41.70 -26.39
C LEU QA 383 -24.95 -41.34 -25.26
N ASP QA 384 -25.45 -40.93 -24.10
CA ASP QA 384 -24.61 -40.50 -22.99
C ASP QA 384 -25.40 -40.57 -21.68
N SER RA 2 -21.48 81.84 7.08
CA SER RA 2 -21.59 81.04 8.29
C SER RA 2 -23.03 80.92 8.76
N PHE RA 3 -23.64 79.77 8.47
CA PHE RA 3 -24.99 79.52 8.97
C PHE RA 3 -24.99 79.33 10.48
N PHE RA 4 -24.06 78.52 10.99
CA PHE RA 4 -23.82 78.43 12.42
C PHE RA 4 -22.38 78.00 12.67
N HIS RA 5 -21.71 78.70 13.58
CA HIS RA 5 -20.36 78.37 14.01
C HIS RA 5 -20.47 77.67 15.35
N GLY RA 6 -20.40 76.35 15.36
CA GLY RA 6 -20.54 75.61 16.59
C GLY RA 6 -21.05 74.21 16.32
N VAL RA 7 -21.53 73.55 17.37
CA VAL RA 7 -21.99 72.17 17.31
C VAL RA 7 -23.51 72.18 17.33
N THR RA 8 -24.12 71.66 16.26
CA THR RA 8 -25.55 71.35 16.28
C THR RA 8 -25.71 69.87 16.58
N VAL RA 9 -26.65 69.56 17.46
CA VAL RA 9 -27.03 68.18 17.74
C VAL RA 9 -28.53 68.11 17.52
N THR RA 10 -28.94 67.43 16.46
CA THR RA 10 -30.34 67.37 16.07
C THR RA 10 -30.94 66.03 16.42
N ASN RA 11 -32.26 66.02 16.55
CA ASN RA 11 -33.06 64.83 16.83
C ASN RA 11 -33.96 64.66 15.61
N VAL RA 12 -33.65 63.69 14.75
CA VAL RA 12 -34.22 63.70 13.41
C VAL RA 12 -35.67 63.24 13.39
N ASP RA 13 -36.08 62.39 14.36
CA ASP RA 13 -37.48 62.06 14.63
C ASP RA 13 -38.18 61.41 13.44
N ILE RA 14 -37.55 60.39 12.86
CA ILE RA 14 -38.05 59.77 11.64
C ILE RA 14 -38.38 58.29 11.85
N GLY RA 15 -38.53 57.85 13.08
CA GLY RA 15 -38.85 56.47 13.32
C GLY RA 15 -40.32 56.16 13.07
N ALA RA 16 -40.61 54.86 12.97
CA ALA RA 16 -41.98 54.39 12.90
C ALA RA 16 -42.55 54.29 14.30
N ARG RA 17 -43.74 54.85 14.51
CA ARG RA 17 -44.33 54.92 15.84
C ARG RA 17 -45.05 53.62 16.14
N THR RA 18 -45.80 53.59 17.24
CA THR RA 18 -46.53 52.41 17.66
C THR RA 18 -47.99 52.77 17.88
N ILE RA 19 -48.84 51.74 17.85
CA ILE RA 19 -50.29 51.91 17.91
C ILE RA 19 -50.83 51.04 19.03
N ALA RA 20 -51.64 51.64 19.91
CA ALA RA 20 -52.32 50.91 20.96
C ALA RA 20 -53.83 50.91 20.70
N LEU RA 21 -54.51 49.95 21.31
CA LEU RA 21 -55.95 49.78 21.16
C LEU RA 21 -56.71 50.53 22.25
N PRO RA 22 -57.89 51.07 21.93
CA PRO RA 22 -58.64 51.84 22.95
C PRO RA 22 -59.52 51.01 23.87
N ALA RA 23 -59.00 49.89 24.36
CA ALA RA 23 -59.44 49.13 25.53
C ALA RA 23 -60.77 48.40 25.40
N SER RA 24 -61.56 48.70 24.37
CA SER RA 24 -62.60 47.83 23.82
C SER RA 24 -63.73 47.39 24.74
N SER RA 25 -63.77 47.85 26.00
CA SER RA 25 -64.69 47.23 26.95
C SER RA 25 -65.42 48.23 27.83
N VAL RA 26 -65.41 49.50 27.49
CA VAL RA 26 -66.16 50.48 28.27
C VAL RA 26 -67.63 50.36 27.94
N ILE RA 27 -68.46 50.30 28.97
CA ILE RA 27 -69.88 49.98 28.82
C ILE RA 27 -70.68 51.24 29.09
N GLY RA 28 -71.45 51.68 28.10
CA GLY RA 28 -72.32 52.82 28.28
C GLY RA 28 -73.66 52.41 28.85
N LEU RA 29 -73.96 52.87 30.05
CA LEU RA 29 -75.16 52.48 30.77
C LEU RA 29 -76.11 53.66 30.91
N CYS RA 30 -77.41 53.38 30.87
CA CYS RA 30 -78.41 54.43 31.07
C CYS RA 30 -79.69 53.76 31.58
N ASP RA 31 -80.01 53.98 32.84
CA ASP RA 31 -81.24 53.47 33.43
C ASP RA 31 -81.71 54.48 34.46
N VAL RA 32 -82.80 54.17 35.14
CA VAL RA 32 -83.39 55.11 36.08
C VAL RA 32 -82.75 54.92 37.45
N PHE RA 33 -82.82 55.98 38.25
CA PHE RA 33 -82.41 55.95 39.65
C PHE RA 33 -83.09 57.10 40.37
N THR RA 34 -83.25 56.95 41.67
CA THR RA 34 -83.92 57.97 42.47
C THR RA 34 -82.88 58.83 43.15
N PRO RA 35 -82.75 60.11 42.77
CA PRO RA 35 -81.74 60.96 43.41
C PRO RA 35 -82.17 61.36 44.81
N GLY RA 36 -81.19 61.45 45.70
CA GLY RA 36 -81.47 61.81 47.07
C GLY RA 36 -80.21 62.00 47.90
N ALA RA 37 -80.25 61.56 49.17
CA ALA RA 37 -79.10 61.70 50.03
C ALA RA 37 -78.08 60.57 49.82
N GLN RA 38 -78.57 59.36 49.58
CA GLN RA 38 -77.70 58.21 49.40
C GLN RA 38 -77.23 58.03 47.96
N ALA RA 39 -77.90 58.64 46.99
CA ALA RA 39 -77.50 58.60 45.60
C ALA RA 39 -76.76 59.89 45.30
N SER RA 40 -75.44 59.81 45.19
CA SER RA 40 -74.57 60.97 45.12
C SER RA 40 -74.22 61.38 43.68
N ALA RA 41 -75.13 61.17 42.74
CA ALA RA 41 -74.92 61.58 41.36
C ALA RA 41 -76.07 62.45 40.89
N LYS RA 42 -75.73 63.50 40.14
CA LYS RA 42 -76.74 64.35 39.55
C LYS RA 42 -77.46 63.60 38.44
N PRO RA 43 -78.78 63.85 38.25
CA PRO RA 43 -79.59 62.92 37.46
C PRO RA 43 -79.43 63.00 35.95
N ASN RA 44 -78.44 63.70 35.43
CA ASN RA 44 -78.13 63.58 34.01
C ASN RA 44 -76.65 63.51 33.67
N VAL RA 45 -75.74 63.76 34.61
CA VAL RA 45 -74.32 63.79 34.32
C VAL RA 45 -73.78 62.37 34.22
N PRO RA 46 -72.76 62.12 33.41
CA PRO RA 46 -72.18 60.78 33.37
C PRO RA 46 -71.25 60.56 34.55
N VAL RA 47 -71.31 59.35 35.10
CA VAL RA 47 -70.47 58.95 36.22
C VAL RA 47 -69.64 57.75 35.78
N LEU RA 48 -68.32 57.85 35.96
CA LEU RA 48 -67.44 56.73 35.65
C LEU RA 48 -67.45 55.75 36.81
N LEU RA 49 -67.80 54.49 36.52
CA LEU RA 49 -67.86 53.45 37.51
C LEU RA 49 -66.83 52.38 37.16
N THR RA 50 -66.00 52.02 38.13
CA THR RA 50 -65.00 50.99 37.93
C THR RA 50 -65.17 49.79 38.85
N SER RA 51 -66.05 49.86 39.84
CA SER RA 51 -66.22 48.77 40.78
C SER RA 51 -67.65 48.77 41.30
N LYS RA 52 -68.04 47.64 41.88
CA LYS RA 52 -69.39 47.48 42.40
C LYS RA 52 -69.62 48.32 43.65
N LYS RA 53 -68.54 48.60 44.39
CA LYS RA 53 -68.63 49.52 45.52
C LYS RA 53 -68.78 50.96 45.06
N ASP RA 54 -68.33 51.26 43.84
CA ASP RA 54 -68.42 52.60 43.29
C ASP RA 54 -69.78 52.89 42.66
N ALA RA 55 -70.50 51.85 42.24
CA ALA RA 55 -71.81 52.05 41.65
C ALA RA 55 -72.90 52.23 42.70
N ALA RA 56 -72.76 51.58 43.85
CA ALA RA 56 -73.73 51.75 44.92
C ALA RA 56 -73.57 53.10 45.62
N ALA RA 57 -72.35 53.62 45.65
CA ALA RA 57 -72.12 54.92 46.30
C ALA RA 57 -72.65 56.06 45.45
N ALA RA 58 -72.83 55.86 44.15
CA ALA RA 58 -73.29 56.92 43.26
C ALA RA 58 -74.76 56.81 42.88
N PHE RA 59 -75.39 55.66 43.10
CA PHE RA 59 -76.79 55.49 42.73
C PHE RA 59 -77.65 54.83 43.78
N GLY RA 60 -77.07 54.23 44.82
CA GLY RA 60 -77.87 53.55 45.83
C GLY RA 60 -78.19 52.12 45.45
N ILE RA 61 -78.55 51.33 46.46
CA ILE RA 61 -78.78 49.92 46.25
C ILE RA 61 -80.12 49.67 45.57
N GLY RA 62 -81.15 50.43 45.93
CA GLY RA 62 -82.46 50.20 45.37
C GLY RA 62 -82.67 50.67 43.95
N SER RA 63 -81.68 51.36 43.38
CA SER RA 63 -81.82 51.92 42.04
C SER RA 63 -81.82 50.84 40.99
N SER RA 64 -82.54 51.10 39.90
CA SER RA 64 -82.58 50.18 38.78
C SER RA 64 -81.32 50.23 37.91
N ILE RA 65 -80.47 51.23 38.11
CA ILE RA 65 -79.21 51.29 37.37
C ILE RA 65 -78.08 50.59 38.11
N TYR RA 66 -78.16 50.49 39.45
CA TYR RA 66 -77.19 49.68 40.18
C TYR RA 66 -77.40 48.20 39.90
N LEU RA 67 -78.65 47.80 39.65
CA LEU RA 67 -78.93 46.42 39.29
C LEU RA 67 -78.39 46.06 37.91
N ALA RA 68 -78.13 47.06 37.06
CA ALA RA 68 -77.43 46.82 35.81
C ALA RA 68 -75.93 46.79 35.99
N CYS RA 69 -75.41 47.53 36.98
CA CYS RA 69 -74.00 47.41 37.32
C CYS RA 69 -73.71 46.10 38.02
N GLU RA 70 -74.64 45.65 38.86
CA GLU RA 70 -74.50 44.37 39.54
C GLU RA 70 -74.54 43.22 38.54
N ALA RA 71 -75.29 43.38 37.44
CA ALA RA 71 -75.31 42.37 36.40
C ALA RA 71 -74.00 42.31 35.64
N ILE RA 72 -73.29 43.43 35.55
CA ILE RA 72 -72.02 43.48 34.84
C ILE RA 72 -70.86 43.08 35.75
N TYR RA 73 -70.84 43.59 36.98
CA TYR RA 73 -69.72 43.36 37.88
C TYR RA 73 -69.72 41.95 38.47
N ASN RA 74 -70.84 41.24 38.44
CA ASN RA 74 -70.82 39.86 38.88
C ASN RA 74 -70.19 38.94 37.85
N ARG RA 75 -70.26 39.30 36.57
CA ARG RA 75 -69.71 38.50 35.50
C ARG RA 75 -68.28 38.93 35.15
N ALA RA 76 -68.08 40.22 34.93
CA ALA RA 76 -66.78 40.73 34.53
C ALA RA 76 -66.33 41.84 35.47
N GLN RA 77 -65.26 42.55 35.11
CA GLN RA 77 -64.80 43.71 35.87
C GLN RA 77 -64.28 44.72 34.84
N ALA RA 78 -65.15 45.64 34.44
CA ALA RA 78 -64.83 46.59 33.40
C ALA RA 78 -65.35 47.97 33.78
N VAL RA 79 -65.04 48.94 32.95
CA VAL RA 79 -65.44 50.33 33.18
C VAL RA 79 -66.86 50.52 32.72
N ILE RA 80 -67.64 51.26 33.49
CA ILE RA 80 -69.03 51.57 33.14
C ILE RA 80 -69.19 53.08 33.19
N VAL RA 81 -69.53 53.69 32.05
CA VAL RA 81 -69.96 55.08 32.02
C VAL RA 81 -71.47 55.05 32.17
N ALA RA 82 -71.95 55.28 33.39
CA ALA RA 82 -73.38 55.29 33.68
C ALA RA 82 -73.90 56.71 33.63
N VAL RA 83 -75.10 56.88 33.10
CA VAL RA 83 -75.71 58.20 33.02
C VAL RA 83 -76.66 58.38 34.19
N GLY RA 84 -77.72 57.57 34.22
CA GLY RA 84 -78.71 57.72 35.26
C GLY RA 84 -79.72 58.80 34.94
N VAL RA 85 -81.00 58.49 35.10
CA VAL RA 85 -82.07 59.47 34.93
C VAL RA 85 -83.02 59.33 36.11
N GLU RA 86 -83.81 60.38 36.34
CA GLU RA 86 -84.80 60.32 37.40
C GLU RA 86 -86.07 59.64 36.90
N THR RA 87 -86.77 58.99 37.81
CA THR RA 87 -87.92 58.17 37.43
C THR RA 87 -89.11 59.05 37.05
N ALA RA 88 -89.55 58.92 35.81
CA ALA RA 88 -90.67 59.71 35.32
C ALA RA 88 -91.98 59.12 35.81
N GLU RA 89 -93.08 59.77 35.41
CA GLU RA 89 -94.40 59.38 35.91
C GLU RA 89 -94.96 58.19 35.13
N THR RA 90 -95.21 58.38 33.84
CA THR RA 90 -95.72 57.34 32.98
C THR RA 90 -94.58 56.54 32.38
N PRO RA 91 -94.84 55.29 31.96
CA PRO RA 91 -93.80 54.55 31.24
C PRO RA 91 -93.51 55.08 29.85
N GLU RA 92 -94.40 55.91 29.29
CA GLU RA 92 -94.10 56.57 28.02
C GLU RA 92 -93.12 57.72 28.22
N ALA RA 93 -93.30 58.50 29.28
CA ALA RA 93 -92.42 59.62 29.56
C ALA RA 93 -91.07 59.19 30.13
N GLN RA 94 -90.95 57.94 30.57
CA GLN RA 94 -89.64 57.41 30.94
C GLN RA 94 -88.79 57.18 29.71
N ALA RA 95 -89.42 56.85 28.58
CA ALA RA 95 -88.67 56.64 27.34
C ALA RA 95 -88.13 57.94 26.79
N SER RA 96 -88.83 59.05 26.98
CA SER RA 96 -88.34 60.34 26.51
C SER RA 96 -87.22 60.89 27.39
N ALA RA 97 -87.06 60.36 28.60
CA ALA RA 97 -85.95 60.75 29.45
C ALA RA 97 -84.70 59.91 29.20
N VAL RA 98 -84.87 58.67 28.76
CA VAL RA 98 -83.72 57.85 28.39
C VAL RA 98 -83.14 58.28 27.06
N ILE RA 99 -84.01 58.61 26.09
CA ILE RA 99 -83.56 59.19 24.84
C ILE RA 99 -82.92 60.55 25.07
N GLY RA 100 -83.58 61.39 25.87
CA GLY RA 100 -83.01 62.65 26.27
C GLY RA 100 -82.97 63.68 25.16
N GLY RA 101 -81.78 63.94 24.65
CA GLY RA 101 -81.59 64.97 23.66
C GLY RA 101 -80.67 66.04 24.21
N ILE RA 102 -81.10 67.29 24.16
CA ILE RA 102 -80.33 68.38 24.74
C ILE RA 102 -81.27 69.19 25.63
N SER RA 103 -80.69 69.87 26.60
CA SER RA 103 -81.47 70.60 27.59
C SER RA 103 -81.55 72.07 27.23
N ALA RA 104 -82.33 72.82 28.02
CA ALA RA 104 -82.38 74.26 27.84
C ALA RA 104 -81.11 74.95 28.33
N ALA RA 105 -80.31 74.27 29.15
CA ALA RA 105 -79.04 74.78 29.61
C ALA RA 105 -77.90 74.49 28.63
N GLY RA 106 -78.18 73.79 27.54
CA GLY RA 106 -77.14 73.47 26.58
C GLY RA 106 -76.28 72.29 26.98
N GLU RA 107 -76.92 71.22 27.47
CA GLU RA 107 -76.19 70.06 27.97
C GLU RA 107 -76.94 68.80 27.54
N ARG RA 108 -76.19 67.78 27.12
CA ARG RA 108 -76.80 66.51 26.76
C ARG RA 108 -77.27 65.77 28.01
N THR RA 109 -78.47 65.18 27.94
CA THR RA 109 -79.13 64.67 29.13
C THR RA 109 -79.26 63.15 29.15
N GLY RA 110 -79.83 62.55 28.12
CA GLY RA 110 -80.21 61.16 28.23
C GLY RA 110 -79.11 60.21 27.80
N LEU RA 111 -79.38 59.42 26.75
CA LEU RA 111 -78.34 58.61 26.13
C LEU RA 111 -77.27 59.46 25.48
N GLN RA 112 -77.60 60.70 25.10
CA GLN RA 112 -76.64 61.60 24.47
C GLN RA 112 -75.49 61.98 25.41
N ALA RA 113 -75.67 61.85 26.72
CA ALA RA 113 -74.61 62.13 27.67
C ALA RA 113 -73.45 61.15 27.58
N LEU RA 114 -73.64 59.99 26.95
CA LEU RA 114 -72.54 59.07 26.73
C LEU RA 114 -71.54 59.59 25.71
N LEU RA 115 -71.94 60.56 24.87
CA LEU RA 115 -71.00 61.20 23.96
C LEU RA 115 -70.00 62.08 24.71
N ASP RA 116 -70.33 62.48 25.94
CA ASP RA 116 -69.40 63.14 26.85
C ASP RA 116 -68.51 62.16 27.58
N GLY RA 117 -68.58 60.86 27.27
CA GLY RA 117 -67.80 59.87 27.98
C GLY RA 117 -66.32 59.87 27.64
N LYS RA 118 -65.96 60.45 26.51
CA LYS RA 118 -64.55 60.53 26.13
C LYS RA 118 -63.95 61.90 26.39
N SER RA 119 -64.76 62.96 26.33
CA SER RA 119 -64.26 64.30 26.59
C SER RA 119 -63.98 64.53 28.06
N ARG RA 120 -64.55 63.72 28.95
CA ARG RA 120 -64.44 63.91 30.39
C ARG RA 120 -63.65 62.82 31.09
N PHE RA 121 -63.77 61.57 30.64
CA PHE RA 121 -63.10 60.46 31.30
C PHE RA 121 -62.03 59.79 30.45
N ASN RA 122 -61.91 60.18 29.17
CA ASN RA 122 -61.03 59.54 28.17
C ASN RA 122 -61.28 58.04 28.07
N ALA RA 123 -62.55 57.66 28.15
CA ALA RA 123 -62.98 56.27 28.06
C ALA RA 123 -64.29 56.26 27.25
N GLN RA 124 -64.15 56.06 25.94
CA GLN RA 124 -65.31 56.04 25.07
C GLN RA 124 -66.05 54.71 25.21
N PRO RA 125 -67.36 54.72 25.40
CA PRO RA 125 -68.09 53.45 25.60
C PRO RA 125 -68.18 52.64 24.31
N ARG RA 126 -67.92 51.34 24.43
CA ARG RA 126 -67.99 50.43 23.30
C ARG RA 126 -69.20 49.51 23.36
N LEU RA 127 -69.84 49.38 24.51
CA LEU RA 127 -71.08 48.62 24.65
C LEU RA 127 -72.15 49.56 25.17
N LEU RA 128 -73.23 49.70 24.41
CA LEU RA 128 -74.32 50.60 24.76
C LEU RA 128 -75.49 49.78 25.29
N VAL RA 129 -75.84 49.98 26.55
CA VAL RA 129 -76.87 49.19 27.21
C VAL RA 129 -77.80 50.15 27.94
N ALA RA 130 -79.10 50.07 27.60
CA ALA RA 130 -80.17 50.69 28.37
C ALA RA 130 -81.10 49.56 28.76
N PRO RA 131 -80.94 48.97 29.94
CA PRO RA 131 -81.66 47.74 30.26
C PRO RA 131 -83.13 47.99 30.56
N GLY RA 132 -83.99 47.27 29.85
CA GLY RA 132 -85.42 47.37 30.03
C GLY RA 132 -86.09 48.40 29.16
N HIS RA 133 -85.39 49.49 28.85
CA HIS RA 133 -85.95 50.53 28.00
C HIS RA 133 -85.69 50.27 26.53
N SER RA 134 -84.76 49.39 26.19
CA SER RA 134 -84.48 49.09 24.80
C SER RA 134 -85.57 48.26 24.14
N ALA RA 135 -86.52 47.72 24.92
CA ALA RA 135 -87.64 46.98 24.36
C ALA RA 135 -88.65 47.86 23.64
N GLN RA 136 -88.56 49.17 23.80
CA GLN RA 136 -89.37 50.11 23.06
C GLN RA 136 -88.62 50.53 21.79
N GLN RA 137 -89.39 50.77 20.72
CA GLN RA 137 -88.78 51.12 19.45
C GLN RA 137 -88.22 52.54 19.44
N ALA RA 138 -88.76 53.42 20.28
CA ALA RA 138 -88.28 54.80 20.31
C ALA RA 138 -86.89 54.89 20.93
N VAL RA 139 -86.65 54.12 21.99
CA VAL RA 139 -85.34 54.15 22.64
C VAL RA 139 -84.31 53.40 21.82
N ALA RA 140 -84.70 52.27 21.23
CA ALA RA 140 -83.75 51.44 20.49
C ALA RA 140 -83.36 52.07 19.17
N THR RA 141 -84.20 52.93 18.59
CA THR RA 141 -83.79 53.69 17.42
C THR RA 141 -82.87 54.84 17.81
N ALA RA 142 -83.07 55.41 18.99
CA ALA RA 142 -82.17 56.45 19.48
C ALA RA 142 -80.82 55.87 19.85
N MET RA 143 -80.79 54.62 20.29
CA MET RA 143 -79.53 53.97 20.64
C MET RA 143 -78.79 53.47 19.41
N ASP RA 144 -79.47 53.28 18.28
CA ASP RA 144 -78.78 52.86 17.06
C ASP RA 144 -78.02 54.03 16.45
N GLY RA 145 -78.64 55.22 16.43
CA GLY RA 145 -77.93 56.40 15.94
C GLY RA 145 -76.81 56.82 16.87
N LEU RA 146 -76.95 56.51 18.16
CA LEU RA 146 -75.88 56.78 19.11
C LEU RA 146 -74.74 55.79 18.94
N ALA RA 147 -75.02 54.58 18.49
CA ALA RA 147 -74.00 53.55 18.37
C ALA RA 147 -73.09 53.77 17.18
N GLU RA 148 -73.51 54.54 16.18
CA GLU RA 148 -72.62 54.89 15.08
C GLU RA 148 -71.77 56.10 15.42
N LYS RA 149 -72.27 56.99 16.29
CA LYS RA 149 -71.46 58.11 16.75
C LYS RA 149 -70.32 57.66 17.64
N LEU RA 150 -70.50 56.54 18.36
CA LEU RA 150 -69.51 56.04 19.27
C LEU RA 150 -68.74 54.84 18.75
N ARG RA 151 -69.12 54.32 17.57
CA ARG RA 151 -68.63 53.06 17.01
C ARG RA 151 -68.78 51.92 18.01
N ALA RA 152 -69.96 51.84 18.61
CA ALA RA 152 -70.25 50.90 19.68
C ALA RA 152 -71.24 49.84 19.20
N ILE RA 153 -71.45 48.84 20.03
CA ILE RA 153 -72.40 47.77 19.75
C ILE RA 153 -73.54 47.92 20.74
N ALA RA 154 -74.65 48.49 20.30
CA ALA RA 154 -75.78 48.79 21.18
C ALA RA 154 -76.55 47.50 21.45
N ILE RA 155 -76.40 46.97 22.66
CA ILE RA 155 -77.03 45.71 23.03
C ILE RA 155 -78.49 45.97 23.38
N LEU RA 156 -79.40 45.49 22.53
CA LEU RA 156 -80.82 45.63 22.77
C LEU RA 156 -81.33 44.44 23.57
N ASP RA 157 -82.61 44.48 23.91
CA ASP RA 157 -83.31 43.32 24.42
C ASP RA 157 -84.77 43.46 24.03
N GLY RA 158 -85.32 42.42 23.42
CA GLY RA 158 -86.68 42.47 22.96
C GLY RA 158 -87.67 42.31 24.10
N PRO RA 159 -88.95 42.31 23.76
CA PRO RA 159 -89.97 42.07 24.77
C PRO RA 159 -89.96 40.63 25.23
N ASN RA 160 -90.51 40.41 26.44
CA ASN RA 160 -90.58 39.08 27.03
C ASN RA 160 -91.86 38.35 26.65
N SER RA 161 -92.46 38.70 25.52
CA SER RA 161 -93.61 38.00 24.98
C SER RA 161 -93.11 36.81 24.14
N THR RA 162 -94.00 36.22 23.34
CA THR RA 162 -93.65 35.06 22.54
C THR RA 162 -92.67 35.42 21.42
N ASP RA 163 -92.22 34.38 20.71
CA ASP RA 163 -91.18 34.53 19.71
C ASP RA 163 -91.68 35.24 18.46
N GLU RA 164 -92.98 35.23 18.21
CA GLU RA 164 -93.52 36.03 17.10
C GLU RA 164 -93.37 37.51 17.38
N ALA RA 165 -93.47 37.92 18.64
CA ALA RA 165 -93.24 39.30 19.03
C ALA RA 165 -91.77 39.66 19.11
N ALA RA 166 -90.87 38.68 19.00
CA ALA RA 166 -89.44 38.95 18.95
C ALA RA 166 -88.92 39.09 17.54
N VAL RA 167 -89.46 38.29 16.62
CA VAL RA 167 -89.10 38.42 15.21
C VAL RA 167 -89.69 39.71 14.64
N ALA RA 168 -90.91 40.05 15.03
CA ALA RA 168 -91.54 41.27 14.56
C ALA RA 168 -90.92 42.52 15.18
N TYR RA 169 -90.21 42.38 16.29
CA TYR RA 169 -89.45 43.49 16.85
C TYR RA 169 -88.06 43.60 16.24
N ALA RA 170 -87.44 42.49 15.92
CA ALA RA 170 -86.12 42.50 15.32
C ALA RA 170 -86.14 42.80 13.83
N LYS RA 171 -87.31 42.87 13.22
CA LYS RA 171 -87.43 43.22 11.81
C LYS RA 171 -87.50 44.72 11.59
N ASN RA 172 -87.37 45.52 12.65
CA ASN RA 172 -87.50 46.96 12.55
C ASN RA 172 -86.18 47.67 12.37
N PHE RA 173 -85.05 47.02 12.63
CA PHE RA 173 -83.79 47.72 12.82
C PHE RA 173 -82.86 47.64 11.61
N GLY RA 174 -82.34 46.45 11.31
CA GLY RA 174 -81.50 46.29 10.14
C GLY RA 174 -80.17 47.03 10.17
N SER RA 175 -79.59 47.22 11.35
CA SER RA 175 -78.35 47.95 11.49
C SER RA 175 -77.27 47.07 12.12
N LYS RA 176 -76.05 47.19 11.61
CA LYS RA 176 -74.98 46.26 11.96
C LYS RA 176 -74.41 46.48 13.35
N ARG RA 177 -74.83 47.50 14.08
CA ARG RA 177 -74.34 47.78 15.41
C ARG RA 177 -75.40 47.56 16.47
N LEU RA 178 -76.29 46.59 16.25
CA LEU RA 178 -77.38 46.29 17.16
C LEU RA 178 -77.36 44.81 17.48
N PHE RA 179 -77.38 44.49 18.77
CA PHE RA 179 -77.30 43.10 19.22
C PHE RA 179 -78.48 42.85 20.13
N MET RA 180 -79.32 41.88 19.78
CA MET RA 180 -80.57 41.65 20.48
C MET RA 180 -80.55 40.31 21.19
N VAL RA 181 -80.89 40.31 22.47
CA VAL RA 181 -80.99 39.11 23.28
C VAL RA 181 -82.43 39.03 23.77
N ASP RA 182 -83.20 38.09 23.20
CA ASP RA 182 -84.65 38.13 23.43
C ASP RA 182 -85.12 37.63 24.80
N PRO RA 183 -84.87 36.39 25.24
CA PRO RA 183 -85.62 35.89 26.41
C PRO RA 183 -85.11 36.51 27.71
N GLY RA 184 -86.05 36.93 28.54
CA GLY RA 184 -85.70 37.66 29.75
C GLY RA 184 -85.11 36.76 30.81
N VAL RA 185 -84.03 37.26 31.43
CA VAL RA 185 -83.36 36.53 32.50
C VAL RA 185 -84.22 36.58 33.74
N GLN RA 186 -84.43 35.43 34.37
CA GLN RA 186 -85.11 35.34 35.66
C GLN RA 186 -84.04 35.32 36.74
N VAL RA 187 -83.88 36.42 37.45
CA VAL RA 187 -82.78 36.59 38.38
C VAL RA 187 -83.33 36.83 39.78
N TRP RA 188 -82.49 36.56 40.78
CA TRP RA 188 -82.89 36.68 42.18
C TRP RA 188 -82.86 38.13 42.63
N ASP RA 189 -83.95 38.59 43.23
CA ASP RA 189 -84.08 39.95 43.71
C ASP RA 189 -83.84 39.98 45.21
N SER RA 190 -82.81 40.69 45.65
CA SER RA 190 -82.45 40.75 47.06
C SER RA 190 -83.24 41.80 47.83
N ALA RA 191 -84.18 42.49 47.18
CA ALA RA 191 -85.02 43.48 47.84
C ALA RA 191 -86.41 42.93 48.17
N THR RA 192 -86.94 42.05 47.33
CA THR RA 192 -88.23 41.43 47.58
C THR RA 192 -88.12 39.94 47.92
N ASN RA 193 -86.91 39.39 47.89
CA ASN RA 193 -86.60 37.99 48.24
C ASN RA 193 -87.36 37.01 47.35
N ALA RA 194 -87.33 37.26 46.04
CA ALA RA 194 -87.98 36.41 45.07
C ALA RA 194 -87.25 36.53 43.73
N ALA RA 195 -87.65 35.71 42.79
CA ALA RA 195 -87.01 35.66 41.47
C ALA RA 195 -87.74 36.62 40.54
N ARG RA 196 -87.12 37.76 40.25
CA ARG RA 196 -87.69 38.74 39.33
C ARG RA 196 -87.19 38.51 37.92
N ASN RA 197 -87.83 39.17 36.97
CA ASN RA 197 -87.46 39.09 35.56
C ASN RA 197 -86.53 40.24 35.23
N ALA RA 198 -85.29 39.92 34.95
CA ALA RA 198 -84.32 40.91 34.54
C ALA RA 198 -84.46 41.16 33.03
N PRO RA 199 -84.06 42.35 32.55
CA PRO RA 199 -84.17 42.63 31.12
C PRO RA 199 -83.20 41.86 30.23
N ALA RA 200 -82.21 41.18 30.80
CA ALA RA 200 -81.26 40.31 30.09
C ALA RA 200 -80.41 41.05 29.07
N SER RA 201 -80.26 42.35 29.21
CA SER RA 201 -79.39 43.16 28.35
C SER RA 201 -78.10 43.56 29.04
N ALA RA 202 -78.14 43.81 30.34
CA ALA RA 202 -76.92 44.07 31.09
C ALA RA 202 -76.14 42.79 31.34
N TYR RA 203 -76.80 41.63 31.31
CA TYR RA 203 -76.09 40.36 31.51
C TYR RA 203 -75.31 39.95 30.29
N ALA RA 204 -75.77 40.33 29.09
CA ALA RA 204 -74.96 40.13 27.90
C ALA RA 204 -73.83 41.15 27.84
N ALA RA 205 -73.99 42.30 28.47
CA ALA RA 205 -72.91 43.28 28.52
C ALA RA 205 -71.78 42.83 29.42
N GLY RA 206 -72.07 42.03 30.44
CA GLY RA 206 -71.02 41.45 31.24
C GLY RA 206 -70.25 40.39 30.49
N LEU RA 207 -70.88 39.77 29.50
CA LEU RA 207 -70.19 38.76 28.69
C LEU RA 207 -69.26 39.40 27.67
N PHE RA 208 -69.68 40.51 27.08
CA PHE RA 208 -68.79 41.23 26.17
C PHE RA 208 -67.60 41.82 26.91
N ALA RA 209 -67.79 42.24 28.15
CA ALA RA 209 -66.69 42.77 28.94
C ALA RA 209 -65.80 41.67 29.50
N TRP RA 210 -66.27 40.44 29.52
CA TRP RA 210 -65.48 39.35 30.09
C TRP RA 210 -64.61 38.66 29.05
N THR RA 211 -65.12 38.49 27.83
CA THR RA 211 -64.34 37.83 26.79
C THR RA 211 -63.19 38.69 26.29
N ASP RA 212 -63.28 40.02 26.44
CA ASP RA 212 -62.15 40.86 26.08
C ASP RA 212 -61.01 40.72 27.09
N ALA RA 213 -61.34 40.45 28.34
CA ALA RA 213 -60.32 40.25 29.36
C ALA RA 213 -59.85 38.81 29.43
N GLU RA 214 -60.62 37.87 28.88
CA GLU RA 214 -60.29 36.45 28.95
C GLU RA 214 -59.79 35.91 27.62
N TYR RA 215 -60.56 36.11 26.54
CA TYR RA 215 -60.21 35.56 25.23
C TYR RA 215 -59.80 36.62 24.22
N GLY RA 216 -60.10 37.88 24.46
CA GLY RA 216 -59.81 38.95 23.53
C GLY RA 216 -61.06 39.49 22.88
N PHE RA 217 -60.90 40.67 22.26
CA PHE RA 217 -62.03 41.36 21.65
C PHE RA 217 -62.46 40.75 20.32
N TRP RA 218 -61.72 39.78 19.80
CA TRP RA 218 -62.08 39.08 18.58
C TRP RA 218 -62.86 37.81 18.84
N SER RA 219 -63.31 37.59 20.07
CA SER RA 219 -64.03 36.39 20.44
C SER RA 219 -65.47 36.73 20.76
N SER RA 220 -66.40 36.04 20.12
CA SER RA 220 -67.80 36.25 20.40
C SER RA 220 -68.16 35.63 21.75
N PRO RA 221 -69.10 36.22 22.47
CA PRO RA 221 -69.50 35.66 23.77
C PRO RA 221 -70.57 34.59 23.65
N SER RA 222 -70.78 34.07 22.44
CA SER RA 222 -71.94 33.27 22.11
C SER RA 222 -71.83 31.82 22.54
N ASN RA 223 -70.88 31.47 23.40
CA ASN RA 223 -70.94 30.19 24.09
C ASN RA 223 -70.53 30.35 25.55
N LYS RA 224 -70.27 31.56 26.01
CA LYS RA 224 -69.83 31.76 27.38
C LYS RA 224 -71.03 31.80 28.30
N GLU RA 225 -70.75 31.73 29.60
CA GLU RA 225 -71.79 31.51 30.59
C GLU RA 225 -72.10 32.77 31.35
N ILE RA 226 -73.37 32.95 31.69
CA ILE RA 226 -73.82 34.07 32.50
C ILE RA 226 -73.96 33.58 33.93
N LYS RA 227 -73.53 34.42 34.88
CA LYS RA 227 -73.31 33.97 36.25
C LYS RA 227 -74.54 34.11 37.13
N GLY RA 228 -75.06 35.33 37.28
CA GLY RA 228 -76.14 35.57 38.22
C GLY RA 228 -77.47 34.98 37.84
N VAL RA 229 -77.62 34.52 36.59
CA VAL RA 229 -78.89 34.05 36.08
C VAL RA 229 -79.30 32.74 36.76
N THR RA 230 -80.50 32.72 37.31
CA THR RA 230 -81.05 31.52 37.94
C THR RA 230 -82.33 31.09 37.23
N GLY RA 231 -82.38 31.26 35.92
CA GLY RA 231 -83.53 30.85 35.15
C GLY RA 231 -83.82 31.85 34.05
N THR RA 232 -84.64 31.41 33.09
CA THR RA 232 -84.99 32.21 31.93
C THR RA 232 -86.50 32.18 31.76
N SER RA 233 -87.12 33.36 31.74
CA SER RA 233 -88.54 33.44 31.45
C SER RA 233 -88.79 33.04 30.00
N ARG RA 234 -89.84 32.23 29.79
CA ARG RA 234 -90.16 31.55 28.54
C ARG RA 234 -88.95 30.76 28.05
N PRO RA 235 -88.69 29.58 28.63
CA PRO RA 235 -87.46 28.83 28.31
C PRO RA 235 -87.45 28.34 26.87
N VAL RA 236 -86.35 28.59 26.18
CA VAL RA 236 -86.20 28.22 24.78
C VAL RA 236 -85.66 26.80 24.69
N GLU RA 237 -85.84 26.20 23.52
CA GLU RA 237 -85.53 24.79 23.30
C GLU RA 237 -84.24 24.67 22.51
N PHE RA 238 -83.31 23.87 23.03
CA PHE RA 238 -82.09 23.49 22.30
C PHE RA 238 -81.73 22.09 22.78
N LEU RA 239 -82.21 21.08 22.06
CA LEU RA 239 -82.14 19.71 22.58
C LEU RA 239 -80.81 19.02 22.26
N ASP RA 240 -80.60 18.62 21.01
CA ASP RA 240 -79.39 17.86 20.70
C ASP RA 240 -78.54 18.46 19.60
N GLY RA 241 -79.07 18.42 18.38
CA GLY RA 241 -78.39 18.91 17.19
C GLY RA 241 -79.41 19.39 16.17
N ASP RA 242 -80.66 19.48 16.60
CA ASP RA 242 -81.76 19.71 15.68
C ASP RA 242 -81.76 21.15 15.18
N GLU RA 243 -81.74 21.31 13.87
CA GLU RA 243 -81.71 22.64 13.27
C GLU RA 243 -83.05 23.34 13.27
N THR RA 244 -84.11 22.69 13.74
CA THR RA 244 -85.42 23.30 13.87
C THR RA 244 -85.82 23.45 15.33
N CYS RA 245 -84.86 23.71 16.21
CA CYS RA 245 -85.18 24.01 17.60
C CYS RA 245 -85.74 25.42 17.70
N ARG RA 246 -86.37 25.70 18.84
CA ARG RA 246 -87.00 27.01 19.03
C ARG RA 246 -85.95 28.11 19.19
N ALA RA 247 -84.80 27.79 19.78
CA ALA RA 247 -83.76 28.78 19.93
C ALA RA 247 -82.94 28.97 18.66
N ASN RA 248 -82.86 27.94 17.80
CA ASN RA 248 -82.13 28.11 16.55
C ASN RA 248 -82.92 28.92 15.55
N LEU RA 249 -84.25 28.89 15.62
CA LEU RA 249 -85.06 29.72 14.74
C LEU RA 249 -85.00 31.18 15.11
N LEU RA 250 -84.54 31.51 16.32
CA LEU RA 250 -84.30 32.89 16.70
C LEU RA 250 -82.91 33.35 16.29
N ASN RA 251 -81.93 32.46 16.28
CA ASN RA 251 -80.62 32.83 15.74
C ASN RA 251 -80.67 32.98 14.23
N ASN RA 252 -81.61 32.30 13.57
CA ASN RA 252 -81.81 32.50 12.14
C ASN RA 252 -82.44 33.86 11.85
N ALA RA 253 -83.13 34.45 12.83
CA ALA RA 253 -83.69 35.78 12.70
C ALA RA 253 -82.80 36.85 13.32
N ASN RA 254 -81.49 36.57 13.45
CA ASN RA 254 -80.47 37.48 13.95
C ASN RA 254 -80.77 37.94 15.39
N ILE RA 255 -81.26 37.03 16.21
CA ILE RA 255 -81.53 37.30 17.62
C ILE RA 255 -80.75 36.29 18.45
N ALA RA 256 -79.96 36.81 19.40
CA ALA RA 256 -79.28 35.93 20.34
C ALA RA 256 -80.26 35.44 21.40
N THR RA 257 -79.96 34.27 21.96
CA THR RA 257 -80.80 33.66 22.98
C THR RA 257 -79.97 33.23 24.17
N ILE RA 258 -80.67 32.75 25.20
CA ILE RA 258 -80.06 32.17 26.39
C ILE RA 258 -80.68 30.79 26.55
N ILE RA 259 -79.90 29.74 26.29
CA ILE RA 259 -80.49 28.47 25.90
C ILE RA 259 -80.81 27.51 27.04
N ARG RA 260 -79.80 27.11 27.81
CA ARG RA 260 -79.84 25.82 28.49
C ARG RA 260 -80.68 25.85 29.75
N ASP RA 261 -80.59 24.77 30.52
CA ASP RA 261 -81.44 24.50 31.68
C ASP RA 261 -81.22 25.55 32.75
N ASP RA 262 -82.26 26.37 32.98
CA ASP RA 262 -82.21 27.56 33.83
C ASP RA 262 -81.12 28.53 33.39
N GLY RA 263 -80.93 28.64 32.08
CA GLY RA 263 -80.23 29.75 31.45
C GLY RA 263 -78.79 30.01 31.81
N TYR RA 264 -77.85 29.18 31.36
CA TYR RA 264 -76.45 29.44 31.68
C TYR RA 264 -75.56 29.52 30.46
N ARG RA 265 -76.12 29.72 29.25
CA ARG RA 265 -75.29 29.89 28.06
C ARG RA 265 -75.92 30.94 27.16
N LEU RA 266 -75.14 31.95 26.79
CA LEU RA 266 -75.56 32.83 25.70
C LEU RA 266 -75.42 32.08 24.38
N TRP RA 267 -76.31 32.37 23.44
CA TRP RA 267 -76.39 31.60 22.20
C TRP RA 267 -76.71 32.55 21.05
N GLY RA 268 -75.72 32.85 20.23
CA GLY RA 268 -75.93 33.68 19.07
C GLY RA 268 -74.86 34.74 18.90
N ASN RA 269 -74.21 34.76 17.74
CA ASN RA 269 -73.16 35.72 17.45
C ASN RA 269 -73.50 36.57 16.24
N ARG RA 270 -74.77 36.68 15.90
CA ARG RA 270 -75.20 37.49 14.77
C ARG RA 270 -75.76 38.80 15.27
N THR RA 271 -75.36 39.89 14.63
CA THR RA 271 -75.96 41.18 14.90
C THR RA 271 -77.14 41.39 13.97
N LEU RA 272 -77.85 42.50 14.14
CA LEU RA 272 -79.07 42.76 13.37
C LEU RA 272 -78.75 43.47 12.06
N SER RA 273 -77.85 42.89 11.27
CA SER RA 273 -77.40 43.51 10.04
C SER RA 273 -78.17 42.99 8.84
N SER RA 274 -78.34 43.84 7.83
CA SER RA 274 -78.94 43.40 6.58
C SER RA 274 -77.90 42.79 5.65
N ASP RA 275 -76.69 43.35 5.64
CA ASP RA 275 -75.60 42.74 4.88
C ASP RA 275 -75.13 41.48 5.57
N SER RA 276 -74.82 40.46 4.78
CA SER RA 276 -74.21 39.26 5.32
C SER RA 276 -72.72 39.41 5.56
N LYS RA 277 -72.12 40.53 5.13
CA LYS RA 277 -70.73 40.80 5.42
C LYS RA 277 -70.54 41.11 6.90
N TRP RA 278 -71.34 42.05 7.42
CA TRP RA 278 -71.26 42.45 8.82
C TRP RA 278 -72.21 41.66 9.70
N ALA RA 279 -72.38 40.37 9.42
CA ALA RA 279 -73.34 39.58 10.19
C ALA RA 279 -72.81 39.26 11.58
N PHE RA 280 -71.54 38.89 11.67
CA PHE RA 280 -70.96 38.49 12.95
C PHE RA 280 -70.64 39.70 13.80
N VAL RA 281 -70.90 39.58 15.11
CA VAL RA 281 -70.57 40.64 16.05
C VAL RA 281 -69.06 40.78 16.18
N THR RA 282 -68.33 39.67 16.02
CA THR RA 282 -66.88 39.68 16.10
C THR RA 282 -66.26 40.55 15.00
N ARG RA 283 -66.79 40.46 13.77
CA ARG RA 283 -66.23 41.24 12.67
C ARG RA 283 -66.53 42.72 12.82
N VAL RA 284 -67.70 43.07 13.35
CA VAL RA 284 -68.02 44.47 13.59
C VAL RA 284 -67.21 45.02 14.76
N ARG RA 285 -66.94 44.18 15.75
CA ARG RA 285 -66.23 44.64 16.94
C ARG RA 285 -64.75 44.86 16.67
N THR RA 286 -64.13 43.97 15.88
CA THR RA 286 -62.72 44.16 15.56
C THR RA 286 -62.51 45.27 14.55
N MET RA 287 -63.47 45.47 13.65
CA MET RA 287 -63.33 46.53 12.65
C MET RA 287 -63.44 47.90 13.31
N ASP RA 288 -64.33 48.05 14.27
CA ASP RA 288 -64.45 49.32 14.99
C ASP RA 288 -63.32 49.53 15.99
N LEU RA 289 -62.53 48.50 16.29
CA LEU RA 289 -61.39 48.63 17.17
C LEU RA 289 -60.10 48.91 16.41
N VAL RA 290 -59.93 48.30 15.23
CA VAL RA 290 -58.75 48.60 14.41
C VAL RA 290 -58.91 49.86 13.59
N MET RA 291 -60.09 50.49 13.61
CA MET RA 291 -60.27 51.78 12.96
C MET RA 291 -60.23 52.94 13.92
N ASP RA 292 -60.42 52.70 15.21
CA ASP RA 292 -60.21 53.73 16.22
C ASP RA 292 -58.80 53.72 16.78
N ALA RA 293 -58.05 52.63 16.58
CA ALA RA 293 -56.65 52.61 16.94
C ALA RA 293 -55.78 53.28 15.89
N ILE RA 294 -56.15 53.14 14.62
CA ILE RA 294 -55.44 53.83 13.55
C ILE RA 294 -55.74 55.33 13.60
N LEU RA 295 -56.97 55.71 13.93
CA LEU RA 295 -57.35 57.12 13.95
C LEU RA 295 -56.71 57.85 15.12
N ALA RA 296 -56.70 57.25 16.31
CA ALA RA 296 -56.12 57.90 17.46
C ALA RA 296 -54.62 57.69 17.57
N GLY RA 297 -54.08 56.73 16.83
CA GLY RA 297 -52.67 56.44 16.86
C GLY RA 297 -51.85 57.10 15.78
N HIS RA 298 -52.48 57.86 14.89
CA HIS RA 298 -51.78 58.54 13.81
C HIS RA 298 -52.01 60.04 13.84
N LYS RA 299 -52.24 60.60 15.02
CA LYS RA 299 -52.38 62.05 15.15
C LYS RA 299 -51.05 62.76 15.26
N TRP RA 300 -49.94 62.04 15.18
CA TRP RA 300 -48.63 62.66 15.07
C TRP RA 300 -48.26 62.96 13.62
N ALA RA 301 -48.95 62.36 12.66
CA ALA RA 301 -48.58 62.41 11.25
C ALA RA 301 -49.44 63.37 10.46
N VAL RA 302 -49.98 64.41 11.10
CA VAL RA 302 -50.93 65.27 10.41
C VAL RA 302 -50.27 66.49 9.76
N ASP RA 303 -49.04 66.81 10.11
CA ASP RA 303 -48.30 67.82 9.35
C ASP RA 303 -46.83 67.47 9.24
N ARG RA 304 -46.52 66.21 8.96
CA ARG RA 304 -45.13 65.77 8.98
C ARG RA 304 -44.41 65.96 7.65
N GLY RA 305 -45.13 66.22 6.58
CA GLY RA 305 -44.47 66.41 5.30
C GLY RA 305 -44.21 65.09 4.60
N ILE RA 306 -44.70 64.97 3.37
CA ILE RA 306 -44.65 63.71 2.64
C ILE RA 306 -43.23 63.55 2.09
N THR RA 307 -42.38 62.85 2.83
CA THR RA 307 -41.08 62.44 2.36
C THR RA 307 -41.11 60.95 2.07
N LYS RA 308 -39.96 60.42 1.64
CA LYS RA 308 -39.89 58.97 1.42
C LYS RA 308 -39.77 58.24 2.75
N THR RA 309 -39.09 58.84 3.74
CA THR RA 309 -38.98 58.24 5.05
C THR RA 309 -40.20 58.49 5.93
N TYR RA 310 -41.24 59.11 5.38
CA TYR RA 310 -42.51 59.27 6.09
C TYR RA 310 -43.54 58.25 5.62
N VAL RA 311 -43.65 58.05 4.31
CA VAL RA 311 -44.55 57.03 3.77
C VAL RA 311 -44.05 55.64 4.12
N LYS RA 312 -42.73 55.46 4.14
CA LYS RA 312 -42.16 54.16 4.46
C LYS RA 312 -42.24 53.87 5.95
N ASP RA 313 -42.23 54.90 6.79
CA ASP RA 313 -42.25 54.71 8.23
C ASP RA 313 -43.60 55.00 8.85
N VAL RA 314 -44.64 55.18 8.04
CA VAL RA 314 -46.00 54.98 8.50
C VAL RA 314 -46.45 53.56 8.21
N THR RA 315 -46.09 53.06 7.03
CA THR RA 315 -46.41 51.69 6.64
C THR RA 315 -45.73 50.68 7.56
N GLU RA 316 -44.44 50.90 7.87
CA GLU RA 316 -43.74 50.01 8.78
C GLU RA 316 -44.24 50.11 10.21
N GLY RA 317 -44.87 51.23 10.58
CA GLY RA 317 -45.58 51.30 11.84
C GLY RA 317 -47.00 50.80 11.76
N LEU RA 318 -47.49 50.57 10.55
CA LEU RA 318 -48.81 50.00 10.31
C LEU RA 318 -48.75 48.51 10.01
N ARG RA 319 -47.69 48.06 9.35
CA ARG RA 319 -47.47 46.63 9.20
C ARG RA 319 -47.14 45.98 10.53
N ALA RA 320 -46.42 46.69 11.40
CA ALA RA 320 -46.06 46.12 12.69
C ALA RA 320 -47.24 46.11 13.64
N PHE RA 321 -48.22 46.99 13.45
CA PHE RA 321 -49.42 46.95 14.27
C PHE RA 321 -50.31 45.77 13.90
N MET RA 322 -50.44 45.50 12.60
CA MET RA 322 -51.22 44.35 12.17
C MET RA 322 -50.47 43.05 12.39
N ARG RA 323 -49.14 43.09 12.41
CA ARG RA 323 -48.38 41.88 12.72
C ARG RA 323 -48.52 41.51 14.17
N ASP RA 324 -48.66 42.50 15.05
CA ASP RA 324 -48.90 42.25 16.47
C ASP RA 324 -50.33 41.81 16.74
N LEU RA 325 -51.23 41.96 15.78
CA LEU RA 325 -52.58 41.42 15.88
C LEU RA 325 -52.68 40.02 15.31
N LYS RA 326 -51.77 39.64 14.42
CA LYS RA 326 -51.85 38.33 13.78
C LYS RA 326 -51.39 37.22 14.71
N ASN RA 327 -50.25 37.43 15.38
CA ASN RA 327 -49.77 36.42 16.33
C ASN RA 327 -50.45 36.54 17.69
N GLN RA 328 -51.17 37.62 17.94
CA GLN RA 328 -52.02 37.67 19.13
C GLN RA 328 -53.26 36.83 18.94
N GLY RA 329 -53.73 36.69 17.70
CA GLY RA 329 -54.89 35.89 17.40
C GLY RA 329 -56.08 36.67 16.88
N ALA RA 330 -55.92 37.96 16.59
CA ALA RA 330 -57.05 38.79 16.19
C ALA RA 330 -57.34 38.69 14.70
N VAL RA 331 -56.31 38.73 13.86
CA VAL RA 331 -56.48 38.60 12.43
C VAL RA 331 -55.77 37.33 11.98
N ILE RA 332 -56.09 36.89 10.78
CA ILE RA 332 -55.46 35.69 10.24
C ILE RA 332 -54.26 36.03 9.37
N ASN RA 333 -54.45 36.94 8.42
CA ASN RA 333 -53.33 37.51 7.69
C ASN RA 333 -53.75 38.92 7.27
N PHE RA 334 -52.80 39.65 6.70
CA PHE RA 334 -53.05 41.04 6.37
C PHE RA 334 -52.20 41.44 5.18
N GLU RA 335 -52.44 42.65 4.68
CA GLU RA 335 -51.66 43.22 3.59
C GLU RA 335 -51.77 44.73 3.70
N VAL RA 336 -50.73 45.38 4.23
CA VAL RA 336 -50.70 46.82 4.41
C VAL RA 336 -49.73 47.40 3.39
N TYR RA 337 -50.21 48.33 2.57
CA TYR RA 337 -49.38 48.93 1.54
C TYR RA 337 -49.91 50.31 1.24
N ALA RA 338 -49.02 51.20 0.81
CA ALA RA 338 -49.43 52.49 0.31
C ALA RA 338 -50.14 52.31 -1.03
N ASP RA 339 -51.19 53.08 -1.24
CA ASP RA 339 -52.03 52.90 -2.42
C ASP RA 339 -51.29 53.37 -3.66
N PRO RA 340 -51.12 52.52 -4.67
CA PRO RA 340 -50.33 52.92 -5.84
C PRO RA 340 -51.09 53.88 -6.76
N ASP RA 341 -52.39 53.65 -6.91
CA ASP RA 341 -53.19 54.47 -7.81
C ASP RA 341 -53.77 55.71 -7.13
N LEU RA 342 -54.20 55.58 -5.87
CA LEU RA 342 -54.81 56.71 -5.19
C LEU RA 342 -53.81 57.75 -4.74
N ASN RA 343 -52.54 57.38 -4.57
CA ASN RA 343 -51.49 58.35 -4.27
C ASN RA 343 -50.95 58.93 -5.57
N SER RA 344 -51.80 59.73 -6.21
CA SER RA 344 -51.39 60.41 -7.42
C SER RA 344 -50.58 61.65 -7.06
N ALA RA 345 -49.91 62.22 -8.07
CA ALA RA 345 -49.15 63.44 -7.85
C ALA RA 345 -50.05 64.64 -7.60
N SER RA 346 -51.30 64.59 -8.04
CA SER RA 346 -52.25 65.65 -7.73
C SER RA 346 -52.82 65.52 -6.33
N GLN RA 347 -52.98 64.28 -5.84
CA GLN RA 347 -53.50 64.09 -4.49
C GLN RA 347 -52.42 64.32 -3.45
N LEU RA 348 -51.18 63.95 -3.76
CA LEU RA 348 -50.08 64.17 -2.84
C LEU RA 348 -49.75 65.66 -2.69
N ALA RA 349 -49.97 66.44 -3.74
CA ALA RA 349 -49.71 67.88 -3.69
C ALA RA 349 -50.81 68.66 -2.97
N GLN RA 350 -51.88 67.99 -2.52
CA GLN RA 350 -52.88 68.61 -1.67
C GLN RA 350 -52.73 68.20 -0.22
N GLY RA 351 -51.78 67.33 0.09
CA GLY RA 351 -51.61 66.81 1.42
C GLY RA 351 -52.23 65.44 1.64
N LYS RA 352 -53.09 64.98 0.73
CA LYS RA 352 -53.73 63.69 0.88
C LYS RA 352 -52.74 62.58 0.51
N VAL RA 353 -52.63 61.58 1.37
CA VAL RA 353 -51.79 60.42 1.11
C VAL RA 353 -52.50 59.19 1.66
N TYR RA 354 -52.62 58.16 0.83
CA TYR RA 354 -53.55 57.06 1.08
C TYR RA 354 -52.79 55.79 1.44
N TRP RA 355 -53.33 55.04 2.38
CA TRP RA 355 -52.81 53.72 2.75
C TRP RA 355 -53.95 52.72 2.75
N ASN RA 356 -53.66 51.50 2.33
CA ASN RA 356 -54.62 50.41 2.31
C ASN RA 356 -54.24 49.40 3.38
N ILE RA 357 -55.22 49.01 4.21
CA ILE RA 357 -55.03 47.98 5.23
C ILE RA 357 -56.08 46.91 4.97
N ARG RA 358 -55.69 45.85 4.27
CA ARG RA 358 -56.56 44.71 4.02
C ARG RA 358 -56.22 43.63 5.04
N PHE RA 359 -57.25 43.05 5.66
CA PHE RA 359 -57.04 41.95 6.60
C PHE RA 359 -58.28 41.09 6.63
N THR RA 360 -58.14 39.91 7.24
CA THR RA 360 -59.27 39.03 7.51
C THR RA 360 -59.39 38.83 9.00
N ASP RA 361 -60.61 38.96 9.52
CA ASP RA 361 -60.87 38.70 10.92
C ASP RA 361 -60.89 37.19 11.17
N VAL RA 362 -61.01 36.82 12.44
CA VAL RA 362 -61.17 35.43 12.84
C VAL RA 362 -62.67 35.16 12.98
N PRO RA 363 -63.29 34.44 12.07
CA PRO RA 363 -64.73 34.21 12.15
C PRO RA 363 -65.05 33.20 13.23
N PRO RA 364 -66.11 33.42 14.01
CA PRO RA 364 -66.47 32.45 15.05
C PRO RA 364 -67.04 31.19 14.41
N ALA RA 365 -66.52 30.04 14.83
CA ALA RA 365 -66.89 28.75 14.26
C ALA RA 365 -68.26 28.33 14.78
N GLU RA 366 -69.29 29.00 14.27
CA GLU RA 366 -70.64 28.79 14.78
C GLU RA 366 -71.25 27.48 14.31
N ASN RA 367 -70.64 26.77 13.38
CA ASN RA 367 -71.16 25.48 12.91
C ASN RA 367 -70.02 24.54 12.55
N PRO RA 368 -69.40 23.88 13.54
CA PRO RA 368 -68.40 22.86 13.22
C PRO RA 368 -69.06 21.56 12.76
N ASN RA 369 -68.96 21.28 11.47
CA ASN RA 369 -69.59 20.11 10.89
C ASN RA 369 -68.63 18.93 10.88
N PHE RA 370 -69.17 17.74 11.10
CA PHE RA 370 -68.40 16.51 11.08
C PHE RA 370 -69.04 15.54 10.11
N ARG RA 371 -68.23 14.82 9.36
CA ARG RA 371 -68.69 13.94 8.29
C ARG RA 371 -68.10 12.55 8.51
N VAL RA 372 -68.83 11.73 9.26
CA VAL RA 372 -68.38 10.40 9.63
C VAL RA 372 -68.90 9.40 8.60
N GLU RA 373 -68.07 8.43 8.23
CA GLU RA 373 -68.51 7.38 7.33
C GLU RA 373 -67.79 6.08 7.66
N VAL RA 374 -68.53 4.98 7.60
CA VAL RA 374 -67.96 3.65 7.76
C VAL RA 374 -67.63 3.12 6.38
N THR RA 375 -66.35 2.82 6.15
CA THR RA 375 -65.92 2.35 4.85
C THR RA 375 -65.40 0.93 4.93
N ASP RA 376 -64.86 0.43 3.83
CA ASP RA 376 -64.20 -0.87 3.78
C ASP RA 376 -62.81 -0.74 3.20
N GLN RA 377 -62.21 0.44 3.32
CA GLN RA 377 -60.93 0.69 2.67
C GLN RA 377 -59.80 -0.01 3.41
N TRP RA 378 -59.79 0.06 4.73
CA TRP RA 378 -58.76 -0.59 5.53
C TRP RA 378 -59.20 -1.95 6.05
N LEU RA 379 -60.07 -2.63 5.32
CA LEU RA 379 -60.55 -3.93 5.77
C LEU RA 379 -59.59 -5.04 5.39
N THR RA 380 -58.81 -4.85 4.32
CA THR RA 380 -57.74 -5.79 3.97
C THR RA 380 -56.49 -5.59 4.81
N GLU RA 381 -56.49 -4.64 5.74
CA GLU RA 381 -55.39 -4.49 6.68
C GLU RA 381 -55.34 -5.64 7.68
N VAL RA 382 -56.43 -6.39 7.82
CA VAL RA 382 -56.43 -7.60 8.65
C VAL RA 382 -55.99 -8.73 7.74
N LEU RA 383 -54.69 -8.79 7.49
CA LEU RA 383 -54.10 -9.97 6.88
C LEU RA 383 -52.70 -10.27 7.40
N ASP RA 384 -52.11 -9.40 8.22
CA ASP RA 384 -50.76 -9.58 8.72
C ASP RA 384 -50.54 -8.75 9.98
N SER SA 2 -58.56 73.14 1.77
CA SER SA 2 -58.47 72.01 2.68
C SER SA 2 -59.81 71.33 2.85
N PHE SA 3 -59.94 70.14 2.27
CA PHE SA 3 -61.18 69.39 2.39
C PHE SA 3 -61.34 68.84 3.81
N PHE SA 4 -60.29 68.21 4.33
CA PHE SA 4 -60.26 67.83 5.74
C PHE SA 4 -58.81 67.83 6.21
N HIS SA 5 -58.54 68.61 7.25
CA HIS SA 5 -57.23 68.64 7.90
C HIS SA 5 -57.33 67.69 9.10
N GLY SA 6 -56.91 66.45 8.90
CA GLY SA 6 -57.06 65.46 9.94
C GLY SA 6 -56.72 64.08 9.41
N VAL SA 7 -57.16 63.05 10.14
CA VAL SA 7 -56.88 61.67 9.80
C VAL SA 7 -58.21 60.99 9.52
N THR SA 8 -58.43 60.59 8.26
CA THR SA 8 -59.61 59.82 7.92
C THR SA 8 -59.27 58.34 7.94
N VAL SA 9 -60.15 57.56 8.55
CA VAL SA 9 -60.06 56.12 8.54
C VAL SA 9 -61.36 55.60 7.95
N THR SA 10 -61.30 55.10 6.72
CA THR SA 10 -62.49 54.70 5.99
C THR SA 10 -62.63 53.20 5.97
N ASN SA 11 -63.86 52.74 5.81
CA ASN SA 11 -64.20 51.34 5.64
C ASN SA 11 -64.84 51.23 4.26
N VAL SA 12 -64.14 50.58 3.32
CA VAL SA 12 -64.54 50.72 1.93
C VAL SA 12 -65.77 49.87 1.58
N ASP SA 13 -65.96 48.74 2.28
CA ASP SA 13 -67.14 47.88 2.18
C ASP SA 13 -67.39 47.39 0.74
N ILE SA 14 -66.37 46.75 0.17
CA ILE SA 14 -66.40 46.39 -1.24
C ILE SA 14 -66.40 44.88 -1.44
N GLY SA 15 -66.26 44.11 -0.38
CA GLY SA 15 -66.02 42.69 -0.50
C GLY SA 15 -67.22 41.89 -0.96
N ALA SA 16 -66.94 40.68 -1.42
CA ALA SA 16 -67.99 39.75 -1.82
C ALA SA 16 -68.72 39.24 -0.59
N ARG SA 17 -70.04 39.15 -0.67
CA ARG SA 17 -70.84 38.69 0.44
C ARG SA 17 -71.02 37.18 0.35
N THR SA 18 -71.80 36.61 1.25
CA THR SA 18 -72.07 35.19 1.27
C THR SA 18 -73.57 34.96 1.21
N ILE SA 19 -73.96 33.77 0.74
CA ILE SA 19 -75.34 33.47 0.44
C ILE SA 19 -75.77 32.27 1.25
N ALA SA 20 -76.85 32.42 2.01
CA ALA SA 20 -77.42 31.33 2.79
C ALA SA 20 -78.71 30.84 2.15
N LEU SA 21 -79.04 29.59 2.43
CA LEU SA 21 -80.21 28.90 1.92
C LEU SA 21 -81.39 29.04 2.89
N PRO SA 22 -82.62 29.19 2.38
CA PRO SA 22 -83.76 29.43 3.28
C PRO SA 22 -84.38 28.18 3.89
N ALA SA 23 -83.54 27.25 4.36
CA ALA SA 23 -83.83 26.17 5.31
C ALA SA 23 -84.71 25.04 4.78
N SER SA 24 -85.34 25.22 3.62
CA SER SA 24 -85.83 24.15 2.75
C SER SA 24 -86.87 23.18 3.30
N SER SA 25 -87.31 23.34 4.55
CA SER SA 25 -88.07 22.26 5.17
C SER SA 25 -89.26 22.75 5.99
N VAL SA 26 -89.70 23.98 5.81
CA VAL SA 26 -90.85 24.48 6.54
C VAL SA 26 -92.11 23.95 5.86
N ILE SA 27 -93.01 23.39 6.65
CA ILE SA 27 -94.19 22.68 6.13
C ILE SA 27 -95.42 23.52 6.42
N GLY SA 28 -96.19 23.80 5.38
CA GLY SA 28 -97.42 24.54 5.55
C GLY SA 28 -98.60 23.60 5.67
N LEU SA 29 -99.25 23.59 6.83
CA LEU SA 29 -100.33 22.66 7.11
C LEU SA 29 -101.64 23.42 7.25
N CYS SA 30 -102.73 22.76 6.85
CA CYS SA 30 -104.07 23.32 7.02
C CYS SA 30 -105.06 22.18 7.08
N ASP SA 31 -105.62 21.93 8.26
CA ASP SA 31 -106.63 20.89 8.44
C ASP SA 31 -107.60 21.36 9.51
N VAL SA 32 -108.65 20.60 9.72
CA VAL SA 32 -109.72 21.03 10.61
C VAL SA 32 -109.33 20.72 12.05
N PHE SA 33 -109.91 21.49 12.97
CA PHE SA 33 -109.75 21.26 14.41
C PHE SA 33 -110.90 21.92 15.14
N THR SA 34 -111.03 21.57 16.42
CA THR SA 34 -112.12 22.08 17.24
C THR SA 34 -111.58 23.09 18.24
N PRO SA 35 -111.91 24.38 18.11
CA PRO SA 35 -111.40 25.36 19.07
C PRO SA 35 -112.17 25.28 20.38
N GLY SA 36 -111.49 25.61 21.47
CA GLY SA 36 -112.11 25.56 22.78
C GLY SA 36 -111.15 25.90 23.90
N ALA SA 37 -111.21 25.13 24.98
CA ALA SA 37 -110.33 25.38 26.12
C ALA SA 37 -108.99 24.67 25.96
N GLN SA 38 -109.00 23.45 25.43
CA GLN SA 38 -107.77 22.68 25.25
C GLN SA 38 -106.98 23.11 24.02
N ALA SA 39 -107.56 23.90 23.13
CA ALA SA 39 -106.89 24.37 21.93
C ALA SA 39 -106.52 25.84 22.14
N SER SA 40 -105.23 26.14 22.08
CA SER SA 40 -104.71 27.48 22.31
C SER SA 40 -104.51 28.27 21.03
N ALA SA 41 -105.31 28.04 20.00
CA ALA SA 41 -105.15 28.73 18.73
C ALA SA 41 -106.51 29.21 18.21
N LYS SA 42 -106.52 30.42 17.67
CA LYS SA 42 -107.68 30.93 16.98
C LYS SA 42 -107.89 30.14 15.68
N PRO SA 43 -109.14 30.01 15.21
CA PRO SA 43 -109.39 29.11 14.08
C PRO SA 43 -109.02 29.66 12.71
N ASN SA 44 -108.27 30.74 12.61
CA ASN SA 44 -107.75 31.15 11.30
C ASN SA 44 -106.31 31.62 11.30
N VAL SA 45 -105.69 31.90 12.44
CA VAL SA 45 -104.34 32.47 12.46
C VAL SA 45 -103.31 31.37 12.29
N PRO SA 46 -102.15 31.66 11.70
CA PRO SA 46 -101.09 30.65 11.61
C PRO SA 46 -100.38 30.51 12.95
N VAL SA 47 -100.01 29.26 13.26
CA VAL SA 47 -99.28 28.93 14.47
C VAL SA 47 -98.00 28.24 14.08
N LEU SA 48 -96.88 28.70 14.61
CA LEU SA 48 -95.60 28.04 14.37
C LEU SA 48 -95.46 26.86 15.30
N LEU SA 49 -95.25 25.67 14.74
CA LEU SA 49 -95.07 24.45 15.50
C LEU SA 49 -93.67 23.92 15.26
N THR SA 50 -92.91 23.76 16.33
CA THR SA 50 -91.54 23.28 16.22
C THR SA 50 -91.33 21.92 16.87
N SER SA 51 -92.32 21.39 17.59
CA SER SA 51 -92.18 20.10 18.22
C SER SA 51 -93.57 19.48 18.35
N LYS SA 52 -93.59 18.22 18.79
CA LYS SA 52 -94.84 17.50 18.91
C LYS SA 52 -95.67 17.99 20.09
N LYS SA 53 -95.00 18.43 21.16
CA LYS SA 53 -95.70 18.96 22.32
C LYS SA 53 -96.33 20.32 22.02
N ASP SA 54 -95.71 21.11 21.16
CA ASP SA 54 -96.27 22.40 20.77
C ASP SA 54 -97.46 22.26 19.85
N ALA SA 55 -97.55 21.16 19.11
CA ALA SA 55 -98.70 20.93 18.24
C ALA SA 55 -99.90 20.43 19.01
N ALA SA 56 -99.68 19.75 20.13
CA ALA SA 56 -100.80 19.29 20.95
C ALA SA 56 -101.33 20.40 21.84
N ALA SA 57 -100.45 21.27 22.33
CA ALA SA 57 -100.91 22.37 23.18
C ALA SA 57 -101.61 23.46 22.39
N ALA SA 58 -101.41 23.51 21.07
CA ALA SA 58 -102.03 24.53 20.25
C ALA SA 58 -103.28 24.06 19.52
N PHE SA 59 -103.50 22.76 19.42
CA PHE SA 59 -104.67 22.25 18.71
C PHE SA 59 -105.44 21.16 19.44
N GLY SA 60 -104.87 20.55 20.47
CA GLY SA 60 -105.54 19.46 21.15
C GLY SA 60 -105.20 18.11 20.55
N ILE SA 61 -105.32 17.07 21.38
CA ILE SA 61 -104.91 15.73 20.96
C ILE SA 61 -105.92 15.13 20.00
N GLY SA 62 -107.20 15.44 20.17
CA GLY SA 62 -108.22 14.86 19.32
C GLY SA 62 -108.44 15.57 18.01
N SER SA 63 -107.67 16.62 17.72
CA SER SA 63 -107.88 17.39 16.52
C SER SA 63 -107.40 16.63 15.28
N SER SA 64 -108.00 16.95 14.15
CA SER SA 64 -107.60 16.34 12.88
C SER SA 64 -106.36 16.99 12.29
N ILE SA 65 -105.91 18.12 12.82
CA ILE SA 65 -104.66 18.71 12.37
C ILE SA 65 -103.48 18.26 13.23
N TYR SA 66 -103.71 17.89 14.49
CA TYR SA 66 -102.65 17.30 15.30
C TYR SA 66 -102.31 15.91 14.79
N LEU SA 67 -103.30 15.19 14.27
CA LEU SA 67 -103.07 13.88 13.65
C LEU SA 67 -102.21 13.99 12.40
N ALA SA 68 -102.19 15.17 11.76
CA ALA SA 68 -101.25 15.42 10.68
C ALA SA 68 -99.90 15.89 11.21
N CYS SA 69 -99.88 16.55 12.36
CA CYS SA 69 -98.61 16.91 12.98
C CYS SA 69 -97.95 15.69 13.63
N GLU SA 70 -98.76 14.74 14.08
CA GLU SA 70 -98.23 13.47 14.56
C GLU SA 70 -97.63 12.66 13.41
N ALA SA 71 -98.12 12.86 12.20
CA ALA SA 71 -97.58 12.18 11.03
C ALA SA 71 -96.20 12.69 10.67
N ILE SA 72 -95.93 13.97 10.92
CA ILE SA 72 -94.67 14.58 10.54
C ILE SA 72 -93.61 14.35 11.61
N TYR SA 73 -93.97 14.53 12.88
CA TYR SA 73 -92.99 14.48 13.94
C TYR SA 73 -92.60 13.07 14.34
N ASN SA 74 -93.36 12.05 13.92
CA ASN SA 74 -92.92 10.69 14.14
C ASN SA 74 -91.82 10.30 13.18
N ARG SA 75 -91.80 10.90 11.99
CA ARG SA 75 -90.81 10.60 10.97
C ARG SA 75 -89.63 11.57 11.02
N ALA SA 76 -89.93 12.87 11.02
CA ALA SA 76 -88.90 13.89 10.93
C ALA SA 76 -88.99 14.88 12.08
N GLN SA 77 -88.27 15.98 11.96
CA GLN SA 77 -88.34 17.09 12.93
C GLN SA 77 -88.16 18.37 12.13
N ALA SA 78 -89.28 19.04 11.83
CA ALA SA 78 -89.24 20.23 11.01
C ALA SA 78 -90.17 21.28 11.61
N VAL SA 79 -90.11 22.47 11.06
CA VAL SA 79 -91.00 23.54 11.45
C VAL SA 79 -92.31 23.39 10.70
N ILE SA 80 -93.42 23.68 11.35
CA ILE SA 80 -94.73 23.61 10.72
C ILE SA 80 -95.43 24.93 10.93
N VAL SA 81 -95.82 25.58 9.83
CA VAL SA 81 -96.72 26.72 9.89
C VAL SA 81 -98.12 26.18 9.68
N ALA SA 82 -98.81 25.86 10.77
CA ALA SA 82 -100.14 25.29 10.70
C ALA SA 82 -101.17 26.40 10.88
N VAL SA 83 -102.24 26.33 10.10
CA VAL SA 83 -103.30 27.34 10.19
C VAL SA 83 -104.41 26.81 11.07
N GLY SA 84 -105.06 25.74 10.66
CA GLY SA 84 -106.17 25.20 11.42
C GLY SA 84 -107.46 25.93 11.14
N VAL SA 85 -108.53 25.19 10.88
CA VAL SA 85 -109.84 25.76 10.62
C VAL SA 85 -110.86 25.02 11.47
N GLU SA 86 -112.01 25.65 11.69
CA GLU SA 86 -113.06 24.99 12.44
C GLU SA 86 -113.90 24.14 11.50
N THR SA 87 -114.58 23.14 12.08
CA THR SA 87 -115.28 22.14 11.29
C THR SA 87 -116.59 22.70 10.75
N ALA SA 88 -116.78 22.62 9.43
CA ALA SA 88 -118.00 23.08 8.81
C ALA SA 88 -119.08 22.01 8.91
N GLU SA 89 -120.30 22.35 8.51
CA GLU SA 89 -121.42 21.43 8.62
C GLU SA 89 -121.35 20.34 7.57
N THR SA 90 -121.39 20.72 6.31
CA THR SA 90 -121.31 19.79 5.20
C THR SA 90 -119.85 19.59 4.80
N PRO SA 91 -119.52 18.45 4.19
CA PRO SA 91 -118.16 18.30 3.63
C PRO SA 91 -117.92 19.14 2.40
N GLU SA 92 -118.97 19.68 1.78
CA GLU SA 92 -118.79 20.63 0.69
C GLU SA 92 -118.36 21.99 1.21
N ALA SA 93 -118.95 22.44 2.33
CA ALA SA 93 -118.56 23.70 2.94
C ALA SA 93 -117.29 23.60 3.75
N GLN SA 94 -116.75 22.38 3.93
CA GLN SA 94 -115.43 22.26 4.52
C GLN SA 94 -114.35 22.63 3.52
N ALA SA 95 -114.61 22.45 2.23
CA ALA SA 95 -113.65 22.84 1.21
C ALA SA 95 -113.54 24.35 1.08
N SER SA 96 -114.62 25.08 1.36
CA SER SA 96 -114.57 26.53 1.29
C SER SA 96 -113.80 27.16 2.44
N ALA SA 97 -113.67 26.45 3.56
CA ALA SA 97 -112.92 26.97 4.69
C ALA SA 97 -111.43 26.72 4.57
N VAL SA 98 -111.03 25.64 3.90
CA VAL SA 98 -109.61 25.38 3.68
C VAL SA 98 -109.06 26.31 2.61
N ILE SA 99 -109.83 26.56 1.56
CA ILE SA 99 -109.44 27.53 0.54
C ILE SA 99 -109.42 28.93 1.14
N GLY SA 100 -110.50 29.32 1.80
CA GLY SA 100 -110.54 30.58 2.51
C GLY SA 100 -110.63 31.77 1.59
N GLY SA 101 -109.54 32.52 1.49
CA GLY SA 101 -109.55 33.76 0.74
C GLY SA 101 -109.19 34.91 1.66
N ILE SA 102 -110.09 35.88 1.77
CA ILE SA 102 -109.92 36.97 2.71
C ILE SA 102 -111.24 37.16 3.45
N SER SA 103 -111.15 37.71 4.65
CA SER SA 103 -112.32 37.87 5.50
C SER SA 103 -112.97 39.22 5.27
N ALA SA 104 -114.07 39.46 5.99
CA ALA SA 104 -114.66 40.79 5.99
C ALA SA 104 -113.81 41.79 6.74
N ALA SA 105 -112.96 41.33 7.66
CA ALA SA 105 -112.04 42.19 8.40
C ALA SA 105 -110.74 42.42 7.65
N GLY SA 106 -110.61 41.94 6.42
CA GLY SA 106 -109.40 42.14 5.66
C GLY SA 106 -108.23 41.28 6.10
N GLU SA 107 -108.48 40.02 6.43
CA GLU SA 107 -107.45 39.12 6.92
C GLU SA 107 -107.57 37.79 6.20
N ARG SA 108 -106.42 37.21 5.84
CA ARG SA 108 -106.41 35.92 5.16
C ARG SA 108 -106.81 34.81 6.13
N THR SA 109 -107.62 33.87 5.64
CA THR SA 109 -108.29 32.94 6.54
C THR SA 109 -107.84 31.49 6.37
N GLY SA 110 -107.91 30.94 5.17
CA GLY SA 110 -107.75 29.51 5.03
C GLY SA 110 -106.33 29.09 4.73
N LEU SA 111 -106.12 28.53 3.54
CA LEU SA 111 -104.76 28.24 3.08
C LEU SA 111 -103.98 29.51 2.82
N GLN SA 112 -104.66 30.63 2.56
CA GLN SA 112 -103.99 31.90 2.28
C GLN SA 112 -103.19 32.43 3.45
N ALA SA 113 -103.47 31.99 4.68
CA ALA SA 113 -102.73 32.41 5.84
C ALA SA 113 -101.28 31.92 5.84
N LEU SA 114 -100.94 30.94 4.99
CA LEU SA 114 -99.55 30.54 4.82
C LEU SA 114 -98.72 31.63 4.14
N LEU SA 115 -99.36 32.56 3.44
CA LEU SA 115 -98.64 33.71 2.89
C LEU SA 115 -98.20 34.67 3.98
N ASP SA 116 -98.84 34.63 5.16
CA ASP SA 116 -98.39 35.36 6.33
C ASP SA 116 -97.32 34.61 7.12
N GLY SA 117 -96.80 33.52 6.58
CA GLY SA 117 -95.84 32.71 7.32
C GLY SA 117 -94.46 33.31 7.39
N LYS SA 118 -94.13 34.24 6.52
CA LYS SA 118 -92.80 34.84 6.53
C LYS SA 118 -92.76 36.19 7.20
N SER SA 119 -93.84 36.97 7.12
CA SER SA 119 -93.86 38.26 7.80
C SER SA 119 -93.99 38.11 9.31
N ARG SA 120 -94.52 36.99 9.79
CA ARG SA 120 -94.77 36.79 11.21
C ARG SA 120 -93.75 35.89 11.89
N PHE SA 121 -93.30 34.83 11.23
CA PHE SA 121 -92.44 33.84 11.87
C PHE SA 121 -91.07 33.70 11.24
N ASN SA 122 -90.79 34.43 10.15
CA ASN SA 122 -89.56 34.29 9.35
C ASN SA 122 -89.34 32.86 8.87
N ALA SA 123 -90.44 32.19 8.51
CA ALA SA 123 -90.39 30.80 8.06
C ALA SA 123 -91.40 30.65 6.93
N GLN SA 124 -90.92 30.78 5.71
CA GLN SA 124 -91.77 30.58 4.55
C GLN SA 124 -91.96 29.08 4.32
N PRO SA 125 -93.19 28.59 4.22
CA PRO SA 125 -93.40 27.14 4.05
C PRO SA 125 -93.02 26.69 2.66
N ARG SA 126 -92.42 25.49 2.58
CA ARG SA 126 -92.01 24.91 1.32
C ARG SA 126 -92.76 23.65 0.95
N LEU SA 127 -93.48 23.03 1.90
CA LEU SA 127 -94.31 21.87 1.62
C LEU SA 127 -95.73 22.20 2.02
N LEU SA 128 -96.60 22.39 1.03
CA LEU SA 128 -97.98 22.77 1.26
C LEU SA 128 -98.81 21.50 1.37
N VAL SA 129 -99.34 21.23 2.56
CA VAL SA 129 -100.08 20.00 2.84
C VAL SA 129 -101.41 20.37 3.45
N ALA SA 130 -102.50 19.97 2.80
CA ALA SA 130 -103.84 20.00 3.37
C ALA SA 130 -104.34 18.56 3.31
N PRO SA 131 -104.12 17.78 4.36
CA PRO SA 131 -104.34 16.33 4.26
C PRO SA 131 -105.81 15.95 4.24
N GLY SA 132 -106.20 15.23 3.20
CA GLY SA 132 -107.56 14.77 3.03
C GLY SA 132 -108.41 15.70 2.20
N HIS SA 133 -108.26 17.01 2.38
CA HIS SA 133 -109.02 17.97 1.61
C HIS SA 133 -108.48 18.16 0.20
N SER SA 134 -107.22 17.77 -0.04
CA SER SA 134 -106.65 17.90 -1.38
C SER SA 134 -107.19 16.86 -2.35
N ALA SA 135 -107.95 15.87 -1.87
CA ALA SA 135 -108.63 14.94 -2.76
C ALA SA 135 -109.76 15.59 -3.54
N GLN SA 136 -110.25 16.74 -3.09
CA GLN SA 136 -111.20 17.52 -3.85
C GLN SA 136 -110.46 18.45 -4.80
N GLN SA 137 -111.07 18.69 -5.96
CA GLN SA 137 -110.41 19.49 -6.98
C GLN SA 137 -110.40 20.98 -6.63
N ALA SA 138 -111.35 21.43 -5.82
CA ALA SA 138 -111.42 22.86 -5.48
C ALA SA 138 -110.27 23.25 -4.54
N VAL SA 139 -109.94 22.39 -3.59
CA VAL SA 139 -108.87 22.69 -2.66
C VAL SA 139 -107.51 22.51 -3.32
N ALA SA 140 -107.39 21.50 -4.18
CA ALA SA 140 -106.11 21.24 -4.84
C ALA SA 140 -105.77 22.28 -5.89
N THR SA 141 -106.77 22.91 -6.50
CA THR SA 141 -106.50 24.02 -7.41
C THR SA 141 -106.12 25.28 -6.64
N ALA SA 142 -106.70 25.47 -5.46
CA ALA SA 142 -106.31 26.60 -4.63
C ALA SA 142 -104.95 26.40 -4.01
N MET SA 143 -104.55 25.15 -3.78
CA MET SA 143 -103.22 24.86 -3.27
C MET SA 143 -102.16 24.88 -4.36
N ASP SA 144 -102.57 24.70 -5.62
CA ASP SA 144 -101.62 24.81 -6.72
C ASP SA 144 -101.23 26.26 -6.98
N GLY SA 145 -102.22 27.16 -7.00
CA GLY SA 145 -101.93 28.57 -7.19
C GLY SA 145 -101.25 29.19 -5.99
N LEU SA 146 -101.42 28.58 -4.82
CA LEU SA 146 -100.71 29.04 -3.63
C LEU SA 146 -99.26 28.62 -3.65
N ALA SA 147 -98.95 27.48 -4.26
CA ALA SA 147 -97.58 26.99 -4.30
C ALA SA 147 -96.68 27.79 -5.23
N GLU SA 148 -97.25 28.47 -6.21
CA GLU SA 148 -96.42 29.34 -7.05
C GLU SA 148 -96.20 30.69 -6.40
N LYS SA 149 -97.09 31.09 -5.49
CA LYS SA 149 -96.87 32.32 -4.73
C LYS SA 149 -95.76 32.14 -3.70
N LEU SA 150 -95.60 30.92 -3.19
CA LEU SA 150 -94.65 30.63 -2.12
C LEU SA 150 -93.39 29.93 -2.60
N ARG SA 151 -93.31 29.57 -3.88
CA ARG SA 151 -92.27 28.69 -4.46
C ARG SA 151 -92.16 27.39 -3.68
N ALA SA 152 -93.30 26.83 -3.33
CA ALA SA 152 -93.39 25.61 -2.54
C ALA SA 152 -93.73 24.43 -3.45
N ILE SA 153 -93.80 23.26 -2.84
CA ILE SA 153 -94.20 22.03 -3.53
C ILE SA 153 -95.41 21.50 -2.79
N ALA SA 154 -96.59 21.68 -3.37
CA ALA SA 154 -97.84 21.28 -2.72
C ALA SA 154 -97.99 19.77 -2.85
N ILE SA 155 -98.07 19.08 -1.71
CA ILE SA 155 -98.16 17.62 -1.71
C ILE SA 155 -99.63 17.23 -1.70
N LEU SA 156 -100.15 16.83 -2.85
CA LEU SA 156 -101.54 16.42 -2.96
C LEU SA 156 -101.69 14.97 -2.51
N ASP SA 157 -102.93 14.51 -2.49
CA ASP SA 157 -103.23 13.09 -2.32
C ASP SA 157 -104.55 12.83 -3.03
N GLY SA 158 -104.54 11.85 -3.93
CA GLY SA 158 -105.72 11.53 -4.69
C GLY SA 158 -106.74 10.78 -3.86
N PRO SA 159 -107.85 10.45 -4.49
CA PRO SA 159 -108.87 9.65 -3.81
C PRO SA 159 -108.41 8.22 -3.61
N ASN SA 160 -108.99 7.56 -2.61
CA ASN SA 160 -108.64 6.18 -2.29
C ASN SA 160 -109.48 5.17 -3.07
N SER SA 161 -109.99 5.56 -4.23
CA SER SA 161 -110.70 4.68 -5.13
C SER SA 161 -109.67 3.94 -6.00
N THR SA 162 -110.14 3.29 -7.06
CA THR SA 162 -109.28 2.51 -7.94
C THR SA 162 -108.33 3.41 -8.74
N ASP SA 163 -107.41 2.78 -9.46
CA ASP SA 163 -106.36 3.50 -10.16
C ASP SA 163 -106.88 4.25 -11.38
N GLU SA 164 -108.05 3.89 -11.91
CA GLU SA 164 -108.65 4.71 -12.94
C GLU SA 164 -109.10 6.05 -12.39
N ALA SA 165 -109.59 6.08 -11.14
CA ALA SA 165 -109.99 7.32 -10.51
C ALA SA 165 -108.82 8.13 -9.98
N ALA SA 166 -107.62 7.56 -9.94
CA ALA SA 166 -106.44 8.31 -9.56
C ALA SA 166 -105.71 8.89 -10.76
N VAL SA 167 -105.75 8.21 -11.89
CA VAL SA 167 -105.21 8.76 -13.13
C VAL SA 167 -106.08 9.91 -13.62
N ALA SA 168 -107.41 9.73 -13.55
CA ALA SA 168 -108.32 10.77 -13.99
C ALA SA 168 -108.34 11.97 -13.06
N TYR SA 169 -107.86 11.82 -11.83
CA TYR SA 169 -107.73 12.96 -10.94
C TYR SA 169 -106.42 13.70 -11.16
N ALA SA 170 -105.35 12.97 -11.48
CA ALA SA 170 -104.06 13.60 -11.74
C ALA SA 170 -103.96 14.20 -13.12
N LYS SA 171 -104.95 13.97 -13.98
CA LYS SA 171 -104.96 14.51 -15.33
C LYS SA 171 -105.49 15.94 -15.38
N ASN SA 172 -105.86 16.52 -14.23
CA ASN SA 172 -106.47 17.83 -14.20
C ASN SA 172 -105.48 18.95 -13.94
N PHE SA 173 -104.26 18.64 -13.50
CA PHE SA 173 -103.40 19.64 -12.90
C PHE SA 173 -102.33 20.18 -13.83
N GLY SA 174 -101.39 19.32 -14.26
CA GLY SA 174 -100.36 19.73 -15.20
C GLY SA 174 -99.41 20.80 -14.70
N SER SA 175 -99.21 20.88 -13.38
CA SER SA 175 -98.41 21.93 -12.78
C SER SA 175 -97.19 21.34 -12.09
N LYS SA 176 -96.04 21.97 -12.26
CA LYS SA 176 -94.77 21.41 -11.79
C LYS SA 176 -94.58 21.51 -10.29
N ARG SA 177 -95.45 22.22 -9.58
CA ARG SA 177 -95.33 22.35 -8.13
C ARG SA 177 -96.39 21.54 -7.40
N LEU SA 178 -96.74 20.38 -7.94
CA LEU SA 178 -97.74 19.50 -7.33
C LEU SA 178 -97.19 18.10 -7.26
N PHE SA 179 -97.33 17.46 -6.11
CA PHE SA 179 -96.81 16.12 -5.87
C PHE SA 179 -97.96 15.29 -5.33
N MET SA 180 -98.32 14.21 -6.03
CA MET SA 180 -99.51 13.45 -5.70
C MET SA 180 -99.13 12.05 -5.25
N VAL SA 181 -99.64 11.64 -4.09
CA VAL SA 181 -99.42 10.32 -3.52
C VAL SA 181 -100.80 9.66 -3.42
N ASP SA 182 -101.07 8.69 -4.29
CA ASP SA 182 -102.42 8.15 -4.39
C ASP SA 182 -102.85 7.22 -3.25
N PRO SA 183 -102.18 6.08 -2.97
CA PRO SA 183 -102.81 5.09 -2.08
C PRO SA 183 -102.80 5.54 -0.63
N GLY SA 184 -103.96 5.45 0.02
CA GLY SA 184 -104.11 5.98 1.36
C GLY SA 184 -103.43 5.09 2.39
N VAL SA 185 -102.71 5.75 3.31
CA VAL SA 185 -102.02 5.05 4.36
C VAL SA 185 -103.03 4.58 5.40
N GLN SA 186 -102.91 3.32 5.81
CA GLN SA 186 -103.69 2.79 6.92
C GLN SA 186 -102.85 2.90 8.18
N VAL SA 187 -103.22 3.81 9.08
CA VAL SA 187 -102.44 4.11 10.26
C VAL SA 187 -103.26 3.72 11.49
N TRP SA 188 -102.55 3.50 12.60
CA TRP SA 188 -103.19 3.11 13.84
C TRP SA 188 -103.74 4.34 14.55
N ASP SA 189 -105.05 4.34 14.78
CA ASP SA 189 -105.72 5.43 15.48
C ASP SA 189 -105.76 5.09 16.97
N SER SA 190 -105.16 5.97 17.78
CA SER SA 190 -105.09 5.75 19.21
C SER SA 190 -106.37 6.15 19.94
N ALA SA 191 -107.24 6.91 19.28
CA ALA SA 191 -108.50 7.35 19.89
C ALA SA 191 -109.60 6.32 19.76
N THR SA 192 -109.64 5.59 18.66
CA THR SA 192 -110.63 4.54 18.44
C THR SA 192 -110.07 3.14 18.64
N ASN SA 193 -108.77 3.02 18.92
CA ASN SA 193 -108.07 1.76 19.18
C ASN SA 193 -108.19 0.79 18.01
N ALA SA 194 -108.08 1.33 16.79
CA ALA SA 194 -108.16 0.53 15.59
C ALA SA 194 -107.40 1.24 14.48
N ALA SA 195 -107.34 0.60 13.31
CA ALA SA 195 -106.58 1.13 12.18
C ALA SA 195 -107.51 1.99 11.33
N ARG SA 196 -107.16 3.25 11.16
CA ARG SA 196 -107.90 4.18 10.32
C ARG SA 196 -107.15 4.46 9.04
N ASN SA 197 -107.86 5.02 8.06
CA ASN SA 197 -107.29 5.37 6.76
C ASN SA 197 -106.80 6.81 6.82
N ALA SA 198 -105.52 6.98 6.87
CA ALA SA 198 -104.91 8.30 6.84
C ALA SA 198 -104.89 8.83 5.41
N PRO SA 199 -104.88 10.16 5.23
CA PRO SA 199 -104.84 10.70 3.86
C PRO SA 199 -103.52 10.52 3.13
N ALA SA 200 -102.45 10.10 3.82
CA ALA SA 200 -101.13 9.79 3.26
C ALA SA 200 -100.47 10.98 2.58
N SER SA 201 -100.88 12.20 2.91
CA SER SA 201 -100.24 13.41 2.40
C SER SA 201 -99.25 14.01 3.37
N ALA SA 202 -99.56 13.99 4.67
CA ALA SA 202 -98.61 14.44 5.67
C ALA SA 202 -97.51 13.43 5.92
N TYR SA 203 -97.74 12.15 5.60
CA TYR SA 203 -96.71 11.14 5.76
C TYR SA 203 -95.65 11.24 4.69
N ALA SA 204 -95.99 11.78 3.52
CA ALA SA 204 -94.98 12.09 2.52
C ALA SA 204 -94.26 13.39 2.84
N ALA SA 205 -94.91 14.32 3.53
CA ALA SA 205 -94.24 15.55 3.94
C ALA SA 205 -93.26 15.30 5.09
N GLY SA 206 -93.43 14.20 5.82
CA GLY SA 206 -92.41 13.79 6.75
C GLY SA 206 -91.16 13.27 6.05
N LEU SA 207 -91.31 12.83 4.80
CA LEU SA 207 -90.17 12.35 4.03
C LEU SA 207 -89.43 13.50 3.36
N PHE SA 208 -90.15 14.54 2.93
CA PHE SA 208 -89.48 15.73 2.43
C PHE SA 208 -88.77 16.48 3.54
N ALA SA 209 -89.28 16.37 4.77
CA ALA SA 209 -88.66 17.05 5.90
C ALA SA 209 -87.49 16.27 6.47
N TRP SA 210 -87.44 14.95 6.26
CA TRP SA 210 -86.37 14.15 6.81
C TRP SA 210 -85.20 14.01 5.85
N THR SA 211 -85.47 13.89 4.54
CA THR SA 211 -84.40 13.78 3.57
C THR SA 211 -83.61 15.08 3.43
N ASP SA 212 -84.21 16.23 3.76
CA ASP SA 212 -83.43 17.45 3.80
C ASP SA 212 -82.55 17.50 5.03
N ALA SA 213 -82.95 16.82 6.10
CA ALA SA 213 -82.13 16.73 7.30
C ALA SA 213 -81.06 15.67 7.20
N GLU SA 214 -81.29 14.61 6.42
CA GLU SA 214 -80.37 13.49 6.32
C GLU SA 214 -79.55 13.50 5.04
N TYR SA 215 -80.19 13.67 3.89
CA TYR SA 215 -79.50 13.58 2.61
C TYR SA 215 -79.39 14.91 1.87
N GLY SA 216 -80.08 15.94 2.32
CA GLY SA 216 -80.04 17.24 1.68
C GLY SA 216 -81.29 17.51 0.85
N PHE SA 217 -81.46 18.79 0.51
CA PHE SA 217 -82.64 19.22 -0.25
C PHE SA 217 -82.60 18.77 -1.71
N TRP SA 218 -81.44 18.36 -2.21
CA TRP SA 218 -81.30 17.90 -3.59
C TRP SA 218 -81.55 16.41 -3.74
N SER SA 219 -82.11 15.77 -2.72
CA SER SA 219 -82.29 14.32 -2.74
C SER SA 219 -83.78 14.00 -2.70
N SER SA 220 -84.22 13.14 -3.61
CA SER SA 220 -85.62 12.77 -3.67
C SER SA 220 -85.96 11.83 -2.52
N PRO SA 221 -87.18 11.90 -2.00
CA PRO SA 221 -87.58 10.99 -0.91
C PRO SA 221 -88.14 9.67 -1.43
N SER SA 222 -87.94 9.38 -2.70
CA SER SA 222 -88.71 8.36 -3.40
C SER SA 222 -88.16 6.96 -3.25
N ASN SA 223 -87.32 6.71 -2.26
CA ASN SA 223 -87.00 5.33 -1.89
C ASN SA 223 -86.94 5.18 -0.38
N LYS SA 224 -87.24 6.24 0.37
CA LYS SA 224 -87.09 6.21 1.81
C LYS SA 224 -88.38 5.72 2.45
N GLU SA 225 -88.36 5.59 3.77
CA GLU SA 225 -89.37 4.84 4.49
C GLU SA 225 -90.29 5.75 5.28
N ILE SA 226 -91.54 5.33 5.39
CA ILE SA 226 -92.51 5.98 6.26
C ILE SA 226 -92.65 5.15 7.52
N LYS SA 227 -92.73 5.81 8.67
CA LYS SA 227 -92.57 5.12 9.95
C LYS SA 227 -93.89 4.66 10.55
N GLY SA 228 -94.84 5.58 10.74
CA GLY SA 228 -96.06 5.25 11.46
C GLY SA 228 -97.03 4.36 10.70
N VAL SA 229 -96.75 4.08 9.43
CA VAL SA 229 -97.68 3.37 8.57
C VAL SA 229 -97.74 1.89 8.95
N THR SA 230 -98.95 1.40 9.20
CA THR SA 230 -99.19 -0.02 9.47
C THR SA 230 -100.08 -0.64 8.41
N GLY SA 231 -99.83 -0.32 7.16
CA GLY SA 231 -100.60 -0.86 6.05
C GLY SA 231 -101.04 0.24 5.12
N THR SA 232 -101.47 -0.17 3.93
CA THR SA 232 -101.89 0.76 2.89
C THR SA 232 -103.24 0.33 2.36
N SER SA 233 -104.16 1.27 2.25
CA SER SA 233 -105.43 1.01 1.59
C SER SA 233 -105.19 0.73 0.12
N ARG SA 234 -105.81 -0.36 -0.38
CA ARG SA 234 -105.65 -0.90 -1.74
C ARG SA 234 -104.18 -1.12 -2.07
N PRO SA 235 -103.58 -2.22 -1.59
CA PRO SA 235 -102.13 -2.43 -1.76
C PRO SA 235 -101.74 -2.62 -3.22
N VAL SA 236 -100.79 -1.80 -3.67
CA VAL SA 236 -100.34 -1.82 -5.05
C VAL SA 236 -99.36 -2.97 -5.24
N GLU SA 237 -99.09 -3.28 -6.51
CA GLU SA 237 -98.25 -4.41 -6.88
C GLU SA 237 -96.92 -3.90 -7.41
N PHE SA 238 -95.83 -4.42 -6.83
CA PHE SA 238 -94.47 -4.14 -7.32
C PHE SA 238 -93.66 -5.39 -7.01
N LEU SA 239 -93.58 -6.30 -7.98
CA LEU SA 239 -93.09 -7.65 -7.67
C LEU SA 239 -91.56 -7.73 -7.69
N ASP SA 240 -90.97 -7.75 -8.88
CA ASP SA 240 -89.52 -7.87 -8.95
C ASP SA 240 -88.87 -6.83 -9.86
N GLY SA 241 -89.20 -6.89 -11.14
CA GLY SA 241 -88.63 -6.03 -12.15
C GLY SA 241 -89.58 -5.75 -13.29
N ASP SA 242 -90.84 -6.13 -13.13
CA ASP SA 242 -91.83 -5.94 -14.18
C ASP SA 242 -92.20 -4.47 -14.28
N GLU SA 243 -92.05 -3.91 -15.48
CA GLU SA 243 -92.46 -2.53 -15.73
C GLU SA 243 -93.94 -2.40 -16.04
N THR SA 244 -94.69 -3.49 -15.98
CA THR SA 244 -96.15 -3.46 -16.13
C THR SA 244 -96.85 -3.72 -14.81
N CYS SA 245 -96.14 -3.55 -13.70
CA CYS SA 245 -96.74 -3.68 -12.39
C CYS SA 245 -97.65 -2.49 -12.11
N ARG SA 246 -98.53 -2.66 -11.13
CA ARG SA 246 -99.55 -1.65 -10.84
C ARG SA 246 -98.93 -0.40 -10.23
N ALA SA 247 -97.79 -0.52 -9.57
CA ALA SA 247 -97.11 0.64 -9.01
C ALA SA 247 -96.37 1.42 -10.08
N ASN SA 248 -95.86 0.75 -11.10
CA ASN SA 248 -95.15 1.47 -12.16
C ASN SA 248 -96.13 2.12 -13.13
N LEU SA 249 -97.35 1.58 -13.24
CA LEU SA 249 -98.36 2.22 -14.07
C LEU SA 249 -98.88 3.51 -13.46
N LEU SA 250 -98.69 3.71 -12.15
CA LEU SA 250 -99.06 4.96 -11.52
C LEU SA 250 -97.92 5.97 -11.54
N ASN SA 251 -96.68 5.51 -11.49
CA ASN SA 251 -95.55 6.43 -11.65
C ASN SA 251 -95.45 6.95 -13.08
N ASN SA 252 -95.99 6.19 -14.04
CA ASN SA 252 -96.00 6.65 -15.42
C ASN SA 252 -97.01 7.76 -15.63
N ALA SA 253 -98.00 7.88 -14.76
CA ALA SA 253 -98.96 8.97 -14.80
C ALA SA 253 -98.59 10.10 -13.83
N ASN SA 254 -97.31 10.19 -13.48
CA ASN SA 254 -96.75 11.22 -12.58
C ASN SA 254 -97.41 11.21 -11.20
N ILE SA 255 -97.70 10.01 -10.69
CA ILE SA 255 -98.28 9.84 -9.37
C ILE SA 255 -97.32 9.01 -8.53
N ALA SA 256 -96.96 9.53 -7.36
CA ALA SA 256 -96.16 8.76 -6.42
C ALA SA 256 -97.04 7.72 -5.73
N THR SA 257 -96.42 6.66 -5.25
CA THR SA 257 -97.12 5.57 -4.60
C THR SA 257 -96.42 5.18 -3.30
N ILE SA 258 -97.00 4.20 -2.63
CA ILE SA 258 -96.43 3.59 -1.44
C ILE SA 258 -96.51 2.09 -1.66
N ILE SA 259 -95.35 1.43 -1.80
CA ILE SA 259 -95.34 0.16 -2.50
C ILE SA 259 -95.48 -1.07 -1.60
N ARG SA 260 -94.51 -1.29 -0.70
CA ARG SA 260 -94.17 -2.63 -0.27
C ARG SA 260 -95.15 -3.18 0.76
N ASP SA 261 -94.79 -4.32 1.35
CA ASP SA 261 -95.66 -5.05 2.28
C ASP SA 261 -95.89 -4.23 3.52
N ASP SA 262 -97.17 -3.92 3.77
CA ASP SA 262 -97.62 -3.01 4.84
C ASP SA 262 -96.98 -1.63 4.72
N GLY SA 263 -96.76 -1.20 3.48
CA GLY SA 263 -96.51 0.18 3.12
C GLY SA 263 -95.34 0.90 3.76
N TYR SA 264 -94.11 0.53 3.44
CA TYR SA 264 -92.98 1.16 4.09
C TYR SA 264 -92.00 1.82 3.12
N ARG SA 265 -92.37 2.06 1.87
CA ARG SA 265 -91.49 2.77 0.95
C ARG SA 265 -92.31 3.72 0.11
N LEU SA 266 -91.90 4.98 0.05
CA LEU SA 266 -92.45 5.88 -0.95
C LEU SA 266 -91.84 5.53 -2.31
N TRP SA 267 -92.64 5.68 -3.36
CA TRP SA 267 -92.21 5.27 -4.69
C TRP SA 267 -92.68 6.29 -5.71
N GLY SA 268 -91.74 7.08 -6.24
CA GLY SA 268 -92.05 8.02 -7.27
C GLY SA 268 -91.43 9.39 -7.02
N ASN SA 269 -90.63 9.87 -7.96
CA ASN SA 269 -89.98 11.17 -7.84
C ASN SA 269 -90.41 12.11 -8.94
N ARG SA 270 -91.54 11.83 -9.59
CA ARG SA 270 -92.06 12.66 -10.65
C ARG SA 270 -93.16 13.54 -10.10
N THR SA 271 -93.09 14.83 -10.41
CA THR SA 271 -94.14 15.75 -10.05
C THR SA 271 -95.16 15.81 -11.19
N LEU SA 272 -96.26 16.53 -10.97
CA LEU SA 272 -97.37 16.54 -11.92
C LEU SA 272 -97.15 17.57 -13.02
N SER SA 273 -95.99 17.52 -13.66
CA SER SA 273 -95.60 18.53 -14.64
C SER SA 273 -95.88 18.04 -16.06
N SER SA 274 -96.21 18.99 -16.93
CA SER SA 274 -96.39 18.66 -18.35
C SER SA 274 -95.05 18.66 -19.08
N ASP SA 275 -94.15 19.55 -18.69
CA ASP SA 275 -92.81 19.57 -19.28
C ASP SA 275 -92.00 18.39 -18.76
N SER SA 276 -91.15 17.85 -19.64
CA SER SA 276 -90.20 16.84 -19.21
C SER SA 276 -88.99 17.45 -18.52
N LYS SA 277 -88.83 18.78 -18.60
CA LYS SA 277 -87.74 19.44 -17.91
C LYS SA 277 -87.97 19.42 -16.40
N TRP SA 278 -89.11 19.94 -15.96
CA TRP SA 278 -89.43 20.03 -14.54
C TRP SA 278 -90.17 18.81 -14.04
N ALA SA 279 -89.85 17.62 -14.56
CA ALA SA 279 -90.58 16.43 -14.16
C ALA SA 279 -90.17 15.95 -12.79
N PHE SA 280 -88.88 16.07 -12.44
CA PHE SA 280 -88.40 15.59 -11.16
C PHE SA 280 -88.66 16.60 -10.07
N VAL SA 281 -89.08 16.10 -8.90
CA VAL SA 281 -89.29 16.95 -7.74
C VAL SA 281 -87.96 17.43 -7.20
N THR SA 282 -86.89 16.68 -7.47
CA THR SA 282 -85.53 17.11 -7.12
C THR SA 282 -85.17 18.40 -7.86
N ARG SA 283 -85.48 18.48 -9.16
CA ARG SA 283 -85.10 19.65 -9.94
C ARG SA 283 -85.94 20.86 -9.59
N VAL SA 284 -87.22 20.66 -9.25
CA VAL SA 284 -88.07 21.78 -8.87
C VAL SA 284 -87.68 22.30 -7.49
N ARG SA 285 -87.24 21.42 -6.60
CA ARG SA 285 -86.91 21.83 -5.25
C ARG SA 285 -85.59 22.59 -5.18
N THR SA 286 -84.60 22.19 -6.00
CA THR SA 286 -83.33 22.91 -5.99
C THR SA 286 -83.42 24.21 -6.76
N MET SA 287 -84.25 24.28 -7.79
CA MET SA 287 -84.38 25.50 -8.57
C MET SA 287 -85.07 26.59 -7.75
N ASP SA 288 -86.05 26.22 -6.93
CA ASP SA 288 -86.71 27.19 -6.08
C ASP SA 288 -85.91 27.51 -4.83
N LEU SA 289 -84.87 26.74 -4.52
CA LEU SA 289 -84.01 27.02 -3.38
C LEU SA 289 -82.81 27.89 -3.78
N VAL SA 290 -82.33 27.76 -5.02
CA VAL SA 290 -81.26 28.65 -5.50
C VAL SA 290 -81.81 29.92 -6.11
N MET SA 291 -83.11 30.03 -6.31
CA MET SA 291 -83.72 31.28 -6.74
C MET SA 291 -84.21 32.13 -5.57
N ASP SA 292 -84.41 31.53 -4.40
CA ASP SA 292 -84.74 32.30 -3.21
C ASP SA 292 -83.53 32.61 -2.35
N ALA SA 293 -82.45 31.84 -2.50
CA ALA SA 293 -81.20 32.21 -1.84
C ALA SA 293 -80.53 33.38 -2.53
N ILE SA 294 -80.65 33.46 -3.85
CA ILE SA 294 -80.07 34.57 -4.60
C ILE SA 294 -80.89 35.84 -4.40
N LEU SA 295 -82.22 35.72 -4.43
CA LEU SA 295 -83.08 36.90 -4.33
C LEU SA 295 -83.06 37.50 -2.94
N ALA SA 296 -83.04 36.67 -1.91
CA ALA SA 296 -83.02 37.18 -0.54
C ALA SA 296 -81.61 37.42 -0.01
N GLY SA 297 -80.59 36.96 -0.72
CA GLY SA 297 -79.21 37.15 -0.33
C GLY SA 297 -78.49 38.26 -1.05
N HIS SA 298 -79.12 38.86 -2.06
CA HIS SA 298 -78.52 39.97 -2.81
C HIS SA 298 -79.29 41.27 -2.61
N LYS SA 299 -79.91 41.44 -1.44
CA LYS SA 299 -80.59 42.68 -1.15
C LYS SA 299 -79.65 43.79 -0.75
N TRP SA 300 -78.39 43.48 -0.47
CA TRP SA 300 -77.38 44.50 -0.23
C TRP SA 300 -76.93 45.19 -1.51
N ALA SA 301 -77.15 44.56 -2.66
CA ALA SA 301 -76.61 45.04 -3.93
C ALA SA 301 -77.64 45.78 -4.77
N VAL SA 302 -78.56 46.50 -4.13
CA VAL SA 302 -79.61 47.16 -4.88
C VAL SA 302 -79.19 48.52 -5.42
N ASP SA 303 -78.70 49.42 -4.57
CA ASP SA 303 -78.33 50.76 -4.99
C ASP SA 303 -76.86 51.02 -4.72
N ARG SA 304 -76.01 50.05 -5.07
CA ARG SA 304 -74.60 50.13 -4.73
C ARG SA 304 -73.77 50.90 -5.74
N GLY SA 305 -74.23 51.04 -6.97
CA GLY SA 305 -73.43 51.71 -7.98
C GLY SA 305 -72.59 50.73 -8.76
N ILE SA 306 -72.83 50.65 -10.06
CA ILE SA 306 -72.22 49.64 -10.91
C ILE SA 306 -70.80 50.09 -11.23
N THR SA 307 -69.83 49.58 -10.49
CA THR SA 307 -68.42 49.78 -10.78
C THR SA 307 -67.82 48.47 -11.27
N LYS SA 308 -66.51 48.50 -11.53
CA LYS SA 308 -65.83 47.28 -11.95
C LYS SA 308 -65.65 46.33 -10.78
N THR SA 309 -65.46 46.85 -9.57
CA THR SA 309 -65.34 46.02 -8.38
C THR SA 309 -66.68 45.64 -7.77
N TYR SA 310 -67.78 46.03 -8.39
CA TYR SA 310 -69.11 45.62 -7.97
C TYR SA 310 -69.60 44.43 -8.78
N VAL SA 311 -69.40 44.46 -10.10
CA VAL SA 311 -69.73 43.32 -10.95
C VAL SA 311 -68.79 42.16 -10.65
N LYS SA 312 -67.54 42.45 -10.30
CA LYS SA 312 -66.58 41.40 -10.01
C LYS SA 312 -66.83 40.75 -8.66
N ASP SA 313 -67.36 41.49 -7.70
CA ASP SA 313 -67.57 40.98 -6.36
C ASP SA 313 -69.00 40.50 -6.12
N VAL SA 314 -69.89 40.67 -7.09
CA VAL SA 314 -71.15 39.94 -7.07
C VAL SA 314 -70.98 38.57 -7.71
N THR SA 315 -70.24 38.53 -8.83
CA THR SA 315 -69.96 37.28 -9.52
C THR SA 315 -69.14 36.32 -8.65
N GLU SA 316 -68.10 36.84 -8.00
CA GLU SA 316 -67.28 36.01 -7.12
C GLU SA 316 -68.02 35.57 -5.87
N GLY SA 317 -69.02 36.34 -5.44
CA GLY SA 317 -69.91 35.87 -4.39
C GLY SA 317 -70.99 34.94 -4.88
N LEU SA 318 -71.22 34.92 -6.20
CA LEU SA 318 -72.16 34.01 -6.84
C LEU SA 318 -71.49 32.76 -7.35
N ARG SA 319 -70.22 32.85 -7.75
CA ARG SA 319 -69.45 31.65 -8.07
C ARG SA 319 -69.15 30.84 -6.82
N ALA SA 320 -68.89 31.50 -5.69
CA ALA SA 320 -68.56 30.80 -4.47
C ALA SA 320 -69.79 30.14 -3.85
N PHE SA 321 -70.98 30.66 -4.12
CA PHE SA 321 -72.19 30.02 -3.62
C PHE SA 321 -72.49 28.73 -4.36
N MET SA 322 -72.31 28.74 -5.68
CA MET SA 322 -72.51 27.52 -6.45
C MET SA 322 -71.34 26.55 -6.30
N ARG SA 323 -70.16 27.06 -5.95
CA ARG SA 323 -69.05 26.17 -5.64
C ARG SA 323 -69.27 25.45 -4.33
N ASP SA 324 -69.89 26.11 -3.36
CA ASP SA 324 -70.25 25.47 -2.10
C ASP SA 324 -71.40 24.49 -2.24
N LEU SA 325 -72.16 24.57 -3.32
CA LEU SA 325 -73.17 23.58 -3.63
C LEU SA 325 -72.60 22.40 -4.40
N LYS SA 326 -71.55 22.62 -5.17
CA LYS SA 326 -71.01 21.56 -6.03
C LYS SA 326 -70.26 20.52 -5.23
N ASN SA 327 -69.34 20.94 -4.36
CA ASN SA 327 -68.62 19.98 -3.53
C ASN SA 327 -69.43 19.49 -2.36
N GLN SA 328 -70.57 20.10 -2.07
CA GLN SA 328 -71.53 19.51 -1.14
C GLN SA 328 -72.30 18.38 -1.79
N GLY SA 329 -72.53 18.47 -3.10
CA GLY SA 329 -73.23 17.45 -3.83
C GLY SA 329 -74.58 17.86 -4.38
N ALA SA 330 -74.92 19.14 -4.32
CA ALA SA 330 -76.24 19.59 -4.79
C ALA SA 330 -76.31 19.70 -6.30
N VAL SA 331 -75.27 20.25 -6.92
CA VAL SA 331 -75.19 20.34 -8.37
C VAL SA 331 -74.00 19.53 -8.83
N ILE SA 332 -73.95 19.28 -10.14
CA ILE SA 332 -72.82 18.56 -10.73
C ILE SA 332 -71.73 19.53 -11.18
N ASN SA 333 -72.11 20.54 -11.94
CA ASN SA 333 -71.19 21.63 -12.28
C ASN SA 333 -72.03 22.88 -12.46
N PHE SA 334 -71.35 24.00 -12.70
CA PHE SA 334 -72.05 25.27 -12.86
C PHE SA 334 -71.24 26.17 -13.79
N GLU SA 335 -71.83 27.32 -14.11
CA GLU SA 335 -71.16 28.33 -14.92
C GLU SA 335 -71.81 29.67 -14.60
N VAL SA 336 -71.13 30.47 -13.78
CA VAL SA 336 -71.64 31.77 -13.35
C VAL SA 336 -70.77 32.84 -14.00
N TYR SA 337 -71.41 33.77 -14.71
CA TYR SA 337 -70.69 34.82 -15.40
C TYR SA 337 -71.63 36.00 -15.59
N ALA SA 338 -71.07 37.19 -15.60
CA ALA SA 338 -71.84 38.37 -15.98
C ALA SA 338 -72.18 38.30 -17.45
N ASP SA 339 -73.37 38.75 -17.80
CA ASP SA 339 -73.89 38.57 -19.16
C ASP SA 339 -73.15 39.48 -20.13
N PRO SA 340 -72.59 38.96 -21.22
CA PRO SA 340 -71.87 39.81 -22.16
C PRO SA 340 -72.81 40.66 -23.01
N ASP SA 341 -73.93 40.09 -23.40
CA ASP SA 341 -74.87 40.77 -24.30
C ASP SA 341 -75.90 41.60 -23.56
N LEU SA 342 -76.48 41.05 -22.48
CA LEU SA 342 -77.53 41.76 -21.78
C LEU SA 342 -77.01 42.94 -20.97
N ASN SA 343 -75.73 42.98 -20.64
CA ASN SA 343 -75.13 44.14 -19.99
C ASN SA 343 -74.67 45.14 -21.05
N SER SA 344 -75.65 45.74 -21.72
CA SER SA 344 -75.39 46.77 -22.69
C SER SA 344 -75.09 48.08 -21.98
N ALA SA 345 -74.63 49.06 -22.74
CA ALA SA 345 -74.42 50.39 -22.17
C ALA SA 345 -75.73 51.10 -21.88
N SER SA 346 -76.79 50.78 -22.63
CA SER SA 346 -78.09 51.36 -22.36
C SER SA 346 -78.79 50.68 -21.18
N GLN SA 347 -78.54 49.39 -20.98
CA GLN SA 347 -79.12 48.70 -19.83
C GLN SA 347 -78.42 49.08 -18.54
N LEU SA 348 -77.10 49.27 -18.59
CA LEU SA 348 -76.35 49.64 -17.40
C LEU SA 348 -76.65 51.07 -16.97
N ALA SA 349 -76.98 51.94 -17.91
CA ALA SA 349 -77.33 53.31 -17.61
C ALA SA 349 -78.71 53.46 -16.99
N GLN SA 350 -79.55 52.43 -17.09
CA GLN SA 350 -80.85 52.41 -16.42
C GLN SA 350 -80.80 51.72 -15.07
N GLY SA 351 -79.63 51.25 -14.65
CA GLY SA 351 -79.47 50.55 -13.41
C GLY SA 351 -79.53 49.04 -13.51
N LYS SA 352 -80.01 48.50 -14.62
CA LYS SA 352 -80.14 47.05 -14.76
C LYS SA 352 -78.79 46.44 -15.10
N VAL SA 353 -78.41 45.38 -14.38
CA VAL SA 353 -77.18 44.66 -14.66
C VAL SA 353 -77.43 43.18 -14.41
N TYR SA 354 -77.13 42.36 -15.41
CA TYR SA 354 -77.58 40.98 -15.46
C TYR SA 354 -76.44 40.02 -15.19
N TRP SA 355 -76.75 38.95 -14.46
CA TRP SA 355 -75.81 37.85 -14.22
C TRP SA 355 -76.48 36.55 -14.62
N ASN SA 356 -75.73 35.67 -15.27
CA ASN SA 356 -76.22 34.36 -15.69
C ASN SA 356 -75.68 33.31 -14.74
N ILE SA 357 -76.58 32.51 -14.18
CA ILE SA 357 -76.22 31.41 -13.28
C ILE SA 357 -76.72 30.14 -13.94
N ARG SA 358 -75.87 29.49 -14.72
CA ARG SA 358 -76.19 28.21 -15.35
C ARG SA 358 -75.61 27.10 -14.49
N PHE SA 359 -76.42 26.08 -14.21
CA PHE SA 359 -75.96 24.94 -13.44
C PHE SA 359 -76.74 23.71 -13.86
N THR SA 360 -76.22 22.55 -13.51
CA THR SA 360 -76.90 21.28 -13.73
C THR SA 360 -77.09 20.58 -12.40
N ASP SA 361 -78.33 20.31 -12.05
CA ASP SA 361 -78.66 19.65 -10.79
C ASP SA 361 -78.33 18.16 -10.89
N VAL SA 362 -78.44 17.48 -9.75
CA VAL SA 362 -78.17 16.05 -9.65
C VAL SA 362 -79.49 15.31 -9.92
N PRO SA 363 -79.61 14.59 -11.03
CA PRO SA 363 -80.86 13.88 -11.31
C PRO SA 363 -80.97 12.65 -10.43
N PRO SA 364 -82.17 12.33 -9.93
CA PRO SA 364 -82.33 11.13 -9.11
C PRO SA 364 -82.24 9.88 -9.99
N ALA SA 365 -81.43 8.92 -9.55
CA ALA SA 365 -81.14 7.72 -10.33
C ALA SA 365 -82.32 6.76 -10.27
N GLU SA 366 -83.40 7.14 -10.93
CA GLU SA 366 -84.66 6.41 -10.82
C GLU SA 366 -84.66 5.08 -11.57
N ASN SA 367 -83.65 4.81 -12.40
CA ASN SA 367 -83.60 3.57 -13.17
C ASN SA 367 -82.16 3.18 -13.48
N PRO SA 368 -81.47 2.54 -12.53
CA PRO SA 368 -80.16 1.97 -12.85
C PRO SA 368 -80.29 0.71 -13.69
N ASN SA 369 -79.78 0.76 -14.91
CA ASN SA 369 -79.81 -0.38 -15.80
C ASN SA 369 -78.50 -1.14 -15.74
N PHE SA 370 -78.57 -2.46 -15.69
CA PHE SA 370 -77.40 -3.31 -15.71
C PHE SA 370 -77.48 -4.24 -16.91
N ARG SA 371 -76.40 -4.26 -17.70
CA ARG SA 371 -76.37 -5.01 -18.95
C ARG SA 371 -75.35 -6.14 -18.81
N VAL SA 372 -75.82 -7.27 -18.32
CA VAL SA 372 -74.98 -8.45 -18.06
C VAL SA 372 -74.90 -9.26 -19.34
N GLU SA 373 -73.70 -9.79 -19.63
CA GLU SA 373 -73.53 -10.63 -20.81
C GLU SA 373 -72.45 -11.66 -20.56
N VAL SA 374 -72.71 -12.88 -21.01
CA VAL SA 374 -71.73 -13.95 -20.97
C VAL SA 374 -70.99 -13.98 -22.29
N THR SA 375 -69.66 -13.89 -22.22
CA THR SA 375 -68.86 -13.92 -23.43
C THR SA 375 -67.95 -15.13 -23.43
N ASP SA 376 -67.11 -15.24 -24.46
CA ASP SA 376 -66.05 -16.24 -24.51
C ASP SA 376 -64.70 -15.55 -24.73
N GLN SA 377 -64.60 -14.29 -24.33
CA GLN SA 377 -63.44 -13.49 -24.68
C GLN SA 377 -62.22 -13.88 -23.85
N TRP SA 378 -62.40 -14.06 -22.54
CA TRP SA 378 -61.31 -14.43 -21.65
C TRP SA 378 -61.22 -15.93 -21.45
N LEU SA 379 -61.69 -16.71 -22.42
CA LEU SA 379 -61.70 -18.16 -22.25
C LEU SA 379 -60.34 -18.77 -22.55
N THR SA 380 -59.53 -18.11 -23.39
CA THR SA 380 -58.17 -18.56 -23.63
C THR SA 380 -57.20 -18.15 -22.53
N GLU SA 381 -57.69 -17.46 -21.48
CA GLU SA 381 -56.86 -17.16 -20.34
C GLU SA 381 -56.59 -18.39 -19.49
N VAL SA 382 -57.35 -19.46 -19.69
CA VAL SA 382 -57.05 -20.75 -19.06
C VAL SA 382 -56.11 -21.47 -20.01
N LEU SA 383 -54.85 -21.04 -20.01
CA LEU SA 383 -53.81 -21.78 -20.69
C LEU SA 383 -52.46 -21.68 -20.01
N ASP SA 384 -52.30 -20.84 -18.98
CA ASP SA 384 -51.00 -20.57 -18.37
C ASP SA 384 -51.21 -19.86 -17.05
N SER TA 2 -73.34 -31.34 -28.46
CA SER TA 2 -72.38 -32.31 -27.91
C SER TA 2 -71.90 -33.27 -28.97
N PHE TA 3 -70.68 -33.03 -29.47
CA PHE TA 3 -70.09 -33.96 -30.42
C PHE TA 3 -69.72 -35.27 -29.74
N PHE TA 4 -69.08 -35.20 -28.58
CA PHE TA 4 -68.87 -36.36 -27.73
C PHE TA 4 -68.74 -35.93 -26.29
N HIS TA 5 -69.45 -36.62 -25.41
CA HIS TA 5 -69.37 -36.40 -23.97
C HIS TA 5 -68.52 -37.51 -23.39
N GLY TA 6 -67.24 -37.21 -23.12
CA GLY TA 6 -66.34 -38.22 -22.61
C GLY TA 6 -64.92 -37.90 -22.98
N VAL TA 7 -64.04 -38.89 -22.85
CA VAL TA 7 -62.61 -38.74 -23.08
C VAL TA 7 -62.29 -39.36 -24.44
N THR TA 8 -61.78 -38.55 -25.36
CA THR TA 8 -61.16 -39.07 -26.57
C THR TA 8 -59.66 -39.10 -26.38
N VAL TA 9 -59.05 -40.20 -26.78
CA VAL TA 9 -57.60 -40.32 -26.81
C VAL TA 9 -57.22 -40.71 -28.23
N THR TA 10 -56.60 -39.78 -28.95
CA THR TA 10 -56.29 -39.98 -30.35
C THR TA 10 -54.81 -40.27 -30.54
N ASN TA 11 -54.51 -40.91 -31.66
CA ASN TA 11 -53.14 -41.23 -32.08
C ASN TA 11 -52.93 -40.46 -33.38
N VAL TA 12 -52.16 -39.37 -33.32
CA VAL TA 12 -52.22 -38.39 -34.41
C VAL TA 12 -51.45 -38.86 -35.65
N ASP TA 13 -50.42 -39.71 -35.47
CA ASP TA 13 -49.76 -40.45 -36.54
C ASP TA 13 -49.13 -39.53 -37.59
N ILE TA 14 -48.35 -38.55 -37.12
CA ILE TA 14 -47.79 -37.53 -38.00
C ILE TA 14 -46.26 -37.56 -37.99
N GLY TA 15 -45.65 -38.64 -37.53
CA GLY TA 15 -44.21 -38.70 -37.51
C GLY TA 15 -43.62 -38.99 -38.88
N ALA TA 16 -42.32 -38.75 -38.99
CA ALA TA 16 -41.57 -39.14 -40.18
C ALA TA 16 -41.17 -40.60 -40.07
N ARG TA 17 -41.43 -41.37 -41.11
CA ARG TA 17 -41.20 -42.80 -41.08
C ARG TA 17 -39.74 -43.11 -41.41
N THR TA 18 -39.43 -44.38 -41.60
CA THR TA 18 -38.07 -44.80 -41.90
C THR TA 18 -38.06 -45.65 -43.15
N ILE TA 19 -36.89 -45.76 -43.77
CA ILE TA 19 -36.74 -46.41 -45.06
C ILE TA 19 -35.64 -47.46 -44.93
N ALA TA 20 -35.93 -48.69 -45.36
CA ALA TA 20 -34.94 -49.75 -45.41
C ALA TA 20 -34.66 -50.12 -46.86
N LEU TA 21 -33.50 -50.75 -47.08
CA LEU TA 21 -33.04 -51.14 -48.39
C LEU TA 21 -33.46 -52.57 -48.72
N PRO TA 22 -33.76 -52.88 -49.98
CA PRO TA 22 -34.22 -54.24 -50.33
C PRO TA 22 -33.10 -55.24 -50.59
N ALA TA 23 -32.07 -55.24 -49.75
CA ALA TA 23 -31.10 -56.32 -49.53
C ALA TA 23 -30.13 -56.58 -50.67
N SER TA 24 -30.37 -56.03 -51.85
CA SER TA 24 -29.37 -55.77 -52.89
C SER TA 24 -28.58 -56.96 -53.44
N SER TA 25 -28.86 -58.19 -53.00
CA SER TA 25 -27.94 -59.28 -53.32
C SER TA 25 -28.64 -60.57 -53.74
N VAL TA 26 -29.92 -60.52 -54.07
CA VAL TA 26 -30.62 -61.71 -54.54
C VAL TA 26 -30.21 -61.98 -55.97
N ILE TA 27 -29.84 -63.22 -56.26
CA ILE TA 27 -29.24 -63.59 -57.55
C ILE TA 27 -30.25 -64.40 -58.33
N GLY TA 28 -30.62 -63.91 -59.50
CA GLY TA 28 -31.51 -64.64 -60.37
C GLY TA 28 -30.76 -65.61 -61.26
N LEU TA 29 -31.00 -66.90 -61.08
CA LEU TA 29 -30.26 -67.93 -61.79
C LEU TA 29 -31.19 -68.67 -62.74
N CYS TA 30 -30.64 -69.10 -63.87
CA CYS TA 30 -31.40 -69.90 -64.83
C CYS TA 30 -30.42 -70.71 -65.65
N ASP TA 31 -30.40 -72.03 -65.44
CA ASP TA 31 -29.56 -72.93 -66.20
C ASP TA 31 -30.32 -74.25 -66.33
N VAL TA 32 -29.69 -75.23 -66.96
CA VAL TA 32 -30.36 -76.49 -67.22
C VAL TA 32 -30.15 -77.43 -66.04
N PHE TA 33 -31.07 -78.39 -65.90
CA PHE TA 33 -30.96 -79.47 -64.93
C PHE TA 33 -31.83 -80.61 -65.40
N THR TA 34 -31.49 -81.82 -64.96
CA THR TA 34 -32.23 -83.00 -65.37
C THR TA 34 -33.22 -83.37 -64.28
N PRO TA 35 -34.52 -83.24 -64.51
CA PRO TA 35 -35.48 -83.58 -63.46
C PRO TA 35 -35.62 -85.09 -63.30
N GLY TA 36 -35.80 -85.52 -62.06
CA GLY TA 36 -35.93 -86.93 -61.77
C GLY TA 36 -36.28 -87.20 -60.32
N ALA TA 37 -35.69 -88.25 -59.76
CA ALA TA 37 -35.97 -88.60 -58.37
C ALA TA 37 -35.13 -87.78 -57.40
N GLN TA 38 -33.88 -87.51 -57.76
CA GLN TA 38 -32.98 -86.78 -56.88
C GLN TA 38 -33.09 -85.27 -57.05
N ALA TA 39 -33.65 -84.79 -58.17
CA ALA TA 39 -33.87 -83.37 -58.40
C ALA TA 39 -35.32 -83.08 -58.06
N SER TA 40 -35.53 -82.43 -56.91
CA SER TA 40 -36.86 -82.26 -56.34
C SER TA 40 -37.51 -80.93 -56.71
N ALA TA 41 -37.21 -80.40 -57.90
CA ALA TA 41 -37.82 -79.16 -58.35
C ALA TA 41 -38.48 -79.37 -59.72
N LYS TA 42 -39.66 -78.79 -59.89
CA LYS TA 42 -40.34 -78.84 -61.17
C LYS TA 42 -39.59 -77.96 -62.18
N PRO TA 43 -39.56 -78.38 -63.46
CA PRO TA 43 -38.58 -77.80 -64.39
C PRO TA 43 -38.88 -76.41 -64.92
N ASN TA 44 -39.84 -75.69 -64.35
CA ASN TA 44 -39.96 -74.26 -64.67
C ASN TA 44 -40.27 -73.37 -63.49
N VAL TA 45 -40.59 -73.90 -62.31
CA VAL TA 45 -40.97 -73.07 -61.17
C VAL TA 45 -39.72 -72.49 -60.53
N PRO TA 46 -39.80 -71.29 -59.93
CA PRO TA 46 -38.63 -70.75 -59.22
C PRO TA 46 -38.48 -71.39 -57.86
N VAL TA 47 -37.23 -71.67 -57.49
CA VAL TA 47 -36.88 -72.26 -56.21
C VAL TA 47 -35.98 -71.29 -55.48
N LEU TA 48 -36.32 -70.95 -54.25
CA LEU TA 48 -35.47 -70.10 -53.43
C LEU TA 48 -34.38 -70.93 -52.80
N LEU TA 49 -33.13 -70.55 -53.05
CA LEU TA 49 -31.97 -71.26 -52.52
C LEU TA 49 -31.22 -70.32 -51.60
N THR TA 50 -30.93 -70.78 -50.39
CA THR TA 50 -30.17 -70.00 -49.44
C THR TA 50 -28.87 -70.65 -49.00
N SER TA 51 -28.62 -71.90 -49.39
CA SER TA 51 -27.40 -72.59 -48.98
C SER TA 51 -27.03 -73.62 -50.03
N LYS TA 52 -25.78 -74.06 -49.96
CA LYS TA 52 -25.27 -75.03 -50.91
C LYS TA 52 -25.87 -76.40 -50.69
N LYS TA 53 -26.29 -76.70 -49.47
CA LYS TA 53 -27.03 -77.93 -49.19
C LYS TA 53 -28.44 -77.87 -49.73
N ASP TA 54 -28.99 -76.66 -49.90
CA ASP TA 54 -30.33 -76.48 -50.42
C ASP TA 54 -30.38 -76.52 -51.94
N ALA TA 55 -29.27 -76.22 -52.61
CA ALA TA 55 -29.25 -76.26 -54.07
C ALA TA 55 -29.06 -77.66 -54.61
N ALA TA 56 -28.32 -78.50 -53.90
CA ALA TA 56 -28.14 -79.88 -54.33
C ALA TA 56 -29.39 -80.72 -54.08
N ALA TA 57 -30.16 -80.38 -53.06
CA ALA TA 57 -31.39 -81.11 -52.77
C ALA TA 57 -32.49 -80.80 -53.77
N ALA TA 58 -32.41 -79.67 -54.46
CA ALA TA 58 -33.44 -79.27 -55.40
C ALA TA 58 -33.06 -79.49 -56.86
N PHE TA 59 -31.78 -79.70 -57.16
CA PHE TA 59 -31.36 -79.89 -58.53
C PHE TA 59 -30.41 -81.05 -58.76
N GLY TA 60 -29.82 -81.62 -57.71
CA GLY TA 60 -28.87 -82.71 -57.89
C GLY TA 60 -27.46 -82.20 -58.12
N ILE TA 61 -26.50 -83.09 -57.90
CA ILE TA 61 -25.09 -82.71 -57.99
C ILE TA 61 -24.66 -82.58 -59.44
N GLY TA 62 -25.12 -83.46 -60.31
CA GLY TA 62 -24.68 -83.45 -61.68
C GLY TA 62 -25.26 -82.35 -62.54
N SER TA 63 -26.21 -81.59 -62.02
CA SER TA 63 -26.89 -80.57 -62.79
C SER TA 63 -25.97 -79.39 -63.09
N SER TA 64 -26.20 -78.76 -64.23
CA SER TA 64 -25.43 -77.58 -64.61
C SER TA 64 -25.87 -76.33 -63.87
N ILE TA 65 -27.00 -76.36 -63.17
CA ILE TA 65 -27.42 -75.21 -62.38
C ILE TA 65 -26.90 -75.29 -60.95
N TYR TA 66 -26.62 -76.49 -60.44
CA TYR TA 66 -25.96 -76.59 -59.15
C TYR TA 66 -24.52 -76.12 -59.23
N LEU TA 67 -23.89 -76.31 -60.39
CA LEU TA 67 -22.53 -75.83 -60.59
C LEU TA 67 -22.47 -74.31 -60.65
N ALA TA 68 -23.59 -73.64 -60.93
CA ALA TA 68 -23.67 -72.20 -60.81
C ALA TA 68 -23.96 -71.76 -59.38
N CYS TA 69 -24.66 -72.59 -58.60
CA CYS TA 69 -24.81 -72.30 -57.19
C CYS TA 69 -23.52 -72.56 -56.44
N GLU TA 70 -22.79 -73.58 -56.83
CA GLU TA 70 -21.48 -73.87 -56.24
C GLU TA 70 -20.49 -72.76 -56.53
N ALA TA 71 -20.61 -72.11 -57.69
CA ALA TA 71 -19.76 -70.98 -58.01
C ALA TA 71 -20.08 -69.76 -57.15
N ILE TA 72 -21.34 -69.63 -56.73
CA ILE TA 72 -21.75 -68.50 -55.90
C ILE TA 72 -21.50 -68.78 -54.43
N TYR TA 73 -21.85 -69.98 -53.97
CA TYR TA 73 -21.76 -70.28 -52.55
C TYR TA 73 -20.33 -70.52 -52.08
N ASN TA 74 -19.40 -70.80 -52.99
CA ASN TA 74 -18.00 -70.91 -52.58
C ASN TA 74 -17.39 -69.54 -52.32
N ARG TA 75 -17.88 -68.50 -52.99
CA ARG TA 75 -17.35 -67.16 -52.83
C ARG TA 75 -18.11 -66.37 -51.77
N ALA TA 76 -19.44 -66.34 -51.88
CA ALA TA 76 -20.27 -65.59 -50.97
C ALA TA 76 -21.32 -66.47 -50.33
N GLN TA 77 -22.29 -65.87 -49.64
CA GLN TA 77 -23.41 -66.59 -49.07
C GLN TA 77 -24.63 -65.68 -49.20
N ALA TA 78 -25.39 -65.86 -50.29
CA ALA TA 78 -26.51 -64.98 -50.58
C ALA TA 78 -27.68 -65.81 -51.08
N VAL TA 79 -28.80 -65.13 -51.31
CA VAL TA 79 -30.02 -65.79 -51.76
C VAL TA 79 -29.95 -65.98 -53.27
N ILE TA 80 -30.41 -67.13 -53.74
CA ILE TA 80 -30.45 -67.43 -55.16
C ILE TA 80 -31.86 -67.85 -55.51
N VAL TA 81 -32.50 -67.10 -56.39
CA VAL TA 81 -33.76 -67.51 -56.99
C VAL TA 81 -33.39 -68.25 -58.28
N ALA TA 82 -33.36 -69.57 -58.21
CA ALA TA 82 -33.02 -70.39 -59.35
C ALA TA 82 -34.30 -70.85 -60.05
N VAL TA 83 -34.26 -70.89 -61.37
CA VAL TA 83 -35.41 -71.33 -62.15
C VAL TA 83 -35.23 -72.79 -62.53
N GLY TA 84 -34.22 -73.08 -63.33
CA GLY TA 84 -34.01 -74.43 -63.78
C GLY TA 84 -34.88 -74.76 -64.98
N VAL TA 85 -34.29 -75.36 -66.01
CA VAL TA 85 -35.01 -75.83 -67.18
C VAL TA 85 -34.53 -77.23 -67.50
N GLU TA 86 -35.33 -77.96 -68.26
CA GLU TA 86 -34.94 -79.29 -68.68
C GLU TA 86 -34.07 -79.21 -69.92
N THR TA 87 -33.17 -80.18 -70.07
CA THR TA 87 -32.17 -80.13 -71.13
C THR TA 87 -32.80 -80.43 -72.48
N ALA TA 88 -32.74 -79.47 -73.38
CA ALA TA 88 -33.31 -79.64 -74.71
C ALA TA 88 -32.40 -80.48 -75.59
N GLU TA 89 -32.83 -80.70 -76.82
CA GLU TA 89 -32.11 -81.59 -77.73
C GLU TA 89 -30.93 -80.88 -78.39
N THR TA 90 -31.22 -79.85 -79.18
CA THR TA 90 -30.20 -79.09 -79.87
C THR TA 90 -29.74 -77.93 -79.00
N PRO TA 91 -28.53 -77.40 -79.21
CA PRO TA 91 -28.12 -76.19 -78.48
C PRO TA 91 -28.88 -74.94 -78.90
N GLU TA 92 -29.56 -74.96 -80.06
CA GLU TA 92 -30.42 -73.85 -80.44
C GLU TA 92 -31.71 -73.85 -79.65
N ALA TA 93 -32.31 -75.04 -79.46
CA ALA TA 93 -33.55 -75.17 -78.73
C ALA TA 93 -33.36 -75.06 -77.22
N GLN TA 94 -32.11 -75.15 -76.74
CA GLN TA 94 -31.85 -74.84 -75.34
C GLN TA 94 -31.97 -73.36 -75.07
N ALA TA 95 -31.65 -72.53 -76.07
CA ALA TA 95 -31.76 -71.08 -75.90
C ALA TA 95 -33.20 -70.64 -75.85
N SER TA 96 -34.10 -71.32 -76.56
CA SER TA 96 -35.51 -70.97 -76.51
C SER TA 96 -36.18 -71.42 -75.22
N ALA TA 97 -35.56 -72.33 -74.47
CA ALA TA 97 -36.07 -72.73 -73.18
C ALA TA 97 -35.57 -71.83 -72.05
N VAL TA 98 -34.39 -71.25 -72.20
CA VAL TA 98 -33.88 -70.31 -71.22
C VAL TA 98 -34.59 -68.97 -71.34
N ILE TA 99 -34.84 -68.52 -72.58
CA ILE TA 99 -35.65 -67.33 -72.80
C ILE TA 99 -37.08 -67.57 -72.33
N GLY TA 100 -37.65 -68.70 -72.70
CA GLY TA 100 -38.95 -69.09 -72.21
C GLY TA 100 -40.08 -68.30 -72.80
N GLY TA 101 -40.66 -67.42 -71.99
CA GLY TA 101 -41.83 -66.67 -72.41
C GLY TA 101 -42.98 -67.00 -71.50
N ILE TA 102 -44.11 -67.38 -72.09
CA ILE TA 102 -45.27 -67.82 -71.32
C ILE TA 102 -45.73 -69.16 -71.90
N SER TA 103 -46.40 -69.94 -71.06
CA SER TA 103 -46.81 -71.28 -71.44
C SER TA 103 -48.27 -71.29 -71.88
N ALA TA 104 -48.72 -72.46 -72.34
CA ALA TA 104 -50.13 -72.61 -72.68
C ALA TA 104 -51.01 -72.68 -71.44
N ALA TA 105 -50.43 -72.97 -70.28
CA ALA TA 105 -51.16 -72.97 -69.02
C ALA TA 105 -51.24 -71.58 -68.39
N GLY TA 106 -50.64 -70.56 -69.00
CA GLY TA 106 -50.67 -69.23 -68.42
C GLY TA 106 -49.66 -69.01 -67.33
N GLU TA 107 -48.43 -69.48 -67.52
CA GLU TA 107 -47.39 -69.40 -66.50
C GLU TA 107 -46.07 -69.07 -67.16
N ARG TA 108 -45.30 -68.20 -66.52
CA ARG TA 108 -43.98 -67.85 -67.03
C ARG TA 108 -43.01 -69.00 -66.81
N THR TA 109 -42.19 -69.29 -67.82
CA THR TA 109 -41.40 -70.52 -67.81
C THR TA 109 -39.90 -70.28 -67.70
N GLY TA 110 -39.32 -69.46 -68.57
CA GLY TA 110 -37.87 -69.43 -68.66
C GLY TA 110 -37.25 -68.42 -67.72
N LEU TA 111 -36.55 -67.43 -68.29
CA LEU TA 111 -36.07 -66.30 -67.51
C LEU TA 111 -37.21 -65.45 -66.97
N GLN TA 112 -38.39 -65.50 -67.60
CA GLN TA 112 -39.54 -64.74 -67.15
C GLN TA 112 -40.05 -65.20 -65.78
N ALA TA 113 -39.71 -66.42 -65.36
CA ALA TA 113 -40.12 -66.90 -64.04
C ALA TA 113 -39.42 -66.17 -62.91
N LEU TA 114 -38.34 -65.43 -63.18
CA LEU TA 114 -37.71 -64.61 -62.16
C LEU TA 114 -38.55 -63.40 -61.78
N LEU TA 115 -39.51 -63.01 -62.63
CA LEU TA 115 -40.44 -61.96 -62.27
C LEU TA 115 -41.43 -62.41 -61.21
N ASP TA 116 -41.59 -63.72 -61.03
CA ASP TA 116 -42.32 -64.29 -59.90
C ASP TA 116 -41.48 -64.40 -58.64
N GLY TA 117 -40.25 -63.88 -58.66
CA GLY TA 117 -39.37 -64.01 -57.51
C GLY TA 117 -39.74 -63.12 -56.34
N LYS TA 118 -40.52 -62.07 -56.59
CA LYS TA 118 -40.96 -61.19 -55.51
C LYS TA 118 -42.37 -61.47 -55.06
N SER TA 119 -43.23 -61.95 -55.96
CA SER TA 119 -44.61 -62.26 -55.60
C SER TA 119 -44.71 -63.51 -54.75
N ARG TA 120 -43.70 -64.37 -54.77
CA ARG TA 120 -43.73 -65.65 -54.07
C ARG TA 120 -42.75 -65.73 -52.91
N PHE TA 121 -41.58 -65.14 -53.03
CA PHE TA 121 -40.56 -65.22 -51.99
C PHE TA 121 -40.26 -63.91 -51.30
N ASN TA 122 -40.81 -62.80 -51.80
CA ASN TA 122 -40.52 -61.43 -51.34
C ASN TA 122 -39.02 -61.13 -51.39
N ALA TA 123 -38.36 -61.63 -52.44
CA ALA TA 123 -36.93 -61.43 -52.65
C ALA TA 123 -36.73 -61.23 -54.16
N GLN TA 124 -36.72 -59.97 -54.58
CA GLN TA 124 -36.57 -59.64 -55.98
C GLN TA 124 -35.10 -59.80 -56.37
N PRO TA 125 -34.80 -60.48 -57.47
CA PRO TA 125 -33.39 -60.69 -57.85
C PRO TA 125 -32.75 -59.41 -58.36
N ARG TA 126 -31.54 -59.15 -57.88
CA ARG TA 126 -30.76 -57.99 -58.30
C ARG TA 126 -29.61 -58.33 -59.21
N LEU TA 127 -29.19 -59.59 -59.27
CA LEU TA 127 -28.17 -60.05 -60.21
C LEU TA 127 -28.78 -61.13 -61.08
N LEU TA 128 -28.77 -60.91 -62.39
CA LEU TA 128 -29.36 -61.85 -63.33
C LEU TA 128 -28.24 -62.61 -64.03
N VAL TA 129 -28.22 -63.92 -63.84
CA VAL TA 129 -27.14 -64.77 -64.35
C VAL TA 129 -27.77 -65.98 -65.02
N ALA TA 130 -27.46 -66.18 -66.29
CA ALA TA 130 -27.73 -67.42 -67.00
C ALA TA 130 -26.38 -67.90 -67.51
N PRO TA 131 -25.71 -68.78 -66.77
CA PRO TA 131 -24.31 -69.11 -67.10
C PRO TA 131 -24.20 -70.01 -68.31
N GLY TA 132 -23.40 -69.57 -69.28
CA GLY TA 132 -23.16 -70.32 -70.48
C GLY TA 132 -24.12 -70.02 -71.61
N HIS TA 133 -25.37 -69.68 -71.28
CA HIS TA 133 -26.35 -69.36 -72.30
C HIS TA 133 -26.35 -67.89 -72.66
N SER TA 134 -25.74 -67.03 -71.85
CA SER TA 134 -25.67 -65.61 -72.15
C SER TA 134 -24.71 -65.29 -73.29
N ALA TA 135 -23.88 -66.25 -73.72
CA ALA TA 135 -22.99 -66.04 -74.85
C ALA TA 135 -23.71 -65.98 -76.18
N GLN TA 136 -24.98 -66.36 -76.22
CA GLN TA 136 -25.80 -66.20 -77.41
C GLN TA 136 -26.53 -64.86 -77.35
N GLN TA 137 -26.73 -64.26 -78.52
CA GLN TA 137 -27.35 -62.95 -78.57
C GLN TA 137 -28.85 -63.01 -78.29
N ALA TA 138 -29.48 -64.15 -78.54
CA ALA TA 138 -30.92 -64.26 -78.30
C ALA TA 138 -31.23 -64.29 -76.82
N VAL TA 139 -30.41 -64.98 -76.03
CA VAL TA 139 -30.65 -65.05 -74.59
C VAL TA 139 -30.25 -63.75 -73.91
N ALA TA 140 -29.13 -63.16 -74.34
CA ALA TA 140 -28.64 -61.94 -73.70
C ALA TA 140 -29.49 -60.73 -74.01
N THR TA 141 -30.21 -60.73 -75.13
CA THR TA 141 -31.18 -59.67 -75.39
C THR TA 141 -32.45 -59.88 -74.57
N ALA TA 142 -32.82 -61.14 -74.33
CA ALA TA 142 -33.95 -61.42 -73.46
C ALA TA 142 -33.65 -61.10 -72.01
N MET TA 143 -32.38 -61.23 -71.61
CA MET TA 143 -32.00 -60.91 -70.25
C MET TA 143 -31.82 -59.41 -70.03
N ASP TA 144 -31.61 -58.64 -71.10
CA ASP TA 144 -31.53 -57.19 -70.95
C ASP TA 144 -32.89 -56.58 -70.71
N GLY TA 145 -33.91 -57.04 -71.44
CA GLY TA 145 -35.26 -56.56 -71.20
C GLY TA 145 -35.80 -57.04 -69.87
N LEU TA 146 -35.32 -58.18 -69.38
CA LEU TA 146 -35.70 -58.65 -68.07
C LEU TA 146 -35.02 -57.85 -66.97
N ALA TA 147 -33.82 -57.33 -67.24
CA ALA TA 147 -33.08 -56.60 -66.23
C ALA TA 147 -33.63 -55.21 -65.96
N GLU TA 148 -34.40 -54.65 -66.89
CA GLU TA 148 -35.07 -53.38 -66.61
C GLU TA 148 -36.40 -53.59 -65.88
N LYS TA 149 -37.03 -54.74 -66.09
CA LYS TA 149 -38.24 -55.07 -65.34
C LYS TA 149 -37.93 -55.32 -63.87
N LEU TA 150 -36.74 -55.80 -63.56
CA LEU TA 150 -36.36 -56.12 -62.20
C LEU TA 150 -35.42 -55.10 -61.57
N ARG TA 151 -34.99 -54.09 -62.34
CA ARG TA 151 -33.94 -53.14 -61.95
C ARG TA 151 -32.67 -53.87 -61.49
N ALA TA 152 -32.27 -54.86 -62.27
CA ALA TA 152 -31.16 -55.74 -61.94
C ALA TA 152 -29.99 -55.48 -62.88
N ILE TA 153 -28.87 -56.11 -62.56
CA ILE TA 153 -27.66 -56.02 -63.37
C ILE TA 153 -27.43 -57.40 -63.97
N ALA TA 154 -27.80 -57.55 -65.24
CA ALA TA 154 -27.72 -58.84 -65.90
C ALA TA 154 -26.29 -59.14 -66.28
N ILE TA 155 -25.65 -60.06 -65.56
CA ILE TA 155 -24.25 -60.38 -65.78
C ILE TA 155 -24.14 -61.33 -66.96
N LEU TA 156 -23.59 -60.82 -68.07
CA LEU TA 156 -23.38 -61.63 -69.25
C LEU TA 156 -22.01 -62.32 -69.18
N ASP TA 157 -21.73 -63.13 -70.19
CA ASP TA 157 -20.39 -63.64 -70.42
C ASP TA 157 -20.26 -63.89 -71.92
N GLY TA 158 -19.21 -63.36 -72.51
CA GLY TA 158 -19.00 -63.51 -73.93
C GLY TA 158 -18.50 -64.88 -74.29
N PRO TA 159 -18.27 -65.08 -75.59
CA PRO TA 159 -17.68 -66.35 -76.02
C PRO TA 159 -16.23 -66.46 -75.60
N ASN TA 160 -15.76 -67.71 -75.54
CA ASN TA 160 -14.38 -68.00 -75.16
C ASN TA 160 -13.43 -68.02 -76.34
N SER TA 161 -13.78 -67.32 -77.42
CA SER TA 161 -12.92 -67.16 -78.58
C SER TA 161 -11.99 -65.96 -78.31
N THR TA 162 -11.31 -65.48 -79.36
CA THR TA 162 -10.36 -64.40 -79.22
C THR TA 162 -11.05 -63.07 -78.89
N ASP TA 163 -10.23 -62.05 -78.63
CA ASP TA 163 -10.74 -60.77 -78.17
C ASP TA 163 -11.46 -59.99 -79.25
N GLU TA 164 -11.20 -60.29 -80.52
CA GLU TA 164 -11.99 -59.67 -81.59
C GLU TA 164 -13.43 -60.15 -81.56
N ALA TA 165 -13.64 -61.41 -81.16
CA ALA TA 165 -14.99 -61.95 -80.99
C ALA TA 165 -15.64 -61.50 -79.70
N ALA TA 166 -14.91 -60.86 -78.81
CA ALA TA 166 -15.49 -60.30 -77.59
C ALA TA 166 -15.90 -58.85 -77.76
N VAL TA 167 -15.13 -58.07 -78.52
CA VAL TA 167 -15.52 -56.70 -78.81
C VAL TA 167 -16.70 -56.68 -79.77
N ALA TA 168 -16.70 -57.59 -80.75
CA ALA TA 168 -17.82 -57.67 -81.69
C ALA TA 168 -19.08 -58.23 -81.04
N TYR TA 169 -18.96 -58.92 -79.92
CA TYR TA 169 -20.14 -59.34 -79.17
C TYR TA 169 -20.63 -58.27 -78.21
N ALA TA 170 -19.72 -57.50 -77.63
CA ALA TA 170 -20.09 -56.44 -76.71
C ALA TA 170 -20.57 -55.18 -77.41
N LYS TA 171 -20.45 -55.11 -78.73
CA LYS TA 171 -20.93 -53.97 -79.50
C LYS TA 171 -22.40 -54.11 -79.87
N ASN TA 172 -23.06 -55.17 -79.42
CA ASN TA 172 -24.45 -55.42 -79.79
C ASN TA 172 -25.45 -54.87 -78.79
N PHE TA 173 -25.03 -54.53 -77.58
CA PHE TA 173 -25.96 -54.34 -76.48
C PHE TA 173 -26.24 -52.87 -76.15
N GLY TA 174 -25.24 -52.15 -75.66
CA GLY TA 174 -25.41 -50.73 -75.38
C GLY TA 174 -26.41 -50.39 -74.29
N SER TA 175 -26.58 -51.25 -73.30
CA SER TA 175 -27.54 -51.04 -72.23
C SER TA 175 -26.85 -50.99 -70.88
N LYS TA 176 -27.30 -50.08 -70.01
CA LYS TA 176 -26.58 -49.77 -68.78
C LYS TA 176 -26.74 -50.83 -67.70
N ARG TA 177 -27.56 -51.86 -67.93
CA ARG TA 177 -27.77 -52.91 -66.95
C ARG TA 177 -27.19 -54.24 -67.42
N LEU TA 178 -26.09 -54.19 -68.16
CA LEU TA 178 -25.46 -55.39 -68.69
C LEU TA 178 -23.98 -55.36 -68.32
N PHE TA 179 -23.51 -56.45 -67.74
CA PHE TA 179 -22.14 -56.55 -67.27
C PHE TA 179 -21.52 -57.78 -67.90
N MET TA 180 -20.44 -57.61 -68.64
CA MET TA 180 -19.85 -58.68 -69.43
C MET TA 180 -18.48 -59.04 -68.91
N VAL TA 181 -18.25 -60.32 -68.66
CA VAL TA 181 -16.97 -60.84 -68.22
C VAL TA 181 -16.50 -61.83 -69.29
N ASP TA 182 -15.50 -61.44 -70.07
CA ASP TA 182 -15.19 -62.23 -71.27
C ASP TA 182 -14.44 -63.54 -71.05
N PRO TA 183 -13.24 -63.59 -70.44
CA PRO TA 183 -12.45 -64.82 -70.52
C PRO TA 183 -13.00 -65.91 -69.61
N GLY TA 184 -13.09 -67.12 -70.15
CA GLY TA 184 -13.74 -68.21 -69.44
C GLY TA 184 -12.87 -68.74 -68.30
N VAL TA 185 -13.50 -68.96 -67.17
CA VAL TA 185 -12.82 -69.50 -66.00
C VAL TA 185 -12.53 -70.98 -66.23
N GLN TA 186 -11.29 -71.38 -65.98
CA GLN TA 186 -10.90 -72.78 -66.03
C GLN TA 186 -10.97 -73.32 -64.60
N VAL TA 187 -12.00 -74.12 -64.32
CA VAL TA 187 -12.29 -74.55 -62.96
C VAL TA 187 -12.22 -76.07 -62.89
N TRP TA 188 -12.03 -76.58 -61.67
CA TRP TA 188 -11.88 -78.01 -61.45
C TRP TA 188 -13.25 -78.69 -61.44
N ASP TA 189 -13.37 -79.76 -62.22
CA ASP TA 189 -14.61 -80.52 -62.32
C ASP TA 189 -14.49 -81.77 -61.47
N SER TA 190 -15.36 -81.90 -60.48
CA SER TA 190 -15.33 -83.02 -59.55
C SER TA 190 -16.08 -84.24 -60.08
N ALA TA 191 -16.61 -84.18 -61.29
CA ALA TA 191 -17.30 -85.31 -61.91
C ALA TA 191 -16.43 -86.04 -62.93
N THR TA 192 -15.56 -85.32 -63.63
CA THR TA 192 -14.65 -85.93 -64.59
C THR TA 192 -13.20 -85.89 -64.13
N ASN TA 193 -12.94 -85.28 -62.96
CA ASN TA 193 -11.60 -85.17 -62.35
C ASN TA 193 -10.59 -84.48 -63.26
N ALA TA 194 -11.01 -83.35 -63.82
CA ALA TA 194 -10.15 -82.56 -64.70
C ALA TA 194 -10.60 -81.11 -64.64
N ALA TA 195 -9.83 -80.24 -65.28
CA ALA TA 195 -10.09 -78.81 -65.27
C ALA TA 195 -10.96 -78.46 -66.46
N ARG TA 196 -12.23 -78.18 -66.21
CA ARG TA 196 -13.18 -77.79 -67.24
C ARG TA 196 -13.23 -76.28 -67.38
N ASN TA 197 -13.85 -75.81 -68.45
CA ASN TA 197 -14.03 -74.39 -68.71
C ASN TA 197 -15.39 -73.96 -68.18
N ALA TA 198 -15.38 -73.16 -67.16
CA ALA TA 198 -16.60 -72.60 -66.62
C ALA TA 198 -17.00 -71.36 -67.43
N PRO TA 199 -18.29 -71.02 -67.45
CA PRO TA 199 -18.72 -69.83 -68.21
C PRO TA 199 -18.29 -68.50 -67.62
N ALA TA 200 -17.77 -68.47 -66.39
CA ALA TA 200 -17.24 -67.28 -65.70
C ALA TA 200 -18.26 -66.18 -65.50
N SER TA 201 -19.54 -66.52 -65.50
CA SER TA 201 -20.61 -65.57 -65.22
C SER TA 201 -21.19 -65.74 -63.84
N ALA TA 202 -21.28 -66.98 -63.35
CA ALA TA 202 -21.70 -67.21 -61.97
C ALA TA 202 -20.60 -66.86 -60.98
N TYR TA 203 -19.35 -66.87 -61.41
CA TYR TA 203 -18.24 -66.51 -60.52
C TYR TA 203 -18.17 -65.01 -60.28
N ALA TA 204 -18.57 -64.21 -61.26
CA ALA TA 204 -18.72 -62.78 -61.02
C ALA TA 204 -19.95 -62.47 -60.18
N ALA TA 205 -20.96 -63.35 -60.22
CA ALA TA 205 -22.13 -63.16 -59.39
C ALA TA 205 -21.83 -63.42 -57.93
N GLY TA 206 -20.87 -64.30 -57.64
CA GLY TA 206 -20.44 -64.47 -56.27
C GLY TA 206 -19.67 -63.27 -55.75
N LEU TA 207 -19.05 -62.51 -56.64
CA LEU TA 207 -18.33 -61.32 -56.23
C LEU TA 207 -19.27 -60.16 -55.93
N PHE TA 208 -20.34 -60.02 -56.72
CA PHE TA 208 -21.34 -59.00 -56.42
C PHE TA 208 -22.08 -59.31 -55.13
N ALA TA 209 -22.29 -60.58 -54.83
CA ALA TA 209 -22.94 -60.95 -53.59
C ALA TA 209 -22.01 -60.88 -52.39
N TRP TA 210 -20.71 -60.83 -52.62
CA TRP TA 210 -19.75 -60.81 -51.51
C TRP TA 210 -19.41 -59.40 -51.09
N THR TA 211 -19.27 -58.47 -52.04
CA THR TA 211 -18.94 -57.10 -51.70
C THR TA 211 -20.09 -56.37 -51.01
N ASP TA 212 -21.33 -56.80 -51.22
CA ASP TA 212 -22.44 -56.21 -50.49
C ASP TA 212 -22.44 -56.62 -49.03
N ALA TA 213 -21.95 -57.83 -48.73
CA ALA TA 213 -21.84 -58.28 -47.37
C ALA TA 213 -20.54 -57.87 -46.70
N GLU TA 214 -19.53 -57.50 -47.48
CA GLU TA 214 -18.23 -57.14 -46.96
C GLU TA 214 -17.97 -55.64 -47.00
N TYR TA 215 -18.12 -55.02 -48.17
CA TYR TA 215 -17.84 -53.61 -48.35
C TYR TA 215 -19.07 -52.75 -48.57
N GLY TA 216 -20.20 -53.34 -48.93
CA GLY TA 216 -21.41 -52.60 -49.22
C GLY TA 216 -21.75 -52.63 -50.70
N PHE TA 217 -23.00 -52.25 -50.99
CA PHE TA 217 -23.49 -52.30 -52.36
C PHE TA 217 -22.97 -51.16 -53.22
N TRP TA 218 -22.26 -50.19 -52.65
CA TRP TA 218 -21.65 -49.10 -53.39
C TRP TA 218 -20.22 -49.40 -53.78
N SER TA 219 -19.76 -50.63 -53.63
CA SER TA 219 -18.39 -51.00 -53.93
C SER TA 219 -18.36 -51.93 -55.13
N SER TA 220 -17.57 -51.58 -56.13
CA SER TA 220 -17.44 -52.43 -57.29
C SER TA 220 -16.59 -53.65 -56.94
N PRO TA 221 -16.87 -54.81 -57.55
CA PRO TA 221 -16.08 -56.01 -57.26
C PRO TA 221 -14.83 -56.10 -58.12
N SER TA 222 -14.43 -55.00 -58.74
CA SER TA 222 -13.44 -55.00 -59.80
C SER TA 222 -12.00 -55.05 -59.30
N ASN TA 223 -11.77 -55.37 -58.05
CA ASN TA 223 -10.44 -55.75 -57.60
C ASN TA 223 -10.49 -56.94 -56.64
N LYS TA 224 -11.67 -57.49 -56.39
CA LYS TA 224 -11.79 -58.56 -55.43
C LYS TA 224 -11.45 -59.89 -56.11
N GLU TA 225 -11.28 -60.93 -55.30
CA GLU TA 225 -10.72 -62.17 -55.76
C GLU TA 225 -11.80 -63.24 -55.91
N ILE TA 226 -11.64 -64.08 -56.92
CA ILE TA 226 -12.52 -65.21 -57.13
C ILE TA 226 -11.85 -66.45 -56.57
N LYS TA 227 -12.64 -67.30 -55.91
CA LYS TA 227 -12.08 -68.35 -55.05
C LYS TA 227 -11.83 -69.66 -55.80
N GLY TA 228 -12.88 -70.24 -56.38
CA GLY TA 228 -12.77 -71.57 -56.97
C GLY TA 228 -11.96 -71.63 -58.24
N VAL TA 229 -11.63 -70.48 -58.82
CA VAL TA 229 -10.95 -70.43 -60.12
C VAL TA 229 -9.53 -70.94 -59.99
N THR TA 230 -9.16 -71.91 -60.81
CA THR TA 230 -7.81 -72.44 -60.87
C THR TA 230 -7.19 -72.22 -62.25
N GLY TA 231 -7.52 -71.11 -62.88
CA GLY TA 231 -6.97 -70.78 -64.18
C GLY TA 231 -8.00 -70.12 -65.06
N THR TA 232 -7.51 -69.51 -66.12
CA THR TA 232 -8.35 -68.77 -67.06
C THR TA 232 -8.01 -69.21 -68.47
N SER TA 233 -9.02 -69.68 -69.20
CA SER TA 233 -8.82 -70.00 -70.61
C SER TA 233 -8.57 -68.72 -71.39
N ARG TA 234 -7.57 -68.79 -72.30
CA ARG TA 234 -7.00 -67.65 -73.03
C ARG TA 234 -6.55 -66.57 -72.03
N PRO TA 235 -5.40 -66.75 -71.39
CA PRO TA 235 -4.98 -65.83 -70.32
C PRO TA 235 -4.68 -64.43 -70.85
N VAL TA 236 -5.25 -63.43 -70.20
CA VAL TA 236 -5.10 -62.05 -70.62
C VAL TA 236 -3.85 -61.46 -69.96
N GLU TA 237 -3.38 -60.37 -70.54
CA GLU TA 237 -2.11 -59.76 -70.16
C GLU TA 237 -2.37 -58.51 -69.32
N PHE TA 238 -1.74 -58.44 -68.16
CA PHE TA 238 -1.73 -57.23 -67.34
C PHE TA 238 -0.39 -57.23 -66.59
N LEU TA 239 0.61 -56.57 -67.18
CA LEU TA 239 1.98 -56.73 -66.69
C LEU TA 239 2.33 -55.78 -65.54
N ASP TA 240 2.51 -54.49 -65.83
CA ASP TA 240 2.94 -53.59 -64.77
C ASP TA 240 2.04 -52.37 -64.58
N GLY TA 241 2.04 -51.48 -65.57
CA GLY TA 241 1.27 -50.26 -65.56
C GLY TA 241 0.91 -49.84 -66.97
N ASP TA 242 1.16 -50.74 -67.91
CA ASP TA 242 1.06 -50.41 -69.32
C ASP TA 242 -0.40 -50.26 -69.74
N GLU TA 243 -0.72 -49.11 -70.32
CA GLU TA 243 -2.09 -48.81 -70.73
C GLU TA 243 -2.47 -49.50 -72.03
N THR TA 244 -1.55 -50.21 -72.68
CA THR TA 244 -1.85 -50.98 -73.88
C THR TA 244 -1.72 -52.47 -73.64
N CYS TA 245 -2.08 -52.92 -72.44
CA CYS TA 245 -2.13 -54.35 -72.17
C CYS TA 245 -3.35 -54.96 -72.84
N ARG TA 246 -3.35 -56.29 -72.95
CA ARG TA 246 -4.46 -56.97 -73.62
C ARG TA 246 -5.73 -56.92 -72.78
N ALA TA 247 -5.59 -56.92 -71.46
CA ALA TA 247 -6.77 -56.84 -70.60
C ALA TA 247 -7.28 -55.43 -70.45
N ASN TA 248 -6.42 -54.43 -70.60
CA ASN TA 248 -6.87 -53.04 -70.52
C ASN TA 248 -7.63 -52.62 -71.77
N LEU TA 249 -7.29 -53.20 -72.92
CA LEU TA 249 -8.02 -52.91 -74.14
C LEU TA 249 -9.41 -53.51 -74.14
N LEU TA 250 -9.68 -54.48 -73.26
CA LEU TA 250 -11.03 -55.00 -73.08
C LEU TA 250 -11.83 -54.18 -72.09
N ASN TA 251 -11.18 -53.60 -71.08
CA ASN TA 251 -11.89 -52.67 -70.21
C ASN TA 251 -12.21 -51.37 -70.92
N ASN TA 252 -11.42 -51.01 -71.94
CA ASN TA 252 -11.75 -49.86 -72.77
C ASN TA 252 -12.95 -50.12 -73.65
N ALA TA 253 -13.26 -51.40 -73.93
CA ALA TA 253 -14.44 -51.77 -74.69
C ALA TA 253 -15.60 -52.19 -73.78
N ASN TA 254 -15.59 -51.72 -72.53
CA ASN TA 254 -16.65 -51.97 -71.53
C ASN TA 254 -16.85 -53.45 -71.25
N ILE TA 255 -15.75 -54.20 -71.20
CA ILE TA 255 -15.78 -55.62 -70.87
C ILE TA 255 -14.88 -55.85 -69.66
N ALA TA 256 -15.43 -56.49 -68.64
CA ALA TA 256 -14.62 -56.87 -67.49
C ALA TA 256 -13.80 -58.11 -67.83
N THR TA 257 -12.67 -58.26 -67.16
CA THR TA 257 -11.76 -59.38 -67.39
C THR TA 257 -11.39 -60.04 -66.06
N ILE TA 258 -10.64 -61.13 -66.17
CA ILE TA 258 -10.07 -61.84 -65.04
C ILE TA 258 -8.57 -61.96 -65.32
N ILE TA 259 -7.76 -61.20 -64.58
CA ILE TA 259 -6.45 -60.83 -65.09
C ILE TA 259 -5.31 -61.79 -64.74
N ARG TA 260 -5.05 -61.99 -63.46
CA ARG TA 260 -3.71 -62.34 -63.00
C ARG TA 260 -3.40 -63.81 -63.22
N ASP TA 261 -2.28 -64.25 -62.64
CA ASP TA 261 -1.69 -65.57 -62.86
C ASP TA 261 -2.63 -66.66 -62.37
N ASP TA 262 -3.17 -67.44 -63.31
CA ASP TA 262 -4.23 -68.42 -63.09
C ASP TA 262 -5.45 -67.79 -62.43
N GLY TA 263 -5.77 -66.56 -62.85
CA GLY TA 263 -7.07 -65.94 -62.66
C GLY TA 263 -7.59 -65.76 -61.26
N TYR TA 264 -7.05 -64.81 -60.50
CA TYR TA 264 -7.56 -64.59 -59.15
C TYR TA 264 -8.00 -63.15 -58.90
N ARG TA 265 -8.20 -62.34 -59.93
CA ARG TA 265 -8.70 -60.98 -59.74
C ARG TA 265 -9.69 -60.64 -60.83
N LEU TA 266 -10.89 -60.20 -60.46
CA LEU TA 266 -11.77 -59.56 -61.43
C LEU TA 266 -11.23 -58.19 -61.76
N TRP TA 267 -11.44 -57.76 -62.99
CA TRP TA 267 -10.83 -56.52 -63.48
C TRP TA 267 -11.82 -55.81 -64.40
N GLY TA 268 -12.43 -54.75 -63.91
CA GLY TA 268 -13.33 -53.95 -64.72
C GLY TA 268 -14.61 -53.59 -64.00
N ASN TA 269 -14.91 -52.30 -63.93
CA ASN TA 269 -16.11 -51.82 -63.26
C ASN TA 269 -17.01 -51.04 -64.20
N ARG TA 270 -16.88 -51.26 -65.50
CA ARG TA 270 -17.70 -50.59 -66.49
C ARG TA 270 -18.80 -51.53 -66.97
N THR TA 271 -20.01 -51.02 -67.04
CA THR TA 271 -21.10 -51.77 -67.65
C THR TA 271 -21.16 -51.43 -69.13
N LEU TA 272 -22.05 -52.09 -69.85
CA LEU TA 272 -22.13 -51.95 -71.30
C LEU TA 272 -23.05 -50.79 -71.68
N SER TA 273 -22.78 -49.62 -71.15
CA SER TA 273 -23.64 -48.45 -71.36
C SER TA 273 -23.10 -47.59 -72.49
N SER TA 274 -24.02 -46.93 -73.19
CA SER TA 274 -23.61 -45.96 -74.20
C SER TA 274 -23.36 -44.58 -73.58
N ASP TA 275 -24.16 -44.20 -72.59
CA ASP TA 275 -23.91 -42.97 -71.86
C ASP TA 275 -22.70 -43.14 -70.96
N SER TA 276 -21.89 -42.10 -70.87
CA SER TA 276 -20.78 -42.10 -69.92
C SER TA 276 -21.24 -41.76 -68.51
N LYS TA 277 -22.49 -41.36 -68.33
CA LYS TA 277 -23.03 -41.13 -66.99
C LYS TA 277 -23.19 -42.43 -66.24
N TRP TA 278 -23.86 -43.40 -66.86
CA TRP TA 278 -24.10 -44.71 -66.26
C TRP TA 278 -23.01 -45.71 -66.61
N ALA TA 279 -21.76 -45.27 -66.69
CA ALA TA 279 -20.70 -46.18 -67.10
C ALA TA 279 -20.33 -47.14 -65.98
N PHE TA 280 -20.24 -46.65 -64.75
CA PHE TA 280 -19.82 -47.48 -63.64
C PHE TA 280 -20.96 -48.37 -63.16
N VAL TA 281 -20.62 -49.61 -62.81
CA VAL TA 281 -21.61 -50.54 -62.27
C VAL TA 281 -22.06 -50.09 -60.89
N THR TA 282 -21.16 -49.42 -60.15
CA THR TA 282 -21.48 -48.92 -58.82
C THR TA 282 -22.58 -47.86 -58.87
N ARG TA 283 -22.53 -46.95 -59.84
CA ARG TA 283 -23.55 -45.90 -59.94
C ARG TA 283 -24.90 -46.46 -60.36
N VAL TA 284 -24.92 -47.48 -61.23
CA VAL TA 284 -26.18 -48.09 -61.62
C VAL TA 284 -26.74 -48.93 -60.48
N ARG TA 285 -25.86 -49.55 -59.68
CA ARG TA 285 -26.32 -50.42 -58.61
C ARG TA 285 -26.89 -49.62 -57.44
N THR TA 286 -26.26 -48.49 -57.09
CA THR TA 286 -26.79 -47.69 -56.01
C THR TA 286 -28.04 -46.92 -56.42
N MET TA 287 -28.14 -46.54 -57.69
CA MET TA 287 -29.31 -45.81 -58.15
C MET TA 287 -30.53 -46.72 -58.17
N ASP TA 288 -30.37 -47.97 -58.57
CA ASP TA 288 -31.48 -48.92 -58.55
C ASP TA 288 -31.80 -49.40 -57.14
N LEU TA 289 -30.95 -49.15 -56.16
CA LEU TA 289 -31.21 -49.52 -54.78
C LEU TA 289 -31.86 -48.38 -54.00
N VAL TA 290 -31.46 -47.13 -54.26
CA VAL TA 290 -32.11 -45.99 -53.61
C VAL TA 290 -33.39 -45.57 -54.30
N MET TA 291 -33.74 -46.18 -55.42
CA MET TA 291 -35.02 -45.93 -56.06
C MET TA 291 -36.04 -47.01 -55.78
N ASP TA 292 -35.61 -48.20 -55.36
CA ASP TA 292 -36.54 -49.22 -54.90
C ASP TA 292 -36.75 -49.17 -53.39
N ALA TA 293 -35.89 -48.46 -52.66
CA ALA TA 293 -36.13 -48.23 -51.24
C ALA TA 293 -37.10 -47.08 -51.03
N ILE TA 294 -37.05 -46.06 -51.88
CA ILE TA 294 -38.00 -44.96 -51.81
C ILE TA 294 -39.38 -45.43 -52.27
N LEU TA 295 -39.43 -46.29 -53.29
CA LEU TA 295 -40.71 -46.75 -53.82
C LEU TA 295 -41.42 -47.69 -52.85
N ALA TA 296 -40.69 -48.62 -52.26
CA ALA TA 296 -41.31 -49.56 -51.33
C ALA TA 296 -41.42 -49.00 -49.93
N GLY TA 297 -40.70 -47.93 -49.61
CA GLY TA 297 -40.73 -47.35 -48.29
C GLY TA 297 -41.67 -46.19 -48.13
N HIS TA 298 -42.38 -45.80 -49.18
CA HIS TA 298 -43.33 -44.68 -49.13
C HIS TA 298 -44.72 -45.12 -49.54
N LYS TA 299 -45.07 -46.37 -49.32
CA LYS TA 299 -46.42 -46.84 -49.61
C LYS TA 299 -47.39 -46.55 -48.48
N TRP TA 300 -46.95 -45.90 -47.41
CA TRP TA 300 -47.85 -45.40 -46.39
C TRP TA 300 -48.39 -44.02 -46.72
N ALA TA 301 -47.78 -43.31 -47.66
CA ALA TA 301 -48.09 -41.92 -47.94
C ALA TA 301 -48.93 -41.74 -49.20
N VAL TA 302 -49.74 -42.74 -49.55
CA VAL TA 302 -50.44 -42.68 -50.82
C VAL TA 302 -51.84 -42.08 -50.70
N ASP TA 303 -52.38 -41.97 -49.48
CA ASP TA 303 -53.62 -41.21 -49.31
C ASP TA 303 -53.62 -40.45 -47.99
N ARG TA 304 -52.50 -39.82 -47.65
CA ARG TA 304 -52.37 -39.20 -46.33
C ARG TA 304 -52.88 -37.76 -46.29
N GLY TA 305 -53.11 -37.12 -47.43
CA GLY TA 305 -53.58 -35.76 -47.41
C GLY TA 305 -52.45 -34.77 -47.31
N ILE TA 306 -52.37 -33.84 -48.25
CA ILE TA 306 -51.25 -32.91 -48.32
C ILE TA 306 -51.48 -31.83 -47.27
N THR TA 307 -50.89 -32.01 -46.11
CA THR TA 307 -50.84 -30.98 -45.08
C THR TA 307 -49.42 -30.43 -45.01
N LYS TA 308 -49.22 -29.48 -44.11
CA LYS TA 308 -47.87 -28.97 -43.91
C LYS TA 308 -47.02 -29.95 -43.12
N THR TA 309 -47.62 -30.70 -42.19
CA THR TA 309 -46.91 -31.71 -41.44
C THR TA 309 -46.78 -33.02 -42.18
N TYR TA 310 -47.21 -33.08 -43.44
CA TYR TA 310 -47.00 -34.24 -44.29
C TYR TA 310 -45.85 -34.03 -45.25
N VAL TA 311 -45.79 -32.86 -45.89
CA VAL TA 311 -44.67 -32.53 -46.78
C VAL TA 311 -43.40 -32.36 -45.97
N LYS TA 312 -43.51 -31.81 -44.77
CA LYS TA 312 -42.33 -31.61 -43.92
C LYS TA 312 -41.85 -32.92 -43.31
N ASP TA 313 -42.75 -33.88 -43.09
CA ASP TA 313 -42.39 -35.14 -42.46
C ASP TA 313 -42.29 -36.28 -43.46
N VAL TA 314 -42.34 -36.00 -44.75
CA VAL TA 314 -41.80 -36.92 -45.74
C VAL TA 314 -40.36 -36.56 -46.05
N THR TA 315 -40.09 -35.25 -46.17
CA THR TA 315 -38.74 -34.76 -46.41
C THR TA 315 -37.81 -35.09 -45.26
N GLU TA 316 -38.26 -34.91 -44.02
CA GLU TA 316 -37.45 -35.26 -42.86
C GLU TA 316 -37.27 -36.76 -42.71
N GLY TA 317 -38.15 -37.57 -43.28
CA GLY TA 317 -37.91 -38.99 -43.39
C GLY TA 317 -37.13 -39.39 -44.61
N LEU TA 318 -36.95 -38.44 -45.54
CA LEU TA 318 -36.13 -38.64 -46.73
C LEU TA 318 -34.75 -38.06 -46.59
N ARG TA 319 -34.61 -36.95 -45.84
CA ARG TA 319 -33.30 -36.43 -45.51
C ARG TA 319 -32.58 -37.36 -44.55
N ALA TA 320 -33.32 -37.99 -43.64
CA ALA TA 320 -32.69 -38.90 -42.68
C ALA TA 320 -32.31 -40.21 -43.33
N PHE TA 321 -32.97 -40.61 -44.41
CA PHE TA 321 -32.57 -41.82 -45.12
C PHE TA 321 -31.28 -41.59 -45.89
N MET TA 322 -31.14 -40.44 -46.53
CA MET TA 322 -29.92 -40.12 -47.24
C MET TA 322 -28.79 -39.76 -46.29
N ARG TA 323 -29.12 -39.25 -45.10
CA ARG TA 323 -28.07 -38.97 -44.11
C ARG TA 323 -27.51 -40.26 -43.55
N ASP TA 324 -28.34 -41.31 -43.44
CA ASP TA 324 -27.86 -42.61 -43.02
C ASP TA 324 -27.10 -43.34 -44.11
N LEU TA 325 -27.16 -42.86 -45.35
CA LEU TA 325 -26.33 -43.38 -46.43
C LEU TA 325 -25.02 -42.64 -46.56
N LYS TA 326 -24.95 -41.40 -46.08
CA LYS TA 326 -23.75 -40.59 -46.23
C LYS TA 326 -22.67 -41.01 -45.25
N ASN TA 327 -23.03 -41.21 -43.98
CA ASN TA 327 -22.05 -41.66 -43.00
C ASN TA 327 -21.84 -43.16 -43.03
N GLN TA 328 -22.71 -43.90 -43.73
CA GLN TA 328 -22.43 -45.31 -43.98
C GLN TA 328 -21.35 -45.47 -45.05
N GLY TA 329 -21.26 -44.51 -45.97
CA GLY TA 329 -20.28 -44.55 -47.03
C GLY TA 329 -20.84 -44.72 -48.42
N ALA TA 330 -22.15 -44.64 -48.59
CA ALA TA 330 -22.76 -44.91 -49.89
C ALA TA 330 -22.78 -43.68 -50.78
N VAL TA 331 -23.16 -42.52 -50.23
CA VAL TA 331 -23.16 -41.27 -50.98
C VAL TA 331 -22.14 -40.35 -50.34
N ILE TA 332 -21.79 -39.30 -51.07
CA ILE TA 332 -20.83 -38.32 -50.58
C ILE TA 332 -21.54 -37.14 -49.93
N ASN TA 333 -22.49 -36.54 -50.63
CA ASN TA 333 -23.38 -35.57 -50.04
C ASN TA 333 -24.70 -35.64 -50.80
N PHE TA 334 -25.68 -34.91 -50.31
CA PHE TA 334 -27.01 -34.99 -50.87
C PHE TA 334 -27.74 -33.66 -50.68
N GLU TA 335 -28.92 -33.56 -51.30
CA GLU TA 335 -29.77 -32.39 -51.15
C GLU TA 335 -31.20 -32.84 -51.43
N VAL TA 336 -31.98 -33.03 -50.38
CA VAL TA 336 -33.37 -33.47 -50.48
C VAL TA 336 -34.26 -32.30 -50.13
N TYR TA 337 -35.16 -31.94 -51.05
CA TYR TA 337 -36.05 -30.81 -50.84
C TYR TA 337 -37.31 -31.02 -51.66
N ALA TA 338 -38.42 -30.47 -51.16
CA ALA TA 338 -39.63 -30.45 -51.94
C ALA TA 338 -39.47 -29.50 -53.12
N ASP TA 339 -40.00 -29.89 -54.26
CA ASP TA 339 -39.80 -29.14 -55.49
C ASP TA 339 -40.56 -27.81 -55.43
N PRO TA 340 -39.90 -26.67 -55.58
CA PRO TA 340 -40.61 -25.39 -55.45
C PRO TA 340 -41.48 -25.06 -56.65
N ASP TA 341 -41.00 -25.40 -57.84
CA ASP TA 341 -41.72 -25.09 -59.07
C ASP TA 341 -42.71 -26.17 -59.47
N LEU TA 342 -42.34 -27.44 -59.30
CA LEU TA 342 -43.21 -28.52 -59.72
C LEU TA 342 -44.38 -28.75 -58.78
N ASN TA 343 -44.29 -28.31 -57.53
CA ASN TA 343 -45.42 -28.37 -56.61
C ASN TA 343 -46.26 -27.10 -56.77
N SER TA 344 -46.93 -27.02 -57.91
CA SER TA 344 -47.82 -25.92 -58.18
C SER TA 344 -49.16 -26.17 -57.47
N ALA TA 345 -49.97 -25.12 -57.40
CA ALA TA 345 -51.29 -25.25 -56.80
C ALA TA 345 -52.23 -26.09 -57.67
N SER TA 346 -51.95 -26.18 -58.97
CA SER TA 346 -52.74 -27.04 -59.84
C SER TA 346 -52.31 -28.49 -59.73
N GLN TA 347 -51.03 -28.75 -59.48
CA GLN TA 347 -50.56 -30.12 -59.33
C GLN TA 347 -50.89 -30.67 -57.95
N LEU TA 348 -50.85 -29.83 -56.93
CA LEU TA 348 -51.20 -30.26 -55.59
C LEU TA 348 -52.67 -30.57 -55.46
N ALA TA 349 -53.52 -29.87 -56.22
CA ALA TA 349 -54.96 -30.11 -56.18
C ALA TA 349 -55.38 -31.35 -56.96
N GLN TA 350 -54.46 -32.03 -57.61
CA GLN TA 350 -54.73 -33.32 -58.23
C GLN TA 350 -54.18 -34.48 -57.42
N GLY TA 351 -53.52 -34.20 -56.31
CA GLY TA 351 -52.88 -35.22 -55.52
C GLY TA 351 -51.39 -35.38 -55.77
N LYS TA 352 -50.88 -34.82 -56.86
CA LYS TA 352 -49.46 -34.94 -57.18
C LYS TA 352 -48.66 -34.00 -56.30
N VAL TA 353 -47.61 -34.52 -55.68
CA VAL TA 353 -46.70 -33.71 -54.87
C VAL TA 353 -45.29 -34.24 -55.07
N TYR TA 354 -44.36 -33.34 -55.39
CA TYR TA 354 -43.06 -33.70 -55.95
C TYR TA 354 -41.95 -33.45 -54.93
N TRP TA 355 -40.99 -34.37 -54.89
CA TRP TA 355 -39.79 -34.23 -54.08
C TRP TA 355 -38.57 -34.47 -54.95
N ASN TA 356 -37.50 -33.73 -54.68
CA ASN TA 356 -36.24 -33.88 -55.39
C ASN TA 356 -35.20 -34.49 -54.45
N ILE TA 357 -34.52 -35.53 -54.90
CA ILE TA 357 -33.45 -36.16 -54.15
C ILE TA 357 -32.21 -36.12 -55.04
N ARG TA 358 -31.35 -35.14 -54.84
CA ARG TA 358 -30.09 -35.03 -55.54
C ARG TA 358 -28.99 -35.58 -54.66
N PHE TA 359 -28.13 -36.43 -55.22
CA PHE TA 359 -27.00 -36.96 -54.47
C PHE TA 359 -25.88 -37.31 -55.43
N THR TA 360 -24.70 -37.56 -54.87
CA THR TA 360 -23.57 -38.07 -55.63
C THR TA 360 -23.16 -39.42 -55.07
N ASP TA 361 -22.96 -40.39 -55.95
CA ASP TA 361 -22.48 -41.69 -55.54
C ASP TA 361 -20.99 -41.62 -55.23
N VAL TA 362 -20.44 -42.74 -54.74
CA VAL TA 362 -19.01 -42.87 -54.51
C VAL TA 362 -18.41 -43.54 -55.75
N PRO TA 363 -17.68 -42.82 -56.58
CA PRO TA 363 -17.14 -43.42 -57.80
C PRO TA 363 -15.96 -44.31 -57.47
N PRO TA 364 -15.85 -45.47 -58.10
CA PRO TA 364 -14.70 -46.35 -57.85
C PRO TA 364 -13.43 -45.76 -58.44
N ALA TA 365 -12.39 -45.68 -57.62
CA ALA TA 365 -11.12 -45.05 -58.01
C ALA TA 365 -10.35 -45.98 -58.94
N GLU TA 366 -10.84 -46.06 -60.18
CA GLU TA 366 -10.28 -47.02 -61.13
C GLU TA 366 -8.94 -46.58 -61.69
N ASN TA 367 -8.50 -45.36 -61.44
CA ASN TA 367 -7.19 -44.89 -61.91
C ASN TA 367 -6.57 -43.92 -60.92
N PRO TA 368 -5.95 -44.43 -59.84
CA PRO TA 368 -5.22 -43.53 -58.93
C PRO TA 368 -3.88 -43.12 -59.52
N ASN TA 369 -3.79 -41.87 -59.95
CA ASN TA 369 -2.58 -41.36 -60.59
C ASN TA 369 -1.65 -40.73 -59.57
N PHE TA 370 -0.35 -40.90 -59.78
CA PHE TA 370 0.67 -40.32 -58.92
C PHE TA 370 1.63 -39.52 -59.77
N ARG TA 371 2.05 -38.37 -59.25
CA ARG TA 371 2.88 -37.42 -60.00
C ARG TA 371 4.12 -37.11 -59.18
N VAL TA 372 5.16 -37.89 -59.37
CA VAL TA 372 6.40 -37.78 -58.62
C VAL TA 372 7.35 -36.86 -59.39
N GLU TA 373 8.07 -36.01 -58.66
CA GLU TA 373 9.08 -35.17 -59.27
C GLU TA 373 10.21 -34.91 -58.31
N VAL TA 374 11.43 -34.93 -58.84
CA VAL TA 374 12.61 -34.57 -58.06
C VAL TA 374 12.89 -33.10 -58.27
N THR TA 375 12.86 -32.33 -57.20
CA THR TA 375 13.07 -30.89 -57.30
C THR TA 375 14.34 -30.47 -56.59
N ASP TA 376 14.58 -29.17 -56.51
CA ASP TA 376 15.68 -28.60 -55.75
C ASP TA 376 15.17 -27.55 -54.79
N GLN TA 377 13.91 -27.66 -54.37
CA GLN TA 377 13.32 -26.62 -53.54
C GLN TA 377 13.84 -26.68 -52.12
N TRP TA 378 13.93 -27.88 -51.55
CA TRP TA 378 14.43 -28.07 -50.20
C TRP TA 378 15.90 -28.43 -50.17
N LEU TA 379 16.67 -27.98 -51.16
CA LEU TA 379 18.08 -28.30 -51.19
C LEU TA 379 18.91 -27.35 -50.33
N THR TA 380 18.42 -26.13 -50.13
CA THR TA 380 19.04 -25.20 -49.19
C THR TA 380 18.68 -25.49 -47.74
N GLU TA 381 17.88 -26.52 -47.48
CA GLU TA 381 17.61 -26.95 -46.12
C GLU TA 381 18.83 -27.59 -45.48
N VAL TA 382 19.82 -28.00 -46.28
CA VAL TA 382 21.09 -28.50 -45.74
C VAL TA 382 21.98 -27.28 -45.58
N LEU TA 383 21.72 -26.53 -44.51
CA LEU TA 383 22.66 -25.51 -44.08
C LEU TA 383 22.70 -25.35 -42.57
N ASP TA 384 21.84 -26.04 -41.82
CA ASP TA 384 21.77 -25.90 -40.37
C ASP TA 384 21.07 -27.11 -39.76
N SER UA 2 -13.00 -46.15 -69.99
CA SER UA 2 -11.81 -46.47 -69.21
C SER UA 2 -10.54 -46.17 -69.98
N PHE UA 3 -9.90 -45.05 -69.66
CA PHE UA 3 -8.62 -44.73 -70.27
C PHE UA 3 -7.53 -45.67 -69.79
N PHE UA 4 -7.46 -45.90 -68.48
CA PHE UA 4 -6.61 -46.93 -67.91
C PHE UA 4 -7.19 -47.38 -66.59
N HIS UA 5 -7.27 -48.70 -66.41
CA HIS UA 5 -7.70 -49.31 -65.16
C HIS UA 5 -6.45 -49.79 -64.43
N GLY UA 6 -6.00 -49.02 -63.46
CA GLY UA 6 -4.78 -49.39 -62.74
C GLY UA 6 -4.11 -48.15 -62.18
N VAL UA 7 -2.84 -48.31 -61.79
CA VAL UA 7 -2.07 -47.25 -61.16
C VAL UA 7 -1.10 -46.69 -62.19
N THR UA 8 -1.23 -45.40 -62.49
CA THR UA 8 -0.21 -44.69 -63.23
C THR UA 8 0.66 -43.92 -62.24
N VAL UA 9 1.97 -44.01 -62.45
CA VAL UA 9 2.93 -43.22 -61.69
C VAL UA 9 3.76 -42.45 -62.70
N THR UA 10 3.56 -41.14 -62.75
CA THR UA 10 4.20 -40.31 -63.75
C THR UA 10 5.34 -39.50 -63.13
N ASN UA 11 6.26 -39.09 -64.00
CA ASN UA 11 7.40 -38.26 -63.65
C ASN UA 11 7.21 -36.96 -64.42
N VAL UA 12 6.81 -35.89 -63.74
CA VAL UA 12 6.26 -34.75 -64.45
C VAL UA 12 7.34 -33.90 -65.11
N ASP UA 13 8.56 -33.91 -64.57
CA ASP UA 13 9.77 -33.37 -65.21
C ASP UA 13 9.65 -31.87 -65.52
N ILE UA 14 9.26 -31.10 -64.52
CA ILE UA 14 8.98 -29.68 -64.71
C ILE UA 14 9.90 -28.79 -63.86
N GLY UA 15 11.00 -29.35 -63.36
CA GLY UA 15 11.89 -28.54 -62.56
C GLY UA 15 12.77 -27.63 -63.40
N ALA UA 16 13.37 -26.66 -62.71
CA ALA UA 16 14.37 -25.80 -63.33
C ALA UA 16 15.73 -26.51 -63.30
N ARG UA 17 16.39 -26.54 -64.45
CA ARG UA 17 17.63 -27.28 -64.58
C ARG UA 17 18.80 -26.43 -64.11
N THR UA 18 20.02 -26.90 -64.33
CA THR UA 18 21.21 -26.19 -63.89
C THR UA 18 22.15 -26.01 -65.08
N ILE UA 19 23.06 -25.05 -64.95
CA ILE UA 19 23.94 -24.65 -66.03
C ILE UA 19 25.38 -24.69 -65.53
N ALA UA 20 26.25 -25.37 -66.27
CA ALA UA 20 27.67 -25.39 -65.99
C ALA UA 20 28.44 -24.65 -67.06
N LEU UA 21 29.66 -24.23 -66.72
CA LEU UA 21 30.52 -23.47 -67.60
C LEU UA 21 31.45 -24.40 -68.38
N PRO UA 22 31.79 -24.06 -69.64
CA PRO UA 22 32.64 -24.95 -70.44
C PRO UA 22 34.15 -24.75 -70.23
N ALA UA 23 34.57 -24.62 -68.98
CA ALA UA 23 35.93 -24.82 -68.48
C ALA UA 23 36.97 -23.77 -68.90
N SER UA 24 36.65 -22.94 -69.89
CA SER UA 24 37.27 -21.63 -70.12
C SER UA 24 38.77 -21.57 -70.36
N SER UA 25 39.46 -22.71 -70.40
CA SER UA 25 40.92 -22.66 -70.37
C SER UA 25 41.60 -23.61 -71.35
N VAL UA 26 40.87 -24.14 -72.32
CA VAL UA 26 41.49 -25.00 -73.31
C VAL UA 26 42.25 -24.13 -74.30
N ILE UA 27 43.50 -24.49 -74.58
CA ILE UA 27 44.41 -23.66 -75.36
C ILE UA 27 44.61 -24.31 -76.72
N GLY UA 28 44.26 -23.59 -77.77
CA GLY UA 28 44.50 -24.07 -79.11
C GLY UA 28 45.88 -23.72 -79.59
N LEU UA 29 46.71 -24.73 -79.84
CA LEU UA 29 48.10 -24.53 -80.21
C LEU UA 29 48.33 -24.99 -81.64
N CYS UA 30 49.24 -24.31 -82.34
CA CYS UA 30 49.61 -24.69 -83.70
C CYS UA 30 51.01 -24.15 -83.97
N ASP UA 31 51.98 -25.05 -84.04
CA ASP UA 31 53.35 -24.68 -84.38
C ASP UA 31 53.95 -25.84 -85.17
N VAL UA 32 55.23 -25.71 -85.51
CA VAL UA 32 55.86 -26.71 -86.35
C VAL UA 32 56.46 -27.80 -85.47
N PHE UA 33 56.64 -28.98 -86.06
CA PHE UA 33 57.33 -30.09 -85.42
C PHE UA 33 57.81 -31.03 -86.52
N THR UA 34 58.84 -31.79 -86.22
CA THR UA 34 59.42 -32.71 -87.18
C THR UA 34 58.88 -34.11 -86.93
N PRO UA 35 58.06 -34.66 -87.82
CA PRO UA 35 57.53 -36.01 -87.58
C PRO UA 35 58.58 -37.07 -87.83
N GLY UA 36 58.55 -38.11 -87.01
CA GLY UA 36 59.50 -39.20 -87.12
C GLY UA 36 59.20 -40.35 -86.21
N ALA UA 37 60.24 -40.95 -85.63
CA ALA UA 37 60.04 -42.09 -84.74
C ALA UA 37 59.69 -41.65 -83.33
N GLN UA 38 60.30 -40.55 -82.85
CA GLN UA 38 60.07 -40.07 -81.52
C GLN UA 38 58.88 -39.13 -81.40
N ALA UA 39 58.41 -38.57 -82.52
CA ALA UA 39 57.24 -37.72 -82.55
C ALA UA 39 56.07 -38.58 -83.02
N SER UA 40 55.19 -38.94 -82.09
CA SER UA 40 54.15 -39.93 -82.33
C SER UA 40 52.82 -39.30 -82.72
N ALA UA 41 52.82 -38.18 -83.41
CA ALA UA 41 51.60 -37.54 -83.87
C ALA UA 41 51.68 -37.30 -85.37
N LYS UA 42 50.56 -37.54 -86.05
CA LYS UA 42 50.47 -37.27 -87.48
C LYS UA 42 50.46 -35.76 -87.71
N PRO UA 43 51.07 -35.28 -88.81
CA PRO UA 43 51.41 -33.85 -88.90
C PRO UA 43 50.26 -32.90 -89.21
N ASN UA 44 49.01 -33.35 -89.15
CA ASN UA 44 47.90 -32.39 -89.20
C ASN UA 44 46.77 -32.68 -88.22
N VAL UA 45 46.75 -33.83 -87.56
CA VAL UA 45 45.63 -34.19 -86.69
C VAL UA 45 45.77 -33.46 -85.36
N PRO UA 46 44.67 -33.13 -84.68
CA PRO UA 46 44.79 -32.51 -83.36
C PRO UA 46 45.09 -33.56 -82.30
N VAL UA 47 45.96 -33.18 -81.37
CA VAL UA 47 46.34 -34.04 -80.25
C VAL UA 47 45.98 -33.33 -78.97
N LEU UA 48 45.24 -34.01 -78.09
CA LEU UA 48 44.89 -33.46 -76.80
C LEU UA 48 46.06 -33.66 -75.84
N LEU UA 49 46.56 -32.56 -75.28
CA LEU UA 49 47.67 -32.61 -74.34
C LEU UA 49 47.19 -32.11 -72.99
N THR UA 50 47.46 -32.88 -71.95
CA THR UA 50 47.10 -32.50 -70.60
C THR UA 50 48.28 -32.35 -69.66
N SER UA 51 49.48 -32.76 -70.08
CA SER UA 51 50.63 -32.68 -69.20
C SER UA 51 51.88 -32.49 -70.05
N LYS UA 52 52.96 -32.07 -69.38
CA LYS UA 52 54.23 -31.83 -70.07
C LYS UA 52 54.88 -33.13 -70.51
N LYS UA 53 54.60 -34.22 -69.80
CA LYS UA 53 55.07 -35.53 -70.24
C LYS UA 53 54.29 -36.02 -71.45
N ASP UA 54 53.07 -35.53 -71.65
CA ASP UA 54 52.25 -35.92 -72.78
C ASP UA 54 52.58 -35.14 -74.04
N ALA UA 55 53.15 -33.94 -73.90
CA ALA UA 55 53.50 -33.15 -75.07
C ALA UA 55 54.82 -33.58 -75.68
N ALA UA 56 55.76 -34.04 -74.86
CA ALA UA 56 57.02 -34.53 -75.38
C ALA UA 56 56.89 -35.89 -76.04
N ALA UA 57 55.93 -36.70 -75.58
CA ALA UA 57 55.72 -38.01 -76.18
C ALA UA 57 55.05 -37.92 -77.53
N ALA UA 58 54.36 -36.82 -77.83
CA ALA UA 58 53.65 -36.67 -79.08
C ALA UA 58 54.36 -35.77 -80.09
N PHE UA 59 55.34 -34.99 -79.66
CA PHE UA 59 56.04 -34.09 -80.58
C PHE UA 59 57.55 -34.12 -80.45
N GLY UA 60 58.11 -34.68 -79.40
CA GLY UA 60 59.56 -34.68 -79.22
C GLY UA 60 60.05 -33.43 -78.53
N ILE UA 61 61.26 -33.53 -77.99
CA ILE UA 61 61.80 -32.42 -77.21
C ILE UA 61 62.29 -31.28 -78.10
N GLY UA 62 62.89 -31.61 -79.24
CA GLY UA 62 63.43 -30.59 -80.10
C GLY UA 62 62.42 -29.81 -80.90
N SER UA 63 61.15 -30.19 -80.86
CA SER UA 63 60.13 -29.55 -81.66
C SER UA 63 59.82 -28.15 -81.14
N SER UA 64 59.43 -27.27 -82.07
CA SER UA 64 59.06 -25.92 -81.73
C SER UA 64 57.67 -25.82 -81.12
N ILE UA 65 56.88 -26.89 -81.19
CA ILE UA 65 55.56 -26.89 -80.55
C ILE UA 65 55.62 -27.42 -79.13
N TYR UA 66 56.61 -28.25 -78.79
CA TYR UA 66 56.80 -28.64 -77.41
C TYR UA 66 57.31 -27.48 -76.58
N LEU UA 67 58.08 -26.58 -77.20
CA LEU UA 67 58.55 -25.39 -76.52
C LEU UA 67 57.41 -24.41 -76.23
N ALA UA 68 56.30 -24.51 -76.95
CA ALA UA 68 55.10 -23.76 -76.61
C ALA UA 68 54.29 -24.45 -75.52
N CYS UA 69 54.34 -25.78 -75.46
CA CYS UA 69 53.72 -26.48 -74.34
C CYS UA 69 54.51 -26.29 -73.07
N GLU UA 70 55.85 -26.26 -73.18
CA GLU UA 70 56.70 -25.99 -72.04
C GLU UA 70 56.50 -24.59 -71.50
N ALA UA 71 56.17 -23.64 -72.37
CA ALA UA 71 55.87 -22.28 -71.93
C ALA UA 71 54.55 -22.21 -71.18
N ILE UA 72 53.61 -23.10 -71.51
CA ILE UA 72 52.31 -23.13 -70.84
C ILE UA 72 52.35 -23.96 -69.57
N TYR UA 73 52.98 -25.13 -69.62
CA TYR UA 73 52.95 -26.04 -68.48
C TYR UA 73 53.89 -25.60 -67.36
N ASN UA 74 54.85 -24.73 -67.64
CA ASN UA 74 55.67 -24.21 -66.54
C ASN UA 74 54.93 -23.17 -65.73
N ARG UA 75 53.97 -22.47 -66.34
CA ARG UA 75 53.20 -21.45 -65.65
C ARG UA 75 51.91 -22.00 -65.08
N ALA UA 76 51.14 -22.71 -65.89
CA ALA UA 76 49.84 -23.24 -65.45
C ALA UA 76 49.78 -24.73 -65.70
N GLN UA 77 48.59 -25.31 -65.57
CA GLN UA 77 48.36 -26.72 -65.88
C GLN UA 77 46.96 -26.81 -66.47
N ALA UA 78 46.88 -26.76 -67.80
CA ALA UA 78 45.61 -26.73 -68.49
C ALA UA 78 45.67 -27.63 -69.72
N VAL UA 79 44.53 -27.76 -70.39
CA VAL UA 79 44.42 -28.61 -71.56
C VAL UA 79 44.93 -27.86 -72.77
N ILE UA 80 45.66 -28.56 -73.63
CA ILE UA 80 46.17 -27.97 -74.87
C ILE UA 80 45.74 -28.86 -76.02
N VAL UA 81 44.96 -28.30 -76.94
CA VAL UA 81 44.67 -28.95 -78.21
C VAL UA 81 45.73 -28.47 -79.18
N ALA UA 82 46.77 -29.28 -79.37
CA ALA UA 82 47.86 -28.95 -80.27
C ALA UA 82 47.61 -29.58 -81.62
N VAL UA 83 47.94 -28.85 -82.69
CA VAL UA 83 47.77 -29.36 -84.03
C VAL UA 83 49.09 -29.92 -84.54
N GLY UA 84 50.09 -29.06 -84.67
CA GLY UA 84 51.37 -29.50 -85.20
C GLY UA 84 51.37 -29.54 -86.71
N VAL UA 85 52.40 -28.99 -87.33
CA VAL UA 85 52.59 -29.06 -88.77
C VAL UA 85 54.04 -29.44 -89.04
N GLU UA 86 54.28 -29.92 -90.25
CA GLU UA 86 55.65 -30.25 -90.63
C GLU UA 86 56.37 -29.01 -91.13
N THR UA 87 57.68 -28.99 -90.94
CA THR UA 87 58.47 -27.79 -91.23
C THR UA 87 58.62 -27.61 -92.73
N ALA UA 88 58.11 -26.49 -93.25
CA ALA UA 88 58.18 -26.20 -94.66
C ALA UA 88 59.57 -25.69 -95.03
N GLU UA 89 59.75 -25.39 -96.32
CA GLU UA 89 61.06 -25.00 -96.82
C GLU UA 89 61.35 -23.52 -96.56
N THR UA 90 60.56 -22.65 -97.15
CA THR UA 90 60.70 -21.21 -96.99
C THR UA 90 59.88 -20.73 -95.80
N PRO UA 91 60.25 -19.59 -95.19
CA PRO UA 91 59.39 -19.03 -94.14
C PRO UA 91 58.06 -18.49 -94.66
N GLU UA 92 57.92 -18.27 -95.96
CA GLU UA 92 56.64 -17.90 -96.52
C GLU UA 92 55.71 -19.10 -96.61
N ALA UA 93 56.23 -20.24 -97.03
CA ALA UA 93 55.43 -21.46 -97.15
C ALA UA 93 55.14 -22.11 -95.80
N GLN UA 94 55.84 -21.70 -94.74
CA GLN UA 94 55.46 -22.14 -93.41
C GLN UA 94 54.18 -21.47 -92.96
N ALA UA 95 53.94 -20.23 -93.41
CA ALA UA 95 52.71 -19.52 -93.06
C ALA UA 95 51.50 -20.13 -93.73
N SER UA 96 51.65 -20.67 -94.94
CA SER UA 96 50.53 -21.31 -95.61
C SER UA 96 50.21 -22.68 -95.04
N ALA UA 97 51.12 -23.27 -94.27
CA ALA UA 97 50.85 -24.53 -93.59
C ALA UA 97 50.21 -24.32 -92.23
N VAL UA 98 50.48 -23.19 -91.57
CA VAL UA 98 49.84 -22.88 -90.31
C VAL UA 98 48.41 -22.43 -90.54
N ILE UA 99 48.18 -21.63 -91.58
CA ILE UA 99 46.82 -21.26 -91.98
C ILE UA 99 46.06 -22.49 -92.43
N GLY UA 100 46.69 -23.31 -93.28
CA GLY UA 100 46.12 -24.57 -93.67
C GLY UA 100 44.96 -24.42 -94.63
N GLY UA 101 43.76 -24.68 -94.13
CA GLY UA 101 42.58 -24.69 -94.96
C GLY UA 101 41.96 -26.07 -94.94
N ILE UA 102 41.71 -26.63 -96.12
CA ILE UA 102 41.21 -27.99 -96.22
C ILE UA 102 42.08 -28.74 -97.21
N SER UA 103 42.12 -30.05 -97.07
CA SER UA 103 43.00 -30.89 -97.86
C SER UA 103 42.24 -31.50 -99.04
N ALA UA 104 42.98 -32.20 -99.89
CA ALA UA 104 42.34 -32.94 -100.98
C ALA UA 104 41.61 -34.18 -100.48
N ALA UA 105 41.92 -34.65 -99.28
CA ALA UA 105 41.22 -35.76 -98.66
C ALA UA 105 39.96 -35.33 -97.92
N GLY UA 106 39.65 -34.04 -97.88
CA GLY UA 106 38.48 -33.58 -97.17
C GLY UA 106 38.67 -33.45 -95.68
N GLU UA 107 39.80 -32.91 -95.24
CA GLU UA 107 40.13 -32.82 -93.83
C GLU UA 107 40.79 -31.49 -93.56
N ARG UA 108 40.43 -30.87 -92.44
CA ARG UA 108 41.06 -29.60 -92.06
C ARG UA 108 42.47 -29.86 -91.56
N THR UA 109 43.40 -28.99 -91.97
CA THR UA 109 44.83 -29.26 -91.79
C THR UA 109 45.50 -28.31 -90.81
N GLY UA 110 45.39 -27.00 -91.02
CA GLY UA 110 46.25 -26.09 -90.28
C GLY UA 110 45.62 -25.64 -88.98
N LEU UA 111 45.39 -24.33 -88.87
CA LEU UA 111 44.64 -23.80 -87.74
C LEU UA 111 43.18 -24.26 -87.76
N GLN UA 112 42.66 -24.63 -88.93
CA GLN UA 112 41.29 -25.09 -89.05
C GLN UA 112 41.05 -26.41 -88.33
N ALA UA 113 42.10 -27.17 -88.05
CA ALA UA 113 41.96 -28.43 -87.30
C ALA UA 113 41.56 -28.21 -85.86
N LEU UA 114 41.68 -26.99 -85.34
CA LEU UA 114 41.20 -26.69 -83.99
C LEU UA 114 39.68 -26.67 -83.92
N LEU UA 115 38.99 -26.53 -85.06
CA LEU UA 115 37.54 -26.64 -85.08
C LEU UA 115 37.08 -28.07 -84.85
N ASP UA 116 37.96 -29.05 -85.05
CA ASP UA 116 37.73 -30.43 -84.67
C ASP UA 116 38.05 -30.70 -83.21
N GLY UA 117 38.38 -29.67 -82.43
CA GLY UA 117 38.74 -29.86 -81.05
C GLY UA 117 37.58 -30.18 -80.12
N LYS UA 118 36.36 -29.87 -80.54
CA LYS UA 118 35.19 -30.20 -79.74
C LYS UA 118 34.46 -31.44 -80.23
N SER UA 119 34.52 -31.73 -81.53
CA SER UA 119 33.88 -32.91 -82.07
C SER UA 119 34.60 -34.19 -81.68
N ARG UA 120 35.87 -34.10 -81.30
CA ARG UA 120 36.70 -35.26 -81.02
C ARG UA 120 37.09 -35.39 -79.55
N PHE UA 121 37.35 -34.27 -78.87
CA PHE UA 121 37.79 -34.31 -77.49
C PHE UA 121 36.79 -33.72 -76.50
N ASN UA 122 35.72 -33.11 -76.99
CA ASN UA 122 34.73 -32.37 -76.18
C ASN UA 122 35.39 -31.29 -75.34
N ALA UA 123 36.39 -30.63 -75.92
CA ALA UA 123 37.13 -29.55 -75.25
C ALA UA 123 37.41 -28.50 -76.32
N GLN UA 124 36.53 -27.51 -76.40
CA GLN UA 124 36.67 -26.44 -77.38
C GLN UA 124 37.75 -25.47 -76.91
N PRO UA 125 38.70 -25.09 -77.76
CA PRO UA 125 39.77 -24.19 -77.33
C PRO UA 125 39.27 -22.77 -77.13
N ARG UA 126 39.67 -22.16 -76.02
CA ARG UA 126 39.33 -20.80 -75.70
C ARG UA 126 40.47 -19.81 -75.86
N LEU UA 127 41.71 -20.30 -75.93
CA LEU UA 127 42.87 -19.46 -76.21
C LEU UA 127 43.54 -19.98 -77.46
N LEU UA 128 43.65 -19.13 -78.47
CA LEU UA 128 44.23 -19.52 -79.75
C LEU UA 128 45.64 -18.94 -79.84
N VAL UA 129 46.64 -19.81 -79.93
CA VAL UA 129 48.03 -19.41 -79.92
C VAL UA 129 48.75 -20.13 -81.04
N ALA UA 130 49.37 -19.36 -81.94
CA ALA UA 130 50.33 -19.87 -82.91
C ALA UA 130 51.61 -19.10 -82.67
N PRO UA 131 52.53 -19.64 -81.87
CA PRO UA 131 53.67 -18.83 -81.42
C PRO UA 131 54.70 -18.64 -82.52
N GLY UA 132 55.05 -17.38 -82.77
CA GLY UA 132 56.03 -17.02 -83.75
C GLY UA 132 55.47 -16.78 -85.14
N HIS UA 133 54.41 -17.49 -85.50
CA HIS UA 133 53.79 -17.32 -86.80
C HIS UA 133 52.73 -16.23 -86.80
N SER UA 134 52.25 -15.81 -85.63
CA SER UA 134 51.25 -14.76 -85.56
C SER UA 134 51.82 -13.39 -85.88
N ALA UA 135 53.14 -13.24 -85.96
CA ALA UA 135 53.76 -11.98 -86.33
C ALA UA 135 53.57 -11.63 -87.79
N GLN UA 136 53.12 -12.57 -88.61
CA GLN UA 136 52.76 -12.30 -90.00
C GLN UA 136 51.29 -11.95 -90.09
N GLN UA 137 50.96 -11.08 -91.02
CA GLN UA 137 49.57 -10.63 -91.15
C GLN UA 137 48.68 -11.69 -91.77
N ALA UA 138 49.24 -12.60 -92.55
CA ALA UA 138 48.43 -13.64 -93.18
C ALA UA 138 47.94 -14.66 -92.16
N VAL UA 139 48.80 -15.02 -91.21
CA VAL UA 139 48.40 -15.99 -90.18
C VAL UA 139 47.48 -15.35 -89.16
N ALA UA 140 47.77 -14.11 -88.77
CA ALA UA 140 46.98 -13.46 -87.73
C ALA UA 140 45.60 -13.05 -88.21
N THR UA 141 45.42 -12.85 -89.52
CA THR UA 141 44.07 -12.66 -90.06
C THR UA 141 43.31 -13.97 -90.14
N ALA UA 142 44.02 -15.06 -90.40
CA ALA UA 142 43.38 -16.38 -90.40
C ALA UA 142 43.01 -16.81 -88.99
N MET UA 143 43.76 -16.37 -87.99
CA MET UA 143 43.45 -16.69 -86.60
C MET UA 143 42.33 -15.82 -86.04
N ASP UA 144 42.09 -14.64 -86.63
CA ASP UA 144 40.99 -13.81 -86.17
C ASP UA 144 39.65 -14.37 -86.62
N GLY UA 145 39.56 -14.84 -87.87
CA GLY UA 145 38.34 -15.48 -88.32
C GLY UA 145 38.11 -16.82 -87.65
N LEU UA 146 39.17 -17.48 -87.22
CA LEU UA 146 39.04 -18.71 -86.46
C LEU UA 146 38.57 -18.43 -85.03
N ALA UA 147 38.94 -17.28 -84.49
CA ALA UA 147 38.59 -16.95 -83.11
C ALA UA 147 37.13 -16.61 -82.93
N GLU UA 148 36.43 -16.21 -83.99
CA GLU UA 148 34.99 -15.99 -83.88
C GLU UA 148 34.21 -17.28 -84.08
N LYS UA 149 34.78 -18.24 -84.82
CA LYS UA 149 34.15 -19.55 -84.95
C LYS UA 149 34.21 -20.33 -83.65
N LEU UA 150 35.23 -20.08 -82.83
CA LEU UA 150 35.41 -20.80 -81.58
C LEU UA 150 35.02 -20.00 -80.36
N ARG UA 151 34.68 -18.72 -80.54
CA ARG UA 151 34.47 -17.75 -79.45
C ARG UA 151 35.69 -17.70 -78.52
N ALA UA 152 36.86 -17.63 -79.12
CA ALA UA 152 38.13 -17.68 -78.41
C ALA UA 152 38.82 -16.34 -78.46
N ILE UA 153 39.90 -16.23 -77.71
CA ILE UA 153 40.73 -15.02 -77.67
C ILE UA 153 42.06 -15.38 -78.31
N ALA UA 154 42.24 -15.00 -79.56
CA ALA UA 154 43.43 -15.35 -80.31
C ALA UA 154 44.59 -14.48 -79.87
N ILE UA 155 45.52 -15.05 -79.13
CA ILE UA 155 46.65 -14.30 -78.59
C ILE UA 155 47.71 -14.15 -79.67
N LEU UA 156 47.88 -12.93 -80.16
CA LEU UA 156 48.89 -12.64 -81.15
C LEU UA 156 50.22 -12.28 -80.48
N ASP UA 157 51.24 -12.07 -81.30
CA ASP UA 157 52.47 -11.45 -80.83
C ASP UA 157 53.06 -10.70 -82.02
N GLY UA 158 53.40 -9.44 -81.81
CA GLY UA 158 53.94 -8.63 -82.87
C GLY UA 158 55.39 -8.96 -83.16
N PRO UA 159 55.96 -8.23 -84.11
CA PRO UA 159 57.38 -8.41 -84.40
C PRO UA 159 58.24 -7.86 -83.27
N ASN UA 160 59.47 -8.36 -83.20
CA ASN UA 160 60.43 -7.95 -82.18
C ASN UA 160 61.27 -6.75 -82.63
N SER UA 161 60.75 -5.94 -83.54
CA SER UA 161 61.38 -4.70 -83.96
C SER UA 161 60.95 -3.60 -83.00
N THR UA 162 61.20 -2.34 -83.38
CA THR UA 162 60.89 -1.20 -82.52
C THR UA 162 59.39 -1.01 -82.37
N ASP UA 163 59.02 -0.06 -81.50
CA ASP UA 163 57.63 0.16 -81.15
C ASP UA 163 56.82 0.79 -82.27
N GLU UA 164 57.47 1.46 -83.22
CA GLU UA 164 56.76 1.97 -84.39
C GLU UA 164 56.28 0.82 -85.26
N ALA UA 165 57.04 -0.28 -85.31
CA ALA UA 165 56.64 -1.47 -86.03
C ALA UA 165 55.62 -2.31 -85.26
N ALA UA 166 55.35 -1.98 -84.00
CA ALA UA 166 54.32 -2.66 -83.23
C ALA UA 166 52.99 -1.93 -83.32
N VAL UA 167 53.01 -0.60 -83.34
CA VAL UA 167 51.77 0.15 -83.52
C VAL UA 167 51.27 0.00 -84.95
N ALA UA 168 52.18 -0.01 -85.92
CA ALA UA 168 51.79 -0.19 -87.31
C ALA UA 168 51.34 -1.62 -87.61
N TYR UA 169 51.69 -2.58 -86.76
CA TYR UA 169 51.17 -3.93 -86.90
C TYR UA 169 49.83 -4.10 -86.20
N ALA UA 170 49.66 -3.43 -85.06
CA ALA UA 170 48.41 -3.52 -84.31
C ALA UA 170 47.30 -2.65 -84.89
N LYS UA 171 47.61 -1.83 -85.88
CA LYS UA 171 46.59 -1.01 -86.54
C LYS UA 171 45.91 -1.74 -87.69
N ASN UA 172 46.25 -3.01 -87.90
CA ASN UA 172 45.70 -3.76 -89.02
C ASN UA 172 44.47 -4.58 -88.67
N PHE UA 173 44.20 -4.79 -87.39
CA PHE UA 173 43.25 -5.83 -86.98
C PHE UA 173 41.89 -5.29 -86.57
N GLY UA 174 41.80 -4.55 -85.47
CA GLY UA 174 40.54 -3.95 -85.07
C GLY UA 174 39.45 -4.93 -84.67
N SER UA 175 39.81 -6.09 -84.13
CA SER UA 175 38.84 -7.11 -83.77
C SER UA 175 38.92 -7.42 -82.29
N LYS UA 176 37.76 -7.61 -81.66
CA LYS UA 176 37.67 -7.69 -80.20
C LYS UA 176 38.18 -9.00 -79.63
N ARG UA 177 38.53 -9.97 -80.47
CA ARG UA 177 39.02 -11.26 -80.00
C ARG UA 177 40.49 -11.46 -80.33
N LEU UA 178 41.27 -10.38 -80.31
CA LEU UA 178 42.69 -10.44 -80.62
C LEU UA 178 43.45 -9.76 -79.50
N PHE UA 179 44.45 -10.45 -78.97
CA PHE UA 179 45.25 -9.97 -77.85
C PHE UA 179 46.71 -10.00 -78.26
N MET UA 180 47.37 -8.85 -78.23
CA MET UA 180 48.72 -8.72 -78.76
C MET UA 180 49.70 -8.41 -77.63
N VAL UA 181 50.77 -9.18 -77.57
CA VAL UA 181 51.85 -8.99 -76.60
C VAL UA 181 53.11 -8.72 -77.40
N ASP UA 182 53.58 -7.47 -77.40
CA ASP UA 182 54.63 -7.11 -78.36
C ASP UA 182 56.04 -7.58 -78.01
N PRO UA 183 56.66 -7.23 -76.86
CA PRO UA 183 58.10 -7.47 -76.75
C PRO UA 183 58.42 -8.94 -76.53
N GLY UA 184 59.43 -9.42 -77.26
CA GLY UA 184 59.74 -10.83 -77.25
C GLY UA 184 60.43 -11.27 -75.96
N VAL UA 185 59.97 -12.40 -75.44
CA VAL UA 185 60.55 -12.96 -74.23
C VAL UA 185 61.91 -13.55 -74.54
N GLN UA 186 62.91 -13.20 -73.73
CA GLN UA 186 64.23 -13.79 -73.84
C GLN UA 186 64.30 -14.93 -72.82
N VAL UA 187 64.25 -16.16 -73.33
CA VAL UA 187 64.12 -17.34 -72.47
C VAL UA 187 65.33 -18.25 -72.69
N TRP UA 188 65.57 -19.11 -71.69
CA TRP UA 188 66.73 -20.00 -71.72
C TRP UA 188 66.45 -21.20 -72.61
N ASP UA 189 67.37 -21.49 -73.52
CA ASP UA 189 67.25 -22.61 -74.45
C ASP UA 189 68.12 -23.75 -73.94
N SER UA 190 67.48 -24.88 -73.64
CA SER UA 190 68.18 -26.04 -73.10
C SER UA 190 68.79 -26.92 -74.18
N ALA UA 191 68.69 -26.53 -75.45
CA ALA UA 191 69.30 -27.27 -76.56
C ALA UA 191 70.59 -26.64 -77.05
N THR UA 192 70.70 -25.32 -76.99
CA THR UA 192 71.92 -24.62 -77.36
C THR UA 192 72.65 -24.01 -76.18
N ASN UA 193 72.07 -24.12 -74.97
CA ASN UA 193 72.65 -23.62 -73.71
C ASN UA 193 72.91 -22.12 -73.76
N ALA UA 194 71.90 -21.38 -74.21
CA ALA UA 194 71.99 -19.93 -74.28
C ALA UA 194 70.59 -19.34 -74.20
N ALA UA 195 70.51 -18.03 -74.12
CA ALA UA 195 69.24 -17.33 -73.97
C ALA UA 195 68.70 -16.97 -75.34
N ARG UA 196 67.67 -17.69 -75.80
CA ARG UA 196 67.05 -17.44 -77.08
C ARG UA 196 65.86 -16.50 -76.91
N ASN UA 197 65.37 -15.99 -78.03
CA ASN UA 197 64.22 -15.10 -78.05
C ASN UA 197 62.97 -15.92 -78.30
N ALA UA 198 62.12 -16.00 -77.31
CA ALA UA 198 60.85 -16.68 -77.44
C ALA UA 198 59.83 -15.73 -78.08
N PRO UA 199 58.80 -16.27 -78.75
CA PRO UA 199 57.79 -15.39 -79.36
C PRO UA 199 56.87 -14.66 -78.38
N ALA UA 200 56.90 -15.03 -77.08
CA ALA UA 200 56.15 -14.37 -76.00
C ALA UA 200 54.64 -14.43 -76.19
N SER UA 201 54.14 -15.38 -76.97
CA SER UA 201 52.71 -15.59 -77.14
C SER UA 201 52.20 -16.80 -76.39
N ALA UA 202 53.02 -17.85 -76.28
CA ALA UA 202 52.65 -18.99 -75.45
C ALA UA 202 52.81 -18.69 -73.97
N TYR UA 203 53.64 -17.72 -73.63
CA TYR UA 203 53.83 -17.36 -72.23
C TYR UA 203 52.66 -16.55 -71.69
N ALA UA 204 52.01 -15.76 -72.54
CA ALA UA 204 50.77 -15.12 -72.14
C ALA UA 204 49.62 -16.12 -72.09
N ALA UA 205 49.71 -17.21 -72.85
CA ALA UA 205 48.68 -18.25 -72.80
C ALA UA 205 48.75 -19.03 -71.51
N GLY UA 206 49.93 -19.15 -70.91
CA GLY UA 206 50.03 -19.76 -69.61
C GLY UA 206 49.44 -18.88 -68.53
N LEU UA 207 49.41 -17.57 -68.74
CA LEU UA 207 48.82 -16.65 -67.78
C LEU UA 207 47.30 -16.69 -67.83
N PHE UA 208 46.73 -16.79 -69.02
CA PHE UA 208 45.28 -16.92 -69.14
C PHE UA 208 44.80 -18.25 -68.58
N ALA UA 209 45.60 -19.30 -68.70
CA ALA UA 209 45.24 -20.59 -68.14
C ALA UA 209 45.47 -20.66 -66.64
N TRP UA 210 46.26 -19.74 -66.09
CA TRP UA 210 46.56 -19.77 -64.67
C TRP UA 210 45.58 -18.97 -63.85
N THR UA 211 45.14 -17.81 -64.36
CA THR UA 211 44.20 -16.98 -63.62
C THR UA 211 42.81 -17.59 -63.56
N ASP UA 212 42.46 -18.46 -64.50
CA ASP UA 212 41.18 -19.16 -64.42
C ASP UA 212 41.19 -20.20 -63.32
N ALA UA 213 42.35 -20.80 -63.05
CA ALA UA 213 42.46 -21.77 -61.97
C ALA UA 213 42.77 -21.12 -60.63
N GLU UA 214 43.25 -19.88 -60.63
CA GLU UA 214 43.63 -19.20 -59.40
C GLU UA 214 42.62 -18.13 -59.00
N TYR UA 215 42.30 -17.20 -59.91
CA TYR UA 215 41.41 -16.10 -59.61
C TYR UA 215 40.06 -16.18 -60.30
N GLY UA 216 39.94 -17.00 -61.34
CA GLY UA 216 38.70 -17.11 -62.10
C GLY UA 216 38.85 -16.51 -63.49
N PHE UA 217 37.88 -16.85 -64.34
CA PHE UA 217 37.92 -16.41 -65.73
C PHE UA 217 37.54 -14.95 -65.91
N TRP UA 218 37.08 -14.28 -64.86
CA TRP UA 218 36.76 -12.87 -64.91
C TRP UA 218 37.91 -11.99 -64.48
N SER UA 219 39.11 -12.54 -64.34
CA SER UA 219 40.27 -11.79 -63.90
C SER UA 219 41.26 -11.68 -65.04
N SER UA 220 41.68 -10.45 -65.33
CA SER UA 220 42.67 -10.25 -66.37
C SER UA 220 44.04 -10.68 -65.86
N PRO UA 221 44.91 -11.19 -66.74
CA PRO UA 221 46.24 -11.60 -66.30
C PRO UA 221 47.25 -10.47 -66.32
N SER UA 222 46.76 -9.23 -66.38
CA SER UA 222 47.57 -8.07 -66.68
C SER UA 222 48.36 -7.53 -65.50
N ASN UA 223 48.48 -8.27 -64.41
CA ASN UA 223 49.46 -7.98 -63.39
C ASN UA 223 50.13 -9.24 -62.88
N LYS UA 224 49.82 -10.39 -63.44
CA LYS UA 224 50.37 -11.63 -62.96
C LYS UA 224 51.75 -11.85 -63.58
N GLU UA 225 52.48 -12.82 -63.04
CA GLU UA 225 53.88 -12.98 -63.34
C GLU UA 225 54.11 -14.17 -64.26
N ILE UA 226 55.07 -14.02 -65.16
CA ILE UA 226 55.47 -15.10 -66.05
C ILE UA 226 56.71 -15.75 -65.47
N LYS UA 227 56.76 -17.09 -65.54
CA LYS UA 227 57.72 -17.85 -64.75
C LYS UA 227 59.04 -18.08 -65.48
N GLY UA 228 59.00 -18.72 -66.64
CA GLY UA 228 60.22 -19.13 -67.32
C GLY UA 228 61.03 -18.00 -67.91
N VAL UA 229 60.46 -16.79 -67.97
CA VAL UA 229 61.10 -15.66 -68.62
C VAL UA 229 62.31 -15.19 -67.82
N THR UA 230 63.46 -15.11 -68.50
CA THR UA 230 64.68 -14.61 -67.89
C THR UA 230 65.17 -13.36 -68.61
N GLY UA 231 64.25 -12.54 -69.07
CA GLY UA 231 64.61 -11.31 -69.76
C GLY UA 231 63.67 -11.03 -70.91
N THR UA 232 63.72 -9.79 -71.37
CA THR UA 232 62.85 -9.33 -72.45
C THR UA 232 63.70 -8.62 -73.49
N SER UA 233 63.62 -9.09 -74.73
CA SER UA 233 64.29 -8.39 -75.82
C SER UA 233 63.62 -7.05 -76.06
N ARG UA 234 64.45 -6.00 -76.25
CA ARG UA 234 64.07 -4.60 -76.29
C ARG UA 234 63.28 -4.24 -75.03
N PRO UA 235 63.96 -4.03 -73.90
CA PRO UA 235 63.26 -3.81 -72.62
C PRO UA 235 62.47 -2.51 -72.61
N VAL UA 236 61.21 -2.60 -72.20
CA VAL UA 236 60.32 -1.46 -72.18
C VAL UA 236 60.46 -0.74 -70.84
N GLU UA 237 60.01 0.51 -70.82
CA GLU UA 237 60.21 1.40 -69.69
C GLU UA 237 58.91 1.54 -68.91
N PHE UA 238 58.97 1.31 -67.60
CA PHE UA 238 57.86 1.59 -66.69
C PHE UA 238 58.49 1.96 -65.36
N LEU UA 239 58.70 3.26 -65.14
CA LEU UA 239 59.53 3.70 -64.01
C LEU UA 239 58.75 3.83 -62.71
N ASP UA 240 57.91 4.86 -62.59
CA ASP UA 240 57.24 5.08 -61.31
C ASP UA 240 55.72 5.18 -61.41
N GLY UA 241 55.25 6.25 -62.04
CA GLY UA 241 53.83 6.52 -62.20
C GLY UA 241 53.60 7.33 -63.46
N ASP UA 242 54.65 7.46 -64.27
CA ASP UA 242 54.63 8.38 -65.40
C ASP UA 242 53.76 7.85 -66.51
N GLU UA 243 52.79 8.66 -66.93
CA GLU UA 243 51.85 8.27 -67.97
C GLU UA 243 52.42 8.35 -69.37
N THR UA 244 53.67 8.82 -69.52
CA THR UA 244 54.34 8.84 -70.80
C THR UA 244 55.53 7.89 -70.83
N CYS UA 245 55.41 6.75 -70.15
CA CYS UA 245 56.43 5.73 -70.25
C CYS UA 245 56.33 5.02 -71.59
N ARG UA 246 57.38 4.29 -71.94
CA ARG UA 246 57.40 3.60 -73.23
C ARG UA 246 56.43 2.42 -73.26
N ALA UA 247 56.22 1.77 -72.11
CA ALA UA 247 55.28 0.66 -72.06
C ALA UA 247 53.84 1.13 -71.94
N ASN UA 248 53.61 2.32 -71.37
CA ASN UA 248 52.25 2.82 -71.30
C ASN UA 248 51.75 3.32 -72.64
N LEU UA 249 52.65 3.81 -73.49
CA LEU UA 249 52.25 4.23 -74.83
C LEU UA 249 51.90 3.05 -75.72
N LEU UA 250 52.30 1.84 -75.35
CA LEU UA 250 51.87 0.64 -76.06
C LEU UA 250 50.54 0.12 -75.54
N ASN UA 251 50.26 0.29 -74.26
CA ASN UA 251 48.93 -0.04 -73.76
C ASN UA 251 47.88 0.94 -74.25
N ASN UA 252 48.29 2.16 -74.57
CA ASN UA 252 47.38 3.12 -75.18
C ASN UA 252 47.06 2.74 -76.62
N ALA UA 253 47.92 1.95 -77.27
CA ALA UA 253 47.69 1.46 -78.62
C ALA UA 253 47.14 0.04 -78.61
N ASN UA 254 46.50 -0.38 -77.50
CA ASN UA 254 45.85 -1.67 -77.33
C ASN UA 254 46.83 -2.84 -77.51
N ILE UA 255 48.05 -2.68 -77.01
CA ILE UA 255 49.06 -3.72 -77.05
C ILE UA 255 49.51 -4.00 -75.62
N ALA UA 256 49.46 -5.26 -75.22
CA ALA UA 256 50.00 -5.65 -73.93
C ALA UA 256 51.51 -5.73 -73.99
N THR UA 257 52.16 -5.52 -72.84
CA THR UA 257 53.61 -5.53 -72.75
C THR UA 257 54.05 -6.43 -71.60
N ILE UA 258 55.36 -6.59 -71.50
CA ILE UA 258 56.02 -7.31 -70.40
C ILE UA 258 57.05 -6.35 -69.81
N ILE UA 259 56.78 -5.83 -68.62
CA ILE UA 259 57.37 -4.56 -68.23
C ILE UA 259 58.71 -4.66 -67.51
N ARG UA 260 58.75 -5.34 -66.36
CA ARG UA 260 59.72 -5.01 -65.33
C ARG UA 260 61.10 -5.58 -65.62
N ASP UA 261 61.98 -5.52 -64.61
CA ASP UA 261 63.40 -5.83 -64.73
C ASP UA 261 63.58 -7.31 -65.06
N ASP UA 262 64.07 -7.56 -66.28
CA ASP UA 262 64.15 -8.90 -66.89
C ASP UA 262 62.80 -9.60 -66.91
N GLY UA 263 61.75 -8.82 -67.18
CA GLY UA 263 60.46 -9.31 -67.63
C GLY UA 263 59.70 -10.27 -66.75
N TYR UA 264 59.12 -9.81 -65.64
CA TYR UA 264 58.36 -10.72 -64.80
C TYR UA 264 56.93 -10.25 -64.55
N ARG UA 265 56.40 -9.32 -65.34
CA ARG UA 265 55.01 -8.91 -65.19
C ARG UA 265 54.40 -8.68 -66.56
N LEU UA 266 53.26 -9.32 -66.83
CA LEU UA 266 52.46 -8.93 -67.98
C LEU UA 266 51.77 -7.61 -67.67
N TRP UA 267 51.58 -6.79 -68.70
CA TRP UA 267 51.08 -5.43 -68.51
C TRP UA 267 50.15 -5.07 -69.66
N GLY UA 268 48.86 -5.06 -69.39
CA GLY UA 268 47.89 -4.67 -70.38
C GLY UA 268 46.70 -5.60 -70.45
N ASN UA 269 45.50 -5.05 -70.30
CA ASN UA 269 44.27 -5.83 -70.33
C ASN UA 269 43.33 -5.37 -71.43
N ARG UA 270 43.87 -4.72 -72.45
CA ARG UA 270 43.07 -4.25 -73.57
C ARG UA 270 43.26 -5.19 -74.75
N THR UA 271 42.16 -5.54 -75.39
CA THR UA 271 42.23 -6.30 -76.63
C THR UA 271 42.26 -5.31 -77.80
N LEU UA 272 42.39 -5.84 -79.01
CA LEU UA 272 42.55 -4.99 -80.19
C LEU UA 272 41.18 -4.64 -80.79
N SER UA 273 40.32 -4.07 -79.95
CA SER UA 273 38.96 -3.76 -80.38
C SER UA 273 38.85 -2.31 -80.81
N SER UA 274 37.94 -2.06 -81.76
CA SER UA 274 37.64 -0.69 -82.16
C SER UA 274 36.59 -0.06 -81.25
N ASP UA 275 35.60 -0.85 -80.82
CA ASP UA 275 34.64 -0.37 -79.85
C ASP UA 275 35.29 -0.27 -78.48
N SER UA 276 34.95 0.79 -77.74
CA SER UA 276 35.39 0.91 -76.37
C SER UA 276 34.55 0.07 -75.41
N LYS UA 277 33.46 -0.52 -75.90
CA LYS UA 277 32.67 -1.42 -75.06
C LYS UA 277 33.44 -2.72 -74.81
N TRP UA 278 33.93 -3.35 -75.87
CA TRP UA 278 34.67 -4.60 -75.77
C TRP UA 278 36.17 -4.37 -75.66
N ALA UA 279 36.58 -3.33 -74.94
CA ALA UA 279 38.01 -3.02 -74.85
C ALA UA 279 38.73 -4.00 -73.94
N PHE UA 280 38.13 -4.33 -72.80
CA PHE UA 280 38.79 -5.19 -71.83
C PHE UA 280 38.70 -6.65 -72.25
N VAL UA 281 39.79 -7.39 -72.04
CA VAL UA 281 39.81 -8.82 -72.33
C VAL UA 281 38.89 -9.56 -71.38
N THR UA 282 38.74 -9.06 -70.15
CA THR UA 282 37.87 -9.67 -69.16
C THR UA 282 36.41 -9.65 -69.59
N ARG UA 283 35.96 -8.54 -70.18
CA ARG UA 283 34.56 -8.46 -70.60
C ARG UA 283 34.28 -9.36 -71.81
N VAL UA 284 35.25 -9.49 -72.72
CA VAL UA 284 35.07 -10.38 -73.86
C VAL UA 284 35.15 -11.84 -73.42
N ARG UA 285 35.96 -12.13 -72.41
CA ARG UA 285 36.14 -13.51 -71.98
C ARG UA 285 34.93 -14.00 -71.19
N THR UA 286 34.35 -13.15 -70.34
CA THR UA 286 33.18 -13.58 -69.59
C THR UA 286 31.93 -13.63 -70.47
N MET UA 287 31.85 -12.76 -71.47
CA MET UA 287 30.68 -12.76 -72.35
C MET UA 287 30.67 -14.01 -73.22
N ASP UA 288 31.83 -14.43 -73.70
CA ASP UA 288 31.91 -15.65 -74.49
C ASP UA 288 31.78 -16.91 -73.64
N LEU UA 289 31.89 -16.80 -72.32
CA LEU UA 289 31.71 -17.93 -71.42
C LEU UA 289 30.28 -18.06 -70.93
N VAL UA 290 29.60 -16.93 -70.67
CA VAL UA 290 28.19 -16.98 -70.27
C VAL UA 290 27.25 -17.11 -71.46
N MET UA 291 27.78 -17.06 -72.68
CA MET UA 291 26.95 -17.31 -73.86
C MET UA 291 27.13 -18.71 -74.42
N ASP UA 292 28.22 -19.40 -74.07
CA ASP UA 292 28.36 -20.80 -74.41
C ASP UA 292 27.87 -21.72 -73.32
N ALA UA 293 27.68 -21.20 -72.10
CA ALA UA 293 27.04 -21.98 -71.05
C ALA UA 293 25.53 -21.97 -71.19
N ILE UA 294 24.96 -20.87 -71.64
CA ILE UA 294 23.53 -20.81 -71.89
C ILE UA 294 23.16 -21.64 -73.13
N LEU UA 295 24.03 -21.62 -74.14
CA LEU UA 295 23.74 -22.36 -75.37
C LEU UA 295 23.84 -23.86 -75.18
N ALA UA 296 24.87 -24.31 -74.47
CA ALA UA 296 25.03 -25.75 -74.27
C ALA UA 296 24.24 -26.26 -73.08
N GLY UA 297 23.76 -25.37 -72.21
CA GLY UA 297 23.00 -25.75 -71.05
C GLY UA 297 21.51 -25.71 -71.21
N HIS UA 298 21.02 -25.31 -72.38
CA HIS UA 298 19.59 -25.22 -72.63
C HIS UA 298 19.18 -26.07 -73.83
N LYS UA 299 19.90 -27.15 -74.09
CA LYS UA 299 19.52 -28.05 -75.17
C LYS UA 299 18.48 -29.07 -74.74
N TRP UA 300 18.01 -29.01 -73.51
CA TRP UA 300 16.86 -29.80 -73.07
C TRP UA 300 15.54 -29.11 -73.39
N ALA UA 301 15.56 -27.81 -73.66
CA ALA UA 301 14.36 -27.01 -73.78
C ALA UA 301 13.99 -26.70 -75.22
N VAL UA 302 14.36 -27.57 -76.15
CA VAL UA 302 14.18 -27.25 -77.56
C VAL UA 302 12.86 -27.78 -78.11
N ASP UA 303 12.19 -28.69 -77.42
CA ASP UA 303 10.83 -29.05 -77.81
C ASP UA 303 9.96 -29.33 -76.59
N ARG UA 304 10.05 -28.49 -75.57
CA ARG UA 304 9.36 -28.76 -74.32
C ARG UA 304 7.94 -28.22 -74.28
N GLY UA 305 7.56 -27.35 -75.20
CA GLY UA 305 6.21 -26.83 -75.18
C GLY UA 305 6.08 -25.64 -74.26
N ILE UA 306 5.60 -24.51 -74.80
CA ILE UA 306 5.56 -23.26 -74.05
C ILE UA 306 4.37 -23.32 -73.11
N THR UA 307 4.60 -23.73 -71.88
CA THR UA 307 3.61 -23.65 -70.83
C THR UA 307 4.01 -22.53 -69.87
N LYS UA 308 3.20 -22.35 -68.83
CA LYS UA 308 3.56 -21.35 -67.83
C LYS UA 308 4.66 -21.88 -66.91
N THR UA 309 4.67 -23.18 -66.65
CA THR UA 309 5.72 -23.79 -65.83
C THR UA 309 6.98 -24.08 -66.63
N TYR UA 310 7.04 -23.69 -67.90
CA TYR UA 310 8.25 -23.80 -68.70
C TYR UA 310 8.98 -22.46 -68.79
N VAL UA 311 8.24 -21.38 -69.04
CA VAL UA 311 8.84 -20.04 -69.07
C VAL UA 311 9.28 -19.63 -67.68
N LYS UA 312 8.53 -20.04 -66.65
CA LYS UA 312 8.89 -19.69 -65.28
C LYS UA 312 10.05 -20.53 -64.77
N ASP UA 313 10.22 -21.74 -65.30
CA ASP UA 313 11.27 -22.64 -64.84
C ASP UA 313 12.44 -22.72 -65.81
N VAL UA 314 12.46 -21.87 -66.83
CA VAL UA 314 13.72 -21.56 -67.50
C VAL UA 314 14.35 -20.32 -66.89
N THR UA 315 13.53 -19.32 -66.57
CA THR UA 315 13.99 -18.11 -65.92
C THR UA 315 14.56 -18.39 -64.53
N GLU UA 316 13.88 -19.24 -63.75
CA GLU UA 316 14.38 -19.60 -62.43
C GLU UA 316 15.62 -20.48 -62.50
N GLY UA 317 15.84 -21.16 -63.62
CA GLY UA 317 17.11 -21.82 -63.86
C GLY UA 317 18.16 -20.93 -64.49
N LEU UA 318 17.73 -19.75 -64.95
CA LEU UA 318 18.62 -18.74 -65.50
C LEU UA 318 18.96 -17.65 -64.49
N ARG UA 319 18.01 -17.32 -63.61
CA ARG UA 319 18.32 -16.43 -62.50
C ARG UA 319 19.25 -17.09 -61.51
N ALA UA 320 19.11 -18.40 -61.31
CA ALA UA 320 19.98 -19.10 -60.37
C ALA UA 320 21.37 -19.30 -60.93
N PHE UA 321 21.52 -19.33 -62.26
CA PHE UA 321 22.84 -19.43 -62.85
C PHE UA 321 23.60 -18.12 -62.72
N MET UA 322 22.93 -17.00 -62.92
CA MET UA 322 23.56 -15.70 -62.75
C MET UA 322 23.73 -15.35 -61.29
N ARG UA 323 22.88 -15.89 -60.40
CA ARG UA 323 23.08 -15.67 -58.97
C ARG UA 323 24.29 -16.41 -58.45
N ASP UA 324 24.59 -17.57 -59.04
CA ASP UA 324 25.80 -18.31 -58.69
C ASP UA 324 27.05 -17.70 -59.29
N LEU UA 325 26.90 -16.76 -60.24
CA LEU UA 325 28.03 -16.00 -60.74
C LEU UA 325 28.25 -14.71 -59.97
N LYS UA 326 27.23 -14.20 -59.30
CA LYS UA 326 27.35 -12.94 -58.60
C LYS UA 326 28.11 -13.10 -57.29
N ASN UA 327 27.77 -14.11 -56.50
CA ASN UA 327 28.49 -14.36 -55.25
C ASN UA 327 29.79 -15.11 -55.47
N GLN UA 328 30.00 -15.68 -56.66
CA GLN UA 328 31.32 -16.21 -56.99
C GLN UA 328 32.30 -15.10 -57.29
N GLY UA 329 31.81 -13.97 -57.78
CA GLY UA 329 32.64 -12.84 -58.10
C GLY UA 329 32.75 -12.49 -59.56
N ALA UA 330 31.96 -13.12 -60.43
CA ALA UA 330 32.08 -12.92 -61.86
C ALA UA 330 31.30 -11.72 -62.35
N VAL UA 331 30.07 -11.55 -61.89
CA VAL UA 331 29.25 -10.40 -62.24
C VAL UA 331 28.99 -9.59 -60.97
N ILE UA 332 28.55 -8.35 -61.16
CA ILE UA 332 28.26 -7.49 -60.03
C ILE UA 332 26.78 -7.55 -59.66
N ASN UA 333 25.90 -7.36 -60.64
CA ASN UA 333 24.49 -7.62 -60.47
C ASN UA 333 23.93 -8.02 -61.82
N PHE UA 334 22.67 -8.43 -61.83
CA PHE UA 334 22.06 -8.94 -63.04
C PHE UA 334 20.57 -8.68 -63.03
N GLU UA 335 19.93 -8.97 -64.17
CA GLU UA 335 18.48 -8.85 -64.29
C GLU UA 335 18.05 -9.80 -65.40
N VAL UA 336 17.50 -10.95 -65.01
CA VAL UA 336 17.05 -11.97 -65.96
C VAL UA 336 15.53 -11.98 -65.94
N TYR UA 337 14.92 -11.78 -67.11
CA TYR UA 337 13.47 -11.74 -67.21
C TYR UA 337 13.07 -12.16 -68.61
N ALA UA 338 11.88 -12.75 -68.72
CA ALA UA 338 11.31 -13.02 -70.03
C ALA UA 338 10.92 -11.71 -70.69
N ASP UA 339 11.16 -11.63 -72.00
CA ASP UA 339 10.95 -10.38 -72.72
C ASP UA 339 9.47 -10.07 -72.83
N PRO UA 340 9.00 -8.91 -72.36
CA PRO UA 340 7.56 -8.64 -72.39
C PRO UA 340 7.05 -8.28 -73.78
N ASP UA 341 7.86 -7.55 -74.54
CA ASP UA 341 7.45 -7.11 -75.87
C ASP UA 341 7.80 -8.12 -76.96
N LEU UA 342 8.96 -8.76 -76.87
CA LEU UA 342 9.38 -9.68 -77.91
C LEU UA 342 8.66 -11.02 -77.85
N ASN UA 343 8.11 -11.39 -76.69
CA ASN UA 343 7.28 -12.59 -76.59
C ASN UA 343 5.84 -12.24 -76.93
N SER UA 344 5.63 -11.95 -78.21
CA SER UA 344 4.30 -11.67 -78.70
C SER UA 344 3.55 -12.98 -78.92
N ALA UA 345 2.23 -12.87 -79.11
CA ALA UA 345 1.42 -14.05 -79.40
C ALA UA 345 1.70 -14.61 -80.78
N SER UA 346 2.23 -13.79 -81.70
CA SER UA 346 2.62 -14.29 -83.01
C SER UA 346 3.98 -14.98 -82.97
N GLN UA 347 4.88 -14.51 -82.11
CA GLN UA 347 6.19 -15.14 -82.00
C GLN UA 347 6.12 -16.42 -81.18
N LEU UA 348 5.27 -16.45 -80.16
CA LEU UA 348 5.11 -17.65 -79.35
C LEU UA 348 4.45 -18.78 -80.13
N ALA UA 349 3.57 -18.44 -81.08
CA ALA UA 349 2.90 -19.43 -81.89
C ALA UA 349 3.77 -20.00 -83.01
N GLN UA 350 5.00 -19.50 -83.16
CA GLN UA 350 5.98 -20.09 -84.06
C GLN UA 350 7.02 -20.91 -83.34
N GLY UA 351 6.96 -20.98 -82.01
CA GLY UA 351 7.96 -21.64 -81.21
C GLY UA 351 9.01 -20.72 -80.63
N LYS UA 352 9.12 -19.49 -81.12
CA LYS UA 352 10.12 -18.56 -80.61
C LYS UA 352 9.67 -18.02 -79.25
N VAL UA 353 10.57 -18.05 -78.27
CA VAL UA 353 10.30 -17.49 -76.96
C VAL UA 353 11.59 -16.86 -76.45
N TYR UA 354 11.51 -15.61 -76.01
CA TYR UA 354 12.68 -14.76 -75.81
C TYR UA 354 12.92 -14.53 -74.33
N TRP UA 355 14.20 -14.53 -73.94
CA TRP UA 355 14.62 -14.19 -72.59
C TRP UA 355 15.71 -13.14 -72.66
N ASN UA 356 15.72 -12.22 -71.71
CA ASN UA 356 16.74 -11.19 -71.60
C ASN UA 356 17.61 -11.47 -70.39
N ILE UA 357 18.92 -11.44 -70.58
CA ILE UA 357 19.88 -11.60 -69.51
C ILE UA 357 20.78 -10.36 -69.53
N ARG UA 358 20.47 -9.39 -68.68
CA ARG UA 358 21.29 -8.20 -68.54
C ARG UA 358 22.18 -8.37 -67.32
N PHE UA 359 23.47 -8.07 -67.47
CA PHE UA 359 24.38 -8.14 -66.33
C PHE UA 359 25.52 -7.16 -66.55
N THR UA 360 26.30 -6.94 -65.50
CA THR UA 360 27.53 -6.16 -65.60
C THR UA 360 28.69 -7.04 -65.18
N ASP UA 361 29.76 -7.02 -65.97
CA ASP UA 361 30.97 -7.73 -65.62
C ASP UA 361 31.73 -6.99 -64.52
N VAL UA 362 32.80 -7.61 -64.06
CA VAL UA 362 33.71 -6.99 -63.10
C VAL UA 362 34.86 -6.35 -63.89
N PRO UA 363 34.91 -5.03 -64.03
CA PRO UA 363 35.96 -4.41 -64.82
C PRO UA 363 37.28 -4.43 -64.08
N PRO UA 364 38.38 -4.72 -64.75
CA PRO UA 364 39.68 -4.70 -64.09
C PRO UA 364 40.09 -3.28 -63.74
N ALA UA 365 40.48 -3.08 -62.49
CA ALA UA 365 40.82 -1.76 -61.97
C ALA UA 365 42.21 -1.35 -62.48
N GLU UA 366 42.26 -1.01 -63.77
CA GLU UA 366 43.52 -0.72 -64.41
C GLU UA 366 44.11 0.64 -64.03
N ASN UA 367 43.36 1.48 -63.34
CA ASN UA 367 43.87 2.79 -62.90
C ASN UA 367 43.27 3.18 -61.57
N PRO UA 368 43.80 2.65 -60.45
CA PRO UA 368 43.34 3.11 -59.14
C PRO UA 368 43.95 4.46 -58.78
N ASN UA 369 43.11 5.49 -58.82
CA ASN UA 369 43.57 6.85 -58.57
C ASN UA 369 43.41 7.21 -57.10
N PHE UA 370 44.35 7.99 -56.60
CA PHE UA 370 44.32 8.46 -55.21
C PHE UA 370 44.45 9.97 -55.20
N ARG UA 371 43.70 10.62 -54.32
CA ARG UA 371 43.60 12.08 -54.29
C ARG UA 371 43.92 12.53 -52.87
N VAL UA 372 45.19 12.79 -52.60
CA VAL UA 372 45.67 13.17 -51.28
C VAL UA 372 45.69 14.68 -51.18
N GLU UA 373 45.29 15.21 -50.03
CA GLU UA 373 45.36 16.65 -49.80
C GLU UA 373 45.63 16.94 -48.34
N VAL UA 374 46.48 17.92 -48.08
CA VAL UA 374 46.74 18.40 -46.73
C VAL UA 374 45.80 19.56 -46.46
N THR UA 375 44.95 19.41 -45.45
CA THR UA 375 43.99 20.45 -45.14
C THR UA 375 44.26 21.05 -43.78
N ASP UA 376 43.36 21.92 -43.32
CA ASP UA 376 43.41 22.49 -41.98
C ASP UA 376 42.09 22.29 -41.27
N GLN UA 377 41.33 21.26 -41.67
CA GLN UA 377 40.00 21.08 -41.13
C GLN UA 377 40.05 20.56 -39.69
N TRP UA 378 40.92 19.59 -39.42
CA TRP UA 378 41.06 19.03 -38.08
C TRP UA 378 42.20 19.65 -37.31
N LEU UA 379 42.52 20.91 -37.60
CA LEU UA 379 43.61 21.57 -36.90
C LEU UA 379 43.18 22.15 -35.56
N THR UA 380 41.89 22.48 -35.42
CA THR UA 380 41.34 22.89 -34.14
C THR UA 380 41.04 21.71 -33.23
N GLU UA 381 41.31 20.48 -33.67
CA GLU UA 381 41.20 19.31 -32.81
C GLU UA 381 42.27 19.29 -31.73
N VAL UA 382 43.34 20.07 -31.92
CA VAL UA 382 44.37 20.21 -30.88
C VAL UA 382 43.91 21.37 -30.00
N LEU UA 383 42.94 21.08 -29.14
CA LEU UA 383 42.62 22.00 -28.06
C LEU UA 383 42.19 21.29 -26.79
N ASP UA 384 42.05 19.96 -26.80
CA ASP UA 384 41.59 19.21 -25.64
C ASP UA 384 41.99 17.74 -25.77
N SER VA 2 43.29 3.07 -72.93
CA SER VA 2 44.08 3.15 -71.70
C SER VA 2 44.77 4.50 -71.58
N PHE VA 3 44.20 5.36 -70.74
CA PHE VA 3 44.84 6.64 -70.47
C PHE VA 3 46.11 6.44 -69.65
N PHE VA 4 46.04 5.65 -68.60
CA PHE VA 4 47.23 5.22 -67.88
C PHE VA 4 46.96 3.88 -67.21
N HIS VA 5 47.90 2.95 -67.37
CA HIS VA 5 47.85 1.64 -66.72
C HIS VA 5 48.81 1.69 -65.54
N GLY VA 6 48.27 1.89 -64.35
CA GLY VA 6 49.11 1.99 -63.17
C GLY VA 6 48.44 2.81 -62.09
N VAL VA 7 49.22 3.24 -61.11
CA VAL VA 7 48.72 3.98 -59.97
C VAL VA 7 49.07 5.45 -60.15
N THR VA 8 48.06 6.31 -60.22
CA THR VA 8 48.27 7.74 -60.10
C THR VA 8 47.99 8.17 -58.67
N VAL VA 9 48.87 9.00 -58.12
CA VAL VA 9 48.66 9.62 -56.83
C VAL VA 9 48.77 11.11 -57.03
N THR VA 10 47.64 11.80 -56.93
CA THR VA 10 47.58 13.22 -57.22
C THR VA 10 47.51 14.03 -55.93
N ASN VA 11 47.91 15.29 -56.04
CA ASN VA 11 47.87 16.27 -54.96
C ASN VA 11 46.92 17.36 -55.43
N VAL VA 12 45.70 17.38 -54.88
CA VAL VA 12 44.64 18.13 -55.54
C VAL VA 12 44.76 19.63 -55.31
N ASP VA 13 45.37 20.06 -54.20
CA ASP VA 13 45.80 21.44 -53.94
C ASP VA 13 44.64 22.43 -53.97
N ILE VA 14 43.59 22.12 -53.21
CA ILE VA 14 42.36 22.91 -53.24
C ILE VA 14 42.04 23.50 -51.87
N GLY VA 15 43.00 23.55 -50.97
CA GLY VA 15 42.74 24.12 -49.66
C GLY VA 15 42.72 25.63 -49.68
N ALA VA 16 42.19 26.20 -48.60
CA ALA VA 16 42.25 27.63 -48.38
C ALA VA 16 43.58 27.99 -47.75
N ARG VA 17 44.26 28.99 -48.31
CA ARG VA 17 45.59 29.34 -47.87
C ARG VA 17 45.52 30.27 -46.67
N THR VA 18 46.65 30.83 -46.27
CA THR VA 18 46.71 31.71 -45.12
C THR VA 18 47.38 33.02 -45.53
N ILE VA 19 47.14 34.05 -44.72
CA ILE VA 19 47.59 35.41 -45.03
C ILE VA 19 48.36 35.95 -43.84
N ALA VA 20 49.56 36.46 -44.10
CA ALA VA 20 50.37 37.12 -43.08
C ALA VA 20 50.47 38.61 -43.38
N LEU VA 21 50.79 39.38 -42.34
CA LEU VA 21 50.91 40.82 -42.43
C LEU VA 21 52.34 41.24 -42.73
N PRO VA 22 52.55 42.32 -43.50
CA PRO VA 22 53.91 42.74 -43.84
C PRO VA 22 54.60 43.62 -42.81
N ALA VA 23 54.48 43.27 -41.53
CA ALA VA 23 55.33 43.67 -40.41
C ALA VA 23 55.22 45.13 -39.97
N SER VA 24 54.59 45.99 -40.78
CA SER VA 24 54.00 47.25 -40.37
C SER VA 24 54.90 48.30 -39.72
N SER VA 25 56.20 48.05 -39.60
CA SER VA 25 57.01 48.92 -38.75
C SER VA 25 58.36 49.30 -39.36
N VAL VA 26 58.56 49.08 -40.65
CA VAL VA 26 59.80 49.47 -41.28
C VAL VA 26 59.79 50.98 -41.50
N ILE VA 27 60.86 51.64 -41.10
CA ILE VA 27 60.93 53.10 -41.05
C ILE VA 27 61.85 53.57 -42.17
N GLY VA 28 61.30 54.38 -43.08
CA GLY VA 28 62.10 54.96 -44.13
C GLY VA 28 62.75 56.25 -43.68
N LEU VA 29 64.08 56.27 -43.62
CA LEU VA 29 64.82 57.40 -43.12
C LEU VA 29 65.63 58.04 -44.23
N CYS VA 30 65.78 59.37 -44.15
CA CYS VA 30 66.59 60.10 -45.12
C CYS VA 30 67.06 61.39 -44.47
N ASP VA 31 68.35 61.46 -44.17
CA ASP VA 31 68.94 62.67 -43.61
C ASP VA 31 70.37 62.77 -44.15
N VAL VA 32 71.09 63.78 -43.69
CA VAL VA 32 72.43 64.01 -44.22
C VAL VA 32 73.45 63.22 -43.39
N PHE VA 33 74.59 62.95 -44.00
CA PHE VA 33 75.73 62.35 -43.32
C PHE VA 33 76.97 62.66 -44.14
N THR VA 34 78.12 62.66 -43.46
CA THR VA 34 79.37 62.97 -44.11
C THR VA 34 80.09 61.68 -44.48
N PRO VA 35 80.22 61.35 -45.76
CA PRO VA 35 80.91 60.11 -46.12
C PRO VA 35 82.41 60.23 -45.95
N GLY VA 36 83.02 59.13 -45.52
CA GLY VA 36 84.46 59.11 -45.29
C GLY VA 36 84.98 57.74 -44.96
N ALA VA 37 85.94 57.67 -44.03
CA ALA VA 37 86.51 56.39 -43.64
C ALA VA 37 85.65 55.68 -42.60
N GLN VA 38 85.07 56.43 -41.68
CA GLN VA 38 84.26 55.86 -40.62
C GLN VA 38 82.80 55.65 -41.01
N ALA VA 39 82.33 56.33 -42.06
CA ALA VA 39 80.98 56.16 -42.56
C ALA VA 39 81.06 55.22 -43.76
N SER VA 40 80.62 53.98 -43.56
CA SER VA 40 80.83 52.91 -44.53
C SER VA 40 79.64 52.72 -45.46
N ALA VA 41 78.91 53.78 -45.79
CA ALA VA 41 77.80 53.69 -46.72
C ALA VA 41 77.98 54.70 -47.84
N LYS VA 42 77.65 54.27 -49.06
CA LYS VA 42 77.69 55.16 -50.20
C LYS VA 42 76.56 56.19 -50.09
N PRO VA 43 76.79 57.43 -50.55
CA PRO VA 43 75.89 58.52 -50.15
C PRO VA 43 74.54 58.59 -50.86
N ASN VA 44 74.13 57.55 -51.59
CA ASN VA 44 72.75 57.50 -52.04
C ASN VA 44 72.09 56.14 -51.95
N VAL VA 45 72.83 55.07 -51.65
CA VAL VA 45 72.27 53.73 -51.63
C VAL VA 45 71.49 53.52 -50.34
N PRO VA 46 70.44 52.70 -50.33
CA PRO VA 46 69.75 52.42 -49.07
C PRO VA 46 70.51 51.39 -48.25
N VAL VA 47 70.54 51.61 -46.95
CA VAL VA 47 71.19 50.70 -46.01
C VAL VA 47 70.14 50.21 -45.03
N LEU VA 48 70.05 48.90 -44.87
CA LEU VA 48 69.14 48.32 -43.89
C LEU VA 48 69.77 48.36 -42.51
N LEU VA 49 69.11 49.00 -41.56
CA LEU VA 49 69.59 49.10 -40.20
C LEU VA 49 68.63 48.39 -39.27
N THR VA 50 69.17 47.51 -38.44
CA THR VA 50 68.36 46.79 -37.47
C THR VA 50 68.75 47.06 -36.03
N SER VA 51 69.85 47.75 -35.78
CA SER VA 51 70.30 48.00 -34.42
C SER VA 51 71.07 49.30 -34.38
N LYS VA 52 71.24 49.82 -33.16
CA LYS VA 52 71.94 51.08 -32.97
C LYS VA 52 73.43 50.93 -33.21
N LYS VA 53 73.97 49.73 -33.01
CA LYS VA 53 75.35 49.45 -33.37
C LYS VA 53 75.54 49.37 -34.87
N ASP VA 54 74.48 49.06 -35.61
CA ASP VA 54 74.53 48.96 -37.06
C ASP VA 54 74.40 50.31 -37.74
N ALA VA 55 73.78 51.29 -37.08
CA ALA VA 55 73.62 52.60 -37.68
C ALA VA 55 74.86 53.45 -37.53
N ALA VA 56 75.60 53.28 -36.43
CA ALA VA 56 76.84 54.02 -36.25
C ALA VA 56 77.96 53.48 -37.13
N ALA VA 57 77.93 52.19 -37.44
CA ALA VA 57 78.95 51.60 -38.30
C ALA VA 57 78.77 52.01 -39.75
N ALA VA 58 77.57 52.43 -40.14
CA ALA VA 58 77.30 52.78 -41.53
C ALA VA 58 77.24 54.28 -41.77
N PHE VA 59 77.12 55.09 -40.73
CA PHE VA 59 77.04 56.54 -40.91
C PHE VA 59 77.92 57.35 -39.97
N GLY VA 60 78.47 56.76 -38.92
CA GLY VA 60 79.28 57.51 -37.99
C GLY VA 60 78.45 58.17 -36.90
N ILE VA 61 79.12 58.54 -35.82
CA ILE VA 61 78.42 59.08 -34.66
C ILE VA 61 78.02 60.53 -34.89
N GLY VA 62 78.87 61.31 -35.54
CA GLY VA 62 78.58 62.71 -35.74
C GLY VA 62 77.54 63.03 -36.79
N SER VA 63 77.09 62.02 -37.53
CA SER VA 63 76.15 62.24 -38.63
C SER VA 63 74.78 62.63 -38.10
N SER VA 64 74.07 63.43 -38.89
CA SER VA 64 72.71 63.83 -38.55
C SER VA 64 71.69 62.74 -38.81
N ILE VA 65 72.07 61.67 -39.51
CA ILE VA 65 71.15 60.55 -39.73
C ILE VA 65 71.29 59.49 -38.65
N TYR VA 66 72.45 59.39 -37.99
CA TYR VA 66 72.57 58.51 -36.84
C TYR VA 66 71.78 59.06 -35.66
N LEU VA 67 71.67 60.37 -35.56
CA LEU VA 67 70.88 60.99 -34.51
C LEU VA 67 69.39 60.75 -34.71
N ALA VA 68 68.97 60.43 -35.93
CA ALA VA 68 67.60 59.99 -36.17
C ALA VA 68 67.42 58.51 -35.89
N CYS VA 69 68.47 57.71 -36.05
CA CYS VA 69 68.41 56.32 -35.63
C CYS VA 69 68.46 56.20 -34.12
N GLU VA 70 69.25 57.06 -33.48
CA GLU VA 70 69.30 57.09 -32.02
C GLU VA 70 67.97 57.52 -31.42
N ALA VA 71 67.22 58.37 -32.13
CA ALA VA 71 65.89 58.76 -31.67
C ALA VA 71 64.90 57.62 -31.78
N ILE VA 72 65.10 56.72 -32.73
CA ILE VA 72 64.21 55.58 -32.92
C ILE VA 72 64.61 54.41 -32.04
N TYR VA 73 65.91 54.11 -31.98
CA TYR VA 73 66.35 52.93 -31.24
C TYR VA 73 66.32 53.12 -29.73
N ASN VA 74 66.28 54.35 -29.24
CA ASN VA 74 66.12 54.56 -27.81
C ASN VA 74 64.70 54.28 -27.35
N ARG VA 75 63.72 54.48 -28.23
CA ARG VA 75 62.32 54.26 -27.90
C ARG VA 75 61.86 52.86 -28.26
N ALA VA 76 62.13 52.43 -29.48
CA ALA VA 76 61.68 51.12 -29.95
C ALA VA 76 62.86 50.32 -30.48
N GLN VA 77 62.57 49.20 -31.14
CA GLN VA 77 63.60 48.40 -31.81
C GLN VA 77 62.97 47.86 -33.08
N ALA VA 78 63.18 48.57 -34.19
CA ALA VA 78 62.55 48.21 -35.45
C ALA VA 78 63.54 48.38 -36.59
N VAL VA 79 63.12 48.00 -37.78
CA VAL VA 79 63.97 48.06 -38.95
C VAL VA 79 63.95 49.47 -39.51
N ILE VA 80 65.10 49.96 -39.94
CA ILE VA 80 65.22 51.29 -40.54
C ILE VA 80 65.89 51.14 -41.89
N VAL VA 81 65.19 51.51 -42.94
CA VAL VA 81 65.80 51.65 -44.27
C VAL VA 81 66.27 53.10 -44.37
N ALA VA 82 67.55 53.32 -44.11
CA ALA VA 82 68.13 54.65 -44.17
C ALA VA 82 68.76 54.87 -45.54
N VAL VA 83 68.62 56.08 -46.06
CA VAL VA 83 69.21 56.41 -47.35
C VAL VA 83 70.53 57.13 -47.12
N GLY VA 84 70.48 58.30 -46.52
CA GLY VA 84 71.69 59.07 -46.33
C GLY VA 84 72.05 59.88 -47.56
N VAL VA 85 72.37 61.16 -47.37
CA VAL VA 85 72.83 62.02 -48.45
C VAL VA 85 74.04 62.78 -47.94
N GLU VA 86 74.83 63.30 -48.87
CA GLU VA 86 75.98 64.11 -48.50
C GLU VA 86 75.55 65.55 -48.26
N THR VA 87 76.26 66.23 -47.38
CA THR VA 87 75.86 67.56 -46.94
C THR VA 87 76.13 68.59 -48.03
N ALA VA 88 75.07 69.23 -48.50
CA ALA VA 88 75.18 70.22 -49.56
C ALA VA 88 75.68 71.54 -48.99
N GLU VA 89 75.84 72.53 -49.86
CA GLU VA 89 76.42 73.81 -49.47
C GLU VA 89 75.39 74.72 -48.81
N THR VA 90 74.37 75.10 -49.55
CA THR VA 90 73.30 75.96 -49.06
C THR VA 90 72.19 75.11 -48.45
N PRO VA 91 71.39 75.67 -47.54
CA PRO VA 91 70.22 74.92 -47.05
C PRO VA 91 69.12 74.74 -48.09
N GLU VA 92 69.14 75.52 -49.18
CA GLU VA 92 68.22 75.29 -50.28
C GLU VA 92 68.62 74.08 -51.10
N ALA VA 93 69.92 73.93 -51.37
CA ALA VA 93 70.41 72.80 -52.16
C ALA VA 93 70.45 71.51 -51.36
N GLN VA 94 70.32 71.58 -50.02
CA GLN VA 94 70.15 70.36 -49.24
C GLN VA 94 68.77 69.77 -49.46
N ALA VA 95 67.77 70.62 -49.72
CA ALA VA 95 66.43 70.13 -49.97
C ALA VA 95 66.32 69.42 -51.31
N SER VA 96 67.09 69.85 -52.30
CA SER VA 96 67.07 69.18 -53.59
C SER VA 96 67.81 67.86 -53.57
N ALA VA 97 68.65 67.61 -52.57
CA ALA VA 97 69.32 66.33 -52.41
C ALA VA 97 68.49 65.34 -51.62
N VAL VA 98 67.64 65.82 -50.72
CA VAL VA 98 66.73 64.94 -49.99
C VAL VA 98 65.59 64.49 -50.89
N ILE VA 99 65.05 65.41 -51.69
CA ILE VA 99 64.05 65.04 -52.68
C ILE VA 99 64.66 64.10 -53.72
N GLY VA 100 65.84 64.46 -54.22
CA GLY VA 100 66.57 63.58 -55.12
C GLY VA 100 65.97 63.51 -56.49
N GLY VA 101 65.37 62.38 -56.80
CA GLY VA 101 64.85 62.14 -58.13
C GLY VA 101 65.55 60.94 -58.74
N ILE VA 102 66.09 61.11 -59.94
CA ILE VA 102 66.87 60.05 -60.57
C ILE VA 102 68.18 60.66 -61.03
N SER VA 103 69.19 59.82 -61.16
CA SER VA 103 70.53 60.27 -61.48
C SER VA 103 70.81 60.10 -62.96
N ALA VA 104 71.98 60.57 -63.39
CA ALA VA 104 72.40 60.36 -64.77
C ALA VA 104 72.83 58.92 -65.01
N ALA VA 105 73.12 58.16 -63.96
CA ALA VA 105 73.43 56.76 -64.07
C ALA VA 105 72.21 55.87 -64.08
N GLY VA 106 71.01 56.44 -63.97
CA GLY VA 106 69.80 55.64 -63.95
C GLY VA 106 69.50 55.00 -62.62
N GLU VA 107 69.66 55.75 -61.53
CA GLU VA 107 69.48 55.22 -60.19
C GLU VA 107 68.78 56.26 -59.33
N ARG VA 108 67.84 55.81 -58.50
CA ARG VA 108 67.15 56.72 -57.60
C ARG VA 108 68.07 57.14 -56.46
N THR VA 109 68.04 58.42 -56.11
CA THR VA 109 69.04 58.99 -55.22
C THR VA 109 68.49 59.42 -53.88
N GLY VA 110 67.46 60.26 -53.84
CA GLY VA 110 67.11 60.88 -52.60
C GLY VA 110 66.10 60.09 -51.79
N LEU VA 111 64.92 60.67 -51.57
CA LEU VA 111 63.83 59.92 -50.97
C LEU VA 111 63.33 58.81 -51.89
N GLN VA 112 63.55 58.93 -53.20
CA GLN VA 112 63.14 57.91 -54.15
C GLN VA 112 63.86 56.59 -53.96
N ALA VA 113 65.02 56.59 -53.29
CA ALA VA 113 65.74 55.35 -53.02
C ALA VA 113 65.03 54.45 -52.03
N LEU VA 114 64.04 54.98 -51.30
CA LEU VA 114 63.23 54.13 -50.42
C LEU VA 114 62.31 53.21 -51.19
N LEU VA 115 62.02 53.52 -52.47
CA LEU VA 115 61.26 52.61 -53.31
C LEU VA 115 62.05 51.37 -53.67
N ASP VA 116 63.37 51.41 -53.53
CA ASP VA 116 64.24 50.23 -53.63
C ASP VA 116 64.32 49.46 -52.32
N GLY VA 117 63.54 49.85 -51.31
CA GLY VA 117 63.61 49.19 -50.02
C GLY VA 117 62.98 47.82 -49.99
N LYS VA 118 62.11 47.51 -50.94
CA LYS VA 118 61.49 46.19 -51.01
C LYS VA 118 62.13 45.29 -52.04
N SER VA 119 62.67 45.86 -53.12
CA SER VA 119 63.32 45.06 -54.14
C SER VA 119 64.67 44.52 -53.69
N ARG VA 120 65.26 45.11 -52.66
CA ARG VA 120 66.60 44.74 -52.20
C ARG VA 120 66.61 44.10 -50.83
N PHE VA 121 65.75 44.54 -49.91
CA PHE VA 121 65.75 44.03 -48.55
C PHE VA 121 64.49 43.25 -48.19
N ASN VA 122 63.47 43.25 -49.07
CA ASN VA 122 62.15 42.68 -48.81
C ASN VA 122 61.52 43.24 -47.55
N ALA VA 123 61.72 44.55 -47.33
CA ALA VA 123 61.18 45.26 -46.17
C ALA VA 123 60.75 46.64 -46.66
N GLN VA 124 59.49 46.75 -47.03
CA GLN VA 124 58.95 48.01 -47.53
C GLN VA 124 58.72 48.96 -46.36
N PRO VA 125 59.18 50.22 -46.44
CA PRO VA 125 59.02 51.14 -45.32
C PRO VA 125 57.58 51.58 -45.16
N ARG VA 126 57.11 51.58 -43.91
CA ARG VA 126 55.77 52.02 -43.58
C ARG VA 126 55.71 53.36 -42.88
N LEU VA 127 56.84 53.84 -42.35
CA LEU VA 127 56.93 55.16 -41.76
C LEU VA 127 58.01 55.94 -42.52
N LEU VA 128 57.63 57.07 -43.10
CA LEU VA 128 58.54 57.87 -43.88
C LEU VA 128 58.95 59.09 -43.07
N VAL VA 129 60.23 59.21 -42.76
CA VAL VA 129 60.75 60.26 -41.90
C VAL VA 129 61.97 60.87 -42.55
N ALA VA 130 61.93 62.17 -42.79
CA ALA VA 130 63.10 62.96 -43.15
C ALA VA 130 63.21 64.05 -42.09
N PRO VA 131 63.99 63.83 -41.04
CA PRO VA 131 63.95 64.74 -39.88
C PRO VA 131 64.65 66.05 -40.16
N GLY VA 132 63.93 67.14 -39.92
CA GLY VA 132 64.44 68.48 -40.11
C GLY VA 132 64.23 69.04 -41.49
N HIS VA 133 64.22 68.20 -42.51
CA HIS VA 133 64.00 68.65 -43.86
C HIS VA 133 62.53 68.67 -44.24
N SER VA 134 61.67 68.01 -43.48
CA SER VA 134 60.24 68.01 -43.76
C SER VA 134 59.57 69.33 -43.44
N ALA VA 135 60.26 70.24 -42.73
CA ALA VA 135 59.73 71.56 -42.44
C ALA VA 135 59.67 72.46 -43.67
N GLN VA 136 60.31 72.08 -44.77
CA GLN VA 136 60.18 72.79 -46.03
C GLN VA 136 59.05 72.18 -46.85
N GLN VA 137 58.37 73.02 -47.62
CA GLN VA 137 57.24 72.55 -48.39
C GLN VA 137 57.67 71.73 -49.60
N ALA VA 138 58.88 71.95 -50.11
CA ALA VA 138 59.34 71.19 -51.27
C ALA VA 138 59.62 69.74 -50.91
N VAL VA 139 60.20 69.50 -49.74
CA VAL VA 139 60.50 68.14 -49.33
C VAL VA 139 59.24 67.42 -48.88
N ALA VA 140 58.37 68.11 -48.15
CA ALA VA 140 57.17 67.47 -47.62
C ALA VA 140 56.14 67.17 -48.70
N THR VA 141 56.16 67.89 -49.82
CA THR VA 141 55.33 67.52 -50.95
C THR VA 141 55.92 66.34 -51.71
N ALA VA 142 57.24 66.23 -51.74
CA ALA VA 142 57.88 65.07 -52.34
C ALA VA 142 57.69 63.82 -51.51
N MET VA 143 57.58 63.99 -50.18
CA MET VA 143 57.35 62.85 -49.31
C MET VA 143 55.90 62.42 -49.30
N ASP VA 144 54.97 63.30 -49.68
CA ASP VA 144 53.57 62.89 -49.75
C ASP VA 144 53.31 62.02 -50.97
N GLY VA 145 53.89 62.37 -52.11
CA GLY VA 145 53.76 61.52 -53.29
C GLY VA 145 54.51 60.22 -53.14
N LEU VA 146 55.56 60.21 -52.33
CA LEU VA 146 56.28 58.98 -52.03
C LEU VA 146 55.49 58.10 -51.08
N ALA VA 147 54.68 58.69 -50.21
CA ALA VA 147 53.93 57.94 -49.22
C ALA VA 147 52.75 57.19 -49.81
N GLU VA 148 52.26 57.59 -50.98
CA GLU VA 148 51.22 56.81 -51.64
C GLU VA 148 51.81 55.70 -52.49
N LYS VA 149 53.05 55.87 -52.97
CA LYS VA 149 53.73 54.80 -53.68
C LYS VA 149 54.08 53.65 -52.75
N LEU VA 150 54.32 53.94 -51.47
CA LEU VA 150 54.72 52.94 -50.51
C LEU VA 150 53.60 52.52 -49.57
N ARG VA 151 52.44 53.18 -49.65
CA ARG VA 151 51.33 53.04 -48.70
C ARG VA 151 51.80 53.27 -47.27
N ALA VA 152 52.58 54.33 -47.08
CA ALA VA 152 53.22 54.65 -45.82
C ALA VA 152 52.59 55.90 -45.22
N ILE VA 153 52.99 56.19 -43.98
CA ILE VA 153 52.53 57.36 -43.25
C ILE VA 153 53.73 58.28 -43.11
N ALA VA 154 53.80 59.30 -43.94
CA ALA VA 154 54.96 60.20 -43.97
C ALA VA 154 54.87 61.16 -42.79
N ILE VA 155 55.71 60.96 -41.79
CA ILE VA 155 55.67 61.76 -40.58
C ILE VA 155 56.41 63.07 -40.84
N LEU VA 156 55.67 64.17 -40.90
CA LEU VA 156 56.26 65.48 -41.09
C LEU VA 156 56.62 66.10 -39.74
N ASP VA 157 57.22 67.27 -39.79
CA ASP VA 157 57.38 68.11 -38.61
C ASP VA 157 57.41 69.56 -39.10
N GLY VA 158 56.58 70.40 -38.49
CA GLY VA 158 56.49 71.77 -38.89
C GLY VA 158 57.67 72.58 -38.38
N PRO VA 159 57.65 73.87 -38.69
CA PRO VA 159 58.69 74.77 -38.17
C PRO VA 159 58.52 74.98 -36.68
N ASN VA 160 59.63 75.36 -36.03
CA ASN VA 160 59.65 75.62 -34.60
C ASN VA 160 59.31 77.06 -34.25
N SER VA 161 58.58 77.74 -35.12
CA SER VA 161 58.08 79.08 -34.87
C SER VA 161 56.76 78.97 -34.12
N THR VA 162 56.00 80.06 -34.03
CA THR VA 162 54.75 80.09 -33.28
C THR VA 162 53.68 79.24 -33.96
N ASP VA 163 52.54 79.13 -33.27
CA ASP VA 163 51.47 78.24 -33.72
C ASP VA 163 50.74 78.77 -34.95
N GLU VA 164 50.81 80.07 -35.21
CA GLU VA 164 50.25 80.59 -36.45
C GLU VA 164 51.05 80.10 -37.65
N ALA VA 165 52.37 79.92 -37.49
CA ALA VA 165 53.20 79.36 -38.53
C ALA VA 165 53.09 77.85 -38.64
N ALA VA 166 52.40 77.20 -37.71
CA ALA VA 166 52.15 75.76 -37.80
C ALA VA 166 50.82 75.45 -38.45
N VAL VA 167 49.81 76.28 -38.19
CA VAL VA 167 48.53 76.11 -38.87
C VAL VA 167 48.66 76.50 -40.34
N ALA VA 168 49.41 77.56 -40.62
CA ALA VA 168 49.62 77.98 -42.00
C ALA VA 168 50.52 77.03 -42.77
N TYR VA 169 51.30 76.21 -42.09
CA TYR VA 169 52.07 75.17 -42.75
C TYR VA 169 51.27 73.89 -42.94
N ALA VA 170 50.39 73.57 -42.00
CA ALA VA 170 49.56 72.37 -42.11
C ALA VA 170 48.36 72.56 -43.01
N LYS VA 171 48.10 73.77 -43.48
CA LYS VA 171 47.02 74.03 -44.41
C LYS VA 171 47.43 73.82 -45.86
N ASN VA 172 48.66 73.38 -46.10
CA ASN VA 172 49.16 73.22 -47.45
C ASN VA 172 48.98 71.82 -48.01
N PHE VA 173 48.71 70.83 -47.17
CA PHE VA 173 48.87 69.43 -47.57
C PHE VA 173 47.55 68.73 -47.89
N GLY VA 174 46.70 68.52 -46.90
CA GLY VA 174 45.40 67.92 -47.15
C GLY VA 174 45.43 66.48 -47.62
N SER VA 175 46.43 65.71 -47.22
CA SER VA 175 46.57 64.33 -47.67
C SER VA 175 46.54 63.37 -46.48
N LYS VA 176 45.86 62.24 -46.65
CA LYS VA 176 45.56 61.34 -45.55
C LYS VA 176 46.76 60.54 -45.06
N ARG VA 177 47.91 60.63 -45.73
CA ARG VA 177 49.10 59.89 -45.35
C ARG VA 177 50.19 60.81 -44.83
N LEU VA 178 49.81 61.90 -44.17
CA LEU VA 178 50.75 62.87 -43.64
C LEU VA 178 50.45 63.11 -42.18
N PHE VA 179 51.47 63.00 -41.34
CA PHE VA 179 51.32 63.13 -39.90
C PHE VA 179 52.29 64.19 -39.44
N MET VA 180 51.79 65.25 -38.81
CA MET VA 180 52.59 66.41 -38.47
C MET VA 180 52.69 66.54 -36.96
N VAL VA 181 53.91 66.68 -36.46
CA VAL VA 181 54.19 66.91 -35.04
C VAL VA 181 54.90 68.24 -34.93
N ASP VA 182 54.21 69.27 -34.43
CA ASP VA 182 54.74 70.62 -34.55
C ASP VA 182 55.88 70.98 -33.58
N PRO VA 183 55.73 70.92 -32.25
CA PRO VA 183 56.73 71.56 -31.39
C PRO VA 183 58.03 70.75 -31.33
N GLY VA 184 59.14 71.45 -31.46
CA GLY VA 184 60.43 70.78 -31.57
C GLY VA 184 60.90 70.22 -30.23
N VAL VA 185 61.40 68.99 -30.28
CA VAL VA 185 61.91 68.33 -29.09
C VAL VA 185 63.24 68.97 -28.71
N GLN VA 186 63.39 69.31 -27.44
CA GLN VA 186 64.65 69.78 -26.90
C GLN VA 186 65.37 68.60 -26.28
N VAL VA 187 66.41 68.11 -26.95
CA VAL VA 187 67.06 66.86 -26.57
C VAL VA 187 68.52 67.14 -26.24
N TRP VA 188 69.12 66.23 -25.48
CA TRP VA 188 70.51 66.37 -25.04
C TRP VA 188 71.47 65.98 -26.15
N ASP VA 189 72.43 66.85 -26.43
CA ASP VA 189 73.43 66.62 -27.47
C ASP VA 189 74.71 66.16 -26.81
N SER VA 190 75.15 64.95 -27.14
CA SER VA 190 76.36 64.38 -26.56
C SER VA 190 77.63 64.80 -27.26
N ALA VA 191 77.54 65.68 -28.27
CA ALA VA 191 78.70 66.19 -28.97
C ALA VA 191 79.09 67.59 -28.53
N THR VA 192 78.12 68.42 -28.15
CA THR VA 192 78.38 69.76 -27.64
C THR VA 192 78.07 69.90 -26.16
N ASN VA 193 77.56 68.84 -25.53
CA ASN VA 193 77.25 68.78 -24.09
C ASN VA 193 76.24 69.85 -23.69
N ALA VA 194 75.17 69.96 -24.46
CA ALA VA 194 74.11 70.92 -24.18
C ALA VA 194 72.81 70.39 -24.78
N ALA VA 195 71.72 71.09 -24.49
CA ALA VA 195 70.39 70.67 -24.94
C ALA VA 195 70.10 71.33 -26.28
N ARG VA 196 70.15 70.54 -27.35
CA ARG VA 196 69.85 71.03 -28.69
C ARG VA 196 68.38 70.80 -29.02
N ASN VA 197 67.94 71.44 -30.10
CA ASN VA 197 66.57 71.31 -30.58
C ASN VA 197 66.52 70.22 -31.64
N ALA VA 198 65.87 69.13 -31.31
CA ALA VA 198 65.67 68.06 -32.27
C ALA VA 198 64.47 68.36 -33.16
N PRO VA 199 64.42 67.80 -34.37
CA PRO VA 199 63.27 68.08 -35.25
C PRO VA 199 61.96 67.43 -34.82
N ALA VA 200 61.98 66.52 -33.84
CA ALA VA 200 60.79 65.88 -33.24
C ALA VA 200 59.98 65.07 -34.24
N SER VA 201 60.59 64.63 -35.34
CA SER VA 201 59.95 63.76 -36.31
C SER VA 201 60.42 62.33 -36.22
N ALA VA 202 61.70 62.12 -35.90
CA ALA VA 202 62.19 60.77 -35.65
C ALA VA 202 61.74 60.24 -34.31
N TYR VA 203 61.40 61.11 -33.36
CA TYR VA 203 60.93 60.67 -32.06
C TYR VA 203 59.50 60.18 -32.12
N ALA VA 204 58.68 60.73 -33.01
CA ALA VA 204 57.36 60.16 -33.26
C ALA VA 204 57.45 58.87 -34.05
N ALA VA 205 58.51 58.69 -34.83
CA ALA VA 205 58.69 57.44 -35.56
C ALA VA 205 59.06 56.30 -34.63
N GLY VA 206 59.73 56.60 -33.51
CA GLY VA 206 59.98 55.58 -32.52
C GLY VA 206 58.72 55.16 -31.80
N LEU VA 207 57.73 56.05 -31.73
CA LEU VA 207 56.47 55.72 -31.10
C LEU VA 207 55.59 54.84 -31.99
N PHE VA 208 55.59 55.09 -33.29
CA PHE VA 208 54.87 54.23 -34.21
C PHE VA 208 55.50 52.85 -34.29
N ALA VA 209 56.81 52.77 -34.15
CA ALA VA 209 57.48 51.47 -34.15
C ALA VA 209 57.35 50.75 -32.83
N TRP VA 210 56.99 51.45 -31.76
CA TRP VA 210 56.89 50.83 -30.45
C TRP VA 210 55.50 50.28 -30.17
N THR VA 211 54.45 50.99 -30.59
CA THR VA 211 53.09 50.53 -30.35
C THR VA 211 52.74 49.32 -31.19
N ASP VA 212 53.41 49.12 -32.33
CA ASP VA 212 53.17 47.90 -33.10
C ASP VA 212 53.75 46.68 -32.41
N ALA VA 213 54.84 46.86 -31.68
CA ALA VA 213 55.44 45.76 -30.93
C ALA VA 213 54.82 45.59 -29.55
N GLU VA 214 54.15 46.62 -29.03
CA GLU VA 214 53.57 46.57 -27.69
C GLU VA 214 52.06 46.41 -27.72
N TYR VA 215 51.35 47.27 -28.45
CA TYR VA 215 49.89 47.25 -28.48
C TYR VA 215 49.32 46.78 -29.80
N GLY VA 216 50.09 46.78 -30.88
CA GLY VA 216 49.61 46.42 -32.19
C GLY VA 216 49.53 47.62 -33.11
N PHE VA 217 49.40 47.31 -34.41
CA PHE VA 217 49.38 48.36 -35.42
C PHE VA 217 48.07 49.10 -35.49
N TRP VA 218 47.04 48.66 -34.76
CA TRP VA 218 45.77 49.34 -34.70
C TRP VA 218 45.68 50.31 -33.54
N SER VA 219 46.78 50.60 -32.89
CA SER VA 219 46.79 51.49 -31.73
C SER VA 219 47.53 52.77 -32.07
N SER VA 220 46.90 53.91 -31.85
CA SER VA 220 47.55 55.18 -32.09
C SER VA 220 48.58 55.44 -31.00
N PRO VA 221 49.67 56.12 -31.34
CA PRO VA 221 50.70 56.42 -30.32
C PRO VA 221 50.41 57.70 -29.56
N SER VA 222 49.18 58.19 -29.64
CA SER VA 222 48.81 59.52 -29.20
C SER VA 222 48.61 59.65 -27.70
N ASN VA 223 49.02 58.68 -26.91
CA ASN VA 223 49.16 58.88 -25.47
C ASN VA 223 50.42 58.24 -24.94
N LYS VA 224 51.26 57.68 -25.80
CA LYS VA 224 52.45 56.99 -25.35
C LYS VA 224 53.56 58.01 -25.13
N GLU VA 225 54.63 57.56 -24.48
CA GLU VA 225 55.66 58.46 -23.98
C GLU VA 225 56.90 58.38 -24.84
N ILE VA 226 57.56 59.53 -25.00
CA ILE VA 226 58.82 59.60 -25.71
C ILE VA 226 59.94 59.62 -24.68
N LYS VA 227 61.02 58.89 -24.98
CA LYS VA 227 62.02 58.57 -23.96
C LYS VA 227 63.13 59.60 -23.86
N GLY VA 228 63.85 59.84 -24.96
CA GLY VA 228 65.03 60.68 -24.90
C GLY VA 228 64.75 62.15 -24.71
N VAL VA 229 63.50 62.57 -24.84
CA VAL VA 229 63.14 63.98 -24.79
C VAL VA 229 63.32 64.52 -23.38
N THR VA 230 64.07 65.61 -23.27
CA THR VA 230 64.28 66.30 -22.00
C THR VA 230 63.76 67.74 -22.07
N GLY VA 231 62.67 67.94 -22.79
CA GLY VA 231 62.07 69.25 -22.90
C GLY VA 231 61.55 69.49 -24.29
N THR VA 232 60.71 70.52 -24.40
CA THR VA 232 60.07 70.88 -25.67
C THR VA 232 60.25 72.37 -25.89
N SER VA 233 60.83 72.73 -27.02
CA SER VA 233 60.92 74.13 -27.41
C SER VA 233 59.53 74.67 -27.70
N ARG VA 234 59.26 75.88 -27.19
CA ARG VA 234 57.93 76.52 -27.16
C ARG VA 234 56.92 75.59 -26.50
N PRO VA 235 56.92 75.50 -25.16
CA PRO VA 235 56.06 74.51 -24.49
C PRO VA 235 54.58 74.82 -24.65
N VAL VA 236 53.83 73.80 -25.04
CA VAL VA 236 52.40 73.94 -25.28
C VAL VA 236 51.64 73.73 -23.99
N GLU VA 237 50.40 74.21 -23.97
CA GLU VA 237 49.57 74.23 -22.77
C GLU VA 237 48.53 73.12 -22.83
N PHE VA 238 48.47 72.30 -21.78
CA PHE VA 238 47.40 71.32 -21.61
C PHE VA 238 47.21 71.18 -20.10
N LEU VA 239 46.26 71.96 -19.56
CA LEU VA 239 46.17 72.09 -18.10
C LEU VA 239 45.32 71.00 -17.45
N ASP VA 240 44.00 71.07 -17.60
CA ASP VA 240 43.17 70.10 -16.90
C ASP VA 240 42.22 69.33 -17.81
N GLY VA 241 41.22 70.03 -18.36
CA GLY VA 241 40.22 69.45 -19.23
C GLY VA 241 39.72 70.49 -20.21
N ASP VA 242 40.41 71.62 -20.26
CA ASP VA 242 39.93 72.78 -21.00
C ASP VA 242 40.07 72.56 -22.49
N GLU VA 243 38.95 72.70 -23.20
CA GLU VA 243 38.93 72.49 -24.64
C GLU VA 243 39.51 73.64 -25.43
N THR VA 244 39.91 74.73 -24.78
CA THR VA 244 40.56 75.85 -25.44
C THR VA 244 42.01 75.98 -25.00
N CYS VA 245 42.68 74.87 -24.73
CA CYS VA 245 44.10 74.91 -24.46
C CYS VA 245 44.87 75.15 -25.74
N ARG VA 246 46.14 75.52 -25.59
CA ARG VA 246 46.96 75.83 -26.75
C ARG VA 246 47.32 74.58 -27.54
N ALA VA 247 47.45 73.44 -26.85
CA ALA VA 247 47.75 72.19 -27.55
C ALA VA 247 46.50 71.57 -28.16
N ASN VA 248 45.32 71.84 -27.60
CA ASN VA 248 44.10 71.29 -28.18
C ASN VA 248 43.71 72.03 -29.46
N LEU VA 249 44.05 73.31 -29.55
CA LEU VA 249 43.77 74.07 -30.77
C LEU VA 249 44.67 73.65 -31.92
N LEU VA 250 45.78 72.95 -31.63
CA LEU VA 250 46.60 72.38 -32.68
C LEU VA 250 46.12 71.01 -33.11
N ASN VA 251 45.54 70.23 -32.18
CA ASN VA 251 44.90 68.97 -32.58
C ASN VA 251 43.63 69.22 -33.38
N ASN VA 252 42.97 70.36 -33.16
CA ASN VA 252 41.84 70.74 -33.97
C ASN VA 252 42.25 71.11 -35.39
N ALA VA 253 43.50 71.51 -35.59
CA ALA VA 253 44.05 71.80 -36.91
C ALA VA 253 44.82 70.63 -37.49
N ASN VA 254 44.52 69.41 -37.02
CA ASN VA 254 45.12 68.16 -37.50
C ASN VA 254 46.63 68.13 -37.34
N ILE VA 255 47.12 68.67 -36.22
CA ILE VA 255 48.54 68.66 -35.90
C ILE VA 255 48.72 67.98 -34.56
N ALA VA 256 49.59 66.97 -34.51
CA ALA VA 256 49.92 66.35 -33.24
C ALA VA 256 50.89 67.23 -32.47
N THR VA 257 50.87 67.10 -31.14
CA THR VA 257 51.72 67.88 -30.27
C THR VA 257 52.44 66.99 -29.27
N ILE VA 258 53.32 67.60 -28.49
CA ILE VA 258 54.02 66.96 -27.39
C ILE VA 258 53.76 67.81 -26.15
N ILE VA 259 52.94 67.31 -25.24
CA ILE VA 259 52.22 68.21 -24.33
C ILE VA 259 52.93 68.54 -23.03
N ARG VA 260 53.24 67.53 -22.22
CA ARG VA 260 53.33 67.72 -20.77
C ARG VA 260 54.66 68.35 -20.36
N ASP VA 261 54.90 68.35 -19.05
CA ASP VA 261 56.02 69.06 -18.42
C ASP VA 261 57.35 68.47 -18.88
N ASP VA 262 58.09 69.27 -19.64
CA ASP VA 262 59.32 68.86 -20.35
C ASP VA 262 59.07 67.66 -21.26
N GLY VA 263 57.89 67.66 -21.90
CA GLY VA 263 57.61 66.86 -23.08
C GLY VA 263 57.72 65.35 -22.98
N TYR VA 264 56.78 64.68 -22.31
CA TYR VA 264 56.85 63.23 -22.23
C TYR VA 264 55.59 62.53 -22.74
N ARG VA 265 54.73 63.21 -23.48
CA ARG VA 265 53.55 62.57 -24.04
C ARG VA 265 53.31 63.08 -25.45
N LEU VA 266 53.19 62.19 -26.42
CA LEU VA 266 52.65 62.58 -27.71
C LEU VA 266 51.16 62.80 -27.59
N TRP VA 267 50.64 63.74 -28.36
CA TRP VA 267 49.24 64.16 -28.21
C TRP VA 267 48.66 64.45 -29.58
N GLY VA 268 47.82 63.55 -30.08
CA GLY VA 268 47.16 63.76 -31.35
C GLY VA 268 47.19 62.54 -32.24
N ASN VA 269 46.01 62.09 -32.68
CA ASN VA 269 45.91 60.91 -33.54
C ASN VA 269 45.23 61.25 -34.86
N ARG VA 270 45.26 62.51 -35.26
CA ARG VA 270 44.66 62.93 -36.51
C ARG VA 270 45.76 63.12 -37.55
N THR VA 271 45.52 62.62 -38.75
CA THR VA 271 46.41 62.89 -39.86
C THR VA 271 45.92 64.13 -40.59
N LEU VA 272 46.66 64.56 -41.60
CA LEU VA 272 46.36 65.80 -42.31
C LEU VA 272 45.39 65.54 -43.47
N SER VA 273 44.27 64.92 -43.16
CA SER VA 273 43.31 64.54 -44.19
C SER VA 273 42.21 65.58 -44.32
N SER VA 274 41.68 65.70 -45.55
CA SER VA 274 40.53 66.58 -45.75
C SER VA 274 39.22 65.84 -45.48
N ASP VA 275 39.16 64.55 -45.84
CA ASP VA 275 38.00 63.74 -45.48
C ASP VA 275 38.02 63.44 -44.00
N SER VA 276 36.84 63.46 -43.39
CA SER VA 276 36.71 63.04 -42.01
C SER VA 276 36.66 61.53 -41.86
N LYS VA 277 36.58 60.79 -42.97
CA LYS VA 277 36.64 59.34 -42.91
C LYS VA 277 38.04 58.87 -42.54
N TRP VA 278 39.05 59.37 -43.26
CA TRP VA 278 40.44 59.00 -43.02
C TRP VA 278 41.12 59.95 -42.04
N ALA VA 279 40.40 60.42 -41.03
CA ALA VA 279 40.99 61.39 -40.11
C ALA VA 279 41.98 60.73 -39.17
N PHE VA 280 41.64 59.57 -38.64
CA PHE VA 280 42.49 58.91 -37.66
C PHE VA 280 43.66 58.21 -38.35
N VAL VA 281 44.83 58.29 -37.71
CA VAL VA 281 46.01 57.61 -38.22
C VAL VA 281 45.85 56.11 -38.10
N THR VA 282 45.11 55.65 -37.09
CA THR VA 282 44.85 54.23 -36.88
C THR VA 282 44.08 53.63 -38.05
N ARG VA 283 43.06 54.34 -38.55
CA ARG VA 283 42.27 53.80 -39.65
C ARG VA 283 43.05 53.77 -40.95
N VAL VA 284 43.93 54.74 -41.19
CA VAL VA 284 44.76 54.73 -42.39
C VAL VA 284 45.84 53.67 -42.28
N ARG VA 285 46.33 53.42 -41.06
CA ARG VA 285 47.42 52.46 -40.89
C ARG VA 285 46.92 51.02 -41.02
N THR VA 286 45.73 50.73 -40.49
CA THR VA 286 45.20 49.37 -40.62
C THR VA 286 44.70 49.11 -42.02
N MET VA 287 44.19 50.12 -42.70
CA MET VA 287 43.69 49.92 -44.06
C MET VA 287 44.84 49.64 -45.02
N ASP VA 288 45.96 50.33 -44.85
CA ASP VA 288 47.12 50.07 -45.68
C ASP VA 288 47.85 48.79 -45.32
N LEU VA 289 47.53 48.20 -44.17
CA LEU VA 289 48.12 46.93 -43.77
C LEU VA 289 47.26 45.74 -44.18
N VAL VA 290 45.93 45.87 -44.12
CA VAL VA 290 45.05 44.80 -44.60
C VAL VA 290 44.85 44.83 -46.10
N MET VA 291 45.38 45.83 -46.79
CA MET VA 291 45.34 45.83 -48.25
C MET VA 291 46.66 45.42 -48.88
N ASP VA 292 47.75 45.45 -48.13
CA ASP VA 292 49.01 44.88 -48.61
C ASP VA 292 49.20 43.44 -48.17
N ALA VA 293 48.41 42.97 -47.20
CA ALA VA 293 48.42 41.56 -46.85
C ALA VA 293 47.56 40.76 -47.80
N ILE VA 294 46.44 41.33 -48.26
CA ILE VA 294 45.61 40.66 -49.25
C ILE VA 294 46.31 40.63 -50.61
N LEU VA 295 47.02 41.70 -50.95
CA LEU VA 295 47.68 41.77 -52.25
C LEU VA 295 48.87 40.83 -52.33
N ALA VA 296 49.69 40.77 -51.29
CA ALA VA 296 50.86 39.89 -51.31
C ALA VA 296 50.52 38.47 -50.89
N GLY VA 297 49.37 38.25 -50.28
CA GLY VA 297 48.97 36.94 -49.83
C GLY VA 297 48.08 36.18 -50.78
N HIS VA 298 47.72 36.76 -51.92
CA HIS VA 298 46.87 36.12 -52.90
C HIS VA 298 47.54 36.03 -54.26
N LYS VA 299 48.87 35.96 -54.29
CA LYS VA 299 49.59 35.78 -55.54
C LYS VA 299 49.67 34.33 -55.98
N TRP VA 300 49.07 33.41 -55.22
CA TRP VA 300 48.91 32.03 -55.67
C TRP VA 300 47.67 31.84 -56.51
N ALA VA 301 46.73 32.77 -56.46
CA ALA VA 301 45.41 32.61 -57.07
C ALA VA 301 45.27 33.38 -58.38
N VAL VA 302 46.37 33.58 -59.10
CA VAL VA 302 46.30 34.43 -60.28
C VAL VA 302 46.05 33.65 -61.57
N ASP VA 303 46.23 32.33 -61.55
CA ASP VA 303 45.78 31.53 -62.69
C ASP VA 303 45.22 30.19 -62.24
N ARG VA 304 44.41 30.19 -61.19
CA ARG VA 304 43.93 28.93 -60.63
C ARG VA 304 42.67 28.40 -61.27
N GLY VA 305 41.96 29.20 -62.05
CA GLY VA 305 40.76 28.71 -62.69
C GLY VA 305 39.56 28.86 -61.77
N ILE VA 306 38.52 29.53 -62.25
CA ILE VA 306 37.36 29.85 -61.42
C ILE VA 306 36.50 28.60 -61.34
N THR VA 307 36.69 27.81 -60.30
CA THR VA 307 35.81 26.70 -59.97
C THR VA 307 34.97 27.07 -58.75
N LYS VA 308 34.13 26.16 -58.32
CA LYS VA 308 33.35 26.40 -57.11
C LYS VA 308 34.21 26.23 -55.88
N THR VA 309 35.18 25.31 -55.91
CA THR VA 309 36.09 25.13 -54.79
C THR VA 309 37.25 26.12 -54.80
N TYR VA 310 37.24 27.09 -55.71
CA TYR VA 310 38.21 28.17 -55.71
C TYR VA 310 37.62 29.45 -55.11
N VAL VA 311 36.39 29.80 -55.52
CA VAL VA 311 35.72 30.95 -54.94
C VAL VA 311 35.37 30.70 -53.49
N LYS VA 312 35.01 29.47 -53.15
CA LYS VA 312 34.67 29.13 -51.78
C LYS VA 312 35.90 29.03 -50.89
N ASP VA 313 37.06 28.69 -51.46
CA ASP VA 313 38.27 28.52 -50.68
C ASP VA 313 39.24 29.68 -50.84
N VAL VA 314 38.81 30.77 -51.48
CA VAL VA 314 39.45 32.07 -51.28
C VAL VA 314 38.74 32.83 -50.18
N THR VA 315 37.40 32.78 -50.19
CA THR VA 315 36.59 33.42 -49.15
C THR VA 315 36.85 32.81 -47.78
N GLU VA 316 36.94 31.49 -47.69
CA GLU VA 316 37.24 30.84 -46.42
C GLU VA 316 38.66 31.09 -45.96
N GLY VA 317 39.57 31.41 -46.88
CA GLY VA 317 40.88 31.90 -46.49
C GLY VA 317 40.94 33.39 -46.26
N LEU VA 318 39.87 34.09 -46.62
CA LEU VA 318 39.72 35.52 -46.38
C LEU VA 318 38.87 35.82 -45.17
N ARG VA 319 37.86 34.98 -44.91
CA ARG VA 319 37.11 35.08 -43.66
C ARG VA 319 37.97 34.69 -42.47
N ALA VA 320 38.86 33.72 -42.66
CA ALA VA 320 39.72 33.30 -41.55
C ALA VA 320 40.82 34.31 -41.27
N PHE VA 321 41.20 35.09 -42.27
CA PHE VA 321 42.20 36.13 -42.03
C PHE VA 321 41.60 37.29 -41.25
N MET VA 322 40.37 37.68 -41.57
CA MET VA 322 39.71 38.73 -40.81
C MET VA 322 39.21 38.24 -39.47
N ARG VA 323 38.94 36.94 -39.33
CA ARG VA 323 38.58 36.40 -38.02
C ARG VA 323 39.77 36.39 -37.08
N ASP VA 324 40.98 36.19 -37.61
CA ASP VA 324 42.19 36.26 -36.82
C ASP VA 324 42.58 37.69 -36.49
N LEU VA 325 41.97 38.68 -37.15
CA LEU VA 325 42.15 40.07 -36.78
C LEU VA 325 41.12 40.55 -35.78
N LYS VA 326 39.97 39.89 -35.70
CA LYS VA 326 38.90 40.32 -34.82
C LYS VA 326 39.20 39.96 -33.37
N ASN VA 327 39.62 38.73 -33.12
CA ASN VA 327 39.96 38.31 -31.76
C ASN VA 327 41.36 38.75 -31.37
N GLN VA 328 42.19 39.18 -32.33
CA GLN VA 328 43.45 39.81 -31.96
C GLN VA 328 43.24 41.22 -31.44
N GLY VA 329 42.17 41.88 -31.89
CA GLY VA 329 41.85 43.22 -31.46
C GLY VA 329 41.96 44.29 -32.52
N ALA VA 330 42.17 43.91 -33.78
CA ALA VA 330 42.39 44.89 -34.84
C ALA VA 330 41.09 45.43 -35.41
N VAL VA 331 40.13 44.55 -35.69
CA VAL VA 331 38.84 44.95 -36.20
C VAL VA 331 37.78 44.60 -35.17
N ILE VA 332 36.60 45.17 -35.32
CA ILE VA 332 35.50 44.90 -34.40
C ILE VA 332 34.60 43.79 -34.94
N ASN VA 333 34.15 43.94 -36.17
CA ASN VA 333 33.48 42.85 -36.87
C ASN VA 333 33.75 43.02 -38.35
N PHE VA 334 33.33 42.05 -39.13
CA PHE VA 334 33.63 42.05 -40.55
C PHE VA 334 32.53 41.32 -41.32
N GLU VA 335 32.64 41.39 -42.64
CA GLU VA 335 31.71 40.68 -43.51
C GLU VA 335 32.42 40.47 -44.85
N VAL VA 336 32.91 39.25 -45.07
CA VAL VA 336 33.63 38.90 -46.28
C VAL VA 336 32.74 38.00 -47.11
N TYR VA 337 32.48 38.39 -48.35
CA TYR VA 337 31.61 37.62 -49.22
C TYR VA 337 32.00 37.90 -50.66
N ALA VA 338 31.78 36.91 -51.53
CA ALA VA 338 31.93 37.13 -52.95
C ALA VA 338 30.83 38.05 -53.44
N ASP VA 339 31.18 38.95 -54.35
CA ASP VA 339 30.25 39.97 -54.81
C ASP VA 339 29.15 39.35 -55.66
N PRO VA 340 27.88 39.51 -55.31
CA PRO VA 340 26.82 38.84 -56.07
C PRO VA 340 26.55 39.52 -57.41
N ASP VA 341 26.61 40.84 -57.44
CA ASP VA 341 26.31 41.59 -58.65
C ASP VA 341 27.53 41.79 -59.54
N LEU VA 342 28.70 42.04 -58.95
CA LEU VA 342 29.89 42.30 -59.74
C LEU VA 342 30.49 41.05 -60.36
N ASN VA 343 30.20 39.87 -59.80
CA ASN VA 343 30.62 38.61 -60.42
C ASN VA 343 29.56 38.17 -61.42
N SER VA 344 29.49 38.92 -62.52
CA SER VA 344 28.59 38.56 -63.59
C SER VA 344 29.22 37.47 -64.44
N ALA VA 345 28.40 36.87 -65.30
CA ALA VA 345 28.90 35.85 -66.21
C ALA VA 345 29.79 36.44 -67.29
N SER VA 346 29.67 37.72 -67.59
CA SER VA 346 30.57 38.37 -68.52
C SER VA 346 31.89 38.74 -67.87
N GLN VA 347 31.88 39.08 -66.58
CA GLN VA 347 33.12 39.41 -65.89
C GLN VA 347 33.90 38.16 -65.52
N LEU VA 348 33.20 37.08 -65.18
CA LEU VA 348 33.87 35.83 -64.85
C LEU VA 348 34.52 35.19 -66.07
N ALA VA 349 33.94 35.40 -67.25
CA ALA VA 349 34.48 34.86 -68.48
C ALA VA 349 35.68 35.65 -69.01
N GLN VA 350 36.05 36.74 -68.36
CA GLN VA 350 37.28 37.46 -68.66
C GLN VA 350 38.38 37.19 -67.65
N GLY VA 351 38.11 36.39 -66.63
CA GLY VA 351 39.05 36.14 -65.57
C GLY VA 351 38.83 36.99 -64.33
N LYS VA 352 38.05 38.05 -64.42
CA LYS VA 352 37.80 38.90 -63.27
C LYS VA 352 36.82 38.24 -62.32
N VAL VA 353 37.17 38.20 -61.04
CA VAL VA 353 36.29 37.66 -60.01
C VAL VA 353 36.46 38.51 -58.76
N TYR VA 354 35.34 38.98 -58.20
CA TYR VA 354 35.33 40.05 -57.22
C TYR VA 354 34.98 39.52 -55.84
N TRP VA 355 35.65 40.06 -54.83
CA TRP VA 355 35.35 39.78 -53.43
C TRP VA 355 35.20 41.08 -52.67
N ASN VA 356 34.28 41.11 -51.72
CA ASN VA 356 34.05 42.26 -50.86
C ASN VA 356 34.53 41.95 -49.45
N ILE VA 357 35.32 42.84 -48.88
CA ILE VA 357 35.79 42.72 -47.50
C ILE VA 357 35.36 44.00 -46.78
N ARG VA 358 34.24 43.94 -46.08
CA ARG VA 358 33.77 45.05 -45.27
C ARG VA 358 34.17 44.79 -43.83
N PHE VA 359 34.72 45.81 -43.17
CA PHE VA 359 35.08 45.69 -41.76
C PHE VA 359 35.05 47.07 -41.13
N THR VA 360 35.10 47.08 -39.80
CA THR VA 360 35.24 48.31 -39.03
C THR VA 360 36.52 48.24 -38.22
N ASP VA 361 37.31 49.31 -38.27
CA ASP VA 361 38.51 49.40 -37.47
C ASP VA 361 38.14 49.69 -36.01
N VAL VA 362 39.17 49.69 -35.16
CA VAL VA 362 39.00 50.08 -33.76
C VAL VA 362 39.37 51.56 -33.64
N PRO VA 363 38.40 52.45 -33.46
CA PRO VA 363 38.71 53.87 -33.40
C PRO VA 363 39.34 54.23 -32.07
N PRO VA 364 40.36 55.08 -32.07
CA PRO VA 364 40.98 55.48 -30.80
C PRO VA 364 40.05 56.38 -30.01
N ALA VA 365 39.85 56.05 -28.74
CA ALA VA 365 38.91 56.76 -27.88
C ALA VA 365 39.51 58.09 -27.44
N GLU VA 366 39.55 59.03 -28.39
CA GLU VA 366 40.22 60.29 -28.15
C GLU VA 366 39.44 61.23 -27.26
N ASN VA 367 38.18 60.92 -26.93
CA ASN VA 367 37.38 61.76 -26.05
C ASN VA 367 36.43 60.91 -25.22
N PRO VA 368 36.91 60.29 -24.13
CA PRO VA 368 36.01 59.58 -23.22
C PRO VA 368 35.23 60.55 -22.34
N ASN VA 369 33.95 60.71 -22.63
CA ASN VA 369 33.11 61.65 -21.90
C ASN VA 369 32.42 60.96 -20.73
N PHE VA 370 32.27 61.70 -19.64
CA PHE VA 370 31.59 61.20 -18.45
C PHE VA 370 30.49 62.18 -18.07
N ARG VA 371 29.35 61.64 -17.65
CA ARG VA 371 28.15 62.44 -17.37
C ARG VA 371 27.67 62.12 -15.97
N VAL VA 372 28.19 62.87 -15.00
CA VAL VA 372 27.89 62.67 -13.59
C VAL VA 372 26.70 63.52 -13.21
N GLU VA 373 25.80 62.98 -12.39
CA GLU VA 373 24.68 63.75 -11.87
C GLU VA 373 24.30 63.27 -10.48
N VAL VA 374 23.98 64.22 -9.62
CA VAL VA 374 23.47 63.92 -8.29
C VAL VA 374 21.96 63.92 -8.35
N THR VA 375 21.36 62.77 -8.04
CA THR VA 375 19.91 62.66 -8.12
C THR VA 375 19.31 62.43 -6.74
N ASP VA 376 18.01 62.17 -6.69
CA ASP VA 376 17.31 61.82 -5.47
C ASP VA 376 16.53 60.53 -5.67
N GLN VA 377 16.96 59.68 -6.61
CA GLN VA 377 16.20 58.50 -6.95
C GLN VA 377 16.32 57.44 -5.86
N TRP VA 378 17.53 57.21 -5.35
CA TRP VA 378 17.77 56.23 -4.31
C TRP VA 378 17.79 56.85 -2.93
N LEU VA 379 17.06 57.95 -2.73
CA LEU VA 379 17.06 58.61 -1.43
C LEU VA 379 16.07 57.96 -0.48
N THR VA 380 15.01 57.33 -1.01
CA THR VA 380 14.09 56.54 -0.19
C THR VA 380 14.64 55.16 0.15
N GLU VA 381 15.85 54.83 -0.31
CA GLU VA 381 16.50 53.59 0.09
C GLU VA 381 16.92 53.63 1.56
N VAL VA 382 16.99 54.82 2.15
CA VAL VA 382 17.27 54.94 3.58
C VAL VA 382 15.91 54.89 4.27
N LEU VA 383 15.38 53.68 4.38
CA LEU VA 383 14.23 53.44 5.25
C LEU VA 383 14.27 52.06 5.91
N ASP VA 384 15.21 51.20 5.55
CA ASP VA 384 15.28 49.85 6.10
C ASP VA 384 16.68 49.28 5.91
N SER WA 2 38.98 67.19 -34.48
CA SER WA 2 39.13 67.03 -33.04
C SER WA 2 38.46 68.17 -32.29
N PHE WA 3 37.27 67.89 -31.74
CA PHE WA 3 36.60 68.88 -30.91
C PHE WA 3 37.33 69.07 -29.59
N PHE WA 4 37.70 67.97 -28.94
CA PHE WA 4 38.57 68.02 -27.79
C PHE WA 4 39.32 66.70 -27.67
N HIS WA 5 40.62 66.78 -27.46
CA HIS WA 5 41.47 65.62 -27.22
C HIS WA 5 41.75 65.56 -25.72
N GLY WA 6 41.02 64.71 -25.01
CA GLY WA 6 41.20 64.62 -23.57
C GLY WA 6 39.92 64.12 -22.92
N VAL WA 7 39.85 64.31 -21.61
CA VAL WA 7 38.73 63.83 -20.80
C VAL WA 7 37.84 65.01 -20.47
N THR WA 8 36.58 64.97 -20.90
CA THR WA 8 35.56 65.88 -20.41
C THR WA 8 34.76 65.19 -19.32
N VAL WA 9 34.52 65.89 -18.24
CA VAL WA 9 33.65 65.43 -17.18
C VAL WA 9 32.59 66.51 -16.98
N THR WA 10 31.36 66.21 -17.38
CA THR WA 10 30.28 67.17 -17.37
C THR WA 10 29.33 66.90 -16.21
N ASN WA 11 28.62 67.95 -15.81
CA ASN WA 11 27.61 67.92 -14.77
C ASN WA 11 26.29 68.27 -15.47
N VAL WA 12 25.44 67.27 -15.69
CA VAL WA 12 24.36 67.45 -16.67
C VAL WA 12 23.22 68.29 -16.12
N ASP WA 13 23.02 68.30 -14.78
CA ASP WA 13 22.15 69.24 -14.07
C ASP WA 13 20.69 69.16 -14.54
N ILE WA 14 20.16 67.93 -14.57
CA ILE WA 14 18.82 67.70 -15.11
C ILE WA 14 17.88 67.12 -14.06
N GLY WA 15 18.22 67.22 -12.79
CA GLY WA 15 17.35 66.69 -11.76
C GLY WA 15 16.16 67.59 -11.48
N ALA WA 16 15.18 67.02 -10.79
CA ALA WA 16 14.04 67.79 -10.30
C ALA WA 16 14.42 68.44 -8.98
N ARG WA 17 14.17 69.74 -8.86
CA ARG WA 17 14.59 70.51 -7.70
C ARG WA 17 13.57 70.35 -6.58
N THR WA 18 13.72 71.14 -5.52
CA THR WA 18 12.82 71.07 -4.38
C THR WA 18 12.28 72.46 -4.08
N ILE WA 19 11.18 72.51 -3.36
CA ILE WA 19 10.45 73.73 -3.09
C ILE WA 19 10.24 73.87 -1.59
N ALA WA 20 10.59 75.02 -1.03
CA ALA WA 20 10.35 75.32 0.36
C ALA WA 20 9.32 76.44 0.48
N LEU WA 21 8.69 76.52 1.64
CA LEU WA 21 7.65 77.49 1.93
C LEU WA 21 8.23 78.75 2.56
N PRO WA 22 7.67 79.94 2.27
CA PRO WA 22 8.24 81.18 2.82
C PRO WA 22 7.74 81.54 4.22
N ALA WA 23 7.67 80.56 5.11
CA ALA WA 23 7.63 80.69 6.58
C ALA WA 23 6.33 81.26 7.16
N SER WA 24 5.46 81.84 6.32
CA SER WA 24 4.04 82.02 6.58
C SER WA 24 3.61 82.82 7.81
N SER WA 25 4.55 83.37 8.59
CA SER WA 25 4.17 83.90 9.90
C SER WA 25 4.82 85.25 10.21
N VAL WA 26 5.37 85.94 9.23
CA VAL WA 26 5.94 87.24 9.49
C VAL WA 26 4.80 88.25 9.62
N ILE WA 27 4.85 89.07 10.66
CA ILE WA 27 3.74 89.95 11.01
C ILE WA 27 4.15 91.38 10.72
N GLY WA 28 3.39 92.04 9.85
CA GLY WA 28 3.64 93.43 9.55
C GLY WA 28 2.93 94.34 10.53
N LEU WA 29 3.69 95.09 11.30
CA LEU WA 29 3.14 95.93 12.35
C LEU WA 29 3.35 97.40 12.03
N CYS WA 30 2.40 98.23 12.43
CA CYS WA 30 2.51 99.68 12.24
C CYS WA 30 1.65 100.36 13.29
N ASP WA 31 2.28 101.01 14.26
CA ASP WA 31 1.58 101.77 15.28
C ASP WA 31 2.46 102.94 15.65
N VAL WA 32 2.02 103.73 16.62
CA VAL WA 32 2.74 104.94 16.98
C VAL WA 32 3.77 104.61 18.05
N PHE WA 33 4.79 105.46 18.13
CA PHE WA 33 5.79 105.40 19.20
C PHE WA 33 6.45 106.76 19.28
N THR WA 34 7.00 107.05 20.46
CA THR WA 34 7.63 108.34 20.69
C THR WA 34 9.13 108.19 20.53
N PRO WA 35 9.74 108.77 19.51
CA PRO WA 35 11.19 108.64 19.34
C PRO WA 35 11.95 109.49 20.33
N GLY WA 36 13.07 108.96 20.81
CA GLY WA 36 13.89 109.66 21.77
C GLY WA 36 15.19 108.97 22.07
N ALA WA 37 15.61 108.98 23.33
CA ALA WA 37 16.87 108.35 23.70
C ALA WA 37 16.69 106.86 23.92
N GLN WA 38 15.56 106.45 24.51
CA GLN WA 38 15.31 105.05 24.81
C GLN WA 38 14.69 104.29 23.64
N ALA WA 39 14.11 104.99 22.68
CA ALA WA 39 13.55 104.37 21.48
C ALA WA 39 14.57 104.52 20.37
N SER WA 40 15.25 103.41 20.05
CA SER WA 40 16.40 103.42 19.15
C SER WA 40 16.05 103.12 17.71
N ALA WA 41 14.86 103.50 17.25
CA ALA WA 41 14.46 103.31 15.86
C ALA WA 41 14.03 104.63 15.26
N LYS WA 42 14.43 104.85 14.01
CA LYS WA 42 13.99 106.02 13.28
C LYS WA 42 12.51 105.91 12.95
N PRO WA 43 11.78 107.03 12.95
CA PRO WA 43 10.31 106.95 12.99
C PRO WA 43 9.62 106.58 11.69
N ASN WA 44 10.33 106.13 10.67
CA ASN WA 44 9.65 105.53 9.53
C ASN WA 44 10.30 104.28 8.97
N VAL WA 45 11.50 103.92 9.41
CA VAL WA 45 12.21 102.77 8.83
C VAL WA 45 11.64 101.48 9.42
N PRO WA 46 11.65 100.37 8.69
CA PRO WA 46 11.19 99.10 9.26
C PRO WA 46 12.27 98.49 10.14
N VAL WA 47 11.84 97.93 11.26
CA VAL WA 47 12.72 97.25 12.20
C VAL WA 47 12.28 95.81 12.32
N LEU WA 48 13.21 94.88 12.13
CA LEU WA 48 12.91 93.47 12.31
C LEU WA 48 12.97 93.11 13.78
N LEU WA 49 11.88 92.58 14.30
CA LEU WA 49 11.78 92.19 15.70
C LEU WA 49 11.58 90.69 15.77
N THR WA 50 12.40 90.02 16.58
CA THR WA 50 12.28 88.59 16.77
C THR WA 50 12.00 88.18 18.20
N SER WA 51 12.06 89.12 19.15
CA SER WA 51 11.84 88.78 20.55
C SER WA 51 11.28 89.99 21.27
N LYS WA 52 10.71 89.73 22.45
CA LYS WA 52 10.10 90.78 23.25
C LYS WA 52 11.15 91.70 23.85
N LYS WA 53 12.37 91.20 24.07
CA LYS WA 53 13.47 92.04 24.48
C LYS WA 53 13.97 92.92 23.35
N ASP WA 54 13.74 92.51 22.10
CA ASP WA 54 14.16 93.28 20.94
C ASP WA 54 13.18 94.38 20.58
N ALA WA 55 11.91 94.23 20.97
CA ALA WA 55 10.92 95.26 20.67
C ALA WA 55 10.96 96.42 21.64
N ALA WA 56 11.30 96.14 22.90
CA ALA WA 56 11.42 97.22 23.87
C ALA WA 56 12.68 98.03 23.68
N ALA WA 57 13.74 97.42 23.15
CA ALA WA 57 14.97 98.14 22.91
C ALA WA 57 14.87 99.06 21.71
N ALA WA 58 13.92 98.83 20.81
CA ALA WA 58 13.77 99.63 19.61
C ALA WA 58 12.63 100.63 19.68
N PHE WA 59 11.69 100.47 20.63
CA PHE WA 59 10.56 101.38 20.71
C PHE WA 59 10.26 101.87 22.12
N GLY WA 60 10.81 101.27 23.16
CA GLY WA 60 10.52 101.68 24.52
C GLY WA 60 9.27 100.99 25.07
N ILE WA 61 9.16 101.01 26.39
CA ILE WA 61 8.08 100.29 27.05
C ILE WA 61 6.77 101.04 26.91
N GLY WA 62 6.80 102.37 27.02
CA GLY WA 62 5.57 103.14 26.98
C GLY WA 62 4.94 103.29 25.62
N SER WA 63 5.61 102.83 24.57
CA SER WA 63 5.11 103.01 23.22
C SER WA 63 3.89 102.15 22.95
N SER WA 64 3.02 102.64 22.08
CA SER WA 64 1.84 101.89 21.69
C SER WA 64 2.14 100.79 20.69
N ILE WA 65 3.34 100.76 20.12
CA ILE WA 65 3.70 99.67 19.22
C ILE WA 65 4.39 98.53 19.96
N TYR WA 66 5.01 98.79 21.11
CA TYR WA 66 5.53 97.71 21.93
C TYR WA 66 4.38 96.93 22.56
N LEU WA 67 3.27 97.59 22.85
CA LEU WA 67 2.10 96.92 23.38
C LEU WA 67 1.45 96.01 22.34
N ALA WA 68 1.71 96.24 21.06
CA ALA WA 68 1.28 95.31 20.03
C ALA WA 68 2.28 94.16 19.86
N CYS WA 69 3.55 94.40 20.14
CA CYS WA 69 4.51 93.30 20.17
C CYS WA 69 4.31 92.43 21.40
N GLU WA 70 3.97 93.05 22.53
CA GLU WA 70 3.67 92.30 23.74
C GLU WA 70 2.42 91.45 23.58
N ALA WA 71 1.47 91.90 22.76
CA ALA WA 71 0.28 91.11 22.49
C ALA WA 71 0.61 89.90 21.62
N ILE WA 72 1.63 90.01 20.78
CA ILE WA 72 2.03 88.91 19.90
C ILE WA 72 2.98 87.97 20.61
N TYR WA 73 3.97 88.51 21.32
CA TYR WA 73 5.00 87.66 21.92
C TYR WA 73 4.51 86.94 23.17
N ASN WA 74 3.42 87.38 23.79
CA ASN WA 74 2.87 86.62 24.90
C ASN WA 74 2.13 85.37 24.44
N ARG WA 75 1.59 85.39 23.22
CA ARG WA 75 0.85 84.26 22.67
C ARG WA 75 1.76 83.36 21.85
N ALA WA 76 2.51 83.92 20.91
CA ALA WA 76 3.36 83.14 20.03
C ALA WA 76 4.80 83.64 20.09
N GLN WA 77 5.64 83.17 19.17
CA GLN WA 77 7.00 83.66 19.05
C GLN WA 77 7.33 83.66 17.56
N ALA WA 78 7.14 84.81 16.92
CA ALA WA 78 7.31 84.92 15.48
C ALA WA 78 8.01 86.22 15.15
N VAL WA 79 8.30 86.40 13.87
CA VAL WA 79 9.01 87.58 13.39
C VAL WA 79 8.01 88.71 13.21
N ILE WA 80 8.41 89.92 13.59
CA ILE WA 80 7.58 91.10 13.44
C ILE WA 80 8.38 92.15 12.69
N VAL WA 81 7.90 92.54 11.52
CA VAL WA 81 8.43 93.70 10.82
C VAL WA 81 7.61 94.89 11.28
N ALA WA 82 8.13 95.64 12.24
CA ALA WA 82 7.45 96.81 12.78
C ALA WA 82 7.95 98.06 12.08
N VAL WA 83 7.03 98.98 11.81
CA VAL WA 83 7.40 100.23 11.15
C VAL WA 83 7.59 101.31 12.20
N GLY WA 84 6.51 101.65 12.91
CA GLY WA 84 6.58 102.71 13.88
C GLY WA 84 6.43 104.08 13.24
N VAL WA 85 5.59 104.93 13.82
CA VAL WA 85 5.43 106.30 13.38
C VAL WA 85 5.43 107.20 14.61
N GLU WA 86 5.70 108.47 14.39
CA GLU WA 86 5.67 109.43 15.49
C GLU WA 86 4.24 109.90 15.73
N THR WA 87 3.95 110.24 16.98
CA THR WA 87 2.58 110.56 17.38
C THR WA 87 2.18 111.93 16.84
N ALA WA 88 1.15 111.95 16.01
CA ALA WA 88 0.67 113.19 15.42
C ALA WA 88 -0.18 113.95 16.42
N GLU WA 89 -0.67 115.12 15.98
CA GLU WA 89 -1.40 116.01 16.88
C GLU WA 89 -2.86 115.58 17.02
N THR WA 90 -3.61 115.61 15.94
CA THR WA 90 -5.00 115.23 15.92
C THR WA 90 -5.14 113.74 15.63
N PRO WA 91 -6.24 113.10 16.03
CA PRO WA 91 -6.46 111.71 15.63
C PRO WA 91 -6.75 111.53 14.15
N GLU WA 92 -7.11 112.60 13.44
CA GLU WA 92 -7.25 112.52 11.99
C GLU WA 92 -5.89 112.48 11.30
N ALA WA 93 -4.94 113.30 11.77
CA ALA WA 93 -3.61 113.33 11.19
C ALA WA 93 -2.75 112.16 11.60
N GLN WA 94 -3.17 111.40 12.62
CA GLN WA 94 -2.48 110.14 12.92
C GLN WA 94 -2.80 109.09 11.86
N ALA WA 95 -3.99 109.15 11.26
CA ALA WA 95 -4.36 108.21 10.22
C ALA WA 95 -3.58 108.46 8.94
N SER WA 96 -3.24 109.71 8.65
CA SER WA 96 -2.46 110.00 7.46
C SER WA 96 -0.99 109.64 7.62
N ALA WA 97 -0.53 109.45 8.85
CA ALA WA 97 0.83 108.98 9.09
C ALA WA 97 0.94 107.47 9.07
N VAL WA 98 -0.13 106.76 9.43
CA VAL WA 98 -0.13 105.31 9.34
C VAL WA 98 -0.27 104.85 7.89
N ILE WA 99 -1.13 105.53 7.13
CA ILE WA 99 -1.22 105.28 5.70
C ILE WA 99 0.08 105.64 5.01
N GLY WA 100 0.61 106.81 5.34
CA GLY WA 100 1.91 107.21 4.84
C GLY WA 100 1.91 107.57 3.38
N GLY WA 101 2.50 106.70 2.57
CA GLY WA 101 2.67 106.99 1.16
C GLY WA 101 4.14 107.01 0.81
N ILE WA 102 4.59 108.08 0.18
CA ILE WA 102 6.00 108.26 -0.12
C ILE WA 102 6.40 109.65 0.35
N SER WA 103 7.68 109.80 0.65
CA SER WA 103 8.19 111.05 1.21
C SER WA 103 8.81 111.91 0.13
N ALA WA 104 9.21 113.13 0.53
CA ALA WA 104 9.93 114.00 -0.40
C ALA WA 104 11.35 113.52 -0.65
N ALA WA 105 11.89 112.66 0.22
CA ALA WA 105 13.20 112.07 0.02
C ALA WA 105 13.16 110.82 -0.85
N GLY WA 106 11.98 110.40 -1.30
CA GLY WA 106 11.88 109.20 -2.11
C GLY WA 106 11.92 107.92 -1.32
N GLU WA 107 11.19 107.86 -0.21
CA GLU WA 107 11.21 106.71 0.67
C GLU WA 107 9.80 106.44 1.18
N ARG WA 108 9.43 105.17 1.25
CA ARG WA 108 8.12 104.81 1.78
C ARG WA 108 8.10 104.98 3.29
N THR WA 109 7.01 105.54 3.81
CA THR WA 109 6.97 105.98 5.20
C THR WA 109 6.03 105.17 6.08
N GLY WA 110 4.77 105.06 5.70
CA GLY WA 110 3.79 104.53 6.63
C GLY WA 110 3.65 103.03 6.57
N LEU WA 111 2.46 102.57 6.22
CA LEU WA 111 2.26 101.14 5.94
C LEU WA 111 3.02 100.69 4.71
N GLN WA 112 3.35 101.61 3.79
CA GLN WA 112 4.09 101.27 2.59
C GLN WA 112 5.50 100.81 2.88
N ALA WA 113 6.05 101.13 4.05
CA ALA WA 113 7.38 100.67 4.44
C ALA WA 113 7.45 99.16 4.67
N LEU WA 114 6.30 98.49 4.82
CA LEU WA 114 6.29 97.04 4.91
C LEU WA 114 6.62 96.38 3.59
N LEU WA 115 6.49 97.09 2.47
CA LEU WA 115 6.93 96.56 1.18
C LEU WA 115 8.44 96.48 1.07
N ASP WA 116 9.16 97.20 1.93
CA ASP WA 116 10.60 97.07 2.09
C ASP WA 116 10.97 95.93 3.04
N GLY WA 117 9.99 95.16 3.51
CA GLY WA 117 10.27 94.10 4.46
C GLY WA 117 10.96 92.89 3.86
N LYS WA 118 10.89 92.71 2.56
CA LYS WA 118 11.56 91.61 1.91
C LYS WA 118 12.86 92.01 1.23
N SER WA 119 12.97 93.26 0.78
CA SER WA 119 14.19 93.72 0.14
C SER WA 119 15.31 93.95 1.15
N ARG WA 120 14.99 94.08 2.43
CA ARG WA 120 15.97 94.39 3.46
C ARG WA 120 16.18 93.27 4.45
N PHE WA 121 15.14 92.52 4.80
CA PHE WA 121 15.24 91.47 5.81
C PHE WA 121 15.02 90.07 5.25
N ASN WA 122 14.61 89.95 3.99
CA ASN WA 122 14.22 88.69 3.34
C ASN WA 122 13.13 87.97 4.13
N ALA WA 123 12.19 88.75 4.68
CA ALA WA 123 11.07 88.22 5.45
C ALA WA 123 9.85 89.05 5.09
N GLN WA 124 9.09 88.58 4.12
CA GLN WA 124 7.90 89.28 3.68
C GLN WA 124 6.77 89.09 4.69
N PRO WA 125 6.10 90.16 5.11
CA PRO WA 125 5.04 90.00 6.12
C PRO WA 125 3.80 89.32 5.54
N ARG WA 126 3.27 88.36 6.29
CA ARG WA 126 2.06 87.65 5.90
C ARG WA 126 0.84 88.04 6.71
N LEU WA 127 1.02 88.70 7.86
CA LEU WA 127 -0.08 89.22 8.65
C LEU WA 127 0.11 90.73 8.78
N LEU WA 128 -0.87 91.50 8.33
CA LEU WA 128 -0.79 92.94 8.36
C LEU WA 128 -1.67 93.46 9.48
N VAL WA 129 -1.06 94.12 10.46
CA VAL WA 129 -1.76 94.57 11.66
C VAL WA 129 -1.36 96.02 11.93
N ALA WA 130 -2.35 96.90 11.98
CA ALA WA 130 -2.20 98.26 12.49
C ALA WA 130 -3.21 98.38 13.62
N PRO WA 131 -2.79 98.14 14.86
CA PRO WA 131 -3.76 98.02 15.95
C PRO WA 131 -4.32 99.38 16.37
N GLY WA 132 -5.65 99.47 16.39
CA GLY WA 132 -6.34 100.66 16.79
C GLY WA 132 -6.61 101.64 15.66
N HIS WA 133 -5.74 101.68 14.66
CA HIS WA 133 -5.94 102.57 13.53
C HIS WA 133 -6.74 101.93 12.42
N SER WA 134 -6.90 100.60 12.43
CA SER WA 134 -7.69 99.93 11.41
C SER WA 134 -9.18 100.14 11.57
N ALA WA 135 -9.63 100.71 12.70
CA ALA WA 135 -11.03 101.02 12.90
C ALA WA 135 -11.50 102.19 12.05
N GLN WA 136 -10.60 102.94 11.44
CA GLN WA 136 -10.96 103.98 10.49
C GLN WA 136 -10.97 103.40 9.09
N GLN WA 137 -11.87 103.93 8.26
CA GLN WA 137 -12.02 103.41 6.90
C GLN WA 137 -10.87 103.83 6.00
N ALA WA 138 -10.20 104.94 6.31
CA ALA WA 138 -9.10 105.39 5.46
C ALA WA 138 -7.88 104.50 5.63
N VAL WA 139 -7.59 104.06 6.85
CA VAL WA 139 -6.44 103.20 7.08
C VAL WA 139 -6.72 101.78 6.60
N ALA WA 140 -7.94 101.28 6.85
CA ALA WA 140 -8.26 99.91 6.48
C ALA WA 140 -8.40 99.72 4.98
N THR WA 141 -8.72 100.77 4.24
CA THR WA 141 -8.68 100.68 2.78
C THR WA 141 -7.26 100.73 2.26
N ALA WA 142 -6.39 101.47 2.95
CA ALA WA 142 -4.97 101.48 2.57
C ALA WA 142 -4.30 100.17 2.90
N MET WA 143 -4.76 99.48 3.94
CA MET WA 143 -4.20 98.18 4.30
C MET WA 143 -4.73 97.06 3.42
N ASP WA 144 -5.88 97.25 2.77
CA ASP WA 144 -6.39 96.23 1.86
C ASP WA 144 -5.60 96.22 0.56
N GLY WA 145 -5.28 97.40 0.02
CA GLY WA 145 -4.45 97.46 -1.17
C GLY WA 145 -3.02 97.05 -0.89
N LEU WA 146 -2.56 97.21 0.35
CA LEU WA 146 -1.25 96.73 0.73
C LEU WA 146 -1.24 95.22 0.89
N ALA WA 147 -2.37 94.63 1.27
CA ALA WA 147 -2.42 93.20 1.50
C ALA WA 147 -2.42 92.38 0.23
N GLU WA 148 -2.78 92.97 -0.91
CA GLU WA 148 -2.64 92.26 -2.17
C GLU WA 148 -1.25 92.41 -2.76
N LYS WA 149 -0.55 93.50 -2.43
CA LYS WA 149 0.84 93.64 -2.84
C LYS WA 149 1.75 92.66 -2.13
N LEU WA 150 1.39 92.27 -0.90
CA LEU WA 150 2.20 91.38 -0.09
C LEU WA 150 1.66 89.96 -0.04
N ARG WA 151 0.48 89.71 -0.61
CA ARG WA 151 -0.27 88.46 -0.48
C ARG WA 151 -0.47 88.09 0.99
N ALA WA 152 -0.88 89.09 1.77
CA ALA WA 152 -1.02 88.96 3.21
C ALA WA 152 -2.48 89.00 3.61
N ILE WA 153 -2.74 88.73 4.88
CA ILE WA 153 -4.08 88.76 5.45
C ILE WA 153 -4.11 89.94 6.41
N ALA WA 154 -4.68 91.05 5.98
CA ALA WA 154 -4.70 92.27 6.77
C ALA WA 154 -5.75 92.15 7.86
N ILE WA 155 -5.30 91.97 9.11
CA ILE WA 155 -6.21 91.76 10.22
C ILE WA 155 -6.73 93.13 10.68
N LEU WA 156 -8.02 93.38 10.44
CA LEU WA 156 -8.65 94.62 10.88
C LEU WA 156 -9.19 94.45 12.29
N ASP WA 157 -9.74 95.54 12.82
CA ASP WA 157 -10.56 95.49 14.02
C ASP WA 157 -11.56 96.62 13.93
N GLY WA 158 -12.83 96.31 14.13
CA GLY WA 158 -13.86 97.30 14.04
C GLY WA 158 -13.91 98.20 15.25
N PRO WA 159 -14.86 99.11 15.25
CA PRO WA 159 -15.05 99.98 16.42
C PRO WA 159 -15.63 99.19 17.59
N ASN WA 160 -15.41 99.72 18.79
CA ASN WA 160 -15.89 99.11 20.02
C ASN WA 160 -17.30 99.58 20.39
N SER WA 161 -18.07 100.02 19.41
CA SER WA 161 -19.46 100.39 19.62
C SER WA 161 -20.32 99.14 19.47
N THR WA 162 -21.64 99.30 19.35
CA THR WA 162 -22.56 98.17 19.27
C THR WA 162 -22.39 97.40 17.96
N ASP WA 163 -23.12 96.29 17.86
CA ASP WA 163 -22.96 95.38 16.74
C ASP WA 163 -23.54 95.94 15.44
N GLU WA 164 -24.46 96.90 15.52
CA GLU WA 164 -24.93 97.57 14.32
C GLU WA 164 -23.83 98.40 13.68
N ALA WA 165 -22.95 98.97 14.51
CA ALA WA 165 -21.79 99.70 14.02
C ALA WA 165 -20.66 98.79 13.56
N ALA WA 166 -20.75 97.48 13.81
CA ALA WA 166 -19.77 96.53 13.32
C ALA WA 166 -20.18 95.92 11.99
N VAL WA 167 -21.48 95.67 11.80
CA VAL WA 167 -21.96 95.20 10.51
C VAL WA 167 -21.87 96.31 9.47
N ALA WA 168 -22.19 97.54 9.87
CA ALA WA 168 -22.11 98.67 8.95
C ALA WA 168 -20.66 99.06 8.64
N TYR WA 169 -19.71 98.64 9.46
CA TYR WA 169 -18.30 98.84 9.14
C TYR WA 169 -17.75 97.71 8.28
N ALA WA 170 -18.21 96.49 8.50
CA ALA WA 170 -17.76 95.35 7.72
C ALA WA 170 -18.41 95.25 6.36
N LYS WA 171 -19.41 96.08 6.08
CA LYS WA 171 -20.06 96.10 4.78
C LYS WA 171 -19.34 97.01 3.79
N ASN WA 172 -18.22 97.60 4.19
CA ASN WA 172 -17.51 98.54 3.34
C ASN WA 172 -16.41 97.91 2.50
N PHE WA 173 -15.98 96.69 2.84
CA PHE WA 173 -14.71 96.18 2.33
C PHE WA 173 -14.87 95.16 1.21
N GLY WA 174 -15.43 93.99 1.50
CA GLY WA 174 -15.67 93.01 0.46
C GLY WA 174 -14.44 92.43 -0.20
N SER WA 175 -13.33 92.33 0.52
CA SER WA 175 -12.08 91.83 -0.04
C SER WA 175 -11.61 90.60 0.73
N LYS WA 176 -11.09 89.62 -0.02
CA LYS WA 176 -10.81 88.30 0.54
C LYS WA 176 -9.57 88.26 1.42
N ARG WA 177 -8.83 89.35 1.53
CA ARG WA 177 -7.63 89.40 2.36
C ARG WA 177 -7.81 90.32 3.57
N LEU WA 178 -9.02 90.38 4.11
CA LEU WA 178 -9.32 91.22 5.24
C LEU WA 178 -10.01 90.38 6.30
N PHE WA 179 -9.49 90.45 7.53
CA PHE WA 179 -9.99 89.66 8.64
C PHE WA 179 -10.34 90.61 9.76
N MET WA 180 -11.59 90.60 10.19
CA MET WA 180 -12.09 91.57 11.16
C MET WA 180 -12.46 90.89 12.46
N VAL WA 181 -11.95 91.42 13.56
CA VAL WA 181 -12.26 90.94 14.91
C VAL WA 181 -12.90 92.10 15.65
N ASP WA 182 -14.21 92.03 15.88
CA ASP WA 182 -14.93 93.21 16.36
C ASP WA 182 -14.74 93.56 17.84
N PRO WA 183 -15.07 92.70 18.82
CA PRO WA 183 -15.15 93.22 20.20
C PRO WA 183 -13.77 93.46 20.79
N GLY WA 184 -13.63 94.60 21.45
CA GLY WA 184 -12.32 95.02 21.94
C GLY WA 184 -11.90 94.22 23.17
N VAL WA 185 -10.64 93.81 23.16
CA VAL WA 185 -10.07 93.06 24.27
C VAL WA 185 -9.85 94.02 25.44
N GLN WA 186 -10.31 93.61 26.62
CA GLN WA 186 -10.04 94.35 27.86
C GLN WA 186 -8.83 93.71 28.51
N VAL WA 187 -7.69 94.40 28.45
CA VAL WA 187 -6.42 93.82 28.87
C VAL WA 187 -5.83 94.68 29.99
N TRP WA 188 -4.93 94.07 30.77
CA TRP WA 188 -4.33 94.73 31.92
C TRP WA 188 -3.22 95.67 31.47
N ASP WA 189 -3.27 96.91 31.94
CA ASP WA 189 -2.27 97.92 31.61
C ASP WA 189 -1.29 98.05 32.76
N SER WA 190 -0.02 97.77 32.49
CA SER WA 190 1.02 97.80 33.52
C SER WA 190 1.59 99.19 33.74
N ALA WA 191 1.07 100.21 33.05
CA ALA WA 191 1.51 101.58 33.23
C ALA WA 191 0.55 102.40 34.07
N THR WA 192 -0.75 102.13 34.00
CA THR WA 192 -1.74 102.80 34.82
C THR WA 192 -2.35 101.89 35.89
N ASN WA 193 -1.96 100.61 35.91
CA ASN WA 193 -2.41 99.60 36.88
C ASN WA 193 -3.92 99.43 36.87
N ALA WA 194 -4.47 99.29 35.67
CA ALA WA 194 -5.91 99.09 35.49
C ALA WA 194 -6.13 98.34 34.19
N ALA WA 195 -7.39 97.95 33.97
CA ALA WA 195 -7.75 97.17 32.79
C ALA WA 195 -8.16 98.13 31.67
N ARG WA 196 -7.28 98.27 30.67
CA ARG WA 196 -7.56 99.12 29.52
C ARG WA 196 -8.18 98.31 28.40
N ASN WA 197 -8.70 99.01 27.40
CA ASN WA 197 -9.31 98.39 26.24
C ASN WA 197 -8.27 98.29 25.13
N ALA WA 198 -7.87 97.08 24.81
CA ALA WA 198 -6.95 96.84 23.72
C ALA WA 198 -7.71 96.82 22.40
N PRO WA 199 -7.06 97.11 21.28
CA PRO WA 199 -7.76 97.08 19.98
C PRO WA 199 -8.12 95.70 19.49
N ALA WA 200 -7.61 94.62 20.11
CA ALA WA 200 -7.94 93.22 19.81
C ALA WA 200 -7.58 92.81 18.39
N SER WA 201 -6.65 93.50 17.75
CA SER WA 201 -6.15 93.14 16.44
C SER WA 201 -4.77 92.51 16.49
N ALA WA 202 -3.92 92.96 17.42
CA ALA WA 202 -2.63 92.31 17.62
C ALA WA 202 -2.77 90.99 18.35
N TYR WA 203 -3.85 90.80 19.09
CA TYR WA 203 -4.07 89.55 19.80
C TYR WA 203 -4.51 88.44 18.86
N ALA WA 204 -5.24 88.79 17.81
CA ALA WA 204 -5.53 87.80 16.77
C ALA WA 204 -4.29 87.51 15.92
N ALA WA 205 -3.36 88.46 15.84
CA ALA WA 205 -2.13 88.22 15.10
C ALA WA 205 -1.22 87.25 15.83
N GLY WA 206 -1.30 87.21 17.16
CA GLY WA 206 -0.57 86.20 17.90
C GLY WA 206 -1.14 84.82 17.71
N LEU WA 207 -2.43 84.73 17.38
CA LEU WA 207 -3.06 83.44 17.13
C LEU WA 207 -2.70 82.90 15.76
N PHE WA 208 -2.62 83.77 14.76
CA PHE WA 208 -2.18 83.33 13.43
C PHE WA 208 -0.72 82.90 13.45
N ALA WA 209 0.10 83.55 14.27
CA ALA WA 209 1.50 83.18 14.38
C ALA WA 209 1.70 81.94 15.24
N TRP WA 210 0.71 81.57 16.03
CA TRP WA 210 0.86 80.42 16.92
C TRP WA 210 0.40 79.13 16.27
N THR WA 211 -0.69 79.16 15.49
CA THR WA 211 -1.18 77.96 14.84
C THR WA 211 -0.27 77.49 13.72
N ASP WA 212 0.53 78.39 13.14
CA ASP WA 212 1.50 77.94 12.14
C ASP WA 212 2.64 77.18 12.78
N ALA WA 213 3.00 77.53 14.02
CA ALA WA 213 4.04 76.81 14.72
C ALA WA 213 3.52 75.60 15.46
N GLU WA 214 2.22 75.52 15.71
CA GLU WA 214 1.61 74.42 16.47
C GLU WA 214 0.86 73.45 15.58
N TYR WA 215 -0.08 73.94 14.77
CA TYR WA 215 -0.91 73.09 13.93
C TYR WA 215 -0.61 73.21 12.45
N GLY WA 216 0.07 74.25 12.02
CA GLY WA 216 0.36 74.47 10.62
C GLY WA 216 -0.43 75.64 10.06
N PHE WA 217 0.00 76.10 8.88
CA PHE WA 217 -0.60 77.27 8.26
C PHE WA 217 -1.95 76.97 7.62
N TRP WA 218 -2.36 75.71 7.55
CA TRP WA 218 -3.66 75.32 7.04
C TRP WA 218 -4.72 75.21 8.12
N SER WA 219 -4.42 75.69 9.33
CA SER WA 219 -5.36 75.59 10.45
C SER WA 219 -5.83 76.97 10.82
N SER WA 220 -7.15 77.15 10.88
CA SER WA 220 -7.70 78.43 11.30
C SER WA 220 -7.52 78.60 12.80
N PRO WA 221 -7.34 79.83 13.27
CA PRO WA 221 -7.18 80.05 14.71
C PRO WA 221 -8.50 80.23 15.42
N SER WA 222 -9.59 79.84 14.78
CA SER WA 222 -10.95 80.18 15.20
C SER WA 222 -11.49 79.31 16.32
N ASN WA 223 -10.66 78.54 17.01
CA ASN WA 223 -11.04 77.96 18.28
C ASN WA 223 -9.90 78.03 19.29
N LYS WA 224 -8.78 78.65 18.93
CA LYS WA 224 -7.65 78.70 19.83
C LYS WA 224 -7.82 79.84 20.82
N GLU WA 225 -6.99 79.84 21.84
CA GLU WA 225 -7.18 80.71 22.99
C GLU WA 225 -6.20 81.86 22.98
N ILE WA 226 -6.67 83.02 23.43
CA ILE WA 226 -5.84 84.20 23.57
C ILE WA 226 -5.40 84.30 25.01
N LYS WA 227 -4.13 84.67 25.23
CA LYS WA 227 -3.51 84.49 26.54
C LYS WA 227 -3.67 85.71 27.45
N GLY WA 228 -3.19 86.87 27.00
CA GLY WA 228 -3.16 88.05 27.86
C GLY WA 228 -4.51 88.66 28.17
N VAL WA 229 -5.56 88.23 27.45
CA VAL WA 229 -6.87 88.84 27.57
C VAL WA 229 -7.49 88.50 28.92
N THR WA 230 -7.91 89.53 29.64
CA THR WA 230 -8.59 89.37 30.92
C THR WA 230 -10.00 89.95 30.86
N GLY WA 231 -10.65 89.83 29.72
CA GLY WA 231 -12.00 90.33 29.56
C GLY WA 231 -12.21 90.93 28.19
N THR WA 232 -13.48 91.11 27.85
CA THR WA 232 -13.86 91.63 26.54
C THR WA 232 -14.88 92.75 26.75
N SER WA 233 -14.56 93.92 26.23
CA SER WA 233 -15.52 95.02 26.24
C SER WA 233 -16.70 94.69 25.35
N ARG WA 234 -17.92 94.98 25.84
CA ARG WA 234 -19.20 94.56 25.27
C ARG WA 234 -19.21 93.05 25.06
N PRO WA 235 -19.42 92.26 26.12
CA PRO WA 235 -19.32 90.80 26.01
C PRO WA 235 -20.39 90.20 25.11
N VAL WA 236 -19.96 89.36 24.18
CA VAL WA 236 -20.88 88.74 23.22
C VAL WA 236 -21.44 87.46 23.81
N GLU WA 237 -22.54 87.01 23.24
CA GLU WA 237 -23.30 85.88 23.75
C GLU WA 237 -23.04 84.64 22.90
N PHE WA 238 -22.66 83.55 23.56
CA PHE WA 238 -22.57 82.24 22.92
C PHE WA 238 -22.90 81.21 24.00
N LEU WA 239 -24.18 80.83 24.08
CA LEU WA 239 -24.65 80.05 25.23
C LEU WA 239 -24.43 78.54 25.07
N ASP WA 240 -25.23 77.90 24.22
CA ASP WA 240 -25.13 76.44 24.14
C ASP WA 240 -24.90 75.92 22.73
N GLY WA 241 -25.91 76.07 21.88
CA GLY WA 241 -25.87 75.61 20.50
C GLY WA 241 -26.77 76.46 19.64
N ASP WA 242 -27.22 77.58 20.20
CA ASP WA 242 -28.25 78.39 19.57
C ASP WA 242 -27.68 79.15 18.39
N GLU WA 243 -28.31 78.98 17.23
CA GLU WA 243 -27.85 79.61 16.01
C GLU WA 243 -28.23 81.08 15.91
N THR WA 244 -28.98 81.60 16.88
CA THR WA 244 -29.33 83.01 16.93
C THR WA 244 -28.67 83.71 18.12
N CYS WA 245 -27.46 83.29 18.48
CA CYS WA 245 -26.71 84.00 19.50
C CYS WA 245 -26.17 85.30 18.93
N ARG WA 246 -25.74 86.18 19.83
CA ARG WA 246 -25.24 87.48 19.40
C ARG WA 246 -23.89 87.38 18.72
N ALA WA 247 -23.07 86.41 19.11
CA ALA WA 247 -21.79 86.22 18.47
C ALA WA 247 -21.90 85.44 17.16
N ASN WA 248 -22.92 84.61 17.02
CA ASN WA 248 -23.10 83.88 15.76
C ASN WA 248 -23.64 84.79 14.67
N LEU WA 249 -24.42 85.80 15.03
CA LEU WA 249 -24.91 86.76 14.04
C LEU WA 249 -23.80 87.66 13.53
N LEU WA 250 -22.67 87.74 14.22
CA LEU WA 250 -21.51 88.46 13.72
C LEU WA 250 -20.64 87.58 12.83
N ASN WA 251 -20.57 86.28 13.10
CA ASN WA 251 -19.89 85.37 12.18
C ASN WA 251 -20.67 85.20 10.88
N ASN WA 252 -21.98 85.39 10.93
CA ASN WA 252 -22.78 85.39 9.71
C ASN WA 252 -22.53 86.63 8.88
N ALA WA 253 -22.05 87.71 9.48
CA ALA WA 253 -21.68 88.93 8.77
C ALA WA 253 -20.18 88.99 8.49
N ASN WA 254 -19.50 87.84 8.47
CA ASN WA 254 -18.08 87.70 8.15
C ASN WA 254 -17.20 88.49 9.12
N ILE WA 255 -17.57 88.49 10.39
CA ILE WA 255 -16.79 89.14 11.45
C ILE WA 255 -16.44 88.10 12.49
N ALA WA 256 -15.15 87.98 12.81
CA ALA WA 256 -14.74 87.12 13.91
C ALA WA 256 -15.01 87.78 15.23
N THR WA 257 -15.21 86.97 16.27
CA THR WA 257 -15.50 87.46 17.61
C THR WA 257 -14.59 86.80 18.62
N ILE WA 258 -14.71 87.25 19.87
CA ILE WA 258 -14.04 86.68 21.02
C ILE WA 258 -15.12 86.36 22.05
N ILE WA 259 -15.41 85.08 22.24
CA ILE WA 259 -16.73 84.70 22.75
C ILE WA 259 -16.83 84.60 24.27
N ARG WA 260 -16.04 83.73 24.88
CA ARG WA 260 -16.44 83.11 26.15
C ARG WA 260 -16.23 84.05 27.34
N ASP WA 261 -16.37 83.47 28.54
CA ASP WA 261 -16.40 84.21 29.80
C ASP WA 261 -15.05 84.89 30.04
N ASP WA 262 -15.06 86.22 30.00
CA ASP WA 262 -13.88 87.08 30.03
C ASP WA 262 -12.89 86.72 28.90
N GLY WA 263 -13.45 86.37 27.74
CA GLY WA 263 -12.74 86.37 26.47
C GLY WA 263 -11.53 85.49 26.32
N TYR WA 264 -11.71 84.17 26.20
CA TYR WA 264 -10.55 83.30 26.02
C TYR WA 264 -10.65 82.41 24.78
N ARG WA 265 -11.53 82.72 23.83
CA ARG WA 265 -11.60 81.95 22.59
C ARG WA 265 -11.86 82.89 21.43
N LEU WA 266 -11.02 82.82 20.40
CA LEU WA 266 -11.37 83.45 19.14
C LEU WA 266 -12.45 82.63 18.45
N TRP WA 267 -13.32 83.30 17.72
CA TRP WA 267 -14.50 82.65 17.16
C TRP WA 267 -14.79 83.24 15.78
N GLY WA 268 -14.48 82.48 14.74
CA GLY WA 268 -14.76 82.91 13.39
C GLY WA 268 -13.61 82.68 12.44
N ASN WA 269 -13.85 81.98 11.35
CA ASN WA 269 -12.83 81.68 10.36
C ASN WA 269 -13.20 82.21 8.98
N ARG WA 270 -14.08 83.19 8.92
CA ARG WA 270 -14.50 83.78 7.67
C ARG WA 270 -13.78 85.11 7.48
N THR WA 271 -13.27 85.32 6.27
CA THR WA 271 -12.72 86.60 5.92
C THR WA 271 -13.82 87.46 5.29
N LEU WA 272 -13.50 88.71 4.98
CA LEU WA 272 -14.49 89.65 4.48
C LEU WA 272 -14.61 89.57 2.96
N SER WA 273 -14.86 88.37 2.46
CA SER WA 273 -14.91 88.15 1.02
C SER WA 273 -16.34 88.20 0.51
N SER WA 274 -16.50 88.62 -0.74
CA SER WA 274 -17.81 88.59 -1.38
C SER WA 274 -18.06 87.23 -2.02
N ASP WA 275 -17.03 86.61 -2.60
CA ASP WA 275 -17.16 85.26 -3.12
C ASP WA 275 -17.24 84.27 -1.97
N SER WA 276 -18.08 83.27 -2.12
CA SER WA 276 -18.12 82.17 -1.15
C SER WA 276 -17.01 81.17 -1.36
N LYS WA 277 -16.24 81.29 -2.45
CA LYS WA 277 -15.09 80.43 -2.66
C LYS WA 277 -13.98 80.77 -1.68
N TRP WA 278 -13.61 82.05 -1.60
CA TRP WA 278 -12.56 82.51 -0.71
C TRP WA 278 -13.11 82.95 0.64
N ALA WA 279 -14.11 82.25 1.16
CA ALA WA 279 -14.71 82.67 2.41
C ALA WA 279 -13.81 82.34 3.59
N PHE WA 280 -13.22 81.16 3.61
CA PHE WA 280 -12.40 80.73 4.74
C PHE WA 280 -11.03 81.38 4.69
N VAL WA 281 -10.54 81.77 5.87
CA VAL WA 281 -9.19 82.33 5.97
C VAL WA 281 -8.15 81.27 5.68
N THR WA 282 -8.45 80.01 6.00
CA THR WA 282 -7.54 78.90 5.74
C THR WA 282 -7.28 78.72 4.25
N ARG WA 283 -8.33 78.83 3.42
CA ARG WA 283 -8.15 78.65 1.99
C ARG WA 283 -7.37 79.80 1.36
N VAL WA 284 -7.57 81.03 1.85
CA VAL WA 284 -6.81 82.16 1.33
C VAL WA 284 -5.37 82.09 1.81
N ARG WA 285 -5.14 81.58 3.01
CA ARG WA 285 -3.79 81.54 3.56
C ARG WA 285 -2.95 80.47 2.90
N THR WA 286 -3.53 79.30 2.61
CA THR WA 286 -2.76 78.25 1.96
C THR WA 286 -2.55 78.57 0.48
N MET WA 287 -3.50 79.25 -0.16
CA MET WA 287 -3.35 79.58 -1.56
C MET WA 287 -2.25 80.61 -1.76
N ASP WA 288 -2.16 81.59 -0.88
CA ASP WA 288 -1.10 82.57 -0.96
C ASP WA 288 0.26 82.03 -0.52
N LEU WA 289 0.28 80.87 0.12
CA LEU WA 289 1.54 80.23 0.51
C LEU WA 289 2.04 79.25 -0.53
N VAL WA 290 1.14 78.51 -1.19
CA VAL WA 290 1.55 77.62 -2.26
C VAL WA 290 1.74 78.33 -3.59
N MET WA 291 1.41 79.62 -3.66
CA MET WA 291 1.69 80.40 -4.87
C MET WA 291 2.93 81.27 -4.73
N ASP WA 292 3.40 81.53 -3.51
CA ASP WA 292 4.68 82.18 -3.31
C ASP WA 292 5.82 81.19 -3.14
N ALA WA 293 5.52 79.92 -2.88
CA ALA WA 293 6.54 78.89 -2.88
C ALA WA 293 6.86 78.42 -4.28
N ILE WA 294 5.86 78.37 -5.15
CA ILE WA 294 6.09 78.02 -6.55
C ILE WA 294 6.82 79.15 -7.27
N LEU WA 295 6.48 80.40 -6.94
CA LEU WA 295 7.09 81.54 -7.61
C LEU WA 295 8.55 81.71 -7.21
N ALA WA 296 8.86 81.60 -5.92
CA ALA WA 296 10.23 81.76 -5.47
C ALA WA 296 11.05 80.49 -5.61
N GLY WA 297 10.40 79.35 -5.79
CA GLY WA 297 11.10 78.08 -5.90
C GLY WA 297 11.36 77.63 -7.32
N HIS WA 298 10.93 78.40 -8.32
CA HIS WA 298 11.14 78.05 -9.71
C HIS WA 298 11.90 79.13 -10.46
N LYS WA 299 12.74 79.88 -9.77
CA LYS WA 299 13.57 80.88 -10.42
C LYS WA 299 14.84 80.31 -11.02
N TRP WA 300 15.05 78.99 -10.92
CA TRP WA 300 16.12 78.33 -11.64
C TRP WA 300 15.72 77.94 -13.05
N ALA WA 301 14.42 77.92 -13.35
CA ALA WA 301 13.89 77.38 -14.59
C ALA WA 301 13.50 78.47 -15.58
N VAL WA 302 14.13 79.63 -15.52
CA VAL WA 302 13.69 80.75 -16.33
C VAL WA 302 14.43 80.84 -17.67
N ASP WA 303 15.55 80.14 -17.83
CA ASP WA 303 16.15 80.03 -19.16
C ASP WA 303 16.77 78.66 -19.37
N ARG WA 304 16.06 77.60 -18.98
CA ARG WA 304 16.64 76.26 -19.02
C ARG WA 304 16.44 75.56 -20.35
N GLY WA 305 15.57 76.05 -21.21
CA GLY WA 305 15.36 75.39 -22.49
C GLY WA 305 14.35 74.27 -22.39
N ILE WA 306 13.30 74.33 -23.21
CA ILE WA 306 12.20 73.38 -23.11
C ILE WA 306 12.64 72.08 -23.77
N THR WA 307 13.15 71.15 -22.97
CA THR WA 307 13.43 69.80 -23.41
C THR WA 307 12.38 68.87 -22.82
N LYS WA 308 12.51 67.58 -23.13
CA LYS WA 308 11.59 66.62 -22.53
C LYS WA 308 11.98 66.34 -21.07
N THR WA 309 13.27 66.38 -20.75
CA THR WA 309 13.71 66.20 -19.38
C THR WA 309 13.63 67.47 -18.55
N TYR WA 310 13.06 68.54 -19.10
CA TYR WA 310 12.79 69.75 -18.35
C TYR WA 310 11.34 69.85 -17.94
N VAL WA 311 10.42 69.56 -18.87
CA VAL WA 311 8.99 69.54 -18.55
C VAL WA 311 8.67 68.39 -17.62
N LYS WA 312 9.36 67.25 -17.79
CA LYS WA 312 9.12 66.10 -16.94
C LYS WA 312 9.73 66.28 -15.56
N ASP WA 313 10.81 67.06 -15.45
CA ASP WA 313 11.49 67.25 -14.17
C ASP WA 313 11.19 68.60 -13.54
N VAL WA 314 10.23 69.35 -14.08
CA VAL WA 314 9.56 70.38 -13.30
C VAL WA 314 8.30 69.82 -12.66
N THR WA 315 7.57 69.01 -13.42
CA THR WA 315 6.36 68.35 -12.90
C THR WA 315 6.69 67.39 -11.76
N GLU WA 316 7.76 66.60 -11.90
CA GLU WA 316 8.16 65.70 -10.84
C GLU WA 316 8.72 66.43 -9.62
N GLY WA 317 9.20 67.66 -9.80
CA GLY WA 317 9.51 68.51 -8.68
C GLY WA 317 8.34 69.30 -8.15
N LEU WA 318 7.24 69.30 -8.90
CA LEU WA 318 6.00 69.93 -8.50
C LEU WA 318 5.00 68.93 -7.93
N ARG WA 319 5.00 67.71 -8.45
CA ARG WA 319 4.20 66.65 -7.83
C ARG WA 319 4.77 66.26 -6.47
N ALA WA 320 6.09 66.30 -6.32
CA ALA WA 320 6.69 65.95 -5.04
C ALA WA 320 6.50 67.04 -4.01
N PHE WA 321 6.32 68.29 -4.44
CA PHE WA 321 6.05 69.36 -3.49
C PHE WA 321 4.63 69.27 -2.96
N MET WA 322 3.68 68.96 -3.82
CA MET WA 322 2.30 68.78 -3.37
C MET WA 322 2.10 67.46 -2.65
N ARG WA 323 2.93 66.46 -2.94
CA ARG WA 323 2.85 65.21 -2.19
C ARG WA 323 3.37 65.39 -0.77
N ASP WA 324 4.35 66.26 -0.59
CA ASP WA 324 4.84 66.58 0.75
C ASP WA 324 3.88 67.49 1.52
N LEU WA 325 2.90 68.07 0.85
CA LEU WA 325 1.84 68.82 1.51
C LEU WA 325 0.65 67.95 1.86
N LYS WA 326 0.48 66.83 1.14
CA LYS WA 326 -0.69 65.98 1.36
C LYS WA 326 -0.53 65.15 2.63
N ASN WA 327 0.62 64.52 2.81
CA ASN WA 327 0.85 63.74 4.02
C ASN WA 327 1.26 64.60 5.20
N GLN WA 328 1.61 65.87 4.97
CA GLN WA 328 1.80 66.79 6.08
C GLN WA 328 0.46 67.21 6.66
N GLY WA 329 -0.59 67.23 5.84
CA GLY WA 329 -1.91 67.60 6.28
C GLY WA 329 -2.45 68.89 5.70
N ALA WA 330 -1.77 69.48 4.72
CA ALA WA 330 -2.17 70.77 4.18
C ALA WA 330 -3.23 70.64 3.10
N VAL WA 331 -3.06 69.71 2.17
CA VAL WA 331 -4.03 69.46 1.13
C VAL WA 331 -4.60 68.07 1.31
N ILE WA 332 -5.71 67.80 0.65
CA ILE WA 332 -6.34 66.49 0.74
C ILE WA 332 -5.91 65.59 -0.41
N ASN WA 333 -6.02 66.09 -1.64
CA ASN WA 333 -5.41 65.43 -2.79
C ASN WA 333 -5.08 66.50 -3.81
N PHE WA 334 -4.41 66.09 -4.87
CA PHE WA 334 -3.93 67.05 -5.85
C PHE WA 334 -3.85 66.40 -7.22
N GLU WA 335 -3.57 67.22 -8.23
CA GLU WA 335 -3.37 66.73 -9.59
C GLU WA 335 -2.50 67.75 -10.31
N VAL WA 336 -1.22 67.44 -10.46
CA VAL WA 336 -0.26 68.31 -11.12
C VAL WA 336 0.10 67.71 -12.46
N TYR WA 337 -0.10 68.47 -13.53
CA TYR WA 337 0.17 67.98 -14.87
C TYR WA 337 0.49 69.16 -15.77
N ALA WA 338 1.30 68.91 -16.78
CA ALA WA 338 1.52 69.91 -17.81
C ALA WA 338 0.26 70.08 -18.63
N ASP WA 339 -0.03 71.31 -19.00
CA ASP WA 339 -1.29 71.63 -19.67
C ASP WA 339 -1.27 71.07 -21.09
N PRO WA 340 -2.22 70.24 -21.47
CA PRO WA 340 -2.17 69.63 -22.82
C PRO WA 340 -2.56 70.60 -23.91
N ASP WA 341 -3.55 71.45 -23.63
CA ASP WA 341 -4.06 72.38 -24.64
C ASP WA 341 -3.30 73.71 -24.64
N LEU WA 342 -2.93 74.22 -23.47
CA LEU WA 342 -2.26 75.50 -23.40
C LEU WA 342 -0.80 75.45 -23.83
N ASN WA 343 -0.17 74.27 -23.76
CA ASN WA 343 1.19 74.11 -24.27
C ASN WA 343 1.12 73.77 -25.76
N SER WA 344 0.73 74.77 -26.53
CA SER WA 344 0.70 74.62 -27.97
C SER WA 344 2.10 74.80 -28.54
N ALA WA 345 2.27 74.42 -29.81
CA ALA WA 345 3.56 74.62 -30.47
C ALA WA 345 3.86 76.08 -30.73
N SER WA 346 2.83 76.94 -30.78
CA SER WA 346 3.07 78.37 -30.92
C SER WA 346 3.42 79.00 -29.59
N GLN WA 347 2.89 78.50 -28.48
CA GLN WA 347 3.21 79.04 -27.17
C GLN WA 347 4.57 78.56 -26.69
N LEU WA 348 4.92 77.31 -27.01
CA LEU WA 348 6.22 76.77 -26.62
C LEU WA 348 7.35 77.45 -27.39
N ALA WA 349 7.09 77.88 -28.62
CA ALA WA 349 8.11 78.55 -29.42
C ALA WA 349 8.32 80.00 -29.03
N GLN WA 350 7.55 80.52 -28.07
CA GLN WA 350 7.79 81.84 -27.51
C GLN WA 350 8.43 81.77 -26.14
N GLY WA 351 8.67 80.58 -25.62
CA GLY WA 351 9.19 80.40 -24.29
C GLY WA 351 8.15 80.10 -23.24
N LYS WA 352 6.87 80.32 -23.53
CA LYS WA 352 5.81 80.06 -22.56
C LYS WA 352 5.55 78.56 -22.47
N VAL WA 353 5.52 78.05 -21.25
CA VAL WA 353 5.20 76.64 -21.00
C VAL WA 353 4.37 76.57 -19.73
N TYR WA 354 3.23 75.88 -19.81
CA TYR WA 354 2.18 75.99 -18.80
C TYR WA 354 2.08 74.70 -17.98
N TRP WA 355 1.85 74.86 -16.69
CA TRP WA 355 1.60 73.75 -15.78
C TRP WA 355 0.33 74.03 -14.99
N ASN WA 356 -0.43 72.98 -14.72
CA ASN WA 356 -1.66 73.08 -13.92
C ASN WA 356 -1.43 72.40 -12.59
N ILE WA 357 -1.77 73.08 -11.50
CA ILE WA 357 -1.70 72.53 -10.15
C ILE WA 357 -3.09 72.64 -9.55
N ARG WA 358 -3.86 71.56 -9.61
CA ARG WA 358 -5.17 71.51 -9.00
C ARG WA 358 -5.05 70.81 -7.66
N PHE WA 359 -5.65 71.37 -6.61
CA PHE WA 359 -5.64 70.74 -5.31
C PHE WA 359 -6.87 71.19 -4.54
N THR WA 360 -7.13 70.51 -3.43
CA THR WA 360 -8.17 70.90 -2.49
C THR WA 360 -7.52 71.17 -1.14
N ASP WA 361 -7.89 72.30 -0.53
CA ASP WA 361 -7.41 72.62 0.80
C ASP WA 361 -8.17 71.78 1.84
N VAL WA 362 -7.75 71.92 3.09
CA VAL WA 362 -8.44 71.28 4.22
C VAL WA 362 -9.40 72.32 4.80
N PRO WA 363 -10.71 72.18 4.59
CA PRO WA 363 -11.64 73.17 5.09
C PRO WA 363 -11.82 73.03 6.59
N PRO WA 364 -11.88 74.14 7.32
CA PRO WA 364 -12.10 74.04 8.77
C PRO WA 364 -13.52 73.61 9.08
N ALA WA 365 -13.64 72.59 9.93
CA ALA WA 365 -14.93 71.99 10.25
C ALA WA 365 -15.71 72.91 11.20
N GLU WA 366 -16.21 74.01 10.65
CA GLU WA 366 -16.85 75.02 11.46
C GLU WA 366 -18.24 74.63 11.93
N ASN WA 367 -18.81 73.53 11.43
CA ASN WA 367 -20.12 73.08 11.88
C ASN WA 367 -20.20 71.56 11.86
N PRO WA 368 -19.66 70.88 12.89
CA PRO WA 368 -19.84 69.43 12.98
C PRO WA 368 -21.24 69.07 13.46
N ASN WA 369 -22.06 68.56 12.54
CA ASN WA 369 -23.44 68.24 12.85
C ASN WA 369 -23.57 66.79 13.29
N PHE WA 370 -24.46 66.53 14.24
CA PHE WA 370 -24.73 65.20 14.73
C PHE WA 370 -26.23 64.92 14.61
N ARG WA 371 -26.57 63.69 14.23
CA ARG WA 371 -27.96 63.32 13.95
C ARG WA 371 -28.29 62.08 14.75
N VAL WA 372 -28.77 62.30 15.97
CA VAL WA 372 -29.09 61.22 16.91
C VAL WA 372 -30.55 60.83 16.73
N GLU WA 373 -30.82 59.52 16.79
CA GLU WA 373 -32.19 59.05 16.75
C GLU WA 373 -32.35 57.78 17.56
N VAL WA 374 -33.46 57.69 18.27
CA VAL WA 374 -33.81 56.49 19.01
C VAL WA 374 -34.68 55.62 18.12
N THR WA 375 -34.22 54.42 17.82
CA THR WA 375 -34.97 53.54 16.92
C THR WA 375 -35.44 52.30 17.66
N ASP WA 376 -36.03 51.36 16.93
CA ASP WA 376 -36.42 50.07 17.47
C ASP WA 376 -35.84 48.95 16.62
N GLN WA 377 -34.73 49.22 15.94
CA GLN WA 377 -34.18 48.24 15.00
C GLN WA 377 -33.51 47.09 15.74
N TRP WA 378 -32.73 47.39 16.77
CA TRP WA 378 -32.05 46.37 17.55
C TRP WA 378 -32.81 46.00 18.81
N LEU WA 379 -34.14 46.12 18.78
CA LEU WA 379 -34.93 45.79 19.96
C LEU WA 379 -35.22 44.30 20.05
N THR WA 380 -35.24 43.59 18.92
CA THR WA 380 -35.34 42.15 18.91
C THR WA 380 -34.02 41.46 19.21
N GLU WA 381 -32.95 42.22 19.45
CA GLU WA 381 -31.69 41.65 19.89
C GLU WA 381 -31.78 41.12 21.31
N VAL WA 382 -32.78 41.53 22.08
CA VAL WA 382 -33.03 40.98 23.41
C VAL WA 382 -33.93 39.78 23.20
N LEU WA 383 -33.32 38.68 22.75
CA LEU WA 383 -34.00 37.40 22.79
C LEU WA 383 -33.06 36.24 23.06
N ASP WA 384 -31.75 36.47 23.12
CA ASP WA 384 -30.77 35.41 23.32
C ASP WA 384 -29.46 35.99 23.84
N SER XA 2 9.12 89.68 -25.99
CA SER XA 2 9.02 89.11 -24.65
C SER XA 2 7.92 89.78 -23.85
N PHE XA 3 6.82 89.06 -23.65
CA PHE XA 3 5.72 89.59 -22.86
C PHE XA 3 6.10 89.66 -21.38
N PHE XA 4 6.64 88.58 -20.84
CA PHE XA 4 7.20 88.61 -19.51
C PHE XA 4 8.33 87.58 -19.43
N HIS XA 5 9.52 88.03 -19.08
CA HIS XA 5 10.67 87.17 -18.85
C HIS XA 5 10.72 86.91 -17.35
N GLY XA 6 10.14 85.81 -16.92
CA GLY XA 6 10.04 85.53 -15.49
C GLY XA 6 9.14 84.34 -15.25
N VAL XA 7 8.69 84.22 -14.01
CA VAL XA 7 7.85 83.10 -13.58
C VAL XA 7 6.51 83.67 -13.15
N THR XA 8 5.46 83.35 -13.90
CA THR XA 8 4.11 83.74 -13.52
C THR XA 8 3.46 82.60 -12.76
N VAL XA 9 2.82 82.93 -11.64
CA VAL XA 9 2.03 81.99 -10.88
C VAL XA 9 0.63 82.58 -10.80
N THR XA 10 -0.31 81.98 -11.53
CA THR XA 10 -1.65 82.53 -11.64
C THR XA 10 -2.63 81.72 -10.81
N ASN XA 11 -3.71 82.37 -10.42
CA ASN XA 11 -4.83 81.76 -9.72
C ASN XA 11 -6.04 81.92 -10.64
N VAL XA 12 -6.52 80.80 -11.20
CA VAL XA 12 -7.45 80.91 -12.32
C VAL XA 12 -8.86 81.30 -11.87
N ASP XA 13 -9.25 80.90 -10.64
CA ASP XA 13 -10.52 81.29 -9.99
C ASP XA 13 -11.74 80.89 -10.84
N ILE XA 14 -11.83 79.61 -11.18
CA ILE XA 14 -12.84 79.14 -12.11
C ILE XA 14 -13.84 78.20 -11.45
N GLY XA 15 -13.61 77.83 -10.19
CA GLY XA 15 -14.37 76.78 -9.57
C GLY XA 15 -15.81 77.14 -9.25
N ALA XA 16 -16.60 76.10 -9.01
CA ALA XA 16 -17.99 76.28 -8.61
C ALA XA 16 -18.03 76.78 -7.17
N ARG XA 17 -18.92 77.73 -6.91
CA ARG XA 17 -19.04 78.30 -5.57
C ARG XA 17 -20.09 77.51 -4.79
N THR XA 18 -20.38 77.97 -3.58
CA THR XA 18 -21.37 77.32 -2.73
C THR XA 18 -22.42 78.34 -2.33
N ILE XA 19 -23.60 77.84 -1.98
CA ILE XA 19 -24.78 78.67 -1.76
C ILE XA 19 -25.27 78.44 -0.35
N ALA XA 20 -25.41 79.51 0.42
CA ALA XA 20 -25.95 79.46 1.77
C ALA XA 20 -27.35 80.04 1.79
N LEU XA 21 -28.14 79.60 2.78
CA LEU XA 21 -29.51 80.00 2.98
C LEU XA 21 -29.59 81.18 3.94
N PRO XA 22 -30.50 82.12 3.73
CA PRO XA 22 -30.55 83.33 4.57
C PRO XA 22 -31.31 83.19 5.88
N ALA XA 23 -31.10 82.08 6.59
CA ALA XA 23 -31.37 81.85 8.00
C ALA XA 23 -32.85 81.75 8.39
N SER XA 24 -33.76 82.11 7.48
CA SER XA 24 -35.16 81.68 7.46
C SER XA 24 -36.03 82.01 8.67
N SER XA 25 -35.51 82.70 9.69
CA SER XA 25 -36.25 82.76 10.95
C SER XA 25 -36.22 84.13 11.60
N VAL XA 26 -35.86 85.18 10.88
CA VAL XA 26 -35.85 86.52 11.44
C VAL XA 26 -37.28 87.05 11.45
N ILE XA 27 -37.71 87.56 12.60
CA ILE XA 27 -39.11 87.94 12.81
C ILE XA 27 -39.19 89.46 12.85
N GLY XA 28 -40.04 90.02 12.02
CA GLY XA 28 -40.25 91.45 12.03
C GLY XA 28 -41.43 91.83 12.89
N LEU XA 29 -41.18 92.55 13.97
CA LEU XA 29 -42.21 92.90 14.94
C LEU XA 29 -42.47 94.39 14.92
N CYS XA 30 -43.72 94.76 15.20
CA CYS XA 30 -44.09 96.18 15.32
C CYS XA 30 -45.32 96.27 16.20
N ASP XA 31 -45.14 96.78 17.41
CA ASP XA 31 -46.25 96.97 18.33
C ASP XA 31 -45.95 98.22 19.16
N VAL XA 32 -46.91 98.63 19.99
CA VAL XA 32 -46.80 99.89 20.70
C VAL XA 32 -45.96 99.69 21.95
N PHE XA 33 -45.35 100.78 22.41
CA PHE XA 33 -44.58 100.79 23.65
C PHE XA 33 -44.47 102.23 24.13
N THR XA 34 -44.05 102.38 25.38
CA THR XA 34 -43.94 103.69 26.00
C THR XA 34 -42.49 104.08 26.14
N PRO XA 35 -42.00 105.07 25.40
CA PRO XA 35 -40.59 105.46 25.54
C PRO XA 35 -40.36 106.27 26.81
N GLY XA 36 -39.16 106.16 27.36
CA GLY XA 36 -38.84 106.87 28.57
C GLY XA 36 -37.44 106.55 29.10
N ALA XA 37 -37.33 106.35 30.41
CA ALA XA 37 -36.04 106.04 31.00
C ALA XA 37 -35.75 104.55 30.97
N GLN XA 38 -36.76 103.72 31.19
CA GLN XA 38 -36.58 102.27 31.21
C GLN XA 38 -36.53 101.67 29.82
N ALA XA 39 -36.91 102.42 28.79
CA ALA XA 39 -36.90 101.94 27.41
C ALA XA 39 -35.71 102.57 26.70
N SER XA 40 -34.80 101.73 26.20
CA SER XA 40 -33.58 102.19 25.55
C SER XA 40 -33.71 102.25 24.04
N ALA XA 41 -34.90 102.52 23.51
CA ALA XA 41 -35.10 102.57 22.07
C ALA XA 41 -35.91 103.80 21.68
N LYS XA 42 -35.50 104.43 20.58
CA LYS XA 42 -36.29 105.50 20.00
C LYS XA 42 -37.58 104.93 19.42
N PRO XA 43 -38.67 105.73 19.38
CA PRO XA 43 -39.96 105.16 19.00
C PRO XA 43 -40.18 104.94 17.52
N ASN XA 44 -39.15 104.98 16.69
CA ASN XA 44 -39.33 104.57 15.30
C ASN XA 44 -38.21 103.72 14.73
N VAL XA 45 -37.04 103.64 15.37
CA VAL XA 45 -35.89 102.95 14.78
C VAL XA 45 -36.02 101.45 15.02
N PRO XA 46 -35.50 100.61 14.13
CA PRO XA 46 -35.50 99.17 14.39
C PRO XA 46 -34.43 98.78 15.39
N VAL XA 47 -34.76 97.82 16.24
CA VAL XA 47 -33.85 97.29 17.25
C VAL XA 47 -33.72 95.80 17.02
N LEU XA 48 -32.49 95.31 16.96
CA LEU XA 48 -32.24 93.88 16.85
C LEU XA 48 -32.34 93.25 18.23
N LEU XA 49 -33.22 92.26 18.38
CA LEU XA 49 -33.40 91.54 19.62
C LEU XA 49 -33.03 90.09 19.42
N THR XA 50 -32.07 89.61 20.20
CA THR XA 50 -31.61 88.24 20.07
C THR XA 50 -31.91 87.39 21.30
N SER XA 51 -32.41 87.99 22.38
CA SER XA 51 -32.74 87.24 23.57
C SER XA 51 -33.85 87.96 24.32
N LYS XA 52 -34.35 87.31 25.36
CA LYS XA 52 -35.46 87.88 26.12
C LYS XA 52 -35.00 89.04 26.99
N LYS XA 53 -33.76 89.00 27.47
CA LYS XA 53 -33.22 90.10 28.27
C LYS XA 53 -32.96 91.34 27.43
N ASP XA 54 -32.61 91.16 26.16
CA ASP XA 54 -32.40 92.29 25.26
C ASP XA 54 -33.71 92.94 24.84
N ALA XA 55 -34.81 92.21 24.88
CA ALA XA 55 -36.10 92.79 24.54
C ALA XA 55 -36.69 93.58 25.70
N ALA XA 56 -36.33 93.22 26.93
CA ALA XA 56 -36.81 93.97 28.08
C ALA XA 56 -35.98 95.22 28.32
N ALA XA 57 -34.68 95.18 28.05
CA ALA XA 57 -33.84 96.34 28.22
C ALA XA 57 -34.05 97.39 27.15
N ALA XA 58 -34.63 97.00 26.01
CA ALA XA 58 -34.86 97.92 24.91
C ALA XA 58 -36.28 98.47 24.85
N PHE XA 59 -37.24 97.85 25.54
CA PHE XA 59 -38.61 98.31 25.49
C PHE XA 59 -39.30 98.40 26.84
N GLY XA 60 -38.77 97.79 27.89
CA GLY XA 60 -39.42 97.79 29.18
C GLY XA 60 -40.33 96.60 29.36
N ILE XA 61 -40.55 96.23 30.62
CA ILE XA 61 -41.31 95.03 30.92
C ILE XA 61 -42.80 95.26 30.69
N GLY XA 62 -43.29 96.47 30.93
CA GLY XA 62 -44.70 96.75 30.78
C GLY XA 62 -45.14 97.09 29.38
N SER XA 63 -44.23 97.06 28.41
CA SER XA 63 -44.57 97.44 27.06
C SER XA 63 -45.42 96.38 26.38
N SER XA 64 -46.22 96.81 25.41
CA SER XA 64 -47.03 95.88 24.64
C SER XA 64 -46.25 95.19 23.53
N ILE XA 65 -45.02 95.63 23.25
CA ILE XA 65 -44.18 94.92 22.29
C ILE XA 65 -43.28 93.91 22.98
N TYR XA 66 -42.92 94.12 24.25
CA TYR XA 66 -42.20 93.09 24.99
C TYR XA 66 -43.10 91.90 25.28
N LEU XA 67 -44.39 92.14 25.46
CA LEU XA 67 -45.34 91.05 25.62
C LEU XA 67 -45.47 90.21 24.37
N ALA XA 68 -45.14 90.76 23.20
CA ALA XA 68 -45.02 89.96 21.99
C ALA XA 68 -43.66 89.31 21.86
N CYS XA 69 -42.62 89.92 22.43
CA CYS XA 69 -41.31 89.27 22.46
C CYS XA 69 -41.28 88.17 23.51
N GLU XA 70 -42.07 88.30 24.57
CA GLU XA 70 -42.23 87.23 25.54
C GLU XA 70 -42.97 86.05 24.93
N ALA XA 71 -43.83 86.31 23.93
CA ALA XA 71 -44.55 85.24 23.25
C ALA XA 71 -43.63 84.42 22.38
N ILE XA 72 -42.59 85.03 21.82
CA ILE XA 72 -41.68 84.33 20.91
C ILE XA 72 -40.60 83.59 21.67
N TYR XA 73 -40.02 84.23 22.68
CA TYR XA 73 -38.86 83.65 23.36
C TYR XA 73 -39.25 82.57 24.36
N ASN XA 74 -40.51 82.48 24.75
CA ASN XA 74 -40.93 81.35 25.57
C ASN XA 74 -41.04 80.08 24.77
N ARG XA 75 -41.34 80.19 23.47
CA ARG XA 75 -41.48 79.04 22.60
C ARG XA 75 -40.19 78.73 21.86
N ALA XA 76 -39.61 79.73 21.21
CA ALA XA 76 -38.46 79.52 20.35
C ALA XA 76 -37.29 80.41 20.76
N GLN XA 77 -36.28 80.50 19.91
CA GLN XA 77 -35.15 81.40 20.11
C GLN XA 77 -34.73 81.87 18.72
N ALA XA 78 -35.17 83.08 18.36
CA ALA XA 78 -34.91 83.61 17.04
C ALA XA 78 -34.51 85.07 17.15
N VAL XA 79 -34.08 85.63 16.03
CA VAL XA 79 -33.76 87.04 15.96
C VAL XA 79 -35.05 87.81 15.71
N ILE XA 80 -35.17 88.98 16.32
CA ILE XA 80 -36.35 89.82 16.15
C ILE XA 80 -35.87 91.21 15.73
N VAL XA 81 -36.34 91.68 14.58
CA VAL XA 81 -36.15 93.07 14.19
C VAL XA 81 -37.43 93.80 14.61
N ALA XA 82 -37.42 94.35 15.83
CA ALA XA 82 -38.58 95.03 16.36
C ALA XA 82 -38.44 96.53 16.14
N VAL XA 83 -39.55 97.17 15.76
CA VAL XA 83 -39.54 98.61 15.52
C VAL XA 83 -40.02 99.34 16.77
N GLY XA 84 -41.26 99.11 17.15
CA GLY XA 84 -41.81 99.79 18.30
C GLY XA 84 -42.31 101.18 17.95
N VAL XA 85 -43.52 101.52 18.38
CA VAL XA 85 -44.11 102.82 18.14
C VAL XA 85 -44.68 103.34 19.45
N GLU XA 86 -44.86 104.64 19.54
CA GLU XA 86 -45.46 105.21 20.73
C GLU XA 86 -46.98 105.17 20.62
N THR XA 87 -47.64 105.22 21.78
CA THR XA 87 -49.08 105.00 21.83
C THR XA 87 -49.82 106.25 21.37
N ALA XA 88 -50.71 106.08 20.39
CA ALA XA 88 -51.51 107.19 19.90
C ALA XA 88 -52.73 107.39 20.80
N GLU XA 89 -53.46 108.47 20.55
CA GLU XA 89 -54.61 108.82 21.39
C GLU XA 89 -55.79 107.89 21.12
N THR XA 90 -56.29 107.91 19.90
CA THR XA 90 -57.39 107.06 19.49
C THR XA 90 -56.87 105.74 18.97
N PRO XA 91 -57.68 104.67 19.02
CA PRO XA 91 -57.27 103.42 18.36
C PRO XA 91 -57.32 103.50 16.84
N GLU XA 92 -57.96 104.51 16.28
CA GLU XA 92 -57.91 104.73 14.83
C GLU XA 92 -56.57 105.31 14.42
N ALA XA 93 -56.04 106.25 15.20
CA ALA XA 93 -54.73 106.83 14.93
C ALA XA 93 -53.59 105.94 15.38
N GLN XA 94 -53.88 104.84 16.06
CA GLN XA 94 -52.83 103.85 16.33
C GLN XA 94 -52.53 103.04 15.08
N ALA XA 95 -53.51 102.88 14.18
CA ALA XA 95 -53.28 102.17 12.94
C ALA XA 95 -52.40 102.96 12.00
N SER XA 96 -52.45 104.29 12.04
CA SER XA 96 -51.62 105.11 11.19
C SER XA 96 -50.16 105.10 11.60
N ALA XA 97 -49.87 104.81 12.87
CA ALA XA 97 -48.50 104.76 13.34
C ALA XA 97 -47.83 103.43 13.06
N VAL XA 98 -48.60 102.34 13.02
CA VAL XA 98 -48.03 101.04 12.69
C VAL XA 98 -47.75 100.96 11.19
N ILE XA 99 -48.65 101.50 10.37
CA ILE XA 99 -48.41 101.59 8.93
C ILE XA 99 -47.24 102.52 8.65
N GLY XA 100 -47.29 103.72 9.20
CA GLY XA 100 -46.18 104.64 9.09
C GLY XA 100 -46.04 105.26 7.72
N GLY XA 101 -45.03 104.83 6.99
CA GLY XA 101 -44.72 105.43 5.72
C GLY XA 101 -43.33 106.03 5.75
N ILE XA 102 -43.23 107.33 5.51
CA ILE XA 102 -41.97 108.04 5.62
C ILE XA 102 -42.23 109.32 6.41
N SER XA 103 -41.19 109.82 7.06
CA SER XA 103 -41.33 110.99 7.92
C SER XA 103 -41.05 112.25 7.13
N ALA XA 104 -41.15 113.39 7.82
CA ALA XA 104 -40.74 114.65 7.22
C ALA XA 104 -39.22 114.74 7.10
N ALA XA 105 -38.48 113.99 7.91
CA ALA XA 105 -37.03 113.93 7.83
C ALA XA 105 -36.54 112.92 6.82
N GLY XA 106 -37.43 112.28 6.06
CA GLY XA 106 -37.01 111.30 5.08
C GLY XA 106 -36.57 109.98 5.66
N GLU XA 107 -37.28 109.49 6.67
CA GLU XA 107 -36.92 108.24 7.32
C GLU XA 107 -38.17 107.39 7.49
N ARG XA 108 -38.02 106.09 7.29
CA ARG XA 108 -39.15 105.18 7.42
C ARG XA 108 -39.50 105.00 8.90
N THR XA 109 -40.79 104.98 9.20
CA THR XA 109 -41.24 105.11 10.58
C THR XA 109 -41.92 103.86 11.14
N GLY XA 110 -42.95 103.35 10.48
CA GLY XA 110 -43.77 102.34 11.11
C GLY XA 110 -43.33 100.94 10.80
N LEU XA 111 -44.19 100.19 10.09
CA LEU XA 111 -43.81 98.88 9.58
C LEU XA 111 -42.75 98.98 8.51
N GLN XA 112 -42.63 100.13 7.84
CA GLN XA 112 -41.66 100.31 6.77
C GLN XA 112 -40.23 100.24 7.25
N ALA XA 113 -39.98 100.44 8.55
CA ALA XA 113 -38.63 100.33 9.10
C ALA XA 113 -38.07 98.92 9.07
N LEU XA 114 -38.92 97.91 8.83
CA LEU XA 114 -38.42 96.55 8.61
C LEU XA 114 -37.66 96.43 7.30
N LEU XA 115 -37.88 97.34 6.35
CA LEU XA 115 -37.09 97.37 5.12
C LEU XA 115 -35.66 97.83 5.39
N ASP XA 116 -35.41 98.52 6.50
CA ASP XA 116 -34.07 98.85 6.95
C ASP XA 116 -33.44 97.72 7.76
N GLY XA 117 -34.07 96.55 7.82
CA GLY XA 117 -33.56 95.48 8.65
C GLY XA 117 -32.36 94.77 8.09
N LYS XA 118 -32.09 94.90 6.80
CA LYS XA 118 -30.95 94.23 6.19
C LYS XA 118 -29.75 95.14 5.98
N SER XA 119 -29.98 96.43 5.73
CA SER XA 119 -28.88 97.36 5.58
C SER XA 119 -28.20 97.66 6.91
N ARG XA 120 -28.91 97.50 8.02
CA ARG XA 120 -28.40 97.85 9.34
C ARG XA 120 -27.93 96.66 10.15
N PHE XA 121 -28.65 95.54 10.11
CA PHE XA 121 -28.36 94.42 10.98
C PHE XA 121 -27.98 93.14 10.25
N ASN XA 122 -28.00 93.14 8.92
CA ASN XA 122 -27.78 91.95 8.08
C ASN XA 122 -28.76 90.84 8.42
N ALA XA 123 -30.01 91.21 8.72
CA ALA XA 123 -31.03 90.25 9.11
C ALA XA 123 -32.35 90.72 8.51
N GLN XA 124 -32.67 90.18 7.33
CA GLN XA 124 -33.93 90.49 6.70
C GLN XA 124 -35.04 89.69 7.36
N PRO XA 125 -36.12 90.34 7.82
CA PRO XA 125 -37.17 89.60 8.52
C PRO XA 125 -37.99 88.75 7.56
N ARG XA 126 -38.38 87.56 8.03
CA ARG XA 126 -39.17 86.64 7.23
C ARG XA 126 -40.56 86.40 7.79
N LEU XA 127 -40.82 86.76 9.04
CA LEU XA 127 -42.15 86.66 9.64
C LEU XA 127 -42.58 88.04 10.08
N LEU XA 128 -43.52 88.64 9.36
CA LEU XA 128 -44.00 89.98 9.65
C LEU XA 128 -45.17 89.87 10.61
N VAL XA 129 -44.99 90.37 11.83
CA VAL XA 129 -45.98 90.26 12.89
C VAL XA 129 -46.23 91.63 13.48
N ALA XA 130 -47.47 92.11 13.38
CA ALA XA 130 -47.92 93.28 14.13
C ALA XA 130 -49.09 92.79 14.97
N PRO XA 131 -48.84 92.36 16.21
CA PRO XA 131 -49.87 91.64 16.96
C PRO XA 131 -50.97 92.56 17.47
N GLY XA 132 -52.21 92.22 17.11
CA GLY XA 132 -53.38 92.97 17.51
C GLY XA 132 -53.80 94.02 16.51
N HIS XA 133 -52.84 94.73 15.92
CA HIS XA 133 -53.16 95.74 14.93
C HIS XA 133 -53.51 95.14 13.58
N SER XA 134 -53.12 93.90 13.31
CA SER XA 134 -53.45 93.27 12.04
C SER XA 134 -54.91 92.87 11.94
N ALA XA 135 -55.68 92.95 13.03
CA ALA XA 135 -57.12 92.75 12.98
C ALA XA 135 -57.84 93.85 12.22
N GLN XA 136 -57.21 95.02 12.07
CA GLN XA 136 -57.74 96.08 11.23
C GLN XA 136 -57.29 95.87 9.80
N GLN XA 137 -58.14 96.26 8.86
CA GLN XA 137 -57.84 96.02 7.45
C GLN XA 137 -56.78 96.97 6.91
N ALA XA 138 -56.62 98.15 7.53
CA ALA XA 138 -55.64 99.11 7.04
C ALA XA 138 -54.22 98.65 7.34
N VAL XA 139 -54.00 98.07 8.51
CA VAL XA 139 -52.67 97.59 8.87
C VAL XA 139 -52.33 96.30 8.13
N ALA XA 140 -53.32 95.43 7.95
CA ALA XA 140 -53.10 94.15 7.30
C ALA XA 140 -52.86 94.31 5.81
N THR XA 141 -53.42 95.34 5.18
CA THR XA 141 -53.12 95.62 3.79
C THR XA 141 -51.74 96.24 3.63
N ALA XA 142 -51.30 97.03 4.61
CA ALA XA 142 -49.96 97.57 4.57
C ALA XA 142 -48.93 96.51 4.90
N MET XA 143 -49.30 95.50 5.67
CA MET XA 143 -48.39 94.40 5.96
C MET XA 143 -48.36 93.38 4.84
N ASP XA 144 -49.39 93.33 4.00
CA ASP XA 144 -49.37 92.44 2.85
C ASP XA 144 -48.45 92.96 1.77
N GLY XA 145 -48.52 94.26 1.47
CA GLY XA 145 -47.62 94.83 0.49
C GLY XA 145 -46.19 94.92 0.98
N LEU XA 146 -46.00 94.93 2.29
CA LEU XA 146 -44.66 94.89 2.85
C LEU XA 146 -44.05 93.50 2.74
N ALA XA 147 -44.87 92.46 2.80
CA ALA XA 147 -44.37 91.09 2.76
C ALA XA 147 -43.89 90.69 1.37
N GLU XA 148 -44.36 91.34 0.31
CA GLU XA 148 -43.83 91.06 -1.02
C GLU XA 148 -42.55 91.83 -1.27
N LYS XA 149 -42.33 92.94 -0.56
CA LYS XA 149 -41.06 93.65 -0.67
C LYS XA 149 -39.94 92.89 0.04
N LEU XA 150 -40.28 92.13 1.07
CA LEU XA 150 -39.30 91.43 1.89
C LEU XA 150 -39.22 89.94 1.61
N ARG XA 151 -40.10 89.41 0.75
CA ARG XA 151 -40.31 87.98 0.54
C ARG XA 151 -40.57 87.25 1.87
N ALA XA 152 -41.39 87.87 2.70
CA ALA XA 152 -41.72 87.36 4.02
C ALA XA 152 -43.11 86.73 4.01
N ILE XA 153 -43.51 86.21 5.15
CA ILE XA 153 -44.83 85.65 5.35
C ILE XA 153 -45.46 86.42 6.50
N ALA XA 154 -46.37 87.33 6.19
CA ALA XA 154 -46.99 88.18 7.20
C ALA XA 154 -48.04 87.38 7.96
N ILE XA 155 -47.86 87.24 9.27
CA ILE XA 155 -48.76 86.44 10.09
C ILE XA 155 -49.85 87.35 10.64
N LEU XA 156 -51.03 87.29 10.03
CA LEU XA 156 -52.15 88.10 10.46
C LEU XA 156 -52.84 87.44 11.65
N ASP XA 157 -53.84 88.13 12.19
CA ASP XA 157 -54.75 87.54 13.16
C ASP XA 157 -56.08 88.26 13.02
N GLY XA 158 -57.15 87.49 12.83
CA GLY XA 158 -58.45 88.06 12.65
C GLY XA 158 -59.04 88.58 13.94
N PRO XA 159 -60.24 89.11 13.86
CA PRO XA 159 -60.93 89.56 15.07
C PRO XA 159 -61.38 88.37 15.91
N ASN XA 160 -61.57 88.63 17.20
CA ASN XA 160 -61.99 87.60 18.14
C ASN XA 160 -63.50 87.49 18.24
N SER XA 161 -64.22 87.89 17.20
CA SER XA 161 -65.66 87.73 17.11
C SER XA 161 -65.97 86.32 16.58
N THR XA 162 -67.21 86.09 16.18
CA THR XA 162 -67.63 84.78 15.71
C THR XA 162 -66.99 84.44 14.37
N ASP XA 163 -67.22 83.18 13.94
CA ASP XA 163 -66.56 82.67 12.74
C ASP XA 163 -67.09 83.28 11.46
N GLU XA 164 -68.29 83.87 11.48
CA GLU XA 164 -68.76 84.62 10.32
C GLU XA 164 -67.92 85.88 10.14
N ALA XA 165 -67.51 86.52 11.24
CA ALA XA 165 -66.67 87.71 11.17
C ALA XA 165 -65.21 87.39 10.89
N ALA XA 166 -64.81 86.12 10.97
CA ALA XA 166 -63.45 85.73 10.62
C ALA XA 166 -63.35 85.28 9.17
N VAL XA 167 -64.41 84.68 8.64
CA VAL XA 167 -64.43 84.34 7.21
C VAL XA 167 -64.56 85.61 6.39
N ALA XA 168 -65.41 86.55 6.82
CA ALA XA 168 -65.59 87.79 6.10
C ALA XA 168 -64.38 88.71 6.19
N TYR XA 169 -63.50 88.50 7.17
CA TYR XA 169 -62.27 89.25 7.23
C TYR XA 169 -61.18 88.63 6.37
N ALA XA 170 -61.15 87.30 6.28
CA ALA XA 170 -60.16 86.62 5.45
C ALA XA 170 -60.52 86.63 3.97
N LYS XA 171 -61.71 87.09 3.63
CA LYS XA 171 -62.14 87.16 2.24
C LYS XA 171 -61.66 88.42 1.54
N ASN XA 172 -60.90 89.27 2.22
CA ASN XA 172 -60.47 90.55 1.67
C ASN XA 172 -59.09 90.49 1.05
N PHE XA 173 -58.31 89.46 1.31
CA PHE XA 173 -56.87 89.50 1.07
C PHE XA 173 -56.44 88.80 -0.22
N GLY XA 174 -56.62 87.49 -0.29
CA GLY XA 174 -56.29 86.74 -1.50
C GLY XA 174 -54.83 86.75 -1.88
N SER XA 175 -53.93 86.90 -0.91
CA SER XA 175 -52.51 87.02 -1.17
C SER XA 175 -51.76 85.87 -0.54
N LYS XA 176 -50.79 85.32 -1.28
CA LYS XA 176 -50.11 84.09 -0.88
C LYS XA 176 -49.10 84.29 0.25
N ARG XA 177 -48.82 85.54 0.63
CA ARG XA 177 -47.87 85.81 1.70
C ARG XA 177 -48.57 86.29 2.97
N LEU XA 178 -49.76 85.76 3.24
CA LEU XA 178 -50.52 86.14 4.42
C LEU XA 178 -50.98 84.87 5.13
N PHE XA 179 -50.80 84.83 6.44
CA PHE XA 179 -51.14 83.68 7.25
C PHE XA 179 -52.01 84.18 8.39
N MET XA 180 -53.23 83.67 8.49
CA MET XA 180 -54.20 84.20 9.44
C MET XA 180 -54.55 83.15 10.49
N VAL XA 181 -54.45 83.54 11.75
CA VAL XA 181 -54.79 82.70 12.89
C VAL XA 181 -55.93 83.38 13.63
N ASP XA 182 -57.13 82.83 13.51
CA ASP XA 182 -58.30 83.54 14.02
C ASP XA 182 -58.48 83.54 15.54
N PRO XA 183 -58.59 82.40 16.25
CA PRO XA 183 -59.05 82.47 17.64
C PRO XA 183 -57.98 83.02 18.57
N GLY XA 184 -58.37 83.98 19.39
CA GLY XA 184 -57.40 84.69 20.23
C GLY XA 184 -56.94 83.84 21.39
N VAL XA 185 -55.63 83.85 21.62
CA VAL XA 185 -55.03 83.10 22.72
C VAL XA 185 -55.34 83.80 24.03
N GLN XA 186 -55.78 83.03 25.02
CA GLN XA 186 -55.94 83.55 26.38
C GLN XA 186 -54.68 83.21 27.15
N VAL XA 187 -53.87 84.23 27.46
CA VAL XA 187 -52.58 84.04 28.09
C VAL XA 187 -52.60 84.68 29.47
N TRP XA 188 -51.71 84.22 30.34
CA TRP XA 188 -51.63 84.73 31.69
C TRP XA 188 -50.84 86.03 31.72
N ASP XA 189 -51.49 87.09 32.19
CA ASP XA 189 -50.86 88.40 32.30
C ASP XA 189 -50.25 88.53 33.68
N SER XA 190 -48.94 88.74 33.74
CA SER XA 190 -48.23 88.85 35.01
C SER XA 190 -48.35 90.22 35.65
N ALA XA 191 -48.80 91.22 34.89
CA ALA XA 191 -48.94 92.58 35.41
C ALA XA 191 -50.27 92.80 36.11
N THR XA 192 -51.34 92.16 35.62
CA THR XA 192 -52.65 92.26 36.24
C THR XA 192 -53.04 91.04 37.04
N ASN XA 193 -52.17 90.00 37.05
CA ASN XA 193 -52.36 88.76 37.80
C ASN XA 193 -53.64 88.04 37.41
N ALA XA 194 -53.94 88.04 36.11
CA ALA XA 194 -55.11 87.37 35.59
C ALA XA 194 -54.86 86.99 34.14
N ALA XA 195 -55.84 86.34 33.53
CA ALA XA 195 -55.72 85.84 32.17
C ALA XA 195 -56.23 86.90 31.20
N ARG XA 196 -55.37 87.36 30.30
CA ARG XA 196 -55.74 88.33 29.28
C ARG XA 196 -55.85 87.64 27.92
N ASN XA 197 -56.48 88.34 26.99
CA ASN XA 197 -56.65 87.85 25.62
C ASN XA 197 -55.50 88.35 24.76
N ALA XA 198 -54.59 87.47 24.44
CA ALA XA 198 -53.48 87.79 23.56
C ALA XA 198 -53.95 87.81 22.11
N PRO XA 199 -53.27 88.55 21.24
CA PRO XA 199 -53.68 88.58 19.83
C PRO XA 199 -53.42 87.30 19.05
N ALA XA 200 -52.64 86.36 19.60
CA ALA XA 200 -52.35 85.04 19.03
C ALA XA 200 -51.64 85.11 17.68
N SER XA 201 -50.98 86.21 17.37
CA SER XA 201 -50.18 86.34 16.17
C SER XA 201 -48.70 86.13 16.42
N ALA XA 202 -48.18 86.61 17.54
CA ALA XA 202 -46.80 86.35 17.91
C ALA XA 202 -46.61 84.93 18.41
N TYR XA 203 -47.67 84.29 18.90
CA TYR XA 203 -47.55 82.91 19.37
C TYR XA 203 -47.46 81.93 18.22
N ALA XA 204 -47.99 82.30 17.05
CA ALA XA 204 -47.77 81.51 15.86
C ALA XA 204 -46.40 81.78 15.24
N ALA XA 205 -45.86 82.97 15.44
CA ALA XA 205 -44.52 83.27 14.96
C ALA XA 205 -43.45 82.59 15.80
N GLY XA 206 -43.79 82.21 17.03
CA GLY XA 206 -42.91 81.35 17.79
C GLY XA 206 -42.86 79.95 17.24
N LEU XA 207 -43.89 79.54 16.51
CA LEU XA 207 -43.91 78.22 15.89
C LEU XA 207 -43.18 78.21 14.56
N PHE XA 208 -43.25 79.30 13.80
CA PHE XA 208 -42.43 79.39 12.60
C PHE XA 208 -40.96 79.51 12.94
N ALA XA 209 -40.64 80.08 14.10
CA ALA XA 209 -39.25 80.23 14.51
C ALA XA 209 -38.70 78.97 15.15
N TRP XA 210 -39.56 78.11 15.69
CA TRP XA 210 -39.09 76.90 16.34
C TRP XA 210 -39.01 75.72 15.39
N THR XA 211 -39.95 75.61 14.45
CA THR XA 211 -39.92 74.52 13.49
C THR XA 211 -38.77 74.65 12.51
N ASP XA 212 -38.27 75.86 12.27
CA ASP XA 212 -37.07 76.01 11.46
C ASP XA 212 -35.84 75.60 12.25
N ALA XA 213 -35.89 75.70 13.57
CA ALA XA 213 -34.78 75.26 14.41
C ALA XA 213 -34.83 73.77 14.69
N GLU XA 214 -36.01 73.16 14.66
CA GLU XA 214 -36.18 71.76 15.00
C GLU XA 214 -36.39 70.87 13.79
N TYR XA 215 -37.32 71.23 12.90
CA TYR XA 215 -37.67 70.40 11.76
C TYR XA 215 -37.23 70.96 10.42
N GLY XA 216 -36.79 72.21 10.37
CA GLY XA 216 -36.36 72.83 9.13
C GLY XA 216 -37.40 73.79 8.59
N PHE XA 217 -36.95 74.63 7.65
CA PHE XA 217 -37.81 75.64 7.06
C PHE XA 217 -38.86 75.07 6.11
N TRP XA 218 -38.69 73.82 5.67
CA TRP XA 218 -39.63 73.16 4.78
C TRP XA 218 -40.73 72.43 5.52
N SER XA 219 -40.89 72.67 6.81
CA SER XA 219 -41.85 71.95 7.63
C SER XA 219 -42.89 72.93 8.16
N SER XA 220 -44.16 72.56 8.00
CA SER XA 220 -45.24 73.42 8.45
C SER XA 220 -45.36 73.34 9.97
N PRO XA 221 -45.76 74.44 10.61
CA PRO XA 221 -45.92 74.42 12.07
C PRO XA 221 -47.30 73.96 12.50
N SER XA 222 -48.07 73.38 11.58
CA SER XA 222 -49.50 73.23 11.74
C SER XA 222 -49.91 71.99 12.51
N ASN XA 223 -49.02 71.38 13.27
CA ASN XA 223 -49.42 70.39 14.26
C ASN XA 223 -48.64 70.55 15.55
N LYS XA 224 -47.79 71.56 15.64
CA LYS XA 224 -46.92 71.72 16.79
C LYS XA 224 -47.62 72.54 17.85
N GLU XA 225 -46.95 72.72 18.98
CA GLU XA 225 -47.59 73.20 20.19
C GLU XA 225 -47.17 74.61 20.54
N ILE XA 226 -48.09 75.35 21.13
CA ILE XA 226 -47.81 76.66 21.68
C ILE XA 226 -47.68 76.51 23.19
N LYS XA 227 -46.70 77.21 23.77
CA LYS XA 227 -46.30 76.92 25.15
C LYS XA 227 -47.02 77.79 26.18
N GLY XA 228 -46.94 79.11 26.03
CA GLY XA 228 -47.46 80.00 27.05
C GLY XA 228 -48.97 80.07 27.13
N VAL XA 229 -49.68 79.44 26.20
CA VAL XA 229 -51.13 79.56 26.10
C VAL XA 229 -51.80 78.80 27.22
N THR XA 230 -52.68 79.49 27.95
CA THR XA 230 -53.49 78.88 29.00
C THR XA 230 -54.98 78.99 28.67
N GLY XA 231 -55.34 78.74 27.43
CA GLY XA 231 -56.72 78.80 27.00
C GLY XA 231 -56.85 79.62 25.74
N THR XA 232 -58.01 79.46 25.09
CA THR XA 232 -58.28 80.14 23.84
C THR XA 232 -59.63 80.82 23.93
N SER XA 233 -59.69 82.09 23.53
CA SER XA 233 -60.97 82.79 23.41
C SER XA 233 -61.81 82.14 22.32
N ARG XA 234 -63.08 81.85 22.65
CA ARG XA 234 -64.05 81.15 21.81
C ARG XA 234 -63.49 79.81 21.35
N PRO XA 235 -63.51 78.79 22.21
CA PRO XA 235 -62.87 77.50 21.87
C PRO XA 235 -63.56 76.80 20.71
N VAL XA 236 -62.76 76.46 19.69
CA VAL XA 236 -63.26 75.82 18.48
C VAL XA 236 -63.47 74.34 18.75
N GLU XA 237 -64.19 73.69 17.84
CA GLU XA 237 -64.56 72.29 17.98
C GLU XA 237 -63.77 71.45 16.98
N PHE XA 238 -63.09 70.41 17.49
CA PHE XA 238 -62.40 69.43 16.64
C PHE XA 238 -62.48 68.11 17.40
N LEU XA 239 -63.50 67.31 17.11
CA LEU XA 239 -63.82 66.19 17.98
C LEU XA 239 -62.97 64.95 17.69
N ASP XA 240 -63.30 64.24 16.60
CA ASP XA 240 -62.55 63.03 16.29
C ASP XA 240 -62.06 62.97 14.86
N GLY XA 241 -63.01 62.94 13.92
CA GLY XA 241 -62.72 62.82 12.51
C GLY XA 241 -63.75 63.50 11.64
N ASP XA 242 -64.63 64.27 12.25
CA ASP XA 242 -65.69 64.95 11.51
C ASP XA 242 -65.10 66.10 10.71
N GLU XA 243 -65.35 66.08 9.41
CA GLU XA 243 -64.93 67.17 8.53
C GLU XA 243 -65.89 68.33 8.52
N THR XA 244 -66.95 68.28 9.34
CA THR XA 244 -67.87 69.39 9.51
C THR XA 244 -67.71 70.05 10.87
N CYS XA 245 -66.57 69.81 11.52
CA CYS XA 245 -66.29 70.47 12.78
C CYS XA 245 -65.98 71.93 12.56
N ARG XA 246 -66.05 72.71 13.64
CA ARG XA 246 -65.90 74.16 13.53
C ARG XA 246 -64.48 74.56 13.21
N ALA XA 247 -63.50 73.73 13.58
CA ALA XA 247 -62.12 74.01 13.24
C ALA XA 247 -61.80 73.68 11.79
N ASN XA 248 -62.46 72.69 11.21
CA ASN XA 248 -62.21 72.36 9.81
C ASN XA 248 -62.94 73.32 8.88
N LEU XA 249 -64.04 73.93 9.35
CA LEU XA 249 -64.72 74.93 8.55
C LEU XA 249 -63.94 76.23 8.46
N LEU XA 250 -63.00 76.45 9.37
CA LEU XA 250 -62.12 77.61 9.27
C LEU XA 250 -60.87 77.34 8.45
N ASN XA 251 -60.37 76.09 8.48
CA ASN XA 251 -59.27 75.74 7.60
C ASN XA 251 -59.69 75.70 6.15
N ASN XA 252 -60.98 75.47 5.89
CA ASN XA 252 -61.48 75.47 4.53
C ASN XA 252 -61.56 76.89 3.97
N ALA XA 253 -61.58 77.90 4.82
CA ALA XA 253 -61.53 79.30 4.40
C ALA XA 253 -60.13 79.87 4.49
N ASN XA 254 -59.11 79.01 4.45
CA ASN XA 254 -57.68 79.36 4.49
C ASN XA 254 -57.32 80.14 5.76
N ILE XA 255 -57.90 79.75 6.88
CA ILE XA 255 -57.62 80.35 8.18
C ILE XA 255 -57.06 79.28 9.09
N ALA XA 256 -55.90 79.54 9.69
CA ALA XA 256 -55.37 78.66 10.70
C ALA XA 256 -56.11 78.85 12.01
N THR XA 257 -56.09 77.81 12.84
CA THR XA 257 -56.79 77.84 14.12
C THR XA 257 -55.88 77.33 15.22
N ILE XA 258 -56.42 77.32 16.44
CA ILE XA 258 -55.79 76.74 17.61
C ILE XA 258 -56.83 75.86 18.27
N ILE XA 259 -56.62 74.55 18.26
CA ILE XA 259 -57.74 73.63 18.39
C ILE XA 259 -58.04 73.17 19.82
N ARG XA 260 -57.10 72.49 20.45
CA ARG XA 260 -57.44 71.50 21.47
C ARG XA 260 -57.78 72.13 22.81
N ASP XA 261 -57.90 71.29 23.83
CA ASP XA 261 -58.33 71.69 25.17
C ASP XA 261 -57.29 72.62 25.78
N ASP XA 262 -57.73 73.85 26.08
CA ASP XA 262 -56.88 74.95 26.55
C ASP XA 262 -55.76 75.26 25.56
N GLY XA 263 -56.07 75.11 24.27
CA GLY XA 263 -55.31 75.67 23.16
C GLY XA 263 -53.85 75.32 23.04
N TYR XA 264 -53.51 74.07 22.72
CA TYR XA 264 -52.10 73.71 22.66
C TYR XA 264 -51.67 73.15 21.31
N ARG XA 265 -52.45 73.33 20.25
CA ARG XA 265 -52.02 72.90 18.92
C ARG XA 265 -52.41 73.94 17.90
N LEU XA 266 -51.47 74.37 17.07
CA LEU XA 266 -51.81 75.13 15.88
C LEU XA 266 -52.41 74.17 14.85
N TRP XA 267 -53.39 74.67 14.08
CA TRP XA 267 -54.11 73.82 13.15
C TRP XA 267 -54.35 74.60 11.86
N GLY XA 268 -53.62 74.24 10.80
CA GLY XA 268 -53.82 74.84 9.51
C GLY XA 268 -52.53 75.23 8.84
N ASN XA 269 -52.30 74.72 7.65
CA ASN XA 269 -51.08 75.01 6.89
C ASN XA 269 -51.39 75.70 5.57
N ARG XA 270 -52.58 76.27 5.45
CA ARG XA 270 -53.00 76.96 4.25
C ARG XA 270 -52.83 78.46 4.45
N THR XA 271 -52.20 79.11 3.49
CA THR XA 271 -52.08 80.56 3.50
C THR XA 271 -53.29 81.15 2.77
N LEU XA 272 -53.40 82.48 2.79
CA LEU XA 272 -54.57 83.15 2.25
C LEU XA 272 -54.44 83.39 0.74
N SER XA 273 -54.14 82.33 0.00
CA SER XA 273 -53.87 82.44 -1.42
C SER XA 273 -55.10 82.09 -2.24
N SER XA 274 -55.23 82.74 -3.39
CA SER XA 274 -56.31 82.40 -4.32
C SER XA 274 -55.92 81.22 -5.21
N ASP XA 275 -54.64 81.13 -5.58
CA ASP XA 275 -54.17 79.99 -6.34
C ASP XA 275 -54.09 78.76 -5.46
N SER XA 276 -54.39 77.60 -6.05
CA SER XA 276 -54.17 76.33 -5.36
C SER XA 276 -52.72 75.90 -5.39
N LYS XA 277 -51.90 76.56 -6.22
CA LYS XA 277 -50.48 76.25 -6.26
C LYS XA 277 -49.79 76.71 -4.98
N TRP XA 278 -49.92 77.99 -4.65
CA TRP XA 278 -49.27 78.58 -3.49
C TRP XA 278 -50.15 78.51 -2.26
N ALA XA 279 -50.94 77.45 -2.09
CA ALA XA 279 -51.86 77.38 -0.97
C ALA XA 279 -51.12 77.05 0.32
N PHE XA 280 -50.10 76.19 0.25
CA PHE XA 280 -49.39 75.78 1.44
C PHE XA 280 -48.35 76.80 1.84
N VAL XA 281 -48.25 77.06 3.15
CA VAL XA 281 -47.22 77.97 3.67
C VAL XA 281 -45.85 77.33 3.56
N THR XA 282 -45.81 75.99 3.52
CA THR XA 282 -44.57 75.27 3.26
C THR XA 282 -44.00 75.62 1.89
N ARG XA 283 -44.85 75.64 0.86
CA ARG XA 283 -44.38 75.89 -0.49
C ARG XA 283 -43.99 77.35 -0.69
N VAL XA 284 -44.67 78.28 -0.03
CA VAL XA 284 -44.31 79.69 -0.15
C VAL XA 284 -43.00 79.98 0.60
N ARG XA 285 -42.77 79.28 1.70
CA ARG XA 285 -41.57 79.54 2.50
C ARG XA 285 -40.32 78.98 1.85
N THR XA 286 -40.42 77.83 1.20
CA THR XA 286 -39.24 77.26 0.54
C THR XA 286 -38.95 77.95 -0.78
N MET XA 287 -39.99 78.43 -1.47
CA MET XA 287 -39.77 79.12 -2.74
C MET XA 287 -39.09 80.47 -2.53
N ASP XA 288 -39.44 81.17 -1.45
CA ASP XA 288 -38.79 82.43 -1.14
C ASP XA 288 -37.43 82.24 -0.48
N LEU XA 289 -37.10 81.04 -0.03
CA LEU XA 289 -35.79 80.77 0.54
C LEU XA 289 -34.80 80.28 -0.51
N VAL XA 290 -35.27 79.58 -1.55
CA VAL XA 290 -34.38 79.20 -2.64
C VAL XA 290 -34.30 80.26 -3.72
N MET XA 291 -35.13 81.30 -3.66
CA MET XA 291 -34.98 82.43 -4.56
C MET XA 291 -34.13 83.55 -3.98
N ASP XA 292 -33.96 83.58 -2.66
CA ASP XA 292 -33.05 84.53 -2.04
C ASP XA 292 -31.67 83.95 -1.78
N ALA XA 293 -31.56 82.62 -1.71
CA ALA XA 293 -30.24 82.00 -1.65
C ALA XA 293 -29.54 82.05 -3.00
N ILE XA 294 -30.29 81.94 -4.08
CA ILE XA 294 -29.71 82.00 -5.41
C ILE XA 294 -29.35 83.43 -5.77
N LEU XA 295 -30.22 84.39 -5.44
CA LEU XA 295 -29.99 85.78 -5.82
C LEU XA 295 -28.85 86.41 -5.03
N ALA XA 296 -28.75 86.09 -3.74
CA ALA XA 296 -27.69 86.66 -2.92
C ALA XA 296 -26.42 85.81 -2.94
N GLY XA 297 -26.48 84.60 -3.47
CA GLY XA 297 -25.34 83.73 -3.56
C GLY XA 297 -24.66 83.70 -4.90
N HIS XA 298 -25.23 84.34 -5.92
CA HIS XA 298 -24.65 84.38 -7.26
C HIS XA 298 -24.24 85.80 -7.63
N LYS XA 299 -23.86 86.61 -6.65
CA LYS XA 299 -23.38 87.95 -6.95
C LYS XA 299 -21.94 87.95 -7.43
N TRP XA 300 -21.22 86.85 -7.30
CA TRP XA 300 -19.89 86.73 -7.89
C TRP XA 300 -19.94 86.53 -9.40
N ALA XA 301 -21.07 86.10 -9.94
CA ALA XA 301 -21.17 85.72 -11.34
C ALA XA 301 -21.81 86.80 -12.20
N VAL XA 302 -21.58 88.07 -11.88
CA VAL XA 302 -22.24 89.13 -12.63
C VAL XA 302 -21.49 89.52 -13.90
N ASP XA 303 -20.20 89.83 -13.80
CA ASP XA 303 -19.43 90.28 -14.96
C ASP XA 303 -18.26 89.34 -15.19
N ARG XA 304 -18.51 88.03 -15.13
CA ARG XA 304 -17.44 87.05 -15.21
C ARG XA 304 -17.05 86.67 -16.62
N GLY XA 305 -17.93 86.87 -17.60
CA GLY XA 305 -17.62 86.45 -18.94
C GLY XA 305 -18.13 85.06 -19.22
N ILE XA 306 -19.04 84.94 -20.19
CA ILE XA 306 -19.74 83.69 -20.46
C ILE XA 306 -18.82 82.79 -21.27
N THR XA 307 -18.12 81.89 -20.60
CA THR XA 307 -17.33 80.85 -21.24
C THR XA 307 -18.01 79.51 -21.06
N LYS XA 308 -17.36 78.45 -21.56
CA LYS XA 308 -17.91 77.12 -21.38
C LYS XA 308 -17.71 76.63 -19.95
N THR XA 309 -16.62 77.05 -19.30
CA THR XA 309 -16.37 76.68 -17.91
C THR XA 309 -17.06 77.61 -16.93
N TYR XA 310 -17.82 78.59 -17.41
CA TYR XA 310 -18.63 79.44 -16.55
C TYR XA 310 -20.05 78.95 -16.45
N VAL XA 311 -20.65 78.55 -17.57
CA VAL XA 311 -21.97 77.95 -17.57
C VAL XA 311 -21.94 76.59 -16.89
N LYS XA 312 -20.83 75.88 -17.04
CA LYS XA 312 -20.72 74.56 -16.44
C LYS XA 312 -20.50 74.63 -14.94
N ASP XA 313 -19.85 75.68 -14.45
CA ASP XA 313 -19.53 75.80 -13.04
C ASP XA 313 -20.52 76.66 -12.27
N VAL XA 314 -21.49 77.26 -12.96
CA VAL XA 314 -22.66 77.81 -12.26
C VAL XA 314 -23.72 76.73 -12.09
N THR XA 315 -23.91 75.90 -13.12
CA THR XA 315 -24.86 74.80 -13.06
C THR XA 315 -24.46 73.77 -12.01
N GLU XA 316 -23.17 73.40 -11.99
CA GLU XA 316 -22.70 72.43 -11.00
C GLU XA 316 -22.70 73.00 -9.59
N GLY XA 317 -22.59 74.32 -9.44
CA GLY XA 317 -22.82 74.93 -8.16
C GLY XA 317 -24.27 75.13 -7.80
N LEU XA 318 -25.14 75.02 -8.81
CA LEU XA 318 -26.59 75.08 -8.63
C LEU XA 318 -27.21 73.71 -8.50
N ARG XA 319 -26.62 72.69 -9.15
CA ARG XA 319 -27.04 71.32 -8.92
C ARG XA 319 -26.65 70.85 -7.52
N ALA XA 320 -25.48 71.28 -7.03
CA ALA XA 320 -25.03 70.84 -5.73
C ALA XA 320 -25.79 71.51 -4.61
N PHE XA 321 -26.35 72.70 -4.85
CA PHE XA 321 -27.16 73.36 -3.84
C PHE XA 321 -28.50 72.66 -3.66
N MET XA 322 -29.12 72.26 -4.78
CA MET XA 322 -30.38 71.53 -4.69
C MET XA 322 -30.17 70.08 -4.29
N ARG XA 323 -28.98 69.54 -4.54
CA ARG XA 323 -28.67 68.20 -4.05
C ARG XA 323 -28.50 68.21 -2.54
N ASP XA 324 -27.94 69.28 -1.98
CA ASP XA 324 -27.83 69.42 -0.53
C ASP XA 324 -29.16 69.69 0.13
N LEU XA 325 -30.16 70.12 -0.62
CA LEU XA 325 -31.52 70.24 -0.10
C LEU XA 325 -32.30 68.95 -0.22
N LYS XA 326 -31.97 68.10 -1.18
CA LYS XA 326 -32.74 66.90 -1.43
C LYS XA 326 -32.47 65.83 -0.37
N ASN XA 327 -31.19 65.56 -0.09
CA ASN XA 327 -30.86 64.59 0.95
C ASN XA 327 -30.99 65.15 2.35
N GLN XA 328 -31.15 66.46 2.49
CA GLN XA 328 -31.54 67.03 3.77
C GLN XA 328 -33.02 66.82 4.02
N GLY XA 329 -33.83 66.80 2.97
CA GLY XA 329 -35.25 66.58 3.09
C GLY XA 329 -36.12 67.76 2.71
N ALA XA 330 -35.54 68.82 2.13
CA ALA XA 330 -36.31 70.00 1.79
C ALA XA 330 -37.12 69.83 0.53
N VAL XA 331 -36.54 69.23 -0.50
CA VAL XA 331 -37.23 68.94 -1.75
C VAL XA 331 -37.25 67.43 -1.93
N ILE XA 332 -38.09 66.99 -2.86
CA ILE XA 332 -38.17 65.57 -3.20
C ILE XA 332 -37.20 65.21 -4.31
N ASN XA 333 -37.26 65.96 -5.41
CA ASN XA 333 -36.28 65.84 -6.47
C ASN XA 333 -36.13 67.20 -7.12
N PHE XA 334 -35.22 67.29 -8.08
CA PHE XA 334 -34.98 68.56 -8.75
C PHE XA 334 -34.48 68.30 -10.17
N GLU XA 335 -34.33 69.38 -10.92
CA GLU XA 335 -33.79 69.30 -12.28
C GLU XA 335 -33.21 70.67 -12.61
N VAL XA 336 -31.90 70.79 -12.52
CA VAL XA 336 -31.19 72.04 -12.79
C VAL XA 336 -30.41 71.89 -14.08
N TYR XA 337 -30.64 72.79 -15.02
CA TYR XA 337 -29.99 72.74 -16.32
C TYR XA 337 -29.96 74.14 -16.91
N ALA XA 338 -28.93 74.42 -17.70
CA ALA XA 338 -28.91 75.64 -18.47
C ALA XA 338 -29.96 75.57 -19.56
N ASP XA 339 -30.60 76.69 -19.83
CA ASP XA 339 -31.76 76.72 -20.71
C ASP XA 339 -31.33 76.50 -22.16
N PRO XA 340 -31.92 75.53 -22.87
CA PRO XA 340 -31.50 75.30 -24.26
C PRO XA 340 -32.03 76.36 -25.21
N ASP XA 341 -33.26 76.83 -24.97
CA ASP XA 341 -33.90 77.77 -25.87
C ASP XA 341 -33.62 79.22 -25.50
N LEU XA 342 -33.69 79.56 -24.21
CA LEU XA 342 -33.51 80.94 -23.79
C LEU XA 342 -32.06 81.41 -23.90
N ASN XA 343 -31.10 80.48 -23.93
CA ASN XA 343 -29.70 80.86 -24.16
C ASN XA 343 -29.44 80.89 -25.67
N SER XA 344 -30.04 81.88 -26.31
CA SER XA 344 -29.81 82.09 -27.73
C SER XA 344 -28.48 82.80 -27.94
N ALA XA 345 -28.05 82.87 -29.18
CA ALA XA 345 -26.83 83.62 -29.49
C ALA XA 345 -27.04 85.11 -29.36
N SER XA 346 -28.27 85.59 -29.56
CA SER XA 346 -28.55 87.01 -29.39
C SER XA 346 -28.71 87.37 -27.92
N GLN XA 347 -29.20 86.44 -27.10
CA GLN XA 347 -29.32 86.72 -25.67
C GLN XA 347 -27.96 86.66 -24.98
N LEU XA 348 -27.10 85.73 -25.41
CA LEU XA 348 -25.78 85.61 -24.81
C LEU XA 348 -24.88 86.78 -25.18
N ALA XA 349 -25.10 87.38 -26.35
CA ALA XA 349 -24.32 88.53 -26.77
C ALA XA 349 -24.72 89.81 -26.06
N GLN XA 350 -25.87 89.83 -25.39
CA GLN XA 350 -26.27 90.96 -24.56
C GLN XA 350 -25.91 90.76 -23.10
N GLY XA 351 -25.26 89.66 -22.76
CA GLY XA 351 -24.89 89.36 -21.40
C GLY XA 351 -25.86 88.48 -20.65
N LYS XA 352 -27.08 88.32 -21.15
CA LYS XA 352 -28.07 87.52 -20.44
C LYS XA 352 -27.82 86.04 -20.68
N VAL XA 353 -27.82 85.26 -19.60
CA VAL XA 353 -27.66 83.81 -19.69
C VAL XA 353 -28.55 83.17 -18.63
N TYR XA 354 -29.40 82.24 -19.06
CA TYR XA 354 -30.51 81.75 -18.24
C TYR XA 354 -30.24 80.35 -17.74
N TRP XA 355 -30.64 80.09 -16.50
CA TRP XA 355 -30.60 78.76 -15.91
C TRP XA 355 -31.97 78.41 -15.38
N ASN XA 356 -32.40 77.18 -15.59
CA ASN XA 356 -33.69 76.69 -15.11
C ASN XA 356 -33.46 75.82 -13.88
N ILE XA 357 -34.15 76.16 -12.79
CA ILE XA 357 -34.09 75.40 -11.55
C ILE XA 357 -35.49 74.90 -11.28
N ARG XA 358 -35.81 73.69 -11.74
CA ARG XA 358 -37.08 73.05 -11.48
C ARG XA 358 -36.91 72.11 -10.29
N PHE XA 359 -37.83 72.18 -9.33
CA PHE XA 359 -37.80 71.28 -8.19
C PHE XA 359 -39.22 71.07 -7.70
N THR XA 360 -39.39 70.04 -6.88
CA THR XA 360 -40.65 69.76 -6.23
C THR XA 360 -40.44 69.75 -4.72
N ASP XA 361 -41.15 70.64 -4.03
CA ASP XA 361 -41.04 70.73 -2.57
C ASP XA 361 -41.76 69.57 -1.90
N VAL XA 362 -41.59 69.48 -0.59
CA VAL XA 362 -42.22 68.43 0.21
C VAL XA 362 -43.57 68.94 0.68
N PRO XA 363 -44.68 68.39 0.21
CA PRO XA 363 -45.99 68.88 0.64
C PRO XA 363 -46.30 68.40 2.05
N PRO XA 364 -46.91 69.24 2.87
CA PRO XA 364 -47.27 68.80 4.23
C PRO XA 364 -48.43 67.83 4.19
N ALA XA 365 -48.27 66.70 4.89
CA ALA XA 365 -49.23 65.60 4.85
C ALA XA 365 -50.45 65.94 5.68
N GLU XA 366 -51.24 66.90 5.18
CA GLU XA 366 -52.35 67.44 5.93
C GLU XA 366 -53.54 66.51 6.05
N ASN XA 367 -53.56 65.39 5.32
CA ASN XA 367 -54.68 64.47 5.36
C ASN XA 367 -54.23 63.05 5.01
N PRO XA 368 -53.67 62.31 5.98
CA PRO XA 368 -53.40 60.90 5.75
C PRO XA 368 -54.68 60.08 5.78
N ASN XA 369 -55.03 59.47 4.66
CA ASN XA 369 -56.21 58.63 4.57
C ASN XA 369 -55.83 57.17 4.74
N PHE XA 370 -56.62 56.45 5.52
CA PHE XA 370 -56.43 55.02 5.73
C PHE XA 370 -57.68 54.29 5.28
N ARG XA 371 -57.51 53.29 4.43
CA ARG XA 371 -58.61 52.56 3.81
C ARG XA 371 -58.59 51.13 4.32
N VAL XA 372 -59.26 50.90 5.45
CA VAL XA 372 -59.31 49.61 6.10
C VAL XA 372 -60.44 48.80 5.50
N GLU XA 373 -60.21 47.50 5.30
CA GLU XA 373 -61.25 46.63 4.76
C GLU XA 373 -61.07 45.22 5.29
N VAL XA 374 -62.19 44.60 5.65
CA VAL XA 374 -62.21 43.21 6.07
C VAL XA 374 -62.51 42.36 4.85
N THR XA 375 -61.63 41.40 4.57
CA THR XA 375 -61.85 40.52 3.42
C THR XA 375 -62.02 39.08 3.90
N ASP XA 376 -62.16 38.16 2.95
CA ASP XA 376 -62.14 36.73 3.22
C ASP XA 376 -61.06 36.06 2.37
N GLN XA 377 -60.04 36.82 2.00
CA GLN XA 377 -59.07 36.32 1.02
C GLN XA 377 -58.12 35.31 1.64
N TRP XA 378 -57.61 35.60 2.83
CA TRP XA 378 -56.68 34.70 3.52
C TRP XA 378 -57.40 33.77 4.49
N LEU XA 379 -58.67 33.48 4.24
CA LEU XA 379 -59.43 32.66 5.16
C LEU XA 379 -59.14 31.17 4.95
N THR XA 380 -58.75 30.77 3.74
CA THR XA 380 -58.33 29.40 3.49
C THR XA 380 -56.91 29.12 3.96
N GLU XA 381 -56.23 30.11 4.54
CA GLU XA 381 -54.92 29.88 5.11
C GLU XA 381 -55.01 29.10 6.42
N VAL XA 382 -56.20 29.01 7.00
CA VAL XA 382 -56.42 28.13 8.15
C VAL XA 382 -56.81 26.78 7.57
N LEU XA 383 -55.81 26.06 7.06
CA LEU XA 383 -56.00 24.67 6.70
C LEU XA 383 -54.77 23.81 6.90
N ASP XA 384 -53.61 24.40 7.24
CA ASP XA 384 -52.35 23.68 7.30
C ASP XA 384 -51.31 24.52 8.03
N SER YA 2 -91.80 8.59 -16.54
CA SER YA 2 -91.06 7.47 -15.98
C SER YA 2 -91.38 6.18 -16.71
N PHE YA 3 -90.40 5.71 -17.49
CA PHE YA 3 -90.58 4.46 -18.22
C PHE YA 3 -90.55 3.27 -17.27
N PHE YA 4 -89.55 3.23 -16.39
CA PHE YA 4 -89.53 2.25 -15.32
C PHE YA 4 -88.78 2.83 -14.13
N HIS YA 5 -89.44 2.89 -12.98
CA HIS YA 5 -88.84 3.32 -11.74
C HIS YA 5 -88.42 2.05 -11.00
N GLY YA 6 -87.16 1.66 -11.18
CA GLY YA 6 -86.71 0.40 -10.61
C GLY YA 6 -85.32 0.07 -11.13
N VAL YA 7 -84.95 -1.19 -10.98
CA VAL YA 7 -83.63 -1.68 -11.38
C VAL YA 7 -83.83 -2.71 -12.48
N THR YA 8 -83.39 -2.39 -13.69
CA THR YA 8 -83.41 -3.36 -14.79
C THR YA 8 -82.08 -4.05 -14.87
N VAL YA 9 -82.12 -5.37 -15.01
CA VAL YA 9 -80.93 -6.18 -15.26
C VAL YA 9 -81.19 -6.93 -16.55
N THR YA 10 -80.50 -6.52 -17.61
CA THR YA 10 -80.74 -7.06 -18.94
C THR YA 10 -79.64 -8.03 -19.34
N ASN YA 11 -79.99 -8.95 -20.23
CA ASN YA 11 -79.06 -9.89 -20.84
C ASN YA 11 -79.06 -9.57 -22.33
N VAL YA 12 -77.94 -9.04 -22.83
CA VAL YA 12 -77.99 -8.42 -24.15
C VAL YA 12 -77.99 -9.47 -25.28
N ASP YA 13 -77.37 -10.64 -25.04
CA ASP YA 13 -77.38 -11.80 -25.95
C ASP YA 13 -76.84 -11.45 -27.34
N ILE YA 14 -75.62 -10.92 -27.37
CA ILE YA 14 -75.05 -10.39 -28.61
C ILE YA 14 -73.84 -11.18 -29.07
N GLY YA 15 -73.39 -12.15 -28.27
CA GLY YA 15 -72.11 -12.79 -28.53
C GLY YA 15 -72.11 -13.72 -29.73
N ALA YA 16 -70.91 -14.03 -30.18
CA ALA YA 16 -70.72 -14.98 -31.27
C ALA YA 16 -71.02 -16.39 -30.78
N ARG YA 17 -71.71 -17.17 -31.59
CA ARG YA 17 -72.07 -18.52 -31.22
C ARG YA 17 -70.98 -19.48 -31.69
N THR YA 18 -71.21 -20.78 -31.51
CA THR YA 18 -70.26 -21.79 -31.92
C THR YA 18 -70.96 -22.77 -32.85
N ILE YA 19 -70.18 -23.45 -33.67
CA ILE YA 19 -70.70 -24.28 -34.75
C ILE YA 19 -70.18 -25.70 -34.56
N ALA YA 20 -71.11 -26.66 -34.50
CA ALA YA 20 -70.77 -28.07 -34.40
C ALA YA 20 -71.02 -28.77 -35.73
N LEU YA 21 -70.30 -29.86 -35.94
CA LEU YA 21 -70.36 -30.69 -37.13
C LEU YA 21 -71.38 -31.82 -36.96
N PRO YA 22 -72.10 -32.17 -38.02
CA PRO YA 22 -73.16 -33.19 -37.88
C PRO YA 22 -72.69 -34.64 -37.97
N ALA YA 23 -71.57 -34.95 -37.31
CA ALA YA 23 -71.11 -36.29 -36.92
C ALA YA 23 -70.65 -37.19 -38.06
N SER YA 24 -70.91 -36.82 -39.31
CA SER YA 24 -70.18 -37.27 -40.50
C SER YA 24 -70.15 -38.76 -40.81
N SER YA 25 -70.82 -39.62 -40.01
CA SER YA 25 -70.56 -41.04 -40.14
C SER YA 25 -71.82 -41.89 -40.05
N VAL YA 26 -73.01 -41.30 -40.19
CA VAL YA 26 -74.23 -42.09 -40.14
C VAL YA 26 -74.42 -42.77 -41.48
N ILE YA 27 -74.69 -44.07 -41.45
CA ILE YA 27 -74.72 -44.90 -42.65
C ILE YA 27 -76.17 -45.27 -42.94
N GLY YA 28 -76.62 -44.98 -44.15
CA GLY YA 28 -77.96 -45.36 -44.55
C GLY YA 28 -77.97 -46.68 -45.29
N LEU YA 29 -78.59 -47.70 -44.70
CA LEU YA 29 -78.56 -49.04 -45.25
C LEU YA 29 -79.96 -49.43 -45.72
N CYS YA 30 -80.01 -50.25 -46.78
CA CYS YA 30 -81.28 -50.78 -47.26
C CYS YA 30 -80.98 -52.09 -47.99
N ASP YA 31 -81.38 -53.21 -47.40
CA ASP YA 31 -81.21 -54.51 -48.01
C ASP YA 31 -82.38 -55.39 -47.57
N VAL YA 32 -82.45 -56.58 -48.14
CA VAL YA 32 -83.61 -57.43 -47.92
C VAL YA 32 -83.46 -58.19 -46.60
N PHE YA 33 -84.60 -58.57 -46.03
CA PHE YA 33 -84.62 -59.38 -44.82
C PHE YA 33 -85.97 -60.06 -44.73
N THR YA 34 -86.06 -61.05 -43.83
CA THR YA 34 -87.28 -61.83 -43.68
C THR YA 34 -87.96 -61.45 -42.37
N PRO YA 35 -89.12 -60.80 -42.40
CA PRO YA 35 -89.79 -60.45 -41.14
C PRO YA 35 -90.47 -61.66 -40.51
N GLY YA 36 -90.55 -61.65 -39.20
CA GLY YA 36 -91.16 -62.76 -38.49
C GLY YA 36 -91.10 -62.60 -36.99
N ALA YA 37 -90.76 -63.69 -36.29
CA ALA YA 37 -90.68 -63.65 -34.83
C ALA YA 37 -89.30 -63.21 -34.37
N GLN YA 38 -88.25 -63.65 -35.05
CA GLN YA 38 -86.89 -63.29 -34.66
C GLN YA 38 -86.48 -61.90 -35.14
N ALA YA 39 -87.25 -61.28 -36.02
CA ALA YA 39 -86.96 -59.95 -36.53
C ALA YA 39 -87.92 -58.97 -35.86
N SER YA 40 -87.36 -57.99 -35.15
CA SER YA 40 -88.16 -57.02 -34.42
C SER YA 40 -88.37 -55.73 -35.17
N ALA YA 41 -88.45 -55.78 -36.50
CA ALA YA 41 -88.63 -54.58 -37.31
C ALA YA 41 -89.69 -54.80 -38.37
N LYS YA 42 -90.51 -53.78 -38.58
CA LYS YA 42 -91.45 -53.79 -39.68
C LYS YA 42 -90.69 -53.67 -41.01
N PRO YA 43 -91.23 -54.23 -42.10
CA PRO YA 43 -90.44 -54.30 -43.33
C PRO YA 43 -90.35 -53.01 -44.14
N ASN YA 44 -90.73 -51.86 -43.58
CA ASN YA 44 -90.45 -50.60 -44.27
C ASN YA 44 -89.96 -49.46 -43.39
N VAL YA 45 -90.06 -49.56 -42.06
CA VAL YA 45 -89.71 -48.44 -41.19
C VAL YA 45 -88.21 -48.40 -40.98
N PRO YA 46 -87.61 -47.22 -40.76
CA PRO YA 46 -86.18 -47.17 -40.44
C PRO YA 46 -85.92 -47.56 -39.00
N VAL YA 47 -84.82 -48.26 -38.79
CA VAL YA 47 -84.38 -48.70 -37.47
C VAL YA 47 -82.99 -48.13 -37.23
N LEU YA 48 -82.81 -47.49 -36.08
CA LEU YA 48 -81.49 -47.01 -35.70
C LEU YA 48 -80.69 -48.15 -35.10
N LEU YA 49 -79.52 -48.42 -35.68
CA LEU YA 49 -78.63 -49.47 -35.21
C LEU YA 49 -77.34 -48.84 -34.73
N THR YA 50 -76.98 -49.06 -33.47
CA THR YA 50 -75.77 -48.49 -32.91
C THR YA 50 -74.74 -49.53 -32.53
N SER YA 51 -75.07 -50.82 -32.61
CA SER YA 51 -74.12 -51.87 -32.27
C SER YA 51 -74.49 -53.12 -33.05
N LYS YA 52 -73.62 -54.13 -32.96
CA LYS YA 52 -73.84 -55.36 -33.70
C LYS YA 52 -74.95 -56.19 -33.09
N LYS YA 53 -75.13 -56.12 -31.78
CA LYS YA 53 -76.21 -56.84 -31.13
C LYS YA 53 -77.56 -56.24 -31.43
N ASP YA 54 -77.62 -54.93 -31.64
CA ASP YA 54 -78.87 -54.27 -32.01
C ASP YA 54 -79.28 -54.55 -33.44
N ALA YA 55 -78.31 -54.87 -34.30
CA ALA YA 55 -78.64 -55.20 -35.69
C ALA YA 55 -79.12 -56.63 -35.83
N ALA YA 56 -78.71 -57.51 -34.93
CA ALA YA 56 -79.19 -58.89 -34.96
C ALA YA 56 -80.55 -59.02 -34.32
N ALA YA 57 -80.83 -58.25 -33.27
CA ALA YA 57 -82.12 -58.32 -32.62
C ALA YA 57 -83.22 -57.65 -33.43
N ALA YA 58 -82.86 -56.79 -34.38
CA ALA YA 58 -83.83 -56.08 -35.19
C ALA YA 58 -84.06 -56.71 -36.56
N PHE YA 59 -83.15 -57.57 -37.02
CA PHE YA 59 -83.31 -58.16 -38.34
C PHE YA 59 -83.07 -59.66 -38.39
N GLY YA 60 -82.47 -60.26 -37.36
CA GLY YA 60 -82.18 -61.68 -37.39
C GLY YA 60 -80.80 -61.96 -37.96
N ILE YA 61 -80.24 -63.10 -37.56
CA ILE YA 61 -78.87 -63.43 -37.93
C ILE YA 61 -78.79 -63.85 -39.39
N GLY YA 62 -79.83 -64.51 -39.89
CA GLY YA 62 -79.81 -65.00 -41.26
C GLY YA 62 -80.21 -63.99 -42.31
N SER YA 63 -80.50 -62.76 -41.91
CA SER YA 63 -80.97 -61.75 -42.85
C SER YA 63 -79.83 -61.26 -43.73
N SER YA 64 -80.19 -60.79 -44.93
CA SER YA 64 -79.20 -60.24 -45.84
C SER YA 64 -78.85 -58.80 -45.52
N ILE YA 65 -79.57 -58.15 -44.61
CA ILE YA 65 -79.20 -56.82 -44.17
C ILE YA 65 -78.32 -56.87 -42.92
N TYR YA 66 -78.45 -57.91 -42.09
CA TYR YA 66 -77.52 -58.08 -40.97
C TYR YA 66 -76.14 -58.44 -41.46
N LEU YA 67 -76.06 -59.17 -42.58
CA LEU YA 67 -74.78 -59.48 -43.20
C LEU YA 67 -74.09 -58.22 -43.73
N ALA YA 68 -74.85 -57.16 -44.00
CA ALA YA 68 -74.24 -55.87 -44.31
C ALA YA 68 -73.93 -55.08 -43.05
N CYS YA 69 -74.68 -55.30 -41.97
CA CYS YA 69 -74.33 -54.68 -40.69
C CYS YA 69 -73.14 -55.38 -40.05
N GLU YA 70 -72.97 -56.68 -40.32
CA GLU YA 70 -71.78 -57.38 -39.89
C GLU YA 70 -70.55 -56.88 -40.64
N ALA YA 71 -70.74 -56.39 -41.86
CA ALA YA 71 -69.64 -55.84 -42.64
C ALA YA 71 -69.14 -54.53 -42.07
N ILE YA 72 -70.02 -53.75 -41.48
CA ILE YA 72 -69.67 -52.43 -40.95
C ILE YA 72 -69.10 -52.53 -39.56
N TYR YA 73 -69.71 -53.34 -38.69
CA TYR YA 73 -69.33 -53.36 -37.29
C TYR YA 73 -68.08 -54.20 -37.05
N ASN YA 74 -67.66 -55.03 -38.00
CA ASN YA 74 -66.38 -55.71 -37.85
C ASN YA 74 -65.22 -54.76 -38.10
N ARG YA 75 -65.43 -53.75 -38.93
CA ARG YA 75 -64.38 -52.79 -39.26
C ARG YA 75 -64.45 -51.55 -38.39
N ALA YA 76 -65.64 -50.95 -38.29
CA ALA YA 76 -65.80 -49.68 -37.60
C ALA YA 76 -66.86 -49.77 -36.52
N GLN YA 77 -67.27 -48.61 -35.99
CA GLN YA 77 -68.37 -48.53 -35.04
C GLN YA 77 -69.09 -47.22 -35.33
N ALA YA 78 -70.20 -47.31 -36.05
CA ALA YA 78 -70.94 -46.13 -36.46
C ALA YA 78 -72.43 -46.37 -36.27
N VAL YA 79 -73.20 -45.31 -36.46
CA VAL YA 79 -74.64 -45.41 -36.42
C VAL YA 79 -75.14 -45.85 -37.79
N ILE YA 80 -76.17 -46.69 -37.81
CA ILE YA 80 -76.75 -47.17 -39.06
C ILE YA 80 -78.24 -46.90 -39.02
N VAL YA 81 -78.74 -46.15 -39.99
CA VAL YA 81 -80.17 -46.01 -40.21
C VAL YA 81 -80.53 -47.04 -41.26
N ALA YA 82 -80.93 -48.23 -40.82
CA ALA YA 82 -81.27 -49.31 -41.72
C ALA YA 82 -82.77 -49.36 -41.92
N VAL YA 83 -83.19 -49.59 -43.17
CA VAL YA 83 -84.61 -49.66 -43.48
C VAL YA 83 -85.06 -51.11 -43.47
N GLY YA 84 -84.52 -51.91 -44.39
CA GLY YA 84 -84.92 -53.30 -44.49
C GLY YA 84 -86.19 -53.46 -45.29
N VAL YA 85 -86.20 -54.40 -46.23
CA VAL YA 85 -87.36 -54.68 -47.05
C VAL YA 85 -87.58 -56.18 -47.07
N GLU YA 86 -88.79 -56.60 -47.40
CA GLU YA 86 -89.07 -58.02 -47.51
C GLU YA 86 -88.71 -58.52 -48.90
N THR YA 87 -88.46 -59.82 -49.00
CA THR YA 87 -87.92 -60.39 -50.22
C THR YA 87 -89.03 -60.53 -51.27
N ALA YA 88 -88.78 -59.97 -52.46
CA ALA YA 88 -89.74 -60.08 -53.55
C ALA YA 88 -89.56 -61.40 -54.28
N GLU YA 89 -90.48 -61.70 -55.20
CA GLU YA 89 -90.45 -62.97 -55.92
C GLU YA 89 -89.33 -63.01 -56.95
N THR YA 90 -89.38 -62.12 -57.92
CA THR YA 90 -88.38 -62.01 -58.95
C THR YA 90 -87.27 -61.06 -58.51
N PRO YA 91 -86.05 -61.22 -59.04
CA PRO YA 91 -85.01 -60.20 -58.78
C PRO YA 91 -85.27 -58.88 -59.47
N GLU YA 92 -86.18 -58.84 -60.45
CA GLU YA 92 -86.57 -57.58 -61.05
C GLU YA 92 -87.48 -56.79 -60.12
N ALA YA 93 -88.41 -57.47 -59.45
CA ALA YA 93 -89.30 -56.83 -58.49
C ALA YA 93 -88.63 -56.59 -57.15
N GLN YA 94 -87.42 -57.09 -56.94
CA GLN YA 94 -86.66 -56.72 -55.76
C GLN YA 94 -86.09 -55.31 -55.90
N ALA YA 95 -85.83 -54.88 -57.13
CA ALA YA 95 -85.34 -53.52 -57.36
C ALA YA 95 -86.43 -52.49 -57.09
N SER YA 96 -87.69 -52.83 -57.32
CA SER YA 96 -88.77 -51.89 -57.07
C SER YA 96 -89.04 -51.69 -55.59
N ALA YA 97 -88.66 -52.65 -54.75
CA ALA YA 97 -88.87 -52.52 -53.31
C ALA YA 97 -87.75 -51.73 -52.64
N VAL YA 98 -86.54 -51.78 -53.18
CA VAL YA 98 -85.45 -50.98 -52.61
C VAL YA 98 -85.62 -49.52 -53.00
N ILE YA 99 -86.04 -49.25 -54.23
CA ILE YA 99 -86.35 -47.88 -54.65
C ILE YA 99 -87.54 -47.36 -53.87
N GLY YA 100 -88.62 -48.12 -53.85
CA GLY YA 100 -89.77 -47.77 -53.05
C GLY YA 100 -90.57 -46.61 -53.61
N GLY YA 101 -90.48 -45.47 -52.94
CA GLY YA 101 -91.28 -44.33 -53.30
C GLY YA 101 -92.16 -43.93 -52.14
N ILE YA 102 -93.47 -43.94 -52.35
CA ILE YA 102 -94.42 -43.69 -51.28
C ILE YA 102 -95.50 -44.76 -51.37
N SER YA 103 -96.14 -45.03 -50.24
CA SER YA 103 -97.13 -46.09 -50.17
C SER YA 103 -98.52 -45.53 -50.45
N ALA YA 104 -99.51 -46.42 -50.41
CA ALA YA 104 -100.89 -45.98 -50.48
C ALA YA 104 -101.33 -45.28 -49.20
N ALA YA 105 -100.66 -45.57 -48.09
CA ALA YA 105 -100.94 -44.91 -46.80
C ALA YA 105 -100.19 -43.60 -46.65
N GLY YA 106 -99.47 -43.15 -47.67
CA GLY YA 106 -98.75 -41.90 -47.58
C GLY YA 106 -97.49 -41.97 -46.74
N GLU YA 107 -96.73 -43.06 -46.87
CA GLU YA 107 -95.51 -43.25 -46.08
C GLU YA 107 -94.41 -43.72 -47.00
N ARG YA 108 -93.19 -43.21 -46.76
CA ARG YA 108 -92.05 -43.60 -47.57
C ARG YA 108 -91.62 -45.03 -47.23
N THR YA 109 -91.27 -45.81 -48.25
CA THR YA 109 -91.14 -47.24 -48.08
C THR YA 109 -89.71 -47.75 -48.25
N GLY YA 110 -89.07 -47.47 -49.38
CA GLY YA 110 -87.84 -48.15 -49.68
C GLY YA 110 -86.60 -47.41 -49.23
N LEU YA 111 -85.78 -46.97 -50.18
CA LEU YA 111 -84.66 -46.09 -49.87
C LEU YA 111 -85.13 -44.73 -49.39
N GLN YA 112 -86.34 -44.33 -49.75
CA GLN YA 112 -86.87 -43.02 -49.37
C GLN YA 112 -87.06 -42.87 -47.87
N ALA YA 113 -87.14 -43.97 -47.12
CA ALA YA 113 -87.27 -43.92 -45.67
C ALA YA 113 -86.03 -43.37 -44.98
N LEU YA 114 -84.89 -43.29 -45.68
CA LEU YA 114 -83.72 -42.61 -45.12
C LEU YA 114 -83.93 -41.11 -45.00
N LEU YA 115 -84.88 -40.54 -45.73
CA LEU YA 115 -85.23 -39.14 -45.55
C LEU YA 115 -85.95 -38.89 -44.24
N ASP YA 116 -86.54 -39.93 -43.65
CA ASP YA 116 -87.09 -39.87 -42.30
C ASP YA 116 -86.06 -40.13 -41.23
N GLY YA 117 -84.78 -40.19 -41.59
CA GLY YA 117 -83.74 -40.51 -40.62
C GLY YA 117 -83.40 -39.38 -39.68
N LYS YA 118 -83.74 -38.15 -40.02
CA LYS YA 118 -83.42 -37.02 -39.17
C LYS YA 118 -84.59 -36.55 -38.32
N SER YA 119 -85.82 -36.67 -38.83
CA SER YA 119 -86.98 -36.29 -38.04
C SER YA 119 -87.26 -37.27 -36.92
N ARG YA 120 -86.81 -38.52 -37.05
CA ARG YA 120 -87.10 -39.56 -36.08
C ARG YA 120 -85.95 -39.86 -35.14
N PHE YA 121 -84.72 -39.88 -35.63
CA PHE YA 121 -83.58 -40.32 -34.82
C PHE YA 121 -82.52 -39.26 -34.62
N ASN YA 122 -82.69 -38.07 -35.20
CA ASN YA 122 -81.68 -36.99 -35.19
C ASN YA 122 -80.33 -37.46 -35.75
N ALA YA 123 -80.39 -38.30 -36.78
CA ALA YA 123 -79.19 -38.87 -37.39
C ALA YA 123 -79.42 -38.92 -38.89
N GLN YA 124 -78.98 -37.90 -39.59
CA GLN YA 124 -79.08 -37.90 -41.04
C GLN YA 124 -77.98 -38.76 -41.63
N PRO YA 125 -78.31 -39.73 -42.49
CA PRO YA 125 -77.28 -40.63 -43.03
C PRO YA 125 -76.40 -39.92 -44.04
N ARG YA 126 -75.10 -40.24 -44.00
CA ARG YA 126 -74.13 -39.66 -44.91
C ARG YA 126 -73.52 -40.66 -45.88
N LEU YA 127 -73.66 -41.96 -45.63
CA LEU YA 127 -73.20 -42.99 -46.54
C LEU YA 127 -74.40 -43.84 -46.94
N LEU YA 128 -74.84 -43.69 -48.17
CA LEU YA 128 -76.00 -44.41 -48.68
C LEU YA 128 -75.53 -45.72 -49.30
N VAL YA 129 -75.90 -46.84 -48.69
CA VAL YA 129 -75.43 -48.15 -49.11
C VAL YA 129 -76.65 -49.06 -49.27
N ALA YA 130 -76.84 -49.57 -50.48
CA ALA YA 130 -77.78 -50.66 -50.75
C ALA YA 130 -76.95 -51.77 -51.36
N PRO YA 131 -76.43 -52.69 -50.54
CA PRO YA 131 -75.42 -53.63 -51.03
C PRO YA 131 -76.01 -54.70 -51.93
N GLY YA 132 -75.45 -54.80 -53.13
CA GLY YA 132 -75.86 -55.78 -54.12
C GLY YA 132 -76.91 -55.27 -55.08
N HIS YA 133 -77.88 -54.50 -54.59
CA HIS YA 133 -78.91 -53.94 -55.43
C HIS YA 133 -78.42 -52.75 -56.25
N SER YA 134 -77.34 -52.11 -55.83
CA SER YA 134 -76.80 -50.97 -56.57
C SER YA 134 -76.11 -51.37 -57.86
N ALA YA 135 -75.89 -52.68 -58.09
CA ALA YA 135 -75.38 -53.15 -59.36
C ALA YA 135 -76.39 -52.99 -60.49
N GLN YA 136 -77.67 -52.84 -60.17
CA GLN YA 136 -78.68 -52.52 -61.15
C GLN YA 136 -78.75 -51.01 -61.33
N GLN YA 137 -79.06 -50.58 -62.56
CA GLN YA 137 -79.06 -49.16 -62.85
C GLN YA 137 -80.29 -48.46 -62.28
N ALA YA 138 -81.38 -49.18 -62.05
CA ALA YA 138 -82.59 -48.56 -61.54
C ALA YA 138 -82.43 -48.16 -60.07
N VAL YA 139 -81.76 -49.01 -59.28
CA VAL YA 139 -81.55 -48.70 -57.87
C VAL YA 139 -80.46 -47.65 -57.70
N ALA YA 140 -79.43 -47.71 -58.54
CA ALA YA 140 -78.33 -46.77 -58.42
C ALA YA 140 -78.71 -45.36 -58.87
N THR YA 141 -79.66 -45.24 -59.80
CA THR YA 141 -80.17 -43.92 -60.16
C THR YA 141 -81.08 -43.37 -59.08
N ALA YA 142 -81.84 -44.23 -58.40
CA ALA YA 142 -82.66 -43.78 -57.29
C ALA YA 142 -81.82 -43.45 -56.07
N MET YA 143 -80.66 -44.08 -55.93
CA MET YA 143 -79.76 -43.76 -54.83
C MET YA 143 -78.93 -42.53 -55.13
N ASP YA 144 -78.75 -42.18 -56.40
CA ASP YA 144 -78.03 -40.96 -56.75
C ASP YA 144 -78.88 -39.73 -56.46
N GLY YA 145 -80.16 -39.75 -56.84
CA GLY YA 145 -81.03 -38.63 -56.55
C GLY YA 145 -81.37 -38.53 -55.08
N LEU YA 146 -81.25 -39.63 -54.35
CA LEU YA 146 -81.44 -39.59 -52.91
C LEU YA 146 -80.25 -38.97 -52.21
N ALA YA 147 -79.05 -39.14 -52.75
CA ALA YA 147 -77.84 -38.62 -52.13
C ALA YA 147 -77.73 -37.11 -52.23
N GLU YA 148 -78.39 -36.49 -53.21
CA GLU YA 148 -78.40 -35.02 -53.25
C GLU YA 148 -79.46 -34.44 -52.34
N LYS YA 149 -80.49 -35.22 -52.01
CA LYS YA 149 -81.47 -34.77 -51.03
C LYS YA 149 -80.89 -34.79 -49.63
N LEU YA 150 -79.95 -35.70 -49.36
CA LEU YA 150 -79.40 -35.89 -48.02
C LEU YA 150 -78.01 -35.32 -47.85
N ARG YA 151 -77.40 -34.79 -48.93
CA ARG YA 151 -76.00 -34.39 -48.99
C ARG YA 151 -75.08 -35.53 -48.56
N ALA YA 152 -75.39 -36.74 -49.01
CA ALA YA 152 -74.66 -37.94 -48.67
C ALA YA 152 -73.76 -38.35 -49.81
N ILE YA 153 -73.02 -39.43 -49.61
CA ILE YA 153 -72.15 -40.02 -50.62
C ILE YA 153 -72.62 -41.46 -50.80
N ALA YA 154 -73.34 -41.72 -51.88
CA ALA YA 154 -73.90 -43.04 -52.13
C ALA YA 154 -72.80 -43.97 -52.62
N ILE YA 155 -72.55 -45.05 -51.87
CA ILE YA 155 -71.48 -45.98 -52.21
C ILE YA 155 -72.04 -47.08 -53.08
N LEU YA 156 -71.80 -46.99 -54.38
CA LEU YA 156 -72.28 -47.99 -55.32
C LEU YA 156 -71.35 -49.19 -55.33
N ASP YA 157 -71.73 -50.22 -56.09
CA ASP YA 157 -70.84 -51.32 -56.40
C ASP YA 157 -71.26 -51.87 -57.75
N GLY YA 158 -70.31 -51.96 -58.67
CA GLY YA 158 -70.60 -52.44 -60.00
C GLY YA 158 -70.80 -53.93 -60.04
N PRO YA 159 -71.06 -54.44 -61.23
CA PRO YA 159 -71.19 -55.89 -61.39
C PRO YA 159 -69.84 -56.58 -61.26
N ASN YA 160 -69.90 -57.86 -60.90
CA ASN YA 160 -68.69 -58.65 -60.73
C ASN YA 160 -68.24 -59.33 -62.02
N SER YA 161 -68.60 -58.76 -63.17
CA SER YA 161 -68.14 -59.21 -64.47
C SER YA 161 -66.78 -58.58 -64.76
N THR YA 162 -66.31 -58.66 -66.00
CA THR YA 162 -65.02 -58.14 -66.38
C THR YA 162 -64.99 -56.62 -66.33
N ASP YA 163 -63.79 -56.06 -66.53
CA ASP YA 163 -63.57 -54.63 -66.38
C ASP YA 163 -64.20 -53.82 -67.50
N GLU YA 164 -64.51 -54.43 -68.64
CA GLU YA 164 -65.28 -53.74 -69.66
C GLU YA 164 -66.71 -53.49 -69.18
N ALA YA 165 -67.28 -54.43 -68.44
CA ALA YA 165 -68.62 -54.29 -67.90
C ALA YA 165 -68.67 -53.40 -66.67
N ALA YA 166 -67.52 -53.05 -66.09
CA ALA YA 166 -67.48 -52.12 -64.98
C ALA YA 166 -67.25 -50.69 -65.44
N VAL YA 167 -66.50 -50.51 -66.51
CA VAL YA 167 -66.34 -49.18 -67.09
C VAL YA 167 -67.64 -48.74 -67.75
N ALA YA 168 -68.31 -49.67 -68.47
CA ALA YA 168 -69.56 -49.34 -69.12
C ALA YA 168 -70.70 -49.14 -68.14
N TYR YA 169 -70.56 -49.62 -66.91
CA TYR YA 169 -71.57 -49.34 -65.89
C TYR YA 169 -71.31 -48.01 -65.20
N ALA YA 170 -70.05 -47.64 -65.01
CA ALA YA 170 -69.70 -46.38 -64.38
C ALA YA 170 -69.82 -45.20 -65.33
N LYS YA 171 -70.05 -45.45 -66.62
CA LYS YA 171 -70.18 -44.39 -67.61
C LYS YA 171 -71.59 -43.82 -67.66
N ASN YA 172 -72.50 -44.31 -66.83
CA ASN YA 172 -73.90 -43.91 -66.86
C ASN YA 172 -74.23 -42.79 -65.89
N PHE YA 173 -73.36 -42.51 -64.93
CA PHE YA 173 -73.76 -41.73 -63.76
C PHE YA 173 -73.33 -40.27 -63.82
N GLY YA 174 -72.03 -40.00 -63.82
CA GLY YA 174 -71.53 -38.65 -63.93
C GLY YA 174 -71.90 -37.72 -62.79
N SER YA 175 -72.13 -38.27 -61.60
CA SER YA 175 -72.59 -37.50 -60.45
C SER YA 175 -71.56 -37.52 -59.34
N LYS YA 176 -71.33 -36.37 -58.72
CA LYS YA 176 -70.25 -36.22 -57.76
C LYS YA 176 -70.53 -36.87 -56.41
N ARG YA 177 -71.75 -37.35 -56.17
CA ARG YA 177 -72.09 -37.98 -54.92
C ARG YA 177 -72.24 -39.49 -55.06
N LEU YA 178 -71.44 -40.10 -55.92
CA LEU YA 178 -71.49 -41.53 -56.16
C LEU YA 178 -70.08 -42.09 -56.08
N PHE YA 179 -69.92 -43.18 -55.35
CA PHE YA 179 -68.63 -43.82 -55.13
C PHE YA 179 -68.78 -45.28 -55.50
N MET YA 180 -68.00 -45.75 -56.47
CA MET YA 180 -68.18 -47.09 -57.01
C MET YA 180 -66.96 -47.95 -56.71
N VAL YA 181 -67.21 -49.13 -56.14
CA VAL YA 181 -66.17 -50.10 -55.82
C VAL YA 181 -66.50 -51.36 -56.62
N ASP YA 182 -65.73 -51.62 -57.67
CA ASP YA 182 -66.08 -52.68 -58.60
C ASP YA 182 -65.86 -54.11 -58.11
N PRO YA 183 -64.64 -54.56 -57.73
CA PRO YA 183 -64.44 -56.01 -57.56
C PRO YA 183 -65.09 -56.52 -56.29
N GLY YA 184 -65.84 -57.61 -56.42
CA GLY YA 184 -66.62 -58.12 -55.32
C GLY YA 184 -65.77 -58.80 -54.28
N VAL YA 185 -66.04 -58.49 -53.01
CA VAL YA 185 -65.31 -59.09 -51.90
C VAL YA 185 -65.76 -60.53 -51.72
N GLN YA 186 -64.80 -61.43 -51.57
CA GLN YA 186 -65.09 -62.81 -51.21
C GLN YA 186 -64.95 -62.94 -49.69
N VAL YA 187 -66.07 -63.11 -49.01
CA VAL YA 187 -66.10 -63.11 -47.55
C VAL YA 187 -66.55 -64.49 -47.08
N TRP YA 188 -66.19 -64.81 -45.84
CA TRP YA 188 -66.53 -66.10 -45.26
C TRP YA 188 -67.96 -66.08 -44.75
N ASP YA 189 -68.79 -66.97 -45.28
CA ASP YA 189 -70.18 -67.08 -44.87
C ASP YA 189 -70.27 -68.11 -43.75
N SER YA 190 -70.75 -67.70 -42.59
CA SER YA 190 -70.86 -68.57 -41.43
C SER YA 190 -72.08 -69.46 -41.47
N ALA YA 191 -73.05 -69.17 -42.34
CA ALA YA 191 -74.27 -69.97 -42.44
C ALA YA 191 -74.10 -71.17 -43.37
N THR YA 192 -73.31 -71.03 -44.43
CA THR YA 192 -73.05 -72.12 -45.35
C THR YA 192 -71.67 -72.73 -45.16
N ASN YA 193 -70.86 -72.19 -44.24
CA ASN YA 193 -69.52 -72.68 -43.90
C ASN YA 193 -68.59 -72.69 -45.10
N ALA YA 194 -68.68 -71.64 -45.92
CA ALA YA 194 -67.85 -71.51 -47.10
C ALA YA 194 -67.71 -70.03 -47.44
N ALA YA 195 -66.93 -69.75 -48.47
CA ALA YA 195 -66.66 -68.38 -48.88
C ALA YA 195 -67.68 -67.94 -49.90
N ARG YA 196 -68.42 -66.88 -49.58
CA ARG YA 196 -69.41 -66.31 -50.49
C ARG YA 196 -68.89 -64.99 -51.07
N ASN YA 197 -69.55 -64.55 -52.14
CA ASN YA 197 -69.20 -63.30 -52.80
C ASN YA 197 -70.04 -62.17 -52.21
N ALA YA 198 -69.43 -61.34 -51.42
CA ALA YA 198 -70.08 -60.18 -50.85
C ALA YA 198 -70.18 -59.08 -51.89
N PRO YA 199 -71.15 -58.17 -51.78
CA PRO YA 199 -71.27 -57.08 -52.75
C PRO YA 199 -70.19 -56.01 -52.65
N ALA YA 200 -69.37 -56.02 -51.59
CA ALA YA 200 -68.23 -55.12 -51.37
C ALA YA 200 -68.62 -53.64 -51.32
N SER YA 201 -69.88 -53.33 -51.04
CA SER YA 201 -70.32 -51.96 -50.86
C SER YA 201 -70.40 -51.55 -49.40
N ALA YA 202 -70.85 -52.45 -48.54
CA ALA YA 202 -70.86 -52.17 -47.10
C ALA YA 202 -69.47 -52.26 -46.50
N TYR YA 203 -68.55 -52.99 -47.14
CA TYR YA 203 -67.19 -53.09 -46.64
C TYR YA 203 -66.40 -51.82 -46.90
N ALA YA 204 -66.78 -51.06 -47.93
CA ALA YA 204 -66.22 -49.73 -48.13
C ALA YA 204 -66.85 -48.70 -47.21
N ALA YA 205 -68.11 -48.91 -46.83
CA ALA YA 205 -68.75 -48.00 -45.88
C ALA YA 205 -68.22 -48.20 -44.46
N GLY YA 206 -67.63 -49.36 -44.18
CA GLY YA 206 -66.90 -49.52 -42.94
C GLY YA 206 -65.61 -48.72 -42.92
N LEU YA 207 -65.08 -48.38 -44.11
CA LEU YA 207 -63.88 -47.57 -44.18
C LEU YA 207 -64.19 -46.10 -44.09
N PHE YA 208 -65.32 -45.66 -44.64
CA PHE YA 208 -65.74 -44.28 -44.45
C PHE YA 208 -66.14 -44.03 -43.00
N ALA YA 209 -66.63 -45.05 -42.31
CA ALA YA 209 -67.02 -44.90 -40.93
C ALA YA 209 -65.85 -45.00 -39.96
N TRP YA 210 -64.76 -45.64 -40.37
CA TRP YA 210 -63.61 -45.80 -39.48
C TRP YA 210 -62.60 -44.67 -39.65
N THR YA 211 -62.39 -44.18 -40.88
CA THR YA 211 -61.46 -43.09 -41.10
C THR YA 211 -61.97 -41.78 -40.52
N ASP YA 212 -63.29 -41.62 -40.35
CA ASP YA 212 -63.79 -40.45 -39.65
C ASP YA 212 -63.56 -40.58 -38.15
N ALA YA 213 -63.50 -41.80 -37.65
CA ALA YA 213 -63.21 -42.02 -36.24
C ALA YA 213 -61.72 -41.99 -35.94
N GLU YA 214 -60.88 -42.32 -36.92
CA GLU YA 214 -59.44 -42.40 -36.71
C GLU YA 214 -58.68 -41.22 -37.28
N TYR YA 215 -58.94 -40.86 -38.54
CA TYR YA 215 -58.20 -39.81 -39.22
C TYR YA 215 -59.00 -38.55 -39.49
N GLY YA 216 -60.31 -38.58 -39.30
CA GLY YA 216 -61.15 -37.43 -39.54
C GLY YA 216 -61.93 -37.55 -40.84
N PHE YA 217 -62.95 -36.70 -40.97
CA PHE YA 217 -63.81 -36.72 -42.14
C PHE YA 217 -63.14 -36.17 -43.39
N TRP YA 218 -62.02 -35.46 -43.24
CA TRP YA 218 -61.29 -34.90 -44.37
C TRP YA 218 -60.25 -35.86 -44.92
N SER YA 219 -60.29 -37.13 -44.55
CA SER YA 219 -59.28 -38.09 -44.94
C SER YA 219 -59.92 -39.17 -45.80
N SER YA 220 -59.31 -39.45 -46.94
CA SER YA 220 -59.85 -40.45 -47.84
C SER YA 220 -59.57 -41.85 -47.27
N PRO YA 221 -60.46 -42.82 -47.52
CA PRO YA 221 -60.21 -44.18 -47.04
C PRO YA 221 -59.43 -45.02 -48.02
N SER YA 222 -58.80 -44.37 -49.00
CA SER YA 222 -58.32 -45.05 -50.20
C SER YA 222 -56.94 -45.66 -50.05
N ASN YA 223 -56.45 -45.86 -48.84
CA ASN YA 223 -55.28 -46.70 -48.63
C ASN YA 223 -55.45 -47.58 -47.41
N LYS YA 224 -56.61 -47.52 -46.76
CA LYS YA 224 -56.81 -48.24 -45.51
C LYS YA 224 -57.33 -49.64 -45.80
N GLU YA 225 -57.50 -50.42 -44.75
CA GLU YA 225 -57.68 -51.86 -44.88
C GLU YA 225 -59.10 -52.29 -44.55
N ILE YA 226 -59.54 -53.33 -45.24
CA ILE YA 226 -60.80 -53.99 -44.94
C ILE YA 226 -60.50 -55.26 -44.16
N LYS YA 227 -61.31 -55.53 -43.14
CA LYS YA 227 -60.95 -56.55 -42.16
C LYS YA 227 -61.51 -57.93 -42.48
N GLY YA 228 -62.82 -58.04 -42.67
CA GLY YA 228 -63.45 -59.34 -42.84
C GLY YA 228 -63.18 -60.02 -44.16
N VAL YA 229 -62.52 -59.33 -45.09
CA VAL YA 229 -62.33 -59.84 -46.44
C VAL YA 229 -61.31 -60.96 -46.45
N THR YA 230 -61.69 -62.11 -47.01
CA THR YA 230 -60.79 -63.24 -47.21
C THR YA 230 -60.61 -63.55 -48.69
N GLY YA 231 -60.45 -62.53 -49.50
CA GLY YA 231 -60.25 -62.71 -50.93
C GLY YA 231 -61.17 -61.80 -51.71
N THR YA 232 -60.84 -61.65 -52.98
CA THR YA 232 -61.59 -60.77 -53.87
C THR YA 232 -61.94 -61.53 -55.14
N SER YA 233 -63.21 -61.45 -55.56
CA SER YA 233 -63.61 -61.99 -56.84
C SER YA 233 -62.94 -61.22 -57.96
N ARG YA 234 -62.34 -61.95 -58.91
CA ARG YA 234 -61.55 -61.44 -60.03
C ARG YA 234 -60.42 -60.54 -59.53
N PRO YA 235 -59.33 -61.11 -59.04
CA PRO YA 235 -58.26 -60.29 -58.41
C PRO YA 235 -57.57 -59.38 -59.42
N VAL YA 236 -57.56 -58.08 -59.10
CA VAL YA 236 -56.98 -57.08 -59.97
C VAL YA 236 -55.46 -57.08 -59.81
N GLU YA 237 -54.79 -56.42 -60.75
CA GLU YA 237 -53.33 -56.41 -60.81
C GLU YA 237 -52.82 -55.03 -60.41
N PHE YA 238 -51.90 -55.01 -59.44
CA PHE YA 238 -51.21 -53.78 -59.03
C PHE YA 238 -49.81 -54.23 -58.58
N LEU YA 239 -48.85 -54.20 -59.50
CA LEU YA 239 -47.58 -54.88 -59.25
C LEU YA 239 -46.62 -54.02 -58.44
N ASP YA 240 -45.98 -53.04 -59.08
CA ASP YA 240 -45.02 -52.22 -58.36
C ASP YA 240 -45.24 -50.73 -58.54
N GLY YA 241 -45.12 -50.26 -59.77
CA GLY YA 241 -45.23 -48.85 -60.09
C GLY YA 241 -45.77 -48.62 -61.49
N ASP YA 242 -46.26 -49.68 -62.12
CA ASP YA 242 -46.77 -49.57 -63.49
C ASP YA 242 -48.11 -48.86 -63.48
N GLU YA 243 -48.20 -47.78 -64.26
CA GLU YA 243 -49.45 -47.05 -64.41
C GLU YA 243 -50.37 -47.67 -65.45
N THR YA 244 -49.98 -48.81 -66.04
CA THR YA 244 -50.83 -49.55 -66.96
C THR YA 244 -51.34 -50.83 -66.33
N CYS YA 245 -51.28 -50.91 -65.00
CA CYS YA 245 -51.82 -52.07 -64.31
C CYS YA 245 -53.34 -52.05 -64.34
N ARG YA 246 -53.94 -53.20 -64.06
CA ARG YA 246 -55.38 -53.34 -64.19
C ARG YA 246 -56.12 -52.57 -63.11
N ALA YA 247 -55.49 -52.34 -61.97
CA ALA YA 247 -56.11 -51.55 -60.91
C ALA YA 247 -56.05 -50.06 -61.20
N ASN YA 248 -55.01 -49.61 -61.90
CA ASN YA 248 -54.92 -48.19 -62.23
C ASN YA 248 -55.80 -47.84 -63.42
N LEU YA 249 -56.09 -48.81 -64.28
CA LEU YA 249 -57.00 -48.57 -65.39
C LEU YA 249 -58.44 -48.45 -64.92
N LEU YA 250 -58.76 -48.93 -63.72
CA LEU YA 250 -60.09 -48.74 -63.16
C LEU YA 250 -60.19 -47.46 -62.35
N ASN YA 251 -59.10 -47.02 -61.71
CA ASN YA 251 -59.12 -45.72 -61.04
C ASN YA 251 -59.16 -44.59 -62.05
N ASN YA 252 -58.68 -44.82 -63.27
CA ASN YA 252 -58.74 -43.81 -64.30
C ASN YA 252 -60.16 -43.61 -64.82
N ALA YA 253 -61.03 -44.60 -64.63
CA ALA YA 253 -62.44 -44.49 -64.97
C ALA YA 253 -63.30 -44.12 -63.77
N ASN YA 254 -62.69 -43.51 -62.73
CA ASN YA 254 -63.35 -43.06 -61.51
C ASN YA 254 -64.03 -44.20 -60.76
N ILE YA 255 -63.38 -45.36 -60.73
CA ILE YA 255 -63.87 -46.53 -60.02
C ILE YA 255 -62.84 -46.91 -58.97
N ALA YA 256 -63.27 -47.04 -57.73
CA ALA YA 256 -62.41 -47.55 -56.68
C ALA YA 256 -62.27 -49.06 -56.81
N THR YA 257 -61.18 -49.59 -56.28
CA THR YA 257 -60.88 -51.01 -56.37
C THR YA 257 -60.46 -51.53 -55.00
N ILE YA 258 -60.18 -52.83 -54.97
CA ILE YA 258 -59.63 -53.52 -53.81
C ILE YA 258 -58.45 -54.34 -54.33
N ILE YA 259 -57.23 -53.98 -53.94
CA ILE YA 259 -56.08 -54.35 -54.75
C ILE YA 259 -55.40 -55.65 -54.35
N ARG YA 260 -54.87 -55.72 -53.12
CA ARG YA 260 -53.70 -56.55 -52.86
C ARG YA 260 -54.09 -58.02 -52.67
N ASP YA 261 -53.11 -58.81 -52.22
CA ASP YA 261 -53.25 -60.26 -52.09
C ASP YA 261 -54.29 -60.58 -51.04
N ASP YA 262 -55.35 -61.28 -51.48
CA ASP YA 262 -56.55 -61.58 -50.69
C ASP YA 262 -57.21 -60.32 -50.16
N GLY YA 263 -57.16 -59.26 -50.97
CA GLY YA 263 -57.99 -58.08 -50.85
C GLY YA 263 -58.00 -57.33 -49.54
N TYR YA 264 -56.91 -56.64 -49.20
CA TYR YA 264 -56.88 -55.96 -47.91
C TYR YA 264 -56.58 -54.47 -48.02
N ARG YA 265 -56.73 -53.87 -49.20
CA ARG YA 265 -56.56 -52.41 -49.31
C ARG YA 265 -57.61 -51.86 -50.27
N LEU YA 266 -58.34 -50.84 -49.83
CA LEU YA 266 -59.14 -50.07 -50.78
C LEU YA 266 -58.22 -49.18 -51.61
N TRP YA 267 -58.57 -48.99 -52.87
CA TRP YA 267 -57.72 -48.26 -53.79
C TRP YA 267 -58.57 -47.36 -54.67
N GLY YA 268 -58.52 -46.06 -54.43
CA GLY YA 268 -59.21 -45.10 -55.24
C GLY YA 268 -59.96 -44.07 -54.44
N ASN YA 269 -59.65 -42.79 -54.66
CA ASN YA 269 -60.29 -41.70 -53.95
C ASN YA 269 -61.05 -40.79 -54.90
N ARG YA 270 -61.36 -41.27 -56.09
CA ARG YA 270 -62.09 -40.50 -57.08
C ARG YA 270 -63.55 -40.91 -57.06
N THR YA 271 -64.44 -39.93 -57.01
CA THR YA 271 -65.86 -40.19 -57.12
C THR YA 271 -66.26 -40.13 -58.59
N LEU YA 272 -67.52 -40.47 -58.88
CA LEU YA 272 -67.98 -40.58 -60.26
C LEU YA 272 -68.42 -39.24 -60.83
N SER YA 273 -67.55 -38.24 -60.72
CA SER YA 273 -67.89 -36.88 -61.10
C SER YA 273 -67.38 -36.56 -62.49
N SER YA 274 -68.12 -35.71 -63.20
CA SER YA 274 -67.67 -35.24 -64.51
C SER YA 274 -66.72 -34.06 -64.37
N ASP YA 275 -66.96 -33.20 -63.37
CA ASP YA 275 -66.05 -32.09 -63.10
C ASP YA 275 -64.77 -32.60 -62.48
N SER YA 276 -63.66 -31.95 -62.82
CA SER YA 276 -62.40 -32.23 -62.15
C SER YA 276 -62.31 -31.53 -60.80
N LYS YA 277 -63.22 -30.60 -60.52
CA LYS YA 277 -63.24 -29.94 -59.22
C LYS YA 277 -63.68 -30.91 -58.14
N TRP YA 278 -64.86 -31.50 -58.30
CA TRP YA 278 -65.42 -32.42 -57.31
C TRP YA 278 -65.01 -33.85 -57.56
N ALA YA 279 -63.79 -34.09 -58.04
CA ALA YA 279 -63.38 -35.45 -58.36
C ALA YA 279 -63.07 -36.24 -57.09
N PHE YA 280 -62.47 -35.61 -56.10
CA PHE YA 280 -62.08 -36.31 -54.89
C PHE YA 280 -63.25 -36.46 -53.94
N VAL YA 281 -63.37 -37.65 -53.33
CA VAL YA 281 -64.40 -37.89 -52.33
C VAL YA 281 -64.10 -37.12 -51.06
N THR YA 282 -62.82 -36.80 -50.84
CA THR YA 282 -62.44 -35.93 -49.73
C THR YA 282 -63.06 -34.54 -49.87
N ARG YA 283 -63.02 -33.96 -51.07
CA ARG YA 283 -63.54 -32.61 -51.26
C ARG YA 283 -65.06 -32.58 -51.21
N VAL YA 284 -65.73 -33.63 -51.68
CA VAL YA 284 -67.19 -33.66 -51.61
C VAL YA 284 -67.65 -33.88 -50.19
N ARG YA 285 -66.89 -34.63 -49.39
CA ARG YA 285 -67.31 -34.93 -48.03
C ARG YA 285 -67.13 -33.73 -47.11
N THR YA 286 -66.07 -32.95 -47.30
CA THR YA 286 -65.87 -31.79 -46.45
C THR YA 286 -66.76 -30.63 -46.86
N MET YA 287 -67.08 -30.52 -48.14
CA MET YA 287 -67.95 -29.44 -48.60
C MET YA 287 -69.38 -29.64 -48.11
N ASP YA 288 -69.84 -30.87 -48.05
CA ASP YA 288 -71.18 -31.15 -47.53
C ASP YA 288 -71.21 -31.17 -46.01
N LEU YA 289 -70.06 -31.19 -45.34
CA LEU YA 289 -70.01 -31.14 -43.89
C LEU YA 289 -69.89 -29.71 -43.39
N VAL YA 290 -69.24 -28.81 -44.14
CA VAL YA 290 -69.20 -27.41 -43.77
C VAL YA 290 -70.38 -26.63 -44.31
N MET YA 291 -71.19 -27.22 -45.18
CA MET YA 291 -72.43 -26.58 -45.60
C MET YA 291 -73.63 -27.00 -44.75
N ASP YA 292 -73.53 -28.12 -44.05
CA ASP YA 292 -74.58 -28.50 -43.11
C ASP YA 292 -74.28 -28.08 -41.69
N ALA YA 293 -73.02 -27.82 -41.36
CA ALA YA 293 -72.70 -27.22 -40.07
C ALA YA 293 -73.06 -25.75 -40.02
N ILE YA 294 -72.92 -25.05 -41.15
CA ILE YA 294 -73.28 -23.64 -41.20
C ILE YA 294 -74.79 -23.47 -41.25
N LEU YA 295 -75.48 -24.31 -42.03
CA LEU YA 295 -76.92 -24.16 -42.20
C LEU YA 295 -77.68 -24.54 -40.93
N ALA YA 296 -77.25 -25.60 -40.25
CA ALA YA 296 -77.92 -26.02 -39.02
C ALA YA 296 -77.39 -25.35 -37.78
N GLY YA 297 -76.27 -24.63 -37.88
CA GLY YA 297 -75.69 -23.92 -36.77
C GLY YA 297 -75.97 -22.44 -36.74
N HIS YA 298 -76.58 -21.90 -37.77
CA HIS YA 298 -76.92 -20.48 -37.83
C HIS YA 298 -78.43 -20.27 -37.84
N LYS YA 299 -79.19 -21.16 -37.20
CA LYS YA 299 -80.62 -20.97 -37.10
C LYS YA 299 -81.01 -19.98 -36.02
N TRP YA 300 -80.07 -19.58 -35.16
CA TRP YA 300 -80.32 -18.51 -34.22
C TRP YA 300 -80.31 -17.13 -34.87
N ALA YA 301 -79.71 -17.00 -36.05
CA ALA YA 301 -79.48 -15.71 -36.69
C ALA YA 301 -80.50 -15.41 -37.78
N VAL YA 302 -81.74 -15.87 -37.63
CA VAL YA 302 -82.71 -15.68 -38.70
C VAL YA 302 -83.41 -14.32 -38.63
N ASP YA 303 -83.99 -13.96 -37.49
CA ASP YA 303 -84.72 -12.71 -37.36
C ASP YA 303 -84.11 -11.84 -36.28
N ARG YA 304 -82.78 -11.74 -36.28
CA ARG YA 304 -82.06 -11.05 -35.22
C ARG YA 304 -81.97 -9.55 -35.41
N GLY YA 305 -82.08 -9.07 -36.65
CA GLY YA 305 -81.91 -7.65 -36.88
C GLY YA 305 -80.48 -7.32 -37.24
N ILE YA 306 -80.29 -6.79 -38.45
CA ILE YA 306 -78.96 -6.58 -39.01
C ILE YA 306 -78.40 -5.30 -38.40
N THR YA 307 -77.59 -5.43 -37.36
CA THR YA 307 -76.85 -4.33 -36.78
C THR YA 307 -75.36 -4.50 -37.10
N LYS YA 308 -74.55 -3.57 -36.58
CA LYS YA 308 -73.11 -3.68 -36.80
C LYS YA 308 -72.51 -4.78 -35.93
N THR YA 309 -73.08 -5.02 -34.75
CA THR YA 309 -72.60 -6.09 -33.88
C THR YA 309 -73.24 -7.43 -34.20
N TYR YA 310 -74.07 -7.51 -35.23
CA TYR YA 310 -74.62 -8.77 -35.70
C TYR YA 310 -73.81 -9.32 -36.87
N VAL YA 311 -73.44 -8.47 -37.82
CA VAL YA 311 -72.57 -8.88 -38.91
C VAL YA 311 -71.17 -9.19 -38.39
N LYS YA 312 -70.74 -8.47 -37.35
CA LYS YA 312 -69.41 -8.70 -36.80
C LYS YA 312 -69.35 -9.97 -35.97
N ASP YA 313 -70.45 -10.36 -35.34
CA ASP YA 313 -70.46 -11.52 -34.47
C ASP YA 313 -70.99 -12.78 -35.16
N VAL YA 314 -71.43 -12.67 -36.41
CA VAL YA 314 -71.62 -13.86 -37.22
C VAL YA 314 -70.32 -14.22 -37.93
N THR YA 315 -69.61 -13.21 -38.43
CA THR YA 315 -68.32 -13.41 -39.09
C THR YA 315 -67.28 -13.97 -38.11
N GLU YA 316 -67.20 -13.41 -36.91
CA GLU YA 316 -66.25 -13.91 -35.92
C GLU YA 316 -66.63 -15.29 -35.40
N GLY YA 317 -67.91 -15.65 -35.45
CA GLY YA 317 -68.29 -17.02 -35.18
C GLY YA 317 -68.12 -17.95 -36.36
N LEU YA 318 -67.95 -17.37 -37.55
CA LEU YA 318 -67.67 -18.12 -38.76
C LEU YA 318 -66.19 -18.20 -39.06
N ARG YA 319 -65.42 -17.18 -38.65
CA ARG YA 319 -63.97 -17.27 -38.73
C ARG YA 319 -63.42 -18.27 -37.73
N ALA YA 320 -64.03 -18.33 -36.54
CA ALA YA 320 -63.55 -19.23 -35.51
C ALA YA 320 -63.90 -20.68 -35.81
N PHE YA 321 -64.95 -20.92 -36.58
CA PHE YA 321 -65.29 -22.29 -36.97
C PHE YA 321 -64.29 -22.83 -37.99
N MET YA 322 -63.91 -22.00 -38.96
CA MET YA 322 -62.92 -22.42 -39.94
C MET YA 322 -61.51 -22.41 -39.37
N ARG YA 323 -61.27 -21.59 -38.33
CA ARG YA 323 -60.00 -21.64 -37.64
C ARG YA 323 -59.85 -22.92 -36.84
N ASP YA 324 -60.94 -23.43 -36.26
CA ASP YA 324 -60.92 -24.71 -35.57
C ASP YA 324 -60.81 -25.89 -36.51
N LEU YA 325 -61.10 -25.69 -37.79
CA LEU YA 325 -60.86 -26.71 -38.80
C LEU YA 325 -59.45 -26.67 -39.35
N LYS YA 326 -58.82 -25.49 -39.34
CA LYS YA 326 -57.50 -25.34 -39.95
C LYS YA 326 -56.41 -25.96 -39.09
N ASN YA 327 -56.39 -25.65 -37.80
CA ASN YA 327 -55.39 -26.24 -36.92
C ASN YA 327 -55.74 -27.67 -36.51
N GLN YA 328 -56.96 -28.12 -36.80
CA GLN YA 328 -57.26 -29.55 -36.68
C GLN YA 328 -56.71 -30.32 -37.86
N GLY YA 329 -56.63 -29.68 -39.02
CA GLY YA 329 -56.10 -30.31 -40.21
C GLY YA 329 -57.09 -30.55 -41.32
N ALA YA 330 -58.31 -30.03 -41.21
CA ALA YA 330 -59.33 -30.27 -42.21
C ALA YA 330 -59.14 -29.42 -43.45
N VAL YA 331 -58.81 -28.14 -43.28
CA VAL YA 331 -58.53 -27.25 -44.39
C VAL YA 331 -57.09 -26.78 -44.27
N ILE YA 332 -56.60 -26.18 -45.34
CA ILE YA 332 -55.25 -25.64 -45.35
C ILE YA 332 -55.25 -24.18 -44.92
N ASN YA 333 -56.09 -23.37 -45.55
CA ASN YA 333 -56.32 -22.00 -45.11
C ASN YA 333 -57.76 -21.64 -45.45
N PHE YA 334 -58.16 -20.45 -45.07
CA PHE YA 334 -59.53 -20.00 -45.33
C PHE YA 334 -59.55 -18.49 -45.45
N GLU YA 335 -60.72 -17.97 -45.80
CA GLU YA 335 -60.93 -16.53 -45.89
C GLU YA 335 -62.43 -16.27 -45.72
N VAL YA 336 -62.83 -15.86 -44.53
CA VAL YA 336 -64.22 -15.60 -44.21
C VAL YA 336 -64.40 -14.10 -44.04
N TYR YA 337 -65.34 -13.54 -44.78
CA TYR YA 337 -65.59 -12.11 -44.75
C TYR YA 337 -67.03 -11.85 -45.18
N ALA YA 338 -67.62 -10.79 -44.64
CA ALA YA 338 -68.91 -10.34 -45.13
C ALA YA 338 -68.73 -9.77 -46.53
N ASP YA 339 -69.72 -10.01 -47.38
CA ASP YA 339 -69.60 -9.68 -48.80
C ASP YA 339 -69.65 -8.17 -49.00
N PRO YA 340 -68.69 -7.57 -49.68
CA PRO YA 340 -68.72 -6.12 -49.88
C PRO YA 340 -69.74 -5.69 -50.91
N ASP YA 341 -69.89 -6.49 -51.97
CA ASP YA 341 -70.78 -6.13 -53.07
C ASP YA 341 -72.19 -6.65 -52.88
N LEU YA 342 -72.35 -7.89 -52.44
CA LEU YA 342 -73.67 -8.48 -52.30
C LEU YA 342 -74.46 -7.91 -51.13
N ASN YA 343 -73.78 -7.31 -50.14
CA ASN YA 343 -74.48 -6.62 -49.05
C ASN YA 343 -74.75 -5.18 -49.47
N SER YA 344 -75.65 -5.04 -50.43
CA SER YA 344 -76.09 -3.72 -50.86
C SER YA 344 -77.09 -3.15 -49.87
N ALA YA 345 -77.41 -1.88 -50.03
CA ALA YA 345 -78.43 -1.28 -49.20
C ALA YA 345 -79.82 -1.78 -49.54
N SER YA 346 -80.04 -2.18 -50.79
CA SER YA 346 -81.32 -2.74 -51.18
C SER YA 346 -81.46 -4.19 -50.75
N GLN YA 347 -80.36 -4.93 -50.70
CA GLN YA 347 -80.41 -6.32 -50.23
C GLN YA 347 -80.57 -6.37 -48.72
N LEU YA 348 -79.92 -5.47 -48.00
CA LEU YA 348 -80.02 -5.46 -46.54
C LEU YA 348 -81.39 -5.00 -46.08
N ALA YA 349 -82.06 -4.17 -46.85
CA ALA YA 349 -83.41 -3.71 -46.52
C ALA YA 349 -84.47 -4.77 -46.75
N GLN YA 350 -84.16 -5.83 -47.50
CA GLN YA 350 -85.05 -6.96 -47.67
C GLN YA 350 -84.77 -8.08 -46.69
N GLY YA 351 -83.80 -7.91 -45.80
CA GLY YA 351 -83.43 -8.92 -44.84
C GLY YA 351 -82.27 -9.80 -45.26
N LYS YA 352 -81.90 -9.80 -46.53
CA LYS YA 352 -80.82 -10.66 -47.01
C LYS YA 352 -79.48 -10.05 -46.66
N VAL YA 353 -78.59 -10.85 -46.08
CA VAL YA 353 -77.24 -10.41 -45.76
C VAL YA 353 -76.29 -11.59 -46.00
N TYR YA 354 -75.25 -11.36 -46.80
CA TYR YA 354 -74.44 -12.42 -47.37
C TYR YA 354 -73.08 -12.49 -46.71
N TRP YA 355 -72.59 -13.70 -46.49
CA TRP YA 355 -71.24 -13.93 -46.01
C TRP YA 355 -70.53 -14.88 -46.96
N ASN YA 356 -69.27 -14.62 -47.25
CA ASN YA 356 -68.46 -15.46 -48.10
C ASN YA 356 -67.52 -16.30 -47.26
N ILE YA 357 -67.56 -17.61 -47.45
CA ILE YA 357 -66.68 -18.54 -46.75
C ILE YA 357 -65.85 -19.24 -47.82
N ARG YA 358 -64.68 -18.71 -48.10
CA ARG YA 358 -63.74 -19.32 -49.03
C ARG YA 358 -62.72 -20.11 -48.25
N PHE YA 359 -62.47 -21.35 -48.66
CA PHE YA 359 -61.47 -22.18 -48.01
C PHE YA 359 -60.89 -23.14 -49.03
N THR YA 360 -59.76 -23.73 -48.68
CA THR YA 360 -59.13 -24.76 -49.49
C THR YA 360 -58.97 -26.02 -48.66
N ASP YA 361 -59.59 -27.10 -49.11
CA ASP YA 361 -59.52 -28.37 -48.41
C ASP YA 361 -58.16 -29.03 -48.60
N VAL YA 362 -57.94 -30.12 -47.87
CA VAL YA 362 -56.70 -30.86 -47.93
C VAL YA 362 -56.84 -31.94 -49.01
N PRO YA 363 -56.12 -31.83 -50.13
CA PRO YA 363 -56.25 -32.84 -51.17
C PRO YA 363 -55.55 -34.12 -50.77
N PRO YA 364 -56.12 -35.28 -51.10
CA PRO YA 364 -55.46 -36.54 -50.77
C PRO YA 364 -54.25 -36.77 -51.67
N ALA YA 365 -53.12 -37.09 -51.06
CA ALA YA 365 -51.85 -37.22 -51.78
C ALA YA 365 -51.81 -38.52 -52.56
N GLU YA 366 -52.62 -38.57 -53.62
CA GLU YA 366 -52.81 -39.80 -54.36
C GLU YA 366 -51.62 -40.18 -55.23
N ASN YA 367 -50.64 -39.31 -55.40
CA ASN YA 367 -49.49 -39.60 -56.25
C ASN YA 367 -48.26 -38.83 -55.78
N PRO YA 368 -47.55 -39.32 -54.76
CA PRO YA 368 -46.26 -38.71 -54.40
C PRO YA 368 -45.19 -39.10 -55.41
N ASN YA 369 -44.66 -38.10 -56.10
CA ASN YA 369 -43.60 -38.31 -57.07
C ASN YA 369 -42.25 -38.02 -56.44
N PHE YA 370 -41.28 -38.89 -56.71
CA PHE YA 370 -39.92 -38.71 -56.25
C PHE YA 370 -38.98 -38.65 -57.44
N ARG YA 371 -38.16 -37.61 -57.49
CA ARG YA 371 -37.29 -37.35 -58.64
C ARG YA 371 -35.85 -37.50 -58.19
N VAL YA 372 -35.34 -38.73 -58.27
CA VAL YA 372 -34.00 -39.07 -57.84
C VAL YA 372 -33.03 -38.82 -58.99
N GLU YA 373 -31.86 -38.28 -58.67
CA GLU YA 373 -30.85 -38.03 -59.69
C GLU YA 373 -29.46 -38.16 -59.10
N VAL YA 374 -28.58 -38.79 -59.85
CA VAL YA 374 -27.17 -38.89 -59.48
C VAL YA 374 -26.43 -37.74 -60.15
N THR YA 375 -25.73 -36.94 -59.35
CA THR YA 375 -24.97 -35.83 -59.89
C THR YA 375 -23.48 -36.03 -59.64
N ASP YA 376 -22.68 -35.05 -60.03
CA ASP YA 376 -21.27 -34.99 -59.68
C ASP YA 376 -20.95 -33.67 -58.98
N GLN YA 377 -21.96 -33.08 -58.34
CA GLN YA 377 -21.82 -31.72 -57.82
C GLN YA 377 -20.97 -31.69 -56.56
N TRP YA 378 -21.22 -32.62 -55.64
CA TRP YA 378 -20.47 -32.69 -54.38
C TRP YA 378 -19.30 -33.64 -54.47
N LEU YA 379 -18.76 -33.87 -55.67
CA LEU YA 379 -17.68 -34.82 -55.83
C LEU YA 379 -16.34 -34.23 -55.44
N THR YA 380 -16.18 -32.91 -55.54
CA THR YA 380 -14.98 -32.24 -55.08
C THR YA 380 -14.97 -32.03 -53.57
N GLU YA 381 -16.00 -32.48 -52.86
CA GLU YA 381 -16.00 -32.43 -51.41
C GLU YA 381 -15.06 -33.47 -50.82
N VAL YA 382 -14.64 -34.45 -51.62
CA VAL YA 382 -13.60 -35.39 -51.19
C VAL YA 382 -12.28 -34.75 -51.59
N LEU YA 383 -11.87 -33.76 -50.80
CA LEU YA 383 -10.52 -33.22 -50.93
C LEU YA 383 -9.94 -32.74 -49.61
N ASP YA 384 -10.72 -32.70 -48.53
CA ASP YA 384 -10.29 -32.11 -47.27
C ASP YA 384 -11.25 -32.53 -46.15
N SER ZA 2 -57.55 -39.59 -62.42
CA SER ZA 2 -56.36 -40.14 -61.78
C SER ZA 2 -55.39 -40.69 -62.80
N PHE ZA 3 -54.28 -39.96 -63.00
CA PHE ZA 3 -53.26 -40.42 -63.93
C PHE ZA 3 -52.53 -41.63 -63.37
N PHE ZA 4 -52.09 -41.56 -62.12
CA PHE ZA 4 -51.55 -42.72 -61.44
C PHE ZA 4 -51.81 -42.58 -59.95
N HIS ZA 5 -52.50 -43.55 -59.37
CA HIS ZA 5 -52.74 -43.63 -57.94
C HIS ZA 5 -51.65 -44.54 -57.37
N GLY ZA 6 -50.57 -43.95 -56.90
CA GLY ZA 6 -49.45 -44.74 -56.43
C GLY ZA 6 -48.25 -43.85 -56.15
N VAL ZA 7 -47.09 -44.45 -56.07
CA VAL ZA 7 -45.85 -43.76 -55.76
C VAL ZA 7 -44.93 -43.89 -56.97
N THR ZA 8 -44.65 -42.79 -57.64
CA THR ZA 8 -43.69 -42.78 -58.73
C THR ZA 8 -42.33 -42.36 -58.19
N VAL ZA 9 -41.30 -43.09 -58.60
CA VAL ZA 9 -39.92 -42.76 -58.30
C VAL ZA 9 -39.21 -42.64 -59.64
N THR ZA 10 -38.89 -41.42 -60.03
CA THR ZA 10 -38.34 -41.15 -61.34
C THR ZA 10 -36.84 -40.87 -61.26
N ASN ZA 11 -36.15 -41.12 -62.36
CA ASN ZA 11 -34.73 -40.82 -62.51
C ASN ZA 11 -34.66 -39.81 -63.65
N VAL ZA 12 -34.30 -38.56 -63.34
CA VAL ZA 12 -34.52 -37.50 -64.31
C VAL ZA 12 -33.48 -37.51 -65.43
N ASP ZA 13 -32.25 -37.97 -65.13
CA ASP ZA 13 -31.17 -38.18 -66.10
C ASP ZA 13 -30.81 -36.89 -66.86
N ILE ZA 14 -30.49 -35.83 -66.10
CA ILE ZA 14 -30.31 -34.51 -66.68
C ILE ZA 14 -28.87 -34.03 -66.54
N GLY ZA 15 -28.04 -34.77 -65.84
CA GLY ZA 15 -26.73 -34.27 -65.46
C GLY ZA 15 -25.74 -34.17 -66.62
N ALA ZA 16 -24.68 -33.40 -66.38
CA ALA ZA 16 -23.60 -33.26 -67.35
C ALA ZA 16 -22.79 -34.55 -67.40
N ARG ZA 17 -22.43 -34.98 -68.60
CA ARG ZA 17 -21.66 -36.20 -68.76
C ARG ZA 17 -20.18 -35.87 -68.73
N THR ZA 18 -19.35 -36.88 -68.97
CA THR ZA 18 -17.90 -36.70 -68.98
C THR ZA 18 -17.36 -37.20 -70.31
N ILE ZA 19 -16.19 -36.69 -70.68
CA ILE ZA 19 -15.63 -36.91 -72.00
C ILE ZA 19 -14.26 -37.56 -71.84
N ALA ZA 20 -14.07 -38.70 -72.50
CA ALA ZA 20 -12.80 -39.39 -72.50
C ALA ZA 20 -12.12 -39.23 -73.86
N LEU ZA 21 -10.80 -39.36 -73.85
CA LEU ZA 21 -9.93 -39.22 -75.01
C LEU ZA 21 -9.69 -40.59 -75.66
N PRO ZA 22 -9.62 -40.66 -76.99
CA PRO ZA 22 -9.48 -41.96 -77.66
C PRO ZA 22 -8.06 -42.50 -77.76
N ALA ZA 23 -7.30 -42.39 -76.67
CA ALA ZA 23 -6.08 -43.13 -76.37
C ALA ZA 23 -4.85 -42.77 -77.21
N SER ZA 24 -5.03 -42.02 -78.29
CA SER ZA 24 -4.00 -41.22 -78.95
C SER ZA 24 -2.75 -41.92 -79.48
N SER ZA 25 -2.66 -43.25 -79.37
CA SER ZA 25 -1.36 -43.89 -79.62
C SER ZA 25 -1.47 -45.19 -80.40
N VAL ZA 26 -2.59 -45.45 -81.06
CA VAL ZA 26 -2.72 -46.66 -81.85
C VAL ZA 26 -2.02 -46.45 -83.17
N ILE ZA 27 -1.16 -47.40 -83.55
CA ILE ZA 27 -0.29 -47.25 -84.72
C ILE ZA 27 -0.79 -48.16 -85.82
N GLY ZA 28 -1.03 -47.60 -86.99
CA GLY ZA 28 -1.44 -48.39 -88.13
C GLY ZA 28 -0.26 -48.78 -88.99
N LEU ZA 29 0.04 -50.07 -89.05
CA LEU ZA 29 1.20 -50.56 -89.76
C LEU ZA 29 0.78 -51.36 -90.99
N CYS ZA 30 1.61 -51.30 -92.03
CA CYS ZA 30 1.39 -52.09 -93.23
C CYS ZA 30 2.73 -52.30 -93.92
N ASP ZA 31 3.24 -53.53 -93.88
CA ASP ZA 31 4.49 -53.88 -94.54
C ASP ZA 31 4.38 -55.31 -95.01
N VAL ZA 32 5.38 -55.77 -95.75
CA VAL ZA 32 5.32 -57.07 -96.38
C VAL ZA 32 5.70 -58.15 -95.38
N PHE ZA 33 5.21 -59.36 -95.62
CA PHE ZA 33 5.56 -60.53 -94.81
C PHE ZA 33 5.27 -61.78 -95.62
N THR ZA 34 5.79 -62.91 -95.13
CA THR ZA 34 5.64 -64.17 -95.84
C THR ZA 34 4.67 -65.05 -95.08
N PRO ZA 35 3.49 -65.34 -95.62
CA PRO ZA 35 2.55 -66.21 -94.90
C PRO ZA 35 2.95 -67.66 -95.02
N GLY ZA 36 2.61 -68.43 -93.99
CA GLY ZA 36 2.95 -69.84 -93.97
C GLY ZA 36 2.56 -70.54 -92.70
N ALA ZA 37 3.45 -71.37 -92.17
CA ALA ZA 37 3.15 -72.09 -90.93
C ALA ZA 37 3.52 -71.27 -89.71
N GLN ZA 38 4.64 -70.54 -89.76
CA GLN ZA 38 5.08 -69.74 -88.63
C GLN ZA 38 4.35 -68.42 -88.50
N ALA ZA 39 3.60 -68.02 -89.53
CA ALA ZA 39 2.84 -66.77 -89.52
C ALA ZA 39 1.37 -67.11 -89.31
N SER ZA 40 0.79 -66.60 -88.23
CA SER ZA 40 -0.60 -66.89 -87.88
C SER ZA 40 -1.57 -65.82 -88.36
N ALA ZA 41 -1.29 -65.16 -89.48
CA ALA ZA 41 -2.15 -64.12 -90.00
C ALA ZA 41 -2.37 -64.29 -91.49
N LYS ZA 42 -3.61 -64.05 -91.92
CA LYS ZA 42 -3.93 -63.99 -93.33
C LYS ZA 42 -3.28 -62.75 -93.95
N PRO ZA 43 -2.93 -62.80 -95.25
CA PRO ZA 43 -2.14 -61.70 -95.82
C PRO ZA 43 -2.92 -60.44 -96.16
N ASN ZA 44 -4.17 -60.28 -95.69
CA ASN ZA 44 -4.83 -59.00 -95.85
C ASN ZA 44 -5.60 -58.51 -94.64
N VAL ZA 45 -5.87 -59.34 -93.64
CA VAL ZA 45 -6.73 -58.95 -92.52
C VAL ZA 45 -5.91 -58.16 -91.51
N PRO ZA 46 -6.52 -57.23 -90.78
CA PRO ZA 46 -5.79 -56.54 -89.72
C PRO ZA 46 -5.64 -57.41 -88.48
N VAL ZA 47 -4.48 -57.29 -87.84
CA VAL ZA 47 -4.18 -58.02 -86.61
C VAL ZA 47 -3.83 -57.01 -85.53
N LEU ZA 48 -4.47 -57.15 -84.37
CA LEU ZA 48 -4.15 -56.28 -83.24
C LEU ZA 48 -2.91 -56.82 -82.54
N LEU ZA 49 -1.89 -55.98 -82.42
CA LEU ZA 49 -0.65 -56.35 -81.75
C LEU ZA 49 -0.47 -55.47 -80.53
N THR ZA 50 -0.36 -56.10 -79.36
CA THR ZA 50 -0.21 -55.35 -78.12
C THR ZA 50 1.13 -55.57 -77.46
N SER ZA 51 1.95 -56.50 -77.95
CA SER ZA 51 3.25 -56.75 -77.36
C SER ZA 51 4.18 -57.28 -78.44
N LYS ZA 52 5.45 -57.43 -78.08
CA LYS ZA 52 6.45 -57.88 -79.05
C LYS ZA 52 6.29 -59.37 -79.35
N LYS ZA 53 5.86 -60.15 -78.36
CA LYS ZA 53 5.64 -61.58 -78.56
C LYS ZA 53 4.44 -61.84 -79.45
N ASP ZA 54 3.42 -60.98 -79.39
CA ASP ZA 54 2.25 -61.12 -80.25
C ASP ZA 54 2.54 -60.73 -81.69
N ALA ZA 55 3.54 -59.89 -81.92
CA ALA ZA 55 3.90 -59.51 -83.28
C ALA ZA 55 4.75 -60.58 -83.95
N ALA ZA 56 5.49 -61.36 -83.17
CA ALA ZA 56 6.28 -62.43 -83.74
C ALA ZA 56 5.45 -63.67 -84.00
N ALA ZA 57 4.46 -63.94 -83.15
CA ALA ZA 57 3.60 -65.11 -83.35
C ALA ZA 57 2.61 -64.89 -84.48
N ALA ZA 58 2.36 -63.65 -84.88
CA ALA ZA 58 1.41 -63.36 -85.93
C ALA ZA 58 2.05 -63.12 -87.28
N PHE ZA 59 3.35 -62.85 -87.33
CA PHE ZA 59 4.01 -62.58 -88.60
C PHE ZA 59 5.33 -63.30 -88.80
N GLY ZA 60 5.93 -63.88 -87.77
CA GLY ZA 60 7.21 -64.53 -87.91
C GLY ZA 60 8.36 -63.58 -87.66
N ILE ZA 61 9.49 -64.16 -87.25
CA ILE ZA 61 10.64 -63.34 -86.87
C ILE ZA 61 11.33 -62.76 -88.08
N GLY ZA 62 11.33 -63.49 -89.19
CA GLY ZA 62 12.01 -63.01 -90.38
C GLY ZA 62 11.22 -62.06 -91.26
N SER ZA 63 10.01 -61.73 -90.85
CA SER ZA 63 9.15 -60.88 -91.66
C SER ZA 63 9.63 -59.44 -91.65
N SER ZA 64 9.31 -58.72 -92.72
CA SER ZA 64 9.66 -57.31 -92.82
C SER ZA 64 8.69 -56.41 -92.06
N ILE ZA 65 7.56 -56.95 -91.60
CA ILE ZA 65 6.65 -56.17 -90.77
C ILE ZA 65 6.93 -56.37 -89.29
N TYR ZA 66 7.49 -57.52 -88.90
CA TYR ZA 66 7.92 -57.70 -87.52
C TYR ZA 66 9.14 -56.83 -87.22
N LEU ZA 67 9.98 -56.60 -88.22
CA LEU ZA 67 11.12 -55.70 -88.08
C LEU ZA 67 10.67 -54.25 -87.87
N ALA ZA 68 9.45 -53.91 -88.30
CA ALA ZA 68 8.87 -52.63 -87.97
C ALA ZA 68 8.18 -52.66 -86.61
N CYS ZA 69 7.66 -53.82 -86.20
CA CYS ZA 69 7.12 -53.95 -84.85
C CYS ZA 69 8.23 -54.02 -83.81
N GLU ZA 70 9.39 -54.54 -84.19
CA GLU ZA 70 10.56 -54.50 -83.32
C GLU ZA 70 11.06 -53.08 -83.15
N ALA ZA 71 10.83 -52.22 -84.15
CA ALA ZA 71 11.23 -50.83 -84.05
C ALA ZA 71 10.37 -50.06 -83.06
N ILE ZA 72 9.11 -50.44 -82.92
CA ILE ZA 72 8.19 -49.73 -82.04
C ILE ZA 72 8.31 -50.22 -80.60
N TYR ZA 73 8.37 -51.53 -80.41
CA TYR ZA 73 8.34 -52.09 -79.06
C TYR ZA 73 9.66 -51.99 -78.34
N ASN ZA 74 10.76 -51.72 -79.05
CA ASN ZA 74 12.01 -51.45 -78.35
C ASN ZA 74 12.02 -50.07 -77.72
N ARG ZA 75 11.29 -49.13 -78.31
CA ARG ZA 75 11.23 -47.76 -77.81
C ARG ZA 75 10.04 -47.54 -76.90
N ALA ZA 76 8.85 -47.94 -77.35
CA ALA ZA 76 7.63 -47.64 -76.62
C ALA ZA 76 6.83 -48.91 -76.36
N GLN ZA 77 5.59 -48.76 -75.93
CA GLN ZA 77 4.67 -49.87 -75.75
C GLN ZA 77 3.28 -49.35 -76.13
N ALA ZA 78 2.85 -49.66 -77.35
CA ALA ZA 78 1.58 -49.17 -77.85
C ALA ZA 78 0.85 -50.28 -78.57
N VAL ZA 79 -0.39 -50.00 -78.94
CA VAL ZA 79 -1.18 -50.93 -79.72
C VAL ZA 79 -0.83 -50.73 -81.19
N ILE ZA 80 -0.79 -51.82 -81.94
CA ILE ZA 80 -0.50 -51.76 -83.37
C ILE ZA 80 -1.61 -52.50 -84.11
N VAL ZA 81 -2.27 -51.81 -85.02
CA VAL ZA 81 -3.18 -52.45 -85.96
C VAL ZA 81 -2.37 -52.70 -87.23
N ALA ZA 82 -1.77 -53.89 -87.32
CA ALA ZA 82 -0.93 -54.23 -88.46
C ALA ZA 82 -1.74 -55.04 -89.46
N VAL ZA 83 -1.55 -54.74 -90.74
CA VAL ZA 83 -2.26 -55.45 -91.79
C VAL ZA 83 -1.41 -56.58 -92.33
N GLY ZA 84 -0.27 -56.23 -92.92
CA GLY ZA 84 0.58 -57.25 -93.50
C GLY ZA 84 0.13 -57.65 -94.88
N VAL ZA 85 1.06 -57.70 -95.84
CA VAL ZA 85 0.77 -58.10 -97.20
C VAL ZA 85 1.81 -59.11 -97.63
N GLU ZA 86 1.48 -59.90 -98.66
CA GLU ZA 86 2.45 -60.85 -99.18
C GLU ZA 86 3.35 -60.17 -100.20
N THR ZA 87 4.53 -60.74 -100.40
CA THR ZA 87 5.55 -60.11 -101.21
C THR ZA 87 5.24 -60.26 -102.70
N ALA ZA 88 5.19 -59.13 -103.41
CA ALA ZA 88 4.94 -59.16 -104.84
C ALA ZA 88 6.25 -59.45 -105.59
N GLU ZA 89 6.12 -59.66 -106.91
CA GLU ZA 89 7.27 -60.01 -107.72
C GLU ZA 89 8.19 -58.81 -107.95
N THR ZA 90 7.68 -57.78 -108.58
CA THR ZA 90 8.42 -56.56 -108.84
C THR ZA 90 8.24 -55.59 -107.68
N PRO ZA 91 9.19 -54.68 -107.47
CA PRO ZA 91 8.97 -53.61 -106.48
C PRO ZA 91 7.94 -52.58 -106.93
N GLU ZA 92 7.57 -52.56 -108.22
CA GLU ZA 92 6.49 -51.71 -108.67
C GLU ZA 92 5.14 -52.28 -108.27
N ALA ZA 93 4.97 -53.60 -108.37
CA ALA ZA 93 3.74 -54.26 -107.96
C ALA ZA 93 3.67 -54.46 -106.45
N GLN ZA 94 4.74 -54.16 -105.71
CA GLN ZA 94 4.64 -54.14 -104.27
C GLN ZA 94 3.91 -52.89 -103.78
N ALA ZA 95 3.99 -51.80 -104.56
CA ALA ZA 95 3.27 -50.59 -104.20
C ALA ZA 95 1.77 -50.74 -104.37
N SER ZA 96 1.34 -51.57 -105.33
CA SER ZA 96 -0.09 -51.78 -105.53
C SER ZA 96 -0.71 -52.63 -104.45
N ALA ZA 97 0.07 -53.43 -103.74
CA ALA ZA 97 -0.46 -54.26 -102.67
C ALA ZA 97 -0.56 -53.51 -101.35
N VAL ZA 98 0.31 -52.53 -101.12
CA VAL ZA 98 0.23 -51.73 -99.91
C VAL ZA 98 -0.93 -50.74 -100.01
N ILE ZA 99 -1.12 -50.15 -101.19
CA ILE ZA 99 -2.28 -49.29 -101.44
C ILE ZA 99 -3.56 -50.10 -101.36
N GLY ZA 100 -3.61 -51.20 -102.10
CA GLY ZA 100 -4.74 -52.11 -102.01
C GLY ZA 100 -5.99 -51.57 -102.68
N GLY ZA 101 -6.97 -51.20 -101.86
CA GLY ZA 101 -8.26 -50.79 -102.37
C GLY ZA 101 -9.33 -51.70 -101.84
N ILE ZA 102 -10.05 -52.36 -102.73
CA ILE ZA 102 -11.04 -53.35 -102.34
C ILE ZA 102 -10.83 -54.58 -103.23
N SER ZA 103 -11.24 -55.73 -102.72
CA SER ZA 103 -11.02 -56.98 -103.42
C SER ZA 103 -12.22 -57.31 -104.30
N ALA ZA 104 -12.12 -58.45 -105.00
CA ALA ZA 104 -13.27 -58.95 -105.74
C ALA ZA 104 -14.34 -59.48 -104.80
N ALA ZA 105 -13.97 -59.89 -103.59
CA ALA ZA 105 -14.91 -60.35 -102.58
C ALA ZA 105 -15.52 -59.21 -101.77
N GLY ZA 106 -15.23 -57.97 -102.11
CA GLY ZA 106 -15.78 -56.85 -101.39
C GLY ZA 106 -15.16 -56.61 -100.03
N GLU ZA 107 -13.84 -56.74 -99.93
CA GLU ZA 107 -13.14 -56.58 -98.67
C GLU ZA 107 -11.93 -55.71 -98.88
N ARG ZA 108 -11.66 -54.82 -97.92
CA ARG ZA 108 -10.50 -53.94 -98.01
C ARG ZA 108 -9.22 -54.73 -97.78
N THR ZA 109 -8.19 -54.44 -98.57
CA THR ZA 109 -7.02 -55.31 -98.65
C THR ZA 109 -5.74 -54.68 -98.10
N GLY ZA 110 -5.35 -53.52 -98.59
CA GLY ZA 110 -4.01 -53.04 -98.30
C GLY ZA 110 -3.96 -52.12 -97.11
N LEU ZA 111 -3.61 -50.85 -97.33
CA LEU ZA 111 -3.70 -49.85 -96.28
C LEU ZA 111 -5.14 -49.57 -95.88
N GLN ZA 112 -6.10 -49.84 -96.76
CA GLN ZA 112 -7.51 -49.57 -96.49
C GLN ZA 112 -8.06 -50.42 -95.35
N ALA ZA 113 -7.41 -51.54 -95.02
CA ALA ZA 113 -7.84 -52.38 -93.90
C ALA ZA 113 -7.68 -51.70 -92.54
N LEU ZA 114 -6.92 -50.60 -92.46
CA LEU ZA 114 -6.86 -49.81 -91.24
C LEU ZA 114 -8.18 -49.10 -90.96
N LEU ZA 115 -9.03 -48.91 -91.96
CA LEU ZA 115 -10.37 -48.38 -91.73
C LEU ZA 115 -11.27 -49.39 -91.03
N ASP ZA 116 -10.93 -50.67 -91.07
CA ASP ZA 116 -11.60 -51.69 -90.28
C ASP ZA 116 -11.01 -51.82 -88.88
N GLY ZA 117 -10.13 -50.91 -88.48
CA GLY ZA 117 -9.48 -51.03 -87.19
C GLY ZA 117 -10.35 -50.67 -86.01
N LYS ZA 118 -11.44 -49.95 -86.24
CA LYS ZA 118 -12.31 -49.54 -85.14
C LYS ZA 118 -13.54 -50.41 -85.01
N SER ZA 119 -14.07 -50.93 -86.12
CA SER ZA 119 -15.22 -51.82 -86.05
C SER ZA 119 -14.87 -53.19 -85.49
N ARG ZA 120 -13.60 -53.59 -85.60
CA ARG ZA 120 -13.18 -54.92 -85.18
C ARG ZA 120 -12.46 -54.94 -83.84
N PHE ZA 121 -11.61 -53.95 -83.56
CA PHE ZA 121 -10.77 -53.99 -82.38
C PHE ZA 121 -11.01 -52.85 -81.40
N ASN ZA 122 -11.91 -51.92 -81.73
CA ASN ZA 122 -12.15 -50.69 -80.96
C ASN ZA 122 -10.88 -49.88 -80.76
N ALA ZA 123 -10.04 -49.85 -81.79
CA ALA ZA 123 -8.75 -49.14 -81.72
C ALA ZA 123 -8.51 -48.49 -83.09
N GLN ZA 124 -8.90 -47.24 -83.20
CA GLN ZA 124 -8.66 -46.50 -84.43
C GLN ZA 124 -7.21 -46.06 -84.47
N PRO ZA 125 -6.47 -46.36 -85.53
CA PRO ZA 125 -5.05 -46.00 -85.57
C PRO ZA 125 -4.85 -44.50 -85.76
N ARG ZA 126 -3.84 -43.95 -85.08
CA ARG ZA 126 -3.52 -42.54 -85.17
C ARG ZA 126 -2.18 -42.25 -85.81
N LEU ZA 127 -1.32 -43.24 -85.95
CA LEU ZA 127 -0.03 -43.10 -86.63
C LEU ZA 127 0.01 -44.09 -87.79
N LEU ZA 128 -0.11 -43.58 -89.00
CA LEU ZA 128 -0.13 -44.41 -90.19
C LEU ZA 128 1.29 -44.57 -90.70
N VAL ZA 129 1.82 -45.80 -90.62
CA VAL ZA 129 3.20 -46.09 -90.97
C VAL ZA 129 3.22 -47.25 -91.95
N ALA ZA 130 3.76 -47.01 -93.15
CA ALA ZA 130 4.10 -48.06 -94.10
C ALA ZA 130 5.60 -47.91 -94.35
N PRO ZA 131 6.44 -48.60 -93.59
CA PRO ZA 131 7.88 -48.29 -93.60
C PRO ZA 131 8.56 -48.79 -94.86
N GLY ZA 132 9.23 -47.86 -95.56
CA GLY ZA 132 9.95 -48.14 -96.77
C GLY ZA 132 9.14 -47.93 -98.03
N HIS ZA 133 7.86 -48.31 -98.01
CA HIS ZA 133 7.00 -48.11 -99.16
C HIS ZA 133 6.53 -46.68 -99.31
N SER ZA 134 6.59 -45.88 -98.24
CA SER ZA 134 6.18 -44.49 -98.32
C SER ZA 134 7.19 -43.62 -99.06
N ALA ZA 135 8.37 -44.14 -99.38
CA ALA ZA 135 9.32 -43.43 -100.23
C ALA ZA 135 8.83 -43.31 -101.66
N GLN ZA 136 7.89 -44.14 -102.09
CA GLN ZA 136 7.25 -44.00 -103.38
C GLN ZA 136 6.08 -43.05 -103.27
N GLN ZA 137 5.83 -42.29 -104.34
CA GLN ZA 137 4.79 -41.29 -104.30
C GLN ZA 137 3.39 -41.90 -104.38
N ALA ZA 138 3.26 -43.09 -104.94
CA ALA ZA 138 1.94 -43.71 -105.07
C ALA ZA 138 1.42 -44.19 -103.71
N VAL ZA 139 2.29 -44.74 -102.87
CA VAL ZA 139 1.87 -45.20 -101.56
C VAL ZA 139 1.67 -44.03 -100.61
N ALA ZA 140 2.51 -43.00 -100.72
CA ALA ZA 140 2.41 -41.86 -99.82
C ALA ZA 140 1.19 -40.99 -100.13
N THR ZA 141 0.73 -40.97 -101.38
CA THR ZA 141 -0.51 -40.29 -101.69
C THR ZA 141 -1.72 -41.08 -101.22
N ALA ZA 142 -1.64 -42.41 -101.25
CA ALA ZA 142 -2.72 -43.23 -100.73
C ALA ZA 142 -2.74 -43.20 -99.21
N MET ZA 143 -1.60 -42.99 -98.57
CA MET ZA 143 -1.55 -42.86 -97.13
C MET ZA 143 -1.95 -41.48 -96.65
N ASP ZA 144 -1.83 -40.47 -97.52
CA ASP ZA 144 -2.29 -39.13 -97.17
C ASP ZA 144 -3.81 -39.04 -97.16
N GLY ZA 145 -4.46 -39.60 -98.17
CA GLY ZA 145 -5.91 -39.60 -98.20
C GLY ZA 145 -6.52 -40.54 -97.18
N LEU ZA 146 -5.74 -41.53 -96.74
CA LEU ZA 146 -6.19 -42.41 -95.67
C LEU ZA 146 -6.12 -41.72 -94.31
N ALA ZA 147 -5.16 -40.82 -94.14
CA ALA ZA 147 -4.98 -40.15 -92.86
C ALA ZA 147 -6.07 -39.12 -92.57
N GLU ZA 148 -6.74 -38.60 -93.60
CA GLU ZA 148 -7.86 -37.71 -93.36
C GLU ZA 148 -9.14 -38.48 -93.09
N LYS ZA 149 -9.21 -39.73 -93.55
CA LYS ZA 149 -10.36 -40.57 -93.21
C LYS ZA 149 -10.30 -41.02 -91.75
N LEU ZA 150 -9.09 -41.15 -91.20
CA LEU ZA 150 -8.90 -41.67 -89.87
C LEU ZA 150 -8.56 -40.61 -88.83
N ARG ZA 151 -8.39 -39.36 -89.26
CA ARG ZA 151 -7.84 -38.25 -88.46
C ARG ZA 151 -6.51 -38.63 -87.82
N ALA ZA 152 -5.67 -39.29 -88.61
CA ALA ZA 152 -4.37 -39.77 -88.16
C ALA ZA 152 -3.27 -38.85 -88.67
N ILE ZA 153 -2.04 -39.19 -88.30
CA ILE ZA 153 -0.85 -38.48 -88.77
C ILE ZA 153 0.02 -39.51 -89.45
N ALA ZA 154 0.04 -39.49 -90.78
CA ALA ZA 154 0.79 -40.48 -91.55
C ALA ZA 154 2.27 -40.13 -91.52
N ILE ZA 155 3.09 -41.02 -91.00
CA ILE ZA 155 4.51 -40.76 -90.85
C ILE ZA 155 5.23 -41.28 -92.10
N LEU ZA 156 5.58 -40.37 -93.00
CA LEU ZA 156 6.27 -40.74 -94.22
C LEU ZA 156 7.76 -40.91 -93.95
N ASP ZA 157 8.49 -41.32 -94.97
CA ASP ZA 157 9.94 -41.30 -94.96
C ASP ZA 157 10.41 -41.13 -96.39
N GLY ZA 158 11.25 -40.12 -96.62
CA GLY ZA 158 11.72 -39.86 -97.95
C GLY ZA 158 12.77 -40.84 -98.39
N PRO ZA 159 13.27 -40.65 -99.62
CA PRO ZA 159 14.35 -41.50 -100.10
C PRO ZA 159 15.66 -41.20 -99.38
N ASN ZA 160 16.55 -42.19 -99.38
CA ASN ZA 160 17.85 -42.05 -98.73
C ASN ZA 160 18.91 -41.48 -99.65
N SER ZA 161 18.50 -40.72 -100.66
CA SER ZA 161 19.40 -40.01 -101.56
C SER ZA 161 19.78 -38.68 -100.91
N THR ZA 162 20.38 -37.78 -101.67
CA THR ZA 162 20.83 -36.49 -101.17
C THR ZA 162 19.65 -35.59 -100.80
N ASP ZA 163 19.98 -34.46 -100.19
CA ASP ZA 163 18.95 -33.56 -99.66
C ASP ZA 163 18.19 -32.82 -100.75
N GLU ZA 164 18.74 -32.74 -101.97
CA GLU ZA 164 17.95 -32.22 -103.08
C GLU ZA 164 16.82 -33.17 -103.44
N ALA ZA 165 17.06 -34.48 -103.35
CA ALA ZA 165 16.03 -35.47 -103.62
C ALA ZA 165 15.05 -35.64 -102.48
N ALA ZA 166 15.33 -35.08 -101.31
CA ALA ZA 166 14.40 -35.11 -100.20
C ALA ZA 166 13.52 -33.87 -100.15
N VAL ZA 167 14.06 -32.73 -100.58
CA VAL ZA 167 13.24 -31.52 -100.69
C VAL ZA 167 12.27 -31.67 -101.86
N ALA ZA 168 12.74 -32.21 -102.99
CA ALA ZA 168 11.89 -32.39 -104.15
C ALA ZA 168 10.84 -33.48 -103.95
N TYR ZA 169 11.03 -34.37 -102.97
CA TYR ZA 169 10.02 -35.34 -102.64
C TYR ZA 169 8.98 -34.78 -101.68
N ALA ZA 170 9.41 -33.92 -100.75
CA ALA ZA 170 8.48 -33.30 -99.81
C ALA ZA 170 7.70 -32.14 -100.41
N LYS ZA 171 8.04 -31.73 -101.62
CA LYS ZA 171 7.35 -30.64 -102.29
C LYS ZA 171 6.09 -31.09 -103.00
N ASN ZA 172 5.76 -32.38 -102.92
CA ASN ZA 172 4.61 -32.93 -103.65
C ASN ZA 172 3.35 -33.00 -102.82
N PHE ZA 173 3.44 -32.84 -101.50
CA PHE ZA 173 2.35 -33.24 -100.63
C PHE ZA 173 1.48 -32.09 -100.15
N GLY ZA 174 2.05 -31.16 -99.38
CA GLY ZA 174 1.30 -29.99 -98.92
C GLY ZA 174 0.12 -30.30 -98.02
N SER ZA 175 0.16 -31.41 -97.29
CA SER ZA 175 -0.96 -31.85 -96.47
C SER ZA 175 -0.56 -31.86 -95.00
N LYS ZA 176 -1.47 -31.38 -94.14
CA LYS ZA 176 -1.15 -31.18 -92.73
C LYS ZA 176 -1.10 -32.47 -91.93
N ARG ZA 177 -1.50 -33.60 -92.50
CA ARG ZA 177 -1.48 -34.87 -91.81
C ARG ZA 177 -0.37 -35.79 -92.31
N LEU ZA 178 0.77 -35.20 -92.68
CA LEU ZA 178 1.91 -35.96 -93.18
C LEU ZA 178 3.15 -35.51 -92.45
N PHE ZA 179 3.94 -36.46 -91.98
CA PHE ZA 179 5.16 -36.21 -91.22
C PHE ZA 179 6.29 -36.97 -91.89
N MET ZA 180 7.31 -36.26 -92.34
CA MET ZA 180 8.36 -36.88 -93.15
C MET ZA 180 9.68 -36.84 -92.40
N VAL ZA 181 10.33 -38.00 -92.30
CA VAL ZA 181 11.64 -38.15 -91.67
C VAL ZA 181 12.59 -38.66 -92.74
N ASP ZA 182 13.48 -37.78 -93.21
CA ASP ZA 182 14.29 -38.12 -94.38
C ASP ZA 182 15.44 -39.11 -94.14
N PRO ZA 183 16.41 -38.87 -93.25
CA PRO ZA 183 17.63 -39.71 -93.29
C PRO ZA 183 17.36 -41.10 -92.71
N GLY ZA 184 17.79 -42.10 -93.46
CA GLY ZA 184 17.48 -43.47 -93.09
C GLY ZA 184 18.30 -43.95 -91.91
N VAL ZA 185 17.64 -44.62 -90.98
CA VAL ZA 185 18.29 -45.15 -89.80
C VAL ZA 185 19.09 -46.38 -90.19
N GLN ZA 186 20.34 -46.44 -89.71
CA GLN ZA 186 21.16 -47.64 -89.85
C GLN ZA 186 21.01 -48.45 -88.58
N VAL ZA 187 20.33 -49.59 -88.67
CA VAL ZA 187 20.01 -50.41 -87.51
C VAL ZA 187 20.72 -51.76 -87.65
N TRP ZA 188 20.92 -52.41 -86.51
CA TRP ZA 188 21.59 -53.70 -86.49
C TRP ZA 188 20.61 -54.80 -86.87
N ASP ZA 189 20.94 -55.53 -87.93
CA ASP ZA 189 20.10 -56.65 -88.39
C ASP ZA 189 20.62 -57.92 -87.74
N SER ZA 190 19.76 -58.59 -86.98
CA SER ZA 190 20.12 -59.80 -86.28
C SER ZA 190 20.10 -61.03 -87.17
N ALA ZA 191 19.49 -60.96 -88.34
CA ALA ZA 191 19.41 -62.08 -89.26
C ALA ZA 191 20.64 -62.20 -90.15
N THR ZA 192 21.22 -61.07 -90.55
CA THR ZA 192 22.42 -61.06 -91.37
C THR ZA 192 23.68 -60.73 -90.57
N ASN ZA 193 23.54 -60.44 -89.27
CA ASN ZA 193 24.64 -60.12 -88.35
C ASN ZA 193 25.46 -58.93 -88.81
N ALA ZA 194 24.76 -57.92 -89.32
CA ALA ZA 194 25.41 -56.70 -89.79
C ALA ZA 194 24.41 -55.55 -89.69
N ALA ZA 195 24.87 -54.36 -90.03
CA ALA ZA 195 24.06 -53.15 -89.93
C ALA ZA 195 23.33 -52.93 -91.26
N ARG ZA 196 22.00 -52.90 -91.20
CA ARG ZA 196 21.17 -52.64 -92.35
C ARG ZA 196 20.57 -51.24 -92.28
N ASN ZA 197 20.07 -50.77 -93.41
CA ASN ZA 197 19.45 -49.45 -93.51
C ASN ZA 197 17.95 -49.60 -93.29
N ALA ZA 198 17.50 -49.18 -92.13
CA ALA ZA 198 16.09 -49.19 -91.81
C ALA ZA 198 15.40 -48.00 -92.49
N PRO ZA 199 14.09 -48.10 -92.75
CA PRO ZA 199 13.38 -46.98 -93.38
C PRO ZA 199 13.18 -45.76 -92.49
N ALA ZA 200 13.42 -45.87 -91.17
CA ALA ZA 200 13.36 -44.79 -90.20
C ALA ZA 200 11.97 -44.16 -90.09
N SER ZA 201 10.93 -44.86 -90.49
CA SER ZA 201 9.56 -44.41 -90.32
C SER ZA 201 8.88 -45.01 -89.10
N ALA ZA 202 9.12 -46.29 -88.83
CA ALA ZA 202 8.61 -46.90 -87.62
C ALA ZA 202 9.37 -46.47 -86.38
N TYR ZA 203 10.61 -46.01 -86.53
CA TYR ZA 203 11.39 -45.55 -85.39
C TYR ZA 203 10.92 -44.19 -84.91
N ALA ZA 204 10.33 -43.40 -85.81
CA ALA ZA 204 9.67 -42.16 -85.39
C ALA ZA 204 8.30 -42.42 -84.80
N ALA ZA 205 7.64 -43.50 -85.22
CA ALA ZA 205 6.35 -43.85 -84.62
C ALA ZA 205 6.51 -44.42 -83.23
N GLY ZA 206 7.70 -44.93 -82.91
CA GLY ZA 206 7.99 -45.27 -81.53
C GLY ZA 206 8.13 -44.05 -80.65
N LEU ZA 207 8.44 -42.90 -81.23
CA LEU ZA 207 8.54 -41.66 -80.48
C LEU ZA 207 7.19 -41.00 -80.28
N PHE ZA 208 6.29 -41.11 -81.27
CA PHE ZA 208 4.93 -40.64 -81.07
C PHE ZA 208 4.19 -41.52 -80.07
N ALA ZA 209 4.55 -42.79 -79.97
CA ALA ZA 209 3.90 -43.69 -79.04
C ALA ZA 209 4.46 -43.59 -77.64
N TRP ZA 210 5.70 -43.11 -77.49
CA TRP ZA 210 6.31 -43.01 -76.17
C TRP ZA 210 6.07 -41.65 -75.53
N THR ZA 211 6.07 -40.57 -76.31
CA THR ZA 211 5.81 -39.25 -75.76
C THR ZA 211 4.37 -39.09 -75.31
N ASP ZA 212 3.44 -39.85 -75.87
CA ASP ZA 212 2.09 -39.83 -75.34
C ASP ZA 212 1.99 -40.60 -74.03
N ALA ZA 213 2.88 -41.57 -73.83
CA ALA ZA 213 2.92 -42.30 -72.58
C ALA ZA 213 3.71 -41.57 -71.51
N GLU ZA 214 4.67 -40.74 -71.89
CA GLU ZA 214 5.54 -40.06 -70.95
C GLU ZA 214 5.19 -38.60 -70.76
N TYR ZA 215 5.03 -37.84 -71.85
CA TYR ZA 215 4.81 -36.41 -71.78
C TYR ZA 215 3.41 -35.98 -72.19
N GLY ZA 216 2.62 -36.86 -72.77
CA GLY ZA 216 1.27 -36.55 -73.21
C GLY ZA 216 1.19 -36.36 -74.71
N PHE ZA 217 -0.05 -36.38 -75.20
CA PHE ZA 217 -0.29 -36.26 -76.64
C PHE ZA 217 -0.05 -34.85 -77.16
N TRP ZA 218 0.02 -33.85 -76.29
CA TRP ZA 218 0.26 -32.47 -76.69
C TRP ZA 218 1.74 -32.13 -76.75
N SER ZA 219 2.62 -33.12 -76.71
CA SER ZA 219 4.05 -32.88 -76.67
C SER ZA 219 4.69 -33.44 -77.93
N SER ZA 220 5.52 -32.63 -78.57
CA SER ZA 220 6.17 -33.05 -79.79
C SER ZA 220 7.31 -34.02 -79.46
N PRO ZA 221 7.57 -34.99 -80.34
CA PRO ZA 221 8.67 -35.92 -80.10
C PRO ZA 221 10.00 -35.42 -80.62
N SER ZA 222 10.09 -34.14 -80.94
CA SER ZA 222 11.16 -33.61 -81.77
C SER ZA 222 12.42 -33.24 -81.01
N ASN ZA 223 12.60 -33.74 -79.80
CA ASN ZA 223 13.90 -33.68 -79.15
C ASN ZA 223 14.21 -34.96 -78.42
N LYS ZA 224 13.35 -35.97 -78.53
CA LYS ZA 224 13.52 -37.20 -77.77
C LYS ZA 224 14.38 -38.17 -78.58
N GLU ZA 225 14.65 -39.32 -77.97
CA GLU ZA 225 15.69 -40.21 -78.46
C GLU ZA 225 15.12 -41.47 -79.06
N ILE ZA 226 15.81 -41.99 -80.07
CA ILE ZA 226 15.51 -43.28 -80.66
C ILE ZA 226 16.50 -44.29 -80.11
N LYS ZA 227 16.01 -45.49 -79.79
CA LYS ZA 227 16.81 -46.42 -79.00
C LYS ZA 227 17.62 -47.39 -79.85
N GLY ZA 228 16.96 -48.12 -80.74
CA GLY ZA 228 17.64 -49.18 -81.49
C GLY ZA 228 18.62 -48.70 -82.54
N VAL ZA 229 18.68 -47.40 -82.79
CA VAL ZA 229 19.46 -46.85 -83.88
C VAL ZA 229 20.95 -46.92 -83.54
N THR ZA 230 21.73 -47.52 -84.45
CA THR ZA 230 23.18 -47.56 -84.33
C THR ZA 230 23.86 -46.84 -85.48
N GLY ZA 231 23.33 -45.68 -85.85
CA GLY ZA 231 23.89 -44.89 -86.92
C GLY ZA 231 22.81 -44.45 -87.89
N THR ZA 232 23.16 -43.47 -88.71
CA THR ZA 232 22.22 -42.90 -89.67
C THR ZA 232 22.87 -42.87 -91.04
N SER ZA 233 22.14 -43.33 -92.06
CA SER ZA 233 22.61 -43.19 -93.43
C SER ZA 233 22.64 -41.72 -93.81
N ARG ZA 234 23.78 -41.29 -94.40
CA ARG ZA 234 24.08 -39.90 -94.76
C ARG ZA 234 23.94 -38.98 -93.55
N PRO ZA 235 24.93 -38.95 -92.66
CA PRO ZA 235 24.79 -38.18 -91.41
C PRO ZA 235 24.70 -36.68 -91.65
N VAL ZA 236 23.64 -36.08 -91.14
CA VAL ZA 236 23.39 -34.66 -91.32
C VAL ZA 236 24.26 -33.86 -90.35
N GLU ZA 237 24.35 -32.55 -90.60
CA GLU ZA 237 25.21 -31.67 -89.85
C GLU ZA 237 24.36 -30.76 -88.96
N PHE ZA 238 24.68 -30.73 -87.67
CA PHE ZA 238 24.05 -29.82 -86.71
C PHE ZA 238 25.12 -29.52 -85.66
N LEU ZA 239 25.86 -28.43 -85.87
CA LEU ZA 239 27.09 -28.23 -85.10
C LEU ZA 239 26.83 -27.60 -83.74
N ASP ZA 240 26.58 -26.30 -83.71
CA ASP ZA 240 26.35 -25.63 -82.44
C ASP ZA 240 25.09 -24.77 -82.40
N GLY ZA 241 25.07 -23.74 -83.24
CA GLY ZA 241 23.98 -22.80 -83.30
C GLY ZA 241 23.78 -22.21 -84.67
N ASP ZA 242 24.45 -22.78 -85.67
CA ASP ZA 242 24.35 -22.26 -87.02
C ASP ZA 242 23.00 -22.63 -87.62
N GLU ZA 243 22.29 -21.61 -88.08
CA GLU ZA 243 21.02 -21.83 -88.76
C GLU ZA 243 21.17 -22.16 -90.24
N THR ZA 244 22.41 -22.30 -90.71
CA THR ZA 244 22.68 -22.73 -92.07
C THR ZA 244 23.25 -24.15 -92.10
N CYS ZA 245 23.05 -24.89 -91.01
CA CYS ZA 245 23.49 -26.27 -90.98
C CYS ZA 245 22.57 -27.13 -91.84
N ARG ZA 246 23.05 -28.32 -92.17
CA ARG ZA 246 22.33 -29.19 -93.11
C ARG ZA 246 21.06 -29.74 -92.50
N ALA ZA 247 21.01 -29.87 -91.17
CA ALA ZA 247 19.81 -30.34 -90.51
C ALA ZA 247 18.75 -29.25 -90.41
N ASN ZA 248 19.17 -27.98 -90.30
CA ASN ZA 248 18.18 -26.90 -90.24
C ASN ZA 248 17.64 -26.56 -91.62
N LEU ZA 249 18.42 -26.84 -92.67
CA LEU ZA 249 17.92 -26.62 -94.02
C LEU ZA 249 16.88 -27.65 -94.42
N LEU ZA 250 16.80 -28.78 -93.72
CA LEU ZA 250 15.75 -29.75 -93.97
C LEU ZA 250 14.52 -29.48 -93.11
N ASN ZA 251 14.69 -28.95 -91.91
CA ASN ZA 251 13.54 -28.54 -91.11
C ASN ZA 251 12.84 -27.33 -91.72
N ASN ZA 252 13.57 -26.53 -92.50
CA ASN ZA 252 12.96 -25.39 -93.16
C ASN ZA 252 12.09 -25.83 -94.33
N ALA ZA 253 12.29 -27.03 -94.85
CA ALA ZA 253 11.44 -27.60 -95.88
C ALA ZA 253 10.40 -28.55 -95.31
N ASN ZA 254 10.06 -28.38 -94.03
CA ASN ZA 254 9.05 -29.16 -93.31
C ASN ZA 254 9.38 -30.66 -93.30
N ILE ZA 255 10.67 -30.99 -93.16
CA ILE ZA 255 11.12 -32.36 -93.08
C ILE ZA 255 11.81 -32.56 -91.74
N ALA ZA 256 11.38 -33.58 -90.99
CA ALA ZA 256 12.06 -33.95 -89.77
C ALA ZA 256 13.35 -34.70 -90.10
N THR ZA 257 14.30 -34.66 -89.17
CA THR ZA 257 15.59 -35.30 -89.36
C THR ZA 257 15.95 -36.09 -88.12
N ILE ZA 258 17.12 -36.73 -88.21
CA ILE ZA 258 17.74 -37.45 -87.09
C ILE ZA 258 19.18 -36.98 -87.03
N ILE ZA 259 19.53 -36.25 -85.96
CA ILE ZA 259 20.69 -35.35 -86.06
C ILE ZA 259 22.01 -35.96 -85.61
N ARG ZA 260 22.11 -36.35 -84.34
CA ARG ZA 260 23.39 -36.32 -83.65
C ARG ZA 260 24.27 -37.52 -84.01
N ASP ZA 261 25.37 -37.67 -83.25
CA ASP ZA 261 26.38 -38.68 -83.51
C ASP ZA 261 25.79 -40.07 -83.31
N ASP ZA 262 25.80 -40.86 -84.38
CA ASP ZA 262 25.16 -42.17 -84.47
C ASP ZA 262 23.66 -42.10 -84.16
N GLY ZA 263 23.05 -40.99 -84.57
CA GLY ZA 263 21.61 -40.85 -84.70
C GLY ZA 263 20.74 -41.11 -83.50
N TYR ZA 264 20.78 -40.26 -82.48
CA TYR ZA 264 20.00 -40.53 -81.29
C TYR ZA 264 19.03 -39.41 -80.92
N ARG ZA 265 18.73 -38.48 -81.83
CA ARG ZA 265 17.73 -37.46 -81.54
C ARG ZA 265 16.88 -37.22 -82.78
N LEU ZA 266 15.56 -37.28 -82.64
CA LEU ZA 266 14.69 -36.77 -83.68
C LEU ZA 266 14.73 -35.25 -83.67
N TRP ZA 267 14.63 -34.65 -84.85
CA TRP ZA 267 14.77 -33.20 -84.98
C TRP ZA 267 13.76 -32.69 -85.98
N GLY ZA 268 12.73 -32.01 -85.49
CA GLY ZA 268 11.75 -31.39 -86.36
C GLY ZA 268 10.33 -31.66 -85.90
N ASN ZA 269 9.57 -30.59 -85.67
CA ASN ZA 269 8.19 -30.72 -85.23
C ASN ZA 269 7.23 -30.09 -86.23
N ARG ZA 270 7.67 -29.90 -87.46
CA ARG ZA 270 6.85 -29.33 -88.51
C ARG ZA 270 6.31 -30.44 -89.39
N THR ZA 271 5.01 -30.40 -89.64
CA THR ZA 271 4.40 -31.33 -90.57
C THR ZA 271 4.43 -30.73 -91.98
N LEU ZA 272 4.01 -31.50 -92.96
CA LEU ZA 272 4.13 -31.09 -94.37
C LEU ZA 272 2.94 -30.23 -94.80
N SER ZA 273 2.66 -29.19 -94.03
CA SER ZA 273 1.47 -28.37 -94.26
C SER ZA 273 1.83 -27.11 -95.04
N SER ZA 274 0.88 -26.66 -95.86
CA SER ZA 274 1.07 -25.39 -96.57
C SER ZA 274 0.68 -24.21 -95.70
N ASP ZA 275 -0.34 -24.38 -94.85
CA ASP ZA 275 -0.73 -23.32 -93.92
C ASP ZA 275 0.30 -23.22 -92.79
N SER ZA 276 0.53 -22.00 -92.33
CA SER ZA 276 1.34 -21.80 -91.15
C SER ZA 276 0.56 -22.06 -89.87
N LYS ZA 277 -0.76 -22.20 -89.96
CA LYS ZA 277 -1.56 -22.52 -88.79
C LYS ZA 277 -1.31 -23.95 -88.35
N TRP ZA 278 -1.50 -24.91 -89.25
CA TRP ZA 278 -1.34 -26.33 -88.95
C TRP ZA 278 0.08 -26.81 -89.20
N ALA ZA 279 1.08 -25.98 -88.96
CA ALA ZA 279 2.45 -26.37 -89.26
C ALA ZA 279 2.99 -27.35 -88.23
N PHE ZA 280 2.63 -27.17 -86.96
CA PHE ZA 280 3.15 -28.02 -85.91
C PHE ZA 280 2.37 -29.32 -85.82
N VAL ZA 281 3.09 -30.43 -85.63
CA VAL ZA 281 2.45 -31.73 -85.44
C VAL ZA 281 1.76 -31.78 -84.09
N THR ZA 282 2.21 -30.96 -83.14
CA THR ZA 282 1.54 -30.82 -81.86
C THR ZA 282 0.12 -30.28 -82.04
N ARG ZA 283 -0.05 -29.25 -82.88
CA ARG ZA 283 -1.37 -28.65 -83.05
C ARG ZA 283 -2.30 -29.54 -83.85
N VAL ZA 284 -1.78 -30.31 -84.80
CA VAL ZA 284 -2.63 -31.22 -85.56
C VAL ZA 284 -3.05 -32.40 -84.71
N ARG ZA 285 -2.19 -32.84 -83.79
CA ARG ZA 285 -2.49 -34.01 -82.98
C ARG ZA 285 -3.51 -33.70 -81.89
N THR ZA 286 -3.45 -32.50 -81.31
CA THR ZA 286 -4.42 -32.15 -80.28
C THR ZA 286 -5.76 -31.76 -80.88
N MET ZA 287 -5.76 -31.18 -82.08
CA MET ZA 287 -7.02 -30.79 -82.70
C MET ZA 287 -7.81 -32.02 -83.13
N ASP ZA 288 -7.14 -33.06 -83.59
CA ASP ZA 288 -7.82 -34.29 -83.96
C ASP ZA 288 -8.16 -35.16 -82.76
N LEU ZA 289 -7.61 -34.86 -81.59
CA LEU ZA 289 -7.93 -35.60 -80.38
C LEU ZA 289 -9.08 -34.95 -79.61
N VAL ZA 290 -9.21 -33.62 -79.69
CA VAL ZA 290 -10.37 -32.95 -79.08
C VAL ZA 290 -11.56 -32.88 -80.01
N MET ZA 291 -11.40 -33.25 -81.29
CA MET ZA 291 -12.53 -33.35 -82.20
C MET ZA 291 -13.09 -34.76 -82.25
N ASP ZA 292 -12.32 -35.76 -81.85
CA ASP ZA 292 -12.84 -37.12 -81.75
C ASP ZA 292 -13.31 -37.47 -80.35
N ALA ZA 293 -12.83 -36.76 -79.34
CA ALA ZA 293 -13.38 -36.93 -78.00
C ALA ZA 293 -14.74 -36.29 -77.87
N ILE ZA 294 -14.96 -35.17 -78.56
CA ILE ZA 294 -16.26 -34.50 -78.52
C ILE ZA 294 -17.28 -35.26 -79.36
N LEU ZA 295 -16.87 -35.74 -80.54
CA LEU ZA 295 -17.80 -36.40 -81.45
C LEU ZA 295 -18.23 -37.77 -80.92
N ALA ZA 296 -17.29 -38.52 -80.32
CA ALA ZA 296 -17.63 -39.84 -79.81
C ALA ZA 296 -18.11 -39.80 -78.36
N GLY ZA 297 -17.97 -38.67 -77.69
CA GLY ZA 297 -18.42 -38.51 -76.32
C GLY ZA 297 -19.74 -37.81 -76.16
N HIS ZA 298 -20.32 -37.28 -77.23
CA HIS ZA 298 -21.60 -36.59 -77.19
C HIS ZA 298 -22.66 -37.34 -77.98
N LYS ZA 299 -22.54 -38.66 -78.06
CA LYS ZA 299 -23.56 -39.46 -78.74
C LYS ZA 299 -24.79 -39.68 -77.88
N TRP ZA 300 -24.73 -39.36 -76.59
CA TRP ZA 300 -25.92 -39.38 -75.75
C TRP ZA 300 -26.83 -38.20 -75.99
N ALA ZA 301 -26.33 -37.12 -76.60
CA ALA ZA 301 -27.06 -35.87 -76.73
C ALA ZA 301 -27.66 -35.68 -78.12
N VAL ZA 302 -28.07 -36.77 -78.77
CA VAL ZA 302 -28.57 -36.65 -80.13
C VAL ZA 302 -30.05 -36.28 -80.19
N ASP ZA 303 -30.91 -37.03 -79.53
CA ASP ZA 303 -32.35 -36.78 -79.58
C ASP ZA 303 -32.89 -36.49 -78.19
N ARG ZA 304 -32.19 -35.64 -77.43
CA ARG ZA 304 -32.54 -35.41 -76.04
C ARG ZA 304 -33.60 -34.34 -75.85
N GLY ZA 305 -33.77 -33.44 -76.81
CA GLY ZA 305 -34.72 -32.36 -76.62
C GLY ZA 305 -34.06 -31.13 -76.06
N ILE ZA 306 -34.09 -30.05 -76.83
CA ILE ZA 306 -33.35 -28.83 -76.50
C ILE ZA 306 -34.14 -28.07 -75.45
N THR ZA 307 -33.78 -28.25 -74.18
CA THR ZA 307 -34.31 -27.47 -73.08
C THR ZA 307 -33.25 -26.52 -72.56
N LYS ZA 308 -33.60 -25.79 -71.51
CA LYS ZA 308 -32.62 -24.89 -70.90
C LYS ZA 308 -31.60 -25.66 -70.09
N THR ZA 309 -31.99 -26.79 -69.49
CA THR ZA 309 -31.07 -27.62 -68.74
C THR ZA 309 -30.32 -28.61 -69.62
N TYR ZA 310 -30.55 -28.59 -70.93
CA TYR ZA 310 -29.78 -29.41 -71.86
C TYR ZA 310 -28.63 -28.63 -72.47
N VAL ZA 311 -28.87 -27.38 -72.86
CA VAL ZA 311 -27.80 -26.52 -73.34
C VAL ZA 311 -26.84 -26.18 -72.21
N LYS ZA 312 -27.37 -26.05 -70.99
CA LYS ZA 312 -26.52 -25.71 -69.85
C LYS ZA 312 -25.68 -26.89 -69.40
N ASP ZA 313 -26.16 -28.11 -69.58
CA ASP ZA 313 -25.45 -29.30 -69.11
C ASP ZA 313 -24.64 -29.97 -70.19
N VAL ZA 314 -24.71 -29.49 -71.44
CA VAL ZA 314 -23.73 -29.86 -72.44
C VAL ZA 314 -22.53 -28.93 -72.37
N THR ZA 315 -22.79 -27.63 -72.18
CA THR ZA 315 -21.73 -26.64 -72.04
C THR ZA 315 -20.88 -26.90 -70.79
N GLU ZA 316 -21.52 -27.18 -69.65
CA GLU ZA 316 -20.79 -27.46 -68.43
C GLU ZA 316 -20.06 -28.79 -68.49
N GLY ZA 317 -20.52 -29.74 -69.30
CA GLY ZA 317 -19.75 -30.92 -69.58
C GLY ZA 317 -18.67 -30.72 -70.62
N LEU ZA 318 -18.76 -29.63 -71.37
CA LEU ZA 318 -17.75 -29.25 -72.35
C LEU ZA 318 -16.74 -28.26 -71.78
N ARG ZA 319 -17.16 -27.42 -70.83
CA ARG ZA 319 -16.22 -26.58 -70.11
C ARG ZA 319 -15.35 -27.42 -69.19
N ALA ZA 320 -15.91 -28.46 -68.58
CA ALA ZA 320 -15.15 -29.28 -67.65
C ALA ZA 320 -14.17 -30.19 -68.38
N PHE ZA 321 -14.43 -30.52 -69.63
CA PHE ZA 321 -13.49 -31.32 -70.40
C PHE ZA 321 -12.26 -30.51 -70.79
N MET ZA 322 -12.47 -29.26 -71.19
CA MET ZA 322 -11.35 -28.39 -71.52
C MET ZA 322 -10.65 -27.87 -70.27
N ARG ZA 323 -11.36 -27.82 -69.14
CA ARG ZA 323 -10.72 -27.48 -67.89
C ARG ZA 323 -9.79 -28.59 -67.42
N ASP ZA 324 -10.19 -29.85 -67.66
CA ASP ZA 324 -9.33 -30.98 -67.33
C ASP ZA 324 -8.15 -31.10 -68.27
N LEU ZA 325 -8.19 -30.46 -69.43
CA LEU ZA 325 -7.03 -30.38 -70.31
C LEU ZA 325 -6.11 -29.21 -69.96
N LYS ZA 326 -6.66 -28.14 -69.38
CA LYS ZA 326 -5.87 -26.96 -69.11
C LYS ZA 326 -4.92 -27.16 -67.94
N ASN ZA 327 -5.44 -27.67 -66.82
CA ASN ZA 327 -4.57 -27.92 -65.67
C ASN ZA 327 -3.76 -29.20 -65.83
N GLN ZA 328 -4.07 -30.03 -66.81
CA GLN ZA 328 -3.16 -31.12 -67.17
C GLN ZA 328 -1.98 -30.61 -67.97
N GLY ZA 329 -2.17 -29.55 -68.75
CA GLY ZA 329 -1.12 -28.96 -69.54
C GLY ZA 329 -1.29 -29.08 -71.03
N ALA ZA 330 -2.44 -29.54 -71.51
CA ALA ZA 330 -2.64 -29.73 -72.93
C ALA ZA 330 -2.92 -28.44 -73.66
N VAL ZA 331 -3.75 -27.58 -73.09
CA VAL ZA 331 -4.05 -26.27 -73.65
C VAL ZA 331 -3.58 -25.21 -72.67
N ILE ZA 332 -3.51 -23.97 -73.15
CA ILE ZA 332 -3.15 -22.85 -72.30
C ILE ZA 332 -4.37 -22.23 -71.65
N ASN ZA 333 -5.36 -21.89 -72.47
CA ASN ZA 333 -6.66 -21.45 -71.97
C ASN ZA 333 -7.71 -21.88 -72.98
N PHE ZA 334 -8.97 -21.62 -72.65
CA PHE ZA 334 -10.07 -22.01 -73.53
C PHE ZA 334 -11.22 -21.05 -73.34
N GLU ZA 335 -12.25 -21.24 -74.18
CA GLU ZA 335 -13.47 -20.44 -74.08
C GLU ZA 335 -14.60 -21.27 -74.71
N VAL ZA 336 -15.40 -21.91 -73.88
CA VAL ZA 336 -16.50 -22.75 -74.34
C VAL ZA 336 -17.80 -22.05 -74.01
N TYR ZA 337 -18.65 -21.85 -75.03
CA TYR ZA 337 -19.92 -21.16 -74.84
C TYR ZA 337 -20.87 -21.61 -75.94
N ALA ZA 338 -22.16 -21.62 -75.62
CA ALA ZA 338 -23.17 -21.83 -76.64
C ALA ZA 338 -23.21 -20.64 -77.57
N ASP ZA 339 -23.41 -20.89 -78.84
CA ASP ZA 339 -23.30 -19.85 -79.86
C ASP ZA 339 -24.46 -18.87 -79.75
N PRO ZA 340 -24.21 -17.56 -79.65
CA PRO ZA 340 -25.32 -16.60 -79.53
C PRO ZA 340 -26.03 -16.40 -80.86
N ASP ZA 341 -25.27 -16.37 -81.96
CA ASP ZA 341 -25.83 -16.08 -83.26
C ASP ZA 341 -26.31 -17.32 -84.00
N LEU ZA 342 -25.54 -18.39 -83.97
CA LEU ZA 342 -25.90 -19.60 -84.71
C LEU ZA 342 -27.06 -20.35 -84.08
N ASN ZA 343 -27.33 -20.15 -82.80
CA ASN ZA 343 -28.51 -20.73 -82.16
C ASN ZA 343 -29.71 -19.80 -82.35
N SER ZA 344 -30.14 -19.71 -83.61
CA SER ZA 344 -31.33 -18.95 -83.94
C SER ZA 344 -32.57 -19.75 -83.57
N ALA ZA 345 -33.72 -19.07 -83.63
CA ALA ZA 345 -34.98 -19.78 -83.40
C ALA ZA 345 -35.33 -20.70 -84.54
N SER ZA 346 -34.88 -20.39 -85.76
CA SER ZA 346 -35.12 -21.27 -86.90
C SER ZA 346 -34.17 -22.45 -86.90
N GLN ZA 347 -32.95 -22.27 -86.40
CA GLN ZA 347 -32.01 -23.39 -86.34
C GLN ZA 347 -32.38 -24.34 -85.21
N LEU ZA 348 -32.86 -23.82 -84.09
CA LEU ZA 348 -33.24 -24.66 -82.96
C LEU ZA 348 -34.50 -25.46 -83.25
N ALA ZA 349 -35.38 -24.92 -84.10
CA ALA ZA 349 -36.60 -25.62 -84.47
C ALA ZA 349 -36.35 -26.75 -85.46
N GLN ZA 350 -35.18 -26.79 -86.10
CA GLN ZA 350 -34.80 -27.89 -86.97
C GLN ZA 350 -33.98 -28.94 -86.23
N GLY ZA 351 -33.73 -28.74 -84.95
CA GLY ZA 351 -32.92 -29.66 -84.16
C GLY ZA 351 -31.47 -29.28 -84.03
N LYS ZA 352 -30.97 -28.36 -84.85
CA LYS ZA 352 -29.57 -27.99 -84.82
C LYS ZA 352 -29.32 -27.02 -83.67
N VAL ZA 353 -28.29 -27.30 -82.86
CA VAL ZA 353 -27.90 -26.42 -81.78
C VAL ZA 353 -26.38 -26.44 -81.67
N TYR ZA 354 -25.77 -25.25 -81.71
CA TYR ZA 354 -24.34 -25.10 -81.93
C TYR ZA 354 -23.64 -24.70 -80.65
N TRP ZA 355 -22.44 -25.26 -80.44
CA TRP ZA 355 -21.56 -24.87 -79.35
C TRP ZA 355 -20.21 -24.52 -79.93
N ASN ZA 356 -19.60 -23.45 -79.40
CA ASN ZA 356 -18.28 -23.00 -79.82
C ASN ZA 356 -17.26 -23.42 -78.77
N ILE ZA 357 -16.22 -24.12 -79.22
CA ILE ZA 357 -15.13 -24.54 -78.35
C ILE ZA 357 -13.87 -23.90 -78.89
N ARG ZA 358 -13.53 -22.73 -78.36
CA ARG ZA 358 -12.30 -22.04 -78.72
C ARG ZA 358 -11.24 -22.34 -77.68
N PHE ZA 359 -10.04 -22.72 -78.13
CA PHE ZA 359 -8.95 -22.98 -77.21
C PHE ZA 359 -7.64 -22.65 -77.90
N THR ZA 360 -6.58 -22.54 -77.11
CA THR ZA 360 -5.23 -22.34 -77.62
C THR ZA 360 -4.34 -23.46 -77.11
N ASP ZA 361 -3.76 -24.22 -78.03
CA ASP ZA 361 -2.90 -25.32 -77.68
C ASP ZA 361 -1.54 -24.81 -77.21
N VAL ZA 362 -0.72 -25.74 -76.72
CA VAL ZA 362 0.61 -25.42 -76.22
C VAL ZA 362 1.59 -25.55 -77.39
N PRO ZA 363 2.17 -24.46 -77.87
CA PRO ZA 363 3.10 -24.56 -78.99
C PRO ZA 363 4.43 -25.13 -78.53
N PRO ZA 364 5.05 -25.99 -79.34
CA PRO ZA 364 6.36 -26.53 -78.95
C PRO ZA 364 7.44 -25.47 -79.07
N ALA ZA 365 8.24 -25.33 -78.01
CA ALA ZA 365 9.23 -24.27 -77.91
C ALA ZA 365 10.45 -24.60 -78.79
N GLU ZA 366 10.24 -24.52 -80.09
CA GLU ZA 366 11.23 -24.96 -81.05
C GLU ZA 366 12.42 -24.02 -81.17
N ASN ZA 367 12.35 -22.83 -80.59
CA ASN ZA 367 13.45 -21.86 -80.69
C ASN ZA 367 13.48 -20.94 -79.49
N PRO ZA 368 14.06 -21.38 -78.36
CA PRO ZA 368 14.27 -20.46 -77.24
C PRO ZA 368 15.42 -19.50 -77.54
N ASN ZA 369 15.10 -18.21 -77.60
CA ASN ZA 369 16.11 -17.19 -77.85
C ASN ZA 369 16.54 -16.57 -76.54
N PHE ZA 370 17.85 -16.37 -76.39
CA PHE ZA 370 18.42 -15.72 -75.22
C PHE ZA 370 19.19 -14.49 -75.66
N ARG ZA 371 18.87 -13.35 -75.04
CA ARG ZA 371 19.43 -12.06 -75.43
C ARG ZA 371 20.32 -11.56 -74.30
N VAL ZA 372 21.58 -11.95 -74.33
CA VAL ZA 372 22.55 -11.60 -73.31
C VAL ZA 372 23.17 -10.26 -73.65
N GLU ZA 373 23.38 -9.41 -72.64
CA GLU ZA 373 24.00 -8.12 -72.86
C GLU ZA 373 24.80 -7.70 -71.64
N VAL ZA 374 25.98 -7.15 -71.89
CA VAL ZA 374 26.80 -6.59 -70.82
C VAL ZA 374 26.50 -5.11 -70.72
N THR ZA 375 26.12 -4.65 -69.53
CA THR ZA 375 25.83 -3.25 -69.33
C THR ZA 375 26.79 -2.64 -68.33
N ASP ZA 376 26.60 -1.37 -68.02
CA ASP ZA 376 27.30 -0.69 -66.94
C ASP ZA 376 26.32 -0.10 -65.95
N GLN ZA 377 25.13 -0.69 -65.88
CA GLN ZA 377 24.04 -0.08 -65.10
C GLN ZA 377 24.26 -0.25 -63.60
N TRP ZA 378 24.63 -1.45 -63.17
CA TRP ZA 378 24.85 -1.74 -61.77
C TRP ZA 378 26.32 -1.59 -61.38
N LEU ZA 379 27.06 -0.74 -62.09
CA LEU ZA 379 28.48 -0.60 -61.81
C LEU ZA 379 28.73 0.33 -60.63
N THR ZA 380 27.82 1.27 -60.37
CA THR ZA 380 27.91 2.12 -59.19
C THR ZA 380 27.43 1.43 -57.93
N GLU ZA 381 27.01 0.16 -58.02
CA GLU ZA 381 26.67 -0.60 -56.83
C GLU ZA 381 27.91 -1.00 -56.04
N VAL ZA 382 29.09 -0.90 -56.64
CA VAL ZA 382 30.34 -1.08 -55.90
C VAL ZA 382 30.70 0.29 -55.38
N LEU ZA 383 30.01 0.70 -54.32
CA LEU ZA 383 30.42 1.88 -53.56
C LEU ZA 383 30.11 1.78 -52.09
N ASP ZA 384 29.38 0.75 -51.63
CA ASP ZA 384 28.91 0.66 -50.25
C ASP ZA 384 28.43 -0.75 -49.97
N SER AB 2 10.16 -23.21 -90.24
CA SER AB 2 11.15 -23.20 -89.17
C SER AB 2 12.37 -22.40 -89.56
N PHE AB 3 12.51 -21.21 -88.96
CA PHE AB 3 13.67 -20.37 -89.24
C PHE AB 3 14.93 -20.98 -88.62
N PHE AB 4 14.86 -21.37 -87.36
CA PHE AB 4 15.93 -22.11 -86.72
C PHE AB 4 15.34 -23.00 -85.64
N HIS AB 5 15.58 -24.30 -85.75
CA HIS AB 5 15.18 -25.27 -84.73
C HIS AB 5 16.40 -25.49 -83.86
N GLY AB 6 16.49 -24.76 -82.76
CA GLY AB 6 17.66 -24.83 -81.91
C GLY AB 6 17.61 -23.75 -80.86
N VAL AB 7 18.77 -23.47 -80.26
CA VAL AB 7 18.88 -22.51 -79.18
C VAL AB 7 19.79 -21.39 -79.67
N THR AB 8 19.24 -20.19 -79.85
CA THR AB 8 20.04 -19.02 -80.19
C THR AB 8 20.41 -18.27 -78.93
N VAL AB 9 21.67 -17.89 -78.83
CA VAL AB 9 22.16 -17.05 -77.76
C VAL AB 9 22.78 -15.83 -78.41
N THR AB 10 22.10 -14.69 -78.32
CA THR AB 10 22.51 -13.48 -79.02
C THR AB 10 23.15 -12.49 -78.06
N ASN AB 11 24.01 -11.64 -78.62
CA ASN AB 11 24.63 -10.54 -77.90
C ASN AB 11 24.14 -9.27 -78.58
N VAL AB 12 23.31 -8.49 -77.88
CA VAL AB 12 22.56 -7.45 -78.59
C VAL AB 12 23.44 -6.23 -78.90
N ASP AB 13 24.45 -5.96 -78.07
CA ASP AB 13 25.47 -4.90 -78.30
C ASP AB 13 24.84 -3.52 -78.47
N ILE AB 14 24.04 -3.11 -77.48
CA ILE AB 14 23.25 -1.90 -77.58
C ILE AB 14 23.69 -0.85 -76.57
N GLY AB 15 24.61 -1.18 -75.68
CA GLY AB 15 24.92 -0.31 -74.56
C GLY AB 15 25.67 0.95 -74.93
N ALA AB 16 25.65 1.90 -73.99
CA ALA AB 16 26.39 3.14 -74.15
C ALA AB 16 27.88 2.87 -73.99
N ARG AB 17 28.69 3.48 -74.85
CA ARG AB 17 30.13 3.29 -74.79
C ARG AB 17 30.74 4.34 -73.88
N THR AB 18 32.07 4.35 -73.80
CA THR AB 18 32.79 5.31 -72.99
C THR AB 18 33.78 6.06 -73.85
N ILE AB 19 34.16 7.25 -73.41
CA ILE AB 19 34.95 8.17 -74.20
C ILE AB 19 36.23 8.50 -73.46
N ALA AB 20 37.36 8.29 -74.10
CA ALA AB 20 38.66 8.62 -73.54
C ALA AB 20 39.23 9.85 -74.22
N LEU AB 21 40.10 10.55 -73.50
CA LEU AB 21 40.76 11.77 -73.94
C LEU AB 21 42.10 11.45 -74.60
N PRO AB 22 42.49 12.19 -75.66
CA PRO AB 22 43.72 11.85 -76.38
C PRO AB 22 45.00 12.42 -75.78
N ALA AB 23 45.14 12.33 -74.45
CA ALA AB 23 46.38 12.43 -73.68
C ALA AB 23 47.01 13.82 -73.61
N SER AB 24 46.54 14.77 -74.44
CA SER AB 24 46.67 16.21 -74.22
C SER AB 24 48.07 16.81 -74.11
N SER AB 25 49.14 16.02 -74.22
CA SER AB 25 50.44 16.52 -73.84
C SER AB 25 51.57 16.11 -74.78
N VAL AB 26 51.25 15.66 -75.99
CA VAL AB 26 52.29 15.28 -76.94
C VAL AB 26 52.82 16.56 -77.58
N ILE AB 27 54.15 16.70 -77.61
CA ILE AB 27 54.80 17.93 -78.02
C ILE AB 27 55.44 17.69 -79.37
N GLY AB 28 55.12 18.54 -80.35
CA GLY AB 28 55.75 18.44 -81.65
C GLY AB 28 56.93 19.37 -81.77
N LEU AB 29 58.12 18.81 -81.91
CA LEU AB 29 59.35 19.60 -81.93
C LEU AB 29 59.98 19.54 -83.32
N CYS AB 30 60.65 20.63 -83.69
CA CYS AB 30 61.39 20.68 -84.95
C CYS AB 30 62.50 21.72 -84.79
N ASP AB 31 63.74 21.26 -84.72
CA ASP AB 31 64.89 22.15 -84.64
C ASP AB 31 66.05 21.48 -85.35
N VAL AB 32 67.15 22.20 -85.49
CA VAL AB 32 68.26 21.73 -86.30
C VAL AB 32 69.11 20.76 -85.48
N PHE AB 33 69.81 19.87 -86.18
CA PHE AB 33 70.75 18.95 -85.57
C PHE AB 33 71.72 18.47 -86.63
N THR AB 34 72.81 17.84 -86.17
CA THR AB 34 73.86 17.38 -87.07
C THR AB 34 73.80 15.87 -87.18
N PRO AB 35 73.44 15.30 -88.32
CA PRO AB 35 73.40 13.83 -88.44
C PRO AB 35 74.80 13.27 -88.59
N GLY AB 36 74.98 12.05 -88.10
CA GLY AB 36 76.27 11.39 -88.18
C GLY AB 36 76.29 10.04 -87.51
N ALA AB 37 77.35 9.78 -86.74
CA ALA AB 37 77.47 8.50 -86.06
C ALA AB 37 76.80 8.53 -84.69
N GLN AB 38 76.90 9.65 -83.98
CA GLN AB 38 76.29 9.76 -82.65
C GLN AB 38 74.81 10.06 -82.70
N ALA AB 39 74.27 10.42 -83.87
CA ALA AB 39 72.85 10.72 -84.03
C ALA AB 39 72.20 9.54 -84.75
N SER AB 40 71.22 8.92 -84.09
CA SER AB 40 70.55 7.74 -84.63
C SER AB 40 69.26 8.08 -85.35
N ALA AB 41 69.16 9.24 -85.97
CA ALA AB 41 67.94 9.65 -86.67
C ALA AB 41 68.26 10.23 -88.03
N LYS AB 42 67.44 9.88 -89.01
CA LYS AB 42 67.51 10.50 -90.31
C LYS AB 42 67.06 11.97 -90.21
N PRO AB 43 67.58 12.85 -91.08
CA PRO AB 43 67.33 14.28 -90.89
C PRO AB 43 65.95 14.77 -91.35
N ASN AB 44 65.00 13.88 -91.63
CA ASN AB 44 63.65 14.34 -91.87
C ASN AB 44 62.55 13.52 -91.22
N VAL AB 45 62.82 12.32 -90.73
CA VAL AB 45 61.77 11.44 -90.22
C VAL AB 45 61.42 11.83 -88.79
N PRO AB 46 60.17 11.63 -88.36
CA PRO AB 46 59.84 11.90 -86.95
C PRO AB 46 60.34 10.79 -86.05
N VAL AB 47 60.79 11.18 -84.87
CA VAL AB 47 61.28 10.26 -83.85
C VAL AB 47 60.45 10.47 -82.59
N LEU AB 48 59.93 9.39 -82.02
CA LEU AB 48 59.22 9.47 -80.76
C LEU AB 48 60.21 9.48 -79.62
N LEU AB 49 60.15 10.52 -78.78
CA LEU AB 49 61.02 10.66 -77.63
C LEU AB 49 60.17 10.62 -76.37
N THR AB 50 60.47 9.67 -75.49
CA THR AB 50 59.72 9.52 -74.26
C THR AB 50 60.53 9.80 -73.01
N SER AB 51 61.84 10.01 -73.14
CA SER AB 51 62.68 10.30 -72.00
C SER AB 51 63.88 11.11 -72.47
N LYS AB 52 64.67 11.58 -71.50
CA LYS AB 52 65.82 12.41 -71.81
C LYS AB 52 66.94 11.61 -72.43
N LYS AB 53 67.09 10.34 -72.03
CA LYS AB 53 68.11 9.48 -72.60
C LYS AB 53 67.79 9.09 -74.04
N ASP AB 54 66.51 8.97 -74.38
CA ASP AB 54 66.11 8.68 -75.74
C ASP AB 54 66.29 9.86 -76.68
N ALA AB 55 66.27 11.08 -76.14
CA ALA AB 55 66.50 12.26 -76.97
C ALA AB 55 67.96 12.49 -77.25
N ALA AB 56 68.84 12.04 -76.36
CA ALA AB 56 70.27 12.16 -76.59
C ALA AB 56 70.79 11.07 -77.52
N ALA AB 57 70.24 9.87 -77.42
CA ALA AB 57 70.68 8.79 -78.29
C ALA AB 57 70.17 8.95 -79.71
N ALA AB 58 69.14 9.75 -79.92
CA ALA AB 58 68.58 9.95 -81.25
C ALA AB 58 69.06 11.22 -81.94
N PHE AB 59 69.63 12.17 -81.21
CA PHE AB 59 70.08 13.41 -81.81
C PHE AB 59 71.47 13.85 -81.39
N GLY AB 60 72.04 13.30 -80.34
CA GLY AB 60 73.35 13.74 -79.86
C GLY AB 60 73.23 14.84 -78.83
N ILE AB 61 74.26 14.93 -78.00
CA ILE AB 61 74.23 15.88 -76.89
C ILE AB 61 74.44 17.31 -77.37
N GLY AB 62 75.25 17.49 -78.41
CA GLY AB 62 75.54 18.82 -78.90
C GLY AB 62 74.53 19.39 -79.87
N SER AB 63 73.45 18.66 -80.15
CA SER AB 63 72.47 19.11 -81.11
C SER AB 63 71.63 20.25 -80.54
N SER AB 64 71.11 21.08 -81.45
CA SER AB 64 70.24 22.18 -81.05
C SER AB 64 68.81 21.73 -80.81
N ILE AB 65 68.46 20.50 -81.16
CA ILE AB 65 67.14 19.97 -80.85
C ILE AB 65 67.14 19.21 -79.53
N TYR AB 66 68.29 18.63 -79.13
CA TYR AB 66 68.38 18.03 -77.80
C TYR AB 66 68.36 19.10 -76.72
N LEU AB 67 68.90 20.27 -77.02
CA LEU AB 67 68.83 21.40 -76.10
C LEU AB 67 67.40 21.88 -75.89
N ALA AB 68 66.52 21.61 -76.85
CA ALA AB 68 65.09 21.85 -76.64
C ALA AB 68 64.42 20.69 -75.94
N CYS AB 69 64.93 19.46 -76.11
CA CYS AB 69 64.41 18.34 -75.35
C CYS AB 69 64.89 18.37 -73.91
N GLU AB 70 66.07 18.95 -73.68
CA GLU AB 70 66.55 19.18 -72.32
C GLU AB 70 65.70 20.24 -71.62
N ALA AB 71 65.11 21.16 -72.39
CA ALA AB 71 64.24 22.18 -71.81
C ALA AB 71 62.92 21.59 -71.33
N ILE AB 72 62.45 20.54 -71.99
CA ILE AB 72 61.17 19.96 -71.65
C ILE AB 72 61.30 18.93 -70.52
N TYR AB 73 62.33 18.09 -70.59
CA TYR AB 73 62.43 16.99 -69.64
C TYR AB 73 62.99 17.43 -68.29
N ASN AB 74 63.58 18.62 -68.20
CA ASN AB 74 63.97 19.14 -66.89
C ASN AB 74 62.77 19.62 -66.11
N ARG AB 75 61.72 20.08 -66.80
CA ARG AB 75 60.52 20.59 -66.17
C ARG AB 75 59.45 19.53 -66.04
N ALA AB 76 59.15 18.84 -67.14
CA ALA AB 76 58.04 17.90 -67.18
C ALA AB 76 58.50 16.53 -67.65
N GLN AB 77 57.54 15.66 -67.97
CA GLN AB 77 57.83 14.36 -68.56
C GLN AB 77 56.68 14.06 -69.52
N ALA AB 78 56.93 14.29 -70.80
CA ALA AB 78 55.90 14.12 -71.82
C ALA AB 78 56.50 13.42 -73.03
N VAL AB 79 55.62 13.06 -73.95
CA VAL AB 79 56.05 12.48 -75.21
C VAL AB 79 56.41 13.61 -76.17
N ILE AB 80 57.46 13.39 -76.96
CA ILE AB 80 57.89 14.37 -77.94
C ILE AB 80 57.97 13.69 -79.30
N VAL AB 81 57.24 14.21 -80.27
CA VAL AB 81 57.39 13.81 -81.66
C VAL AB 81 58.35 14.83 -82.29
N ALA AB 82 59.64 14.52 -82.26
CA ALA AB 82 60.65 15.42 -82.79
C ALA AB 82 61.01 15.02 -84.21
N VAL AB 83 61.17 16.02 -85.08
CA VAL AB 83 61.52 15.75 -86.46
C VAL AB 83 63.03 15.87 -86.64
N GLY AB 84 63.56 17.06 -86.42
CA GLY AB 84 64.98 17.28 -86.62
C GLY AB 84 65.31 17.53 -88.07
N VAL AB 85 66.11 18.57 -88.34
CA VAL AB 85 66.54 18.90 -89.69
C VAL AB 85 68.05 19.15 -89.65
N GLU AB 86 68.67 19.04 -90.81
CA GLU AB 86 70.10 19.32 -90.89
C GLU AB 86 70.33 20.81 -91.07
N THR AB 87 71.52 21.27 -90.71
CA THR AB 87 71.80 22.70 -90.66
C THR AB 87 72.05 23.23 -92.08
N ALA AB 88 71.32 24.27 -92.45
CA ALA AB 88 71.49 24.90 -93.74
C ALA AB 88 72.64 25.89 -93.70
N GLU AB 89 73.01 26.41 -94.87
CA GLU AB 89 74.16 27.33 -94.96
C GLU AB 89 73.81 28.70 -94.40
N THR AB 90 72.85 29.37 -94.99
CA THR AB 90 72.38 30.67 -94.55
C THR AB 90 71.28 30.52 -93.52
N PRO AB 91 71.09 31.50 -92.63
CA PRO AB 91 69.92 31.47 -91.75
C PRO AB 91 68.60 31.72 -92.48
N GLU AB 92 68.64 32.23 -93.71
CA GLU AB 92 67.44 32.35 -94.52
C GLU AB 92 67.00 30.99 -95.05
N ALA AB 93 67.95 30.17 -95.48
CA ALA AB 93 67.64 28.83 -95.96
C ALA AB 93 67.43 27.84 -94.84
N GLN AB 94 67.67 28.24 -93.58
CA GLN AB 94 67.29 27.40 -92.46
C GLN AB 94 65.78 27.46 -92.23
N ALA AB 95 65.15 28.58 -92.60
CA ALA AB 95 63.69 28.69 -92.46
C ALA AB 95 62.97 27.81 -93.46
N SER AB 96 63.56 27.58 -94.64
CA SER AB 96 62.93 26.74 -95.64
C SER AB 96 62.98 25.26 -95.27
N ALA AB 97 63.92 24.86 -94.43
CA ALA AB 97 64.02 23.47 -94.02
C ALA AB 97 63.09 23.14 -92.86
N VAL AB 98 62.80 24.11 -92.00
CA VAL AB 98 61.85 23.88 -90.92
C VAL AB 98 60.43 23.85 -91.45
N ILE AB 99 60.12 24.73 -92.39
CA ILE AB 99 58.81 24.71 -93.05
C ILE AB 99 58.67 23.43 -93.86
N GLY AB 100 59.65 23.14 -94.70
CA GLY AB 100 59.67 21.90 -95.44
C GLY AB 100 58.66 21.84 -96.56
N GLY AB 101 57.62 21.05 -96.37
CA GLY AB 101 56.65 20.82 -97.42
C GLY AB 101 56.60 19.35 -97.77
N ILE AB 102 56.88 19.02 -99.02
CA ILE AB 102 56.98 17.64 -99.45
C ILE AB 102 58.25 17.52 -100.29
N SER AB 103 58.80 16.31 -100.33
CA SER AB 103 60.05 16.07 -101.02
C SER AB 103 59.79 15.66 -102.46
N ALA AB 104 60.87 15.42 -103.20
CA ALA AB 104 60.75 14.85 -104.53
C ALA AB 104 60.33 13.39 -104.47
N ALA AB 105 60.59 12.70 -103.36
CA ALA AB 105 60.18 11.32 -103.16
C ALA AB 105 58.76 11.20 -102.63
N GLY AB 106 58.04 12.30 -102.49
CA GLY AB 106 56.68 12.26 -101.99
C GLY AB 106 56.58 12.01 -100.51
N GLU AB 107 57.44 12.65 -99.72
CA GLU AB 107 57.46 12.46 -98.27
C GLU AB 107 57.54 13.82 -97.60
N ARG AB 108 56.81 13.98 -96.50
CA ARG AB 108 56.82 15.23 -95.76
C ARG AB 108 58.15 15.38 -95.02
N THR AB 109 58.70 16.60 -95.03
CA THR AB 109 60.08 16.80 -94.61
C THR AB 109 60.22 17.62 -93.34
N GLY AB 110 59.67 18.82 -93.30
CA GLY AB 110 60.03 19.73 -92.22
C GLY AB 110 59.09 19.65 -91.04
N LEU AB 111 58.35 20.74 -90.79
CA LEU AB 111 57.30 20.72 -89.79
C LEU AB 111 56.14 19.83 -90.20
N GLN AB 112 55.98 19.57 -91.50
CA GLN AB 112 54.87 18.77 -92.00
C GLN AB 112 54.96 17.32 -91.55
N ALA AB 113 56.14 16.84 -91.15
CA ALA AB 113 56.30 15.48 -90.65
C ALA AB 113 55.57 15.24 -89.34
N LEU AB 114 55.15 16.28 -88.63
CA LEU AB 114 54.30 16.12 -87.46
C LEU AB 114 52.92 15.62 -87.81
N LEU AB 115 52.48 15.79 -89.06
CA LEU AB 115 51.23 15.20 -89.51
C LEU AB 115 51.32 13.68 -89.63
N ASP AB 116 52.54 13.13 -89.74
CA ASP AB 116 52.76 11.70 -89.67
C ASP AB 116 52.90 11.20 -88.25
N GLY AB 117 52.64 12.04 -87.25
CA GLY AB 117 52.83 11.65 -85.87
C GLY AB 117 51.78 10.71 -85.33
N LYS AB 118 50.62 10.62 -85.98
CA LYS AB 118 49.56 9.76 -85.49
C LYS AB 118 49.48 8.43 -86.24
N SER AB 119 49.81 8.43 -87.53
CA SER AB 119 49.80 7.19 -88.29
C SER AB 119 50.96 6.27 -87.91
N ARG AB 120 52.04 6.83 -87.38
CA ARG AB 120 53.23 6.05 -87.06
C ARG AB 120 53.38 5.73 -85.59
N PHE AB 121 53.06 6.66 -84.70
CA PHE AB 121 53.33 6.48 -83.27
C PHE AB 121 52.09 6.49 -82.39
N ASN AB 122 50.91 6.70 -82.98
CA ASN AB 122 49.64 6.87 -82.25
C ASN AB 122 49.72 7.99 -81.21
N ALA AB 123 50.41 9.07 -81.58
CA ALA AB 123 50.62 10.21 -80.68
C ALA AB 123 50.55 11.48 -81.52
N GLN AB 124 49.37 12.06 -81.58
CA GLN AB 124 49.20 13.32 -82.29
C GLN AB 124 49.72 14.46 -81.42
N PRO AB 125 50.63 15.30 -81.94
CA PRO AB 125 51.20 16.37 -81.12
C PRO AB 125 50.19 17.48 -80.86
N ARG AB 126 50.22 18.03 -79.64
CA ARG AB 126 49.32 19.10 -79.26
C ARG AB 126 50.03 20.41 -78.97
N LEU AB 127 51.35 20.40 -78.80
CA LEU AB 127 52.14 21.61 -78.62
C LEU AB 127 53.18 21.67 -79.73
N LEU AB 128 52.98 22.57 -80.67
CA LEU AB 128 53.88 22.72 -81.81
C LEU AB 128 54.95 23.73 -81.46
N VAL AB 129 56.19 23.27 -81.36
CA VAL AB 129 57.31 24.10 -80.93
C VAL AB 129 58.44 23.95 -81.93
N ALA AB 130 58.82 25.07 -82.55
CA ALA AB 130 60.05 25.16 -83.34
C ALA AB 130 60.87 26.26 -82.68
N PRO AB 131 61.74 25.92 -81.74
CA PRO AB 131 62.36 26.95 -80.89
C PRO AB 131 63.42 27.75 -81.63
N GLY AB 132 63.24 29.07 -81.64
CA GLY AB 132 64.15 29.98 -82.28
C GLY AB 132 63.77 30.33 -83.71
N HIS AB 133 63.32 29.35 -84.47
CA HIS AB 133 62.89 29.60 -85.84
C HIS AB 133 61.54 30.26 -85.94
N SER AB 134 60.72 30.18 -84.88
CA SER AB 134 59.41 30.82 -84.90
C SER AB 134 59.50 32.33 -84.77
N ALA AB 135 60.67 32.88 -84.47
CA ALA AB 135 60.86 34.33 -84.50
C ALA AB 135 60.79 34.91 -85.90
N GLN AB 136 60.97 34.09 -86.92
CA GLN AB 136 60.76 34.51 -88.30
C GLN AB 136 59.30 34.33 -88.67
N GLN AB 137 58.80 35.22 -89.52
CA GLN AB 137 57.39 35.19 -89.87
C GLN AB 137 57.06 34.05 -90.83
N ALA AB 138 58.03 33.57 -91.60
CA ALA AB 138 57.77 32.49 -92.54
C ALA AB 138 57.53 31.17 -91.84
N VAL AB 139 58.29 30.90 -90.78
CA VAL AB 139 58.13 29.65 -90.03
C VAL AB 139 56.89 29.71 -89.15
N ALA AB 140 56.61 30.87 -88.57
CA ALA AB 140 55.47 31.01 -87.68
C ALA AB 140 54.14 30.98 -88.43
N THR AB 141 54.12 31.40 -89.70
CA THR AB 141 52.91 31.25 -90.51
C THR AB 141 52.72 29.81 -90.95
N ALA AB 142 53.81 29.09 -91.19
CA ALA AB 142 53.70 27.67 -91.52
C ALA AB 142 53.33 26.85 -90.31
N MET AB 143 53.71 27.31 -89.11
CA MET AB 143 53.32 26.61 -87.90
C MET AB 143 51.91 26.95 -87.46
N ASP AB 144 51.37 28.09 -87.90
CA ASP AB 144 50.00 28.44 -87.60
C ASP AB 144 49.02 27.59 -88.41
N GLY AB 145 49.29 27.44 -89.71
CA GLY AB 145 48.44 26.59 -90.54
C GLY AB 145 48.59 25.13 -90.23
N LEU AB 146 49.72 24.74 -89.64
CA LEU AB 146 49.90 23.37 -89.20
C LEU AB 146 49.12 23.08 -87.93
N ALA AB 147 48.95 24.08 -87.07
CA ALA AB 147 48.26 23.88 -85.81
C ALA AB 147 46.76 23.70 -85.98
N GLU AB 148 46.18 24.20 -87.08
CA GLU AB 148 44.77 23.94 -87.33
C GLU AB 148 44.55 22.58 -87.97
N LYS AB 149 45.58 22.04 -88.63
CA LYS AB 149 45.49 20.68 -89.15
C LYS AB 149 45.56 19.65 -88.03
N LEU AB 150 46.25 19.97 -86.94
CA LEU AB 150 46.48 19.04 -85.86
C LEU AB 150 45.64 19.31 -84.63
N ARG AB 151 44.86 20.40 -84.63
CA ARG AB 151 44.15 20.94 -83.46
C ARG AB 151 45.09 21.14 -82.28
N ALA AB 152 46.27 21.68 -82.58
CA ALA AB 152 47.32 21.91 -81.60
C ALA AB 152 47.36 23.37 -81.22
N ILE AB 153 48.27 23.69 -80.30
CA ILE AB 153 48.52 25.06 -79.89
C ILE AB 153 49.99 25.33 -80.16
N ALA AB 154 50.27 26.08 -81.22
CA ALA AB 154 51.66 26.35 -81.62
C ALA AB 154 52.24 27.41 -80.71
N ILE AB 155 53.31 27.07 -80.00
CA ILE AB 155 53.93 27.98 -79.05
C ILE AB 155 55.02 28.77 -79.76
N LEU AB 156 54.72 30.01 -80.12
CA LEU AB 156 55.67 30.87 -80.79
C LEU AB 156 56.63 31.49 -79.78
N ASP AB 157 57.61 32.24 -80.29
CA ASP AB 157 58.44 33.09 -79.46
C ASP AB 157 58.89 34.24 -80.33
N GLY AB 158 58.65 35.46 -79.85
CA GLY AB 158 59.01 36.64 -80.61
C GLY AB 158 60.50 36.90 -80.59
N PRO AB 159 60.90 37.97 -81.25
CA PRO AB 159 62.32 38.36 -81.21
C PRO AB 159 62.70 38.92 -79.85
N ASN AB 160 63.99 38.85 -79.54
CA ASN AB 160 64.51 39.33 -78.27
C ASN AB 160 64.90 40.80 -78.32
N SER AB 161 64.29 41.57 -79.21
CA SER AB 161 64.46 43.01 -79.29
C SER AB 161 63.51 43.67 -78.30
N THR AB 162 63.33 44.98 -78.41
CA THR AB 162 62.49 45.73 -77.49
C THR AB 162 61.01 45.38 -77.67
N ASP AB 163 60.19 45.92 -76.78
CA ASP AB 163 58.77 45.57 -76.75
C ASP AB 163 57.98 46.16 -77.90
N GLU AB 164 58.51 47.19 -78.56
CA GLU AB 164 57.88 47.66 -79.80
C GLU AB 164 58.02 46.61 -80.90
N ALA AB 165 59.16 45.93 -80.95
CA ALA AB 165 59.37 44.88 -81.94
C ALA AB 165 58.68 43.57 -81.59
N ALA AB 166 58.16 43.44 -80.38
CA ALA AB 166 57.40 42.25 -80.00
C ALA AB 166 55.91 42.46 -80.22
N VAL AB 167 55.43 43.70 -80.03
CA VAL AB 167 54.04 44.00 -80.34
C VAL AB 167 53.82 43.99 -81.85
N ALA AB 168 54.77 44.56 -82.61
CA ALA AB 168 54.66 44.58 -84.06
C ALA AB 168 54.84 43.21 -84.69
N TYR AB 169 55.43 42.27 -83.97
CA TYR AB 169 55.51 40.89 -84.46
C TYR AB 169 54.25 40.10 -84.14
N ALA AB 170 53.64 40.36 -82.99
CA ALA AB 170 52.42 39.68 -82.61
C ALA AB 170 51.18 40.24 -83.30
N LYS AB 171 51.31 41.34 -84.01
CA LYS AB 171 50.21 41.96 -84.72
C LYS AB 171 49.96 41.33 -86.08
N ASN AB 172 50.75 40.32 -86.46
CA ASN AB 172 50.66 39.74 -87.78
C ASN AB 172 49.78 38.50 -87.84
N PHE AB 173 49.43 37.92 -86.69
CA PHE AB 173 48.91 36.55 -86.66
C PHE AB 173 47.40 36.48 -86.53
N GLY AB 174 46.85 36.94 -85.40
CA GLY AB 174 45.41 36.95 -85.22
C GLY AB 174 44.75 35.60 -85.20
N SER AB 175 45.47 34.55 -84.82
CA SER AB 175 44.97 33.18 -84.86
C SER AB 175 44.90 32.60 -83.46
N LYS AB 176 43.81 31.90 -83.16
CA LYS AB 176 43.54 31.43 -81.81
C LYS AB 176 44.39 30.25 -81.39
N ARG AB 177 45.16 29.65 -82.30
CA ARG AB 177 46.01 28.51 -81.97
C ARG AB 177 47.48 28.90 -81.94
N LEU AB 178 47.78 30.11 -81.50
CA LEU AB 178 49.15 30.60 -81.42
C LEU AB 178 49.38 31.19 -80.05
N PHE AB 179 50.49 30.83 -79.43
CA PHE AB 179 50.84 31.29 -78.09
C PHE AB 179 52.25 31.86 -78.15
N MET AB 180 52.40 33.12 -77.80
CA MET AB 180 53.67 33.81 -77.99
C MET AB 180 54.27 34.20 -76.65
N VAL AB 181 55.53 33.83 -76.45
CA VAL AB 181 56.28 34.16 -75.24
C VAL AB 181 57.47 35.00 -75.67
N ASP AB 182 57.42 36.31 -75.39
CA ASP AB 182 58.42 37.22 -75.96
C ASP AB 182 59.81 37.17 -75.32
N PRO AB 183 60.00 37.39 -74.01
CA PRO AB 183 61.39 37.62 -73.53
C PRO AB 183 62.19 36.33 -73.49
N GLY AB 184 63.39 36.38 -74.05
CA GLY AB 184 64.19 35.18 -74.20
C GLY AB 184 64.78 34.73 -72.89
N VAL AB 185 64.71 33.43 -72.64
CA VAL AB 185 65.25 32.84 -71.42
C VAL AB 185 66.77 32.79 -71.53
N GLN AB 186 67.45 33.23 -70.47
CA GLN AB 186 68.89 33.07 -70.37
C GLN AB 186 69.17 31.80 -69.58
N VAL AB 187 69.67 30.77 -70.25
CA VAL AB 187 69.86 29.46 -69.66
C VAL AB 187 71.36 29.15 -69.65
N TRP AB 188 71.74 28.24 -68.74
CA TRP AB 188 73.14 27.85 -68.61
C TRP AB 188 73.49 26.83 -69.67
N ASP AB 189 74.48 27.17 -70.50
CA ASP AB 189 74.95 26.27 -71.55
C ASP AB 189 76.11 25.45 -70.99
N SER AB 190 75.95 24.13 -70.99
CA SER AB 190 76.96 23.23 -70.46
C SER AB 190 78.09 22.97 -71.43
N ALA AB 191 77.93 23.30 -72.71
CA ALA AB 191 78.96 23.09 -73.71
C ALA AB 191 79.97 24.22 -73.77
N THR AB 192 79.52 25.45 -73.54
CA THR AB 192 80.40 26.61 -73.54
C THR AB 192 80.71 27.11 -72.14
N ASN AB 193 80.12 26.49 -71.11
CA ASN AB 193 80.34 26.81 -69.69
C ASN AB 193 79.98 28.27 -69.37
N ALA AB 194 78.90 28.74 -69.96
CA ALA AB 194 78.43 30.10 -69.74
C ALA AB 194 76.93 30.15 -70.00
N ALA AB 195 76.35 31.32 -69.78
CA ALA AB 195 74.91 31.52 -69.92
C ALA AB 195 74.59 31.94 -71.34
N ARG AB 196 73.77 31.15 -72.03
CA ARG AB 196 73.33 31.46 -73.38
C ARG AB 196 71.87 31.91 -73.36
N ASN AB 197 71.46 32.51 -74.47
CA ASN AB 197 70.08 32.98 -74.63
C ASN AB 197 69.26 31.89 -75.31
N ALA AB 198 68.42 31.25 -74.54
CA ALA AB 198 67.52 30.24 -75.07
C ALA AB 198 66.33 30.91 -75.76
N PRO AB 199 65.69 30.23 -76.72
CA PRO AB 199 64.55 30.84 -77.41
C PRO AB 199 63.29 30.97 -76.56
N ALA AB 200 63.24 30.32 -75.38
CA ALA AB 200 62.14 30.40 -74.40
C ALA AB 200 60.80 29.90 -74.96
N SER AB 201 60.83 29.08 -76.00
CA SER AB 201 59.62 28.46 -76.53
C SER AB 201 59.43 27.04 -76.05
N ALA AB 202 60.50 26.27 -75.94
CA ALA AB 202 60.42 24.93 -75.38
C ALA AB 202 60.26 24.96 -73.86
N TYR AB 203 60.68 26.05 -73.21
CA TYR AB 203 60.53 26.15 -71.76
C TYR AB 203 59.09 26.44 -71.37
N ALA AB 204 58.32 27.05 -72.27
CA ALA AB 204 56.89 27.18 -72.04
C ALA AB 204 56.15 25.89 -72.38
N ALA AB 205 56.68 25.09 -73.30
CA ALA AB 205 56.06 23.80 -73.60
C ALA AB 205 56.31 22.80 -72.50
N GLY AB 206 57.33 23.01 -71.67
CA GLY AB 206 57.46 22.22 -70.47
C GLY AB 206 56.41 22.54 -69.44
N LEU AB 207 55.83 23.74 -69.52
CA LEU AB 207 54.77 24.13 -68.60
C LEU AB 207 53.41 23.61 -69.07
N PHE AB 208 53.18 23.56 -70.38
CA PHE AB 208 51.97 22.94 -70.88
C PHE AB 208 51.98 21.43 -70.66
N ALA AB 209 53.17 20.84 -70.63
CA ALA AB 209 53.28 19.41 -70.42
C ALA AB 209 53.24 19.04 -68.95
N TRP AB 210 53.57 19.95 -68.05
CA TRP AB 210 53.56 19.65 -66.63
C TRP AB 210 52.23 19.97 -65.97
N THR AB 211 51.56 21.05 -66.39
CA THR AB 211 50.27 21.38 -65.82
C THR AB 211 49.19 20.39 -66.22
N ASP AB 212 49.35 19.70 -67.35
CA ASP AB 212 48.41 18.62 -67.67
C ASP AB 212 48.68 17.40 -66.82
N ALA AB 213 49.91 17.22 -66.36
CA ALA AB 213 50.23 16.13 -65.46
C ALA AB 213 49.90 16.44 -64.01
N GLU AB 214 49.91 17.71 -63.63
CA GLU AB 214 49.69 18.10 -62.24
C GLU AB 214 48.30 18.67 -62.00
N TYR AB 215 47.86 19.63 -62.82
CA TYR AB 215 46.60 20.31 -62.60
C TYR AB 215 45.53 19.98 -63.63
N GLY AB 216 45.88 19.31 -64.71
CA GLY AB 216 44.92 18.95 -65.74
C GLY AB 216 45.05 19.83 -66.97
N PHE AB 217 44.45 19.37 -68.06
CA PHE AB 217 44.51 20.08 -69.33
C PHE AB 217 43.67 21.35 -69.34
N TRP AB 218 42.75 21.51 -68.39
CA TRP AB 218 41.91 22.69 -68.31
C TRP AB 218 42.53 23.80 -67.47
N SER AB 219 43.81 23.71 -67.16
CA SER AB 219 44.47 24.66 -66.28
C SER AB 219 45.55 25.38 -67.05
N SER AB 220 45.54 26.71 -66.96
CA SER AB 220 46.53 27.51 -67.66
C SER AB 220 47.88 27.41 -66.95
N PRO AB 221 48.98 27.47 -67.71
CA PRO AB 221 50.30 27.42 -67.09
C PRO AB 221 50.81 28.79 -66.67
N SER AB 222 49.93 29.78 -66.63
CA SER AB 222 50.33 31.17 -66.60
C SER AB 222 50.63 31.71 -65.21
N ASN AB 223 50.86 30.86 -64.24
CA ASN AB 223 51.44 31.31 -62.98
C ASN AB 223 52.48 30.32 -62.47
N LYS AB 224 52.77 29.27 -63.23
CA LYS AB 224 53.66 28.23 -62.77
C LYS AB 224 55.09 28.57 -63.14
N GLU AB 225 56.02 27.73 -62.73
CA GLU AB 225 57.43 28.07 -62.72
C GLU AB 225 58.20 27.31 -63.78
N ILE AB 226 59.22 27.96 -64.31
CA ILE AB 226 60.18 27.34 -65.21
C ILE AB 226 61.44 27.01 -64.42
N LYS AB 227 62.01 25.84 -64.66
CA LYS AB 227 63.03 25.30 -63.76
C LYS AB 227 64.45 25.67 -64.19
N GLY AB 228 64.83 25.33 -65.43
CA GLY AB 228 66.21 25.50 -65.86
C GLY AB 228 66.64 26.94 -66.07
N VAL AB 229 65.72 27.89 -65.99
CA VAL AB 229 65.99 29.28 -66.32
C VAL AB 229 66.85 29.93 -65.24
N THR AB 230 67.96 30.52 -65.65
CA THR AB 230 68.84 31.27 -64.76
C THR AB 230 68.92 32.73 -65.19
N GLY AB 231 67.79 33.32 -65.55
CA GLY AB 231 67.75 34.71 -65.94
C GLY AB 231 66.98 34.86 -67.23
N THR AB 232 66.60 36.11 -67.52
CA THR AB 232 65.81 36.42 -68.70
C THR AB 232 66.46 37.57 -69.44
N SER AB 233 66.61 37.42 -70.75
CA SER AB 233 67.07 38.53 -71.58
C SER AB 233 66.04 39.64 -71.57
N ARG AB 234 66.50 40.88 -71.33
CA ARG AB 234 65.68 42.09 -71.18
C ARG AB 234 64.62 41.90 -70.11
N PRO AB 235 64.99 42.00 -68.83
CA PRO AB 235 64.04 41.69 -67.75
C PRO AB 235 62.87 42.68 -67.70
N VAL AB 236 61.66 42.13 -67.74
CA VAL AB 236 60.44 42.93 -67.75
C VAL AB 236 60.13 43.40 -66.33
N GLU AB 237 59.22 44.36 -66.23
CA GLU AB 237 58.88 44.99 -64.96
C GLU AB 237 57.48 44.54 -64.54
N PHE AB 238 57.37 44.04 -63.31
CA PHE AB 238 56.09 43.69 -62.70
C PHE AB 238 56.26 43.92 -61.20
N LEU AB 239 55.90 45.12 -60.75
CA LEU AB 239 56.31 45.54 -59.40
C LEU AB 239 55.36 45.02 -58.32
N ASP AB 240 54.19 45.63 -58.19
CA ASP AB 240 53.28 45.20 -57.14
C ASP AB 240 51.86 44.97 -57.64
N GLY AB 241 51.22 46.03 -58.13
CA GLY AB 241 49.84 45.98 -58.59
C GLY AB 241 49.57 46.97 -59.70
N ASP AB 242 50.62 47.57 -60.25
CA ASP AB 242 50.46 48.56 -61.30
C ASP AB 242 50.08 47.88 -62.60
N GLU AB 243 48.96 48.32 -63.17
CA GLU AB 243 48.52 47.81 -64.47
C GLU AB 243 49.19 48.52 -65.64
N THR AB 244 50.14 49.42 -65.37
CA THR AB 244 50.93 50.07 -66.40
C THR AB 244 52.36 49.57 -66.39
N CYS AB 245 52.60 48.42 -65.77
CA CYS AB 245 53.92 47.82 -65.77
C CYS AB 245 54.23 47.25 -67.14
N ARG AB 246 55.52 47.00 -67.38
CA ARG AB 246 55.97 46.58 -68.70
C ARG AB 246 55.51 45.15 -69.03
N ALA AB 247 55.29 44.33 -68.00
CA ALA AB 247 54.79 42.99 -68.23
C ALA AB 247 53.30 42.97 -68.52
N ASN AB 248 52.54 43.90 -67.95
CA ASN AB 248 51.12 43.94 -68.24
C ASN AB 248 50.83 44.58 -69.57
N LEU AB 249 51.73 45.44 -70.05
CA LEU AB 249 51.56 46.02 -71.38
C LEU AB 249 51.82 45.01 -72.48
N LEU AB 250 52.50 43.91 -72.18
CA LEU AB 250 52.68 42.85 -73.16
C LEU AB 250 51.57 41.82 -73.10
N ASN AB 251 50.99 41.59 -71.92
CA ASN AB 251 49.82 40.71 -71.84
C ASN AB 251 48.61 41.37 -72.47
N ASN AB 252 48.58 42.69 -72.54
CA ASN AB 252 47.48 43.39 -73.19
C ASN AB 252 47.55 43.25 -74.71
N ALA AB 253 48.72 42.93 -75.25
CA ALA AB 253 48.89 42.67 -76.68
C ALA AB 253 48.87 41.17 -76.98
N ASN AB 254 48.27 40.37 -76.09
CA ASN AB 254 48.13 38.91 -76.22
C ASN AB 254 49.49 38.21 -76.33
N ILE AB 255 50.47 38.69 -75.56
CA ILE AB 255 51.80 38.09 -75.52
C ILE AB 255 52.07 37.63 -74.09
N ALA AB 256 52.44 36.38 -73.94
CA ALA AB 256 52.86 35.89 -72.64
C ALA AB 256 54.28 36.37 -72.34
N THR AB 257 54.61 36.44 -71.06
CA THR AB 257 55.90 36.92 -70.62
C THR AB 257 56.48 35.98 -69.57
N ILE AB 258 57.69 36.33 -69.12
CA ILE AB 258 58.36 35.65 -68.01
C ILE AB 258 58.83 36.74 -67.07
N ILE AB 259 58.25 36.80 -65.88
CA ILE AB 259 58.26 38.06 -65.14
C ILE AB 259 59.42 38.23 -64.16
N ARG AB 260 59.50 37.36 -63.15
CA ARG AB 260 60.09 37.74 -61.88
C ARG AB 260 61.61 37.73 -61.91
N ASP AB 261 62.21 37.87 -60.73
CA ASP AB 261 63.67 38.01 -60.58
C ASP AB 261 64.34 36.72 -61.02
N ASP AB 262 65.20 36.85 -62.03
CA ASP AB 262 65.86 35.73 -62.72
C ASP AB 262 64.85 34.72 -63.28
N GLY AB 263 63.71 35.26 -63.73
CA GLY AB 263 62.78 34.57 -64.62
C GLY AB 263 62.20 33.24 -64.17
N TYR AB 264 61.34 33.22 -63.15
CA TYR AB 264 60.84 31.94 -62.68
C TYR AB 264 59.32 31.84 -62.70
N ARG AB 265 58.62 32.73 -63.42
CA ARG AB 265 57.17 32.59 -63.54
C ARG AB 265 56.75 32.93 -64.97
N LEU AB 266 55.98 32.04 -65.58
CA LEU AB 266 55.29 32.41 -66.81
C LEU AB 266 54.13 33.33 -66.49
N TRP AB 267 53.87 34.27 -67.37
CA TRP AB 267 52.85 35.30 -67.12
C TRP AB 267 52.07 35.55 -68.39
N GLY AB 268 50.83 35.09 -68.43
CA GLY AB 268 49.96 35.37 -69.55
C GLY AB 268 49.23 34.13 -70.02
N ASN AB 269 47.89 34.19 -70.04
CA ASN AB 269 47.08 33.06 -70.47
C ASN AB 269 46.24 33.43 -71.69
N ARG AB 270 46.63 34.47 -72.41
CA ARG AB 270 45.93 34.91 -73.60
C ARG AB 270 46.65 34.41 -74.83
N THR AB 271 45.91 33.81 -75.75
CA THR AB 271 46.47 33.40 -77.02
C THR AB 271 46.32 34.55 -78.01
N LEU AB 272 46.90 34.38 -79.20
CA LEU AB 272 46.94 35.47 -80.19
C LEU AB 272 45.66 35.52 -81.03
N SER AB 273 44.52 35.55 -80.36
CA SER AB 273 43.23 35.48 -81.03
C SER AB 273 42.63 36.87 -81.22
N SER AB 274 41.89 37.04 -82.32
CA SER AB 274 41.18 38.28 -82.54
C SER AB 274 39.84 38.28 -81.82
N ASP AB 275 39.19 37.13 -81.73
CA ASP AB 275 37.94 37.02 -80.98
C ASP AB 275 38.22 37.06 -79.49
N SER AB 276 37.31 37.68 -78.75
CA SER AB 276 37.38 37.63 -77.30
C SER AB 276 36.85 36.32 -76.75
N LYS AB 277 36.19 35.51 -77.58
CA LYS AB 277 35.72 34.20 -77.15
C LYS AB 277 36.89 33.25 -76.92
N TRP AB 278 37.71 33.07 -77.95
CA TRP AB 278 38.83 32.15 -77.90
C TRP AB 278 40.11 32.82 -77.41
N ALA AB 279 40.00 33.78 -76.49
CA ALA AB 279 41.19 34.51 -76.06
C ALA AB 279 42.03 33.67 -75.13
N PHE AB 280 41.40 32.88 -74.26
CA PHE AB 280 42.16 32.09 -73.29
C PHE AB 280 42.67 30.81 -73.91
N VAL AB 281 43.93 30.46 -73.57
CA VAL AB 281 44.51 29.21 -74.02
C VAL AB 281 43.85 28.04 -73.33
N THR AB 282 43.28 28.28 -72.15
CA THR AB 282 42.49 27.26 -71.47
C THR AB 282 41.27 26.85 -72.29
N ARG AB 283 40.56 27.82 -72.85
CA ARG AB 283 39.36 27.51 -73.60
C ARG AB 283 39.66 26.86 -74.94
N VAL AB 284 40.77 27.23 -75.58
CA VAL AB 284 41.15 26.60 -76.85
C VAL AB 284 41.63 25.18 -76.62
N ARG AB 285 42.28 24.93 -75.48
CA ARG AB 285 42.84 23.60 -75.23
C ARG AB 285 41.76 22.60 -74.86
N THR AB 286 40.74 23.04 -74.11
CA THR AB 286 39.67 22.11 -73.75
C THR AB 286 38.70 21.88 -74.91
N MET AB 287 38.50 22.89 -75.75
CA MET AB 287 37.60 22.73 -76.88
C MET AB 287 38.17 21.77 -77.91
N ASP AB 288 39.48 21.80 -78.11
CA ASP AB 288 40.12 20.86 -79.03
C ASP AB 288 40.33 19.49 -78.42
N LEU AB 289 40.17 19.35 -77.10
CA LEU AB 289 40.28 18.05 -76.46
C LEU AB 289 38.94 17.35 -76.35
N VAL AB 290 37.84 18.10 -76.22
CA VAL AB 290 36.51 17.49 -76.24
C VAL AB 290 35.95 17.34 -77.64
N MET AB 291 36.60 17.92 -78.65
CA MET AB 291 36.22 17.69 -80.03
C MET AB 291 37.00 16.55 -80.67
N ASP AB 292 38.14 16.18 -80.12
CA ASP AB 292 38.87 15.01 -80.59
C ASP AB 292 38.56 13.77 -79.79
N ALA AB 293 38.07 13.92 -78.55
CA ALA AB 293 37.59 12.76 -77.81
C ALA AB 293 36.25 12.27 -78.34
N ILE AB 294 35.41 13.19 -78.81
CA ILE AB 294 34.11 12.82 -79.35
C ILE AB 294 34.28 12.22 -80.75
N LEU AB 295 35.15 12.82 -81.57
CA LEU AB 295 35.30 12.37 -82.95
C LEU AB 295 36.00 11.02 -83.03
N ALA AB 296 37.01 10.79 -82.18
CA ALA AB 296 37.72 9.52 -82.21
C ALA AB 296 37.10 8.48 -81.30
N GLY AB 297 36.14 8.87 -80.45
CA GLY AB 297 35.47 7.95 -79.56
C GLY AB 297 34.11 7.50 -80.03
N HIS AB 298 33.59 8.08 -81.10
CA HIS AB 298 32.29 7.71 -81.65
C HIS AB 298 32.41 7.08 -83.02
N LYS AB 299 33.53 6.39 -83.28
CA LYS AB 299 33.69 5.70 -84.55
C LYS AB 299 32.94 4.37 -84.58
N TRP AB 300 32.45 3.89 -83.46
CA TRP AB 300 31.59 2.73 -83.43
C TRP AB 300 30.17 3.02 -83.91
N ALA AB 301 29.77 4.29 -83.90
CA ALA AB 301 28.39 4.69 -84.17
C ALA AB 301 28.20 5.21 -85.57
N VAL AB 302 28.94 4.68 -86.55
CA VAL AB 302 28.84 5.21 -87.91
C VAL AB 302 27.69 4.59 -88.70
N ASP AB 303 27.62 3.27 -88.78
CA ASP AB 303 26.59 2.61 -89.57
C ASP AB 303 25.75 1.70 -88.69
N ARG AB 304 25.34 2.21 -87.53
CA ARG AB 304 24.65 1.39 -86.55
C ARG AB 304 23.15 1.30 -86.77
N GLY AB 305 22.55 2.26 -87.47
CA GLY AB 305 21.13 2.24 -87.64
C GLY AB 305 20.43 3.07 -86.58
N ILE AB 306 19.73 4.11 -87.00
CA ILE AB 306 19.15 5.10 -86.08
C ILE AB 306 17.87 4.50 -85.51
N THR AB 307 17.95 3.92 -84.32
CA THR AB 307 16.79 3.47 -83.58
C THR AB 307 16.58 4.37 -82.37
N LYS AB 308 15.57 4.04 -81.57
CA LYS AB 308 15.32 4.81 -80.37
C LYS AB 308 16.36 4.50 -79.29
N THR AB 309 16.86 3.27 -79.26
CA THR AB 309 17.89 2.90 -78.30
C THR AB 309 19.29 3.22 -78.79
N TYR AB 310 19.42 3.82 -79.96
CA TYR AB 310 20.71 4.30 -80.47
C TYR AB 310 20.92 5.77 -80.16
N VAL AB 311 19.89 6.59 -80.36
CA VAL AB 311 19.96 7.99 -79.99
C VAL AB 311 20.02 8.14 -78.47
N LYS AB 312 19.35 7.24 -77.76
CA LYS AB 312 19.33 7.32 -76.30
C LYS AB 312 20.65 6.87 -75.70
N ASP AB 313 21.36 5.95 -76.35
CA ASP AB 313 22.59 5.40 -75.81
C ASP AB 313 23.83 6.06 -76.38
N VAL AB 314 23.68 6.98 -77.33
CA VAL AB 314 24.77 7.89 -77.66
C VAL AB 314 24.75 9.10 -76.76
N THR AB 315 23.55 9.62 -76.49
CA THR AB 315 23.37 10.76 -75.59
C THR AB 315 23.80 10.43 -74.17
N GLU AB 316 23.39 9.26 -73.66
CA GLU AB 316 23.78 8.84 -72.32
C GLU AB 316 25.26 8.51 -72.22
N GLY AB 317 25.89 8.12 -73.33
CA GLY AB 317 27.34 8.02 -73.36
C GLY AB 317 28.04 9.33 -73.56
N LEU AB 318 27.31 10.35 -73.99
CA LEU AB 318 27.81 11.70 -74.15
C LEU AB 318 27.52 12.56 -72.94
N ARG AB 319 26.41 12.31 -72.25
CA ARG AB 319 26.17 12.96 -70.97
C ARG AB 319 27.13 12.47 -69.90
N ALA AB 320 27.48 11.18 -69.93
CA ALA AB 320 28.37 10.64 -68.92
C ALA AB 320 29.81 11.07 -69.14
N PHE AB 321 30.18 11.40 -70.37
CA PHE AB 321 31.53 11.89 -70.63
C PHE AB 321 31.71 13.31 -70.10
N MET AB 322 30.70 14.16 -70.29
CA MET AB 322 30.76 15.51 -69.77
C MET AB 322 30.50 15.55 -68.27
N ARG AB 323 29.80 14.55 -67.73
CA ARG AB 323 29.63 14.44 -66.30
C ARG AB 323 30.94 14.05 -65.62
N ASP AB 324 31.74 13.20 -66.28
CA ASP AB 324 33.06 12.86 -65.77
C ASP AB 324 34.06 13.99 -65.90
N LEU AB 325 33.78 14.99 -66.73
CA LEU AB 325 34.59 16.18 -66.79
C LEU AB 325 34.16 17.23 -65.77
N LYS AB 326 32.88 17.22 -65.38
CA LYS AB 326 32.36 18.25 -64.50
C LYS AB 326 32.82 18.05 -63.07
N ASN AB 327 32.68 16.83 -62.54
CA ASN AB 327 33.14 16.56 -61.19
C ASN AB 327 34.64 16.36 -61.11
N GLN AB 328 35.33 16.22 -62.25
CA GLN AB 328 36.78 16.29 -62.25
C GLN AB 328 37.26 17.72 -62.14
N GLY AB 329 36.49 18.67 -62.67
CA GLY AB 329 36.83 20.07 -62.60
C GLY AB 329 37.14 20.72 -63.92
N ALA AB 330 36.92 20.03 -65.04
CA ALA AB 330 37.26 20.58 -66.35
C ALA AB 330 36.24 21.60 -66.83
N VAL AB 331 34.96 21.30 -66.67
CA VAL AB 331 33.89 22.22 -67.03
C VAL AB 331 33.13 22.58 -65.76
N ILE AB 332 32.31 23.62 -65.87
CA ILE AB 332 31.48 24.05 -64.75
C ILE AB 332 30.12 23.36 -64.79
N ASN AB 333 29.45 23.41 -65.94
CA ASN AB 333 28.24 22.65 -66.16
C ASN AB 333 28.17 22.33 -67.64
N PHE AB 334 27.15 21.57 -68.02
CA PHE AB 334 26.99 21.17 -69.41
C PHE AB 334 25.52 20.96 -69.71
N GLU AB 335 25.24 20.72 -71.00
CA GLU AB 335 23.88 20.42 -71.44
C GLU AB 335 24.00 19.62 -72.74
N VAL AB 336 23.83 18.30 -72.64
CA VAL AB 336 23.93 17.41 -73.80
C VAL AB 336 22.54 16.89 -74.11
N TYR AB 337 22.11 17.06 -75.35
CA TYR AB 337 20.80 16.64 -75.77
C TYR AB 337 20.81 16.40 -77.28
N ALA AB 338 19.99 15.47 -77.73
CA ALA AB 338 19.78 15.31 -79.16
C ALA AB 338 19.02 16.52 -79.69
N ASP AB 339 19.37 16.94 -80.89
CA ASP AB 339 18.85 18.19 -81.44
C ASP AB 339 17.38 18.03 -81.81
N PRO AB 340 16.50 18.90 -81.33
CA PRO AB 340 15.07 18.77 -81.66
C PRO AB 340 14.77 19.20 -83.08
N ASP AB 341 15.44 20.26 -83.54
CA ASP AB 341 15.15 20.82 -84.86
C ASP AB 341 16.00 20.20 -85.96
N LEU AB 342 17.29 20.00 -85.72
CA LEU AB 342 18.17 19.47 -86.75
C LEU AB 342 17.94 17.99 -87.04
N ASN AB 343 17.33 17.26 -86.11
CA ASN AB 343 16.96 15.87 -86.37
C ASN AB 343 15.56 15.83 -87.01
N SER AB 344 15.51 16.31 -88.24
CA SER AB 344 14.30 16.26 -89.02
C SER AB 344 14.09 14.85 -89.57
N ALA AB 345 12.90 14.61 -90.11
CA ALA AB 345 12.66 13.33 -90.77
C ALA AB 345 13.41 13.20 -92.08
N SER AB 346 13.70 14.32 -92.75
CA SER AB 346 14.48 14.28 -93.96
C SER AB 346 15.96 14.13 -93.68
N GLN AB 347 16.44 14.67 -92.56
CA GLN AB 347 17.84 14.52 -92.21
C GLN AB 347 18.13 13.11 -91.69
N LEU AB 348 17.18 12.53 -90.94
CA LEU AB 348 17.38 11.19 -90.41
C LEU AB 348 17.32 10.13 -91.50
N ALA AB 349 16.55 10.40 -92.57
CA ALA AB 349 16.46 9.47 -93.69
C ALA AB 349 17.70 9.49 -94.57
N GLN AB 350 18.56 10.50 -94.45
CA GLN AB 350 19.83 10.54 -95.16
C GLN AB 350 20.97 9.99 -94.31
N GLY AB 351 20.69 9.55 -93.09
CA GLY AB 351 21.71 9.04 -92.20
C GLY AB 351 22.25 10.05 -91.21
N LYS AB 352 22.01 11.34 -91.42
CA LYS AB 352 22.54 12.37 -90.53
C LYS AB 352 21.69 12.47 -89.28
N VAL AB 353 22.34 12.45 -88.11
CA VAL AB 353 21.65 12.61 -86.84
C VAL AB 353 22.54 13.44 -85.92
N TYR AB 354 21.99 14.51 -85.38
CA TYR AB 354 22.76 15.57 -84.74
C TYR AB 354 22.59 15.52 -83.22
N TRP AB 355 23.69 15.78 -82.51
CA TRP AB 355 23.68 15.92 -81.06
C TRP AB 355 24.32 17.25 -80.70
N ASN AB 356 23.74 17.94 -79.74
CA ASN AB 356 24.26 19.21 -79.25
C ASN AB 356 24.97 18.99 -77.92
N ILE AB 357 26.22 19.43 -77.84
CA ILE AB 357 27.00 19.33 -76.62
C ILE AB 357 27.37 20.76 -76.23
N ARG AB 358 26.55 21.37 -75.39
CA ARG AB 358 26.82 22.70 -74.86
C ARG AB 358 27.46 22.56 -73.48
N PHE AB 359 28.54 23.29 -73.26
CA PHE AB 359 29.20 23.26 -71.97
C PHE AB 359 29.87 24.60 -71.73
N THR AB 360 30.23 24.86 -70.48
CA THR AB 360 30.99 26.04 -70.11
C THR AB 360 32.27 25.61 -69.42
N ASP AB 361 33.41 26.01 -70.01
CA ASP AB 361 34.71 25.66 -69.45
C ASP AB 361 35.01 26.50 -68.22
N VAL AB 362 36.10 26.16 -67.56
CA VAL AB 362 36.54 26.86 -66.35
C VAL AB 362 37.47 27.99 -66.77
N PRO AB 363 37.08 29.25 -66.63
CA PRO AB 363 37.94 30.36 -67.04
C PRO AB 363 39.07 30.53 -66.04
N PRO AB 364 40.28 30.83 -66.52
CA PRO AB 364 41.39 31.06 -65.59
C PRO AB 364 41.24 32.39 -64.87
N ALA AB 365 41.38 32.36 -63.55
CA ALA AB 365 41.11 33.52 -62.70
C ALA AB 365 42.28 34.51 -62.81
N GLU AB 366 42.37 35.15 -63.97
CA GLU AB 366 43.51 36.00 -64.28
C GLU AB 366 43.51 37.32 -63.53
N ASN AB 367 42.42 37.68 -62.86
CA ASN AB 367 42.34 38.95 -62.14
C ASN AB 367 41.37 38.86 -60.97
N PRO AB 368 41.82 38.33 -59.83
CA PRO AB 368 40.98 38.39 -58.62
C PRO AB 368 40.98 39.79 -58.03
N ASN AB 369 39.81 40.41 -58.01
CA ASN AB 369 39.66 41.74 -57.44
C ASN AB 369 39.16 41.66 -56.02
N PHE AB 370 39.75 42.46 -55.14
CA PHE AB 370 39.33 42.53 -53.75
C PHE AB 370 38.91 43.96 -53.44
N ARG AB 371 37.72 44.12 -52.89
CA ARG AB 371 37.13 45.43 -52.64
C ARG AB 371 37.01 45.64 -51.14
N VAL AB 372 38.07 46.16 -50.53
CA VAL AB 372 38.15 46.37 -49.10
C VAL AB 372 37.55 47.73 -48.78
N GLU AB 373 36.80 47.80 -47.68
CA GLU AB 373 36.21 49.06 -47.24
C GLU AB 373 36.09 49.11 -45.74
N VAL AB 374 36.41 50.25 -45.17
CA VAL AB 374 36.24 50.50 -43.75
C VAL AB 374 34.88 51.15 -43.54
N THR AB 375 34.05 50.54 -42.70
CA THR AB 375 32.74 51.10 -42.42
C THR AB 375 32.63 51.49 -40.96
N ASP AB 376 31.45 51.96 -40.56
CA ASP AB 376 31.11 52.20 -39.16
C ASP AB 376 29.86 51.42 -38.78
N GLN AB 377 29.59 50.33 -39.50
CA GLN AB 377 28.32 49.64 -39.36
C GLN AB 377 28.26 48.84 -38.07
N TRP AB 378 29.32 48.10 -37.75
CA TRP AB 378 29.37 47.29 -36.55
C TRP AB 378 30.02 48.03 -35.38
N LEU AB 379 29.97 49.35 -35.39
CA LEU AB 379 30.63 50.13 -34.35
C LEU AB 379 29.80 50.18 -33.07
N THR AB 380 28.48 50.07 -33.18
CA THR AB 380 27.62 49.98 -32.01
C THR AB 380 27.59 48.60 -31.39
N GLU AB 381 28.36 47.64 -31.94
CA GLU AB 381 28.48 46.33 -31.32
C GLU AB 381 29.35 46.39 -30.07
N VAL AB 382 30.11 47.48 -29.89
CA VAL AB 382 30.83 47.70 -28.63
C VAL AB 382 29.87 48.44 -27.72
N LEU AB 383 28.91 47.70 -27.19
CA LEU AB 383 28.08 48.23 -26.11
C LEU AB 383 27.65 47.18 -25.11
N ASP AB 384 27.92 45.89 -25.35
CA ASP AB 384 27.42 44.80 -24.52
C ASP AB 384 28.16 43.52 -24.84
N SER BB 2 43.54 41.45 -72.01
CA SER BB 2 43.89 41.46 -70.59
C SER BB 2 44.08 42.87 -70.07
N PHE BB 3 43.11 43.33 -69.28
CA PHE BB 3 43.20 44.67 -68.70
C PHE BB 3 44.28 44.71 -67.62
N PHE BB 4 44.26 43.74 -66.71
CA PHE BB 4 45.36 43.58 -65.76
C PHE BB 4 45.46 42.12 -65.38
N HIS BB 5 46.64 41.54 -65.60
CA HIS BB 5 46.94 40.17 -65.19
C HIS BB 5 47.65 40.28 -63.85
N GLY BB 6 46.90 40.17 -62.77
CA GLY BB 6 47.47 40.35 -61.45
C GLY BB 6 46.38 40.38 -60.40
N VAL BB 7 46.72 40.90 -59.24
CA VAL BB 7 45.81 40.97 -58.09
C VAL BB 7 45.58 42.43 -57.77
N THR BB 8 44.36 42.91 -57.98
CA THR BB 8 43.99 44.26 -57.58
C THR BB 8 43.36 44.24 -56.20
N VAL BB 9 43.79 45.15 -55.35
CA VAL BB 9 43.19 45.36 -54.05
C VAL BB 9 42.75 46.81 -54.00
N THR BB 10 41.44 47.03 -54.07
CA THR BB 10 40.89 48.37 -54.17
C THR BB 10 40.29 48.82 -52.84
N ASN BB 11 40.25 50.12 -52.66
CA ASN BB 11 39.62 50.76 -51.50
C ASN BB 11 38.49 51.60 -52.08
N VAL BB 12 37.24 51.20 -51.82
CA VAL BB 12 36.13 51.77 -52.59
C VAL BB 12 35.77 53.17 -52.12
N ASP BB 13 35.98 53.49 -50.84
CA ASP BB 13 35.82 54.83 -50.26
C ASP BB 13 34.40 55.38 -50.46
N ILE BB 14 33.41 54.60 -50.01
CA ILE BB 14 32.01 54.92 -50.28
C ILE BB 14 31.23 55.25 -49.02
N GLY BB 15 31.85 55.11 -47.85
CA GLY BB 15 31.13 55.19 -46.61
C GLY BB 15 30.66 56.59 -46.24
N ALA BB 16 29.72 56.63 -45.31
CA ALA BB 16 29.22 57.90 -44.78
C ALA BB 16 30.28 58.52 -43.88
N ARG BB 17 30.46 59.82 -44.00
CA ARG BB 17 31.45 60.53 -43.20
C ARG BB 17 30.80 61.02 -41.92
N THR BB 18 31.56 61.77 -41.12
CA THR BB 18 31.06 62.31 -39.87
C THR BB 18 31.25 63.82 -39.88
N ILE BB 19 30.45 64.50 -39.06
CA ILE BB 19 30.37 65.95 -39.09
C ILE BB 19 30.71 66.49 -37.71
N ALA BB 20 31.70 67.38 -37.65
CA ALA BB 20 32.08 68.04 -36.41
C ALA BB 20 31.59 69.48 -36.41
N LEU BB 21 31.42 70.02 -35.21
CA LEU BB 21 30.96 71.37 -34.96
C LEU BB 21 32.13 72.32 -34.81
N PRO BB 22 32.02 73.56 -35.31
CA PRO BB 22 33.16 74.49 -35.28
C PRO BB 22 33.34 75.25 -33.97
N ALA BB 23 33.21 74.56 -32.84
CA ALA BB 23 33.70 74.92 -31.51
C ALA BB 23 32.98 76.08 -30.82
N SER BB 24 32.14 76.82 -31.56
CA SER BB 24 31.05 77.64 -31.04
C SER BB 24 31.39 78.75 -30.05
N SER BB 25 32.66 78.97 -29.71
CA SER BB 25 32.96 79.84 -28.58
C SER BB 25 34.15 80.77 -28.81
N VAL BB 26 34.57 80.97 -30.04
CA VAL BB 26 35.67 81.88 -30.32
C VAL BB 26 35.13 83.30 -30.29
N ILE BB 27 35.80 84.17 -29.56
CA ILE BB 27 35.33 85.52 -29.29
C ILE BB 27 36.18 86.50 -30.07
N GLY BB 28 35.54 87.35 -30.87
CA GLY BB 28 36.25 88.36 -31.60
C GLY BB 28 36.25 89.68 -30.86
N LEU BB 29 37.42 90.13 -30.43
CA LEU BB 29 37.54 91.32 -29.61
C LEU BB 29 38.25 92.43 -30.39
N CYS BB 30 37.88 93.67 -30.11
CA CYS BB 30 38.54 94.83 -30.70
C CYS BB 30 38.36 96.01 -29.76
N ASP BB 31 39.43 96.43 -29.11
CA ASP BB 31 39.40 97.58 -28.22
C ASP BB 31 40.77 98.26 -28.31
N VAL BB 32 40.88 99.42 -27.65
CA VAL BB 32 42.08 100.23 -27.79
C VAL BB 32 43.16 99.71 -26.85
N PHE BB 33 44.42 99.98 -27.21
CA PHE BB 33 45.56 99.64 -26.38
C PHE BB 33 46.73 100.51 -26.79
N THR BB 34 47.76 100.52 -25.95
CA THR BB 34 48.93 101.35 -26.20
C THR BB 34 50.11 100.48 -26.61
N PRO BB 35 50.57 100.55 -27.85
CA PRO BB 35 51.71 99.73 -28.26
C PRO BB 35 53.02 100.29 -27.72
N GLY BB 36 53.97 99.40 -27.48
CA GLY BB 36 55.25 99.81 -26.95
C GLY BB 36 56.18 98.65 -26.66
N ALA BB 37 56.85 98.70 -25.51
CA ALA BB 37 57.77 97.63 -25.13
C ALA BB 37 57.05 96.51 -24.41
N GLN BB 38 56.09 96.84 -23.55
CA GLN BB 38 55.37 95.84 -22.78
C GLN BB 38 54.26 95.16 -23.59
N ALA BB 39 53.91 95.69 -24.75
CA ALA BB 39 52.87 95.12 -25.61
C ALA BB 39 53.56 94.44 -26.78
N SER BB 40 53.33 93.13 -26.92
CA SER BB 40 53.97 92.34 -27.96
C SER BB 40 53.09 92.16 -29.20
N ALA BB 41 52.25 93.14 -29.52
CA ALA BB 41 51.36 93.05 -30.66
C ALA BB 41 51.39 94.33 -31.48
N LYS BB 42 51.38 94.17 -32.80
CA LYS BB 42 51.22 95.31 -33.69
C LYS BB 42 49.80 95.86 -33.56
N PRO BB 43 49.61 97.16 -33.81
CA PRO BB 43 48.29 97.76 -33.51
C PRO BB 43 47.20 97.49 -34.54
N ASN BB 44 47.39 96.55 -35.47
CA ASN BB 44 46.27 96.17 -36.32
C ASN BB 44 46.13 94.67 -36.56
N VAL BB 45 47.13 93.85 -36.26
CA VAL BB 45 47.07 92.43 -36.60
C VAL BB 45 46.25 91.68 -35.56
N PRO BB 46 45.59 90.58 -35.93
CA PRO BB 46 44.89 89.78 -34.93
C PRO BB 46 45.85 88.92 -34.14
N VAL BB 47 45.56 88.77 -32.85
CA VAL BB 47 46.35 87.95 -31.94
C VAL BB 47 45.44 86.90 -31.33
N LEU BB 48 45.86 85.64 -31.38
CA LEU BB 48 45.10 84.57 -30.75
C LEU BB 48 45.44 84.55 -29.27
N LEU BB 49 44.41 84.66 -28.42
CA LEU BB 49 44.58 84.63 -26.98
C LEU BB 49 43.84 83.43 -26.43
N THR BB 50 44.57 82.55 -25.75
CA THR BB 50 43.97 81.35 -25.19
C THR BB 50 43.98 81.31 -23.68
N SER BB 51 44.62 82.27 -23.02
CA SER BB 51 44.64 82.32 -21.57
C SER BB 51 44.82 83.76 -21.13
N LYS BB 52 44.72 83.96 -19.82
CA LYS BB 52 44.82 85.32 -19.27
C LYS BB 52 46.24 85.84 -19.31
N LYS BB 53 47.23 84.95 -19.16
CA LYS BB 53 48.62 85.34 -19.23
C LYS BB 53 49.03 85.72 -20.64
N ASP BB 54 48.44 85.08 -21.65
CA ASP BB 54 48.73 85.42 -23.04
C ASP BB 54 48.11 86.74 -23.45
N ALA BB 55 47.04 87.17 -22.79
CA ALA BB 55 46.42 88.44 -23.10
C ALA BB 55 47.17 89.60 -22.47
N ALA BB 56 47.86 89.35 -21.36
CA ALA BB 56 48.66 90.40 -20.73
C ALA BB 56 50.00 90.56 -21.40
N ALA BB 57 50.59 89.47 -21.88
CA ALA BB 57 51.88 89.56 -22.55
C ALA BB 57 51.76 90.13 -23.95
N ALA BB 58 50.56 90.13 -24.53
CA ALA BB 58 50.36 90.64 -25.87
C ALA BB 58 49.80 92.06 -25.92
N PHE BB 59 49.25 92.55 -24.81
CA PHE BB 59 48.68 93.89 -24.81
C PHE BB 59 49.07 94.74 -23.62
N GLY BB 60 49.61 94.17 -22.56
CA GLY BB 60 49.94 94.94 -21.37
C GLY BB 60 48.79 94.97 -20.38
N ILE BB 61 49.15 95.17 -19.11
CA ILE BB 61 48.16 95.11 -18.04
C ILE BB 61 47.28 96.35 -18.04
N GLY BB 62 47.84 97.49 -18.39
CA GLY BB 62 47.08 98.73 -18.37
C GLY BB 62 46.24 99.00 -19.59
N SER BB 63 46.23 98.08 -20.55
CA SER BB 63 45.49 98.31 -21.79
C SER BB 63 44.00 98.18 -21.57
N SER BB 64 43.24 98.87 -22.42
CA SER BB 64 41.79 98.79 -22.36
C SER BB 64 41.24 97.54 -23.04
N ILE BB 65 42.07 96.81 -23.77
CA ILE BB 65 41.62 95.54 -24.34
C ILE BB 65 41.94 94.37 -23.43
N TYR BB 66 42.98 94.46 -22.59
CA TYR BB 66 43.22 93.44 -21.59
C TYR BB 66 42.15 93.48 -20.51
N LEU BB 67 41.62 94.66 -20.21
CA LEU BB 67 40.51 94.78 -19.28
C LEU BB 67 39.25 94.13 -19.81
N ALA BB 68 39.13 93.96 -21.13
CA ALA BB 68 38.06 93.15 -21.70
C ALA BB 68 38.42 91.68 -21.73
N CYS BB 69 39.71 91.35 -21.84
CA CYS BB 69 40.12 89.95 -21.73
C CYS BB 69 40.07 89.48 -20.29
N GLU BB 70 40.28 90.38 -19.33
CA GLU BB 70 40.08 90.06 -17.93
C GLU BB 70 38.62 89.80 -17.62
N ALA BB 71 37.71 90.43 -18.38
CA ALA BB 71 36.28 90.21 -18.20
C ALA BB 71 35.86 88.82 -18.65
N ILE BB 72 36.53 88.27 -19.66
CA ILE BB 72 36.16 86.97 -20.21
C ILE BB 72 36.80 85.84 -19.42
N TYR BB 73 38.07 85.97 -19.08
CA TYR BB 73 38.79 84.87 -18.46
C TYR BB 73 38.49 84.72 -16.98
N ASN BB 74 37.89 85.73 -16.34
CA ASN BB 74 37.44 85.54 -14.97
C ASN BB 74 36.18 84.69 -14.90
N ARG BB 75 35.36 84.73 -15.94
CA ARG BB 75 34.12 83.98 -15.99
C ARG BB 75 34.29 82.65 -16.70
N ALA BB 76 34.87 82.67 -17.89
CA ALA BB 76 34.96 81.47 -18.72
C ALA BB 76 36.40 81.19 -19.13
N GLN BB 77 36.58 80.29 -20.08
CA GLN BB 77 37.89 79.99 -20.65
C GLN BB 77 37.65 79.68 -22.13
N ALA BB 78 37.89 80.66 -22.99
CA ALA BB 78 37.63 80.51 -24.41
C ALA BB 78 38.77 81.10 -25.20
N VAL BB 79 38.73 80.89 -26.50
CA VAL BB 79 39.71 81.48 -27.41
C VAL BB 79 39.25 82.88 -27.75
N ILE BB 80 40.20 83.80 -27.86
CA ILE BB 80 39.90 85.18 -28.22
C ILE BB 80 40.77 85.56 -29.41
N VAL BB 81 40.13 85.97 -30.51
CA VAL BB 81 40.83 86.59 -31.62
C VAL BB 81 40.74 88.10 -31.40
N ALA BB 82 41.72 88.66 -30.72
CA ALA BB 82 41.75 90.08 -30.41
C ALA BB 82 42.57 90.83 -31.44
N VAL BB 83 42.08 91.99 -31.85
CA VAL BB 83 42.78 92.80 -32.84
C VAL BB 83 43.61 93.85 -32.13
N GLY BB 84 42.96 94.76 -31.42
CA GLY BB 84 43.67 95.82 -30.75
C GLY BB 84 43.99 96.97 -31.69
N VAL BB 85 43.70 98.19 -31.26
CA VAL BB 85 43.98 99.39 -32.05
C VAL BB 85 44.67 100.40 -31.13
N GLU BB 86 45.38 101.34 -31.75
CA GLU BB 86 46.01 102.39 -30.97
C GLU BB 86 45.02 103.52 -30.71
N THR BB 87 45.30 104.28 -29.65
CA THR BB 87 44.35 105.28 -29.18
C THR BB 87 44.37 106.51 -30.08
N ALA BB 88 43.21 106.90 -30.58
CA ALA BB 88 43.10 108.09 -31.41
C ALA BB 88 43.00 109.34 -30.53
N GLU BB 89 43.06 110.51 -31.17
CA GLU BB 89 43.04 111.77 -30.44
C GLU BB 89 41.65 112.08 -29.90
N THR BB 90 40.69 112.23 -30.78
CA THR BB 90 39.31 112.50 -30.41
C THR BB 90 38.56 111.19 -30.22
N PRO BB 91 37.48 111.18 -29.42
CA PRO BB 91 36.64 109.99 -29.36
C PRO BB 91 35.81 109.76 -30.62
N GLU BB 92 35.71 110.77 -31.49
CA GLU BB 92 35.06 110.57 -32.79
C GLU BB 92 35.97 109.79 -33.73
N ALA BB 93 37.27 110.10 -33.73
CA ALA BB 93 38.24 109.38 -34.55
C ALA BB 93 38.64 108.05 -33.95
N GLN BB 94 38.20 107.75 -32.72
CA GLN BB 94 38.39 106.41 -32.19
C GLN BB 94 37.41 105.43 -32.83
N ALA BB 95 36.24 105.93 -33.25
CA ALA BB 95 35.27 105.07 -33.92
C ALA BB 95 35.73 104.66 -35.31
N SER BB 96 36.51 105.52 -35.97
CA SER BB 96 37.01 105.20 -37.31
C SER BB 96 38.11 104.15 -37.27
N ALA BB 97 38.80 104.00 -36.15
CA ALA BB 97 39.85 103.00 -36.04
C ALA BB 97 39.32 101.62 -35.68
N VAL BB 98 38.21 101.56 -34.96
CA VAL BB 98 37.60 100.27 -34.64
C VAL BB 98 36.89 99.71 -35.86
N ILE BB 99 36.21 100.56 -36.62
CA ILE BB 99 35.61 100.14 -37.89
C ILE BB 99 36.69 99.74 -38.88
N GLY BB 100 37.67 100.60 -39.08
CA GLY BB 100 38.81 100.28 -39.91
C GLY BB 100 38.49 100.27 -41.38
N GLY BB 101 38.45 99.08 -41.97
CA GLY BB 101 38.28 98.94 -43.39
C GLY BB 101 39.47 98.24 -43.99
N ILE BB 102 40.15 98.89 -44.92
CA ILE BB 102 41.38 98.36 -45.48
C ILE BB 102 42.40 99.49 -45.49
N SER BB 103 43.68 99.12 -45.46
CA SER BB 103 44.75 100.09 -45.38
C SER BB 103 45.22 100.48 -46.77
N ALA BB 104 46.20 101.38 -46.81
CA ALA BB 104 46.85 101.69 -48.07
C ALA BB 104 47.74 100.55 -48.55
N ALA BB 105 48.19 99.68 -47.64
CA ALA BB 105 48.97 98.52 -47.98
C ALA BB 105 48.12 97.32 -48.36
N GLY BB 106 46.80 97.47 -48.43
CA GLY BB 106 45.94 96.37 -48.78
C GLY BB 106 45.74 95.35 -47.68
N GLU BB 107 45.59 95.80 -46.44
CA GLU BB 107 45.44 94.91 -45.30
C GLU BB 107 44.29 95.40 -44.43
N ARG BB 108 43.50 94.47 -43.92
CA ARG BB 108 42.38 94.82 -43.06
C ARG BB 108 42.89 95.28 -41.70
N THR BB 109 42.27 96.32 -41.16
CA THR BB 109 42.84 97.04 -40.03
C THR BB 109 42.02 96.91 -38.75
N GLY BB 110 40.75 97.28 -38.78
CA GLY BB 110 40.02 97.44 -37.54
C GLY BB 110 39.28 96.20 -37.11
N LEU BB 111 37.95 96.27 -37.10
CA LEU BB 111 37.12 95.09 -36.87
C LEU BB 111 37.22 94.10 -38.02
N GLN BB 112 37.59 94.57 -39.22
CA GLN BB 112 37.68 93.72 -40.40
C GLN BB 112 38.76 92.66 -40.27
N ALA BB 113 39.74 92.85 -39.39
CA ALA BB 113 40.79 91.85 -39.17
C ALA BB 113 40.28 90.56 -38.55
N LEU BB 114 39.06 90.55 -38.00
CA LEU BB 114 38.44 89.31 -37.55
C LEU BB 114 38.08 88.39 -38.70
N LEU BB 115 37.97 88.93 -39.93
CA LEU BB 115 37.78 88.08 -41.10
C LEU BB 115 39.03 87.30 -41.44
N ASP BB 116 40.20 87.75 -40.98
CA ASP BB 116 41.43 86.99 -41.07
C ASP BB 116 41.61 86.00 -39.95
N GLY BB 117 40.58 85.79 -39.12
CA GLY BB 117 40.71 84.92 -37.97
C GLY BB 117 40.70 83.44 -38.30
N LYS BB 118 40.23 83.06 -39.48
CA LYS BB 118 40.17 81.66 -39.84
C LYS BB 118 41.30 81.24 -40.77
N SER BB 119 41.78 82.13 -41.63
CA SER BB 119 42.91 81.81 -42.49
C SER BB 119 44.22 81.73 -41.74
N ARG BB 120 44.31 82.41 -40.59
CA ARG BB 120 45.55 82.47 -39.83
C ARG BB 120 45.58 81.57 -38.62
N PHE BB 121 44.48 81.45 -37.88
CA PHE BB 121 44.48 80.72 -36.62
C PHE BB 121 43.55 79.51 -36.59
N ASN BB 122 42.81 79.26 -37.68
CA ASN BB 122 41.77 78.21 -37.75
C ASN BB 122 40.73 78.36 -36.65
N ALA BB 123 40.38 79.61 -36.34
CA ALA BB 123 39.42 79.92 -35.28
C ALA BB 123 38.57 81.09 -35.74
N GLN BB 124 37.43 80.79 -36.33
CA GLN BB 124 36.51 81.82 -36.74
C GLN BB 124 35.74 82.34 -35.52
N PRO BB 125 35.73 83.64 -35.28
CA PRO BB 125 35.06 84.16 -34.08
C PRO BB 125 33.55 84.10 -34.22
N ARG BB 126 32.89 83.77 -33.11
CA ARG BB 126 31.43 83.68 -33.08
C ARG BB 126 30.77 84.73 -32.19
N LEU BB 127 31.53 85.39 -31.32
CA LEU BB 127 31.01 86.48 -30.51
C LEU BB 127 31.81 87.73 -30.81
N LEU BB 128 31.19 88.67 -31.51
CA LEU BB 128 31.85 89.90 -31.91
C LEU BB 128 31.63 90.95 -30.83
N VAL BB 129 32.69 91.34 -30.15
CA VAL BB 129 32.62 92.26 -29.02
C VAL BB 129 33.61 93.39 -29.24
N ALA BB 130 33.11 94.61 -29.31
CA ALA BB 130 33.92 95.83 -29.24
C ALA BB 130 33.42 96.61 -28.04
N PRO BB 131 33.99 96.40 -26.86
CA PRO BB 131 33.37 96.91 -25.63
C PRO BB 131 33.54 98.42 -25.50
N GLY BB 132 32.41 99.10 -25.33
CA GLY BB 132 32.37 100.53 -25.17
C GLY BB 132 32.18 101.30 -26.46
N HIS BB 133 32.84 100.85 -27.53
CA HIS BB 133 32.69 101.51 -28.82
C HIS BB 133 31.39 101.16 -29.51
N SER BB 134 30.74 100.06 -29.12
CA SER BB 134 29.48 99.68 -29.74
C SER BB 134 28.32 100.56 -29.28
N ALA BB 135 28.52 101.42 -28.28
CA ALA BB 135 27.50 102.39 -27.91
C ALA BB 135 27.32 103.47 -28.97
N GLN BB 136 28.28 103.65 -29.87
CA GLN BB 136 28.13 104.53 -31.01
C GLN BB 136 27.48 103.76 -32.15
N GLN BB 137 26.67 104.47 -32.95
CA GLN BB 137 25.94 103.81 -34.02
C GLN BB 137 26.83 103.46 -35.20
N ALA BB 138 27.94 104.16 -35.38
CA ALA BB 138 28.82 103.88 -36.51
C ALA BB 138 29.56 102.57 -36.32
N VAL BB 139 30.01 102.28 -35.10
CA VAL BB 139 30.72 101.03 -34.85
C VAL BB 139 29.75 99.85 -34.80
N ALA BB 140 28.56 100.07 -34.26
CA ALA BB 140 27.58 98.99 -34.14
C ALA BB 140 26.98 98.61 -35.48
N THR BB 141 26.91 99.54 -36.42
CA THR BB 141 26.49 99.19 -37.78
C THR BB 141 27.58 98.45 -38.54
N ALA BB 142 28.84 98.79 -38.27
CA ALA BB 142 29.94 98.07 -38.89
C ALA BB 142 30.11 96.69 -38.27
N MET BB 143 29.73 96.54 -37.00
CA MET BB 143 29.79 95.22 -36.36
C MET BB 143 28.59 94.36 -36.73
N ASP BB 144 27.48 94.98 -37.15
CA ASP BB 144 26.34 94.19 -37.60
C ASP BB 144 26.60 93.57 -38.96
N GLY BB 145 27.15 94.34 -39.90
CA GLY BB 145 27.47 93.80 -41.20
C GLY BB 145 28.64 92.84 -41.16
N LEU BB 146 29.48 92.96 -40.13
CA LEU BB 146 30.57 92.00 -39.96
C LEU BB 146 30.06 90.68 -39.42
N ALA BB 147 28.99 90.70 -38.62
CA ALA BB 147 28.47 89.49 -38.02
C ALA BB 147 27.76 88.59 -39.02
N GLU BB 148 27.27 89.15 -40.13
CA GLU BB 148 26.70 88.30 -41.16
C GLU BB 148 27.76 87.72 -42.07
N LYS BB 149 28.93 88.35 -42.15
CA LYS BB 149 30.03 87.78 -42.89
C LYS BB 149 30.64 86.59 -42.15
N LEU BB 150 30.58 86.60 -40.82
CA LEU BB 150 31.20 85.59 -39.99
C LEU BB 150 30.23 84.58 -39.42
N ARG BB 151 28.91 84.77 -39.64
CA ARG BB 151 27.84 84.03 -38.97
C ARG BB 151 27.99 84.07 -37.45
N ALA BB 152 28.33 85.24 -36.94
CA ALA BB 152 28.56 85.45 -35.52
C ALA BB 152 27.37 86.15 -34.89
N ILE BB 153 27.47 86.37 -33.59
CA ILE BB 153 26.45 87.10 -32.83
C ILE BB 153 27.17 88.28 -32.19
N ALA BB 154 26.99 89.47 -32.75
CA ALA BB 154 27.67 90.66 -32.26
C ALA BB 154 27.00 91.14 -30.99
N ILE BB 155 27.75 91.18 -29.89
CA ILE BB 155 27.20 91.56 -28.60
C ILE BB 155 27.38 93.06 -28.42
N LEU BB 156 26.31 93.82 -28.61
CA LEU BB 156 26.35 95.26 -28.46
C LEU BB 156 26.22 95.63 -27.00
N ASP BB 157 26.33 96.93 -26.72
CA ASP BB 157 25.98 97.48 -25.43
C ASP BB 157 25.53 98.91 -25.64
N GLY BB 158 24.34 99.24 -25.15
CA GLY BB 158 23.81 100.56 -25.33
C GLY BB 158 24.47 101.58 -24.44
N PRO BB 159 24.02 102.81 -24.53
CA PRO BB 159 24.54 103.86 -23.65
C PRO BB 159 24.05 103.66 -22.23
N ASN BB 160 24.80 104.22 -21.28
CA ASN BB 160 24.46 104.12 -19.87
C ASN BB 160 23.56 105.25 -19.40
N SER BB 161 22.78 105.83 -20.31
CA SER BB 161 21.79 106.84 -19.99
C SER BB 161 20.49 106.13 -19.58
N THR BB 162 19.39 106.87 -19.50
CA THR BB 162 18.11 106.32 -19.07
C THR BB 162 17.56 105.34 -20.11
N ASP BB 163 16.46 104.68 -19.74
CA ASP BB 163 15.89 103.62 -20.56
C ASP BB 163 15.21 104.15 -21.81
N GLU BB 164 14.85 105.43 -21.86
CA GLU BB 164 14.39 106.01 -23.11
C GLU BB 164 15.52 106.08 -24.13
N ALA BB 165 16.74 106.36 -23.68
CA ALA BB 165 17.89 106.41 -24.57
C ALA BB 165 18.41 105.03 -24.92
N ALA BB 166 17.96 103.98 -24.25
CA ALA BB 166 18.34 102.63 -24.61
C ALA BB 166 17.35 101.99 -25.56
N VAL BB 167 16.07 102.34 -25.44
CA VAL BB 167 15.07 101.87 -26.40
C VAL BB 167 15.27 102.57 -27.73
N ALA BB 168 15.55 103.87 -27.71
CA ALA BB 168 15.77 104.61 -28.94
C ALA BB 168 17.08 104.25 -29.62
N TYR BB 169 18.02 103.64 -28.90
CA TYR BB 169 19.24 103.14 -29.53
C TYR BB 169 19.04 101.76 -30.13
N ALA BB 170 18.23 100.91 -29.47
CA ALA BB 170 17.96 99.58 -29.99
C ALA BB 170 16.94 99.57 -31.11
N LYS BB 171 16.32 100.70 -31.40
CA LYS BB 171 15.33 100.80 -32.45
C LYS BB 171 15.96 101.03 -33.82
N ASN BB 172 17.29 101.10 -33.89
CA ASN BB 172 17.97 101.42 -35.13
C ASN BB 172 18.43 100.20 -35.90
N PHE BB 173 18.43 99.01 -35.29
CA PHE BB 173 19.18 97.89 -35.82
C PHE BB 173 18.31 96.88 -36.57
N GLY BB 174 17.39 96.22 -35.87
CA GLY BB 174 16.49 95.27 -36.52
C GLY BB 174 17.15 94.06 -37.14
N SER BB 175 18.31 93.65 -36.63
CA SER BB 175 19.09 92.57 -37.21
C SER BB 175 19.21 91.41 -36.23
N LYS BB 176 19.04 90.19 -36.73
CA LYS BB 176 18.96 89.01 -35.89
C LYS BB 176 20.30 88.58 -35.30
N ARG BB 177 21.41 89.18 -35.74
CA ARG BB 177 22.73 88.82 -35.23
C ARG BB 177 23.29 89.90 -34.31
N LEU BB 178 22.43 90.56 -33.55
CA LEU BB 178 22.84 91.60 -32.63
C LEU BB 178 22.22 91.35 -31.28
N PHE BB 179 23.03 91.44 -30.23
CA PHE BB 179 22.60 91.19 -28.87
C PHE BB 179 23.00 92.39 -28.03
N MET BB 180 22.04 93.05 -27.41
CA MET BB 180 22.29 94.31 -26.72
C MET BB 180 22.06 94.16 -25.23
N VAL BB 181 23.05 94.56 -24.44
CA VAL BB 181 22.98 94.54 -22.99
C VAL BB 181 23.11 95.99 -22.51
N ASP BB 182 22.01 96.57 -22.05
CA ASP BB 182 22.01 98.00 -21.77
C ASP BB 182 22.74 98.45 -20.50
N PRO BB 183 22.41 97.98 -19.29
CA PRO BB 183 22.94 98.67 -18.09
C PRO BB 183 24.41 98.34 -17.87
N GLY BB 184 25.20 99.39 -17.66
CA GLY BB 184 26.64 99.22 -17.58
C GLY BB 184 27.06 98.59 -16.26
N VAL BB 185 27.98 97.64 -16.37
CA VAL BB 185 28.50 96.94 -15.20
C VAL BB 185 29.46 97.86 -14.46
N GLN BB 186 29.30 97.94 -13.14
CA GLN BB 186 30.25 98.64 -12.29
C GLN BB 186 31.23 97.61 -11.76
N VAL BB 187 32.47 97.66 -12.23
CA VAL BB 187 33.48 96.67 -11.90
C VAL BB 187 34.60 97.35 -11.12
N TRP BB 188 35.34 96.55 -10.37
CA TRP BB 188 36.44 97.06 -9.56
C TRP BB 188 37.68 97.25 -10.42
N ASP BB 189 38.18 98.48 -10.49
CA ASP BB 189 39.37 98.80 -11.25
C ASP BB 189 40.58 98.68 -10.32
N SER BB 190 41.51 97.80 -10.68
CA SER BB 190 42.70 97.56 -9.86
C SER BB 190 43.78 98.62 -10.08
N ALA BB 191 43.69 99.41 -11.13
CA ALA BB 191 44.68 100.44 -11.43
C ALA BB 191 44.40 101.73 -10.69
N THR BB 192 43.13 102.09 -10.51
CA THR BB 192 42.75 103.30 -9.79
C THR BB 192 42.25 103.01 -8.38
N ASN BB 193 42.16 101.73 -8.00
CA ASN BB 193 41.74 101.26 -6.67
C ASN BB 193 40.33 101.76 -6.32
N ALA BB 194 39.44 101.71 -7.30
CA ALA BB 194 38.06 102.14 -7.11
C ALA BB 194 37.19 101.42 -8.12
N ALA BB 195 35.89 101.67 -8.05
CA ALA BB 195 34.92 101.00 -8.91
C ALA BB 195 34.70 101.85 -10.16
N ARG BB 196 34.98 101.26 -11.32
CA ARG BB 196 34.77 101.93 -12.60
C ARG BB 196 33.56 101.33 -13.31
N ASN BB 197 33.07 102.06 -14.31
CA ASN BB 197 31.92 101.63 -15.10
C ASN BB 197 32.43 100.85 -16.32
N ALA BB 198 32.27 99.56 -16.30
CA ALA BB 198 32.63 98.71 -17.42
C ALA BB 198 31.56 98.80 -18.50
N PRO BB 199 31.91 98.55 -19.76
CA PRO BB 199 30.91 98.60 -20.84
C PRO BB 199 29.89 97.47 -20.82
N ALA BB 200 30.11 96.42 -20.02
CA ALA BB 200 29.19 95.29 -19.82
C ALA BB 200 28.91 94.51 -21.10
N SER BB 201 29.78 94.60 -22.09
CA SER BB 201 29.66 93.82 -23.32
C SER BB 201 30.55 92.59 -23.32
N ALA BB 202 31.76 92.70 -22.79
CA ALA BB 202 32.63 91.55 -22.64
C ALA BB 202 32.20 90.65 -21.49
N TYR BB 203 31.47 91.18 -20.52
CA TYR BB 203 30.99 90.37 -19.41
C TYR BB 203 29.83 89.47 -19.83
N ALA BB 204 29.09 89.87 -20.86
CA ALA BB 204 28.10 88.98 -21.45
C ALA BB 204 28.73 87.96 -22.38
N ALA BB 205 29.86 88.30 -23.00
CA ALA BB 205 30.56 87.34 -23.84
C ALA BB 205 31.26 86.28 -23.01
N GLY BB 206 31.52 86.56 -21.74
CA GLY BB 206 31.96 85.51 -20.84
C GLY BB 206 30.87 84.52 -20.53
N LEU BB 207 29.61 84.93 -20.68
CA LEU BB 207 28.49 84.03 -20.44
C LEU BB 207 28.18 83.18 -21.67
N PHE BB 208 28.36 83.75 -22.86
CA PHE BB 208 28.23 82.93 -24.07
C PHE BB 208 29.37 81.93 -24.18
N ALA BB 209 30.53 82.26 -23.62
CA ALA BB 209 31.67 81.35 -23.67
C ALA BB 209 31.62 80.29 -22.58
N TRP BB 210 30.90 80.55 -21.49
CA TRP BB 210 30.84 79.59 -20.40
C TRP BB 210 29.66 78.63 -20.54
N THR BB 211 28.52 79.11 -21.04
CA THR BB 211 27.37 78.23 -21.22
C THR BB 211 27.59 77.23 -22.34
N ASP BB 212 28.46 77.52 -23.30
CA ASP BB 212 28.82 76.52 -24.29
C ASP BB 212 29.74 75.47 -23.70
N ALA BB 213 30.51 75.84 -22.68
CA ALA BB 213 31.37 74.89 -21.99
C ALA BB 213 30.61 74.09 -20.94
N GLU BB 214 29.55 74.63 -20.38
CA GLU BB 214 28.82 73.99 -19.29
C GLU BB 214 27.51 73.38 -19.75
N TYR BB 215 26.68 74.13 -20.46
CA TYR BB 215 25.35 73.68 -20.85
C TYR BB 215 25.19 73.42 -22.34
N GLY BB 216 26.15 73.80 -23.16
CA GLY BB 216 26.09 73.60 -24.59
C GLY BB 216 25.74 74.88 -25.34
N PHE BB 217 25.97 74.84 -26.65
CA PHE BB 217 25.73 75.99 -27.50
C PHE BB 217 24.25 76.26 -27.72
N TRP BB 218 23.37 75.30 -27.43
CA TRP BB 218 21.94 75.47 -27.59
C TRP BB 218 21.26 76.03 -26.35
N SER BB 219 22.03 76.55 -25.40
CA SER BB 219 21.49 77.03 -24.14
C SER BB 219 21.73 78.52 -24.03
N SER BB 220 20.67 79.25 -23.68
CA SER BB 220 20.78 80.69 -23.56
C SER BB 220 21.51 81.05 -22.26
N PRO BB 221 22.27 82.14 -22.25
CA PRO BB 221 22.96 82.55 -21.02
C PRO BB 221 22.11 83.43 -20.13
N SER BB 222 20.81 83.49 -20.39
CA SER BB 222 19.95 84.54 -19.88
C SER BB 222 19.41 84.27 -18.47
N ASN BB 223 20.01 83.37 -17.72
CA ASN BB 223 19.74 83.28 -16.30
C ASN BB 223 21.01 83.03 -15.51
N LYS BB 224 22.16 82.99 -16.17
CA LYS BB 224 23.40 82.65 -15.52
C LYS BB 224 24.06 83.89 -14.96
N GLU BB 225 25.18 83.70 -14.28
CA GLU BB 225 25.75 84.73 -13.42
C GLU BB 225 27.02 85.32 -14.01
N ILE BB 226 27.22 86.60 -13.74
CA ILE BB 226 28.47 87.27 -14.07
C ILE BB 226 29.29 87.38 -12.80
N LYS BB 227 30.60 87.16 -12.92
CA LYS BB 227 31.43 86.96 -11.73
C LYS BB 227 32.07 88.23 -11.22
N GLY BB 228 32.82 88.93 -12.07
CA GLY BB 228 33.60 90.08 -11.64
C GLY BB 228 32.78 91.31 -11.28
N VAL BB 229 31.48 91.29 -11.53
CA VAL BB 229 30.64 92.46 -11.37
C VAL BB 229 30.41 92.75 -9.90
N THR BB 230 30.69 93.99 -9.49
CA THR BB 230 30.43 94.46 -8.14
C THR BB 230 29.43 95.62 -8.15
N GLY BB 231 28.38 95.50 -8.94
CA GLY BB 231 27.36 96.52 -9.01
C GLY BB 231 27.06 96.87 -10.46
N THR BB 232 25.93 97.53 -10.65
CA THR BB 232 25.47 97.90 -11.98
C THR BB 232 25.11 99.38 -11.98
N SER BB 233 25.59 100.10 -13.00
CA SER BB 233 25.18 101.48 -13.19
C SER BB 233 23.70 101.54 -13.54
N ARG BB 234 22.95 102.41 -12.84
CA ARG BB 234 21.51 102.57 -12.93
C ARG BB 234 20.80 101.24 -12.69
N PRO BB 235 20.66 100.81 -11.43
CA PRO BB 235 20.11 99.49 -11.13
C PRO BB 235 18.65 99.36 -11.54
N VAL BB 236 18.36 98.34 -12.36
CA VAL BB 236 17.02 98.11 -12.88
C VAL BB 236 16.17 97.43 -11.81
N GLU BB 237 14.87 97.41 -12.03
CA GLU BB 237 13.90 96.89 -11.07
C GLU BB 237 13.34 95.58 -11.59
N PHE BB 238 13.41 94.54 -10.76
CA PHE BB 238 12.79 93.24 -11.05
C PHE BB 238 12.38 92.66 -9.69
N LEU BB 239 11.14 92.92 -9.28
CA LEU BB 239 10.79 92.67 -7.88
C LEU BB 239 10.40 91.21 -7.63
N ASP BB 240 9.19 90.81 -8.05
CA ASP BB 240 8.76 89.44 -7.79
C ASP BB 240 8.22 88.75 -9.03
N GLY BB 241 7.12 89.27 -9.56
CA GLY BB 241 6.44 88.68 -10.70
C GLY BB 241 5.75 89.72 -11.56
N ASP BB 242 6.02 90.99 -11.29
CA ASP BB 242 5.37 92.06 -12.04
C ASP BB 242 5.95 92.15 -13.44
N GLU BB 243 5.07 92.07 -14.44
CA GLU BB 243 5.48 92.21 -15.83
C GLU BB 243 5.57 93.67 -16.27
N THR BB 244 5.38 94.62 -15.35
CA THR BB 244 5.56 96.03 -15.61
C THR BB 244 6.80 96.57 -14.92
N CYS BB 245 7.69 95.68 -14.51
CA CYS BB 245 8.94 96.10 -13.90
C CYS BB 245 9.86 96.69 -14.96
N ARG BB 246 10.86 97.44 -14.49
CA ARG BB 246 11.74 98.16 -15.40
C ARG BB 246 12.65 97.23 -16.19
N ALA BB 247 12.94 96.06 -15.64
CA ALA BB 247 13.75 95.08 -16.37
C ALA BB 247 12.94 94.35 -17.43
N ASN BB 248 11.65 94.15 -17.21
CA ASN BB 248 10.84 93.49 -18.22
C ASN BB 248 10.44 94.44 -19.34
N LEU BB 249 10.41 95.74 -19.05
CA LEU BB 249 10.14 96.72 -20.10
C LEU BB 249 11.31 96.87 -21.06
N LEU BB 250 12.51 96.46 -20.65
CA LEU BB 250 13.65 96.46 -21.55
C LEU BB 250 13.78 95.16 -22.32
N ASN BB 251 13.37 94.04 -21.74
CA ASN BB 251 13.34 92.79 -22.49
C ASN BB 251 12.24 92.80 -23.55
N ASN BB 252 11.21 93.61 -23.35
CA ASN BB 252 10.16 93.74 -24.35
C ASN BB 252 10.62 94.53 -25.57
N ALA BB 253 11.69 95.33 -25.42
CA ALA BB 253 12.29 96.04 -26.53
C ALA BB 253 13.51 95.32 -27.08
N ASN BB 254 13.59 93.99 -26.86
CA ASN BB 254 14.67 93.12 -27.33
C ASN BB 254 16.04 93.55 -26.80
N ILE BB 255 16.08 94.00 -25.56
CA ILE BB 255 17.32 94.40 -24.91
C ILE BB 255 17.54 93.51 -23.69
N ALA BB 256 18.70 92.88 -23.60
CA ALA BB 256 19.06 92.14 -22.42
C ALA BB 256 19.46 93.09 -21.31
N THR BB 257 19.33 92.62 -20.07
CA THR BB 257 19.63 93.43 -18.90
C THR BB 257 20.48 92.64 -17.92
N ILE BB 258 20.83 93.30 -16.82
CA ILE BB 258 21.52 92.69 -15.69
C ILE BB 258 20.74 93.10 -14.45
N ILE BB 259 20.10 92.14 -13.78
CA ILE BB 259 18.98 92.49 -12.94
C ILE BB 259 19.32 92.74 -11.47
N ARG BB 260 19.83 91.72 -10.79
CA ARG BB 260 19.61 91.59 -9.35
C ARG BB 260 20.52 92.51 -8.54
N ASP BB 261 20.52 92.30 -7.22
CA ASP BB 261 21.24 93.15 -6.27
C ASP BB 261 22.74 93.01 -6.51
N ASP BB 262 23.36 94.16 -6.84
CA ASP BB 262 24.77 94.25 -7.25
C ASP BB 262 25.07 93.37 -8.46
N GLY BB 263 24.08 93.26 -9.34
CA GLY BB 263 24.25 92.79 -10.70
C GLY BB 263 24.84 91.41 -10.93
N TYR BB 264 24.14 90.34 -10.59
CA TYR BB 264 24.73 89.03 -10.74
C TYR BB 264 23.91 88.08 -11.61
N ARG BB 265 22.98 88.59 -12.40
CA ARG BB 265 22.24 87.73 -13.34
C ARG BB 265 22.04 88.45 -14.65
N LEU BB 266 22.40 87.81 -15.76
CA LEU BB 266 21.98 88.30 -17.05
C LEU BB 266 20.50 87.99 -17.25
N TRP BB 267 19.79 88.88 -17.93
CA TRP BB 267 18.34 88.75 -18.07
C TRP BB 267 17.95 89.14 -19.49
N GLY BB 268 17.59 88.16 -20.29
CA GLY BB 268 17.09 88.42 -21.63
C GLY BB 268 17.73 87.51 -22.66
N ASN BB 269 16.90 86.78 -23.40
CA ASN BB 269 17.38 85.87 -24.42
C ASN BB 269 16.87 86.26 -25.80
N ARG BB 270 16.43 87.50 -25.96
CA ARG BB 270 15.92 88.00 -27.22
C ARG BB 270 17.00 88.81 -27.91
N THR BB 271 17.23 88.52 -29.19
CA THR BB 271 18.14 89.29 -29.99
C THR BB 271 17.38 90.43 -30.65
N LEU BB 272 18.09 91.33 -31.33
CA LEU BB 272 17.49 92.53 -31.89
C LEU BB 272 16.87 92.27 -33.26
N SER BB 273 16.02 91.26 -33.34
CA SER BB 273 15.46 90.82 -34.62
C SER BB 273 14.07 91.40 -34.82
N SER BB 274 13.74 91.67 -36.08
CA SER BB 274 12.39 92.11 -36.41
C SER BB 274 11.44 90.93 -36.57
N ASP BB 275 11.94 89.81 -37.09
CA ASP BB 275 11.13 88.61 -37.19
C ASP BB 275 10.94 87.98 -35.82
N SER BB 276 9.77 87.40 -35.60
CA SER BB 276 9.54 86.62 -34.40
C SER BB 276 10.13 85.22 -34.51
N LYS BB 277 10.55 84.81 -35.70
CA LYS BB 277 11.19 83.52 -35.87
C LYS BB 277 12.57 83.52 -35.24
N TRP BB 278 13.43 84.45 -35.65
CA TRP BB 278 14.80 84.54 -35.17
C TRP BB 278 14.92 85.42 -33.95
N ALA BB 279 13.91 85.42 -33.07
CA ALA BB 279 13.95 86.32 -31.92
C ALA BB 279 14.91 85.81 -30.85
N PHE BB 280 14.98 84.50 -30.66
CA PHE BB 280 15.82 83.94 -29.62
C PHE BB 280 17.26 83.82 -30.08
N VAL BB 281 18.19 84.16 -29.19
CA VAL BB 281 19.62 84.01 -29.48
C VAL BB 281 19.99 82.54 -29.52
N THR BB 282 19.22 81.70 -28.83
CA THR BB 282 19.40 80.26 -28.91
C THR BB 282 19.17 79.74 -30.33
N ARG BB 283 18.11 80.21 -30.99
CA ARG BB 283 17.80 79.72 -32.33
C ARG BB 283 18.77 80.26 -33.37
N VAL BB 284 19.27 81.48 -33.20
CA VAL BB 284 20.25 82.02 -34.14
C VAL BB 284 21.60 81.33 -33.97
N ARG BB 285 21.94 80.94 -32.75
CA ARG BB 285 23.25 80.35 -32.50
C ARG BB 285 23.31 78.91 -32.99
N THR BB 286 22.21 78.16 -32.87
CA THR BB 286 22.22 76.78 -33.34
C THR BB 286 22.07 76.70 -34.85
N MET BB 287 21.35 77.65 -35.45
CA MET BB 287 21.18 77.65 -36.90
C MET BB 287 22.48 77.97 -37.61
N ASP BB 288 23.28 78.87 -37.05
CA ASP BB 288 24.58 79.19 -37.62
C ASP BB 288 25.64 78.16 -37.29
N LEU BB 289 25.38 77.27 -36.34
CA LEU BB 289 26.32 76.20 -36.00
C LEU BB 289 26.05 74.93 -36.80
N VAL BB 290 24.78 74.67 -37.15
CA VAL BB 290 24.47 73.54 -38.02
C VAL BB 290 24.56 73.89 -39.50
N MET BB 291 24.70 75.17 -39.83
CA MET BB 291 24.95 75.56 -41.22
C MET BB 291 26.43 75.68 -41.53
N ASP BB 292 27.28 75.84 -40.52
CA ASP BB 292 28.72 75.82 -40.73
C ASP BB 292 29.33 74.45 -40.51
N ALA BB 293 28.67 73.59 -39.75
CA ALA BB 293 29.13 72.21 -39.64
C ALA BB 293 28.83 71.43 -40.91
N ILE BB 294 27.71 71.73 -41.56
CA ILE BB 294 27.35 71.04 -42.80
C ILE BB 294 28.21 71.56 -43.96
N LEU BB 295 28.43 72.87 -44.03
CA LEU BB 295 29.17 73.45 -45.14
C LEU BB 295 30.65 73.10 -45.09
N ALA BB 296 31.24 73.10 -43.89
CA ALA BB 296 32.65 72.77 -43.77
C ALA BB 296 32.90 71.28 -43.59
N GLY BB 297 31.87 70.49 -43.35
CA GLY BB 297 31.99 69.06 -43.19
C GLY BB 297 31.63 68.24 -44.40
N HIS BB 298 31.10 68.88 -45.45
CA HIS BB 298 30.74 68.18 -46.68
C HIS BB 298 31.60 68.64 -47.86
N LYS BB 299 32.84 69.03 -47.59
CA LYS BB 299 33.75 69.40 -48.67
C LYS BB 299 34.34 68.19 -49.37
N TRP BB 300 34.19 67.00 -48.81
CA TRP BB 300 34.58 65.78 -49.51
C TRP BB 300 33.61 65.39 -50.61
N ALA BB 301 32.39 65.91 -50.58
CA ALA BB 301 31.32 65.48 -51.47
C ALA BB 301 31.10 66.44 -52.62
N VAL BB 302 32.16 67.09 -53.10
CA VAL BB 302 31.97 68.09 -54.15
C VAL BB 302 31.94 67.49 -55.55
N ASP BB 303 32.94 66.71 -55.92
CA ASP BB 303 33.03 66.14 -57.26
C ASP BB 303 33.04 64.62 -57.19
N ARG BB 304 32.16 64.04 -56.38
CA ARG BB 304 32.17 62.61 -56.12
C ARG BB 304 31.41 61.80 -57.15
N GLY BB 305 30.46 62.40 -57.86
CA GLY BB 305 29.65 61.64 -58.79
C GLY BB 305 28.38 61.15 -58.14
N ILE BB 306 27.25 61.59 -58.66
CA ILE BB 306 25.95 61.33 -58.04
C ILE BB 306 25.53 59.91 -58.41
N THR BB 307 25.78 58.97 -57.52
CA THR BB 307 25.29 57.61 -57.64
C THR BB 307 24.21 57.36 -56.61
N LYS BB 308 23.70 56.13 -56.59
CA LYS BB 308 22.69 55.78 -55.59
C LYS BB 308 23.32 55.62 -54.22
N THR BB 309 24.57 55.16 -54.14
CA THR BB 309 25.26 55.03 -52.88
C THR BB 309 25.94 56.31 -52.44
N TYR BB 310 25.80 57.39 -53.19
CA TYR BB 310 26.30 58.70 -52.80
C TYR BB 310 25.22 59.53 -52.13
N VAL BB 311 24.01 59.52 -52.71
CA VAL BB 311 22.87 60.20 -52.09
C VAL BB 311 22.48 59.50 -50.80
N LYS BB 312 22.63 58.17 -50.77
CA LYS BB 312 22.26 57.41 -49.58
C LYS BB 312 23.26 57.58 -48.46
N ASP BB 313 24.53 57.81 -48.77
CA ASP BB 313 25.57 57.91 -47.77
C ASP BB 313 25.90 59.35 -47.41
N VAL BB 314 25.31 60.32 -48.08
CA VAL BB 314 25.31 61.69 -47.57
C VAL BB 314 24.15 61.91 -46.60
N THR BB 315 22.99 61.36 -46.95
CA THR BB 315 21.81 61.44 -46.10
C THR BB 315 22.03 60.71 -44.77
N GLU BB 316 22.59 59.51 -44.82
CA GLU BB 316 22.85 58.76 -43.60
C GLU BB 316 23.96 59.38 -42.77
N GLY BB 317 24.87 60.12 -43.39
CA GLY BB 317 25.81 60.92 -42.64
C GLY BB 317 25.25 62.23 -42.16
N LEU BB 318 24.12 62.64 -42.72
CA LEU BB 318 23.39 63.83 -42.30
C LEU BB 318 22.30 63.51 -41.30
N ARG BB 319 21.70 62.32 -41.40
CA ARG BB 319 20.77 61.87 -40.37
C ARG BB 319 21.50 61.57 -39.08
N ALA BB 320 22.71 61.02 -39.16
CA ALA BB 320 23.45 60.66 -37.96
C ALA BB 320 24.00 61.89 -37.25
N PHE BB 321 24.24 62.98 -37.99
CA PHE BB 321 24.70 64.20 -37.35
C PHE BB 321 23.58 64.85 -36.55
N MET BB 322 22.38 64.88 -37.08
CA MET BB 322 21.25 65.44 -36.35
C MET BB 322 20.75 64.48 -35.28
N ARG BB 323 21.00 63.17 -35.44
CA ARG BB 323 20.68 62.23 -34.38
C ARG BB 323 21.61 62.40 -33.19
N ASP BB 324 22.88 62.73 -33.44
CA ASP BB 324 23.83 63.01 -32.38
C ASP BB 324 23.56 64.34 -31.71
N LEU BB 325 22.80 65.23 -32.33
CA LEU BB 325 22.36 66.46 -31.69
C LEU BB 325 21.07 66.26 -30.90
N LYS BB 326 20.24 65.30 -31.30
CA LYS BB 326 18.94 65.13 -30.66
C LYS BB 326 19.08 64.49 -29.29
N ASN BB 327 19.82 63.39 -29.18
CA ASN BB 327 20.02 62.76 -27.89
C ASN BB 327 21.05 63.48 -27.03
N GLN BB 328 21.80 64.42 -27.61
CA GLN BB 328 22.60 65.32 -26.79
C GLN BB 328 21.74 66.39 -26.14
N GLY BB 329 20.66 66.79 -26.82
CA GLY BB 329 19.76 67.79 -26.30
C GLY BB 329 19.73 69.09 -27.07
N ALA BB 330 20.37 69.16 -28.23
CA ALA BB 330 20.42 70.41 -28.98
C ALA BB 330 19.13 70.67 -29.74
N VAL BB 331 18.56 69.65 -30.38
CA VAL BB 331 17.29 69.77 -31.07
C VAL BB 331 16.29 68.85 -30.39
N ILE BB 332 15.02 69.04 -30.73
CA ILE BB 332 13.96 68.19 -30.20
C ILE BB 332 13.70 67.01 -31.12
N ASN BB 333 13.51 67.27 -32.41
CA ASN BB 333 13.43 66.23 -33.41
C ASN BB 333 13.95 66.80 -34.71
N PHE BB 334 14.03 65.96 -35.73
CA PHE BB 334 14.54 66.39 -37.02
C PHE BB 334 13.89 65.57 -38.12
N GLU BB 335 14.20 65.96 -39.36
CA GLU BB 335 13.72 65.23 -40.53
C GLU BB 335 14.67 65.52 -41.68
N VAL BB 336 15.59 64.59 -41.96
CA VAL BB 336 16.58 64.75 -43.00
C VAL BB 336 16.24 63.80 -44.13
N TYR BB 337 16.12 64.33 -45.35
CA TYR BB 337 15.74 63.53 -46.50
C TYR BB 337 16.26 64.23 -47.74
N ALA BB 338 16.60 63.44 -48.76
CA ALA BB 338 16.90 64.00 -50.06
C ALA BB 338 15.62 64.56 -50.67
N ASP BB 339 15.76 65.68 -51.36
CA ASP BB 339 14.59 66.41 -51.85
C ASP BB 339 13.92 65.65 -52.99
N PRO BB 340 12.61 65.40 -52.92
CA PRO BB 340 11.95 64.66 -54.00
C PRO BB 340 11.74 65.51 -55.24
N ASP BB 341 11.41 66.79 -55.03
CA ASP BB 341 11.09 67.68 -56.14
C ASP BB 341 12.30 68.41 -56.69
N LEU BB 342 13.17 68.91 -55.82
CA LEU BB 342 14.32 69.69 -56.27
C LEU BB 342 15.39 68.82 -56.92
N ASN BB 343 15.41 67.52 -56.66
CA ASN BB 343 16.32 66.62 -57.35
C ASN BB 343 15.67 66.12 -58.64
N SER BB 344 15.53 67.06 -59.58
CA SER BB 344 15.01 66.73 -60.89
C SER BB 344 16.10 66.08 -61.73
N ALA BB 345 15.71 65.54 -62.87
CA ALA BB 345 16.69 64.98 -63.79
C ALA BB 345 17.52 66.07 -64.45
N SER BB 346 16.95 67.26 -64.62
CA SER BB 346 17.71 68.37 -65.18
C SER BB 346 18.64 69.00 -64.16
N GLN BB 347 18.27 68.99 -62.88
CA GLN BB 347 19.14 69.52 -61.85
C GLN BB 347 20.29 68.58 -61.55
N LEU BB 348 20.03 67.27 -61.59
CA LEU BB 348 21.08 66.29 -61.32
C LEU BB 348 22.09 66.22 -62.45
N ALA BB 349 21.67 66.51 -63.68
CA ALA BB 349 22.56 66.52 -64.82
C ALA BB 349 23.47 67.74 -64.85
N GLN BB 350 23.16 68.78 -64.08
CA GLN BB 350 24.03 69.93 -63.93
C GLN BB 350 24.96 69.83 -62.73
N GLY BB 351 24.88 68.72 -61.99
CA GLY BB 351 25.68 68.53 -60.80
C GLY BB 351 25.00 68.91 -59.50
N LYS BB 352 23.91 69.66 -59.55
CA LYS BB 352 23.23 70.09 -58.33
C LYS BB 352 22.39 68.96 -57.77
N VAL BB 353 22.54 68.70 -56.47
CA VAL BB 353 21.73 67.69 -55.79
C VAL BB 353 21.42 68.21 -54.39
N TYR BB 354 20.14 68.23 -54.03
CA TYR BB 354 19.65 68.96 -52.89
C TYR BB 354 19.26 68.01 -51.76
N TRP BB 355 19.55 68.40 -50.53
CA TRP BB 355 19.13 67.69 -49.33
C TRP BB 355 18.41 68.66 -48.42
N ASN BB 356 17.31 68.21 -47.82
CA ASN BB 356 16.53 69.01 -46.89
C ASN BB 356 16.84 68.56 -45.47
N ILE BB 357 17.23 69.51 -44.62
CA ILE BB 357 17.51 69.25 -43.21
C ILE BB 357 16.53 70.10 -42.42
N ARG BB 358 15.39 69.52 -42.06
CA ARG BB 358 14.41 70.18 -41.22
C ARG BB 358 14.59 69.73 -39.79
N PHE BB 359 14.63 70.67 -38.86
CA PHE BB 359 14.75 70.33 -37.45
C PHE BB 359 14.06 71.40 -36.63
N THR BB 360 13.82 71.09 -35.37
CA THR BB 360 13.25 72.03 -34.41
C THR BB 360 14.21 72.16 -33.23
N ASP BB 361 14.69 73.37 -33.01
CA ASP BB 361 15.61 73.63 -31.91
C ASP BB 361 14.88 73.63 -30.57
N VAL BB 362 15.65 73.71 -29.50
CA VAL BB 362 15.10 73.72 -28.14
C VAL BB 362 14.86 75.17 -27.76
N PRO BB 363 13.62 75.60 -27.59
CA PRO BB 363 13.36 76.99 -27.23
C PRO BB 363 13.69 77.23 -25.76
N PRO BB 364 14.26 78.37 -25.41
CA PRO BB 364 14.55 78.66 -24.00
C PRO BB 364 13.26 78.96 -23.25
N ALA BB 365 13.09 78.30 -22.11
CA ALA BB 365 11.85 78.38 -21.33
C ALA BB 365 11.79 79.70 -20.58
N GLU BB 366 11.59 80.78 -21.34
CA GLU BB 366 11.68 82.12 -20.79
C GLU BB 366 10.48 82.50 -19.92
N ASN BB 367 9.42 81.70 -19.91
CA ASN BB 367 8.23 82.02 -19.13
C ASN BB 367 7.49 80.76 -18.73
N PRO BB 368 7.92 80.09 -17.66
CA PRO BB 368 7.13 78.97 -17.13
C PRO BB 368 5.91 79.48 -16.38
N ASN BB 369 4.72 79.15 -16.89
CA ASN BB 369 3.48 79.55 -16.25
C ASN BB 369 2.95 78.42 -15.39
N PHE BB 370 2.48 78.76 -14.19
CA PHE BB 370 1.88 77.80 -13.28
C PHE BB 370 0.46 78.23 -12.97
N ARG BB 371 -0.49 77.33 -13.15
CA ARG BB 371 -1.91 77.63 -13.02
C ARG BB 371 -2.45 76.85 -11.83
N VAL BB 372 -2.36 77.46 -10.66
CA VAL BB 372 -2.79 76.84 -9.40
C VAL BB 372 -4.26 77.12 -9.20
N GLU BB 373 -4.99 76.12 -8.71
CA GLU BB 373 -6.41 76.29 -8.44
C GLU BB 373 -6.84 75.42 -7.27
N VAL BB 374 -7.66 75.99 -6.41
CA VAL BB 374 -8.26 75.25 -5.30
C VAL BB 374 -9.61 74.73 -5.76
N THR BB 375 -9.81 73.42 -5.65
CA THR BB 375 -11.08 72.83 -6.04
C THR BB 375 -11.77 72.20 -4.84
N ASP BB 376 -12.91 71.56 -5.07
CA ASP BB 376 -13.59 70.74 -4.08
C ASP BB 376 -13.80 69.34 -4.63
N GLN BB 377 -12.96 68.92 -5.58
CA GLN BB 377 -13.20 67.68 -6.30
C GLN BB 377 -12.90 66.46 -5.45
N TRP BB 378 -11.76 66.48 -4.75
CA TRP BB 378 -11.35 65.36 -3.90
C TRP BB 378 -11.78 65.55 -2.45
N LEU BB 379 -12.85 66.30 -2.23
CA LEU BB 379 -13.28 66.59 -0.86
C LEU BB 379 -14.08 65.44 -0.28
N THR BB 380 -14.75 64.65 -1.12
CA THR BB 380 -15.44 63.45 -0.66
C THR BB 380 -14.51 62.27 -0.44
N GLU BB 381 -13.21 62.46 -0.67
CA GLU BB 381 -12.23 61.42 -0.35
C GLU BB 381 -12.03 61.27 1.15
N VAL BB 382 -12.47 62.25 1.93
CA VAL BB 382 -12.48 62.14 3.39
C VAL BB 382 -13.82 61.51 3.74
N LEU BB 383 -13.92 60.21 3.50
CA LEU BB 383 -15.06 59.46 4.02
C LEU BB 383 -14.70 58.02 4.39
N ASP BB 384 -13.50 57.55 4.08
CA ASP BB 384 -13.12 56.14 4.26
C ASP BB 384 -11.61 56.00 4.16
#